data_9P8B
#
_entry.id   9P8B
#
_cell.length_a   1.00
_cell.length_b   1.00
_cell.length_c   1.00
_cell.angle_alpha   90.00
_cell.angle_beta   90.00
_cell.angle_gamma   90.00
#
_symmetry.space_group_name_H-M   'P 1'
#
loop_
_entity.id
_entity.type
_entity.pdbx_description
1 polymer 'Transcription factor BTF3'
2 polymer 'P site tRNA'
3 polymer 'E site tRNA'
4 polymer 'Elongation factor 1-alpha 1'
5 polymer 'A/T site tRNA'
6 polymer '28S rRNA'
7 polymer '5S rRNA'
8 polymer '5.8S rRNA'
9 polymer '60S ribosomal protein L8'
10 polymer 'Large ribosomal subunit protein uL3'
11 polymer '60S ribosomal protein L4'
12 polymer 'Large ribosomal subunit protein uL18'
13 polymer 'Large ribosomal subunit protein eL6'
14 polymer '60S ribosomal protein L7'
15 polymer '60S ribosomal protein L7a'
16 polymer '60S ribosomal protein L9'
17 polymer 'Ribosomal protein uL16-like'
18 polymer '60S ribosomal protein L11'
19 polymer 'Large ribosomal subunit protein eL13'
20 polymer '60S ribosomal protein L14'
21 polymer '60S ribosomal protein L15'
22 polymer '60S ribosomal protein L13a'
23 polymer '60S ribosomal protein L17'
24 polymer '60S ribosomal protein L18'
25 polymer '60S ribosomal protein L19'
26 polymer '60S ribosomal protein L18a'
27 polymer '60S ribosomal protein L21'
28 polymer 'Heparin-binding protein HBp15'
29 polymer '60S ribosomal protein L23'
30 polymer 'Ribosomal protein L24'
31 polymer '60S ribosomal protein L23a'
32 polymer '60S ribosomal protein L26'
33 polymer '60S ribosomal protein L27'
34 polymer '60S ribosomal protein L27a'
35 polymer 'Large ribosomal subunit protein eL29'
36 polymer '60S ribosomal protein L30'
37 polymer '60S ribosomal protein L31'
38 polymer '60S ribosomal protein L32'
39 polymer '60S ribosomal protein L35a'
40 polymer '60S ribosomal protein L34'
41 polymer '60S ribosomal protein L35'
42 polymer '60S ribosomal protein L36'
43 polymer '60S ribosomal protein L37'
44 polymer '60S ribosomal protein L38'
45 polymer '60S ribosomal protein L39'
46 polymer 'Large ribosomal subunit protein eL40'
47 polymer '60S ribosomal protein L41'
48 polymer '60S ribosomal protein L36a'
49 polymer '60S ribosomal protein L37a'
50 polymer '60S ribosomal protein L28'
51 polymer '60S acidic ribosomal protein P0'
52 polymer 'Large ribosomal subunit protein uL11'
53 polymer 'Small ribosomal subunit protein uS3'
54 polymer '40S ribosomal protein S5'
55 polymer '40S ribosomal protein S10'
56 polymer 'Small ribosomal subunit protein eS12'
57 polymer 'Small ribosomal subunit protein uS19'
58 polymer 'Small ribosomal subunit protein uS9'
59 polymer 'Small ribosomal subunit protein eS17'
60 polymer '40S ribosomal protein S18'
61 polymer '40S ribosomal protein S19'
62 polymer '40S ribosomal protein S20'
63 polymer 'Small ribosomal subunit protein eS25'
64 polymer '40S ribosomal protein S28'
65 polymer '40S ribosomal protein S29'
66 polymer 'Ubiquitin-40S ribosomal protein S27a'
67 polymer 'Receptor of activated protein C kinase 1'
68 polymer '40S ribosomal protein SA'
69 polymer '40S ribosomal protein S3a'
70 polymer '40S ribosomal protein S2'
71 polymer 'Small ribosomal subunit protein eS4, X isoform'
72 polymer '40S ribosomal protein S6'
73 polymer 'Small ribosomal subunit protein eS7'
74 polymer '40S ribosomal protein S8'
75 polymer '40S ribosomal protein S9'
76 polymer '40S ribosomal protein S11'
77 polymer '40S ribosomal protein S13'
78 polymer 'Small ribosomal subunit protein uS11'
79 polymer 'Small ribosomal subunit protein eS21'
80 polymer '40S ribosomal protein S15a'
81 polymer '40S ribosomal protein S23'
82 polymer '40S ribosomal protein S24'
83 polymer '40S ribosomal protein S26'
84 polymer 'Small ribosomal subunit protein eS27'
85 polymer 'Small ribosomal subunit protein eS30'
86 polymer '18S rRNA'
87 non-polymer 'MAGNESIUM ION'
88 non-polymer SPERMINE
89 non-polymer SPERMIDINE
90 non-polymer 'ZINC ION'
#
loop_
_entity_poly.entity_id
_entity_poly.type
_entity_poly.pdbx_seq_one_letter_code
_entity_poly.pdbx_strand_id
1 'polypeptide(L)' IMNQEKLAKLQAQVRIGGKGTARRKKKVVHR CI
2 'polyribonucleotide' GUCUCCGUAGUGUAGGGUAUCACGUUCGCCUAACACGCGAAAGGUCCUCGGUUCGAAACCGGGCGGAAACACCA Pt
3 'polyribonucleotide' GCCCGGAUAGCUCAGCUGUAGAGCAUCAGACUUUUAAUCUGAGGGUCCAGGGUUCAAGUCCCUGUUCGGGCGCCA Et
4 'polypeptide(L)'
;EKTHINIVVIGHVDSGKSTTTGHLIYKCGGIDKRTIEKFEKEAAEMGKGSFKYAWVLDKLKAERERGITIDISLWKFETS
KYYVTIIDAPGHRDFIKNMITGTSQADCAVLIVAAGVGEFEAGISKNGQTREHALLAYTLGVKQLIVGVNKMDSTEPPY
(SEP)QKRYEEIVKEVSTYIKKIGYNPDTVAFVPISGWNGDNMLEPSANMPWFKGWKVTRKDGNASGTTLLEALDCILPP
TRPTDKPLRLPLQDVYKIGGIGTVPVGRVETGVLKPGMVVTFAPVNVTTEVKSVEMHHEALSEALPGDNVGFNVKNVSVK
DVRRGNVAGDSKNDPPMEAAGFTAQVIILNHPGQISAGYAPVLDCHTAHIACKFAELKEKIDRRSGKKLEDGPKFLKSGD
AAIVDMVPGKPMCVESFSDYPPLGRFAVRDMRQTVAVGVIKAVDKK
;
CF
5 'polyribonucleotide' GUCUCCGUAGUGUAGCGGUUAUCACGUUCGCCUAACACGCGAAAGGUCCUCGGUUCGAAACCGGGCGGAAACACCA AT
6 'polyribonucleotide'
;CGCGACCUCAGAUCAGACGUGGCGACCCGCUGAAUUUAAGCAUAUUAGUCAGCGGAGGAGAAGAAACUAACCAGGAUUCC
CUCAGUAACGGCGAGUGAACAGGGAAGAGCCCAGCGCCGAAUCCCCGCCCCGCGGCGGGGCGCGGGACAUGUGGCGUACG
GAAGACCCGCUCCCCGGCGCCGCUCGUGGGGGGCCCAAGUCCUUCUGAUCGAGGCCCAGCCCGUGGACGGUGUGAGGCCG
GUAGCGGCCCCCGGCGCGCCGGGCCCGGGUCUUCCCGGAGUCGGGUUGCUUGGGAAUGCAGCCCAAAGCGGGUGGUAAAC
UCCAUCUAAGGCUAAAUACCGGCACGAGACCGAUAGUCAACAAGUACCGUAAGGGAAAGUUGAAAAGAACUUUGAAG
(A2M)G(A2M)GAGUUCAAGAGGGCGUGAAACCGUUAAGAGGUAAACGGGUGGGGUCCGCGCAGUCCGCCCGGAGGAUUC
AACCCGGCGGCGGGUCCGGCCGUGUCGGCGGCCCGGCGGAUCUUUCCCGCGCGGGGGACCGUCCCCCGACCGGCGACCGG
CCGCCGCCGGGCGCAUUUCCACCGCGGCGGUGCGCCGCGACCGGCUCCGGGACGGCUGGGAAGGCCCGGCGGGGAAGGUG
GCUCGGGGGCCCCCGAGUGUUACAGCCCCCCCGGCAGCAGCACUCGCCGAAUCCCGGGGCCGAGGGAGCGAGACCCGUCG
CCGCGCUCUCCCCCCUCGGGGGGGCCGGGCCACCCCUCCCACGGCGCGACCGCUCGGGGCGGACUGUCCCCAGUGCGCCC
CGGGCGGGUCGCGCCGUCGGGCCCGGGGGAGGCCACGCGCGCGUCCCCCGAAGAGGGGGACGGCGGAGCGAGCGCACGGG
GUCGGCGGCGACGUCGGCUACCCACCCGACCC(OMG)UCUUG(1MA)(A2M)AC(A2M)CGGACCAAGGAGU(OMC)UAA
CACGUGCGCGAGUCGGGGGCUCGCACGAAAGCCGCCGUGGCGCAAUGAAGGUGAAGGCCGGCGCGCUCGCCGGCCGAGGU
GGGAUCCCGAGGCCUCUCCAGUCCGCCGAGGGCGCACCACCGGCCCGUCUCGCCCGCCGCGCCGGGGAGGUGGAGCACGA
GCGCACGUGUUAGGACCC(OMG)A(A2M)AGAUGGUGA(A2M)C(PSU)AUGCCUGGGCAGGGCGAAGCCAGAGGAAACU
CUGGUGGAGGUCCG(PSU)AGCGGUCCUGACGUGCAAAUCGGUCGUCCGACCUGGGUAUAG(OMG)GGCGAAAGACUAAU
CGAACCAUCUAGUAGCUGGUUCCCUCCGAAGUUUCCC(PSU)CAGGA(PSU)AGCUGGCGCUCUCGCAGACCCGAGCCAC
GCAGUUUUAUCCGGUAAAGCGAA(PSU)GAUUAGAGGUCUUGGGGCCGAAACGAUCUCAACCUA(PSU)(PSU)CUCAAA
CUU(PSU)AAAUGGGUAAGAAGCCCGGCUCGCUGGCGUGGAGCCGGGCGUGGAAUGCGAGUGCCUAGUGGGCCAC(PSU)
U(PSU)UGGUAAGC(A2M)GAACUGGCGCUGCGGGAUGAACCGAACGCCGGGUUAAGGCGCCCGAUGCCGACGCUCAUCA
GACCCCAGAAAAGGUGUUGGUUGAUAUAGACAGCAGGACGGUGGCCAUGGAAGUCGGAAUCCGCUAAGGAGUGUGUAACA
ACUCACCUGCCGAAUCAACUAGCCCUGAAAAUGGAUGGCGCUGGAGCGUCGGGCCCAUACCCGGCCGUCGCCGGCAGUCG
AGAGUGGACGGGAGCGGCGGCCGGAGCCCCGCGGACGCUACGCCGCGACGAGUAGGAGGGCCGCUGCGGUGAGCCUUGAA
GCCUAGGGCGCGGGCCCGGGUGGAGCCGCCGCAGGUGCAGAU(OMC)UUGGUGGUAGU(A2M)(OMG)(OMC)AAAUAUU
CAAACGAGAACUUUGAAGGCCGAAGUGG(A2M)GAAGGGUUCCAUGUGAACAG(OMC)A(OMG)UUGAACAUGGGUCAGU
CGGUCCUGAGAGAUGGGCGAGCGCCGUUCCGAAGGGACGGGCGAUGGCCUCCGUUGCCCUCGGCCGAUCGAAAGGGAGUC
GGGUUCAGAUCCCCGAAUCCGGAGUGGCGGAGAUGGGCGCCGCGAGGCGUCCAGUGCGGUAACGCGACCGAUCCCGGAGA
AGCCGGCGGGAGCCCCGGGGAGAGUUCUCUU(PSU)UCUUUGUGAAGGGCAGGGCGCCCUGGAAUGGGUUCGCCCCGAGA
GAGGGGCCCGUGCCUUGGAAAGCGUCGCGGUUCCGGCGGCGUCCGGUGAGCUCUCGCUGGCCCUUGAAAAUCCGGGGGAG
AGGGUGUAAAUCUCGCGCCGGGCCGUACCC(A2M)UAUCCGCAGCAGGUCU(OMC)CAAGGUGAAC(A2M)GCCUCUGG
(OMC)AUGUUGGAACAA(OMU)G(PSU)AGGUAAGGGAAGUCGGCAAGC(OMC)GGAUCCGUAACUUC(OMG)GGAUAAG
GAUUGGCUCUAAGGGCUGGGUCGGUCGCGGCCGGCGCCUAGCAGCCGACUUAGAACUGGUGCGGACCAGG(OMG)GAAUC
CGAC(PSU)G(PSU)UUAAUUAAAACAAAGCAUCGCGAAGGCCCGCGGCGGGUGUUGACGCGAUGUGAUU(PSU)CUGCC
(OMC)AGUGCUCUGAAUGUCA(A2M)AGUGAAGAAAUUCAAUGAAGCGCGG(OMG)UAAACGGCGGGAGUAACUAUGACU
CUCUUAAGGUAGC(5MC)AA(A2M)UGCCUC(OMG)UCAUCUAAUUAGUGA(OMC)GCGCAUGAA(UY1)GGA(PSU)GA
(A2M)CGAG(A2M)UUCCCACUGU(OMC)CC(PSU)ACCUAC(PSU)A(PSU)CCAGCGAAACCAC(A2M)G(OMC)CAA
GGGAACGGGCU(PSU)GG(OMC)GGAAUCAGCGG(OMG)GAAAGAAGACCCUGUUGAGC(PSU)UGAC(OMU)CUAGUCU
GGCACGGUGAAGAGACAUGAGAACUCUGAUCGUUUUUUCACUGACCCGGUGAGGCGGGGGGGCGAGCCCCGAGGGGCUCU
CGCUUCUGGCGCCAAGCGCCCGGCCGCGCGCCGGCCGGGCGCGACCCGCUCCGGGGACAGUGCCAGGUGGGGAGUUUGAC
UG(OMG)GGCGGUACACCUGUCAAACGGUA(6MZ)CGCAGG(OMU)(OMG)UCCUAAGGCGAGCUCAGGGAGGACAGAAA
CCUCCCGUGGAGCAGAAGGGCAAAAGCUCGCUUGA(PSU)CU(PSU)GA(PSU)UUUCAG(OMU)ACGAA(PSU)ACAGA
CCGUGAAAGCGGGGCCUCACGAUCCUUCUGACCUU(PSU)UGGGUUU(PSU)AAGCAGGA(OMG)GUGUCAGAAAAGUUA
CCACAG(OMG)GAUAACUGGC(PSU)UGUGGCGGCCAAGCGUUCAUAGCGACG(PSU)CGCUUUUUGA(PSU)CCUU
(5MC)GAUGUCGG(OMC)(PSU)CUUCCUAUCAUUG(PSU)GAAGCAGAAUUCACCAAGCGU(PSU)(OMG)GAU(OMU)
(OMG)(PSU)UCACCCACUAAUAGGGAACG(PSU)G(A2M)GCUGGG(UR3)U(PSU)AGA(OMC)CGUCGUGAGACAGG
U(PSU)AGUUUUACCCUACUGAUG(A2M)UGUG(PSU)UG(PSU)UGCCAUGGUA(A2M)UCCUGCUCAGUACGAGAGGA
ACCGCAG(OMG)U(OMU)CA(OMG)ACAU(PSU)UGGUGUA(PSU)(OMG)UGCUUGGCUGAGGAGCCAAUGGGGCGAAG
CUACCA(PSU)CUGUGGGAUUAUGAC(PSU)GAACGCCUCUAAGUCAGAAUCCCGCCCAGGCGGAACGAUACGGCAGCGC
CGCGGAGCCUCGGUUGGCCUCGGAUAGCCGGUCCCCCGCCGGGGUCCGGUGCGGAGUGCCCUUCGUCCUGGGAAACGGGG
CGCGGCCGGAGAGGCGGCCGCCCCCUCGCCCGUCACGCACCGCACGUUCGUGGGGAACCUGGCGCUAAACCA(PSU)
(PSU)CGUAGACGACCUGCUUCUGGGUCGGGG(PSU)UUCGUACG(PSU)AGCAGAGCAGCUCCCUCGCUGCGAUCUAUU
GAAAGUCAGCCCUCGACACAAGGGUUUGU
;
L5
7 'polyribonucleotide'
;GUCUACGGCCAUACCACCCUGAACGCGCCCGAUCUCGUCUGAUCUCGGAAGCUAAGCAGGGUCGGGCCUGGUUAGUACUU
GGAUGGGAGACCGCCUGGGAAUACCGGGUGCUGUAGGCUU
;
L7
8 'polyribonucleotide'
;CGACUCUUAGCGGUGGAUCACUCGGCUCGUGCGUCGAUGAAGAACGCAGCUAGC(PSU)GCGAGAAUUAAUG(PSU)GAA
UU(OMG)CAGGACACAUUGAUCAUCGACACUUCGAACGCACUUGCGGCCCCGGGUUCCUCCCGGGGCUACGCCUGUCUGA
GCGUCGCU
;
L8
9 'polypeptide(L)'
;GRVIRGQRKGAGSVFRAHVKHRKGAARLRAVDFAERHGYIKGIVKDIIHDPGRGAPLAKVVFRDPYRFKKRTELFIAAEG
IHTGQFVYCGKKAQLNIGNVLPVGTMPEGTIVCCLEEKPGDRGKLARASGNYATVISHNPETKKTRVKLPSGSKKVISSA
NRAVVGVVAGGGRIDKPILKAGRAYHKYKAKRNCWPRVRGVAMNPVEHPFGGGNHQHIGKPSTIRRDAPAGRKVGLIAAR
RTGRLRGT
;
LA
10 'polypeptide(L)'
;SHRKFSAPRHGSLGFLPRKRSSRHRGKVKSFPKDDPSKPVHLTAFLGYKAGMTHIVREVDRPGSKVNKKEVVEAVTIVET
PPMVVVGIVGYVETPRGLRTFKTVFAEHISDECKRRFYKNWHKSKKKAFTKYCKKWQDEDGKKQLEKDFSSMKKYCQVIR
VIAHTQMRLLPLRQKKAHLMEIQVNGGTVAEKLDWARERLEQQVPVNQVFGQDEMIDVIGVTKGKGYKGVTSRWHTKKLP
RKTHRGLRKVACIGAWHPARVAFSVARAGQKGYHHRTEINKKIYKIGQGYLIKDGKLIKNNASTDYDLSDKSINPLGGFV
HYGEVTNDFVMLKGCVVGTKKRVLTLRKSLLVQTKRRALEKIDLKFIDTTSKFGHGRFQTMEEKKAFMGPLKKDRIAKEE
GA
;
LB
11 'polypeptide(L)'
;MACARPLISVYSEKGESSGKNVTLPAVFKAPIRPDIVNFVHTNLRKNNRQPYAVSELAGHQTSAESWGTGRAVARIPRVR
GGGTHRSGQGAFGNMCRGGRMFAPTKTWRRWHRRVNTTQKRYAICSALAASALPALVMSKGHRIEEVPELPLVVEDKVEG
YKKTKEAVLLLKKLKAWNDIKKVYASQRMRAGKGKMRNRRRIQRRGPCIIYNEDNGIIKAFRNIPGITLLNVSKLNILKL
APGGHVGRFCIWTESAFRKLDELYGTWRKAASLKSNYNLPMHKMINTDLSRILKSPEIQRALRAPRKKIHRRVLKKNPLK
NLRIMLKLNPYAKTMRRNTILRQARNHKLRVDKAAAAAAALQAKSDEK
;
LC
12 'polypeptide(L)'
;GFVKVVKNKAYFKRYQVKFRRRREGKTDYYARKRLVIQDKNKYNTPKYRMIVRVTNRDIICQIAYARIEGDMIVCAAYAH
ELPKYGVKVGLTNYAAAYCTGLLLARRLLNRFGMDKIYEGQVEVTGDEYNVESIDGQPGAFTCYLDAGLARTTTGNKVFG
ALKGAVDGGLSIPHSTKRFPGYDSESKEFNAEVHRKHIMGQNVADYMRYLMEEDEDAYKKQFSQYIKNSVTPDMMEEMYK
KAHAAIRENPVYEKKPKKEVKKKRWNRPKMSLAQKKDRVAQKKASFLRAQERA
;
LD
13 'polypeptide(L)'
;KGKPHCSRNPVLVRGIGRYSRSAMYSRKAMYKRKYSAAKSKVEKKKKEKVLATVTKPVGGDKNGGTRVVKLRKMPRYYPT
EDVPRKLLSHGKKPFSQHVRKLRASITPGTILIILTGRHRGKRVVFLKQLASGLLLVTGPLVLNRVPLRRTHQKFVIATS
TKIDISNVKIPKHLTDAYFKKKKLRKPRHQEGEIFDTEKEKYEITEQRKIDQKAVDSQILPKIKAIPQLQGYLRSVFALT
NGIYPHKLVF
;
LE
14 'polypeptide(L)'
;NFAELKIKRLRKKFAQKMLRKARRKLIYEKAKHYHKEYRQMYRTEIRMARMARKAGNFYVPAEPKLAFVIRIRGINGVSP
KVRKVLQLLRLRQIFNGTFVKLNKASINMLRIVEPYIAWGYPNLKSVNELIYKRGYGKINKKRIALTDNALIARSLGKYG
IICMEDLIHEIYTVGKRFKEANNFLWPFKLSSPRGGMKKKTTHFVEGGDAGNREDQINRLIRRMN
;
LF
15 'polypeptide(L)'
;KVVNPLFEKRPKNFGIGQDIQPKRDLTRFVKWPRYIRLQRQRAILYKRLKVPPAINQFTQALDRQTATQLLKLAHKYRPE
TKQEKKQRLLARAEKKAAGKGDVPTKRPPVLRAGVNTVTTLVENKKAQLVVIAHDVDPIELVVFLPALCRKMGVPYCIIK
GKARLGRLVHRKTCTTVAFTQVNSEDKGALAKLVEAIRTNYNDRYDEIRRHWGGNVLGPKSVARIAKLEKAKAKELATKL
G
;
LG
16 'polypeptide(L)'
;MKTILSNQTVDIPENVDITLKGRTVIVKGPRGTLRRDFNHINVELSLLGKKKKRLRVDKWWGNRKELATVRTICSHVQNM
IKGVTLGFRYKMRSVYAHFPINVVIQENGSLVEIRNFLGEKYIRRVRMRPGVACSVSQAQKDELILEGNDIELVSNSAAL
IQQATTVKNKDIRKFLDGIYVSEKGTVQQA
;
LH
17 'polypeptide(L)'
;GRRPARCYRYCKNKPYPKSRFCRGVPDAKIRIFDLGRKKAKVDEFPLGGHMVSDEYEQLSSEALEAARICANKYMVKSCG
RDGFHMRVRLHPFHVIRINKMLSCAGADRLQTGMRGAFGKPQGTVARVHIGQVIMSIRTKLQNEEHVIEALRRAKFKFPG
RQKIHISKKWGFTKFNADEFEDMVAKKCLIPDGCGVKYVPSHGPLDKWRVLHS
;
LI
18 'polypeptide(L)'
;QDQGEKENPMRELRIRKLCLNICVGESGDRLTRAAKVLEQLTGQTPVFSKARYTVRSFGIRRNEKIAVHCTVRGAKAEEI
LEKGLKVREYELRKNNFSDTGNFGFGIQEHIDLGIKYDPSIGIYGLDFYVVLGRPGFSIADKKRRTGCIGAKHRISKEEA
MRWFQQKYDGIILPGK
;
LJ
19 'polypeptide(L)'
;APSRNGMVLKPHFHKDWQRRVATWFNQPARKIRRRKARQAKARRIAPRPASGPIRPIVRCPTVRYHTKVRAGRGFSLEEL
RVAGIHKKVARTIGISVDPRRRNKSTESLQANVQRLKEYRSKLILFPRKPSAPKKGDSSAEELKLATQLTGPVMPVRNVY
KKEKARVITEEEKNFKAFASLRMARANARLFGIRAKRAKEAAEQDVEKKK
;
LL
20 'polypeptide(L)'
;VFRRFVEVGRVAYVSFGPHAGKLVAIVDVIDQNRALVDGPCTQVRRQAMPFKCMQLTDFILKFPHSAHQKYVRQAWQKAD
INTKWAATRWAKKIEARERKAKMTDFDRFKVMKAKKMRNRIIKNEVKKLQKAALLKASP
;
LM
21 'polypeptide(L)'
;GAYKYIQELWRKKQSDVMRFLLRVRCWQYRQLSALHRAPRPTRPDKARRLGYKAKQGYVIYRIRVRRGGRKRPVPKGATY
GKPVHHGVNQLKFARSLQSVAEERAGRHCGALRVLNSYWVGEDSTYKFFEVILIDPFHKAIRRNPDTQWITKPVHKHREM
RGLTSAGRKSRGLGKGHKFHHTIGGSRRAAWRRRNTLQLHRYR
;
LN
22 'polypeptide(L)'
;EVQVLVLDGRGHLLGRLAAIVAKQVLLGRKVVVVRCEGINISGNFYRNKLKYLAFLRKRMNTNPSRGPYHFRAPSRIFWR
TVRGMLPHKTKRGQAALDRLKVFDGIPPPYDKKKRMVVPAALKVVRLKPTRKFAYLGRLAHEVGWKYQAVTATLEEKRKE
KAKIHYRKKKQLMRLRKQAEKNVEKKIDKYTEVLKTHGLLV
;
LO
23 'polypeptide(L)'
;VRYSLDPENPTKSCKSRGSNLRVHFKNTRETAQAIKGMHIRKATKYLKDVTLQKQCVPFRRYNGGVGRCAQAKQWGWTQG
RWPKKSAEFLLHMLKNAESNAELKGLDVDSLVIEHIQVNKAPKMRRRTYRAHGRINPYMSSPCHIEMILTEKE
;
LP
24 'polypeptide(L)'
;GVDIRHNKDRKVRRKEPKSQDIYLRLLVKLYRFLARRTNSTFNQVVLKRLFMSRTNRPPLSLSRMIRKMKLPGRENKTAV
VVGTITDDVRVQEVPKLKVCALRVTSRARSRILRAGGKILTFDQLALDSPKGCGTVLLSGPRKGREVYRHFGKAPGTPHS
HTKPYVRSKGRKFERARGRRASRGYKN
;
LQ
25 'polypeptide(L)'
;SMLRLQKRLASSVLRCGKKKVWLDPNETNEIANANSRQQIRKLIKDGLIIRKPVTVHSRARCRKNTLARRKGRHMGIGKR
KGTANARMPEKVTWMRRMRILRRLLRRYRESKKIDRHMYHSLYLKVKGNVFKNKRILMEHIHKLKADKARKKLLADQAEA
RRSKTKEARKRREERLQAKKEEIIKTL
;
LR
26 'polypeptide(L)'
;KASGTLREYKVVGRCLPTPKCHTPPLYRMRIFAPNHVVAKSRFWYFVSQLKKMKKSSGEIVYCGQVFEKSPLRVKNFGIW
LRYDSRSGTHNMYREYRDLTTAGAVTQCYRDMGARHRARAHSIQIMKVEEIAASKCRRPAVKQFHDSKIKFPLPHRVLRR
QHKPRFTTKRPNTFF
;
LS
27 'polypeptide(L)'
;TNTKGKRRGTRYMFSRPFRKHGVVPLATYMRIYKKGDIVDIKGMGTVQKGMPHKCYHGKTGRVYNVTQHAVGIVVNKQVK
GKILAKRINVRIEHIKHSKSRDSFLKRVKENDQKKKEAKEKGTWVQLKRQPAPPREAHFVRTNGKEPELLEPIPYEFMA
;
LT
28 'polypeptide(L)'
;QVLKFTLDCTHPVEDGIMDAANFEQFLQERIKVNGKAGNLGGGVVTIERSKSKITVTSEVPFSKRYLKYLTKKYLKKNNL
RDWLRVVANSKESYELRYFQI
;
LU
29 'polypeptide(L)'
;SGAKFRISLGLPVGAVINCADNTGAKNLYIISVKGIKGRLNRLPAAGVGDMVMATVKKGKPELRKKVHPAVVIRQRKSYR
RKDGVFLYFEDNAGVIVNNKGEMKGSAITGPVAKECADLWPRIASNAGSIA
;
LV
30 'polypeptide(L)'
;MKVELCSFSGYKIYPGHGRRYARTDGKVFQFLNAKCESAFLSKRNPRQINWTVLYRRKHKKGQSEEIQKKRTRRAVKFQR
AITGASLADIMAKRNQKPEVRKAQREQAIRAAKEAKKAKQASKK
;
LW
31 'polypeptide(L)'
;KKKIRTSPTFRRPKTLRLRRQPKYPRKSAPRRNKLDHYAIIKFPLTTESAMKKIEDNNTLVFIVDVKANKHQIKQAVKKL
YDIDVAKVNTLIRPDGEKKAYVRLAPDYDALDVANKIGII
;
LX
32 'polypeptide(L)'
;MKFNPFVTSDRSKNRKRHFNAPSHIRRKIMSSPLSKELRQKYNVRSMPIRKDDEVQVVRGHYKGQQIGKVVQVYRKKYVI
YIERVQREKANGTTVHVGIHPSKVVITRLKLDKDRKKILERKAKSRQVGKEKGK
;
LY
33 'polypeptide(L)'
;GKFMKPGKVVLVLAGRYSGRKAVIVKNIDDGTSDRPYSHALVAGIDRYPRKVTAAMGKKKIAKRSKIKSFVKVYNYNHLM
PTRYSVDIPLDKTVVNKDVFRDPALKRKARREAKVKFEERYKTGKNKWFFQKLRF
;
LZ
34 'polypeptide(L)'
;PSRLRKTRKLRGHVSHGHGRIGKHRKHPGGRGNAGGLHHHRINFDKYHPGYFGKVGMKHYHLKRNQSFCPTVNLDKLWTL
VSEQTRVNAAKNKTGAAPIIDVVRSGYYKVLGKGKLPKQPVIVKAKFFSRRAEEKIKSVGGACVLVA
;
La
35 'polypeptide(L)'
;AKSKNHTTHNQSRKWHRNGIKKPRSQRYESLKGVDPKFLRNMRFAKKHNKKGLKKMQANNAKAMSARAEAIKALVKPKEV
KPKIPKGVSRKLDRLAYIAHPKLGKRARARIAKGLRLCRPK
;
Lb
36 'polypeptide(L)'
;KSLESINSRLQLVMKSGKYVLGYKQTLKMIRQGKAKLVILANNCPALRKSEIEYYAMLAKTGVHHYSGNNIELGTACGKY
YRVCTLAIIDPGDSDIIR
;
Lc
37 'polypeptide(L)'
;NEVVTREYTINIHKRIHGVGFKKRAPRALKEIRKFAMKEMGTPDVRIDTRLNKAVWAKGIRNVPYRIRVRLSRKRNEDED
SPNKLYTLVTYVPVTTFKNLQTVNVDE
;
Ld
38 'polypeptide(L)'
;AALRPLVKPKIVKKRTKKFIRHQSDRYVKIKRNWRKPRGIDNRVRRRFKGQILMPNIGYGSNKKTKHMLPSGFRKFLVHN
VKELEVLLMCNKSYCAEIAHNVSSKNRKAIVERAAQLAIRVTNPNARL
;
Le
39 'polypeptide(L)'
;SGRLWSKAIFAGYKRGLRNQREHTALLKIEGVYARDETEFYLGKRCAYVYKAKNNTVTPGGKPNKTRVIWGKVTRAHGNS
GMVRAKFRSNLPAKAIGHRIRVMLYPSRI
;
Lf
40 'polypeptide(L)'
;VQRLTYRRRLSYNTASNKTRLSRTPGNRIVYLYTKKVGKAPKSACGVCPGRLRGVRAVRPKVLMRLSKTKKHVSRAYGGS
MCAKCVRDRIKRAFLIEEQKIVVKVLKAQAQSQK
;
Lg
41 'polypeptide(L)'
;AKIKARDLRGKKKEELLKQLDDLKVELSQLRVAKVTGGAASKLSKIRVVRKSIARVLTVINQTQKENLRKFYKGKKYKPL
DLRPKKTRAMRRRLNKHEENLKTKKQQRKERLYPLRKYAVKA
;
Lh
42 'polypeptide(L)'
;ALRYPMAVGLNKGHKVTKNVSKPRHSRRRGRLTKHTKFVRDMIREVCGFAPYERRAMELLKVSKDKRALKFIKKRVGTHI
RAKRKREELSNVLAAMRKAAAK
;
Li
43 'polypeptide(L)'
;TKGTSSFGKRRNKTHTLCRRCGSKAYHLQKSTCGKCGYPAKRKRKYNWSAKAKRRNTTGTGRMRHLKIVYRRFRHGFREG
TTPKPK
;
Lj
44 'polypeptide(L)' PRKIEEIKDFLLTARRKDAKSVKIKKNKDNVKFKVRCSRYLYTLVITDKEKAEKLKQSLPPGLAVKELK Lk
45 'polypeptide(L)' SSHKTFRIKRFLAKKQKQNRPIPQWIRMKTGNKIRYNSKRRHWRRTKLGL Ll
46 'polypeptide(L)' IIEPSLRQLAQKYNCDKMICRKCYARLHPRAVNCRKKKCGHTNNLRPKKKVK Lm
47 'polypeptide(L)' MRAKWRKKRMRRLKRKRRKMRQRS Ln
48 'polypeptide(L)'
;VNVPKTRRTFCKKCGKHQPHKVTQYKKGKDSLYAQGKRRYDRKQSGYGGQTKPIFRKKAKTTKKIVLRLECVEPNCRSKR
MLAIKRCKHFELGGDKKRKGQVIQF
;
Lo
49 'polypeptide(L)'
;AKRTKKVGIVGKYGTRYGASLRKMVKKIEISQHAKYTCSFCGKTKMKRRAVGIWHCGSCMKTVAGGAWTYNTTSAVTVKS
AIRRLKELKDQ
;
Lp
50 'polypeptide(L)'
;SAHLQWMVVRNCSSFLIKRNKQTYSTEPNNLKARNSFRYNGLIHRKTVGVEPAADGKGVVVVIKRRSGQRKPATSYVRTT
INKNARATLSSIRHMIRKNKYRPDLRMAAIRRASAILRSQKPVMV
;
Lr
51 'polypeptide(L)'
;DRATWKSNYFLKIIQLLDDYPKCFIVGADNVGSKQMQQIRMSLRGKAVVLMGKNTMMRKAIRGHLENNPALEKLLPHIRG
NVGFVFTKEDLTEIRDMLLANKVPAAARAGAIAPCEVTVPAQNTGLGPEKTSFFQALGITTKISRGTIEILSDVQLIKTG
DKVGASEATLLNMLNISPFSFGLVIQQVFDNGSIYN
;
Ls
52 'polypeptide(L)'
;PNEIKVVYLRCTGGEVGATSALAPKIGPLGLSPKKVGDDIAKATGDWKGLRITVKLTIQNRQAQIEVVPSASALIIKALK
EPPRDRKKQKNIKHSGNITFDEIVNIARQMRHRSLARELSGTIKEILGTAQSVGCNVDGRHPHDIIDDINSGAVECP
;
Lt
53 'polypeptide(L)'
;MAVQISKKRKFVADGIFKAELNEFLTRELAEDGYSGVEVRVTPTRTEIIILATRTQNVLGEKGRRIRELTAVVQKRFGFP
EGSVELYAEKVATRGLCAIAQAESLRYKLLGGLAVRRACYGVLRFIMESGAKGCEVVVSGKLRGQRAKSMKFVDGLMIHS
GDPVNYYVDTAVRHVLLRQGVLGIKVKIMLPWDPTGKIGPKKPLPDHVSIVEPKDEILPTTPISEQK
;
SD
54 'polypeptide(L)'
;DIKLFGKWSTDDVQINDISLQDYIAVKEKYAKYLPHSAGRYAAKRFRKAQCPIVERLTNSMMMHGRNNGKKLMTVRIVKH
AFEIIHLLTGENPLQVLVNAIINSGPREDSTRIGRAGTVRRQAVDVSPLRRVNQAIWLLCTGAREAAFRNIKTIAECLAD
ELINAAKGSSNSYAIKKKDELERVAKSNR
;
SF
55 'polypeptide(L)'
;MLMPKKNRIAIYELLFKEGVMVAKKDVHMPKHPELADKNVPNLHVMKAMQSLKSRGYVKEQFAWRHFYWYLTNEGIQYLR
DYLHLPPEIVPATLRRSR
;
SK
56 'polypeptide(L)'
;VMDVNTALQEVLKTALIHDGLARGIREAAKALDKRQAHLCVLASNCDEPMYVKLVEALCAEHQINLIKVDDNKKLGEWVG
LCKIDREGKPRKVVGCSCVVVKDYGKESQAKDVIEEYFKCKK
;
SM
57 'polypeptide(L)'
;TYRGVDLDQLLDMSYEQLMQLYSARQRRRLNRGLRRKQHSLLKRLRKAKKEAPPMEKPEVVKTHLRDMIILPEMVGSMVG
VYNGKTFNQVEIKPEMIGHYLGEFSITYKPVKHGRPGIGAT
;
SP
58 'polypeptide(L)'
;SKGPLQSVQVFGRKKTATAVAHCKRGNGLIKVNGRPLEMIEPRTLQYKLLEPVLLLGKERFAGVDIRVRVKGGGHVAQIY
AIRQSISKALVAYYQKYVDEASKKEIKDILIQYDRTLLVADPRRCESKKFGGPGARARYQKSYR
;
SQ
59 'polypeptide(L)'
;MGRVRTKTVKKAARVIIEKYYTRLGNDFHTNKRVCEEIAIIPSKKLRNKIAGYVTHLMKRIQRGPVRGISIKLQEEERER
RDNYVPEVSALDQEIIEVDPDTKEMLKLLDFGSLSNLQVTQPTVGMNFKTPRGPV
;
SR
60 'polypeptide(L)'
;MSLVIPEKFQHILRVLNTNIDGRRKIAFAITAIKGVGRRYAHVVLRKADIDLTKRAGELTEDEVERVITIMQNPRQYKIP
DWFLNRQKDVKDGKYSQVLANGLDNKLREDLERLKKIRAHRGLRHFWGLRVRGQHTKTTGRRGRT
;
SS
61 'polypeptide(L)'
;PGVTVKDVNQQEFVRALAAFLKKSGKLKVPEWVDTVKLAKHKELAPYDENWFYTRAASTARHLYLRGGAGVGSMTKIYGG
RQRNGVMPSHFSRGSKSVARRVLQALEGLKMVEKDQDGGRKLTPQGQRDLDRIAGQVAAANKK
;
ST
62 'polypeptide(L)'
;AIHRIRITLTSRNVKSLEKVCADLIRGAKEKNLKVKGPVRMPTKTLRITTRKTPCGEGSKTWDRFQMRIHKRLIDLHSPS
EIVKQITSISIEPGVEVEVTIADA
;
SU
63 'polypeptide(L)' RDKLNNLVLFDKATYDKLCKEVPNYKLITPAVVSERLKIRGSLARAALQELLSKGLIKLVSKHRAQVIYTRNTKG SZ
64 'polypeptide(L)' RVQPIKLARVTKVLGRTGSQGQCTQVRVEFMDDTSRSIIRNVKGPVREGDVLTLLESEREARRL Sc
65 'polypeptide(L)' GHQQLYWSHPRKFGQGSRSCRVCSNRHGLIRKYGLNMCRQCFRQYAKDIGFIKLD Sd
66 'polypeptide(L)' YTTPKKNKHKRKKVKLAVLKYYKVDENGKISRLRRECPSDECGAGVFMASHFDRHYCGKCCLTYCFN Sf
67 'polypeptide(L)'
;TEQMTLRGTLKGHNGWVTQIATTPQFPDMILSASRDKTIIMWKLTRDETNYGIPQRALRGHSHFVSDVVISSDGQFALSG
SWDGTLRLWDLTTGTTTRRFVGHTKDVLSVAFSSDNRQIVSGSRDKTIKLWNTLGVCKYTVQDESHSEWVSCVRFSPNSS
NPIIVSCGWDKLVKVWNLANCKLKTNHIGHTGYLNTVTVSPDGSLCASGGKDGQAMLWDLNEGKHLYTLDGGDIINALCF
SPNRYWLCAATGPSIKIWDLEGKIIVDELKQEVISTSSKAEPPQCTSLAWSADGQTLFAGYTDNLVRVWQVTI
;
Sg
68 'polypeptide(L)'
;GALDVLQMKEEDVLKFLAAGTHLGGTNLDFQMEQYIYKRKSDGIYIINLKRTWEKLLLAARAIVAIENPADVSVISSRNT
GQRAVLKFAAATGATPIAGRFTPGTFTNQIQAAFREPRLLVVTDPRADHQPLTEASYVNLPTIALCNTDSPLRYVDIAIP
CNNKGAHSVGLMWWMLAREVLRMRGTISREHPWEVMPDLYFYRDPEEIEKEEQAAAEKAVT
;
SA
69 'polypeptide(L)'
;VVDPFSKKDWYDVKAPAMFNIRNIGKTLVTRTQGTKIASDGLKGRVFEVSLADLQNDEVAFRKFKLITEDVQGKNCLTNF
HGMDLTRDKMCSMVKKWQTMIEAHVDVKTTDGYLLRLFCVGFTKKRNNQIRKTSYAQHQQVRQIRKKMMEIMTREVQTND
LKEVVNKLIPDSIGKDIEKACQSIYPLHDVFVRKVKMLKKPKFELGKLMELHGE
;
SB
70 'polypeptide(L)'
;EWMPVTKLGRLVKDMKIKSLEEIYLFSLPIKESEIIDFFLGASLKDEVLKIMPVQKQTRAGQRTRFKAFVAIGDYNGHVG
LGVKCSKEVATAIRGAIILAKLSIVPVRRGYWGNKIGKPHTVPCKVTGRCGSVLVRLIPAPRGTGIVSAPVPKKLLMMAG
IDDCYTSARGCTATLGNFAKATFDAISKTYSYLTPDLWKETVFTKSPYQEFTDHLVKTHTRV
;
SC
71 'polypeptide(L)'
;ARGPKKHLKRVAAPKHWMLDKLTGVFAPRPSTGPHKLRECLPLIIFLRNRLKYALTGDEVKKICMQRFIKIDGKVRTDIT
YPAGFMDVISIDKTGENFRLIYDTKGRFAVHRITPEEAKYKLCKVRKIFVGTKGIPHLVTHDARTIRYPDPLIKVNDTIQ
IDLETGKITDFIKFDTGNLCMVTGGANLGRIGVITNRERHPGSFDVVHVKDANGNSFATRLSNIFVIGKGNKPWISLPRG
KGIRLTIAEERDKRLAAKQSSG
;
SE
72 'polypeptide(L)'
;MKLNISFPATGCQKLIEVDDERKLRTFYEKRMATEVAADALGEEWKGYVVRISGGNDKQGFPMKQGVLTHGRVRLLLSKG
HSCYRPRRTGERKRKSVRGCIVDANLSVLNLVIVKKGEKDIPGLTDTTVPRRLGPKRASRIRKLFNLSKEDDVRQYVVRK
PLNKEGKKPRTKAPKIQRLVTPRVLQHKRRRIALKKQRTKKNKEEAAEYAKLLAKRMKEAKEKRQEQIAKRRRLSSL
;
SG
73 'polypeptide(L)'
;SAKIVKPNGEKPDEFESGISQALLELEMNSDLKAQLRELNITAAKEIEVGGGRKAIIIFVPVPQLKSFQKIQVRLVRELE
KKFSGKHVVFIAQRRILPKPTRKSRTKNKQKRPRSRTLTAVHDAILEDLVFPSEIVGKRIRVKLDGSRLIKVHLDKAQQN
NVEHKVETFSGVYKKLTGKDVNFEFPEFQ
;
SH
74 'polypeptide(L)'
;GISRDNWHKRRKTGGKRKPYHKKRKYELGRPAANTKIGPRRIHTVRVRGGNKKYRALRLDVGNFSWGSECCTRKTRIIDV
VYNASNNELVRTKTLVKNCIVLIDSTPYRQWYESHYALPLGRKKGAKLTPEEEEILNKKRSKKIQKKYDERKKNAKISSL
LEEQFQQGKLLACIASRPGQCGRADGYVLEGKELEFYLRKIKARKG
;
SI
75 'polypeptide(L)'
;PVARSWVCRKTYVTPRRPFEKSRLDQELKLIGEYGLRNKREVWRVKFTLAKIRKAARELLTLDEKDPRRLFEGNALLRRL
VRIGVLDEGKMKLDYILGLKIEDFLERRLQTQVFKLGLAKSIHHARVLIRQRHIRVRKQVVNIPSFIVRLDSQKHIDFSL
RSPYGGGRPGRVKRKNAKKGQGGAG
;
SJ
76 'polypeptide(L)'
;ADIQTERAYQKQPTIFQNKKRVLLGETGKEKLPRYYKNIGLGFKTPKEAIEGTYIDKKCPFTGNVSIRGRILSGVVTKMK
MQRTIVIRRDYLHYIRKYNRFEKRHKNMSVHLSPCFRDVQIGDIVTVGECRPLSKTVRFNVLKVTKAAGTKKQ
;
SL
77 'polypeptide(L)'
;GRMHAPGKGLSQSALPYRRSVPTWLKLTSDDVKEQIYKLAKKGLTPSQIGVILRDSHGVAQVRFVTGNKILRILKSKGLA
PDLPEDLYHLIKKAVAVRKHLERNRKDKDAKFRLILIESRIHRLARYYKTKRVLPPNWKYESSTASALVA
;
SN
78 'polypeptide(L)'
;EQVISLGPQVAEGENVFGVCHIFASFNDTFVHVTDLSGKETICRVTGGMKVKADRDESSPYAAMLAAQDVAQRCKELGIT
ALHIKLRATGGNRTKTPGPGAQSALRALARSGMKIGRIEDVTPIPSDSTRRKGGRRGRRL
;
SO
79 'polypeptide(L)'
;MQNDAGEFVDLYVPRKCSASNRIIGAKDHASIQMNVAEVDKVTGRFNGQFKTYAICGAIRRMGESDDSILRLAKADGIVS
KNF
;
SV
80 'polypeptide(L)'
;VRMNVLADALKSINNAEKRGKRQVLIRPCSKVIVRFLTVMMKHGYIGEFEIIDDHRAGKIVVNLTGRLNKCGVISPRFDV
QLKDLEKWQNNLLPSRQFGFIVLTTSAGIMDHEEARRKHTGGKILGFFF
;
SW
81 'polypeptide(L)'
;GKCRGLRTARKLRSHRRDQKWHDKQYKKAHLGTALKANPFGGASHAKGIVLEKVGVEAKQPNSAIRKCVRVQLIKNGKKI
TAFVPNDGCLNFIEENDEVLVAGFGRKGHAVGDIPGVRFKVVKVANVSLLALYKGKKERPR
;
SX
82 'polypeptide(L)'
;NDTVTIRTRKFMTNRLLQRKQMVIDVLHPGKATVPKTEIREKLAKMYKTTPDVIFVFGFRTHFGGGKTTGFGMIYDSLDY
AKKNEPKHRLARHGLYEKKKTSRKQRKERKNRMKKVRGTAKANVGAGKKPK
;
SY
83 'polypeptide(L)'
;TKKRRNNGRAKKGRGHVQPIRCTNCARCVPKDKAIKKFVIRNIVEAAAVRDISEASVFDAYVLPKLYVKLHYCVSCAIHS
KVVRNRSREARKDRTPPPRFRP
;
Sa
84 'polypeptide(L)'
;PLAKDLLHPSPEEEKRKHKKKRLVQSPNSYFMDVKCPGCYKITTVFSHAQTVVLCVGCSTVLCQPTGGKARLTEGCSFRR
KQH
;
Sb
85 'polypeptide(L)' VHGSLARAGKVRGQTPKVAKQEKKKKKTGRAKRRMQYNRRFVNVVPTFGKKKGPNANS Se
86 'polyribonucleotide'
;UACCUGGUUGAUCCUGCCAGUAGCAU(A2M)UGCUUGUCUCAAAGAUUAAGCCAUGCAUGUCUAAGUACGCACGGCCGGU
ACAGUGAAACUGCGAA(PSU)GGCUC(A2M)UUAAA(PSU)CAG(PSU)UAUGGU(OMU)CCUU(OMU)GGUCGCUCGCU
CCUCUCCCACUUGGAUAACUGUGGUA(A2M)UUCUAG(A2M)GCUAA(OMU)A(OMC)AUGCCGACGGGCGCUGACCCCC
UUCGCGGGGGGGAUGCGUGCAUUUAUCAGUGGUGACUCUAGAUAACCUCGGGCCGAUCGCACGCCCCCCGUGGCGGCGAC
GACCCAUUCGAACGUC(OMU)GCCCUAUCAACUUUCGAUGGUAGUCGCCGUGCCUACCAUGGUGACCACGGG(PSU)GAC
GGGGAAUCAGGGUUCGAU(OMU)CCGGAGA(OMG)GGAGCCUGAGAAACGGCUACCACAU(OMC)CAAGG(A2M)AGGCA
GCAGGCGCGC(A2M)AAUUACCCACUCCCGACCCGGGGA(OMG)GUAGUGA(OMC)GAAAAAUAACAAUACAGGACUCUU
UCGAGGCCCUGUAAUUGGAAUGAGUCCACUUUAA(A2M)UCCUUUAACGAGGAUCCAUUGGAG(OMG)GCAAGUCUGGUG
CCAGCAGCCGCGG(OMU)AAUUCCAGCUCCAAUA(OMG)CGUA(PSU)A(PSU)UAAAGUUGCUGCAGUU(A2M)AAAAG
CUCGUAG(PSU)U(OMG)GA(PSU)CUUGGGAGCGGGCGUCCCCGCCCUCUCGGCCGGGGCCCGAAGCG(OMU)U(PSU)
ACUUUGAAAAAA(PSU)UAGAGUGUUCAAAGCAGGCCCGAGCCGCCUGGAUACCGCAGCUAGGAA(PSU)AA(PSU)
(OMG)GAAUAGGACCGCGGUUCUAUUUUGUUGGUUUUCGGAACUGAGGCCAUGAUUAAGAGGGACGGCCGGGGGCAUUCG
UAUUGCGCCGCUAGAGGUGAAAU(PSU)CUUGGACCGGCGCAAGACGGACCAGAGCGAAAGCAUU(PSU)GCCAAGAAUG
UUUUCAUUAAUCAAGA(A2M)CGAAAGUCGGAGG(PSU)(PSU)CGAAGACGA(PSU)CAGAUACCGUCGUAGUUCCGAC
CA(PSU)AAACGAUGCCGACCGGCGAUGCGGCGGCGUUAUUCCCAUGACCCGCCGGGCAGCUUCCGGGAAACCAAAGUCU
UUGGGUUCCGGGGGGAGUA(PSU)GG(PSU)UGCAAAGCUGAAACUUAAAGGAAUUGACGGAAGGGCACCACCAGGAGUG
GAGCC(PSU)GCGGCUUAAUU(PSU)GAC(B8N)CAACACGGGAAACCUCACCCGGC(OMC)CGGACACGGACAGGA
(OMU)UGACAGAUUGAUAGCUCUUUCUCGAUUCCGUGGGUGG(OMU)G(OMG)UGCAUGGC(4AC)GUUCUUAGUUGGUG
GAGCGAUUUGUCUGG(PSU)UAAUUCCGAUAACGA(A2M)CGAGACU(OMC)UGGCAUGCUAACUAGUUACGCGACCCCC
GAGCGGUCGGCGUCCCCCAACU(OMU)CUUAGAGGGACAAGUGGCGUUCAGCCACCCGAGAUUGAGCAAUAACA(OMG)G
UCUGUGAUGCCCUUAGAUGUCCGGGGCUGCACGCGCGCUACACUGACUGGCUCAGCGUGUGCCUACCCUACGCCGGCAGG
CGCGGGUAACCCGUUGAACCCCAUUCGUGAUGGGGAUCGGGGAUUGCAAUUAUUCCCCAUGAACGAG(G7M)AAUUCCCA
GUAAGUGCGGGUCAUAAGCUUGCGUUGAUUAAGUCCCUGCCCUUUGUACACACCG(OMC)CCGUCGCUACUACCGAUUGG
AUGGUUUAGUGAGGCCCUCGGAUCGGCCCCGCCGGGGUCGGCCCACGGCCCUGGCGGAGCGCUGAGAAGACGGUCGAACU
UGACUAUCUAGAGGAAGUAAAAGUCGUA(6MZ)CAAGGUUUC(4AC)GUAGGUG(MA6)(MA6)CCUGCGGAAGGAUCAU
UA
;
S2
#
loop_
_chem_comp.id
_chem_comp.type
_chem_comp.name
_chem_comp.formula
1MA RNA linking 6-HYDRO-1-METHYLADENOSINE-5'-MONOPHOSPHATE 'C11 H16 N5 O7 P'
4AC RNA linking N(4)-ACETYLCYTIDINE-5'-MONOPHOSPHATE 'C11 H16 N3 O9 P'
5MC RNA linking 5-METHYLCYTIDINE-5'-MONOPHOSPHATE 'C10 H16 N3 O8 P'
6MZ RNA linking N6-METHYLADENOSINE-5'-MONOPHOSPHATE 'C11 H16 N5 O7 P'
A RNA linking ADENOSINE-5'-MONOPHOSPHATE 'C10 H14 N5 O7 P'
A2M RNA linking '2'-O-methyladenosine 5'-(dihydrogen phosphate)' 'C11 H16 N5 O7 P'
B8N RNA linking '(2~{R})-2-azanyl-4-[5-[(2~{S},3~{R},4~{S},5~{R})-3,4-bis(oxidanyl)-5-(phosphonooxymethyl)oxolan-2-yl]-3-methyl-2,6-bis(oxidanylidene)pyrimidin-1-yl]butanoic acid' 'C14 H22 N3 O11 P'
C RNA linking CYTIDINE-5'-MONOPHOSPHATE 'C9 H14 N3 O8 P'
G RNA linking GUANOSINE-5'-MONOPHOSPHATE 'C10 H14 N5 O8 P'
G7M RNA linking N7-METHYL-GUANOSINE-5'-MONOPHOSPHATE 'C11 H17 N5 O8 P 1'
MA6 RNA linking 6N-DIMETHYLADENOSINE-5'-MONOPHOSHATE 'C12 H18 N5 O7 P'
MG non-polymer 'MAGNESIUM ION' 'Mg 2'
OMC RNA linking O2'-METHYLYCYTIDINE-5'-MONOPHOSPHATE 'C10 H16 N3 O8 P'
OMG RNA linking O2'-METHYLGUANOSINE-5'-MONOPHOSPHATE 'C11 H16 N5 O8 P'
OMU RNA linking 'O2'-METHYLURIDINE 5'-MONOPHOSPHATE' 'C10 H15 N2 O9 P'
PSU RNA linking PSEUDOURIDINE-5'-MONOPHOSPHATE 'C9 H13 N2 O9 P'
SPD non-polymer SPERMIDINE 'C7 H19 N3'
SPM non-polymer SPERMINE 'C10 H26 N4'
U RNA linking URIDINE-5'-MONOPHOSPHATE 'C9 H13 N2 O9 P'
UR3 RNA linking 3-METHYLURIDINE-5'-MONOPHOSHATE 'C10 H15 N2 O9 P'
UY1 RNA linking 2'-O-methylpseudouridine-5'-monophosphate 'C10 H15 N2 O9 P'
ZN non-polymer 'ZINC ION' 'Zn 2'
#
# COMPACT_ATOMS: atom_id res chain seq x y z
N ILE A 1 38.19 44.01 102.03
CA ILE A 1 38.48 42.64 102.41
C ILE A 1 37.22 41.78 102.26
N MET A 2 37.38 40.46 102.30
CA MET A 2 36.29 39.53 102.08
C MET A 2 35.90 38.88 103.39
N ASN A 3 34.59 38.88 103.68
CA ASN A 3 34.03 38.08 104.75
C ASN A 3 32.96 37.17 104.16
N GLN A 4 32.33 36.37 105.03
CA GLN A 4 31.40 35.35 104.57
C GLN A 4 30.18 35.96 103.87
N GLU A 5 29.68 37.08 104.39
CA GLU A 5 28.54 37.73 103.76
C GLU A 5 28.91 38.26 102.38
N LYS A 6 30.10 38.85 102.24
CA LYS A 6 30.53 39.39 100.97
C LYS A 6 30.80 38.30 99.95
N LEU A 7 31.37 37.17 100.39
CA LEU A 7 31.68 36.08 99.47
C LEU A 7 30.42 35.43 98.91
N ALA A 8 29.42 35.18 99.77
CA ALA A 8 28.24 34.45 99.33
C ALA A 8 27.45 35.22 98.28
N LYS A 9 27.49 36.54 98.33
CA LYS A 9 26.82 37.35 97.32
C LYS A 9 27.72 37.62 96.13
N LEU A 10 29.04 37.60 96.32
CA LEU A 10 29.97 37.78 95.21
C LEU A 10 29.83 36.67 94.18
N GLN A 11 29.57 35.44 94.64
CA GLN A 11 29.36 34.32 93.73
C GLN A 11 28.26 34.61 92.72
N ALA A 12 27.25 35.38 93.13
CA ALA A 12 26.15 35.68 92.22
C ALA A 12 26.59 36.61 91.10
N GLN A 13 27.25 37.72 91.44
CA GLN A 13 27.50 38.75 90.42
C GLN A 13 28.54 38.29 89.40
N VAL A 14 29.49 37.45 89.80
CA VAL A 14 30.50 37.01 88.85
C VAL A 14 29.94 36.01 87.85
N ARG A 15 28.84 35.35 88.17
CA ARG A 15 28.19 34.40 87.27
C ARG A 15 27.17 35.16 86.43
N ILE A 16 27.46 35.31 85.14
CA ILE A 16 26.54 35.97 84.21
C ILE A 16 26.00 34.98 83.19
N GLY A 17 26.08 33.68 83.49
CA GLY A 17 25.58 32.68 82.57
C GLY A 17 25.74 31.30 83.17
N GLY A 18 25.28 30.31 82.42
CA GLY A 18 25.35 28.94 82.83
C GLY A 18 26.75 28.37 82.67
N LYS A 19 26.84 27.05 82.84
CA LYS A 19 28.12 26.37 82.73
C LYS A 19 28.70 26.53 81.33
N GLY A 20 29.97 26.88 81.26
CA GLY A 20 30.64 27.06 79.99
C GLY A 20 30.70 28.47 79.47
N THR A 21 30.36 29.46 80.29
CA THR A 21 30.45 30.86 79.91
C THR A 21 31.47 31.57 80.78
N ALA A 22 32.09 32.60 80.20
CA ALA A 22 33.14 33.33 80.91
C ALA A 22 32.57 34.07 82.11
N ARG A 23 33.39 34.16 83.16
CA ARG A 23 32.97 34.85 84.37
C ARG A 23 33.14 36.36 84.21
N ARG A 24 32.32 37.10 84.94
CA ARG A 24 32.45 38.55 84.99
C ARG A 24 33.73 38.94 85.70
N LYS A 25 34.44 39.91 85.13
CA LYS A 25 35.71 40.31 85.70
C LYS A 25 35.55 41.43 86.73
N LYS A 26 34.77 42.46 86.41
CA LYS A 26 34.64 43.60 87.30
C LYS A 26 33.33 44.33 87.02
N LYS A 27 32.90 45.12 88.01
CA LYS A 27 31.81 46.07 87.83
C LYS A 27 32.18 47.29 88.66
N VAL A 28 32.81 48.27 88.04
CA VAL A 28 33.37 49.42 88.73
C VAL A 28 32.57 50.66 88.34
N VAL A 29 32.16 51.43 89.33
CA VAL A 29 31.52 52.71 89.12
C VAL A 29 32.53 53.81 89.39
N HIS A 30 32.57 54.81 88.51
CA HIS A 30 33.45 55.95 88.66
C HIS A 30 32.77 57.16 88.04
N ARG A 31 32.70 58.25 88.79
CA ARG A 31 32.09 59.47 88.27
C ARG A 31 33.17 60.53 88.03
CA GLU D 1 0.01 -88.11 52.52
C GLU D 1 -1.09 -87.06 52.60
N LYS D 2 -0.98 -86.04 51.75
CA LYS D 2 -1.92 -84.91 51.74
C LYS D 2 -2.33 -84.64 50.31
N THR D 3 -3.63 -84.51 50.09
CA THR D 3 -4.18 -84.35 48.75
C THR D 3 -4.54 -82.89 48.51
N HIS D 4 -4.26 -82.41 47.30
CA HIS D 4 -4.53 -81.03 46.92
C HIS D 4 -5.79 -80.96 46.06
N ILE D 5 -6.69 -80.06 46.42
CA ILE D 5 -7.96 -79.87 45.72
C ILE D 5 -8.15 -78.40 45.37
N ASN D 6 -8.59 -78.16 44.14
CA ASN D 6 -8.95 -76.83 43.67
C ASN D 6 -10.43 -76.59 43.94
N ILE D 7 -10.75 -75.41 44.49
CA ILE D 7 -12.11 -74.99 44.77
C ILE D 7 -12.33 -73.67 44.08
N VAL D 8 -13.49 -73.51 43.43
CA VAL D 8 -13.85 -72.24 42.82
C VAL D 8 -15.17 -71.74 43.38
N VAL D 9 -15.20 -70.45 43.70
CA VAL D 9 -16.38 -69.80 44.29
C VAL D 9 -17.13 -69.11 43.17
N ILE D 10 -18.41 -69.45 43.01
CA ILE D 10 -19.27 -68.85 41.99
C ILE D 10 -20.49 -68.24 42.66
N GLY D 11 -20.95 -67.12 42.12
CA GLY D 11 -22.08 -66.42 42.70
C GLY D 11 -22.53 -65.28 41.83
N HIS D 12 -23.15 -64.29 42.45
CA HIS D 12 -23.67 -63.12 41.76
C HIS D 12 -22.89 -61.87 42.15
N VAL D 13 -23.17 -60.78 41.43
CA VAL D 13 -22.58 -59.50 41.75
C VAL D 13 -23.11 -59.02 43.10
N ASP D 14 -22.19 -58.56 43.96
CA ASP D 14 -22.52 -58.06 45.30
C ASP D 14 -23.27 -59.12 46.12
N SER D 15 -22.88 -60.38 45.96
CA SER D 15 -23.51 -61.47 46.68
C SER D 15 -22.65 -61.97 47.84
N GLY D 16 -21.63 -61.23 48.23
CA GLY D 16 -20.74 -61.68 49.29
C GLY D 16 -19.79 -62.77 48.87
N LYS D 17 -19.63 -62.98 47.56
CA LYS D 17 -18.80 -64.07 47.04
C LYS D 17 -17.37 -63.95 47.54
N SER D 18 -16.83 -62.74 47.57
CA SER D 18 -15.49 -62.52 48.08
C SER D 18 -15.49 -62.27 49.59
N THR D 19 -16.58 -61.72 50.13
CA THR D 19 -16.63 -61.40 51.55
C THR D 19 -16.59 -62.66 52.40
N THR D 20 -17.43 -63.65 52.08
CA THR D 20 -17.47 -64.84 52.92
C THR D 20 -16.21 -65.68 52.78
N THR D 21 -15.57 -65.68 51.61
CA THR D 21 -14.31 -66.39 51.50
C THR D 21 -13.17 -65.62 52.15
N GLY D 22 -13.28 -64.29 52.26
CA GLY D 22 -12.35 -63.56 53.11
C GLY D 22 -12.50 -63.94 54.58
N HIS D 23 -13.75 -64.06 55.05
CA HIS D 23 -13.98 -64.62 56.37
C HIS D 23 -13.36 -66.00 56.51
N LEU D 24 -13.57 -66.85 55.51
CA LEU D 24 -13.05 -68.22 55.56
C LEU D 24 -11.54 -68.23 55.67
N ILE D 25 -10.86 -67.44 54.82
CA ILE D 25 -9.41 -67.44 54.80
C ILE D 25 -8.86 -66.84 56.09
N TYR D 26 -9.52 -65.82 56.63
CA TYR D 26 -9.08 -65.22 57.88
C TYR D 26 -9.22 -66.21 59.04
N LYS D 27 -10.34 -66.94 59.08
CA LYS D 27 -10.56 -67.87 60.18
C LYS D 27 -9.70 -69.11 60.08
N CYS D 28 -9.39 -69.58 58.87
CA CYS D 28 -8.52 -70.73 58.73
C CYS D 28 -7.04 -70.38 58.76
N GLY D 29 -6.70 -69.09 58.68
CA GLY D 29 -5.33 -68.67 58.92
C GLY D 29 -4.53 -68.35 57.68
N GLY D 30 -5.17 -67.75 56.68
CA GLY D 30 -4.46 -67.30 55.50
C GLY D 30 -3.91 -65.90 55.67
N ILE D 31 -4.72 -65.02 56.24
CA ILE D 31 -4.28 -63.66 56.56
C ILE D 31 -4.29 -63.52 58.07
N ASP D 32 -3.88 -62.36 58.57
CA ASP D 32 -3.88 -62.10 60.00
C ASP D 32 -4.78 -60.92 60.33
N LYS D 33 -4.99 -60.73 61.63
CA LYS D 33 -5.87 -59.66 62.10
C LYS D 33 -5.30 -58.29 61.72
N ARG D 34 -3.96 -58.15 61.72
CA ARG D 34 -3.38 -56.87 61.33
C ARG D 34 -3.69 -56.55 59.87
N THR D 35 -3.54 -57.55 58.99
CA THR D 35 -3.85 -57.32 57.58
C THR D 35 -5.33 -57.02 57.39
N ILE D 36 -6.20 -57.75 58.08
CA ILE D 36 -7.62 -57.52 57.89
C ILE D 36 -8.05 -56.16 58.45
N GLU D 37 -7.40 -55.70 59.51
CA GLU D 37 -7.69 -54.36 60.03
C GLU D 37 -7.13 -53.28 59.11
N LYS D 38 -5.99 -53.55 58.46
CA LYS D 38 -5.49 -52.62 57.45
C LYS D 38 -6.47 -52.51 56.30
N PHE D 39 -7.05 -53.64 55.88
CA PHE D 39 -8.10 -53.61 54.87
C PHE D 39 -9.29 -52.79 55.34
N GLU D 40 -9.67 -52.96 56.61
CA GLU D 40 -10.78 -52.18 57.17
C GLU D 40 -10.48 -50.69 57.12
N LYS D 41 -9.28 -50.28 57.55
CA LYS D 41 -8.96 -48.86 57.56
C LYS D 41 -8.83 -48.31 56.14
N GLU D 42 -8.39 -49.12 55.18
CA GLU D 42 -8.34 -48.66 53.80
C GLU D 42 -9.74 -48.54 53.20
N ALA D 43 -10.67 -49.39 53.63
CA ALA D 43 -12.05 -49.24 53.17
C ALA D 43 -12.77 -48.10 53.89
N ALA D 44 -12.25 -47.67 55.03
CA ALA D 44 -12.94 -46.66 55.83
C ALA D 44 -13.06 -45.33 55.08
N GLU D 45 -12.05 -44.95 54.30
CA GLU D 45 -12.07 -43.64 53.66
C GLU D 45 -13.18 -43.56 52.60
N MET D 46 -13.14 -44.45 51.60
CA MET D 46 -14.11 -44.39 50.53
C MET D 46 -15.36 -45.23 50.81
N GLY D 47 -15.53 -45.71 52.04
CA GLY D 47 -16.83 -46.12 52.52
C GLY D 47 -17.23 -47.55 52.23
N LYS D 48 -16.44 -48.31 51.48
CA LYS D 48 -16.81 -49.69 51.15
C LYS D 48 -16.38 -50.63 52.28
N GLY D 49 -16.91 -50.35 53.47
CA GLY D 49 -16.55 -51.11 54.65
C GLY D 49 -17.13 -52.51 54.67
N SER D 50 -18.22 -52.75 53.94
CA SER D 50 -18.80 -54.09 53.89
C SER D 50 -17.93 -55.07 53.12
N PHE D 51 -17.00 -54.57 52.31
CA PHE D 51 -16.13 -55.42 51.49
C PHE D 51 -14.70 -55.45 52.00
N LYS D 52 -14.48 -55.18 53.29
CA LYS D 52 -13.14 -55.30 53.85
C LYS D 52 -12.66 -56.74 53.84
N TYR D 53 -13.58 -57.70 54.01
CA TYR D 53 -13.22 -59.10 53.83
C TYR D 53 -13.10 -59.46 52.37
N ALA D 54 -13.77 -58.70 51.49
CA ALA D 54 -13.74 -58.99 50.07
C ALA D 54 -12.44 -58.58 49.40
N TRP D 55 -11.75 -57.57 49.95
CA TRP D 55 -10.54 -57.10 49.30
C TRP D 55 -9.36 -58.05 49.43
N VAL D 56 -9.46 -59.08 50.26
CA VAL D 56 -8.43 -60.11 50.27
C VAL D 56 -8.39 -60.81 48.92
N LEU D 57 -9.56 -61.19 48.40
CA LEU D 57 -9.65 -61.77 47.07
C LEU D 57 -9.57 -60.69 45.99
N ASP D 58 -10.15 -59.52 46.24
CA ASP D 58 -10.10 -58.41 45.29
C ASP D 58 -8.73 -57.77 45.38
N LYS D 59 -7.78 -58.36 44.64
CA LYS D 59 -6.41 -57.87 44.69
C LYS D 59 -6.25 -56.57 43.91
N LEU D 60 -7.05 -56.35 42.88
CA LEU D 60 -6.85 -55.21 41.99
C LEU D 60 -7.39 -53.93 42.61
N LYS D 61 -6.65 -52.83 42.38
CA LYS D 61 -7.14 -51.53 42.81
C LYS D 61 -8.39 -51.13 42.04
N ALA D 62 -8.46 -51.47 40.76
CA ALA D 62 -9.67 -51.24 40.00
C ALA D 62 -10.84 -52.04 40.57
N GLU D 63 -10.58 -53.29 40.96
CA GLU D 63 -11.60 -54.09 41.63
C GLU D 63 -12.06 -53.44 42.92
N ARG D 64 -11.11 -52.92 43.71
CA ARG D 64 -11.45 -52.28 44.98
C ARG D 64 -12.29 -51.03 44.76
N GLU D 65 -11.92 -50.21 43.78
CA GLU D 65 -12.66 -48.96 43.58
C GLU D 65 -14.01 -49.19 42.94
N ARG D 66 -14.14 -50.21 42.10
CA ARG D 66 -15.42 -50.50 41.47
C ARG D 66 -16.32 -51.38 42.34
N GLY D 67 -15.78 -51.97 43.40
CA GLY D 67 -16.57 -52.79 44.29
C GLY D 67 -16.96 -54.15 43.74
N ILE D 68 -16.38 -54.56 42.63
CA ILE D 68 -16.73 -55.83 42.00
C ILE D 68 -15.44 -56.56 41.64
N THR D 69 -15.59 -57.84 41.33
CA THR D 69 -14.48 -58.66 40.86
C THR D 69 -14.44 -58.63 39.34
N ILE D 70 -13.29 -58.24 38.79
CA ILE D 70 -13.13 -58.19 37.34
C ILE D 70 -12.57 -59.49 36.80
N ASP D 71 -11.53 -60.02 37.46
CA ASP D 71 -10.89 -61.25 37.02
C ASP D 71 -10.68 -62.16 38.22
N ILE D 72 -10.50 -63.45 37.92
CA ILE D 72 -10.34 -64.45 38.97
C ILE D 72 -9.05 -64.21 39.75
N SER D 73 -9.00 -64.76 40.95
CA SER D 73 -7.82 -64.65 41.79
C SER D 73 -7.72 -65.88 42.70
N LEU D 74 -6.51 -66.15 43.14
CA LEU D 74 -6.13 -67.40 43.82
C LEU D 74 -5.67 -67.12 45.25
N TRP D 75 -5.98 -68.06 46.14
CA TRP D 75 -5.42 -68.06 47.49
C TRP D 75 -5.26 -69.49 47.97
N LYS D 76 -4.49 -69.64 49.04
CA LYS D 76 -4.14 -70.94 49.58
C LYS D 76 -4.44 -70.98 51.07
N PHE D 77 -4.70 -72.20 51.56
CA PHE D 77 -4.73 -72.47 52.99
C PHE D 77 -4.71 -73.98 53.19
N GLU D 78 -4.38 -74.38 54.41
CA GLU D 78 -4.36 -75.79 54.79
C GLU D 78 -5.57 -76.09 55.66
N THR D 79 -6.28 -77.17 55.32
CA THR D 79 -7.42 -77.60 56.10
C THR D 79 -6.99 -78.63 57.14
N SER D 80 -7.96 -79.14 57.90
CA SER D 80 -7.65 -80.10 58.95
C SER D 80 -7.31 -81.48 58.40
N LYS D 81 -7.62 -81.75 57.14
CA LYS D 81 -7.39 -83.07 56.57
C LYS D 81 -6.48 -83.06 55.35
N TYR D 82 -6.64 -82.10 54.44
CA TYR D 82 -5.83 -82.06 53.23
C TYR D 82 -5.69 -80.61 52.77
N TYR D 83 -4.94 -80.42 51.68
CA TYR D 83 -4.54 -79.10 51.21
C TYR D 83 -5.40 -78.69 50.02
N VAL D 84 -5.93 -77.47 50.08
CA VAL D 84 -6.78 -76.96 49.02
C VAL D 84 -6.34 -75.56 48.65
N THR D 85 -6.67 -75.16 47.43
CA THR D 85 -6.55 -73.79 46.96
C THR D 85 -7.90 -73.31 46.48
N ILE D 86 -8.08 -71.98 46.49
CA ILE D 86 -9.37 -71.38 46.20
C ILE D 86 -9.22 -70.31 45.13
N ILE D 87 -10.18 -70.28 44.21
CA ILE D 87 -10.29 -69.28 43.17
C ILE D 87 -11.62 -68.57 43.36
N ASP D 88 -11.62 -67.27 43.14
CA ASP D 88 -12.89 -66.55 43.15
C ASP D 88 -13.40 -66.39 41.72
N ALA D 89 -14.71 -66.15 41.59
CA ALA D 89 -15.22 -65.82 40.28
C ALA D 89 -15.79 -64.41 40.27
N PRO D 90 -15.67 -63.69 39.16
CA PRO D 90 -16.33 -62.37 39.08
C PRO D 90 -17.83 -62.42 39.30
N GLY D 91 -18.49 -63.46 38.82
CA GLY D 91 -19.94 -63.56 38.98
C GLY D 91 -20.69 -62.41 38.33
N HIS D 92 -20.24 -61.98 37.15
CA HIS D 92 -20.80 -60.81 36.48
C HIS D 92 -21.08 -61.16 35.03
N ARG D 93 -22.11 -60.52 34.48
CA ARG D 93 -22.49 -60.77 33.09
C ARG D 93 -21.34 -60.42 32.14
N ASP D 94 -20.59 -59.36 32.45
CA ASP D 94 -19.53 -58.93 31.56
C ASP D 94 -18.31 -59.83 31.62
N PHE D 95 -18.04 -60.44 32.78
CA PHE D 95 -16.80 -61.18 33.00
C PHE D 95 -17.05 -62.69 33.05
N ILE D 96 -18.00 -63.16 32.25
CA ILE D 96 -18.25 -64.59 32.13
C ILE D 96 -17.01 -65.30 31.58
N LYS D 97 -16.35 -64.69 30.60
CA LYS D 97 -15.13 -65.27 30.05
C LYS D 97 -14.03 -65.34 31.10
N ASN D 98 -13.96 -64.36 32.00
CA ASN D 98 -12.98 -64.41 33.07
C ASN D 98 -13.29 -65.52 34.06
N MET D 99 -14.57 -65.67 34.44
CA MET D 99 -14.89 -66.65 35.47
C MET D 99 -14.88 -68.08 34.95
N ILE D 100 -15.18 -68.30 33.67
CA ILE D 100 -15.20 -69.67 33.17
C ILE D 100 -13.79 -70.25 33.14
N THR D 101 -12.77 -69.41 33.00
CA THR D 101 -11.39 -69.88 33.09
C THR D 101 -11.12 -70.50 34.46
N GLY D 102 -11.50 -69.80 35.52
CA GLY D 102 -11.34 -70.34 36.86
C GLY D 102 -12.15 -71.59 37.08
N THR D 103 -13.41 -71.58 36.62
CA THR D 103 -14.25 -72.77 36.81
C THR D 103 -13.72 -73.95 36.01
N SER D 104 -13.05 -73.70 34.89
CA SER D 104 -12.44 -74.78 34.11
C SER D 104 -11.22 -75.34 34.82
N GLN D 105 -10.40 -74.47 35.40
CA GLN D 105 -9.23 -74.94 36.15
C GLN D 105 -9.61 -75.32 37.59
N ALA D 106 -10.61 -76.18 37.73
CA ALA D 106 -11.18 -76.49 39.03
C ALA D 106 -11.33 -78.00 39.20
N ASP D 107 -11.32 -78.41 40.47
CA ASP D 107 -11.72 -79.76 40.85
C ASP D 107 -13.08 -79.80 41.55
N CYS D 108 -13.47 -78.71 42.21
CA CYS D 108 -14.77 -78.63 42.85
C CYS D 108 -15.17 -77.17 42.99
N ALA D 109 -16.45 -76.95 43.27
CA ALA D 109 -17.01 -75.61 43.30
C ALA D 109 -17.86 -75.41 44.55
N VAL D 110 -18.03 -74.15 44.91
CA VAL D 110 -18.99 -73.73 45.92
C VAL D 110 -19.84 -72.61 45.32
N LEU D 111 -21.15 -72.75 45.42
CA LEU D 111 -22.10 -71.83 44.82
C LEU D 111 -22.79 -71.01 45.90
N ILE D 112 -22.88 -69.69 45.67
CA ILE D 112 -23.37 -68.74 46.66
C ILE D 112 -24.56 -68.00 46.09
N VAL D 113 -25.65 -67.95 46.85
CA VAL D 113 -26.81 -67.13 46.53
C VAL D 113 -27.15 -66.31 47.77
N ALA D 114 -27.53 -65.04 47.56
CA ALA D 114 -27.96 -64.19 48.66
C ALA D 114 -29.39 -64.53 49.05
N ALA D 115 -29.60 -64.76 50.35
CA ALA D 115 -30.89 -65.21 50.86
C ALA D 115 -31.89 -64.07 51.03
N GLY D 116 -31.47 -62.82 50.86
CA GLY D 116 -32.37 -61.71 51.07
C GLY D 116 -33.45 -61.63 50.01
N VAL D 117 -34.48 -60.84 50.32
CA VAL D 117 -35.60 -60.67 49.40
C VAL D 117 -35.26 -59.57 48.41
N GLY D 118 -35.52 -59.84 47.12
CA GLY D 118 -35.16 -58.94 46.05
C GLY D 118 -33.90 -59.30 45.31
N GLU D 119 -33.09 -60.22 45.85
CA GLU D 119 -31.87 -60.65 45.20
C GLU D 119 -31.89 -62.10 44.76
N PHE D 120 -32.50 -63.00 45.54
CA PHE D 120 -32.57 -64.40 45.17
C PHE D 120 -33.39 -64.60 43.89
N GLU D 121 -34.51 -63.87 43.77
CA GLU D 121 -35.37 -63.99 42.61
C GLU D 121 -34.65 -63.53 41.34
N ALA D 122 -33.92 -62.42 41.43
CA ALA D 122 -33.13 -61.99 40.28
C ALA D 122 -31.96 -62.92 40.03
N GLY D 123 -31.43 -63.55 41.09
CA GLY D 123 -30.30 -64.44 40.92
C GLY D 123 -30.66 -65.71 40.18
N ILE D 124 -31.82 -66.29 40.47
CA ILE D 124 -32.29 -67.46 39.74
C ILE D 124 -33.46 -67.03 38.86
N SER D 125 -33.17 -66.85 37.57
CA SER D 125 -34.15 -66.40 36.58
C SER D 125 -33.52 -66.58 35.20
N LYS D 126 -34.26 -66.16 34.18
CA LYS D 126 -33.71 -66.16 32.83
C LYS D 126 -32.51 -65.22 32.73
N ASN D 127 -32.62 -64.03 33.32
CA ASN D 127 -31.50 -63.10 33.38
C ASN D 127 -30.53 -63.47 34.49
N GLY D 128 -30.95 -64.33 35.41
CA GLY D 128 -30.10 -64.68 36.53
C GLY D 128 -28.87 -65.48 36.11
N GLN D 129 -27.79 -65.29 36.85
CA GLN D 129 -26.50 -65.91 36.54
C GLN D 129 -26.26 -67.22 37.27
N THR D 130 -27.09 -67.55 38.26
CA THR D 130 -26.93 -68.82 38.96
C THR D 130 -27.17 -69.99 38.03
N ARG D 131 -28.18 -69.88 37.17
CA ARG D 131 -28.44 -70.90 36.18
C ARG D 131 -27.23 -71.11 35.27
N GLU D 132 -26.68 -70.00 34.77
CA GLU D 132 -25.52 -70.09 33.89
C GLU D 132 -24.32 -70.70 34.60
N HIS D 133 -24.09 -70.32 35.85
CA HIS D 133 -22.92 -70.80 36.57
C HIS D 133 -23.03 -72.29 36.88
N ALA D 134 -24.21 -72.71 37.36
CA ALA D 134 -24.41 -74.13 37.63
C ALA D 134 -24.37 -74.95 36.34
N LEU D 135 -24.80 -74.37 35.23
CA LEU D 135 -24.70 -75.03 33.94
C LEU D 135 -23.23 -75.20 33.53
N LEU D 136 -22.46 -74.11 33.59
CA LEU D 136 -21.10 -74.15 33.08
C LEU D 136 -20.18 -74.97 33.97
N ALA D 137 -20.50 -75.10 35.27
CA ALA D 137 -19.70 -75.95 36.13
C ALA D 137 -19.74 -77.40 35.67
N TYR D 138 -20.95 -77.94 35.46
CA TYR D 138 -21.07 -79.29 34.94
C TYR D 138 -20.57 -79.38 33.49
N THR D 139 -20.75 -78.32 32.71
CA THR D 139 -20.28 -78.33 31.33
C THR D 139 -18.77 -78.47 31.27
N LEU D 140 -18.04 -77.73 32.10
CA LEU D 140 -16.59 -77.77 32.11
C LEU D 140 -16.04 -78.93 32.94
N GLY D 141 -16.87 -79.58 33.75
CA GLY D 141 -16.41 -80.80 34.40
C GLY D 141 -16.17 -80.67 35.89
N VAL D 142 -17.02 -79.90 36.57
CA VAL D 142 -17.01 -79.87 38.03
C VAL D 142 -17.91 -81.01 38.49
N LYS D 143 -17.29 -82.15 38.82
CA LYS D 143 -18.05 -83.37 39.09
C LYS D 143 -18.87 -83.25 40.37
N GLN D 144 -18.27 -82.70 41.43
CA GLN D 144 -18.97 -82.51 42.69
C GLN D 144 -18.78 -81.08 43.15
N LEU D 145 -19.77 -80.58 43.88
CA LEU D 145 -19.72 -79.21 44.37
C LEU D 145 -20.51 -79.12 45.67
N ILE D 146 -20.49 -77.93 46.27
CA ILE D 146 -21.28 -77.62 47.45
C ILE D 146 -21.95 -76.27 47.22
N VAL D 147 -22.99 -76.01 48.00
CA VAL D 147 -23.71 -74.74 47.94
C VAL D 147 -23.83 -74.17 49.35
N GLY D 148 -23.48 -72.89 49.47
CA GLY D 148 -23.64 -72.19 50.73
C GLY D 148 -24.37 -70.89 50.52
N VAL D 149 -25.54 -70.76 51.13
CA VAL D 149 -26.35 -69.56 50.99
C VAL D 149 -25.85 -68.49 51.95
N ASN D 150 -25.68 -67.28 51.44
CA ASN D 150 -25.13 -66.18 52.20
C ASN D 150 -26.19 -65.11 52.42
N LYS D 151 -26.00 -64.32 53.48
CA LYS D 151 -26.80 -63.13 53.77
C LYS D 151 -28.25 -63.49 54.06
N MET D 152 -28.45 -64.45 54.97
CA MET D 152 -29.77 -64.62 55.57
C MET D 152 -29.96 -63.76 56.81
N ASP D 153 -28.90 -63.10 57.26
CA ASP D 153 -29.01 -62.16 58.37
C ASP D 153 -29.79 -60.91 57.99
N SER D 154 -29.88 -60.59 56.70
CA SER D 154 -30.69 -59.47 56.23
C SER D 154 -32.14 -59.85 55.97
N THR D 155 -32.48 -61.13 56.11
CA THR D 155 -33.86 -61.57 55.90
C THR D 155 -34.73 -61.20 57.09
N GLU D 156 -36.03 -61.29 56.90
CA GLU D 156 -37.00 -61.02 57.95
C GLU D 156 -37.89 -62.24 58.19
N PRO D 157 -37.75 -62.94 59.32
CA PRO D 157 -36.76 -62.74 60.39
C PRO D 157 -35.37 -63.20 59.97
N PRO D 158 -34.32 -62.58 60.52
CA PRO D 158 -32.97 -63.06 60.23
C PRO D 158 -32.78 -64.49 60.72
N TYR D 159 -32.06 -65.28 59.91
CA TYR D 159 -31.79 -66.69 60.18
C TYR D 159 -33.10 -67.46 60.38
N SEP D 160 -33.81 -67.69 59.29
CA SEP D 160 -35.12 -68.34 59.39
CB SEP D 160 -36.22 -67.41 58.88
OG SEP D 160 -37.32 -68.16 58.39
C SEP D 160 -35.20 -69.67 58.63
O SEP D 160 -34.41 -69.94 57.73
P SEP D 160 -38.49 -68.31 59.49
O1P SEP D 160 -39.29 -69.68 59.20
O2P SEP D 160 -39.52 -67.07 59.36
O3P SEP D 160 -37.88 -68.34 60.97
N GLN D 161 -36.17 -70.49 59.03
CA GLN D 161 -36.40 -71.78 58.39
C GLN D 161 -36.93 -71.66 56.97
N LYS D 162 -38.13 -71.09 56.84
CA LYS D 162 -38.91 -71.25 55.60
C LYS D 162 -38.20 -70.65 54.40
N ARG D 163 -37.51 -69.51 54.59
CA ARG D 163 -36.72 -68.94 53.50
C ARG D 163 -35.64 -69.92 53.04
N TYR D 164 -34.92 -70.49 54.00
CA TYR D 164 -33.89 -71.48 53.69
C TYR D 164 -34.47 -72.68 52.97
N GLU D 165 -35.62 -73.18 53.46
CA GLU D 165 -36.23 -74.35 52.86
C GLU D 165 -36.66 -74.07 51.43
N GLU D 166 -37.33 -72.94 51.19
CA GLU D 166 -37.82 -72.64 49.85
C GLU D 166 -36.66 -72.46 48.87
N ILE D 167 -35.59 -71.79 49.30
CA ILE D 167 -34.49 -71.57 48.37
C ILE D 167 -33.72 -72.86 48.10
N VAL D 168 -33.56 -73.71 49.12
CA VAL D 168 -32.84 -74.96 48.87
C VAL D 168 -33.66 -75.89 48.00
N LYS D 169 -34.99 -75.90 48.15
CA LYS D 169 -35.80 -76.74 47.26
C LYS D 169 -35.78 -76.21 45.83
N GLU D 170 -35.80 -74.89 45.67
CA GLU D 170 -35.73 -74.32 44.33
C GLU D 170 -34.41 -74.70 43.65
N VAL D 171 -33.28 -74.47 44.34
CA VAL D 171 -32.00 -74.79 43.72
C VAL D 171 -31.84 -76.30 43.59
N SER D 172 -32.48 -77.08 44.47
CA SER D 172 -32.38 -78.53 44.39
C SER D 172 -33.10 -79.06 43.16
N THR D 173 -34.31 -78.56 42.88
CA THR D 173 -34.99 -79.00 41.68
C THR D 173 -34.29 -78.49 40.42
N TYR D 174 -33.66 -77.31 40.50
CA TYR D 174 -32.89 -76.85 39.34
C TYR D 174 -31.69 -77.74 39.08
N ILE D 175 -30.94 -78.11 40.12
CA ILE D 175 -29.76 -78.93 39.90
C ILE D 175 -30.15 -80.36 39.57
N LYS D 176 -31.33 -80.81 40.02
CA LYS D 176 -31.85 -82.10 39.57
C LYS D 176 -32.17 -82.06 38.08
N LYS D 177 -32.73 -80.94 37.61
CA LYS D 177 -32.96 -80.77 36.17
C LYS D 177 -31.65 -80.77 35.40
N ILE D 178 -30.63 -80.09 35.93
CA ILE D 178 -29.37 -79.97 35.20
C ILE D 178 -28.49 -81.21 35.32
N GLY D 179 -28.75 -82.07 36.30
CA GLY D 179 -27.97 -83.28 36.45
C GLY D 179 -27.42 -83.53 37.84
N TYR D 180 -27.19 -82.47 38.61
CA TYR D 180 -26.59 -82.63 39.93
C TYR D 180 -27.59 -83.24 40.91
N ASN D 181 -27.05 -83.96 41.90
CA ASN D 181 -27.88 -84.69 42.86
C ASN D 181 -27.94 -83.94 44.17
N PRO D 182 -29.12 -83.48 44.58
CA PRO D 182 -29.24 -82.76 45.87
C PRO D 182 -28.76 -83.56 47.07
N ASP D 183 -28.93 -84.89 47.05
CA ASP D 183 -28.41 -85.70 48.15
C ASP D 183 -26.90 -85.64 48.22
N THR D 184 -26.23 -85.70 47.07
CA THR D 184 -24.77 -85.66 47.07
C THR D 184 -24.24 -84.29 47.46
N VAL D 185 -24.84 -83.22 46.93
CA VAL D 185 -24.33 -81.88 47.21
C VAL D 185 -24.76 -81.44 48.60
N ALA D 186 -23.83 -80.84 49.34
CA ALA D 186 -24.12 -80.33 50.67
C ALA D 186 -24.74 -78.95 50.59
N PHE D 187 -25.64 -78.66 51.53
CA PHE D 187 -26.33 -77.39 51.61
C PHE D 187 -25.97 -76.73 52.93
N VAL D 188 -25.42 -75.52 52.88
CA VAL D 188 -24.95 -74.87 54.10
C VAL D 188 -25.57 -73.48 54.20
N PRO D 189 -26.05 -73.09 55.38
CA PRO D 189 -26.32 -71.66 55.63
C PRO D 189 -25.12 -70.96 56.23
N ILE D 190 -24.68 -69.83 55.67
CA ILE D 190 -23.56 -69.07 56.20
C ILE D 190 -23.94 -67.59 56.25
N SER D 191 -23.56 -66.94 57.33
CA SER D 191 -23.74 -65.48 57.47
C SER D 191 -22.38 -64.85 57.24
N GLY D 192 -22.17 -64.34 56.02
CA GLY D 192 -20.89 -63.79 55.64
C GLY D 192 -20.50 -62.54 56.39
N TRP D 193 -21.22 -61.44 56.16
CA TRP D 193 -20.81 -60.14 56.70
C TRP D 193 -20.72 -60.15 58.22
N ASN D 194 -21.59 -60.91 58.89
CA ASN D 194 -21.45 -61.09 60.33
C ASN D 194 -20.34 -62.07 60.68
N GLY D 195 -20.09 -63.06 59.82
CA GLY D 195 -19.06 -64.04 60.09
C GLY D 195 -19.53 -65.18 60.94
N ASP D 196 -20.54 -65.92 60.48
CA ASP D 196 -21.15 -66.99 61.25
C ASP D 196 -21.16 -68.29 60.45
N ASN D 197 -20.95 -69.40 61.17
CA ASN D 197 -21.04 -70.76 60.63
C ASN D 197 -20.02 -71.00 59.52
N MET D 198 -18.74 -70.86 59.88
CA MET D 198 -17.64 -71.36 59.07
C MET D 198 -16.82 -72.42 59.79
N LEU D 199 -16.42 -72.16 61.04
CA LEU D 199 -15.69 -73.10 61.85
C LEU D 199 -16.56 -73.74 62.93
N GLU D 200 -17.35 -72.94 63.63
CA GLU D 200 -18.18 -73.44 64.71
C GLU D 200 -19.66 -73.21 64.39
N PRO D 201 -20.55 -74.08 64.90
CA PRO D 201 -21.98 -73.82 64.73
C PRO D 201 -22.43 -72.64 65.56
N SER D 202 -22.76 -71.54 64.89
CA SER D 202 -23.11 -70.30 65.59
C SER D 202 -24.40 -70.49 66.37
N ALA D 203 -24.40 -70.01 67.62
CA ALA D 203 -25.54 -70.20 68.50
C ALA D 203 -26.66 -69.18 68.27
N ASN D 204 -26.43 -68.18 67.42
CA ASN D 204 -27.49 -67.22 67.12
C ASN D 204 -28.66 -67.88 66.41
N MET D 205 -28.39 -68.88 65.58
CA MET D 205 -29.44 -69.65 64.92
C MET D 205 -29.34 -71.12 65.31
N PRO D 206 -30.32 -71.67 66.03
CA PRO D 206 -30.32 -73.09 66.38
C PRO D 206 -31.18 -73.99 65.51
N TRP D 207 -31.94 -73.44 64.56
CA TRP D 207 -32.94 -74.22 63.85
C TRP D 207 -32.36 -75.18 62.83
N PHE D 208 -31.10 -75.00 62.46
CA PHE D 208 -30.44 -75.89 61.51
C PHE D 208 -29.61 -76.91 62.28
N LYS D 209 -29.91 -78.19 62.08
CA LYS D 209 -29.28 -79.26 62.82
C LYS D 209 -28.13 -79.91 62.08
N GLY D 210 -27.73 -79.36 60.95
CA GLY D 210 -26.68 -79.96 60.16
C GLY D 210 -27.23 -80.72 58.97
N TRP D 211 -26.39 -80.88 57.95
CA TRP D 211 -26.77 -81.57 56.74
C TRP D 211 -26.12 -82.94 56.67
N LYS D 212 -26.73 -83.82 55.88
CA LYS D 212 -26.25 -85.16 55.64
C LYS D 212 -26.03 -85.35 54.14
N VAL D 213 -24.87 -85.87 53.77
CA VAL D 213 -24.56 -86.15 52.37
C VAL D 213 -24.29 -87.64 52.22
N THR D 214 -24.90 -88.25 51.22
CA THR D 214 -24.70 -89.65 50.88
C THR D 214 -24.18 -89.73 49.46
N ARG D 215 -23.07 -90.45 49.27
CA ARG D 215 -22.43 -90.53 47.97
C ARG D 215 -21.96 -91.96 47.76
N LYS D 216 -21.69 -92.29 46.48
CA LYS D 216 -21.29 -93.64 46.12
C LYS D 216 -20.00 -94.09 46.81
N ASP D 217 -19.12 -93.16 47.15
CA ASP D 217 -17.91 -93.52 47.90
C ASP D 217 -18.21 -93.76 49.38
N GLY D 218 -19.08 -92.94 49.96
CA GLY D 218 -19.38 -93.07 51.37
C GLY D 218 -20.37 -92.02 51.82
N ASN D 219 -20.55 -91.97 53.15
CA ASN D 219 -21.51 -91.07 53.78
C ASN D 219 -20.77 -90.07 54.65
N ALA D 220 -21.37 -88.90 54.85
CA ALA D 220 -20.78 -87.90 55.72
C ALA D 220 -21.87 -86.98 56.27
N SER D 221 -21.56 -86.34 57.39
CA SER D 221 -22.44 -85.37 58.01
C SER D 221 -21.67 -84.09 58.26
N GLY D 222 -22.34 -82.96 58.12
CA GLY D 222 -21.67 -81.68 58.26
C GLY D 222 -22.45 -80.66 59.06
N THR D 223 -21.72 -79.84 59.84
CA THR D 223 -22.31 -78.71 60.54
C THR D 223 -21.68 -77.37 60.16
N THR D 224 -20.47 -77.37 59.61
CA THR D 224 -19.78 -76.15 59.22
C THR D 224 -19.13 -76.34 57.86
N LEU D 225 -18.65 -75.23 57.30
CA LEU D 225 -18.05 -75.28 55.97
C LEU D 225 -16.81 -76.16 55.94
N LEU D 226 -15.99 -76.09 56.99
CA LEU D 226 -14.81 -76.96 57.07
C LEU D 226 -15.23 -78.43 57.14
N GLU D 227 -16.28 -78.73 57.91
CA GLU D 227 -16.76 -80.10 57.96
C GLU D 227 -17.29 -80.57 56.62
N ALA D 228 -17.84 -79.63 55.83
CA ALA D 228 -18.29 -79.97 54.48
C ALA D 228 -17.12 -80.26 53.56
N LEU D 229 -16.11 -79.39 53.58
CA LEU D 229 -15.01 -79.48 52.61
C LEU D 229 -13.91 -80.43 53.03
N ASP D 230 -13.95 -80.96 54.25
CA ASP D 230 -13.01 -82.00 54.66
C ASP D 230 -13.48 -83.39 54.29
N CYS D 231 -14.63 -83.52 53.64
CA CYS D 231 -15.15 -84.81 53.18
C CYS D 231 -15.56 -84.73 51.71
N ILE D 232 -14.84 -83.92 50.93
CA ILE D 232 -15.12 -83.85 49.50
C ILE D 232 -14.44 -85.01 48.79
N LEU D 233 -14.97 -85.36 47.62
CA LEU D 233 -14.44 -86.47 46.85
C LEU D 233 -13.06 -86.13 46.31
N PRO D 234 -12.03 -86.91 46.60
CA PRO D 234 -10.72 -86.67 45.99
C PRO D 234 -10.74 -87.04 44.53
N PRO D 235 -10.49 -86.09 43.64
CA PRO D 235 -10.56 -86.38 42.21
C PRO D 235 -9.41 -87.27 41.75
N THR D 236 -9.66 -88.04 40.69
CA THR D 236 -8.66 -88.95 40.18
C THR D 236 -7.54 -88.18 39.49
N ARG D 237 -6.38 -88.83 39.41
CA ARG D 237 -5.16 -88.21 38.86
C ARG D 237 -4.65 -89.02 37.68
N PRO D 238 -4.93 -88.59 36.44
CA PRO D 238 -4.45 -89.32 35.25
C PRO D 238 -2.97 -89.06 34.98
N THR D 239 -2.13 -89.52 35.90
CA THR D 239 -0.68 -89.33 35.78
C THR D 239 -0.12 -90.07 34.57
N ASP D 240 -0.60 -91.29 34.34
CA ASP D 240 -0.08 -92.10 33.23
C ASP D 240 -0.35 -91.44 31.89
N LYS D 241 -1.46 -90.71 31.76
CA LYS D 241 -1.74 -90.00 30.54
C LYS D 241 -0.70 -88.90 30.33
N PRO D 242 -0.25 -88.67 29.09
CA PRO D 242 0.82 -87.69 28.85
C PRO D 242 0.44 -86.29 29.29
N LEU D 243 1.46 -85.44 29.36
CA LEU D 243 1.32 -84.14 30.00
C LEU D 243 0.47 -83.19 29.18
N ARG D 244 -0.50 -82.56 29.83
CA ARG D 244 -1.26 -81.46 29.27
C ARG D 244 -1.37 -80.36 30.31
N LEU D 245 -1.16 -79.12 29.90
CA LEU D 245 -1.17 -77.99 30.83
C LEU D 245 -1.64 -76.74 30.10
N PRO D 246 -2.93 -76.43 30.16
CA PRO D 246 -3.39 -75.12 29.70
C PRO D 246 -2.86 -74.02 30.60
N LEU D 247 -2.59 -72.87 30.00
CA LEU D 247 -1.97 -71.75 30.71
C LEU D 247 -3.01 -70.74 31.11
N GLN D 248 -3.13 -70.50 32.42
CA GLN D 248 -4.04 -69.47 32.90
C GLN D 248 -3.54 -68.08 32.56
N ASP D 249 -2.22 -67.86 32.67
CA ASP D 249 -1.64 -66.55 32.36
C ASP D 249 -0.15 -66.72 32.13
N VAL D 250 0.50 -65.63 31.72
CA VAL D 250 1.94 -65.59 31.58
C VAL D 250 2.44 -64.31 32.24
N TYR D 251 3.32 -64.44 33.22
CA TYR D 251 3.89 -63.30 33.92
C TYR D 251 5.35 -63.12 33.52
N LYS D 252 5.86 -61.91 33.73
CA LYS D 252 7.27 -61.60 33.53
C LYS D 252 7.81 -61.19 34.90
N ILE D 253 8.33 -62.17 35.64
CA ILE D 253 8.85 -61.92 36.97
C ILE D 253 10.28 -61.41 36.85
N GLY D 254 10.55 -60.26 37.46
CA GLY D 254 11.88 -59.68 37.43
C GLY D 254 12.87 -60.57 38.15
N GLY D 255 13.92 -61.01 37.44
CA GLY D 255 14.95 -61.86 37.99
C GLY D 255 14.97 -63.25 37.40
N ILE D 256 13.82 -63.77 37.00
CA ILE D 256 13.74 -65.11 36.43
C ILE D 256 13.18 -65.12 35.02
N GLY D 257 12.40 -64.12 34.60
CA GLY D 257 11.92 -64.07 33.24
C GLY D 257 10.47 -64.46 33.08
N THR D 258 10.17 -65.22 32.04
CA THR D 258 8.79 -65.55 31.71
C THR D 258 8.34 -66.78 32.50
N VAL D 259 7.24 -66.63 33.21
CA VAL D 259 6.66 -67.71 34.00
C VAL D 259 5.22 -67.90 33.56
N PRO D 260 4.95 -68.93 32.75
CA PRO D 260 3.55 -69.34 32.55
C PRO D 260 2.97 -69.92 33.82
N VAL D 261 1.66 -69.74 33.99
CA VAL D 261 0.90 -70.20 35.14
C VAL D 261 -0.35 -70.89 34.64
N GLY D 262 -0.58 -72.11 35.11
CA GLY D 262 -1.77 -72.86 34.74
C GLY D 262 -1.94 -74.05 35.64
N ARG D 263 -3.07 -74.74 35.46
CA ARG D 263 -3.40 -75.91 36.26
C ARG D 263 -3.10 -77.16 35.44
N VAL D 264 -2.31 -78.07 36.02
CA VAL D 264 -1.89 -79.26 35.29
C VAL D 264 -3.05 -80.23 35.19
N GLU D 265 -3.37 -80.64 33.96
CA GLU D 265 -4.49 -81.55 33.74
C GLU D 265 -4.05 -83.02 33.85
N THR D 266 -3.12 -83.44 33.00
CA THR D 266 -2.67 -84.82 32.96
C THR D 266 -1.16 -84.86 33.05
N GLY D 267 -0.65 -86.00 33.50
CA GLY D 267 0.78 -86.21 33.57
C GLY D 267 1.44 -85.49 34.73
N VAL D 268 2.76 -85.62 34.78
CA VAL D 268 3.59 -85.00 35.80
C VAL D 268 4.62 -84.11 35.11
N LEU D 269 4.70 -82.86 35.55
CA LEU D 269 5.68 -81.91 35.03
C LEU D 269 6.74 -81.68 36.11
N LYS D 270 8.00 -81.89 35.76
CA LYS D 270 9.11 -81.61 36.66
C LYS D 270 10.19 -80.90 35.87
N PRO D 271 11.00 -80.07 36.51
CA PRO D 271 12.10 -79.41 35.79
C PRO D 271 13.10 -80.44 35.28
N GLY D 272 13.36 -80.40 33.98
CA GLY D 272 14.31 -81.34 33.41
C GLY D 272 13.92 -82.02 32.12
N MET D 273 12.83 -81.58 31.49
CA MET D 273 12.55 -82.01 30.13
C MET D 273 11.96 -80.86 29.34
N VAL D 274 12.08 -80.97 28.03
CA VAL D 274 11.59 -79.92 27.13
C VAL D 274 10.08 -80.05 26.98
N VAL D 275 9.42 -78.90 26.84
CA VAL D 275 7.97 -78.86 26.66
C VAL D 275 7.68 -78.07 25.39
N THR D 276 6.48 -78.30 24.86
CA THR D 276 6.04 -77.68 23.61
C THR D 276 4.65 -77.09 23.81
N PHE D 277 4.47 -75.86 23.34
CA PHE D 277 3.20 -75.16 23.41
C PHE D 277 2.47 -75.33 22.08
N ALA D 278 1.20 -75.73 22.15
CA ALA D 278 0.53 -76.24 20.95
C ALA D 278 0.14 -75.13 19.96
N PRO D 279 -0.65 -74.12 20.33
CA PRO D 279 -1.10 -73.16 19.30
C PRO D 279 0.02 -72.39 18.65
N VAL D 280 1.10 -72.11 19.38
CA VAL D 280 2.21 -71.33 18.83
C VAL D 280 3.35 -72.20 18.31
N ASN D 281 3.38 -73.49 18.66
CA ASN D 281 4.37 -74.44 18.16
C ASN D 281 5.80 -73.99 18.43
N VAL D 282 6.09 -73.71 19.70
CA VAL D 282 7.43 -73.38 20.13
C VAL D 282 7.88 -74.40 21.16
N THR D 283 9.18 -74.69 21.15
CA THR D 283 9.78 -75.68 22.02
C THR D 283 10.69 -75.00 23.03
N THR D 284 10.65 -75.48 24.27
CA THR D 284 11.37 -74.81 25.35
C THR D 284 11.61 -75.78 26.50
N GLU D 285 12.84 -75.80 27.00
CA GLU D 285 13.14 -76.56 28.21
C GLU D 285 12.60 -75.81 29.43
N VAL D 286 11.94 -76.54 30.31
CA VAL D 286 11.44 -75.95 31.56
C VAL D 286 12.60 -75.84 32.54
N LYS D 287 12.63 -74.74 33.30
CA LYS D 287 13.72 -74.48 34.24
C LYS D 287 13.34 -74.81 35.68
N SER D 288 12.19 -74.34 36.14
CA SER D 288 11.75 -74.62 37.50
C SER D 288 10.23 -74.57 37.55
N VAL D 289 9.68 -75.18 38.59
CA VAL D 289 8.24 -75.18 38.83
C VAL D 289 8.01 -74.74 40.27
N GLU D 290 6.84 -74.14 40.53
CA GLU D 290 6.60 -73.52 41.81
C GLU D 290 5.11 -73.32 42.04
N MET D 291 4.61 -73.82 43.17
CA MET D 291 3.24 -73.60 43.60
C MET D 291 3.20 -72.62 44.76
N HIS D 292 2.44 -71.54 44.61
CA HIS D 292 2.14 -70.62 45.70
C HIS D 292 3.42 -70.12 46.37
N HIS D 293 4.39 -69.74 45.55
CA HIS D 293 5.71 -69.29 45.98
C HIS D 293 6.42 -70.35 46.82
N GLU D 294 6.21 -71.62 46.48
CA GLU D 294 6.90 -72.74 47.12
C GLU D 294 7.40 -73.68 46.04
N ALA D 295 8.69 -73.99 46.07
CA ALA D 295 9.28 -74.84 45.05
C ALA D 295 8.77 -76.27 45.15
N LEU D 296 8.66 -76.93 44.00
CA LEU D 296 8.21 -78.31 43.93
C LEU D 296 9.19 -79.13 43.10
N SER D 297 9.24 -80.42 43.39
CA SER D 297 10.00 -81.35 42.57
C SER D 297 9.16 -81.96 41.46
N GLU D 298 7.85 -82.00 41.62
CA GLU D 298 6.95 -82.52 40.60
C GLU D 298 5.67 -81.68 40.59
N ALA D 299 4.97 -81.73 39.45
CA ALA D 299 3.67 -81.10 39.30
C ALA D 299 2.68 -82.21 38.98
N LEU D 300 1.98 -82.69 40.00
CA LEU D 300 0.96 -83.70 39.83
C LEU D 300 -0.26 -83.10 39.12
N PRO D 301 -1.14 -83.92 38.56
CA PRO D 301 -2.37 -83.39 37.98
C PRO D 301 -3.21 -82.66 39.03
N GLY D 302 -3.96 -81.67 38.57
CA GLY D 302 -4.76 -80.88 39.47
C GLY D 302 -4.01 -79.80 40.20
N ASP D 303 -2.75 -79.55 39.86
CA ASP D 303 -1.92 -78.57 40.54
C ASP D 303 -1.90 -77.28 39.73
N ASN D 304 -2.35 -76.19 40.34
CA ASN D 304 -2.29 -74.87 39.73
C ASN D 304 -0.94 -74.26 40.08
N VAL D 305 0.02 -74.37 39.15
CA VAL D 305 1.38 -73.97 39.39
C VAL D 305 1.84 -73.01 38.30
N GLY D 306 2.88 -72.24 38.63
CA GLY D 306 3.63 -71.47 37.66
C GLY D 306 5.00 -72.09 37.47
N PHE D 307 5.38 -72.28 36.21
CA PHE D 307 6.64 -72.92 35.87
C PHE D 307 7.49 -71.98 35.03
N ASN D 308 8.76 -71.87 35.38
CA ASN D 308 9.67 -70.98 34.67
C ASN D 308 10.24 -71.68 33.44
N VAL D 309 10.31 -70.94 32.34
CA VAL D 309 10.84 -71.45 31.08
C VAL D 309 12.00 -70.56 30.65
N LYS D 310 12.78 -71.05 29.70
CA LYS D 310 14.00 -70.39 29.28
C LYS D 310 13.89 -69.90 27.85
N ASN D 311 14.78 -68.95 27.53
CA ASN D 311 14.97 -68.26 26.24
C ASN D 311 13.68 -68.05 25.46
N VAL D 312 12.64 -67.55 26.12
CA VAL D 312 11.42 -67.12 25.45
C VAL D 312 10.98 -65.80 26.07
N SER D 313 10.14 -65.08 25.33
CA SER D 313 9.56 -63.83 25.80
C SER D 313 8.08 -64.03 26.09
N VAL D 314 7.50 -63.05 26.77
CA VAL D 314 6.09 -63.12 27.17
C VAL D 314 5.16 -63.11 25.98
N LYS D 315 5.59 -62.57 24.83
CA LYS D 315 4.73 -62.48 23.68
C LYS D 315 4.69 -63.75 22.85
N ASP D 316 5.64 -64.67 23.05
CA ASP D 316 5.64 -65.91 22.28
C ASP D 316 4.45 -66.80 22.67
N VAL D 317 4.21 -66.95 23.97
CA VAL D 317 3.14 -67.80 24.48
C VAL D 317 2.19 -66.93 25.28
N ARG D 318 0.89 -67.10 25.05
CA ARG D 318 -0.12 -66.26 25.65
C ARG D 318 -1.14 -67.13 26.39
N ARG D 319 -2.17 -66.48 26.91
CA ARG D 319 -3.23 -67.16 27.63
C ARG D 319 -3.99 -68.12 26.72
N GLY D 320 -4.36 -69.27 27.27
CA GLY D 320 -5.12 -70.26 26.55
C GLY D 320 -4.29 -71.31 25.85
N ASN D 321 -2.98 -71.08 25.68
CA ASN D 321 -2.13 -72.07 25.06
C ASN D 321 -1.93 -73.25 25.99
N VAL D 322 -1.82 -74.45 25.41
CA VAL D 322 -1.63 -75.68 26.16
C VAL D 322 -0.23 -76.21 25.87
N ALA D 323 0.48 -76.56 26.93
CA ALA D 323 1.82 -77.11 26.85
C ALA D 323 1.80 -78.61 27.14
N GLY D 324 2.74 -79.31 26.53
CA GLY D 324 2.86 -80.75 26.73
C GLY D 324 4.27 -81.21 26.48
N ASP D 325 4.57 -82.40 27.01
CA ASP D 325 5.91 -82.96 26.86
C ASP D 325 6.18 -83.33 25.41
N SER D 326 7.34 -82.92 24.90
CA SER D 326 7.70 -83.26 23.54
C SER D 326 8.14 -84.71 23.40
N LYS D 327 8.65 -85.31 24.49
CA LYS D 327 9.05 -86.71 24.45
C LYS D 327 7.84 -87.61 24.29
N ASN D 328 6.73 -87.28 24.94
CA ASN D 328 5.46 -87.93 24.71
C ASN D 328 4.83 -87.34 23.44
N ASP D 329 3.57 -87.63 23.19
CA ASP D 329 2.91 -87.03 22.04
C ASP D 329 2.77 -85.53 22.28
N PRO D 330 3.30 -84.69 21.41
CA PRO D 330 3.24 -83.25 21.64
C PRO D 330 1.91 -82.68 21.16
N PRO D 331 1.24 -81.88 21.98
CA PRO D 331 0.06 -81.18 21.50
C PRO D 331 0.44 -80.20 20.40
N MET D 332 -0.45 -80.04 19.42
CA MET D 332 -0.13 -79.19 18.30
C MET D 332 -1.43 -78.72 17.65
N GLU D 333 -1.29 -77.74 16.75
CA GLU D 333 -2.44 -77.02 16.21
C GLU D 333 -3.38 -77.94 15.45
N ALA D 334 -4.67 -77.79 15.71
CA ALA D 334 -5.73 -78.56 15.07
C ALA D 334 -6.49 -77.68 14.10
N ALA D 335 -6.63 -78.14 12.87
CA ALA D 335 -7.37 -77.37 11.86
C ALA D 335 -8.85 -77.28 12.22
N GLY D 336 -9.45 -78.39 12.62
CA GLY D 336 -10.85 -78.42 12.97
C GLY D 336 -11.17 -79.58 13.89
N PHE D 337 -12.45 -79.77 14.21
CA PHE D 337 -12.82 -80.89 15.05
C PHE D 337 -14.31 -81.16 14.89
N THR D 338 -14.71 -82.37 15.28
CA THR D 338 -16.10 -82.78 15.28
C THR D 338 -16.63 -82.74 16.70
N ALA D 339 -17.80 -82.14 16.89
CA ALA D 339 -18.36 -81.97 18.22
C ALA D 339 -19.81 -82.43 18.24
N GLN D 340 -20.20 -83.09 19.32
CA GLN D 340 -21.60 -83.37 19.58
C GLN D 340 -22.09 -82.38 20.63
N VAL D 341 -23.18 -81.69 20.31
CA VAL D 341 -23.60 -80.53 21.10
C VAL D 341 -25.06 -80.66 21.48
N ILE D 342 -25.41 -80.04 22.60
CA ILE D 342 -26.78 -79.93 23.08
C ILE D 342 -27.12 -78.46 23.11
N ILE D 343 -27.91 -78.00 22.14
CA ILE D 343 -28.25 -76.58 22.07
C ILE D 343 -29.23 -76.25 23.18
N LEU D 344 -28.98 -75.16 23.89
CA LEU D 344 -29.76 -74.79 25.07
C LEU D 344 -30.82 -73.75 24.74
N ASN D 345 -30.43 -72.61 24.19
CA ASN D 345 -31.40 -71.59 23.82
C ASN D 345 -30.81 -70.69 22.75
N HIS D 346 -31.63 -70.38 21.74
CA HIS D 346 -31.27 -69.46 20.68
C HIS D 346 -32.56 -68.91 20.07
N PRO D 347 -32.75 -67.60 20.06
CA PRO D 347 -34.00 -67.04 19.52
C PRO D 347 -34.25 -67.39 18.07
N GLY D 348 -33.20 -67.47 17.25
CA GLY D 348 -33.33 -67.84 15.86
C GLY D 348 -32.83 -69.26 15.60
N GLN D 349 -32.99 -69.66 14.35
CA GLN D 349 -32.50 -70.97 13.91
C GLN D 349 -30.99 -70.92 13.67
N ILE D 350 -30.34 -72.05 13.90
CA ILE D 350 -28.89 -72.17 13.75
C ILE D 350 -28.60 -72.75 12.37
N SER D 351 -27.91 -71.98 11.54
CA SER D 351 -27.55 -72.41 10.20
C SER D 351 -26.03 -72.49 10.07
N ALA D 352 -25.58 -72.99 8.93
CA ALA D 352 -24.16 -73.07 8.65
C ALA D 352 -23.57 -71.67 8.53
N GLY D 353 -22.30 -71.55 8.90
CA GLY D 353 -21.64 -70.26 8.94
C GLY D 353 -21.84 -69.50 10.24
N TYR D 354 -22.62 -70.04 11.17
CA TYR D 354 -22.78 -69.40 12.47
C TYR D 354 -21.45 -69.42 13.21
N ALA D 355 -21.03 -68.27 13.70
CA ALA D 355 -19.71 -68.10 14.31
C ALA D 355 -19.86 -67.53 15.71
N PRO D 356 -20.23 -68.37 16.68
CA PRO D 356 -20.16 -67.94 18.08
C PRO D 356 -18.76 -68.13 18.64
N VAL D 357 -18.56 -67.85 19.92
CA VAL D 357 -17.26 -68.06 20.55
C VAL D 357 -17.31 -69.32 21.40
N LEU D 358 -16.38 -70.23 21.13
CA LEU D 358 -16.24 -71.46 21.86
C LEU D 358 -15.20 -71.26 22.96
N ASP D 359 -15.57 -71.64 24.17
CA ASP D 359 -14.73 -71.52 25.35
C ASP D 359 -14.33 -72.92 25.78
N CYS D 360 -13.07 -73.26 25.60
CA CYS D 360 -12.53 -74.56 25.97
C CYS D 360 -11.33 -74.34 26.87
N HIS D 361 -11.33 -75.00 28.04
CA HIS D 361 -10.41 -74.75 29.15
C HIS D 361 -10.16 -73.25 29.31
N THR D 362 -8.97 -72.79 28.92
CA THR D 362 -8.62 -71.37 29.04
C THR D 362 -8.79 -70.61 27.73
N ALA D 363 -8.74 -71.29 26.59
CA ALA D 363 -8.91 -70.64 25.31
C ALA D 363 -10.35 -70.20 25.10
N HIS D 364 -10.52 -69.01 24.52
CA HIS D 364 -11.83 -68.43 24.20
C HIS D 364 -11.75 -67.94 22.77
N ILE D 365 -12.06 -68.83 21.81
CA ILE D 365 -11.81 -68.56 20.41
C ILE D 365 -13.13 -68.63 19.66
N ALA D 366 -13.39 -67.63 18.80
CA ALA D 366 -14.56 -67.67 17.95
C ALA D 366 -14.39 -68.76 16.90
N CYS D 367 -15.38 -69.63 16.78
CA CYS D 367 -15.34 -70.72 15.80
C CYS D 367 -16.56 -70.64 14.90
N LYS D 368 -16.33 -70.80 13.60
CA LYS D 368 -17.40 -70.82 12.62
C LYS D 368 -17.77 -72.26 12.31
N PHE D 369 -19.05 -72.59 12.48
CA PHE D 369 -19.54 -73.92 12.18
C PHE D 369 -19.41 -74.20 10.69
N ALA D 370 -18.47 -75.08 10.33
CA ALA D 370 -18.25 -75.37 8.92
C ALA D 370 -19.48 -76.03 8.31
N GLU D 371 -19.99 -77.08 8.93
CA GLU D 371 -21.22 -77.69 8.47
C GLU D 371 -21.81 -78.57 9.57
N LEU D 372 -23.05 -79.00 9.35
CA LEU D 372 -23.77 -79.89 10.24
C LEU D 372 -23.84 -81.26 9.59
N LYS D 373 -23.54 -82.31 10.37
CA LYS D 373 -23.60 -83.66 9.82
C LYS D 373 -24.95 -84.32 10.07
N GLU D 374 -25.41 -84.34 11.31
CA GLU D 374 -26.66 -85.01 11.63
C GLU D 374 -27.22 -84.47 12.93
N LYS D 375 -28.50 -84.74 13.15
CA LYS D 375 -29.17 -84.41 14.40
C LYS D 375 -29.19 -85.62 15.32
N ILE D 376 -29.11 -85.35 16.61
CA ILE D 376 -28.95 -86.39 17.63
C ILE D 376 -30.09 -86.27 18.63
N ASP D 377 -30.59 -87.43 19.07
CA ASP D 377 -31.57 -87.46 20.15
C ASP D 377 -30.94 -86.93 21.44
N ARG D 378 -31.81 -86.50 22.37
CA ARG D 378 -31.33 -85.95 23.63
C ARG D 378 -30.52 -86.98 24.41
N ARG D 379 -30.99 -88.22 24.46
CA ARG D 379 -30.32 -89.27 25.22
C ARG D 379 -29.98 -90.44 24.32
N SER D 380 -28.97 -91.21 24.75
CA SER D 380 -28.43 -92.40 24.12
C SER D 380 -27.70 -92.11 22.81
N GLY D 381 -27.61 -90.85 22.39
CA GLY D 381 -26.95 -90.52 21.13
C GLY D 381 -27.63 -91.13 19.92
N LYS D 382 -28.95 -91.18 19.92
CA LYS D 382 -29.69 -91.90 18.90
C LYS D 382 -29.75 -91.13 17.59
N LYS D 383 -29.57 -91.84 16.49
CA LYS D 383 -29.71 -91.26 15.17
C LYS D 383 -31.14 -90.83 14.90
N LEU D 384 -31.31 -89.61 14.38
CA LEU D 384 -32.61 -89.12 13.97
C LEU D 384 -32.68 -88.90 12.46
N GLU D 385 -31.80 -88.08 11.90
CA GLU D 385 -31.76 -87.87 10.46
C GLU D 385 -30.40 -87.30 10.10
N ASP D 386 -30.12 -87.28 8.80
CA ASP D 386 -28.82 -86.88 8.28
C ASP D 386 -28.94 -85.58 7.50
N GLY D 387 -27.90 -84.76 7.59
CA GLY D 387 -27.81 -83.52 6.84
C GLY D 387 -28.83 -82.48 7.23
N PRO D 388 -28.70 -81.93 8.44
CA PRO D 388 -29.63 -80.89 8.88
C PRO D 388 -29.43 -79.60 8.11
N LYS D 389 -30.49 -78.79 8.07
CA LYS D 389 -30.43 -77.47 7.46
C LYS D 389 -30.60 -76.35 8.47
N PHE D 390 -31.19 -76.61 9.62
CA PHE D 390 -31.39 -75.60 10.65
C PHE D 390 -31.50 -76.31 11.99
N LEU D 391 -31.31 -75.55 13.06
CA LEU D 391 -31.36 -76.10 14.41
C LEU D 391 -32.11 -75.14 15.32
N LYS D 392 -32.68 -75.69 16.39
CA LYS D 392 -33.40 -74.93 17.38
C LYS D 392 -32.94 -75.36 18.77
N SER D 393 -33.50 -74.70 19.79
CA SER D 393 -33.12 -74.97 21.16
C SER D 393 -33.58 -76.37 21.58
N GLY D 394 -32.92 -76.89 22.62
CA GLY D 394 -33.24 -78.21 23.13
C GLY D 394 -32.97 -79.33 22.15
N ASP D 395 -31.87 -79.24 21.40
CA ASP D 395 -31.54 -80.23 20.38
C ASP D 395 -30.07 -80.58 20.46
N ALA D 396 -29.76 -81.83 20.11
CA ALA D 396 -28.39 -82.33 20.05
C ALA D 396 -28.03 -82.64 18.60
N ALA D 397 -26.79 -82.35 18.23
CA ALA D 397 -26.39 -82.53 16.83
C ALA D 397 -24.89 -82.73 16.73
N ILE D 398 -24.47 -83.28 15.60
CA ILE D 398 -23.07 -83.44 15.23
C ILE D 398 -22.70 -82.30 14.30
N VAL D 399 -21.66 -81.56 14.65
CA VAL D 399 -21.27 -80.38 13.90
C VAL D 399 -19.75 -80.36 13.73
N ASP D 400 -19.31 -79.99 12.54
CA ASP D 400 -17.89 -79.79 12.26
C ASP D 400 -17.64 -78.30 12.05
N MET D 401 -16.60 -77.79 12.70
CA MET D 401 -16.27 -76.37 12.64
C MET D 401 -14.77 -76.21 12.58
N VAL D 402 -14.34 -75.01 12.18
CA VAL D 402 -12.93 -74.63 12.23
C VAL D 402 -12.83 -73.29 12.95
N PRO D 403 -11.99 -73.17 13.97
CA PRO D 403 -11.81 -71.88 14.62
C PRO D 403 -11.18 -70.87 13.66
N GLY D 404 -11.64 -69.62 13.75
CA GLY D 404 -11.08 -68.58 12.89
C GLY D 404 -9.63 -68.29 13.21
N LYS D 405 -9.29 -68.24 14.48
CA LYS D 405 -7.97 -68.06 15.03
C LYS D 405 -7.36 -69.41 15.37
N PRO D 406 -6.04 -69.56 15.25
CA PRO D 406 -5.39 -70.82 15.62
C PRO D 406 -5.74 -71.26 17.04
N MET D 407 -6.09 -72.53 17.18
CA MET D 407 -6.53 -73.09 18.44
C MET D 407 -6.16 -74.56 18.50
N CYS D 408 -5.79 -75.03 19.68
CA CYS D 408 -5.55 -76.45 19.91
C CYS D 408 -6.68 -77.02 20.75
N VAL D 409 -7.28 -78.11 20.27
CA VAL D 409 -8.34 -78.80 20.97
C VAL D 409 -7.98 -80.27 21.07
N GLU D 410 -8.50 -80.93 22.11
CA GLU D 410 -8.29 -82.35 22.32
C GLU D 410 -9.63 -83.04 22.47
N SER D 411 -9.77 -84.20 21.82
CA SER D 411 -11.00 -84.95 21.88
C SER D 411 -11.27 -85.44 23.30
N PHE D 412 -12.55 -85.47 23.66
CA PHE D 412 -12.92 -85.94 24.99
C PHE D 412 -12.62 -87.42 25.17
N SER D 413 -12.57 -88.18 24.08
CA SER D 413 -12.23 -89.59 24.16
C SER D 413 -10.79 -89.81 24.60
N ASP D 414 -9.92 -88.81 24.44
CA ASP D 414 -8.52 -88.92 24.81
C ASP D 414 -8.17 -88.08 26.03
N TYR D 415 -8.48 -86.78 26.00
CA TYR D 415 -8.19 -85.89 27.12
C TYR D 415 -9.51 -85.35 27.66
N PRO D 416 -9.99 -85.90 28.78
CA PRO D 416 -11.31 -85.48 29.30
C PRO D 416 -11.37 -84.01 29.66
N PRO D 417 -10.42 -83.45 30.41
CA PRO D 417 -10.56 -82.01 30.76
C PRO D 417 -10.53 -81.10 29.55
N LEU D 418 -9.81 -81.46 28.49
CA LEU D 418 -9.73 -80.63 27.30
C LEU D 418 -10.83 -80.95 26.29
N GLY D 419 -11.60 -82.02 26.50
CA GLY D 419 -12.71 -82.30 25.61
C GLY D 419 -13.92 -81.44 25.86
N ARG D 420 -14.14 -81.03 27.11
CA ARG D 420 -15.30 -80.21 27.44
C ARG D 420 -15.16 -78.82 26.85
N PHE D 421 -16.28 -78.25 26.42
CA PHE D 421 -16.29 -76.88 25.93
C PHE D 421 -17.69 -76.31 26.09
N ALA D 422 -17.78 -74.99 25.97
CA ALA D 422 -19.06 -74.29 25.99
C ALA D 422 -19.10 -73.32 24.82
N VAL D 423 -20.30 -72.84 24.50
CA VAL D 423 -20.51 -71.87 23.44
C VAL D 423 -21.25 -70.68 24.02
N ARG D 424 -20.72 -69.47 23.82
CA ARG D 424 -21.27 -68.28 24.43
C ARG D 424 -21.69 -67.28 23.36
N ASP D 425 -22.87 -66.68 23.54
CA ASP D 425 -23.35 -65.61 22.68
C ASP D 425 -24.55 -64.95 23.35
N MET D 426 -24.67 -63.63 23.18
CA MET D 426 -25.76 -62.82 23.73
C MET D 426 -25.85 -62.91 25.25
N ARG D 427 -24.73 -63.28 25.90
CA ARG D 427 -24.62 -63.45 27.34
C ARG D 427 -25.48 -64.62 27.86
N GLN D 428 -25.62 -65.67 27.05
CA GLN D 428 -26.09 -66.95 27.56
C GLN D 428 -25.30 -68.06 26.88
N THR D 429 -25.23 -69.20 27.55
CA THR D 429 -24.56 -70.38 27.01
C THR D 429 -25.48 -70.99 25.96
N VAL D 430 -25.19 -70.72 24.70
CA VAL D 430 -26.07 -71.16 23.62
C VAL D 430 -26.00 -72.68 23.45
N ALA D 431 -24.79 -73.24 23.44
CA ALA D 431 -24.59 -74.65 23.18
C ALA D 431 -23.57 -75.23 24.13
N VAL D 432 -23.77 -76.50 24.48
CA VAL D 432 -22.83 -77.26 25.29
C VAL D 432 -22.63 -78.61 24.64
N GLY D 433 -21.39 -79.10 24.68
CA GLY D 433 -21.11 -80.37 24.04
C GLY D 433 -19.66 -80.77 24.25
N VAL D 434 -19.29 -81.87 23.61
CA VAL D 434 -17.94 -82.41 23.72
C VAL D 434 -17.41 -82.70 22.32
N ILE D 435 -16.13 -83.06 22.26
CA ILE D 435 -15.41 -83.26 21.01
C ILE D 435 -15.14 -84.75 20.84
N LYS D 436 -15.34 -85.24 19.62
CA LYS D 436 -15.17 -86.64 19.30
C LYS D 436 -13.95 -86.88 18.41
N ALA D 437 -13.87 -86.23 17.25
CA ALA D 437 -12.78 -86.43 16.31
C ALA D 437 -12.09 -85.11 16.04
N VAL D 438 -10.76 -85.14 16.01
CA VAL D 438 -9.93 -83.96 15.76
C VAL D 438 -8.91 -84.31 14.69
N ASP D 439 -8.77 -83.44 13.70
CA ASP D 439 -7.68 -83.59 12.74
C ASP D 439 -6.45 -82.82 13.22
N LYS D 440 -5.29 -83.25 12.75
CA LYS D 440 -4.02 -82.68 13.18
C LYS D 440 -3.30 -82.09 11.98
N LYS D 441 -2.72 -80.91 12.16
CA LYS D 441 -2.03 -80.22 11.09
C LYS D 441 -0.62 -80.76 10.89
P A2M F 398 -11.59 62.91 69.24
OP1 A2M F 398 -12.06 63.54 67.97
O5' A2M F 398 -12.88 62.12 70.24
C5' A2M F 398 -13.57 61.13 69.67
C4' A2M F 398 -14.03 60.16 70.74
O4' A2M F 398 -12.99 59.95 71.66
C3' A2M F 398 -15.18 60.73 71.52
O3' A2M F 398 -16.29 60.72 70.69
C2' A2M F 398 -15.13 59.89 72.79
O2' A2M F 398 -15.51 58.56 72.60
C1' A2M F 398 -13.61 59.97 72.93
CM' A2M F 398 -15.36 57.85 73.79
N9 A2M F 398 -13.10 61.07 73.70
C8 A2M F 398 -12.52 62.29 73.34
N7 A2M F 398 -12.20 63.04 74.41
C5 A2M F 398 -12.59 62.26 75.48
C6 A2M F 398 -12.54 62.43 76.85
N6 A2M F 398 -12.02 63.57 77.42
N1 A2M F 398 -13.01 61.51 77.71
C2 A2M F 398 -13.52 60.40 77.16
N3 A2M F 398 -13.65 60.06 75.87
C4 A2M F 398 -13.15 61.04 75.07
OP2 A2M F 398 -11.16 63.79 70.38
P A2M F 400 -21.85 63.50 75.74
OP1 A2M F 400 -23.16 63.33 75.04
O5' A2M F 400 -21.94 63.74 77.50
C5' A2M F 400 -22.31 62.68 78.22
C4' A2M F 400 -22.22 63.04 79.67
O4' A2M F 400 -20.86 63.03 80.06
C3' A2M F 400 -22.74 64.43 79.90
O3' A2M F 400 -24.11 64.32 79.91
C2' A2M F 400 -22.00 64.87 81.15
O2' A2M F 400 -22.51 64.29 82.31
C1' A2M F 400 -20.66 64.22 80.80
CM' A2M F 400 -21.66 64.56 83.39
N9 A2M F 400 -19.69 65.01 80.09
C8 A2M F 400 -19.33 65.07 78.75
N7 A2M F 400 -18.36 65.96 78.51
C5 A2M F 400 -18.09 66.48 79.76
C6 A2M F 400 -17.21 67.43 80.23
N6 A2M F 400 -16.33 68.08 79.38
N1 A2M F 400 -17.13 67.78 81.53
C2 A2M F 400 -17.98 67.13 82.34
N3 A2M F 400 -18.90 66.20 82.07
C4 A2M F 400 -18.90 65.91 80.75
OP2 A2M F 400 -21.07 64.77 75.53
P OMG F 902 -44.10 44.31 31.16
OP1 OMG F 902 -45.00 45.50 30.92
OP2 OMG F 902 -44.49 42.90 30.70
O5' OMG F 902 -42.67 44.63 30.55
C5' OMG F 902 -42.22 45.97 30.47
C4' OMG F 902 -40.81 46.05 29.92
O4' OMG F 902 -39.92 45.25 30.73
C3' OMG F 902 -40.61 45.50 28.52
O3' OMG F 902 -41.05 46.38 27.51
C2' OMG F 902 -39.11 45.28 28.51
O2' OMG F 902 -38.42 46.51 28.43
CM2 OMG F 902 -37.03 46.38 28.30
C1' OMG F 902 -38.90 44.71 29.91
N9 OMG F 902 -39.00 43.25 29.93
C8 OMG F 902 -40.04 42.50 30.40
N7 OMG F 902 -39.80 41.23 30.28
C5 OMG F 902 -38.56 41.15 29.72
C6 OMG F 902 -37.78 40.02 29.35
O6 OMG F 902 -38.06 38.85 29.47
N1 OMG F 902 -36.57 40.42 28.79
C2 OMG F 902 -36.16 41.70 28.62
N2 OMG F 902 -34.97 41.87 28.07
N3 OMG F 902 -36.88 42.73 28.96
C4 OMG F 902 -38.05 42.40 29.49
P 1MA F 908 -46.26 34.96 23.98
OP1 1MA F 908 -47.37 35.67 24.73
OP2 1MA F 908 -45.43 35.71 22.98
O5' 1MA F 908 -45.27 34.34 25.05
C5' 1MA F 908 -45.75 33.46 26.06
C4' 1MA F 908 -44.85 33.47 27.27
O4' 1MA F 908 -43.55 32.96 26.91
C3' 1MA F 908 -44.62 34.84 27.91
O3' 1MA F 908 -44.65 34.72 29.33
C2' 1MA F 908 -43.20 35.20 27.46
O2' 1MA F 908 -42.51 36.06 28.33
C1' 1MA F 908 -42.54 33.83 27.40
N9 1MA F 908 -41.40 33.74 26.50
C8 1MA F 908 -40.92 34.71 25.67
N7 1MA F 908 -39.90 34.32 24.99
C5 1MA F 908 -39.69 33.03 25.39
C6 1MA F 908 -38.70 32.10 24.97
N6 1MA F 908 -37.80 32.36 24.12
N1 1MA F 908 -38.85 30.88 25.63
CM1 1MA F 908 -37.91 29.83 25.31
C2 1MA F 908 -39.83 30.63 26.54
N3 1MA F 908 -40.73 31.47 26.92
C4 1MA F 908 -40.62 32.66 26.32
P A2M F 909 -46.01 34.97 30.12
OP1 A2M F 909 -47.14 34.20 29.54
O5' A2M F 909 -45.63 34.59 31.83
C5' A2M F 909 -44.78 35.42 32.46
C4' A2M F 909 -43.89 34.64 33.40
O4' A2M F 909 -44.63 33.57 33.90
C3' A2M F 909 -42.70 34.08 32.66
O3' A2M F 909 -41.78 35.10 32.59
C2' A2M F 909 -42.38 32.82 33.45
O2' A2M F 909 -41.68 33.05 34.62
C1' A2M F 909 -43.81 32.43 33.80
CM' A2M F 909 -40.85 31.97 34.93
N9 A2M F 909 -44.50 31.44 33.01
C8 A2M F 909 -45.70 31.47 32.30
N7 A2M F 909 -46.00 30.31 31.71
C5 A2M F 909 -44.94 29.49 32.07
C6 A2M F 909 -44.63 28.18 31.80
N6 A2M F 909 -45.45 27.39 31.03
N1 A2M F 909 -43.53 27.59 32.27
C2 A2M F 909 -42.73 28.37 33.03
N3 A2M F 909 -42.88 29.65 33.39
C4 A2M F 909 -44.01 30.16 32.88
OP2 A2M F 909 -46.19 36.43 30.41
P A2M F 912 -35.33 28.12 27.74
OP1 A2M F 912 -36.75 28.54 27.98
O5' A2M F 912 -34.72 29.78 28.12
C5' A2M F 912 -33.40 29.98 28.00
C4' A2M F 912 -33.15 31.06 26.96
O4' A2M F 912 -34.36 31.28 26.29
C3' A2M F 912 -32.73 32.38 27.58
O3' A2M F 912 -31.38 32.26 27.83
C2' A2M F 912 -33.19 33.37 26.53
O2' A2M F 912 -32.35 33.44 25.43
C1' A2M F 912 -34.50 32.67 26.15
CM' A2M F 912 -32.92 34.20 24.40
N9 A2M F 912 -35.69 33.06 26.82
C8 A2M F 912 -36.51 32.42 27.74
N7 A2M F 912 -37.55 33.17 28.12
C5 A2M F 912 -37.38 34.34 27.40
C6 A2M F 912 -38.08 35.51 27.31
N6 A2M F 912 -39.24 35.72 28.04
N1 A2M F 912 -37.71 36.53 26.51
C2 A2M F 912 -36.59 36.32 25.80
N3 A2M F 912 -35.79 35.26 25.77
C4 A2M F 912 -36.24 34.29 26.59
OP2 A2M F 912 -34.94 27.54 26.42
N1 OMC F 926 -31.86 70.59 14.19
C2 OMC F 926 -31.09 70.00 13.18
N3 OMC F 926 -31.57 68.89 12.59
C4 OMC F 926 -32.71 68.36 12.93
C5 OMC F 926 -33.52 68.91 13.95
C6 OMC F 926 -33.04 70.02 14.52
O2 OMC F 926 -30.03 70.50 12.86
N4 OMC F 926 -33.11 67.26 12.30
C1' OMC F 926 -31.41 71.81 14.91
C2' OMC F 926 -31.64 73.08 14.12
O2' OMC F 926 -30.64 74.01 14.49
CM2 OMC F 926 -29.32 73.60 14.21
C3' OMC F 926 -32.99 73.52 14.67
C4' OMC F 926 -32.86 73.16 16.15
O4' OMC F 926 -32.13 71.91 16.12
O3' OMC F 926 -33.32 74.87 14.43
C5' OMC F 926 -34.16 72.96 16.88
O5' OMC F 926 -34.97 71.98 16.22
P OMC F 926 -36.12 71.22 17.01
OP1 OMC F 926 -36.94 72.25 17.74
OP2 OMC F 926 -36.78 70.25 16.04
P OMG F 1108 -20.99 54.85 20.21
OP1 OMG F 1108 -19.59 55.34 20.45
OP2 OMG F 1108 -21.85 55.48 19.13
O5' OMG F 1108 -20.92 53.29 19.91
C5' OMG F 1108 -20.36 52.40 20.85
C4' OMG F 1108 -20.58 50.97 20.45
O4' OMG F 1108 -22.01 50.67 20.42
C3' OMG F 1108 -20.11 50.59 19.07
O3' OMG F 1108 -18.72 50.42 18.99
C2' OMG F 1108 -20.92 49.33 18.79
O2' OMG F 1108 -20.36 48.22 19.46
CM2 OMG F 1108 -20.51 47.02 18.74
C1' OMG F 1108 -22.26 49.69 19.45
N9 OMG F 1108 -23.18 50.25 18.44
C8 OMG F 1108 -23.40 51.57 18.14
N7 OMG F 1108 -24.25 51.70 17.18
C5 OMG F 1108 -24.58 50.42 16.81
C6 OMG F 1108 -25.45 49.95 15.80
O6 OMG F 1108 -26.13 50.59 15.02
N1 OMG F 1108 -25.48 48.56 15.79
C2 OMG F 1108 -24.77 47.74 16.61
N2 OMG F 1108 -24.94 46.42 16.43
N3 OMG F 1108 -23.97 48.18 17.53
C4 OMG F 1108 -23.92 49.51 17.59
P A2M F 1110 -13.12 47.58 16.27
OP1 A2M F 1110 -12.38 47.96 17.50
O5' A2M F 1110 -12.53 46.14 15.43
C5' A2M F 1110 -13.11 44.98 15.77
C4' A2M F 1110 -13.16 44.09 14.57
O4' A2M F 1110 -14.36 44.25 13.90
C3' A2M F 1110 -12.09 44.45 13.59
O3' A2M F 1110 -10.89 44.07 14.14
C2' A2M F 1110 -12.59 43.80 12.31
O2' A2M F 1110 -12.12 42.50 12.13
C1' A2M F 1110 -14.10 43.77 12.61
CM' A2M F 1110 -11.60 42.35 10.85
N9 A2M F 1110 -14.93 44.42 11.64
C8 A2M F 1110 -15.76 43.92 10.66
N7 A2M F 1110 -16.35 44.88 9.93
C5 A2M F 1110 -15.85 46.04 10.48
C6 A2M F 1110 -16.05 47.37 10.21
N6 A2M F 1110 -16.89 47.80 9.20
N1 A2M F 1110 -15.44 48.34 10.90
C2 A2M F 1110 -14.62 47.93 11.88
N3 A2M F 1110 -14.31 46.69 12.28
C4 A2M F 1110 -14.97 45.78 11.54
OP2 A2M F 1110 -13.04 48.45 15.05
P A2M F 1120 16.83 48.39 24.59
OP1 A2M F 1120 17.17 49.85 24.56
O5' A2M F 1120 15.35 48.64 25.61
C5' A2M F 1120 15.46 49.47 26.67
C4' A2M F 1120 15.60 48.68 27.98
O4' A2M F 1120 15.58 49.58 29.04
C3' A2M F 1120 14.45 47.72 28.20
O3' A2M F 1120 14.98 46.78 29.05
C2' A2M F 1120 13.38 48.61 28.76
O2' A2M F 1120 12.48 47.94 29.60
C1' A2M F 1120 14.31 49.49 29.63
CM' A2M F 1120 11.68 47.08 28.85
N9 A2M F 1120 13.88 50.81 29.90
C8 A2M F 1120 13.55 51.86 29.06
N7 A2M F 1120 13.20 52.97 29.71
C5 A2M F 1120 13.32 52.61 31.04
C6 A2M F 1120 13.11 53.28 32.22
N6 A2M F 1120 12.70 54.59 32.23
N1 A2M F 1120 13.31 52.71 33.41
C2 A2M F 1120 13.71 51.43 33.38
N3 A2M F 1120 13.96 50.63 32.34
C4 A2M F 1120 13.74 51.28 31.17
OP2 A2M F 1120 17.84 47.42 25.12
N1 PSU F 1122 14.78 43.09 23.99
C2 PSU F 1122 14.62 43.83 22.84
N3 PSU F 1122 13.72 43.42 21.88
C4 PSU F 1122 13.00 42.27 22.08
C5 PSU F 1122 13.17 41.54 23.24
C6 PSU F 1122 14.08 41.97 24.18
O2 PSU F 1122 15.27 44.85 22.67
O4 PSU F 1122 12.19 41.92 21.22
C1' PSU F 1122 12.40 40.27 23.50
C2' PSU F 1122 12.86 39.14 22.60
O2' PSU F 1122 11.76 38.29 22.35
C3' PSU F 1122 13.88 38.45 23.49
C4' PSU F 1122 13.25 38.57 24.85
O3' PSU F 1122 14.15 37.10 23.14
O4' PSU F 1122 12.64 39.89 24.84
C5' PSU F 1122 14.21 38.44 25.99
O5' PSU F 1122 13.81 39.20 27.10
P PSU F 1122 14.85 40.10 27.88
OP1 PSU F 1122 15.57 39.24 28.83
OP2 PSU F 1122 15.63 40.94 26.95
N1 PSU F 1168 28.17 21.29 37.10
C2 PSU F 1168 28.89 22.45 36.92
N3 PSU F 1168 29.18 23.25 37.98
C4 PSU F 1168 28.74 22.90 39.25
C5 PSU F 1168 27.99 21.75 39.42
C6 PSU F 1168 27.73 20.95 38.32
O2 PSU F 1168 29.29 22.74 35.81
O4 PSU F 1168 29.01 23.67 40.17
C1' PSU F 1168 27.46 21.27 40.74
C2' PSU F 1168 26.63 22.30 41.50
O2' PSU F 1168 26.76 22.04 42.89
C3' PSU F 1168 25.23 21.98 41.02
C4' PSU F 1168 25.27 20.47 40.90
O3' PSU F 1168 24.21 22.41 41.91
O4' PSU F 1168 26.62 20.18 40.46
C5' PSU F 1168 24.29 19.88 39.92
O5' PSU F 1168 24.31 18.47 39.96
P PSU F 1168 23.43 17.62 38.96
OP1 PSU F 1168 22.05 17.48 39.48
OP2 PSU F 1168 23.63 18.16 37.61
P OMG F 1211 3.12 50.56 8.16
OP1 OMG F 1211 3.74 51.90 7.79
OP2 OMG F 1211 1.68 50.50 8.64
O5' OMG F 1211 3.24 49.58 6.92
C5' OMG F 1211 4.37 49.64 6.05
C4' OMG F 1211 4.89 48.28 5.70
O4' OMG F 1211 4.24 47.28 6.53
C3' OMG F 1211 4.64 47.85 4.26
O3' OMG F 1211 5.68 46.95 3.86
C2' OMG F 1211 3.33 47.08 4.37
O2' OMG F 1211 3.12 46.13 3.34
CM2 OMG F 1211 2.92 46.68 2.07
C1' OMG F 1211 3.46 46.41 5.73
N9 OMG F 1211 2.18 46.22 6.42
C8 OMG F 1211 1.80 46.88 7.57
N7 OMG F 1211 0.63 46.53 7.97
C5 OMG F 1211 0.22 45.59 7.06
C6 OMG F 1211 -0.99 44.87 7.02
O6 OMG F 1211 -1.94 44.91 7.78
N1 OMG F 1211 -1.01 44.00 5.92
C2 OMG F 1211 0.00 43.88 5.01
N2 OMG F 1211 -0.21 42.99 4.03
N3 OMG F 1211 1.11 44.55 5.06
C4 OMG F 1211 1.17 45.39 6.09
N1 PSU F 1263 -33.65 39.57 -6.74
C2 PSU F 1263 -34.75 38.77 -6.95
N3 PSU F 1263 -35.63 38.54 -5.92
C4 PSU F 1263 -35.40 39.11 -4.68
C5 PSU F 1263 -34.29 39.91 -4.49
C6 PSU F 1263 -33.42 40.14 -5.54
O2 PSU F 1263 -34.94 38.27 -8.04
O4 PSU F 1263 -36.19 38.91 -3.77
C1' PSU F 1263 -34.05 40.54 -3.16
C2' PSU F 1263 -32.65 40.22 -2.65
O2' PSU F 1263 -32.58 38.96 -2.05
C3' PSU F 1263 -32.43 41.39 -1.69
C4' PSU F 1263 -33.15 42.54 -2.37
O3' PSU F 1263 -33.06 41.10 -0.45
O4' PSU F 1263 -34.09 41.93 -3.29
C5' PSU F 1263 -32.26 43.51 -3.09
O5' PSU F 1263 -31.01 42.92 -3.40
P PSU F 1263 -29.68 43.76 -3.31
OP1 PSU F 1263 -29.74 44.89 -4.26
OP2 PSU F 1263 -29.44 44.01 -1.88
N1 PSU F 1269 -44.26 49.13 -1.32
C2 PSU F 1269 -44.76 47.89 -0.99
N3 PSU F 1269 -45.38 47.12 -1.95
C4 PSU F 1269 -45.49 47.60 -3.22
C5 PSU F 1269 -44.99 48.84 -3.55
C6 PSU F 1269 -44.36 49.60 -2.56
O2 PSU F 1269 -44.66 47.48 0.15
O4 PSU F 1269 -46.05 46.92 -4.08
C1' PSU F 1269 -45.11 49.37 -4.93
C2' PSU F 1269 -46.52 49.91 -5.15
O2' PSU F 1269 -46.86 49.73 -6.51
C3' PSU F 1269 -46.33 51.39 -4.85
C4' PSU F 1269 -44.95 51.66 -5.43
O3' PSU F 1269 -47.33 52.23 -5.38
O4' PSU F 1269 -44.22 50.44 -5.13
C5' PSU F 1269 -44.22 52.84 -4.87
O5' PSU F 1269 -44.13 52.77 -3.46
P PSU F 1269 -43.29 53.84 -2.64
OP1 PSU F 1269 -43.66 55.16 -3.16
OP2 PSU F 1269 -43.42 53.52 -1.21
N1 PSU F 1321 -61.14 5.16 -24.74
C2 PSU F 1321 -60.92 5.23 -23.39
N3 PSU F 1321 -59.91 6.01 -22.89
C4 PSU F 1321 -59.10 6.70 -23.75
C5 PSU F 1321 -59.31 6.61 -25.11
C6 PSU F 1321 -60.35 5.83 -25.60
O2 PSU F 1321 -61.65 4.61 -22.63
O4 PSU F 1321 -58.19 7.38 -23.30
C1' PSU F 1321 -58.45 7.37 -26.07
C2' PSU F 1321 -57.10 6.71 -26.31
O2' PSU F 1321 -56.12 7.71 -26.47
C3' PSU F 1321 -57.34 5.99 -27.64
C4' PSU F 1321 -58.28 6.94 -28.36
O3' PSU F 1321 -56.17 5.74 -28.39
O4' PSU F 1321 -59.11 7.47 -27.31
C5' PSU F 1321 -59.14 6.28 -29.41
O5' PSU F 1321 -59.74 5.11 -28.90
P PSU F 1321 -60.63 4.18 -29.82
OP1 PSU F 1321 -59.87 3.93 -31.06
OP2 PSU F 1321 -61.10 3.05 -29.00
N1 PSU F 1358 -67.63 -9.24 -25.48
C2 PSU F 1358 -66.66 -9.87 -24.73
N3 PSU F 1358 -67.00 -10.86 -23.84
C4 PSU F 1358 -68.32 -11.21 -23.70
C5 PSU F 1358 -69.29 -10.56 -24.45
C6 PSU F 1358 -68.91 -9.58 -25.34
O2 PSU F 1358 -65.47 -9.55 -24.86
O4 PSU F 1358 -68.60 -12.09 -22.90
C1' PSU F 1358 -70.75 -10.90 -24.34
C2' PSU F 1358 -71.28 -10.59 -22.94
O2' PSU F 1358 -72.36 -11.45 -22.66
C3' PSU F 1358 -71.76 -9.17 -23.12
C4' PSU F 1358 -72.37 -9.20 -24.51
O3' PSU F 1358 -72.68 -8.75 -22.13
O4' PSU F 1358 -71.48 -10.09 -25.24
C5' PSU F 1358 -72.46 -7.87 -25.22
O5' PSU F 1358 -73.40 -7.93 -26.29
P PSU F 1358 -73.32 -6.89 -27.49
OP1 PSU F 1358 -74.50 -6.02 -27.43
OP2 PSU F 1358 -71.95 -6.32 -27.51
N1 PSU F 1359 -67.33 -8.06 -21.97
C2 PSU F 1359 -65.97 -7.94 -21.90
N3 PSU F 1359 -65.25 -8.69 -21.00
C4 PSU F 1359 -65.90 -9.57 -20.17
C5 PSU F 1359 -67.28 -9.69 -20.26
C6 PSU F 1359 -67.98 -8.93 -21.17
O2 PSU F 1359 -65.38 -7.15 -22.63
O4 PSU F 1359 -65.25 -10.24 -19.38
C1' PSU F 1359 -68.02 -10.65 -19.37
C2' PSU F 1359 -68.08 -10.10 -17.95
O2' PSU F 1359 -68.12 -11.19 -17.05
C3' PSU F 1359 -69.41 -9.37 -17.98
C4' PSU F 1359 -70.26 -10.31 -18.80
O3' PSU F 1359 -69.94 -9.09 -16.70
O4' PSU F 1359 -69.35 -10.80 -19.81
C5' PSU F 1359 -71.47 -9.69 -19.44
O5' PSU F 1359 -71.12 -8.54 -20.17
P PSU F 1359 -72.22 -7.72 -20.99
OP1 PSU F 1359 -73.37 -7.46 -20.11
OP2 PSU F 1359 -71.52 -6.60 -21.65
N1 PSU F 1369 -70.06 13.23 -19.55
C2 PSU F 1369 -69.79 12.97 -18.23
N3 PSU F 1369 -70.77 12.47 -17.41
C4 PSU F 1369 -72.01 12.22 -17.93
C5 PSU F 1369 -72.28 12.50 -19.26
C6 PSU F 1369 -71.27 13.00 -20.06
O2 PSU F 1369 -68.67 13.19 -17.77
O4 PSU F 1369 -72.87 11.77 -17.18
C1' PSU F 1369 -73.63 12.23 -19.85
C2' PSU F 1369 -74.67 13.21 -19.32
O2' PSU F 1369 -75.91 12.53 -19.24
C3' PSU F 1369 -74.71 14.25 -20.43
C4' PSU F 1369 -74.53 13.40 -21.67
O3' PSU F 1369 -75.89 15.01 -20.45
O4' PSU F 1369 -73.59 12.38 -21.26
C5' PSU F 1369 -74.00 14.12 -22.89
O5' PSU F 1369 -72.66 14.51 -22.72
P PSU F 1369 -71.85 15.23 -23.89
OP1 PSU F 1369 -72.79 16.08 -24.66
OP2 PSU F 1369 -70.65 15.83 -23.29
N1 PSU F 1437 -60.37 21.38 7.18
C2 PSU F 1437 -59.76 22.35 6.41
N3 PSU F 1437 -60.44 22.94 5.38
C4 PSU F 1437 -61.73 22.56 5.11
C5 PSU F 1437 -62.33 21.58 5.87
C6 PSU F 1437 -61.63 21.00 6.92
O2 PSU F 1437 -58.61 22.68 6.67
O4 PSU F 1437 -62.34 23.08 4.18
C1' PSU F 1437 -63.74 21.15 5.57
C2' PSU F 1437 -63.75 20.15 4.43
O2' PSU F 1437 -64.97 20.29 3.73
C3' PSU F 1437 -63.74 18.83 5.21
C4' PSU F 1437 -64.63 19.15 6.39
O3' PSU F 1437 -64.19 17.72 4.45
O4' PSU F 1437 -64.31 20.52 6.70
C5' PSU F 1437 -64.43 18.30 7.61
O5' PSU F 1437 -63.09 18.31 8.04
P PSU F 1437 -62.69 17.85 9.51
OP1 PSU F 1437 -63.32 16.53 9.74
OP2 PSU F 1437 -61.24 18.00 9.72
N1 PSU F 1439 -57.16 17.86 2.51
C2 PSU F 1439 -56.11 18.26 3.31
N3 PSU F 1439 -55.08 19.00 2.78
C4 PSU F 1439 -55.11 19.34 1.45
C5 PSU F 1439 -56.17 18.93 0.66
C6 PSU F 1439 -57.19 18.19 1.21
O2 PSU F 1439 -56.09 17.95 4.49
O4 PSU F 1439 -54.18 19.99 0.99
C1' PSU F 1439 -56.22 19.29 -0.80
C2' PSU F 1439 -55.23 18.40 -1.54
O2' PSU F 1439 -54.70 19.13 -2.63
C3' PSU F 1439 -56.14 17.30 -2.04
C4' PSU F 1439 -57.40 18.06 -2.40
O3' PSU F 1439 -55.62 16.55 -3.12
O4' PSU F 1439 -57.49 19.06 -1.35
C5' PSU F 1439 -58.66 17.25 -2.47
O5' PSU F 1439 -58.97 16.67 -1.21
P PSU F 1439 -60.37 15.96 -0.97
OP1 PSU F 1439 -60.63 15.06 -2.12
OP2 PSU F 1439 -60.32 15.43 0.40
P A2M F 1448 -43.41 22.60 9.56
OP1 A2M F 1448 -42.68 23.78 10.11
O5' A2M F 1448 -43.40 22.47 7.76
C5' A2M F 1448 -42.20 22.48 7.19
C4' A2M F 1448 -42.32 22.09 5.73
O4' A2M F 1448 -42.72 20.75 5.63
C3' A2M F 1448 -43.37 22.88 5.00
O3' A2M F 1448 -42.94 24.17 4.91
C2' A2M F 1448 -43.52 22.03 3.77
O2' A2M F 1448 -42.39 22.05 2.95
C1' A2M F 1448 -43.58 20.71 4.52
CM' A2M F 1448 -42.74 21.82 1.61
N9 A2M F 1448 -44.89 20.35 4.98
C8 A2M F 1448 -45.49 20.32 6.23
N7 A2M F 1448 -46.76 19.91 6.18
C5 A2M F 1448 -46.95 19.66 4.84
C6 A2M F 1448 -48.02 19.20 4.11
N6 A2M F 1448 -49.23 18.89 4.70
N1 A2M F 1448 -47.97 19.03 2.79
C2 A2M F 1448 -46.79 19.33 2.21
N3 A2M F 1448 -45.67 19.78 2.75
C4 A2M F 1448 -45.81 19.92 4.08
OP2 A2M F 1448 -44.90 22.57 9.60
N1 OMC F 1792 -27.64 52.72 31.30
C2 OMC F 1792 -27.87 54.07 31.62
N3 OMC F 1792 -28.71 54.36 32.63
C4 OMC F 1792 -29.30 53.43 33.32
C5 OMC F 1792 -29.12 52.06 33.03
C6 OMC F 1792 -28.29 51.78 32.02
O2 OMC F 1792 -27.32 54.97 30.99
N4 OMC F 1792 -30.11 53.80 34.30
C1' OMC F 1792 -26.76 52.25 30.21
C2' OMC F 1792 -25.30 52.67 30.40
O2' OMC F 1792 -24.69 52.79 29.12
CM2 OMC F 1792 -25.42 53.44 28.13
C3' OMC F 1792 -24.75 51.47 31.13
C4' OMC F 1792 -25.52 50.30 30.52
O4' OMC F 1792 -26.81 50.85 30.19
O3' OMC F 1792 -23.34 51.32 30.97
C5' OMC F 1792 -25.69 49.11 31.43
O5' OMC F 1792 -24.45 48.54 31.77
P OMC F 1792 -24.33 47.47 32.92
OP1 OMC F 1792 -22.87 47.05 33.04
OP2 OMC F 1792 -25.05 48.04 34.13
P A2M F 1804 -14.81 30.59 57.03
OP1 A2M F 1804 -14.79 29.15 57.44
O5' A2M F 1804 -14.06 30.92 55.43
C5' A2M F 1804 -14.43 30.13 54.42
C4' A2M F 1804 -13.94 30.70 53.11
O4' A2M F 1804 -14.46 31.98 52.98
C3' A2M F 1804 -12.43 30.79 53.07
O3' A2M F 1804 -11.95 29.53 52.79
C2' A2M F 1804 -12.22 31.91 52.04
O2' A2M F 1804 -12.42 31.49 50.73
C1' A2M F 1804 -13.42 32.78 52.47
CM' A2M F 1804 -11.18 31.28 50.08
N9 A2M F 1804 -13.17 33.84 53.40
C8 A2M F 1804 -13.59 34.07 54.70
N7 A2M F 1804 -13.13 35.21 55.20
C5 A2M F 1804 -12.38 35.73 54.18
C6 A2M F 1804 -11.63 36.87 54.04
N6 A2M F 1804 -11.52 37.79 55.06
N1 A2M F 1804 -10.96 37.17 52.92
C2 A2M F 1804 -11.07 36.27 51.93
N3 A2M F 1804 -11.74 35.12 51.89
C4 A2M F 1804 -12.39 34.91 53.06
OP2 A2M F 1804 -13.93 31.56 57.75
P OMG F 1805 -10.93 28.81 53.79
OP1 OMG F 1805 -10.23 27.70 53.02
OP2 OMG F 1805 -11.66 28.47 55.07
O5' OMG F 1805 -9.86 29.93 54.13
C5' OMG F 1805 -8.84 30.27 53.22
C4' OMG F 1805 -8.51 31.73 53.28
O4' OMG F 1805 -9.67 32.46 53.72
C3' OMG F 1805 -7.43 32.13 54.28
O3' OMG F 1805 -6.12 31.91 53.77
C2' OMG F 1805 -7.74 33.60 54.54
O2' OMG F 1805 -7.21 34.41 53.49
CM2 OMG F 1805 -7.50 35.78 53.64
C1' OMG F 1805 -9.26 33.62 54.43
N9 OMG F 1805 -9.93 33.63 55.74
C8 OMG F 1805 -10.73 32.65 56.25
N7 OMG F 1805 -11.19 32.94 57.42
C5 OMG F 1805 -10.69 34.18 57.69
C6 OMG F 1805 -10.86 35.03 58.81
O6 OMG F 1805 -11.51 34.82 59.81
N1 OMG F 1805 -10.16 36.21 58.66
C2 OMG F 1805 -9.41 36.56 57.58
N2 OMG F 1805 -8.81 37.76 57.62
N3 OMG F 1805 -9.26 35.79 56.54
C4 OMG F 1805 -9.91 34.63 56.65
N1 OMC F 1806 -5.57 35.26 58.33
C2 OMC F 1806 -6.05 35.86 59.49
N3 OMC F 1806 -7.06 35.27 60.15
C4 OMC F 1806 -7.59 34.16 59.74
C5 OMC F 1806 -7.14 33.51 58.56
C6 OMC F 1806 -6.14 34.11 57.90
O2 OMC F 1806 -5.55 36.91 59.88
N4 OMC F 1806 -8.57 33.62 60.44
C1' OMC F 1806 -4.47 35.88 57.54
C2' OMC F 1806 -3.09 35.47 58.07
O2' OMC F 1806 -2.20 36.54 57.82
CM2 OMC F 1806 -2.08 37.42 58.90
C3' OMC F 1806 -2.77 34.29 57.16
C4' OMC F 1806 -3.36 34.73 55.83
O4' OMC F 1806 -4.57 35.43 56.21
O3' OMC F 1806 -1.38 34.00 57.08
C5' OMC F 1806 -3.71 33.62 54.88
O5' OMC F 1806 -4.48 32.63 55.52
P OMC F 1806 -4.97 31.35 54.73
OP1 OMC F 1806 -3.85 30.86 53.85
OP2 OMC F 1806 -5.63 30.41 55.74
P A2M F 1842 29.52 45.97 55.78
OP1 A2M F 1842 30.02 47.20 56.48
O5' A2M F 1842 30.53 46.28 54.35
C5' A2M F 1842 29.93 46.83 53.30
C4' A2M F 1842 30.87 46.72 52.13
O4' A2M F 1842 30.99 45.37 51.77
C3' A2M F 1842 30.34 47.47 50.94
O3' A2M F 1842 30.54 48.82 51.20
C2' A2M F 1842 31.08 46.76 49.81
O2' A2M F 1842 32.43 47.11 49.71
C1' A2M F 1842 30.95 45.33 50.38
CM' A2M F 1842 32.79 47.34 48.38
N9 A2M F 1842 29.79 44.63 49.95
C8 A2M F 1842 28.62 44.23 50.61
N7 A2M F 1842 27.77 43.60 49.80
C5 A2M F 1842 28.43 43.60 48.58
C6 A2M F 1842 28.12 43.13 47.32
N6 A2M F 1842 26.94 42.47 47.07
N1 A2M F 1842 28.95 43.27 46.27
C2 A2M F 1842 30.11 43.90 46.53
N3 A2M F 1842 30.56 44.42 47.66
C4 A2M F 1842 29.67 44.24 48.66
OP2 A2M F 1842 28.06 45.81 55.51
N1 OMC F 1863 -1.44 40.50 64.33
C2 OMC F 1863 -0.52 40.32 65.37
N3 OMC F 1863 0.79 40.26 65.07
C4 OMC F 1863 1.22 40.36 63.83
C5 OMC F 1863 0.32 40.54 62.75
C6 OMC F 1863 -0.98 40.60 63.05
O2 OMC F 1863 -0.90 40.22 66.52
N4 OMC F 1863 2.52 40.29 63.62
C1' OMC F 1863 -2.90 40.56 64.55
C2' OMC F 1863 -3.33 41.87 65.21
O2' OMC F 1863 -4.39 41.58 66.12
CM2 OMC F 1863 -4.01 40.84 67.25
C3' OMC F 1863 -3.88 42.65 64.02
C4' OMC F 1863 -4.49 41.55 63.18
O4' OMC F 1863 -3.55 40.46 63.31
O3' OMC F 1863 -4.80 43.66 64.39
C5' OMC F 1863 -4.72 41.87 61.72
O5' OMC F 1863 -3.79 42.83 61.25
P OMC F 1863 -4.25 43.99 60.26
OP1 OMC F 1863 -5.71 44.28 60.54
OP2 OMC F 1863 -3.24 45.12 60.40
P OMG F 1865 -1.61 48.25 69.18
OP1 OMG F 1865 -2.32 48.96 70.32
OP2 OMG F 1865 -1.84 48.69 67.75
O5' OMG F 1865 -0.05 48.31 69.44
C5' OMG F 1865 0.52 47.88 70.68
C4' OMG F 1865 2.01 47.76 70.58
O4' OMG F 1865 2.34 46.72 69.63
C3' OMG F 1865 2.72 49.01 70.06
O3' OMG F 1865 3.03 49.93 71.09
C2' OMG F 1865 3.97 48.43 69.39
O2' OMG F 1865 4.96 48.12 70.35
CM2 OMG F 1865 6.10 47.50 69.80
C1' OMG F 1865 3.43 47.12 68.84
N9 OMG F 1865 2.95 47.24 67.44
C8 OMG F 1865 1.72 47.65 67.00
N7 OMG F 1865 1.63 47.61 65.71
C5 OMG F 1865 2.84 47.17 65.29
C6 OMG F 1865 3.32 46.92 63.98
O6 OMG F 1865 2.75 47.08 62.92
N1 OMG F 1865 4.64 46.47 64.01
C2 OMG F 1865 5.38 46.26 65.13
N2 OMG F 1865 6.63 45.81 64.96
N3 OMG F 1865 4.93 46.48 66.34
C4 OMG F 1865 3.68 46.93 66.35
N1 PSU F 2073 46.05 22.83 79.59
C2 PSU F 2073 45.03 23.63 80.07
N3 PSU F 2073 43.73 23.20 80.04
C4 PSU F 2073 43.43 21.96 79.54
C5 PSU F 2073 44.45 21.16 79.04
C6 PSU F 2073 45.76 21.61 79.08
O2 PSU F 2073 45.30 24.73 80.52
O4 PSU F 2073 42.27 21.57 79.51
C1' PSU F 2073 44.16 19.80 78.49
C2' PSU F 2073 43.52 19.83 77.10
O2' PSU F 2073 42.61 18.76 77.00
C3' PSU F 2073 44.73 19.61 76.20
C4' PSU F 2073 45.58 18.66 77.02
O3' PSU F 2073 44.38 19.07 74.94
O4' PSU F 2073 45.37 19.09 78.38
C5' PSU F 2073 47.05 18.66 76.69
O5' PSU F 2073 47.53 19.97 76.44
P PSU F 2073 49.00 20.40 76.87
OP1 PSU F 2073 49.92 19.29 76.57
OP2 PSU F 2073 49.22 21.74 76.29
P A2M F 2228 22.44 42.33 48.21
OP1 A2M F 2228 23.06 42.94 49.42
O5' A2M F 2228 20.96 41.85 49.08
C5' A2M F 2228 19.96 41.44 48.31
C4' A2M F 2228 18.62 41.72 48.98
O4' A2M F 2228 18.23 43.04 48.71
C3' A2M F 2228 17.56 40.78 48.45
O3' A2M F 2228 17.56 39.67 49.27
C2' A2M F 2228 16.31 41.64 48.27
O2' A2M F 2228 15.34 41.63 49.34
C1' A2M F 2228 16.97 43.02 48.11
CM' A2M F 2228 15.75 42.29 50.52
N9 A2M F 2228 17.13 43.42 46.75
C8 A2M F 2228 17.08 42.71 45.55
N7 A2M F 2228 17.30 43.49 44.48
C5 A2M F 2228 17.52 44.73 45.03
C6 A2M F 2228 17.80 45.96 44.49
N6 A2M F 2228 17.93 46.14 43.12
N1 A2M F 2228 17.97 47.07 45.24
C2 A2M F 2228 17.84 46.89 46.57
N3 A2M F 2228 17.57 45.77 47.26
C4 A2M F 2228 17.41 44.72 46.42
OP2 A2M F 2228 23.16 41.23 47.50
N1 OMC F 2245 32.51 40.48 45.07
C2 OMC F 2245 32.11 40.82 46.38
N3 OMC F 2245 30.87 40.48 46.76
C4 OMC F 2245 30.05 39.86 45.96
C5 OMC F 2245 30.41 39.51 44.63
C6 OMC F 2245 31.64 39.85 44.25
O2 OMC F 2245 32.88 41.40 47.12
N4 OMC F 2245 28.83 39.55 46.41
C1' OMC F 2245 33.85 40.83 44.55
C2' OMC F 2245 34.95 39.96 45.13
O2' OMC F 2245 36.12 40.75 45.26
CM2 OMC F 2245 36.37 41.17 46.57
C3' OMC F 2245 35.13 38.92 44.02
C4' OMC F 2245 34.87 39.73 42.76
O4' OMC F 2245 33.84 40.66 43.15
O3' OMC F 2245 36.40 38.32 44.02
C5' OMC F 2245 34.41 38.93 41.57
O5' OMC F 2245 33.34 38.08 41.94
P OMC F 2245 32.47 37.35 40.82
OP1 OMC F 2245 33.43 36.49 40.01
OP2 OMC F 2245 31.26 36.71 41.47
P A2M F 2256 30.37 22.37 48.05
OP1 A2M F 2256 29.06 22.84 48.59
O5' A2M F 2256 29.61 21.17 46.94
C5' A2M F 2256 28.48 21.56 46.33
C4' A2M F 2256 27.62 20.35 46.03
O4' A2M F 2256 28.46 19.26 45.78
C3' A2M F 2256 26.72 19.99 47.20
O3' A2M F 2256 25.60 20.82 47.08
C2' A2M F 2256 26.53 18.50 47.03
O2' A2M F 2256 25.61 18.18 46.03
C1' A2M F 2256 27.94 18.18 46.51
CM' A2M F 2256 24.97 16.97 46.32
N9 A2M F 2256 28.95 17.75 47.45
C8 A2M F 2256 30.21 18.25 47.77
N7 A2M F 2256 30.84 17.53 48.70
C5 A2M F 2256 29.94 16.51 48.98
C6 A2M F 2256 29.96 15.44 49.84
N6 A2M F 2256 31.03 15.19 50.66
N1 A2M F 2256 28.93 14.56 49.94
C2 A2M F 2256 27.88 14.82 49.13
N3 A2M F 2256 27.69 15.80 48.25
C4 A2M F 2256 28.76 16.63 48.22
OP2 A2M F 2256 31.39 21.81 48.99
N1 OMC F 2265 19.23 35.68 63.24
C2 OMC F 2265 18.96 34.40 63.74
N3 OMC F 2265 19.57 34.02 64.88
C4 OMC F 2265 20.40 34.82 65.50
C5 OMC F 2265 20.71 36.11 65.03
C6 OMC F 2265 20.09 36.49 63.90
O2 OMC F 2265 18.19 33.68 63.14
N4 OMC F 2265 20.97 34.36 66.62
C1' OMC F 2265 18.61 36.18 61.98
C2' OMC F 2265 17.15 36.60 62.18
O2' OMC F 2265 16.43 36.28 61.00
CM2 OMC F 2265 16.05 34.92 60.95
C3' OMC F 2265 17.29 38.11 62.32
C4' OMC F 2265 18.43 38.42 61.36
O4' OMC F 2265 19.34 37.30 61.55
O3' OMC F 2265 16.13 38.83 62.00
C5' OMC F 2265 19.16 39.72 61.60
O5' OMC F 2265 19.90 39.67 62.81
P OMC F 2265 21.04 40.75 63.09
OP1 OMC F 2265 20.44 42.13 62.92
OP2 OMC F 2265 21.73 40.36 64.39
N1 OMU F 2278 -10.84 16.11 53.95
C2 OMU F 2278 -10.20 17.47 53.94
N3 OMU F 2278 -9.26 17.87 55.03
C4 OMU F 2278 -8.95 16.92 56.09
C5 OMU F 2278 -9.58 15.57 56.07
C6 OMU F 2278 -10.52 15.18 55.00
O2 OMU F 2278 -10.47 18.26 53.06
O4 OMU F 2278 -8.23 17.21 56.91
C1' OMU F 2278 -11.76 15.75 52.86
C2' OMU F 2278 -10.99 15.36 51.61
O2' OMU F 2278 -11.79 15.66 50.48
CM2 OMU F 2278 -11.57 16.93 49.95
C3' OMU F 2278 -10.87 13.86 51.80
C4' OMU F 2278 -12.25 13.53 52.34
O3' OMU F 2278 -10.51 13.16 50.63
O4' OMU F 2278 -12.51 14.62 53.25
C5' OMU F 2278 -12.37 12.21 53.05
O5' OMU F 2278 -11.33 12.03 54.00
P OMU F 2278 -11.39 10.86 55.07
OP1 OMU F 2278 -11.69 9.59 54.36
OP2 OMU F 2278 -10.18 10.97 55.96
N1 PSU F 2280 -2.95 15.98 51.98
C2 PSU F 2280 -2.30 15.96 53.19
N3 PSU F 2280 -1.43 16.98 53.52
C4 PSU F 2280 -1.21 18.01 52.64
C5 PSU F 2280 -1.87 18.02 51.43
C6 PSU F 2280 -2.74 17.00 51.11
O2 PSU F 2280 -2.49 15.04 53.97
O4 PSU F 2280 -0.43 18.91 52.94
C1' PSU F 2280 -1.65 19.15 50.47
C2' PSU F 2280 -0.35 18.97 49.68
O2' PSU F 2280 0.17 20.26 49.39
C3' PSU F 2280 -0.86 18.29 48.42
C4' PSU F 2280 -2.20 18.98 48.20
O3' PSU F 2280 0.02 18.43 47.32
O4' PSU F 2280 -2.71 19.18 49.54
C5' PSU F 2280 -3.19 18.19 47.39
O5' PSU F 2280 -3.22 16.84 47.81
P PSU F 2280 -4.45 15.91 47.46
OP1 PSU F 2280 -4.58 15.87 46.00
OP2 PSU F 2280 -4.38 14.65 48.23
N1 OMC F 2302 18.87 1.34 41.72
C2 OMC F 2302 19.09 2.58 41.10
N3 OMC F 2302 18.41 3.65 41.54
C4 OMC F 2302 17.53 3.56 42.51
C5 OMC F 2302 17.26 2.32 43.15
C6 OMC F 2302 17.95 1.26 42.71
O2 OMC F 2302 19.90 2.67 40.20
N4 OMC F 2302 16.89 4.66 42.88
C1' OMC F 2302 19.52 0.08 41.31
C2' OMC F 2302 21.00 0.00 41.66
O2' OMC F 2302 21.68 -0.63 40.58
CM2 OMC F 2302 21.72 0.13 39.40
C3' OMC F 2302 21.00 -0.91 42.87
C4' OMC F 2302 19.82 -1.83 42.62
O4' OMC F 2302 18.87 -0.99 41.94
O3' OMC F 2302 22.22 -1.62 43.04
C5' OMC F 2302 19.18 -2.42 43.84
O5' OMC F 2302 18.68 -1.40 44.69
P OMC F 2302 17.74 -1.73 45.92
OP1 OMC F 2302 18.40 -2.84 46.71
OP2 OMC F 2302 17.38 -0.42 46.59
P OMG F 2317 39.98 1.69 16.07
OP1 OMG F 2317 40.87 2.14 14.91
OP2 OMG F 2317 40.58 0.91 17.21
O5' OMG F 2317 39.29 2.98 16.68
C5' OMG F 2317 38.80 2.99 18.00
C4' OMG F 2317 37.99 4.24 18.25
O4' OMG F 2317 37.23 4.54 17.06
C3' OMG F 2317 36.95 4.17 19.35
O3' OMG F 2317 37.48 4.40 20.64
C2' OMG F 2317 35.93 5.23 18.93
O2' OMG F 2317 36.33 6.51 19.41
CM2 OMG F 2317 35.52 7.01 20.44
C1' OMG F 2317 36.08 5.24 17.40
N9 OMG F 2317 34.93 4.62 16.71
C8 OMG F 2317 34.10 5.26 15.84
N7 OMG F 2317 33.18 4.49 15.37
C5 OMG F 2317 33.41 3.27 15.94
C6 OMG F 2317 32.72 2.05 15.78
O6 OMG F 2317 31.75 1.81 15.09
N1 OMG F 2317 33.29 1.05 16.56
C2 OMG F 2317 34.37 1.20 17.37
N2 OMG F 2317 34.78 0.12 18.04
N3 OMG F 2317 35.01 2.33 17.50
C4 OMG F 2317 34.50 3.33 16.79
P OMG F 2395 19.35 1.81 33.70
OP1 OMG F 2395 20.68 2.41 33.27
OP2 OMG F 2395 18.06 2.36 33.14
O5' OMG F 2395 19.39 0.25 33.37
C5' OMG F 2395 20.57 -0.51 33.56
C4' OMG F 2395 20.32 -1.97 33.39
O4' OMG F 2395 19.11 -2.37 34.09
C3' OMG F 2395 20.07 -2.46 31.98
O3' OMG F 2395 21.25 -2.57 31.19
C2' OMG F 2395 19.37 -3.78 32.21
O2' OMG F 2395 20.30 -4.76 32.65
CM2 OMG F 2395 19.73 -6.05 32.76
C1' OMG F 2395 18.47 -3.41 33.39
N9 OMG F 2395 17.16 -2.93 32.92
C8 OMG F 2395 16.70 -1.64 32.89
N7 OMG F 2395 15.51 -1.57 32.39
C5 OMG F 2395 15.18 -2.85 32.08
C6 OMG F 2395 13.99 -3.39 31.51
O6 OMG F 2395 12.98 -2.80 31.16
N1 OMG F 2395 14.09 -4.77 31.37
C2 OMG F 2395 15.16 -5.54 31.72
N2 OMG F 2395 15.05 -6.85 31.50
N3 OMG F 2395 16.24 -5.04 32.24
C4 OMG F 2395 16.20 -3.71 32.39
N1 PSU F 2405 23.74 18.37 16.56
C2 PSU F 2405 24.04 19.62 16.05
N3 PSU F 2405 24.99 20.40 16.65
C4 PSU F 2405 25.62 19.95 17.77
C5 PSU F 2405 25.32 18.70 18.28
C6 PSU F 2405 24.36 17.91 17.66
O2 PSU F 2405 23.48 20.04 15.06
O4 PSU F 2405 26.46 20.67 18.29
C1' PSU F 2405 26.00 18.21 19.52
C2' PSU F 2405 25.39 19.05 20.65
O2' PSU F 2405 26.37 19.29 21.64
C3' PSU F 2405 24.31 18.10 21.17
C4' PSU F 2405 25.00 16.76 21.05
O3' PSU F 2405 23.91 18.41 22.50
O4' PSU F 2405 25.73 16.86 19.80
C5' PSU F 2405 24.10 15.56 21.03
O5' PSU F 2405 23.05 15.71 20.11
P PSU F 2405 22.02 14.53 19.85
OP1 PSU F 2405 21.57 14.00 21.14
OP2 PSU F 2405 21.07 15.09 18.88
N1 PSU F 2407 17.62 21.92 19.69
C2 PSU F 2407 16.53 21.36 19.07
N3 PSU F 2407 15.79 22.09 18.18
C4 PSU F 2407 16.14 23.38 17.90
C5 PSU F 2407 17.23 23.94 18.53
C6 PSU F 2407 17.98 23.19 19.41
O2 PSU F 2407 16.22 20.21 19.33
O4 PSU F 2407 15.48 24.02 17.10
C1' PSU F 2407 17.66 25.34 18.21
C2' PSU F 2407 16.76 26.43 18.76
O2' PSU F 2407 16.74 27.50 17.82
C3' PSU F 2407 17.51 26.85 20.01
C4' PSU F 2407 18.96 26.70 19.60
O3' PSU F 2407 17.20 28.16 20.45
O4' PSU F 2407 18.95 25.54 18.74
C5' PSU F 2407 19.94 26.49 20.72
O5' PSU F 2407 19.61 25.33 21.44
P PSU F 2407 20.63 24.72 22.50
OP1 PSU F 2407 20.90 25.84 23.43
OP2 PSU F 2407 20.07 23.45 22.99
N1 PSU F 2463 25.38 5.61 -0.08
C2 PSU F 2463 24.09 6.07 -0.09
N3 PSU F 2463 23.05 5.25 -0.47
C4 PSU F 2463 23.33 3.97 -0.86
C5 PSU F 2463 24.63 3.51 -0.87
C6 PSU F 2463 25.65 4.35 -0.46
O2 PSU F 2463 23.85 7.23 0.27
O4 PSU F 2463 22.42 3.24 -1.21
C1' PSU F 2463 24.93 2.09 -1.27
C2' PSU F 2463 25.04 1.85 -2.77
O2' PSU F 2463 24.49 0.57 -3.05
C3' PSU F 2463 26.55 1.83 -2.98
C4' PSU F 2463 27.06 1.21 -1.69
O3' PSU F 2463 26.95 1.09 -4.12
O4' PSU F 2463 26.17 1.72 -0.68
C5' PSU F 2463 28.48 1.55 -1.35
O5' PSU F 2463 28.72 2.92 -1.58
P PSU F 2463 29.99 3.63 -0.95
OP1 PSU F 2463 31.17 3.01 -1.59
OP2 PSU F 2463 29.79 5.09 -1.03
N1 OMC F 2469 12.23 18.18 -21.22
C2 OMC F 2469 13.45 17.54 -20.90
N3 OMC F 2469 14.05 17.87 -19.74
C4 OMC F 2469 13.55 18.74 -18.91
C5 OMC F 2469 12.33 19.40 -19.20
C6 OMC F 2469 11.73 19.08 -20.35
O2 OMC F 2469 13.99 16.71 -21.60
N4 OMC F 2469 14.19 19.02 -17.78
C1' OMC F 2469 11.34 18.02 -22.41
C2' OMC F 2469 11.99 17.47 -23.67
O2' OMC F 2469 12.66 18.48 -24.39
CM2 OMC F 2469 13.87 18.02 -24.97
C3' OMC F 2469 10.78 16.90 -24.40
C4' OMC F 2469 9.93 16.37 -23.25
O4' OMC F 2469 10.33 17.11 -22.07
O3' OMC F 2469 10.08 17.93 -25.07
C5' OMC F 2469 10.10 14.90 -22.97
O5' OMC F 2469 10.99 14.31 -23.91
P OMC F 2469 11.77 12.98 -23.54
OP1 OMC F 2469 12.21 12.32 -24.85
OP2 OMC F 2469 12.81 13.31 -22.49
P A2M F 2486 0.73 54.14 -32.49
OP1 A2M F 2486 -0.36 55.16 -32.36
O5' A2M F 2486 1.97 55.25 -31.77
C5' A2M F 2486 1.60 55.93 -30.67
C4' A2M F 2486 2.83 56.52 -29.99
O4' A2M F 2486 3.66 55.46 -29.58
C3' A2M F 2486 3.64 57.39 -30.92
O3' A2M F 2486 2.97 58.60 -31.04
C2' A2M F 2486 5.00 57.34 -30.25
O2' A2M F 2486 5.05 58.06 -29.06
C1' A2M F 2486 4.97 55.84 -29.94
CM' A2M F 2486 6.38 58.20 -28.64
N9 A2M F 2486 5.45 54.96 -30.97
C8 A2M F 2486 4.80 54.10 -31.85
N7 A2M F 2486 5.63 53.44 -32.65
C5 A2M F 2486 6.87 53.90 -32.25
C6 A2M F 2486 8.15 53.63 -32.67
N6 A2M F 2486 8.42 52.74 -33.69
N1 A2M F 2486 9.23 54.22 -32.12
C2 A2M F 2486 8.96 55.09 -31.13
N3 A2M F 2486 7.80 55.48 -30.61
C4 A2M F 2486 6.78 54.84 -31.21
OP2 A2M F 2486 1.07 53.58 -33.83
P OMG F 2512 16.66 19.35 -28.34
OP1 OMG F 2512 17.17 17.95 -28.70
OP2 OMG F 2512 15.17 19.58 -28.17
O5' OMG F 2512 17.40 19.82 -27.02
C5' OMG F 2512 18.80 20.02 -27.02
C4' OMG F 2512 19.24 20.86 -25.85
O4' OMG F 2512 18.70 22.20 -25.96
C3' OMG F 2512 18.75 20.40 -24.49
O3' OMG F 2512 19.53 19.33 -23.96
C2' OMG F 2512 18.85 21.68 -23.66
O2' OMG F 2512 20.20 21.93 -23.30
CM2 OMG F 2512 20.35 22.94 -22.34
C1' OMG F 2512 18.44 22.72 -24.69
N9 OMG F 2512 17.00 23.06 -24.61
C8 OMG F 2512 16.02 22.73 -25.51
N7 OMG F 2512 14.86 23.20 -25.17
C5 OMG F 2512 15.09 23.85 -23.99
C6 OMG F 2512 14.19 24.57 -23.15
O6 OMG F 2512 13.01 24.75 -23.28
N1 OMG F 2512 14.87 25.09 -22.04
C2 OMG F 2512 16.19 24.95 -21.77
N2 OMG F 2512 16.65 25.53 -20.66
N3 OMG F 2512 17.01 24.30 -22.55
C4 OMG F 2512 16.41 23.79 -23.63
P 5MC F 2550 10.47 -4.21 3.83
OP1 5MC F 2550 10.92 -4.58 5.22
OP2 5MC F 2550 10.61 -5.18 2.68
O5' 5MC F 2550 8.93 -3.80 3.91
C5' 5MC F 2550 8.46 -2.89 4.89
C4' 5MC F 2550 7.12 -2.33 4.52
O4' 5MC F 2550 7.09 -2.05 3.10
C3' 5MC F 2550 5.94 -3.25 4.73
O3' 5MC F 2550 5.51 -3.28 6.07
C2' 5MC F 2550 4.90 -2.70 3.76
O2' 5MC F 2550 4.20 -1.62 4.36
C1' 5MC F 2550 5.77 -2.13 2.63
N1 5MC F 2550 5.76 -2.97 1.41
C2 5MC F 2550 4.62 -3.09 0.60
O2 5MC F 2550 3.59 -2.49 0.88
N3 5MC F 2550 4.71 -3.86 -0.49
C4 5MC F 2550 5.81 -4.49 -0.79
N4 5MC F 2550 5.82 -5.25 -1.89
C5 5MC F 2550 7.00 -4.41 0.01
C6 5MC F 2550 6.88 -3.63 1.09
CM5 5MC F 2550 8.25 -5.14 -0.34
P A2M F 2553 3.35 1.79 11.64
OP1 A2M F 2553 3.91 1.94 13.02
O5' A2M F 2553 2.94 3.53 11.55
C5' A2M F 2553 3.93 4.39 11.76
C4' A2M F 2553 3.43 5.77 11.39
O4' A2M F 2553 4.38 6.73 11.80
C3' A2M F 2553 3.22 5.88 9.87
O3' A2M F 2553 1.86 6.02 9.62
C2' A2M F 2553 4.18 7.00 9.46
O2' A2M F 2553 3.66 7.88 8.52
C1' A2M F 2553 4.28 7.69 10.82
CM' A2M F 2553 4.53 7.99 7.43
N9 A2M F 2553 5.34 8.64 10.90
C8 A2M F 2553 6.65 8.62 10.43
N7 A2M F 2553 7.30 9.76 10.67
C5 A2M F 2553 6.35 10.53 11.32
C6 A2M F 2553 6.35 11.80 11.82
N6 A2M F 2553 7.48 12.59 11.76
N1 A2M F 2553 5.28 12.37 12.42
C2 A2M F 2553 4.20 11.59 12.47
N3 A2M F 2553 4.01 10.34 12.03
C4 A2M F 2553 5.13 9.87 11.46
OP2 A2M F 2553 2.22 0.86 11.41
P OMG F 2560 -6.14 -7.04 10.09
OP1 OMG F 2560 -5.26 -8.29 10.24
OP2 OMG F 2560 -5.50 -5.67 10.20
O5' OMG F 2560 -6.87 -7.12 8.68
C5' OMG F 2560 -7.66 -8.24 8.33
C4' OMG F 2560 -7.32 -8.73 6.94
O4' OMG F 2560 -6.43 -7.78 6.32
C3' OMG F 2560 -6.56 -10.04 6.89
O3' OMG F 2560 -7.43 -11.16 7.00
C2' OMG F 2560 -5.83 -9.96 5.56
O2' OMG F 2560 -6.70 -10.34 4.50
CM2 OMG F 2560 -6.04 -10.44 3.27
C1' OMG F 2560 -5.56 -8.46 5.44
N9 OMG F 2560 -4.18 -8.08 5.78
C8 OMG F 2560 -3.83 -7.10 6.66
N7 OMG F 2560 -2.56 -6.94 6.77
C5 OMG F 2560 -2.03 -7.85 5.90
C6 OMG F 2560 -0.67 -8.12 5.60
O6 OMG F 2560 0.33 -7.60 6.04
N1 OMG F 2560 -0.57 -9.14 4.64
C2 OMG F 2560 -1.63 -9.78 4.07
N2 OMG F 2560 -1.33 -10.74 3.18
N3 OMG F 2560 -2.86 -9.53 4.35
C4 OMG F 2560 -3.02 -8.56 5.26
N1 OMC F 2576 3.62 -10.99 2.54
C2 OMC F 2576 2.36 -10.37 2.64
N3 OMC F 2576 2.23 -9.31 3.45
C4 OMC F 2576 3.24 -8.87 4.16
C5 OMC F 2576 4.52 -9.48 4.11
C6 OMC F 2576 4.64 -10.54 3.29
O2 OMC F 2576 1.43 -10.77 1.98
N4 OMC F 2576 3.04 -7.83 4.95
C1' OMC F 2576 3.88 -12.18 1.70
C2' OMC F 2576 3.88 -11.89 0.20
O2' OMC F 2576 3.14 -12.91 -0.45
CM2 OMC F 2576 1.76 -12.64 -0.56
C3' OMC F 2576 5.37 -12.01 -0.16
C4' OMC F 2576 5.87 -13.02 0.84
O4' OMC F 2576 5.14 -12.70 2.04
O3' OMC F 2576 5.59 -12.43 -1.49
C5' OMC F 2576 7.35 -12.98 1.12
O5' OMC F 2576 7.74 -11.70 1.59
P OMC F 2576 9.21 -11.43 2.11
OP1 OMC F 2576 10.18 -11.91 1.04
OP2 OMC F 2576 9.29 -10.01 2.62
C1' UY1 F 2586 9.44 16.04 -4.02
C2 UY1 F 2586 7.05 12.77 -6.01
C2' UY1 F 2586 9.55 15.90 -2.49
C3' UY1 F 2586 11.04 15.59 -2.30
C4 UY1 F 2586 7.21 15.17 -5.17
C4' UY1 F 2586 11.68 16.26 -3.49
C5 UY1 F 2586 8.61 14.90 -4.70
C5' UY1 F 2586 13.02 15.72 -3.91
C6 UY1 F 2586 9.22 13.55 -4.90
CM2 UY1 F 2586 7.92 17.51 -2.17
N1 UY1 F 2586 8.46 12.51 -5.54
N3 UY1 F 2586 6.43 14.11 -5.82
O2 UY1 F 2586 6.44 11.92 -6.52
O2' UY1 F 2586 9.22 17.15 -1.91
O3' UY1 F 2586 11.57 16.06 -1.07
O4 UY1 F 2586 6.75 16.22 -5.02
O4' UY1 F 2586 10.73 16.06 -4.54
O5' UY1 F 2586 13.54 16.47 -4.98
OP1 UY1 F 2586 15.02 18.18 -6.04
OP2 UY1 F 2586 14.17 18.46 -3.62
P UY1 F 2586 14.65 17.58 -4.72
N1 PSU F 2590 18.80 4.26 5.74
C2 PSU F 2590 19.89 5.08 5.87
N3 PSU F 2590 21.15 4.56 5.78
C4 PSU F 2590 21.33 3.22 5.54
C5 PSU F 2590 20.23 2.40 5.43
C6 PSU F 2590 18.96 2.95 5.51
O2 PSU F 2590 19.73 6.28 6.08
O4 PSU F 2590 22.47 2.78 5.46
C1' PSU F 2590 20.36 0.94 5.13
C2' PSU F 2590 21.04 0.05 6.17
O2' PSU F 2590 21.96 -0.80 5.50
C3' PSU F 2590 19.86 -0.76 6.72
C4' PSU F 2590 18.90 -0.83 5.55
O3' PSU F 2590 20.23 -2.05 7.17
O4' PSU F 2590 19.08 0.41 4.84
C5' PSU F 2590 17.45 -0.99 5.93
O5' PSU F 2590 16.63 -1.04 4.78
P PSU F 2590 15.18 -0.41 4.80
OP1 PSU F 2590 14.28 -1.46 5.30
OP2 PSU F 2590 15.23 0.91 5.47
P A2M F 2593 25.16 1.25 18.99
OP1 A2M F 2593 25.35 0.30 20.12
O5' A2M F 2593 25.62 2.94 19.32
C5' A2M F 2593 26.91 3.14 19.63
C4' A2M F 2593 27.17 4.63 19.65
O4' A2M F 2593 27.25 5.09 18.33
C3' A2M F 2593 26.04 5.38 20.32
O3' A2M F 2593 26.20 5.22 21.69
C2' A2M F 2593 26.19 6.75 19.70
O2' A2M F 2593 27.28 7.47 20.18
C1' A2M F 2593 26.49 6.27 18.28
CM' A2M F 2593 27.28 8.77 19.64
N9 A2M F 2593 25.35 6.03 17.44
C8 A2M F 2593 24.75 4.87 16.98
N7 A2M F 2593 23.69 5.12 16.20
C5 A2M F 2593 23.64 6.50 16.17
C6 A2M F 2593 22.81 7.41 15.56
N6 A2M F 2593 21.75 7.01 14.77
N1 A2M F 2593 22.97 8.74 15.69
C2 A2M F 2593 24.01 9.12 16.45
N3 A2M F 2593 24.90 8.39 17.11
C4 A2M F 2593 24.66 7.07 16.93
OP2 A2M F 2593 23.77 1.64 18.59
P A2M F 2598 7.44 10.05 23.69
OP1 A2M F 2598 6.45 10.50 24.72
O5' A2M F 2598 6.76 8.99 22.40
C5' A2M F 2598 5.69 9.45 21.75
C4' A2M F 2598 5.31 8.50 20.63
O4' A2M F 2598 6.27 8.58 19.62
C3' A2M F 2598 5.24 7.07 21.08
O3' A2M F 2598 4.10 6.92 21.85
C2' A2M F 2598 5.35 6.37 19.75
O2' A2M F 2598 4.23 6.56 18.94
C1' A2M F 2598 6.51 7.25 19.24
CM' A2M F 2598 4.04 5.48 18.09
N9 A2M F 2598 7.81 6.88 19.69
C8 A2M F 2598 8.73 7.48 20.53
N7 A2M F 2598 9.85 6.77 20.70
C5 A2M F 2598 9.63 5.66 19.92
C6 A2M F 2598 10.37 4.53 19.65
N6 A2M F 2598 11.62 4.33 20.20
N1 A2M F 2598 9.93 3.55 18.84
C2 A2M F 2598 8.70 3.74 18.31
N3 A2M F 2598 7.86 4.76 18.47
C4 A2M F 2598 8.37 5.70 19.30
OP2 A2M F 2598 8.47 9.04 24.07
N1 OMC F 2609 -3.26 -3.19 42.95
C2 OMC F 2609 -2.67 -4.38 43.36
N3 OMC F 2609 -1.67 -4.34 44.26
C4 OMC F 2609 -1.23 -3.19 44.73
C5 OMC F 2609 -1.79 -1.96 44.32
C6 OMC F 2609 -2.78 -2.02 43.43
O2 OMC F 2609 -3.09 -5.44 42.92
N4 OMC F 2609 -0.25 -3.20 45.61
C1' OMC F 2609 -4.33 -3.13 41.94
C2' OMC F 2609 -5.70 -3.54 42.47
O2' OMC F 2609 -6.43 -4.15 41.42
CM2 OMC F 2609 -5.85 -5.34 40.93
C3' OMC F 2609 -6.30 -2.19 42.82
C4' OMC F 2609 -5.77 -1.30 41.70
O4' OMC F 2609 -4.44 -1.80 41.46
O3' OMC F 2609 -7.71 -2.19 42.89
C5' OMC F 2609 -5.70 0.17 42.02
O5' OMC F 2609 -4.74 0.42 43.03
P OMC F 2609 -4.36 1.90 43.46
OP1 OMC F 2609 -5.64 2.71 43.50
OP2 OMC F 2609 -3.49 1.81 44.70
N1 PSU F 2612 -5.52 0.92 49.72
C2 PSU F 2612 -4.27 0.87 50.28
N3 PSU F 2612 -4.05 0.14 51.42
C4 PSU F 2612 -5.09 -0.53 52.01
C5 PSU F 2612 -6.36 -0.47 51.44
C6 PSU F 2612 -6.54 0.26 50.29
O2 PSU F 2612 -3.35 1.47 49.75
O4 PSU F 2612 -4.87 -1.18 53.03
C1' PSU F 2612 -7.52 -1.20 52.06
C2' PSU F 2612 -7.93 -0.53 53.37
O2' PSU F 2612 -8.57 -1.50 54.17
C3' PSU F 2612 -8.93 0.49 52.86
C4' PSU F 2612 -9.66 -0.29 51.78
O3' PSU F 2612 -9.78 1.01 53.86
O4' PSU F 2612 -8.62 -1.10 51.18
C5' PSU F 2612 -10.32 0.55 50.71
O5' PSU F 2612 -11.09 -0.25 49.83
P PSU F 2612 -10.62 -0.52 48.34
OP1 PSU F 2612 -11.80 -1.17 47.75
OP2 PSU F 2612 -10.09 0.71 47.75
N1 PSU F 2619 -4.53 20.15 59.49
C2 PSU F 2619 -5.39 19.25 58.93
N3 PSU F 2619 -6.00 19.52 57.73
C4 PSU F 2619 -5.73 20.69 57.09
C5 PSU F 2619 -4.86 21.61 57.66
C6 PSU F 2619 -4.26 21.31 58.87
O2 PSU F 2619 -5.63 18.19 59.51
O4 PSU F 2619 -6.27 20.94 56.01
C1' PSU F 2619 -4.51 22.91 56.99
C2' PSU F 2619 -5.66 23.90 56.85
O2' PSU F 2619 -5.56 24.51 55.57
C3' PSU F 2619 -5.34 24.91 57.95
C4' PSU F 2619 -3.83 24.91 57.98
O3' PSU F 2619 -5.87 26.20 57.70
O4' PSU F 2619 -3.47 23.54 57.69
C5' PSU F 2619 -3.19 25.34 59.27
O5' PSU F 2619 -1.86 25.77 59.07
P PSU F 2619 -0.77 25.62 60.19
OP1 PSU F 2619 -0.33 26.95 60.65
OP2 PSU F 2619 -1.26 24.64 61.16
N1 PSU F 2621 -8.97 24.65 61.93
C2 PSU F 2621 -8.32 24.58 63.13
N3 PSU F 2621 -8.89 23.94 64.20
C4 PSU F 2621 -10.10 23.33 64.04
C5 PSU F 2621 -10.77 23.39 62.82
C6 PSU F 2621 -10.16 24.06 61.77
O2 PSU F 2621 -7.23 25.13 63.26
O4 PSU F 2621 -10.60 22.75 65.00
C1' PSU F 2621 -12.10 22.73 62.61
C2' PSU F 2621 -13.22 23.43 63.38
O2' PSU F 2621 -14.14 22.47 63.80
C3' PSU F 2621 -13.84 24.29 62.28
C4' PSU F 2621 -13.69 23.42 61.06
O3' PSU F 2621 -15.17 24.65 62.54
O4' PSU F 2621 -12.43 22.75 61.25
C5' PSU F 2621 -13.69 24.16 59.75
O5' PSU F 2621 -12.77 25.23 59.79
P PSU F 2621 -12.54 26.16 58.53
OP1 PSU F 2621 -13.85 26.59 58.03
OP2 PSU F 2621 -11.53 27.14 58.96
P A2M F 2635 -36.28 38.35 47.76
OP1 A2M F 2635 -36.20 39.37 48.86
O5' A2M F 2635 -36.96 36.74 48.23
C5' A2M F 2635 -36.17 35.68 48.04
C4' A2M F 2635 -36.99 34.56 47.44
O4' A2M F 2635 -36.90 34.66 46.06
C3' A2M F 2635 -36.49 33.19 47.85
O3' A2M F 2635 -37.10 32.92 49.07
C2' A2M F 2635 -36.88 32.35 46.67
O2' A2M F 2635 -38.23 32.02 46.73
C1' A2M F 2635 -36.67 33.38 45.56
CM' A2M F 2635 -38.65 31.39 45.59
N9 A2M F 2635 -35.41 33.40 44.88
C8 A2M F 2635 -34.35 34.30 44.86
N7 A2M F 2635 -33.35 33.93 44.05
C5 A2M F 2635 -33.81 32.73 43.52
C6 A2M F 2635 -33.29 31.82 42.64
N6 A2M F 2635 -32.06 32.00 42.06
N1 A2M F 2635 -33.95 30.70 42.28
C2 A2M F 2635 -35.16 30.53 42.86
N3 A2M F 2635 -35.80 31.30 43.72
C4 A2M F 2635 -35.08 32.38 44.02
OP2 A2M F 2635 -35.03 37.76 47.20
N1 OMC F 2637 -40.71 21.31 48.94
C2 OMC F 2637 -41.83 20.48 48.82
N3 OMC F 2637 -42.99 21.01 48.43
C4 OMC F 2637 -43.09 22.29 48.15
C5 OMC F 2637 -41.99 23.18 48.25
C6 OMC F 2637 -40.83 22.63 48.66
O2 OMC F 2637 -41.73 19.29 49.08
N4 OMC F 2637 -44.27 22.76 47.76
C1' OMC F 2637 -39.39 20.80 49.36
C2' OMC F 2637 -38.66 20.07 48.24
O2' OMC F 2637 -37.82 19.09 48.81
CM2 OMC F 2637 -38.09 17.79 48.35
C3' OMC F 2637 -37.83 21.20 47.66
C4' OMC F 2637 -37.41 21.96 48.89
O4' OMC F 2637 -38.58 21.88 49.75
O3' OMC F 2637 -36.74 20.77 46.86
C5' OMC F 2637 -37.04 23.40 48.69
O5' OMC F 2637 -38.07 24.09 47.99
P OMC F 2637 -38.56 25.52 48.47
OP1 OMC F 2637 -39.90 25.79 47.82
OP2 OMC F 2637 -38.41 25.59 49.98
N1 PSU F 2652 -51.66 21.29 41.81
C2 PSU F 2652 -50.51 20.55 41.85
N3 PSU F 2652 -50.52 19.22 41.51
C4 PSU F 2652 -51.69 18.63 41.12
C5 PSU F 2652 -52.85 19.38 41.08
C6 PSU F 2652 -52.82 20.72 41.43
O2 PSU F 2652 -49.45 21.08 42.20
O4 PSU F 2652 -51.72 17.45 40.82
C1' PSU F 2652 -54.14 18.71 40.66
C2' PSU F 2652 -54.76 18.03 41.87
O2' PSU F 2652 -55.44 16.88 41.41
C3' PSU F 2652 -55.74 19.08 42.33
C4' PSU F 2652 -56.25 19.64 41.02
O3' PSU F 2652 -56.76 18.58 43.17
O4' PSU F 2652 -55.07 19.65 40.18
C5' PSU F 2652 -56.83 21.03 41.09
O5' PSU F 2652 -55.95 21.92 41.77
P PSU F 2652 -56.19 23.48 41.73
OP1 PSU F 2652 -57.59 23.76 42.09
OP2 PSU F 2652 -55.08 24.06 42.52
N1 OMC F 2655 -48.58 18.77 53.01
C2 OMC F 2655 -48.75 20.14 52.83
N3 OMC F 2655 -49.75 20.76 53.47
C4 OMC F 2655 -50.56 20.10 54.27
C5 OMC F 2655 -50.42 18.70 54.49
C6 OMC F 2655 -49.42 18.10 53.83
O2 OMC F 2655 -47.98 20.74 52.09
N4 OMC F 2655 -51.53 20.76 54.88
C1' OMC F 2655 -47.48 18.04 52.35
C2' OMC F 2655 -46.15 18.25 53.06
O2' OMC F 2655 -45.10 18.16 52.11
CM2 OMC F 2655 -44.59 19.41 51.74
C3' OMC F 2655 -46.14 17.06 53.99
C4' OMC F 2655 -46.74 15.96 53.13
O4' OMC F 2655 -47.76 16.65 52.37
O3' OMC F 2655 -44.87 16.73 54.52
C5' OMC F 2655 -47.35 14.80 53.87
O5' OMC F 2655 -47.64 13.73 53.00
P OMC F 2655 -49.14 13.30 52.69
OP1 OMC F 2655 -49.49 12.08 53.52
OP2 OMC F 2655 -50.00 14.54 52.78
P OMG F 2667 -26.78 17.35 38.35
OP1 OMG F 2667 -26.42 17.07 36.92
OP2 OMG F 2667 -26.02 18.44 39.10
O5' OMG F 2667 -28.32 17.70 38.43
C5' OMG F 2667 -28.80 18.95 37.97
C4' OMG F 2667 -29.87 19.50 38.88
O4' OMG F 2667 -29.58 19.19 40.26
C3' OMG F 2667 -29.98 21.01 38.86
O3' OMG F 2667 -30.64 21.48 37.73
C2' OMG F 2667 -30.69 21.29 40.17
O2' OMG F 2667 -32.07 20.96 40.06
CM2 OMG F 2667 -32.89 21.77 40.85
C1' OMG F 2667 -30.03 20.25 41.08
N9 OMG F 2667 -28.87 20.82 41.79
C8 OMG F 2667 -27.56 20.40 41.70
N7 OMG F 2667 -26.78 21.09 42.45
C5 OMG F 2667 -27.58 22.00 43.07
C6 OMG F 2667 -27.27 23.02 44.00
O6 OMG F 2667 -26.20 23.31 44.49
N1 OMG F 2667 -28.43 23.72 44.37
C2 OMG F 2667 -29.67 23.48 43.91
N2 OMG F 2667 -30.66 24.26 44.37
N3 OMG F 2667 -29.95 22.55 43.06
C4 OMG F 2667 -28.88 21.85 42.67
N1 PSU F 2688 -3.73 35.93 -2.07
C2 PSU F 2688 -4.87 36.01 -2.85
N3 PSU F 2688 -5.29 34.93 -3.57
C4 PSU F 2688 -4.57 33.77 -3.54
C5 PSU F 2688 -3.43 33.70 -2.76
C6 PSU F 2688 -3.03 34.79 -2.03
O2 PSU F 2688 -5.51 37.05 -2.87
O4 PSU F 2688 -4.95 32.80 -4.19
C1' PSU F 2688 -2.63 32.43 -2.68
C2' PSU F 2688 -1.83 32.12 -3.95
O2' PSU F 2688 -1.84 30.71 -4.12
C3' PSU F 2688 -0.45 32.60 -3.55
C4' PSU F 2688 -0.37 32.28 -2.08
O3' PSU F 2688 0.58 31.98 -4.31
O4' PSU F 2688 -1.72 32.51 -1.61
C5' PSU F 2688 0.60 33.09 -1.27
O5' PSU F 2688 0.22 34.46 -1.25
P PSU F 2688 1.01 35.50 -0.36
OP1 PSU F 2688 2.46 35.44 -0.68
OP2 PSU F 2688 0.24 36.73 -0.58
N1 OMU F 2693 -7.46 45.56 -11.87
C2 OMU F 2693 -6.65 45.79 -10.63
N3 OMU F 2693 -5.73 44.74 -10.12
C4 OMU F 2693 -5.62 43.50 -10.85
C5 OMU F 2693 -6.41 43.28 -12.10
C6 OMU F 2693 -7.33 44.32 -12.58
O2 OMU F 2693 -6.76 46.84 -10.03
O4 OMU F 2693 -4.92 42.68 -10.47
C1' OMU F 2693 -8.35 46.62 -12.35
C2' OMU F 2693 -7.63 47.64 -13.22
O2' OMU F 2693 -8.22 48.91 -12.98
CM2 OMU F 2693 -7.90 49.44 -11.73
C3' OMU F 2693 -7.98 47.15 -14.62
C4' OMU F 2693 -9.42 46.68 -14.43
O3' OMU F 2693 -7.85 48.12 -15.62
O4' OMU F 2693 -9.38 46.04 -13.13
C5' OMU F 2693 -9.92 45.71 -15.46
O5' OMU F 2693 -8.97 44.68 -15.69
P OMU F 2693 -9.37 43.39 -16.53
OP1 OMU F 2693 -9.90 43.84 -17.85
OP2 OMU F 2693 -8.20 42.43 -16.46
P OMG F 2863 -32.30 21.41 5.54
OP1 OMG F 2863 -31.61 20.50 4.55
OP2 OMG F 2863 -32.23 21.11 7.02
O5' OMG F 2863 -31.77 22.89 5.32
C5' OMG F 2863 -32.14 23.94 6.19
C4' OMG F 2863 -30.93 24.66 6.72
O4' OMG F 2863 -30.31 23.86 7.75
C3' OMG F 2863 -29.81 24.89 5.72
O3' OMG F 2863 -30.04 26.02 4.89
C2' OMG F 2863 -28.60 25.04 6.62
O2' OMG F 2863 -28.57 26.35 7.19
CM2 OMG F 2863 -27.63 26.50 8.22
C1' OMG F 2863 -28.91 24.04 7.72
N9 OMG F 2863 -28.26 22.73 7.51
C8 OMG F 2863 -28.91 21.54 7.29
N7 OMG F 2863 -28.08 20.56 7.17
C5 OMG F 2863 -26.84 21.11 7.33
C6 OMG F 2863 -25.56 20.52 7.30
O6 OMG F 2863 -25.26 19.35 7.12
N1 OMG F 2863 -24.55 21.47 7.50
C2 OMG F 2863 -24.76 22.80 7.71
N2 OMG F 2863 -23.68 23.55 7.90
N3 OMG F 2863 -25.94 23.34 7.75
C4 OMG F 2863 -26.94 22.47 7.56
C2 6MZ F 2887 -46.71 19.80 -3.14
C4 6MZ F 2887 -45.60 21.76 -3.68
C5 6MZ F 2887 -46.38 21.92 -4.74
O1P 6MZ F 2887 -44.82 27.06 -6.57
O2P 6MZ F 2887 -42.90 28.63 -5.35
N9 6MZ F 2887 -44.75 22.78 -3.65
N3 6MZ F 2887 -45.76 20.71 -2.88
N1 6MZ F 2887 -47.51 19.96 -4.22
C6 6MZ F 2887 -47.36 20.99 -4.99
N6 6MZ F 2887 -48.26 21.09 -6.15
C9 6MZ F 2887 -49.27 20.06 -6.31
N7 6MZ F 2887 -46.01 23.04 -5.36
C8 6MZ F 2887 -45.00 23.58 -4.68
O5' 6MZ F 2887 -43.39 26.12 -4.65
C5' 6MZ F 2887 -42.62 26.28 -3.48
C4' 6MZ F 2887 -42.37 24.94 -2.83
O4' 6MZ F 2887 -43.64 24.39 -2.37
C1' 6MZ F 2887 -43.70 23.02 -2.65
C2' 6MZ F 2887 -42.34 22.58 -3.14
O2' 6MZ F 2887 -41.55 22.21 -2.02
C3' 6MZ F 2887 -41.81 23.86 -3.75
O3' 6MZ F 2887 -40.40 23.91 -3.85
P 6MZ F 2887 -43.75 27.36 -5.58
O3P 6MZ F 2887 -42.72 26.94 -6.64
N1 OMU F 2894 -37.50 26.26 -23.79
C2 OMU F 2894 -37.30 27.35 -22.77
N3 OMU F 2894 -36.81 27.03 -21.40
C4 OMU F 2894 -36.53 25.65 -21.06
C5 OMU F 2894 -36.73 24.56 -22.08
C6 OMU F 2894 -37.22 24.90 -23.43
O2 OMU F 2894 -37.54 28.51 -23.07
O4 OMU F 2894 -36.15 25.38 -20.03
C1' OMU F 2894 -37.99 26.59 -25.14
C2' OMU F 2894 -36.87 27.08 -26.05
O2' OMU F 2894 -37.41 28.04 -26.94
CM2 OMU F 2894 -37.81 29.23 -26.31
C3' OMU F 2894 -36.52 25.82 -26.82
C4' OMU F 2894 -37.87 25.15 -26.98
O3' OMU F 2894 -35.88 26.04 -28.06
O4' OMU F 2894 -38.52 25.41 -25.72
C5' OMU F 2894 -37.83 23.66 -27.25
O5' OMU F 2894 -37.05 22.98 -26.28
P OMU F 2894 -36.85 21.42 -26.37
OP1 OMU F 2894 -36.32 21.09 -27.72
OP2 OMU F 2894 -36.10 20.99 -25.13
P OMG F 2895 -34.28 25.98 -28.15
OP1 OMG F 2895 -33.93 25.52 -29.56
OP2 OMG F 2895 -33.76 25.22 -26.94
O5' OMG F 2895 -33.86 27.50 -28.02
C5' OMG F 2895 -34.50 28.51 -28.78
C4' OMG F 2895 -33.93 29.89 -28.51
O4' OMG F 2895 -34.24 30.26 -27.14
C3' OMG F 2895 -32.42 30.00 -28.63
O3' OMG F 2895 -32.09 31.35 -28.97
C2' OMG F 2895 -31.96 29.75 -27.20
O2' OMG F 2895 -30.66 30.21 -26.90
CM2 OMG F 2895 -29.70 29.21 -27.15
C1' OMG F 2895 -33.04 30.49 -26.43
N9 OMG F 2895 -33.22 30.04 -25.05
C8 OMG F 2895 -33.21 28.77 -24.56
N7 OMG F 2895 -33.40 28.75 -23.27
C5 OMG F 2895 -33.52 30.06 -22.91
C6 OMG F 2895 -33.73 30.66 -21.64
O6 OMG F 2895 -33.85 30.13 -20.56
N1 OMG F 2895 -33.80 32.04 -21.75
C2 OMG F 2895 -33.68 32.76 -22.89
N2 OMG F 2895 -33.77 34.09 -22.80
N3 OMG F 2895 -33.48 32.21 -24.06
C4 OMG F 2895 -33.41 30.88 -24.00
N1 PSU F 2960 -47.23 45.97 -44.52
C2 PSU F 2960 -48.10 46.82 -45.17
N3 PSU F 2960 -47.65 47.61 -46.19
C4 PSU F 2960 -46.34 47.58 -46.55
C5 PSU F 2960 -45.46 46.73 -45.90
C6 PSU F 2960 -45.94 45.93 -44.87
O2 PSU F 2960 -49.28 46.85 -44.84
O4 PSU F 2960 -45.93 48.29 -47.46
C1' PSU F 2960 -44.02 46.68 -46.30
C2' PSU F 2960 -43.24 47.82 -45.65
O2' PSU F 2960 -42.21 48.22 -46.54
C3' PSU F 2960 -42.64 47.11 -44.44
C4' PSU F 2960 -42.33 45.74 -44.99
O3' PSU F 2960 -41.50 47.77 -43.91
O4' PSU F 2960 -43.43 45.47 -45.90
C5' PSU F 2960 -42.26 44.63 -43.97
O5' PSU F 2960 -43.52 44.39 -43.38
P PSU F 2960 -43.65 43.61 -42.00
OP1 PSU F 2960 -42.67 44.18 -41.07
OP2 PSU F 2960 -45.08 43.60 -41.64
N1 PSU F 2963 -50.76 53.66 -36.62
C2 PSU F 2963 -52.07 53.27 -36.50
N3 PSU F 2963 -53.04 54.19 -36.18
C4 PSU F 2963 -52.68 55.50 -35.96
C5 PSU F 2963 -51.36 55.88 -36.06
C6 PSU F 2963 -50.40 54.93 -36.39
O2 PSU F 2963 -52.39 52.11 -36.71
O4 PSU F 2963 -53.54 56.33 -35.67
C1' PSU F 2963 -50.96 57.31 -35.82
C2' PSU F 2963 -50.79 57.63 -34.34
O2' PSU F 2963 -51.20 58.98 -34.14
C3' PSU F 2963 -49.28 57.52 -34.19
C4' PSU F 2963 -48.78 58.08 -35.49
O3' PSU F 2963 -48.77 58.22 -33.07
O4' PSU F 2963 -49.72 57.58 -36.46
C5' PSU F 2963 -47.38 57.69 -35.88
O5' PSU F 2963 -47.10 56.36 -35.47
P PSU F 2963 -45.81 55.62 -36.03
OP1 PSU F 2963 -44.63 56.17 -35.34
OP2 PSU F 2963 -46.08 54.16 -36.01
N1 PSU F 2966 -53.75 49.15 -26.83
C2 PSU F 2966 -53.07 48.06 -27.33
N3 PSU F 2966 -53.74 46.89 -27.57
C4 PSU F 2966 -55.08 46.80 -27.31
C5 PSU F 2966 -55.76 47.89 -26.79
C6 PSU F 2966 -55.07 49.07 -26.57
O2 PSU F 2966 -51.87 48.14 -27.56
O4 PSU F 2966 -55.66 45.75 -27.52
C1' PSU F 2966 -57.23 47.82 -26.50
C2' PSU F 2966 -57.54 46.95 -25.29
O2' PSU F 2966 -58.79 46.31 -25.53
C3' PSU F 2966 -57.68 48.00 -24.20
C4' PSU F 2966 -58.36 49.14 -24.93
O3' PSU F 2966 -58.41 47.56 -23.07
O4' PSU F 2966 -57.75 49.11 -26.24
C5' PSU F 2966 -58.21 50.50 -24.32
O5' PSU F 2966 -56.84 50.86 -24.22
P PSU F 2966 -56.42 52.39 -24.08
OP1 PSU F 2966 -56.95 52.92 -22.81
OP2 PSU F 2966 -54.97 52.33 -24.35
N1 OMU F 2973 -45.81 48.88 -14.73
C2 OMU F 2973 -44.49 48.18 -14.83
N3 OMU F 2973 -44.41 46.70 -14.65
C4 OMU F 2973 -45.63 45.96 -14.36
C5 OMU F 2973 -46.93 46.66 -14.24
C6 OMU F 2973 -47.00 48.12 -14.44
O2 OMU F 2973 -43.48 48.81 -15.08
O4 OMU F 2973 -45.58 44.84 -14.21
C1' OMU F 2973 -45.89 50.34 -14.91
C2' OMU F 2973 -45.72 50.73 -16.38
O2' OMU F 2973 -45.20 52.05 -16.42
CM2 OMU F 2973 -43.87 52.15 -16.04
C3' OMU F 2973 -47.16 50.73 -16.84
C4' OMU F 2973 -47.88 51.33 -15.65
O3' OMU F 2973 -47.39 51.44 -18.04
O4' OMU F 2973 -47.17 50.78 -14.51
C5' OMU F 2973 -49.35 51.03 -15.52
O5' OMU F 2973 -49.87 51.60 -14.34
P OMU F 2973 -51.42 51.85 -14.16
OP1 OMU F 2973 -51.64 52.40 -12.79
OP2 OMU F 2973 -51.94 52.61 -15.35
N1 PSU F 2979 -53.61 43.30 -31.85
C2 PSU F 2979 -53.88 44.61 -31.54
N3 PSU F 2979 -55.08 44.95 -30.99
C4 PSU F 2979 -56.03 43.99 -30.74
C5 PSU F 2979 -55.75 42.67 -31.05
C6 PSU F 2979 -54.52 42.34 -31.61
O2 PSU F 2979 -53.05 45.47 -31.77
O4 PSU F 2979 -57.11 44.30 -30.25
C1' PSU F 2979 -56.77 41.60 -30.78
C2' PSU F 2979 -57.85 41.58 -31.86
O2' PSU F 2979 -59.05 41.15 -31.27
C3' PSU F 2979 -57.30 40.51 -32.79
C4' PSU F 2979 -56.70 39.51 -31.84
O3' PSU F 2979 -58.28 39.95 -33.65
O4' PSU F 2979 -56.14 40.33 -30.79
C5' PSU F 2979 -55.64 38.62 -32.41
O5' PSU F 2979 -54.68 39.38 -33.13
P PSU F 2979 -53.32 38.72 -33.61
OP1 PSU F 2979 -53.65 37.69 -34.63
OP2 PSU F 2979 -52.41 39.82 -33.95
N1 PSU F 3020 -24.42 74.10 -37.37
C2 PSU F 3020 -23.75 73.14 -38.10
N3 PSU F 3020 -22.68 72.47 -37.57
C4 PSU F 3020 -22.28 72.75 -36.29
C5 PSU F 3020 -22.95 73.70 -35.55
C6 PSU F 3020 -24.02 74.37 -36.11
O2 PSU F 3020 -24.11 72.89 -39.25
O4 PSU F 3020 -21.32 72.15 -35.80
C1' PSU F 3020 -22.50 74.00 -34.16
C2' PSU F 3020 -21.30 74.93 -34.17
O2' PSU F 3020 -20.41 74.54 -33.14
C3' PSU F 3020 -21.94 76.28 -33.84
C4' PSU F 3020 -23.07 75.88 -32.91
O3' PSU F 3020 -21.05 77.20 -33.24
O4' PSU F 3020 -23.53 74.63 -33.43
C5' PSU F 3020 -24.23 76.86 -32.84
O5' PSU F 3020 -24.79 77.08 -34.12
P PSU F 3020 -26.12 77.94 -34.28
OP1 PSU F 3020 -25.97 79.19 -33.53
OP2 PSU F 3020 -26.46 77.95 -35.71
N1 PSU F 3028 -19.75 69.18 -40.27
C2 PSU F 3028 -20.29 69.96 -39.27
N3 PSU F 3028 -19.66 70.06 -38.06
C4 PSU F 3028 -18.48 69.39 -37.85
C5 PSU F 3028 -17.94 68.61 -38.85
C6 PSU F 3028 -18.60 68.53 -40.06
O2 PSU F 3028 -21.35 70.55 -39.46
O4 PSU F 3028 -17.93 69.49 -36.76
C1' PSU F 3028 -16.65 67.87 -38.65
C2' PSU F 3028 -16.83 66.71 -37.67
O2' PSU F 3028 -15.61 66.53 -36.99
C3' PSU F 3028 -17.07 65.57 -38.63
C4' PSU F 3028 -16.10 65.89 -39.75
O3' PSU F 3028 -16.85 64.29 -38.05
O4' PSU F 3028 -16.19 67.34 -39.87
C5' PSU F 3028 -16.40 65.25 -41.08
O5' PSU F 3028 -17.69 65.60 -41.56
P PSU F 3028 -18.07 65.42 -43.09
OP1 PSU F 3028 -17.86 64.00 -43.43
OP2 PSU F 3028 -19.37 66.05 -43.32
P OMG F 3037 -29.38 42.88 -32.29
OP1 OMG F 3037 -29.34 41.37 -32.34
OP2 OMG F 3037 -30.31 43.60 -31.33
O5' OMG F 3037 -27.90 43.40 -32.03
C5' OMG F 3037 -26.80 42.84 -32.71
C4' OMG F 3037 -25.51 43.44 -32.22
O4' OMG F 3037 -25.49 44.86 -32.52
C3' OMG F 3037 -25.29 43.39 -30.72
O3' OMG F 3037 -24.78 42.14 -30.28
C2' OMG F 3037 -24.34 44.55 -30.48
O2' OMG F 3037 -23.01 44.17 -30.78
CM2 OMG F 3037 -22.18 44.15 -29.64
C1' OMG F 3037 -24.81 45.56 -31.52
N9 OMG F 3037 -25.74 46.54 -30.94
C8 OMG F 3037 -27.10 46.55 -31.01
N7 OMG F 3037 -27.61 47.57 -30.38
C5 OMG F 3037 -26.54 48.23 -29.87
C6 OMG F 3037 -26.47 49.42 -29.10
O6 OMG F 3037 -27.39 50.11 -28.70
N1 OMG F 3037 -25.15 49.74 -28.78
C2 OMG F 3037 -24.06 49.05 -29.16
N2 OMG F 3037 -22.88 49.52 -28.77
N3 OMG F 3037 -24.12 47.96 -29.89
C4 OMG F 3037 -25.37 47.61 -30.21
P OMG F 3059 -29.29 37.99 17.98
OP1 OMG F 3059 -30.60 38.52 18.53
OP2 OMG F 3059 -28.26 37.39 18.93
O5' OMG F 3059 -29.63 36.90 16.88
C5' OMG F 3059 -30.53 37.19 15.82
C4' OMG F 3059 -30.61 36.01 14.89
O4' OMG F 3059 -29.30 35.77 14.32
C3' OMG F 3059 -31.00 34.69 15.54
O3' OMG F 3059 -32.39 34.53 15.68
C2' OMG F 3059 -30.34 33.66 14.63
O2' OMG F 3059 -31.15 33.43 13.49
CM2 OMG F 3059 -30.87 32.20 12.87
C1' OMG F 3059 -29.08 34.39 14.18
N9 OMG F 3059 -27.91 34.03 15.01
C8 OMG F 3059 -27.40 34.70 16.08
N7 OMG F 3059 -26.36 34.12 16.57
C5 OMG F 3059 -26.16 33.02 15.79
C6 OMG F 3059 -25.18 32.00 15.84
O6 OMG F 3059 -24.25 31.88 16.62
N1 OMG F 3059 -25.36 31.07 14.83
C2 OMG F 3059 -26.35 31.10 13.90
N2 OMG F 3059 -26.37 30.10 13.01
N3 OMG F 3059 -27.26 32.03 13.85
C4 OMG F 3059 -27.12 32.95 14.81
N1 PSU F 3070 -41.04 10.82 16.96
C2 PSU F 3070 -39.82 10.45 16.46
N3 PSU F 3070 -39.72 10.00 15.17
C4 PSU F 3070 -40.84 9.92 14.39
C5 PSU F 3070 -42.07 10.29 14.91
C6 PSU F 3070 -42.15 10.76 16.20
O2 PSU F 3070 -38.83 10.51 17.17
O4 PSU F 3070 -40.74 9.51 13.23
C1' PSU F 3070 -43.31 10.27 14.06
C2' PSU F 3070 -43.91 8.92 13.69
O2' PSU F 3070 -44.26 8.95 12.32
C3' PSU F 3070 -45.16 8.88 14.54
C4' PSU F 3070 -45.57 10.34 14.62
O3' PSU F 3070 -46.19 8.07 13.99
O4' PSU F 3070 -44.31 11.05 14.66
C5' PSU F 3070 -46.39 10.72 15.82
O5' PSU F 3070 -45.68 10.47 17.03
P PSU F 3070 -46.32 10.76 18.45
OP1 PSU F 3070 -47.72 10.29 18.43
OP2 PSU F 3070 -45.37 10.24 19.43
N1 PSU F 3098 -48.36 -9.42 7.37
C2 PSU F 3098 -47.90 -9.77 8.61
N3 PSU F 3098 -48.78 -9.95 9.65
C4 PSU F 3098 -50.13 -9.78 9.44
C5 PSU F 3098 -50.59 -9.43 8.18
C6 PSU F 3098 -49.68 -9.26 7.16
O2 PSU F 3098 -46.70 -9.93 8.81
O4 PSU F 3098 -50.91 -9.94 10.37
C1' PSU F 3098 -52.05 -9.23 7.92
C2' PSU F 3098 -52.50 -7.90 8.52
O2' PSU F 3098 -53.87 -8.03 8.90
C3' PSU F 3098 -52.38 -6.98 7.31
C4' PSU F 3098 -52.87 -7.88 6.20
O3' PSU F 3098 -53.11 -5.78 7.43
O4' PSU F 3098 -52.32 -9.18 6.54
C5' PSU F 3098 -52.44 -7.49 4.80
O5' PSU F 3098 -51.03 -7.34 4.73
P PSU F 3098 -50.27 -7.52 3.35
OP1 PSU F 3098 -50.73 -6.51 2.38
OP2 PSU F 3098 -48.83 -7.65 3.66
N1 PSU F 3109 -35.04 15.75 11.89
C2 PSU F 3109 -34.88 15.95 13.24
N3 PSU F 3109 -35.86 16.60 13.97
C4 PSU F 3109 -37.00 17.04 13.33
C5 PSU F 3109 -37.14 16.84 11.96
C6 PSU F 3109 -36.15 16.18 11.26
O2 PSU F 3109 -33.87 15.55 13.81
O4 PSU F 3109 -37.86 17.62 13.96
C1' PSU F 3109 -38.37 17.28 11.25
C2' PSU F 3109 -38.52 18.78 11.03
O2' PSU F 3109 -39.88 19.12 11.25
C3' PSU F 3109 -38.17 18.93 9.55
C4' PSU F 3109 -38.64 17.63 8.95
O3' PSU F 3109 -38.77 20.05 8.95
O4' PSU F 3109 -38.43 16.65 9.99
C5' PSU F 3109 -37.93 17.19 7.70
O5' PSU F 3109 -36.54 17.03 7.94
P PSU F 3109 -35.63 16.25 6.91
OP1 PSU F 3109 -35.74 16.92 5.61
OP2 PSU F 3109 -34.29 15.98 7.48
P 5MC F 3114 -29.99 31.26 23.25
OP1 5MC F 3114 -29.54 32.30 24.24
OP2 5MC F 3114 -31.25 31.48 22.42
O5' 5MC F 3114 -28.79 31.02 22.23
C5' 5MC F 3114 -27.51 30.66 22.70
C4' 5MC F 3114 -26.47 30.82 21.61
O4' 5MC F 3114 -26.69 29.87 20.57
C3' 5MC F 3114 -26.45 32.17 20.90
O3' 5MC F 3114 -25.49 33.06 21.45
C2' 5MC F 3114 -26.19 31.83 19.42
O2' 5MC F 3114 -24.94 32.38 18.99
C1' 5MC F 3114 -26.03 30.32 19.43
N1 5MC F 3114 -26.61 29.66 18.23
C2 5MC F 3114 -26.05 28.47 17.80
O2 5MC F 3114 -25.11 28.00 18.43
N3 5MC F 3114 -26.55 27.87 16.72
C4 5MC F 3114 -27.54 28.41 16.05
N4 5MC F 3114 -27.99 27.76 14.99
C5 5MC F 3114 -28.15 29.62 16.44
C6 5MC F 3114 -27.64 30.21 17.54
CM5 5MC F 3114 -29.29 30.18 15.66
N1 OMC F 3123 -15.08 5.46 35.93
C2 OMC F 3123 -15.51 6.62 36.59
N3 OMC F 3123 -16.59 7.25 36.09
C4 OMC F 3123 -17.23 6.80 35.05
C5 OMC F 3123 -16.82 5.63 34.37
C6 OMC F 3123 -15.73 5.01 34.85
O2 OMC F 3123 -14.93 7.04 37.57
N4 OMC F 3123 -18.28 7.48 34.63
C1' OMC F 3123 -13.90 4.68 36.39
C2' OMC F 3123 -14.14 3.97 37.71
O2' OMC F 3123 -12.93 4.00 38.45
CM2 OMC F 3123 -12.75 5.21 39.13
C3' OMC F 3123 -14.46 2.56 37.26
C4' OMC F 3123 -13.59 2.40 36.04
O4' OMC F 3123 -13.62 3.70 35.42
O3' OMC F 3123 -14.20 1.58 38.25
C5' OMC F 3123 -14.05 1.37 35.05
O5' OMC F 3123 -15.40 1.60 34.68
P OMC F 3123 -16.05 0.84 33.46
OP1 OMC F 3123 -15.93 -0.64 33.75
OP2 OMC F 3123 -17.41 1.46 33.20
N1 PSU F 3124 -18.39 4.34 37.39
C2 PSU F 3124 -19.38 5.25 37.11
N3 PSU F 3124 -19.68 6.25 38.00
C4 PSU F 3124 -18.97 6.32 39.18
C5 PSU F 3124 -17.99 5.39 39.47
C6 PSU F 3124 -17.70 4.40 38.54
O2 PSU F 3124 -20.00 5.18 36.06
O4 PSU F 3124 -19.23 7.20 39.99
C1' PSU F 3124 -17.19 5.47 40.73
C2' PSU F 3124 -17.84 4.89 41.98
O2' PSU F 3124 -17.48 5.71 43.08
C3' PSU F 3124 -17.17 3.54 42.09
C4' PSU F 3124 -15.78 3.80 41.54
O3' PSU F 3124 -17.13 3.02 43.41
O4' PSU F 3124 -15.97 4.80 40.52
C5' PSU F 3124 -15.09 2.60 40.94
O5' PSU F 3124 -15.95 1.95 40.01
P PSU F 3124 -15.39 0.85 39.01
OP1 PSU F 3124 -14.84 -0.23 39.84
OP2 PSU F 3124 -16.47 0.56 38.05
N1 PSU F 3138 -42.05 -23.99 38.12
C2 PSU F 3138 -42.02 -23.55 36.82
N3 PSU F 3138 -43.17 -23.18 36.18
C4 PSU F 3138 -44.36 -23.26 36.84
C5 PSU F 3138 -44.40 -23.72 38.14
C6 PSU F 3138 -43.23 -24.07 38.77
O2 PSU F 3138 -40.95 -23.47 36.23
O4 PSU F 3138 -45.38 -22.92 36.24
C1' PSU F 3138 -45.68 -23.82 38.92
C2' PSU F 3138 -46.66 -24.82 38.30
O2' PSU F 3138 -47.98 -24.38 38.59
C3' PSU F 3138 -46.35 -26.08 39.08
C4' PSU F 3138 -46.05 -25.53 40.47
O3' PSU F 3138 -47.41 -27.02 39.10
O4' PSU F 3138 -45.36 -24.28 40.22
C5' PSU F 3138 -45.19 -26.41 41.34
O5' PSU F 3138 -45.25 -26.00 42.70
P PSU F 3138 -44.09 -26.37 43.71
OP1 PSU F 3138 -44.58 -27.41 44.63
OP2 PSU F 3138 -42.86 -26.58 42.94
N1 PSU F 3160 -18.86 -12.36 33.94
C2 PSU F 3160 -18.02 -13.35 33.49
N3 PSU F 3160 -17.12 -13.93 34.35
C4 PSU F 3160 -17.07 -13.53 35.66
C5 PSU F 3160 -17.92 -12.53 36.11
C6 PSU F 3160 -18.82 -11.96 35.22
O2 PSU F 3160 -18.05 -13.72 32.32
O4 PSU F 3160 -16.27 -14.05 36.42
C1' PSU F 3160 -17.88 -12.07 37.54
C2' PSU F 3160 -16.65 -11.20 37.73
O2' PSU F 3160 -16.18 -11.37 39.06
C3' PSU F 3160 -17.24 -9.81 37.56
C4' PSU F 3160 -18.60 -9.96 38.22
O3' PSU F 3160 -16.46 -8.78 38.13
O4' PSU F 3160 -19.01 -11.30 37.85
C5' PSU F 3160 -19.65 -8.97 37.81
O5' PSU F 3160 -19.84 -8.96 36.40
P PSU F 3160 -21.31 -9.02 35.78
OP1 PSU F 3160 -22.10 -7.92 36.35
OP2 PSU F 3160 -21.17 -9.12 34.32
P OMG F 3161 -15.26 -8.12 37.28
OP1 OMG F 3161 -14.74 -6.92 38.07
OP2 OMG F 3161 -15.71 -7.93 35.85
O5' OMG F 3161 -14.12 -9.21 37.29
C5' OMG F 3161 -13.48 -9.60 38.50
C4' OMG F 3161 -12.27 -10.46 38.21
O4' OMG F 3161 -12.70 -11.75 37.70
C3' OMG F 3161 -11.35 -9.92 37.13
O3' OMG F 3161 -10.44 -8.97 37.62
C2' OMG F 3161 -10.68 -11.19 36.62
O2' OMG F 3161 -9.69 -11.63 37.53
CM2 OMG F 3161 -8.39 -11.63 36.98
C1' OMG F 3161 -11.85 -12.17 36.67
N9 OMG F 3161 -12.62 -12.17 35.41
C8 OMG F 3161 -13.80 -11.53 35.17
N7 OMG F 3161 -14.22 -11.73 33.96
C5 OMG F 3161 -13.28 -12.53 33.39
C6 OMG F 3161 -13.21 -13.08 32.09
O6 OMG F 3161 -13.99 -12.95 31.16
N1 OMG F 3161 -12.07 -13.85 31.94
C2 OMG F 3161 -11.12 -14.09 32.89
N2 OMG F 3161 -10.09 -14.85 32.55
N3 OMG F 3161 -11.19 -13.57 34.09
C4 OMG F 3161 -12.27 -12.82 34.28
N1 OMU F 3165 -9.06 -2.63 22.41
C2 OMU F 3165 -10.51 -2.88 22.77
N3 OMU F 3165 -10.87 -3.31 24.15
C4 OMU F 3165 -9.83 -3.47 25.15
C5 OMU F 3165 -8.41 -3.22 24.79
C6 OMU F 3165 -8.05 -2.79 23.41
O2 OMU F 3165 -11.37 -2.75 21.92
O4 OMU F 3165 -10.11 -3.79 26.19
C1' OMU F 3165 -8.74 -2.21 21.05
C2' OMU F 3165 -8.67 -0.68 20.93
O2' OMU F 3165 -9.17 -0.31 19.65
CM2 OMU F 3165 -9.96 0.82 19.69
C3' OMU F 3165 -7.17 -0.43 21.01
C4' OMU F 3165 -6.59 -1.64 20.32
O3' OMU F 3165 -6.75 0.79 20.43
O4' OMU F 3165 -7.47 -2.72 20.70
C5' OMU F 3165 -5.18 -2.01 20.72
O5' OMU F 3165 -5.05 -2.00 22.14
P OMU F 3165 -3.91 -2.84 22.85
OP1 OMU F 3165 -2.60 -2.23 22.47
OP2 OMU F 3165 -4.29 -2.97 24.30
P OMG F 3166 -6.10 1.93 21.34
OP1 OMG F 3166 -5.85 3.15 20.47
OP2 OMG F 3166 -4.95 1.32 22.13
O5' OMG F 3166 -7.26 2.30 22.37
C5' OMG F 3166 -6.97 2.97 23.58
C4' OMG F 3166 -8.15 3.77 24.06
O4' OMG F 3166 -8.38 4.88 23.17
C3' OMG F 3166 -9.49 3.04 24.09
O3' OMG F 3166 -9.66 2.25 25.26
C2' OMG F 3166 -10.49 4.19 23.98
O2' OMG F 3166 -10.66 4.82 25.24
CM2 OMG F 3166 -12.01 5.00 25.60
C1' OMG F 3166 -9.75 5.15 23.06
N9 OMG F 3166 -10.15 5.00 21.66
C8 OMG F 3166 -9.45 4.38 20.66
N7 OMG F 3166 -10.07 4.41 19.52
C5 OMG F 3166 -11.22 5.10 19.78
C6 OMG F 3166 -12.29 5.44 18.92
O6 OMG F 3166 -12.42 5.20 17.74
N1 OMG F 3166 -13.29 6.14 19.60
C2 OMG F 3166 -13.25 6.46 20.93
N2 OMG F 3166 -14.30 7.14 21.41
N3 OMG F 3166 -12.26 6.14 21.72
C4 OMG F 3166 -11.29 5.47 21.10
N1 PSU F 3167 -13.65 0.33 18.95
C2 PSU F 3167 -14.32 1.10 18.03
N3 PSU F 3167 -14.78 2.35 18.36
C4 PSU F 3167 -14.56 2.83 19.63
C5 PSU F 3167 -13.90 2.05 20.55
C6 PSU F 3167 -13.44 0.79 20.19
O2 PSU F 3167 -14.51 0.67 16.90
O4 PSU F 3167 -14.96 3.95 19.95
C1' PSU F 3167 -13.65 2.58 21.94
C2' PSU F 3167 -14.77 2.23 22.90
O2' PSU F 3167 -14.93 3.31 23.81
C3' PSU F 3167 -14.20 1.01 23.63
C4' PSU F 3167 -12.71 1.34 23.68
O3' PSU F 3167 -14.74 0.83 24.92
O4' PSU F 3167 -12.46 2.01 22.43
C5' PSU F 3167 -11.78 0.17 23.83
O5' PSU F 3167 -11.12 0.19 25.07
P PSU F 3167 -9.59 0.65 25.18
OP1 PSU F 3167 -9.10 0.14 26.47
OP2 PSU F 3167 -8.87 0.31 23.95
N1 PSU F 3188 -22.62 8.58 33.14
C2 PSU F 3188 -21.96 7.49 33.66
N3 PSU F 3188 -21.65 7.45 34.99
C4 PSU F 3188 -22.00 8.49 35.80
C5 PSU F 3188 -22.67 9.58 35.28
C6 PSU F 3188 -22.98 9.61 33.92
O2 PSU F 3188 -21.65 6.57 32.93
O4 PSU F 3188 -21.73 8.47 36.99
C1' PSU F 3188 -23.06 10.71 36.18
C2' PSU F 3188 -21.90 11.71 36.33
O2' PSU F 3188 -21.88 12.16 37.67
C3' PSU F 3188 -22.34 12.83 35.40
C4' PSU F 3188 -23.84 12.81 35.52
O3' PSU F 3188 -21.78 14.08 35.75
O4' PSU F 3188 -24.17 11.41 35.68
C5' PSU F 3188 -24.61 13.36 34.34
O5' PSU F 3188 -24.28 12.66 33.16
P PSU F 3188 -25.22 12.72 31.88
OP1 PSU F 3188 -25.45 14.15 31.64
OP2 PSU F 3188 -24.64 11.88 30.82
P A2M F 3190 -19.04 18.88 36.90
OP1 A2M F 3190 -20.42 18.35 37.12
O5' A2M F 3190 -18.33 19.84 38.25
C5' A2M F 3190 -17.00 19.98 38.23
C4' A2M F 3190 -16.56 21.08 39.20
O4' A2M F 3190 -17.12 22.31 38.82
C3' A2M F 3190 -17.01 20.85 40.62
O3' A2M F 3190 -16.33 19.76 41.11
C2' A2M F 3190 -16.72 22.21 41.19
O2' A2M F 3190 -15.35 22.50 41.26
C1' A2M F 3190 -17.36 22.98 40.03
CM' A2M F 3190 -15.14 23.76 41.79
N9 A2M F 3190 -18.76 23.19 40.17
C8 A2M F 3190 -19.86 22.45 39.75
N7 A2M F 3190 -21.03 23.00 40.11
C5 A2M F 3190 -20.64 24.14 40.78
C6 A2M F 3190 -21.32 25.16 41.40
N6 A2M F 3190 -22.69 25.18 41.44
N1 A2M F 3190 -20.69 26.19 42.00
C2 A2M F 3190 -19.35 26.16 41.96
N3 A2M F 3190 -18.54 25.27 41.42
C4 A2M F 3190 -19.23 24.27 40.83
OP2 A2M F 3190 -18.85 19.99 35.91
P UR3 F 3197 -8.32 11.18 17.23
OP1 UR3 F 3197 -7.74 10.78 15.94
OP2 UR3 F 3197 -7.49 11.98 18.21
O5' UR3 F 3197 -9.65 12.01 16.94
C5' UR3 F 3197 -10.72 11.43 16.23
C4' UR3 F 3197 -12.00 12.18 16.47
O4' UR3 F 3197 -12.38 12.07 17.86
C1' UR3 F 3197 -13.04 13.25 18.27
N1 UR3 F 3197 -12.28 13.84 19.40
C6 UR3 F 3197 -10.94 13.42 19.66
C2 UR3 F 3197 -12.92 14.85 20.24
O2 UR3 F 3197 -14.02 15.19 20.02
N3 UR3 F 3197 -12.17 15.46 21.38
C3U UR3 F 3197 -12.84 16.50 22.23
C4 UR3 F 3197 -10.84 15.06 21.65
O4 UR3 F 3197 -10.24 15.55 22.57
C5 UR3 F 3197 -10.19 14.03 20.80
C2' UR3 F 3197 -13.11 14.18 17.07
O2' UR3 F 3197 -14.34 13.96 16.41
C3' UR3 F 3197 -11.94 13.68 16.24
O3' UR3 F 3197 -12.05 14.02 14.86
N1 PSU F 3199 -6.36 22.91 20.64
C2 PSU F 3199 -5.57 23.87 21.23
N3 PSU F 3199 -5.51 25.12 20.69
C4 PSU F 3199 -6.23 25.42 19.56
C5 PSU F 3199 -7.02 24.44 18.97
C6 PSU F 3199 -7.07 23.18 19.55
O2 PSU F 3199 -4.93 23.60 22.24
O4 PSU F 3199 -6.18 26.55 19.09
C1' PSU F 3199 -7.82 24.74 17.74
C2' PSU F 3199 -6.91 24.83 16.53
O2' PSU F 3199 -7.51 25.71 15.59
C3' PSU F 3199 -6.96 23.41 16.01
C4' PSU F 3199 -8.42 23.05 16.24
O3' PSU F 3199 -6.55 23.26 14.67
O4' PSU F 3199 -8.74 23.70 17.49
C5' PSU F 3199 -8.71 21.58 16.33
O5' PSU F 3199 -7.89 20.97 17.29
P PSU F 3199 -7.94 19.40 17.51
OP1 PSU F 3199 -7.61 18.89 16.17
OP2 PSU F 3199 -7.12 19.07 18.68
N1 OMC F 3203 3.77 14.49 9.27
C2 OMC F 3203 2.70 13.58 9.17
N3 OMC F 3203 1.44 14.07 9.24
C4 OMC F 3203 1.20 15.35 9.40
C5 OMC F 3203 2.26 16.29 9.49
C6 OMC F 3203 3.50 15.80 9.42
O2 OMC F 3203 2.91 12.40 9.03
N4 OMC F 3203 -0.05 15.75 9.46
C1' OMC F 3203 5.18 14.06 9.20
C2' OMC F 3203 5.58 13.60 7.79
O2' OMC F 3203 6.59 12.62 7.92
CM2 OMC F 3203 6.08 11.32 8.04
C3' OMC F 3203 6.17 14.89 7.23
C4' OMC F 3203 6.91 15.44 8.43
O4' OMC F 3203 6.00 15.16 9.53
O3' OMC F 3203 7.00 14.68 6.11
C5' OMC F 3203 7.23 16.90 8.38
O5' OMC F 3203 6.11 17.68 8.01
P OMC F 3203 6.13 19.26 8.18
OP1 OMC F 3203 7.25 19.79 7.31
OP2 OMC F 3203 4.71 19.78 8.01
N1 PSU F 3219 -0.81 12.83 16.00
C2 PSU F 3219 -0.85 14.18 15.75
N3 PSU F 3219 0.28 14.95 15.91
C4 PSU F 3219 1.45 14.36 16.30
C5 PSU F 3219 1.49 13.00 16.54
C6 PSU F 3219 0.34 12.24 16.38
O2 PSU F 3219 -1.89 14.71 15.41
O4 PSU F 3219 2.47 15.04 16.43
C1' PSU F 3219 2.78 12.36 16.98
C2' PSU F 3219 2.93 12.50 18.49
O2' PSU F 3219 4.31 12.62 18.79
C3' PSU F 3219 2.41 11.16 18.97
C4' PSU F 3219 2.93 10.22 17.91
O3' PSU F 3219 2.84 10.81 20.27
O4' PSU F 3219 2.80 10.98 16.68
C5' PSU F 3219 2.22 8.91 17.77
O5' PSU F 3219 0.82 9.08 17.72
P PSU F 3219 -0.13 7.86 17.39
OP1 PSU F 3219 0.23 6.77 18.29
OP2 PSU F 3219 -1.51 8.38 17.34
P A2M F 3238 -34.46 23.95 73.02
OP1 A2M F 3238 -34.41 24.48 74.42
O5' A2M F 3238 -35.72 24.65 71.96
C5' A2M F 3238 -35.46 25.86 71.46
C4' A2M F 3238 -36.38 26.13 70.29
O4' A2M F 3238 -35.94 25.38 69.20
C3' A2M F 3238 -37.79 25.69 70.62
O3' A2M F 3238 -38.32 26.74 71.35
C2' A2M F 3238 -38.35 25.37 69.26
O2' A2M F 3238 -38.71 26.51 68.53
C1' A2M F 3238 -37.07 24.77 68.66
CM' A2M F 3238 -39.51 26.17 67.43
N9 A2M F 3238 -36.89 23.36 68.76
C8 A2M F 3238 -36.11 22.57 69.60
N7 A2M F 3238 -36.23 21.26 69.35
C5 A2M F 3238 -37.13 21.22 68.29
C6 A2M F 3238 -37.68 20.21 67.55
N6 A2M F 3238 -37.37 18.89 67.78
N1 A2M F 3238 -38.56 20.43 66.53
C2 A2M F 3238 -38.84 21.74 66.30
N3 A2M F 3238 -38.41 22.83 66.92
C4 A2M F 3238 -37.54 22.51 67.91
OP2 A2M F 3238 -34.93 22.55 72.79
N1 PSU F 3243 -42.78 21.32 85.96
C2 PSU F 3243 -42.41 20.43 86.93
N3 PSU F 3243 -41.23 20.61 87.62
C4 PSU F 3243 -40.45 21.70 87.35
C5 PSU F 3243 -40.83 22.60 86.36
C6 PSU F 3243 -42.01 22.39 85.68
O2 PSU F 3243 -43.11 19.45 87.17
O4 PSU F 3243 -39.41 21.87 87.97
C1' PSU F 3243 -40.01 23.81 86.06
C2' PSU F 3243 -38.72 23.53 85.30
O2' PSU F 3243 -37.75 24.49 85.71
C3' PSU F 3243 -39.14 23.78 83.87
C4' PSU F 3243 -40.14 24.93 84.00
O3' PSU F 3243 -38.07 24.11 83.01
O4' PSU F 3243 -40.79 24.68 85.27
C5' PSU F 3243 -41.18 25.02 82.92
O5' PSU F 3243 -41.88 23.80 82.78
P PSU F 3243 -42.97 23.60 81.65
OP1 PSU F 3243 -42.33 24.14 80.42
OP2 PSU F 3243 -43.46 22.20 81.69
N1 PSU F 3246 -37.64 11.45 83.11
C2 PSU F 3246 -38.91 10.95 83.14
N3 PSU F 3246 -39.22 9.86 83.91
C4 PSU F 3246 -38.23 9.25 84.64
C5 PSU F 3246 -36.94 9.76 84.61
C6 PSU F 3246 -36.67 10.87 83.83
O2 PSU F 3246 -39.79 11.50 82.48
O4 PSU F 3246 -38.50 8.28 85.32
C1' PSU F 3246 -35.85 9.13 85.43
C2' PSU F 3246 -35.37 7.82 84.81
O2' PSU F 3246 -35.00 6.94 85.86
C3' PSU F 3246 -34.16 8.27 84.04
C4' PSU F 3246 -33.57 9.33 84.95
O3' PSU F 3246 -33.24 7.22 83.75
O4' PSU F 3246 -34.73 9.99 85.49
C5' PSU F 3246 -32.68 10.34 84.28
O5' PSU F 3246 -33.35 10.97 83.20
P PSU F 3246 -32.76 12.30 82.55
OP1 PSU F 3246 -31.42 11.96 82.07
OP2 PSU F 3246 -33.77 12.84 81.62
P A2M F 3257 -34.51 -10.72 56.45
OP1 A2M F 3257 -35.88 -10.19 56.18
O5' A2M F 3257 -34.07 -12.23 55.52
C5' A2M F 3257 -32.77 -12.55 55.47
C4' A2M F 3257 -32.13 -11.88 54.26
O4' A2M F 3257 -30.99 -11.17 54.67
C3' A2M F 3257 -31.71 -12.88 53.21
O3' A2M F 3257 -32.86 -13.24 52.51
C2' A2M F 3257 -30.63 -12.10 52.50
O2' A2M F 3257 -31.14 -11.07 51.69
C1' A2M F 3257 -29.99 -11.51 53.75
CM' A2M F 3257 -30.11 -10.31 51.13
N9 A2M F 3257 -29.02 -12.34 54.41
C8 A2M F 3257 -29.03 -13.00 55.64
N7 A2M F 3257 -27.90 -13.67 55.86
C5 A2M F 3257 -27.15 -13.44 54.73
C6 A2M F 3257 -25.90 -13.82 54.31
N6 A2M F 3257 -25.09 -14.64 55.07
N1 A2M F 3257 -25.38 -13.45 53.13
C2 A2M F 3257 -26.17 -12.65 52.36
N3 A2M F 3257 -27.39 -12.18 52.61
C4 A2M F 3257 -27.84 -12.61 53.82
OP2 A2M F 3257 -34.22 -11.37 57.77
P OMG F 3285 -16.83 -22.53 56.61
OP1 OMG F 3285 -15.72 -21.96 57.48
OP2 OMG F 3285 -18.19 -21.85 56.59
O5' OMG F 3285 -16.27 -22.60 55.13
C5' OMG F 3285 -16.21 -21.45 54.32
C4' OMG F 3285 -16.57 -21.77 52.89
O4' OMG F 3285 -17.66 -22.71 52.84
C3' OMG F 3285 -17.04 -20.59 52.08
O3' OMG F 3285 -15.98 -19.78 51.61
C2' OMG F 3285 -17.85 -21.24 50.98
O2' OMG F 3285 -17.01 -21.80 49.99
CM2 OMG F 3285 -17.53 -21.69 48.69
C1' OMG F 3285 -18.50 -22.39 51.75
N9 OMG F 3285 -19.83 -22.03 52.28
C8 OMG F 3285 -20.23 -22.14 53.59
N7 OMG F 3285 -21.44 -21.77 53.78
C5 OMG F 3285 -21.88 -21.37 52.54
C6 OMG F 3285 -23.15 -20.87 52.15
O6 OMG F 3285 -24.13 -20.66 52.82
N1 OMG F 3285 -23.17 -20.61 50.78
C2 OMG F 3285 -22.14 -20.80 49.92
N2 OMG F 3285 -22.34 -20.48 48.64
N3 OMG F 3285 -20.98 -21.27 50.29
C4 OMG F 3285 -20.90 -21.54 51.60
N1 OMU F 3287 -21.79 -13.21 49.26
C2 OMU F 3287 -23.04 -13.10 50.08
N3 OMU F 3287 -23.10 -13.71 51.43
C4 OMU F 3287 -21.95 -14.41 51.97
C5 OMU F 3287 -20.71 -14.51 51.16
C6 OMU F 3287 -20.67 -13.90 49.81
O2 OMU F 3287 -24.01 -12.52 49.64
O4 OMU F 3287 -22.00 -14.88 52.99
C1' OMU F 3287 -21.76 -12.61 47.91
C2' OMU F 3287 -21.52 -11.10 47.98
O2' OMU F 3287 -22.08 -10.52 46.81
CM2 OMU F 3287 -23.46 -10.42 46.85
C3' OMU F 3287 -20.01 -11.05 47.94
C4' OMU F 3287 -19.70 -12.13 46.91
O3' OMU F 3287 -19.48 -9.78 47.63
O4' OMU F 3287 -20.67 -13.15 47.19
C5' OMU F 3287 -18.31 -12.71 46.97
O5' OMU F 3287 -17.95 -13.00 48.32
P OMU F 3287 -16.72 -13.94 48.64
OP1 OMU F 3287 -15.49 -13.32 48.07
OP2 OMU F 3287 -16.80 -14.28 50.10
P OMG F 3290 -23.25 -2.47 57.19
OP1 OMG F 3290 -23.64 -1.03 57.00
OP2 OMG F 3290 -21.90 -2.98 56.67
O5' OMG F 3290 -23.34 -2.85 58.73
C5' OMG F 3290 -24.61 -2.96 59.35
C4' OMG F 3290 -24.49 -3.69 60.66
O4' OMG F 3290 -24.37 -5.12 60.43
C3' OMG F 3290 -23.26 -3.37 61.48
O3' OMG F 3290 -23.34 -2.13 62.15
C2' OMG F 3290 -23.18 -4.57 62.39
O2' OMG F 3290 -24.16 -4.50 63.42
CM2 OMG F 3290 -23.87 -5.29 64.54
C1' OMG F 3290 -23.57 -5.69 61.44
N9 OMG F 3290 -22.39 -6.30 60.80
C8 OMG F 3290 -21.80 -5.95 59.62
N7 OMG F 3290 -20.77 -6.68 59.35
C5 OMG F 3290 -20.67 -7.55 60.41
C6 OMG F 3290 -19.73 -8.57 60.67
O6 OMG F 3290 -18.79 -8.94 60.00
N1 OMG F 3290 -20.02 -9.20 61.89
C2 OMG F 3290 -21.04 -8.89 62.72
N2 OMG F 3290 -21.15 -9.61 63.85
N3 OMG F 3290 -21.90 -7.95 62.48
C4 OMG F 3290 -21.67 -7.31 61.32
N1 PSU F 3295 -7.06 -11.34 68.44
C2 PSU F 3295 -7.41 -11.24 67.12
N3 PSU F 3295 -7.06 -12.24 66.24
C4 PSU F 3295 -6.38 -13.34 66.69
C5 PSU F 3295 -6.02 -13.43 68.02
C6 PSU F 3295 -6.38 -12.41 68.89
O2 PSU F 3295 -8.03 -10.26 66.72
O4 PSU F 3295 -6.07 -14.21 65.88
C1' PSU F 3295 -5.27 -14.60 68.59
C2' PSU F 3295 -3.87 -14.74 68.02
O2' PSU F 3295 -3.58 -16.11 67.88
C3' PSU F 3295 -3.03 -14.12 69.14
C4' PSU F 3295 -3.80 -14.49 70.38
O3' PSU F 3295 -1.70 -14.61 69.16
O4' PSU F 3295 -5.18 -14.45 69.98
C5' PSU F 3295 -3.58 -13.59 71.57
O5' PSU F 3295 -3.95 -12.26 71.28
P PSU F 3295 -4.09 -11.16 72.42
OP1 PSU F 3295 -2.85 -11.27 73.21
OP2 PSU F 3295 -4.47 -9.89 71.79
N1 PSU F 3303 12.57 12.44 70.15
C2 PSU F 3303 13.39 12.35 69.04
N3 PSU F 3303 13.18 11.38 68.10
C4 PSU F 3303 12.13 10.50 68.26
C5 PSU F 3303 11.31 10.61 69.36
C6 PSU F 3303 11.54 11.59 70.31
O2 PSU F 3303 14.33 13.13 68.91
O4 PSU F 3303 11.93 9.64 67.42
C1' PSU F 3303 10.18 9.64 69.51
C2' PSU F 3303 10.34 8.82 70.79
O2' PSU F 3303 10.11 7.46 70.50
C3' PSU F 3303 9.23 9.38 71.68
C4' PSU F 3303 8.17 9.79 70.68
O3' PSU F 3303 8.76 8.44 72.63
O4' PSU F 3303 8.92 10.25 69.54
C5' PSU F 3303 7.23 10.86 71.15
O5' PSU F 3303 6.56 10.49 72.35
P PSU F 3303 4.98 10.41 72.44
OP1 PSU F 3303 4.51 11.41 73.41
OP2 PSU F 3303 4.46 10.44 71.06
P OMG F 3304 9.38 8.37 74.10
OP1 OMG F 3304 8.59 9.32 74.98
OP2 OMG F 3304 10.89 8.52 74.01
O5' OMG F 3304 9.07 6.89 74.57
C5' OMG F 3304 9.53 6.42 75.82
C4' OMG F 3304 9.71 4.91 75.80
O4' OMG F 3304 9.01 4.34 74.68
C3' OMG F 3304 11.12 4.42 75.62
O3' OMG F 3304 11.90 4.53 76.79
C2' OMG F 3304 10.90 2.99 75.15
O2' OMG F 3304 10.61 2.16 76.27
CM2 OMG F 3304 10.28 0.84 75.91
C1' OMG F 3304 9.62 3.13 74.32
N9 OMG F 3304 9.88 3.13 72.88
C8 OMG F 3304 9.75 4.19 72.03
N7 OMG F 3304 10.02 3.87 70.80
C5 OMG F 3304 10.34 2.55 70.84
C6 OMG F 3304 10.73 1.66 69.80
O6 OMG F 3304 10.86 1.89 68.62
N1 OMG F 3304 10.96 0.38 70.30
C2 OMG F 3304 10.84 0.02 71.60
N2 OMG F 3304 11.12 -1.26 71.87
N3 OMG F 3304 10.49 0.82 72.54
C4 OMG F 3304 10.26 2.07 72.12
N1 PSU F 3340 -12.48 -12.18 61.41
C2 PSU F 3340 -13.32 -11.10 61.56
N3 PSU F 3340 -13.87 -10.82 62.79
C4 PSU F 3340 -13.58 -11.61 63.87
C5 PSU F 3340 -12.73 -12.69 63.71
C6 PSU F 3340 -12.19 -12.96 62.46
O2 PSU F 3340 -13.60 -10.40 60.60
O4 PSU F 3340 -14.07 -11.35 64.96
C1' PSU F 3340 -12.38 -13.58 64.87
C2' PSU F 3340 -13.54 -14.52 65.21
O2' PSU F 3340 -13.51 -14.77 66.60
C3' PSU F 3340 -13.16 -15.77 64.43
C4' PSU F 3340 -11.65 -15.79 64.57
O3' PSU F 3340 -13.78 -16.94 64.90
O4' PSU F 3340 -11.28 -14.39 64.53
C5' PSU F 3340 -10.90 -16.56 63.52
O5' PSU F 3340 -11.20 -16.06 62.22
P PSU F 3340 -10.28 -16.44 60.99
OP1 PSU F 3340 -10.20 -17.90 60.88
OP2 PSU F 3340 -10.75 -15.63 59.84
N1 PSU F 3356 -66.13 -29.04 43.90
C2 PSU F 3356 -66.43 -27.77 43.49
N3 PSU F 3356 -67.33 -27.00 44.18
C4 PSU F 3356 -67.95 -27.51 45.30
C5 PSU F 3356 -67.65 -28.80 45.71
C6 PSU F 3356 -66.74 -29.55 44.99
O2 PSU F 3356 -65.87 -27.31 42.51
O4 PSU F 3356 -68.75 -26.84 45.92
C1' PSU F 3356 -68.31 -29.38 46.93
C2' PSU F 3356 -69.72 -29.84 46.61
O2' PSU F 3356 -70.50 -29.70 47.78
C3' PSU F 3356 -69.49 -31.31 46.30
C4' PSU F 3356 -68.42 -31.68 47.31
O3' PSU F 3356 -70.66 -32.10 46.40
O4' PSU F 3356 -67.59 -30.51 47.37
C5' PSU F 3356 -67.57 -32.87 46.95
O5' PSU F 3356 -66.98 -32.71 45.67
P PSU F 3356 -65.70 -33.56 45.26
OP1 PSU F 3356 -66.03 -34.97 45.55
OP2 PSU F 3356 -65.28 -33.15 43.91
N1 PSU F 3558 -17.15 21.71 84.47
C2 PSU F 3558 -17.74 20.54 84.89
N3 PSU F 3558 -17.25 19.88 85.99
C4 PSU F 3558 -16.16 20.39 86.67
C5 PSU F 3558 -15.58 21.56 86.24
C6 PSU F 3558 -16.09 22.22 85.14
O2 PSU F 3558 -18.71 20.11 84.28
O4 PSU F 3558 -15.74 19.77 87.64
C1' PSU F 3558 -14.40 22.14 86.96
C2' PSU F 3558 -13.14 21.31 86.72
O2' PSU F 3558 -12.37 21.34 87.90
C3' PSU F 3558 -12.47 22.09 85.61
C4' PSU F 3558 -12.80 23.53 85.97
O3' PSU F 3558 -11.08 21.85 85.52
O4' PSU F 3558 -14.15 23.45 86.49
C5' PSU F 3558 -12.74 24.52 84.84
O5' PSU F 3558 -13.54 24.12 83.74
P PSU F 3558 -13.79 25.10 82.52
OP1 PSU F 3558 -12.47 25.56 82.04
OP2 PSU F 3558 -14.73 24.45 81.58
N1 PSU F 3559 -14.99 19.02 83.29
C2 PSU F 3559 -16.08 18.27 82.92
N3 PSU F 3559 -16.35 17.08 83.54
C4 PSU F 3559 -15.51 16.63 84.53
C5 PSU F 3559 -14.41 17.37 84.89
C6 PSU F 3559 -14.17 18.58 84.27
O2 PSU F 3559 -16.83 18.68 82.04
O4 PSU F 3559 -15.75 15.55 85.08
C1' PSU F 3559 -13.50 16.90 85.99
C2' PSU F 3559 -12.56 15.78 85.54
O2' PSU F 3559 -12.38 14.90 86.64
C3' PSU F 3559 -11.28 16.54 85.25
C4' PSU F 3559 -11.29 17.63 86.31
O3' PSU F 3559 -10.12 15.73 85.33
O4' PSU F 3559 -12.70 17.98 86.43
C5' PSU F 3559 -10.49 18.86 85.98
O5' PSU F 3559 -10.94 19.45 84.77
P PSU F 3559 -10.49 20.92 84.35
OP1 PSU F 3559 -9.02 20.99 84.41
OP2 PSU F 3559 -11.21 21.23 83.10
N1 PSU F 3587 5.13 -4.73 85.52
C2 PSU F 3587 5.36 -3.61 84.76
N3 PSU F 3587 4.52 -3.30 83.72
C4 PSU F 3587 3.46 -4.12 83.43
C5 PSU F 3587 3.23 -5.25 84.21
C6 PSU F 3587 4.09 -5.54 85.27
O2 PSU F 3587 6.31 -2.88 85.01
O4 PSU F 3587 2.72 -3.84 82.51
C1' PSU F 3587 2.07 -6.15 83.94
C2' PSU F 3587 2.24 -6.97 82.66
O2' PSU F 3587 0.97 -7.16 82.07
C3' PSU F 3587 2.78 -8.28 83.23
C4' PSU F 3587 1.99 -8.42 84.52
O3' PSU F 3587 2.59 -9.39 82.36
O4' PSU F 3587 1.88 -7.06 85.00
C5' PSU F 3587 2.62 -9.28 85.57
O5' PSU F 3587 3.93 -8.83 85.89
P PSU F 3587 4.67 -9.33 87.20
OP1 PSU F 3587 4.75 -10.80 87.15
OP2 PSU F 3587 5.89 -8.51 87.35
N1 PSU F 3596 33.90 -1.40 85.38
C2 PSU F 3596 33.43 -2.68 85.18
N3 PSU F 3596 33.34 -3.55 86.24
C4 PSU F 3596 33.71 -3.15 87.50
C5 PSU F 3596 34.19 -1.87 87.69
C6 PSU F 3596 34.26 -1.00 86.60
O2 PSU F 3596 33.09 -3.04 84.06
O4 PSU F 3596 33.64 -3.93 88.44
C1' PSU F 3596 34.60 -1.41 89.06
C2' PSU F 3596 35.99 -1.93 89.39
O2' PSU F 3596 36.08 -2.14 90.79
C3' PSU F 3596 36.86 -0.75 88.97
C4' PSU F 3596 36.01 0.44 89.38
O3' PSU F 3596 38.15 -0.74 89.57
O4' PSU F 3596 34.67 0.01 89.10
C5' PSU F 3596 36.31 1.73 88.66
O5' PSU F 3596 36.18 1.57 87.25
P PSU F 3596 36.11 2.83 86.29
OP1 PSU F 3596 37.24 3.71 86.62
OP2 PSU F 3596 35.93 2.35 84.91
N1 PSU H 55 3.72 81.39 42.79
C2 PSU H 55 4.56 82.04 43.66
N3 PSU H 55 4.19 83.25 44.18
C4 PSU H 55 2.99 83.82 43.83
C5 PSU H 55 2.15 83.15 42.95
C6 PSU H 55 2.54 81.92 42.44
O2 PSU H 55 5.63 81.54 43.97
O4 PSU H 55 2.67 84.90 44.31
C1' PSU H 55 0.83 83.74 42.56
C2' PSU H 55 1.04 84.89 41.57
O2' PSU H 55 0.01 85.84 41.77
C3' PSU H 55 0.86 84.17 40.25
C4' PSU H 55 -0.26 83.19 40.57
O3' PSU H 55 0.55 85.03 39.17
O4' PSU H 55 0.03 82.77 41.92
C5' PSU H 55 -0.38 81.99 39.66
O5' PSU H 55 0.78 81.17 39.73
P PSU H 55 0.79 79.70 39.13
OP1 PSU H 55 0.13 79.78 37.81
OP2 PSU H 55 2.14 79.14 39.26
N1 PSU H 69 0.84 109.43 45.74
C2 PSU H 69 1.41 108.51 46.58
N3 PSU H 69 0.65 107.53 47.18
C4 PSU H 69 -0.70 107.48 46.92
C5 PSU H 69 -1.28 108.42 46.08
C6 PSU H 69 -0.48 109.38 45.48
O2 PSU H 69 2.61 108.56 46.81
O4 PSU H 69 -1.39 106.62 47.45
C1' PSU H 69 -2.73 108.37 45.74
C2' PSU H 69 -3.74 108.72 46.83
O2' PSU H 69 -4.76 107.75 46.84
C3' PSU H 69 -4.30 110.06 46.34
C4' PSU H 69 -4.18 109.95 44.83
O3' PSU H 69 -5.63 110.28 46.74
O4' PSU H 69 -2.99 109.17 44.61
C5' PSU H 69 -4.05 111.27 44.10
O5' PSU H 69 -2.87 111.93 44.49
P PSU H 69 -2.23 113.08 43.58
OP1 PSU H 69 -3.23 114.16 43.45
OP2 PSU H 69 -0.89 113.36 44.11
P OMG H 75 -4.48 87.98 57.72
OP1 OMG H 75 -4.52 86.63 57.02
OP2 OMG H 75 -5.62 88.96 57.48
O5' OMG H 75 -4.31 87.76 59.28
C5' OMG H 75 -4.92 86.66 59.93
C4' OMG H 75 -3.91 85.84 60.69
O4' OMG H 75 -3.14 85.04 59.75
C3' OMG H 75 -2.86 86.60 61.45
O3' OMG H 75 -3.32 87.09 62.69
C2' OMG H 75 -1.74 85.58 61.59
O2' OMG H 75 -2.04 84.65 62.61
CM2 OMG H 75 -1.19 83.53 62.65
C1' OMG H 75 -1.83 84.86 60.25
N9 OMG H 75 -0.87 85.37 59.26
C8 OMG H 75 -1.17 86.11 58.14
N7 OMG H 75 -0.11 86.39 57.45
C5 OMG H 75 0.92 85.82 58.13
C6 OMG H 75 2.31 85.80 57.85
O6 OMG H 75 2.91 86.30 56.92
N1 OMG H 75 3.01 85.08 58.82
C2 OMG H 75 2.45 84.48 59.91
N2 OMG H 75 3.29 83.84 60.73
N3 OMG H 75 1.18 84.50 60.16
C4 OMG H 75 0.47 85.17 59.25
N GLY I 1 3.51 38.87 2.06
CA GLY I 1 3.28 40.28 2.37
C GLY I 1 4.38 40.86 3.21
N ARG I 2 5.44 40.10 3.43
CA ARG I 2 6.55 40.50 4.26
C ARG I 2 7.82 40.52 3.43
N VAL I 3 8.68 41.52 3.67
CA VAL I 3 9.95 41.61 2.97
C VAL I 3 10.80 40.40 3.34
N ILE I 4 11.32 39.72 2.33
CA ILE I 4 11.95 38.43 2.53
C ILE I 4 13.42 38.62 2.89
N ARG I 5 14.00 37.56 3.42
CA ARG I 5 15.45 37.51 3.59
C ARG I 5 16.11 37.50 2.23
N GLY I 6 17.19 38.25 2.10
CA GLY I 6 17.80 38.44 0.80
C GLY I 6 17.39 39.78 0.26
N GLN I 7 16.11 40.11 0.42
CA GLN I 7 15.68 41.50 0.26
C GLN I 7 16.16 42.34 1.43
N ARG I 8 16.11 41.79 2.65
CA ARG I 8 16.58 42.52 3.82
C ARG I 8 18.10 42.69 3.84
N LYS I 9 18.84 41.97 2.99
CA LYS I 9 20.29 42.02 3.04
C LYS I 9 20.84 43.31 2.47
N GLY I 10 20.13 43.94 1.53
CA GLY I 10 20.63 45.16 0.92
C GLY I 10 20.56 46.37 1.82
N ALA I 11 19.65 46.36 2.80
CA ALA I 11 19.58 47.47 3.74
C ALA I 11 20.83 47.57 4.61
N GLY I 12 21.56 46.48 4.76
CA GLY I 12 22.87 46.49 5.39
C GLY I 12 22.93 46.25 6.87
N SER I 13 21.91 46.66 7.61
CA SER I 13 21.96 46.81 9.06
C SER I 13 22.65 45.66 9.79
N VAL I 14 22.06 44.48 9.72
CA VAL I 14 22.62 43.31 10.38
C VAL I 14 23.53 42.52 9.44
N PHE I 15 23.40 42.71 8.13
CA PHE I 15 24.13 41.93 7.15
C PHE I 15 25.37 42.64 6.63
N ARG I 16 25.87 43.63 7.36
CA ARG I 16 27.14 44.25 6.99
C ARG I 16 28.30 43.33 7.32
N ALA I 17 29.42 43.55 6.62
CA ALA I 17 30.60 42.73 6.82
C ALA I 17 31.23 43.01 8.18
N HIS I 18 31.83 41.97 8.76
CA HIS I 18 32.51 42.08 10.05
C HIS I 18 33.96 42.46 9.77
N VAL I 19 34.26 43.75 9.82
CA VAL I 19 35.55 44.26 9.40
C VAL I 19 36.34 44.84 10.56
N LYS I 20 36.01 44.45 11.80
CA LYS I 20 36.65 45.05 12.95
C LYS I 20 38.13 44.69 13.03
N HIS I 21 38.45 43.41 12.86
CA HIS I 21 39.81 42.94 13.05
C HIS I 21 40.55 42.69 11.75
N ARG I 22 39.97 43.11 10.63
CA ARG I 22 40.67 42.98 9.35
C ARG I 22 41.85 43.92 9.29
N LYS I 23 42.88 43.51 8.57
CA LYS I 23 44.18 44.17 8.59
C LYS I 23 44.31 45.28 7.55
N GLY I 24 43.28 45.51 6.75
CA GLY I 24 43.34 46.52 5.71
C GLY I 24 43.04 45.94 4.34
N ALA I 25 42.82 46.85 3.40
CA ALA I 25 42.56 46.45 2.03
C ALA I 25 43.84 45.97 1.37
N ALA I 26 43.82 44.74 0.86
CA ALA I 26 44.99 44.16 0.22
C ALA I 26 45.06 44.65 -1.22
N ARG I 27 46.13 45.38 -1.54
CA ARG I 27 46.24 46.04 -2.83
C ARG I 27 47.68 46.08 -3.27
N LEU I 28 47.89 46.18 -4.58
CA LEU I 28 49.20 46.52 -5.10
C LEU I 28 49.50 47.99 -4.80
N ARG I 29 50.77 48.36 -4.90
CA ARG I 29 51.10 49.76 -4.74
C ARG I 29 50.66 50.53 -5.97
N ALA I 30 50.30 51.80 -5.75
CA ALA I 30 49.79 52.63 -6.83
C ALA I 30 50.87 52.84 -7.88
N VAL I 31 50.46 52.82 -9.15
CA VAL I 31 51.41 52.93 -10.24
C VAL I 31 51.99 54.33 -10.27
N ASP I 32 53.31 54.41 -10.49
CA ASP I 32 54.01 55.68 -10.50
C ASP I 32 55.16 55.58 -11.50
N PHE I 33 56.10 56.50 -11.41
CA PHE I 33 57.21 56.54 -12.35
C PHE I 33 58.07 55.29 -12.28
N ALA I 34 58.36 54.82 -11.06
CA ALA I 34 59.19 53.64 -10.90
C ALA I 34 58.51 52.40 -11.47
N GLU I 35 57.22 52.25 -11.21
CA GLU I 35 56.46 51.15 -11.82
C GLU I 35 56.48 51.25 -13.34
N ARG I 36 56.28 52.46 -13.85
CA ARG I 36 56.05 52.66 -15.27
C ARG I 36 57.30 52.54 -16.10
N HIS I 37 58.47 52.86 -15.54
CA HIS I 37 59.70 52.91 -16.32
C HIS I 37 60.79 51.97 -15.85
N GLY I 38 60.81 51.58 -14.59
CA GLY I 38 61.86 50.69 -14.12
C GLY I 38 61.33 49.66 -13.15
N TYR I 39 61.98 49.53 -12.00
CA TYR I 39 61.47 48.71 -10.92
C TYR I 39 61.84 49.36 -9.60
N ILE I 40 61.07 49.04 -8.57
CA ILE I 40 61.33 49.46 -7.21
C ILE I 40 61.39 48.22 -6.34
N LYS I 41 62.34 48.18 -5.41
CA LYS I 41 62.58 47.03 -4.57
C LYS I 41 61.93 47.24 -3.20
N GLY I 42 61.20 46.23 -2.74
CA GLY I 42 60.67 46.22 -1.40
C GLY I 42 61.05 44.94 -0.70
N ILE I 43 60.90 44.94 0.62
CA ILE I 43 61.25 43.79 1.44
C ILE I 43 59.99 43.28 2.12
N VAL I 44 59.80 41.97 2.11
CA VAL I 44 58.64 41.35 2.75
C VAL I 44 58.91 41.33 4.25
N LYS I 45 58.36 42.30 4.97
CA LYS I 45 58.58 42.37 6.40
C LYS I 45 57.72 41.37 7.17
N ASP I 46 56.52 41.07 6.70
CA ASP I 46 55.68 40.16 7.47
C ASP I 46 54.73 39.40 6.55
N ILE I 47 54.25 38.27 7.06
CA ILE I 47 53.17 37.51 6.45
C ILE I 47 52.15 37.23 7.55
N ILE I 48 50.92 37.69 7.37
CA ILE I 48 49.92 37.73 8.42
C ILE I 48 48.62 37.10 7.94
N HIS I 49 47.76 36.78 8.90
CA HIS I 49 46.46 36.19 8.65
C HIS I 49 45.41 37.29 8.71
N ASP I 50 44.68 37.49 7.61
CA ASP I 50 43.60 38.46 7.58
C ASP I 50 42.29 37.75 7.90
N PRO I 51 41.57 38.14 8.95
CA PRO I 51 40.29 37.50 9.25
C PRO I 51 39.30 37.67 8.10
N GLY I 52 38.55 36.61 7.84
CA GLY I 52 37.53 36.62 6.82
C GLY I 52 37.99 36.15 5.46
N ARG I 53 39.29 36.06 5.22
CA ARG I 53 39.80 35.56 3.95
C ARG I 53 40.78 34.44 4.23
N GLY I 54 40.90 33.52 3.27
CA GLY I 54 41.78 32.39 3.43
C GLY I 54 43.19 32.68 2.98
N ALA I 55 43.36 33.70 2.16
CA ALA I 55 44.68 34.05 1.65
C ALA I 55 45.47 34.80 2.72
N PRO I 56 46.71 34.41 2.99
CA PRO I 56 47.57 35.24 3.83
C PRO I 56 47.91 36.54 3.13
N LEU I 57 48.14 37.57 3.93
CA LEU I 57 48.55 38.86 3.41
C LEU I 57 50.04 39.06 3.67
N ALA I 58 50.68 39.80 2.78
CA ALA I 58 52.12 40.06 2.87
C ALA I 58 52.31 41.55 3.13
N LYS I 59 52.85 41.89 4.29
CA LYS I 59 53.25 43.25 4.61
C LYS I 59 54.63 43.49 4.02
N VAL I 60 54.69 44.35 3.01
CA VAL I 60 55.91 44.62 2.24
C VAL I 60 56.24 46.09 2.37
N VAL I 61 57.49 46.41 2.68
CA VAL I 61 57.94 47.78 2.90
C VAL I 61 58.78 48.23 1.71
N PHE I 62 58.41 49.36 1.14
CA PHE I 62 59.15 50.01 0.06
C PHE I 62 59.75 51.32 0.54
N ARG I 63 60.57 51.91 -0.31
CA ARG I 63 61.11 53.25 -0.10
C ARG I 63 60.33 54.24 -0.92
N ASP I 64 60.01 55.38 -0.33
CA ASP I 64 59.35 56.44 -1.08
C ASP I 64 60.36 57.09 -2.01
N PRO I 65 60.10 57.14 -3.33
CA PRO I 65 61.09 57.69 -4.25
C PRO I 65 61.23 59.20 -4.18
N TYR I 66 60.29 59.91 -3.58
CA TYR I 66 60.29 61.37 -3.63
C TYR I 66 60.55 62.03 -2.29
N ARG I 67 60.36 61.33 -1.18
CA ARG I 67 60.67 61.90 0.12
C ARG I 67 61.22 60.82 1.02
N PHE I 68 61.93 61.25 2.06
CA PHE I 68 62.55 60.33 2.99
C PHE I 68 61.49 59.71 3.90
N LYS I 69 60.98 58.55 3.50
CA LYS I 69 59.92 57.89 4.25
C LYS I 69 59.87 56.44 3.79
N LYS I 70 59.26 55.59 4.61
CA LYS I 70 59.06 54.19 4.28
C LYS I 70 57.58 53.95 4.00
N ARG I 71 57.29 53.30 2.88
CA ARG I 71 55.93 53.02 2.48
C ARG I 71 55.64 51.54 2.69
N THR I 72 54.61 51.25 3.47
CA THR I 72 54.23 49.89 3.79
C THR I 72 53.01 49.49 2.96
N GLU I 73 53.12 48.39 2.24
CA GLU I 73 52.03 47.85 1.43
C GLU I 73 51.51 46.57 2.05
N LEU I 74 50.36 46.14 1.56
CA LEU I 74 49.64 44.98 2.06
C LEU I 74 49.31 44.03 0.92
N PHE I 75 50.33 43.62 0.19
CA PHE I 75 50.16 42.73 -0.95
C PHE I 75 49.47 41.44 -0.54
N ILE I 76 48.78 40.82 -1.49
CA ILE I 76 48.27 39.47 -1.30
C ILE I 76 49.43 38.50 -1.52
N ALA I 77 49.68 37.64 -0.53
CA ALA I 77 50.86 36.80 -0.53
C ALA I 77 50.73 35.71 -1.57
N ALA I 78 51.58 35.74 -2.60
CA ALA I 78 51.71 34.62 -3.50
C ALA I 78 52.45 33.50 -2.81
N GLU I 79 52.05 32.26 -3.09
CA GLU I 79 52.62 31.12 -2.38
C GLU I 79 54.08 30.94 -2.74
N GLY I 80 54.91 30.77 -1.71
CA GLY I 80 56.33 30.63 -1.88
C GLY I 80 57.14 31.80 -1.34
N ILE I 81 56.53 32.95 -1.15
CA ILE I 81 57.25 34.10 -0.64
C ILE I 81 57.46 33.95 0.86
N HIS I 82 58.52 34.56 1.37
CA HIS I 82 58.89 34.44 2.76
C HIS I 82 59.36 35.80 3.26
N THR I 83 59.40 35.94 4.58
CA THR I 83 59.87 37.18 5.17
C THR I 83 61.37 37.34 4.92
N GLY I 84 61.79 38.58 4.76
CA GLY I 84 63.16 38.86 4.41
C GLY I 84 63.47 38.71 2.94
N GLN I 85 62.47 38.45 2.11
CA GLN I 85 62.66 38.32 0.68
C GLN I 85 62.48 39.68 0.01
N PHE I 86 63.27 39.93 -1.02
CA PHE I 86 63.14 41.13 -1.82
C PHE I 86 62.17 40.86 -2.96
N VAL I 87 61.13 41.69 -3.07
CA VAL I 87 60.23 41.66 -4.21
C VAL I 87 60.48 42.93 -5.01
N TYR I 88 60.20 42.85 -6.32
CA TYR I 88 60.49 43.94 -7.23
C TYR I 88 59.23 44.24 -8.03
N CYS I 89 58.88 45.52 -8.11
CA CYS I 89 57.64 45.93 -8.74
C CYS I 89 57.95 46.94 -9.82
N GLY I 90 57.53 46.67 -11.04
CA GLY I 90 57.71 47.63 -12.12
C GLY I 90 57.78 46.93 -13.45
N LYS I 91 58.02 47.74 -14.48
CA LYS I 91 58.08 47.21 -15.84
C LYS I 91 59.32 46.35 -16.05
N LYS I 92 60.45 46.73 -15.46
CA LYS I 92 61.70 46.03 -15.65
C LYS I 92 61.94 44.93 -14.62
N ALA I 93 60.96 44.61 -13.80
CA ALA I 93 61.11 43.52 -12.85
C ALA I 93 61.18 42.19 -13.59
N GLN I 94 61.87 41.23 -12.98
CA GLN I 94 62.07 39.92 -13.58
C GLN I 94 60.95 38.97 -13.18
N LEU I 95 60.84 37.86 -13.91
CA LEU I 95 59.84 36.83 -13.62
C LEU I 95 60.26 36.03 -12.42
N ASN I 96 59.77 36.42 -11.25
CA ASN I 96 59.98 35.63 -10.05
C ASN I 96 58.70 35.69 -9.22
N ILE I 97 58.53 34.67 -8.38
CA ILE I 97 57.34 34.60 -7.54
C ILE I 97 57.32 35.79 -6.60
N GLY I 98 56.26 36.58 -6.65
CA GLY I 98 56.09 37.74 -5.82
C GLY I 98 56.36 39.06 -6.50
N ASN I 99 57.04 39.05 -7.65
CA ASN I 99 57.28 40.28 -8.38
C ASN I 99 55.99 40.77 -9.04
N VAL I 100 55.88 42.08 -9.19
CA VAL I 100 54.73 42.71 -9.84
C VAL I 100 55.24 43.41 -11.09
N LEU I 101 54.65 43.07 -12.23
CA LEU I 101 55.08 43.61 -13.50
C LEU I 101 53.91 43.53 -14.48
N PRO I 102 53.89 44.37 -15.51
CA PRO I 102 52.74 44.39 -16.42
C PRO I 102 52.61 43.09 -17.19
N VAL I 103 51.37 42.75 -17.54
CA VAL I 103 51.12 41.50 -18.24
C VAL I 103 51.74 41.51 -19.62
N GLY I 104 51.79 42.67 -20.29
CA GLY I 104 52.33 42.74 -21.63
C GLY I 104 53.79 42.36 -21.71
N THR I 105 54.52 42.50 -20.62
CA THR I 105 55.93 42.12 -20.57
C THR I 105 56.12 40.68 -20.15
N MET I 106 55.06 39.92 -19.99
CA MET I 106 55.14 38.55 -19.55
C MET I 106 54.97 37.59 -20.72
N PRO I 107 55.57 36.39 -20.64
CA PRO I 107 55.46 35.45 -21.75
C PRO I 107 54.07 34.89 -21.96
N GLU I 108 53.92 33.98 -22.92
CA GLU I 108 52.63 33.54 -23.40
C GLU I 108 52.01 32.43 -22.55
N GLY I 109 52.67 31.99 -21.50
CA GLY I 109 52.10 30.92 -20.71
C GLY I 109 52.21 31.13 -19.21
N THR I 110 52.72 32.30 -18.82
CA THR I 110 52.92 32.59 -17.41
C THR I 110 51.58 32.69 -16.69
N ILE I 111 51.62 32.52 -15.38
CA ILE I 111 50.40 32.67 -14.60
C ILE I 111 50.66 33.66 -13.48
N VAL I 112 49.57 34.30 -13.05
CA VAL I 112 49.64 35.52 -12.26
C VAL I 112 48.64 35.43 -11.12
N CYS I 113 48.84 36.30 -10.13
CA CYS I 113 48.15 36.20 -8.86
C CYS I 113 47.15 37.33 -8.64
N CYS I 114 47.57 38.58 -8.64
CA CYS I 114 46.69 39.69 -8.25
C CYS I 114 46.58 40.60 -9.46
N LEU I 115 45.67 40.26 -10.36
CA LEU I 115 45.58 40.91 -11.65
C LEU I 115 44.70 42.15 -11.57
N GLU I 116 45.07 43.18 -12.31
CA GLU I 116 44.30 44.40 -12.40
C GLU I 116 43.22 44.27 -13.47
N GLU I 117 41.99 44.64 -13.12
CA GLU I 117 40.92 44.64 -14.11
C GLU I 117 41.09 45.80 -15.10
N LYS I 118 41.57 46.93 -14.62
CA LYS I 118 41.80 48.11 -15.44
C LYS I 118 43.25 48.56 -15.28
N PRO I 119 43.81 49.21 -16.27
CA PRO I 119 45.21 49.62 -16.17
C PRO I 119 45.41 50.78 -15.22
N GLY I 120 45.65 50.50 -13.95
CA GLY I 120 45.98 51.54 -13.01
C GLY I 120 45.38 51.36 -11.63
N ASP I 121 44.26 50.65 -11.52
CA ASP I 121 43.76 50.31 -10.21
C ASP I 121 44.67 49.27 -9.58
N ARG I 122 44.37 48.86 -8.37
CA ARG I 122 45.18 47.83 -7.76
C ARG I 122 44.63 46.46 -8.20
N GLY I 123 45.14 45.38 -7.62
CA GLY I 123 44.73 44.07 -8.07
C GLY I 123 43.25 43.82 -7.82
N LYS I 124 42.61 43.14 -8.77
CA LYS I 124 41.19 42.83 -8.66
C LYS I 124 40.84 41.38 -8.96
N LEU I 125 41.67 40.64 -9.69
CA LEU I 125 41.32 39.31 -10.15
C LEU I 125 42.25 38.28 -9.54
N ALA I 126 41.71 37.07 -9.37
CA ALA I 126 42.45 35.92 -8.84
C ALA I 126 43.00 36.18 -7.44
N ARG I 127 42.22 36.88 -6.62
CA ARG I 127 42.67 37.24 -5.28
C ARG I 127 42.39 36.18 -4.23
N ALA I 128 41.36 35.35 -4.43
CA ALA I 128 41.03 34.33 -3.44
C ALA I 128 42.06 33.22 -3.42
N SER I 129 42.22 32.60 -2.26
CA SER I 129 43.34 31.69 -2.01
C SER I 129 43.34 30.52 -2.97
N GLY I 130 44.54 30.18 -3.46
CA GLY I 130 44.73 29.10 -4.39
C GLY I 130 44.47 29.45 -5.85
N ASN I 131 43.93 30.63 -6.13
CA ASN I 131 43.49 30.96 -7.46
C ASN I 131 44.57 31.69 -8.23
N TYR I 132 44.47 31.64 -9.56
CA TYR I 132 45.45 32.28 -10.41
C TYR I 132 44.81 32.53 -11.78
N ALA I 133 45.38 33.46 -12.51
CA ALA I 133 45.00 33.70 -13.90
C ALA I 133 46.17 33.32 -14.79
N THR I 134 45.89 33.11 -16.06
CA THR I 134 46.91 32.71 -17.02
C THR I 134 47.00 33.71 -18.16
N VAL I 135 48.20 34.17 -18.47
CA VAL I 135 48.38 35.06 -19.61
C VAL I 135 48.43 34.19 -20.87
N ILE I 136 47.38 34.27 -21.69
CA ILE I 136 47.31 33.46 -22.90
C ILE I 136 48.05 34.12 -24.04
N SER I 137 47.61 35.32 -24.44
CA SER I 137 48.11 35.86 -25.69
C SER I 137 48.29 37.37 -25.59
N HIS I 138 49.02 37.91 -26.57
CA HIS I 138 49.28 39.35 -26.65
C HIS I 138 49.02 39.81 -28.08
N ASN I 139 48.80 41.12 -28.22
CA ASN I 139 49.10 41.73 -29.51
C ASN I 139 49.75 43.08 -29.27
N PRO I 140 50.98 43.28 -29.74
CA PRO I 140 51.67 44.56 -29.51
C PRO I 140 50.91 45.76 -30.02
N GLU I 141 50.25 45.65 -31.17
CA GLU I 141 49.32 46.67 -31.60
C GLU I 141 48.03 46.56 -30.79
N THR I 142 47.43 47.71 -30.51
CA THR I 142 46.27 47.90 -29.63
C THR I 142 46.58 47.61 -28.17
N LYS I 143 47.77 47.12 -27.85
CA LYS I 143 48.25 46.97 -26.46
C LYS I 143 47.30 46.13 -25.62
N LYS I 144 46.91 44.99 -26.15
CA LYS I 144 45.93 44.13 -25.49
C LYS I 144 46.54 42.77 -25.17
N THR I 145 46.07 42.18 -24.08
CA THR I 145 46.49 40.87 -23.61
C THR I 145 45.26 40.07 -23.27
N ARG I 146 45.18 38.86 -23.79
CA ARG I 146 44.12 37.93 -23.45
C ARG I 146 44.59 37.02 -22.33
N VAL I 147 43.76 36.87 -21.29
CA VAL I 147 44.06 36.07 -20.13
C VAL I 147 42.88 35.17 -19.82
N LYS I 148 43.16 34.10 -19.06
CA LYS I 148 42.17 33.16 -18.59
C LYS I 148 41.99 33.33 -17.09
N LEU I 149 40.75 33.55 -16.67
CA LEU I 149 40.42 33.81 -15.29
C LEU I 149 40.16 32.50 -14.55
N PRO I 150 40.14 32.53 -13.21
CA PRO I 150 39.85 31.30 -12.46
C PRO I 150 38.54 30.64 -12.81
N SER I 151 37.53 31.41 -13.24
CA SER I 151 36.27 30.79 -13.64
C SER I 151 36.37 30.08 -14.98
N GLY I 152 37.49 30.22 -15.68
CA GLY I 152 37.63 29.65 -17.01
C GLY I 152 37.26 30.61 -18.12
N SER I 153 36.73 31.78 -17.80
CA SER I 153 36.39 32.75 -18.82
C SER I 153 37.66 33.38 -19.39
N LYS I 154 37.52 33.93 -20.59
CA LYS I 154 38.61 34.58 -21.29
C LYS I 154 38.35 36.08 -21.30
N LYS I 155 39.34 36.87 -20.92
CA LYS I 155 39.17 38.30 -20.81
C LYS I 155 40.30 39.03 -21.51
N VAL I 156 39.96 40.06 -22.26
CA VAL I 156 40.94 40.91 -22.92
C VAL I 156 41.12 42.16 -22.08
N ILE I 157 42.36 42.41 -21.66
CA ILE I 157 42.70 43.52 -20.78
C ILE I 157 43.84 44.29 -21.42
N SER I 158 44.13 45.46 -20.87
CA SER I 158 45.26 46.24 -21.36
C SER I 158 46.56 45.59 -20.97
N SER I 159 47.57 45.74 -21.82
CA SER I 159 48.88 45.17 -21.54
C SER I 159 49.58 45.87 -20.37
N ALA I 160 49.09 47.02 -19.93
CA ALA I 160 49.68 47.74 -18.82
C ALA I 160 49.17 47.28 -17.46
N ASN I 161 48.20 46.37 -17.43
CA ASN I 161 47.73 45.84 -16.16
C ASN I 161 48.82 45.05 -15.47
N ARG I 162 49.02 45.32 -14.18
CA ARG I 162 50.04 44.66 -13.40
C ARG I 162 49.47 43.46 -12.66
N ALA I 163 50.35 42.53 -12.31
CA ALA I 163 49.94 41.34 -11.59
C ALA I 163 51.14 40.76 -10.87
N VAL I 164 50.86 39.97 -9.85
CA VAL I 164 51.89 39.27 -9.09
C VAL I 164 52.12 37.91 -9.72
N VAL I 165 53.37 37.55 -9.93
CA VAL I 165 53.71 36.26 -10.51
C VAL I 165 53.53 35.17 -9.47
N GLY I 166 52.85 34.10 -9.85
CA GLY I 166 52.65 32.96 -8.99
C GLY I 166 51.19 32.75 -8.64
N VAL I 167 50.96 31.75 -7.81
CA VAL I 167 49.63 31.47 -7.31
C VAL I 167 49.53 32.04 -5.90
N VAL I 168 48.34 32.52 -5.55
CA VAL I 168 48.12 33.04 -4.20
C VAL I 168 48.16 31.90 -3.19
N ALA I 169 48.79 32.16 -2.05
CA ALA I 169 48.91 31.18 -0.99
C ALA I 169 47.54 30.85 -0.41
N GLY I 170 47.51 29.89 0.49
CA GLY I 170 46.27 29.42 1.05
C GLY I 170 45.78 28.11 0.49
N GLY I 171 46.45 27.58 -0.54
CA GLY I 171 46.31 26.20 -0.97
C GLY I 171 44.90 25.70 -1.17
N GLY I 172 44.69 24.40 -0.96
CA GLY I 172 43.39 23.80 -1.14
C GLY I 172 42.55 23.85 0.12
N ARG I 173 42.22 25.07 0.55
CA ARG I 173 41.48 25.25 1.80
C ARG I 173 40.13 24.56 1.77
N ILE I 174 39.49 24.49 0.60
CA ILE I 174 38.18 23.85 0.49
C ILE I 174 38.26 22.33 0.48
N ASP I 175 39.45 21.75 0.53
CA ASP I 175 39.56 20.29 0.53
C ASP I 175 39.07 19.70 1.86
N LYS I 176 39.38 20.35 2.96
CA LYS I 176 39.05 19.82 4.27
C LYS I 176 37.56 19.94 4.53
N PRO I 177 36.86 18.85 4.84
CA PRO I 177 35.47 18.98 5.27
C PRO I 177 35.37 19.77 6.57
N ILE I 178 34.33 20.60 6.66
CA ILE I 178 34.16 21.43 7.84
C ILE I 178 33.79 20.58 9.05
N LEU I 179 32.93 19.58 8.84
CA LEU I 179 32.58 18.52 9.78
C LEU I 179 31.68 18.99 10.93
N LYS I 180 31.55 20.29 11.14
CA LYS I 180 30.87 20.74 12.34
C LYS I 180 30.15 22.04 12.08
N ALA I 181 28.90 22.10 12.53
CA ALA I 181 28.15 23.34 12.52
C ALA I 181 28.88 24.41 13.31
N GLY I 182 29.60 24.03 14.35
CA GLY I 182 30.38 25.01 15.09
C GLY I 182 31.53 25.58 14.29
N ARG I 183 32.22 24.73 13.52
CA ARG I 183 33.29 25.22 12.68
C ARG I 183 32.76 26.15 11.60
N ALA I 184 31.59 25.82 11.04
CA ALA I 184 30.96 26.73 10.08
C ALA I 184 30.57 28.04 10.74
N TYR I 185 30.09 27.98 11.99
CA TYR I 185 29.73 29.17 12.73
C TYR I 185 30.92 30.08 12.93
N HIS I 186 32.05 29.50 13.34
CA HIS I 186 33.26 30.29 13.51
C HIS I 186 33.78 30.82 12.19
N LYS I 187 33.59 30.07 11.11
CA LYS I 187 34.02 30.55 9.80
C LYS I 187 33.25 31.79 9.39
N TYR I 188 31.93 31.77 9.55
CA TYR I 188 31.13 32.88 9.06
C TYR I 188 31.00 34.02 10.05
N LYS I 189 31.32 33.79 11.33
CA LYS I 189 31.33 34.87 12.30
C LYS I 189 32.38 35.90 11.97
N ALA I 190 33.48 35.47 11.35
CA ALA I 190 34.51 36.39 10.92
C ALA I 190 34.21 37.05 9.59
N LYS I 191 33.11 36.68 8.93
CA LYS I 191 32.80 37.22 7.61
C LYS I 191 31.55 38.10 7.63
N ARG I 192 30.39 37.55 7.97
CA ARG I 192 29.14 38.31 7.92
C ARG I 192 28.02 37.41 8.44
N ASN I 193 26.84 37.99 8.59
CA ASN I 193 25.68 37.28 9.13
C ASN I 193 24.94 36.62 7.98
N CYS I 194 25.42 35.44 7.58
CA CYS I 194 24.77 34.73 6.48
C CYS I 194 24.59 33.24 6.71
N TRP I 195 25.15 32.66 7.78
CA TRP I 195 25.38 31.21 7.75
C TRP I 195 24.15 30.37 8.02
N PRO I 196 23.47 30.47 9.18
CA PRO I 196 22.37 29.53 9.40
C PRO I 196 21.26 29.85 8.44
N ARG I 197 21.12 29.01 7.43
CA ARG I 197 20.30 29.31 6.26
C ARG I 197 19.05 28.46 6.34
N VAL I 198 17.90 29.11 6.49
CA VAL I 198 16.63 28.43 6.57
C VAL I 198 16.10 28.23 5.17
N ARG I 199 15.68 27.01 4.86
CA ARG I 199 15.09 26.74 3.55
C ARG I 199 13.78 27.49 3.39
N GLY I 200 13.55 27.99 2.18
CA GLY I 200 12.33 28.73 1.91
C GLY I 200 11.08 27.88 2.01
N VAL I 201 11.19 26.60 1.64
CA VAL I 201 10.05 25.69 1.76
C VAL I 201 9.65 25.49 3.21
N ALA I 202 10.57 25.69 4.14
CA ALA I 202 10.29 25.57 5.57
C ALA I 202 9.68 26.83 6.15
N MET I 203 9.47 27.86 5.35
CA MET I 203 8.91 29.12 5.80
C MET I 203 7.41 29.16 5.53
N ASN I 204 6.78 30.22 6.01
CA ASN I 204 5.39 30.52 5.73
C ASN I 204 5.29 31.32 4.44
N PRO I 205 4.12 31.33 3.78
CA PRO I 205 4.01 32.06 2.50
C PRO I 205 4.24 33.56 2.61
N VAL I 206 4.14 34.12 3.80
CA VAL I 206 4.25 35.57 3.93
C VAL I 206 5.68 36.04 3.73
N GLU I 207 6.68 35.26 4.14
CA GLU I 207 8.06 35.71 4.01
C GLU I 207 8.86 34.97 2.94
N HIS I 208 8.21 34.15 2.11
CA HIS I 208 8.95 33.53 1.02
C HIS I 208 8.01 33.10 -0.08
N PRO I 209 8.44 33.19 -1.35
CA PRO I 209 7.62 32.61 -2.43
C PRO I 209 7.42 31.13 -2.31
N PHE I 210 8.38 30.40 -1.75
CA PHE I 210 8.29 28.95 -1.65
C PHE I 210 7.63 28.48 -0.37
N GLY I 211 7.24 29.38 0.51
CA GLY I 211 6.71 28.99 1.79
C GLY I 211 5.29 28.45 1.70
N GLY I 212 4.90 27.73 2.75
CA GLY I 212 3.54 27.26 2.86
C GLY I 212 3.31 25.87 2.30
N GLY I 213 2.09 25.42 2.46
CA GLY I 213 1.68 24.11 2.00
C GLY I 213 1.69 23.09 3.12
N ASN I 214 0.83 22.08 2.98
CA ASN I 214 0.78 21.01 3.97
C ASN I 214 1.95 20.04 3.83
N HIS I 215 2.59 20.01 2.66
CA HIS I 215 3.85 19.32 2.47
C HIS I 215 4.90 20.34 2.06
N GLN I 216 6.15 20.10 2.47
CA GLN I 216 7.26 20.99 2.12
C GLN I 216 7.61 20.75 0.65
N HIS I 217 6.88 21.43 -0.22
CA HIS I 217 7.13 21.38 -1.65
C HIS I 217 7.16 22.81 -2.18
N ILE I 218 7.90 23.00 -3.27
CA ILE I 218 8.03 24.33 -3.85
C ILE I 218 6.71 24.76 -4.48
N GLY I 219 6.09 23.87 -5.25
CA GLY I 219 4.79 24.13 -5.84
C GLY I 219 4.80 24.92 -7.12
N LYS I 220 5.92 25.54 -7.47
CA LYS I 220 6.08 26.29 -8.70
C LYS I 220 7.49 26.00 -9.21
N PRO I 221 7.74 26.21 -10.49
CA PRO I 221 9.10 25.99 -11.01
C PRO I 221 10.13 26.85 -10.28
N SER I 222 11.18 26.19 -9.77
CA SER I 222 12.19 26.90 -9.02
C SER I 222 13.07 27.77 -9.90
N THR I 223 13.11 27.51 -11.21
CA THR I 223 13.80 28.40 -12.13
C THR I 223 12.96 29.66 -12.32
N ILE I 224 13.60 30.81 -12.16
CA ILE I 224 12.91 32.09 -12.19
C ILE I 224 13.58 32.99 -13.21
N ARG I 225 12.79 33.81 -13.89
CA ARG I 225 13.30 34.64 -14.96
C ARG I 225 14.24 35.71 -14.42
N ARG I 226 15.05 36.27 -15.33
CA ARG I 226 16.03 37.26 -14.91
C ARG I 226 15.37 38.54 -14.43
N ASP I 227 14.35 39.01 -15.13
CA ASP I 227 13.70 40.27 -14.81
C ASP I 227 12.59 40.12 -13.78
N ALA I 228 12.61 39.07 -12.98
CA ALA I 228 11.66 38.96 -11.90
C ALA I 228 11.91 40.06 -10.87
N PRO I 229 10.87 40.59 -10.25
CA PRO I 229 11.06 41.61 -9.22
C PRO I 229 11.74 41.04 -7.99
N ALA I 230 12.44 41.91 -7.27
CA ALA I 230 13.03 41.51 -6.00
C ALA I 230 11.93 41.13 -5.02
N GLY I 231 12.18 40.07 -4.27
CA GLY I 231 11.14 39.44 -3.48
C GLY I 231 10.49 38.26 -4.16
N ARG I 232 10.75 38.06 -5.44
CA ARG I 232 10.27 36.92 -6.19
C ARG I 232 11.38 36.06 -6.76
N LYS I 233 12.46 36.66 -7.25
CA LYS I 233 13.52 35.86 -7.87
C LYS I 233 14.32 35.17 -6.77
N VAL I 234 13.80 34.02 -6.35
CA VAL I 234 14.49 33.11 -5.47
C VAL I 234 14.55 31.76 -6.17
N GLY I 235 15.49 30.93 -5.74
CA GLY I 235 15.70 29.66 -6.39
C GLY I 235 16.79 29.76 -7.43
N LEU I 236 16.58 29.15 -8.60
CA LEU I 236 17.58 29.15 -9.66
C LEU I 236 17.30 30.33 -10.58
N ILE I 237 18.15 31.33 -10.50
CA ILE I 237 17.90 32.62 -11.15
C ILE I 237 18.42 32.56 -12.57
N ALA I 238 17.51 32.69 -13.54
CA ALA I 238 17.85 32.76 -14.97
C ALA I 238 18.70 31.56 -15.39
N ALA I 239 18.31 30.38 -14.92
CA ALA I 239 19.10 29.19 -15.15
C ALA I 239 19.03 28.76 -16.60
N ARG I 240 20.20 28.56 -17.22
CA ARG I 240 20.24 28.07 -18.58
C ARG I 240 19.87 26.60 -18.65
N ARG I 241 20.12 25.86 -17.57
CA ARG I 241 19.82 24.44 -17.49
C ARG I 241 19.77 24.06 -16.03
N THR I 242 19.19 22.89 -15.76
CA THR I 242 19.19 22.31 -14.42
C THR I 242 19.58 20.84 -14.54
N GLY I 243 19.85 20.22 -13.40
CA GLY I 243 20.07 18.80 -13.42
C GLY I 243 21.36 18.34 -12.78
N ARG I 244 22.21 17.67 -13.55
CA ARG I 244 23.36 16.97 -12.99
C ARG I 244 24.69 17.33 -13.63
N LEU I 245 24.70 18.02 -14.77
CA LEU I 245 25.92 18.39 -15.49
C LEU I 245 26.74 17.14 -15.86
N ARG I 246 26.15 16.36 -16.76
CA ARG I 246 26.78 15.15 -17.25
C ARG I 246 27.39 15.45 -18.63
N GLY I 247 28.70 15.69 -18.66
CA GLY I 247 29.37 15.91 -19.92
C GLY I 247 30.39 17.03 -19.90
N THR I 248 30.21 18.03 -19.05
CA THR I 248 31.13 19.15 -18.96
C THR I 248 31.04 19.86 -17.62
N SER J 1 -28.16 5.68 31.14
CA SER J 1 -27.98 4.30 30.73
C SER J 1 -27.58 3.44 31.92
N HIS J 2 -27.74 2.13 31.77
CA HIS J 2 -27.44 1.21 32.85
C HIS J 2 -25.95 1.19 33.15
N ARG J 3 -25.62 0.90 34.40
CA ARG J 3 -24.21 0.71 34.74
C ARG J 3 -23.67 -0.54 34.07
N LYS J 4 -22.40 -0.47 33.68
CA LYS J 4 -21.86 -1.44 32.73
C LYS J 4 -21.76 -2.84 33.33
N PHE J 5 -21.38 -2.93 34.60
CA PHE J 5 -21.32 -4.21 35.30
C PHE J 5 -22.10 -4.13 36.60
N SER J 6 -22.69 -5.25 36.97
CA SER J 6 -23.47 -5.31 38.20
C SER J 6 -22.57 -5.43 39.41
N ALA J 7 -22.95 -4.75 40.49
CA ALA J 7 -22.22 -4.83 41.73
C ALA J 7 -23.22 -4.63 42.86
N PRO J 8 -23.13 -5.41 43.93
CA PRO J 8 -24.04 -5.22 45.07
C PRO J 8 -23.80 -3.90 45.77
N ARG J 9 -24.85 -3.42 46.42
CA ARG J 9 -24.83 -2.13 47.08
C ARG J 9 -23.90 -2.14 48.29
N HIS J 10 -23.21 -1.02 48.51
CA HIS J 10 -22.35 -0.87 49.68
C HIS J 10 -23.19 -0.49 50.90
N GLY J 11 -23.17 -1.32 51.92
CA GLY J 11 -23.85 -1.01 53.15
C GLY J 11 -25.32 -1.40 53.12
N SER J 12 -25.93 -1.40 54.29
CA SER J 12 -27.31 -1.80 54.45
C SER J 12 -28.19 -0.58 54.71
N LEU J 13 -29.35 -0.55 54.06
CA LEU J 13 -30.33 0.50 54.29
C LEU J 13 -31.21 0.21 55.50
N GLY J 14 -31.01 -0.92 56.17
CA GLY J 14 -31.76 -1.23 57.37
C GLY J 14 -31.25 -0.53 58.61
N PHE J 15 -30.16 0.22 58.50
CA PHE J 15 -29.59 0.98 59.60
C PHE J 15 -29.37 2.42 59.20
N LEU J 16 -30.23 2.97 58.33
CA LEU J 16 -29.94 4.27 57.73
C LEU J 16 -29.75 5.44 58.67
N PRO J 17 -30.51 5.62 59.75
CA PRO J 17 -30.18 6.74 60.63
C PRO J 17 -28.84 6.50 61.29
N ARG J 18 -27.78 6.63 60.50
CA ARG J 18 -26.43 6.31 60.92
C ARG J 18 -25.89 7.43 61.80
N LYS J 19 -26.54 7.57 62.95
CA LYS J 19 -26.38 8.69 63.85
C LYS J 19 -25.91 8.19 65.21
N ARG J 20 -25.42 9.12 66.03
CA ARG J 20 -25.11 8.80 67.41
C ARG J 20 -26.37 8.34 68.12
N SER J 21 -26.27 7.23 68.83
CA SER J 21 -27.41 6.71 69.56
C SER J 21 -27.87 7.70 70.61
N SER J 22 -29.18 7.90 70.70
CA SER J 22 -29.74 8.80 71.70
C SER J 22 -29.62 8.25 73.10
N ARG J 23 -29.24 6.99 73.26
CA ARG J 23 -29.10 6.37 74.56
C ARG J 23 -27.71 5.76 74.67
N HIS J 24 -27.25 5.60 75.90
CA HIS J 24 -25.97 4.96 76.18
C HIS J 24 -26.13 3.53 76.64
N ARG J 25 -27.29 3.17 77.20
CA ARG J 25 -27.47 1.86 77.81
C ARG J 25 -27.74 0.79 76.77
N GLY J 26 -28.66 1.04 75.85
CA GLY J 26 -29.09 0.02 74.92
C GLY J 26 -30.37 -0.63 75.37
N LYS J 27 -31.48 -0.25 74.77
CA LYS J 27 -32.77 -0.72 75.25
C LYS J 27 -33.21 -1.96 74.47
N VAL J 28 -34.08 -2.74 75.13
CA VAL J 28 -34.39 -4.07 74.64
C VAL J 28 -35.20 -4.02 73.35
N LYS J 29 -36.26 -3.22 73.34
CA LYS J 29 -37.11 -2.93 72.18
C LYS J 29 -37.99 -4.12 71.77
N SER J 30 -37.73 -5.30 72.34
CA SER J 30 -38.59 -6.46 72.10
C SER J 30 -38.29 -7.49 73.17
N PHE J 31 -39.20 -7.71 74.06
CA PHE J 31 -39.00 -8.76 75.03
C PHE J 31 -39.56 -10.07 74.49
N PRO J 32 -39.10 -11.21 75.00
CA PRO J 32 -39.63 -12.48 74.52
C PRO J 32 -41.13 -12.59 74.75
N LYS J 33 -41.79 -13.26 73.83
CA LYS J 33 -43.24 -13.44 73.93
C LYS J 33 -43.57 -14.21 75.19
N ASP J 34 -44.59 -13.74 75.90
CA ASP J 34 -44.95 -14.29 77.20
C ASP J 34 -45.98 -15.40 77.03
N ASP J 35 -45.72 -16.54 77.66
CA ASP J 35 -46.69 -17.61 77.77
C ASP J 35 -46.89 -17.98 79.23
N PRO J 36 -48.13 -18.04 79.71
CA PRO J 36 -48.35 -18.35 81.14
C PRO J 36 -47.93 -19.75 81.55
N SER J 37 -47.73 -20.66 80.60
CA SER J 37 -47.38 -22.03 80.95
C SER J 37 -46.03 -22.11 81.65
N LYS J 38 -45.07 -21.30 81.21
CA LYS J 38 -43.73 -21.33 81.79
C LYS J 38 -43.75 -20.79 83.22
N PRO J 39 -42.75 -21.13 84.02
CA PRO J 39 -42.64 -20.51 85.35
C PRO J 39 -42.23 -19.05 85.25
N VAL J 40 -42.45 -18.33 86.35
CA VAL J 40 -42.17 -16.90 86.40
C VAL J 40 -40.67 -16.68 86.36
N HIS J 41 -40.23 -15.80 85.45
CA HIS J 41 -38.80 -15.56 85.28
C HIS J 41 -38.58 -14.16 84.71
N LEU J 42 -37.33 -13.71 84.80
CA LEU J 42 -36.93 -12.45 84.20
C LEU J 42 -36.39 -12.67 82.79
N THR J 43 -36.53 -11.65 81.94
CA THR J 43 -36.14 -11.81 80.55
C THR J 43 -34.84 -11.13 80.17
N ALA J 44 -34.18 -10.41 81.08
CA ALA J 44 -33.00 -9.66 80.69
C ALA J 44 -32.12 -9.37 81.89
N PHE J 45 -30.95 -8.80 81.62
CA PHE J 45 -29.95 -8.51 82.64
C PHE J 45 -29.01 -7.44 82.11
N LEU J 46 -28.26 -6.82 83.01
CA LEU J 46 -27.28 -5.79 82.65
C LEU J 46 -25.89 -6.24 83.07
N GLY J 47 -24.93 -6.12 82.15
CA GLY J 47 -23.55 -6.43 82.43
C GLY J 47 -22.62 -5.34 81.91
N TYR J 48 -21.33 -5.55 82.15
CA TYR J 48 -20.32 -4.59 81.72
C TYR J 48 -19.20 -5.31 81.01
N LYS J 49 -18.87 -4.86 79.80
CA LYS J 49 -17.87 -5.53 78.98
C LYS J 49 -16.50 -5.39 79.62
N ALA J 50 -15.98 -6.48 80.19
CA ALA J 50 -14.69 -6.43 80.87
C ALA J 50 -13.54 -6.57 79.87
N GLY J 51 -13.63 -7.52 78.96
CA GLY J 51 -12.56 -7.75 78.01
C GLY J 51 -12.76 -9.07 77.32
N MET J 52 -11.75 -9.45 76.55
CA MET J 52 -11.78 -10.65 75.74
C MET J 52 -10.62 -11.56 76.10
N THR J 53 -10.79 -12.85 75.84
CA THR J 53 -9.71 -13.82 75.93
C THR J 53 -10.05 -14.96 74.99
N HIS J 54 -9.36 -16.08 75.13
CA HIS J 54 -9.70 -17.25 74.34
C HIS J 54 -9.60 -18.50 75.19
N ILE J 55 -10.32 -19.53 74.75
CA ILE J 55 -10.48 -20.77 75.48
C ILE J 55 -10.16 -21.93 74.57
N VAL J 56 -9.90 -23.09 75.18
CA VAL J 56 -9.69 -24.34 74.48
C VAL J 56 -10.81 -25.28 74.89
N ARG J 57 -11.48 -25.89 73.91
CA ARG J 57 -12.53 -26.83 74.23
C ARG J 57 -12.61 -27.91 73.17
N GLU J 58 -13.18 -29.05 73.55
CA GLU J 58 -13.40 -30.16 72.64
C GLU J 58 -14.81 -30.08 72.07
N VAL J 59 -14.93 -30.27 70.78
CA VAL J 59 -16.18 -30.08 70.05
C VAL J 59 -16.91 -31.41 69.94
N ASP J 60 -18.24 -31.36 70.09
CA ASP J 60 -19.08 -32.54 70.04
C ASP J 60 -20.03 -32.41 68.86
N ARG J 61 -19.48 -32.12 67.69
CA ARG J 61 -20.26 -31.92 66.47
C ARG J 61 -20.04 -33.08 65.51
N PRO J 62 -20.92 -34.08 65.48
CA PRO J 62 -20.71 -35.22 64.58
C PRO J 62 -20.77 -34.82 63.12
N GLY J 63 -19.97 -35.51 62.30
CA GLY J 63 -19.91 -35.23 60.89
C GLY J 63 -19.04 -34.04 60.51
N SER J 64 -18.38 -33.41 61.47
CA SER J 64 -17.56 -32.24 61.23
C SER J 64 -16.08 -32.63 61.23
N LYS J 65 -15.27 -31.77 60.59
CA LYS J 65 -13.83 -31.99 60.63
C LYS J 65 -13.27 -31.82 62.03
N VAL J 66 -13.95 -31.04 62.87
CA VAL J 66 -13.48 -30.78 64.22
C VAL J 66 -14.26 -31.62 65.25
N ASN J 67 -14.84 -32.73 64.81
CA ASN J 67 -15.52 -33.62 65.75
C ASN J 67 -14.51 -34.28 66.66
N LYS J 68 -14.76 -34.22 67.97
CA LYS J 68 -13.88 -34.76 69.01
C LYS J 68 -12.49 -34.14 68.96
N LYS J 69 -12.36 -32.95 68.39
CA LYS J 69 -11.09 -32.26 68.27
C LYS J 69 -11.08 -31.05 69.18
N GLU J 70 -9.88 -30.54 69.43
CA GLU J 70 -9.70 -29.35 70.25
C GLU J 70 -9.72 -28.11 69.38
N VAL J 71 -10.42 -27.09 69.85
CA VAL J 71 -10.47 -25.80 69.16
C VAL J 71 -10.15 -24.70 70.16
N VAL J 72 -9.65 -23.60 69.63
CA VAL J 72 -9.41 -22.37 70.37
C VAL J 72 -10.44 -21.36 69.90
N GLU J 73 -11.19 -20.79 70.83
CA GLU J 73 -12.28 -19.89 70.49
C GLU J 73 -12.20 -18.62 71.32
N ALA J 74 -12.40 -17.49 70.65
CA ALA J 74 -12.42 -16.21 71.33
C ALA J 74 -13.70 -16.04 72.13
N VAL J 75 -13.57 -15.47 73.32
CA VAL J 75 -14.69 -15.27 74.22
C VAL J 75 -14.61 -13.87 74.81
N THR J 76 -15.78 -13.35 75.19
CA THR J 76 -15.89 -12.04 75.81
C THR J 76 -16.38 -12.21 77.23
N ILE J 77 -15.76 -11.50 78.17
CA ILE J 77 -16.13 -11.53 79.57
C ILE J 77 -17.03 -10.34 79.85
N VAL J 78 -18.18 -10.60 80.45
CA VAL J 78 -19.14 -9.55 80.81
C VAL J 78 -19.38 -9.66 82.30
N GLU J 79 -18.83 -8.73 83.07
CA GLU J 79 -19.03 -8.73 84.51
C GLU J 79 -20.47 -8.39 84.84
N THR J 80 -21.11 -9.25 85.62
CA THR J 80 -22.54 -9.14 85.93
C THR J 80 -22.76 -9.27 87.43
N PRO J 81 -22.51 -8.21 88.20
CA PRO J 81 -22.93 -8.22 89.60
C PRO J 81 -24.44 -8.25 89.69
N PRO J 82 -24.99 -8.78 90.78
CA PRO J 82 -26.45 -8.97 90.86
C PRO J 82 -27.22 -7.67 90.74
N MET J 83 -28.33 -7.71 90.01
CA MET J 83 -29.23 -6.57 89.92
C MET J 83 -29.98 -6.41 91.24
N VAL J 84 -30.46 -5.20 91.49
CA VAL J 84 -31.28 -4.92 92.67
C VAL J 84 -32.64 -4.44 92.18
N VAL J 85 -33.70 -5.06 92.65
CA VAL J 85 -35.05 -4.74 92.22
C VAL J 85 -35.60 -3.64 93.12
N VAL J 86 -36.02 -2.52 92.53
CA VAL J 86 -36.49 -1.36 93.26
C VAL J 86 -37.87 -0.91 92.86
N GLY J 87 -38.48 -1.53 91.85
CA GLY J 87 -39.80 -1.08 91.44
C GLY J 87 -40.50 -2.08 90.55
N ILE J 88 -41.78 -1.79 90.31
CA ILE J 88 -42.63 -2.59 89.44
C ILE J 88 -43.45 -1.65 88.58
N VAL J 89 -43.41 -1.85 87.26
CA VAL J 89 -44.24 -1.12 86.32
C VAL J 89 -45.28 -2.07 85.75
N GLY J 90 -46.51 -1.62 85.66
CA GLY J 90 -47.56 -2.34 84.96
C GLY J 90 -47.85 -1.65 83.63
N TYR J 91 -48.17 -2.45 82.62
CA TYR J 91 -48.57 -1.94 81.33
C TYR J 91 -49.94 -2.48 80.96
N VAL J 92 -50.73 -1.67 80.27
CA VAL J 92 -52.05 -2.09 79.81
C VAL J 92 -52.09 -1.95 78.29
N GLU J 93 -52.73 -2.92 77.64
CA GLU J 93 -52.84 -2.95 76.19
C GLU J 93 -53.98 -2.06 75.73
N THR J 94 -53.70 -1.17 74.79
CA THR J 94 -54.65 -0.20 74.27
C THR J 94 -54.62 -0.32 72.75
N PRO J 95 -55.67 0.11 72.06
CA PRO J 95 -55.60 0.20 70.59
C PRO J 95 -54.57 1.19 70.09
N ARG J 96 -53.84 1.88 70.97
CA ARG J 96 -52.72 2.73 70.60
C ARG J 96 -51.38 2.15 71.02
N GLY J 97 -51.36 0.97 71.64
CA GLY J 97 -50.14 0.32 72.06
C GLY J 97 -50.16 0.00 73.53
N LEU J 98 -49.02 -0.43 74.04
CA LEU J 98 -48.86 -0.61 75.47
C LEU J 98 -48.68 0.75 76.12
N ARG J 99 -49.41 1.00 77.21
CA ARG J 99 -49.18 2.23 77.95
C ARG J 99 -48.97 1.94 79.42
N THR J 100 -48.12 2.74 80.03
CA THR J 100 -47.79 2.59 81.44
C THR J 100 -49.01 2.88 82.28
N PHE J 101 -49.40 1.93 83.12
CA PHE J 101 -50.58 2.08 83.95
C PHE J 101 -50.22 2.60 85.33
N LYS J 102 -49.32 1.92 86.02
CA LYS J 102 -48.93 2.32 87.36
C LYS J 102 -47.52 1.83 87.66
N THR J 103 -46.74 2.69 88.32
CA THR J 103 -45.40 2.34 88.78
C THR J 103 -45.37 2.42 90.29
N VAL J 104 -44.89 1.36 90.93
CA VAL J 104 -44.77 1.31 92.38
C VAL J 104 -43.31 1.06 92.72
N PHE J 105 -42.73 1.95 93.52
CA PHE J 105 -41.33 1.85 93.88
C PHE J 105 -41.19 1.33 95.31
N ALA J 106 -40.14 0.55 95.53
CA ALA J 106 -39.90 -0.04 96.83
C ALA J 106 -39.42 1.02 97.82
N GLU J 107 -39.52 0.68 99.10
CA GLU J 107 -38.85 1.45 100.12
C GLU J 107 -37.34 1.20 100.05
N HIS J 108 -36.58 2.10 100.67
CA HIS J 108 -35.13 1.96 100.78
C HIS J 108 -34.46 1.78 99.42
N ILE J 109 -34.65 2.79 98.56
CA ILE J 109 -33.96 2.82 97.29
C ILE J 109 -32.50 3.15 97.54
N SER J 110 -31.60 2.38 96.92
CA SER J 110 -30.18 2.47 97.21
C SER J 110 -29.62 3.84 96.80
N ASP J 111 -28.48 4.16 97.39
CA ASP J 111 -27.85 5.45 97.13
C ASP J 111 -27.37 5.54 95.68
N GLU J 112 -26.72 4.49 95.19
CA GLU J 112 -26.25 4.50 93.81
C GLU J 112 -27.41 4.53 92.83
N CYS J 113 -28.53 3.90 93.19
CA CYS J 113 -29.73 4.00 92.36
C CYS J 113 -30.27 5.41 92.34
N LYS J 114 -30.32 6.07 93.51
CA LYS J 114 -30.79 7.44 93.58
C LYS J 114 -29.89 8.40 92.83
N ARG J 115 -28.62 8.05 92.64
CA ARG J 115 -27.73 8.90 91.87
C ARG J 115 -28.20 9.05 90.43
N ARG J 116 -28.93 8.06 89.90
CA ARG J 116 -29.38 8.11 88.52
C ARG J 116 -30.35 9.26 88.27
N PHE J 117 -31.06 9.69 89.30
CA PHE J 117 -32.09 10.72 89.16
C PHE J 117 -31.55 12.13 89.16
N TYR J 118 -30.24 12.31 89.32
CA TYR J 118 -29.65 13.63 89.47
C TYR J 118 -28.56 13.86 88.43
N LYS J 119 -28.61 15.01 87.78
CA LYS J 119 -27.52 15.39 86.89
C LYS J 119 -26.29 15.84 87.67
N ASN J 120 -26.48 16.56 88.77
CA ASN J 120 -25.39 16.98 89.63
C ASN J 120 -25.67 16.45 91.03
N TRP J 121 -25.15 15.25 91.30
CA TRP J 121 -25.31 14.64 92.62
C TRP J 121 -24.56 15.41 93.69
N HIS J 122 -23.46 16.06 93.33
CA HIS J 122 -22.63 16.76 94.31
C HIS J 122 -23.38 17.92 94.95
N LYS J 123 -24.13 18.67 94.15
CA LYS J 123 -24.86 19.83 94.65
C LYS J 123 -26.26 19.50 95.14
N SER J 124 -26.72 18.27 94.95
CA SER J 124 -28.09 17.90 95.27
C SER J 124 -28.29 17.82 96.77
N LYS J 125 -29.54 17.96 97.19
CA LYS J 125 -29.93 17.73 98.58
C LYS J 125 -30.36 16.30 98.83
N LYS J 126 -30.29 15.44 97.81
CA LYS J 126 -30.55 14.01 97.93
C LYS J 126 -31.99 13.74 98.36
N LYS J 127 -32.93 14.51 97.81
CA LYS J 127 -34.31 14.50 98.26
C LYS J 127 -35.20 13.52 97.50
N ALA J 128 -34.67 12.84 96.48
CA ALA J 128 -35.50 11.99 95.64
C ALA J 128 -36.11 10.84 96.44
N PHE J 129 -37.40 10.58 96.20
CA PHE J 129 -38.18 9.50 96.80
C PHE J 129 -38.26 9.60 98.32
N THR J 130 -37.86 10.73 98.90
CA THR J 130 -37.91 10.86 100.35
C THR J 130 -39.35 10.96 100.86
N LYS J 131 -40.20 11.72 100.17
CA LYS J 131 -41.60 11.76 100.55
C LYS J 131 -42.35 10.53 100.08
N TYR J 132 -41.92 9.92 98.98
CA TYR J 132 -42.57 8.72 98.49
C TYR J 132 -42.37 7.55 99.45
N CYS J 133 -41.16 7.40 99.98
CA CYS J 133 -40.88 6.28 100.87
C CYS J 133 -41.65 6.37 102.18
N LYS J 134 -42.17 7.55 102.51
CA LYS J 134 -42.95 7.71 103.73
C LYS J 134 -44.32 7.04 103.62
N LYS J 135 -44.80 6.77 102.42
CA LYS J 135 -46.10 6.13 102.26
C LYS J 135 -46.03 4.62 102.41
N TRP J 136 -44.85 4.05 102.58
CA TRP J 136 -44.73 2.64 102.90
C TRP J 136 -44.91 2.37 104.39
N GLN J 137 -45.09 3.40 105.20
CA GLN J 137 -45.19 3.26 106.64
C GLN J 137 -46.57 3.60 107.19
N ASP J 138 -47.13 4.74 106.81
CA ASP J 138 -48.44 5.11 107.31
C ASP J 138 -49.53 4.25 106.69
N GLU J 139 -50.68 4.19 107.37
CA GLU J 139 -51.77 3.32 106.93
C GLU J 139 -52.41 3.83 105.65
N ASP J 140 -52.46 5.15 105.46
CA ASP J 140 -53.08 5.70 104.25
C ASP J 140 -52.25 5.33 103.03
N GLY J 141 -50.93 5.55 103.10
CA GLY J 141 -50.08 5.21 101.98
C GLY J 141 -50.04 3.72 101.71
N LYS J 142 -50.09 2.92 102.77
CA LYS J 142 -50.11 1.47 102.58
C LYS J 142 -51.39 1.03 101.88
N LYS J 143 -52.53 1.60 102.24
CA LYS J 143 -53.76 1.30 101.54
C LYS J 143 -53.70 1.74 100.08
N GLN J 144 -53.11 2.91 99.82
CA GLN J 144 -52.97 3.37 98.45
C GLN J 144 -52.07 2.42 97.64
N LEU J 145 -51.00 1.92 98.26
CA LEU J 145 -50.13 0.98 97.58
C LEU J 145 -50.83 -0.35 97.31
N GLU J 146 -51.63 -0.82 98.26
CA GLU J 146 -52.39 -2.05 98.03
C GLU J 146 -53.41 -1.87 96.91
N LYS J 147 -54.06 -0.70 96.86
CA LYS J 147 -54.98 -0.43 95.76
C LYS J 147 -54.24 -0.40 94.43
N ASP J 148 -53.03 0.16 94.40
CA ASP J 148 -52.24 0.16 93.17
C ASP J 148 -51.88 -1.24 92.75
N PHE J 149 -51.49 -2.09 93.70
CA PHE J 149 -51.16 -3.47 93.36
C PHE J 149 -52.39 -4.22 92.85
N SER J 150 -53.55 -4.01 93.48
CA SER J 150 -54.77 -4.66 93.03
C SER J 150 -55.17 -4.18 91.63
N SER J 151 -55.00 -2.89 91.37
CA SER J 151 -55.29 -2.36 90.04
C SER J 151 -54.37 -2.95 88.99
N MET J 152 -53.09 -3.09 89.32
CA MET J 152 -52.17 -3.77 88.41
C MET J 152 -52.59 -5.21 88.19
N LYS J 153 -53.05 -5.87 89.24
CA LYS J 153 -53.47 -7.27 89.13
C LYS J 153 -54.67 -7.42 88.22
N LYS J 154 -55.63 -6.51 88.30
CA LYS J 154 -56.88 -6.67 87.58
C LYS J 154 -56.92 -5.95 86.24
N TYR J 155 -55.95 -5.10 85.93
CA TYR J 155 -56.00 -4.34 84.70
C TYR J 155 -54.78 -4.51 83.79
N CYS J 156 -53.60 -4.70 84.35
CA CYS J 156 -52.39 -4.75 83.54
C CYS J 156 -52.24 -6.11 82.87
N GLN J 157 -51.66 -6.10 81.68
CA GLN J 157 -51.40 -7.30 80.91
C GLN J 157 -49.97 -7.80 81.09
N VAL J 158 -49.00 -6.92 80.97
CA VAL J 158 -47.59 -7.26 81.17
C VAL J 158 -47.03 -6.34 82.25
N ILE J 159 -46.20 -6.91 83.13
CA ILE J 159 -45.55 -6.10 84.13
C ILE J 159 -44.04 -6.27 83.97
N ARG J 160 -43.33 -5.24 84.42
CA ARG J 160 -41.87 -5.22 84.39
C ARG J 160 -41.38 -4.77 85.75
N VAL J 161 -40.15 -5.15 86.08
CA VAL J 161 -39.51 -4.73 87.32
C VAL J 161 -38.43 -3.72 86.97
N ILE J 162 -38.32 -2.68 87.78
CA ILE J 162 -37.17 -1.78 87.68
C ILE J 162 -36.03 -2.42 88.47
N ALA J 163 -34.90 -2.62 87.82
CA ALA J 163 -33.71 -3.15 88.47
C ALA J 163 -32.54 -2.26 88.13
N HIS J 164 -31.64 -2.07 89.08
CA HIS J 164 -30.45 -1.28 88.88
C HIS J 164 -29.20 -2.10 89.18
N THR J 165 -28.11 -1.71 88.53
CA THR J 165 -26.83 -2.34 88.76
C THR J 165 -26.19 -1.80 90.03
N GLN J 166 -25.13 -2.48 90.48
CA GLN J 166 -24.41 -2.10 91.68
C GLN J 166 -23.04 -1.55 91.28
N MET J 167 -22.93 -0.22 91.27
CA MET J 167 -21.68 0.43 90.89
C MET J 167 -20.56 0.13 91.86
N ARG J 168 -20.88 0.05 93.15
CA ARG J 168 -19.85 -0.07 94.17
C ARG J 168 -19.03 -1.34 94.04
N LEU J 169 -19.53 -2.34 93.33
CA LEU J 169 -18.83 -3.60 93.13
C LEU J 169 -17.98 -3.62 91.87
N LEU J 170 -18.00 -2.58 91.11
CA LEU J 170 -17.26 -2.51 89.86
C LEU J 170 -16.01 -1.65 90.02
N PRO J 171 -14.98 -1.88 89.23
CA PRO J 171 -13.75 -1.09 89.38
C PRO J 171 -13.79 0.22 88.62
N LEU J 172 -14.97 0.61 88.17
CA LEU J 172 -15.10 1.77 87.31
C LEU J 172 -15.14 3.06 88.11
N ARG J 173 -14.88 4.17 87.42
CA ARG J 173 -14.98 5.49 88.03
C ARG J 173 -16.42 5.82 88.37
N GLN J 174 -17.36 5.44 87.50
CA GLN J 174 -18.74 5.85 87.65
C GLN J 174 -19.39 5.23 88.87
N LYS J 175 -20.08 6.06 89.65
CA LYS J 175 -20.87 5.59 90.78
C LYS J 175 -22.36 5.63 90.52
N LYS J 176 -22.77 6.19 89.38
CA LYS J 176 -24.18 6.30 89.03
C LYS J 176 -24.66 4.96 88.49
N ALA J 177 -25.64 4.36 89.15
CA ALA J 177 -26.11 3.05 88.76
C ALA J 177 -26.96 3.12 87.49
N HIS J 178 -27.08 1.98 86.82
CA HIS J 178 -27.88 1.87 85.62
C HIS J 178 -29.22 1.23 85.96
N LEU J 179 -30.30 1.91 85.61
CA LEU J 179 -31.66 1.42 85.80
C LEU J 179 -32.16 0.77 84.52
N MET J 180 -33.11 -0.15 84.69
CA MET J 180 -33.63 -0.90 83.56
C MET J 180 -34.96 -1.54 83.91
N GLU J 181 -35.91 -1.44 83.00
CA GLU J 181 -37.13 -2.23 83.08
C GLU J 181 -36.87 -3.61 82.48
N ILE J 182 -37.00 -4.65 83.29
CA ILE J 182 -36.84 -6.02 82.83
C ILE J 182 -38.20 -6.69 82.90
N GLN J 183 -38.62 -7.30 81.80
CA GLN J 183 -39.94 -7.90 81.74
C GLN J 183 -39.96 -9.23 82.50
N VAL J 184 -41.07 -9.46 83.20
CA VAL J 184 -41.32 -10.70 83.91
C VAL J 184 -42.26 -11.52 83.02
N ASN J 185 -41.84 -12.73 82.66
CA ASN J 185 -42.61 -13.60 81.81
C ASN J 185 -42.96 -14.88 82.56
N GLY J 186 -43.94 -15.60 82.01
CA GLY J 186 -44.22 -16.94 82.49
C GLY J 186 -45.20 -17.06 83.64
N GLY J 187 -46.42 -16.62 83.46
CA GLY J 187 -47.44 -16.84 84.46
C GLY J 187 -48.56 -15.84 84.33
N THR J 188 -49.52 -15.96 85.24
CA THR J 188 -50.59 -14.99 85.30
C THR J 188 -50.06 -13.68 85.86
N VAL J 189 -50.83 -12.61 85.63
CA VAL J 189 -50.43 -11.29 86.13
C VAL J 189 -50.36 -11.28 87.64
N ALA J 190 -51.29 -11.97 88.30
CA ALA J 190 -51.24 -12.07 89.75
C ALA J 190 -49.98 -12.78 90.22
N GLU J 191 -49.63 -13.89 89.57
CA GLU J 191 -48.45 -14.64 89.98
C GLU J 191 -47.17 -13.84 89.77
N LYS J 192 -47.05 -13.15 88.64
CA LYS J 192 -45.84 -12.38 88.40
C LYS J 192 -45.77 -11.15 89.28
N LEU J 193 -46.92 -10.56 89.63
CA LEU J 193 -46.92 -9.47 90.60
C LEU J 193 -46.49 -9.94 91.98
N ASP J 194 -46.98 -11.11 92.40
CA ASP J 194 -46.53 -11.65 93.69
C ASP J 194 -45.04 -11.92 93.67
N TRP J 195 -44.54 -12.50 92.58
CA TRP J 195 -43.11 -12.79 92.47
C TRP J 195 -42.28 -11.52 92.53
N ALA J 196 -42.68 -10.49 91.77
CA ALA J 196 -41.96 -9.23 91.76
C ALA J 196 -42.00 -8.56 93.13
N ARG J 197 -43.16 -8.61 93.79
CA ARG J 197 -43.30 -7.96 95.09
C ARG J 197 -42.43 -8.66 96.13
N GLU J 198 -42.29 -9.98 96.04
CA GLU J 198 -41.35 -10.65 96.93
C GLU J 198 -39.91 -10.30 96.57
N ARG J 199 -39.63 -10.05 95.30
CA ARG J 199 -38.26 -9.69 94.92
C ARG J 199 -37.96 -8.21 95.11
N LEU J 200 -38.92 -7.40 95.56
CA LEU J 200 -38.62 -6.00 95.84
C LEU J 200 -37.55 -5.87 96.89
N GLU J 201 -36.65 -4.89 96.70
CA GLU J 201 -35.49 -4.59 97.53
C GLU J 201 -34.44 -5.71 97.53
N GLN J 202 -34.59 -6.72 96.68
CA GLN J 202 -33.73 -7.89 96.72
C GLN J 202 -32.74 -7.89 95.56
N GLN J 203 -31.79 -8.80 95.65
CA GLN J 203 -30.75 -8.95 94.64
C GLN J 203 -31.03 -10.20 93.81
N VAL J 204 -31.02 -10.02 92.49
CA VAL J 204 -31.18 -11.09 91.53
C VAL J 204 -29.82 -11.34 90.89
N PRO J 205 -29.17 -12.47 91.14
CA PRO J 205 -27.91 -12.78 90.46
C PRO J 205 -28.15 -13.25 89.04
N VAL J 206 -27.08 -13.23 88.25
CA VAL J 206 -27.20 -13.52 86.82
C VAL J 206 -27.50 -14.99 86.55
N ASN J 207 -27.17 -15.88 87.48
CA ASN J 207 -27.45 -17.29 87.26
C ASN J 207 -28.93 -17.64 87.42
N GLN J 208 -29.71 -16.78 88.07
CA GLN J 208 -31.15 -16.96 88.11
C GLN J 208 -31.83 -16.49 86.84
N VAL J 209 -31.17 -15.64 86.05
CA VAL J 209 -31.74 -15.15 84.81
C VAL J 209 -31.29 -15.98 83.62
N PHE J 210 -30.00 -16.30 83.55
CA PHE J 210 -29.44 -17.04 82.43
C PHE J 210 -28.80 -18.32 82.94
N GLY J 211 -28.67 -19.29 82.04
CA GLY J 211 -28.08 -20.58 82.37
C GLY J 211 -26.88 -20.88 81.49
N GLN J 212 -26.26 -22.01 81.80
CA GLN J 212 -25.11 -22.48 81.02
C GLN J 212 -25.56 -22.79 79.60
N ASP J 213 -24.60 -22.66 78.66
CA ASP J 213 -24.65 -23.01 77.25
C ASP J 213 -26.02 -22.78 76.59
N GLU J 214 -26.59 -21.60 76.82
CA GLU J 214 -27.75 -21.15 76.08
C GLU J 214 -27.36 -19.92 75.27
N MET J 215 -28.11 -19.66 74.21
CA MET J 215 -27.77 -18.58 73.29
C MET J 215 -28.70 -17.41 73.53
N ILE J 216 -28.11 -16.26 73.81
CA ILE J 216 -28.85 -15.05 74.19
C ILE J 216 -28.57 -13.96 73.18
N ASP J 217 -29.19 -12.80 73.37
CA ASP J 217 -28.98 -11.64 72.53
C ASP J 217 -28.28 -10.57 73.34
N VAL J 218 -27.36 -9.85 72.71
CA VAL J 218 -26.61 -8.78 73.34
C VAL J 218 -26.98 -7.48 72.67
N ILE J 219 -27.39 -6.50 73.47
CA ILE J 219 -27.85 -5.21 72.99
C ILE J 219 -26.93 -4.15 73.57
N GLY J 220 -26.46 -3.24 72.73
CA GLY J 220 -25.56 -2.24 73.24
C GLY J 220 -25.20 -1.24 72.18
N VAL J 221 -24.41 -0.26 72.57
CA VAL J 221 -23.96 0.80 71.69
C VAL J 221 -22.52 0.51 71.29
N THR J 222 -22.24 0.57 70.00
CA THR J 222 -20.93 0.21 69.49
C THR J 222 -19.90 1.30 69.83
N LYS J 223 -18.64 1.02 69.47
CA LYS J 223 -17.57 1.96 69.74
C LYS J 223 -17.68 3.17 68.82
N GLY J 224 -17.55 4.37 69.40
CA GLY J 224 -17.62 5.58 68.60
C GLY J 224 -16.36 5.79 67.81
N LYS J 225 -16.52 6.22 66.56
CA LYS J 225 -15.40 6.51 65.68
C LYS J 225 -15.37 7.96 65.22
N GLY J 226 -16.28 8.79 65.69
CA GLY J 226 -16.28 10.18 65.28
C GLY J 226 -16.81 10.35 63.88
N TYR J 227 -16.45 11.49 63.29
CA TYR J 227 -16.92 11.86 61.96
C TYR J 227 -16.04 11.15 60.94
N LYS J 228 -16.64 10.35 60.07
CA LYS J 228 -15.87 9.55 59.14
C LYS J 228 -16.34 9.78 57.71
N GLY J 229 -15.45 9.52 56.76
CA GLY J 229 -15.76 9.67 55.35
C GLY J 229 -16.45 8.45 54.78
N VAL J 230 -16.70 8.51 53.48
CA VAL J 230 -17.44 7.44 52.82
C VAL J 230 -16.63 6.16 52.77
N THR J 231 -15.31 6.26 52.61
CA THR J 231 -14.49 5.06 52.47
C THR J 231 -14.43 4.27 53.76
N SER J 232 -14.39 4.95 54.90
CA SER J 232 -14.40 4.26 56.18
C SER J 232 -15.79 3.94 56.68
N ARG J 233 -16.79 4.73 56.29
CA ARG J 233 -18.14 4.60 56.81
C ARG J 233 -18.97 3.59 56.03
N TRP J 234 -18.91 3.65 54.70
CA TRP J 234 -19.69 2.76 53.85
C TRP J 234 -18.82 1.80 53.07
N HIS J 235 -17.50 1.88 53.22
CA HIS J 235 -16.56 0.95 52.59
C HIS J 235 -16.71 0.95 51.07
N THR J 236 -16.86 2.14 50.50
CA THR J 236 -16.89 2.28 49.06
C THR J 236 -15.47 2.16 48.49
N LYS J 237 -15.41 1.98 47.18
CA LYS J 237 -14.13 1.81 46.52
C LYS J 237 -13.36 3.12 46.52
N LYS J 238 -12.07 3.05 46.84
CA LYS J 238 -11.21 4.22 46.75
C LYS J 238 -10.98 4.60 45.30
N LEU J 239 -11.03 5.90 45.02
CA LEU J 239 -10.79 6.40 43.68
C LEU J 239 -9.30 6.31 43.34
N PRO J 240 -8.96 6.32 42.06
CA PRO J 240 -7.55 6.17 41.68
C PRO J 240 -6.69 7.32 42.17
N ARG J 241 -5.38 7.06 42.16
CA ARG J 241 -4.42 8.04 42.68
C ARG J 241 -4.44 9.33 41.90
N LYS J 242 -4.81 9.28 40.62
CA LYS J 242 -4.78 10.44 39.74
C LYS J 242 -5.94 11.39 39.96
N THR J 243 -6.85 11.10 40.89
CA THR J 243 -8.02 11.95 41.11
C THR J 243 -7.60 13.30 41.67
N HIS J 244 -8.24 14.36 41.18
CA HIS J 244 -7.79 15.71 41.46
C HIS J 244 -8.18 16.17 42.85
N ARG J 245 -9.48 16.25 43.12
CA ARG J 245 -9.96 16.89 44.34
C ARG J 245 -10.11 15.92 45.49
N GLY J 246 -9.66 14.68 45.34
CA GLY J 246 -9.75 13.72 46.42
C GLY J 246 -10.20 12.36 45.99
N LEU J 247 -9.60 11.31 46.56
CA LEU J 247 -9.89 9.96 46.16
C LEU J 247 -10.68 9.16 47.18
N ARG J 248 -10.84 9.66 48.40
CA ARG J 248 -11.68 8.99 49.39
C ARG J 248 -13.11 9.50 49.34
N LYS J 249 -13.70 9.47 48.14
CA LYS J 249 -15.02 10.01 47.90
C LYS J 249 -15.83 9.04 47.07
N VAL J 250 -17.14 9.28 47.04
CA VAL J 250 -18.02 8.64 46.07
C VAL J 250 -18.08 9.55 44.85
N ALA J 251 -17.75 9.01 43.68
CA ALA J 251 -17.59 9.86 42.50
C ALA J 251 -18.92 10.47 42.06
N CYS J 252 -19.95 9.65 41.91
CA CYS J 252 -21.26 10.13 41.48
C CYS J 252 -22.24 9.91 42.61
N ILE J 253 -22.87 11.00 43.07
CA ILE J 253 -23.84 10.93 44.14
C ILE J 253 -25.27 11.00 43.60
N GLY J 254 -25.46 10.70 42.33
CA GLY J 254 -26.79 10.63 41.77
C GLY J 254 -26.79 11.08 40.32
N ALA J 255 -27.84 10.69 39.61
CA ALA J 255 -28.02 11.09 38.23
C ALA J 255 -28.57 12.51 38.18
N TRP J 256 -28.70 13.04 36.95
CA TRP J 256 -29.30 14.35 36.77
C TRP J 256 -30.73 14.37 37.29
N HIS J 257 -31.48 13.30 37.03
CA HIS J 257 -32.79 13.18 37.61
C HIS J 257 -32.86 11.90 38.43
N PRO J 258 -33.51 11.90 39.59
CA PRO J 258 -34.48 12.87 40.15
C PRO J 258 -34.02 14.23 40.68
N ALA J 259 -32.88 14.81 40.29
CA ALA J 259 -32.51 16.20 40.60
C ALA J 259 -32.38 16.45 42.09
N ARG J 260 -32.15 15.39 42.86
CA ARG J 260 -31.90 15.48 44.29
C ARG J 260 -30.93 14.37 44.65
N VAL J 261 -30.31 14.51 45.81
CA VAL J 261 -29.46 13.45 46.33
C VAL J 261 -30.36 12.47 47.08
N ALA J 262 -30.33 11.21 46.68
CA ALA J 262 -31.17 10.21 47.31
C ALA J 262 -30.63 9.86 48.69
N PHE J 263 -31.53 9.34 49.53
CA PHE J 263 -31.17 8.89 50.87
C PHE J 263 -30.29 7.64 50.85
N SER J 264 -30.20 6.95 49.73
CA SER J 264 -29.46 5.70 49.62
C SER J 264 -28.02 5.89 49.16
N VAL J 265 -27.57 7.13 49.00
CA VAL J 265 -26.24 7.42 48.53
C VAL J 265 -25.30 7.56 49.73
N ALA J 266 -24.15 6.89 49.66
CA ALA J 266 -23.20 6.88 50.75
C ALA J 266 -22.59 8.25 50.96
N ARG J 267 -22.69 8.79 52.17
CA ARG J 267 -22.18 10.11 52.47
C ARG J 267 -21.53 10.13 53.84
N ALA J 268 -20.60 11.06 54.02
CA ALA J 268 -19.77 11.12 55.21
C ALA J 268 -20.58 11.59 56.42
N GLY J 269 -20.11 11.23 57.60
CA GLY J 269 -20.77 11.65 58.81
C GLY J 269 -20.29 10.83 60.00
N GLN J 270 -21.18 10.72 60.99
CA GLN J 270 -20.88 9.95 62.18
C GLN J 270 -20.71 8.47 61.85
N LYS J 271 -19.68 7.86 62.42
CA LYS J 271 -19.49 6.42 62.37
C LYS J 271 -19.31 5.91 63.78
N GLY J 272 -19.94 4.77 64.06
CA GLY J 272 -19.85 4.20 65.38
C GLY J 272 -20.81 4.85 66.35
N TYR J 273 -20.80 4.34 67.58
CA TYR J 273 -21.74 4.73 68.62
C TYR J 273 -23.18 4.57 68.14
N HIS J 274 -23.46 3.42 67.54
CA HIS J 274 -24.78 3.07 67.05
C HIS J 274 -25.36 1.98 67.93
N HIS J 275 -26.67 2.06 68.17
CA HIS J 275 -27.36 1.02 68.93
C HIS J 275 -27.52 -0.22 68.06
N ARG J 276 -27.09 -1.36 68.58
CA ARG J 276 -27.11 -2.61 67.83
C ARG J 276 -27.58 -3.75 68.73
N THR J 277 -28.12 -4.77 68.09
CA THR J 277 -28.61 -5.97 68.75
C THR J 277 -28.09 -7.18 67.99
N GLU J 278 -27.21 -7.95 68.61
CA GLU J 278 -26.67 -9.16 68.03
C GLU J 278 -27.30 -10.37 68.72
N ILE J 279 -27.90 -11.26 67.94
CA ILE J 279 -28.56 -12.41 68.49
C ILE J 279 -27.62 -13.62 68.42
N ASN J 280 -27.97 -14.66 69.18
CA ASN J 280 -27.31 -15.96 69.12
C ASN J 280 -25.85 -15.89 69.54
N LYS J 281 -25.64 -15.38 70.75
CA LYS J 281 -24.34 -15.43 71.41
C LYS J 281 -24.42 -16.47 72.51
N LYS J 282 -23.60 -17.50 72.42
CA LYS J 282 -23.68 -18.62 73.35
C LYS J 282 -22.98 -18.28 74.65
N ILE J 283 -23.54 -18.74 75.76
CA ILE J 283 -22.96 -18.55 77.08
C ILE J 283 -22.01 -19.72 77.32
N TYR J 284 -20.71 -19.48 77.19
CA TYR J 284 -19.78 -20.55 77.51
C TYR J 284 -19.62 -20.77 78.99
N LYS J 285 -19.68 -19.72 79.80
CA LYS J 285 -19.49 -19.92 81.23
C LYS J 285 -20.26 -18.88 82.01
N ILE J 286 -20.65 -19.23 83.23
CA ILE J 286 -21.13 -18.26 84.20
C ILE J 286 -20.23 -18.39 85.42
N GLY J 287 -19.30 -17.45 85.56
CA GLY J 287 -18.38 -17.47 86.68
C GLY J 287 -19.04 -17.14 87.99
N GLN J 288 -18.41 -17.57 89.07
CA GLN J 288 -19.06 -17.53 90.37
C GLN J 288 -18.65 -16.32 91.20
N GLY J 289 -17.54 -15.67 90.88
CA GLY J 289 -17.14 -14.50 91.62
C GLY J 289 -16.31 -14.83 92.84
N TYR J 290 -15.83 -13.78 93.49
CA TYR J 290 -14.94 -13.94 94.62
C TYR J 290 -15.71 -14.19 95.90
N LEU J 291 -15.26 -15.15 96.70
CA LEU J 291 -15.86 -15.45 97.99
C LEU J 291 -14.80 -15.36 99.07
N ILE J 292 -15.26 -15.17 100.30
CA ILE J 292 -14.41 -15.31 101.48
C ILE J 292 -15.16 -16.16 102.49
N LYS J 293 -14.86 -17.45 102.55
CA LYS J 293 -15.38 -18.30 103.61
C LYS J 293 -14.37 -18.40 104.76
N ASP J 294 -13.17 -18.84 104.45
CA ASP J 294 -12.01 -18.72 105.35
C ASP J 294 -10.84 -18.04 104.67
N GLY J 295 -10.61 -18.34 103.40
CA GLY J 295 -9.70 -17.56 102.58
C GLY J 295 -10.40 -17.14 101.30
N LYS J 296 -9.75 -16.24 100.57
CA LYS J 296 -10.34 -15.73 99.35
C LYS J 296 -10.28 -16.79 98.25
N LEU J 297 -11.40 -17.01 97.58
CA LEU J 297 -11.52 -18.02 96.55
C LEU J 297 -11.56 -17.36 95.17
N ILE J 298 -10.66 -17.79 94.29
CA ILE J 298 -10.58 -17.23 92.95
C ILE J 298 -10.54 -18.35 91.92
N LYS J 299 -10.42 -19.60 92.39
CA LYS J 299 -10.35 -20.72 91.47
C LYS J 299 -11.63 -20.86 90.64
N ASN J 300 -12.78 -20.54 91.23
CA ASN J 300 -14.08 -20.75 90.61
C ASN J 300 -14.32 -19.85 89.40
N ASN J 301 -13.32 -19.06 89.00
CA ASN J 301 -13.45 -18.17 87.86
C ASN J 301 -12.81 -18.72 86.60
N ALA J 302 -11.60 -19.27 86.70
CA ALA J 302 -10.90 -19.75 85.53
C ALA J 302 -10.45 -21.21 85.61
N SER J 303 -10.53 -21.84 86.77
CA SER J 303 -10.17 -23.24 86.85
C SER J 303 -11.24 -24.08 86.17
N THR J 304 -10.83 -25.01 85.31
CA THR J 304 -11.73 -25.91 84.63
C THR J 304 -11.60 -27.30 85.23
N ASP J 305 -12.35 -28.25 84.67
CA ASP J 305 -12.28 -29.63 85.15
C ASP J 305 -11.02 -30.34 84.70
N TYR J 306 -10.24 -29.75 83.79
CA TYR J 306 -8.99 -30.32 83.34
C TYR J 306 -7.79 -29.47 83.68
N ASP J 307 -7.99 -28.23 84.13
CA ASP J 307 -6.89 -27.34 84.50
C ASP J 307 -6.54 -27.49 85.98
N LEU J 308 -7.52 -27.30 86.86
CA LEU J 308 -7.34 -27.40 88.31
C LEU J 308 -6.25 -26.44 88.79
N SER J 309 -6.18 -25.27 88.16
CA SER J 309 -5.20 -24.25 88.51
C SER J 309 -5.91 -23.12 89.25
N ASP J 310 -5.36 -22.76 90.41
CA ASP J 310 -5.96 -21.72 91.25
C ASP J 310 -5.71 -20.37 90.61
N LYS J 311 -6.55 -20.03 89.64
CA LYS J 311 -6.46 -18.75 88.97
C LYS J 311 -7.85 -18.23 88.66
N SER J 312 -7.98 -16.90 88.63
CA SER J 312 -9.23 -16.24 88.33
C SER J 312 -9.27 -15.85 86.86
N ILE J 313 -10.41 -15.32 86.42
CA ILE J 313 -10.59 -14.95 85.03
C ILE J 313 -9.72 -13.76 84.65
N ASN J 314 -9.23 -13.01 85.62
CA ASN J 314 -8.44 -11.82 85.33
C ASN J 314 -7.13 -12.22 84.67
N PRO J 315 -6.73 -11.54 83.59
CA PRO J 315 -5.44 -11.83 82.97
C PRO J 315 -4.32 -11.37 83.88
N LEU J 316 -3.11 -11.77 83.52
CA LEU J 316 -1.93 -11.36 84.27
C LEU J 316 -1.75 -9.85 84.10
N GLY J 317 -1.70 -9.12 85.21
CA GLY J 317 -1.66 -7.69 85.14
C GLY J 317 -3.00 -7.00 85.01
N GLY J 318 -4.09 -7.76 85.01
CA GLY J 318 -5.43 -7.18 85.00
C GLY J 318 -5.96 -6.98 83.60
N PHE J 319 -7.27 -6.81 83.51
CA PHE J 319 -7.92 -6.51 82.24
C PHE J 319 -7.52 -5.11 81.78
N VAL J 320 -7.07 -5.00 80.54
CA VAL J 320 -6.57 -3.73 80.03
C VAL J 320 -7.73 -2.77 79.85
N HIS J 321 -7.58 -1.55 80.37
CA HIS J 321 -8.54 -0.46 80.28
C HIS J 321 -9.85 -0.76 80.99
N TYR J 322 -9.92 -1.81 81.80
CA TYR J 322 -11.13 -2.09 82.57
C TYR J 322 -10.88 -2.11 84.07
N GLY J 323 -9.99 -2.95 84.55
CA GLY J 323 -9.83 -3.17 85.97
C GLY J 323 -9.82 -4.65 86.27
N GLU J 324 -10.17 -4.99 87.51
CA GLU J 324 -10.18 -6.36 87.98
C GLU J 324 -11.62 -6.82 88.13
N VAL J 325 -11.90 -8.04 87.65
CA VAL J 325 -13.25 -8.61 87.73
C VAL J 325 -13.34 -9.45 88.99
N THR J 326 -14.26 -9.06 89.88
CA THR J 326 -14.43 -9.73 91.15
C THR J 326 -15.83 -10.27 91.39
N ASN J 327 -16.79 -9.94 90.54
CA ASN J 327 -18.16 -10.36 90.69
C ASN J 327 -18.47 -11.51 89.73
N ASP J 328 -19.74 -11.88 89.64
CA ASP J 328 -20.18 -12.85 88.65
C ASP J 328 -19.90 -12.31 87.25
N PHE J 329 -19.54 -13.21 86.34
CA PHE J 329 -19.31 -12.82 84.96
C PHE J 329 -19.93 -13.84 84.03
N VAL J 330 -20.19 -13.42 82.80
CA VAL J 330 -20.70 -14.30 81.76
C VAL J 330 -19.66 -14.37 80.66
N MET J 331 -19.14 -15.56 80.41
CA MET J 331 -18.24 -15.83 79.30
C MET J 331 -19.09 -16.19 78.09
N LEU J 332 -19.26 -15.21 77.19
CA LEU J 332 -19.96 -15.36 75.93
C LEU J 332 -18.99 -15.76 74.84
N LYS J 333 -19.54 -16.29 73.75
CA LYS J 333 -18.72 -16.72 72.63
C LYS J 333 -18.63 -15.61 71.59
N GLY J 334 -17.42 -15.23 71.23
CA GLY J 334 -17.19 -14.28 70.17
C GLY J 334 -17.03 -12.86 70.67
N CYS J 335 -17.30 -11.92 69.77
CA CYS J 335 -17.16 -10.50 70.04
C CYS J 335 -18.51 -9.88 70.37
N VAL J 336 -18.45 -8.78 71.10
CA VAL J 336 -19.63 -8.06 71.60
C VAL J 336 -19.44 -6.58 71.34
N VAL J 337 -20.51 -5.90 70.92
CA VAL J 337 -20.42 -4.48 70.61
C VAL J 337 -19.98 -3.68 71.82
N GLY J 338 -19.37 -2.52 71.55
CA GLY J 338 -19.03 -1.57 72.59
C GLY J 338 -17.56 -1.61 72.96
N THR J 339 -17.16 -0.58 73.69
CA THR J 339 -15.80 -0.46 74.20
C THR J 339 -15.64 -1.32 75.45
N LYS J 340 -14.50 -1.22 76.10
CA LYS J 340 -14.37 -1.78 77.43
C LYS J 340 -15.23 -0.98 78.40
N LYS J 341 -15.59 -1.64 79.51
CA LYS J 341 -16.49 -1.12 80.55
C LYS J 341 -17.72 -0.42 79.98
N ARG J 342 -18.20 -0.91 78.85
CA ARG J 342 -19.44 -0.45 78.27
C ARG J 342 -20.58 -1.33 78.76
N VAL J 343 -21.69 -0.70 79.12
CA VAL J 343 -22.82 -1.41 79.68
C VAL J 343 -23.58 -2.11 78.56
N LEU J 344 -23.88 -3.38 78.77
CA LEU J 344 -24.55 -4.22 77.78
C LEU J 344 -25.81 -4.81 78.38
N THR J 345 -26.81 -4.99 77.54
CA THR J 345 -28.05 -5.65 77.91
C THR J 345 -28.03 -7.06 77.37
N LEU J 346 -28.23 -8.03 78.24
CA LEU J 346 -28.35 -9.43 77.83
C LEU J 346 -29.81 -9.81 77.88
N ARG J 347 -30.33 -10.32 76.78
CA ARG J 347 -31.75 -10.62 76.65
C ARG J 347 -31.92 -12.08 76.26
N LYS J 348 -32.99 -12.68 76.78
CA LYS J 348 -33.36 -14.03 76.35
C LYS J 348 -33.69 -14.03 74.87
N SER J 349 -33.36 -15.14 74.21
CA SER J 349 -33.59 -15.24 72.78
C SER J 349 -35.07 -15.18 72.46
N LEU J 350 -35.42 -14.37 71.45
CA LEU J 350 -36.80 -14.33 70.97
C LEU J 350 -37.17 -15.54 70.14
N LEU J 351 -36.19 -16.33 69.71
CA LEU J 351 -36.41 -17.45 68.81
C LEU J 351 -36.38 -18.77 69.58
N VAL J 352 -36.79 -19.83 68.88
CA VAL J 352 -36.74 -21.18 69.42
C VAL J 352 -35.44 -21.81 68.95
N GLN J 353 -34.61 -22.22 69.90
CA GLN J 353 -33.29 -22.78 69.59
C GLN J 353 -33.45 -24.27 69.38
N THR J 354 -33.39 -24.69 68.10
CA THR J 354 -33.48 -26.10 67.74
C THR J 354 -32.29 -26.60 66.94
N LYS J 355 -31.48 -25.71 66.39
CA LYS J 355 -30.33 -26.13 65.61
C LYS J 355 -29.28 -26.78 66.50
N ARG J 356 -28.41 -27.57 65.88
CA ARG J 356 -27.39 -28.28 66.64
C ARG J 356 -26.25 -27.37 67.07
N ARG J 357 -26.12 -26.20 66.44
CA ARG J 357 -25.25 -25.15 66.98
C ARG J 357 -25.69 -24.76 68.38
N ALA J 358 -26.98 -24.53 68.55
CA ALA J 358 -27.54 -24.35 69.88
C ALA J 358 -27.66 -25.71 70.57
N LEU J 359 -28.10 -25.67 71.82
CA LEU J 359 -28.36 -26.87 72.64
C LEU J 359 -27.17 -27.84 72.63
N GLU J 360 -25.98 -27.32 72.36
CA GLU J 360 -24.76 -28.11 72.39
C GLU J 360 -24.04 -27.86 73.71
N LYS J 361 -23.68 -28.93 74.39
CA LYS J 361 -23.03 -28.81 75.69
C LYS J 361 -21.62 -28.28 75.51
N ILE J 362 -21.27 -27.28 76.32
CA ILE J 362 -19.96 -26.64 76.28
C ILE J 362 -19.18 -27.08 77.50
N ASP J 363 -18.03 -27.70 77.28
CA ASP J 363 -17.16 -28.15 78.36
C ASP J 363 -15.77 -27.59 78.11
N LEU J 364 -15.40 -26.58 78.89
CA LEU J 364 -14.11 -25.93 78.71
C LEU J 364 -12.99 -26.81 79.22
N LYS J 365 -11.87 -26.81 78.51
CA LYS J 365 -10.66 -27.45 78.98
C LYS J 365 -9.61 -26.47 79.48
N PHE J 366 -9.56 -25.26 78.94
CA PHE J 366 -8.53 -24.31 79.29
C PHE J 366 -9.04 -22.90 79.03
N ILE J 367 -8.73 -21.99 79.94
CA ILE J 367 -9.05 -20.57 79.79
C ILE J 367 -7.75 -19.80 79.85
N ASP J 368 -7.48 -19.02 78.81
CA ASP J 368 -6.23 -18.28 78.74
C ASP J 368 -6.26 -17.09 79.67
N THR J 369 -5.21 -16.93 80.47
CA THR J 369 -5.09 -15.81 81.39
C THR J 369 -3.73 -15.12 81.27
N THR J 370 -3.10 -15.23 80.10
CA THR J 370 -1.87 -14.49 79.86
C THR J 370 -2.17 -13.01 79.79
N SER J 371 -1.12 -12.20 79.98
CA SER J 371 -1.29 -10.76 79.97
C SER J 371 -1.71 -10.27 78.59
N LYS J 372 -2.77 -9.48 78.55
CA LYS J 372 -3.22 -8.86 77.33
C LYS J 372 -2.59 -7.48 77.11
N PHE J 373 -1.83 -6.99 78.08
CA PHE J 373 -1.11 -5.73 77.98
C PHE J 373 0.26 -5.93 77.34
N GLY J 374 0.28 -6.57 76.18
CA GLY J 374 1.47 -6.98 75.49
C GLY J 374 1.36 -8.43 75.08
N HIS J 375 2.48 -9.00 74.65
CA HIS J 375 2.51 -10.42 74.30
C HIS J 375 2.78 -11.21 75.56
N GLY J 376 1.73 -11.38 76.36
CA GLY J 376 1.84 -12.16 77.58
C GLY J 376 2.18 -13.61 77.27
N ARG J 377 2.98 -14.23 78.13
CA ARG J 377 3.43 -15.58 77.89
C ARG J 377 3.38 -16.45 79.14
N PHE J 378 2.84 -15.97 80.24
CA PHE J 378 2.71 -16.74 81.47
C PHE J 378 1.26 -16.70 81.92
N GLN J 379 0.74 -17.85 82.33
CA GLN J 379 -0.65 -17.91 82.77
C GLN J 379 -0.81 -17.29 84.15
N THR J 380 0.12 -17.55 85.07
CA THR J 380 -0.04 -17.14 86.45
C THR J 380 1.26 -16.54 86.97
N MET J 381 1.11 -15.76 88.05
CA MET J 381 2.26 -15.22 88.77
C MET J 381 3.19 -16.32 89.22
N GLU J 382 2.62 -17.40 89.76
CA GLU J 382 3.43 -18.49 90.28
C GLU J 382 4.21 -19.18 89.17
N GLU J 383 3.57 -19.38 88.01
CA GLU J 383 4.27 -19.97 86.88
C GLU J 383 5.40 -19.07 86.40
N LYS J 384 5.14 -17.76 86.32
CA LYS J 384 6.19 -16.83 85.90
C LYS J 384 7.37 -16.84 86.86
N LYS J 385 7.09 -16.83 88.17
CA LYS J 385 8.16 -16.86 89.16
C LYS J 385 8.93 -18.17 89.12
N ALA J 386 8.23 -19.29 88.95
CA ALA J 386 8.90 -20.57 88.88
C ALA J 386 9.79 -20.67 87.64
N PHE J 387 9.33 -20.09 86.52
CA PHE J 387 10.14 -20.13 85.31
C PHE J 387 11.37 -19.23 85.43
N MET J 388 11.19 -17.99 85.90
CA MET J 388 12.28 -17.05 85.85
C MET J 388 13.19 -17.06 87.08
N GLY J 389 12.81 -17.78 88.14
CA GLY J 389 13.64 -17.84 89.32
C GLY J 389 13.69 -16.51 90.05
N PRO J 390 14.60 -16.39 91.01
CA PRO J 390 14.75 -15.12 91.72
C PRO J 390 15.34 -14.05 90.81
N LEU J 391 15.00 -12.80 91.12
CA LEU J 391 15.46 -11.65 90.36
C LEU J 391 16.23 -10.70 91.28
N LYS J 392 16.77 -9.63 90.70
CA LYS J 392 17.56 -8.69 91.47
C LYS J 392 16.72 -7.95 92.50
N LYS J 393 15.51 -7.55 92.13
CA LYS J 393 14.65 -6.86 93.10
C LYS J 393 14.19 -7.80 94.20
N ASP J 394 13.96 -9.07 93.87
CA ASP J 394 13.66 -10.06 94.90
C ASP J 394 14.85 -10.24 95.84
N ARG J 395 16.06 -10.25 95.28
CA ARG J 395 17.26 -10.38 96.10
C ARG J 395 17.44 -9.20 97.04
N ILE J 396 17.24 -7.98 96.54
CA ILE J 396 17.41 -6.81 97.40
C ILE J 396 16.26 -6.66 98.38
N ALA J 397 15.10 -7.25 98.09
CA ALA J 397 14.03 -7.29 99.10
C ALA J 397 14.34 -8.30 100.19
N LYS J 398 14.83 -9.49 99.80
CA LYS J 398 15.14 -10.51 100.78
C LYS J 398 16.34 -10.13 101.64
N GLU J 399 17.27 -9.33 101.09
CA GLU J 399 18.39 -8.84 101.88
C GLU J 399 17.90 -7.96 103.02
N GLU J 400 16.92 -7.10 102.75
CA GLU J 400 16.36 -6.26 103.82
C GLU J 400 15.44 -7.06 104.73
N GLY J 401 14.75 -8.07 104.21
CA GLY J 401 13.91 -8.91 105.03
C GLY J 401 14.64 -9.97 105.83
N ALA J 402 15.95 -10.12 105.61
CA ALA J 402 16.80 -11.07 106.34
C ALA J 402 16.29 -12.51 106.26
N MET K 1 -70.67 103.74 14.09
CA MET K 1 -69.55 103.84 15.02
C MET K 1 -68.22 104.01 14.29
N ALA K 2 -67.97 103.12 13.32
CA ALA K 2 -66.72 103.17 12.59
C ALA K 2 -66.58 104.46 11.79
N CYS K 3 -67.67 104.90 11.16
CA CYS K 3 -67.64 106.14 10.39
C CYS K 3 -67.79 107.37 11.27
N ALA K 4 -68.15 107.21 12.54
CA ALA K 4 -68.35 108.33 13.44
C ALA K 4 -67.07 108.60 14.22
N ARG K 5 -66.54 109.81 14.09
CA ARG K 5 -65.31 110.21 14.76
C ARG K 5 -65.59 111.38 15.70
N PRO K 6 -65.62 111.16 17.01
CA PRO K 6 -65.95 112.24 17.94
C PRO K 6 -64.82 113.24 18.10
N LEU K 7 -65.03 114.24 18.94
CA LEU K 7 -64.03 115.25 19.24
C LEU K 7 -63.49 115.02 20.65
N ILE K 8 -62.18 114.93 20.76
CA ILE K 8 -61.50 114.70 22.03
C ILE K 8 -60.87 116.01 22.48
N SER K 9 -61.18 116.43 23.69
CA SER K 9 -60.63 117.66 24.23
C SER K 9 -59.16 117.45 24.63
N VAL K 10 -58.34 118.43 24.30
CA VAL K 10 -56.94 118.44 24.70
C VAL K 10 -56.87 119.05 26.09
N TYR K 11 -56.27 118.32 27.02
CA TYR K 11 -56.20 118.75 28.41
C TYR K 11 -54.90 119.50 28.66
N SER K 12 -55.01 120.61 29.38
CA SER K 12 -53.83 121.40 29.71
C SER K 12 -52.97 120.66 30.73
N GLU K 13 -51.79 121.25 31.00
CA GLU K 13 -50.88 120.66 31.96
C GLU K 13 -51.44 120.66 33.38
N LYS K 14 -52.47 121.46 33.63
CA LYS K 14 -53.13 121.48 34.93
C LYS K 14 -54.21 120.42 35.07
N GLY K 15 -54.46 119.64 34.02
CA GLY K 15 -55.37 118.53 34.07
C GLY K 15 -56.76 118.81 33.54
N GLU K 16 -57.14 120.07 33.39
CA GLU K 16 -58.46 120.41 32.89
C GLU K 16 -58.41 120.70 31.40
N SER K 17 -59.58 120.76 30.79
CA SER K 17 -59.67 120.97 29.35
C SER K 17 -59.19 122.35 28.97
N SER K 18 -58.47 122.44 27.86
CA SER K 18 -57.95 123.68 27.34
C SER K 18 -58.88 124.35 26.34
N GLY K 19 -60.01 123.72 26.03
CA GLY K 19 -60.93 124.24 25.03
C GLY K 19 -60.61 123.83 23.61
N LYS K 20 -59.46 123.21 23.38
CA LYS K 20 -59.10 122.71 22.05
C LYS K 20 -59.65 121.30 21.87
N ASN K 21 -60.10 121.01 20.65
CA ASN K 21 -60.65 119.70 20.34
C ASN K 21 -59.98 119.16 19.09
N VAL K 22 -59.68 117.86 19.10
CA VAL K 22 -59.12 117.17 17.96
C VAL K 22 -60.09 116.07 17.55
N THR K 23 -60.40 116.01 16.26
CA THR K 23 -61.21 114.92 15.75
C THR K 23 -60.48 113.60 15.95
N LEU K 24 -61.21 112.57 16.37
CA LEU K 24 -60.60 111.27 16.63
C LEU K 24 -59.94 110.75 15.35
N PRO K 25 -58.67 110.42 15.37
CA PRO K 25 -58.04 109.83 14.20
C PRO K 25 -58.71 108.52 13.81
N ALA K 26 -58.78 108.28 12.50
CA ALA K 26 -59.48 107.09 12.01
C ALA K 26 -58.81 105.80 12.42
N VAL K 27 -57.55 105.85 12.86
CA VAL K 27 -56.86 104.65 13.30
C VAL K 27 -57.45 104.08 14.58
N PHE K 28 -58.16 104.91 15.35
CA PHE K 28 -58.79 104.43 16.57
C PHE K 28 -60.09 103.69 16.29
N LYS K 29 -60.57 103.70 15.06
CA LYS K 29 -61.72 102.91 14.65
C LYS K 29 -61.29 101.70 13.82
N ALA K 30 -60.00 101.42 13.72
CA ALA K 30 -59.51 100.29 12.97
C ALA K 30 -59.93 98.99 13.65
N PRO K 31 -60.00 97.88 12.92
CA PRO K 31 -60.38 96.61 13.55
C PRO K 31 -59.41 96.23 14.65
N ILE K 32 -59.97 95.77 15.77
CA ILE K 32 -59.17 95.28 16.88
C ILE K 32 -59.01 93.77 16.70
N ARG K 33 -57.78 93.33 16.53
CA ARG K 33 -57.48 91.97 16.10
C ARG K 33 -56.45 91.36 17.04
N PRO K 34 -56.87 90.87 18.19
CA PRO K 34 -55.92 90.30 19.15
C PRO K 34 -55.13 89.13 18.62
N ASP K 35 -55.70 88.31 17.73
CA ASP K 35 -54.94 87.19 17.19
C ASP K 35 -53.76 87.69 16.34
N ILE K 36 -53.99 88.71 15.52
CA ILE K 36 -52.92 89.25 14.70
C ILE K 36 -51.91 89.98 15.56
N VAL K 37 -52.38 90.69 16.59
CA VAL K 37 -51.46 91.36 17.51
C VAL K 37 -50.58 90.33 18.22
N ASN K 38 -51.18 89.23 18.67
CA ASN K 38 -50.40 88.19 19.33
C ASN K 38 -49.40 87.55 18.37
N PHE K 39 -49.81 87.30 17.13
CA PHE K 39 -48.90 86.73 16.15
C PHE K 39 -47.71 87.63 15.90
N VAL K 40 -47.97 88.91 15.66
CA VAL K 40 -46.90 89.86 15.35
C VAL K 40 -46.00 90.03 16.56
N HIS K 41 -46.57 90.12 17.76
CA HIS K 41 -45.77 90.24 18.96
C HIS K 41 -44.90 89.01 19.18
N THR K 42 -45.47 87.82 18.97
CA THR K 42 -44.71 86.58 19.12
C THR K 42 -43.53 86.54 18.17
N ASN K 43 -43.75 86.91 16.92
CA ASN K 43 -42.68 86.81 15.95
C ASN K 43 -41.68 87.96 16.04
N LEU K 44 -42.05 89.10 16.62
CA LEU K 44 -41.08 90.17 16.74
C LEU K 44 -40.33 90.16 18.06
N ARG K 45 -40.84 89.48 19.09
CA ARG K 45 -40.05 89.34 20.31
C ARG K 45 -38.86 88.41 20.13
N LYS K 46 -38.82 87.65 19.05
CA LYS K 46 -37.67 86.80 18.79
C LYS K 46 -36.53 87.55 18.11
N ASN K 47 -36.80 88.74 17.58
CA ASN K 47 -35.80 89.43 16.78
C ASN K 47 -34.74 90.12 17.60
N ASN K 48 -35.00 90.38 18.88
CA ASN K 48 -33.99 90.96 19.74
C ASN K 48 -33.18 89.91 20.48
N ARG K 49 -33.44 88.64 20.22
CA ARG K 49 -32.77 87.57 20.95
C ARG K 49 -31.30 87.49 20.57
N GLN K 50 -30.51 87.01 21.51
CA GLN K 50 -29.08 86.87 21.36
C GLN K 50 -28.74 85.39 21.40
N PRO K 51 -27.95 84.89 20.45
CA PRO K 51 -27.80 83.43 20.31
C PRO K 51 -27.07 82.80 21.48
N TYR K 52 -27.44 81.56 21.77
CA TYR K 52 -26.72 80.72 22.71
C TYR K 52 -26.45 79.37 22.09
N ALA K 53 -25.33 78.78 22.48
CA ALA K 53 -24.97 77.44 22.04
C ALA K 53 -23.96 76.88 23.01
N VAL K 54 -23.82 75.57 23.03
CA VAL K 54 -22.76 74.94 23.78
C VAL K 54 -21.51 74.90 22.92
N SER K 55 -20.38 74.64 23.56
CA SER K 55 -19.14 74.50 22.82
C SER K 55 -19.20 73.27 21.93
N GLU K 56 -18.75 73.42 20.68
CA GLU K 56 -18.74 72.28 19.77
C GLU K 56 -17.73 71.23 20.18
N LEU K 57 -16.75 71.59 21.00
CA LEU K 57 -15.76 70.65 21.50
C LEU K 57 -16.17 69.97 22.79
N ALA K 58 -17.33 70.34 23.35
CA ALA K 58 -17.71 69.85 24.67
C ALA K 58 -17.98 68.36 24.63
N GLY K 59 -17.28 67.61 25.47
CA GLY K 59 -17.49 66.19 25.57
C GLY K 59 -16.82 65.37 24.49
N HIS K 60 -16.05 65.98 23.61
CA HIS K 60 -15.47 65.29 22.47
C HIS K 60 -13.98 65.59 22.35
N GLN K 61 -13.31 65.74 23.49
CA GLN K 61 -11.89 65.98 23.53
C GLN K 61 -11.24 65.02 24.53
N THR K 62 -11.54 63.74 24.32
CA THR K 62 -11.24 62.66 25.24
C THR K 62 -10.39 61.54 24.64
N SER K 63 -10.48 61.30 23.33
CA SER K 63 -9.80 60.20 22.66
C SER K 63 -10.22 58.84 23.18
N ALA K 64 -11.42 58.73 23.73
CA ALA K 64 -11.93 57.48 24.25
C ALA K 64 -12.32 56.54 23.12
N GLU K 65 -12.32 55.24 23.43
CA GLU K 65 -12.81 54.23 22.50
C GLU K 65 -13.50 53.13 23.26
N SER K 66 -14.29 52.35 22.54
CA SER K 66 -15.02 51.24 23.15
C SER K 66 -14.07 50.11 23.51
N TRP K 67 -14.36 49.43 24.63
CA TRP K 67 -13.55 48.32 25.08
C TRP K 67 -13.82 47.03 24.31
N GLY K 68 -14.88 46.99 23.53
CA GLY K 68 -15.23 45.77 22.85
C GLY K 68 -16.45 45.14 23.49
N THR K 69 -16.56 43.81 23.43
CA THR K 69 -17.74 43.14 23.94
C THR K 69 -17.44 41.99 24.90
N GLY K 70 -16.21 41.52 25.01
CA GLY K 70 -15.97 40.38 25.85
C GLY K 70 -15.36 40.71 27.20
N ARG K 71 -15.78 41.84 27.79
CA ARG K 71 -15.18 42.29 29.03
C ARG K 71 -16.22 42.64 30.09
N ALA K 72 -17.46 42.16 29.93
CA ALA K 72 -18.53 42.26 30.91
C ALA K 72 -18.92 43.70 31.24
N VAL K 73 -18.66 44.63 30.33
CA VAL K 73 -19.06 46.02 30.51
C VAL K 73 -19.77 46.48 29.24
N ALA K 74 -20.56 47.54 29.38
CA ALA K 74 -21.31 48.07 28.25
C ALA K 74 -20.37 48.59 27.18
N ARG K 75 -20.84 48.58 25.94
CA ARG K 75 -20.01 48.89 24.78
C ARG K 75 -19.83 50.39 24.56
N ILE K 76 -20.11 51.22 25.55
CA ILE K 76 -19.88 52.66 25.48
C ILE K 76 -18.39 52.91 25.37
N PRO K 77 -17.93 53.96 24.69
CA PRO K 77 -16.50 54.29 24.72
C PRO K 77 -16.03 54.63 26.12
N ARG K 78 -14.81 54.22 26.43
CA ARG K 78 -14.21 54.43 27.74
C ARG K 78 -12.93 55.25 27.58
N VAL K 79 -12.67 56.12 28.55
CA VAL K 79 -11.44 56.88 28.56
C VAL K 79 -10.25 55.94 28.72
N ARG K 80 -9.22 56.15 27.92
CA ARG K 80 -8.06 55.28 27.94
C ARG K 80 -7.10 55.67 29.07
N GLY K 81 -6.05 54.88 29.21
CA GLY K 81 -5.04 55.14 30.21
C GLY K 81 -5.37 54.56 31.56
N GLY K 82 -4.61 55.02 32.56
CA GLY K 82 -4.81 54.58 33.92
C GLY K 82 -4.31 55.64 34.88
N GLY K 83 -4.34 55.31 36.16
CA GLY K 83 -3.77 56.16 37.18
C GLY K 83 -4.62 57.34 37.60
N THR K 84 -5.84 57.44 37.10
CA THR K 84 -6.74 58.52 37.49
C THR K 84 -8.16 57.96 37.53
N HIS K 85 -9.04 58.70 38.20
CA HIS K 85 -10.44 58.28 38.28
C HIS K 85 -11.08 58.23 36.91
N ARG K 86 -10.67 59.13 36.02
CA ARG K 86 -11.30 59.25 34.71
C ARG K 86 -11.08 58.01 33.85
N SER K 87 -10.04 57.23 34.11
CA SER K 87 -9.70 56.11 33.26
C SER K 87 -10.77 55.02 33.31
N GLY K 88 -11.19 54.56 32.14
CA GLY K 88 -12.21 53.53 32.06
C GLY K 88 -13.62 54.02 32.24
N GLN K 89 -13.85 55.33 32.25
CA GLN K 89 -15.17 55.89 32.41
C GLN K 89 -15.79 56.16 31.06
N GLY K 90 -17.12 56.13 31.00
CA GLY K 90 -17.81 56.34 29.74
C GLY K 90 -17.61 57.75 29.20
N ALA K 91 -17.66 57.86 27.87
CA ALA K 91 -17.43 59.13 27.21
C ALA K 91 -18.28 59.22 25.95
N PHE K 92 -18.40 60.44 25.44
CA PHE K 92 -18.98 60.78 24.15
C PHE K 92 -20.49 60.62 24.06
N GLY K 93 -21.11 60.04 25.08
CA GLY K 93 -22.53 59.74 25.03
C GLY K 93 -23.35 60.77 25.77
N ASN K 94 -24.59 60.97 25.31
CA ASN K 94 -25.48 61.87 26.02
C ASN K 94 -25.86 61.32 27.39
N MET K 95 -25.76 60.01 27.58
CA MET K 95 -26.05 59.38 28.85
C MET K 95 -24.83 59.33 29.77
N CYS K 96 -23.65 59.70 29.29
CA CYS K 96 -22.44 59.61 30.07
C CYS K 96 -22.18 60.92 30.79
N ARG K 97 -21.73 60.83 32.04
CA ARG K 97 -21.32 62.01 32.77
C ARG K 97 -20.05 62.58 32.15
N GLY K 98 -20.06 63.86 31.85
CA GLY K 98 -18.94 64.48 31.17
C GLY K 98 -18.94 64.28 29.67
N GLY K 99 -19.98 63.67 29.12
CA GLY K 99 -20.06 63.45 27.69
C GLY K 99 -20.72 64.60 26.96
N ARG K 100 -21.01 64.37 25.70
CA ARG K 100 -21.61 65.37 24.83
C ARG K 100 -23.13 65.26 24.92
N MET K 101 -23.79 66.41 25.03
CA MET K 101 -25.25 66.43 25.08
C MET K 101 -25.84 65.98 23.75
N PHE K 102 -27.05 65.44 23.81
CA PHE K 102 -27.73 65.03 22.58
C PHE K 102 -28.06 66.25 21.75
N ALA K 103 -27.70 66.21 20.46
CA ALA K 103 -27.98 67.28 19.51
C ALA K 103 -27.54 68.61 20.09
N PRO K 104 -26.23 68.88 20.16
CA PRO K 104 -25.77 70.11 20.80
C PRO K 104 -26.37 71.34 20.15
N THR K 105 -26.74 72.30 20.99
CA THR K 105 -27.34 73.52 20.50
C THR K 105 -26.33 74.28 19.65
N LYS K 106 -26.82 74.88 18.58
CA LYS K 106 -25.96 75.55 17.63
C LYS K 106 -26.44 76.97 17.40
N THR K 107 -25.50 77.83 17.00
CA THR K 107 -25.81 79.24 16.87
C THR K 107 -26.75 79.53 15.72
N TRP K 108 -26.81 78.67 14.71
CA TRP K 108 -27.70 78.91 13.58
C TRP K 108 -29.06 78.24 13.83
N ARG K 109 -29.73 78.71 14.88
CA ARG K 109 -31.06 78.22 15.25
C ARG K 109 -32.19 78.89 14.48
N ARG K 110 -31.90 79.92 13.67
CA ARG K 110 -32.93 80.80 13.12
C ARG K 110 -33.70 81.49 14.24
N TRP K 111 -32.99 82.36 14.95
CA TRP K 111 -33.57 83.08 16.07
C TRP K 111 -34.57 84.13 15.62
N HIS K 112 -34.44 84.64 14.42
CA HIS K 112 -35.21 85.79 13.98
C HIS K 112 -36.33 85.36 13.05
N ARG K 113 -37.43 86.09 13.12
CA ARG K 113 -38.57 85.92 12.22
C ARG K 113 -38.82 87.22 11.50
N ARG K 114 -39.15 87.13 10.22
CA ARG K 114 -39.52 88.32 9.46
C ARG K 114 -41.04 88.32 9.29
N VAL K 115 -41.66 89.46 9.59
CA VAL K 115 -43.11 89.62 9.53
C VAL K 115 -43.42 90.56 8.39
N ASN K 116 -44.53 90.31 7.72
CA ASN K 116 -44.97 91.19 6.64
C ASN K 116 -45.23 92.59 7.17
N THR K 117 -44.80 93.58 6.39
CA THR K 117 -44.95 94.97 6.81
C THR K 117 -46.42 95.33 6.96
N THR K 118 -47.27 94.83 6.07
CA THR K 118 -48.69 95.12 6.17
C THR K 118 -49.27 94.54 7.45
N GLN K 119 -48.85 93.34 7.84
CA GLN K 119 -49.33 92.75 9.08
C GLN K 119 -48.82 93.51 10.29
N LYS K 120 -47.57 93.98 10.25
CA LYS K 120 -47.06 94.78 11.36
C LYS K 120 -47.84 96.08 11.52
N ARG K 121 -48.13 96.75 10.40
CA ARG K 121 -48.95 97.95 10.45
C ARG K 121 -50.36 97.63 10.94
N TYR K 122 -50.89 96.48 10.54
CA TYR K 122 -52.21 96.06 10.97
C TYR K 122 -52.25 95.91 12.48
N ALA K 123 -51.21 95.29 13.04
CA ALA K 123 -51.14 95.10 14.49
C ALA K 123 -50.99 96.42 15.23
N ILE K 124 -50.21 97.35 14.67
CA ILE K 124 -50.13 98.68 15.27
C ILE K 124 -51.49 99.35 15.29
N CYS K 125 -52.23 99.25 14.20
CA CYS K 125 -53.57 99.84 14.13
C CYS K 125 -54.50 99.22 15.15
N SER K 126 -54.43 97.88 15.30
CA SER K 126 -55.28 97.21 16.28
C SER K 126 -54.93 97.64 17.70
N ALA K 127 -53.64 97.75 18.01
CA ALA K 127 -53.24 98.18 19.34
C ALA K 127 -53.71 99.60 19.63
N LEU K 128 -53.56 100.50 18.66
CA LEU K 128 -54.02 101.86 18.84
C LEU K 128 -55.53 101.92 19.04
N ALA K 129 -56.28 101.15 18.25
CA ALA K 129 -57.73 101.14 18.38
C ALA K 129 -58.16 100.60 19.73
N ALA K 130 -57.44 99.59 20.23
CA ALA K 130 -57.80 99.03 21.53
C ALA K 130 -57.40 99.95 22.67
N SER K 131 -56.39 100.79 22.47
CA SER K 131 -55.96 101.68 23.54
C SER K 131 -56.97 102.79 23.84
N ALA K 132 -57.99 102.97 23.01
CA ALA K 132 -59.00 104.00 23.23
C ALA K 132 -60.29 103.43 23.81
N LEU K 133 -60.31 102.16 24.18
CA LEU K 133 -61.49 101.54 24.76
C LEU K 133 -61.27 101.31 26.24
N PRO K 134 -62.05 101.95 27.11
CA PRO K 134 -61.77 101.84 28.56
C PRO K 134 -61.84 100.44 29.11
N ALA K 135 -62.68 99.58 28.55
CA ALA K 135 -62.77 98.22 29.06
C ALA K 135 -61.48 97.45 28.82
N LEU K 136 -60.84 97.66 27.67
CA LEU K 136 -59.62 96.92 27.36
C LEU K 136 -58.43 97.42 28.18
N VAL K 137 -58.34 98.75 28.39
CA VAL K 137 -57.26 99.27 29.21
C VAL K 137 -57.45 98.87 30.66
N MET K 138 -58.68 98.90 31.14
CA MET K 138 -58.97 98.40 32.48
C MET K 138 -58.64 96.92 32.59
N SER K 139 -58.93 96.14 31.55
CA SER K 139 -58.60 94.72 31.56
C SER K 139 -57.11 94.46 31.49
N LYS K 140 -56.34 95.39 30.92
CA LYS K 140 -54.89 95.37 31.11
C LYS K 140 -54.48 95.83 32.50
N GLY K 141 -55.37 96.48 33.23
CA GLY K 141 -55.13 96.74 34.63
C GLY K 141 -54.40 98.03 34.90
N HIS K 142 -54.68 99.05 34.10
CA HIS K 142 -53.91 100.28 34.11
C HIS K 142 -54.48 101.34 35.04
N ARG K 143 -55.52 101.01 35.81
CA ARG K 143 -56.07 101.91 36.83
C ARG K 143 -56.54 103.24 36.22
N ILE K 144 -57.39 103.15 35.22
CA ILE K 144 -58.04 104.31 34.63
C ILE K 144 -59.45 104.40 35.21
N GLU K 145 -59.56 105.06 36.34
CA GLU K 145 -60.87 105.33 36.91
C GLU K 145 -61.14 106.81 37.11
N GLU K 146 -60.11 107.63 37.15
CA GLU K 146 -60.26 109.07 37.31
C GLU K 146 -59.65 109.83 36.14
N VAL K 147 -59.23 109.13 35.11
CA VAL K 147 -58.73 109.77 33.88
C VAL K 147 -59.90 110.45 33.18
N PRO K 148 -59.80 111.74 32.85
CA PRO K 148 -60.96 112.45 32.29
C PRO K 148 -61.44 111.90 30.96
N GLU K 149 -60.53 111.41 30.12
CA GLU K 149 -60.88 110.93 28.79
C GLU K 149 -59.81 109.93 28.37
N LEU K 150 -60.22 108.73 28.01
CA LEU K 150 -59.23 107.68 27.75
C LEU K 150 -58.30 108.00 26.57
N PRO K 151 -58.78 108.44 25.40
CA PRO K 151 -57.81 108.96 24.43
C PRO K 151 -57.23 110.25 24.97
N LEU K 152 -56.33 110.11 25.93
CA LEU K 152 -55.86 111.23 26.73
C LEU K 152 -54.83 112.03 25.95
N VAL K 153 -55.16 113.28 25.66
CA VAL K 153 -54.33 114.15 24.85
C VAL K 153 -53.98 115.37 25.68
N VAL K 154 -52.68 115.68 25.78
CA VAL K 154 -52.22 116.85 26.50
C VAL K 154 -51.59 117.83 25.53
N GLU K 155 -51.43 119.05 25.99
CA GLU K 155 -50.89 120.11 25.16
C GLU K 155 -49.41 119.86 24.87
N ASP K 156 -48.90 120.54 23.85
CA ASP K 156 -47.52 120.35 23.42
C ASP K 156 -46.50 120.90 24.40
N LYS K 157 -46.93 121.64 25.43
CA LYS K 157 -46.01 122.14 26.44
C LYS K 157 -45.28 121.02 27.15
N VAL K 158 -45.89 119.84 27.23
CA VAL K 158 -45.29 118.70 27.91
C VAL K 158 -44.01 118.26 27.20
N GLU K 159 -43.95 118.44 25.88
CA GLU K 159 -42.76 118.03 25.13
C GLU K 159 -41.53 118.80 25.56
N GLY K 160 -41.70 120.00 26.10
CA GLY K 160 -40.60 120.82 26.58
C GLY K 160 -40.28 120.69 28.04
N TYR K 161 -40.83 119.71 28.75
CA TYR K 161 -40.52 119.51 30.15
C TYR K 161 -39.06 119.13 30.33
N LYS K 162 -38.48 119.54 31.44
CA LYS K 162 -37.07 119.28 31.69
C LYS K 162 -36.82 118.51 32.98
N LYS K 163 -37.56 118.79 34.04
CA LYS K 163 -37.35 118.17 35.34
C LYS K 163 -38.33 117.04 35.55
N THR K 164 -37.96 116.12 36.45
CA THR K 164 -38.81 114.99 36.78
C THR K 164 -39.97 115.39 37.69
N LYS K 165 -39.76 116.42 38.51
CA LYS K 165 -40.81 116.87 39.41
C LYS K 165 -42.04 117.34 38.64
N GLU K 166 -41.83 118.07 37.55
CA GLU K 166 -42.96 118.57 36.78
C GLU K 166 -43.63 117.46 35.98
N ALA K 167 -42.88 116.43 35.57
CA ALA K 167 -43.52 115.25 34.99
C ALA K 167 -44.40 114.53 35.99
N VAL K 168 -43.91 114.38 37.23
CA VAL K 168 -44.71 113.77 38.29
C VAL K 168 -45.97 114.60 38.55
N LEU K 169 -45.82 115.92 38.59
CA LEU K 169 -46.97 116.79 38.79
C LEU K 169 -47.98 116.65 37.66
N LEU K 170 -47.49 116.56 36.42
CA LEU K 170 -48.39 116.38 35.29
C LEU K 170 -49.16 115.08 35.38
N LEU K 171 -48.49 113.99 35.76
CA LEU K 171 -49.19 112.71 35.91
C LEU K 171 -50.22 112.80 37.03
N LYS K 172 -49.87 113.45 38.14
CA LYS K 172 -50.81 113.59 39.24
C LYS K 172 -52.04 114.39 38.82
N LYS K 173 -51.84 115.47 38.08
CA LYS K 173 -52.98 116.28 37.65
C LYS K 173 -53.79 115.58 36.57
N LEU K 174 -53.15 114.73 35.78
CA LEU K 174 -53.86 113.90 34.81
C LEU K 174 -54.50 112.68 35.45
N LYS K 175 -54.30 112.49 36.76
CA LYS K 175 -54.85 111.36 37.50
C LYS K 175 -54.33 110.03 36.96
N ALA K 176 -53.13 110.07 36.39
CA ALA K 176 -52.42 108.88 35.94
C ALA K 176 -51.38 108.43 36.95
N TRP K 177 -51.34 109.06 38.13
CA TRP K 177 -50.35 108.69 39.12
C TRP K 177 -50.67 107.37 39.80
N ASN K 178 -51.93 106.93 39.76
CA ASN K 178 -52.28 105.67 40.39
C ASN K 178 -51.65 104.49 39.66
N ASP K 179 -51.50 104.58 38.34
CA ASP K 179 -50.81 103.54 37.60
C ASP K 179 -49.34 103.46 38.01
N ILE K 180 -48.71 104.61 38.22
CA ILE K 180 -47.31 104.63 38.68
C ILE K 180 -47.21 104.04 40.08
N LYS K 181 -48.17 104.36 40.94
CA LYS K 181 -48.17 103.78 42.29
C LYS K 181 -48.37 102.27 42.22
N LYS K 182 -49.18 101.80 41.28
CA LYS K 182 -49.33 100.36 41.09
C LYS K 182 -48.02 99.71 40.63
N VAL K 183 -47.28 100.38 39.75
CA VAL K 183 -45.97 99.88 39.35
C VAL K 183 -45.04 99.80 40.56
N TYR K 184 -45.04 100.85 41.38
CA TYR K 184 -44.23 100.87 42.59
C TYR K 184 -44.58 99.72 43.52
N ALA K 185 -45.88 99.48 43.70
CA ALA K 185 -46.32 98.35 44.52
C ALA K 185 -45.92 97.02 43.91
N SER K 186 -45.83 96.96 42.58
CA SER K 186 -45.48 95.73 41.90
C SER K 186 -43.99 95.48 41.80
N GLN K 187 -43.16 96.43 42.20
CA GLN K 187 -41.71 96.20 42.12
C GLN K 187 -41.32 95.12 43.13
N ARG K 188 -41.13 93.90 42.66
CA ARG K 188 -40.66 92.82 43.52
C ARG K 188 -39.51 92.06 42.87
N MET K 189 -39.13 90.94 43.46
CA MET K 189 -37.97 90.18 43.05
C MET K 189 -38.41 89.02 42.16
N ARG K 190 -37.73 88.85 41.02
CA ARG K 190 -38.09 87.78 40.09
C ARG K 190 -37.77 86.41 40.68
N ALA K 191 -38.50 85.41 40.23
CA ALA K 191 -38.30 84.03 40.65
C ALA K 191 -37.52 83.27 39.59
N GLY K 192 -36.42 82.64 40.00
CA GLY K 192 -35.72 81.70 39.14
C GLY K 192 -34.31 82.14 38.84
N LYS K 193 -33.82 81.73 37.67
CA LYS K 193 -32.43 81.91 37.27
C LYS K 193 -32.15 83.31 36.71
N GLY K 194 -33.18 84.08 36.39
CA GLY K 194 -32.95 85.42 35.88
C GLY K 194 -32.22 86.30 36.88
N LYS K 195 -32.35 85.99 38.17
CA LYS K 195 -31.60 86.70 39.18
C LYS K 195 -30.10 86.52 38.98
N MET K 196 -29.67 85.31 38.64
CA MET K 196 -28.28 85.11 38.29
C MET K 196 -27.96 85.49 36.85
N ARG K 197 -28.97 85.81 36.05
CA ARG K 197 -28.74 86.19 34.66
C ARG K 197 -29.14 87.64 34.38
N ASN K 198 -29.05 88.49 35.41
CA ASN K 198 -29.16 89.94 35.34
C ASN K 198 -30.58 90.45 35.15
N ARG K 199 -31.57 89.57 35.12
CA ARG K 199 -32.97 89.99 35.14
C ARG K 199 -33.49 89.90 36.57
N ARG K 200 -32.82 90.65 37.44
CA ARG K 200 -33.01 90.50 38.87
C ARG K 200 -34.35 91.05 39.34
N ARG K 201 -34.79 92.17 38.78
CA ARG K 201 -35.98 92.86 39.23
C ARG K 201 -37.04 92.87 38.14
N ILE K 202 -38.31 92.79 38.56
CA ILE K 202 -39.44 92.85 37.65
C ILE K 202 -40.45 93.84 38.22
N GLN K 203 -41.27 94.40 37.33
CA GLN K 203 -42.28 95.36 37.75
C GLN K 203 -43.37 95.45 36.71
N ARG K 204 -44.48 96.07 37.12
CA ARG K 204 -45.62 96.32 36.25
C ARG K 204 -45.26 97.31 35.16
N ARG K 205 -45.89 97.15 34.00
CA ARG K 205 -45.78 98.14 32.93
C ARG K 205 -46.66 99.35 33.23
N GLY K 206 -46.09 100.53 33.04
CA GLY K 206 -46.82 101.76 33.26
C GLY K 206 -47.40 102.33 31.98
N PRO K 207 -47.83 103.58 32.02
CA PRO K 207 -48.37 104.21 30.82
C PRO K 207 -47.29 104.52 29.78
N CYS K 208 -47.76 104.71 28.56
CA CYS K 208 -46.93 105.01 27.41
C CYS K 208 -47.18 106.46 27.00
N ILE K 209 -46.17 107.31 27.19
CA ILE K 209 -46.24 108.69 26.74
C ILE K 209 -45.79 108.73 25.28
N ILE K 210 -46.69 109.10 24.38
CA ILE K 210 -46.38 109.18 22.96
C ILE K 210 -46.19 110.65 22.60
N TYR K 211 -45.03 110.96 22.06
CA TYR K 211 -44.65 112.33 21.74
C TYR K 211 -44.33 112.44 20.25
N ASN K 212 -44.40 113.67 19.75
CA ASN K 212 -43.99 113.92 18.38
C ASN K 212 -42.55 114.39 18.29
N GLU K 213 -42.17 115.36 19.11
CA GLU K 213 -40.85 115.94 19.05
C GLU K 213 -40.28 116.05 20.45
N ASP K 214 -39.02 115.65 20.61
CA ASP K 214 -38.36 115.72 21.91
C ASP K 214 -37.78 117.11 22.10
N ASN K 215 -38.17 117.76 23.19
CA ASN K 215 -37.53 118.98 23.66
C ASN K 215 -37.13 118.84 25.12
N GLY K 216 -36.83 117.62 25.54
CA GLY K 216 -36.52 117.30 26.92
C GLY K 216 -37.51 116.38 27.59
N ILE K 217 -38.56 115.94 26.89
CA ILE K 217 -39.61 115.14 27.53
C ILE K 217 -39.06 113.80 27.99
N ILE K 218 -38.16 113.19 27.20
CA ILE K 218 -37.58 111.91 27.61
C ILE K 218 -36.79 112.06 28.89
N LYS K 219 -35.98 113.11 28.99
CA LYS K 219 -35.20 113.30 30.20
C LYS K 219 -36.10 113.66 31.38
N ALA K 220 -37.17 114.42 31.14
CA ALA K 220 -38.09 114.77 32.22
C ALA K 220 -38.75 113.52 32.79
N PHE K 221 -39.27 112.66 31.92
CA PHE K 221 -39.71 111.33 32.30
C PHE K 221 -38.48 110.45 32.35
N ARG K 222 -38.64 109.13 32.26
CA ARG K 222 -37.64 108.07 32.16
C ARG K 222 -36.99 107.74 33.50
N ASN K 223 -37.20 108.53 34.55
CA ASN K 223 -36.90 108.09 35.89
C ASN K 223 -38.14 107.63 36.63
N ILE K 224 -39.31 107.81 36.02
CA ILE K 224 -40.56 107.27 36.55
C ILE K 224 -40.61 105.80 36.15
N PRO K 225 -40.69 104.87 37.10
CA PRO K 225 -40.83 103.46 36.74
C PRO K 225 -42.12 103.20 35.99
N GLY K 226 -42.06 102.30 35.03
CA GLY K 226 -43.20 101.93 34.22
C GLY K 226 -43.46 102.82 33.02
N ILE K 227 -43.15 104.10 33.14
CA ILE K 227 -43.37 105.03 32.03
C ILE K 227 -42.51 104.63 30.85
N THR K 228 -43.14 104.47 29.69
CA THR K 228 -42.42 104.20 28.44
C THR K 228 -42.73 105.31 27.45
N LEU K 229 -41.70 105.95 26.91
CA LEU K 229 -41.91 107.01 25.94
C LEU K 229 -41.73 106.45 24.53
N LEU K 230 -42.56 106.96 23.61
CA LEU K 230 -42.60 106.42 22.27
C LEU K 230 -42.81 107.56 21.29
N ASN K 231 -41.98 107.60 20.26
CA ASN K 231 -42.16 108.57 19.19
C ASN K 231 -43.33 108.14 18.30
N VAL K 232 -44.15 109.11 17.89
CA VAL K 232 -45.33 108.76 17.11
C VAL K 232 -44.94 108.23 15.75
N SER K 233 -43.80 108.67 15.20
CA SER K 233 -43.38 108.21 13.88
C SER K 233 -42.70 106.84 13.94
N LYS K 234 -42.45 106.30 15.11
CA LYS K 234 -41.72 105.06 15.29
C LYS K 234 -42.43 104.16 16.29
N LEU K 235 -43.74 103.98 16.10
CA LEU K 235 -44.54 103.21 17.03
C LEU K 235 -44.10 101.75 17.07
N ASN K 236 -43.97 101.21 18.28
CA ASN K 236 -43.46 99.86 18.50
C ASN K 236 -44.58 99.00 19.06
N ILE K 237 -44.87 97.89 18.38
CA ILE K 237 -45.91 96.99 18.88
C ILE K 237 -45.46 96.33 20.18
N LEU K 238 -44.15 96.13 20.36
CA LEU K 238 -43.64 95.55 21.59
C LEU K 238 -43.86 96.46 22.79
N LYS K 239 -44.05 97.75 22.57
CA LYS K 239 -44.39 98.68 23.64
C LYS K 239 -45.88 98.98 23.72
N LEU K 240 -46.59 98.91 22.59
CA LEU K 240 -48.02 99.17 22.60
C LEU K 240 -48.83 98.00 23.16
N ALA K 241 -48.38 96.77 22.93
CA ALA K 241 -49.02 95.58 23.49
C ALA K 241 -47.93 94.80 24.19
N PRO K 242 -47.59 95.18 25.42
CA PRO K 242 -46.36 94.66 26.06
C PRO K 242 -46.29 93.15 26.18
N GLY K 243 -47.39 92.49 26.49
CA GLY K 243 -47.34 91.05 26.63
C GLY K 243 -47.97 90.34 25.46
N GLY K 244 -48.19 91.07 24.38
CA GLY K 244 -49.03 90.59 23.31
C GLY K 244 -50.50 90.87 23.52
N HIS K 245 -50.86 91.51 24.62
CA HIS K 245 -52.24 91.85 24.92
C HIS K 245 -52.47 93.33 24.64
N VAL K 246 -53.52 93.62 23.92
CA VAL K 246 -53.84 95.00 23.56
C VAL K 246 -54.45 95.71 24.76
N GLY K 247 -54.26 97.02 24.81
CA GLY K 247 -54.91 97.82 25.83
C GLY K 247 -53.99 98.51 26.80
N ARG K 248 -52.80 98.90 26.35
CA ARG K 248 -51.92 99.66 27.21
C ARG K 248 -52.40 101.11 27.31
N PHE K 249 -52.37 101.65 28.52
CA PHE K 249 -52.71 103.05 28.72
C PHE K 249 -51.70 103.95 28.03
N CYS K 250 -52.19 104.86 27.20
CA CYS K 250 -51.34 105.76 26.43
C CYS K 250 -51.78 107.20 26.65
N ILE K 251 -50.80 108.08 26.83
CA ILE K 251 -51.01 109.51 26.96
C ILE K 251 -50.39 110.17 25.73
N TRP K 252 -51.22 110.89 24.99
CA TRP K 252 -50.80 111.46 23.71
C TRP K 252 -50.49 112.94 23.87
N THR K 253 -49.46 113.38 23.18
CA THR K 253 -49.26 114.79 22.95
C THR K 253 -50.15 115.23 21.80
N GLU K 254 -50.53 116.52 21.79
CA GLU K 254 -51.47 116.99 20.79
C GLU K 254 -50.90 116.87 19.38
N SER K 255 -49.63 117.20 19.20
CA SER K 255 -49.02 117.14 17.88
C SER K 255 -48.93 115.70 17.39
N ALA K 256 -48.61 114.76 18.28
CA ALA K 256 -48.62 113.35 17.89
C ALA K 256 -50.02 112.88 17.52
N PHE K 257 -51.02 113.29 18.30
CA PHE K 257 -52.39 112.95 18.02
C PHE K 257 -52.82 113.46 16.66
N ARG K 258 -52.38 114.66 16.30
CA ARG K 258 -52.71 115.22 15.00
C ARG K 258 -51.95 114.50 13.89
N LYS K 259 -50.71 114.09 14.15
CA LYS K 259 -49.92 113.42 13.13
C LYS K 259 -50.38 111.99 12.86
N LEU K 260 -51.20 111.43 13.75
CA LEU K 260 -51.70 110.07 13.54
C LEU K 260 -52.42 109.92 12.18
N ASP K 261 -53.22 110.90 11.79
CA ASP K 261 -53.94 110.81 10.52
C ASP K 261 -52.99 110.76 9.33
N GLU K 262 -51.94 111.58 9.33
CA GLU K 262 -50.97 111.49 8.25
C GLU K 262 -50.15 110.22 8.32
N LEU K 263 -49.96 109.66 9.51
CA LEU K 263 -49.16 108.45 9.62
C LEU K 263 -49.89 107.21 9.12
N TYR K 264 -51.18 107.09 9.41
CA TYR K 264 -51.91 105.89 9.02
C TYR K 264 -53.08 106.12 8.08
N GLY K 265 -53.43 107.37 7.80
CA GLY K 265 -54.49 107.64 6.86
C GLY K 265 -55.88 107.48 7.46
N THR K 266 -56.85 108.00 6.73
CA THR K 266 -58.25 107.79 7.01
C THR K 266 -58.68 106.58 6.17
N TRP K 267 -59.95 106.20 6.22
CA TRP K 267 -60.42 105.27 5.21
C TRP K 267 -60.69 105.96 3.89
N ARG K 268 -60.72 107.29 3.87
CA ARG K 268 -60.90 108.06 2.66
C ARG K 268 -59.59 108.57 2.09
N LYS K 269 -58.57 108.73 2.93
CA LYS K 269 -57.24 109.17 2.53
C LYS K 269 -56.23 108.06 2.76
N ALA K 270 -55.38 107.84 1.78
CA ALA K 270 -54.20 107.01 2.01
C ALA K 270 -53.22 107.77 2.92
N ALA K 271 -52.41 107.01 3.64
CA ALA K 271 -51.43 107.62 4.52
C ALA K 271 -50.44 108.45 3.72
N SER K 272 -50.24 109.69 4.14
CA SER K 272 -49.32 110.58 3.46
C SER K 272 -47.87 110.41 3.90
N LEU K 273 -47.63 109.66 4.97
CA LEU K 273 -46.28 109.42 5.46
C LEU K 273 -45.85 107.96 5.30
N LYS K 274 -46.59 107.17 4.53
CA LYS K 274 -46.23 105.78 4.27
C LYS K 274 -46.32 105.40 2.80
N SER K 275 -46.89 106.26 1.95
CA SER K 275 -46.72 106.23 0.50
C SER K 275 -47.40 105.06 -0.20
N ASN K 276 -47.83 104.06 0.56
CA ASN K 276 -48.63 103.00 -0.04
C ASN K 276 -49.66 102.44 0.92
N TYR K 277 -49.79 102.98 2.12
CA TYR K 277 -50.58 102.35 3.16
C TYR K 277 -51.94 103.01 3.30
N ASN K 278 -52.96 102.20 3.54
CA ASN K 278 -54.29 102.67 3.88
C ASN K 278 -54.80 101.82 5.04
N LEU K 279 -55.76 102.36 5.77
CA LEU K 279 -56.31 101.65 6.92
C LEU K 279 -57.01 100.38 6.46
N PRO K 280 -56.90 99.31 7.24
CA PRO K 280 -57.57 98.06 6.87
C PRO K 280 -59.08 98.16 7.04
N MET K 281 -59.78 97.25 6.37
CA MET K 281 -61.23 97.29 6.28
C MET K 281 -61.86 96.33 7.28
N HIS K 282 -63.11 96.62 7.62
CA HIS K 282 -63.90 95.77 8.50
C HIS K 282 -64.66 94.74 7.68
N LYS K 283 -64.64 93.49 8.15
CA LYS K 283 -65.52 92.48 7.59
C LYS K 283 -66.86 92.42 8.30
N MET K 284 -67.03 93.23 9.35
CA MET K 284 -68.30 93.32 10.07
C MET K 284 -68.46 94.77 10.49
N ILE K 285 -69.31 95.51 9.78
CA ILE K 285 -69.46 96.93 10.04
C ILE K 285 -70.09 97.16 11.40
N ASN K 286 -71.19 96.47 11.68
CA ASN K 286 -71.89 96.59 12.95
C ASN K 286 -71.64 95.32 13.76
N THR K 287 -70.88 95.45 14.83
CA THR K 287 -70.58 94.32 15.70
C THR K 287 -71.54 94.21 16.87
N ASP K 288 -72.57 95.06 16.93
CA ASP K 288 -73.55 95.02 18.01
C ASP K 288 -74.52 93.88 17.74
N LEU K 289 -74.14 92.70 18.20
CA LEU K 289 -74.96 91.52 17.99
C LEU K 289 -76.32 91.66 18.64
N SER K 290 -76.38 92.28 19.82
CA SER K 290 -77.64 92.44 20.52
C SER K 290 -78.63 93.24 19.69
N ARG K 291 -78.20 94.39 19.18
CA ARG K 291 -79.10 95.23 18.39
C ARG K 291 -79.43 94.60 17.04
N ILE K 292 -78.46 93.89 16.44
CA ILE K 292 -78.75 93.21 15.18
C ILE K 292 -79.82 92.15 15.38
N LEU K 293 -79.69 91.35 16.44
CA LEU K 293 -80.64 90.28 16.69
C LEU K 293 -81.99 90.81 17.13
N LYS K 294 -82.02 91.93 17.85
CA LYS K 294 -83.27 92.51 18.31
C LYS K 294 -83.88 93.45 17.29
N SER K 295 -83.24 93.66 16.15
CA SER K 295 -83.82 94.48 15.11
C SER K 295 -85.11 93.84 14.59
N PRO K 296 -86.14 94.65 14.31
CA PRO K 296 -87.44 94.07 13.91
C PRO K 296 -87.38 93.25 12.63
N GLU K 297 -86.53 93.63 11.67
CA GLU K 297 -86.47 92.88 10.43
C GLU K 297 -85.85 91.50 10.61
N ILE K 298 -84.94 91.34 11.58
CA ILE K 298 -84.49 90.01 11.94
C ILE K 298 -85.60 89.24 12.63
N GLN K 299 -86.32 89.90 13.54
CA GLN K 299 -87.31 89.21 14.37
C GLN K 299 -88.51 88.74 13.55
N ARG K 300 -88.90 89.47 12.51
CA ARG K 300 -90.03 89.05 11.70
C ARG K 300 -89.76 87.74 10.95
N ALA K 301 -88.49 87.46 10.66
CA ALA K 301 -88.13 86.30 9.86
C ALA K 301 -87.97 85.03 10.69
N LEU K 302 -88.06 85.12 12.01
CA LEU K 302 -87.75 83.98 12.86
C LEU K 302 -89.00 83.16 13.14
N ARG K 303 -88.79 81.87 13.36
CA ARG K 303 -89.82 81.03 13.93
C ARG K 303 -89.84 81.17 15.45
N ALA K 304 -90.95 80.74 16.05
CA ALA K 304 -91.12 80.89 17.48
C ALA K 304 -90.13 79.99 18.24
N PRO K 305 -89.64 80.43 19.38
CA PRO K 305 -88.71 79.60 20.15
C PRO K 305 -89.39 78.36 20.70
N ARG K 306 -88.63 77.27 20.76
CA ARG K 306 -89.10 76.02 21.34
C ARG K 306 -88.47 75.91 22.72
N LYS K 307 -89.13 76.51 23.72
CA LYS K 307 -88.55 76.69 25.03
C LYS K 307 -88.99 75.64 26.05
N LYS K 308 -89.73 74.62 25.64
CA LYS K 308 -90.15 73.57 26.55
C LYS K 308 -89.15 72.42 26.51
N ILE K 309 -88.72 71.98 27.67
CA ILE K 309 -87.80 70.85 27.79
C ILE K 309 -88.59 69.56 27.82
N HIS K 310 -88.29 68.64 26.91
CA HIS K 310 -88.94 67.35 26.83
C HIS K 310 -87.97 66.29 27.36
N ARG K 311 -88.07 66.03 28.66
CA ARG K 311 -87.24 65.01 29.28
C ARG K 311 -87.77 63.62 28.95
N ARG K 312 -86.94 62.61 29.20
CA ARG K 312 -87.30 61.25 28.81
C ARG K 312 -88.50 60.78 29.61
N VAL K 313 -89.33 59.96 28.97
CA VAL K 313 -90.54 59.43 29.58
C VAL K 313 -90.21 58.03 30.09
N LEU K 314 -90.45 57.79 31.37
CA LEU K 314 -90.28 56.45 31.92
C LEU K 314 -91.34 55.54 31.33
N LYS K 315 -90.91 54.48 30.64
CA LYS K 315 -91.84 53.60 29.98
C LYS K 315 -92.55 52.72 30.99
N LYS K 316 -93.73 53.15 31.44
CA LYS K 316 -94.55 52.29 32.26
C LYS K 316 -95.18 51.20 31.39
N ASN K 317 -95.24 50.00 31.93
CA ASN K 317 -95.69 48.86 31.16
C ASN K 317 -97.20 48.88 31.01
N PRO K 318 -97.73 48.94 29.80
CA PRO K 318 -99.12 48.48 29.61
C PRO K 318 -99.15 46.99 29.83
N LEU K 319 -100.37 46.46 29.99
CA LEU K 319 -100.61 45.07 30.41
C LEU K 319 -100.31 44.92 31.89
N LYS K 320 -99.77 45.96 32.51
CA LYS K 320 -99.56 45.99 33.95
C LYS K 320 -100.15 47.28 34.53
N ASN K 321 -100.10 48.36 33.74
CA ASN K 321 -100.62 49.66 34.14
C ASN K 321 -101.89 49.93 33.36
N LEU K 322 -103.02 49.92 34.08
CA LEU K 322 -104.32 50.04 33.43
C LEU K 322 -104.47 51.36 32.70
N ARG K 323 -104.08 52.47 33.34
CA ARG K 323 -104.30 53.77 32.72
C ARG K 323 -103.35 54.00 31.55
N ILE K 324 -102.14 53.45 31.61
CA ILE K 324 -101.24 53.51 30.46
C ILE K 324 -101.83 52.74 29.29
N MET K 325 -102.38 51.55 29.56
CA MET K 325 -103.03 50.80 28.50
C MET K 325 -104.23 51.53 27.95
N LEU K 326 -104.98 52.22 28.81
CA LEU K 326 -106.14 52.96 28.32
C LEU K 326 -105.72 54.18 27.50
N LYS K 327 -104.60 54.78 27.85
CA LYS K 327 -104.08 55.88 27.06
C LYS K 327 -103.69 55.40 25.66
N LEU K 328 -103.08 54.22 25.57
CA LEU K 328 -102.69 53.71 24.26
C LEU K 328 -103.85 53.08 23.49
N ASN K 329 -104.88 52.61 24.19
CA ASN K 329 -105.97 51.87 23.58
C ASN K 329 -107.21 51.98 24.45
N PRO K 330 -108.08 52.98 24.21
CA PRO K 330 -109.24 53.17 25.09
C PRO K 330 -110.24 52.02 25.06
N TYR K 331 -110.24 51.19 24.02
CA TYR K 331 -111.17 50.07 23.95
C TYR K 331 -110.80 48.94 24.91
N ALA K 332 -109.58 48.95 25.43
CA ALA K 332 -109.17 47.93 26.38
C ALA K 332 -110.00 47.96 27.64
N LYS K 333 -110.49 49.14 28.03
CA LYS K 333 -111.33 49.22 29.22
C LYS K 333 -112.63 48.46 29.02
N THR K 334 -113.27 48.63 27.88
CA THR K 334 -114.53 47.93 27.64
C THR K 334 -114.30 46.44 27.44
N MET K 335 -113.19 46.06 26.78
CA MET K 335 -112.87 44.64 26.69
C MET K 335 -112.68 44.04 28.07
N ARG K 336 -111.94 44.72 28.94
CA ARG K 336 -111.66 44.21 30.27
C ARG K 336 -112.93 44.13 31.11
N ARG K 337 -113.78 45.16 31.02
CA ARG K 337 -115.04 45.14 31.76
C ARG K 337 -115.96 44.02 31.28
N ASN K 338 -116.04 43.83 29.96
CA ASN K 338 -116.84 42.74 29.43
C ASN K 338 -116.29 41.39 29.87
N THR K 339 -114.97 41.25 29.89
CA THR K 339 -114.36 39.99 30.34
C THR K 339 -114.68 39.73 31.81
N ILE K 340 -114.58 40.74 32.65
CA ILE K 340 -114.86 40.55 34.07
C ILE K 340 -116.32 40.18 34.29
N LEU K 341 -117.23 40.89 33.61
CA LEU K 341 -118.65 40.58 33.75
C LEU K 341 -118.96 39.17 33.25
N ARG K 342 -118.39 38.80 32.11
CA ARG K 342 -118.62 37.47 31.55
C ARG K 342 -118.10 36.38 32.47
N GLN K 343 -116.91 36.58 33.03
CA GLN K 343 -116.35 35.59 33.93
C GLN K 343 -117.16 35.46 35.20
N ALA K 344 -117.65 36.59 35.74
CA ALA K 344 -118.51 36.51 36.92
C ALA K 344 -119.81 35.77 36.61
N ARG K 345 -120.41 36.04 35.46
CA ARG K 345 -121.64 35.35 35.09
C ARG K 345 -121.42 33.86 34.90
N ASN K 346 -120.33 33.49 34.24
CA ASN K 346 -120.05 32.07 34.01
C ASN K 346 -119.74 31.36 35.33
N HIS K 347 -119.01 32.02 36.22
CA HIS K 347 -118.71 31.43 37.53
C HIS K 347 -119.99 31.23 38.32
N LYS K 348 -120.89 32.21 38.31
CA LYS K 348 -122.17 32.04 38.99
C LYS K 348 -122.98 30.91 38.38
N LEU K 349 -122.98 30.79 37.05
CA LEU K 349 -123.71 29.71 36.40
C LEU K 349 -123.17 28.35 36.80
N ARG K 350 -121.85 28.21 36.80
CA ARG K 350 -121.24 26.92 37.15
C ARG K 350 -121.47 26.58 38.62
N VAL K 351 -121.38 27.59 39.49
CA VAL K 351 -121.62 27.35 40.91
C VAL K 351 -123.06 26.92 41.15
N ASP K 352 -124.01 27.60 40.50
CA ASP K 352 -125.41 27.23 40.65
C ASP K 352 -125.69 25.85 40.08
N LYS K 353 -125.07 25.51 38.95
CA LYS K 353 -125.30 24.21 38.34
C LYS K 353 -124.72 23.09 39.20
N ALA K 354 -123.54 23.31 39.78
CA ALA K 354 -122.98 22.31 40.70
C ALA K 354 -123.82 22.18 41.96
N ALA K 355 -124.33 23.31 42.48
CA ALA K 355 -125.19 23.24 43.65
C ALA K 355 -126.49 22.50 43.34
N ALA K 356 -127.04 22.72 42.15
CA ALA K 356 -128.24 22.00 41.74
C ALA K 356 -127.95 20.50 41.61
N ALA K 357 -126.79 20.14 41.07
CA ALA K 357 -126.42 18.73 41.00
C ALA K 357 -126.29 18.12 42.39
N ALA K 358 -125.67 18.84 43.32
CA ALA K 358 -125.55 18.34 44.68
C ALA K 358 -126.91 18.20 45.35
N ALA K 359 -127.80 19.17 45.12
CA ALA K 359 -129.14 19.10 45.70
C ALA K 359 -129.93 17.95 45.11
N ALA K 360 -129.78 17.69 43.81
CA ALA K 360 -130.44 16.55 43.19
C ALA K 360 -129.89 15.24 43.75
N LEU K 361 -128.58 15.17 43.99
CA LEU K 361 -128.00 13.99 44.61
C LEU K 361 -128.55 13.79 46.02
N GLN K 362 -128.66 14.87 46.79
CA GLN K 362 -129.24 14.79 48.14
C GLN K 362 -130.69 14.32 48.08
N ALA K 363 -131.46 14.84 47.12
CA ALA K 363 -132.85 14.45 46.99
C ALA K 363 -132.99 12.97 46.59
N LYS K 364 -132.18 12.52 45.65
CA LYS K 364 -132.25 11.13 45.20
C LYS K 364 -131.60 10.16 46.18
N SER K 365 -130.86 10.65 47.18
CA SER K 365 -130.36 9.79 48.24
C SER K 365 -131.22 9.78 49.49
N ASP K 366 -131.91 10.89 49.79
CA ASP K 366 -132.75 11.00 50.97
C ASP K 366 -134.20 11.30 50.61
N GLU K 367 -134.67 10.78 49.47
CA GLU K 367 -136.02 11.06 49.02
C GLU K 367 -137.08 10.41 49.91
N LYS K 368 -136.72 9.38 50.67
CA LYS K 368 -137.63 8.67 51.56
C LYS K 368 -138.88 8.14 50.85
N GLY L 1 -65.83 -12.54 -41.84
CA GLY L 1 -65.25 -11.22 -41.64
C GLY L 1 -64.11 -11.24 -40.65
N PHE L 2 -62.92 -10.85 -41.10
CA PHE L 2 -61.72 -10.88 -40.29
C PHE L 2 -61.09 -9.51 -40.08
N VAL L 3 -61.64 -8.48 -40.67
CA VAL L 3 -61.21 -7.11 -40.45
C VAL L 3 -62.20 -6.48 -39.47
N LYS L 4 -61.69 -5.61 -38.61
CA LYS L 4 -62.56 -4.82 -37.73
C LYS L 4 -63.59 -4.09 -38.56
N VAL L 5 -64.86 -4.24 -38.18
CA VAL L 5 -65.93 -3.52 -38.85
C VAL L 5 -65.75 -2.04 -38.53
N VAL L 6 -65.37 -1.25 -39.54
CA VAL L 6 -65.14 0.17 -39.30
C VAL L 6 -66.43 0.86 -38.91
N LYS L 7 -67.53 0.57 -39.60
CA LYS L 7 -68.80 1.20 -39.32
C LYS L 7 -69.60 0.38 -38.30
N ASN L 8 -69.01 0.24 -37.12
CA ASN L 8 -69.65 -0.44 -36.01
C ASN L 8 -70.53 0.55 -35.26
N LYS L 9 -70.99 0.15 -34.07
CA LYS L 9 -71.89 1.01 -33.30
C LYS L 9 -71.20 2.29 -32.86
N ALA L 10 -69.95 2.20 -32.42
CA ALA L 10 -69.25 3.38 -31.92
C ALA L 10 -69.00 4.40 -33.02
N TYR L 11 -68.78 3.94 -34.24
CA TYR L 11 -68.58 4.84 -35.36
C TYR L 11 -69.79 5.73 -35.56
N PHE L 12 -70.98 5.15 -35.52
CA PHE L 12 -72.19 5.96 -35.67
C PHE L 12 -72.49 6.76 -34.42
N LYS L 13 -72.08 6.27 -33.25
CA LYS L 13 -72.29 7.03 -32.03
C LYS L 13 -71.50 8.32 -32.05
N ARG L 14 -70.27 8.28 -32.56
CA ARG L 14 -69.42 9.46 -32.61
C ARG L 14 -69.48 10.19 -33.93
N TYR L 15 -70.22 9.70 -34.91
CA TYR L 15 -70.29 10.35 -36.20
C TYR L 15 -70.98 11.70 -36.10
N GLN L 16 -70.37 12.73 -36.67
CA GLN L 16 -70.98 14.04 -36.77
C GLN L 16 -71.28 14.33 -38.23
N VAL L 17 -72.57 14.44 -38.56
CA VAL L 17 -72.95 14.73 -39.93
C VAL L 17 -72.58 16.17 -40.27
N LYS L 18 -72.36 16.42 -41.56
CA LYS L 18 -72.15 17.77 -42.02
C LYS L 18 -73.50 18.48 -42.19
N PHE L 19 -73.46 19.72 -42.64
CA PHE L 19 -74.69 20.44 -42.90
C PHE L 19 -75.45 19.75 -44.02
N ARG L 20 -76.78 19.93 -44.01
CA ARG L 20 -77.61 19.18 -44.94
C ARG L 20 -77.27 19.49 -46.39
N ARG L 21 -77.06 20.76 -46.71
CA ARG L 21 -76.72 21.11 -48.08
C ARG L 21 -75.29 20.73 -48.42
N ARG L 22 -74.40 20.66 -47.44
CA ARG L 22 -73.08 20.12 -47.69
C ARG L 22 -73.13 18.64 -48.03
N ARG L 23 -73.95 17.88 -47.30
CA ARG L 23 -74.11 16.47 -47.62
C ARG L 23 -74.77 16.29 -48.99
N GLU L 24 -75.74 17.14 -49.30
CA GLU L 24 -76.34 17.13 -50.63
C GLU L 24 -75.39 17.63 -51.71
N GLY L 25 -74.28 18.25 -51.34
CA GLY L 25 -73.34 18.74 -52.32
C GLY L 25 -73.85 19.90 -53.13
N LYS L 26 -74.57 20.82 -52.50
CA LYS L 26 -75.12 21.98 -53.18
C LYS L 26 -74.51 23.29 -52.75
N THR L 27 -74.08 23.40 -51.49
CA THR L 27 -73.60 24.65 -50.92
C THR L 27 -72.15 24.50 -50.49
N ASP L 28 -71.31 25.44 -50.94
CA ASP L 28 -69.95 25.58 -50.44
C ASP L 28 -69.98 26.62 -49.34
N TYR L 29 -69.93 26.16 -48.08
CA TYR L 29 -70.11 27.08 -46.96
C TYR L 29 -68.89 27.97 -46.75
N TYR L 30 -67.71 27.50 -47.15
CA TYR L 30 -66.51 28.33 -47.07
C TYR L 30 -66.67 29.57 -47.94
N ALA L 31 -67.15 29.39 -49.16
CA ALA L 31 -67.38 30.54 -50.03
C ALA L 31 -68.61 31.31 -49.60
N ARG L 32 -69.63 30.63 -49.07
CA ARG L 32 -70.86 31.30 -48.69
C ARG L 32 -70.61 32.28 -47.54
N LYS L 33 -69.79 31.90 -46.56
CA LYS L 33 -69.52 32.80 -45.45
C LYS L 33 -68.87 34.08 -45.92
N ARG L 34 -67.92 33.98 -46.84
CA ARG L 34 -67.32 35.18 -47.39
C ARG L 34 -68.25 35.94 -48.32
N LEU L 35 -69.27 35.27 -48.86
CA LEU L 35 -70.07 35.87 -49.91
C LEU L 35 -71.34 36.54 -49.40
N VAL L 36 -71.95 36.06 -48.32
CA VAL L 36 -73.26 36.55 -47.90
C VAL L 36 -73.22 37.35 -46.62
N ILE L 37 -72.11 37.35 -45.90
CA ILE L 37 -72.06 37.98 -44.58
C ILE L 37 -71.70 39.45 -44.74
N GLN L 38 -72.53 40.31 -44.17
CA GLN L 38 -72.32 41.76 -44.22
C GLN L 38 -71.45 42.21 -43.06
N ASP L 39 -70.74 43.31 -43.25
CA ASP L 39 -69.97 43.92 -42.19
C ASP L 39 -70.88 44.31 -41.03
N LYS L 40 -70.38 44.18 -39.81
CA LYS L 40 -71.22 44.42 -38.66
C LYS L 40 -71.50 45.90 -38.44
N ASN L 41 -70.61 46.78 -38.91
CA ASN L 41 -70.86 48.20 -38.81
C ASN L 41 -71.73 48.72 -39.95
N LYS L 42 -72.16 47.84 -40.85
CA LYS L 42 -73.18 48.19 -41.83
C LYS L 42 -74.59 47.77 -41.39
N TYR L 43 -74.68 47.01 -40.30
CA TYR L 43 -75.94 46.72 -39.61
C TYR L 43 -76.88 45.98 -40.55
N ASN L 44 -78.10 46.45 -40.78
CA ASN L 44 -79.09 45.73 -41.55
C ASN L 44 -79.06 46.05 -43.04
N THR L 45 -77.96 46.61 -43.51
CA THR L 45 -77.82 46.87 -44.94
C THR L 45 -77.77 45.55 -45.68
N PRO L 46 -78.66 45.29 -46.63
CA PRO L 46 -78.63 44.01 -47.33
C PRO L 46 -77.40 43.89 -48.21
N LYS L 47 -76.93 42.66 -48.34
CA LYS L 47 -75.81 42.33 -49.24
C LYS L 47 -76.37 41.42 -50.33
N TYR L 48 -76.39 41.93 -51.56
CA TYR L 48 -77.06 41.26 -52.66
C TYR L 48 -76.08 40.43 -53.46
N ARG L 49 -76.46 39.18 -53.74
CA ARG L 49 -75.67 38.33 -54.62
C ARG L 49 -76.56 37.82 -55.73
N MET L 50 -75.98 37.73 -56.91
CA MET L 50 -76.63 37.21 -58.11
C MET L 50 -76.21 35.75 -58.25
N ILE L 51 -77.09 34.86 -57.83
CA ILE L 51 -76.86 33.43 -57.93
C ILE L 51 -77.08 32.99 -59.37
N VAL L 52 -76.09 32.34 -59.96
CA VAL L 52 -76.24 31.76 -61.29
C VAL L 52 -76.03 30.26 -61.18
N ARG L 53 -77.00 29.49 -61.65
CA ARG L 53 -76.94 28.03 -61.59
C ARG L 53 -77.32 27.49 -62.97
N VAL L 54 -76.36 26.87 -63.64
CA VAL L 54 -76.60 26.29 -64.95
C VAL L 54 -76.96 24.82 -64.76
N THR L 55 -78.15 24.46 -65.22
CA THR L 55 -78.71 23.13 -65.07
C THR L 55 -78.61 22.40 -66.41
N ASN L 56 -78.80 21.08 -66.39
CA ASN L 56 -78.70 20.28 -67.60
C ASN L 56 -79.64 20.78 -68.71
N ARG L 57 -80.78 21.36 -68.34
CA ARG L 57 -81.72 21.85 -69.33
C ARG L 57 -82.21 23.27 -69.03
N ASP L 58 -81.57 24.00 -68.13
CA ASP L 58 -82.07 25.30 -67.73
C ASP L 58 -80.93 26.14 -67.18
N ILE L 59 -81.17 27.44 -67.10
CA ILE L 59 -80.31 28.37 -66.39
C ILE L 59 -81.17 29.15 -65.42
N ILE L 60 -80.74 29.21 -64.17
CA ILE L 60 -81.47 29.92 -63.12
C ILE L 60 -80.62 31.09 -62.68
N CYS L 61 -81.18 32.29 -62.76
CA CYS L 61 -80.55 33.51 -62.26
C CYS L 61 -81.44 34.10 -61.19
N GLN L 62 -80.87 34.33 -60.02
CA GLN L 62 -81.61 34.89 -58.90
C GLN L 62 -80.80 35.99 -58.26
N ILE L 63 -81.49 36.89 -57.55
CA ILE L 63 -80.82 37.88 -56.73
C ILE L 63 -81.35 37.74 -55.32
N ALA L 64 -80.45 37.54 -54.36
CA ALA L 64 -80.85 37.24 -53.01
C ALA L 64 -79.96 37.95 -52.01
N TYR L 65 -80.51 38.20 -50.82
CA TYR L 65 -79.74 38.64 -49.68
C TYR L 65 -80.06 37.73 -48.50
N ALA L 66 -79.05 37.49 -47.67
CA ALA L 66 -79.18 36.51 -46.60
C ALA L 66 -79.90 37.09 -45.40
N ARG L 67 -80.73 36.27 -44.77
CA ARG L 67 -81.33 36.56 -43.48
C ARG L 67 -81.21 35.32 -42.60
N ILE L 68 -81.50 35.51 -41.32
CA ILE L 68 -81.35 34.41 -40.36
C ILE L 68 -82.31 33.29 -40.67
N GLU L 69 -83.55 33.62 -41.00
CA GLU L 69 -84.56 32.61 -41.32
C GLU L 69 -84.37 31.99 -42.69
N GLY L 70 -83.46 32.49 -43.50
CA GLY L 70 -83.24 31.97 -44.82
C GLY L 70 -82.97 33.07 -45.82
N ASP L 71 -82.51 32.70 -47.02
CA ASP L 71 -82.24 33.69 -48.05
C ASP L 71 -83.53 34.30 -48.57
N MET L 72 -83.51 35.60 -48.79
CA MET L 72 -84.66 36.34 -49.31
C MET L 72 -84.36 36.68 -50.76
N ILE L 73 -85.15 36.14 -51.68
CA ILE L 73 -84.94 36.34 -53.11
C ILE L 73 -85.85 37.46 -53.57
N VAL L 74 -85.25 38.48 -54.19
CA VAL L 74 -86.02 39.63 -54.66
C VAL L 74 -86.35 39.57 -56.14
N CYS L 75 -85.60 38.81 -56.93
CA CYS L 75 -85.84 38.73 -58.36
C CYS L 75 -85.25 37.44 -58.88
N ALA L 76 -85.99 36.75 -59.75
CA ALA L 76 -85.54 35.52 -60.36
C ALA L 76 -85.85 35.54 -61.84
N ALA L 77 -84.92 35.03 -62.64
CA ALA L 77 -85.12 34.86 -64.07
C ALA L 77 -84.66 33.46 -64.46
N TYR L 78 -85.35 32.89 -65.43
CA TYR L 78 -85.08 31.52 -65.86
C TYR L 78 -84.89 31.49 -67.37
N ALA L 79 -84.17 30.48 -67.83
CA ALA L 79 -84.02 30.30 -69.26
C ALA L 79 -85.22 29.60 -69.89
N HIS L 80 -86.09 29.00 -69.09
CA HIS L 80 -87.27 28.34 -69.64
C HIS L 80 -88.39 29.30 -69.98
N GLU L 81 -88.30 30.55 -69.52
CA GLU L 81 -89.26 31.57 -69.92
C GLU L 81 -88.77 32.37 -71.11
N LEU L 82 -87.60 32.05 -71.66
CA LEU L 82 -87.17 32.64 -72.91
C LEU L 82 -88.09 32.33 -74.09
N PRO L 83 -88.64 31.13 -74.27
CA PRO L 83 -89.56 30.90 -75.41
C PRO L 83 -90.78 31.80 -75.42
N LYS L 84 -91.05 32.57 -74.36
CA LYS L 84 -92.10 33.58 -74.40
C LYS L 84 -91.88 34.58 -75.52
N TYR L 85 -90.64 34.81 -75.91
CA TYR L 85 -90.30 35.83 -76.90
C TYR L 85 -88.94 35.55 -77.49
N GLY L 86 -88.86 35.59 -78.82
CA GLY L 86 -87.61 35.33 -79.51
C GLY L 86 -87.14 33.90 -79.41
N VAL L 87 -86.06 33.69 -78.68
CA VAL L 87 -85.40 32.39 -78.65
C VAL L 87 -86.27 31.38 -77.95
N LYS L 88 -86.36 30.18 -78.53
CA LYS L 88 -87.14 29.10 -77.95
C LYS L 88 -86.40 27.78 -77.89
N VAL L 89 -85.34 27.59 -78.67
CA VAL L 89 -84.59 26.35 -78.71
C VAL L 89 -83.13 26.71 -78.48
N GLY L 90 -82.35 25.70 -78.10
CA GLY L 90 -80.95 25.96 -77.81
C GLY L 90 -80.74 26.76 -76.55
N LEU L 91 -81.47 26.46 -75.49
CA LEU L 91 -81.29 27.12 -74.21
C LEU L 91 -80.01 26.60 -73.56
N THR L 92 -79.81 26.94 -72.29
CA THR L 92 -78.67 26.51 -71.46
C THR L 92 -77.31 26.66 -72.17
N ASN L 93 -77.22 27.55 -73.14
CA ASN L 93 -75.94 27.88 -73.77
C ASN L 93 -75.51 29.27 -73.34
N TYR L 94 -74.38 29.72 -73.90
CA TYR L 94 -73.82 31.02 -73.48
C TYR L 94 -74.75 32.17 -73.86
N ALA L 95 -75.34 32.10 -75.06
CA ALA L 95 -76.25 33.17 -75.47
C ALA L 95 -77.50 33.22 -74.60
N ALA L 96 -78.04 32.05 -74.25
CA ALA L 96 -79.19 32.03 -73.35
C ALA L 96 -78.81 32.49 -71.95
N ALA L 97 -77.58 32.21 -71.53
CA ALA L 97 -77.12 32.73 -70.24
C ALA L 97 -77.05 34.24 -70.26
N TYR L 98 -76.55 34.83 -71.34
CA TYR L 98 -76.56 36.28 -71.48
C TYR L 98 -77.99 36.80 -71.46
N CYS L 99 -78.88 36.14 -72.18
CA CYS L 99 -80.27 36.60 -72.25
C CYS L 99 -80.94 36.57 -70.89
N THR L 100 -80.72 35.50 -70.13
CA THR L 100 -81.39 35.40 -68.83
C THR L 100 -80.77 36.34 -67.81
N GLY L 101 -79.45 36.59 -67.89
CA GLY L 101 -78.87 37.61 -67.05
C GLY L 101 -79.41 39.00 -67.36
N LEU L 102 -79.55 39.31 -68.65
CA LEU L 102 -80.13 40.57 -69.06
C LEU L 102 -81.58 40.69 -68.61
N LEU L 103 -82.33 39.60 -68.71
CA LEU L 103 -83.72 39.61 -68.27
C LEU L 103 -83.82 39.83 -66.77
N LEU L 104 -82.95 39.19 -66.00
CA LEU L 104 -82.92 39.40 -64.56
C LEU L 104 -82.61 40.86 -64.24
N ALA L 105 -81.62 41.44 -64.92
CA ALA L 105 -81.25 42.83 -64.66
C ALA L 105 -82.40 43.76 -64.99
N ARG L 106 -83.02 43.59 -66.16
CA ARG L 106 -84.10 44.48 -66.56
C ARG L 106 -85.31 44.33 -65.64
N ARG L 107 -85.63 43.10 -65.25
CA ARG L 107 -86.77 42.87 -64.37
C ARG L 107 -86.54 43.49 -63.00
N LEU L 108 -85.34 43.33 -62.44
CA LEU L 108 -85.04 43.93 -61.14
C LEU L 108 -85.09 45.44 -61.23
N LEU L 109 -84.51 46.01 -62.29
CA LEU L 109 -84.52 47.46 -62.44
C LEU L 109 -85.94 47.99 -62.60
N ASN L 110 -86.79 47.24 -63.30
CA ASN L 110 -88.18 47.66 -63.45
C ASN L 110 -88.93 47.58 -62.14
N ARG L 111 -88.69 46.54 -61.34
CA ARG L 111 -89.34 46.45 -60.04
C ARG L 111 -88.89 47.58 -59.13
N PHE L 112 -87.61 47.94 -59.17
CA PHE L 112 -87.13 49.05 -58.35
C PHE L 112 -87.46 50.41 -58.95
N GLY L 113 -87.97 50.45 -60.17
CA GLY L 113 -88.33 51.72 -60.77
C GLY L 113 -87.18 52.49 -61.36
N MET L 114 -86.12 51.82 -61.78
CA MET L 114 -84.95 52.45 -62.39
C MET L 114 -84.81 51.90 -63.80
N ASP L 115 -85.55 52.47 -64.75
CA ASP L 115 -85.49 52.04 -66.13
C ASP L 115 -85.01 53.14 -67.06
N LYS L 116 -85.57 54.34 -66.94
CA LYS L 116 -85.07 55.47 -67.73
C LYS L 116 -83.63 55.77 -67.36
N ILE L 117 -83.32 55.72 -66.09
CA ILE L 117 -81.94 55.78 -65.62
C ILE L 117 -81.39 54.37 -65.59
N TYR L 118 -80.08 54.25 -65.82
CA TYR L 118 -79.39 52.97 -65.91
C TYR L 118 -80.02 52.08 -66.99
N GLU L 119 -80.01 52.60 -68.21
CA GLU L 119 -80.45 51.81 -69.36
C GLU L 119 -79.47 50.69 -69.69
N GLY L 120 -78.23 50.80 -69.22
CA GLY L 120 -77.23 49.81 -69.54
C GLY L 120 -76.70 49.98 -70.95
N GLN L 121 -75.97 48.96 -71.40
CA GLN L 121 -75.39 48.95 -72.74
C GLN L 121 -76.39 48.29 -73.68
N VAL L 122 -77.20 49.10 -74.37
CA VAL L 122 -78.22 48.57 -75.26
C VAL L 122 -77.59 47.94 -76.50
N GLU L 123 -76.62 48.63 -77.10
CA GLU L 123 -75.92 48.09 -78.26
C GLU L 123 -74.87 47.10 -77.76
N VAL L 124 -75.09 45.82 -78.04
CA VAL L 124 -74.28 44.76 -77.43
C VAL L 124 -72.94 44.67 -78.14
N THR L 125 -71.87 44.80 -77.37
CA THR L 125 -70.53 44.44 -77.82
C THR L 125 -69.83 43.75 -76.67
N GLY L 126 -68.80 42.97 -77.00
CA GLY L 126 -68.14 42.18 -75.98
C GLY L 126 -67.25 42.93 -75.05
N ASP L 127 -67.01 44.22 -75.29
CA ASP L 127 -66.08 45.00 -74.50
C ASP L 127 -66.61 45.17 -73.07
N GLU L 128 -65.68 45.48 -72.17
CA GLU L 128 -66.04 45.66 -70.77
C GLU L 128 -66.94 46.88 -70.60
N TYR L 129 -67.88 46.78 -69.67
CA TYR L 129 -68.80 47.88 -69.40
C TYR L 129 -69.15 47.84 -67.93
N ASN L 130 -69.11 49.00 -67.28
CA ASN L 130 -69.43 49.12 -65.87
C ASN L 130 -70.31 50.32 -65.68
N VAL L 131 -71.53 50.10 -65.19
CA VAL L 131 -72.47 51.20 -65.00
C VAL L 131 -71.96 52.10 -63.87
N GLU L 132 -72.17 53.41 -64.04
CA GLU L 132 -71.75 54.40 -63.07
C GLU L 132 -73.00 55.06 -62.47
N SER L 133 -73.02 55.19 -61.15
CA SER L 133 -74.15 55.84 -60.50
C SER L 133 -74.23 57.30 -60.90
N ILE L 134 -75.43 57.76 -61.21
CA ILE L 134 -75.67 59.13 -61.63
C ILE L 134 -76.02 59.97 -60.42
N ASP L 135 -75.30 61.07 -60.23
CA ASP L 135 -75.57 61.97 -59.11
C ASP L 135 -76.95 62.62 -59.26
N GLY L 136 -77.57 62.91 -58.13
CA GLY L 136 -78.92 63.41 -58.14
C GLY L 136 -79.96 62.38 -58.50
N GLN L 137 -79.58 61.12 -58.58
CA GLN L 137 -80.45 60.01 -58.93
C GLN L 137 -80.10 58.86 -58.01
N PRO L 138 -81.02 57.90 -57.83
CA PRO L 138 -80.70 56.75 -56.98
C PRO L 138 -79.52 55.97 -57.51
N GLY L 139 -78.75 55.40 -56.58
CA GLY L 139 -77.53 54.72 -56.95
C GLY L 139 -77.80 53.44 -57.72
N ALA L 140 -76.79 53.03 -58.48
CA ALA L 140 -76.88 51.80 -59.25
C ALA L 140 -76.93 50.61 -58.32
N PHE L 141 -77.71 49.60 -58.70
CA PHE L 141 -77.82 48.40 -57.90
C PHE L 141 -76.52 47.62 -57.94
N THR L 142 -75.99 47.29 -56.77
CA THR L 142 -74.71 46.61 -56.65
C THR L 142 -74.94 45.22 -56.05
N CYS L 143 -74.49 44.20 -56.76
CA CYS L 143 -74.56 42.83 -56.29
C CYS L 143 -73.31 42.09 -56.71
N TYR L 144 -73.06 40.95 -56.08
CA TYR L 144 -71.86 40.17 -56.32
C TYR L 144 -72.22 38.79 -56.85
N LEU L 145 -71.41 38.27 -57.77
CA LEU L 145 -71.73 37.01 -58.42
C LEU L 145 -71.58 35.84 -57.46
N ASP L 146 -72.52 34.91 -57.53
CA ASP L 146 -72.47 33.64 -56.81
C ASP L 146 -72.47 32.53 -57.84
N ALA L 147 -71.30 31.97 -58.08
CA ALA L 147 -71.10 30.89 -59.04
C ALA L 147 -71.28 29.51 -58.42
N GLY L 148 -71.38 29.41 -57.11
CA GLY L 148 -71.57 28.11 -56.48
C GLY L 148 -70.36 27.24 -56.63
N LEU L 149 -70.59 25.99 -57.03
CA LEU L 149 -69.51 25.02 -57.20
C LEU L 149 -68.98 24.96 -58.62
N ALA L 150 -69.46 25.83 -59.51
CA ALA L 150 -69.01 25.82 -60.89
C ALA L 150 -67.54 26.23 -60.98
N ARG L 151 -66.80 25.53 -61.83
CA ARG L 151 -65.40 25.88 -62.04
C ARG L 151 -65.30 27.12 -62.91
N THR L 152 -64.75 28.19 -62.33
CA THR L 152 -64.76 29.49 -62.98
C THR L 152 -63.52 29.65 -63.87
N THR L 153 -63.52 28.88 -64.96
CA THR L 153 -62.53 29.08 -66.01
C THR L 153 -63.10 30.01 -67.07
N THR L 154 -62.24 30.36 -68.03
CA THR L 154 -62.63 31.31 -69.06
C THR L 154 -63.70 30.71 -69.97
N GLY L 155 -64.77 31.45 -70.18
CA GLY L 155 -65.86 31.00 -71.02
C GLY L 155 -67.02 30.35 -70.30
N ASN L 156 -67.17 30.57 -69.01
CA ASN L 156 -68.23 29.93 -68.25
C ASN L 156 -69.55 30.66 -68.44
N LYS L 157 -70.64 29.89 -68.45
CA LYS L 157 -71.95 30.48 -68.65
C LYS L 157 -72.37 31.35 -67.46
N VAL L 158 -71.79 31.14 -66.29
CA VAL L 158 -72.05 32.06 -65.19
C VAL L 158 -71.51 33.45 -65.51
N PHE L 159 -70.36 33.50 -66.19
CA PHE L 159 -69.84 34.80 -66.62
C PHE L 159 -70.62 35.33 -67.80
N GLY L 160 -71.21 34.46 -68.61
CA GLY L 160 -72.17 34.93 -69.60
C GLY L 160 -73.36 35.63 -68.96
N ALA L 161 -73.90 35.02 -67.90
CA ALA L 161 -75.02 35.64 -67.18
C ALA L 161 -74.59 36.94 -66.52
N LEU L 162 -73.37 36.99 -65.98
CA LEU L 162 -72.87 38.22 -65.40
C LEU L 162 -72.76 39.32 -66.46
N LYS L 163 -72.28 38.98 -67.66
CA LYS L 163 -72.20 39.96 -68.72
C LYS L 163 -73.58 40.45 -69.11
N GLY L 164 -74.55 39.56 -69.19
CA GLY L 164 -75.92 39.97 -69.45
C GLY L 164 -76.44 40.94 -68.42
N ALA L 165 -76.19 40.66 -67.14
CA ALA L 165 -76.69 41.53 -66.08
C ALA L 165 -76.01 42.89 -66.10
N VAL L 166 -74.68 42.92 -66.28
CA VAL L 166 -73.99 44.21 -66.27
C VAL L 166 -74.34 45.02 -67.51
N ASP L 167 -74.69 44.35 -68.62
CA ASP L 167 -75.20 45.10 -69.76
C ASP L 167 -76.62 45.57 -69.51
N GLY L 168 -77.37 44.83 -68.69
CA GLY L 168 -78.70 45.28 -68.30
C GLY L 168 -78.69 46.46 -67.36
N GLY L 169 -77.60 46.65 -66.61
CA GLY L 169 -77.48 47.83 -65.79
C GLY L 169 -77.18 47.57 -64.33
N LEU L 170 -76.77 46.36 -64.01
CA LEU L 170 -76.44 45.99 -62.64
C LEU L 170 -74.94 46.17 -62.42
N SER L 171 -74.59 46.81 -61.30
CA SER L 171 -73.19 47.10 -60.99
C SER L 171 -72.60 45.88 -60.29
N ILE L 172 -72.01 45.00 -61.07
CA ILE L 172 -71.37 43.79 -60.55
C ILE L 172 -69.87 43.94 -60.76
N PRO L 173 -69.06 43.92 -59.70
CA PRO L 173 -67.60 43.97 -59.87
C PRO L 173 -67.10 42.72 -60.56
N HIS L 174 -66.25 42.91 -61.56
CA HIS L 174 -65.78 41.79 -62.37
C HIS L 174 -64.56 42.23 -63.17
N SER L 175 -63.99 41.28 -63.90
CA SER L 175 -62.94 41.55 -64.86
C SER L 175 -63.22 40.72 -66.11
N THR L 176 -62.51 41.03 -67.18
CA THR L 176 -62.71 40.36 -68.46
C THR L 176 -61.86 39.11 -68.62
N LYS L 177 -61.13 38.72 -67.57
CA LYS L 177 -60.26 37.55 -67.66
C LYS L 177 -61.02 36.26 -67.88
N ARG L 178 -62.30 36.20 -67.50
CA ARG L 178 -63.07 34.98 -67.62
C ARG L 178 -64.08 35.01 -68.76
N PHE L 179 -64.13 36.09 -69.53
CA PHE L 179 -64.98 36.11 -70.70
C PHE L 179 -64.32 35.33 -71.84
N PRO L 180 -65.12 34.75 -72.75
CA PRO L 180 -64.55 33.92 -73.81
C PRO L 180 -63.58 34.65 -74.73
N GLY L 181 -63.63 35.98 -74.79
CA GLY L 181 -62.69 36.69 -75.64
C GLY L 181 -61.28 36.76 -75.11
N TYR L 182 -61.06 36.41 -73.84
CA TYR L 182 -59.76 36.57 -73.23
C TYR L 182 -58.77 35.55 -73.78
N ASP L 183 -57.58 36.01 -74.13
CA ASP L 183 -56.51 35.14 -74.59
C ASP L 183 -55.54 34.91 -73.44
N SER L 184 -55.43 33.65 -73.01
CA SER L 184 -54.60 33.32 -71.86
C SER L 184 -53.11 33.46 -72.14
N GLU L 185 -52.73 33.53 -73.42
CA GLU L 185 -51.31 33.63 -73.75
C GLU L 185 -50.85 35.08 -73.77
N SER L 186 -51.48 35.92 -74.58
CA SER L 186 -51.11 37.32 -74.65
C SER L 186 -51.70 38.15 -73.53
N LYS L 187 -52.55 37.56 -72.68
CA LYS L 187 -53.22 38.26 -71.59
C LYS L 187 -54.02 39.46 -72.11
N GLU L 188 -54.64 39.29 -73.27
CA GLU L 188 -55.38 40.36 -73.92
C GLU L 188 -56.81 39.90 -74.20
N PHE L 189 -57.75 40.82 -74.03
CA PHE L 189 -59.16 40.53 -74.24
C PHE L 189 -59.57 40.97 -75.64
N ASN L 190 -60.14 40.04 -76.41
CA ASN L 190 -60.47 40.33 -77.79
C ASN L 190 -61.71 41.21 -77.92
N ALA L 191 -62.74 40.94 -77.11
CA ALA L 191 -64.02 41.64 -77.07
C ALA L 191 -64.83 41.50 -78.35
N GLU L 192 -64.36 40.72 -79.33
CA GLU L 192 -65.12 40.45 -80.54
C GLU L 192 -65.61 39.03 -80.62
N VAL L 193 -64.73 38.06 -80.34
CA VAL L 193 -65.19 36.69 -80.22
C VAL L 193 -66.09 36.53 -79.00
N HIS L 194 -65.95 37.39 -78.00
CA HIS L 194 -66.89 37.40 -76.89
C HIS L 194 -68.29 37.80 -77.36
N ARG L 195 -68.37 38.83 -78.20
CA ARG L 195 -69.67 39.21 -78.76
C ARG L 195 -70.21 38.12 -79.68
N LYS L 196 -69.32 37.41 -80.38
CA LYS L 196 -69.76 36.27 -81.18
C LYS L 196 -70.39 35.19 -80.31
N HIS L 197 -69.76 34.91 -79.16
CA HIS L 197 -70.35 33.95 -78.22
C HIS L 197 -71.68 34.45 -77.68
N ILE L 198 -71.77 35.75 -77.38
CA ILE L 198 -73.01 36.32 -76.87
C ILE L 198 -74.13 36.18 -77.89
N MET L 199 -73.82 36.40 -79.17
CA MET L 199 -74.79 36.25 -80.23
C MET L 199 -74.92 34.80 -80.70
N GLY L 200 -74.18 33.87 -80.11
CA GLY L 200 -74.34 32.47 -80.44
C GLY L 200 -73.69 32.07 -81.74
N GLN L 201 -72.68 32.79 -82.20
CA GLN L 201 -72.07 32.49 -83.48
C GLN L 201 -71.25 31.22 -83.44
N ASN L 202 -70.77 30.79 -82.27
CA ASN L 202 -70.09 29.51 -82.18
C ASN L 202 -71.03 28.36 -82.49
N VAL L 203 -72.27 28.44 -82.00
CA VAL L 203 -73.25 27.41 -82.30
C VAL L 203 -73.63 27.43 -83.77
N ALA L 204 -73.76 28.63 -84.36
CA ALA L 204 -74.06 28.72 -85.78
C ALA L 204 -72.92 28.13 -86.61
N ASP L 205 -71.67 28.40 -86.21
CA ASP L 205 -70.53 27.82 -86.90
C ASP L 205 -70.53 26.31 -86.79
N TYR L 206 -70.89 25.78 -85.61
CA TYR L 206 -70.99 24.34 -85.45
C TYR L 206 -72.06 23.75 -86.37
N MET L 207 -73.20 24.43 -86.47
CA MET L 207 -74.27 23.94 -87.33
C MET L 207 -73.82 23.88 -88.79
N ARG L 208 -73.29 24.99 -89.30
CA ARG L 208 -72.87 25.01 -90.69
C ARG L 208 -71.62 24.18 -90.94
N TYR L 209 -70.84 23.87 -89.90
CA TYR L 209 -69.71 22.98 -90.01
C TYR L 209 -70.16 21.52 -90.10
N LEU L 210 -71.18 21.16 -89.33
CA LEU L 210 -71.71 19.80 -89.40
C LEU L 210 -72.46 19.57 -90.70
N MET L 211 -73.11 20.61 -91.24
CA MET L 211 -73.82 20.47 -92.50
C MET L 211 -72.89 20.03 -93.62
N GLU L 212 -71.70 20.62 -93.70
CA GLU L 212 -70.80 20.36 -94.81
C GLU L 212 -70.00 19.07 -94.68
N GLU L 213 -70.09 18.38 -93.55
CA GLU L 213 -69.39 17.11 -93.40
C GLU L 213 -70.33 15.93 -93.22
N ASP L 214 -71.23 15.95 -92.23
CA ASP L 214 -72.05 14.78 -91.95
C ASP L 214 -73.46 15.25 -91.64
N GLU L 215 -74.35 15.11 -92.63
CA GLU L 215 -75.69 15.66 -92.52
C GLU L 215 -76.49 14.98 -91.42
N ASP L 216 -76.37 13.65 -91.31
CA ASP L 216 -77.10 12.93 -90.27
C ASP L 216 -76.56 13.24 -88.88
N ALA L 217 -75.25 13.48 -88.75
CA ALA L 217 -74.72 13.93 -87.48
C ALA L 217 -75.26 15.31 -87.13
N TYR L 218 -75.40 16.18 -88.13
CA TYR L 218 -76.03 17.48 -87.90
C TYR L 218 -77.46 17.32 -87.43
N LYS L 219 -78.20 16.40 -88.04
CA LYS L 219 -79.58 16.14 -87.61
C LYS L 219 -79.62 15.65 -86.16
N LYS L 220 -78.75 14.70 -85.83
CA LYS L 220 -78.73 14.15 -84.49
C LYS L 220 -78.38 15.20 -83.45
N GLN L 221 -77.41 16.06 -83.76
CA GLN L 221 -77.00 17.08 -82.80
C GLN L 221 -78.08 18.16 -82.67
N PHE L 222 -78.41 18.83 -83.77
CA PHE L 222 -79.41 19.90 -83.73
C PHE L 222 -80.76 19.42 -84.24
N SER L 223 -81.27 18.34 -83.63
CA SER L 223 -82.58 17.82 -84.02
C SER L 223 -83.69 18.82 -83.73
N GLN L 224 -83.71 19.39 -82.53
CA GLN L 224 -84.76 20.34 -82.19
C GLN L 224 -84.57 21.70 -82.83
N TYR L 225 -83.36 22.00 -83.30
CA TYR L 225 -83.16 23.21 -84.09
C TYR L 225 -83.89 23.11 -85.43
N ILE L 226 -83.97 21.91 -86.00
CA ILE L 226 -84.67 21.70 -87.26
C ILE L 226 -86.14 22.05 -87.10
N LYS L 227 -86.74 21.64 -85.98
CA LYS L 227 -88.11 22.02 -85.70
C LYS L 227 -88.22 23.53 -85.56
N ASN L 228 -89.23 24.10 -86.22
CA ASN L 228 -89.48 25.55 -86.31
C ASN L 228 -88.39 26.30 -87.04
N SER L 229 -87.43 25.59 -87.64
CA SER L 229 -86.49 26.12 -88.63
C SER L 229 -85.68 27.30 -88.06
N VAL L 230 -84.88 26.98 -87.05
CA VAL L 230 -83.88 27.91 -86.55
C VAL L 230 -82.59 27.67 -87.33
N THR L 231 -82.12 28.71 -88.01
CA THR L 231 -80.99 28.53 -88.90
C THR L 231 -79.84 29.46 -88.51
N PRO L 232 -78.60 29.08 -88.84
CA PRO L 232 -77.43 29.89 -88.43
C PRO L 232 -77.47 31.32 -88.92
N ASP L 233 -78.04 31.58 -90.10
CA ASP L 233 -78.07 32.96 -90.60
C ASP L 233 -78.95 33.84 -89.72
N MET L 234 -80.08 33.31 -89.24
CA MET L 234 -81.02 34.08 -88.46
C MET L 234 -80.79 33.96 -86.96
N MET L 235 -79.81 33.17 -86.52
CA MET L 235 -79.58 33.03 -85.08
C MET L 235 -79.21 34.36 -84.44
N GLU L 236 -78.33 35.14 -85.06
CA GLU L 236 -77.89 36.40 -84.46
C GLU L 236 -79.03 37.42 -84.41
N GLU L 237 -79.82 37.51 -85.48
CA GLU L 237 -80.97 38.40 -85.47
C GLU L 237 -82.00 37.97 -84.44
N MET L 238 -82.17 36.64 -84.27
CA MET L 238 -83.07 36.14 -83.24
C MET L 238 -82.61 36.57 -81.85
N TYR L 239 -81.32 36.46 -81.57
CA TYR L 239 -80.83 36.87 -80.27
C TYR L 239 -80.94 38.37 -80.07
N LYS L 240 -80.71 39.15 -81.13
CA LYS L 240 -80.86 40.61 -81.01
C LYS L 240 -82.30 41.00 -80.71
N LYS L 241 -83.26 40.39 -81.41
CA LYS L 241 -84.64 40.77 -81.12
C LYS L 241 -85.10 40.18 -79.79
N ALA L 242 -84.49 39.09 -79.33
CA ALA L 242 -84.75 38.62 -77.97
C ALA L 242 -84.29 39.64 -76.94
N HIS L 243 -83.10 40.22 -77.14
CA HIS L 243 -82.63 41.28 -76.25
C HIS L 243 -83.56 42.48 -76.28
N ALA L 244 -84.01 42.86 -77.49
CA ALA L 244 -84.93 43.99 -77.60
C ALA L 244 -86.25 43.72 -76.88
N ALA L 245 -86.77 42.49 -76.99
CA ALA L 245 -87.98 42.13 -76.29
C ALA L 245 -87.78 42.14 -74.77
N ILE L 246 -86.60 41.69 -74.32
CA ILE L 246 -86.30 41.75 -72.90
C ILE L 246 -86.33 43.18 -72.40
N ARG L 247 -85.69 44.08 -73.14
CA ARG L 247 -85.69 45.49 -72.75
C ARG L 247 -87.08 46.08 -72.80
N GLU L 248 -87.91 45.62 -73.75
CA GLU L 248 -89.23 46.21 -73.90
C GLU L 248 -90.19 45.77 -72.80
N ASN L 249 -90.16 44.50 -72.42
CA ASN L 249 -91.08 43.97 -71.41
C ASN L 249 -90.37 42.95 -70.52
N PRO L 250 -89.83 43.38 -69.39
CA PRO L 250 -89.16 42.43 -68.49
C PRO L 250 -90.07 41.92 -67.39
N VAL L 251 -91.29 42.43 -67.32
CA VAL L 251 -92.19 42.09 -66.21
C VAL L 251 -92.64 40.65 -66.33
N TYR L 252 -92.55 39.92 -65.23
CA TYR L 252 -93.00 38.53 -65.16
C TYR L 252 -94.40 38.47 -64.60
N GLU L 253 -95.27 37.73 -65.28
CA GLU L 253 -96.61 37.45 -64.78
C GLU L 253 -96.70 35.97 -64.46
N LYS L 254 -97.31 35.66 -63.32
CA LYS L 254 -97.40 34.26 -62.90
C LYS L 254 -98.56 33.57 -63.60
N LYS L 255 -98.52 32.25 -63.59
CA LYS L 255 -99.53 31.43 -64.23
C LYS L 255 -100.44 30.79 -63.19
N PRO L 256 -101.74 31.02 -63.25
CA PRO L 256 -102.65 30.52 -62.21
C PRO L 256 -103.10 29.09 -62.46
N LYS L 257 -103.20 28.33 -61.36
CA LYS L 257 -103.69 26.95 -61.43
C LYS L 257 -104.19 26.58 -60.05
N LYS L 258 -105.52 26.44 -59.91
CA LYS L 258 -106.11 26.10 -58.62
C LYS L 258 -107.12 24.96 -58.68
N GLU L 259 -107.60 24.58 -59.86
CA GLU L 259 -108.62 23.55 -59.98
C GLU L 259 -108.00 22.15 -59.94
N VAL L 260 -107.15 21.91 -58.95
CA VAL L 260 -106.45 20.63 -58.80
C VAL L 260 -107.03 19.89 -57.62
N LYS L 261 -107.48 18.67 -57.84
CA LYS L 261 -107.94 17.81 -56.75
C LYS L 261 -106.75 17.41 -55.88
N LYS L 262 -107.02 17.28 -54.59
CA LYS L 262 -105.98 16.92 -53.63
C LYS L 262 -105.76 15.40 -53.68
N LYS L 263 -104.86 14.98 -54.56
CA LYS L 263 -104.47 13.59 -54.67
C LYS L 263 -103.07 13.41 -54.11
N ARG L 264 -102.88 12.33 -53.36
CA ARG L 264 -101.60 12.03 -52.72
C ARG L 264 -100.92 10.91 -53.50
N TRP L 265 -99.72 11.17 -53.98
CA TRP L 265 -98.96 10.20 -54.77
C TRP L 265 -97.92 9.46 -53.97
N ASN L 266 -97.82 9.70 -52.67
CA ASN L 266 -96.80 9.10 -51.83
C ASN L 266 -97.46 8.23 -50.76
N ARG L 267 -96.84 7.13 -50.42
CA ARG L 267 -97.37 6.28 -49.37
C ARG L 267 -97.20 6.99 -48.02
N PRO L 268 -98.24 7.07 -47.21
CA PRO L 268 -98.11 7.68 -45.89
C PRO L 268 -97.29 6.80 -44.95
N LYS L 269 -96.78 7.43 -43.90
CA LYS L 269 -96.01 6.72 -42.91
C LYS L 269 -96.91 5.79 -42.10
N MET L 270 -96.48 4.54 -41.92
CA MET L 270 -97.27 3.59 -41.17
C MET L 270 -97.32 3.95 -39.70
N SER L 271 -98.38 3.50 -39.04
CA SER L 271 -98.59 3.76 -37.63
C SER L 271 -97.92 2.70 -36.77
N LEU L 272 -97.76 3.04 -35.48
CA LEU L 272 -97.17 2.10 -34.53
C LEU L 272 -98.03 0.85 -34.39
N ALA L 273 -99.36 1.01 -34.38
CA ALA L 273 -100.24 -0.14 -34.32
C ALA L 273 -100.06 -1.03 -35.53
N GLN L 274 -99.95 -0.44 -36.72
CA GLN L 274 -99.76 -1.23 -37.93
C GLN L 274 -98.43 -1.97 -37.90
N LYS L 275 -97.36 -1.31 -37.46
CA LYS L 275 -96.06 -1.98 -37.40
C LYS L 275 -96.07 -3.12 -36.39
N LYS L 276 -96.69 -2.91 -35.23
CA LYS L 276 -96.79 -3.97 -34.23
C LYS L 276 -97.62 -5.14 -34.75
N ASP L 277 -98.71 -4.85 -35.44
CA ASP L 277 -99.52 -5.91 -36.02
C ASP L 277 -98.75 -6.68 -37.09
N ARG L 278 -97.95 -5.96 -37.89
CA ARG L 278 -97.15 -6.62 -38.90
C ARG L 278 -96.12 -7.57 -38.26
N VAL L 279 -95.49 -7.13 -37.18
CA VAL L 279 -94.54 -7.98 -36.47
C VAL L 279 -95.26 -9.21 -35.90
N ALA L 280 -96.44 -9.00 -35.33
CA ALA L 280 -97.20 -10.12 -34.77
C ALA L 280 -97.59 -11.12 -35.86
N GLN L 281 -98.03 -10.63 -37.01
CA GLN L 281 -98.39 -11.51 -38.10
C GLN L 281 -97.19 -12.29 -38.60
N LYS L 282 -96.03 -11.64 -38.70
CA LYS L 282 -94.84 -12.35 -39.16
C LYS L 282 -94.43 -13.44 -38.18
N LYS L 283 -94.52 -13.15 -36.88
CA LYS L 283 -94.22 -14.17 -35.87
C LYS L 283 -95.18 -15.34 -35.97
N ALA L 284 -96.48 -15.04 -36.10
CA ALA L 284 -97.49 -16.10 -36.19
C ALA L 284 -97.27 -16.95 -37.42
N SER L 285 -96.98 -16.32 -38.55
CA SER L 285 -96.74 -17.07 -39.78
C SER L 285 -95.50 -17.95 -39.67
N PHE L 286 -94.44 -17.45 -39.03
CA PHE L 286 -93.24 -18.27 -38.88
C PHE L 286 -93.50 -19.48 -38.00
N LEU L 287 -94.21 -19.28 -36.89
CA LEU L 287 -94.55 -20.42 -36.03
C LEU L 287 -95.46 -21.40 -36.75
N ARG L 288 -96.38 -20.89 -37.56
CA ARG L 288 -97.24 -21.76 -38.36
C ARG L 288 -96.43 -22.57 -39.36
N ALA L 289 -95.45 -21.94 -40.01
CA ALA L 289 -94.61 -22.67 -40.94
C ALA L 289 -93.82 -23.77 -40.25
N GLN L 290 -93.30 -23.49 -39.05
CA GLN L 290 -92.62 -24.54 -38.30
C GLN L 290 -93.55 -25.68 -37.94
N GLU L 291 -94.74 -25.37 -37.41
CA GLU L 291 -95.62 -26.44 -36.99
C GLU L 291 -96.16 -27.24 -38.17
N ARG L 292 -96.23 -26.66 -39.36
CA ARG L 292 -96.47 -27.46 -40.54
C ARG L 292 -95.27 -28.32 -40.88
N ALA L 293 -94.06 -27.76 -40.73
CA ALA L 293 -92.80 -28.46 -40.98
C ALA L 293 -92.72 -29.03 -42.40
N LYS M 1 -127.36 74.98 44.03
CA LYS M 1 -126.66 73.74 44.34
C LYS M 1 -127.63 72.62 44.67
N GLY M 2 -127.16 71.37 44.54
CA GLY M 2 -127.97 70.22 44.82
C GLY M 2 -127.28 69.29 45.80
N LYS M 3 -128.04 68.33 46.31
CA LYS M 3 -127.51 67.37 47.26
C LYS M 3 -126.55 66.42 46.55
N PRO M 4 -125.39 66.15 47.12
CA PRO M 4 -124.48 65.17 46.51
C PRO M 4 -125.12 63.78 46.51
N HIS M 5 -124.84 63.03 45.45
CA HIS M 5 -125.38 61.70 45.25
C HIS M 5 -124.27 60.67 45.37
N CYS M 6 -124.68 59.40 45.49
CA CYS M 6 -123.71 58.32 45.45
C CYS M 6 -123.19 58.16 44.02
N SER M 7 -122.17 57.31 43.88
CA SER M 7 -121.39 57.26 42.65
C SER M 7 -122.20 56.75 41.46
N ARG M 8 -123.22 55.92 41.70
CA ARG M 8 -124.09 55.38 40.64
C ARG M 8 -123.34 54.53 39.62
N ASN M 9 -122.04 54.35 39.80
CA ASN M 9 -121.22 53.46 38.98
C ASN M 9 -120.49 52.55 39.95
N PRO M 10 -121.08 51.41 40.29
CA PRO M 10 -120.44 50.50 41.24
C PRO M 10 -119.10 50.03 40.73
N VAL M 11 -118.14 49.92 41.63
CA VAL M 11 -116.82 49.44 41.27
C VAL M 11 -116.81 47.92 41.32
N LEU M 12 -116.43 47.29 40.22
CA LEU M 12 -116.25 45.85 40.20
C LEU M 12 -114.79 45.44 40.23
N VAL M 13 -113.92 46.21 39.61
CA VAL M 13 -112.47 46.06 39.72
C VAL M 13 -111.89 47.46 39.80
N ARG M 14 -110.88 47.63 40.67
CA ARG M 14 -110.30 48.95 40.90
C ARG M 14 -109.88 49.61 39.59
N GLY M 15 -110.40 50.80 39.35
CA GLY M 15 -110.15 51.53 38.13
C GLY M 15 -111.14 51.29 37.01
N ILE M 16 -112.06 50.35 37.17
CA ILE M 16 -113.05 50.03 36.16
C ILE M 16 -114.43 50.06 36.79
N GLY M 17 -115.33 50.85 36.22
CA GLY M 17 -116.70 50.86 36.68
C GLY M 17 -117.52 49.77 36.02
N ARG M 18 -118.66 49.47 36.65
CA ARG M 18 -119.50 48.39 36.14
C ARG M 18 -120.23 48.80 34.87
N TYR M 19 -120.51 50.08 34.70
CA TYR M 19 -121.32 50.55 33.59
C TYR M 19 -120.48 51.35 32.60
N SER M 20 -120.87 51.27 31.33
CA SER M 20 -120.13 51.90 30.25
C SER M 20 -120.45 53.40 30.21
N ARG M 21 -119.90 54.07 29.20
CA ARG M 21 -120.08 55.51 29.07
C ARG M 21 -121.54 55.86 28.77
N SER M 22 -122.14 55.18 27.80
CA SER M 22 -123.53 55.45 27.46
C SER M 22 -124.47 55.00 28.57
N ALA M 23 -124.16 53.88 29.21
CA ALA M 23 -124.97 53.43 30.34
C ALA M 23 -124.95 54.44 31.47
N MET M 24 -123.78 54.99 31.78
CA MET M 24 -123.71 56.00 32.83
C MET M 24 -124.33 57.31 32.39
N TYR M 25 -124.29 57.63 31.09
CA TYR M 25 -125.00 58.78 30.57
C TYR M 25 -126.49 58.66 30.85
N SER M 26 -127.07 57.51 30.51
CA SER M 26 -128.50 57.31 30.74
C SER M 26 -128.82 57.27 32.23
N ARG M 27 -127.93 56.68 33.04
CA ARG M 27 -128.17 56.62 34.48
C ARG M 27 -128.12 58.00 35.11
N LYS M 28 -127.22 58.86 34.64
CA LYS M 28 -127.11 60.22 35.12
C LYS M 28 -128.15 61.15 34.53
N ALA M 29 -128.84 60.73 33.48
CA ALA M 29 -129.81 61.57 32.76
C ALA M 29 -129.15 62.84 32.25
N MET M 30 -127.96 62.67 31.65
CA MET M 30 -127.27 63.79 31.05
C MET M 30 -127.98 64.35 29.83
N TYR M 31 -128.98 63.65 29.30
CA TYR M 31 -129.73 64.14 28.16
C TYR M 31 -130.57 65.36 28.49
N LYS M 32 -130.92 65.57 29.77
CA LYS M 32 -131.67 66.74 30.17
C LYS M 32 -130.90 67.68 31.08
N ARG M 33 -129.74 67.27 31.58
CA ARG M 33 -128.90 68.15 32.39
C ARG M 33 -127.82 68.80 31.52
N LYS M 34 -128.29 69.57 30.54
CA LYS M 34 -127.43 70.19 29.54
C LYS M 34 -127.37 71.69 29.80
N TYR M 35 -126.15 72.23 29.85
CA TYR M 35 -125.92 73.62 30.22
C TYR M 35 -125.09 74.29 29.13
N SER M 36 -125.50 75.48 28.72
CA SER M 36 -124.84 76.23 27.65
C SER M 36 -124.20 77.51 28.15
N ALA M 37 -124.97 78.39 28.77
CA ALA M 37 -124.46 79.68 29.26
C ALA M 37 -125.06 79.93 30.63
N ALA M 38 -124.87 81.14 31.14
CA ALA M 38 -125.38 81.51 32.45
C ALA M 38 -126.90 81.64 32.44
N LYS M 49 -109.58 88.77 45.36
CA LYS M 49 -110.56 88.28 46.32
C LYS M 49 -110.19 88.73 47.73
N VAL M 50 -109.16 88.10 48.30
CA VAL M 50 -108.69 88.47 49.63
C VAL M 50 -107.97 89.81 49.56
N LEU M 51 -108.34 90.72 50.45
CA LEU M 51 -107.76 92.06 50.46
C LEU M 51 -106.29 91.97 50.88
N ALA M 52 -105.39 92.30 49.94
CA ALA M 52 -103.97 92.31 50.27
C ALA M 52 -103.62 93.46 51.21
N THR M 53 -104.21 94.62 51.00
CA THR M 53 -103.94 95.80 51.80
C THR M 53 -105.19 96.22 52.55
N VAL M 54 -105.00 96.76 53.74
CA VAL M 54 -106.08 97.24 54.59
C VAL M 54 -105.82 98.70 54.92
N THR M 55 -106.88 99.50 54.90
CA THR M 55 -106.79 100.92 55.23
C THR M 55 -107.04 101.09 56.72
N LYS M 56 -106.11 101.75 57.41
CA LYS M 56 -106.25 101.96 58.84
C LYS M 56 -106.04 103.42 59.20
N PRO M 57 -106.89 103.98 60.06
CA PRO M 57 -106.66 105.35 60.54
C PRO M 57 -105.42 105.42 61.39
N VAL M 58 -104.40 106.16 60.92
CA VAL M 58 -103.14 106.22 61.64
C VAL M 58 -103.27 106.99 62.95
N GLY M 59 -104.12 108.00 62.99
CA GLY M 59 -104.25 108.82 64.17
C GLY M 59 -103.17 109.89 64.25
N GLY M 60 -103.38 110.82 65.17
CA GLY M 60 -102.50 111.96 65.25
C GLY M 60 -102.84 113.03 64.22
N ASP M 61 -102.65 114.28 64.62
CA ASP M 61 -102.97 115.40 63.74
C ASP M 61 -102.01 115.44 62.55
N LYS M 62 -102.52 115.93 61.42
CA LYS M 62 -101.80 116.11 60.16
C LYS M 62 -100.82 114.99 59.82
N ASN M 63 -101.21 113.74 60.07
CA ASN M 63 -100.53 112.57 59.53
C ASN M 63 -101.19 112.07 58.26
N GLY M 64 -101.88 112.94 57.53
CA GLY M 64 -102.67 112.48 56.42
C GLY M 64 -103.94 111.84 56.95
N GLY M 65 -104.73 111.33 56.00
CA GLY M 65 -105.97 110.69 56.38
C GLY M 65 -105.75 109.37 57.09
N THR M 66 -105.28 108.37 56.34
CA THR M 66 -105.10 107.02 56.85
C THR M 66 -103.80 106.46 56.30
N ARG M 67 -103.62 105.15 56.45
CA ARG M 67 -102.48 104.43 55.91
C ARG M 67 -102.97 103.18 55.22
N VAL M 68 -102.47 102.92 54.02
CA VAL M 68 -102.80 101.71 53.27
C VAL M 68 -101.70 100.69 53.60
N VAL M 69 -101.93 99.92 54.65
CA VAL M 69 -100.94 98.96 55.13
C VAL M 69 -101.15 97.64 54.43
N LYS M 70 -100.12 97.14 53.77
CA LYS M 70 -100.25 95.85 53.09
C LYS M 70 -99.87 94.71 54.04
N LEU M 71 -100.51 93.58 53.84
CA LEU M 71 -100.12 92.37 54.52
C LEU M 71 -99.02 91.67 53.73
N ARG M 72 -98.22 90.87 54.41
CA ARG M 72 -97.11 90.12 53.81
C ARG M 72 -96.14 91.06 53.09
N LYS M 73 -95.44 91.84 53.90
CA LYS M 73 -94.41 92.72 53.37
C LYS M 73 -93.30 91.92 52.69
N MET M 74 -92.60 92.58 51.77
CA MET M 74 -91.56 91.92 51.00
C MET M 74 -90.40 91.51 51.90
N PRO M 75 -89.65 90.48 51.53
CA PRO M 75 -88.58 89.98 52.41
C PRO M 75 -87.52 91.03 52.68
N ARG M 76 -87.01 91.02 53.91
CA ARG M 76 -85.92 91.92 54.26
C ARG M 76 -84.60 91.46 53.68
N TYR M 77 -84.43 90.15 53.50
CA TYR M 77 -83.16 89.56 53.11
C TYR M 77 -83.40 88.49 52.06
N TYR M 78 -82.48 88.40 51.10
CA TYR M 78 -82.51 87.36 50.11
C TYR M 78 -81.21 86.57 50.21
N PRO M 79 -81.27 85.25 50.29
CA PRO M 79 -80.03 84.45 50.28
C PRO M 79 -79.34 84.58 48.94
N THR M 80 -78.03 84.30 48.97
CA THR M 80 -77.21 84.49 47.77
C THR M 80 -77.65 83.58 46.62
N GLU M 81 -78.29 82.45 46.93
CA GLU M 81 -78.78 81.56 45.89
C GLU M 81 -79.80 80.61 46.49
N ASP M 82 -80.71 80.12 45.65
CA ASP M 82 -81.83 79.29 46.05
C ASP M 82 -81.79 77.95 45.33
N VAL M 83 -82.77 77.13 45.64
CA VAL M 83 -82.94 75.80 45.04
C VAL M 83 -84.18 75.84 44.15
N PRO M 84 -84.12 75.33 42.93
CA PRO M 84 -85.32 75.30 42.09
C PRO M 84 -86.39 74.41 42.67
N ARG M 85 -87.65 74.74 42.40
CA ARG M 85 -88.75 73.97 42.90
C ARG M 85 -88.83 72.62 42.19
N LYS M 86 -89.46 71.66 42.85
CA LYS M 86 -89.55 70.31 42.34
C LYS M 86 -90.58 70.22 41.23
N LEU M 87 -90.55 69.10 40.51
CA LEU M 87 -91.61 68.76 39.58
C LEU M 87 -92.79 68.18 40.36
N LEU M 88 -93.82 67.75 39.63
CA LEU M 88 -95.05 67.28 40.24
C LEU M 88 -95.18 65.76 40.04
N SER M 89 -95.69 65.08 41.07
CA SER M 89 -95.57 63.63 41.17
C SER M 89 -96.88 62.85 41.04
N HIS M 90 -98.02 63.53 41.02
CA HIS M 90 -99.37 62.97 40.87
C HIS M 90 -99.61 61.76 41.76
N GLY M 91 -99.02 61.75 42.95
CA GLY M 91 -99.26 60.68 43.89
C GLY M 91 -98.59 61.01 45.20
N LYS M 92 -97.96 60.01 45.82
CA LYS M 92 -97.13 60.20 47.01
C LYS M 92 -97.91 60.91 48.11
N LYS M 93 -99.00 60.27 48.53
CA LYS M 93 -99.86 60.84 49.55
C LYS M 93 -99.16 60.82 50.91
N PRO M 94 -99.52 61.72 51.81
CA PRO M 94 -98.92 61.70 53.15
C PRO M 94 -99.35 60.48 53.93
N PHE M 95 -98.62 60.19 55.01
CA PHE M 95 -98.86 58.97 55.77
C PHE M 95 -100.26 58.94 56.37
N SER M 96 -100.80 60.09 56.74
CA SER M 96 -102.12 60.14 57.33
C SER M 96 -103.20 59.73 56.34
N GLN M 97 -102.92 59.87 55.04
CA GLN M 97 -103.90 59.52 54.01
C GLN M 97 -103.64 58.16 53.38
N HIS M 98 -102.62 57.43 53.82
CA HIS M 98 -102.38 56.09 53.31
C HIS M 98 -103.50 55.16 53.73
N VAL M 99 -103.77 54.18 52.87
CA VAL M 99 -104.72 53.12 53.22
C VAL M 99 -104.03 52.15 54.16
N ARG M 100 -104.77 51.67 55.16
CA ARG M 100 -104.23 50.79 56.18
C ARG M 100 -104.66 49.36 55.89
N LYS M 101 -103.68 48.47 55.75
CA LYS M 101 -103.93 47.08 55.43
C LYS M 101 -103.69 46.21 56.65
N LEU M 102 -104.58 45.24 56.86
CA LEU M 102 -104.49 44.34 57.99
C LEU M 102 -104.46 42.91 57.47
N ARG M 103 -103.58 42.09 58.05
CA ARG M 103 -103.49 40.70 57.65
C ARG M 103 -104.77 39.96 57.99
N ALA M 104 -105.18 39.04 57.12
CA ALA M 104 -106.45 38.34 57.30
C ALA M 104 -106.45 37.45 58.53
N SER M 105 -105.28 37.07 59.03
CA SER M 105 -105.20 36.24 60.23
C SER M 105 -105.38 37.03 61.51
N ILE M 106 -105.43 38.36 61.43
CA ILE M 106 -105.56 39.21 62.61
C ILE M 106 -106.99 39.75 62.61
N THR M 107 -107.84 39.16 63.42
CA THR M 107 -109.20 39.59 63.66
C THR M 107 -109.37 39.94 65.14
N PRO M 108 -110.33 40.80 65.49
CA PRO M 108 -110.45 41.21 66.89
C PRO M 108 -110.70 40.02 67.82
N GLY M 109 -109.88 39.93 68.85
CA GLY M 109 -109.90 38.80 69.76
C GLY M 109 -108.83 37.77 69.53
N THR M 110 -108.03 37.92 68.47
CA THR M 110 -106.97 36.97 68.18
C THR M 110 -105.86 37.09 69.22
N ILE M 111 -105.29 35.95 69.59
CA ILE M 111 -104.11 35.94 70.45
C ILE M 111 -102.88 36.11 69.57
N LEU M 112 -102.13 37.17 69.81
CA LEU M 112 -100.93 37.47 69.06
C LEU M 112 -99.70 37.22 69.93
N ILE M 113 -98.56 37.06 69.28
CA ILE M 113 -97.28 36.87 69.95
C ILE M 113 -96.39 38.05 69.59
N ILE M 114 -95.93 38.77 70.60
CA ILE M 114 -95.06 39.92 70.38
C ILE M 114 -93.65 39.42 70.08
N LEU M 115 -93.03 39.99 69.05
CA LEU M 115 -91.69 39.57 68.65
C LEU M 115 -90.59 40.54 69.01
N THR M 116 -90.91 41.79 69.32
CA THR M 116 -89.90 42.80 69.61
C THR M 116 -90.30 43.58 70.86
N GLY M 117 -89.31 44.28 71.42
CA GLY M 117 -89.55 45.12 72.57
C GLY M 117 -89.37 44.41 73.89
N ARG M 118 -89.69 45.12 74.97
CA ARG M 118 -89.56 44.56 76.30
C ARG M 118 -90.58 43.47 76.58
N HIS M 119 -91.67 43.42 75.82
CA HIS M 119 -92.68 42.38 75.93
C HIS M 119 -92.47 41.28 74.91
N ARG M 120 -91.20 41.01 74.60
CA ARG M 120 -90.83 40.03 73.60
C ARG M 120 -91.32 38.64 73.97
N GLY M 121 -91.98 37.97 73.03
CA GLY M 121 -92.41 36.61 73.24
C GLY M 121 -93.70 36.44 74.03
N LYS M 122 -94.33 37.53 74.45
CA LYS M 122 -95.55 37.44 75.23
C LYS M 122 -96.76 37.30 74.33
N ARG M 123 -97.78 36.64 74.85
CA ARG M 123 -99.03 36.42 74.13
C ARG M 123 -100.07 37.41 74.64
N VAL M 124 -100.61 38.20 73.71
CA VAL M 124 -101.52 39.29 74.04
C VAL M 124 -102.80 39.12 73.23
N VAL M 125 -103.78 39.96 73.54
CA VAL M 125 -105.10 39.90 72.91
C VAL M 125 -105.26 41.12 72.00
N PHE M 126 -105.63 40.89 70.75
CA PHE M 126 -105.83 41.96 69.79
C PHE M 126 -107.23 42.53 69.92
N LEU M 127 -107.33 43.85 69.91
CA LEU M 127 -108.62 44.53 70.05
C LEU M 127 -109.05 45.21 68.76
N LYS M 128 -108.24 46.13 68.23
CA LYS M 128 -108.62 46.85 67.03
C LYS M 128 -107.40 47.47 66.39
N GLN M 129 -107.48 47.68 65.09
CA GLN M 129 -106.48 48.46 64.38
C GLN M 129 -106.80 49.93 64.53
N LEU M 130 -105.76 50.75 64.72
CA LEU M 130 -105.94 52.17 64.94
C LEU M 130 -105.85 52.91 63.61
N ALA M 131 -105.87 54.25 63.67
CA ALA M 131 -105.90 55.05 62.45
C ALA M 131 -104.60 54.95 61.67
N SER M 132 -103.49 54.68 62.36
CA SER M 132 -102.20 54.55 61.69
C SER M 132 -101.88 53.13 61.28
N GLY M 133 -102.79 52.19 61.49
CA GLY M 133 -102.53 50.81 61.18
C GLY M 133 -101.89 50.02 62.29
N LEU M 134 -101.48 50.68 63.36
CA LEU M 134 -100.93 49.98 64.51
C LEU M 134 -102.05 49.25 65.25
N LEU M 135 -101.77 48.02 65.66
CA LEU M 135 -102.72 47.26 66.44
C LEU M 135 -102.72 47.76 67.88
N LEU M 136 -103.88 47.70 68.51
CA LEU M 136 -104.02 47.97 69.94
C LEU M 136 -104.24 46.65 70.64
N VAL M 137 -103.35 46.30 71.55
CA VAL M 137 -103.39 45.00 72.22
C VAL M 137 -103.39 45.21 73.72
N THR M 138 -103.99 44.26 74.42
CA THR M 138 -103.84 44.17 75.87
C THR M 138 -103.92 42.70 76.27
N GLY M 139 -102.76 42.05 76.33
CA GLY M 139 -102.66 40.83 77.06
C GLY M 139 -102.80 41.24 78.50
N PRO M 140 -103.92 40.90 79.13
CA PRO M 140 -104.39 41.65 80.30
C PRO M 140 -103.33 41.75 81.38
N LEU M 141 -103.22 42.95 81.96
CA LEU M 141 -102.08 43.27 82.81
C LEU M 141 -101.98 42.34 84.01
N VAL M 142 -103.10 41.78 84.46
CA VAL M 142 -103.05 40.80 85.54
C VAL M 142 -102.47 39.47 85.07
N LEU M 143 -102.37 39.25 83.76
CA LEU M 143 -101.91 37.97 83.23
C LEU M 143 -100.43 38.00 82.86
N ASN M 144 -100.03 38.95 82.02
CA ASN M 144 -98.63 38.97 81.59
C ASN M 144 -98.04 40.37 81.55
N ARG M 145 -98.61 41.33 82.29
CA ARG M 145 -98.05 42.65 82.48
C ARG M 145 -97.91 43.42 81.17
N VAL M 146 -98.88 43.26 80.27
CA VAL M 146 -98.92 44.01 79.03
C VAL M 146 -100.12 44.95 79.10
N PRO M 147 -99.93 46.25 79.19
CA PRO M 147 -101.06 47.17 79.30
C PRO M 147 -101.73 47.36 77.94
N LEU M 148 -102.71 48.26 77.91
CA LEU M 148 -103.24 48.72 76.64
C LEU M 148 -102.11 49.39 75.88
N ARG M 149 -101.68 48.81 74.78
CA ARG M 149 -100.42 49.24 74.18
C ARG M 149 -100.49 49.01 72.69
N ARG M 150 -99.87 49.91 71.94
CA ARG M 150 -99.81 49.76 70.50
C ARG M 150 -98.71 48.77 70.12
N THR M 151 -98.86 48.19 68.93
CA THR M 151 -97.87 47.27 68.39
C THR M 151 -98.01 47.28 66.88
N HIS M 152 -97.00 46.75 66.20
CA HIS M 152 -96.99 46.72 64.75
C HIS M 152 -97.33 45.33 64.26
N GLN M 153 -98.25 45.26 63.30
CA GLN M 153 -98.69 43.97 62.78
C GLN M 153 -97.57 43.22 62.07
N LYS M 154 -96.55 43.93 61.60
CA LYS M 154 -95.43 43.25 60.97
C LYS M 154 -94.62 42.46 61.97
N PHE M 155 -94.59 42.90 63.23
CA PHE M 155 -93.74 42.32 64.26
C PHE M 155 -94.53 41.47 65.25
N VAL M 156 -95.63 40.88 64.80
CA VAL M 156 -96.41 39.97 65.63
C VAL M 156 -96.71 38.71 64.83
N ILE M 157 -97.03 37.65 65.55
CA ILE M 157 -97.48 36.40 64.95
C ILE M 157 -98.92 36.18 65.38
N ALA M 158 -99.81 36.03 64.41
CA ALA M 158 -101.23 35.80 64.68
C ALA M 158 -101.44 34.30 64.85
N THR M 159 -101.80 33.88 66.05
CA THR M 159 -102.08 32.49 66.31
C THR M 159 -103.49 32.15 65.82
N SER M 160 -103.87 30.88 65.95
CA SER M 160 -105.20 30.44 65.55
C SER M 160 -106.24 30.59 66.64
N THR M 161 -105.82 30.60 67.90
CA THR M 161 -106.78 30.71 69.00
C THR M 161 -107.32 32.14 69.09
N LYS M 162 -108.64 32.24 69.24
CA LYS M 162 -109.33 33.52 69.30
C LYS M 162 -110.38 33.48 70.40
N ILE M 163 -110.67 34.65 70.95
CA ILE M 163 -111.80 34.83 71.85
C ILE M 163 -112.76 35.81 71.21
N ASP M 164 -114.04 35.65 71.51
CA ASP M 164 -115.07 36.52 70.94
C ASP M 164 -115.13 37.80 71.75
N ILE M 165 -114.39 38.81 71.29
CA ILE M 165 -114.41 40.11 71.94
C ILE M 165 -115.41 41.05 71.25
N SER M 166 -116.37 40.50 70.51
CA SER M 166 -117.49 41.30 70.08
C SER M 166 -118.29 41.75 71.30
N ASN M 167 -119.16 42.75 71.09
CA ASN M 167 -120.00 43.40 72.08
C ASN M 167 -119.29 43.77 73.38
N VAL M 168 -118.00 44.08 73.30
CA VAL M 168 -117.31 44.75 74.39
C VAL M 168 -117.03 46.17 73.94
N LYS M 169 -116.94 47.08 74.91
CA LYS M 169 -116.85 48.51 74.61
C LYS M 169 -115.40 48.96 74.74
N ILE M 170 -114.73 49.13 73.62
CA ILE M 170 -113.44 49.79 73.59
C ILE M 170 -113.70 51.28 73.68
N PRO M 171 -113.10 51.99 74.63
CA PRO M 171 -113.35 53.43 74.76
C PRO M 171 -112.92 54.19 73.50
N LYS M 172 -113.68 55.25 73.19
CA LYS M 172 -113.45 55.99 71.96
C LYS M 172 -112.16 56.80 72.00
N HIS M 173 -111.77 57.30 73.18
CA HIS M 173 -110.58 58.13 73.27
C HIS M 173 -109.30 57.34 73.11
N LEU M 174 -109.36 56.01 73.08
CA LEU M 174 -108.17 55.19 72.89
C LEU M 174 -107.69 55.28 71.46
N THR M 175 -106.89 56.31 71.15
CA THR M 175 -106.50 56.59 69.78
C THR M 175 -104.98 56.71 69.70
N ASP M 176 -104.51 56.96 68.48
CA ASP M 176 -103.07 57.16 68.25
C ASP M 176 -102.56 58.37 69.01
N ALA M 177 -103.35 59.44 69.04
CA ALA M 177 -102.98 60.61 69.83
C ALA M 177 -102.94 60.27 71.32
N TYR M 178 -103.81 59.36 71.75
CA TYR M 178 -103.80 58.91 73.14
C TYR M 178 -102.50 58.18 73.47
N PHE M 179 -102.09 57.26 72.59
CA PHE M 179 -100.94 56.42 72.89
C PHE M 179 -99.61 57.02 72.45
N LYS M 180 -99.63 58.18 71.81
CA LYS M 180 -98.39 58.80 71.35
C LYS M 180 -97.51 59.19 72.53
N LYS M 181 -96.20 59.01 72.36
CA LYS M 181 -95.26 59.31 73.42
C LYS M 181 -95.21 60.80 73.71
N LYS M 182 -94.90 61.14 74.95
CA LYS M 182 -94.77 62.52 75.39
C LYS M 182 -93.34 62.79 75.82
N LYS M 183 -92.90 64.02 75.63
CA LYS M 183 -91.54 64.42 75.95
C LYS M 183 -91.55 65.74 76.69
N LEU M 184 -90.49 65.98 77.47
CA LEU M 184 -90.33 67.20 78.24
C LEU M 184 -89.27 68.12 77.64
N ARG M 185 -88.10 67.60 77.31
CA ARG M 185 -87.02 68.39 76.76
C ARG M 185 -87.34 68.83 75.33
N LYS M 186 -86.85 70.03 74.95
CA LYS M 186 -86.02 70.94 75.74
C LYS M 186 -86.34 72.42 75.49
N PRO M 187 -87.31 72.96 76.22
CA PRO M 187 -87.49 74.40 76.25
C PRO M 187 -86.61 75.02 77.33
N ARG M 188 -86.51 76.36 77.27
CA ARG M 188 -85.81 77.21 78.27
C ARG M 188 -84.44 76.68 78.65
N HIS M 189 -83.80 75.93 77.75
CA HIS M 189 -82.51 75.30 78.05
C HIS M 189 -81.79 75.02 76.75
N GLN M 190 -80.58 75.56 76.60
CA GLN M 190 -79.80 75.40 75.38
C GLN M 190 -78.54 74.58 75.60
N GLU M 191 -77.70 74.98 76.55
CA GLU M 191 -76.44 74.31 76.83
C GLU M 191 -76.58 73.52 78.13
N GLY M 192 -76.16 72.25 78.10
CA GLY M 192 -76.30 71.41 79.27
C GLY M 192 -75.11 71.41 80.21
N GLU M 193 -75.18 72.20 81.26
CA GLU M 193 -74.23 72.14 82.36
C GLU M 193 -74.81 71.52 83.62
N ILE M 194 -76.13 71.61 83.80
CA ILE M 194 -76.85 70.91 84.85
C ILE M 194 -77.68 69.82 84.17
N PHE M 195 -77.61 68.60 84.69
CA PHE M 195 -78.28 67.47 84.06
C PHE M 195 -79.79 67.67 84.04
N ASP M 196 -80.38 67.52 82.85
CA ASP M 196 -81.82 67.55 82.68
C ASP M 196 -82.44 66.15 82.69
N THR M 197 -81.81 65.21 83.41
CA THR M 197 -82.27 63.83 83.47
C THR M 197 -83.53 63.66 84.32
N GLU M 198 -84.12 64.74 84.81
CA GLU M 198 -85.37 64.66 85.54
C GLU M 198 -86.51 64.29 84.61
N LYS M 199 -87.61 63.82 85.21
CA LYS M 199 -88.84 63.39 84.53
C LYS M 199 -88.61 62.12 83.72
N GLU M 200 -87.38 61.62 83.68
CA GLU M 200 -87.08 60.42 82.92
C GLU M 200 -87.85 59.22 83.42
N LYS M 201 -88.33 59.25 84.66
CA LYS M 201 -89.23 58.22 85.17
C LYS M 201 -90.61 58.46 84.58
N TYR M 202 -90.99 57.65 83.59
CA TYR M 202 -92.32 57.74 83.01
C TYR M 202 -93.37 57.41 84.05
N GLU M 203 -94.47 58.15 84.02
CA GLU M 203 -95.53 58.02 85.01
C GLU M 203 -96.79 57.43 84.38
N ILE M 204 -97.32 56.39 84.99
CA ILE M 204 -98.57 55.80 84.54
C ILE M 204 -99.71 56.71 84.97
N THR M 205 -100.43 57.25 84.00
CA THR M 205 -101.51 58.18 84.28
C THR M 205 -102.70 57.46 84.90
N GLU M 206 -103.40 58.16 85.78
CA GLU M 206 -104.64 57.62 86.35
C GLU M 206 -105.66 57.34 85.26
N GLN M 207 -105.68 58.15 84.21
CA GLN M 207 -106.58 57.87 83.08
C GLN M 207 -106.20 56.55 82.42
N ARG M 208 -104.90 56.29 82.26
CA ARG M 208 -104.47 55.03 81.68
C ARG M 208 -104.85 53.86 82.56
N LYS M 209 -104.69 54.00 83.88
CA LYS M 209 -105.09 52.93 84.79
C LYS M 209 -106.59 52.68 84.72
N ILE M 210 -107.38 53.74 84.64
CA ILE M 210 -108.84 53.58 84.55
C ILE M 210 -109.22 52.87 83.27
N ASP M 211 -108.60 53.24 82.15
CA ASP M 211 -108.89 52.58 80.89
C ASP M 211 -108.49 51.12 80.92
N GLN M 212 -107.32 50.82 81.50
CA GLN M 212 -106.87 49.44 81.60
C GLN M 212 -107.85 48.61 82.42
N LYS M 213 -108.30 49.15 83.56
CA LYS M 213 -109.27 48.44 84.37
C LYS M 213 -110.57 48.22 83.61
N ALA M 214 -111.04 49.25 82.90
CA ALA M 214 -112.30 49.16 82.19
C ALA M 214 -112.26 48.11 81.09
N VAL M 215 -111.15 48.04 80.36
CA VAL M 215 -111.04 47.05 79.29
C VAL M 215 -110.87 45.65 79.87
N ASP M 216 -110.01 45.50 80.87
CA ASP M 216 -109.73 44.18 81.41
C ASP M 216 -110.93 43.59 82.13
N SER M 217 -111.76 44.42 82.78
CA SER M 217 -112.91 43.92 83.50
C SER M 217 -113.90 43.21 82.60
N GLN M 218 -113.89 43.51 81.30
CA GLN M 218 -114.78 42.86 80.35
C GLN M 218 -114.06 41.95 79.38
N ILE M 219 -112.74 41.98 79.33
CA ILE M 219 -112.00 40.97 78.56
C ILE M 219 -111.72 39.73 79.38
N LEU M 220 -111.44 39.87 80.68
CA LEU M 220 -111.07 38.72 81.50
C LEU M 220 -112.15 37.64 81.61
N PRO M 221 -113.43 37.96 81.84
CA PRO M 221 -114.42 36.89 81.91
C PRO M 221 -114.51 36.03 80.67
N LYS M 222 -114.25 36.61 79.50
CA LYS M 222 -114.26 35.84 78.26
C LYS M 222 -113.01 34.98 78.13
N ILE M 223 -111.89 35.41 78.74
CA ILE M 223 -110.70 34.58 78.77
C ILE M 223 -110.89 33.39 79.69
N LYS M 224 -111.50 33.61 80.85
CA LYS M 224 -111.77 32.51 81.77
C LYS M 224 -112.84 31.56 81.24
N ALA M 225 -113.56 31.94 80.19
CA ALA M 225 -114.62 31.10 79.66
C ALA M 225 -114.09 29.83 79.01
N ILE M 226 -112.84 29.82 78.57
CA ILE M 226 -112.26 28.61 77.99
C ILE M 226 -111.10 28.13 78.87
N PRO M 227 -110.92 26.83 79.02
CA PRO M 227 -109.95 26.33 80.01
C PRO M 227 -108.52 26.70 79.69
N GLN M 228 -107.78 27.05 80.74
CA GLN M 228 -106.32 27.27 80.76
C GLN M 228 -105.82 28.16 79.63
N LEU M 229 -106.70 28.99 79.07
CA LEU M 229 -106.25 30.09 78.22
C LEU M 229 -105.49 31.13 79.03
N GLN M 230 -105.88 31.32 80.29
CA GLN M 230 -105.12 32.25 81.14
C GLN M 230 -103.71 31.75 81.37
N GLY M 231 -103.53 30.43 81.55
CA GLY M 231 -102.18 29.88 81.63
C GLY M 231 -101.43 30.05 80.33
N TYR M 232 -102.13 29.86 79.20
CA TYR M 232 -101.50 30.08 77.90
C TYR M 232 -101.01 31.51 77.76
N LEU M 233 -101.82 32.48 78.20
CA LEU M 233 -101.44 33.88 78.11
C LEU M 233 -100.34 34.24 79.09
N ARG M 234 -100.30 33.58 80.25
CA ARG M 234 -99.21 33.81 81.19
C ARG M 234 -97.89 33.29 80.65
N SER M 235 -97.91 32.18 79.92
CA SER M 235 -96.69 31.64 79.35
C SER M 235 -96.15 32.54 78.24
N VAL M 236 -94.86 32.40 77.97
CA VAL M 236 -94.21 33.12 76.88
C VAL M 236 -93.79 32.14 75.80
N PHE M 237 -93.64 32.65 74.59
CA PHE M 237 -93.29 31.82 73.45
C PHE M 237 -91.77 31.68 73.34
N ALA M 238 -91.34 30.50 72.91
CA ALA M 238 -89.92 30.21 72.78
C ALA M 238 -89.72 29.16 71.70
N LEU M 239 -88.50 29.09 71.19
CA LEU M 239 -88.14 28.10 70.18
C LEU M 239 -87.29 27.02 70.84
N THR M 240 -87.87 25.83 70.99
CA THR M 240 -87.18 24.63 71.42
C THR M 240 -86.25 24.15 70.29
N ASN M 241 -85.21 23.41 70.66
CA ASN M 241 -84.22 23.00 69.67
C ASN M 241 -84.78 22.02 68.65
N GLY M 242 -85.92 21.40 68.92
CA GLY M 242 -86.48 20.48 67.95
C GLY M 242 -87.47 21.11 67.01
N ILE M 243 -88.05 22.23 67.40
CA ILE M 243 -89.16 22.82 66.65
C ILE M 243 -88.63 23.90 65.72
N TYR M 244 -89.29 24.04 64.58
CA TYR M 244 -88.88 24.97 63.54
C TYR M 244 -90.09 25.81 63.14
N PRO M 245 -89.92 27.13 63.02
CA PRO M 245 -91.08 28.00 62.79
C PRO M 245 -91.82 27.73 61.49
N HIS M 246 -91.15 27.21 60.47
CA HIS M 246 -91.84 26.92 59.22
C HIS M 246 -92.69 25.67 59.30
N LYS M 247 -92.39 24.74 60.22
CA LYS M 247 -93.23 23.57 60.42
C LYS M 247 -94.30 23.78 61.47
N LEU M 248 -94.30 24.93 62.14
CA LEU M 248 -95.27 25.18 63.21
C LEU M 248 -96.55 25.76 62.65
N VAL M 249 -97.68 25.22 63.06
CA VAL M 249 -98.97 25.82 62.82
C VAL M 249 -99.30 26.72 64.01
N PHE M 250 -99.56 27.98 63.75
CA PHE M 250 -99.83 28.92 64.83
C PHE M 250 -101.33 29.12 64.98
N ASN N 1 -108.43 95.06 23.27
CA ASN N 1 -108.43 93.84 22.49
C ASN N 1 -108.26 92.61 23.39
N PHE N 2 -108.25 92.85 24.70
CA PHE N 2 -107.99 91.76 25.65
C PHE N 2 -109.12 90.74 25.64
N ALA N 3 -110.37 91.21 25.66
CA ALA N 3 -111.50 90.28 25.61
C ALA N 3 -111.51 89.50 24.31
N GLU N 4 -111.23 90.17 23.19
CA GLU N 4 -111.21 89.50 21.89
C GLU N 4 -110.11 88.43 21.84
N LEU N 5 -108.93 88.73 22.37
CA LEU N 5 -107.86 87.73 22.33
C LEU N 5 -108.15 86.57 23.28
N LYS N 6 -108.80 86.84 24.41
CA LYS N 6 -109.26 85.74 25.27
C LYS N 6 -110.25 84.85 24.53
N ILE N 7 -111.18 85.46 23.79
CA ILE N 7 -112.13 84.68 23.00
C ILE N 7 -111.39 83.85 21.96
N LYS N 8 -110.40 84.44 21.30
CA LYS N 8 -109.62 83.72 20.29
C LYS N 8 -108.93 82.50 20.89
N ARG N 9 -108.26 82.69 22.03
CA ARG N 9 -107.53 81.56 22.61
C ARG N 9 -108.48 80.49 23.13
N LEU N 10 -109.62 80.90 23.71
CA LEU N 10 -110.60 79.91 24.15
C LEU N 10 -111.16 79.11 22.98
N ARG N 11 -111.46 79.79 21.87
CA ARG N 11 -111.98 79.07 20.70
C ARG N 11 -110.95 78.11 20.14
N LYS N 12 -109.69 78.54 20.06
CA LYS N 12 -108.64 77.67 19.56
C LYS N 12 -108.46 76.44 20.45
N LYS N 13 -108.43 76.64 21.77
CA LYS N 13 -108.27 75.51 22.68
C LYS N 13 -109.46 74.57 22.62
N PHE N 14 -110.67 75.13 22.49
CA PHE N 14 -111.85 74.28 22.40
C PHE N 14 -111.86 73.47 21.11
N ALA N 15 -111.46 74.08 20.00
CA ALA N 15 -111.37 73.34 18.74
C ALA N 15 -110.35 72.23 18.84
N GLN N 16 -109.21 72.51 19.47
CA GLN N 16 -108.19 71.47 19.66
C GLN N 16 -108.72 70.33 20.53
N LYS N 17 -109.45 70.66 21.59
CA LYS N 17 -109.99 69.63 22.47
C LYS N 17 -111.01 68.77 21.74
N MET N 18 -111.86 69.40 20.92
CA MET N 18 -112.83 68.62 20.14
C MET N 18 -112.13 67.72 19.13
N LEU N 19 -111.05 68.22 18.51
CA LEU N 19 -110.30 67.38 17.58
C LEU N 19 -109.69 66.17 18.29
N ARG N 20 -109.13 66.38 19.49
CA ARG N 20 -108.60 65.26 20.25
C ARG N 20 -109.69 64.27 20.62
N LYS N 21 -110.86 64.78 21.00
CA LYS N 21 -111.96 63.89 21.35
C LYS N 21 -112.43 63.06 20.16
N ALA N 22 -112.52 63.69 18.99
CA ALA N 22 -112.91 62.96 17.79
C ALA N 22 -111.88 61.88 17.43
N ARG N 23 -110.60 62.21 17.53
CA ARG N 23 -109.56 61.24 17.22
C ARG N 23 -109.57 60.07 18.22
N ARG N 24 -109.81 60.37 19.50
CA ARG N 24 -109.88 59.30 20.49
C ARG N 24 -111.07 58.39 20.23
N LYS N 25 -112.21 58.96 19.85
CA LYS N 25 -113.37 58.12 19.51
C LYS N 25 -113.07 57.25 18.29
N LEU N 26 -112.38 57.82 17.30
CA LEU N 26 -111.99 57.03 16.13
C LEU N 26 -111.08 55.87 16.52
N ILE N 27 -110.11 56.12 17.40
CA ILE N 27 -109.19 55.07 17.83
C ILE N 27 -109.96 53.96 18.54
N TYR N 28 -110.89 54.34 19.42
CA TYR N 28 -111.69 53.36 20.15
C TYR N 28 -112.48 52.49 19.18
N GLU N 29 -113.14 53.11 18.20
CA GLU N 29 -113.96 52.32 17.29
C GLU N 29 -113.13 51.46 16.36
N LYS N 30 -111.94 51.94 15.95
CA LYS N 30 -111.06 51.11 15.16
C LYS N 30 -110.62 49.88 15.93
N ALA N 31 -110.32 50.04 17.22
CA ALA N 31 -109.94 48.88 18.02
C ALA N 31 -111.09 47.90 18.15
N LYS N 32 -112.31 48.40 18.31
CA LYS N 32 -113.47 47.52 18.37
C LYS N 32 -113.63 46.73 17.07
N HIS N 33 -113.49 47.42 15.93
CA HIS N 33 -113.61 46.74 14.65
C HIS N 33 -112.51 45.70 14.46
N TYR N 34 -111.29 46.00 14.92
CA TYR N 34 -110.21 45.04 14.84
C TYR N 34 -110.50 43.81 15.68
N HIS N 35 -111.09 44.01 16.86
CA HIS N 35 -111.49 42.87 17.69
C HIS N 35 -112.48 41.98 16.97
N LYS N 36 -113.47 42.60 16.31
CA LYS N 36 -114.44 41.84 15.54
C LYS N 36 -113.75 41.06 14.42
N GLU N 37 -112.82 41.69 13.71
CA GLU N 37 -112.12 41.01 12.63
C GLU N 37 -111.30 39.83 13.14
N TYR N 38 -110.61 40.02 14.27
CA TYR N 38 -109.80 38.94 14.83
C TYR N 38 -110.65 37.74 15.19
N ARG N 39 -111.77 37.98 15.88
CA ARG N 39 -112.59 36.83 16.25
C ARG N 39 -113.22 36.19 15.03
N GLN N 40 -113.52 36.97 13.98
CA GLN N 40 -114.06 36.39 12.76
C GLN N 40 -113.04 35.45 12.11
N MET N 41 -111.78 35.87 12.03
CA MET N 41 -110.76 35.00 11.42
C MET N 41 -110.54 33.74 12.25
N TYR N 42 -110.46 33.91 13.58
CA TYR N 42 -110.22 32.76 14.45
C TYR N 42 -111.34 31.75 14.35
N ARG N 43 -112.59 32.22 14.30
CA ARG N 43 -113.71 31.28 14.16
C ARG N 43 -113.79 30.70 12.76
N THR N 44 -113.38 31.47 11.75
CA THR N 44 -113.47 31.00 10.38
C THR N 44 -112.56 29.80 10.14
N GLU N 45 -111.35 29.83 10.70
CA GLU N 45 -110.46 28.69 10.53
C GLU N 45 -111.07 27.42 11.11
N ILE N 46 -111.64 27.52 12.32
CA ILE N 46 -112.28 26.39 12.97
C ILE N 46 -113.45 25.89 12.14
N ARG N 47 -114.26 26.81 11.62
CA ARG N 47 -115.44 26.42 10.85
C ARG N 47 -115.05 25.71 9.55
N MET N 48 -114.01 26.20 8.88
CA MET N 48 -113.55 25.54 7.65
C MET N 48 -113.05 24.13 7.95
N ALA N 49 -112.24 23.97 9.00
CA ALA N 49 -111.77 22.64 9.36
C ALA N 49 -112.93 21.72 9.69
N ARG N 50 -113.94 22.26 10.40
CA ARG N 50 -115.09 21.44 10.76
C ARG N 50 -115.88 20.98 9.54
N MET N 51 -116.10 21.86 8.58
CA MET N 51 -116.88 21.43 7.41
C MET N 51 -116.08 20.45 6.57
N ALA N 52 -114.76 20.60 6.49
CA ALA N 52 -113.96 19.60 5.79
C ALA N 52 -114.05 18.24 6.48
N ARG N 53 -113.96 18.22 7.82
CA ARG N 53 -114.06 16.95 8.52
C ARG N 53 -115.45 16.34 8.41
N LYS N 54 -116.49 17.17 8.38
CA LYS N 54 -117.84 16.66 8.15
C LYS N 54 -117.95 16.02 6.79
N ALA N 55 -117.38 16.66 5.76
CA ALA N 55 -117.41 16.08 4.43
C ALA N 55 -116.44 14.91 4.27
N GLY N 56 -115.54 14.70 5.23
CA GLY N 56 -114.56 13.65 5.13
C GLY N 56 -113.30 14.03 4.39
N ASN N 57 -113.13 15.30 4.06
CA ASN N 57 -111.96 15.80 3.35
C ASN N 57 -110.98 16.41 4.34
N PHE N 58 -109.95 17.06 3.82
CA PHE N 58 -108.94 17.74 4.62
C PHE N 58 -108.92 19.21 4.25
N TYR N 59 -108.97 20.07 5.26
CA TYR N 59 -108.80 21.51 5.07
C TYR N 59 -107.36 21.87 5.41
N VAL N 60 -106.60 22.27 4.42
CA VAL N 60 -105.22 22.71 4.60
C VAL N 60 -105.25 24.21 4.86
N PRO N 61 -104.84 24.68 6.03
CA PRO N 61 -104.85 26.13 6.29
C PRO N 61 -103.84 26.86 5.42
N ALA N 62 -104.10 28.15 5.25
CA ALA N 62 -103.17 28.98 4.50
C ALA N 62 -101.79 28.95 5.16
N GLU N 63 -100.76 28.92 4.34
CA GLU N 63 -99.40 28.94 4.86
C GLU N 63 -99.18 30.27 5.57
N PRO N 64 -98.57 30.26 6.76
CA PRO N 64 -98.45 31.50 7.53
C PRO N 64 -97.64 32.55 6.79
N LYS N 65 -98.11 33.80 6.88
CA LYS N 65 -97.48 34.90 6.18
C LYS N 65 -96.65 35.79 7.09
N LEU N 66 -96.69 35.56 8.40
CA LEU N 66 -95.91 36.33 9.35
C LEU N 66 -95.05 35.40 10.18
N ALA N 67 -93.80 35.79 10.40
CA ALA N 67 -92.89 35.04 11.25
C ALA N 67 -92.26 35.97 12.26
N PHE N 68 -91.91 35.43 13.40
CA PHE N 68 -91.05 36.10 14.37
C PHE N 68 -89.71 35.37 14.38
N VAL N 69 -88.63 36.13 14.23
CA VAL N 69 -87.28 35.59 14.16
C VAL N 69 -86.50 36.14 15.34
N ILE N 70 -85.86 35.24 16.09
CA ILE N 70 -85.04 35.61 17.24
C ILE N 70 -83.63 35.10 16.98
N ARG N 71 -82.65 36.00 17.05
CA ARG N 71 -81.27 35.57 16.92
C ARG N 71 -80.83 34.93 18.23
N ILE N 72 -80.32 33.70 18.16
CA ILE N 72 -79.97 32.95 19.36
C ILE N 72 -78.48 32.75 19.54
N ARG N 73 -77.67 32.99 18.52
CA ARG N 73 -76.23 32.84 18.66
C ARG N 73 -75.58 34.22 18.64
N GLY N 74 -74.40 34.30 19.24
CA GLY N 74 -73.70 35.55 19.40
C GLY N 74 -72.99 35.99 18.14
N ILE N 75 -72.10 36.97 18.30
CA ILE N 75 -71.49 37.69 17.19
C ILE N 75 -70.05 37.27 16.95
N ASN N 76 -69.61 36.17 17.53
CA ASN N 76 -68.22 35.72 17.40
C ASN N 76 -68.12 34.61 16.36
N GLY N 77 -67.19 34.78 15.42
CA GLY N 77 -66.91 33.76 14.43
C GLY N 77 -68.07 33.45 13.48
N VAL N 78 -68.63 34.49 12.87
CA VAL N 78 -69.77 34.34 11.97
C VAL N 78 -69.29 34.47 10.55
N SER N 79 -69.72 33.54 9.69
CA SER N 79 -69.35 33.59 8.28
C SER N 79 -69.95 34.83 7.62
N PRO N 80 -69.30 35.34 6.56
CA PRO N 80 -69.75 36.63 5.99
C PRO N 80 -71.17 36.61 5.46
N LYS N 81 -71.61 35.51 4.85
CA LYS N 81 -72.96 35.48 4.31
C LYS N 81 -74.00 35.48 5.42
N VAL N 82 -73.78 34.69 6.46
CA VAL N 82 -74.69 34.68 7.61
C VAL N 82 -74.72 36.04 8.28
N ARG N 83 -73.54 36.67 8.40
CA ARG N 83 -73.44 37.99 8.99
C ARG N 83 -74.24 39.01 8.19
N LYS N 84 -74.11 38.97 6.86
CA LYS N 84 -74.83 39.90 6.00
C LYS N 84 -76.34 39.69 6.10
N VAL N 85 -76.79 38.45 6.11
CA VAL N 85 -78.24 38.20 6.16
C VAL N 85 -78.80 38.59 7.51
N LEU N 86 -78.04 38.37 8.59
CA LEU N 86 -78.49 38.82 9.90
C LEU N 86 -78.59 40.34 9.96
N GLN N 87 -77.63 41.04 9.35
CA GLN N 87 -77.73 42.50 9.28
C GLN N 87 -78.94 42.93 8.49
N LEU N 88 -79.26 42.23 7.39
CA LEU N 88 -80.44 42.57 6.62
C LEU N 88 -81.73 42.26 7.35
N LEU N 89 -81.69 41.29 8.27
CA LEU N 89 -82.84 41.03 9.13
C LEU N 89 -82.85 41.90 10.37
N ARG N 90 -81.82 42.75 10.54
CA ARG N 90 -81.69 43.67 11.67
C ARG N 90 -81.48 42.95 12.99
N LEU N 91 -80.86 41.78 12.94
CA LEU N 91 -80.53 41.02 14.14
C LEU N 91 -79.01 41.10 14.32
N ARG N 92 -78.57 42.18 14.94
CA ARG N 92 -77.15 42.42 15.17
C ARG N 92 -76.73 42.07 16.58
N GLN N 93 -77.64 41.54 17.38
CA GLN N 93 -77.36 41.20 18.76
C GLN N 93 -78.10 39.92 19.09
N ILE N 94 -77.57 39.16 20.05
CA ILE N 94 -78.25 37.95 20.47
C ILE N 94 -79.52 38.32 21.22
N PHE N 95 -80.55 37.47 21.07
CA PHE N 95 -81.86 37.69 21.66
C PHE N 95 -82.47 39.00 21.18
N ASN N 96 -82.33 39.25 19.88
CA ASN N 96 -83.05 40.29 19.18
C ASN N 96 -84.10 39.63 18.30
N GLY N 97 -85.29 40.22 18.30
CA GLY N 97 -86.41 39.67 17.56
C GLY N 97 -86.91 40.65 16.52
N THR N 98 -87.41 40.10 15.42
CA THR N 98 -87.92 40.91 14.33
C THR N 98 -89.06 40.16 13.66
N PHE N 99 -90.11 40.88 13.29
CA PHE N 99 -91.17 40.33 12.48
C PHE N 99 -90.74 40.31 11.02
N VAL N 100 -91.00 39.20 10.35
CA VAL N 100 -90.60 39.00 8.97
C VAL N 100 -91.81 38.57 8.16
N LYS N 101 -92.08 39.27 7.08
CA LYS N 101 -93.13 38.87 6.14
C LYS N 101 -92.63 37.71 5.30
N LEU N 102 -93.36 36.61 5.31
CA LEU N 102 -92.88 35.36 4.73
C LEU N 102 -93.22 35.28 3.26
N ASN N 103 -92.21 35.02 2.44
CA ASN N 103 -92.35 34.72 1.03
C ASN N 103 -91.12 33.92 0.63
N LYS N 104 -90.94 33.70 -0.68
CA LYS N 104 -89.84 32.86 -1.14
C LYS N 104 -88.48 33.46 -0.77
N ALA N 105 -88.32 34.77 -1.00
CA ALA N 105 -87.03 35.42 -0.74
C ALA N 105 -86.70 35.41 0.74
N SER N 106 -87.67 35.81 1.58
CA SER N 106 -87.43 35.85 3.02
C SER N 106 -87.20 34.47 3.59
N ILE N 107 -87.93 33.48 3.10
CA ILE N 107 -87.75 32.11 3.59
C ILE N 107 -86.37 31.59 3.22
N ASN N 108 -85.89 31.91 2.02
CA ASN N 108 -84.55 31.46 1.65
C ASN N 108 -83.48 32.15 2.48
N MET N 109 -83.68 33.42 2.81
CA MET N 109 -82.77 34.09 3.74
C MET N 109 -82.78 33.42 5.12
N LEU N 110 -83.97 33.06 5.60
CA LEU N 110 -84.07 32.37 6.88
C LEU N 110 -83.37 31.02 6.84
N ARG N 111 -83.46 30.32 5.71
CA ARG N 111 -82.72 29.08 5.54
C ARG N 111 -81.22 29.31 5.60
N ILE N 112 -80.76 30.43 5.04
CA ILE N 112 -79.33 30.75 5.11
C ILE N 112 -78.90 30.93 6.56
N VAL N 113 -79.67 31.66 7.34
CA VAL N 113 -79.25 31.95 8.71
C VAL N 113 -79.87 30.98 9.70
N GLU N 114 -80.30 29.82 9.22
CA GLU N 114 -80.97 28.83 10.06
C GLU N 114 -80.25 28.46 11.35
N PRO N 115 -78.95 28.15 11.36
CA PRO N 115 -78.31 27.77 12.64
C PRO N 115 -78.26 28.91 13.65
N TYR N 116 -78.36 30.16 13.23
CA TYR N 116 -78.18 31.28 14.13
C TYR N 116 -79.48 31.82 14.70
N ILE N 117 -80.63 31.34 14.24
CA ILE N 117 -81.91 31.91 14.62
C ILE N 117 -82.87 30.81 15.06
N ALA N 118 -83.87 31.22 15.83
CA ALA N 118 -85.06 30.44 16.09
C ALA N 118 -86.24 31.28 15.64
N TRP N 119 -87.05 30.74 14.74
CA TRP N 119 -88.16 31.51 14.22
C TRP N 119 -89.42 30.66 14.18
N GLY N 120 -90.54 31.34 14.10
CA GLY N 120 -91.80 30.64 14.07
C GLY N 120 -92.93 31.58 13.69
N TYR N 121 -94.15 31.12 13.96
CA TYR N 121 -95.34 31.86 13.57
C TYR N 121 -96.02 32.43 14.81
N PRO N 122 -95.84 33.72 15.10
CA PRO N 122 -96.45 34.28 16.30
C PRO N 122 -97.96 34.37 16.18
N ASN N 123 -98.63 34.32 17.32
CA ASN N 123 -100.06 34.49 17.36
C ASN N 123 -100.39 35.92 17.82
N LEU N 124 -101.69 36.20 17.87
CA LEU N 124 -102.15 37.55 18.19
C LEU N 124 -101.67 37.97 19.58
N LYS N 125 -101.71 37.05 20.54
CA LYS N 125 -101.24 37.37 21.88
C LYS N 125 -99.76 37.71 21.87
N SER N 126 -98.96 36.95 21.14
CA SER N 126 -97.53 37.22 21.07
C SER N 126 -97.26 38.58 20.46
N VAL N 127 -97.98 38.92 19.38
CA VAL N 127 -97.80 40.23 18.78
C VAL N 127 -98.17 41.33 19.76
N ASN N 128 -99.28 41.15 20.49
CA ASN N 128 -99.70 42.15 21.47
C ASN N 128 -98.66 42.34 22.56
N GLU N 129 -98.17 41.24 23.13
CA GLU N 129 -97.18 41.34 24.20
C GLU N 129 -95.91 42.00 23.70
N LEU N 130 -95.45 41.62 22.50
CA LEU N 130 -94.22 42.18 21.97
C LEU N 130 -94.35 43.67 21.71
N ILE N 131 -95.44 44.11 21.09
CA ILE N 131 -95.58 45.52 20.77
C ILE N 131 -95.81 46.34 22.03
N TYR N 132 -96.60 45.83 22.97
CA TYR N 132 -96.94 46.64 24.14
C TYR N 132 -95.81 46.70 25.15
N LYS N 133 -95.12 45.58 25.40
CA LYS N 133 -94.10 45.59 26.44
C LYS N 133 -92.76 46.10 25.93
N ARG N 134 -92.40 45.77 24.70
CA ARG N 134 -91.07 46.06 24.19
C ARG N 134 -91.10 46.85 22.89
N GLY N 135 -92.23 47.45 22.56
CA GLY N 135 -92.34 48.18 21.31
C GLY N 135 -91.66 49.53 21.36
N TYR N 136 -90.65 49.71 20.52
CA TYR N 136 -89.95 50.98 20.39
C TYR N 136 -89.96 51.39 18.93
N GLY N 137 -90.14 52.68 18.68
CA GLY N 137 -90.17 53.21 17.34
C GLY N 137 -88.82 53.77 16.94
N LYS N 138 -88.56 53.74 15.62
CA LYS N 138 -87.37 54.38 15.06
C LYS N 138 -87.79 55.74 14.53
N ILE N 139 -87.81 56.71 15.43
CA ILE N 139 -88.24 58.07 15.13
C ILE N 139 -87.01 58.95 15.04
N ASN N 140 -86.77 59.51 13.86
CA ASN N 140 -85.59 60.35 13.61
C ASN N 140 -84.31 59.61 13.97
N LYS N 141 -84.25 58.34 13.59
CA LYS N 141 -83.12 57.46 13.84
C LYS N 141 -82.83 57.26 15.33
N LYS N 142 -83.83 57.47 16.18
CA LYS N 142 -83.69 57.29 17.61
C LYS N 142 -84.65 56.20 18.08
N ARG N 143 -84.23 55.49 19.12
CA ARG N 143 -85.05 54.44 19.70
C ARG N 143 -85.94 55.06 20.76
N ILE N 144 -87.19 55.34 20.40
CA ILE N 144 -88.13 56.02 21.26
C ILE N 144 -89.21 55.05 21.68
N ALA N 145 -89.48 54.99 22.98
CA ALA N 145 -90.52 54.11 23.51
C ALA N 145 -91.89 54.57 23.06
N LEU N 146 -92.74 53.61 22.70
CA LEU N 146 -94.09 53.91 22.21
C LEU N 146 -95.02 54.15 23.40
N THR N 147 -94.81 55.31 24.04
CA THR N 147 -95.59 55.69 25.20
C THR N 147 -96.83 56.49 24.85
N ASP N 148 -96.95 56.99 23.62
CA ASP N 148 -98.08 57.79 23.20
C ASP N 148 -98.46 57.38 21.78
N ASN N 149 -99.74 57.57 21.45
CA ASN N 149 -100.19 57.30 20.10
C ASN N 149 -99.71 58.35 19.10
N ALA N 150 -99.41 59.55 19.58
CA ALA N 150 -98.94 60.60 18.69
C ALA N 150 -97.60 60.25 18.07
N LEU N 151 -96.77 59.49 18.78
CA LEU N 151 -95.49 59.05 18.22
C LEU N 151 -95.71 58.16 17.01
N ILE N 152 -96.70 57.26 17.07
CA ILE N 152 -97.01 56.44 15.91
C ILE N 152 -97.66 57.26 14.81
N ALA N 153 -98.56 58.18 15.19
CA ALA N 153 -99.32 58.92 14.20
C ALA N 153 -98.42 59.85 13.39
N ARG N 154 -97.43 60.48 14.03
CA ARG N 154 -96.58 61.43 13.34
C ARG N 154 -95.65 60.76 12.34
N SER N 155 -95.39 59.47 12.49
CA SER N 155 -94.48 58.76 11.61
C SER N 155 -95.17 57.86 10.61
N LEU N 156 -96.36 57.35 10.94
CA LEU N 156 -97.05 56.39 10.09
C LEU N 156 -98.46 56.79 9.74
N GLY N 157 -98.92 57.98 10.15
CA GLY N 157 -100.29 58.38 9.87
C GLY N 157 -100.59 58.55 8.41
N LYS N 158 -99.58 58.85 7.59
CA LYS N 158 -99.77 58.91 6.15
C LYS N 158 -100.13 57.56 5.56
N TYR N 159 -99.87 56.47 6.27
CA TYR N 159 -100.26 55.14 5.84
C TYR N 159 -101.54 54.67 6.50
N GLY N 160 -102.17 55.50 7.33
CA GLY N 160 -103.37 55.11 8.03
C GLY N 160 -103.14 54.50 9.39
N ILE N 161 -101.90 54.25 9.78
CA ILE N 161 -101.58 53.69 11.08
C ILE N 161 -101.39 54.85 12.06
N ILE N 162 -102.27 54.94 13.06
CA ILE N 162 -102.28 56.08 13.97
C ILE N 162 -102.31 55.67 15.43
N CYS N 163 -102.25 54.38 15.74
CA CYS N 163 -102.33 53.96 17.13
C CYS N 163 -101.64 52.61 17.29
N MET N 164 -101.48 52.22 18.56
CA MET N 164 -100.94 50.90 18.88
C MET N 164 -101.77 49.80 18.23
N GLU N 165 -103.09 49.96 18.23
CA GLU N 165 -103.95 48.94 17.64
C GLU N 165 -103.77 48.85 16.13
N ASP N 166 -103.63 49.99 15.46
CA ASP N 166 -103.37 49.96 14.02
C ASP N 166 -102.03 49.32 13.72
N LEU N 167 -101.01 49.62 14.52
CA LEU N 167 -99.70 49.00 14.32
C LEU N 167 -99.77 47.50 14.52
N ILE N 168 -100.47 47.06 15.56
CA ILE N 168 -100.61 45.63 15.84
C ILE N 168 -101.39 44.94 14.73
N HIS N 169 -102.43 45.58 14.22
CA HIS N 169 -103.20 45.02 13.12
C HIS N 169 -102.35 44.87 11.87
N GLU N 170 -101.58 45.90 11.54
CA GLU N 170 -100.73 45.85 10.34
C GLU N 170 -99.65 44.79 10.48
N ILE N 171 -99.11 44.61 11.68
CA ILE N 171 -98.11 43.58 11.87
C ILE N 171 -98.73 42.19 11.78
N TYR N 172 -99.88 42.00 12.43
CA TYR N 172 -100.48 40.67 12.50
C TYR N 172 -101.04 40.26 11.15
N THR N 173 -102.02 40.99 10.64
CA THR N 173 -102.49 40.76 9.29
C THR N 173 -101.58 41.55 8.38
N VAL N 174 -100.75 40.86 7.60
CA VAL N 174 -99.70 41.54 6.85
C VAL N 174 -100.35 42.42 5.80
N GLY N 175 -100.38 43.72 6.05
CA GLY N 175 -101.10 44.65 5.22
C GLY N 175 -100.25 45.20 4.10
N LYS N 176 -100.80 46.22 3.44
CA LYS N 176 -100.08 46.85 2.34
C LYS N 176 -98.83 47.55 2.82
N ARG N 177 -98.91 48.22 3.97
CA ARG N 177 -97.80 48.98 4.52
C ARG N 177 -97.07 48.22 5.61
N PHE N 178 -96.98 46.90 5.49
CA PHE N 178 -96.27 46.11 6.48
C PHE N 178 -94.79 46.48 6.52
N LYS N 179 -94.19 46.75 5.37
CA LYS N 179 -92.77 47.09 5.36
C LYS N 179 -92.51 48.35 6.16
N GLU N 180 -93.33 49.39 5.93
CA GLU N 180 -93.16 50.64 6.67
C GLU N 180 -93.44 50.45 8.15
N ALA N 181 -94.52 49.74 8.49
CA ALA N 181 -94.87 49.55 9.89
C ALA N 181 -93.81 48.73 10.62
N ASN N 182 -93.25 47.72 9.95
CA ASN N 182 -92.25 46.87 10.59
C ASN N 182 -90.92 47.59 10.71
N ASN N 183 -90.51 48.34 9.69
CA ASN N 183 -89.27 49.08 9.80
C ASN N 183 -89.37 50.23 10.78
N PHE N 184 -90.58 50.74 11.02
CA PHE N 184 -90.75 51.75 12.05
C PHE N 184 -90.39 51.20 13.43
N LEU N 185 -90.68 49.92 13.66
CA LEU N 185 -90.36 49.30 14.94
C LEU N 185 -88.87 49.03 15.05
N TRP N 186 -88.27 49.48 16.13
CA TRP N 186 -86.92 49.04 16.46
C TRP N 186 -86.94 47.55 16.73
N PRO N 187 -85.91 46.81 16.34
CA PRO N 187 -85.88 45.38 16.65
C PRO N 187 -85.97 45.13 18.14
N PHE N 188 -86.75 44.12 18.51
CA PHE N 188 -87.08 43.89 19.92
C PHE N 188 -85.86 43.34 20.64
N LYS N 189 -85.54 43.97 21.76
CA LYS N 189 -84.41 43.56 22.59
C LYS N 189 -84.96 42.68 23.70
N LEU N 190 -85.01 41.37 23.45
CA LEU N 190 -85.61 40.45 24.40
C LEU N 190 -84.59 39.99 25.43
N SER N 191 -85.10 39.56 26.58
CA SER N 191 -84.24 39.08 27.65
C SER N 191 -83.75 37.67 27.33
N SER N 192 -82.96 37.11 28.24
CA SER N 192 -82.62 35.71 28.11
C SER N 192 -83.85 34.85 28.38
N PRO N 193 -83.95 33.70 27.71
CA PRO N 193 -85.12 32.85 27.94
C PRO N 193 -85.17 32.29 29.35
N ARG N 194 -86.17 32.71 30.13
CA ARG N 194 -86.30 32.22 31.49
C ARG N 194 -86.66 30.74 31.47
N GLY N 195 -85.92 29.96 32.24
CA GLY N 195 -86.01 28.52 32.16
C GLY N 195 -85.01 27.88 31.24
N GLY N 196 -84.21 28.67 30.53
CA GLY N 196 -83.14 28.15 29.72
C GLY N 196 -83.62 27.62 28.37
N MET N 197 -82.64 27.30 27.53
CA MET N 197 -82.90 26.68 26.24
C MET N 197 -82.58 25.19 26.32
N LYS N 198 -82.99 24.46 25.27
CA LYS N 198 -82.65 23.05 25.18
C LYS N 198 -81.21 22.87 24.72
N LYS N 199 -80.91 23.34 23.50
CA LYS N 199 -79.56 23.26 22.97
C LYS N 199 -79.48 24.24 21.81
N LYS N 200 -78.74 25.34 21.98
CA LYS N 200 -78.76 26.37 20.96
C LYS N 200 -77.97 25.98 19.72
N THR N 201 -77.15 24.94 19.81
CA THR N 201 -76.25 24.59 18.72
C THR N 201 -76.86 23.64 17.71
N THR N 202 -78.03 23.08 17.97
CA THR N 202 -78.68 22.14 17.07
C THR N 202 -80.07 22.64 16.71
N HIS N 203 -80.67 21.96 15.73
CA HIS N 203 -81.99 22.33 15.24
C HIS N 203 -83.08 21.93 16.22
N PHE N 204 -84.23 22.59 16.10
CA PHE N 204 -85.35 22.30 17.00
C PHE N 204 -85.86 20.88 16.82
N VAL N 205 -85.92 20.40 15.58
CA VAL N 205 -86.45 19.06 15.33
C VAL N 205 -85.52 17.95 15.79
N GLU N 206 -84.29 18.27 16.16
CA GLU N 206 -83.37 17.30 16.74
C GLU N 206 -83.08 17.62 18.21
N GLY N 207 -84.05 18.21 18.90
CA GLY N 207 -83.94 18.45 20.32
C GLY N 207 -83.26 19.73 20.72
N GLY N 208 -82.97 20.62 19.77
CA GLY N 208 -82.28 21.86 20.10
C GLY N 208 -83.18 23.08 20.05
N ASP N 209 -82.63 24.21 19.63
CA ASP N 209 -83.39 25.45 19.57
C ASP N 209 -83.33 26.18 18.24
N ALA N 210 -82.35 25.91 17.39
CA ALA N 210 -82.23 26.63 16.14
C ALA N 210 -83.30 26.17 15.15
N GLY N 211 -83.54 27.01 14.16
CA GLY N 211 -84.43 26.64 13.08
C GLY N 211 -85.87 27.02 13.31
N ASN N 212 -86.72 26.45 12.47
CA ASN N 212 -88.14 26.77 12.44
C ASN N 212 -88.90 25.81 13.35
N ARG N 213 -89.31 26.30 14.50
CA ARG N 213 -90.37 25.66 15.27
C ARG N 213 -91.67 26.33 14.86
N GLU N 214 -92.69 25.52 14.56
CA GLU N 214 -93.85 26.03 13.84
C GLU N 214 -94.56 27.09 14.67
N ASP N 215 -95.14 26.70 15.80
CA ASP N 215 -95.87 27.62 16.65
C ASP N 215 -95.38 27.59 18.09
N GLN N 216 -94.30 26.87 18.37
CA GLN N 216 -93.66 26.91 19.69
C GLN N 216 -92.88 28.19 19.90
N ILE N 217 -92.77 29.03 18.87
CA ILE N 217 -92.17 30.34 19.03
C ILE N 217 -92.97 31.17 20.02
N ASN N 218 -94.26 30.87 20.19
CA ASN N 218 -95.04 31.60 21.19
C ASN N 218 -94.62 31.24 22.59
N ARG N 219 -94.38 29.95 22.85
CA ARG N 219 -93.83 29.54 24.14
C ARG N 219 -92.48 30.20 24.38
N LEU N 220 -91.65 30.21 23.34
CA LEU N 220 -90.34 30.86 23.46
C LEU N 220 -90.48 32.34 23.77
N ILE N 221 -91.45 33.01 23.15
CA ILE N 221 -91.66 34.43 23.39
C ILE N 221 -92.13 34.67 24.82
N ARG N 222 -93.07 33.83 25.31
CA ARG N 222 -93.55 34.00 26.68
C ARG N 222 -92.41 33.88 27.68
N ARG N 223 -91.52 32.90 27.49
CA ARG N 223 -90.37 32.84 28.37
C ARG N 223 -89.33 33.90 28.07
N MET N 224 -89.37 34.50 26.89
CA MET N 224 -88.29 35.34 26.39
C MET N 224 -88.46 36.80 26.83
N ASN N 225 -89.66 37.35 26.75
CA ASN N 225 -89.88 38.69 27.27
C ASN N 225 -90.69 38.66 28.57
N LYS O 1 95.59 75.40 -5.77
CA LYS O 1 96.90 75.17 -5.17
C LYS O 1 96.81 75.13 -3.64
N VAL O 2 95.95 75.98 -3.09
CA VAL O 2 95.72 76.02 -1.66
C VAL O 2 94.39 75.36 -1.29
N VAL O 3 93.77 74.67 -2.24
CA VAL O 3 92.47 74.05 -2.01
C VAL O 3 92.60 72.97 -0.94
N ASN O 4 91.64 72.95 -0.02
CA ASN O 4 91.62 71.98 1.06
C ASN O 4 91.39 70.59 0.49
N PRO O 5 92.25 69.61 0.77
CA PRO O 5 92.01 68.25 0.26
C PRO O 5 90.77 67.60 0.84
N LEU O 6 90.22 68.13 1.92
CA LEU O 6 89.00 67.56 2.49
C LEU O 6 87.78 67.84 1.62
N PHE O 7 87.82 68.85 0.77
CA PHE O 7 86.69 69.16 -0.09
C PHE O 7 86.60 68.13 -1.20
N GLU O 8 85.38 67.65 -1.47
CA GLU O 8 85.17 66.71 -2.56
C GLU O 8 83.77 66.88 -3.12
N LYS O 9 83.59 66.45 -4.37
CA LYS O 9 82.27 66.37 -4.95
C LYS O 9 81.53 65.17 -4.39
N ARG O 10 80.26 65.34 -4.10
CA ARG O 10 79.40 64.28 -3.59
C ARG O 10 78.15 64.20 -4.47
N PRO O 11 78.30 63.74 -5.71
CA PRO O 11 77.17 63.74 -6.63
C PRO O 11 76.17 62.65 -6.29
N LYS O 12 74.90 63.00 -6.34
CA LYS O 12 73.82 62.05 -6.14
C LYS O 12 73.14 61.81 -7.47
N ASN O 13 73.08 60.54 -7.88
CA ASN O 13 72.38 60.19 -9.10
C ASN O 13 70.92 59.90 -8.78
N PHE O 14 70.04 60.42 -9.62
CA PHE O 14 68.60 60.36 -9.40
C PHE O 14 67.93 59.30 -10.26
N GLY O 15 68.60 58.19 -10.49
CA GLY O 15 67.98 57.09 -11.20
C GLY O 15 66.89 56.45 -10.37
N ILE O 16 66.13 55.57 -11.02
CA ILE O 16 65.04 54.89 -10.34
C ILE O 16 65.61 53.99 -9.26
N GLY O 17 65.05 54.07 -8.06
CA GLY O 17 65.50 53.27 -6.95
C GLY O 17 66.74 53.76 -6.25
N GLN O 18 67.38 54.80 -6.77
CA GLN O 18 68.58 55.38 -6.19
C GLN O 18 68.18 56.54 -5.27
N ASP O 19 69.11 57.44 -4.99
CA ASP O 19 68.85 58.63 -4.18
C ASP O 19 67.55 59.32 -4.58
N ILE O 20 66.83 59.82 -3.56
CA ILE O 20 65.47 60.28 -3.83
C ILE O 20 65.50 61.54 -4.69
N GLN O 21 64.39 61.78 -5.38
CA GLN O 21 64.33 62.80 -6.40
C GLN O 21 64.44 64.19 -5.80
N PRO O 22 65.06 65.12 -6.52
CA PRO O 22 65.12 66.51 -6.03
C PRO O 22 63.77 67.19 -6.14
N LYS O 23 63.61 68.24 -5.35
CA LYS O 23 62.37 69.01 -5.41
C LYS O 23 62.35 69.84 -6.69
N ARG O 24 61.74 69.30 -7.74
CA ARG O 24 61.71 69.95 -9.04
C ARG O 24 60.35 70.60 -9.27
N ASP O 25 60.21 71.24 -10.43
CA ASP O 25 58.97 71.95 -10.74
C ASP O 25 57.86 70.96 -11.06
N LEU O 26 56.72 71.14 -10.40
CA LEU O 26 55.57 70.27 -10.61
C LEU O 26 54.32 71.06 -10.99
N THR O 27 54.48 72.25 -11.58
CA THR O 27 53.33 73.09 -11.90
C THR O 27 52.38 72.39 -12.86
N ARG O 28 52.92 71.59 -13.78
CA ARG O 28 52.07 70.87 -14.71
C ARG O 28 51.26 69.77 -14.03
N PHE O 29 51.60 69.41 -12.79
CA PHE O 29 51.00 68.26 -12.15
C PHE O 29 50.35 68.64 -10.83
N VAL O 30 49.93 69.88 -10.70
CA VAL O 30 49.35 70.37 -9.46
C VAL O 30 47.86 70.09 -9.49
N LYS O 31 47.33 69.59 -8.39
CA LYS O 31 45.89 69.53 -8.19
C LYS O 31 45.39 70.95 -7.99
N TRP O 32 44.88 71.56 -9.06
CA TRP O 32 44.52 72.96 -9.03
C TRP O 32 43.13 73.15 -8.44
N PRO O 33 42.85 74.35 -7.92
CA PRO O 33 41.49 74.65 -7.47
C PRO O 33 40.50 74.61 -8.61
N ARG O 34 39.23 74.36 -8.25
CA ARG O 34 38.20 74.14 -9.25
C ARG O 34 38.01 75.35 -10.16
N TYR O 35 38.15 76.56 -9.64
CA TYR O 35 37.95 77.74 -10.48
C TYR O 35 39.09 77.88 -11.49
N ILE O 36 40.32 77.59 -11.08
CA ILE O 36 41.44 77.63 -12.01
C ILE O 36 41.27 76.57 -13.09
N ARG O 37 40.88 75.36 -12.68
CA ARG O 37 40.63 74.31 -13.65
C ARG O 37 39.51 74.70 -14.61
N LEU O 38 38.46 75.33 -14.09
CA LEU O 38 37.32 75.71 -14.92
C LEU O 38 37.73 76.73 -15.96
N GLN O 39 38.48 77.75 -15.56
CA GLN O 39 38.85 78.79 -16.52
C GLN O 39 39.83 78.26 -17.56
N ARG O 40 40.78 77.40 -17.14
CA ARG O 40 41.70 76.83 -18.11
C ARG O 40 40.97 75.90 -19.08
N GLN O 41 40.02 75.12 -18.59
CA GLN O 41 39.27 74.23 -19.47
C GLN O 41 38.35 75.01 -20.40
N ARG O 42 37.83 76.15 -19.96
CA ARG O 42 37.07 77.01 -20.86
C ARG O 42 37.96 77.54 -21.98
N ALA O 43 39.18 77.94 -21.63
CA ALA O 43 40.13 78.38 -22.66
C ALA O 43 40.42 77.27 -23.66
N ILE O 44 40.56 76.04 -23.17
CA ILE O 44 40.82 74.90 -24.07
C ILE O 44 39.59 74.60 -24.92
N LEU O 45 38.39 74.72 -24.35
CA LEU O 45 37.16 74.46 -25.11
C LEU O 45 37.00 75.46 -26.24
N TYR O 46 37.36 76.71 -26.00
CA TYR O 46 37.26 77.71 -27.07
C TYR O 46 38.20 77.43 -28.23
N LYS O 47 39.17 76.54 -28.07
CA LYS O 47 40.00 76.08 -29.17
C LYS O 47 39.55 74.73 -29.73
N ARG O 48 38.95 73.88 -28.90
CA ARG O 48 38.42 72.62 -29.39
C ARG O 48 37.24 72.85 -30.33
N LEU O 49 36.26 73.63 -29.89
CA LEU O 49 35.00 73.71 -30.60
C LEU O 49 35.11 74.58 -31.82
N LYS O 50 34.16 74.42 -32.73
CA LYS O 50 34.04 75.28 -33.90
C LYS O 50 33.38 76.58 -33.47
N VAL O 51 34.16 77.64 -33.39
CA VAL O 51 33.67 78.94 -32.95
C VAL O 51 33.03 79.64 -34.15
N PRO O 52 31.78 80.07 -34.07
CA PRO O 52 31.16 80.74 -35.21
C PRO O 52 31.86 82.05 -35.52
N PRO O 53 31.81 82.49 -36.78
CA PRO O 53 32.54 83.71 -37.14
C PRO O 53 32.14 84.94 -36.37
N ALA O 54 30.88 85.05 -35.95
CA ALA O 54 30.45 86.22 -35.19
C ALA O 54 31.18 86.34 -33.87
N ILE O 55 31.61 85.21 -33.30
CA ILE O 55 32.43 85.26 -32.09
C ILE O 55 33.92 85.24 -32.42
N ASN O 56 34.30 84.55 -33.49
CA ASN O 56 35.70 84.43 -33.85
C ASN O 56 36.29 85.74 -34.38
N GLN O 57 35.44 86.67 -34.83
CA GLN O 57 35.96 87.92 -35.36
C GLN O 57 36.68 88.73 -34.29
N PHE O 58 36.35 88.52 -33.02
CA PHE O 58 36.98 89.26 -31.94
C PHE O 58 38.37 88.72 -31.61
N THR O 59 38.76 87.57 -32.15
CA THR O 59 40.14 87.14 -32.02
C THR O 59 41.06 87.95 -32.93
N GLN O 60 40.53 88.57 -33.98
CA GLN O 60 41.28 89.49 -34.80
C GLN O 60 41.31 90.84 -34.11
N ALA O 61 42.32 91.07 -33.28
CA ALA O 61 42.50 92.35 -32.64
C ALA O 61 43.55 93.17 -33.39
N LEU O 62 43.59 94.45 -33.08
CA LEU O 62 44.60 95.32 -33.66
C LEU O 62 45.99 94.90 -33.22
N ASP O 63 46.96 95.06 -34.11
CA ASP O 63 48.34 94.80 -33.74
C ASP O 63 48.81 95.82 -32.71
N ARG O 64 49.93 95.51 -32.06
CA ARG O 64 50.39 96.33 -30.94
C ARG O 64 50.72 97.74 -31.38
N GLN O 65 51.37 97.90 -32.53
CA GLN O 65 51.74 99.23 -33.01
C GLN O 65 50.51 100.08 -33.29
N THR O 66 49.57 99.54 -34.07
CA THR O 66 48.36 100.29 -34.41
C THR O 66 47.53 100.61 -33.18
N ALA O 67 47.44 99.66 -32.25
CA ALA O 67 46.75 99.92 -30.99
C ALA O 67 47.45 101.03 -30.22
N THR O 68 48.77 101.09 -30.29
CA THR O 68 49.50 102.14 -29.60
C THR O 68 49.18 103.51 -30.19
N GLN O 69 49.19 103.64 -31.53
CA GLN O 69 48.83 104.94 -32.11
C GLN O 69 47.38 105.28 -31.80
N LEU O 70 46.49 104.30 -31.84
CA LEU O 70 45.08 104.58 -31.58
C LEU O 70 44.85 105.06 -30.15
N LEU O 71 45.49 104.41 -29.17
CA LEU O 71 45.33 104.84 -27.79
C LEU O 71 46.04 106.17 -27.53
N LYS O 72 47.16 106.41 -28.21
CA LYS O 72 47.83 107.70 -28.08
C LYS O 72 46.96 108.83 -28.60
N LEU O 73 46.26 108.60 -29.71
CA LEU O 73 45.29 109.58 -30.18
C LEU O 73 44.13 109.73 -29.21
N ALA O 74 43.60 108.61 -28.71
CA ALA O 74 42.42 108.65 -27.85
C ALA O 74 42.71 109.26 -26.48
N HIS O 75 43.97 109.31 -26.07
CA HIS O 75 44.30 109.94 -24.80
C HIS O 75 44.07 111.44 -24.82
N LYS O 76 44.05 112.07 -25.99
CA LYS O 76 43.80 113.50 -26.08
C LYS O 76 42.32 113.85 -25.92
N TYR O 77 41.43 112.87 -25.91
CA TYR O 77 40.00 113.12 -25.87
C TYR O 77 39.34 112.33 -24.75
N ARG O 78 40.06 112.09 -23.67
CA ARG O 78 39.49 111.37 -22.54
C ARG O 78 38.37 112.21 -21.91
N PRO O 79 37.30 111.58 -21.46
CA PRO O 79 36.25 112.34 -20.78
C PRO O 79 36.78 112.99 -19.51
N GLU O 80 36.26 114.16 -19.21
CA GLU O 80 36.73 114.91 -18.06
C GLU O 80 36.31 114.24 -16.76
N THR O 81 37.22 114.25 -15.78
CA THR O 81 37.01 113.57 -14.51
C THR O 81 36.14 114.43 -13.59
N LYS O 82 35.83 113.90 -12.41
CA LYS O 82 34.97 114.61 -11.48
C LYS O 82 35.62 115.88 -10.96
N GLN O 83 36.91 115.82 -10.64
CA GLN O 83 37.59 116.99 -10.07
C GLN O 83 37.67 118.13 -11.07
N GLU O 84 38.08 117.83 -12.31
CA GLU O 84 38.17 118.89 -13.30
C GLU O 84 36.80 119.31 -13.81
N LYS O 85 35.79 118.46 -13.74
CA LYS O 85 34.42 118.93 -13.98
C LYS O 85 34.00 119.93 -12.90
N LYS O 86 34.34 119.66 -11.64
CA LYS O 86 34.04 120.62 -10.58
C LYS O 86 34.76 121.94 -10.82
N GLN O 87 36.03 121.87 -11.22
CA GLN O 87 36.78 123.10 -11.51
C GLN O 87 36.15 123.88 -12.66
N ARG O 88 35.75 123.17 -13.73
CA ARG O 88 35.13 123.84 -14.85
C ARG O 88 33.79 124.47 -14.46
N LEU O 89 33.01 123.76 -13.64
CA LEU O 89 31.72 124.30 -13.20
C LEU O 89 31.91 125.53 -12.33
N LEU O 90 32.91 125.51 -11.44
CA LEU O 90 33.19 126.69 -10.62
C LEU O 90 33.65 127.85 -11.48
N ALA O 91 34.47 127.58 -12.50
CA ALA O 91 34.90 128.64 -13.41
C ALA O 91 33.72 129.23 -14.16
N ARG O 92 32.79 128.38 -14.62
CA ARG O 92 31.59 128.87 -15.30
C ARG O 92 30.73 129.71 -14.36
N ALA O 93 30.58 129.28 -13.12
CA ALA O 93 29.80 130.05 -12.15
C ALA O 93 30.44 131.41 -11.88
N GLU O 94 31.76 131.45 -11.72
CA GLU O 94 32.44 132.72 -11.49
C GLU O 94 32.34 133.62 -12.71
N LYS O 95 32.46 133.06 -13.91
CA LYS O 95 32.38 133.86 -15.12
C LYS O 95 30.97 134.43 -15.31
N LYS O 96 29.95 133.63 -15.00
CA LYS O 96 28.58 134.12 -15.13
C LYS O 96 28.28 135.18 -14.06
N ALA O 97 28.83 135.02 -12.86
CA ALA O 97 28.69 136.04 -11.84
C ALA O 97 29.35 137.34 -12.28
N ALA O 98 30.52 137.24 -12.89
CA ALA O 98 31.20 138.42 -13.44
C ALA O 98 32.16 137.94 -14.52
N GLY O 99 31.88 138.28 -15.77
CA GLY O 99 30.72 139.04 -16.21
C GLY O 99 30.25 138.67 -17.61
N LYS O 100 30.83 137.62 -18.17
CA LYS O 100 30.59 137.29 -19.58
C LYS O 100 29.16 136.80 -19.80
N GLY O 101 28.68 135.87 -18.97
CA GLY O 101 27.34 135.36 -19.12
C GLY O 101 27.28 133.88 -19.46
N ASP O 102 26.57 133.53 -20.54
CA ASP O 102 26.43 132.15 -20.95
C ASP O 102 27.77 131.55 -21.34
N VAL O 103 28.35 132.07 -22.43
CA VAL O 103 29.69 131.70 -22.91
C VAL O 103 29.81 130.18 -23.08
N PRO O 104 29.19 129.58 -24.11
CA PRO O 104 29.40 128.14 -24.34
C PRO O 104 30.86 127.78 -24.57
N THR O 105 31.60 128.65 -25.26
CA THR O 105 33.06 128.53 -25.43
C THR O 105 33.47 127.19 -26.02
N LYS O 106 32.71 126.72 -27.02
CA LYS O 106 33.11 125.60 -27.87
C LYS O 106 33.38 124.33 -27.05
N ARG O 107 32.27 123.76 -26.54
CA ARG O 107 32.28 122.45 -25.88
C ARG O 107 33.13 121.47 -26.68
N PRO O 108 34.23 120.99 -26.11
CA PRO O 108 35.24 120.32 -26.93
C PRO O 108 34.78 118.95 -27.36
N PRO O 109 35.31 118.42 -28.46
CA PRO O 109 35.03 117.03 -28.82
C PRO O 109 35.57 116.09 -27.75
N VAL O 110 34.83 115.02 -27.51
CA VAL O 110 35.16 114.07 -26.46
C VAL O 110 34.96 112.66 -27.02
N LEU O 111 35.62 111.71 -26.38
CA LEU O 111 35.49 110.30 -26.74
C LEU O 111 34.21 109.76 -26.12
N ARG O 112 33.30 109.25 -26.94
CA ARG O 112 32.03 108.73 -26.46
C ARG O 112 32.20 107.27 -26.05
N ALA O 113 31.60 106.90 -24.92
CA ALA O 113 31.81 105.58 -24.34
C ALA O 113 30.47 104.93 -24.02
N GLY O 114 30.49 103.61 -23.95
CA GLY O 114 29.30 102.84 -23.63
C GLY O 114 28.69 102.22 -24.86
N VAL O 115 28.26 100.96 -24.75
CA VAL O 115 27.79 100.24 -25.94
C VAL O 115 26.51 100.85 -26.47
N ASN O 116 25.62 101.32 -25.59
CA ASN O 116 24.36 101.91 -26.05
C ASN O 116 24.62 103.24 -26.75
N THR O 117 25.46 104.09 -26.18
CA THR O 117 25.80 105.35 -26.82
C THR O 117 26.47 105.13 -28.16
N VAL O 118 27.42 104.19 -28.22
CA VAL O 118 28.12 103.92 -29.46
C VAL O 118 27.16 103.37 -30.50
N THR O 119 26.23 102.49 -30.09
CA THR O 119 25.27 101.92 -31.03
C THR O 119 24.37 103.00 -31.60
N THR O 120 23.90 103.92 -30.77
CA THR O 120 23.07 105.01 -31.27
C THR O 120 23.86 105.90 -32.23
N LEU O 121 25.12 106.18 -31.90
CA LEU O 121 25.93 107.00 -32.80
C LEU O 121 26.15 106.32 -34.14
N VAL O 122 26.40 105.01 -34.12
CA VAL O 122 26.60 104.27 -35.36
C VAL O 122 25.31 104.26 -36.19
N GLU O 123 24.17 104.06 -35.53
CA GLU O 123 22.90 104.07 -36.23
C GLU O 123 22.60 105.44 -36.82
N ASN O 124 23.04 106.51 -36.16
CA ASN O 124 22.85 107.86 -36.69
C ASN O 124 23.97 108.31 -37.62
N LYS O 125 24.98 107.45 -37.83
CA LYS O 125 26.13 107.75 -38.68
C LYS O 125 26.91 108.97 -38.19
N LYS O 126 26.89 109.21 -36.87
CA LYS O 126 27.64 110.31 -36.30
C LYS O 126 29.06 109.94 -35.91
N ALA O 127 29.32 108.66 -35.67
CA ALA O 127 30.64 108.22 -35.24
C ALA O 127 31.59 108.16 -36.43
N GLN O 128 32.81 108.63 -36.22
CA GLN O 128 33.84 108.55 -37.24
C GLN O 128 34.67 107.27 -37.12
N LEU O 129 34.78 106.73 -35.92
CA LEU O 129 35.52 105.50 -35.70
C LEU O 129 34.94 104.79 -34.49
N VAL O 130 34.96 103.47 -34.50
CA VAL O 130 34.46 102.67 -33.39
C VAL O 130 35.56 101.72 -32.94
N VAL O 131 35.78 101.63 -31.64
CA VAL O 131 36.77 100.74 -31.06
C VAL O 131 36.05 99.80 -30.12
N ILE O 132 36.20 98.49 -30.35
CA ILE O 132 35.48 97.46 -29.61
C ILE O 132 36.49 96.59 -28.89
N ALA O 133 36.29 96.37 -27.60
CA ALA O 133 37.14 95.47 -26.85
C ALA O 133 36.91 94.02 -27.28
N HIS O 134 37.98 93.24 -27.28
CA HIS O 134 37.89 91.86 -27.73
C HIS O 134 37.42 90.88 -26.65
N ASP O 135 37.36 91.29 -25.39
CA ASP O 135 37.12 90.32 -24.32
C ASP O 135 35.89 90.63 -23.48
N VAL O 136 34.78 90.98 -24.12
CA VAL O 136 33.53 91.20 -23.40
C VAL O 136 32.98 89.85 -22.99
N ASP O 137 32.99 89.55 -21.68
CA ASP O 137 32.69 88.20 -21.23
C ASP O 137 31.26 87.78 -21.52
N PRO O 138 30.21 88.57 -21.21
CA PRO O 138 28.90 88.27 -21.80
C PRO O 138 28.88 88.71 -23.24
N ILE O 139 29.35 87.86 -24.14
CA ILE O 139 29.61 88.31 -25.50
C ILE O 139 28.30 88.21 -26.29
N GLU O 140 27.42 89.16 -26.02
CA GLU O 140 26.28 89.50 -26.86
C GLU O 140 26.13 91.00 -26.97
N LEU O 141 26.80 91.76 -26.10
CA LEU O 141 26.70 93.20 -26.11
C LEU O 141 27.34 93.81 -27.34
N VAL O 142 28.29 93.12 -27.97
CA VAL O 142 29.05 93.73 -29.05
C VAL O 142 29.14 92.84 -30.29
N VAL O 143 28.44 91.71 -30.30
CA VAL O 143 28.55 90.80 -31.43
C VAL O 143 27.95 91.41 -32.69
N PHE O 144 26.89 92.21 -32.53
CA PHE O 144 26.27 92.88 -33.67
C PHE O 144 27.05 94.09 -34.13
N LEU O 145 27.92 94.64 -33.29
CA LEU O 145 28.59 95.88 -33.63
C LEU O 145 29.47 95.82 -34.87
N PRO O 146 30.29 94.79 -35.12
CA PRO O 146 31.02 94.76 -36.40
C PRO O 146 30.08 94.80 -37.60
N ALA O 147 29.01 94.01 -37.58
CA ALA O 147 28.07 93.99 -38.69
C ALA O 147 27.34 95.32 -38.83
N LEU O 148 26.91 95.89 -37.71
CA LEU O 148 26.19 97.16 -37.75
C LEU O 148 27.08 98.28 -38.26
N CYS O 149 28.33 98.33 -37.80
CA CYS O 149 29.27 99.33 -38.27
C CYS O 149 29.57 99.15 -39.75
N ARG O 150 29.73 97.90 -40.18
CA ARG O 150 29.98 97.64 -41.60
C ARG O 150 28.80 98.10 -42.46
N LYS O 151 27.57 97.79 -42.03
CA LYS O 151 26.41 98.19 -42.81
C LYS O 151 26.25 99.70 -42.83
N MET O 152 26.48 100.36 -41.71
CA MET O 152 26.30 101.80 -41.67
C MET O 152 27.50 102.57 -42.20
N GLY O 153 28.59 101.89 -42.53
CA GLY O 153 29.72 102.52 -43.17
C GLY O 153 30.72 103.17 -42.26
N VAL O 154 30.60 103.00 -40.94
CA VAL O 154 31.57 103.59 -40.02
C VAL O 154 32.70 102.59 -39.76
N PRO O 155 33.95 103.01 -39.87
CA PRO O 155 35.06 102.10 -39.59
C PRO O 155 35.07 101.62 -38.14
N TYR O 156 35.39 100.35 -37.97
CA TYR O 156 35.43 99.73 -36.65
C TYR O 156 36.69 98.90 -36.54
N CYS O 157 37.29 98.92 -35.36
CA CYS O 157 38.45 98.10 -35.05
C CYS O 157 38.21 97.38 -33.73
N ILE O 158 38.91 96.27 -33.55
CA ILE O 158 38.86 95.48 -32.33
C ILE O 158 40.21 95.58 -31.64
N ILE O 159 40.19 95.92 -30.36
CA ILE O 159 41.41 96.15 -29.60
C ILE O 159 41.45 95.19 -28.42
N LYS O 160 42.67 94.85 -28.00
CA LYS O 160 42.88 93.93 -26.90
C LYS O 160 42.58 94.64 -25.58
N GLY O 161 41.67 94.08 -24.81
CA GLY O 161 41.45 94.53 -23.45
C GLY O 161 40.37 95.58 -23.28
N LYS O 162 39.33 95.24 -22.54
CA LYS O 162 38.37 96.24 -22.08
C LYS O 162 38.93 97.07 -20.94
N ALA O 163 39.98 96.58 -20.26
CA ALA O 163 40.59 97.34 -19.20
C ALA O 163 41.26 98.60 -19.73
N ARG O 164 41.84 98.54 -20.93
CA ARG O 164 42.46 99.72 -21.52
C ARG O 164 41.42 100.77 -21.87
N LEU O 165 40.27 100.36 -22.41
CA LEU O 165 39.19 101.30 -22.66
C LEU O 165 38.65 101.89 -21.36
N GLY O 166 38.56 101.06 -20.32
CA GLY O 166 38.17 101.57 -19.02
C GLY O 166 39.13 102.61 -18.49
N ARG O 167 40.44 102.38 -18.66
CA ARG O 167 41.41 103.38 -18.24
C ARG O 167 41.30 104.64 -19.09
N LEU O 168 40.90 104.50 -20.35
CA LEU O 168 40.64 105.67 -21.17
C LEU O 168 39.49 106.49 -20.60
N VAL O 169 38.44 105.85 -20.12
CA VAL O 169 37.26 106.55 -19.64
C VAL O 169 37.22 106.62 -18.10
N HIS O 170 38.36 106.43 -17.44
CA HIS O 170 38.48 106.54 -15.98
C HIS O 170 37.53 105.60 -15.25
N ARG O 171 37.35 104.40 -15.79
CA ARG O 171 36.54 103.39 -15.16
C ARG O 171 37.28 102.06 -15.20
N LYS O 172 36.64 101.02 -14.70
CA LYS O 172 37.30 99.70 -14.68
C LYS O 172 37.29 99.07 -16.07
N THR O 173 36.18 99.20 -16.79
CA THR O 173 35.95 98.44 -18.01
C THR O 173 35.01 99.23 -18.90
N CYS O 174 35.34 99.30 -20.19
CA CYS O 174 34.44 99.86 -21.19
C CYS O 174 34.42 98.91 -22.39
N THR O 175 33.21 98.54 -22.83
CA THR O 175 33.09 97.66 -23.99
C THR O 175 33.60 98.35 -25.25
N THR O 176 33.12 99.55 -25.52
CA THR O 176 33.42 100.24 -26.77
C THR O 176 33.62 101.72 -26.51
N VAL O 177 34.41 102.34 -27.37
CA VAL O 177 34.51 103.80 -27.42
C VAL O 177 34.31 104.24 -28.87
N ALA O 178 33.91 105.50 -29.03
CA ALA O 178 33.58 106.02 -30.34
C ALA O 178 34.24 107.37 -30.54
N PHE O 179 34.89 107.53 -31.70
CA PHE O 179 35.42 108.81 -32.15
C PHE O 179 34.37 109.46 -33.02
N THR O 180 33.79 110.54 -32.52
CA THR O 180 33.01 111.47 -33.32
C THR O 180 33.98 112.51 -33.90
N GLN O 181 33.48 113.66 -34.33
CA GLN O 181 34.33 114.72 -34.87
C GLN O 181 35.50 115.02 -33.94
N VAL O 182 36.61 115.44 -34.54
CA VAL O 182 37.90 115.54 -33.87
C VAL O 182 38.50 116.90 -34.23
N ASN O 183 39.47 117.33 -33.42
CA ASN O 183 40.11 118.61 -33.68
C ASN O 183 40.95 118.56 -34.96
N SER O 184 41.18 119.76 -35.52
CA SER O 184 41.83 119.88 -36.82
C SER O 184 43.25 119.33 -36.80
N GLU O 185 43.99 119.59 -35.72
CA GLU O 185 45.36 119.11 -35.65
C GLU O 185 45.45 117.59 -35.53
N ASP O 186 44.35 116.92 -35.18
CA ASP O 186 44.32 115.47 -35.10
C ASP O 186 43.51 114.84 -36.21
N LYS O 187 42.93 115.65 -37.11
CA LYS O 187 42.18 115.09 -38.24
C LYS O 187 43.05 114.20 -39.10
N GLY O 188 44.31 114.59 -39.35
CA GLY O 188 45.18 113.78 -40.19
C GLY O 188 45.52 112.44 -39.56
N ALA O 189 45.84 112.43 -38.27
CA ALA O 189 46.12 111.17 -37.58
C ALA O 189 44.89 110.28 -37.56
N LEU O 190 43.72 110.87 -37.32
CA LEU O 190 42.49 110.08 -37.37
C LEU O 190 42.26 109.53 -38.77
N ALA O 191 42.57 110.31 -39.81
CA ALA O 191 42.40 109.83 -41.17
C ALA O 191 43.32 108.65 -41.46
N LYS O 192 44.56 108.70 -41.00
CA LYS O 192 45.48 107.59 -41.19
C LYS O 192 44.97 106.34 -40.49
N LEU O 193 44.53 106.50 -39.23
CA LEU O 193 44.01 105.36 -38.49
C LEU O 193 42.77 104.79 -39.17
N VAL O 194 41.88 105.66 -39.64
CA VAL O 194 40.66 105.21 -40.31
C VAL O 194 41.01 104.44 -41.58
N GLU O 195 41.99 104.92 -42.34
CA GLU O 195 42.38 104.22 -43.56
C GLU O 195 42.89 102.82 -43.24
N ALA O 196 43.80 102.72 -42.25
CA ALA O 196 44.33 101.40 -41.89
C ALA O 196 43.23 100.47 -41.38
N ILE O 197 42.35 100.99 -40.53
CA ILE O 197 41.30 100.16 -39.94
C ILE O 197 40.28 99.74 -40.99
N ARG O 198 39.95 100.63 -41.92
CA ARG O 198 39.03 100.27 -43.00
C ARG O 198 39.63 99.19 -43.88
N THR O 199 40.94 99.27 -44.14
CA THR O 199 41.61 98.21 -44.88
C THR O 199 41.55 96.89 -44.13
N ASN O 200 41.78 96.91 -42.82
CA ASN O 200 41.90 95.66 -42.07
C ASN O 200 40.56 95.02 -41.73
N TYR O 201 39.50 95.82 -41.54
CA TYR O 201 38.26 95.28 -40.97
C TYR O 201 37.06 95.40 -41.91
N ASN O 202 36.76 96.61 -42.39
CA ASN O 202 35.53 96.80 -43.15
C ASN O 202 35.64 96.21 -44.54
N ASP O 203 36.81 96.32 -45.17
CA ASP O 203 36.95 95.91 -46.56
C ASP O 203 37.01 94.41 -46.74
N ARG O 204 37.28 93.65 -45.68
CA ARG O 204 37.33 92.19 -45.75
C ARG O 204 36.28 91.55 -44.85
N TYR O 205 35.21 92.28 -44.56
CA TYR O 205 34.10 91.73 -43.78
C TYR O 205 33.45 90.54 -44.45
N ASP O 206 33.54 90.43 -45.78
CA ASP O 206 32.87 89.35 -46.49
C ASP O 206 33.43 88.00 -46.06
N GLU O 207 34.75 87.89 -45.92
CA GLU O 207 35.34 86.66 -45.42
C GLU O 207 35.59 86.66 -43.92
N ILE O 208 35.50 87.82 -43.26
CA ILE O 208 35.37 87.80 -41.81
C ILE O 208 34.10 87.06 -41.41
N ARG O 209 33.02 87.26 -42.19
CA ARG O 209 31.77 86.56 -41.96
C ARG O 209 31.88 85.05 -42.08
N ARG O 210 32.88 84.55 -42.81
CA ARG O 210 32.99 83.12 -43.05
C ARG O 210 34.15 82.46 -42.32
N HIS O 211 35.06 83.24 -41.73
CA HIS O 211 36.22 82.68 -41.05
C HIS O 211 35.79 82.06 -39.72
N TRP O 212 35.55 80.75 -39.72
CA TRP O 212 35.29 80.03 -38.49
C TRP O 212 36.56 79.85 -37.68
N GLY O 213 36.41 79.72 -36.36
CA GLY O 213 37.53 79.58 -35.47
C GLY O 213 37.52 78.25 -34.72
N GLY O 214 38.55 78.08 -33.90
CA GLY O 214 38.67 76.86 -33.12
C GLY O 214 38.95 75.65 -33.99
N ASN O 215 38.35 74.52 -33.60
CA ASN O 215 38.50 73.25 -34.31
C ASN O 215 39.96 72.83 -34.42
N VAL O 216 40.70 72.98 -33.33
CA VAL O 216 42.09 72.58 -33.25
C VAL O 216 42.24 71.55 -32.13
N LEU O 217 42.85 70.42 -32.44
CA LEU O 217 43.03 69.38 -31.45
C LEU O 217 44.21 69.71 -30.54
N GLY O 218 44.35 68.91 -29.48
CA GLY O 218 45.41 69.10 -28.52
C GLY O 218 46.75 68.70 -29.08
N PRO O 219 47.83 69.17 -28.45
CA PRO O 219 49.17 68.80 -28.94
C PRO O 219 49.43 67.31 -28.92
N LYS O 220 48.93 66.59 -27.92
CA LYS O 220 49.11 65.14 -27.90
C LYS O 220 48.38 64.47 -29.05
N SER O 221 47.15 64.89 -29.32
CA SER O 221 46.39 64.32 -30.43
C SER O 221 47.04 64.64 -31.77
N VAL O 222 47.52 65.87 -31.93
CA VAL O 222 48.16 66.26 -33.18
C VAL O 222 49.46 65.48 -33.36
N ALA O 223 50.22 65.30 -32.29
CA ALA O 223 51.46 64.52 -32.38
C ALA O 223 51.18 63.07 -32.73
N ARG O 224 50.14 62.49 -32.15
CA ARG O 224 49.79 61.11 -32.47
C ARG O 224 49.36 60.95 -33.92
N ILE O 225 48.53 61.89 -34.41
CA ILE O 225 48.10 61.85 -35.80
C ILE O 225 49.29 62.02 -36.73
N ALA O 226 50.18 62.96 -36.42
CA ALA O 226 51.37 63.17 -37.25
C ALA O 226 52.29 61.96 -37.22
N LYS O 227 52.39 61.28 -36.07
CA LYS O 227 53.19 60.07 -36.00
C LYS O 227 52.62 58.98 -36.90
N LEU O 228 51.28 58.82 -36.89
CA LEU O 228 50.67 57.85 -37.79
C LEU O 228 50.89 58.21 -39.26
N GLU O 229 50.74 59.51 -39.59
CA GLU O 229 50.94 59.95 -40.96
C GLU O 229 52.37 59.73 -41.41
N LYS O 230 53.34 60.02 -40.54
CA LYS O 230 54.74 59.76 -40.88
C LYS O 230 55.02 58.27 -40.98
N ALA O 231 54.35 57.46 -40.16
CA ALA O 231 54.54 56.01 -40.23
C ALA O 231 54.08 55.47 -41.57
N LYS O 232 52.95 55.95 -42.07
CA LYS O 232 52.53 55.49 -43.40
C LYS O 232 53.33 56.17 -44.52
N ALA O 233 53.81 57.39 -44.29
CA ALA O 233 54.56 58.10 -45.33
C ALA O 233 55.94 57.51 -45.54
N LYS O 234 56.58 57.03 -44.47
CA LYS O 234 57.92 56.47 -44.61
C LYS O 234 57.91 55.20 -45.46
N GLU O 235 56.80 54.45 -45.43
CA GLU O 235 56.69 53.28 -46.29
C GLU O 235 56.12 53.61 -47.66
N LEU O 236 55.27 54.64 -47.77
CA LEU O 236 54.83 55.07 -49.09
C LEU O 236 55.97 55.65 -49.91
N ALA O 237 56.93 56.30 -49.25
CA ALA O 237 58.10 56.83 -49.96
C ALA O 237 58.94 55.71 -50.56
N THR O 238 59.11 54.61 -49.81
CA THR O 238 59.82 53.46 -50.36
C THR O 238 58.99 52.74 -51.41
N LYS O 239 57.66 52.76 -51.27
CA LYS O 239 56.80 52.19 -52.30
C LYS O 239 56.93 52.94 -53.62
N LEU O 240 56.97 54.26 -53.57
CA LEU O 240 57.08 55.06 -54.79
C LEU O 240 58.54 55.13 -55.24
N GLY O 241 58.73 55.17 -56.55
CA GLY O 241 60.05 55.26 -57.13
C GLY O 241 60.83 53.96 -57.15
N MET P 1 -83.07 -10.45 31.61
CA MET P 1 -84.38 -10.95 32.05
C MET P 1 -84.38 -11.32 33.52
N LYS P 2 -85.42 -10.88 34.23
CA LYS P 2 -85.65 -11.25 35.61
C LYS P 2 -86.82 -12.22 35.66
N THR P 3 -86.54 -13.47 36.05
CA THR P 3 -87.58 -14.46 36.23
C THR P 3 -88.36 -14.17 37.49
N ILE P 4 -89.69 -14.24 37.40
CA ILE P 4 -90.52 -13.89 38.56
C ILE P 4 -90.24 -14.82 39.72
N LEU P 5 -90.24 -16.12 39.49
CA LEU P 5 -90.08 -17.09 40.57
C LEU P 5 -89.36 -18.31 40.05
N SER P 6 -88.33 -18.73 40.77
CA SER P 6 -87.67 -20.01 40.54
C SER P 6 -87.61 -20.75 41.85
N ASN P 7 -88.27 -21.89 41.93
CA ASN P 7 -88.36 -22.65 43.17
C ASN P 7 -87.94 -24.08 42.91
N GLN P 8 -87.49 -24.73 43.99
CA GLN P 8 -87.16 -26.14 43.92
C GLN P 8 -87.38 -26.76 45.29
N THR P 9 -87.94 -27.97 45.31
CA THR P 9 -88.37 -28.62 46.54
C THR P 9 -87.54 -29.87 46.77
N VAL P 10 -87.07 -30.05 48.00
CA VAL P 10 -86.33 -31.23 48.44
C VAL P 10 -87.18 -31.99 49.45
N ASP P 11 -87.39 -33.27 49.20
CA ASP P 11 -88.10 -34.12 50.13
C ASP P 11 -87.17 -34.56 51.25
N ILE P 12 -87.71 -34.64 52.46
CA ILE P 12 -86.95 -35.02 53.65
C ILE P 12 -87.42 -36.38 54.12
N PRO P 13 -86.54 -37.35 54.31
CA PRO P 13 -86.96 -38.66 54.82
C PRO P 13 -87.50 -38.57 56.24
N GLU P 14 -88.20 -39.64 56.64
CA GLU P 14 -88.93 -39.61 57.90
C GLU P 14 -88.00 -39.68 59.11
N ASN P 15 -86.84 -40.34 58.98
CA ASN P 15 -85.95 -40.52 60.11
C ASN P 15 -85.10 -39.29 60.40
N VAL P 16 -85.17 -38.26 59.57
CA VAL P 16 -84.33 -37.09 59.69
C VAL P 16 -85.22 -35.84 59.72
N ASP P 17 -84.86 -34.87 60.55
CA ASP P 17 -85.62 -33.63 60.61
C ASP P 17 -84.73 -32.43 60.33
N ILE P 18 -85.35 -31.35 59.86
CA ILE P 18 -84.65 -30.17 59.43
C ILE P 18 -85.27 -28.95 60.10
N THR P 19 -84.44 -28.10 60.67
CA THR P 19 -84.88 -26.88 61.33
C THR P 19 -84.24 -25.68 60.64
N LEU P 20 -85.04 -24.66 60.36
CA LEU P 20 -84.56 -23.45 59.71
C LEU P 20 -84.47 -22.34 60.74
N LYS P 21 -83.31 -21.68 60.79
CA LYS P 21 -83.12 -20.46 61.56
C LYS P 21 -82.71 -19.39 60.55
N GLY P 22 -83.70 -18.78 59.92
CA GLY P 22 -83.44 -17.90 58.80
C GLY P 22 -82.97 -18.69 57.60
N ARG P 23 -81.72 -18.46 57.18
CA ARG P 23 -81.12 -19.23 56.10
C ARG P 23 -80.10 -20.23 56.61
N THR P 24 -80.17 -20.58 57.90
CA THR P 24 -79.31 -21.59 58.49
C THR P 24 -80.11 -22.88 58.61
N VAL P 25 -79.65 -23.93 57.94
CA VAL P 25 -80.32 -25.22 57.93
C VAL P 25 -79.60 -26.13 58.91
N ILE P 26 -80.36 -26.72 59.83
CA ILE P 26 -79.85 -27.69 60.79
C ILE P 26 -80.53 -29.01 60.51
N VAL P 27 -79.76 -30.00 60.09
CA VAL P 27 -80.28 -31.30 59.69
C VAL P 27 -79.84 -32.30 60.75
N LYS P 28 -80.79 -32.85 61.48
CA LYS P 28 -80.51 -33.83 62.52
C LYS P 28 -81.04 -35.18 62.08
N GLY P 29 -80.15 -36.16 61.99
CA GLY P 29 -80.52 -37.50 61.62
C GLY P 29 -79.93 -38.52 62.57
N PRO P 30 -80.02 -39.80 62.21
CA PRO P 30 -79.48 -40.85 63.09
C PRO P 30 -77.98 -40.75 63.31
N ARG P 31 -77.20 -40.29 62.33
CA ARG P 31 -75.76 -40.30 62.45
C ARG P 31 -75.18 -39.04 63.10
N GLY P 32 -75.97 -37.98 63.22
CA GLY P 32 -75.43 -36.76 63.82
C GLY P 32 -76.26 -35.55 63.44
N THR P 33 -75.60 -34.40 63.44
CA THR P 33 -76.23 -33.14 63.08
C THR P 33 -75.30 -32.33 62.19
N LEU P 34 -75.83 -31.87 61.07
CA LEU P 34 -75.09 -31.03 60.13
C LEU P 34 -75.76 -29.66 60.07
N ARG P 35 -75.00 -28.62 60.35
CA ARG P 35 -75.53 -27.26 60.38
C ARG P 35 -74.78 -26.40 59.38
N ARG P 36 -75.51 -25.69 58.54
CA ARG P 36 -74.88 -24.90 57.49
C ARG P 36 -75.76 -23.71 57.16
N ASP P 37 -75.16 -22.52 57.10
CA ASP P 37 -75.91 -21.32 56.77
C ASP P 37 -75.65 -20.89 55.34
N PHE P 38 -76.70 -20.36 54.71
CA PHE P 38 -76.65 -19.90 53.33
C PHE P 38 -76.94 -18.41 53.26
N ASN P 39 -76.43 -17.67 54.24
CA ASN P 39 -76.69 -16.24 54.32
C ASN P 39 -76.05 -15.46 53.18
N HIS P 40 -75.13 -16.07 52.43
CA HIS P 40 -74.53 -15.42 51.29
C HIS P 40 -75.42 -15.49 50.05
N ILE P 41 -76.55 -16.19 50.12
CA ILE P 41 -77.50 -16.29 49.02
C ILE P 41 -78.84 -15.75 49.49
N ASN P 42 -79.43 -14.86 48.70
CA ASN P 42 -80.70 -14.23 49.06
C ASN P 42 -81.84 -15.06 48.47
N VAL P 43 -82.16 -16.14 49.18
CA VAL P 43 -83.29 -16.99 48.83
C VAL P 43 -84.20 -17.09 50.05
N GLU P 44 -85.37 -17.69 49.82
CA GLU P 44 -86.33 -17.94 50.88
C GLU P 44 -86.46 -19.44 51.07
N LEU P 45 -86.27 -19.89 52.31
CA LEU P 45 -86.38 -21.30 52.65
C LEU P 45 -87.63 -21.51 53.47
N SER P 46 -88.41 -22.53 53.11
CA SER P 46 -89.64 -22.81 53.85
C SER P 46 -89.82 -24.30 54.02
N LEU P 47 -90.31 -24.70 55.19
CA LEU P 47 -90.74 -26.07 55.42
C LEU P 47 -92.24 -26.14 55.21
N LEU P 48 -92.68 -27.12 54.41
CA LEU P 48 -94.05 -27.09 53.91
C LEU P 48 -95.04 -27.79 54.85
N GLY P 49 -94.85 -29.07 55.08
CA GLY P 49 -95.88 -29.82 55.78
C GLY P 49 -95.44 -30.48 57.07
N LYS P 50 -96.41 -30.94 57.86
CA LYS P 50 -96.15 -31.75 59.03
C LYS P 50 -96.24 -33.24 58.74
N LYS P 51 -96.35 -33.59 57.46
CA LYS P 51 -96.62 -34.94 57.00
C LYS P 51 -95.43 -35.59 56.29
N LYS P 52 -94.86 -34.91 55.30
CA LYS P 52 -93.80 -35.46 54.47
C LYS P 52 -92.54 -34.62 54.46
N LYS P 53 -92.55 -33.42 55.04
CA LYS P 53 -91.37 -32.59 55.23
C LYS P 53 -90.70 -32.26 53.88
N ARG P 54 -91.40 -31.41 53.14
CA ARG P 54 -90.79 -30.78 51.97
C ARG P 54 -90.11 -29.49 52.39
N LEU P 55 -88.95 -29.22 51.80
CA LEU P 55 -88.25 -27.96 51.99
C LEU P 55 -88.16 -27.25 50.64
N ARG P 56 -88.75 -26.08 50.54
CA ARG P 56 -88.80 -25.33 49.30
C ARG P 56 -87.82 -24.17 49.36
N VAL P 57 -87.03 -24.03 48.31
CA VAL P 57 -86.13 -22.91 48.10
C VAL P 57 -86.73 -22.04 47.00
N ASP P 58 -86.93 -20.76 47.29
CA ASP P 58 -87.54 -19.82 46.37
C ASP P 58 -86.60 -18.67 46.09
N LYS P 59 -86.52 -18.27 44.83
CA LYS P 59 -85.80 -17.07 44.43
C LYS P 59 -86.75 -16.22 43.60
N TRP P 60 -86.91 -14.96 44.02
CA TRP P 60 -87.81 -14.04 43.35
C TRP P 60 -86.99 -12.99 42.61
N TRP P 61 -87.37 -12.73 41.36
CA TRP P 61 -86.78 -11.66 40.54
C TRP P 61 -85.27 -11.81 40.42
N GLY P 62 -84.81 -13.03 40.16
CA GLY P 62 -83.39 -13.30 40.03
C GLY P 62 -82.97 -13.40 38.57
N ASN P 63 -81.78 -12.90 38.28
CA ASN P 63 -81.21 -13.08 36.95
C ASN P 63 -80.55 -14.46 36.89
N ARG P 64 -79.85 -14.74 35.79
CA ARG P 64 -79.37 -16.10 35.52
C ARG P 64 -78.39 -16.58 36.58
N LYS P 65 -77.47 -15.72 37.00
CA LYS P 65 -76.43 -16.12 37.94
C LYS P 65 -77.02 -16.51 39.29
N GLU P 66 -78.02 -15.77 39.76
CA GLU P 66 -78.62 -16.12 41.04
C GLU P 66 -79.78 -17.11 40.91
N LEU P 67 -80.23 -17.40 39.69
CA LEU P 67 -81.06 -18.58 39.51
C LEU P 67 -80.24 -19.85 39.58
N ALA P 68 -78.94 -19.74 39.25
CA ALA P 68 -78.07 -20.90 39.35
C ALA P 68 -77.88 -21.38 40.79
N THR P 69 -78.20 -20.56 41.79
CA THR P 69 -77.92 -20.90 43.17
C THR P 69 -79.01 -21.74 43.83
N VAL P 70 -80.21 -21.81 43.26
CA VAL P 70 -81.29 -22.53 43.90
C VAL P 70 -81.00 -24.03 43.95
N ARG P 71 -80.59 -24.60 42.82
CA ARG P 71 -80.26 -26.02 42.82
C ARG P 71 -78.97 -26.29 43.57
N THR P 72 -78.08 -25.31 43.66
CA THR P 72 -76.89 -25.47 44.51
C THR P 72 -77.28 -25.63 45.97
N ILE P 73 -78.17 -24.77 46.45
CA ILE P 73 -78.64 -24.89 47.84
C ILE P 73 -79.35 -26.22 48.04
N CYS P 74 -80.19 -26.61 47.08
CA CYS P 74 -80.94 -27.85 47.22
C CYS P 74 -80.00 -29.06 47.26
N SER P 75 -78.97 -29.06 46.41
CA SER P 75 -78.01 -30.16 46.40
C SER P 75 -77.20 -30.19 47.69
N HIS P 76 -76.86 -29.02 48.23
CA HIS P 76 -76.17 -28.99 49.52
C HIS P 76 -77.02 -29.57 50.63
N VAL P 77 -78.32 -29.23 50.63
CA VAL P 77 -79.20 -29.76 51.66
C VAL P 77 -79.38 -31.27 51.49
N GLN P 78 -79.48 -31.74 50.24
CA GLN P 78 -79.56 -33.17 50.01
C GLN P 78 -78.30 -33.89 50.47
N ASN P 79 -77.14 -33.26 50.27
CA ASN P 79 -75.90 -33.85 50.77
C ASN P 79 -75.88 -33.89 52.30
N MET P 80 -76.44 -32.86 52.94
CA MET P 80 -76.54 -32.89 54.40
C MET P 80 -77.45 -34.02 54.88
N ILE P 81 -78.59 -34.21 54.20
CA ILE P 81 -79.49 -35.31 54.55
C ILE P 81 -78.79 -36.64 54.37
N LYS P 82 -78.08 -36.80 53.24
CA LYS P 82 -77.36 -38.03 52.96
C LYS P 82 -76.28 -38.28 54.00
N GLY P 83 -75.59 -37.23 54.44
CA GLY P 83 -74.54 -37.40 55.43
C GLY P 83 -75.08 -37.79 56.79
N VAL P 84 -76.18 -37.18 57.22
CA VAL P 84 -76.71 -37.53 58.54
C VAL P 84 -77.49 -38.84 58.53
N THR P 85 -77.89 -39.33 57.36
CA THR P 85 -78.59 -40.62 57.33
C THR P 85 -77.66 -41.79 57.03
N LEU P 86 -76.87 -41.71 55.95
CA LEU P 86 -75.99 -42.79 55.56
C LEU P 86 -74.51 -42.48 55.75
N GLY P 87 -74.13 -41.20 55.79
CA GLY P 87 -72.75 -40.83 55.91
C GLY P 87 -72.03 -40.90 54.58
N PHE P 88 -70.80 -40.40 54.57
CA PHE P 88 -69.98 -40.37 53.37
C PHE P 88 -68.69 -41.13 53.64
N ARG P 89 -68.33 -42.01 52.71
CA ARG P 89 -67.14 -42.83 52.79
C ARG P 89 -66.38 -42.75 51.48
N TYR P 90 -65.16 -42.26 51.54
CA TYR P 90 -64.29 -42.17 50.37
C TYR P 90 -63.22 -43.25 50.51
N LYS P 91 -63.11 -44.11 49.51
CA LYS P 91 -62.08 -45.12 49.47
C LYS P 91 -60.96 -44.63 48.55
N MET P 92 -59.76 -44.57 49.08
CA MET P 92 -58.57 -44.17 48.34
C MET P 92 -57.64 -45.37 48.20
N ARG P 93 -56.96 -45.46 47.08
CA ARG P 93 -55.97 -46.50 46.83
C ARG P 93 -54.61 -45.86 46.67
N SER P 94 -53.59 -46.44 47.29
CA SER P 94 -52.22 -46.01 47.10
C SER P 94 -51.58 -46.89 46.05
N VAL P 95 -51.15 -46.28 44.95
CA VAL P 95 -50.53 -46.98 43.84
C VAL P 95 -49.06 -46.62 43.81
N TYR P 96 -48.22 -47.61 43.51
CA TYR P 96 -46.78 -47.43 43.48
C TYR P 96 -46.18 -48.44 42.54
N ALA P 97 -45.04 -48.09 41.97
CA ALA P 97 -44.31 -48.97 41.07
C ALA P 97 -43.23 -49.77 41.79
N HIS P 98 -42.38 -49.11 42.56
CA HIS P 98 -41.30 -49.76 43.26
C HIS P 98 -41.38 -49.62 44.77
N PHE P 99 -41.51 -48.39 45.28
CA PHE P 99 -41.49 -48.15 46.71
C PHE P 99 -42.91 -48.24 47.26
N PRO P 100 -43.22 -49.23 48.11
CA PRO P 100 -44.55 -49.26 48.72
C PRO P 100 -44.77 -48.04 49.61
N ILE P 101 -46.00 -47.54 49.60
CA ILE P 101 -46.36 -46.36 50.38
C ILE P 101 -46.92 -46.84 51.71
N ASN P 102 -46.18 -46.62 52.78
CA ASN P 102 -46.60 -47.03 54.11
C ASN P 102 -47.41 -45.92 54.74
N VAL P 103 -48.64 -46.25 55.14
CA VAL P 103 -49.56 -45.29 55.73
C VAL P 103 -49.84 -45.71 57.17
N VAL P 104 -49.63 -44.80 58.10
CA VAL P 104 -49.87 -45.02 59.52
C VAL P 104 -50.94 -44.05 59.96
N ILE P 105 -51.99 -44.57 60.58
CA ILE P 105 -53.12 -43.76 61.03
C ILE P 105 -52.93 -43.47 62.51
N GLN P 106 -52.65 -42.21 62.84
CA GLN P 106 -52.45 -41.80 64.21
C GLN P 106 -53.79 -41.54 64.90
N GLU P 107 -53.75 -40.86 66.04
CA GLU P 107 -54.82 -40.90 67.04
C GLU P 107 -56.20 -40.69 66.43
N ASN P 108 -57.09 -41.67 66.67
CA ASN P 108 -58.50 -41.59 66.34
C ASN P 108 -58.74 -41.31 64.86
N GLY P 109 -57.78 -41.65 64.00
CA GLY P 109 -57.93 -41.42 62.58
C GLY P 109 -57.79 -39.99 62.14
N SER P 110 -57.36 -39.09 63.02
CA SER P 110 -57.28 -37.67 62.70
C SER P 110 -55.97 -37.27 62.04
N LEU P 111 -54.96 -38.15 62.03
CA LEU P 111 -53.68 -37.83 61.42
C LEU P 111 -53.22 -39.00 60.57
N VAL P 112 -52.66 -38.69 59.41
CA VAL P 112 -52.19 -39.70 58.47
C VAL P 112 -50.71 -39.45 58.20
N GLU P 113 -49.89 -40.47 58.38
CA GLU P 113 -48.46 -40.39 58.08
C GLU P 113 -48.16 -41.24 56.86
N ILE P 114 -47.61 -40.62 55.84
CA ILE P 114 -47.12 -41.31 54.66
C ILE P 114 -45.60 -41.38 54.76
N ARG P 115 -45.04 -42.57 54.68
CA ARG P 115 -43.64 -42.79 55.02
C ARG P 115 -42.72 -42.85 53.80
N ASN P 116 -43.00 -43.77 52.88
CA ASN P 116 -42.05 -44.14 51.84
C ASN P 116 -42.55 -43.77 50.46
N PHE P 117 -43.16 -42.60 50.32
CA PHE P 117 -43.66 -42.17 49.02
C PHE P 117 -42.49 -41.90 48.10
N LEU P 118 -42.37 -42.69 47.03
CA LEU P 118 -41.27 -42.59 46.06
C LEU P 118 -39.92 -42.80 46.73
N GLY P 119 -39.89 -43.52 47.85
CA GLY P 119 -38.64 -43.88 48.47
C GLY P 119 -37.92 -42.76 49.18
N GLU P 120 -38.55 -41.61 49.37
CA GLU P 120 -37.88 -40.51 50.02
C GLU P 120 -38.03 -40.59 51.53
N LYS P 121 -37.10 -39.97 52.24
CA LYS P 121 -37.05 -40.04 53.69
C LYS P 121 -38.01 -39.07 54.36
N TYR P 122 -38.65 -38.18 53.61
CA TYR P 122 -39.60 -37.25 54.20
C TYR P 122 -40.85 -37.98 54.67
N ILE P 123 -41.42 -37.50 55.77
CA ILE P 123 -42.63 -38.06 56.35
C ILE P 123 -43.75 -37.05 56.14
N ARG P 124 -44.83 -37.46 55.49
CA ARG P 124 -45.96 -36.58 55.24
C ARG P 124 -46.98 -36.74 56.36
N ARG P 125 -47.19 -35.68 57.13
CA ARG P 125 -48.22 -35.65 58.17
C ARG P 125 -49.39 -34.82 57.65
N VAL P 126 -50.53 -35.46 57.43
CA VAL P 126 -51.73 -34.80 56.93
C VAL P 126 -52.80 -34.93 58.00
N ARG P 127 -53.33 -33.78 58.43
CA ARG P 127 -54.34 -33.76 59.47
C ARG P 127 -55.72 -33.68 58.84
N MET P 128 -56.59 -34.60 59.21
CA MET P 128 -57.95 -34.63 58.68
C MET P 128 -58.76 -33.47 59.24
N ARG P 129 -59.78 -33.08 58.50
CA ARG P 129 -60.71 -32.09 59.00
C ARG P 129 -61.50 -32.68 60.18
N PRO P 130 -61.94 -31.83 61.11
CA PRO P 130 -62.70 -32.35 62.25
C PRO P 130 -63.98 -33.04 61.80
N GLY P 131 -64.29 -34.16 62.45
CA GLY P 131 -65.42 -34.96 62.08
C GLY P 131 -65.15 -35.99 61.01
N VAL P 132 -63.93 -36.04 60.47
CA VAL P 132 -63.54 -37.02 59.46
C VAL P 132 -62.56 -37.97 60.08
N ALA P 133 -62.81 -39.27 59.93
CA ALA P 133 -61.94 -40.30 60.48
C ALA P 133 -61.34 -41.11 59.33
N CYS P 134 -60.03 -41.28 59.36
CA CYS P 134 -59.33 -42.10 58.40
C CYS P 134 -58.98 -43.44 59.01
N SER P 135 -58.95 -44.48 58.17
CA SER P 135 -58.61 -45.82 58.64
C SER P 135 -57.98 -46.58 57.49
N VAL P 136 -57.28 -47.67 57.83
CA VAL P 136 -56.68 -48.56 56.86
C VAL P 136 -57.63 -49.72 56.65
N SER P 137 -58.03 -49.94 55.40
CA SER P 137 -59.01 -50.96 55.09
C SER P 137 -58.47 -52.36 55.36
N GLN P 138 -59.34 -53.22 55.87
CA GLN P 138 -59.01 -54.61 56.10
C GLN P 138 -59.37 -55.52 54.92
N ALA P 139 -60.07 -54.99 53.92
CA ALA P 139 -60.44 -55.78 52.76
C ALA P 139 -59.44 -55.69 51.63
N GLN P 140 -58.78 -54.54 51.47
CA GLN P 140 -57.79 -54.35 50.42
C GLN P 140 -56.44 -54.02 51.03
N LYS P 141 -55.38 -54.42 50.32
CA LYS P 141 -54.04 -54.33 50.90
C LYS P 141 -53.55 -52.88 50.95
N ASP P 142 -53.91 -52.05 49.98
CA ASP P 142 -53.52 -50.65 49.93
C ASP P 142 -54.77 -49.81 49.75
N GLU P 143 -55.42 -49.47 50.87
CA GLU P 143 -56.69 -48.77 50.79
C GLU P 143 -56.91 -47.98 52.06
N LEU P 144 -57.23 -46.70 51.90
CA LEU P 144 -57.61 -45.82 53.00
C LEU P 144 -59.11 -45.57 52.93
N ILE P 145 -59.75 -45.55 54.08
CA ILE P 145 -61.19 -45.29 54.19
C ILE P 145 -61.36 -44.02 55.00
N LEU P 146 -61.98 -43.00 54.38
CA LEU P 146 -62.27 -41.75 55.05
C LEU P 146 -63.78 -41.66 55.24
N GLU P 147 -64.22 -41.63 56.49
CA GLU P 147 -65.64 -41.64 56.80
C GLU P 147 -66.01 -40.40 57.59
N GLY P 148 -67.17 -39.84 57.26
CA GLY P 148 -67.64 -38.67 57.97
C GLY P 148 -69.08 -38.37 57.63
N ASN P 149 -69.55 -37.24 58.15
CA ASN P 149 -70.91 -36.79 57.88
C ASN P 149 -70.98 -35.67 56.86
N ASP P 150 -69.96 -34.82 56.81
CA ASP P 150 -69.95 -33.67 55.92
C ASP P 150 -69.18 -34.06 54.66
N ILE P 151 -69.85 -34.00 53.51
CA ILE P 151 -69.23 -34.42 52.26
C ILE P 151 -68.05 -33.52 51.93
N GLU P 152 -68.19 -32.21 52.15
CA GLU P 152 -67.10 -31.30 51.84
C GLU P 152 -65.89 -31.55 52.72
N LEU P 153 -66.11 -31.82 54.01
CA LEU P 153 -64.99 -32.12 54.89
C LEU P 153 -64.31 -33.43 54.50
N VAL P 154 -65.09 -34.48 54.21
CA VAL P 154 -64.51 -35.76 53.84
C VAL P 154 -63.72 -35.64 52.54
N SER P 155 -64.31 -34.98 51.54
CA SER P 155 -63.64 -34.84 50.26
C SER P 155 -62.44 -33.90 50.34
N ASN P 156 -62.49 -32.88 51.20
CA ASN P 156 -61.33 -32.03 51.41
C ASN P 156 -60.20 -32.81 52.06
N SER P 157 -60.52 -33.67 53.02
CA SER P 157 -59.49 -34.51 53.62
C SER P 157 -58.88 -35.46 52.61
N ALA P 158 -59.73 -36.04 51.76
CA ALA P 158 -59.23 -36.91 50.70
C ALA P 158 -58.34 -36.14 49.73
N ALA P 159 -58.71 -34.91 49.40
CA ALA P 159 -57.92 -34.09 48.51
C ALA P 159 -56.58 -33.73 49.15
N LEU P 160 -56.57 -33.48 50.45
CA LEU P 160 -55.32 -33.22 51.15
C LEU P 160 -54.40 -34.43 51.07
N ILE P 161 -54.96 -35.63 51.30
CA ILE P 161 -54.14 -36.84 51.20
C ILE P 161 -53.62 -37.03 49.78
N GLN P 162 -54.47 -36.80 48.79
CA GLN P 162 -54.06 -36.98 47.40
C GLN P 162 -52.98 -35.98 47.00
N GLN P 163 -53.13 -34.73 47.42
CA GLN P 163 -52.18 -33.69 47.04
C GLN P 163 -50.89 -33.75 47.83
N ALA P 164 -50.89 -34.40 49.00
CA ALA P 164 -49.64 -34.56 49.74
C ALA P 164 -48.67 -35.43 48.97
N THR P 165 -49.16 -36.50 48.34
CA THR P 165 -48.31 -37.42 47.58
C THR P 165 -48.30 -37.00 46.11
N THR P 166 -47.56 -35.93 45.86
CA THR P 166 -47.44 -35.36 44.51
C THR P 166 -46.01 -35.53 44.02
N VAL P 167 -45.86 -36.14 42.84
CA VAL P 167 -44.55 -36.32 42.23
C VAL P 167 -44.10 -35.00 41.64
N LYS P 168 -42.88 -34.60 41.94
CA LYS P 168 -42.35 -33.32 41.49
C LYS P 168 -41.06 -33.52 40.70
N ASN P 169 -40.85 -32.65 39.71
CA ASN P 169 -39.67 -32.63 38.86
C ASN P 169 -39.49 -33.91 38.07
N LYS P 170 -40.57 -34.64 37.84
CA LYS P 170 -40.56 -35.88 37.06
C LYS P 170 -41.75 -35.88 36.12
N ASP P 171 -41.70 -36.75 35.13
CA ASP P 171 -42.84 -36.96 34.24
C ASP P 171 -43.95 -37.65 35.02
N ILE P 172 -45.04 -36.93 35.29
CA ILE P 172 -46.13 -37.53 36.05
C ILE P 172 -46.93 -38.53 35.24
N ARG P 173 -46.81 -38.51 33.91
CA ARG P 173 -47.43 -39.54 33.11
C ARG P 173 -46.73 -40.88 33.23
N LYS P 174 -45.50 -40.88 33.74
CA LYS P 174 -44.72 -42.08 33.97
C LYS P 174 -44.62 -42.46 35.43
N PHE P 175 -44.36 -41.49 36.30
CA PHE P 175 -44.32 -41.70 37.74
C PHE P 175 -45.72 -41.52 38.30
N LEU P 176 -46.51 -42.57 38.20
CA LEU P 176 -47.91 -42.55 38.60
C LEU P 176 -48.11 -42.80 40.08
N ASP P 177 -47.06 -42.69 40.89
CA ASP P 177 -47.16 -43.08 42.28
C ASP P 177 -47.97 -42.07 43.07
N GLY P 178 -48.77 -42.55 44.01
CA GLY P 178 -49.51 -41.66 44.87
C GLY P 178 -50.79 -42.31 45.37
N ILE P 179 -51.50 -41.56 46.20
CA ILE P 179 -52.77 -41.99 46.77
C ILE P 179 -53.88 -41.24 46.05
N TYR P 180 -54.82 -41.99 45.48
CA TYR P 180 -55.89 -41.41 44.68
C TYR P 180 -57.24 -41.89 45.18
N VAL P 181 -58.23 -41.02 45.09
CA VAL P 181 -59.59 -41.34 45.51
C VAL P 181 -60.15 -42.38 44.55
N SER P 182 -60.34 -43.61 45.02
CA SER P 182 -60.83 -44.67 44.15
C SER P 182 -62.34 -44.59 43.97
N GLU P 183 -63.08 -44.46 45.08
CA GLU P 183 -64.52 -44.34 44.94
C GLU P 183 -65.10 -43.48 46.05
N LYS P 184 -66.31 -43.00 45.81
CA LYS P 184 -67.08 -42.21 46.77
C LYS P 184 -68.42 -42.89 46.97
N GLY P 185 -68.79 -43.13 48.21
CA GLY P 185 -70.05 -43.77 48.50
C GLY P 185 -70.51 -43.41 49.88
N THR P 186 -71.36 -44.26 50.44
CA THR P 186 -71.92 -44.04 51.76
C THR P 186 -71.51 -45.15 52.71
N VAL P 187 -71.83 -44.94 53.96
CA VAL P 187 -71.75 -45.96 54.99
C VAL P 187 -73.14 -46.56 55.13
N GLN P 188 -73.21 -47.82 55.55
CA GLN P 188 -74.44 -48.54 55.88
C GLN P 188 -75.25 -48.93 54.65
N GLN P 189 -74.89 -48.38 53.48
CA GLN P 189 -75.44 -48.78 52.17
C GLN P 189 -76.97 -48.80 52.16
N ALA P 190 -77.60 -47.93 52.93
CA ALA P 190 -79.06 -47.95 53.05
C ALA P 190 -79.69 -46.81 52.27
N GLY Q 1 -38.36 -6.87 1.85
CA GLY Q 1 -38.07 -5.46 1.66
C GLY Q 1 -39.32 -4.63 1.46
N ARG Q 2 -40.47 -5.25 1.70
CA ARG Q 2 -41.74 -4.56 1.58
C ARG Q 2 -42.14 -3.93 2.90
N ARG Q 3 -42.67 -2.72 2.85
CA ARG Q 3 -43.16 -2.05 4.03
C ARG Q 3 -44.40 -2.76 4.57
N PRO Q 4 -44.69 -2.60 5.85
CA PRO Q 4 -45.97 -3.12 6.37
C PRO Q 4 -47.14 -2.45 5.68
N ALA Q 5 -48.24 -3.21 5.51
CA ALA Q 5 -49.39 -2.71 4.78
C ALA Q 5 -50.09 -1.57 5.50
N ARG Q 6 -49.80 -1.36 6.79
CA ARG Q 6 -50.38 -0.23 7.51
C ARG Q 6 -49.91 1.10 6.97
N CYS Q 7 -48.77 1.13 6.26
CA CYS Q 7 -48.28 2.36 5.68
C CYS Q 7 -49.00 2.74 4.40
N TYR Q 8 -49.76 1.80 3.81
CA TYR Q 8 -50.51 2.08 2.59
C TYR Q 8 -51.95 1.58 2.69
N ARG Q 9 -52.47 1.44 3.91
CA ARG Q 9 -53.82 0.93 4.09
C ARG Q 9 -54.87 1.86 3.51
N TYR Q 10 -54.72 3.16 3.69
CA TYR Q 10 -55.79 4.11 3.42
C TYR Q 10 -55.65 4.72 2.03
N CYS Q 11 -56.80 5.08 1.45
CA CYS Q 11 -56.86 5.73 0.14
C CYS Q 11 -56.59 7.22 0.32
N LYS Q 12 -55.32 7.55 0.52
CA LYS Q 12 -54.96 8.93 0.81
C LYS Q 12 -54.66 9.75 -0.43
N ASN Q 13 -54.08 9.14 -1.46
CA ASN Q 13 -53.72 9.87 -2.67
C ASN Q 13 -54.82 9.74 -3.72
N LYS Q 14 -54.69 10.53 -4.78
CA LYS Q 14 -55.50 10.34 -5.96
C LYS Q 14 -55.06 9.05 -6.65
N PRO Q 15 -55.94 8.44 -7.45
CA PRO Q 15 -55.55 7.22 -8.16
C PRO Q 15 -54.34 7.47 -9.05
N TYR Q 16 -53.41 6.52 -9.02
CA TYR Q 16 -52.10 6.67 -9.64
C TYR Q 16 -51.85 5.46 -10.53
N PRO Q 17 -52.53 5.37 -11.66
CA PRO Q 17 -52.42 4.16 -12.49
C PRO Q 17 -51.07 4.09 -13.19
N LYS Q 18 -50.71 2.86 -13.56
CA LYS Q 18 -49.54 2.65 -14.40
C LYS Q 18 -49.87 3.11 -15.81
N SER Q 19 -49.28 4.23 -16.22
CA SER Q 19 -49.61 4.86 -17.49
C SER Q 19 -48.33 5.36 -18.12
N ARG Q 20 -48.48 6.21 -19.14
CA ARG Q 20 -47.31 6.78 -19.81
C ARG Q 20 -46.59 7.82 -18.96
N PHE Q 21 -47.20 8.26 -17.86
CA PHE Q 21 -46.53 9.16 -16.94
C PHE Q 21 -45.83 8.41 -15.82
N CYS Q 22 -46.49 7.40 -15.26
CA CYS Q 22 -45.89 6.57 -14.22
C CYS Q 22 -45.24 5.37 -14.88
N ARG Q 23 -43.93 5.41 -15.03
CA ARG Q 23 -43.18 4.35 -15.68
C ARG Q 23 -42.27 3.66 -14.68
N GLY Q 24 -41.84 2.45 -15.03
CA GLY Q 24 -41.00 1.67 -14.14
C GLY Q 24 -41.75 0.97 -13.04
N VAL Q 25 -43.02 0.66 -13.25
CA VAL Q 25 -43.82 0.00 -12.22
C VAL Q 25 -43.50 -1.50 -12.23
N PRO Q 26 -43.12 -2.08 -11.10
CA PRO Q 26 -42.97 -3.54 -11.03
C PRO Q 26 -44.30 -4.23 -11.21
N ASP Q 27 -44.24 -5.46 -11.73
CA ASP Q 27 -45.46 -6.22 -11.97
C ASP Q 27 -46.15 -6.58 -10.67
N ALA Q 28 -47.48 -6.63 -10.73
CA ALA Q 28 -48.28 -6.94 -9.55
C ALA Q 28 -48.06 -8.38 -9.11
N LYS Q 29 -48.27 -8.62 -7.82
CA LYS Q 29 -48.08 -9.95 -7.27
C LYS Q 29 -49.12 -10.93 -7.80
N ILE Q 30 -50.34 -10.47 -8.06
CA ILE Q 30 -51.41 -11.32 -8.53
C ILE Q 30 -51.54 -11.18 -10.04
N ARG Q 31 -51.40 -12.28 -10.75
CA ARG Q 31 -51.55 -12.31 -12.20
C ARG Q 31 -52.73 -13.15 -12.67
N ILE Q 32 -53.18 -14.10 -11.86
CA ILE Q 32 -54.32 -14.96 -12.18
C ILE Q 32 -55.49 -14.51 -11.33
N PHE Q 33 -56.63 -14.28 -11.97
CA PHE Q 33 -57.81 -13.82 -11.27
C PHE Q 33 -58.96 -14.82 -11.29
N ASP Q 34 -58.90 -15.84 -12.14
CA ASP Q 34 -59.96 -16.82 -12.24
C ASP Q 34 -59.38 -18.22 -12.06
N LEU Q 35 -60.00 -19.00 -11.18
CA LEU Q 35 -59.49 -20.32 -10.83
C LEU Q 35 -60.64 -21.30 -10.76
N GLY Q 36 -60.28 -22.58 -10.71
CA GLY Q 36 -61.29 -23.62 -10.73
C GLY Q 36 -61.72 -23.90 -12.16
N ARG Q 37 -62.87 -24.56 -12.27
CA ARG Q 37 -63.41 -24.90 -13.59
C ARG Q 37 -64.04 -23.64 -14.16
N LYS Q 38 -63.22 -22.83 -14.84
CA LYS Q 38 -63.72 -21.62 -15.47
C LYS Q 38 -64.59 -21.91 -16.68
N LYS Q 39 -64.45 -23.09 -17.30
CA LYS Q 39 -65.22 -23.43 -18.48
C LYS Q 39 -66.58 -24.02 -18.14
N ALA Q 40 -66.93 -24.11 -16.85
CA ALA Q 40 -68.22 -24.66 -16.48
C ALA Q 40 -69.34 -23.77 -16.98
N LYS Q 41 -70.42 -24.39 -17.44
CA LYS Q 41 -71.55 -23.64 -17.98
C LYS Q 41 -72.29 -22.95 -16.84
N VAL Q 42 -73.30 -22.16 -17.20
CA VAL Q 42 -73.96 -21.31 -16.23
C VAL Q 42 -74.80 -22.14 -15.26
N ASP Q 43 -75.55 -23.10 -15.78
CA ASP Q 43 -76.40 -23.91 -14.92
C ASP Q 43 -75.62 -24.88 -14.05
N GLU Q 44 -74.34 -25.09 -14.35
CA GLU Q 44 -73.54 -26.03 -13.57
C GLU Q 44 -73.33 -25.54 -12.15
N PHE Q 45 -73.10 -24.24 -11.97
CA PHE Q 45 -72.77 -23.65 -10.68
C PHE Q 45 -73.82 -22.60 -10.34
N PRO Q 46 -74.95 -22.99 -9.79
CA PRO Q 46 -76.02 -22.02 -9.51
C PRO Q 46 -75.75 -21.15 -8.30
N LEU Q 47 -74.93 -21.56 -7.34
CA LEU Q 47 -74.78 -20.83 -6.10
C LEU Q 47 -73.59 -19.87 -6.20
N GLY Q 48 -73.82 -18.62 -5.80
CA GLY Q 48 -72.78 -17.62 -5.79
C GLY Q 48 -72.58 -16.98 -4.43
N GLY Q 49 -71.35 -16.97 -3.95
CA GLY Q 49 -71.01 -16.33 -2.69
C GLY Q 49 -69.95 -15.29 -2.86
N HIS Q 50 -70.23 -14.06 -2.42
CA HIS Q 50 -69.31 -12.95 -2.52
C HIS Q 50 -68.71 -12.63 -1.16
N MET Q 51 -67.53 -12.02 -1.21
CA MET Q 51 -66.91 -11.44 -0.02
C MET Q 51 -66.81 -9.94 -0.25
N VAL Q 52 -67.38 -9.17 0.67
CA VAL Q 52 -67.68 -7.76 0.45
C VAL Q 52 -66.98 -6.94 1.53
N SER Q 53 -66.21 -5.95 1.11
CA SER Q 53 -65.52 -5.10 2.08
C SER Q 53 -66.50 -4.15 2.76
N ASP Q 54 -66.24 -3.83 4.02
CA ASP Q 54 -67.00 -2.83 4.74
C ASP Q 54 -66.22 -1.55 4.96
N GLU Q 55 -65.01 -1.45 4.41
CA GLU Q 55 -64.17 -0.29 4.61
C GLU Q 55 -63.70 0.24 3.27
N TYR Q 56 -63.51 1.55 3.21
CA TYR Q 56 -62.90 2.21 2.06
C TYR Q 56 -61.40 2.23 2.32
N GLU Q 57 -60.67 1.32 1.68
CA GLU Q 57 -59.25 1.14 1.97
C GLU Q 57 -58.56 0.60 0.72
N GLN Q 58 -57.27 0.34 0.86
CA GLN Q 58 -56.45 -0.21 -0.21
C GLN Q 58 -56.00 -1.61 0.14
N LEU Q 59 -56.26 -2.55 -0.75
CA LEU Q 59 -55.80 -3.93 -0.60
C LEU Q 59 -54.63 -4.15 -1.54
N SER Q 60 -53.54 -4.69 -1.01
CA SER Q 60 -52.34 -4.87 -1.81
C SER Q 60 -52.46 -6.10 -2.71
N SER Q 61 -51.67 -6.09 -3.78
CA SER Q 61 -51.67 -7.21 -4.71
C SER Q 61 -51.17 -8.49 -4.05
N GLU Q 62 -50.20 -8.37 -3.14
CA GLU Q 62 -49.74 -9.53 -2.39
C GLU Q 62 -50.85 -10.08 -1.51
N ALA Q 63 -51.64 -9.21 -0.88
CA ALA Q 63 -52.75 -9.67 -0.07
C ALA Q 63 -53.80 -10.37 -0.93
N LEU Q 64 -54.10 -9.83 -2.11
CA LEU Q 64 -55.04 -10.49 -3.01
C LEU Q 64 -54.53 -11.86 -3.43
N GLU Q 65 -53.24 -11.95 -3.73
CA GLU Q 65 -52.63 -13.24 -4.10
C GLU Q 65 -52.75 -14.24 -2.96
N ALA Q 66 -52.46 -13.81 -1.73
CA ALA Q 66 -52.51 -14.71 -0.59
C ALA Q 66 -53.93 -15.20 -0.34
N ALA Q 67 -54.91 -14.28 -0.40
CA ALA Q 67 -56.29 -14.67 -0.19
C ALA Q 67 -56.77 -15.63 -1.28
N ARG Q 68 -56.36 -15.37 -2.53
CA ARG Q 68 -56.74 -16.24 -3.63
C ARG Q 68 -56.15 -17.64 -3.43
N ILE Q 69 -54.89 -17.73 -3.02
CA ILE Q 69 -54.27 -19.04 -2.81
C ILE Q 69 -54.96 -19.79 -1.68
N CYS Q 70 -55.26 -19.09 -0.58
CA CYS Q 70 -55.91 -19.74 0.56
C CYS Q 70 -57.29 -20.28 0.18
N ALA Q 71 -58.10 -19.44 -0.48
CA ALA Q 71 -59.42 -19.87 -0.89
C ALA Q 71 -59.36 -21.01 -1.89
N ASN Q 72 -58.39 -20.97 -2.81
CA ASN Q 72 -58.24 -22.04 -3.79
C ASN Q 72 -57.89 -23.35 -3.11
N LYS Q 73 -56.96 -23.33 -2.16
CA LYS Q 73 -56.58 -24.56 -1.48
C LYS Q 73 -57.74 -25.15 -0.72
N TYR Q 74 -58.51 -24.32 0.00
CA TYR Q 74 -59.63 -24.87 0.74
C TYR Q 74 -60.72 -25.39 -0.21
N MET Q 75 -60.98 -24.69 -1.30
CA MET Q 75 -62.02 -25.14 -2.23
C MET Q 75 -61.62 -26.43 -2.92
N VAL Q 76 -60.35 -26.57 -3.30
CA VAL Q 76 -59.89 -27.81 -3.89
C VAL Q 76 -59.96 -28.95 -2.88
N LYS Q 77 -59.60 -28.68 -1.63
CA LYS Q 77 -59.68 -29.73 -0.61
C LYS Q 77 -61.10 -30.19 -0.37
N SER Q 78 -62.04 -29.24 -0.31
CA SER Q 78 -63.41 -29.58 0.09
C SER Q 78 -64.27 -30.03 -1.09
N CYS Q 79 -64.41 -29.17 -2.11
CA CYS Q 79 -65.33 -29.43 -3.21
C CYS Q 79 -64.67 -30.10 -4.40
N GLY Q 80 -63.38 -30.39 -4.34
CA GLY Q 80 -62.68 -30.94 -5.48
C GLY Q 80 -62.22 -29.87 -6.45
N ARG Q 81 -61.28 -30.24 -7.31
CA ARG Q 81 -60.66 -29.26 -8.18
C ARG Q 81 -61.57 -28.77 -9.30
N ASP Q 82 -62.63 -29.51 -9.61
CA ASP Q 82 -63.55 -29.12 -10.69
C ASP Q 82 -64.94 -28.77 -10.17
N GLY Q 83 -65.10 -28.57 -8.87
CA GLY Q 83 -66.39 -28.30 -8.30
C GLY Q 83 -66.68 -26.86 -7.95
N PHE Q 84 -65.87 -25.91 -8.43
CA PHE Q 84 -66.03 -24.53 -8.06
C PHE Q 84 -65.37 -23.66 -9.12
N HIS Q 85 -65.72 -22.37 -9.10
CA HIS Q 85 -65.07 -21.38 -9.94
C HIS Q 85 -64.94 -20.10 -9.15
N MET Q 86 -63.73 -19.57 -9.04
CA MET Q 86 -63.48 -18.36 -8.27
C MET Q 86 -63.02 -17.23 -9.19
N ARG Q 87 -63.49 -16.03 -8.88
CA ARG Q 87 -63.14 -14.83 -9.62
C ARG Q 87 -62.80 -13.73 -8.61
N VAL Q 88 -61.58 -13.20 -8.72
CA VAL Q 88 -61.17 -12.06 -7.91
C VAL Q 88 -61.63 -10.80 -8.63
N ARG Q 89 -62.46 -10.00 -7.95
CA ARG Q 89 -63.09 -8.84 -8.55
C ARG Q 89 -62.34 -7.54 -8.23
N LEU Q 90 -61.07 -7.63 -7.90
CA LEU Q 90 -60.25 -6.45 -7.62
C LEU Q 90 -58.95 -6.58 -8.40
N HIS Q 91 -58.56 -5.50 -9.08
CA HIS Q 91 -57.33 -5.48 -9.83
C HIS Q 91 -56.43 -4.38 -9.29
N PRO Q 92 -55.18 -4.68 -9.00
CA PRO Q 92 -54.30 -3.68 -8.39
C PRO Q 92 -53.82 -2.63 -9.38
N PHE Q 93 -54.65 -1.62 -9.61
CA PHE Q 93 -54.33 -0.59 -10.60
C PHE Q 93 -53.71 0.67 -10.01
N HIS Q 94 -53.61 0.78 -8.69
CA HIS Q 94 -53.12 2.00 -8.06
C HIS Q 94 -51.69 1.79 -7.60
N VAL Q 95 -50.76 2.58 -8.11
CA VAL Q 95 -49.36 2.44 -7.79
C VAL Q 95 -49.04 3.22 -6.52
N ILE Q 96 -48.47 2.54 -5.54
CA ILE Q 96 -48.01 3.16 -4.31
C ILE Q 96 -46.50 3.36 -4.41
N ARG Q 97 -46.05 4.51 -3.93
CA ARG Q 97 -44.69 4.98 -4.08
C ARG Q 97 -43.93 4.88 -2.76
N ILE Q 98 -42.61 4.96 -2.84
CA ILE Q 98 -41.74 4.95 -1.67
C ILE Q 98 -40.66 6.01 -1.84
N ASN Q 99 -40.45 6.81 -0.80
CA ASN Q 99 -39.34 7.74 -0.75
C ASN Q 99 -38.23 7.06 0.04
N LYS Q 100 -37.34 6.40 -0.67
CA LYS Q 100 -36.36 5.52 -0.04
C LYS Q 100 -35.29 6.33 0.67
N MET Q 101 -35.04 6.01 1.94
CA MET Q 101 -33.98 6.61 2.72
C MET Q 101 -32.88 5.59 2.93
N LEU Q 102 -31.65 6.08 3.10
CA LEU Q 102 -30.52 5.20 3.35
C LEU Q 102 -30.58 4.68 4.78
N SER Q 103 -30.53 3.37 4.93
CA SER Q 103 -30.59 2.74 6.26
C SER Q 103 -29.20 2.53 6.83
N CYS Q 104 -28.40 3.59 6.82
CA CYS Q 104 -27.05 3.56 7.36
C CYS Q 104 -26.91 4.67 8.39
N ALA Q 105 -25.82 4.63 9.16
CA ALA Q 105 -25.58 5.59 10.21
C ALA Q 105 -24.99 6.88 9.66
N GLY Q 106 -25.76 7.55 8.81
CA GLY Q 106 -25.33 8.80 8.23
C GLY Q 106 -26.41 9.57 7.48
N ALA Q 107 -26.58 10.84 7.86
CA ALA Q 107 -27.42 11.76 7.13
C ALA Q 107 -26.63 12.69 6.23
N ASP Q 108 -25.32 12.78 6.43
CA ASP Q 108 -24.47 13.55 5.54
C ASP Q 108 -24.30 12.88 4.19
N ARG Q 109 -24.48 11.56 4.12
CA ARG Q 109 -24.35 10.82 2.87
C ARG Q 109 -25.57 11.13 2.00
N LEU Q 110 -25.59 12.35 1.46
CA LEU Q 110 -26.55 12.84 0.46
C LEU Q 110 -27.98 12.38 0.73
N GLN Q 111 -28.38 12.35 2.00
CA GLN Q 111 -29.73 11.91 2.32
C GLN Q 111 -30.76 12.91 1.82
N THR Q 112 -30.46 14.20 1.96
CA THR Q 112 -31.28 15.34 1.55
C THR Q 112 -32.58 15.44 2.31
N GLY Q 113 -32.92 14.45 3.14
CA GLY Q 113 -34.15 14.50 3.91
C GLY Q 113 -35.37 14.52 3.02
N MET Q 114 -36.17 15.57 3.18
CA MET Q 114 -37.45 15.71 2.49
C MET Q 114 -37.34 16.48 1.19
N ARG Q 115 -36.13 16.81 0.75
CA ARG Q 115 -35.95 17.51 -0.52
C ARG Q 115 -36.11 16.55 -1.67
N GLY Q 116 -36.93 16.94 -2.66
CA GLY Q 116 -37.20 16.09 -3.80
C GLY Q 116 -37.81 14.77 -3.38
N ALA Q 117 -38.81 14.84 -2.51
CA ALA Q 117 -39.30 13.67 -1.80
C ALA Q 117 -40.24 12.79 -2.60
N PHE Q 118 -40.61 13.19 -3.82
CA PHE Q 118 -41.51 12.36 -4.62
C PHE Q 118 -40.90 10.99 -4.85
N GLY Q 119 -41.67 9.95 -4.55
CA GLY Q 119 -41.13 8.61 -4.48
C GLY Q 119 -41.17 7.87 -5.78
N LYS Q 120 -40.48 6.78 -5.80
CA LYS Q 120 -40.38 5.77 -6.85
C LYS Q 120 -41.49 4.74 -6.66
N PRO Q 121 -41.96 4.11 -7.73
CA PRO Q 121 -43.05 3.13 -7.60
C PRO Q 121 -42.62 1.93 -6.76
N GLN Q 122 -43.26 1.78 -5.60
CA GLN Q 122 -43.05 0.64 -4.73
C GLN Q 122 -43.87 -0.57 -5.13
N GLY Q 123 -45.17 -0.39 -5.36
CA GLY Q 123 -46.00 -1.53 -5.65
C GLY Q 123 -47.33 -1.11 -6.21
N THR Q 124 -48.24 -2.08 -6.29
CA THR Q 124 -49.60 -1.83 -6.76
C THR Q 124 -50.60 -2.38 -5.76
N VAL Q 125 -51.65 -1.60 -5.52
CA VAL Q 125 -52.74 -1.97 -4.63
C VAL Q 125 -54.05 -1.73 -5.37
N ALA Q 126 -55.10 -2.35 -4.86
CA ALA Q 126 -56.45 -2.19 -5.39
C ALA Q 126 -57.27 -1.38 -4.40
N ARG Q 127 -58.00 -0.40 -4.91
CA ARG Q 127 -58.87 0.42 -4.08
C ARG Q 127 -60.24 -0.23 -3.99
N VAL Q 128 -60.73 -0.40 -2.77
CA VAL Q 128 -62.01 -1.05 -2.54
C VAL Q 128 -62.90 -0.11 -1.74
N HIS Q 129 -64.18 -0.11 -2.06
CA HIS Q 129 -65.17 0.74 -1.42
C HIS Q 129 -66.05 -0.09 -0.50
N ILE Q 130 -66.85 0.60 0.30
CA ILE Q 130 -67.82 -0.07 1.14
C ILE Q 130 -68.90 -0.68 0.25
N GLY Q 131 -69.15 -1.97 0.41
CA GLY Q 131 -70.11 -2.66 -0.41
C GLY Q 131 -69.55 -3.25 -1.68
N GLN Q 132 -68.25 -3.15 -1.91
CA GLN Q 132 -67.66 -3.69 -3.13
C GLN Q 132 -67.23 -5.14 -2.91
N VAL Q 133 -67.43 -5.96 -3.93
CA VAL Q 133 -67.08 -7.37 -3.86
C VAL Q 133 -65.58 -7.53 -4.10
N ILE Q 134 -64.93 -8.33 -3.27
CA ILE Q 134 -63.52 -8.64 -3.41
C ILE Q 134 -63.30 -9.96 -4.13
N MET Q 135 -63.98 -11.00 -3.68
CA MET Q 135 -63.90 -12.32 -4.30
C MET Q 135 -65.28 -12.88 -4.49
N SER Q 136 -65.44 -13.71 -5.52
CA SER Q 136 -66.69 -14.39 -5.79
C SER Q 136 -66.41 -15.85 -6.08
N ILE Q 137 -67.22 -16.74 -5.50
CA ILE Q 137 -67.09 -18.17 -5.73
C ILE Q 137 -68.45 -18.70 -6.14
N ARG Q 138 -68.51 -19.36 -7.29
CA ARG Q 138 -69.72 -20.02 -7.75
C ARG Q 138 -69.51 -21.52 -7.77
N THR Q 139 -70.51 -22.25 -7.31
CA THR Q 139 -70.40 -23.70 -7.23
C THR Q 139 -71.81 -24.31 -7.12
N LYS Q 140 -71.86 -25.60 -6.85
CA LYS Q 140 -73.10 -26.30 -6.64
C LYS Q 140 -73.82 -25.75 -5.41
N LEU Q 141 -75.13 -25.94 -5.37
CA LEU Q 141 -75.92 -25.40 -4.27
C LEU Q 141 -75.62 -26.08 -2.95
N GLN Q 142 -75.09 -27.30 -2.97
CA GLN Q 142 -74.82 -28.04 -1.75
C GLN Q 142 -73.48 -27.70 -1.11
N ASN Q 143 -72.67 -26.85 -1.75
CA ASN Q 143 -71.37 -26.46 -1.21
C ASN Q 143 -71.39 -25.07 -0.59
N GLU Q 144 -72.55 -24.64 -0.10
CA GLU Q 144 -72.70 -23.30 0.46
C GLU Q 144 -71.82 -23.13 1.70
N GLU Q 145 -71.81 -24.13 2.59
CA GLU Q 145 -71.00 -24.03 3.79
C GLU Q 145 -69.52 -24.04 3.45
N HIS Q 146 -69.13 -24.79 2.43
CA HIS Q 146 -67.73 -24.80 2.02
C HIS Q 146 -67.31 -23.46 1.45
N VAL Q 147 -68.19 -22.83 0.67
CA VAL Q 147 -67.90 -21.50 0.15
C VAL Q 147 -67.76 -20.49 1.29
N ILE Q 148 -68.67 -20.55 2.26
CA ILE Q 148 -68.61 -19.64 3.39
C ILE Q 148 -67.31 -19.85 4.17
N GLU Q 149 -66.91 -21.10 4.38
CA GLU Q 149 -65.67 -21.35 5.12
C GLU Q 149 -64.45 -20.89 4.33
N ALA Q 150 -64.44 -21.09 3.01
CA ALA Q 150 -63.30 -20.65 2.21
C ALA Q 150 -63.17 -19.13 2.26
N LEU Q 151 -64.29 -18.42 2.13
CA LEU Q 151 -64.24 -16.97 2.19
C LEU Q 151 -63.89 -16.47 3.60
N ARG Q 152 -64.36 -17.17 4.62
CA ARG Q 152 -63.99 -16.83 6.00
C ARG Q 152 -62.49 -16.97 6.22
N ARG Q 153 -61.90 -18.04 5.68
CA ARG Q 153 -60.46 -18.22 5.77
C ARG Q 153 -59.72 -17.15 4.98
N ALA Q 154 -60.24 -16.80 3.80
CA ALA Q 154 -59.59 -15.77 2.99
C ALA Q 154 -59.67 -14.39 3.63
N LYS Q 155 -60.66 -14.16 4.50
CA LYS Q 155 -60.79 -12.88 5.17
C LYS Q 155 -59.57 -12.52 6.00
N PHE Q 156 -58.88 -13.53 6.54
CA PHE Q 156 -57.77 -13.28 7.45
C PHE Q 156 -56.55 -12.71 6.76
N LYS Q 157 -56.53 -12.67 5.44
CA LYS Q 157 -55.40 -12.14 4.69
C LYS Q 157 -55.56 -10.67 4.36
N PHE Q 158 -56.60 -10.01 4.87
CA PHE Q 158 -56.89 -8.64 4.50
C PHE Q 158 -57.00 -7.76 5.73
N PRO Q 159 -56.67 -6.47 5.61
CA PRO Q 159 -56.61 -5.62 6.80
C PRO Q 159 -57.94 -5.33 7.46
N GLY Q 160 -58.91 -4.88 6.68
CA GLY Q 160 -60.13 -4.32 7.23
C GLY Q 160 -61.15 -5.35 7.66
N ARG Q 161 -62.41 -5.00 7.50
CA ARG Q 161 -63.54 -5.84 7.86
C ARG Q 161 -64.26 -6.27 6.59
N GLN Q 162 -64.59 -7.55 6.49
CA GLN Q 162 -65.27 -8.09 5.33
C GLN Q 162 -66.45 -8.95 5.77
N LYS Q 163 -67.45 -8.99 4.92
CA LYS Q 163 -68.66 -9.76 5.15
C LYS Q 163 -68.77 -10.83 4.07
N ILE Q 164 -69.39 -11.96 4.42
CA ILE Q 164 -69.64 -13.03 3.47
C ILE Q 164 -71.12 -13.01 3.15
N HIS Q 165 -71.46 -12.93 1.87
CA HIS Q 165 -72.83 -12.74 1.45
C HIS Q 165 -73.15 -13.75 0.34
N ILE Q 166 -74.19 -14.55 0.55
CA ILE Q 166 -74.66 -15.46 -0.48
C ILE Q 166 -75.63 -14.69 -1.37
N SER Q 167 -75.22 -14.44 -2.61
CA SER Q 167 -76.00 -13.56 -3.47
C SER Q 167 -77.27 -14.24 -3.96
N LYS Q 168 -78.24 -13.42 -4.34
CA LYS Q 168 -79.47 -13.92 -4.94
C LYS Q 168 -79.34 -14.16 -6.44
N LYS Q 169 -78.26 -13.69 -7.06
CA LYS Q 169 -78.06 -13.91 -8.47
C LYS Q 169 -77.69 -15.36 -8.75
N TRP Q 170 -77.94 -15.79 -9.98
CA TRP Q 170 -77.57 -17.14 -10.41
C TRP Q 170 -76.13 -17.11 -10.87
N GLY Q 171 -75.24 -17.78 -10.13
CA GLY Q 171 -73.86 -17.86 -10.53
C GLY Q 171 -73.22 -16.49 -10.58
N PHE Q 172 -72.47 -16.24 -11.65
CA PHE Q 172 -71.82 -14.96 -11.87
C PHE Q 172 -72.64 -14.03 -12.74
N THR Q 173 -73.86 -14.41 -13.09
CA THR Q 173 -74.73 -13.57 -13.87
C THR Q 173 -75.30 -12.45 -13.00
N LYS Q 174 -76.02 -11.53 -13.65
CA LYS Q 174 -76.66 -10.43 -12.94
C LYS Q 174 -78.16 -10.63 -12.79
N PHE Q 175 -78.65 -11.85 -13.00
CA PHE Q 175 -80.07 -12.15 -12.97
C PHE Q 175 -80.39 -13.01 -11.76
N ASN Q 176 -81.55 -12.77 -11.15
CA ASN Q 176 -81.94 -13.46 -9.94
C ASN Q 176 -82.15 -14.95 -10.20
N ALA Q 177 -81.82 -15.75 -9.19
CA ALA Q 177 -81.89 -17.20 -9.33
C ALA Q 177 -83.31 -17.69 -9.52
N ASP Q 178 -84.29 -17.02 -8.90
CA ASP Q 178 -85.67 -17.47 -9.02
C ASP Q 178 -86.22 -17.21 -10.42
N GLU Q 179 -85.82 -16.12 -11.06
CA GLU Q 179 -86.27 -15.79 -12.40
C GLU Q 179 -85.39 -16.39 -13.49
N PHE Q 180 -84.22 -16.93 -13.13
CA PHE Q 180 -83.28 -17.40 -14.14
C PHE Q 180 -83.87 -18.55 -14.95
N GLU Q 181 -84.51 -19.50 -14.28
CA GLU Q 181 -85.00 -20.69 -14.98
C GLU Q 181 -86.06 -20.35 -16.01
N ASP Q 182 -87.07 -19.56 -15.61
CA ASP Q 182 -88.12 -19.27 -16.57
C ASP Q 182 -87.66 -18.28 -17.63
N MET Q 183 -86.68 -17.43 -17.31
CA MET Q 183 -86.11 -16.57 -18.35
C MET Q 183 -85.39 -17.39 -19.41
N VAL Q 184 -84.62 -18.40 -19.00
CA VAL Q 184 -84.00 -19.30 -19.97
C VAL Q 184 -85.05 -20.09 -20.72
N ALA Q 185 -86.14 -20.47 -20.03
CA ALA Q 185 -87.20 -21.24 -20.68
C ALA Q 185 -87.87 -20.44 -21.79
N LYS Q 186 -88.17 -19.16 -21.52
CA LYS Q 186 -88.77 -18.30 -22.53
C LYS Q 186 -87.72 -17.62 -23.41
N LYS Q 187 -86.45 -18.01 -23.27
CA LYS Q 187 -85.37 -17.58 -24.15
C LYS Q 187 -85.10 -16.09 -24.06
N CYS Q 188 -85.33 -15.50 -22.90
CA CYS Q 188 -84.78 -14.18 -22.65
C CYS Q 188 -83.29 -14.25 -22.35
N LEU Q 189 -82.78 -15.45 -22.02
CA LEU Q 189 -81.37 -15.67 -21.74
C LEU Q 189 -80.88 -16.82 -22.59
N ILE Q 190 -79.68 -16.68 -23.14
CA ILE Q 190 -79.04 -17.73 -23.93
C ILE Q 190 -77.69 -18.03 -23.29
N PRO Q 191 -77.45 -19.24 -22.81
CA PRO Q 191 -76.16 -19.55 -22.19
C PRO Q 191 -75.02 -19.50 -23.20
N ASP Q 192 -73.86 -19.03 -22.74
CA ASP Q 192 -72.61 -19.16 -23.48
C ASP Q 192 -71.44 -19.08 -22.51
N GLY Q 193 -70.59 -20.11 -22.53
CA GLY Q 193 -69.49 -20.17 -21.59
C GLY Q 193 -69.99 -20.14 -20.16
N CYS Q 194 -69.38 -19.27 -19.36
CA CYS Q 194 -69.78 -19.10 -17.97
C CYS Q 194 -70.84 -18.03 -17.78
N GLY Q 195 -71.32 -17.41 -18.86
CA GLY Q 195 -72.26 -16.32 -18.74
C GLY Q 195 -73.50 -16.56 -19.58
N VAL Q 196 -74.45 -15.63 -19.47
CA VAL Q 196 -75.66 -15.66 -20.26
C VAL Q 196 -75.75 -14.37 -21.05
N LYS Q 197 -76.26 -14.49 -22.27
CA LYS Q 197 -76.56 -13.34 -23.11
C LYS Q 197 -78.03 -13.01 -22.98
N TYR Q 198 -78.32 -11.77 -22.61
CA TYR Q 198 -79.69 -11.29 -22.55
C TYR Q 198 -80.17 -10.96 -23.96
N VAL Q 199 -81.33 -11.48 -24.31
CA VAL Q 199 -81.86 -11.28 -25.65
C VAL Q 199 -83.10 -10.40 -25.53
N PRO Q 200 -82.98 -9.10 -25.78
CA PRO Q 200 -84.16 -8.22 -25.69
C PRO Q 200 -85.11 -8.45 -26.84
N SER Q 201 -86.34 -8.01 -26.64
CA SER Q 201 -87.37 -8.14 -27.67
C SER Q 201 -87.34 -6.94 -28.63
N HIS Q 202 -86.16 -6.63 -29.16
CA HIS Q 202 -86.06 -5.64 -30.21
C HIS Q 202 -84.85 -5.97 -31.07
N GLY Q 203 -84.86 -5.47 -32.30
CA GLY Q 203 -83.85 -5.82 -33.27
C GLY Q 203 -84.49 -6.48 -34.47
N PRO Q 204 -83.68 -6.98 -35.39
CA PRO Q 204 -84.23 -7.68 -36.56
C PRO Q 204 -84.95 -8.96 -36.16
N LEU Q 205 -85.99 -9.29 -36.93
CA LEU Q 205 -86.70 -10.54 -36.69
C LEU Q 205 -85.91 -11.76 -37.14
N ASP Q 206 -84.84 -11.59 -37.91
CA ASP Q 206 -84.01 -12.72 -38.26
C ASP Q 206 -83.34 -13.30 -37.02
N LYS Q 207 -82.89 -12.44 -36.10
CA LYS Q 207 -82.35 -12.91 -34.85
C LYS Q 207 -83.42 -13.58 -33.99
N TRP Q 208 -84.68 -13.20 -34.17
CA TRP Q 208 -85.75 -13.86 -33.42
C TRP Q 208 -86.06 -15.22 -34.00
N ARG Q 209 -86.05 -15.35 -35.33
CA ARG Q 209 -86.40 -16.62 -35.95
C ARG Q 209 -85.23 -17.58 -36.07
N VAL Q 210 -83.99 -17.14 -35.83
CA VAL Q 210 -82.93 -18.14 -35.63
C VAL Q 210 -83.13 -18.82 -34.28
N LEU Q 211 -83.58 -18.08 -33.28
CA LEU Q 211 -84.18 -18.70 -32.11
C LEU Q 211 -85.56 -19.24 -32.48
N HIS Q 212 -86.13 -20.02 -31.57
CA HIS Q 212 -87.41 -20.69 -31.82
C HIS Q 212 -87.34 -21.54 -33.08
N SER Q 213 -86.17 -22.15 -33.32
CA SER Q 213 -85.96 -22.94 -34.52
C SER Q 213 -84.89 -24.00 -34.29
N LYS R 6 -86.90 -6.68 -70.99
CA LYS R 6 -86.81 -7.19 -69.64
C LYS R 6 -85.72 -6.48 -68.85
N GLU R 7 -84.56 -6.30 -69.47
CA GLU R 7 -83.42 -5.64 -68.84
C GLU R 7 -83.38 -4.18 -69.26
N ASN R 8 -83.23 -3.30 -68.28
CA ASN R 8 -83.16 -1.88 -68.57
C ASN R 8 -81.86 -1.56 -69.31
N PRO R 9 -81.92 -0.85 -70.44
CA PRO R 9 -80.68 -0.53 -71.17
C PRO R 9 -79.68 0.27 -70.38
N MET R 10 -80.10 0.95 -69.32
CA MET R 10 -79.20 1.74 -68.50
C MET R 10 -78.36 0.88 -67.55
N ARG R 11 -78.59 -0.43 -67.52
CA ARG R 11 -77.83 -1.33 -66.68
C ARG R 11 -76.74 -2.09 -67.43
N GLU R 12 -76.53 -1.78 -68.71
CA GLU R 12 -75.60 -2.57 -69.51
C GLU R 12 -74.17 -2.30 -69.10
N LEU R 13 -73.41 -3.38 -68.88
CA LEU R 13 -72.02 -3.25 -68.50
C LEU R 13 -71.19 -2.74 -69.67
N ARG R 14 -70.14 -2.01 -69.36
CA ARG R 14 -69.23 -1.49 -70.35
C ARG R 14 -67.89 -1.20 -69.69
N ILE R 15 -66.87 -1.04 -70.51
CA ILE R 15 -65.53 -0.74 -70.00
C ILE R 15 -65.45 0.74 -69.68
N ARG R 16 -65.06 1.07 -68.45
CA ARG R 16 -64.83 2.46 -68.11
C ARG R 16 -63.44 2.90 -68.55
N LYS R 17 -62.40 2.26 -68.01
CA LYS R 17 -61.03 2.54 -68.38
C LYS R 17 -60.25 1.24 -68.38
N LEU R 18 -59.07 1.27 -68.99
CA LEU R 18 -58.26 0.07 -69.10
C LEU R 18 -56.98 0.11 -68.29
N CYS R 19 -56.35 1.28 -68.11
CA CYS R 19 -55.30 1.49 -67.12
C CYS R 19 -54.10 0.57 -67.34
N LEU R 20 -53.38 0.84 -68.43
CA LEU R 20 -52.12 0.16 -68.68
C LEU R 20 -51.05 0.66 -67.73
N ASN R 21 -50.23 -0.27 -67.22
CA ASN R 21 -49.17 0.09 -66.28
C ASN R 21 -47.91 -0.73 -66.53
N ILE R 22 -46.76 -0.07 -66.60
CA ILE R 22 -45.47 -0.72 -66.73
C ILE R 22 -44.59 -0.25 -65.58
N CYS R 23 -44.24 -1.16 -64.67
CA CYS R 23 -43.44 -0.82 -63.51
C CYS R 23 -42.00 -1.25 -63.74
N VAL R 24 -41.25 -0.37 -64.40
CA VAL R 24 -39.80 -0.54 -64.50
C VAL R 24 -39.21 -0.33 -63.12
N GLY R 25 -38.21 -1.13 -62.77
CA GLY R 25 -37.63 -1.04 -61.44
C GLY R 25 -36.99 0.30 -61.15
N GLU R 26 -36.25 0.84 -62.12
CA GLU R 26 -35.50 2.07 -61.90
C GLU R 26 -35.89 3.15 -62.89
N SER R 27 -35.19 4.29 -62.85
CA SER R 27 -35.46 5.42 -63.72
C SER R 27 -34.45 5.46 -64.86
N GLY R 28 -34.60 6.46 -65.73
CA GLY R 28 -33.64 6.70 -66.77
C GLY R 28 -34.03 6.18 -68.14
N ASP R 29 -33.06 5.56 -68.82
CA ASP R 29 -33.27 5.11 -70.19
C ASP R 29 -34.34 4.03 -70.25
N ARG R 30 -34.33 3.10 -69.29
CA ARG R 30 -35.32 2.03 -69.29
C ARG R 30 -36.73 2.60 -69.15
N LEU R 31 -36.90 3.56 -68.24
CA LEU R 31 -38.21 4.16 -68.05
C LEU R 31 -38.64 4.96 -69.28
N THR R 32 -37.71 5.67 -69.91
CA THR R 32 -38.04 6.40 -71.12
C THR R 32 -38.48 5.46 -72.24
N ARG R 33 -37.77 4.34 -72.39
CA ARG R 33 -38.16 3.37 -73.41
C ARG R 33 -39.51 2.75 -73.11
N ALA R 34 -39.81 2.47 -71.85
CA ALA R 34 -41.12 1.95 -71.49
C ALA R 34 -42.22 2.97 -71.77
N ALA R 35 -41.94 4.25 -71.50
CA ALA R 35 -42.89 5.29 -71.83
C ALA R 35 -43.13 5.36 -73.33
N LYS R 36 -42.08 5.18 -74.13
CA LYS R 36 -42.25 5.14 -75.57
C LYS R 36 -43.08 3.93 -76.00
N VAL R 37 -42.90 2.80 -75.32
CA VAL R 37 -43.72 1.62 -75.59
C VAL R 37 -45.20 1.94 -75.38
N LEU R 38 -45.51 2.52 -74.22
CA LEU R 38 -46.91 2.84 -73.93
C LEU R 38 -47.47 3.86 -74.90
N GLU R 39 -46.68 4.88 -75.24
CA GLU R 39 -47.14 5.91 -76.15
C GLU R 39 -47.41 5.34 -77.54
N GLN R 40 -46.55 4.44 -78.01
CA GLN R 40 -46.77 3.82 -79.30
C GLN R 40 -47.98 2.88 -79.26
N LEU R 41 -48.17 2.17 -78.15
CA LEU R 41 -49.30 1.24 -78.06
C LEU R 41 -50.63 1.99 -78.03
N THR R 42 -50.70 3.10 -77.30
CA THR R 42 -51.97 3.77 -77.08
C THR R 42 -52.21 4.95 -78.01
N GLY R 43 -51.20 5.40 -78.74
CA GLY R 43 -51.35 6.66 -79.47
C GLY R 43 -51.61 7.81 -78.53
N GLN R 44 -50.93 7.83 -77.38
CA GLN R 44 -51.34 8.66 -76.27
C GLN R 44 -50.23 8.75 -75.23
N THR R 45 -49.93 9.97 -74.78
CA THR R 45 -48.79 10.18 -73.89
C THR R 45 -49.06 9.59 -72.50
N PRO R 46 -48.15 8.79 -71.96
CA PRO R 46 -48.33 8.29 -70.60
C PRO R 46 -47.71 9.20 -69.55
N VAL R 47 -47.85 8.87 -68.28
CA VAL R 47 -47.27 9.66 -67.19
C VAL R 47 -46.43 8.75 -66.31
N PHE R 48 -45.47 9.37 -65.63
CA PHE R 48 -44.52 8.66 -64.78
C PHE R 48 -44.97 8.70 -63.33
N SER R 49 -44.79 7.58 -62.64
CA SER R 49 -45.15 7.43 -61.25
C SER R 49 -43.88 7.29 -60.42
N LYS R 50 -43.77 8.11 -59.38
CA LYS R 50 -42.63 8.16 -58.49
C LYS R 50 -42.80 7.17 -57.34
N ALA R 51 -41.69 6.85 -56.69
CA ALA R 51 -41.71 5.95 -55.55
C ALA R 51 -42.19 6.69 -54.31
N ARG R 52 -43.15 6.10 -53.60
CA ARG R 52 -43.66 6.72 -52.39
C ARG R 52 -42.62 6.72 -51.28
N TYR R 53 -41.91 5.61 -51.11
CA TYR R 53 -40.92 5.47 -50.06
C TYR R 53 -39.59 5.05 -50.67
N THR R 54 -38.57 5.01 -49.83
CA THR R 54 -37.24 4.55 -50.22
C THR R 54 -37.01 3.18 -49.58
N VAL R 55 -36.78 2.17 -50.42
CA VAL R 55 -36.47 0.83 -49.95
C VAL R 55 -35.13 0.41 -50.54
N ARG R 56 -34.28 -0.19 -49.71
CA ARG R 56 -32.96 -0.62 -50.15
C ARG R 56 -32.99 -1.97 -50.84
N SER R 57 -34.01 -2.79 -50.56
CA SER R 57 -34.11 -4.09 -51.21
C SER R 57 -34.29 -3.94 -52.72
N PHE R 58 -35.16 -3.03 -53.14
CA PHE R 58 -35.41 -2.82 -54.56
C PHE R 58 -34.52 -1.75 -55.15
N GLY R 59 -33.71 -1.08 -54.34
CA GLY R 59 -32.79 -0.08 -54.85
C GLY R 59 -33.45 1.13 -55.45
N ILE R 60 -34.51 1.63 -54.82
CA ILE R 60 -35.21 2.81 -55.29
C ILE R 60 -35.25 3.85 -54.18
N ARG R 61 -35.34 5.11 -54.59
CA ARG R 61 -35.39 6.23 -53.66
C ARG R 61 -36.73 6.92 -53.74
N ARG R 62 -37.07 7.65 -52.67
CA ARG R 62 -38.31 8.41 -52.66
C ARG R 62 -38.29 9.50 -53.72
N ASN R 63 -39.45 9.73 -54.33
CA ASN R 63 -39.64 10.76 -55.36
C ASN R 63 -38.83 10.48 -56.61
N GLU R 64 -38.40 9.24 -56.81
CA GLU R 64 -37.71 8.82 -58.02
C GLU R 64 -38.72 8.20 -58.97
N LYS R 65 -38.72 8.65 -60.22
CA LYS R 65 -39.65 8.15 -61.21
C LYS R 65 -39.42 6.67 -61.46
N ILE R 66 -40.36 5.83 -61.04
CA ILE R 66 -40.21 4.39 -61.09
C ILE R 66 -40.98 3.80 -62.26
N ALA R 67 -42.27 4.06 -62.34
CA ALA R 67 -43.11 3.37 -63.29
C ALA R 67 -43.68 4.35 -64.31
N VAL R 68 -44.38 3.81 -65.29
CA VAL R 68 -45.11 4.60 -66.27
C VAL R 68 -46.49 3.97 -66.43
N HIS R 69 -47.49 4.81 -66.69
CA HIS R 69 -48.84 4.28 -66.80
C HIS R 69 -49.71 5.25 -67.59
N CYS R 70 -50.83 4.73 -68.09
CA CYS R 70 -51.78 5.56 -68.82
C CYS R 70 -53.13 4.88 -68.81
N THR R 71 -54.18 5.68 -68.62
CA THR R 71 -55.56 5.20 -68.65
C THR R 71 -56.12 5.43 -70.04
N VAL R 72 -56.77 4.41 -70.60
CA VAL R 72 -57.31 4.45 -71.95
C VAL R 72 -58.81 4.16 -71.85
N ARG R 73 -59.61 5.00 -72.49
CA ARG R 73 -61.07 4.89 -72.41
C ARG R 73 -61.66 4.83 -73.81
N GLY R 74 -62.74 4.06 -73.95
CA GLY R 74 -63.53 4.05 -75.16
C GLY R 74 -63.19 2.96 -76.15
N ALA R 75 -63.32 3.30 -77.44
CA ALA R 75 -63.08 2.33 -78.51
C ALA R 75 -61.63 1.87 -78.50
N LYS R 76 -60.69 2.79 -78.24
CA LYS R 76 -59.29 2.40 -78.13
C LYS R 76 -59.09 1.40 -77.00
N ALA R 77 -59.78 1.61 -75.87
CA ALA R 77 -59.72 0.66 -74.78
C ALA R 77 -60.26 -0.70 -75.20
N GLU R 78 -61.35 -0.71 -75.96
CA GLU R 78 -61.90 -1.97 -76.44
C GLU R 78 -60.91 -2.71 -77.33
N GLU R 79 -60.27 -2.01 -78.26
CA GLU R 79 -59.30 -2.67 -79.14
C GLU R 79 -58.08 -3.17 -78.36
N ILE R 80 -57.57 -2.38 -77.43
CA ILE R 80 -56.40 -2.81 -76.67
C ILE R 80 -56.73 -4.00 -75.79
N LEU R 81 -57.92 -4.01 -75.19
CA LEU R 81 -58.33 -5.18 -74.41
C LEU R 81 -58.50 -6.40 -75.29
N GLU R 82 -59.01 -6.20 -76.52
CA GLU R 82 -59.11 -7.31 -77.45
C GLU R 82 -57.74 -7.90 -77.76
N LYS R 83 -56.75 -7.05 -77.99
CA LYS R 83 -55.39 -7.53 -78.27
C LYS R 83 -54.81 -8.26 -77.06
N GLY R 84 -54.99 -7.70 -75.87
CA GLY R 84 -54.48 -8.35 -74.67
C GLY R 84 -55.11 -9.70 -74.42
N LEU R 85 -56.43 -9.81 -74.62
CA LEU R 85 -57.09 -11.09 -74.45
C LEU R 85 -56.71 -12.08 -75.55
N LYS R 86 -56.41 -11.58 -76.75
CA LYS R 86 -55.86 -12.43 -77.79
C LYS R 86 -54.54 -13.04 -77.35
N VAL R 87 -53.68 -12.23 -76.73
CA VAL R 87 -52.42 -12.76 -76.21
C VAL R 87 -52.68 -13.78 -75.11
N ARG R 88 -53.62 -13.46 -74.20
CA ARG R 88 -53.97 -14.38 -73.13
C ARG R 88 -54.75 -15.61 -73.60
N GLU R 89 -55.09 -15.67 -74.89
CA GLU R 89 -55.87 -16.77 -75.46
C GLU R 89 -57.25 -16.87 -74.84
N TYR R 90 -57.79 -15.71 -74.44
CA TYR R 90 -59.17 -15.59 -73.95
C TYR R 90 -59.45 -16.51 -72.76
N GLU R 91 -58.49 -16.60 -71.84
CA GLU R 91 -58.70 -17.35 -70.62
C GLU R 91 -58.17 -16.56 -69.44
N LEU R 92 -58.91 -16.58 -68.34
CA LEU R 92 -58.55 -15.86 -67.13
C LEU R 92 -58.82 -16.76 -65.92
N ARG R 93 -58.02 -16.58 -64.89
CA ARG R 93 -58.21 -17.34 -63.66
C ARG R 93 -59.37 -16.77 -62.86
N LYS R 94 -59.98 -17.64 -62.05
CA LYS R 94 -61.11 -17.23 -61.21
C LYS R 94 -60.73 -16.07 -60.30
N ASN R 95 -59.50 -16.06 -59.80
CA ASN R 95 -59.06 -15.01 -58.90
C ASN R 95 -58.62 -13.74 -59.61
N ASN R 96 -58.66 -13.71 -60.95
CA ASN R 96 -58.30 -12.48 -61.65
C ASN R 96 -59.38 -11.41 -61.53
N PHE R 97 -60.54 -11.73 -60.98
CA PHE R 97 -61.65 -10.80 -60.86
C PHE R 97 -61.76 -10.30 -59.43
N SER R 98 -61.77 -8.99 -59.26
CA SER R 98 -61.91 -8.40 -57.94
C SER R 98 -63.37 -8.42 -57.50
N ASP R 99 -63.58 -8.29 -56.19
CA ASP R 99 -64.92 -8.31 -55.63
C ASP R 99 -65.71 -7.05 -55.94
N THR R 100 -65.07 -6.01 -56.49
CA THR R 100 -65.75 -4.78 -56.85
C THR R 100 -66.23 -4.76 -58.30
N GLY R 101 -66.05 -5.86 -59.03
CA GLY R 101 -66.60 -5.96 -60.36
C GLY R 101 -65.69 -5.53 -61.49
N ASN R 102 -64.39 -5.63 -61.32
CA ASN R 102 -63.44 -5.25 -62.36
C ASN R 102 -62.22 -6.16 -62.25
N PHE R 103 -61.47 -6.29 -63.35
CA PHE R 103 -60.47 -7.35 -63.39
C PHE R 103 -59.25 -6.89 -64.16
N GLY R 104 -58.27 -7.78 -64.28
CA GLY R 104 -57.04 -7.45 -64.97
C GLY R 104 -56.17 -8.68 -65.13
N PHE R 105 -55.09 -8.48 -65.88
CA PHE R 105 -54.12 -9.54 -66.16
C PHE R 105 -52.80 -8.88 -66.54
N GLY R 106 -51.84 -9.71 -66.92
CA GLY R 106 -50.52 -9.22 -67.27
C GLY R 106 -50.02 -9.85 -68.56
N ILE R 107 -49.27 -9.07 -69.32
CA ILE R 107 -48.67 -9.50 -70.57
C ILE R 107 -47.16 -9.44 -70.42
N GLN R 108 -46.50 -10.56 -70.73
CA GLN R 108 -45.08 -10.68 -70.46
C GLN R 108 -44.22 -9.93 -71.48
N GLU R 109 -44.63 -9.93 -72.74
CA GLU R 109 -43.90 -9.24 -73.80
C GLU R 109 -44.85 -8.35 -74.56
N HIS R 110 -44.50 -7.08 -74.73
CA HIS R 110 -45.39 -6.15 -75.38
C HIS R 110 -45.42 -6.30 -76.90
N ILE R 111 -44.51 -7.08 -77.49
CA ILE R 111 -44.43 -7.12 -78.94
C ILE R 111 -45.31 -8.20 -79.55
N ASP R 112 -45.97 -9.02 -78.73
CA ASP R 112 -46.86 -10.04 -79.28
C ASP R 112 -48.26 -9.52 -79.53
N LEU R 113 -48.55 -8.26 -79.18
CA LEU R 113 -49.83 -7.65 -79.46
C LEU R 113 -49.60 -6.41 -80.33
N GLY R 114 -49.71 -6.58 -81.63
CA GLY R 114 -49.69 -5.48 -82.56
C GLY R 114 -48.34 -4.82 -82.78
N ILE R 115 -47.75 -4.31 -81.69
CA ILE R 115 -46.54 -3.51 -81.79
C ILE R 115 -45.38 -4.39 -82.23
N LYS R 116 -44.66 -3.95 -83.27
CA LYS R 116 -43.49 -4.70 -83.72
C LYS R 116 -42.26 -4.29 -82.93
N TYR R 117 -41.27 -5.18 -82.91
CA TYR R 117 -40.04 -4.94 -82.18
C TYR R 117 -39.24 -3.82 -82.83
N ASP R 118 -38.53 -3.07 -81.99
CA ASP R 118 -37.59 -2.06 -82.42
C ASP R 118 -36.32 -2.22 -81.60
N PRO R 119 -35.15 -2.13 -82.22
CA PRO R 119 -33.89 -2.34 -81.47
C PRO R 119 -33.70 -1.37 -80.32
N SER R 120 -34.20 -0.14 -80.45
CA SER R 120 -34.16 0.82 -79.36
C SER R 120 -35.31 0.64 -78.37
N ILE R 121 -36.04 -0.46 -78.47
CA ILE R 121 -37.17 -0.78 -77.61
C ILE R 121 -36.94 -2.14 -76.99
N GLY R 122 -37.17 -2.24 -75.69
CA GLY R 122 -36.94 -3.48 -74.96
C GLY R 122 -38.00 -4.53 -75.20
N ILE R 123 -38.18 -5.38 -74.19
CA ILE R 123 -39.09 -6.52 -74.25
C ILE R 123 -40.08 -6.34 -73.11
N TYR R 124 -40.49 -5.09 -72.89
CA TYR R 124 -41.26 -4.71 -71.71
C TYR R 124 -42.55 -5.50 -71.60
N GLY R 125 -42.85 -5.96 -70.38
CA GLY R 125 -44.16 -6.44 -70.05
C GLY R 125 -45.00 -5.35 -69.43
N LEU R 126 -46.26 -5.66 -69.16
CA LEU R 126 -47.19 -4.64 -68.72
C LEU R 126 -48.41 -5.28 -68.06
N ASP R 127 -49.17 -4.44 -67.38
CA ASP R 127 -50.37 -4.84 -66.65
C ASP R 127 -51.58 -4.16 -67.27
N PHE R 128 -52.59 -4.96 -67.59
CA PHE R 128 -53.91 -4.50 -68.00
C PHE R 128 -54.81 -4.60 -66.79
N TYR R 129 -55.59 -3.56 -66.51
CA TYR R 129 -56.58 -3.65 -65.45
C TYR R 129 -57.84 -2.90 -65.89
N VAL R 130 -58.77 -3.63 -66.46
CA VAL R 130 -60.00 -3.04 -66.96
C VAL R 130 -60.98 -2.85 -65.81
N VAL R 131 -61.64 -1.68 -65.83
CA VAL R 131 -62.63 -1.30 -64.84
C VAL R 131 -63.98 -1.27 -65.53
N LEU R 132 -64.90 -2.10 -65.05
CA LEU R 132 -66.24 -2.17 -65.62
C LEU R 132 -67.14 -1.13 -64.97
N GLY R 133 -68.17 -0.72 -65.71
CA GLY R 133 -69.10 0.25 -65.20
C GLY R 133 -70.45 0.13 -65.88
N ARG R 134 -71.42 0.87 -65.35
CA ARG R 134 -72.74 1.03 -65.92
C ARG R 134 -72.99 2.49 -66.20
N PRO R 135 -73.91 2.81 -67.10
CA PRO R 135 -74.30 4.21 -67.28
C PRO R 135 -74.81 4.82 -65.99
N GLY R 136 -74.09 5.80 -65.46
CA GLY R 136 -74.43 6.41 -64.19
C GLY R 136 -73.38 6.29 -63.12
N PHE R 137 -72.23 5.68 -63.39
CA PHE R 137 -71.19 5.60 -62.36
C PHE R 137 -70.45 6.91 -62.17
N SER R 138 -70.65 7.89 -63.05
CA SER R 138 -69.94 9.15 -62.96
C SER R 138 -70.45 10.05 -61.85
N ILE R 139 -71.58 9.70 -61.22
CA ILE R 139 -72.10 10.54 -60.14
C ILE R 139 -71.18 10.47 -58.93
N ALA R 140 -70.42 9.39 -58.78
CA ALA R 140 -69.45 9.33 -57.70
C ALA R 140 -68.24 10.22 -57.97
N ASP R 141 -68.04 10.64 -59.21
CA ASP R 141 -66.90 11.44 -59.60
C ASP R 141 -67.24 12.89 -59.90
N LYS R 142 -68.51 13.22 -60.08
CA LYS R 142 -68.89 14.58 -60.42
C LYS R 142 -68.66 15.51 -59.24
N LYS R 143 -68.58 16.80 -59.54
CA LYS R 143 -68.27 17.79 -58.51
C LYS R 143 -69.51 18.19 -57.73
N ARG R 144 -70.58 18.56 -58.41
CA ARG R 144 -71.77 19.08 -57.77
C ARG R 144 -72.80 17.97 -57.58
N ARG R 145 -73.29 17.83 -56.35
CA ARG R 145 -74.28 16.81 -55.99
C ARG R 145 -73.78 15.41 -56.30
N THR R 146 -72.57 15.11 -55.87
CA THR R 146 -72.03 13.77 -56.02
C THR R 146 -72.73 12.81 -55.06
N GLY R 147 -72.69 11.53 -55.39
CA GLY R 147 -73.33 10.53 -54.56
C GLY R 147 -72.88 9.14 -54.94
N CYS R 148 -73.28 8.17 -54.11
CA CYS R 148 -72.97 6.78 -54.35
C CYS R 148 -73.95 6.17 -55.34
N ILE R 149 -73.57 5.04 -55.92
CA ILE R 149 -74.34 4.47 -57.02
C ILE R 149 -75.50 3.60 -56.58
N GLY R 150 -75.51 3.13 -55.35
CA GLY R 150 -76.61 2.25 -54.96
C GLY R 150 -76.26 0.78 -55.13
N ALA R 151 -76.92 -0.04 -54.34
CA ALA R 151 -76.52 -1.44 -54.23
C ALA R 151 -76.84 -2.23 -55.49
N LYS R 152 -78.02 -2.02 -56.06
CA LYS R 152 -78.41 -2.78 -57.24
C LYS R 152 -77.62 -2.38 -58.47
N HIS R 153 -77.18 -1.13 -58.54
CA HIS R 153 -76.43 -0.65 -59.68
C HIS R 153 -74.97 -1.08 -59.68
N ARG R 154 -74.50 -1.68 -58.59
CA ARG R 154 -73.12 -2.09 -58.50
C ARG R 154 -72.85 -3.29 -59.42
N ILE R 155 -71.58 -3.65 -59.52
CA ILE R 155 -71.14 -4.79 -60.32
C ILE R 155 -70.46 -5.77 -59.40
N SER R 156 -70.88 -7.02 -59.47
CA SER R 156 -70.29 -8.08 -58.66
C SER R 156 -69.27 -8.87 -59.47
N LYS R 157 -68.52 -9.71 -58.76
CA LYS R 157 -67.55 -10.58 -59.41
C LYS R 157 -68.23 -11.54 -60.38
N GLU R 158 -69.39 -12.08 -59.98
CA GLU R 158 -70.15 -12.94 -60.88
C GLU R 158 -70.61 -12.21 -62.11
N GLU R 159 -71.07 -10.96 -61.95
CA GLU R 159 -71.50 -10.17 -63.10
C GLU R 159 -70.34 -9.88 -64.03
N ALA R 160 -69.16 -9.59 -63.48
CA ALA R 160 -67.99 -9.34 -64.32
C ALA R 160 -67.60 -10.60 -65.10
N MET R 161 -67.61 -11.75 -64.43
CA MET R 161 -67.27 -13.00 -65.11
C MET R 161 -68.29 -13.33 -66.20
N ARG R 162 -69.57 -13.09 -65.92
CA ARG R 162 -70.60 -13.28 -66.93
C ARG R 162 -70.37 -12.38 -68.13
N TRP R 163 -70.09 -11.10 -67.88
CA TRP R 163 -69.87 -10.16 -68.97
C TRP R 163 -68.69 -10.58 -69.82
N PHE R 164 -67.62 -11.05 -69.17
CA PHE R 164 -66.48 -11.56 -69.90
C PHE R 164 -66.87 -12.75 -70.78
N GLN R 165 -67.67 -13.67 -70.23
CA GLN R 165 -68.06 -14.85 -70.99
C GLN R 165 -68.95 -14.51 -72.18
N GLN R 166 -69.93 -13.63 -72.01
CA GLN R 166 -70.77 -13.33 -73.18
C GLN R 166 -70.10 -12.40 -74.18
N LYS R 167 -69.22 -11.50 -73.76
CA LYS R 167 -68.63 -10.60 -74.73
C LYS R 167 -67.43 -11.22 -75.41
N TYR R 168 -66.41 -11.61 -74.64
CA TYR R 168 -65.16 -12.07 -75.19
C TYR R 168 -65.05 -13.58 -75.22
N ASP R 169 -66.21 -14.27 -75.15
CA ASP R 169 -66.40 -15.73 -75.23
C ASP R 169 -65.24 -16.51 -74.62
N GLY R 170 -64.81 -16.08 -73.42
CA GLY R 170 -63.63 -16.60 -72.80
C GLY R 170 -63.91 -17.74 -71.83
N ILE R 171 -62.83 -18.22 -71.22
CA ILE R 171 -62.87 -19.35 -70.30
C ILE R 171 -62.38 -18.89 -68.95
N ILE R 172 -63.16 -19.17 -67.91
CA ILE R 172 -62.80 -18.85 -66.54
C ILE R 172 -62.20 -20.12 -65.94
N LEU R 173 -60.89 -20.15 -65.82
CA LEU R 173 -60.23 -21.29 -65.21
C LEU R 173 -60.44 -21.27 -63.69
N PRO R 174 -60.71 -22.43 -63.10
CA PRO R 174 -60.91 -22.50 -61.64
C PRO R 174 -59.59 -22.56 -60.87
N GLY R 175 -58.79 -21.50 -61.01
CA GLY R 175 -57.50 -21.44 -60.36
C GLY R 175 -57.21 -20.09 -59.73
N ALA S 1 -35.02 56.89 1.24
CA ALA S 1 -35.94 56.19 0.35
C ALA S 1 -37.09 57.09 -0.05
N PRO S 2 -37.48 57.03 -1.32
CA PRO S 2 -38.65 57.79 -1.77
C PRO S 2 -39.92 57.27 -1.11
N SER S 3 -40.88 58.17 -0.94
CA SER S 3 -42.14 57.83 -0.28
C SER S 3 -43.26 58.52 -1.04
N ARG S 4 -44.01 57.72 -1.82
CA ARG S 4 -45.17 58.19 -2.58
C ARG S 4 -44.72 59.29 -3.54
N ASN S 5 -45.61 60.20 -3.87
CA ASN S 5 -45.27 61.30 -4.76
C ASN S 5 -44.37 62.30 -4.03
N GLY S 6 -43.48 62.92 -4.79
CA GLY S 6 -42.59 63.90 -4.22
C GLY S 6 -41.64 64.39 -5.28
N MET S 7 -40.87 65.41 -4.90
CA MET S 7 -39.87 65.99 -5.78
C MET S 7 -38.53 65.31 -5.52
N VAL S 8 -37.84 64.94 -6.59
CA VAL S 8 -36.49 64.39 -6.45
C VAL S 8 -35.58 65.52 -6.00
N LEU S 9 -35.12 65.43 -4.76
CA LEU S 9 -34.33 66.48 -4.13
C LEU S 9 -32.86 66.09 -4.11
N LYS S 10 -32.00 67.07 -4.32
CA LYS S 10 -30.55 66.86 -4.32
C LYS S 10 -29.90 67.89 -3.41
N PRO S 11 -29.92 67.65 -2.10
CA PRO S 11 -29.23 68.56 -1.18
C PRO S 11 -27.72 68.51 -1.39
N HIS S 12 -27.10 69.67 -1.34
CA HIS S 12 -25.63 69.76 -1.45
C HIS S 12 -25.00 69.84 -0.07
N PHE S 13 -25.26 68.80 0.73
CA PHE S 13 -24.78 68.73 2.10
C PHE S 13 -24.01 67.45 2.32
N HIS S 14 -23.16 67.08 1.37
CA HIS S 14 -22.30 65.91 1.47
C HIS S 14 -20.85 66.27 1.71
N LYS S 15 -20.55 67.54 1.97
CA LYS S 15 -19.19 68.04 1.85
C LYS S 15 -18.73 68.73 3.13
N ASP S 16 -19.21 68.27 4.29
CA ASP S 16 -18.80 68.79 5.60
C ASP S 16 -19.05 70.30 5.70
N TRP S 17 -20.33 70.66 5.53
CA TRP S 17 -20.72 72.06 5.43
C TRP S 17 -20.65 72.80 6.75
N GLN S 18 -20.67 72.08 7.87
CA GLN S 18 -20.76 72.73 9.17
C GLN S 18 -19.46 73.38 9.62
N ARG S 19 -18.33 73.06 8.98
CA ARG S 19 -17.10 73.80 9.26
C ARG S 19 -17.11 75.18 8.63
N ARG S 20 -17.89 75.37 7.56
CA ARG S 20 -17.97 76.64 6.85
C ARG S 20 -19.42 77.10 6.85
N VAL S 21 -19.84 77.73 7.94
CA VAL S 21 -21.17 78.32 8.05
C VAL S 21 -20.99 79.77 8.44
N ALA S 22 -21.50 80.68 7.62
CA ALA S 22 -21.38 82.11 7.87
C ALA S 22 -22.66 82.59 8.50
N THR S 23 -22.63 82.86 9.80
CA THR S 23 -23.75 83.49 10.47
C THR S 23 -23.69 85.00 10.27
N TRP S 24 -24.82 85.65 10.51
CA TRP S 24 -24.97 87.07 10.24
C TRP S 24 -25.35 87.85 11.49
N PHE S 25 -24.91 87.39 12.66
CA PHE S 25 -25.23 88.11 13.88
C PHE S 25 -24.51 89.44 13.97
N ASN S 26 -23.48 89.65 13.17
CA ASN S 26 -22.78 90.93 13.11
C ASN S 26 -23.30 91.83 12.00
N GLN S 27 -24.44 91.49 11.40
CA GLN S 27 -25.00 92.36 10.36
C GLN S 27 -25.43 93.73 10.90
N PRO S 28 -26.17 93.85 12.01
CA PRO S 28 -26.46 95.20 12.51
C PRO S 28 -25.22 95.97 12.91
N ALA S 29 -24.23 95.30 13.48
CA ALA S 29 -22.98 95.96 13.82
C ALA S 29 -22.25 96.44 12.58
N ARG S 30 -22.28 95.63 11.51
CA ARG S 30 -21.66 96.03 10.26
C ARG S 30 -22.36 97.23 9.65
N LYS S 31 -23.69 97.27 9.72
CA LYS S 31 -24.42 98.42 9.23
C LYS S 31 -24.08 99.67 10.02
N ILE S 32 -23.96 99.54 11.35
CA ILE S 32 -23.57 100.67 12.18
C ILE S 32 -22.18 101.16 11.82
N ARG S 33 -21.23 100.24 11.64
CA ARG S 33 -19.86 100.62 11.32
C ARG S 33 -19.79 101.29 9.96
N ARG S 34 -20.53 100.79 8.98
CA ARG S 34 -20.56 101.41 7.66
C ARG S 34 -21.16 102.80 7.71
N ARG S 35 -22.23 102.98 8.49
CA ARG S 35 -22.82 104.31 8.64
C ARG S 35 -21.86 105.28 9.29
N LYS S 36 -21.15 104.82 10.33
CA LYS S 36 -20.16 105.67 10.98
C LYS S 36 -19.04 106.06 10.03
N ALA S 37 -18.58 105.11 9.21
CA ALA S 37 -17.54 105.42 8.24
C ALA S 37 -18.03 106.42 7.21
N ARG S 38 -19.28 106.28 6.75
CA ARG S 38 -19.85 107.23 5.81
C ARG S 38 -19.90 108.63 6.41
N GLN S 39 -20.35 108.73 7.65
CA GLN S 39 -20.45 110.04 8.29
C GLN S 39 -19.07 110.65 8.51
N ALA S 40 -18.10 109.84 8.91
CA ALA S 40 -16.75 110.34 9.10
C ALA S 40 -16.14 110.82 7.80
N LYS S 41 -16.35 110.08 6.71
CA LYS S 41 -15.85 110.52 5.40
C LYS S 41 -16.53 111.81 4.96
N ALA S 42 -17.84 111.92 5.18
CA ALA S 42 -18.55 113.14 4.80
C ALA S 42 -18.04 114.33 5.59
N ARG S 43 -17.74 114.14 6.87
CA ARG S 43 -17.14 115.21 7.65
C ARG S 43 -15.75 115.56 7.15
N ARG S 44 -14.99 114.54 6.73
CA ARG S 44 -13.63 114.78 6.26
C ARG S 44 -13.61 115.62 4.99
N ILE S 45 -14.44 115.27 4.02
CA ILE S 45 -14.60 116.09 2.82
C ILE S 45 -15.82 116.98 3.05
N ALA S 46 -15.59 118.15 3.65
CA ALA S 46 -16.71 118.89 4.23
C ALA S 46 -17.63 119.49 3.18
N PRO S 47 -17.16 120.33 2.23
CA PRO S 47 -18.12 120.87 1.26
C PRO S 47 -18.30 119.99 0.04
N ARG S 48 -17.36 119.07 -0.18
CA ARG S 48 -17.44 118.17 -1.32
C ARG S 48 -18.60 117.21 -1.15
N PRO S 49 -19.21 116.76 -2.26
CA PRO S 49 -20.35 115.86 -2.14
C PRO S 49 -19.98 114.55 -1.45
N ALA S 50 -20.90 114.07 -0.63
CA ALA S 50 -20.60 112.90 0.20
C ALA S 50 -20.45 111.64 -0.63
N SER S 51 -21.28 111.47 -1.67
CA SER S 51 -21.22 110.25 -2.46
C SER S 51 -19.95 110.15 -3.28
N GLY S 52 -19.40 111.29 -3.71
CA GLY S 52 -18.16 111.29 -4.42
C GLY S 52 -18.26 111.93 -5.78
N PRO S 53 -17.43 111.48 -6.72
CA PRO S 53 -17.40 112.12 -8.03
C PRO S 53 -18.68 111.90 -8.82
N ILE S 54 -18.95 112.83 -9.73
CA ILE S 54 -20.03 112.64 -10.68
C ILE S 54 -19.71 111.48 -11.60
N ARG S 55 -20.72 110.70 -11.94
CA ARG S 55 -20.57 109.54 -12.80
C ARG S 55 -21.28 109.78 -14.12
N PRO S 56 -20.82 109.16 -15.20
CA PRO S 56 -21.43 109.37 -16.51
C PRO S 56 -22.73 108.60 -16.67
N ILE S 57 -23.51 109.04 -17.64
CA ILE S 57 -24.70 108.33 -18.09
C ILE S 57 -24.28 107.18 -18.99
N VAL S 58 -24.75 105.98 -18.68
CA VAL S 58 -24.24 104.75 -19.28
C VAL S 58 -25.37 103.77 -19.53
N ARG S 59 -25.48 103.29 -20.77
CA ARG S 59 -26.50 102.33 -21.12
C ARG S 59 -26.05 100.91 -20.80
N CYS S 60 -26.98 100.11 -20.27
CA CYS S 60 -26.64 98.77 -19.82
C CYS S 60 -26.39 97.84 -21.01
N PRO S 61 -25.44 96.91 -20.91
CA PRO S 61 -24.98 96.17 -22.10
C PRO S 61 -26.00 95.31 -22.82
N THR S 62 -26.56 94.28 -22.18
CA THR S 62 -27.15 93.20 -22.96
C THR S 62 -28.52 93.58 -23.51
N VAL S 63 -29.14 92.66 -24.24
CA VAL S 63 -30.44 92.94 -24.82
C VAL S 63 -31.53 92.94 -23.76
N ARG S 64 -31.26 92.36 -22.59
CA ARG S 64 -32.23 92.39 -21.50
C ARG S 64 -32.35 93.77 -20.90
N TYR S 65 -31.25 94.53 -20.86
CA TYR S 65 -31.20 95.77 -20.09
C TYR S 65 -30.87 97.00 -20.91
N HIS S 66 -30.78 96.89 -22.24
CA HIS S 66 -30.36 98.05 -23.01
C HIS S 66 -31.40 99.16 -23.03
N THR S 67 -32.63 98.89 -22.62
CA THR S 67 -33.63 99.94 -22.48
C THR S 67 -33.41 100.81 -21.25
N LYS S 68 -32.65 100.32 -20.28
CA LYS S 68 -32.37 101.05 -19.05
C LYS S 68 -31.05 101.79 -19.16
N VAL S 69 -30.87 102.77 -18.29
CA VAL S 69 -29.64 103.55 -18.25
C VAL S 69 -29.27 103.76 -16.79
N ARG S 70 -27.98 103.82 -16.51
CA ARG S 70 -27.48 103.84 -15.15
C ARG S 70 -26.23 104.71 -15.09
N ALA S 71 -25.53 104.66 -13.97
CA ALA S 71 -24.30 105.42 -13.79
C ALA S 71 -23.10 104.54 -14.10
N GLY S 72 -22.13 105.12 -14.79
CA GLY S 72 -20.95 104.41 -15.19
C GLY S 72 -19.81 104.58 -14.20
N ARG S 73 -18.61 104.18 -14.63
CA ARG S 73 -17.45 104.29 -13.76
C ARG S 73 -16.84 105.69 -13.84
N GLY S 74 -16.62 106.19 -15.04
CA GLY S 74 -16.06 107.52 -15.20
C GLY S 74 -16.28 108.03 -16.60
N PHE S 75 -16.14 109.34 -16.75
CA PHE S 75 -16.31 109.95 -18.06
C PHE S 75 -15.17 109.56 -18.99
N SER S 76 -15.49 109.40 -20.26
CA SER S 76 -14.48 109.00 -21.22
C SER S 76 -13.62 110.18 -21.64
N LEU S 77 -12.43 109.87 -22.13
CA LEU S 77 -11.49 110.90 -22.54
C LEU S 77 -12.01 111.70 -23.71
N GLU S 78 -12.77 111.07 -24.61
CA GLU S 78 -13.39 111.81 -25.70
C GLU S 78 -14.40 112.82 -25.16
N GLU S 79 -15.21 112.40 -24.18
CA GLU S 79 -16.16 113.31 -23.55
C GLU S 79 -15.45 114.49 -22.90
N LEU S 80 -14.38 114.21 -22.16
CA LEU S 80 -13.63 115.28 -21.53
C LEU S 80 -12.99 116.20 -22.55
N ARG S 81 -12.48 115.64 -23.64
CA ARG S 81 -11.81 116.43 -24.67
C ARG S 81 -12.77 117.37 -25.35
N VAL S 82 -13.98 116.91 -25.68
CA VAL S 82 -14.94 117.79 -26.34
C VAL S 82 -15.67 118.68 -25.33
N ALA S 83 -15.60 118.36 -24.05
CA ALA S 83 -16.12 119.26 -23.02
C ALA S 83 -15.07 120.25 -22.52
N GLY S 84 -13.82 120.11 -22.94
CA GLY S 84 -12.80 121.07 -22.58
C GLY S 84 -12.25 120.95 -21.18
N ILE S 85 -12.21 119.74 -20.62
CA ILE S 85 -11.69 119.49 -19.29
C ILE S 85 -10.48 118.59 -19.40
N HIS S 86 -9.39 118.98 -18.75
CA HIS S 86 -8.20 118.15 -18.73
C HIS S 86 -8.45 116.86 -17.95
N LYS S 87 -7.91 115.76 -18.45
CA LYS S 87 -8.12 114.46 -17.82
C LYS S 87 -7.37 114.33 -16.50
N LYS S 88 -6.45 115.24 -16.21
CA LYS S 88 -5.77 115.24 -14.92
C LYS S 88 -6.33 116.29 -13.96
N VAL S 89 -7.12 117.24 -14.47
CA VAL S 89 -7.79 118.21 -13.62
C VAL S 89 -9.19 117.76 -13.24
N ALA S 90 -9.81 116.89 -14.04
CA ALA S 90 -11.17 116.43 -13.76
C ALA S 90 -11.24 115.72 -12.42
N ARG S 91 -10.27 114.86 -12.13
CA ARG S 91 -10.29 114.14 -10.87
C ARG S 91 -10.07 115.07 -9.68
N THR S 92 -9.25 116.11 -9.85
CA THR S 92 -9.07 117.09 -8.78
C THR S 92 -10.36 117.84 -8.51
N ILE S 93 -11.11 118.20 -9.56
CA ILE S 93 -12.32 118.99 -9.34
C ILE S 93 -13.53 118.09 -9.15
N GLY S 94 -13.30 116.79 -9.09
CA GLY S 94 -14.34 115.87 -8.68
C GLY S 94 -15.09 115.18 -9.80
N ILE S 95 -14.44 114.90 -10.91
CA ILE S 95 -15.07 114.26 -12.06
C ILE S 95 -14.39 112.90 -12.24
N SER S 96 -15.17 111.83 -12.13
CA SER S 96 -14.60 110.51 -12.36
C SER S 96 -14.30 110.32 -13.84
N VAL S 97 -13.15 109.73 -14.14
CA VAL S 97 -12.72 109.51 -15.51
C VAL S 97 -12.46 108.03 -15.71
N ASP S 98 -12.79 107.53 -16.91
CA ASP S 98 -12.61 106.14 -17.28
C ASP S 98 -11.83 106.12 -18.58
N PRO S 99 -10.50 105.99 -18.52
CA PRO S 99 -9.71 106.04 -19.75
C PRO S 99 -9.98 104.89 -20.70
N ARG S 100 -10.52 103.78 -20.23
CA ARG S 100 -10.69 102.61 -21.07
C ARG S 100 -12.09 102.52 -21.69
N ARG S 101 -12.96 103.50 -21.45
CA ARG S 101 -14.28 103.51 -22.07
C ARG S 101 -14.26 104.31 -23.37
N ARG S 102 -14.88 103.76 -24.40
CA ARG S 102 -14.98 104.35 -25.72
C ARG S 102 -16.40 104.84 -25.97
N ASN S 103 -16.56 105.65 -27.01
CA ASN S 103 -17.86 106.20 -27.39
C ASN S 103 -18.20 105.71 -28.80
N LYS S 104 -19.02 104.66 -28.86
CA LYS S 104 -19.37 104.10 -30.16
C LYS S 104 -20.32 105.00 -30.93
N SER S 105 -21.28 105.60 -30.25
CA SER S 105 -22.27 106.47 -30.88
C SER S 105 -22.09 107.89 -30.40
N THR S 106 -22.74 108.82 -31.10
CA THR S 106 -22.62 110.24 -30.79
C THR S 106 -23.66 110.71 -29.78
N GLU S 107 -24.81 110.04 -29.68
CA GLU S 107 -25.86 110.48 -28.77
C GLU S 107 -25.42 110.35 -27.31
N SER S 108 -24.81 109.22 -26.96
CA SER S 108 -24.30 109.05 -25.61
C SER S 108 -23.18 110.04 -25.31
N LEU S 109 -22.31 110.28 -26.30
CA LEU S 109 -21.27 111.28 -26.17
C LEU S 109 -21.86 112.65 -25.85
N GLN S 110 -22.86 113.08 -26.61
CA GLN S 110 -23.43 114.40 -26.38
C GLN S 110 -24.17 114.47 -25.05
N ALA S 111 -24.86 113.40 -24.66
CA ALA S 111 -25.53 113.40 -23.37
C ALA S 111 -24.52 113.56 -22.24
N ASN S 112 -23.41 112.83 -22.31
CA ASN S 112 -22.41 112.93 -21.25
C ASN S 112 -21.71 114.29 -21.25
N VAL S 113 -21.52 114.91 -22.41
CA VAL S 113 -20.87 116.22 -22.38
C VAL S 113 -21.83 117.30 -21.89
N GLN S 114 -23.13 117.20 -22.17
CA GLN S 114 -24.06 118.13 -21.51
C GLN S 114 -24.09 117.89 -20.01
N ARG S 115 -23.96 116.63 -19.59
CA ARG S 115 -23.86 116.34 -18.16
C ARG S 115 -22.63 117.01 -17.55
N LEU S 116 -21.48 116.92 -18.24
CA LEU S 116 -20.27 117.57 -17.75
C LEU S 116 -20.41 119.07 -17.70
N LYS S 117 -21.01 119.68 -18.72
CA LYS S 117 -21.18 121.12 -18.74
C LYS S 117 -22.13 121.58 -17.65
N GLU S 118 -23.19 120.82 -17.40
CA GLU S 118 -24.11 121.17 -16.31
C GLU S 118 -23.42 121.06 -14.96
N TYR S 119 -22.62 120.01 -14.76
CA TYR S 119 -21.87 119.89 -13.52
C TYR S 119 -20.90 121.04 -13.34
N ARG S 120 -20.20 121.42 -14.43
CA ARG S 120 -19.25 122.51 -14.35
C ARG S 120 -19.95 123.83 -14.03
N SER S 121 -21.16 124.03 -14.57
CA SER S 121 -21.93 125.21 -14.23
C SER S 121 -22.31 125.20 -12.76
N LYS S 122 -22.69 124.04 -12.22
CA LYS S 122 -23.12 123.95 -10.84
C LYS S 122 -21.96 123.85 -9.86
N LEU S 123 -20.72 123.78 -10.33
CA LEU S 123 -19.58 123.59 -9.46
C LEU S 123 -19.17 124.91 -8.80
N ILE S 124 -18.93 124.85 -7.48
CA ILE S 124 -18.37 125.97 -6.73
C ILE S 124 -16.94 125.59 -6.39
N LEU S 125 -15.99 126.44 -6.76
CA LEU S 125 -14.58 126.14 -6.58
C LEU S 125 -13.98 127.10 -5.56
N PHE S 126 -13.42 126.54 -4.50
CA PHE S 126 -12.76 127.33 -3.47
C PHE S 126 -11.31 127.61 -3.86
N PRO S 127 -10.84 128.84 -3.72
CA PRO S 127 -9.42 129.11 -3.99
C PRO S 127 -8.53 128.40 -2.98
N ARG S 128 -7.30 128.10 -3.40
CA ARG S 128 -6.36 127.42 -2.51
C ARG S 128 -6.07 128.26 -1.27
N LYS S 129 -5.83 129.54 -1.47
CA LYS S 129 -5.67 130.45 -0.34
C LYS S 129 -6.94 131.27 -0.20
N PRO S 130 -7.70 131.11 0.89
CA PRO S 130 -8.95 131.86 1.02
C PRO S 130 -8.78 133.36 1.00
N SER S 131 -7.64 133.87 1.46
CA SER S 131 -7.39 135.31 1.42
C SER S 131 -7.00 135.81 0.04
N ALA S 132 -6.68 134.91 -0.89
CA ALA S 132 -6.23 135.28 -2.23
C ALA S 132 -7.03 134.50 -3.26
N PRO S 133 -8.23 134.98 -3.61
CA PRO S 133 -9.04 134.30 -4.61
C PRO S 133 -8.51 134.56 -6.01
N LYS S 134 -7.87 133.56 -6.59
CA LYS S 134 -7.19 133.75 -7.87
C LYS S 134 -8.15 133.61 -9.05
N LYS S 135 -8.70 132.41 -9.25
CA LYS S 135 -9.58 132.19 -10.38
C LYS S 135 -10.76 131.28 -10.07
N GLY S 136 -10.95 130.87 -8.82
CA GLY S 136 -12.00 129.90 -8.53
C GLY S 136 -13.41 130.43 -8.63
N ASP S 137 -13.84 131.22 -7.65
CA ASP S 137 -15.21 131.72 -7.57
C ASP S 137 -15.26 132.95 -6.69
N SER S 138 -16.33 133.72 -6.86
CA SER S 138 -16.57 134.86 -6.00
C SER S 138 -16.94 134.39 -4.60
N SER S 139 -16.53 135.17 -3.60
CA SER S 139 -16.82 134.81 -2.22
C SER S 139 -18.30 134.88 -1.91
N ALA S 140 -19.07 135.66 -2.67
CA ALA S 140 -20.50 135.79 -2.41
C ALA S 140 -21.22 134.47 -2.61
N GLU S 141 -20.87 133.73 -3.66
CA GLU S 141 -21.54 132.48 -3.98
C GLU S 141 -20.90 131.28 -3.31
N GLU S 142 -19.89 131.48 -2.47
CA GLU S 142 -19.31 130.38 -1.72
C GLU S 142 -19.34 130.60 -0.22
N LEU S 143 -19.74 131.78 0.26
CA LEU S 143 -19.89 131.99 1.69
C LEU S 143 -21.00 131.11 2.26
N LYS S 144 -22.22 131.29 1.78
CA LYS S 144 -23.36 130.55 2.30
C LYS S 144 -23.95 129.58 1.30
N LEU S 145 -23.68 129.73 0.01
CA LEU S 145 -24.24 128.82 -0.97
C LEU S 145 -23.51 127.49 -1.03
N ALA S 146 -22.34 127.38 -0.40
CA ALA S 146 -21.62 126.12 -0.36
C ALA S 146 -22.25 125.20 0.67
N THR S 147 -22.56 123.98 0.25
CA THR S 147 -23.25 123.02 1.09
C THR S 147 -22.92 121.63 0.60
N GLN S 148 -22.62 120.72 1.52
CA GLN S 148 -22.35 119.34 1.14
C GLN S 148 -23.58 118.72 0.50
N LEU S 149 -23.37 118.08 -0.65
CA LEU S 149 -24.47 117.47 -1.39
C LEU S 149 -24.68 116.04 -0.92
N THR S 150 -25.92 115.71 -0.60
CA THR S 150 -26.28 114.38 -0.14
C THR S 150 -26.85 113.58 -1.30
N GLY S 151 -26.40 112.34 -1.44
CA GLY S 151 -26.84 111.49 -2.52
C GLY S 151 -25.91 111.62 -3.72
N PRO S 152 -26.16 110.81 -4.75
CA PRO S 152 -25.32 110.88 -5.94
C PRO S 152 -25.44 112.23 -6.63
N VAL S 153 -24.33 112.69 -7.19
CA VAL S 153 -24.31 113.97 -7.90
C VAL S 153 -25.06 113.81 -9.22
N MET S 154 -26.14 114.58 -9.38
CA MET S 154 -26.95 114.56 -10.59
C MET S 154 -27.39 113.12 -10.91
N PRO S 155 -28.27 112.53 -10.10
CA PRO S 155 -28.52 111.09 -10.23
C PRO S 155 -29.07 110.72 -11.60
N VAL S 156 -28.61 109.58 -12.11
CA VAL S 156 -29.01 109.13 -13.44
C VAL S 156 -30.45 108.63 -13.39
N ARG S 157 -31.28 109.17 -14.26
CA ARG S 157 -32.70 108.91 -14.26
C ARG S 157 -33.14 108.45 -15.63
N ASN S 158 -33.94 107.39 -15.68
CA ASN S 158 -34.51 106.91 -16.93
C ASN S 158 -35.61 107.85 -17.38
N VAL S 159 -35.55 108.31 -18.62
CA VAL S 159 -36.50 109.26 -19.17
C VAL S 159 -37.31 108.58 -20.26
N TYR S 160 -38.60 108.88 -20.30
CA TYR S 160 -39.51 108.33 -21.29
C TYR S 160 -40.12 109.46 -22.09
N LYS S 161 -39.99 109.40 -23.41
CA LYS S 161 -40.60 110.39 -24.28
C LYS S 161 -42.04 109.99 -24.55
N LYS S 162 -42.98 110.83 -24.11
CA LYS S 162 -44.39 110.54 -24.28
C LYS S 162 -44.84 110.91 -25.68
N GLU S 163 -45.51 109.98 -26.34
CA GLU S 163 -46.07 110.20 -27.68
C GLU S 163 -47.56 110.51 -27.54
N LYS S 164 -47.96 111.68 -28.04
CA LYS S 164 -49.37 112.04 -28.01
C LYS S 164 -50.16 111.16 -28.97
N ALA S 165 -51.43 110.96 -28.64
CA ALA S 165 -52.30 110.16 -29.49
C ALA S 165 -52.46 110.82 -30.85
N ARG S 166 -52.33 110.02 -31.90
CA ARG S 166 -52.37 110.53 -33.27
C ARG S 166 -53.28 109.65 -34.11
N VAL S 167 -53.65 110.16 -35.28
CA VAL S 167 -54.50 109.43 -36.21
C VAL S 167 -53.67 108.38 -36.92
N ILE S 168 -54.15 107.14 -36.91
CA ILE S 168 -53.47 106.07 -37.61
C ILE S 168 -53.66 106.23 -39.11
N THR S 169 -52.55 106.19 -39.86
CA THR S 169 -52.62 106.33 -41.29
C THR S 169 -52.78 104.98 -41.98
N GLU S 170 -53.15 105.04 -43.26
CA GLU S 170 -53.40 103.81 -44.01
C GLU S 170 -52.13 102.99 -44.18
N GLU S 171 -50.97 103.64 -44.29
CA GLU S 171 -49.73 102.88 -44.39
C GLU S 171 -49.45 102.10 -43.12
N GLU S 172 -49.66 102.71 -41.96
CA GLU S 172 -49.53 102.00 -40.70
C GLU S 172 -50.55 100.89 -40.57
N LYS S 173 -51.75 101.10 -41.10
CA LYS S 173 -52.76 100.03 -41.06
C LYS S 173 -52.39 98.88 -41.98
N ASN S 174 -51.74 99.15 -43.10
CA ASN S 174 -51.38 98.11 -44.04
C ASN S 174 -50.04 97.47 -43.76
N PHE S 175 -49.26 97.99 -42.82
CA PHE S 175 -48.01 97.33 -42.44
C PHE S 175 -48.32 95.97 -41.82
N LYS S 176 -47.53 94.96 -42.22
CA LYS S 176 -47.70 93.59 -41.75
C LYS S 176 -46.53 93.23 -40.84
N ALA S 177 -46.73 93.38 -39.54
CA ALA S 177 -45.64 93.22 -38.58
C ALA S 177 -45.16 91.77 -38.52
N PHE S 178 -46.10 90.83 -38.41
CA PHE S 178 -45.71 89.43 -38.27
C PHE S 178 -45.04 88.91 -39.54
N ALA S 179 -45.61 89.24 -40.71
CA ALA S 179 -45.00 88.83 -41.97
C ALA S 179 -43.63 89.46 -42.14
N SER S 180 -43.49 90.73 -41.75
CA SER S 180 -42.19 91.38 -41.85
C SER S 180 -41.16 90.70 -40.95
N LEU S 181 -41.55 90.35 -39.73
CA LEU S 181 -40.61 89.68 -38.83
C LEU S 181 -40.20 88.32 -39.38
N ARG S 182 -41.18 87.55 -39.88
CA ARG S 182 -40.86 86.23 -40.42
C ARG S 182 -39.94 86.35 -41.64
N MET S 183 -40.23 87.30 -42.52
CA MET S 183 -39.39 87.47 -43.70
C MET S 183 -38.00 87.97 -43.34
N ALA S 184 -37.89 88.84 -42.32
CA ALA S 184 -36.58 89.30 -41.89
C ALA S 184 -35.76 88.17 -41.32
N ARG S 185 -36.39 87.31 -40.51
CA ARG S 185 -35.68 86.14 -40.00
C ARG S 185 -35.22 85.25 -41.13
N ALA S 186 -36.08 85.01 -42.12
CA ALA S 186 -35.72 84.15 -43.25
C ALA S 186 -34.57 84.75 -44.05
N ASN S 187 -34.61 86.07 -44.29
CA ASN S 187 -33.55 86.72 -45.06
C ASN S 187 -32.23 86.66 -44.33
N ALA S 188 -32.23 86.93 -43.02
CA ALA S 188 -31.00 86.84 -42.26
C ALA S 188 -30.49 85.41 -42.20
N ARG S 189 -31.39 84.42 -42.22
CA ARG S 189 -30.96 83.03 -42.19
C ARG S 189 -30.35 82.60 -43.51
N LEU S 190 -30.94 83.01 -44.63
CA LEU S 190 -30.56 82.52 -45.94
C LEU S 190 -29.70 83.51 -46.72
N PHE S 191 -29.20 84.56 -46.08
CA PHE S 191 -28.40 85.54 -46.83
C PHE S 191 -27.13 84.94 -47.40
N GLY S 192 -26.43 84.11 -46.62
CA GLY S 192 -25.16 83.59 -47.07
C GLY S 192 -25.29 82.56 -48.18
N ILE S 193 -26.19 81.60 -48.00
CA ILE S 193 -26.35 80.55 -49.00
C ILE S 193 -26.92 81.12 -50.29
N ARG S 194 -27.74 82.17 -50.20
CA ARG S 194 -28.22 82.83 -51.40
C ARG S 194 -27.06 83.46 -52.16
N ALA S 195 -26.13 84.09 -51.45
CA ALA S 195 -24.96 84.68 -52.09
C ALA S 195 -24.11 83.61 -52.75
N LYS S 196 -23.93 82.47 -52.08
CA LYS S 196 -23.15 81.39 -52.66
C LYS S 196 -23.80 80.84 -53.92
N ARG S 197 -25.12 80.65 -53.89
CA ARG S 197 -25.83 80.16 -55.07
C ARG S 197 -25.78 81.16 -56.21
N ALA S 198 -25.89 82.45 -55.90
CA ALA S 198 -25.75 83.47 -56.94
C ALA S 198 -24.35 83.48 -57.52
N LYS S 199 -23.34 83.26 -56.68
CA LYS S 199 -21.98 83.18 -57.17
C LYS S 199 -21.79 82.01 -58.12
N GLU S 200 -22.34 80.85 -57.75
CA GLU S 200 -22.25 79.68 -58.62
C GLU S 200 -22.98 79.89 -59.94
N ALA S 201 -24.16 80.52 -59.87
CA ALA S 201 -24.91 80.82 -61.09
C ALA S 201 -24.13 81.79 -61.98
N ALA S 202 -23.46 82.77 -61.38
CA ALA S 202 -22.63 83.67 -62.17
C ALA S 202 -21.45 82.94 -62.80
N GLU S 203 -20.85 82.01 -62.06
CA GLU S 203 -19.77 81.20 -62.64
C GLU S 203 -20.25 80.43 -63.85
N GLN S 204 -21.43 79.82 -63.77
CA GLN S 204 -21.96 79.12 -64.94
C GLN S 204 -22.32 80.10 -66.06
N ASP S 205 -22.81 81.29 -65.71
CA ASP S 205 -23.26 82.24 -66.72
C ASP S 205 -22.09 82.80 -67.53
N VAL S 206 -20.95 83.03 -66.88
CA VAL S 206 -19.82 83.66 -67.56
C VAL S 206 -19.09 82.68 -68.47
N GLU S 207 -19.56 81.43 -68.51
CA GLU S 207 -18.95 80.43 -69.39
C GLU S 207 -19.97 79.55 -70.08
N LYS S 208 -21.27 79.87 -70.01
CA LYS S 208 -22.31 79.02 -70.56
C LYS S 208 -22.19 78.83 -72.07
N LYS S 209 -21.51 79.73 -72.78
CA LYS S 209 -21.40 79.67 -74.23
C LYS S 209 -19.97 79.34 -74.62
N LYS S 210 -19.76 78.10 -75.08
CA LYS S 210 -18.46 77.66 -75.58
C LYS S 210 -18.62 76.36 -76.38
N VAL T 1 -91.25 -16.80 54.29
CA VAL T 1 -90.68 -15.55 54.78
C VAL T 1 -91.60 -14.39 54.45
N PHE T 2 -91.99 -14.30 53.18
CA PHE T 2 -92.84 -13.21 52.73
C PHE T 2 -94.30 -13.49 53.08
N ARG T 3 -95.01 -12.45 53.47
CA ARG T 3 -96.42 -12.56 53.81
C ARG T 3 -97.33 -11.71 52.96
N ARG T 4 -96.84 -10.59 52.43
CA ARG T 4 -97.63 -9.71 51.57
C ARG T 4 -97.10 -9.82 50.15
N PHE T 5 -98.00 -10.07 49.21
CA PHE T 5 -97.63 -10.32 47.82
C PHE T 5 -98.34 -9.35 46.91
N VAL T 6 -97.64 -8.95 45.84
CA VAL T 6 -98.28 -8.20 44.76
C VAL T 6 -99.09 -9.20 43.94
N GLU T 7 -100.39 -8.97 43.86
CA GLU T 7 -101.28 -9.87 43.13
C GLU T 7 -102.57 -9.12 42.84
N VAL T 8 -103.43 -9.77 42.06
CA VAL T 8 -104.71 -9.18 41.70
C VAL T 8 -105.60 -9.10 42.93
N GLY T 9 -106.14 -7.91 43.20
CA GLY T 9 -107.00 -7.71 44.33
C GLY T 9 -106.30 -7.27 45.59
N ARG T 10 -104.98 -7.24 45.61
CA ARG T 10 -104.25 -6.80 46.78
C ARG T 10 -104.44 -5.30 46.96
N VAL T 11 -104.74 -4.88 48.18
CA VAL T 11 -104.92 -3.47 48.49
C VAL T 11 -103.60 -2.88 48.94
N ALA T 12 -103.20 -1.79 48.32
CA ALA T 12 -101.94 -1.12 48.60
C ALA T 12 -102.19 0.32 49.03
N TYR T 13 -101.32 0.80 49.90
CA TYR T 13 -101.36 2.17 50.39
C TYR T 13 -100.33 3.00 49.62
N VAL T 14 -100.73 4.18 49.17
CA VAL T 14 -99.88 5.00 48.33
C VAL T 14 -99.02 5.88 49.22
N SER T 15 -97.69 5.71 49.13
CA SER T 15 -96.82 6.46 50.02
C SER T 15 -96.53 7.85 49.50
N PHE T 16 -96.29 8.00 48.21
CA PHE T 16 -95.98 9.30 47.64
C PHE T 16 -96.50 9.36 46.20
N GLY T 17 -96.37 10.53 45.60
CA GLY T 17 -96.89 10.76 44.28
C GLY T 17 -98.14 11.62 44.33
N PRO T 18 -98.82 11.75 43.18
CA PRO T 18 -100.05 12.56 43.15
C PRO T 18 -101.18 11.99 43.98
N HIS T 19 -101.15 10.70 44.31
CA HIS T 19 -102.23 10.04 45.02
C HIS T 19 -101.79 9.59 46.42
N ALA T 20 -100.85 10.28 47.02
CA ALA T 20 -100.30 9.87 48.30
C ALA T 20 -101.37 9.87 49.39
N GLY T 21 -101.28 8.89 50.29
CA GLY T 21 -102.22 8.79 51.39
C GLY T 21 -103.52 8.11 51.07
N LYS T 22 -103.62 7.41 49.94
CA LYS T 22 -104.86 6.78 49.52
C LYS T 22 -104.69 5.28 49.41
N LEU T 23 -105.81 4.57 49.45
CA LEU T 23 -105.84 3.13 49.27
C LEU T 23 -106.25 2.81 47.85
N VAL T 24 -105.61 1.81 47.27
CA VAL T 24 -105.91 1.36 45.92
C VAL T 24 -105.93 -0.15 45.89
N ALA T 25 -106.52 -0.70 44.83
CA ALA T 25 -106.53 -2.13 44.60
C ALA T 25 -105.74 -2.43 43.33
N ILE T 26 -104.93 -3.48 43.37
CA ILE T 26 -104.12 -3.88 42.23
C ILE T 26 -104.98 -4.70 41.30
N VAL T 27 -105.22 -4.17 40.10
CA VAL T 27 -106.03 -4.85 39.10
C VAL T 27 -105.18 -5.70 38.17
N ASP T 28 -104.01 -5.22 37.78
CA ASP T 28 -103.17 -6.00 36.89
C ASP T 28 -101.70 -5.63 37.10
N VAL T 29 -100.81 -6.42 36.51
CA VAL T 29 -99.38 -6.23 36.63
C VAL T 29 -98.81 -5.95 35.25
N ILE T 30 -97.99 -4.90 35.14
CA ILE T 30 -97.29 -4.55 33.92
C ILE T 30 -95.79 -4.58 34.22
N ASP T 31 -95.06 -5.33 33.41
CA ASP T 31 -93.60 -5.29 33.24
C ASP T 31 -92.77 -5.08 34.51
N GLN T 32 -93.13 -5.74 35.61
CA GLN T 32 -92.28 -5.88 36.78
C GLN T 32 -92.12 -4.59 37.59
N ASN T 33 -92.54 -3.47 37.01
CA ASN T 33 -92.37 -2.19 37.67
C ASN T 33 -93.68 -1.44 37.87
N ARG T 34 -94.72 -1.76 37.11
CA ARG T 34 -95.94 -1.01 37.19
C ARG T 34 -97.12 -1.94 37.42
N ALA T 35 -98.23 -1.35 37.84
CA ALA T 35 -99.45 -2.11 38.04
C ALA T 35 -100.63 -1.27 37.57
N LEU T 36 -101.58 -1.93 36.93
CA LEU T 36 -102.88 -1.33 36.70
C LEU T 36 -103.62 -1.28 38.01
N VAL T 37 -104.00 -0.07 38.41
CA VAL T 37 -104.36 0.28 39.78
C VAL T 37 -105.66 1.06 39.76
N ASP T 38 -106.53 0.76 40.74
CA ASP T 38 -107.90 1.29 40.75
C ASP T 38 -108.32 1.52 42.19
N GLY T 39 -108.59 2.77 42.55
CA GLY T 39 -109.34 3.05 43.74
C GLY T 39 -110.72 3.58 43.41
N PRO T 40 -111.73 2.72 43.45
CA PRO T 40 -113.08 3.15 43.06
C PRO T 40 -113.83 3.82 44.19
N CYS T 41 -113.48 3.48 45.43
CA CYS T 41 -114.10 4.09 46.60
C CYS T 41 -113.18 5.07 47.32
N THR T 42 -111.89 5.08 47.00
CA THR T 42 -110.95 6.03 47.55
C THR T 42 -110.57 7.10 46.55
N GLN T 43 -111.33 7.24 45.47
CA GLN T 43 -111.19 8.32 44.50
C GLN T 43 -109.83 8.29 43.81
N VAL T 44 -109.47 7.14 43.26
CA VAL T 44 -108.27 6.98 42.44
C VAL T 44 -108.73 6.26 41.17
N ARG T 45 -108.83 6.99 40.07
CA ARG T 45 -109.27 6.36 38.83
C ARG T 45 -108.21 5.39 38.33
N ARG T 46 -108.64 4.49 37.45
CA ARG T 46 -107.75 3.44 36.95
C ARG T 46 -106.58 4.05 36.20
N GLN T 47 -105.37 3.59 36.52
CA GLN T 47 -104.18 4.11 35.89
C GLN T 47 -103.00 3.20 36.19
N ALA T 48 -101.91 3.44 35.49
CA ALA T 48 -100.66 2.76 35.78
C ALA T 48 -100.01 3.38 37.01
N MET T 49 -99.32 2.55 37.78
CA MET T 49 -98.70 3.04 38.99
C MET T 49 -97.46 2.24 39.33
N PRO T 50 -96.33 2.88 39.61
CA PRO T 50 -95.12 2.13 39.94
C PRO T 50 -95.24 1.43 41.29
N PHE T 51 -94.49 0.33 41.42
CA PHE T 51 -94.46 -0.41 42.67
C PHE T 51 -93.65 0.29 43.74
N LYS T 52 -92.84 1.27 43.38
CA LYS T 52 -91.98 1.93 44.37
C LYS T 52 -92.79 2.80 45.33
N CYS T 53 -93.91 3.36 44.87
CA CYS T 53 -94.75 4.19 45.71
C CYS T 53 -95.88 3.41 46.36
N MET T 54 -95.87 2.09 46.26
CA MET T 54 -96.89 1.26 46.87
C MET T 54 -96.37 0.65 48.16
N GLN T 55 -97.24 0.53 49.16
CA GLN T 55 -96.96 -0.21 50.37
C GLN T 55 -98.12 -1.16 50.59
N LEU T 56 -97.86 -2.46 50.45
CA LEU T 56 -98.94 -3.45 50.47
C LEU T 56 -99.54 -3.57 51.86
N THR T 57 -100.86 -3.73 51.90
CA THR T 57 -101.58 -3.96 53.14
C THR T 57 -101.91 -5.43 53.26
N ASP T 58 -102.74 -5.77 54.24
CA ASP T 58 -103.14 -7.15 54.49
C ASP T 58 -104.47 -7.50 53.86
N PHE T 59 -105.09 -6.57 53.13
CA PHE T 59 -106.40 -6.80 52.54
C PHE T 59 -106.25 -7.25 51.10
N ILE T 60 -106.97 -8.31 50.75
CA ILE T 60 -106.98 -8.84 49.39
C ILE T 60 -108.42 -8.95 48.93
N LEU T 61 -108.71 -8.39 47.76
CA LEU T 61 -110.04 -8.45 47.18
C LEU T 61 -110.10 -9.55 46.14
N LYS T 62 -111.29 -10.11 45.97
CA LYS T 62 -111.49 -11.25 45.07
C LYS T 62 -112.25 -10.77 43.83
N PHE T 63 -111.51 -10.35 42.81
CA PHE T 63 -112.07 -10.09 41.50
C PHE T 63 -111.08 -10.57 40.46
N PRO T 64 -111.57 -10.95 39.27
CA PRO T 64 -110.67 -11.36 38.20
C PRO T 64 -109.82 -10.19 37.70
N HIS T 65 -108.68 -10.54 37.12
CA HIS T 65 -107.77 -9.51 36.64
C HIS T 65 -108.37 -8.75 35.46
N SER T 66 -108.11 -7.44 35.44
CA SER T 66 -108.61 -6.54 34.40
C SER T 66 -110.14 -6.56 34.30
N ALA T 67 -110.79 -6.66 35.45
CA ALA T 67 -112.23 -6.45 35.51
C ALA T 67 -112.54 -4.95 35.53
N HIS T 68 -113.80 -4.61 35.36
CA HIS T 68 -114.19 -3.22 35.30
C HIS T 68 -114.40 -2.59 36.68
N GLN T 69 -114.58 -1.27 36.66
CA GLN T 69 -114.78 -0.48 37.86
C GLN T 69 -115.96 -1.00 38.66
N LYS T 70 -117.02 -1.47 37.99
CA LYS T 70 -118.17 -2.01 38.71
C LYS T 70 -117.77 -3.12 39.64
N TYR T 71 -117.07 -4.13 39.12
CA TYR T 71 -116.75 -5.30 39.92
C TYR T 71 -115.70 -4.96 40.96
N VAL T 72 -114.74 -4.11 40.63
CA VAL T 72 -113.77 -3.71 41.64
C VAL T 72 -114.45 -2.95 42.78
N ARG T 73 -115.41 -2.09 42.45
CA ARG T 73 -116.10 -1.31 43.47
C ARG T 73 -117.00 -2.20 44.33
N GLN T 74 -117.69 -3.17 43.72
CA GLN T 74 -118.49 -4.09 44.53
C GLN T 74 -117.61 -4.91 45.46
N ALA T 75 -116.46 -5.38 44.97
CA ALA T 75 -115.56 -6.13 45.84
C ALA T 75 -115.03 -5.25 46.97
N TRP T 76 -114.78 -3.97 46.69
CA TRP T 76 -114.31 -3.07 47.74
C TRP T 76 -115.41 -2.80 48.77
N GLN T 77 -116.63 -2.56 48.31
CA GLN T 77 -117.71 -2.17 49.22
C GLN T 77 -118.18 -3.34 50.07
N LYS T 78 -118.37 -4.51 49.46
CA LYS T 78 -118.64 -5.70 50.23
C LYS T 78 -117.37 -6.08 51.00
N ALA T 79 -117.53 -6.33 52.30
CA ALA T 79 -116.39 -6.40 53.22
C ALA T 79 -115.58 -5.11 53.12
N ASP T 80 -116.23 -4.04 53.58
CA ASP T 80 -115.78 -2.66 53.40
C ASP T 80 -114.33 -2.46 53.79
N ILE T 81 -113.50 -2.11 52.81
CA ILE T 81 -112.08 -1.89 53.06
C ILE T 81 -111.86 -0.60 53.83
N ASN T 82 -112.74 0.38 53.66
CA ASN T 82 -112.52 1.68 54.29
C ASN T 82 -112.60 1.60 55.81
N THR T 83 -113.67 0.98 56.34
CA THR T 83 -113.81 0.87 57.78
C THR T 83 -112.72 -0.03 58.37
N LYS T 84 -112.42 -1.13 57.71
CA LYS T 84 -111.38 -2.04 58.21
C LYS T 84 -110.02 -1.34 58.23
N TRP T 85 -109.72 -0.58 57.17
CA TRP T 85 -108.48 0.17 57.13
C TRP T 85 -108.43 1.18 58.27
N ALA T 86 -109.51 1.94 58.46
CA ALA T 86 -109.55 2.91 59.55
C ALA T 86 -109.38 2.25 60.90
N ALA T 87 -109.85 1.01 61.04
CA ALA T 87 -109.67 0.27 62.29
C ALA T 87 -108.25 -0.23 62.49
N THR T 88 -107.50 -0.46 61.41
CA THR T 88 -106.14 -0.95 61.55
C THR T 88 -105.24 0.04 62.29
N ARG T 89 -104.17 -0.48 62.89
CA ARG T 89 -103.23 0.37 63.61
C ARG T 89 -102.42 1.25 62.68
N TRP T 90 -102.23 0.82 61.44
CA TRP T 90 -101.50 1.62 60.45
C TRP T 90 -102.20 2.94 60.18
N ALA T 91 -103.50 2.88 59.90
CA ALA T 91 -104.23 4.09 59.54
C ALA T 91 -104.35 5.04 60.73
N LYS T 92 -104.52 4.50 61.93
CA LYS T 92 -104.63 5.40 63.06
C LYS T 92 -103.28 5.99 63.47
N LYS T 93 -102.17 5.30 63.17
CA LYS T 93 -100.88 5.96 63.28
C LYS T 93 -100.74 7.09 62.28
N ILE T 94 -101.23 6.89 61.06
CA ILE T 94 -101.23 7.97 60.07
C ILE T 94 -102.05 9.14 60.58
N GLU T 95 -103.23 8.86 61.12
CA GLU T 95 -104.11 9.90 61.62
C GLU T 95 -103.47 10.64 62.79
N ALA T 96 -102.79 9.91 63.67
CA ALA T 96 -102.09 10.53 64.79
C ALA T 96 -100.98 11.46 64.30
N ARG T 97 -100.23 11.03 63.28
CA ARG T 97 -99.23 11.91 62.69
C ARG T 97 -99.87 13.18 62.14
N GLU T 98 -101.00 13.04 61.45
CA GLU T 98 -101.65 14.20 60.85
C GLU T 98 -102.14 15.17 61.91
N ARG T 99 -102.78 14.65 62.97
CA ARG T 99 -103.30 15.55 64.00
C ARG T 99 -102.20 16.11 64.89
N LYS T 100 -101.06 15.45 64.98
CA LYS T 100 -99.92 16.06 65.64
C LYS T 100 -99.35 17.20 64.79
N ALA T 101 -99.29 17.00 63.47
CA ALA T 101 -98.77 18.04 62.60
C ALA T 101 -99.67 19.27 62.59
N LYS T 102 -100.99 19.07 62.62
CA LYS T 102 -101.92 20.20 62.55
C LYS T 102 -102.22 20.81 63.91
N MET T 103 -101.37 20.57 64.90
CA MET T 103 -101.61 21.08 66.25
C MET T 103 -101.09 22.50 66.39
N THR T 104 -101.91 23.38 66.98
CA THR T 104 -101.58 24.79 67.09
C THR T 104 -100.75 25.07 68.34
N ASP T 105 -100.48 26.36 68.59
CA ASP T 105 -99.66 26.74 69.72
C ASP T 105 -100.37 26.54 71.05
N PHE T 106 -101.66 26.90 71.11
CA PHE T 106 -102.43 26.66 72.32
C PHE T 106 -102.55 25.16 72.60
N ASP T 107 -102.76 24.37 71.54
CA ASP T 107 -102.80 22.92 71.70
C ASP T 107 -101.47 22.37 72.18
N ARG T 108 -100.37 22.93 71.68
CA ARG T 108 -99.05 22.51 72.15
C ARG T 108 -98.86 22.82 73.62
N PHE T 109 -99.32 24.00 74.05
CA PHE T 109 -99.24 24.35 75.47
C PHE T 109 -100.05 23.40 76.33
N LYS T 110 -101.28 23.09 75.91
CA LYS T 110 -102.12 22.19 76.68
C LYS T 110 -101.53 20.78 76.73
N VAL T 111 -100.98 20.32 75.62
CA VAL T 111 -100.32 19.02 75.59
C VAL T 111 -99.11 19.02 76.51
N MET T 112 -98.35 20.12 76.55
CA MET T 112 -97.21 20.22 77.43
C MET T 112 -97.63 20.09 78.88
N LYS T 113 -98.72 20.76 79.26
CA LYS T 113 -99.20 20.69 80.64
C LYS T 113 -99.67 19.27 80.99
N ALA T 114 -100.50 18.68 80.11
CA ALA T 114 -101.02 17.35 80.38
C ALA T 114 -99.91 16.32 80.45
N LYS T 115 -98.93 16.40 79.55
CA LYS T 115 -97.82 15.47 79.54
C LYS T 115 -96.94 15.66 80.76
N LYS T 116 -96.76 16.91 81.21
CA LYS T 116 -96.03 17.18 82.44
C LYS T 116 -96.66 16.44 83.62
N MET T 117 -97.97 16.63 83.81
CA MET T 117 -98.62 15.99 84.96
C MET T 117 -98.62 14.48 84.82
N ARG T 118 -98.89 13.97 83.62
CA ARG T 118 -98.94 12.54 83.40
C ARG T 118 -97.59 11.89 83.67
N ASN T 119 -96.52 12.50 83.17
CA ASN T 119 -95.17 11.97 83.39
C ASN T 119 -94.81 12.01 84.87
N ARG T 120 -95.20 13.06 85.58
CA ARG T 120 -94.88 13.12 87.00
C ARG T 120 -95.61 12.02 87.78
N ILE T 121 -96.88 11.78 87.48
CA ILE T 121 -97.61 10.72 88.17
C ILE T 121 -97.00 9.36 87.86
N ILE T 122 -96.67 9.12 86.59
CA ILE T 122 -96.08 7.83 86.20
C ILE T 122 -94.72 7.65 86.88
N LYS T 123 -93.92 8.70 86.96
CA LYS T 123 -92.61 8.60 87.58
C LYS T 123 -92.73 8.32 89.08
N ASN T 124 -93.70 8.93 89.75
CA ASN T 124 -93.94 8.62 91.15
C ASN T 124 -94.32 7.16 91.33
N GLU T 125 -95.18 6.65 90.44
CA GLU T 125 -95.56 5.24 90.54
C GLU T 125 -94.38 4.32 90.26
N VAL T 126 -93.50 4.71 89.34
CA VAL T 126 -92.31 3.89 89.04
C VAL T 126 -91.39 3.85 90.25
N LYS T 127 -91.21 4.99 90.93
CA LYS T 127 -90.40 5.01 92.14
C LYS T 127 -91.02 4.11 93.22
N LYS T 128 -92.35 4.16 93.36
CA LYS T 128 -93.01 3.31 94.34
C LYS T 128 -92.81 1.83 94.01
N LEU T 129 -92.92 1.46 92.74
CA LEU T 129 -92.71 0.07 92.36
C LEU T 129 -91.26 -0.36 92.57
N GLN T 130 -90.31 0.54 92.30
CA GLN T 130 -88.91 0.22 92.55
C GLN T 130 -88.66 -0.03 94.03
N LYS T 131 -89.21 0.82 94.89
CA LYS T 131 -89.01 0.61 96.32
C LYS T 131 -89.73 -0.63 96.81
N ALA T 132 -90.88 -0.96 96.22
CA ALA T 132 -91.57 -2.20 96.58
C ALA T 132 -90.76 -3.42 96.15
N ALA T 133 -90.13 -3.36 94.97
CA ALA T 133 -89.35 -4.49 94.50
C ALA T 133 -88.00 -4.61 95.19
N LEU T 134 -87.50 -3.51 95.78
CA LEU T 134 -86.17 -3.55 96.39
C LEU T 134 -86.14 -4.35 97.68
N LEU T 135 -87.30 -4.61 98.30
CA LEU T 135 -87.31 -5.31 99.58
C LEU T 135 -87.27 -6.83 99.41
N LYS T 136 -86.30 -7.32 98.64
CA LYS T 136 -86.09 -8.75 98.48
C LYS T 136 -84.91 -9.17 99.34
N ALA T 137 -85.15 -10.14 100.22
CA ALA T 137 -84.09 -10.66 101.09
C ALA T 137 -84.40 -12.13 101.36
N SER T 138 -83.78 -13.02 100.58
CA SER T 138 -84.02 -14.45 100.75
C SER T 138 -82.75 -15.24 100.39
N PRO T 139 -82.16 -15.95 101.36
CA PRO T 139 -80.99 -16.81 101.12
C PRO T 139 -81.29 -17.96 100.18
N GLY U 1 21.13 102.11 -28.30
CA GLY U 1 20.04 101.19 -28.53
C GLY U 1 20.49 99.75 -28.62
N ALA U 2 21.53 99.40 -27.88
CA ALA U 2 22.10 98.07 -27.98
C ALA U 2 21.21 97.02 -27.34
N TYR U 3 20.36 97.42 -26.39
CA TYR U 3 19.51 96.45 -25.72
C TYR U 3 18.51 95.82 -26.69
N LYS U 4 18.03 96.60 -27.65
CA LYS U 4 17.13 96.05 -28.67
C LYS U 4 17.82 94.97 -29.48
N TYR U 5 19.07 95.21 -29.87
CA TYR U 5 19.83 94.21 -30.61
C TYR U 5 20.06 92.96 -29.76
N ILE U 6 20.38 93.13 -28.49
CA ILE U 6 20.63 91.97 -27.64
C ILE U 6 19.36 91.17 -27.45
N GLN U 7 18.22 91.84 -27.34
CA GLN U 7 16.94 91.14 -27.22
C GLN U 7 16.62 90.35 -28.48
N GLU U 8 16.74 90.99 -29.65
CA GLU U 8 16.48 90.28 -30.90
C GLU U 8 17.47 89.14 -31.09
N LEU U 9 18.68 89.28 -30.60
CA LEU U 9 19.67 88.21 -30.66
C LEU U 9 19.24 87.03 -29.81
N TRP U 10 18.88 87.29 -28.56
CA TRP U 10 18.45 86.22 -27.66
C TRP U 10 17.13 85.59 -28.07
N ARG U 11 16.39 86.23 -28.98
CA ARG U 11 15.23 85.56 -29.56
C ARG U 11 15.60 84.60 -30.69
N LYS U 12 16.88 84.24 -30.84
CA LYS U 12 17.37 83.39 -31.91
C LYS U 12 18.22 82.27 -31.35
N LYS U 13 17.67 81.57 -30.35
CA LYS U 13 18.45 80.61 -29.57
C LYS U 13 18.93 79.41 -30.37
N GLN U 14 18.41 79.19 -31.57
CA GLN U 14 18.84 78.08 -32.40
C GLN U 14 19.82 78.49 -33.49
N SER U 15 20.27 79.74 -33.50
CA SER U 15 21.30 80.15 -34.43
C SER U 15 22.63 79.51 -34.03
N ASP U 16 23.61 79.59 -34.93
CA ASP U 16 24.92 79.02 -34.63
C ASP U 16 25.57 79.72 -33.44
N VAL U 17 25.55 81.05 -33.45
CA VAL U 17 26.22 81.81 -32.39
C VAL U 17 25.56 81.56 -31.04
N MET U 18 24.22 81.59 -31.00
CA MET U 18 23.53 81.39 -29.73
C MET U 18 23.62 79.95 -29.27
N ARG U 19 23.60 78.99 -30.20
CA ARG U 19 23.78 77.59 -29.82
C ARG U 19 25.15 77.37 -29.20
N PHE U 20 26.20 77.94 -29.82
CA PHE U 20 27.53 77.81 -29.26
C PHE U 20 27.61 78.43 -27.88
N LEU U 21 27.09 79.65 -27.73
CA LEU U 21 27.16 80.33 -26.45
C LEU U 21 26.39 79.58 -25.36
N LEU U 22 25.20 79.08 -25.70
CA LEU U 22 24.41 78.34 -24.73
C LEU U 22 25.10 77.06 -24.31
N ARG U 23 25.71 76.33 -25.26
CA ARG U 23 26.40 75.10 -24.89
C ARG U 23 27.60 75.37 -23.99
N VAL U 24 28.41 76.38 -24.34
CA VAL U 24 29.59 76.68 -23.54
C VAL U 24 29.20 77.14 -22.14
N ARG U 25 28.21 78.02 -22.05
CA ARG U 25 27.78 78.49 -20.75
C ARG U 25 27.12 77.38 -19.93
N CYS U 26 26.37 76.49 -20.58
CA CYS U 26 25.77 75.38 -19.85
C CYS U 26 26.85 74.47 -19.28
N TRP U 27 27.91 74.21 -20.04
CA TRP U 27 29.02 73.43 -19.51
C TRP U 27 29.65 74.13 -18.31
N GLN U 28 29.89 75.43 -18.43
CA GLN U 28 30.53 76.16 -17.34
C GLN U 28 29.67 76.15 -16.09
N TYR U 29 28.36 76.37 -16.23
CA TYR U 29 27.46 76.34 -15.08
C TYR U 29 27.35 74.95 -14.50
N ARG U 30 27.44 73.93 -15.34
CA ARG U 30 27.44 72.55 -14.84
C ARG U 30 28.65 72.29 -13.97
N GLN U 31 29.79 72.90 -14.29
CA GLN U 31 30.97 72.69 -13.46
C GLN U 31 30.90 73.37 -12.09
N LEU U 32 29.91 74.23 -11.84
CA LEU U 32 29.84 74.99 -10.61
C LEU U 32 28.85 74.36 -9.63
N SER U 33 28.61 75.05 -8.52
CA SER U 33 27.70 74.56 -7.49
C SER U 33 26.25 74.81 -7.89
N ALA U 34 25.35 74.15 -7.17
CA ALA U 34 23.93 74.29 -7.46
C ALA U 34 23.44 75.71 -7.19
N LEU U 35 23.89 76.31 -6.10
CA LEU U 35 23.57 77.69 -5.77
C LEU U 35 24.87 78.47 -5.75
N HIS U 36 24.95 79.53 -6.54
CA HIS U 36 26.24 80.20 -6.72
C HIS U 36 26.00 81.66 -7.09
N ARG U 37 26.57 82.59 -6.34
CA ARG U 37 26.36 83.99 -6.66
C ARG U 37 27.08 84.37 -7.94
N ALA U 38 26.37 85.05 -8.84
CA ALA U 38 26.95 85.56 -10.07
C ALA U 38 27.48 86.98 -9.85
N PRO U 39 28.66 87.29 -10.37
CA PRO U 39 29.19 88.64 -10.21
C PRO U 39 28.35 89.71 -10.89
N ARG U 40 27.69 89.36 -11.98
CA ARG U 40 26.86 90.28 -12.74
C ARG U 40 25.82 89.47 -13.50
N PRO U 41 24.73 90.08 -13.93
CA PRO U 41 23.75 89.35 -14.74
C PRO U 41 24.36 88.89 -16.05
N THR U 42 24.06 87.64 -16.42
CA THR U 42 24.49 87.12 -17.71
C THR U 42 23.75 87.81 -18.85
N ARG U 43 22.48 88.15 -18.63
CA ARG U 43 21.65 88.85 -19.62
C ARG U 43 21.23 90.18 -19.00
N PRO U 44 22.05 91.22 -19.14
CA PRO U 44 21.70 92.51 -18.52
C PRO U 44 20.39 93.10 -19.03
N ASP U 45 20.10 92.95 -20.32
CA ASP U 45 18.84 93.48 -20.84
C ASP U 45 17.64 92.77 -20.24
N LYS U 46 17.69 91.45 -20.15
CA LYS U 46 16.59 90.70 -19.55
C LYS U 46 16.46 91.04 -18.07
N ALA U 47 17.59 91.18 -17.37
CA ALA U 47 17.53 91.52 -15.95
C ALA U 47 16.89 92.88 -15.74
N ARG U 48 17.30 93.89 -16.50
CA ARG U 48 16.73 95.21 -16.30
C ARG U 48 15.29 95.28 -16.79
N ARG U 49 14.93 94.46 -17.77
CA ARG U 49 13.54 94.31 -18.16
C ARG U 49 12.71 93.75 -17.01
N LEU U 50 13.27 92.80 -16.27
CA LEU U 50 12.59 92.18 -15.15
C LEU U 50 12.66 93.02 -13.88
N GLY U 51 13.45 94.09 -13.86
CA GLY U 51 13.45 95.01 -12.74
C GLY U 51 14.79 95.27 -12.10
N TYR U 52 15.87 94.70 -12.63
CA TYR U 52 17.19 94.89 -12.06
C TYR U 52 17.74 96.26 -12.45
N LYS U 53 18.50 96.88 -11.55
CA LYS U 53 19.21 98.11 -11.82
C LYS U 53 20.64 97.96 -11.33
N ALA U 54 21.59 98.44 -12.12
CA ALA U 54 23.00 98.28 -11.81
C ALA U 54 23.39 99.27 -10.71
N LYS U 55 23.01 98.94 -9.49
CA LYS U 55 23.35 99.75 -8.33
C LYS U 55 23.49 98.83 -7.13
N GLN U 56 24.15 99.35 -6.09
CA GLN U 56 24.39 98.57 -4.89
C GLN U 56 23.08 98.18 -4.22
N GLY U 57 22.98 96.91 -3.83
CA GLY U 57 21.76 96.36 -3.28
C GLY U 57 21.10 95.33 -4.16
N TYR U 58 21.39 95.34 -5.45
CA TYR U 58 20.93 94.31 -6.38
C TYR U 58 22.02 93.27 -6.54
N VAL U 59 21.66 92.00 -6.33
CA VAL U 59 22.61 90.91 -6.52
C VAL U 59 21.95 89.85 -7.40
N ILE U 60 22.79 88.98 -7.97
CA ILE U 60 22.35 87.94 -8.88
C ILE U 60 22.84 86.60 -8.34
N TYR U 61 21.94 85.62 -8.30
CA TYR U 61 22.30 84.27 -7.86
C TYR U 61 21.90 83.28 -8.94
N ARG U 62 22.86 82.49 -9.42
CA ARG U 62 22.60 81.44 -10.38
C ARG U 62 22.21 80.16 -9.64
N ILE U 63 21.08 79.58 -10.06
CA ILE U 63 20.50 78.40 -9.45
C ILE U 63 20.37 77.31 -10.51
N ARG U 64 20.74 76.10 -10.13
CA ARG U 64 20.64 74.93 -10.98
C ARG U 64 19.62 73.98 -10.38
N VAL U 65 18.58 73.66 -11.15
CA VAL U 65 17.53 72.76 -10.68
C VAL U 65 17.54 71.52 -11.56
N ARG U 66 17.05 70.42 -11.01
CA ARG U 66 16.96 69.17 -11.75
C ARG U 66 15.66 69.12 -12.54
N ARG U 67 15.76 68.67 -13.78
CA ARG U 67 14.63 68.67 -14.69
C ARG U 67 13.75 67.44 -14.45
N GLY U 68 12.57 67.48 -15.02
CA GLY U 68 11.66 66.34 -15.00
C GLY U 68 10.49 66.56 -14.07
N GLY U 69 9.69 65.50 -13.97
CA GLY U 69 8.49 65.53 -13.17
C GLY U 69 8.76 65.25 -11.71
N ARG U 70 7.69 64.99 -10.99
CA ARG U 70 7.73 64.80 -9.54
C ARG U 70 7.32 63.36 -9.23
N LYS U 71 8.29 62.50 -8.97
CA LYS U 71 7.98 61.15 -8.53
C LYS U 71 7.36 61.19 -7.14
N ARG U 72 6.31 60.42 -6.94
CA ARG U 72 5.65 60.38 -5.64
C ARG U 72 6.56 59.72 -4.63
N PRO U 73 6.87 60.36 -3.51
CA PRO U 73 7.87 59.81 -2.57
C PRO U 73 7.26 58.80 -1.62
N VAL U 74 6.90 57.64 -2.15
CA VAL U 74 6.31 56.57 -1.34
C VAL U 74 7.26 55.38 -1.38
N PRO U 75 7.35 54.59 -0.30
CA PRO U 75 8.26 53.45 -0.30
C PRO U 75 7.81 52.38 -1.26
N LYS U 76 8.71 51.97 -2.15
CA LYS U 76 8.49 50.91 -3.12
C LYS U 76 7.31 51.18 -4.04
N GLY U 77 6.93 52.44 -4.21
CA GLY U 77 5.84 52.78 -5.08
C GLY U 77 4.46 52.39 -4.59
N ALA U 78 4.34 52.06 -3.30
CA ALA U 78 3.06 51.66 -2.74
C ALA U 78 2.32 52.89 -2.24
N THR U 79 1.28 53.29 -2.96
CA THR U 79 0.39 54.36 -2.54
C THR U 79 -0.91 53.66 -2.15
N TYR U 80 -0.99 53.24 -0.89
CA TYR U 80 -2.10 52.42 -0.41
C TYR U 80 -3.43 53.16 -0.53
N GLY U 81 -4.29 52.71 -1.42
CA GLY U 81 -5.57 53.35 -1.61
C GLY U 81 -6.21 52.88 -2.90
N LYS U 82 -7.16 53.67 -3.36
CA LYS U 82 -7.90 53.33 -4.56
C LYS U 82 -7.01 53.46 -5.79
N PRO U 83 -7.31 52.73 -6.86
CA PRO U 83 -6.42 52.73 -8.04
C PRO U 83 -6.25 54.08 -8.70
N VAL U 84 -7.17 55.02 -8.49
CA VAL U 84 -7.03 56.33 -9.12
C VAL U 84 -5.84 57.09 -8.54
N HIS U 85 -5.37 56.70 -7.36
CA HIS U 85 -4.22 57.33 -6.72
C HIS U 85 -2.98 56.45 -6.76
N HIS U 86 -2.98 55.39 -7.55
CA HIS U 86 -1.82 54.50 -7.64
C HIS U 86 -0.67 55.12 -8.41
N GLY U 87 -0.87 56.28 -9.03
CA GLY U 87 0.17 56.90 -9.82
C GLY U 87 1.41 57.25 -9.05
N VAL U 88 2.56 56.80 -9.55
CA VAL U 88 3.86 57.14 -8.98
C VAL U 88 4.70 57.92 -9.98
N ASN U 89 4.83 57.41 -11.20
CA ASN U 89 5.52 58.12 -12.25
C ASN U 89 4.52 58.90 -13.09
N GLN U 90 5.05 59.70 -14.02
CA GLN U 90 4.28 60.58 -14.89
C GLN U 90 3.48 61.60 -14.10
N LEU U 91 3.84 61.87 -12.85
CA LEU U 91 3.21 62.92 -12.07
C LEU U 91 3.99 64.22 -12.23
N LYS U 92 3.30 65.33 -12.06
CA LYS U 92 3.90 66.64 -12.31
C LYS U 92 3.67 67.59 -11.15
N PHE U 93 4.70 68.34 -10.81
CA PHE U 93 4.62 69.34 -9.76
C PHE U 93 3.80 70.54 -10.23
N ALA U 94 3.03 71.11 -9.30
CA ALA U 94 2.13 72.20 -9.66
C ALA U 94 2.89 73.48 -10.01
N ARG U 95 4.05 73.69 -9.41
CA ARG U 95 4.85 74.88 -9.65
C ARG U 95 5.98 74.58 -10.62
N SER U 96 6.43 75.62 -11.30
CA SER U 96 7.44 75.45 -12.33
C SER U 96 8.84 75.40 -11.74
N LEU U 97 9.78 74.91 -12.56
CA LEU U 97 11.17 74.82 -12.14
C LEU U 97 11.76 76.20 -11.88
N GLN U 98 11.31 77.22 -12.61
CA GLN U 98 11.74 78.58 -12.33
C GLN U 98 11.30 79.02 -10.93
N SER U 99 10.06 78.69 -10.57
CA SER U 99 9.58 78.99 -9.22
C SER U 99 10.38 78.24 -8.16
N VAL U 100 10.74 76.99 -8.45
CA VAL U 100 11.53 76.21 -7.50
C VAL U 100 12.91 76.83 -7.31
N ALA U 101 13.53 77.27 -8.41
CA ALA U 101 14.84 77.92 -8.31
C ALA U 101 14.75 79.22 -7.52
N GLU U 102 13.69 80.00 -7.75
CA GLU U 102 13.48 81.22 -6.98
C GLU U 102 13.33 80.90 -5.50
N GLU U 103 12.57 79.86 -5.17
CA GLU U 103 12.37 79.48 -3.77
C GLU U 103 13.69 79.07 -3.13
N ARG U 104 14.52 78.31 -3.85
CA ARG U 104 15.80 77.91 -3.30
C ARG U 104 16.73 79.09 -3.06
N ALA U 105 16.77 80.02 -4.02
CA ALA U 105 17.59 81.22 -3.84
C ALA U 105 17.13 82.04 -2.64
N GLY U 106 15.82 82.21 -2.48
CA GLY U 106 15.32 82.96 -1.35
C GLY U 106 15.57 82.28 -0.02
N ARG U 107 15.39 80.95 0.01
CA ARG U 107 15.61 80.22 1.25
C ARG U 107 17.07 80.28 1.68
N HIS U 108 17.99 80.24 0.73
CA HIS U 108 19.38 80.43 1.10
C HIS U 108 19.65 81.85 1.56
N CYS U 109 19.22 82.83 0.77
CA CYS U 109 19.41 84.24 1.13
C CYS U 109 18.13 84.81 1.74
N GLY U 110 17.75 84.24 2.89
CA GLY U 110 16.58 84.69 3.62
C GLY U 110 16.62 86.14 4.07
N ALA U 111 17.81 86.75 4.08
CA ALA U 111 17.90 88.18 4.40
C ALA U 111 17.64 89.07 3.20
N LEU U 112 17.52 88.52 2.00
CA LEU U 112 17.27 89.28 0.79
C LEU U 112 15.85 89.04 0.32
N ARG U 113 15.46 89.78 -0.71
CA ARG U 113 14.12 89.68 -1.28
C ARG U 113 14.22 89.30 -2.75
N VAL U 114 13.54 88.22 -3.14
CA VAL U 114 13.53 87.81 -4.53
C VAL U 114 12.69 88.79 -5.33
N LEU U 115 13.26 89.33 -6.40
CA LEU U 115 12.51 90.23 -7.28
C LEU U 115 11.94 89.47 -8.48
N ASN U 116 12.81 88.86 -9.28
CA ASN U 116 12.40 88.08 -10.44
C ASN U 116 13.53 87.10 -10.76
N SER U 117 13.39 86.40 -11.88
CA SER U 117 14.41 85.46 -12.33
C SER U 117 14.23 85.23 -13.82
N TYR U 118 15.26 84.68 -14.43
CA TYR U 118 15.20 84.40 -15.86
C TYR U 118 16.04 83.18 -16.22
N TRP U 119 15.74 82.62 -17.38
CA TRP U 119 16.36 81.41 -17.88
C TRP U 119 17.70 81.75 -18.52
N VAL U 120 18.77 81.04 -18.15
CA VAL U 120 20.08 81.27 -18.75
C VAL U 120 20.62 80.07 -19.49
N GLY U 121 19.97 78.92 -19.40
CA GLY U 121 20.45 77.74 -20.09
C GLY U 121 19.86 76.49 -19.49
N GLU U 122 19.92 75.41 -20.26
CA GLU U 122 19.38 74.14 -19.79
C GLU U 122 20.16 73.00 -20.42
N ASP U 123 20.17 71.88 -19.71
CA ASP U 123 20.77 70.63 -20.14
C ASP U 123 19.66 69.59 -20.21
N SER U 124 20.04 68.33 -20.43
CA SER U 124 19.03 67.27 -20.35
C SER U 124 18.61 67.03 -18.91
N THR U 125 19.49 67.30 -17.95
CA THR U 125 19.23 67.02 -16.56
C THR U 125 19.20 68.24 -15.66
N TYR U 126 19.61 69.41 -16.14
CA TYR U 126 19.60 70.62 -15.33
C TYR U 126 19.00 71.77 -16.10
N LYS U 127 18.29 72.64 -15.39
CA LYS U 127 17.90 73.95 -15.88
C LYS U 127 18.58 75.00 -15.02
N PHE U 128 19.05 76.06 -15.68
CA PHE U 128 19.80 77.11 -15.00
C PHE U 128 19.03 78.42 -15.07
N PHE U 129 18.82 79.02 -13.92
CA PHE U 129 18.14 80.31 -13.83
C PHE U 129 19.03 81.28 -13.07
N GLU U 130 18.82 82.55 -13.32
CA GLU U 130 19.47 83.61 -12.57
C GLU U 130 18.39 84.41 -11.89
N VAL U 131 18.51 84.54 -10.57
CA VAL U 131 17.51 85.19 -9.72
C VAL U 131 18.07 86.52 -9.28
N ILE U 132 17.25 87.56 -9.40
CA ILE U 132 17.59 88.89 -8.91
C ILE U 132 17.14 88.99 -7.47
N LEU U 133 18.06 89.37 -6.59
CA LEU U 133 17.77 89.57 -5.18
C LEU U 133 18.05 91.03 -4.85
N ILE U 134 17.30 91.55 -3.88
CA ILE U 134 17.46 92.91 -3.41
C ILE U 134 17.75 92.87 -1.92
N ASP U 135 18.77 93.60 -1.49
CA ASP U 135 19.00 93.78 -0.07
C ASP U 135 18.08 94.89 0.42
N PRO U 136 17.08 94.58 1.24
CA PRO U 136 16.10 95.60 1.61
C PRO U 136 16.60 96.61 2.63
N PHE U 137 17.79 96.42 3.18
CA PHE U 137 18.31 97.31 4.20
C PHE U 137 19.49 98.13 3.71
N HIS U 138 19.90 97.98 2.46
CA HIS U 138 20.90 98.87 1.90
C HIS U 138 20.29 100.25 1.71
N LYS U 139 21.10 101.29 1.94
CA LYS U 139 20.58 102.64 1.87
C LYS U 139 20.21 103.05 0.45
N ALA U 140 20.90 102.51 -0.55
CA ALA U 140 20.55 102.81 -1.94
C ALA U 140 19.16 102.31 -2.27
N ILE U 141 18.81 101.11 -1.78
CA ILE U 141 17.46 100.58 -1.96
C ILE U 141 16.47 101.36 -1.11
N ARG U 142 16.86 101.71 0.11
CA ARG U 142 15.94 102.17 1.13
C ARG U 142 15.59 103.64 1.01
N ARG U 143 16.50 104.47 0.50
CA ARG U 143 16.28 105.90 0.35
C ARG U 143 15.64 106.27 -0.97
N ASN U 144 15.37 105.29 -1.82
CA ASN U 144 14.86 105.55 -3.15
C ASN U 144 13.39 105.14 -3.18
N PRO U 145 12.45 106.04 -3.47
CA PRO U 145 11.09 105.59 -3.76
C PRO U 145 11.07 104.83 -5.06
N ASP U 146 9.94 104.17 -5.32
CA ASP U 146 9.73 103.20 -6.40
C ASP U 146 10.53 101.93 -6.15
N THR U 147 11.32 101.87 -5.07
CA THR U 147 11.99 100.66 -4.64
C THR U 147 11.69 100.36 -3.18
N GLN U 148 11.19 101.34 -2.42
CA GLN U 148 10.89 101.15 -1.01
C GLN U 148 9.82 100.09 -0.76
N TRP U 149 9.05 99.74 -1.78
CA TRP U 149 7.98 98.77 -1.59
C TRP U 149 8.53 97.40 -1.20
N ILE U 150 9.68 97.01 -1.76
CA ILE U 150 10.27 95.73 -1.45
C ILE U 150 10.77 95.68 -0.01
N THR U 151 10.94 96.83 0.63
CA THR U 151 11.41 96.88 2.01
C THR U 151 10.29 96.66 3.03
N LYS U 152 9.03 96.66 2.59
CA LYS U 152 7.94 96.48 3.51
C LYS U 152 7.90 95.06 4.06
N PRO U 153 7.46 94.88 5.30
CA PRO U 153 7.38 93.52 5.86
C PRO U 153 6.43 92.60 5.14
N VAL U 154 5.42 93.15 4.44
CA VAL U 154 4.48 92.30 3.73
C VAL U 154 5.12 91.67 2.50
N HIS U 155 6.27 92.17 2.07
CA HIS U 155 6.92 91.72 0.85
C HIS U 155 8.12 90.83 1.11
N LYS U 156 8.09 90.04 2.17
CA LYS U 156 9.17 89.11 2.45
C LYS U 156 8.77 87.70 2.04
N HIS U 157 9.70 86.99 1.40
CA HIS U 157 9.49 85.65 0.89
C HIS U 157 8.32 85.59 -0.09
N ARG U 158 8.35 86.53 -1.04
CA ARG U 158 7.37 86.53 -2.12
C ARG U 158 7.45 85.25 -2.93
N GLU U 159 8.67 84.75 -3.15
CA GLU U 159 8.85 83.51 -3.89
C GLU U 159 8.26 82.32 -3.16
N MET U 160 8.09 82.39 -1.85
CA MET U 160 7.50 81.30 -1.10
C MET U 160 6.00 81.44 -0.96
N ARG U 161 5.49 82.66 -1.01
CA ARG U 161 4.05 82.86 -1.06
C ARG U 161 3.52 82.92 -2.48
N GLY U 162 4.37 82.68 -3.48
CA GLY U 162 3.95 82.69 -4.86
C GLY U 162 3.57 84.05 -5.42
N LEU U 163 4.33 85.08 -5.05
CA LEU U 163 4.03 86.45 -5.47
C LEU U 163 4.96 86.97 -6.54
N THR U 164 6.03 86.24 -6.88
CA THR U 164 6.85 86.62 -8.02
C THR U 164 6.15 86.23 -9.31
N SER U 165 6.77 86.53 -10.44
CA SER U 165 6.15 86.21 -11.73
C SER U 165 6.08 84.71 -11.95
N ALA U 166 7.21 84.01 -11.72
CA ALA U 166 7.26 82.58 -11.94
C ALA U 166 6.33 81.84 -10.98
N GLY U 167 6.32 82.23 -9.71
CA GLY U 167 5.40 81.62 -8.77
C GLY U 167 3.96 82.01 -8.99
N ARG U 168 3.72 83.17 -9.58
CA ARG U 168 2.36 83.61 -9.84
C ARG U 168 1.75 82.85 -11.01
N LYS U 169 2.57 82.46 -11.98
CA LYS U 169 2.04 81.80 -13.16
C LYS U 169 1.30 80.51 -12.85
N SER U 170 1.62 79.86 -11.73
CA SER U 170 1.01 78.57 -11.41
C SER U 170 -0.27 78.70 -10.60
N ARG U 171 -0.64 79.89 -10.17
CA ARG U 171 -1.80 80.07 -9.31
C ARG U 171 -3.11 80.19 -10.07
N GLY U 172 -3.06 80.22 -11.40
CA GLY U 172 -4.28 80.31 -12.16
C GLY U 172 -4.98 81.66 -12.10
N LEU U 173 -4.25 82.72 -11.80
CA LEU U 173 -4.85 84.04 -11.76
C LEU U 173 -5.01 84.60 -13.17
N GLY U 174 -5.90 85.56 -13.30
CA GLY U 174 -6.14 86.20 -14.57
C GLY U 174 -7.56 86.73 -14.61
N LYS U 175 -7.87 87.39 -15.72
CA LYS U 175 -9.18 87.98 -15.94
C LYS U 175 -9.91 87.23 -17.03
N GLY U 176 -11.18 86.95 -16.81
CA GLY U 176 -12.03 86.45 -17.85
C GLY U 176 -12.50 85.03 -17.63
N HIS U 177 -13.00 84.44 -18.71
CA HIS U 177 -13.70 83.17 -18.60
C HIS U 177 -12.76 81.99 -18.39
N LYS U 178 -11.47 82.15 -18.69
CA LYS U 178 -10.55 81.05 -18.50
C LYS U 178 -10.10 80.90 -17.06
N PHE U 179 -10.35 81.90 -16.21
CA PHE U 179 -9.79 81.96 -14.87
C PHE U 179 -10.88 82.15 -13.83
N HIS U 180 -11.95 81.36 -13.94
CA HIS U 180 -12.99 81.41 -12.94
C HIS U 180 -12.63 80.67 -11.66
N HIS U 181 -11.55 79.89 -11.67
CA HIS U 181 -11.16 79.15 -10.47
C HIS U 181 -10.71 80.08 -9.36
N THR U 182 -10.23 81.28 -9.70
CA THR U 182 -9.56 82.16 -8.75
C THR U 182 -10.27 83.49 -8.60
N ILE U 183 -11.60 83.51 -8.68
CA ILE U 183 -12.34 84.73 -8.41
C ILE U 183 -12.42 84.92 -6.90
N GLY U 184 -11.87 86.00 -6.40
CA GLY U 184 -11.72 86.21 -4.99
C GLY U 184 -10.30 86.28 -4.51
N GLY U 185 -9.31 86.09 -5.39
CA GLY U 185 -7.91 86.20 -5.03
C GLY U 185 -7.12 84.93 -5.26
N SER U 186 -7.73 83.78 -5.03
CA SER U 186 -7.03 82.52 -5.16
C SER U 186 -8.03 81.38 -5.26
N ARG U 187 -7.52 80.19 -5.56
CA ARG U 187 -8.38 79.01 -5.60
C ARG U 187 -9.02 78.74 -4.26
N ARG U 188 -8.25 78.84 -3.18
CA ARG U 188 -8.79 78.59 -1.86
C ARG U 188 -9.83 79.64 -1.48
N ALA U 189 -9.61 80.90 -1.85
CA ALA U 189 -10.59 81.94 -1.56
C ALA U 189 -11.89 81.68 -2.32
N ALA U 190 -11.78 81.33 -3.60
CA ALA U 190 -12.98 81.02 -4.37
C ALA U 190 -13.69 79.80 -3.82
N TRP U 191 -12.93 78.78 -3.41
CA TRP U 191 -13.54 77.58 -2.85
C TRP U 191 -14.26 77.87 -1.54
N ARG U 192 -13.66 78.66 -0.67
CA ARG U 192 -14.31 79.02 0.58
C ARG U 192 -15.59 79.80 0.32
N ARG U 193 -15.54 80.75 -0.61
CA ARG U 193 -16.74 81.53 -0.92
C ARG U 193 -17.84 80.66 -1.49
N ARG U 194 -17.48 79.72 -2.39
CA ARG U 194 -18.48 78.90 -3.05
C ARG U 194 -18.96 77.73 -2.19
N ASN U 195 -18.24 77.38 -1.14
CA ASN U 195 -18.63 76.28 -0.28
C ASN U 195 -19.06 76.72 1.10
N THR U 196 -19.05 78.02 1.37
CA THR U 196 -19.57 78.53 2.62
C THR U 196 -21.08 78.69 2.51
N LEU U 197 -21.80 78.19 3.51
CA LEU U 197 -23.25 78.31 3.57
C LEU U 197 -23.60 79.60 4.32
N GLN U 198 -24.18 80.56 3.61
CA GLN U 198 -24.57 81.83 4.21
C GLN U 198 -25.91 81.64 4.89
N LEU U 199 -25.92 81.67 6.22
CA LEU U 199 -27.14 81.58 7.01
C LEU U 199 -27.41 82.96 7.57
N HIS U 200 -28.32 83.69 6.95
CA HIS U 200 -28.62 85.05 7.36
C HIS U 200 -29.37 85.04 8.70
N ARG U 201 -29.68 86.23 9.18
CA ARG U 201 -30.50 86.30 10.39
C ARG U 201 -31.96 85.99 10.07
N TYR U 202 -32.42 86.42 8.90
CA TYR U 202 -33.79 86.22 8.46
C TYR U 202 -33.77 85.30 7.24
N ARG U 203 -34.18 84.05 7.43
CA ARG U 203 -34.38 83.14 6.32
C ARG U 203 -35.85 82.96 5.97
N GLU V 1 -75.17 21.34 64.01
CA GLU V 1 -75.76 21.68 65.29
C GLU V 1 -74.69 22.13 66.29
N VAL V 2 -75.11 22.39 67.53
CA VAL V 2 -74.19 22.91 68.55
C VAL V 2 -73.49 21.80 69.33
N GLN V 3 -74.02 20.60 69.33
CA GLN V 3 -73.40 19.48 70.04
C GLN V 3 -72.58 18.64 69.07
N VAL V 4 -71.95 17.60 69.60
CA VAL V 4 -71.12 16.70 68.81
C VAL V 4 -72.01 15.64 68.16
N LEU V 5 -71.76 15.39 66.89
CA LEU V 5 -72.49 14.37 66.13
C LEU V 5 -71.64 13.10 66.11
N VAL V 6 -72.10 12.07 66.80
CA VAL V 6 -71.37 10.83 66.94
C VAL V 6 -71.94 9.81 65.96
N LEU V 7 -71.10 9.32 65.07
CA LEU V 7 -71.50 8.42 64.00
C LEU V 7 -70.84 7.07 64.19
N ASP V 8 -71.63 6.01 64.20
CA ASP V 8 -71.11 4.65 64.26
C ASP V 8 -70.64 4.24 62.88
N GLY V 9 -69.37 3.90 62.76
CA GLY V 9 -68.81 3.59 61.46
C GLY V 9 -69.14 2.21 60.93
N ARG V 10 -69.79 1.36 61.72
CA ARG V 10 -70.11 0.03 61.25
C ARG V 10 -71.20 0.05 60.19
N GLY V 11 -70.98 -0.70 59.12
CA GLY V 11 -71.95 -0.81 58.06
C GLY V 11 -72.00 0.35 57.10
N HIS V 12 -71.08 1.30 57.22
CA HIS V 12 -71.09 2.50 56.41
C HIS V 12 -70.04 2.39 55.31
N LEU V 13 -70.37 2.91 54.14
CA LEU V 13 -69.42 2.93 53.04
C LEU V 13 -68.46 4.10 53.19
N LEU V 14 -67.20 3.83 52.85
CA LEU V 14 -66.10 4.74 53.18
C LEU V 14 -66.31 6.12 52.56
N GLY V 15 -66.38 6.18 51.23
CA GLY V 15 -66.46 7.47 50.56
C GLY V 15 -67.75 8.20 50.83
N ARG V 16 -68.86 7.46 50.91
CA ARG V 16 -70.14 8.08 51.20
C ARG V 16 -70.12 8.76 52.57
N LEU V 17 -69.73 8.01 53.59
CA LEU V 17 -69.67 8.57 54.94
C LEU V 17 -68.67 9.71 55.01
N ALA V 18 -67.55 9.59 54.28
CA ALA V 18 -66.54 10.63 54.32
C ALA V 18 -67.02 11.91 53.67
N ALA V 19 -67.78 11.80 52.58
CA ALA V 19 -68.34 13.00 51.96
C ALA V 19 -69.33 13.69 52.88
N ILE V 20 -70.21 12.91 53.53
CA ILE V 20 -71.15 13.50 54.48
C ILE V 20 -70.40 14.19 55.62
N VAL V 21 -69.38 13.51 56.16
CA VAL V 21 -68.62 14.06 57.28
C VAL V 21 -67.88 15.33 56.87
N ALA V 22 -67.31 15.34 55.66
CA ALA V 22 -66.60 16.52 55.20
C ALA V 22 -67.52 17.71 55.09
N LYS V 23 -68.72 17.52 54.52
CA LYS V 23 -69.65 18.64 54.44
C LYS V 23 -70.07 19.10 55.83
N GLN V 24 -70.28 18.15 56.75
CA GLN V 24 -70.69 18.52 58.11
C GLN V 24 -69.62 19.35 58.81
N VAL V 25 -68.36 18.93 58.73
CA VAL V 25 -67.31 19.66 59.43
C VAL V 25 -67.03 20.99 58.74
N LEU V 26 -67.24 21.08 57.42
CA LEU V 26 -67.11 22.37 56.76
C LEU V 26 -68.23 23.32 57.18
N LEU V 27 -69.40 22.79 57.51
CA LEU V 27 -70.48 23.62 58.03
C LEU V 27 -70.31 23.94 59.51
N GLY V 28 -69.12 23.76 60.06
CA GLY V 28 -68.84 24.17 61.43
C GLY V 28 -69.38 23.26 62.50
N ARG V 29 -69.45 21.96 62.23
CA ARG V 29 -70.04 21.00 63.15
C ARG V 29 -68.98 20.03 63.65
N LYS V 30 -69.02 19.72 64.94
CA LYS V 30 -68.12 18.74 65.53
C LYS V 30 -68.64 17.34 65.22
N VAL V 31 -67.80 16.51 64.61
CA VAL V 31 -68.18 15.17 64.20
C VAL V 31 -67.18 14.18 64.78
N VAL V 32 -67.68 13.13 65.42
CA VAL V 32 -66.87 12.06 65.96
C VAL V 32 -67.33 10.75 65.34
N VAL V 33 -66.43 10.09 64.62
CA VAL V 33 -66.73 8.80 64.01
C VAL V 33 -66.06 7.72 64.84
N VAL V 34 -66.85 6.76 65.31
CA VAL V 34 -66.33 5.68 66.12
C VAL V 34 -66.47 4.36 65.38
N ARG V 35 -65.72 3.38 65.83
CA ARG V 35 -65.70 2.04 65.25
C ARG V 35 -65.39 2.10 63.75
N CYS V 36 -64.27 2.75 63.43
CA CYS V 36 -63.84 2.88 62.05
C CYS V 36 -63.34 1.57 61.47
N GLU V 37 -63.16 0.53 62.28
CA GLU V 37 -62.81 -0.78 61.75
C GLU V 37 -64.01 -1.48 61.13
N GLY V 38 -65.22 -1.02 61.41
CA GLY V 38 -66.42 -1.57 60.83
C GLY V 38 -66.86 -0.93 59.54
N ILE V 39 -66.09 0.03 59.02
CA ILE V 39 -66.43 0.68 57.77
C ILE V 39 -66.25 -0.29 56.62
N ASN V 40 -67.17 -0.27 55.67
CA ASN V 40 -67.12 -1.15 54.52
C ASN V 40 -66.68 -0.38 53.28
N ILE V 41 -66.04 -1.09 52.35
CA ILE V 41 -65.69 -0.56 51.05
C ILE V 41 -66.26 -1.48 49.99
N SER V 42 -66.96 -0.90 49.02
CA SER V 42 -67.54 -1.70 47.95
C SER V 42 -66.44 -2.28 47.06
N GLY V 43 -66.75 -3.40 46.42
CA GLY V 43 -65.73 -4.14 45.70
C GLY V 43 -65.07 -5.18 46.58
N ASN V 44 -64.57 -6.23 45.96
CA ASN V 44 -64.09 -7.35 46.76
C ASN V 44 -62.76 -7.02 47.43
N PHE V 45 -62.45 -7.83 48.45
CA PHE V 45 -61.38 -7.50 49.38
C PHE V 45 -60.03 -7.47 48.66
N TYR V 46 -59.81 -8.39 47.74
CA TYR V 46 -58.54 -8.42 47.04
C TYR V 46 -58.32 -7.16 46.23
N ARG V 47 -59.37 -6.69 45.56
CA ARG V 47 -59.26 -5.45 44.79
C ARG V 47 -58.98 -4.26 45.69
N ASN V 48 -59.65 -4.17 46.83
CA ASN V 48 -59.41 -3.05 47.73
C ASN V 48 -58.02 -3.11 48.34
N LYS V 49 -57.55 -4.32 48.66
CA LYS V 49 -56.20 -4.50 49.15
C LYS V 49 -55.18 -4.09 48.10
N LEU V 50 -55.44 -4.41 46.83
CA LEU V 50 -54.56 -3.99 45.76
C LEU V 50 -54.50 -2.47 45.66
N LYS V 51 -55.65 -1.81 45.83
CA LYS V 51 -55.68 -0.35 45.83
C LYS V 51 -54.78 0.21 46.92
N TYR V 52 -54.90 -0.34 48.13
CA TYR V 52 -54.08 0.18 49.21
C TYR V 52 -52.61 -0.16 49.03
N LEU V 53 -52.30 -1.31 48.41
CA LEU V 53 -50.90 -1.63 48.15
C LEU V 53 -50.29 -0.70 47.12
N ALA V 54 -51.08 -0.29 46.12
CA ALA V 54 -50.60 0.74 45.20
C ALA V 54 -50.35 2.05 45.93
N PHE V 55 -51.25 2.41 46.84
CA PHE V 55 -51.00 3.59 47.67
C PHE V 55 -49.71 3.45 48.47
N LEU V 56 -49.42 2.25 48.98
CA LEU V 56 -48.17 2.01 49.68
C LEU V 56 -46.98 2.19 48.74
N ARG V 57 -47.12 1.73 47.50
CA ARG V 57 -46.04 1.89 46.54
C ARG V 57 -45.73 3.35 46.26
N LYS V 58 -46.73 4.21 46.28
CA LYS V 58 -46.47 5.63 46.01
C LYS V 58 -45.69 6.22 47.18
N ARG V 59 -44.38 6.38 47.00
CA ARG V 59 -43.55 7.01 48.02
C ARG V 59 -42.49 7.86 47.32
N MET V 60 -41.93 8.79 48.07
CA MET V 60 -40.91 9.69 47.50
C MET V 60 -39.60 8.94 47.34
N ASN V 61 -39.11 8.88 46.10
CA ASN V 61 -37.94 8.07 45.77
C ASN V 61 -36.69 8.61 46.45
N THR V 62 -36.54 9.93 46.50
CA THR V 62 -35.35 10.54 47.06
C THR V 62 -35.28 10.38 48.58
N ASN V 63 -36.40 10.56 49.27
CA ASN V 63 -36.43 10.50 50.73
C ASN V 63 -37.82 10.10 51.16
N PRO V 64 -38.03 8.80 51.40
CA PRO V 64 -39.38 8.36 51.78
C PRO V 64 -39.86 8.90 53.10
N SER V 65 -38.96 9.37 53.97
CA SER V 65 -39.38 9.99 55.23
C SER V 65 -40.13 11.29 54.99
N ARG V 66 -39.95 11.92 53.84
CA ARG V 66 -40.72 13.10 53.49
C ARG V 66 -41.99 12.78 52.72
N GLY V 67 -42.08 11.58 52.15
CA GLY V 67 -43.09 11.26 51.16
C GLY V 67 -44.46 11.11 51.74
N PRO V 68 -45.37 10.52 50.98
CA PRO V 68 -46.72 10.29 51.49
C PRO V 68 -46.68 9.39 52.72
N TYR V 69 -47.40 9.80 53.76
CA TYR V 69 -47.46 9.04 55.00
C TYR V 69 -48.65 8.10 54.90
N HIS V 70 -48.35 6.81 54.86
CA HIS V 70 -49.38 5.79 54.71
C HIS V 70 -49.80 5.35 56.11
N PHE V 71 -50.97 5.78 56.52
CA PHE V 71 -51.48 5.45 57.84
C PHE V 71 -52.23 4.14 57.79
N ARG V 72 -51.99 3.28 58.78
CA ARG V 72 -52.49 1.91 58.74
C ARG V 72 -53.71 1.68 59.61
N ALA V 73 -53.96 2.50 60.62
CA ALA V 73 -55.16 2.34 61.42
C ALA V 73 -56.39 2.69 60.61
N PRO V 74 -57.50 1.97 60.79
CA PRO V 74 -58.73 2.31 60.06
C PRO V 74 -59.22 3.72 60.33
N SER V 75 -59.09 4.19 61.57
CA SER V 75 -59.48 5.56 61.89
C SER V 75 -58.65 6.55 61.09
N ARG V 76 -57.34 6.31 60.98
CA ARG V 76 -56.49 7.22 60.23
C ARG V 76 -56.75 7.10 58.74
N ILE V 77 -57.13 5.92 58.25
CA ILE V 77 -57.49 5.78 56.84
C ILE V 77 -58.72 6.60 56.52
N PHE V 78 -59.75 6.50 57.37
CA PHE V 78 -60.96 7.29 57.15
C PHE V 78 -60.66 8.77 57.29
N TRP V 79 -59.79 9.14 58.23
CA TRP V 79 -59.40 10.52 58.40
C TRP V 79 -58.72 11.06 57.14
N ARG V 80 -57.86 10.24 56.53
CA ARG V 80 -57.19 10.67 55.30
C ARG V 80 -58.18 10.80 54.15
N THR V 81 -59.18 9.93 54.10
CA THR V 81 -60.22 10.07 53.08
C THR V 81 -61.00 11.38 53.24
N VAL V 82 -61.35 11.72 54.48
CA VAL V 82 -62.05 12.98 54.73
C VAL V 82 -61.15 14.16 54.38
N ARG V 83 -59.86 14.05 54.72
CA ARG V 83 -58.92 15.10 54.35
C ARG V 83 -58.83 15.24 52.84
N GLY V 84 -58.96 14.14 52.11
CA GLY V 84 -59.00 14.20 50.66
C GLY V 84 -60.21 14.95 50.15
N MET V 85 -61.34 14.80 50.83
CA MET V 85 -62.50 15.59 50.43
C MET V 85 -62.55 16.99 51.03
N LEU V 86 -61.61 17.34 51.89
CA LEU V 86 -61.55 18.69 52.45
C LEU V 86 -60.48 19.53 51.76
N PRO V 87 -60.64 20.86 51.76
CA PRO V 87 -59.56 21.76 51.29
C PRO V 87 -58.53 22.00 52.38
N HIS V 88 -57.74 20.96 52.67
CA HIS V 88 -56.95 20.91 53.89
C HIS V 88 -55.74 21.84 53.86
N LYS V 89 -55.44 22.48 52.75
CA LYS V 89 -54.29 23.37 52.67
C LYS V 89 -54.66 24.83 52.88
N THR V 90 -55.88 25.10 53.34
CA THR V 90 -56.30 26.44 53.73
C THR V 90 -56.68 26.41 55.20
N LYS V 91 -56.80 27.62 55.78
CA LYS V 91 -57.16 27.72 57.19
C LYS V 91 -58.55 27.19 57.45
N ARG V 92 -59.49 27.45 56.54
CA ARG V 92 -60.84 26.94 56.69
C ARG V 92 -60.86 25.41 56.66
N GLY V 93 -60.10 24.82 55.75
CA GLY V 93 -60.03 23.37 55.68
C GLY V 93 -59.36 22.76 56.89
N GLN V 94 -58.33 23.43 57.43
CA GLN V 94 -57.66 22.90 58.60
C GLN V 94 -58.54 23.00 59.84
N ALA V 95 -59.31 24.07 59.97
CA ALA V 95 -60.28 24.16 61.06
C ALA V 95 -61.35 23.08 60.93
N ALA V 96 -61.84 22.86 59.71
CA ALA V 96 -62.82 21.81 59.49
C ALA V 96 -62.25 20.44 59.83
N LEU V 97 -61.00 20.20 59.47
CA LEU V 97 -60.34 18.93 59.79
C LEU V 97 -60.16 18.77 61.29
N ASP V 98 -59.84 19.86 61.99
CA ASP V 98 -59.73 19.80 63.45
C ASP V 98 -61.07 19.53 64.10
N ARG V 99 -62.16 19.91 63.46
CA ARG V 99 -63.47 19.58 64.02
C ARG V 99 -63.83 18.10 63.88
N LEU V 100 -62.95 17.20 63.44
CA LEU V 100 -63.28 15.80 63.22
C LEU V 100 -62.41 14.93 64.11
N LYS V 101 -63.04 13.97 64.79
CA LYS V 101 -62.33 12.98 65.59
C LYS V 101 -62.71 11.59 65.12
N VAL V 102 -61.72 10.71 65.00
CA VAL V 102 -61.92 9.35 64.51
C VAL V 102 -61.30 8.38 65.50
N PHE V 103 -61.95 7.23 65.67
CA PHE V 103 -61.49 6.23 66.63
C PHE V 103 -61.70 4.84 66.08
N ASP V 104 -60.83 3.92 66.50
CA ASP V 104 -61.05 2.50 66.34
C ASP V 104 -61.73 1.98 67.59
N GLY V 105 -62.79 1.21 67.42
CA GLY V 105 -63.59 0.85 68.57
C GLY V 105 -64.34 2.06 69.05
N ILE V 106 -64.89 1.95 70.26
CA ILE V 106 -65.61 3.07 70.87
C ILE V 106 -64.99 3.40 72.23
N PRO V 107 -64.27 4.52 72.32
CA PRO V 107 -63.56 4.85 73.56
C PRO V 107 -64.49 5.33 74.65
N PRO V 108 -64.02 5.41 75.89
CA PRO V 108 -64.89 5.67 77.05
C PRO V 108 -65.67 6.97 76.98
N PRO V 109 -65.18 8.05 76.34
CA PRO V 109 -66.06 9.23 76.23
C PRO V 109 -67.35 8.96 75.47
N TYR V 110 -67.35 8.03 74.53
CA TYR V 110 -68.46 7.86 73.59
C TYR V 110 -69.17 6.52 73.68
N ASP V 111 -68.67 5.58 74.47
CA ASP V 111 -69.36 4.30 74.57
C ASP V 111 -70.60 4.36 75.44
N LYS V 112 -70.77 5.45 76.20
CA LYS V 112 -71.96 5.66 77.00
C LYS V 112 -72.92 6.67 76.37
N LYS V 113 -72.82 6.87 75.06
CA LYS V 113 -73.66 7.83 74.37
C LYS V 113 -74.27 7.18 73.14
N LYS V 114 -75.43 7.69 72.74
CA LYS V 114 -76.08 7.20 71.53
C LYS V 114 -75.26 7.59 70.30
N ARG V 115 -75.31 6.73 69.29
CA ARG V 115 -74.54 6.92 68.07
C ARG V 115 -75.49 7.04 66.89
N MET V 116 -75.28 8.04 66.06
CA MET V 116 -76.12 8.27 64.90
C MET V 116 -75.77 7.29 63.78
N VAL V 117 -76.60 7.28 62.76
CA VAL V 117 -76.39 6.47 61.56
C VAL V 117 -76.72 7.34 60.36
N VAL V 118 -75.90 7.25 59.31
CA VAL V 118 -76.16 7.97 58.07
C VAL V 118 -76.73 6.99 57.05
N PRO V 119 -78.04 6.99 56.80
CA PRO V 119 -78.61 6.03 55.83
C PRO V 119 -78.08 6.20 54.43
N ALA V 120 -77.75 7.42 54.00
CA ALA V 120 -77.23 7.62 52.65
C ALA V 120 -75.85 7.02 52.47
N ALA V 121 -75.18 6.60 53.54
CA ALA V 121 -73.88 5.98 53.46
C ALA V 121 -73.89 4.51 53.87
N LEU V 122 -75.06 3.96 54.19
CA LEU V 122 -75.14 2.60 54.69
C LEU V 122 -75.01 1.59 53.56
N LYS V 123 -74.28 0.51 53.84
CA LYS V 123 -74.06 -0.51 52.81
C LYS V 123 -75.37 -1.20 52.43
N VAL V 124 -76.26 -1.42 53.40
CA VAL V 124 -77.45 -2.22 53.17
C VAL V 124 -78.35 -1.56 52.13
N VAL V 125 -78.40 -0.23 52.12
CA VAL V 125 -79.24 0.47 51.16
C VAL V 125 -78.46 1.05 49.99
N ARG V 126 -77.15 1.24 50.11
CA ARG V 126 -76.38 1.78 49.02
C ARG V 126 -75.77 0.72 48.12
N LEU V 127 -75.80 -0.54 48.52
CA LEU V 127 -75.10 -1.58 47.79
C LEU V 127 -76.05 -2.73 47.51
N LYS V 128 -75.97 -3.29 46.32
CA LYS V 128 -76.79 -4.44 45.97
C LYS V 128 -76.35 -5.65 46.81
N PRO V 129 -77.29 -6.49 47.23
CA PRO V 129 -76.93 -7.61 48.13
C PRO V 129 -76.00 -8.63 47.48
N THR V 130 -75.97 -8.72 46.15
CA THR V 130 -75.10 -9.68 45.49
C THR V 130 -73.67 -9.21 45.35
N ARG V 131 -73.40 -7.92 45.58
CA ARG V 131 -72.06 -7.39 45.39
C ARG V 131 -71.15 -7.75 46.56
N LYS V 132 -69.85 -7.69 46.30
CA LYS V 132 -68.84 -8.00 47.29
C LYS V 132 -68.28 -6.72 47.89
N PHE V 133 -67.91 -6.79 49.17
CA PHE V 133 -67.40 -5.65 49.89
C PHE V 133 -66.25 -6.08 50.78
N ALA V 134 -65.48 -5.11 51.24
CA ALA V 134 -64.34 -5.34 52.10
C ALA V 134 -64.53 -4.64 53.44
N TYR V 135 -63.97 -5.23 54.48
CA TYR V 135 -63.97 -4.62 55.80
C TYR V 135 -62.70 -3.80 55.98
N LEU V 136 -62.87 -2.55 56.41
CA LEU V 136 -61.72 -1.68 56.63
C LEU V 136 -60.82 -2.23 57.72
N GLY V 137 -61.38 -2.86 58.75
CA GLY V 137 -60.55 -3.44 59.78
C GLY V 137 -59.65 -4.55 59.26
N ARG V 138 -60.22 -5.46 58.46
CA ARG V 138 -59.42 -6.53 57.89
C ARG V 138 -58.37 -6.00 56.92
N LEU V 139 -58.76 -5.02 56.09
CA LEU V 139 -57.81 -4.43 55.16
C LEU V 139 -56.65 -3.78 55.90
N ALA V 140 -56.96 -3.02 56.95
CA ALA V 140 -55.93 -2.38 57.74
C ALA V 140 -55.03 -3.40 58.41
N HIS V 141 -55.63 -4.46 58.98
CA HIS V 141 -54.82 -5.48 59.64
C HIS V 141 -53.87 -6.15 58.67
N GLU V 142 -54.34 -6.48 57.47
CA GLU V 142 -53.49 -7.19 56.55
C GLU V 142 -52.59 -6.25 55.74
N VAL V 143 -52.71 -4.94 55.94
CA VAL V 143 -51.76 -4.02 55.35
C VAL V 143 -50.81 -3.42 56.38
N GLY V 144 -51.01 -3.68 57.68
CA GLY V 144 -50.01 -3.28 58.64
C GLY V 144 -50.49 -2.82 60.00
N TRP V 145 -51.80 -2.67 60.18
CA TRP V 145 -52.35 -2.28 61.47
C TRP V 145 -52.08 -3.36 62.51
N LYS V 146 -51.64 -2.93 63.70
CA LYS V 146 -51.13 -3.85 64.70
C LYS V 146 -52.11 -4.13 65.83
N TYR V 147 -53.26 -3.47 65.87
CA TYR V 147 -54.13 -3.54 67.03
C TYR V 147 -55.52 -4.02 66.66
N GLN V 148 -55.60 -5.02 65.80
CA GLN V 148 -56.90 -5.59 65.49
C GLN V 148 -57.39 -6.49 66.62
N ALA V 149 -56.48 -7.25 67.24
CA ALA V 149 -56.89 -8.21 68.25
C ALA V 149 -57.30 -7.52 69.54
N VAL V 150 -56.49 -6.56 70.00
CA VAL V 150 -56.80 -5.88 71.25
C VAL V 150 -58.06 -5.03 71.12
N THR V 151 -58.26 -4.43 69.95
CA THR V 151 -59.50 -3.69 69.72
C THR V 151 -60.70 -4.61 69.74
N ALA V 152 -60.56 -5.81 69.18
CA ALA V 152 -61.65 -6.78 69.24
C ALA V 152 -61.96 -7.20 70.67
N THR V 153 -60.92 -7.43 71.47
CA THR V 153 -61.13 -7.79 72.87
C THR V 153 -61.85 -6.68 73.64
N LEU V 154 -61.40 -5.45 73.45
CA LEU V 154 -62.02 -4.32 74.15
C LEU V 154 -63.44 -4.10 73.66
N GLU V 155 -63.70 -4.33 72.38
CA GLU V 155 -65.05 -4.21 71.86
C GLU V 155 -65.96 -5.29 72.44
N GLU V 156 -65.44 -6.49 72.64
CA GLU V 156 -66.24 -7.53 73.28
C GLU V 156 -66.57 -7.17 74.73
N LYS V 157 -65.61 -6.62 75.46
CA LYS V 157 -65.90 -6.17 76.83
C LYS V 157 -66.95 -5.06 76.83
N ARG V 158 -66.82 -4.11 75.92
CA ARG V 158 -67.80 -3.02 75.83
C ARG V 158 -69.18 -3.56 75.49
N LYS V 159 -69.24 -4.57 74.62
CA LYS V 159 -70.52 -5.15 74.26
C LYS V 159 -71.15 -5.89 75.44
N GLU V 160 -70.34 -6.54 76.27
CA GLU V 160 -70.88 -7.17 77.48
C GLU V 160 -71.48 -6.13 78.42
N LYS V 161 -70.76 -5.03 78.64
CA LYS V 161 -71.27 -3.99 79.52
C LYS V 161 -72.53 -3.34 78.94
N ALA V 162 -72.57 -3.17 77.62
CA ALA V 162 -73.75 -2.60 76.98
C ALA V 162 -74.94 -3.54 77.08
N LYS V 163 -74.69 -4.86 77.00
CA LYS V 163 -75.77 -5.82 77.19
C LYS V 163 -76.36 -5.72 78.60
N ILE V 164 -75.49 -5.57 79.60
CA ILE V 164 -75.98 -5.41 80.97
C ILE V 164 -76.83 -4.13 81.09
N HIS V 165 -76.33 -3.04 80.51
CA HIS V 165 -77.07 -1.78 80.57
C HIS V 165 -78.42 -1.89 79.87
N TYR V 166 -78.45 -2.60 78.75
CA TYR V 166 -79.69 -2.75 77.99
C TYR V 166 -80.69 -3.62 78.75
N ARG V 167 -80.22 -4.65 79.43
CA ARG V 167 -81.13 -5.45 80.25
C ARG V 167 -81.72 -4.60 81.37
N LYS V 168 -80.90 -3.74 81.99
CA LYS V 168 -81.43 -2.85 83.01
C LYS V 168 -82.46 -1.88 82.43
N LYS V 169 -82.20 -1.35 81.23
CA LYS V 169 -83.16 -0.44 80.61
C LYS V 169 -84.46 -1.15 80.26
N LYS V 170 -84.38 -2.39 79.78
CA LYS V 170 -85.59 -3.14 79.48
C LYS V 170 -86.38 -3.40 80.75
N GLN V 171 -85.70 -3.72 81.85
CA GLN V 171 -86.42 -3.92 83.11
C GLN V 171 -87.10 -2.64 83.54
N LEU V 172 -86.42 -1.51 83.40
CA LEU V 172 -87.03 -0.22 83.75
C LEU V 172 -88.24 0.08 82.88
N MET V 173 -88.16 -0.23 81.59
CA MET V 173 -89.27 0.06 80.70
C MET V 173 -90.46 -0.86 80.98
N ARG V 174 -90.19 -2.14 81.28
CA ARG V 174 -91.26 -3.03 81.70
C ARG V 174 -91.94 -2.51 82.95
N LEU V 175 -91.14 -2.02 83.90
CA LEU V 175 -91.71 -1.49 85.13
C LEU V 175 -92.51 -0.22 84.87
N ARG V 176 -92.08 0.59 83.91
CA ARG V 176 -92.84 1.78 83.53
C ARG V 176 -94.18 1.41 82.89
N LYS V 177 -94.18 0.40 82.03
CA LYS V 177 -95.44 -0.07 81.46
C LYS V 177 -96.37 -0.60 82.54
N GLN V 178 -95.80 -1.33 83.50
CA GLN V 178 -96.60 -1.81 84.62
C GLN V 178 -97.17 -0.65 85.43
N ALA V 179 -96.37 0.40 85.62
CA ALA V 179 -96.85 1.59 86.34
C ALA V 179 -97.98 2.28 85.59
N GLU V 180 -97.85 2.39 84.27
CA GLU V 180 -98.93 2.99 83.47
C GLU V 180 -100.20 2.15 83.55
N LYS V 181 -100.06 0.83 83.62
CA LYS V 181 -101.23 -0.01 83.86
C LYS V 181 -101.80 0.20 85.26
N ASN V 182 -100.93 0.36 86.25
CA ASN V 182 -101.39 0.50 87.63
C ASN V 182 -102.18 1.78 87.84
N VAL V 183 -101.64 2.90 87.38
CA VAL V 183 -102.34 4.19 87.47
C VAL V 183 -102.86 4.54 86.09
N GLU V 184 -104.16 4.38 85.90
CA GLU V 184 -104.83 4.84 84.70
C GLU V 184 -106.09 5.64 84.99
N LYS V 185 -106.69 5.47 86.17
CA LYS V 185 -107.82 6.31 86.54
C LYS V 185 -107.41 7.76 86.71
N LYS V 186 -106.23 7.99 87.29
CA LYS V 186 -105.69 9.33 87.45
C LYS V 186 -104.87 9.79 86.26
N ILE V 187 -104.78 8.96 85.22
CA ILE V 187 -104.00 9.28 84.04
C ILE V 187 -104.86 9.52 82.80
N ASP V 188 -106.05 8.91 82.72
CA ASP V 188 -106.87 9.00 81.52
C ASP V 188 -107.27 10.44 81.19
N LYS V 189 -107.28 11.34 82.17
CA LYS V 189 -107.63 12.72 81.89
C LYS V 189 -106.60 13.39 80.98
N TYR V 190 -105.32 13.03 81.12
CA TYR V 190 -104.27 13.56 80.26
C TYR V 190 -103.97 12.66 79.07
N THR V 191 -104.21 11.36 79.22
CA THR V 191 -104.06 10.46 78.09
C THR V 191 -105.02 10.83 76.97
N GLU V 192 -106.23 11.25 77.32
CA GLU V 192 -107.18 11.67 76.30
C GLU V 192 -106.70 12.92 75.57
N VAL V 193 -106.08 13.87 76.29
CA VAL V 193 -105.53 15.05 75.65
C VAL V 193 -104.43 14.66 74.67
N LEU V 194 -103.52 13.79 75.12
CA LEU V 194 -102.43 13.36 74.26
C LEU V 194 -102.94 12.63 73.03
N LYS V 195 -103.90 11.73 73.22
CA LYS V 195 -104.48 11.00 72.09
C LYS V 195 -105.21 11.94 71.14
N THR V 196 -105.89 12.94 71.69
CA THR V 196 -106.61 13.90 70.85
C THR V 196 -105.65 14.68 69.97
N HIS V 197 -104.49 15.05 70.52
CA HIS V 197 -103.55 15.84 69.74
C HIS V 197 -102.45 15.01 69.10
N GLY V 198 -102.59 13.69 69.07
CA GLY V 198 -101.80 12.85 68.19
C GLY V 198 -100.62 12.19 68.85
N LEU V 199 -100.18 12.67 70.00
CA LEU V 199 -99.18 11.96 70.76
C LEU V 199 -99.79 10.71 71.35
N LEU V 200 -99.00 9.65 71.46
CA LEU V 200 -99.37 8.47 72.24
C LEU V 200 -100.66 7.84 71.67
N VAL V 201 -100.52 7.26 70.49
CA VAL V 201 -101.56 6.44 69.87
C VAL V 201 -102.20 5.49 70.89
N VAL W 1 -25.67 66.74 72.85
CA VAL W 1 -25.90 66.10 71.57
C VAL W 1 -27.22 65.33 71.63
N ARG W 2 -27.78 65.02 70.47
CA ARG W 2 -29.08 64.35 70.39
C ARG W 2 -28.87 62.85 70.52
N TYR W 3 -29.29 62.29 71.66
CA TYR W 3 -29.41 60.85 71.78
C TYR W 3 -30.76 60.40 71.25
N SER W 4 -30.83 59.17 70.76
CA SER W 4 -32.12 58.55 70.56
C SER W 4 -32.62 58.01 71.90
N LEU W 5 -33.94 57.98 72.06
CA LEU W 5 -34.57 57.54 73.30
C LEU W 5 -34.10 58.38 74.49
N ASP W 6 -34.50 59.64 74.48
CA ASP W 6 -34.23 60.51 75.61
C ASP W 6 -34.85 59.94 76.89
N PRO W 7 -34.19 60.08 78.03
CA PRO W 7 -34.67 59.42 79.25
C PRO W 7 -35.99 60.01 79.74
N GLU W 8 -36.77 59.17 80.41
CA GLU W 8 -38.07 59.60 80.92
C GLU W 8 -37.93 60.67 81.99
N ASN W 9 -36.84 60.66 82.74
CA ASN W 9 -36.54 61.71 83.70
C ASN W 9 -35.02 61.98 83.68
N PRO W 10 -34.59 63.07 83.08
CA PRO W 10 -33.16 63.32 82.95
C PRO W 10 -32.55 63.91 84.22
N THR W 11 -32.94 63.37 85.37
CA THR W 11 -32.31 63.66 86.64
C THR W 11 -31.89 62.42 87.39
N LYS W 12 -32.49 61.26 87.10
CA LYS W 12 -32.06 59.97 87.60
C LYS W 12 -31.23 59.23 86.57
N SER W 13 -30.77 59.91 85.52
CA SER W 13 -30.14 59.25 84.40
C SER W 13 -28.80 59.91 84.08
N CYS W 14 -27.90 59.12 83.51
CA CYS W 14 -26.62 59.59 83.02
C CYS W 14 -26.37 58.98 81.64
N LYS W 15 -25.52 59.65 80.86
CA LYS W 15 -25.33 59.31 79.46
C LYS W 15 -23.87 59.05 79.18
N SER W 16 -23.62 58.21 78.19
CA SER W 16 -22.27 57.97 77.69
C SER W 16 -22.32 57.78 76.19
N ARG W 17 -21.26 58.19 75.51
CA ARG W 17 -21.23 58.19 74.05
C ARG W 17 -19.80 57.95 73.59
N GLY W 18 -19.67 57.35 72.42
CA GLY W 18 -18.40 57.20 71.73
C GLY W 18 -18.61 57.14 70.24
N SER W 19 -17.73 57.78 69.47
CA SER W 19 -17.88 57.86 68.03
C SER W 19 -16.65 57.32 67.33
N ASN W 20 -16.87 56.66 66.19
CA ASN W 20 -15.80 56.13 65.33
C ASN W 20 -14.88 55.19 66.09
N LEU W 21 -15.47 54.36 66.95
CA LEU W 21 -14.69 53.42 67.75
C LEU W 21 -14.25 52.25 66.90
N ARG W 22 -12.98 51.89 67.02
CA ARG W 22 -12.36 50.86 66.17
C ARG W 22 -12.64 49.46 66.72
N VAL W 23 -13.93 49.11 66.75
CA VAL W 23 -14.37 47.75 67.04
C VAL W 23 -15.39 47.34 66.00
N HIS W 24 -15.55 46.03 65.88
CA HIS W 24 -16.45 45.48 64.87
C HIS W 24 -17.89 45.73 65.27
N PHE W 25 -18.67 46.27 64.32
CA PHE W 25 -20.03 46.68 64.62
C PHE W 25 -20.90 45.50 65.00
N LYS W 26 -20.74 44.37 64.32
CA LYS W 26 -21.60 43.21 64.58
C LYS W 26 -21.34 42.62 65.96
N ASN W 27 -20.07 42.42 66.30
CA ASN W 27 -19.73 41.92 67.62
C ASN W 27 -20.19 42.88 68.70
N THR W 28 -19.98 44.17 68.47
CA THR W 28 -20.38 45.16 69.48
C THR W 28 -21.89 45.21 69.65
N ARG W 29 -22.64 45.09 68.56
CA ARG W 29 -24.09 45.07 68.64
C ARG W 29 -24.57 43.87 69.45
N GLU W 30 -23.98 42.70 69.21
CA GLU W 30 -24.37 41.53 69.97
C GLU W 30 -24.05 41.70 71.45
N THR W 31 -22.87 42.25 71.76
CA THR W 31 -22.49 42.45 73.16
C THR W 31 -23.40 43.46 73.85
N ALA W 32 -23.76 44.53 73.14
CA ALA W 32 -24.67 45.53 73.70
C ALA W 32 -26.04 44.94 73.95
N GLN W 33 -26.54 44.11 73.03
CA GLN W 33 -27.80 43.43 73.26
C GLN W 33 -27.72 42.52 74.46
N ALA W 34 -26.56 41.89 74.67
CA ALA W 34 -26.39 41.02 75.82
C ALA W 34 -26.46 41.80 77.12
N ILE W 35 -25.77 42.94 77.19
CA ILE W 35 -25.71 43.69 78.45
C ILE W 35 -26.87 44.65 78.63
N LYS W 36 -27.77 44.76 77.66
CA LYS W 36 -28.90 45.67 77.78
C LYS W 36 -29.84 45.23 78.89
N GLY W 37 -30.26 46.18 79.71
CA GLY W 37 -31.17 45.92 80.80
C GLY W 37 -30.51 45.46 82.08
N MET W 38 -29.21 45.21 82.06
CA MET W 38 -28.51 44.72 83.23
C MET W 38 -28.31 45.85 84.25
N HIS W 39 -28.20 45.46 85.51
CA HIS W 39 -27.66 46.35 86.52
C HIS W 39 -26.19 46.62 86.19
N ILE W 40 -25.67 47.76 86.62
CA ILE W 40 -24.34 48.16 86.18
C ILE W 40 -23.26 47.24 86.73
N ARG W 41 -23.41 46.77 87.98
CA ARG W 41 -22.44 45.86 88.54
C ARG W 41 -22.47 44.52 87.83
N LYS W 42 -23.68 44.02 87.55
CA LYS W 42 -23.83 42.78 86.82
C LYS W 42 -23.22 42.89 85.42
N ALA W 43 -23.45 44.02 84.75
CA ALA W 43 -22.90 44.21 83.42
C ALA W 43 -21.38 44.29 83.45
N THR W 44 -20.81 44.96 84.45
CA THR W 44 -19.36 45.04 84.56
C THR W 44 -18.75 43.67 84.76
N LYS W 45 -19.29 42.89 85.72
CA LYS W 45 -18.71 41.57 85.95
C LYS W 45 -18.97 40.64 84.78
N TYR W 46 -20.08 40.82 84.07
CA TYR W 46 -20.35 40.00 82.90
C TYR W 46 -19.39 40.30 81.77
N LEU W 47 -19.07 41.58 81.55
CA LEU W 47 -18.10 41.92 80.52
C LEU W 47 -16.71 41.43 80.88
N LYS W 48 -16.35 41.49 82.16
CA LYS W 48 -15.09 40.92 82.59
C LYS W 48 -15.05 39.40 82.35
N ASP W 49 -16.17 38.73 82.64
CA ASP W 49 -16.25 37.29 82.37
C ASP W 49 -16.18 36.98 80.87
N VAL W 50 -16.74 37.85 80.04
CA VAL W 50 -16.63 37.67 78.60
C VAL W 50 -15.17 37.78 78.17
N THR W 51 -14.45 38.75 78.73
CA THR W 51 -13.02 38.86 78.45
C THR W 51 -12.27 37.62 78.93
N LEU W 52 -12.66 37.06 80.07
CA LEU W 52 -12.01 35.88 80.60
C LEU W 52 -12.55 34.57 80.02
N GLN W 53 -13.50 34.65 79.10
CA GLN W 53 -14.10 33.49 78.44
C GLN W 53 -14.80 32.57 79.44
N LYS W 54 -15.44 33.17 80.44
CA LYS W 54 -16.27 32.41 81.37
C LYS W 54 -17.76 32.61 81.14
N GLN W 55 -18.15 33.67 80.46
CA GLN W 55 -19.52 33.86 79.99
C GLN W 55 -19.45 34.36 78.57
N CYS W 56 -20.40 33.94 77.74
CA CYS W 56 -20.38 34.30 76.33
C CYS W 56 -21.45 35.35 76.05
N VAL W 57 -21.32 35.99 74.89
CA VAL W 57 -22.44 36.77 74.37
C VAL W 57 -23.11 35.91 73.31
N PRO W 58 -24.44 35.83 73.29
CA PRO W 58 -25.12 35.06 72.24
C PRO W 58 -25.17 35.86 70.95
N PHE W 59 -24.72 35.25 69.86
CA PHE W 59 -24.78 35.87 68.55
C PHE W 59 -26.09 35.47 67.90
N ARG W 60 -27.03 36.40 67.85
CA ARG W 60 -28.39 36.08 67.44
C ARG W 60 -28.71 36.51 66.02
N ARG W 61 -28.38 37.73 65.64
CA ARG W 61 -28.63 38.21 64.29
C ARG W 61 -27.43 38.03 63.38
N TYR W 62 -26.25 38.41 63.84
CA TYR W 62 -25.03 38.27 63.04
C TYR W 62 -24.31 37.00 63.45
N ASN W 63 -24.94 35.87 63.12
CA ASN W 63 -24.49 34.56 63.57
C ASN W 63 -24.03 33.68 62.41
N GLY W 64 -23.77 34.25 61.25
CA GLY W 64 -23.36 33.44 60.11
C GLY W 64 -21.97 32.85 60.28
N GLY W 65 -21.92 31.53 60.46
CA GLY W 65 -20.66 30.84 60.67
C GLY W 65 -20.16 30.85 62.09
N VAL W 66 -20.88 31.49 63.02
CA VAL W 66 -20.46 31.53 64.41
C VAL W 66 -20.64 30.16 65.02
N GLY W 67 -19.61 29.68 65.69
CA GLY W 67 -19.64 28.35 66.26
C GLY W 67 -20.52 28.25 67.48
N ARG W 68 -20.72 27.01 67.92
CA ARG W 68 -21.56 26.70 69.06
C ARG W 68 -20.69 26.57 70.31
N CYS W 69 -21.27 26.94 71.45
CA CYS W 69 -20.57 26.85 72.72
C CYS W 69 -21.54 26.40 73.79
N ALA W 70 -21.00 25.86 74.88
CA ALA W 70 -21.83 25.40 75.97
C ALA W 70 -22.42 26.57 76.76
N GLN W 71 -21.71 27.69 76.82
CA GLN W 71 -22.18 28.84 77.59
C GLN W 71 -23.33 29.57 76.92
N ALA W 72 -23.65 29.25 75.66
CA ALA W 72 -24.79 29.88 75.01
C ALA W 72 -26.11 29.36 75.54
N LYS W 73 -26.12 28.25 76.27
CA LYS W 73 -27.35 27.72 76.82
C LYS W 73 -27.88 28.54 77.98
N GLN W 74 -27.06 29.42 78.56
CA GLN W 74 -27.55 30.33 79.59
C GLN W 74 -28.62 31.24 79.01
N TRP W 75 -28.37 31.76 77.83
CA TRP W 75 -29.36 32.40 76.99
C TRP W 75 -30.15 31.33 76.25
N GLY W 76 -31.23 31.73 75.61
CA GLY W 76 -31.99 30.74 74.89
C GLY W 76 -31.45 30.50 73.50
N TRP W 77 -30.14 30.24 73.40
CA TRP W 77 -29.46 30.25 72.12
C TRP W 77 -28.45 29.13 72.06
N THR W 78 -27.77 29.05 70.93
CA THR W 78 -26.85 27.95 70.65
C THR W 78 -25.48 28.50 70.27
N GLN W 79 -25.47 29.65 69.61
CA GLN W 79 -24.25 30.25 69.09
C GLN W 79 -23.82 31.41 69.97
N GLY W 80 -22.59 31.37 70.46
CA GLY W 80 -22.07 32.45 71.27
C GLY W 80 -20.57 32.60 71.08
N ARG W 81 -20.07 33.77 71.46
CA ARG W 81 -18.65 34.05 71.33
C ARG W 81 -18.21 34.95 72.47
N TRP W 82 -16.95 35.37 72.42
CA TRP W 82 -16.33 36.15 73.48
C TRP W 82 -15.57 37.33 72.90
N PRO W 83 -16.27 38.34 72.40
CA PRO W 83 -15.57 39.46 71.76
C PRO W 83 -14.83 40.31 72.78
N LYS W 84 -13.52 40.11 72.85
CA LYS W 84 -12.71 40.78 73.86
C LYS W 84 -12.67 42.29 73.62
N LYS W 85 -12.50 42.71 72.37
CA LYS W 85 -12.39 44.13 72.09
C LYS W 85 -13.71 44.85 72.34
N SER W 86 -14.83 44.23 71.96
CA SER W 86 -16.14 44.82 72.25
C SER W 86 -16.37 44.89 73.75
N ALA W 87 -15.99 43.85 74.49
CA ALA W 87 -16.15 43.87 75.94
C ALA W 87 -15.34 45.00 76.57
N GLU W 88 -14.09 45.18 76.13
CA GLU W 88 -13.26 46.24 76.70
C GLU W 88 -13.78 47.63 76.36
N PHE W 89 -14.25 47.81 75.12
CA PHE W 89 -14.80 49.12 74.75
C PHE W 89 -16.04 49.45 75.56
N LEU W 90 -16.93 48.46 75.74
CA LEU W 90 -18.11 48.70 76.55
C LEU W 90 -17.75 48.90 78.01
N LEU W 91 -16.68 48.27 78.49
CA LEU W 91 -16.23 48.51 79.86
C LEU W 91 -15.73 49.93 80.05
N HIS W 92 -14.98 50.45 79.07
CA HIS W 92 -14.53 51.83 79.14
C HIS W 92 -15.72 52.78 79.12
N MET W 93 -16.70 52.50 78.27
CA MET W 93 -17.88 53.36 78.21
C MET W 93 -18.67 53.30 79.52
N LEU W 94 -18.72 52.13 80.15
CA LEU W 94 -19.41 52.00 81.42
C LEU W 94 -18.69 52.77 82.52
N LYS W 95 -17.35 52.75 82.52
CA LYS W 95 -16.61 53.56 83.49
C LYS W 95 -16.86 55.05 83.27
N ASN W 96 -16.90 55.48 82.00
CA ASN W 96 -17.19 56.88 81.73
C ASN W 96 -18.59 57.26 82.20
N ALA W 97 -19.56 56.38 81.97
CA ALA W 97 -20.93 56.66 82.39
C ALA W 97 -21.04 56.68 83.91
N GLU W 98 -20.32 55.80 84.60
CA GLU W 98 -20.32 55.83 86.06
C GLU W 98 -19.69 57.11 86.60
N SER W 99 -18.63 57.59 85.93
CA SER W 99 -18.05 58.87 86.33
C SER W 99 -19.03 60.01 86.11
N ASN W 100 -19.78 59.96 85.01
CA ASN W 100 -20.81 60.97 84.78
C ASN W 100 -21.89 60.92 85.85
N ALA W 101 -22.26 59.70 86.28
CA ALA W 101 -23.22 59.55 87.37
C ALA W 101 -22.68 60.15 88.66
N GLU W 102 -21.39 59.92 88.94
CA GLU W 102 -20.76 60.54 90.10
C GLU W 102 -20.81 62.06 90.02
N LEU W 103 -20.54 62.61 88.84
CA LEU W 103 -20.58 64.06 88.67
C LEU W 103 -21.99 64.60 88.88
N LYS W 104 -23.00 63.88 88.38
CA LYS W 104 -24.38 64.28 88.62
C LYS W 104 -24.85 63.97 90.03
N GLY W 105 -24.05 63.26 90.82
CA GLY W 105 -24.36 63.05 92.21
C GLY W 105 -25.49 62.09 92.49
N LEU W 106 -25.57 61.00 91.74
CA LEU W 106 -26.56 59.95 91.97
C LEU W 106 -25.82 58.63 92.12
N ASP W 107 -26.18 57.87 93.16
CA ASP W 107 -25.36 56.73 93.56
C ASP W 107 -25.37 55.63 92.50
N VAL W 108 -24.22 54.99 92.33
CA VAL W 108 -23.98 54.16 91.16
C VAL W 108 -24.22 52.68 91.48
N ASP W 109 -24.82 52.40 92.62
CA ASP W 109 -25.18 51.04 92.98
C ASP W 109 -26.60 50.68 92.59
N SER W 110 -27.31 51.60 91.92
CA SER W 110 -28.67 51.36 91.48
C SER W 110 -28.87 51.66 90.01
N LEU W 111 -27.79 51.84 89.24
CA LEU W 111 -27.93 52.13 87.83
C LEU W 111 -28.18 50.87 87.03
N VAL W 112 -29.08 51.00 86.06
CA VAL W 112 -29.46 49.93 85.15
C VAL W 112 -29.31 50.47 83.74
N ILE W 113 -28.77 49.65 82.84
CA ILE W 113 -28.60 50.06 81.46
C ILE W 113 -29.95 50.01 80.78
N GLU W 114 -30.65 51.15 80.71
CA GLU W 114 -31.94 51.10 80.04
C GLU W 114 -31.82 51.31 78.54
N HIS W 115 -30.86 52.11 78.09
CA HIS W 115 -30.72 52.34 76.67
C HIS W 115 -29.29 52.04 76.27
N ILE W 116 -29.11 51.23 75.22
CA ILE W 116 -27.81 51.08 74.60
C ILE W 116 -28.02 50.87 73.11
N GLN W 117 -27.21 51.55 72.31
CA GLN W 117 -27.40 51.55 70.88
C GLN W 117 -26.05 51.57 70.20
N VAL W 118 -25.89 50.71 69.19
CA VAL W 118 -24.69 50.64 68.38
C VAL W 118 -25.08 50.98 66.96
N ASN W 119 -24.40 51.96 66.37
CA ASN W 119 -24.64 52.43 65.02
C ASN W 119 -23.37 52.27 64.21
N LYS W 120 -23.54 52.08 62.90
CA LYS W 120 -22.37 52.00 62.03
C LYS W 120 -21.76 53.37 61.84
N ALA W 121 -20.44 53.42 61.84
CA ALA W 121 -19.67 54.63 61.58
C ALA W 121 -19.21 54.64 60.13
N PRO W 122 -18.70 55.76 59.63
CA PRO W 122 -18.12 55.75 58.28
C PRO W 122 -16.96 54.77 58.19
N LYS W 123 -17.03 53.90 57.19
CA LYS W 123 -16.02 52.87 57.02
C LYS W 123 -14.69 53.48 56.59
N MET W 124 -13.61 52.82 56.97
CA MET W 124 -12.27 53.27 56.63
C MET W 124 -11.63 52.29 55.66
N ARG W 125 -10.97 52.84 54.64
CA ARG W 125 -10.53 52.10 53.48
C ARG W 125 -9.10 51.62 53.65
N ARG W 126 -8.90 50.33 53.43
CA ARG W 126 -7.58 49.75 53.25
C ARG W 126 -7.63 48.86 52.03
N ARG W 127 -6.48 48.29 51.68
CA ARG W 127 -6.29 47.71 50.37
C ARG W 127 -5.73 46.30 50.49
N THR W 128 -6.27 45.37 49.71
CA THR W 128 -5.72 44.03 49.65
C THR W 128 -5.51 43.62 48.19
N TYR W 129 -4.61 42.67 47.99
CA TYR W 129 -4.11 42.30 46.68
C TYR W 129 -4.51 40.88 46.35
N ARG W 130 -5.06 40.67 45.16
CA ARG W 130 -5.64 39.40 44.77
C ARG W 130 -4.87 38.80 43.59
N ALA W 131 -5.42 37.72 43.03
CA ALA W 131 -4.63 36.79 42.25
C ALA W 131 -4.09 37.40 40.98
N HIS W 132 -4.92 38.08 40.20
CA HIS W 132 -4.49 38.38 38.84
C HIS W 132 -4.29 39.87 38.63
N GLY W 133 -3.57 40.50 39.55
CA GLY W 133 -3.34 41.93 39.46
C GLY W 133 -4.52 42.75 39.89
N ARG W 134 -5.36 42.20 40.76
CA ARG W 134 -6.59 42.85 41.18
C ARG W 134 -6.44 43.40 42.59
N ILE W 135 -7.21 44.45 42.85
CA ILE W 135 -7.22 45.15 44.12
C ILE W 135 -8.61 45.04 44.72
N ASN W 136 -8.69 44.72 46.01
CA ASN W 136 -9.97 44.61 46.65
C ASN W 136 -10.00 45.44 47.94
N PRO W 137 -11.19 45.88 48.35
CA PRO W 137 -11.30 46.63 49.61
C PRO W 137 -10.97 45.78 50.81
N TYR W 138 -10.52 46.45 51.86
CA TYR W 138 -10.23 45.87 53.16
C TYR W 138 -10.82 46.74 54.25
N MET W 139 -12.11 47.05 54.10
CA MET W 139 -12.77 48.06 54.91
C MET W 139 -12.81 47.67 56.38
N SER W 140 -12.71 48.68 57.24
CA SER W 140 -13.07 48.49 58.63
C SER W 140 -14.53 48.86 58.82
N SER W 141 -15.10 48.40 59.93
CA SER W 141 -16.50 48.65 60.26
C SER W 141 -16.58 49.22 61.67
N PRO W 142 -16.20 50.48 61.87
CA PRO W 142 -16.27 51.08 63.20
C PRO W 142 -17.72 51.38 63.58
N CYS W 143 -17.92 51.66 64.85
CA CYS W 143 -19.27 51.90 65.34
C CYS W 143 -19.30 53.06 66.31
N HIS W 144 -20.38 53.84 66.24
CA HIS W 144 -20.76 54.72 67.33
C HIS W 144 -21.55 53.93 68.36
N ILE W 145 -21.33 54.23 69.63
CA ILE W 145 -22.08 53.61 70.71
C ILE W 145 -22.63 54.71 71.60
N GLU W 146 -23.86 54.52 72.07
CA GLU W 146 -24.41 55.40 73.08
C GLU W 146 -25.16 54.57 74.11
N MET W 147 -25.17 55.06 75.34
CA MET W 147 -25.93 54.38 76.38
C MET W 147 -26.47 55.38 77.37
N ILE W 148 -27.63 55.04 77.93
CA ILE W 148 -28.30 55.79 78.98
C ILE W 148 -28.54 54.84 80.13
N LEU W 149 -27.96 55.18 81.29
CA LEU W 149 -28.13 54.47 82.54
C LEU W 149 -29.18 55.20 83.36
N THR W 150 -29.97 54.46 84.13
CA THR W 150 -31.01 55.07 84.95
C THR W 150 -31.05 54.44 86.32
N GLU W 151 -31.26 55.27 87.35
CA GLU W 151 -31.37 54.80 88.71
C GLU W 151 -32.70 54.08 88.92
N LYS W 152 -32.65 52.88 89.48
CA LYS W 152 -33.82 52.15 89.93
C LYS W 152 -33.37 51.00 90.81
N GLU W 153 -34.17 50.69 91.82
CA GLU W 153 -33.83 49.62 92.76
C GLU W 153 -35.09 49.04 93.38
N GLY X 1 -72.84 41.89 23.19
CA GLY X 1 -72.13 42.45 22.07
C GLY X 1 -73.02 42.67 20.86
N VAL X 2 -72.77 43.73 20.12
CA VAL X 2 -73.57 44.10 18.96
C VAL X 2 -72.67 44.08 17.73
N ASP X 3 -73.20 43.58 16.62
CA ASP X 3 -72.44 43.41 15.38
C ASP X 3 -72.54 44.67 14.53
N ILE X 4 -71.82 45.70 14.96
CA ILE X 4 -71.72 46.95 14.23
C ILE X 4 -70.26 47.32 14.09
N ARG X 5 -70.00 48.33 13.26
CA ARG X 5 -68.65 48.78 12.98
C ARG X 5 -68.53 50.25 13.34
N HIS X 6 -67.44 50.61 14.01
CA HIS X 6 -67.31 51.92 14.62
C HIS X 6 -66.35 52.85 13.88
N ASN X 7 -65.89 52.46 12.69
CA ASN X 7 -64.87 53.26 12.01
C ASN X 7 -65.43 54.51 11.36
N LYS X 8 -66.75 54.59 11.16
CA LYS X 8 -67.37 55.74 10.52
C LYS X 8 -68.35 56.45 11.44
N ASP X 9 -68.26 56.19 12.75
CA ASP X 9 -69.19 56.82 13.69
C ASP X 9 -69.02 58.32 13.72
N ARG X 10 -67.78 58.79 13.79
CA ARG X 10 -67.48 60.20 13.94
C ARG X 10 -67.39 60.85 12.57
N LYS X 11 -68.35 61.71 12.24
CA LYS X 11 -68.33 62.40 10.97
C LYS X 11 -67.33 63.54 11.01
N VAL X 12 -66.44 63.58 10.02
CA VAL X 12 -65.39 64.59 9.96
C VAL X 12 -65.95 65.78 9.20
N ARG X 13 -66.16 66.89 9.91
CA ARG X 13 -66.70 68.09 9.32
C ARG X 13 -66.38 69.25 10.24
N ARG X 14 -66.46 70.46 9.70
CA ARG X 14 -66.23 71.67 10.49
C ARG X 14 -67.49 71.99 11.27
N LYS X 15 -67.36 72.08 12.60
CA LYS X 15 -68.43 72.55 13.46
C LYS X 15 -68.24 74.00 13.88
N GLU X 16 -67.07 74.57 13.62
CA GLU X 16 -66.75 75.94 13.97
C GLU X 16 -65.56 76.36 13.13
N PRO X 17 -65.33 77.66 12.96
CA PRO X 17 -64.11 78.09 12.27
C PRO X 17 -62.88 77.76 13.11
N LYS X 18 -61.85 77.24 12.46
CA LYS X 18 -60.57 77.05 13.13
C LYS X 18 -59.88 78.38 13.39
N SER X 19 -60.32 79.45 12.73
CA SER X 19 -59.75 80.76 12.92
C SER X 19 -60.13 81.33 14.28
N GLN X 20 -59.28 82.23 14.78
CA GLN X 20 -59.54 82.95 16.02
C GLN X 20 -59.95 84.40 15.76
N ASP X 21 -60.31 84.73 14.52
CA ASP X 21 -60.75 86.07 14.16
C ASP X 21 -62.04 86.38 14.90
N ILE X 22 -62.02 87.41 15.74
CA ILE X 22 -63.18 87.69 16.59
C ILE X 22 -64.34 88.25 15.79
N TYR X 23 -64.07 89.02 14.73
CA TYR X 23 -65.16 89.50 13.88
C TYR X 23 -65.82 88.34 13.14
N LEU X 24 -65.00 87.41 12.64
CA LEU X 24 -65.55 86.22 12.00
C LEU X 24 -66.37 85.42 12.99
N ARG X 25 -65.90 85.30 14.23
CA ARG X 25 -66.66 84.56 15.23
C ARG X 25 -67.96 85.24 15.59
N LEU X 26 -67.98 86.58 15.62
CA LEU X 26 -69.22 87.30 15.88
C LEU X 26 -70.24 87.06 14.78
N LEU X 27 -69.80 87.16 13.52
CA LEU X 27 -70.78 86.93 12.47
C LEU X 27 -71.13 85.46 12.29
N VAL X 28 -70.26 84.54 12.75
CA VAL X 28 -70.65 83.14 12.90
C VAL X 28 -71.72 82.98 13.97
N LYS X 29 -71.63 83.74 15.06
CA LYS X 29 -72.70 83.72 16.06
C LYS X 29 -74.02 84.18 15.44
N LEU X 30 -73.96 85.27 14.68
CA LEU X 30 -75.16 85.81 14.04
C LEU X 30 -75.79 84.78 13.10
N TYR X 31 -74.99 84.18 12.22
CA TYR X 31 -75.55 83.22 11.29
C TYR X 31 -75.86 81.87 11.91
N ARG X 32 -75.24 81.51 13.03
CA ARG X 32 -75.69 80.36 13.79
C ARG X 32 -77.11 80.58 14.30
N PHE X 33 -77.35 81.77 14.86
CA PHE X 33 -78.71 82.09 15.32
C PHE X 33 -79.69 82.09 14.15
N LEU X 34 -79.32 82.68 13.02
CA LEU X 34 -80.24 82.76 11.90
C LEU X 34 -80.53 81.38 11.32
N ALA X 35 -79.50 80.55 11.16
CA ALA X 35 -79.72 79.20 10.65
C ALA X 35 -80.54 78.35 11.60
N ARG X 36 -80.40 78.58 12.91
CA ARG X 36 -81.20 77.81 13.85
C ARG X 36 -82.66 78.26 13.86
N ARG X 37 -82.89 79.57 13.86
CA ARG X 37 -84.22 80.11 14.08
C ARG X 37 -84.96 80.45 12.79
N THR X 38 -84.39 80.15 11.63
CA THR X 38 -85.11 80.30 10.37
C THR X 38 -85.07 78.99 9.62
N ASN X 39 -86.01 78.83 8.69
CA ASN X 39 -86.03 77.66 7.82
C ASN X 39 -85.26 77.89 6.53
N SER X 40 -84.59 79.03 6.39
CA SER X 40 -83.84 79.36 5.19
C SER X 40 -82.60 78.48 5.10
N THR X 41 -82.54 77.62 4.10
CA THR X 41 -81.34 76.82 3.86
C THR X 41 -80.18 77.68 3.39
N PHE X 42 -80.46 78.88 2.90
CA PHE X 42 -79.39 79.81 2.55
C PHE X 42 -78.53 80.13 3.76
N ASN X 43 -79.17 80.35 4.91
CA ASN X 43 -78.41 80.63 6.13
C ASN X 43 -77.54 79.46 6.53
N GLN X 44 -78.05 78.24 6.37
CA GLN X 44 -77.27 77.05 6.67
C GLN X 44 -76.05 76.95 5.77
N VAL X 45 -76.24 77.19 4.48
CA VAL X 45 -75.11 77.14 3.54
C VAL X 45 -74.08 78.20 3.88
N VAL X 46 -74.54 79.41 4.21
CA VAL X 46 -73.62 80.49 4.54
C VAL X 46 -72.85 80.17 5.81
N LEU X 47 -73.52 79.59 6.80
CA LEU X 47 -72.84 79.23 8.05
C LEU X 47 -71.78 78.17 7.80
N LYS X 48 -72.11 77.13 7.04
CA LYS X 48 -71.11 76.09 6.80
C LYS X 48 -69.97 76.60 5.93
N ARG X 49 -70.22 77.61 5.08
CA ARG X 49 -69.13 78.22 4.34
C ARG X 49 -68.27 79.10 5.24
N LEU X 50 -68.87 79.73 6.24
CA LEU X 50 -68.08 80.50 7.20
C LEU X 50 -67.17 79.59 8.00
N PHE X 51 -67.61 78.37 8.29
CA PHE X 51 -66.74 77.44 9.00
C PHE X 51 -65.51 77.06 8.18
N MET X 52 -65.58 77.18 6.86
CA MET X 52 -64.61 76.55 5.98
C MET X 52 -63.24 77.21 6.06
N SER X 53 -62.27 76.55 5.46
CA SER X 53 -60.90 77.01 5.40
C SER X 53 -60.67 77.89 4.17
N ARG X 54 -59.50 78.50 4.10
CA ARG X 54 -59.23 79.45 3.03
C ARG X 54 -59.17 78.77 1.67
N THR X 55 -58.60 77.57 1.59
CA THR X 55 -58.58 76.85 0.33
C THR X 55 -59.99 76.43 -0.09
N ASN X 56 -60.88 76.22 0.88
CA ASN X 56 -62.27 75.92 0.59
C ASN X 56 -63.10 77.17 0.39
N ARG X 57 -62.51 78.35 0.53
CA ARG X 57 -63.16 79.61 0.20
C ARG X 57 -62.28 80.35 -0.80
N PRO X 58 -62.26 79.89 -2.05
CA PRO X 58 -61.39 80.52 -3.04
C PRO X 58 -61.87 81.91 -3.37
N PRO X 59 -60.96 82.81 -3.79
CA PRO X 59 -61.39 84.14 -4.18
C PRO X 59 -62.23 84.12 -5.43
N LEU X 60 -63.17 85.05 -5.50
CA LEU X 60 -64.06 85.20 -6.64
C LEU X 60 -63.63 86.43 -7.42
N SER X 61 -63.33 86.25 -8.70
CA SER X 61 -62.92 87.36 -9.54
C SER X 61 -64.11 88.22 -9.93
N LEU X 62 -63.82 89.50 -10.19
CA LEU X 62 -64.86 90.42 -10.60
C LEU X 62 -65.47 90.00 -11.93
N SER X 63 -64.65 89.48 -12.85
CA SER X 63 -65.17 89.05 -14.14
C SER X 63 -66.13 87.87 -13.99
N ARG X 64 -65.79 86.90 -13.15
CA ARG X 64 -66.70 85.77 -12.94
C ARG X 64 -67.97 86.21 -12.24
N MET X 65 -67.85 87.12 -11.27
CA MET X 65 -69.05 87.65 -10.61
C MET X 65 -69.96 88.36 -11.61
N ILE X 66 -69.38 89.17 -12.48
CA ILE X 66 -70.15 89.89 -13.49
C ILE X 66 -70.83 88.90 -14.43
N ARG X 67 -70.08 87.88 -14.86
CA ARG X 67 -70.64 86.89 -15.77
C ARG X 67 -71.80 86.14 -15.14
N LYS X 68 -71.68 85.77 -13.87
CA LYS X 68 -72.76 85.03 -13.22
C LYS X 68 -73.96 85.92 -12.91
N MET X 69 -73.73 87.19 -12.58
CA MET X 69 -74.84 88.09 -12.31
C MET X 69 -75.50 88.61 -13.59
N LYS X 70 -74.84 88.44 -14.73
CA LYS X 70 -75.37 88.83 -16.02
C LYS X 70 -76.39 87.84 -16.57
N LEU X 71 -76.50 86.66 -15.96
CA LEU X 71 -77.42 85.64 -16.44
C LEU X 71 -78.87 86.11 -16.28
N PRO X 72 -79.77 85.63 -17.14
CA PRO X 72 -81.15 86.14 -17.13
C PRO X 72 -81.86 85.88 -15.81
N GLY X 73 -82.73 86.81 -15.43
CA GLY X 73 -83.52 86.67 -14.24
C GLY X 73 -82.83 87.02 -12.95
N ARG X 74 -81.56 87.44 -13.00
CA ARG X 74 -80.80 87.78 -11.80
C ARG X 74 -80.62 89.28 -11.64
N GLU X 75 -81.48 90.07 -12.28
CA GLU X 75 -81.42 91.51 -12.13
C GLU X 75 -81.86 91.91 -10.73
N ASN X 76 -81.18 92.92 -10.17
CA ASN X 76 -81.49 93.47 -8.86
C ASN X 76 -81.43 92.42 -7.76
N LYS X 77 -80.53 91.45 -7.90
CA LYS X 77 -80.27 90.46 -6.87
C LYS X 77 -78.92 90.73 -6.23
N THR X 78 -78.77 90.34 -4.97
CA THR X 78 -77.53 90.57 -4.24
C THR X 78 -76.61 89.38 -4.46
N ALA X 79 -75.41 89.65 -4.98
CA ALA X 79 -74.40 88.61 -5.13
C ALA X 79 -73.73 88.38 -3.79
N VAL X 80 -73.79 87.16 -3.29
CA VAL X 80 -73.24 86.81 -1.98
C VAL X 80 -72.13 85.81 -2.20
N VAL X 81 -70.93 86.16 -1.75
CA VAL X 81 -69.79 85.26 -1.76
C VAL X 81 -69.19 85.22 -0.36
N VAL X 82 -68.95 84.02 0.14
CA VAL X 82 -68.31 83.86 1.45
C VAL X 82 -66.82 83.76 1.17
N GLY X 83 -66.19 84.91 1.04
CA GLY X 83 -64.80 84.95 0.66
C GLY X 83 -64.43 86.32 0.13
N THR X 84 -63.38 86.33 -0.69
CA THR X 84 -62.77 87.57 -1.15
C THR X 84 -63.17 87.84 -2.59
N ILE X 85 -63.65 89.05 -2.86
CA ILE X 85 -63.81 89.53 -4.23
C ILE X 85 -62.49 90.08 -4.70
N THR X 86 -62.10 89.67 -5.89
CA THR X 86 -60.82 90.03 -6.47
C THR X 86 -61.05 90.84 -7.74
N ASP X 87 -60.31 91.93 -7.89
CA ASP X 87 -60.38 92.70 -9.12
C ASP X 87 -59.84 91.89 -10.29
N ASP X 88 -60.52 91.97 -11.42
CA ASP X 88 -60.06 91.40 -12.67
C ASP X 88 -59.77 92.55 -13.62
N VAL X 89 -58.50 92.71 -14.00
CA VAL X 89 -58.13 93.78 -14.92
C VAL X 89 -58.40 93.42 -16.37
N ARG X 90 -58.86 92.21 -16.64
CA ARG X 90 -59.20 91.83 -18.00
C ARG X 90 -60.56 92.33 -18.44
N VAL X 91 -61.40 92.74 -17.50
CA VAL X 91 -62.71 93.29 -17.83
C VAL X 91 -62.60 94.82 -17.86
N GLN X 92 -63.32 95.43 -18.79
CA GLN X 92 -63.25 96.87 -18.99
C GLN X 92 -64.43 97.60 -18.37
N GLU X 93 -65.65 97.12 -18.61
CA GLU X 93 -66.84 97.77 -18.12
C GLU X 93 -67.40 96.98 -16.94
N VAL X 94 -67.67 97.67 -15.85
CA VAL X 94 -68.23 97.10 -14.63
C VAL X 94 -69.65 97.61 -14.48
N PRO X 95 -70.66 96.74 -14.45
CA PRO X 95 -72.04 97.20 -14.27
C PRO X 95 -72.33 97.50 -12.81
N LYS X 96 -73.52 98.01 -12.56
CA LYS X 96 -73.96 98.29 -11.20
C LYS X 96 -74.28 96.99 -10.48
N LEU X 97 -73.59 96.73 -9.38
CA LEU X 97 -73.71 95.46 -8.67
C LEU X 97 -73.93 95.72 -7.19
N LYS X 98 -74.84 94.98 -6.59
CA LYS X 98 -75.05 94.98 -5.15
C LYS X 98 -74.50 93.66 -4.61
N VAL X 99 -73.37 93.72 -3.91
CA VAL X 99 -72.62 92.53 -3.58
C VAL X 99 -72.34 92.49 -2.09
N CYS X 100 -72.51 91.33 -1.47
CA CYS X 100 -72.05 91.06 -0.12
C CYS X 100 -70.88 90.10 -0.16
N ALA X 101 -69.82 90.44 0.58
CA ALA X 101 -68.63 89.61 0.58
C ALA X 101 -67.93 89.70 1.91
N LEU X 102 -67.12 88.69 2.19
CA LEU X 102 -66.34 88.67 3.42
C LEU X 102 -65.17 89.65 3.33
N ARG X 103 -64.51 89.71 2.18
CA ARG X 103 -63.46 90.68 1.92
C ARG X 103 -63.58 91.16 0.48
N VAL X 104 -63.21 92.42 0.27
CA VAL X 104 -63.12 92.98 -1.07
C VAL X 104 -61.75 93.63 -1.22
N THR X 105 -61.07 93.30 -2.31
CA THR X 105 -59.81 93.97 -2.63
C THR X 105 -60.05 95.47 -2.82
N SER X 106 -59.05 96.27 -2.47
CA SER X 106 -59.20 97.71 -2.54
C SER X 106 -59.54 98.18 -3.95
N ARG X 107 -58.85 97.63 -4.96
CA ARG X 107 -59.11 98.05 -6.33
C ARG X 107 -60.48 97.59 -6.81
N ALA X 108 -60.86 96.36 -6.47
CA ALA X 108 -62.19 95.86 -6.84
C ALA X 108 -63.28 96.68 -6.16
N ARG X 109 -63.06 97.06 -4.90
CA ARG X 109 -64.01 97.90 -4.20
C ARG X 109 -64.14 99.26 -4.86
N SER X 110 -63.01 99.85 -5.25
CA SER X 110 -63.05 101.14 -5.93
C SER X 110 -63.81 101.03 -7.25
N ARG X 111 -63.57 99.97 -8.01
CA ARG X 111 -64.27 99.81 -9.29
C ARG X 111 -65.76 99.60 -9.08
N ILE X 112 -66.14 98.79 -8.10
CA ILE X 112 -67.56 98.52 -7.85
C ILE X 112 -68.26 99.81 -7.42
N LEU X 113 -67.65 100.56 -6.50
CA LEU X 113 -68.28 101.78 -6.04
C LEU X 113 -68.32 102.86 -7.12
N ARG X 114 -67.29 102.92 -7.97
CA ARG X 114 -67.30 103.87 -9.07
C ARG X 114 -68.36 103.52 -10.09
N ALA X 115 -68.63 102.23 -10.29
CA ALA X 115 -69.70 101.84 -11.19
C ALA X 115 -71.08 102.05 -10.59
N GLY X 116 -71.21 102.70 -9.44
CA GLY X 116 -72.50 102.88 -8.81
C GLY X 116 -72.98 101.71 -7.99
N GLY X 117 -72.10 100.77 -7.67
CA GLY X 117 -72.49 99.59 -6.95
C GLY X 117 -72.52 99.80 -5.44
N LYS X 118 -72.95 98.76 -4.76
CA LYS X 118 -73.08 98.74 -3.31
C LYS X 118 -72.36 97.51 -2.76
N ILE X 119 -71.65 97.69 -1.65
CA ILE X 119 -70.90 96.62 -1.01
C ILE X 119 -71.42 96.46 0.41
N LEU X 120 -71.72 95.22 0.79
CA LEU X 120 -72.30 94.90 2.07
C LEU X 120 -71.42 93.89 2.80
N THR X 121 -71.30 94.06 4.11
CA THR X 121 -70.77 92.98 4.92
C THR X 121 -71.89 92.00 5.25
N PHE X 122 -71.54 90.92 5.94
CA PHE X 122 -72.53 89.87 6.15
C PHE X 122 -73.54 90.25 7.23
N ASP X 123 -73.16 91.08 8.20
CA ASP X 123 -74.15 91.61 9.14
C ASP X 123 -75.14 92.52 8.43
N GLN X 124 -74.66 93.36 7.51
CA GLN X 124 -75.55 94.18 6.70
C GLN X 124 -76.46 93.32 5.83
N LEU X 125 -75.92 92.21 5.31
CA LEU X 125 -76.75 91.28 4.55
C LEU X 125 -77.82 90.67 5.41
N ALA X 126 -77.49 90.32 6.65
CA ALA X 126 -78.49 89.78 7.56
C ALA X 126 -79.59 90.78 7.83
N LEU X 127 -79.22 92.06 8.00
CA LEU X 127 -80.24 93.07 8.22
C LEU X 127 -81.08 93.31 6.97
N ASP X 128 -80.46 93.27 5.80
CA ASP X 128 -81.17 93.57 4.56
C ASP X 128 -82.10 92.43 4.15
N SER X 129 -81.64 91.19 4.29
CA SER X 129 -82.42 90.02 3.93
C SER X 129 -82.06 88.90 4.87
N PRO X 130 -82.75 88.79 6.01
CA PRO X 130 -82.40 87.75 7.00
C PRO X 130 -82.55 86.34 6.48
N LYS X 131 -83.48 86.08 5.57
CA LYS X 131 -83.67 84.76 5.01
C LYS X 131 -82.87 84.54 3.73
N GLY X 132 -82.13 85.55 3.28
CA GLY X 132 -81.38 85.41 2.05
C GLY X 132 -82.22 85.49 0.80
N CYS X 133 -83.35 86.19 0.86
CA CYS X 133 -84.21 86.33 -0.31
C CYS X 133 -83.57 87.28 -1.32
N GLY X 134 -83.77 86.99 -2.60
CA GLY X 134 -83.22 87.81 -3.66
C GLY X 134 -81.71 87.80 -3.73
N THR X 135 -81.09 86.64 -3.50
CA THR X 135 -79.65 86.53 -3.48
C THR X 135 -79.18 85.50 -4.49
N VAL X 136 -78.00 85.75 -5.03
CA VAL X 136 -77.29 84.81 -5.89
C VAL X 136 -76.04 84.40 -5.13
N LEU X 137 -76.01 83.16 -4.65
CA LEU X 137 -74.90 82.65 -3.87
C LEU X 137 -73.84 82.13 -4.81
N LEU X 138 -72.70 82.81 -4.85
CA LEU X 138 -71.62 82.48 -5.77
C LEU X 138 -70.43 81.92 -5.01
N SER X 139 -69.59 81.19 -5.73
CA SER X 139 -68.38 80.62 -5.17
C SER X 139 -67.26 80.79 -6.19
N GLY X 140 -66.06 81.04 -5.70
CA GLY X 140 -64.90 81.07 -6.56
C GLY X 140 -64.55 79.67 -7.01
N PRO X 141 -63.68 79.55 -8.01
CA PRO X 141 -63.30 78.23 -8.50
C PRO X 141 -62.56 77.42 -7.45
N ARG X 142 -63.20 76.37 -6.96
CA ARG X 142 -62.63 75.60 -5.86
C ARG X 142 -61.39 74.83 -6.29
N LYS X 143 -61.36 74.35 -7.52
CA LYS X 143 -60.23 73.59 -8.04
C LYS X 143 -59.27 74.45 -8.84
N GLY X 144 -59.39 75.77 -8.76
CA GLY X 144 -58.44 76.66 -9.39
C GLY X 144 -57.22 76.87 -8.52
N ARG X 145 -56.44 75.81 -8.32
CA ARG X 145 -55.25 75.86 -7.49
C ARG X 145 -54.19 74.99 -8.14
N GLU X 146 -52.93 75.29 -7.84
CA GLU X 146 -51.83 74.57 -8.47
C GLU X 146 -51.77 73.12 -8.00
N VAL X 147 -52.23 72.84 -6.78
CA VAL X 147 -52.15 71.49 -6.24
C VAL X 147 -52.99 70.51 -7.04
N TYR X 148 -54.09 70.97 -7.63
CA TYR X 148 -54.97 70.08 -8.37
C TYR X 148 -54.40 69.66 -9.70
N ARG X 149 -53.37 70.35 -10.19
CA ARG X 149 -52.66 69.88 -11.37
C ARG X 149 -51.77 68.69 -11.05
N HIS X 150 -51.27 68.62 -9.82
CA HIS X 150 -50.48 67.48 -9.40
C HIS X 150 -51.36 66.33 -8.92
N PHE X 151 -52.54 66.63 -8.41
CA PHE X 151 -53.43 65.58 -7.94
C PHE X 151 -53.99 64.78 -9.11
N GLY X 152 -54.34 63.53 -8.83
CA GLY X 152 -54.88 62.67 -9.85
C GLY X 152 -54.12 61.36 -9.95
N LYS X 153 -54.16 60.73 -11.12
CA LYS X 153 -53.36 59.53 -11.33
C LYS X 153 -51.88 59.90 -11.38
N ALA X 154 -51.04 58.90 -11.17
CA ALA X 154 -49.61 59.15 -11.15
C ALA X 154 -49.13 59.57 -12.54
N PRO X 155 -48.14 60.47 -12.63
CA PRO X 155 -47.66 60.89 -13.94
C PRO X 155 -47.09 59.76 -14.78
N GLY X 156 -46.51 58.75 -14.16
CA GLY X 156 -45.88 57.67 -14.89
C GLY X 156 -46.83 56.53 -15.19
N THR X 157 -48.10 56.85 -15.44
CA THR X 157 -49.11 55.88 -15.78
C THR X 157 -49.78 56.30 -17.08
N PRO X 158 -50.27 55.35 -17.87
CA PRO X 158 -50.90 55.71 -19.14
C PRO X 158 -52.14 56.57 -18.95
N HIS X 159 -52.34 57.50 -19.88
CA HIS X 159 -53.52 58.35 -19.96
C HIS X 159 -53.66 59.25 -18.74
N SER X 160 -52.55 59.59 -18.11
CA SER X 160 -52.55 60.54 -17.00
C SER X 160 -51.83 61.80 -17.45
N HIS X 161 -52.45 62.94 -17.20
CA HIS X 161 -51.88 64.23 -17.56
C HIS X 161 -51.69 65.08 -16.31
N THR X 162 -51.19 64.48 -15.25
CA THR X 162 -50.98 65.18 -14.00
C THR X 162 -49.55 65.70 -13.94
N LYS X 163 -49.41 66.93 -13.49
CA LYS X 163 -48.11 67.58 -13.47
C LYS X 163 -47.21 66.93 -12.43
N PRO X 164 -46.00 66.50 -12.81
CA PRO X 164 -45.07 65.98 -11.82
C PRO X 164 -44.40 67.08 -11.03
N TYR X 165 -43.84 66.71 -9.88
CA TYR X 165 -43.11 67.64 -9.04
C TYR X 165 -41.66 67.67 -9.51
N VAL X 166 -41.25 68.76 -10.15
CA VAL X 166 -39.90 68.92 -10.65
C VAL X 166 -39.33 70.21 -10.09
N ARG X 167 -38.06 70.16 -9.68
CA ARG X 167 -37.43 71.37 -9.14
C ARG X 167 -37.19 72.39 -10.23
N SER X 168 -37.04 71.97 -11.47
CA SER X 168 -36.82 72.86 -12.59
C SER X 168 -37.50 72.31 -13.82
N LYS X 169 -37.88 73.19 -14.73
CA LYS X 169 -38.47 72.80 -16.01
C LYS X 169 -37.47 73.07 -17.12
N GLY X 170 -37.12 72.02 -17.86
CA GLY X 170 -36.17 72.14 -18.94
C GLY X 170 -36.02 70.80 -19.63
N ARG X 171 -35.22 70.80 -20.70
CA ARG X 171 -35.07 69.58 -21.49
C ARG X 171 -34.30 68.51 -20.74
N LYS X 172 -33.60 68.87 -19.67
CA LYS X 172 -32.83 67.92 -18.88
C LYS X 172 -33.61 67.35 -17.70
N PHE X 173 -34.80 67.85 -17.42
CA PHE X 173 -35.51 67.52 -16.19
C PHE X 173 -36.73 66.69 -16.51
N GLU X 174 -36.57 65.38 -16.41
CA GLU X 174 -37.66 64.39 -16.51
C GLU X 174 -38.35 64.46 -17.87
N ARG X 175 -37.57 64.20 -18.90
CA ARG X 175 -38.10 64.16 -20.26
C ARG X 175 -37.63 62.99 -21.09
N ALA X 176 -36.76 62.12 -20.56
CA ALA X 176 -36.16 61.12 -21.44
C ALA X 176 -36.83 59.75 -21.41
N ARG X 177 -36.74 59.02 -20.32
CA ARG X 177 -37.11 57.61 -20.29
C ARG X 177 -38.45 57.44 -19.58
N GLY X 178 -39.46 57.01 -20.31
CA GLY X 178 -40.83 57.05 -19.84
C GLY X 178 -41.60 58.24 -20.35
N ARG X 179 -40.99 59.05 -21.22
CA ARG X 179 -41.65 60.20 -21.79
C ARG X 179 -41.63 60.21 -23.30
N ARG X 180 -40.81 59.39 -23.94
CA ARG X 180 -40.78 59.29 -25.39
C ARG X 180 -40.39 57.88 -25.77
N ALA X 181 -40.92 57.42 -26.90
CA ALA X 181 -40.66 56.06 -27.36
C ALA X 181 -39.20 55.84 -27.71
N SER X 182 -38.46 56.90 -27.99
CA SER X 182 -37.05 56.76 -28.33
C SER X 182 -36.20 56.37 -27.13
N ARG X 183 -36.72 56.51 -25.91
CA ARG X 183 -36.00 56.13 -24.70
C ARG X 183 -36.88 55.15 -23.91
N GLY X 184 -36.81 53.88 -24.27
CA GLY X 184 -37.55 52.86 -23.56
C GLY X 184 -39.01 52.80 -23.92
N TYR X 185 -39.79 53.78 -23.45
CA TYR X 185 -41.24 53.73 -23.59
C TYR X 185 -41.77 55.13 -23.33
N LYS X 186 -43.06 55.32 -23.58
CA LYS X 186 -43.68 56.63 -23.38
C LYS X 186 -44.84 56.61 -22.40
N ASN X 187 -45.78 55.67 -22.55
CA ASN X 187 -47.14 55.70 -21.99
C ASN X 187 -47.72 57.09 -21.66
N SER Y 1 16.10 51.19 78.59
CA SER Y 1 14.81 51.01 77.95
C SER Y 1 14.96 50.26 76.63
N MET Y 2 15.59 50.90 75.65
CA MET Y 2 15.83 50.29 74.34
C MET Y 2 17.27 50.58 73.96
N LEU Y 3 18.08 49.53 73.82
CA LEU Y 3 19.53 49.66 73.74
C LEU Y 3 20.08 49.19 72.39
N ARG Y 4 19.31 49.38 71.33
CA ARG Y 4 19.79 49.00 70.00
C ARG Y 4 20.99 49.84 69.59
N LEU Y 5 20.93 51.15 69.82
CA LEU Y 5 22.04 52.04 69.52
C LEU Y 5 23.27 51.66 70.33
N GLN Y 6 23.08 51.36 71.62
CA GLN Y 6 24.21 51.01 72.47
C GLN Y 6 24.84 49.70 72.04
N LYS Y 7 24.03 48.71 71.65
CA LYS Y 7 24.60 47.45 71.16
C LYS Y 7 25.38 47.66 69.87
N ARG Y 8 24.85 48.48 68.96
CA ARG Y 8 25.55 48.74 67.71
C ARG Y 8 26.88 49.45 67.97
N LEU Y 9 26.87 50.48 68.82
CA LEU Y 9 28.09 51.21 69.11
C LEU Y 9 29.10 50.34 69.85
N ALA Y 10 28.63 49.51 70.76
CA ALA Y 10 29.53 48.61 71.47
C ALA Y 10 30.17 47.61 70.51
N SER Y 11 29.40 47.10 69.54
CA SER Y 11 29.97 46.22 68.54
C SER Y 11 31.03 46.92 67.71
N SER Y 12 30.75 48.17 67.30
CA SER Y 12 31.71 48.91 66.50
C SER Y 12 32.99 49.19 67.29
N VAL Y 13 32.86 49.57 68.56
CA VAL Y 13 34.03 49.91 69.37
C VAL Y 13 34.85 48.66 69.68
N LEU Y 14 34.17 47.58 70.08
CA LEU Y 14 34.85 46.34 70.42
C LEU Y 14 35.33 45.56 69.22
N ARG Y 15 34.96 45.97 68.01
CA ARG Y 15 35.42 45.34 66.77
C ARG Y 15 34.97 43.89 66.68
N CYS Y 16 33.85 43.57 67.30
CA CYS Y 16 33.23 42.25 67.25
C CYS Y 16 31.82 42.39 66.73
N GLY Y 17 31.16 41.26 66.54
CA GLY Y 17 29.77 41.28 66.14
C GLY Y 17 28.86 41.58 67.31
N LYS Y 18 27.60 41.84 66.99
CA LYS Y 18 26.62 42.07 68.04
C LYS Y 18 26.30 40.80 68.81
N LYS Y 19 26.71 39.63 68.31
CA LYS Y 19 26.58 38.41 69.08
C LYS Y 19 27.38 38.47 70.36
N LYS Y 20 28.59 39.03 70.29
CA LYS Y 20 29.54 38.99 71.39
C LYS Y 20 29.42 40.17 72.34
N VAL Y 21 28.58 41.14 72.04
CA VAL Y 21 28.40 42.29 72.92
C VAL Y 21 27.49 41.87 74.07
N TRP Y 22 27.97 42.05 75.30
CA TRP Y 22 27.19 41.76 76.50
C TRP Y 22 26.94 43.07 77.23
N LEU Y 23 25.68 43.47 77.32
CA LEU Y 23 25.29 44.62 78.11
C LEU Y 23 24.75 44.14 79.44
N ASP Y 24 25.08 44.85 80.50
CA ASP Y 24 24.66 44.45 81.84
C ASP Y 24 23.14 44.58 81.94
N PRO Y 25 22.41 43.48 82.18
CA PRO Y 25 20.95 43.59 82.29
C PRO Y 25 20.48 44.36 83.50
N ASN Y 26 21.34 44.55 84.51
CA ASN Y 26 20.96 45.30 85.69
C ASN Y 26 21.21 46.80 85.54
N GLU Y 27 22.26 47.18 84.84
CA GLU Y 27 22.57 48.60 84.64
C GLU Y 27 21.99 49.13 83.33
N THR Y 28 20.70 48.86 83.12
CA THR Y 28 20.03 49.26 81.90
C THR Y 28 19.99 50.78 81.76
N ASN Y 29 19.67 51.50 82.84
CA ASN Y 29 19.61 52.95 82.76
C ASN Y 29 20.97 53.56 82.51
N GLU Y 30 22.01 53.03 83.19
CA GLU Y 30 23.35 53.55 82.99
C GLU Y 30 23.82 53.34 81.55
N ILE Y 31 23.53 52.17 80.99
CA ILE Y 31 23.90 51.93 79.60
C ILE Y 31 23.07 52.81 78.66
N ALA Y 32 21.79 53.00 78.97
CA ALA Y 32 20.92 53.81 78.12
C ALA Y 32 21.36 55.26 78.11
N ASN Y 33 22.00 55.73 79.17
CA ASN Y 33 22.54 57.08 79.16
C ASN Y 33 23.71 57.25 78.20
N ALA Y 34 24.30 56.15 77.72
CA ALA Y 34 25.45 56.22 76.82
C ALA Y 34 24.96 56.45 75.40
N ASN Y 35 25.28 57.61 74.84
CA ASN Y 35 24.90 57.94 73.48
C ASN Y 35 26.07 58.20 72.55
N SER Y 36 27.30 58.03 73.02
CA SER Y 36 28.47 58.31 72.22
C SER Y 36 29.48 57.19 72.39
N ARG Y 37 30.41 57.11 71.43
CA ARG Y 37 31.42 56.07 71.47
C ARG Y 37 32.40 56.28 72.62
N GLN Y 38 32.63 57.52 73.05
CA GLN Y 38 33.42 57.75 74.25
C GLN Y 38 32.75 57.17 75.48
N GLN Y 39 31.44 57.35 75.60
CA GLN Y 39 30.72 56.79 76.73
C GLN Y 39 30.67 55.27 76.65
N ILE Y 40 30.58 54.72 75.43
CA ILE Y 40 30.65 53.27 75.27
C ILE Y 40 32.01 52.75 75.72
N ARG Y 41 33.09 53.47 75.36
CA ARG Y 41 34.42 53.08 75.81
C ARG Y 41 34.55 53.14 77.33
N LYS Y 42 33.97 54.18 77.94
CA LYS Y 42 34.00 54.28 79.40
C LYS Y 42 33.24 53.13 80.04
N LEU Y 43 32.10 52.74 79.47
CA LEU Y 43 31.36 51.61 80.00
C LEU Y 43 32.13 50.31 79.83
N ILE Y 44 32.83 50.15 78.71
CA ILE Y 44 33.67 48.97 78.51
C ILE Y 44 34.77 48.93 79.54
N LYS Y 45 35.39 50.07 79.82
CA LYS Y 45 36.43 50.15 80.85
C LYS Y 45 35.86 49.82 82.22
N ASP Y 46 34.66 50.30 82.52
CA ASP Y 46 34.06 50.06 83.83
C ASP Y 46 33.51 48.66 83.98
N GLY Y 47 33.32 47.92 82.88
CA GLY Y 47 32.89 46.55 82.96
C GLY Y 47 31.41 46.32 82.75
N LEU Y 48 30.65 47.36 82.43
CA LEU Y 48 29.23 47.19 82.13
C LEU Y 48 29.01 46.62 80.74
N ILE Y 49 29.99 46.73 79.86
CA ILE Y 49 29.94 46.15 78.52
C ILE Y 49 31.11 45.21 78.38
N ILE Y 50 30.83 43.96 77.99
CA ILE Y 50 31.81 42.90 77.95
C ILE Y 50 31.74 42.23 76.58
N ARG Y 51 32.91 41.92 76.02
CA ARG Y 51 32.99 41.12 74.80
C ARG Y 51 32.99 39.64 75.19
N LYS Y 52 31.91 38.95 74.83
CA LYS Y 52 31.80 37.54 75.16
C LYS Y 52 32.81 36.72 74.36
N PRO Y 53 33.30 35.61 74.91
CA PRO Y 53 34.29 34.81 74.19
C PRO Y 53 33.69 34.09 73.00
N VAL Y 54 34.57 33.68 72.10
CA VAL Y 54 34.17 32.92 70.92
C VAL Y 54 33.61 31.57 71.35
N THR Y 55 32.49 31.18 70.74
CA THR Y 55 31.92 29.87 70.98
C THR Y 55 32.93 28.78 70.62
N VAL Y 56 33.09 27.80 71.50
CA VAL Y 56 34.14 26.80 71.34
C VAL Y 56 33.81 25.90 70.16
N HIS Y 57 34.75 25.79 69.24
CA HIS Y 57 34.73 24.79 68.17
C HIS Y 57 36.04 24.02 68.28
N SER Y 58 36.02 22.95 69.06
CA SER Y 58 37.23 22.19 69.34
C SER Y 58 37.61 21.33 68.15
N ARG Y 59 38.90 21.06 68.03
CA ARG Y 59 39.44 20.16 67.01
C ARG Y 59 40.05 18.91 67.62
N ALA Y 60 39.78 18.63 68.89
CA ALA Y 60 40.34 17.46 69.54
C ALA Y 60 39.84 16.18 68.90
N ARG Y 61 38.56 16.13 68.56
CA ARG Y 61 38.00 14.98 67.86
C ARG Y 61 38.66 14.77 66.51
N CYS Y 62 38.85 15.86 65.76
CA CYS Y 62 39.53 15.76 64.48
C CYS Y 62 40.96 15.29 64.64
N ARG Y 63 41.67 15.78 65.64
CA ARG Y 63 43.05 15.37 65.84
C ARG Y 63 43.14 13.89 66.21
N LYS Y 64 42.21 13.42 67.04
CA LYS Y 64 42.19 12.01 67.40
C LYS Y 64 41.91 11.14 66.18
N ASN Y 65 40.93 11.54 65.36
CA ASN Y 65 40.62 10.78 64.17
C ASN Y 65 41.77 10.84 63.15
N THR Y 66 42.46 11.97 63.08
CA THR Y 66 43.62 12.09 62.20
C THR Y 66 44.74 11.15 62.65
N LEU Y 67 44.97 11.07 63.95
CA LEU Y 67 45.98 10.13 64.46
C LEU Y 67 45.60 8.70 64.13
N ALA Y 68 44.31 8.37 64.28
CA ALA Y 68 43.85 7.04 63.89
C ALA Y 68 44.09 6.77 62.41
N ARG Y 69 43.82 7.77 61.56
CA ARG Y 69 44.02 7.59 60.13
C ARG Y 69 45.51 7.48 59.77
N ARG Y 70 46.37 8.16 60.51
CA ARG Y 70 47.81 7.96 60.34
C ARG Y 70 48.20 6.53 60.68
N LYS Y 71 47.65 6.00 61.78
CA LYS Y 71 47.86 4.60 62.09
C LYS Y 71 47.24 3.67 61.05
N GLY Y 72 46.30 4.17 60.26
CA GLY Y 72 45.70 3.41 59.18
C GLY Y 72 44.22 3.13 59.31
N ARG Y 73 43.59 3.57 60.39
CA ARG Y 73 42.18 3.28 60.61
C ARG Y 73 41.30 4.14 59.71
N HIS Y 74 40.06 3.70 59.56
CA HIS Y 74 39.01 4.40 58.83
C HIS Y 74 39.35 4.65 57.37
N MET Y 75 40.25 3.87 56.79
CA MET Y 75 40.51 3.98 55.36
C MET Y 75 39.81 2.89 54.57
N GLY Y 76 40.13 1.62 54.86
CA GLY Y 76 39.39 0.46 54.38
C GLY Y 76 38.95 0.47 52.93
N ILE Y 77 37.85 -0.21 52.65
CA ILE Y 77 37.21 -0.18 51.35
C ILE Y 77 35.86 0.50 51.41
N GLY Y 78 35.13 0.30 52.50
CA GLY Y 78 33.86 0.96 52.73
C GLY Y 78 33.96 2.37 53.23
N LYS Y 79 35.16 2.94 53.29
CA LYS Y 79 35.32 4.35 53.62
C LYS Y 79 35.82 5.18 52.44
N ARG Y 80 35.90 4.58 51.25
CA ARG Y 80 36.39 5.27 50.07
C ARG Y 80 35.20 5.62 49.18
N LYS Y 81 35.04 6.90 48.89
CA LYS Y 81 33.97 7.36 48.01
C LYS Y 81 34.47 7.81 46.65
N GLY Y 82 35.70 8.28 46.57
CA GLY Y 82 36.25 8.68 45.30
C GLY Y 82 37.05 7.57 44.64
N THR Y 83 37.26 7.75 43.34
CA THR Y 83 38.06 6.81 42.58
C THR Y 83 39.50 6.82 43.10
N ALA Y 84 40.21 5.71 42.89
CA ALA Y 84 41.60 5.64 43.32
C ALA Y 84 42.43 6.75 42.68
N ASN Y 85 42.16 7.05 41.40
CA ASN Y 85 42.84 8.15 40.75
C ASN Y 85 42.43 9.50 41.34
N ALA Y 86 41.18 9.64 41.76
CA ALA Y 86 40.75 10.88 42.38
C ALA Y 86 41.37 11.06 43.76
N ARG Y 87 41.69 9.96 44.44
CA ARG Y 87 42.29 10.05 45.76
C ARG Y 87 43.79 10.27 45.68
N MET Y 88 44.48 9.54 44.81
CA MET Y 88 45.92 9.71 44.60
C MET Y 88 46.17 9.61 43.10
N PRO Y 89 46.31 10.74 42.41
CA PRO Y 89 46.41 10.70 40.95
C PRO Y 89 47.63 9.94 40.44
N GLU Y 90 47.41 9.19 39.37
CA GLU Y 90 48.49 8.45 38.73
C GLU Y 90 49.54 9.40 38.17
N LYS Y 91 49.11 10.55 37.66
CA LYS Y 91 50.05 11.51 37.11
C LYS Y 91 50.95 12.08 38.20
N VAL Y 92 50.40 12.36 39.37
CA VAL Y 92 51.21 12.86 40.48
C VAL Y 92 52.16 11.77 40.97
N THR Y 93 51.68 10.53 41.05
CA THR Y 93 52.55 9.42 41.41
C THR Y 93 53.72 9.29 40.43
N TRP Y 94 53.42 9.42 39.13
CA TRP Y 94 54.45 9.35 38.11
C TRP Y 94 55.44 10.50 38.23
N MET Y 95 54.95 11.71 38.51
CA MET Y 95 55.86 12.83 38.69
C MET Y 95 56.80 12.59 39.85
N ARG Y 96 56.26 12.14 40.97
CA ARG Y 96 57.12 11.90 42.14
C ARG Y 96 58.15 10.84 41.82
N ARG Y 97 57.74 9.76 41.15
CA ARG Y 97 58.67 8.69 40.82
C ARG Y 97 59.76 9.18 39.88
N MET Y 98 59.39 9.93 38.84
CA MET Y 98 60.39 10.43 37.90
C MET Y 98 61.34 11.41 38.56
N ARG Y 99 60.83 12.30 39.40
CA ARG Y 99 61.71 13.24 40.07
C ARG Y 99 62.69 12.52 40.99
N ILE Y 100 62.20 11.52 41.74
CA ILE Y 100 63.09 10.76 42.63
C ILE Y 100 64.16 10.05 41.83
N LEU Y 101 63.76 9.35 40.76
CA LEU Y 101 64.72 8.55 40.01
C LEU Y 101 65.72 9.42 39.26
N ARG Y 102 65.26 10.52 38.67
CA ARG Y 102 66.16 11.43 37.98
C ARG Y 102 67.13 12.09 38.94
N ARG Y 103 66.66 12.47 40.13
CA ARG Y 103 67.56 13.03 41.12
C ARG Y 103 68.61 12.02 41.54
N LEU Y 104 68.21 10.76 41.72
CA LEU Y 104 69.17 9.72 42.08
C LEU Y 104 70.21 9.53 40.99
N LEU Y 105 69.77 9.48 39.72
CA LEU Y 105 70.71 9.30 38.63
C LEU Y 105 71.66 10.48 38.50
N ARG Y 106 71.15 11.70 38.67
CA ARG Y 106 72.02 12.87 38.61
C ARG Y 106 73.04 12.84 39.73
N ARG Y 107 72.62 12.50 40.94
CA ARG Y 107 73.56 12.44 42.05
C ARG Y 107 74.61 11.37 41.82
N TYR Y 108 74.22 10.23 41.25
CA TYR Y 108 75.20 9.20 40.93
C TYR Y 108 76.18 9.67 39.88
N ARG Y 109 75.70 10.42 38.89
CA ARG Y 109 76.60 10.88 37.83
C ARG Y 109 77.60 11.90 38.35
N GLU Y 110 77.15 12.90 39.11
CA GLU Y 110 78.13 13.83 39.67
C GLU Y 110 78.88 13.28 40.87
N SER Y 111 78.52 12.11 41.38
CA SER Y 111 79.38 11.43 42.35
C SER Y 111 80.24 10.35 41.69
N LYS Y 112 80.17 10.23 40.37
CA LYS Y 112 81.04 9.38 39.56
C LYS Y 112 80.83 7.90 39.81
N LYS Y 113 79.65 7.50 40.30
CA LYS Y 113 79.34 6.08 40.35
C LYS Y 113 78.99 5.55 38.96
N ILE Y 114 78.41 6.38 38.11
CA ILE Y 114 78.09 6.03 36.74
C ILE Y 114 78.61 7.13 35.83
N ASP Y 115 78.84 6.76 34.57
CA ASP Y 115 79.34 7.70 33.58
C ASP Y 115 78.18 8.29 32.77
N ARG Y 116 78.53 9.09 31.76
CA ARG Y 116 77.52 9.74 30.94
C ARG Y 116 76.68 8.71 30.18
N HIS Y 117 77.32 7.66 29.67
CA HIS Y 117 76.63 6.70 28.83
C HIS Y 117 75.69 5.83 29.65
N MET Y 118 76.17 5.35 30.80
CA MET Y 118 75.30 4.60 31.69
C MET Y 118 74.17 5.48 32.21
N TYR Y 119 74.47 6.75 32.49
CA TYR Y 119 73.43 7.67 32.92
C TYR Y 119 72.37 7.84 31.86
N HIS Y 120 72.78 8.00 30.59
CA HIS Y 120 71.80 8.20 29.53
C HIS Y 120 70.95 6.96 29.30
N SER Y 121 71.57 5.78 29.34
CA SER Y 121 70.80 4.55 29.20
C SER Y 121 69.79 4.40 30.34
N LEU Y 122 70.22 4.66 31.57
CA LEU Y 122 69.31 4.51 32.69
C LEU Y 122 68.24 5.60 32.70
N TYR Y 123 68.56 6.79 32.20
CA TYR Y 123 67.57 7.85 32.09
C TYR Y 123 66.47 7.44 31.12
N LEU Y 124 66.85 6.92 29.95
CA LEU Y 124 65.84 6.46 29.01
C LEU Y 124 65.06 5.28 29.57
N LYS Y 125 65.70 4.42 30.36
CA LYS Y 125 64.98 3.29 30.94
C LYS Y 125 63.98 3.74 32.00
N VAL Y 126 64.35 4.69 32.86
CA VAL Y 126 63.39 5.16 33.85
C VAL Y 126 62.25 5.88 33.16
N LYS Y 127 62.52 6.62 32.09
CA LYS Y 127 61.44 7.21 31.32
C LYS Y 127 60.56 6.15 30.70
N GLY Y 128 61.14 5.02 30.31
CA GLY Y 128 60.40 3.89 29.80
C GLY Y 128 59.77 3.00 30.85
N ASN Y 129 59.93 3.35 32.13
CA ASN Y 129 59.23 2.70 33.24
C ASN Y 129 59.59 1.22 33.37
N VAL Y 130 60.87 0.98 33.65
CA VAL Y 130 61.34 -0.35 33.99
C VAL Y 130 61.77 -0.48 35.44
N PHE Y 131 61.91 0.62 36.16
CA PHE Y 131 62.25 0.61 37.57
C PHE Y 131 61.10 1.20 38.37
N LYS Y 132 60.70 0.51 39.45
CA LYS Y 132 59.54 0.92 40.21
C LYS Y 132 59.87 1.92 41.31
N ASN Y 133 61.09 1.93 41.81
CA ASN Y 133 61.42 2.79 42.92
C ASN Y 133 62.93 2.97 43.01
N LYS Y 134 63.35 3.63 44.09
CA LYS Y 134 64.74 4.01 44.24
C LYS Y 134 65.63 2.79 44.49
N ARG Y 135 65.12 1.81 45.24
CA ARG Y 135 65.94 0.67 45.61
C ARG Y 135 66.18 -0.26 44.43
N ILE Y 136 65.15 -0.47 43.60
CA ILE Y 136 65.29 -1.34 42.44
C ILE Y 136 66.30 -0.77 41.46
N LEU Y 137 66.22 0.53 41.20
CA LEU Y 137 67.17 1.18 40.30
C LEU Y 137 68.59 1.11 40.87
N MET Y 138 68.72 1.30 42.18
CA MET Y 138 70.04 1.25 42.80
C MET Y 138 70.65 -0.14 42.70
N GLU Y 139 69.84 -1.18 42.94
CA GLU Y 139 70.34 -2.54 42.80
C GLU Y 139 70.71 -2.87 41.36
N HIS Y 140 69.91 -2.39 40.40
CA HIS Y 140 70.25 -2.59 39.00
C HIS Y 140 71.56 -1.89 38.65
N ILE Y 141 71.79 -0.70 39.20
CA ILE Y 141 73.04 0.00 38.98
C ILE Y 141 74.20 -0.80 39.55
N HIS Y 142 74.01 -1.39 40.74
CA HIS Y 142 75.08 -2.20 41.32
C HIS Y 142 75.41 -3.41 40.45
N LYS Y 143 74.37 -4.07 39.94
CA LYS Y 143 74.60 -5.22 39.07
C LYS Y 143 75.33 -4.80 37.79
N LEU Y 144 74.93 -3.68 37.20
CA LEU Y 144 75.60 -3.19 36.00
C LEU Y 144 77.05 -2.83 36.29
N LYS Y 145 77.31 -2.21 37.44
CA LYS Y 145 78.68 -1.84 37.80
C LYS Y 145 79.54 -3.07 38.00
N ALA Y 146 79.00 -4.11 38.63
CA ALA Y 146 79.77 -5.35 38.81
C ALA Y 146 80.10 -5.99 37.47
N ASP Y 147 79.11 -6.05 36.57
CA ASP Y 147 79.36 -6.63 35.25
C ASP Y 147 80.37 -5.81 34.47
N LYS Y 148 80.27 -4.48 34.54
CA LYS Y 148 81.20 -3.61 33.85
C LYS Y 148 82.61 -3.75 34.41
N ALA Y 149 82.74 -3.89 35.72
CA ALA Y 149 84.06 -4.08 36.32
C ALA Y 149 84.68 -5.40 35.89
N ARG Y 150 83.89 -6.47 35.85
CA ARG Y 150 84.42 -7.75 35.41
C ARG Y 150 84.86 -7.69 33.95
N LYS Y 151 84.03 -7.09 33.09
CA LYS Y 151 84.36 -6.96 31.69
C LYS Y 151 85.61 -6.12 31.49
N LYS Y 152 85.73 -5.03 32.25
CA LYS Y 152 86.89 -4.16 32.14
C LYS Y 152 88.15 -4.89 32.60
N LEU Y 153 88.05 -5.71 33.64
CA LEU Y 153 89.22 -6.45 34.10
C LEU Y 153 89.70 -7.43 33.04
N LEU Y 154 88.78 -8.20 32.46
CA LEU Y 154 89.19 -9.13 31.41
C LEU Y 154 89.75 -8.39 30.20
N ALA Y 155 89.11 -7.28 29.81
CA ALA Y 155 89.58 -6.52 28.66
C ALA Y 155 90.97 -5.96 28.89
N ASP Y 156 91.23 -5.45 30.10
CA ASP Y 156 92.52 -4.82 30.35
C ASP Y 156 93.64 -5.84 30.47
N GLN Y 157 93.35 -7.03 31.04
CA GLN Y 157 94.40 -8.04 31.07
C GLN Y 157 94.67 -8.60 29.67
N ALA Y 158 93.63 -8.72 28.83
CA ALA Y 158 93.84 -9.12 27.45
C ALA Y 158 94.69 -8.09 26.71
N GLU Y 159 94.40 -6.81 26.91
CA GLU Y 159 95.20 -5.76 26.29
C GLU Y 159 96.63 -5.75 26.80
N ALA Y 160 96.82 -6.08 28.07
CA ALA Y 160 98.18 -6.20 28.61
C ALA Y 160 98.95 -7.31 27.93
N ARG Y 161 98.32 -8.47 27.73
CA ARG Y 161 99.00 -9.56 27.04
C ARG Y 161 99.29 -9.20 25.59
N ARG Y 162 98.34 -8.55 24.92
CA ARG Y 162 98.58 -8.12 23.55
C ARG Y 162 99.72 -7.12 23.48
N SER Y 163 99.78 -6.18 24.42
CA SER Y 163 100.87 -5.20 24.45
C SER Y 163 102.20 -5.87 24.71
N LYS Y 164 102.23 -6.89 25.58
CA LYS Y 164 103.45 -7.66 25.79
C LYS Y 164 103.94 -8.29 24.51
N THR Y 165 103.06 -9.01 23.81
CA THR Y 165 103.48 -9.69 22.59
C THR Y 165 103.92 -8.70 21.52
N LYS Y 166 103.19 -7.58 21.39
CA LYS Y 166 103.56 -6.57 20.41
C LYS Y 166 104.90 -5.92 20.75
N GLU Y 167 105.16 -5.68 22.04
CA GLU Y 167 106.42 -5.09 22.45
C GLU Y 167 107.59 -6.03 22.19
N ALA Y 168 107.40 -7.33 22.44
CA ALA Y 168 108.43 -8.29 22.12
C ALA Y 168 108.67 -8.36 20.61
N ARG Y 169 107.58 -8.33 19.83
CA ARG Y 169 107.69 -8.42 18.38
C ARG Y 169 108.41 -7.21 17.81
N LYS Y 170 108.12 -6.02 18.32
CA LYS Y 170 108.62 -4.79 17.74
C LYS Y 170 110.11 -4.59 17.98
N ARG Y 171 110.75 -5.41 18.80
CA ARG Y 171 112.17 -5.28 19.05
C ARG Y 171 112.97 -6.56 18.82
N ARG Y 172 112.35 -7.74 18.84
CA ARG Y 172 113.11 -8.94 18.48
C ARG Y 172 113.58 -8.86 17.05
N GLU Y 173 112.73 -8.37 16.14
CA GLU Y 173 113.16 -8.15 14.76
C GLU Y 173 114.18 -7.03 14.67
N GLU Y 174 114.11 -6.05 15.58
CA GLU Y 174 115.10 -4.97 15.57
C GLU Y 174 116.50 -5.49 15.84
N ARG Y 175 116.67 -6.27 16.91
CA ARG Y 175 118.04 -6.76 17.10
C ARG Y 175 118.37 -7.94 16.21
N LEU Y 176 117.37 -8.63 15.64
CA LEU Y 176 117.66 -9.59 14.58
C LEU Y 176 118.27 -8.91 13.37
N GLN Y 177 117.69 -7.78 12.94
CA GLN Y 177 118.25 -7.10 11.78
C GLN Y 177 119.55 -6.38 12.13
N ALA Y 178 119.73 -6.00 13.40
CA ALA Y 178 121.04 -5.55 13.84
C ALA Y 178 122.08 -6.64 13.62
N LYS Y 179 121.76 -7.88 14.02
CA LYS Y 179 122.66 -9.01 13.80
C LYS Y 179 122.85 -9.28 12.31
N LYS Y 180 121.82 -9.03 11.50
CA LYS Y 180 121.95 -9.28 10.06
C LYS Y 180 122.89 -8.26 9.40
N GLU Y 181 122.55 -6.98 9.47
CA GLU Y 181 123.35 -5.96 8.80
C GLU Y 181 124.45 -5.37 9.67
N GLU Y 182 124.89 -6.05 10.72
CA GLU Y 182 126.17 -5.66 11.32
C GLU Y 182 127.35 -6.03 10.45
N ILE Y 183 127.18 -6.96 9.52
CA ILE Y 183 128.26 -7.33 8.60
C ILE Y 183 128.27 -6.40 7.38
N ILE Y 184 127.09 -6.09 6.85
CA ILE Y 184 127.00 -5.24 5.66
C ILE Y 184 127.53 -3.84 5.96
N LYS Y 185 127.29 -3.34 7.18
CA LYS Y 185 127.77 -2.01 7.54
C LYS Y 185 129.29 -1.92 7.61
N THR Y 186 129.98 -3.05 7.75
CA THR Y 186 131.44 -3.05 7.80
C THR Y 186 132.09 -3.79 6.64
N LEU Y 187 131.30 -4.28 5.68
CA LEU Y 187 131.79 -5.00 4.50
C LEU Y 187 132.66 -6.20 4.89
N LYS Z 1 -82.97 13.23 16.39
CA LYS Z 1 -84.24 13.28 17.09
C LYS Z 1 -84.07 12.92 18.56
N ALA Z 2 -84.42 13.84 19.45
CA ALA Z 2 -84.38 13.57 20.88
C ALA Z 2 -85.64 12.81 21.27
N SER Z 3 -85.99 12.83 22.56
CA SER Z 3 -87.16 12.10 23.01
C SER Z 3 -87.75 12.81 24.23
N GLY Z 4 -88.57 12.07 24.97
CA GLY Z 4 -89.39 12.56 26.07
C GLY Z 4 -90.38 11.48 26.39
N THR Z 5 -91.66 11.81 26.43
CA THR Z 5 -92.72 10.82 26.30
C THR Z 5 -93.31 10.98 24.90
N LEU Z 6 -93.04 10.01 24.03
CA LEU Z 6 -93.41 10.15 22.64
C LEU Z 6 -94.93 10.12 22.48
N ARG Z 7 -95.39 10.72 21.39
CA ARG Z 7 -96.79 10.69 21.03
C ARG Z 7 -96.93 10.17 19.60
N GLU Z 8 -98.05 9.51 19.34
CA GLU Z 8 -98.37 9.03 18.01
C GLU Z 8 -99.07 10.13 17.23
N TYR Z 9 -98.64 10.32 15.98
CA TYR Z 9 -99.24 11.30 15.09
C TYR Z 9 -99.61 10.61 13.79
N LYS Z 10 -100.86 10.79 13.38
CA LYS Z 10 -101.27 10.46 12.02
C LYS Z 10 -100.93 11.65 11.16
N VAL Z 11 -100.02 11.46 10.21
CA VAL Z 11 -99.57 12.52 9.33
C VAL Z 11 -99.94 12.12 7.90
N VAL Z 12 -100.73 12.96 7.24
CA VAL Z 12 -101.17 12.72 5.87
C VAL Z 12 -100.63 13.85 5.02
N GLY Z 13 -99.96 13.50 3.92
CA GLY Z 13 -99.40 14.46 3.01
C GLY Z 13 -99.62 14.05 1.57
N ARG Z 14 -99.13 14.90 0.67
CA ARG Z 14 -99.24 14.64 -0.77
C ARG Z 14 -98.27 15.55 -1.50
N CYS Z 15 -98.12 15.32 -2.80
CA CYS Z 15 -97.40 16.26 -3.63
C CYS Z 15 -98.27 17.46 -3.96
N LEU Z 16 -97.62 18.54 -4.34
CA LEU Z 16 -98.36 19.68 -4.84
C LEU Z 16 -98.91 19.36 -6.23
N PRO Z 17 -100.14 19.76 -6.53
CA PRO Z 17 -100.69 19.50 -7.86
C PRO Z 17 -99.87 20.18 -8.95
N THR Z 18 -99.68 19.47 -10.05
CA THR Z 18 -98.86 19.91 -11.17
C THR Z 18 -99.62 19.61 -12.44
N PRO Z 19 -99.22 20.22 -13.56
CA PRO Z 19 -99.87 19.88 -14.85
C PRO Z 19 -99.38 18.54 -15.41
N LYS Z 20 -99.30 17.54 -14.56
CA LYS Z 20 -99.12 16.13 -14.88
C LYS Z 20 -100.11 15.26 -14.16
N CYS Z 21 -100.45 15.60 -12.92
CA CYS Z 21 -101.57 15.00 -12.21
C CYS Z 21 -102.21 16.08 -11.36
N HIS Z 22 -103.50 16.34 -11.59
CA HIS Z 22 -104.18 17.39 -10.84
C HIS Z 22 -104.52 16.95 -9.43
N THR Z 23 -104.69 15.65 -9.20
CA THR Z 23 -105.02 15.09 -7.90
C THR Z 23 -103.97 14.04 -7.54
N PRO Z 24 -102.83 14.46 -7.01
CA PRO Z 24 -101.82 13.49 -6.61
C PRO Z 24 -102.31 12.66 -5.43
N PRO Z 25 -101.80 11.45 -5.26
CA PRO Z 25 -102.29 10.58 -4.19
C PRO Z 25 -101.93 11.12 -2.81
N LEU Z 26 -102.75 10.76 -1.84
CA LEU Z 26 -102.52 11.10 -0.44
C LEU Z 26 -101.86 9.93 0.25
N TYR Z 27 -100.87 10.22 1.09
CA TYR Z 27 -100.14 9.18 1.81
C TYR Z 27 -100.19 9.46 3.30
N ARG Z 28 -100.39 8.40 4.07
CA ARG Z 28 -100.58 8.49 5.51
C ARG Z 28 -99.50 7.69 6.22
N MET Z 29 -98.99 8.24 7.32
CA MET Z 29 -98.05 7.49 8.15
C MET Z 29 -98.34 7.72 9.62
N ARG Z 30 -97.89 6.75 10.43
CA ARG Z 30 -97.88 6.86 11.88
C ARG Z 30 -96.47 7.24 12.30
N ILE Z 31 -96.32 8.40 12.95
CA ILE Z 31 -95.03 8.91 13.36
C ILE Z 31 -95.04 9.06 14.87
N PHE Z 32 -94.07 8.47 15.53
CA PHE Z 32 -93.93 8.57 16.97
C PHE Z 32 -92.88 9.63 17.27
N ALA Z 33 -93.31 10.78 17.77
CA ALA Z 33 -92.47 11.95 17.87
C ALA Z 33 -92.77 12.69 19.17
N PRO Z 34 -91.82 13.48 19.67
CA PRO Z 34 -92.12 14.33 20.83
C PRO Z 34 -93.20 15.35 20.57
N ASN Z 35 -93.27 15.90 19.37
CA ASN Z 35 -94.25 16.95 19.06
C ASN Z 35 -94.51 16.94 17.56
N HIS Z 36 -95.44 17.80 17.13
CA HIS Z 36 -95.90 17.76 15.76
C HIS Z 36 -94.87 18.32 14.79
N VAL Z 37 -93.98 19.21 15.26
CA VAL Z 37 -92.93 19.72 14.38
C VAL Z 37 -91.99 18.59 13.99
N VAL Z 38 -91.53 17.83 14.98
CA VAL Z 38 -90.69 16.67 14.72
C VAL Z 38 -91.47 15.62 13.93
N ALA Z 39 -92.76 15.50 14.20
CA ALA Z 39 -93.58 14.54 13.47
C ALA Z 39 -93.60 14.86 11.98
N LYS Z 40 -93.79 16.14 11.63
CA LYS Z 40 -93.78 16.53 10.23
C LYS Z 40 -92.41 16.34 9.60
N SER Z 41 -91.35 16.66 10.33
CA SER Z 41 -90.00 16.45 9.81
C SER Z 41 -89.74 14.98 9.52
N ARG Z 42 -90.12 14.09 10.45
CA ARG Z 42 -89.92 12.67 10.23
C ARG Z 42 -90.81 12.14 9.11
N PHE Z 43 -92.02 12.69 8.97
CA PHE Z 43 -92.87 12.29 7.86
C PHE Z 43 -92.20 12.60 6.53
N TRP Z 44 -91.63 13.80 6.42
CA TRP Z 44 -90.95 14.14 5.17
C TRP Z 44 -89.74 13.26 4.93
N TYR Z 45 -89.00 12.94 6.00
CA TYR Z 45 -87.86 12.04 5.87
C TYR Z 45 -88.29 10.69 5.31
N PHE Z 46 -89.36 10.12 5.87
CA PHE Z 46 -89.76 8.78 5.45
C PHE Z 46 -90.39 8.78 4.06
N VAL Z 47 -91.20 9.77 3.73
CA VAL Z 47 -91.78 9.77 2.39
C VAL Z 47 -90.74 10.10 1.35
N SER Z 48 -89.70 10.85 1.71
CA SER Z 48 -88.60 11.05 0.79
C SER Z 48 -87.85 9.75 0.54
N GLN Z 49 -87.70 8.93 1.59
CA GLN Z 49 -87.08 7.62 1.40
C GLN Z 49 -87.93 6.72 0.52
N LEU Z 50 -89.24 6.70 0.74
CA LEU Z 50 -90.10 5.73 0.06
C LEU Z 50 -90.51 6.20 -1.32
N LYS Z 51 -91.25 7.30 -1.40
CA LYS Z 51 -91.65 7.88 -2.66
C LYS Z 51 -90.62 8.94 -3.07
N LYS Z 52 -90.81 9.52 -4.24
CA LYS Z 52 -89.93 10.59 -4.69
C LYS Z 52 -90.58 11.94 -4.39
N MET Z 53 -90.59 12.26 -3.10
CA MET Z 53 -91.23 13.47 -2.60
C MET Z 53 -90.24 14.30 -1.79
N LYS Z 54 -90.51 15.60 -1.75
CA LYS Z 54 -89.75 16.53 -0.95
C LYS Z 54 -90.71 17.45 -0.21
N LYS Z 55 -90.21 18.05 0.87
CA LYS Z 55 -91.02 19.01 1.61
C LYS Z 55 -91.37 20.21 0.75
N SER Z 56 -90.43 20.65 -0.09
CA SER Z 56 -90.68 21.78 -0.96
C SER Z 56 -91.64 21.44 -2.09
N SER Z 57 -91.56 20.23 -2.62
CA SER Z 57 -92.42 19.82 -3.73
C SER Z 57 -93.78 19.32 -3.28
N GLY Z 58 -93.99 19.11 -1.99
CA GLY Z 58 -95.26 18.62 -1.51
C GLY Z 58 -95.80 19.42 -0.36
N GLU Z 59 -96.89 18.95 0.24
CA GLU Z 59 -97.49 19.60 1.39
C GLU Z 59 -98.05 18.53 2.33
N ILE Z 60 -98.27 18.94 3.57
CA ILE Z 60 -98.87 18.07 4.58
C ILE Z 60 -100.29 18.57 4.80
N VAL Z 61 -101.27 17.71 4.50
CA VAL Z 61 -102.66 18.10 4.62
C VAL Z 61 -103.23 17.81 5.99
N TYR Z 62 -102.61 16.94 6.77
CA TYR Z 62 -103.11 16.66 8.11
C TYR Z 62 -101.97 16.19 9.01
N CYS Z 63 -102.02 16.60 10.26
CA CYS Z 63 -101.09 16.09 11.26
C CYS Z 63 -101.79 16.16 12.62
N GLY Z 64 -102.31 15.04 13.07
CA GLY Z 64 -103.09 15.02 14.30
C GLY Z 64 -102.68 13.89 15.21
N GLN Z 65 -102.71 14.15 16.51
CA GLN Z 65 -102.32 13.14 17.48
C GLN Z 65 -103.34 12.01 17.51
N VAL Z 66 -102.86 10.78 17.58
CA VAL Z 66 -103.69 9.59 17.66
C VAL Z 66 -103.77 9.20 19.13
N PHE Z 67 -104.92 9.44 19.75
CA PHE Z 67 -105.12 9.02 21.13
C PHE Z 67 -105.29 7.52 21.20
N GLU Z 68 -104.79 6.92 22.28
CA GLU Z 68 -104.94 5.48 22.46
C GLU Z 68 -106.39 5.14 22.73
N LYS Z 69 -106.92 4.15 22.00
CA LYS Z 69 -108.34 3.83 22.08
C LYS Z 69 -108.69 2.98 23.28
N SER Z 70 -107.69 2.49 24.02
CA SER Z 70 -107.95 1.75 25.26
C SER Z 70 -106.74 1.90 26.18
N PRO Z 71 -106.55 3.07 26.78
CA PRO Z 71 -105.43 3.27 27.70
C PRO Z 71 -105.63 2.65 29.07
N LEU Z 72 -106.78 2.04 29.34
CA LEU Z 72 -107.05 1.39 30.61
C LEU Z 72 -106.87 -0.12 30.54
N ARG Z 73 -106.29 -0.62 29.47
CA ARG Z 73 -106.14 -2.06 29.25
C ARG Z 73 -104.67 -2.37 28.99
N VAL Z 74 -104.10 -3.27 29.80
CA VAL Z 74 -102.74 -3.71 29.56
C VAL Z 74 -102.72 -4.56 28.30
N LYS Z 75 -101.75 -4.30 27.42
CA LYS Z 75 -101.69 -5.08 26.20
C LYS Z 75 -100.25 -5.23 25.73
N ASN Z 76 -100.07 -6.19 24.84
CA ASN Z 76 -98.76 -6.59 24.36
C ASN Z 76 -98.52 -5.94 23.00
N PHE Z 77 -97.36 -5.33 22.83
CA PHE Z 77 -97.01 -4.65 21.60
C PHE Z 77 -95.79 -5.32 21.00
N GLY Z 78 -95.90 -5.72 19.73
CA GLY Z 78 -94.76 -6.12 18.94
C GLY Z 78 -94.36 -4.98 18.04
N ILE Z 79 -93.06 -4.69 18.03
CA ILE Z 79 -92.49 -3.59 17.27
C ILE Z 79 -91.44 -4.15 16.33
N TRP Z 80 -91.67 -4.01 15.03
CA TRP Z 80 -90.66 -4.28 14.03
C TRP Z 80 -89.93 -2.97 13.72
N LEU Z 81 -88.60 -3.00 13.81
CA LEU Z 81 -87.80 -1.83 13.55
C LEU Z 81 -86.53 -2.25 12.81
N ARG Z 82 -85.79 -1.24 12.37
CA ARG Z 82 -84.45 -1.44 11.86
C ARG Z 82 -83.58 -0.34 12.43
N TYR Z 83 -82.30 -0.65 12.63
CA TYR Z 83 -81.41 0.37 13.17
C TYR Z 83 -80.02 0.15 12.60
N ASP Z 84 -79.21 1.19 12.67
CA ASP Z 84 -77.82 1.13 12.26
C ASP Z 84 -76.95 0.93 13.49
N SER Z 85 -76.24 -0.18 13.53
CA SER Z 85 -75.27 -0.40 14.60
C SER Z 85 -73.97 0.31 14.22
N ARG Z 86 -72.91 0.07 14.97
CA ARG Z 86 -71.63 0.66 14.61
C ARG Z 86 -71.03 0.02 13.37
N SER Z 87 -71.52 -1.16 12.97
CA SER Z 87 -70.91 -1.86 11.85
C SER Z 87 -71.96 -2.53 10.96
N GLY Z 88 -73.14 -1.95 10.86
CA GLY Z 88 -74.14 -2.48 9.96
C GLY Z 88 -75.55 -2.08 10.37
N THR Z 89 -76.50 -2.52 9.57
CA THR Z 89 -77.92 -2.28 9.79
C THR Z 89 -78.61 -3.61 10.05
N HIS Z 90 -79.50 -3.62 11.04
CA HIS Z 90 -80.18 -4.85 11.44
C HIS Z 90 -81.67 -4.60 11.62
N ASN Z 91 -82.45 -5.62 11.32
CA ASN Z 91 -83.88 -5.64 11.58
C ASN Z 91 -84.13 -6.37 12.90
N MET Z 92 -84.99 -5.79 13.74
CA MET Z 92 -85.31 -6.34 15.04
C MET Z 92 -86.81 -6.42 15.21
N TYR Z 93 -87.26 -7.44 15.94
CA TYR Z 93 -88.62 -7.54 16.42
C TYR Z 93 -88.56 -7.60 17.94
N ARG Z 94 -89.18 -6.63 18.59
CA ARG Z 94 -89.16 -6.51 20.03
C ARG Z 94 -90.59 -6.55 20.58
N GLU Z 95 -90.72 -6.89 21.85
CA GLU Z 95 -92.02 -6.97 22.49
C GLU Z 95 -92.01 -6.20 23.79
N TYR Z 96 -93.13 -5.53 24.08
CA TYR Z 96 -93.28 -4.78 25.32
C TYR Z 96 -94.70 -4.93 25.81
N ARG Z 97 -94.90 -4.65 27.10
CA ARG Z 97 -96.22 -4.62 27.69
C ARG Z 97 -96.50 -3.20 28.14
N ASP Z 98 -97.63 -2.64 27.70
CA ASP Z 98 -97.94 -1.28 28.12
C ASP Z 98 -99.43 -1.02 27.90
N LEU Z 99 -99.86 0.13 28.41
CA LEU Z 99 -101.23 0.58 28.19
C LEU Z 99 -101.37 1.33 26.87
N THR Z 100 -100.35 2.09 26.47
CA THR Z 100 -100.43 2.94 25.29
C THR Z 100 -99.38 2.54 24.27
N THR Z 101 -99.75 2.70 22.99
CA THR Z 101 -98.83 2.44 21.89
C THR Z 101 -97.62 3.37 21.96
N ALA Z 102 -97.87 4.65 22.22
CA ALA Z 102 -96.78 5.61 22.30
C ALA Z 102 -95.85 5.30 23.46
N GLY Z 103 -96.42 4.86 24.59
CA GLY Z 103 -95.60 4.45 25.70
C GLY Z 103 -94.76 3.23 25.38
N ALA Z 104 -95.34 2.28 24.63
CA ALA Z 104 -94.57 1.12 24.21
C ALA Z 104 -93.41 1.51 23.30
N VAL Z 105 -93.66 2.44 22.38
CA VAL Z 105 -92.60 2.88 21.48
C VAL Z 105 -91.51 3.64 22.25
N THR Z 106 -91.91 4.42 23.25
CA THR Z 106 -90.93 5.08 24.10
C THR Z 106 -90.10 4.06 24.86
N GLN Z 107 -90.75 3.02 25.40
CA GLN Z 107 -90.04 1.91 26.02
C GLN Z 107 -89.04 1.30 25.05
N CYS Z 108 -89.44 1.15 23.79
CA CYS Z 108 -88.57 0.57 22.80
C CYS Z 108 -87.34 1.45 22.56
N TYR Z 109 -87.54 2.76 22.48
CA TYR Z 109 -86.42 3.66 22.27
C TYR Z 109 -85.45 3.61 23.44
N ARG Z 110 -85.97 3.64 24.67
CA ARG Z 110 -85.11 3.54 25.84
C ARG Z 110 -84.38 2.21 25.87
N ASP Z 111 -85.07 1.12 25.54
CA ASP Z 111 -84.46 -0.20 25.60
C ASP Z 111 -83.39 -0.37 24.52
N MET Z 112 -83.63 0.17 23.33
CA MET Z 112 -82.60 0.12 22.30
C MET Z 112 -81.38 0.93 22.71
N GLY Z 113 -81.59 2.11 23.31
CA GLY Z 113 -80.47 2.87 23.81
C GLY Z 113 -79.71 2.15 24.89
N ALA Z 114 -80.42 1.42 25.76
CA ALA Z 114 -79.77 0.73 26.87
C ALA Z 114 -79.01 -0.50 26.40
N ARG Z 115 -79.60 -1.29 25.52
CA ARG Z 115 -79.04 -2.59 25.19
C ARG Z 115 -78.11 -2.56 23.99
N HIS Z 116 -78.30 -1.62 23.07
CA HIS Z 116 -77.50 -1.60 21.86
C HIS Z 116 -76.84 -0.26 21.61
N ARG Z 117 -76.94 0.69 22.54
CA ARG Z 117 -76.35 2.01 22.41
C ARG Z 117 -76.83 2.71 21.14
N ALA Z 118 -78.08 2.45 20.77
CA ALA Z 118 -78.65 2.95 19.53
C ALA Z 118 -79.35 4.27 19.81
N ARG Z 119 -78.85 5.34 19.21
CA ARG Z 119 -79.49 6.63 19.33
C ARG Z 119 -80.73 6.70 18.46
N ALA Z 120 -81.65 7.61 18.82
CA ALA Z 120 -82.94 7.65 18.17
C ALA Z 120 -82.87 8.01 16.69
N HIS Z 121 -81.80 8.67 16.25
CA HIS Z 121 -81.67 8.95 14.83
C HIS Z 121 -81.29 7.71 14.03
N SER Z 122 -80.76 6.69 14.69
CA SER Z 122 -80.41 5.44 14.02
C SER Z 122 -81.58 4.49 13.87
N ILE Z 123 -82.66 4.73 14.60
CA ILE Z 123 -83.75 3.77 14.72
C ILE Z 123 -84.89 4.17 13.79
N GLN Z 124 -85.38 3.21 13.02
CA GLN Z 124 -86.54 3.39 12.15
C GLN Z 124 -87.62 2.43 12.61
N ILE Z 125 -88.66 2.95 13.24
CA ILE Z 125 -89.79 2.12 13.66
C ILE Z 125 -90.67 1.88 12.45
N MET Z 126 -90.71 0.64 11.97
CA MET Z 126 -91.44 0.35 10.74
C MET Z 126 -92.78 -0.33 10.95
N LYS Z 127 -93.03 -0.91 12.14
CA LYS Z 127 -94.35 -1.46 12.40
C LYS Z 127 -94.56 -1.57 13.90
N VAL Z 128 -95.74 -1.16 14.36
CA VAL Z 128 -96.15 -1.38 15.75
C VAL Z 128 -97.52 -2.05 15.71
N GLU Z 129 -97.68 -3.11 16.49
CA GLU Z 129 -98.92 -3.88 16.41
C GLU Z 129 -99.23 -4.47 17.77
N GLU Z 130 -100.47 -4.31 18.21
CA GLU Z 130 -100.94 -5.04 19.39
C GLU Z 130 -101.08 -6.52 19.04
N ILE Z 131 -100.53 -7.38 19.87
CA ILE Z 131 -100.49 -8.82 19.61
C ILE Z 131 -101.17 -9.54 20.76
N ALA Z 132 -101.71 -10.72 20.45
CA ALA Z 132 -102.33 -11.54 21.47
C ALA Z 132 -101.28 -12.14 22.37
N ALA Z 133 -101.70 -12.50 23.59
CA ALA Z 133 -100.77 -13.06 24.56
C ALA Z 133 -100.25 -14.43 24.14
N SER Z 134 -100.95 -15.13 23.25
CA SER Z 134 -100.49 -16.42 22.76
C SER Z 134 -99.53 -16.29 21.58
N LYS Z 135 -99.44 -15.11 20.97
CA LYS Z 135 -98.53 -14.88 19.85
C LYS Z 135 -97.21 -14.25 20.29
N CYS Z 136 -97.03 -14.02 21.58
CA CYS Z 136 -95.80 -13.41 22.06
C CYS Z 136 -94.64 -14.41 21.98
N ARG Z 137 -93.45 -13.88 21.74
CA ARG Z 137 -92.26 -14.70 21.59
C ARG Z 137 -91.17 -14.41 22.61
N ARG Z 138 -91.26 -13.31 23.35
CA ARG Z 138 -90.23 -12.96 24.31
C ARG Z 138 -90.61 -13.45 25.69
N PRO Z 139 -89.80 -14.29 26.33
CA PRO Z 139 -90.18 -14.82 27.65
C PRO Z 139 -90.37 -13.74 28.72
N ALA Z 140 -89.65 -12.63 28.64
CA ALA Z 140 -89.82 -11.56 29.61
C ALA Z 140 -91.20 -10.94 29.52
N VAL Z 141 -91.84 -11.02 28.36
CA VAL Z 141 -93.21 -10.58 28.21
C VAL Z 141 -94.19 -11.70 28.52
N LYS Z 142 -93.85 -12.94 28.14
CA LYS Z 142 -94.76 -14.06 28.34
C LYS Z 142 -94.92 -14.43 29.80
N GLN Z 143 -93.91 -14.15 30.64
CA GLN Z 143 -94.00 -14.54 32.03
C GLN Z 143 -95.06 -13.77 32.81
N PHE Z 144 -95.56 -12.67 32.27
CA PHE Z 144 -96.63 -11.92 32.90
C PHE Z 144 -98.01 -12.36 32.44
N HIS Z 145 -98.08 -13.39 31.59
CA HIS Z 145 -99.35 -13.97 31.18
C HIS Z 145 -99.74 -15.08 32.16
N ASP Z 146 -100.11 -14.65 33.36
CA ASP Z 146 -100.55 -15.53 34.42
C ASP Z 146 -101.80 -14.94 35.05
N SER Z 147 -102.90 -15.68 35.03
CA SER Z 147 -104.12 -15.20 35.65
C SER Z 147 -104.01 -15.15 37.17
N LYS Z 148 -103.05 -15.85 37.74
CA LYS Z 148 -102.81 -15.87 39.18
C LYS Z 148 -101.40 -15.40 39.48
N ILE Z 149 -100.98 -14.31 38.84
CA ILE Z 149 -99.63 -13.79 39.06
C ILE Z 149 -99.50 -13.31 40.48
N LYS Z 150 -98.35 -13.58 41.08
CA LYS Z 150 -98.14 -13.34 42.51
C LYS Z 150 -96.65 -13.28 42.77
N PHE Z 151 -96.18 -12.16 43.32
CA PHE Z 151 -94.79 -12.04 43.71
C PHE Z 151 -94.68 -11.00 44.81
N PRO Z 152 -93.69 -11.12 45.70
CA PRO Z 152 -93.48 -10.08 46.70
C PRO Z 152 -92.55 -8.99 46.20
N LEU Z 153 -92.24 -8.04 47.09
CA LEU Z 153 -91.23 -7.01 46.84
C LEU Z 153 -90.10 -7.25 47.83
N PRO Z 154 -89.09 -8.04 47.47
CA PRO Z 154 -88.20 -8.63 48.47
C PRO Z 154 -87.34 -7.67 49.26
N HIS Z 155 -86.54 -6.87 48.59
CA HIS Z 155 -85.48 -6.09 49.23
C HIS Z 155 -85.74 -4.62 48.92
N ARG Z 156 -86.62 -4.00 49.71
CA ARG Z 156 -87.08 -2.65 49.43
C ARG Z 156 -86.04 -1.66 49.94
N VAL Z 157 -85.31 -1.04 49.01
CA VAL Z 157 -84.25 -0.11 49.38
C VAL Z 157 -84.87 1.20 49.83
N LEU Z 158 -84.35 1.73 50.94
CA LEU Z 158 -84.76 3.06 51.38
C LEU Z 158 -84.43 4.10 50.33
N ARG Z 159 -85.43 4.90 49.96
CA ARG Z 159 -85.20 5.98 49.01
C ARG Z 159 -85.17 7.35 49.68
N ARG Z 160 -85.74 7.48 50.87
CA ARG Z 160 -85.68 8.73 51.63
C ARG Z 160 -84.43 8.75 52.50
N GLN Z 161 -83.27 8.67 51.84
CA GLN Z 161 -81.99 8.55 52.52
C GLN Z 161 -81.50 9.84 53.13
N HIS Z 162 -82.13 10.97 52.84
CA HIS Z 162 -81.69 12.25 53.36
C HIS Z 162 -82.76 12.95 54.18
N LYS Z 163 -83.88 12.29 54.44
CA LYS Z 163 -84.93 12.81 55.32
C LYS Z 163 -85.32 11.71 56.29
N PRO Z 164 -84.62 11.58 57.44
CA PRO Z 164 -83.49 12.38 57.91
C PRO Z 164 -82.15 11.95 57.35
N ARG Z 165 -81.17 12.85 57.35
CA ARG Z 165 -79.82 12.49 56.96
C ARG Z 165 -79.09 11.74 58.08
N PHE Z 166 -79.38 12.08 59.33
CA PHE Z 166 -78.78 11.43 60.49
C PHE Z 166 -79.87 10.89 61.38
N THR Z 167 -79.73 9.63 61.80
CA THR Z 167 -80.76 8.99 62.61
C THR Z 167 -80.12 7.93 63.48
N THR Z 168 -80.85 7.49 64.50
CA THR Z 168 -80.37 6.44 65.37
C THR Z 168 -80.69 5.05 64.86
N LYS Z 169 -81.80 4.88 64.16
CA LYS Z 169 -82.25 3.56 63.75
C LYS Z 169 -81.77 3.24 62.35
N ARG Z 170 -81.25 2.03 62.18
CA ARG Z 170 -80.89 1.56 60.87
C ARG Z 170 -82.13 1.12 60.10
N PRO Z 171 -82.20 1.38 58.81
CA PRO Z 171 -83.42 1.10 58.06
C PRO Z 171 -83.71 -0.38 57.94
N ASN Z 172 -84.99 -0.68 57.80
CA ASN Z 172 -85.47 -2.03 57.55
C ASN Z 172 -85.81 -2.18 56.07
N THR Z 173 -85.42 -3.31 55.49
CA THR Z 173 -85.72 -3.59 54.09
C THR Z 173 -86.82 -4.63 53.91
N PHE Z 174 -87.33 -5.21 54.98
CA PHE Z 174 -88.37 -6.22 54.90
C PHE Z 174 -89.71 -5.61 55.28
N PHE Z 175 -90.70 -5.81 54.43
CA PHE Z 175 -92.02 -5.23 54.65
C PHE Z 175 -93.12 -6.21 54.28
N THR AA 1 -45.59 29.38 -9.63
CA THR AA 1 -45.07 28.32 -10.48
C THR AA 1 -45.94 28.08 -11.70
N ASN AA 2 -47.09 28.73 -11.74
CA ASN AA 2 -47.96 28.63 -12.90
C ASN AA 2 -47.46 29.51 -14.02
N THR AA 3 -47.56 29.01 -15.25
CA THR AA 3 -47.17 29.83 -16.38
C THR AA 3 -48.19 30.93 -16.59
N LYS AA 4 -47.78 31.98 -17.30
CA LYS AA 4 -48.65 33.10 -17.60
C LYS AA 4 -49.17 33.06 -19.03
N GLY AA 5 -49.29 31.86 -19.60
CA GLY AA 5 -49.74 31.75 -20.98
C GLY AA 5 -51.16 32.22 -21.15
N LYS AA 6 -51.46 32.74 -22.34
CA LYS AA 6 -52.77 33.32 -22.58
C LYS AA 6 -53.87 32.27 -22.57
N ARG AA 7 -53.54 31.02 -22.87
CA ARG AA 7 -54.54 29.97 -23.00
C ARG AA 7 -54.27 28.82 -22.06
N ARG AA 8 -53.61 29.07 -20.94
CA ARG AA 8 -53.38 28.03 -19.95
C ARG AA 8 -54.67 27.70 -19.22
N GLY AA 9 -55.01 26.42 -19.17
CA GLY AA 9 -56.22 26.00 -18.50
C GLY AA 9 -57.48 26.07 -19.34
N THR AA 10 -57.38 26.40 -20.62
CA THR AA 10 -58.54 26.53 -21.49
C THR AA 10 -58.80 25.26 -22.29
N ARG AA 11 -58.25 24.13 -21.84
CA ARG AA 11 -58.31 22.88 -22.61
C ARG AA 11 -59.75 22.46 -22.88
N TYR AA 12 -60.62 22.55 -21.88
CA TYR AA 12 -62.03 22.29 -22.09
C TYR AA 12 -62.84 23.55 -22.32
N MET AA 13 -62.36 24.70 -21.84
CA MET AA 13 -63.11 25.93 -21.98
C MET AA 13 -63.27 26.31 -23.45
N PHE AA 14 -62.21 26.18 -24.25
CA PHE AA 14 -62.27 26.59 -25.64
C PHE AA 14 -62.51 25.43 -26.59
N SER AA 15 -62.66 24.22 -26.08
CA SER AA 15 -62.96 23.07 -26.93
C SER AA 15 -64.42 23.12 -27.38
N ARG AA 16 -64.68 22.51 -28.53
CA ARG AA 16 -66.03 22.44 -29.05
C ARG AA 16 -66.85 21.38 -28.31
N PRO AA 17 -68.16 21.55 -28.25
CA PRO AA 17 -69.02 20.51 -27.69
C PRO AA 17 -68.98 19.25 -28.53
N PHE AA 18 -69.46 18.16 -27.93
CA PHE AA 18 -69.41 16.87 -28.60
C PHE AA 18 -70.27 16.88 -29.85
N ARG AA 19 -69.68 16.41 -30.96
CA ARG AA 19 -70.36 16.32 -32.25
C ARG AA 19 -70.89 17.67 -32.71
N LYS AA 20 -70.13 18.72 -32.42
CA LYS AA 20 -70.46 20.07 -32.87
C LYS AA 20 -69.22 20.78 -33.36
N HIS AA 21 -68.35 20.06 -34.05
CA HIS AA 21 -67.15 20.62 -34.63
C HIS AA 21 -67.44 21.11 -36.04
N GLY AA 22 -66.41 21.65 -36.70
CA GLY AA 22 -66.50 21.96 -38.11
C GLY AA 22 -66.91 23.38 -38.45
N VAL AA 23 -67.76 23.51 -39.46
CA VAL AA 23 -68.15 24.81 -39.97
C VAL AA 23 -68.98 25.55 -38.93
N VAL AA 24 -68.68 26.83 -38.75
CA VAL AA 24 -69.47 27.68 -37.87
C VAL AA 24 -70.79 28.04 -38.57
N PRO AA 25 -71.93 27.77 -37.96
CA PRO AA 25 -73.21 28.15 -38.60
C PRO AA 25 -73.31 29.65 -38.80
N LEU AA 26 -73.93 30.04 -39.92
CA LEU AA 26 -73.85 31.42 -40.39
C LEU AA 26 -74.82 32.37 -39.72
N ALA AA 27 -75.83 31.88 -38.99
CA ALA AA 27 -76.70 32.81 -38.28
C ALA AA 27 -75.93 33.62 -37.25
N THR AA 28 -74.86 33.03 -36.68
CA THR AA 28 -74.02 33.75 -35.74
C THR AA 28 -73.40 34.97 -36.39
N TYR AA 29 -72.96 34.85 -37.63
CA TYR AA 29 -72.48 36.00 -38.37
C TYR AA 29 -73.62 36.93 -38.76
N MET AA 30 -74.81 36.38 -38.99
CA MET AA 30 -75.93 37.18 -39.42
C MET AA 30 -76.57 38.00 -38.30
N ARG AA 31 -76.21 37.74 -37.05
CA ARG AA 31 -76.76 38.53 -35.94
C ARG AA 31 -76.34 39.99 -36.05
N ILE AA 32 -77.20 40.88 -35.55
CA ILE AA 32 -76.98 42.31 -35.60
C ILE AA 32 -76.71 42.81 -34.18
N TYR AA 33 -75.60 43.52 -34.00
CA TYR AA 33 -75.22 44.06 -32.69
C TYR AA 33 -75.14 45.57 -32.80
N LYS AA 34 -75.98 46.26 -32.05
CA LYS AA 34 -75.95 47.71 -31.96
C LYS AA 34 -75.14 48.13 -30.75
N LYS AA 35 -74.81 49.43 -30.70
CA LYS AA 35 -74.18 49.98 -29.51
C LYS AA 35 -75.18 50.01 -28.37
N GLY AA 36 -74.72 49.60 -27.19
CA GLY AA 36 -75.53 49.66 -26.00
C GLY AA 36 -76.26 48.38 -25.64
N ASP AA 37 -76.28 47.38 -26.53
CA ASP AA 37 -76.97 46.15 -26.20
C ASP AA 37 -76.05 45.18 -25.47
N ILE AA 38 -76.68 44.22 -24.79
CA ILE AA 38 -76.01 43.38 -23.81
C ILE AA 38 -75.70 42.04 -24.45
N VAL AA 39 -74.44 41.61 -24.36
CA VAL AA 39 -74.00 40.39 -25.00
C VAL AA 39 -73.23 39.54 -24.00
N ASP AA 40 -73.32 38.23 -24.18
CA ASP AA 40 -72.57 37.26 -23.39
C ASP AA 40 -71.34 36.82 -24.15
N ILE AA 41 -70.19 36.84 -23.50
CA ILE AA 41 -68.94 36.43 -24.11
C ILE AA 41 -68.74 34.95 -23.84
N LYS AA 42 -68.60 34.15 -24.89
CA LYS AA 42 -68.34 32.73 -24.72
C LYS AA 42 -66.96 32.33 -25.20
N GLY AA 43 -66.63 32.54 -26.47
CA GLY AA 43 -65.28 32.21 -26.88
C GLY AA 43 -65.06 30.83 -27.46
N MET AA 44 -65.73 30.52 -28.57
CA MET AA 44 -65.52 29.24 -29.23
C MET AA 44 -64.10 29.16 -29.79
N GLY AA 45 -63.59 27.93 -29.89
CA GLY AA 45 -62.21 27.72 -30.24
C GLY AA 45 -61.93 27.41 -31.69
N THR AA 46 -62.98 27.26 -32.49
CA THR AA 46 -62.80 27.06 -33.92
C THR AA 46 -62.17 28.29 -34.57
N VAL AA 47 -62.58 29.47 -34.12
CA VAL AA 47 -62.03 30.73 -34.61
C VAL AA 47 -60.98 31.21 -33.61
N GLN AA 48 -59.73 31.31 -34.07
CA GLN AA 48 -58.64 31.69 -33.19
C GLN AA 48 -58.36 33.18 -33.20
N LYS AA 49 -58.94 33.93 -34.12
CA LYS AA 49 -58.74 35.36 -34.17
C LYS AA 49 -59.82 36.07 -33.35
N GLY AA 50 -59.42 37.17 -32.73
CA GLY AA 50 -60.36 37.94 -31.93
C GLY AA 50 -60.86 37.22 -30.70
N MET AA 51 -60.12 36.21 -30.23
CA MET AA 51 -60.57 35.43 -29.09
C MET AA 51 -60.53 36.27 -27.81
N PRO AA 52 -61.54 36.19 -26.98
CA PRO AA 52 -61.46 36.81 -25.66
C PRO AA 52 -60.52 36.02 -24.75
N HIS AA 53 -60.00 36.72 -23.75
CA HIS AA 53 -59.21 36.03 -22.75
C HIS AA 53 -60.10 35.15 -21.88
N LYS AA 54 -59.48 34.16 -21.24
CA LYS AA 54 -60.23 33.18 -20.47
C LYS AA 54 -60.98 33.79 -19.29
N CYS AA 55 -60.56 34.96 -18.82
CA CYS AA 55 -61.25 35.61 -17.71
C CYS AA 55 -62.56 36.27 -18.13
N TYR AA 56 -62.81 36.43 -19.42
CA TYR AA 56 -64.07 37.00 -19.90
C TYR AA 56 -65.04 35.96 -20.39
N HIS AA 57 -64.61 34.72 -20.55
CA HIS AA 57 -65.53 33.64 -20.89
C HIS AA 57 -66.55 33.49 -19.79
N GLY AA 58 -67.82 33.49 -20.16
CA GLY AA 58 -68.90 33.42 -19.20
C GLY AA 58 -69.34 34.76 -18.64
N LYS AA 59 -68.69 35.85 -19.01
CA LYS AA 59 -69.10 37.16 -18.54
C LYS AA 59 -70.06 37.80 -19.52
N THR AA 60 -70.64 38.92 -19.10
CA THR AA 60 -71.63 39.63 -19.88
C THR AA 60 -71.30 41.11 -19.85
N GLY AA 61 -71.41 41.76 -21.02
CA GLY AA 61 -71.04 43.16 -21.14
C GLY AA 61 -71.98 43.90 -22.07
N ARG AA 62 -71.65 45.17 -22.28
CA ARG AA 62 -72.43 46.07 -23.12
C ARG AA 62 -71.59 46.51 -24.30
N VAL AA 63 -72.17 46.45 -25.49
CA VAL AA 63 -71.46 46.80 -26.72
C VAL AA 63 -71.36 48.32 -26.81
N TYR AA 64 -70.15 48.83 -27.01
CA TYR AA 64 -69.93 50.25 -27.20
C TYR AA 64 -69.38 50.60 -28.57
N ASN AA 65 -68.84 49.64 -29.32
CA ASN AA 65 -68.22 49.93 -30.60
C ASN AA 65 -68.40 48.74 -31.52
N VAL AA 66 -68.73 49.02 -32.78
CA VAL AA 66 -68.97 47.99 -33.78
C VAL AA 66 -68.03 48.21 -34.96
N THR AA 67 -67.32 47.16 -35.36
CA THR AA 67 -66.42 47.17 -36.49
C THR AA 67 -66.91 46.16 -37.52
N GLN AA 68 -66.07 45.88 -38.54
CA GLN AA 68 -66.49 44.98 -39.59
C GLN AA 68 -66.72 43.56 -39.09
N HIS AA 69 -65.84 43.06 -38.23
CA HIS AA 69 -65.93 41.68 -37.77
C HIS AA 69 -66.07 41.52 -36.27
N ALA AA 70 -65.80 42.54 -35.48
CA ALA AA 70 -65.79 42.42 -34.04
C ALA AA 70 -66.67 43.50 -33.43
N VAL AA 71 -66.78 43.47 -32.11
CA VAL AA 71 -67.42 44.52 -31.34
C VAL AA 71 -66.53 44.87 -30.17
N GLY AA 72 -66.72 46.09 -29.65
CA GLY AA 72 -66.09 46.51 -28.42
C GLY AA 72 -67.09 46.40 -27.28
N ILE AA 73 -66.67 45.70 -26.23
CA ILE AA 73 -67.54 45.35 -25.11
C ILE AA 73 -66.96 45.93 -23.85
N VAL AA 74 -67.79 46.61 -23.07
CA VAL AA 74 -67.44 47.05 -21.72
C VAL AA 74 -67.93 45.98 -20.75
N VAL AA 75 -66.99 45.26 -20.15
CA VAL AA 75 -67.31 44.14 -19.29
C VAL AA 75 -66.59 44.34 -17.95
N ASN AA 76 -67.30 44.08 -16.87
CA ASN AA 76 -66.72 44.24 -15.53
C ASN AA 76 -65.77 43.08 -15.24
N LYS AA 77 -64.61 43.39 -14.69
CA LYS AA 77 -63.64 42.39 -14.26
C LYS AA 77 -63.23 42.72 -12.84
N GLN AA 78 -63.25 41.72 -11.97
CA GLN AA 78 -62.85 41.92 -10.57
C GLN AA 78 -61.38 41.59 -10.42
N VAL AA 79 -60.61 42.54 -9.93
CA VAL AA 79 -59.17 42.39 -9.72
C VAL AA 79 -58.88 42.74 -8.26
N LYS AA 80 -58.53 41.73 -7.47
CA LYS AA 80 -58.28 41.86 -6.04
C LYS AA 80 -59.55 42.45 -5.42
N GLY AA 81 -59.48 43.62 -4.79
CA GLY AA 81 -60.64 44.17 -4.11
C GLY AA 81 -61.30 45.31 -4.85
N LYS AA 82 -61.17 45.33 -6.17
CA LYS AA 82 -61.79 46.35 -6.99
C LYS AA 82 -62.32 45.72 -8.25
N ILE AA 83 -63.38 46.32 -8.78
CA ILE AA 83 -63.98 45.92 -10.05
C ILE AA 83 -63.78 47.07 -11.02
N LEU AA 84 -63.22 46.75 -12.18
CA LEU AA 84 -62.97 47.76 -13.20
C LEU AA 84 -63.59 47.34 -14.51
N ALA AA 85 -64.08 48.32 -15.27
CA ALA AA 85 -64.81 48.08 -16.50
C ALA AA 85 -63.83 48.01 -17.66
N LYS AA 86 -63.42 46.79 -18.00
CA LYS AA 86 -62.49 46.59 -19.10
C LYS AA 86 -63.21 46.74 -20.43
N ARG AA 87 -62.46 47.19 -21.44
CA ARG AA 87 -62.95 47.30 -22.80
C ARG AA 87 -62.21 46.28 -23.64
N ILE AA 88 -62.93 45.36 -24.27
CA ILE AA 88 -62.31 44.29 -25.04
C ILE AA 88 -62.90 44.26 -26.44
N ASN AA 89 -62.05 43.97 -27.41
CA ASN AA 89 -62.47 43.76 -28.80
C ASN AA 89 -62.64 42.27 -29.02
N VAL AA 90 -63.85 41.84 -29.37
CA VAL AA 90 -64.15 40.42 -29.51
C VAL AA 90 -64.88 40.22 -30.83
N ARG AA 91 -64.40 39.28 -31.63
CA ARG AA 91 -65.08 38.94 -32.87
C ARG AA 91 -66.44 38.31 -32.58
N ILE AA 92 -67.38 38.53 -33.49
CA ILE AA 92 -68.78 38.18 -33.25
C ILE AA 92 -69.03 36.69 -33.12
N GLU AA 93 -68.05 35.85 -33.45
CA GLU AA 93 -68.21 34.42 -33.25
C GLU AA 93 -68.31 34.07 -31.77
N HIS AA 94 -67.64 34.86 -30.93
CA HIS AA 94 -67.50 34.54 -29.52
C HIS AA 94 -68.54 35.21 -28.64
N ILE AA 95 -69.55 35.86 -29.23
CA ILE AA 95 -70.56 36.55 -28.45
C ILE AA 95 -71.94 36.12 -28.93
N LYS AA 96 -72.94 36.40 -28.09
CA LYS AA 96 -74.34 36.23 -28.44
C LYS AA 96 -75.16 37.17 -27.59
N HIS AA 97 -76.39 37.44 -28.03
CA HIS AA 97 -77.25 38.38 -27.34
C HIS AA 97 -77.69 37.82 -25.99
N SER AA 98 -78.09 38.72 -25.09
CA SER AA 98 -78.45 38.37 -23.73
C SER AA 98 -79.97 38.28 -23.61
N LYS AA 99 -80.48 37.07 -23.42
CA LYS AA 99 -81.91 36.88 -23.29
C LYS AA 99 -82.46 37.52 -22.03
N SER AA 100 -81.63 37.76 -21.01
CA SER AA 100 -82.09 38.51 -19.86
C SER AA 100 -82.52 39.92 -20.24
N ARG AA 101 -81.68 40.61 -21.00
CA ARG AA 101 -82.05 41.92 -21.53
C ARG AA 101 -83.25 41.83 -22.44
N ASP AA 102 -83.30 40.80 -23.29
CA ASP AA 102 -84.45 40.66 -24.19
C ASP AA 102 -85.76 40.53 -23.42
N SER AA 103 -85.77 39.68 -22.39
CA SER AA 103 -86.96 39.50 -21.58
C SER AA 103 -87.31 40.76 -20.81
N PHE AA 104 -86.30 41.50 -20.35
CA PHE AA 104 -86.61 42.73 -19.62
C PHE AA 104 -87.25 43.76 -20.52
N LEU AA 105 -86.75 43.94 -21.74
CA LEU AA 105 -87.39 44.88 -22.65
C LEU AA 105 -88.79 44.43 -23.03
N LYS AA 106 -89.00 43.12 -23.19
CA LYS AA 106 -90.34 42.62 -23.43
C LYS AA 106 -91.26 42.97 -22.27
N ARG AA 107 -90.78 42.80 -21.04
CA ARG AA 107 -91.60 43.10 -19.87
C ARG AA 107 -91.90 44.59 -19.78
N VAL AA 108 -90.93 45.44 -20.11
CA VAL AA 108 -91.17 46.89 -20.09
C VAL AA 108 -92.25 47.27 -21.10
N LYS AA 109 -92.15 46.73 -22.32
CA LYS AA 109 -93.15 47.03 -23.33
C LYS AA 109 -94.53 46.54 -22.90
N GLU AA 110 -94.59 45.35 -22.31
CA GLU AA 110 -95.87 44.80 -21.89
C GLU AA 110 -96.45 45.59 -20.72
N ASN AA 111 -95.59 46.07 -19.82
CA ASN AA 111 -96.05 46.91 -18.72
C ASN AA 111 -96.59 48.24 -19.22
N ASP AA 112 -95.92 48.85 -20.21
CA ASP AA 112 -96.42 50.10 -20.76
C ASP AA 112 -97.76 49.89 -21.45
N GLN AA 113 -97.91 48.76 -22.15
CA GLN AA 113 -99.20 48.43 -22.74
C GLN AA 113 -100.27 48.28 -21.67
N LYS AA 114 -99.95 47.59 -20.58
CA LYS AA 114 -100.93 47.44 -19.49
C LYS AA 114 -101.29 48.77 -18.86
N LYS AA 115 -100.30 49.66 -18.68
CA LYS AA 115 -100.58 50.97 -18.12
C LYS AA 115 -101.54 51.75 -19.02
N LYS AA 116 -101.27 51.76 -20.32
CA LYS AA 116 -102.15 52.47 -21.24
C LYS AA 116 -103.56 51.88 -21.23
N GLU AA 117 -103.65 50.55 -21.29
CA GLU AA 117 -104.95 49.89 -21.32
C GLU AA 117 -105.71 50.13 -20.03
N ALA AA 118 -105.03 50.06 -18.89
CA ALA AA 118 -105.69 50.21 -17.60
C ALA AA 118 -106.09 51.66 -17.34
N LYS AA 119 -105.32 52.63 -17.82
CA LYS AA 119 -105.79 54.01 -17.76
C LYS AA 119 -106.98 54.23 -18.66
N GLU AA 120 -107.05 53.52 -19.79
CA GLU AA 120 -108.23 53.61 -20.64
C GLU AA 120 -109.46 53.04 -19.97
N LYS AA 121 -109.33 51.88 -19.31
CA LYS AA 121 -110.48 51.17 -18.75
C LYS AA 121 -110.66 51.40 -17.25
N GLY AA 122 -109.93 52.35 -16.66
CA GLY AA 122 -110.17 52.73 -15.27
C GLY AA 122 -109.58 51.88 -14.16
N THR AA 123 -109.75 50.56 -14.23
CA THR AA 123 -109.42 49.70 -13.10
C THR AA 123 -107.91 49.55 -12.94
N TRP AA 124 -107.44 49.71 -11.71
CA TRP AA 124 -106.02 49.61 -11.39
C TRP AA 124 -105.54 48.16 -11.45
N VAL AA 125 -104.32 47.97 -11.93
CA VAL AA 125 -103.76 46.63 -12.11
C VAL AA 125 -102.34 46.62 -11.55
N GLN AA 126 -101.89 45.43 -11.13
CA GLN AA 126 -100.58 45.25 -10.51
C GLN AA 126 -99.52 45.01 -11.58
N LEU AA 127 -98.40 45.72 -11.46
CA LEU AA 127 -97.28 45.58 -12.39
C LEU AA 127 -95.99 45.10 -11.73
N LYS AA 128 -95.74 45.53 -10.49
CA LYS AA 128 -94.57 45.02 -9.77
C LYS AA 128 -94.75 43.54 -9.50
N ARG AA 129 -93.81 42.73 -9.96
CA ARG AA 129 -93.90 41.30 -9.76
C ARG AA 129 -93.50 40.96 -8.33
N GLN AA 130 -94.24 40.11 -7.73
CA GLN AA 130 -94.07 39.76 -6.33
C GLN AA 130 -93.31 38.45 -6.21
N PRO AA 131 -92.62 38.24 -5.09
CA PRO AA 131 -92.06 36.91 -4.81
C PRO AA 131 -93.19 35.91 -4.56
N ALA AA 132 -92.83 34.65 -4.54
CA ALA AA 132 -93.83 33.60 -4.40
C ALA AA 132 -94.52 33.72 -3.04
N PRO AA 133 -95.82 33.94 -3.00
CA PRO AA 133 -96.51 34.13 -1.73
C PRO AA 133 -96.72 32.81 -1.02
N PRO AA 134 -97.02 32.83 0.28
CA PRO AA 134 -97.43 31.60 0.95
C PRO AA 134 -98.71 31.03 0.34
N ARG AA 135 -98.80 29.71 0.36
CA ARG AA 135 -99.95 29.04 -0.24
C ARG AA 135 -101.22 29.37 0.52
N GLU AA 136 -102.29 29.65 -0.21
CA GLU AA 136 -103.57 29.95 0.40
C GLU AA 136 -104.25 28.68 0.88
N ALA AA 137 -105.27 28.87 1.71
CA ALA AA 137 -106.02 27.74 2.24
C ALA AA 137 -106.83 27.05 1.15
N HIS AA 138 -106.88 25.73 1.20
CA HIS AA 138 -107.63 24.97 0.22
C HIS AA 138 -108.08 23.65 0.83
N PHE AA 139 -109.05 23.03 0.17
CA PHE AA 139 -109.60 21.76 0.60
C PHE AA 139 -109.04 20.63 -0.25
N VAL AA 140 -108.64 19.54 0.39
CA VAL AA 140 -108.13 18.36 -0.30
C VAL AA 140 -109.16 17.26 -0.12
N ARG AA 141 -109.79 16.86 -1.22
CA ARG AA 141 -110.79 15.80 -1.18
C ARG AA 141 -110.12 14.44 -1.19
N THR AA 142 -110.70 13.50 -0.45
CA THR AA 142 -110.23 12.12 -0.48
C THR AA 142 -110.92 11.29 -1.55
N ASN AA 143 -112.06 11.77 -2.05
CA ASN AA 143 -112.83 11.08 -3.09
C ASN AA 143 -113.23 9.67 -2.63
N GLY AA 144 -113.53 9.52 -1.35
CA GLY AA 144 -113.93 8.24 -0.82
C GLY AA 144 -112.84 7.19 -0.80
N LYS AA 145 -111.57 7.61 -0.87
CA LYS AA 145 -110.44 6.70 -0.85
C LYS AA 145 -109.60 6.97 0.39
N GLU AA 146 -109.27 5.91 1.10
CA GLU AA 146 -108.40 6.06 2.26
C GLU AA 146 -106.96 6.24 1.77
N PRO AA 147 -106.25 7.26 2.25
CA PRO AA 147 -104.85 7.44 1.83
C PRO AA 147 -103.99 6.23 2.20
N GLU AA 148 -103.06 5.90 1.31
CA GLU AA 148 -102.24 4.71 1.51
C GLU AA 148 -101.33 4.87 2.71
N LEU AA 149 -101.23 3.82 3.52
CA LEU AA 149 -100.33 3.82 4.65
C LEU AA 149 -98.93 3.41 4.19
N LEU AA 150 -97.95 4.23 4.51
CA LEU AA 150 -96.57 3.98 4.15
C LEU AA 150 -95.77 3.57 5.38
N GLU AA 151 -94.95 2.54 5.23
CA GLU AA 151 -94.04 2.13 6.28
C GLU AA 151 -92.64 1.95 5.69
N PRO AA 152 -91.60 2.27 6.45
CA PRO AA 152 -90.24 2.00 5.98
C PRO AA 152 -90.02 0.51 5.76
N ILE AA 153 -89.26 0.19 4.73
CA ILE AA 153 -89.01 -1.20 4.34
C ILE AA 153 -87.92 -1.79 5.22
N PRO AA 154 -87.92 -3.11 5.43
CA PRO AA 154 -86.82 -3.73 6.16
C PRO AA 154 -85.53 -3.67 5.38
N TYR AA 155 -84.42 -3.68 6.11
CA TYR AA 155 -83.10 -3.63 5.50
C TYR AA 155 -82.72 -4.98 4.91
N GLU AA 156 -82.05 -4.96 3.77
CA GLU AA 156 -81.40 -6.15 3.24
C GLU AA 156 -80.23 -5.72 2.38
N PHE AA 157 -79.15 -6.49 2.44
CA PHE AA 157 -77.98 -6.19 1.61
C PHE AA 157 -78.22 -6.69 0.19
N MET AA 158 -78.03 -5.81 -0.79
CA MET AA 158 -78.34 -6.13 -2.17
C MET AA 158 -77.09 -6.52 -2.96
N ALA AA 159 -76.10 -5.64 -3.01
CA ALA AA 159 -74.88 -5.91 -3.77
C ALA AA 159 -73.71 -5.11 -3.23
N GLN BA 1 69.38 27.24 82.66
CA GLN BA 1 68.73 25.94 82.63
C GLN BA 1 67.85 25.73 83.86
N VAL BA 2 67.50 26.83 84.52
CA VAL BA 2 66.66 26.82 85.72
C VAL BA 2 65.42 27.65 85.42
N LEU BA 3 64.24 27.08 85.68
CA LEU BA 3 62.99 27.74 85.33
C LEU BA 3 62.50 28.68 86.43
N LYS BA 4 62.27 28.15 87.63
CA LYS BA 4 61.97 28.94 88.83
C LYS BA 4 60.71 29.80 88.63
N PHE BA 5 59.58 29.11 88.56
CA PHE BA 5 58.29 29.79 88.60
C PHE BA 5 57.79 29.91 90.04
N THR BA 6 56.84 30.82 90.25
CA THR BA 6 56.36 31.13 91.59
C THR BA 6 54.84 31.28 91.56
N LEU BA 7 54.20 30.88 92.64
CA LEU BA 7 52.77 31.08 92.86
C LEU BA 7 52.58 31.88 94.13
N ASP BA 8 51.74 32.92 94.06
CA ASP BA 8 51.51 33.82 95.19
C ASP BA 8 50.11 33.56 95.72
N CYS BA 9 50.06 32.91 96.89
CA CYS BA 9 48.84 32.64 97.63
C CYS BA 9 48.95 33.49 98.90
N THR BA 10 48.50 34.74 98.81
CA THR BA 10 48.59 35.66 99.94
C THR BA 10 47.22 36.13 100.40
N HIS BA 11 46.43 36.69 99.49
CA HIS BA 11 45.08 37.14 99.86
C HIS BA 11 44.18 36.03 100.37
N PRO BA 12 44.07 34.86 99.73
CA PRO BA 12 43.19 33.83 100.30
C PRO BA 12 43.73 33.23 101.59
N VAL BA 13 45.04 33.19 101.79
CA VAL BA 13 45.51 32.62 103.05
C VAL BA 13 45.38 33.64 104.18
N GLU BA 14 45.42 34.93 103.89
CA GLU BA 14 45.15 35.90 104.96
C GLU BA 14 43.67 36.08 105.19
N ASP BA 15 42.81 35.68 104.24
CA ASP BA 15 41.38 35.62 104.50
C ASP BA 15 40.93 34.26 105.01
N GLY BA 16 41.81 33.28 105.04
CA GLY BA 16 41.50 32.00 105.66
C GLY BA 16 40.59 31.09 104.86
N ILE BA 17 40.47 31.28 103.56
CA ILE BA 17 39.64 30.37 102.76
C ILE BA 17 40.42 29.22 102.16
N MET BA 18 41.75 29.31 102.13
CA MET BA 18 42.58 28.18 101.72
C MET BA 18 43.96 28.37 102.33
N ASP BA 19 44.73 27.28 102.36
CA ASP BA 19 46.04 27.29 102.97
C ASP BA 19 47.12 26.79 102.02
N ALA BA 20 48.25 27.50 102.05
CA ALA BA 20 49.37 27.16 101.17
C ALA BA 20 49.95 25.80 101.51
N ALA BA 21 49.81 25.35 102.76
CA ALA BA 21 50.29 24.02 103.12
C ALA BA 21 49.57 22.94 102.32
N ASN BA 22 48.23 23.00 102.29
CA ASN BA 22 47.48 22.02 101.53
C ASN BA 22 47.63 22.24 100.03
N PHE BA 23 47.82 23.49 99.59
CA PHE BA 23 48.07 23.70 98.16
C PHE BA 23 49.38 23.05 97.73
N GLU BA 24 50.44 23.22 98.53
CA GLU BA 24 51.70 22.55 98.25
C GLU BA 24 51.52 21.04 98.27
N GLN BA 25 50.80 20.54 99.29
CA GLN BA 25 50.58 19.10 99.40
C GLN BA 25 49.77 18.57 98.22
N PHE BA 26 48.98 19.42 97.59
CA PHE BA 26 48.27 19.04 96.37
C PHE BA 26 49.20 19.04 95.17
N LEU BA 27 50.19 19.94 95.14
CA LEU BA 27 50.98 20.12 93.92
C LEU BA 27 51.83 18.90 93.57
N GLN BA 28 52.50 18.28 94.57
CA GLN BA 28 53.65 17.43 94.23
C GLN BA 28 53.20 16.14 93.55
N GLU BA 29 52.06 15.58 93.93
CA GLU BA 29 51.60 14.36 93.28
C GLU BA 29 50.84 14.63 91.99
N ARG BA 30 50.44 15.88 91.73
CA ARG BA 30 49.77 16.21 90.49
C ARG BA 30 50.71 16.71 89.42
N ILE BA 31 51.87 17.23 89.77
CA ILE BA 31 52.84 17.67 88.77
C ILE BA 31 53.39 16.44 88.04
N LYS BA 32 53.28 16.44 86.72
CA LYS BA 32 53.77 15.36 85.89
C LYS BA 32 55.10 15.78 85.25
N VAL BA 33 56.07 14.87 85.28
CA VAL BA 33 57.32 15.05 84.56
C VAL BA 33 57.45 13.90 83.58
N ASN BA 34 57.53 14.23 82.29
CA ASN BA 34 57.57 13.25 81.21
C ASN BA 34 56.36 12.31 81.26
N GLY BA 35 55.20 12.88 81.56
CA GLY BA 35 53.96 12.14 81.53
C GLY BA 35 53.65 11.32 82.78
N LYS BA 36 54.54 11.29 83.76
CA LYS BA 36 54.34 10.51 84.97
C LYS BA 36 54.16 11.46 86.16
N ALA BA 37 53.01 11.35 86.81
CA ALA BA 37 52.79 12.08 88.05
C ALA BA 37 53.43 11.35 89.22
N GLY BA 38 53.63 12.07 90.31
CA GLY BA 38 54.33 11.49 91.43
C GLY BA 38 55.84 11.68 91.32
N ASN BA 39 56.49 11.67 92.49
CA ASN BA 39 57.92 11.66 92.75
C ASN BA 39 58.71 12.72 91.98
N LEU BA 40 58.00 13.69 91.40
CA LEU BA 40 58.60 14.86 90.75
C LEU BA 40 59.65 14.48 89.72
N GLY BA 41 59.36 13.42 88.97
CA GLY BA 41 60.29 12.93 87.97
C GLY BA 41 61.62 12.48 88.55
N GLY BA 42 61.60 11.81 89.68
CA GLY BA 42 62.83 11.48 90.37
C GLY BA 42 63.44 12.65 91.09
N GLY BA 43 62.63 13.64 91.48
CA GLY BA 43 63.13 14.80 92.16
C GLY BA 43 63.75 15.85 91.26
N VAL BA 44 63.53 15.76 89.95
CA VAL BA 44 64.15 16.75 89.05
C VAL BA 44 63.49 18.11 89.24
N VAL BA 45 62.19 18.14 89.49
CA VAL BA 45 61.47 19.38 89.76
C VAL BA 45 61.31 19.52 91.26
N THR BA 46 61.83 20.59 91.83
CA THR BA 46 61.73 20.81 93.26
C THR BA 46 60.68 21.85 93.58
N ILE BA 47 60.11 21.75 94.77
CA ILE BA 47 59.00 22.58 95.22
C ILE BA 47 59.29 23.02 96.64
N GLU BA 48 59.11 24.32 96.92
CA GLU BA 48 59.26 24.78 98.30
C GLU BA 48 58.37 25.99 98.53
N ARG BA 49 58.31 26.42 99.79
CA ARG BA 49 57.31 27.38 100.23
C ARG BA 49 57.94 28.39 101.17
N SER BA 50 57.43 29.62 101.12
CA SER BA 50 57.76 30.67 102.08
C SER BA 50 56.54 31.02 102.94
N LYS BA 51 55.64 30.06 103.12
CA LYS BA 51 54.43 30.12 103.94
C LYS BA 51 53.36 30.98 103.29
N SER BA 52 53.71 31.73 102.25
CA SER BA 52 52.73 32.33 101.35
C SER BA 52 53.13 32.24 99.89
N LYS BA 53 54.42 32.13 99.57
CA LYS BA 53 54.92 32.04 98.21
C LYS BA 53 55.38 30.62 97.98
N ILE BA 54 54.94 30.01 96.89
CA ILE BA 54 55.20 28.61 96.61
C ILE BA 54 55.94 28.55 95.29
N THR BA 55 57.23 28.22 95.33
CA THR BA 55 58.07 28.28 94.15
C THR BA 55 58.44 26.88 93.67
N VAL BA 56 58.40 26.72 92.35
CA VAL BA 56 58.69 25.47 91.66
C VAL BA 56 59.91 25.71 90.79
N THR BA 57 60.99 24.98 91.04
CA THR BA 57 62.22 25.14 90.30
C THR BA 57 62.49 23.87 89.49
N SER BA 58 62.73 24.03 88.20
CA SER BA 58 62.89 22.92 87.29
C SER BA 58 64.14 23.08 86.45
N GLU BA 59 64.83 21.98 86.21
CA GLU BA 59 65.97 21.93 85.30
C GLU BA 59 65.62 21.26 83.97
N VAL BA 60 64.35 21.02 83.71
CA VAL BA 60 63.90 20.47 82.43
C VAL BA 60 62.91 21.45 81.83
N PRO BA 61 62.72 21.42 80.50
CA PRO BA 61 61.74 22.30 79.85
C PRO BA 61 60.35 22.16 80.45
N PHE BA 62 59.86 23.23 81.06
CA PHE BA 62 58.68 23.16 81.90
C PHE BA 62 57.83 24.41 81.71
N SER BA 63 56.52 24.26 81.83
CA SER BA 63 55.58 25.30 81.42
C SER BA 63 54.93 25.98 82.62
N LYS BA 64 54.86 27.31 82.56
CA LYS BA 64 54.16 28.09 83.58
C LYS BA 64 52.65 27.93 83.48
N ARG BA 65 52.13 27.79 82.26
CA ARG BA 65 50.71 27.52 82.11
C ARG BA 65 50.31 26.20 82.74
N TYR BA 66 51.25 25.29 82.93
CA TYR BA 66 50.96 24.06 83.66
C TYR BA 66 50.66 24.37 85.12
N LEU BA 67 51.42 25.30 85.71
CA LEU BA 67 51.12 25.76 87.06
C LEU BA 67 49.74 26.39 87.11
N LYS BA 68 49.41 27.19 86.10
CA LYS BA 68 48.09 27.82 86.08
C LYS BA 68 46.99 26.78 85.98
N TYR BA 69 47.21 25.76 85.15
CA TYR BA 69 46.22 24.69 84.97
C TYR BA 69 46.02 23.92 86.27
N LEU BA 70 47.11 23.55 86.94
CA LEU BA 70 47.01 22.82 88.19
C LEU BA 70 46.38 23.67 89.28
N THR BA 71 46.71 24.97 89.33
CA THR BA 71 46.10 25.84 90.33
C THR BA 71 44.61 25.98 90.11
N LYS BA 72 44.18 26.13 88.84
CA LYS BA 72 42.76 26.18 88.56
C LYS BA 72 42.08 24.88 88.94
N LYS BA 73 42.77 23.76 88.75
CA LYS BA 73 42.23 22.47 89.17
C LYS BA 73 42.03 22.42 90.68
N TYR BA 74 43.02 22.93 91.44
CA TYR BA 74 42.88 22.97 92.90
C TYR BA 74 41.71 23.83 93.32
N LEU BA 75 41.59 25.01 92.71
CA LEU BA 75 40.49 25.92 93.05
C LEU BA 75 39.14 25.31 92.72
N LYS BA 76 39.03 24.59 91.60
CA LYS BA 76 37.79 23.91 91.30
C LYS BA 76 37.50 22.81 92.31
N LYS BA 77 38.54 22.10 92.74
CA LYS BA 77 38.36 21.05 93.75
C LYS BA 77 37.85 21.64 95.06
N ASN BA 78 38.34 22.82 95.42
CA ASN BA 78 37.99 23.45 96.69
C ASN BA 78 36.88 24.49 96.56
N ASN BA 79 36.21 24.55 95.40
CA ASN BA 79 35.08 25.44 95.18
C ASN BA 79 35.46 26.92 95.32
N LEU BA 80 36.71 27.25 95.02
CA LEU BA 80 37.19 28.62 95.09
C LEU BA 80 37.17 29.31 93.74
N ARG BA 81 36.71 28.63 92.69
CA ARG BA 81 36.81 29.18 91.35
C ARG BA 81 35.90 30.38 91.15
N ASP BA 82 34.78 30.42 91.85
CA ASP BA 82 33.87 31.55 91.71
C ASP BA 82 34.28 32.76 92.52
N TRP BA 83 35.32 32.66 93.35
CA TRP BA 83 35.83 33.80 94.10
C TRP BA 83 37.24 34.20 93.70
N LEU BA 84 38.11 33.24 93.42
CA LEU BA 84 39.51 33.50 93.18
C LEU BA 84 39.82 33.38 91.69
N ARG BA 85 41.00 33.89 91.33
CA ARG BA 85 41.37 33.99 89.93
C ARG BA 85 42.88 34.09 89.83
N VAL BA 86 43.48 33.27 88.97
CA VAL BA 86 44.92 33.22 88.80
C VAL BA 86 45.32 34.24 87.73
N VAL BA 87 46.21 35.16 88.10
CA VAL BA 87 46.61 36.27 87.23
C VAL BA 87 48.13 36.30 87.20
N ALA BA 88 48.71 36.43 86.01
CA ALA BA 88 50.15 36.56 85.88
C ALA BA 88 50.55 37.96 86.32
N ASN BA 89 50.99 38.09 87.57
CA ASN BA 89 51.40 39.39 88.07
C ASN BA 89 52.74 39.84 87.49
N SER BA 90 53.53 38.92 86.98
CA SER BA 90 54.80 39.23 86.34
C SER BA 90 55.22 38.02 85.52
N LYS BA 91 56.41 38.10 84.93
CA LYS BA 91 57.00 36.89 84.38
C LYS BA 91 57.35 35.94 85.52
N GLU BA 92 57.41 34.65 85.18
CA GLU BA 92 57.76 33.56 86.11
C GLU BA 92 56.98 33.60 87.41
N SER BA 93 55.85 34.29 87.45
CA SER BA 93 55.09 34.40 88.69
C SER BA 93 53.60 34.51 88.39
N TYR BA 94 52.81 33.76 89.14
CA TYR BA 94 51.36 33.88 89.18
C TYR BA 94 50.95 34.36 90.55
N GLU BA 95 49.73 34.89 90.64
CA GLU BA 95 49.17 35.36 91.89
C GLU BA 95 47.68 35.12 91.83
N LEU BA 96 47.10 34.56 92.88
CA LEU BA 96 45.65 34.38 92.86
C LEU BA 96 44.98 35.43 93.72
N ARG BA 97 44.04 36.14 93.13
CA ARG BA 97 43.38 37.29 93.74
C ARG BA 97 41.88 37.20 93.48
N TYR BA 98 41.13 38.04 94.17
CA TYR BA 98 39.67 37.98 94.13
C TYR BA 98 39.12 38.74 92.93
N PHE BA 99 37.93 38.35 92.51
CA PHE BA 99 37.23 39.08 91.46
C PHE BA 99 36.84 40.47 91.97
N GLN BA 100 37.06 41.48 91.15
CA GLN BA 100 36.83 42.87 91.53
C GLN BA 100 35.47 43.29 90.98
N ILE BA 101 34.50 43.48 91.88
CA ILE BA 101 33.16 43.90 91.48
C ILE BA 101 33.19 45.37 91.08
N SER CA 1 -18.11 -37.16 56.86
CA SER CA 1 -17.33 -36.52 55.81
C SER CA 1 -16.48 -35.39 56.36
N GLY CA 2 -17.03 -34.18 56.37
CA GLY CA 2 -16.31 -33.01 56.83
C GLY CA 2 -15.83 -32.15 55.68
N ALA CA 3 -16.24 -30.88 55.69
CA ALA CA 3 -15.87 -29.95 54.63
C ALA CA 3 -14.73 -29.05 55.09
N LYS CA 4 -13.99 -28.54 54.11
CA LYS CA 4 -12.85 -27.68 54.41
C LYS CA 4 -13.33 -26.33 54.93
N PHE CA 5 -12.73 -25.87 56.03
CA PHE CA 5 -13.04 -24.57 56.58
C PHE CA 5 -12.39 -23.47 55.75
N ARG CA 6 -12.86 -22.25 55.97
CA ARG CA 6 -12.29 -21.10 55.28
C ARG CA 6 -10.89 -20.81 55.80
N ILE CA 7 -9.97 -20.53 54.88
CA ILE CA 7 -8.60 -20.17 55.21
C ILE CA 7 -8.21 -18.92 54.44
N SER CA 8 -7.15 -18.28 54.89
CA SER CA 8 -6.61 -17.12 54.20
C SER CA 8 -6.05 -17.55 52.84
N LEU CA 9 -6.43 -16.83 51.79
CA LEU CA 9 -6.09 -17.28 50.44
C LEU CA 9 -4.69 -16.86 50.03
N GLY CA 10 -4.46 -15.56 49.85
CA GLY CA 10 -3.13 -15.06 49.62
C GLY CA 10 -2.47 -15.41 48.30
N LEU CA 11 -3.17 -16.08 47.37
CA LEU CA 11 -2.64 -16.39 46.05
C LEU CA 11 -3.65 -15.97 45.00
N PRO CA 12 -3.66 -14.70 44.61
CA PRO CA 12 -4.62 -14.24 43.61
C PRO CA 12 -4.26 -14.71 42.21
N VAL CA 13 -5.07 -14.32 41.22
CA VAL CA 13 -4.79 -14.64 39.84
C VAL CA 13 -3.54 -13.89 39.39
N GLY CA 14 -2.63 -14.59 38.74
CA GLY CA 14 -1.38 -14.00 38.32
C GLY CA 14 -0.21 -14.36 39.19
N ALA CA 15 -0.42 -15.15 40.23
CA ALA CA 15 0.67 -15.58 41.09
C ALA CA 15 1.39 -16.75 40.46
N VAL CA 16 2.72 -16.74 40.55
CA VAL CA 16 3.55 -17.83 40.06
C VAL CA 16 4.05 -18.60 41.28
N ILE CA 17 3.66 -19.86 41.37
CA ILE CA 17 4.03 -20.72 42.48
C ILE CA 17 4.95 -21.81 41.96
N ASN CA 18 5.65 -22.45 42.90
CA ASN CA 18 6.53 -23.54 42.51
C ASN CA 18 5.72 -24.77 42.13
N CYS CA 19 6.29 -25.57 41.23
CA CYS CA 19 5.68 -26.81 40.81
C CYS CA 19 6.38 -27.95 41.54
N ALA CA 20 5.67 -28.57 42.47
CA ALA CA 20 6.29 -29.48 43.44
C ALA CA 20 6.33 -30.93 42.98
N ASP CA 21 5.77 -31.26 41.83
CA ASP CA 21 5.81 -32.63 41.35
C ASP CA 21 6.95 -32.80 40.34
N ASN CA 22 7.12 -34.02 39.87
CA ASN CA 22 8.20 -34.37 38.95
C ASN CA 22 7.74 -34.39 37.50
N THR CA 23 6.77 -33.56 37.14
CA THR CA 23 6.27 -33.50 35.77
C THR CA 23 7.24 -32.85 34.81
N GLY CA 24 8.31 -32.25 35.30
CA GLY CA 24 9.21 -31.47 34.48
C GLY CA 24 8.87 -29.99 34.42
N ALA CA 25 7.75 -29.58 35.01
CA ALA CA 25 7.41 -28.18 35.10
C ALA CA 25 8.10 -27.55 36.31
N LYS CA 26 8.53 -26.30 36.15
CA LYS CA 26 9.23 -25.62 37.22
C LYS CA 26 8.34 -24.66 38.01
N ASN CA 27 7.34 -24.05 37.38
CA ASN CA 27 6.44 -23.17 38.09
C ASN CA 27 5.07 -23.23 37.44
N LEU CA 28 4.08 -22.71 38.16
CA LEU CA 28 2.70 -22.67 37.74
C LEU CA 28 2.20 -21.24 37.86
N TYR CA 29 1.63 -20.71 36.79
CA TYR CA 29 1.10 -19.35 36.76
C TYR CA 29 -0.41 -19.42 36.85
N ILE CA 30 -0.96 -19.03 38.00
CA ILE CA 30 -2.38 -19.20 38.26
C ILE CA 30 -3.18 -18.21 37.41
N ILE CA 31 -4.11 -18.73 36.62
CA ILE CA 31 -4.95 -17.89 35.79
C ILE CA 31 -6.38 -17.80 36.30
N SER CA 32 -6.83 -18.76 37.11
CA SER CA 32 -8.14 -18.66 37.76
C SER CA 32 -8.23 -19.73 38.83
N VAL CA 33 -9.27 -19.63 39.65
CA VAL CA 33 -9.51 -20.53 40.77
C VAL CA 33 -10.88 -21.16 40.58
N LYS CA 34 -10.96 -22.48 40.78
CA LYS CA 34 -12.22 -23.18 40.65
C LYS CA 34 -13.18 -22.80 41.77
N GLY CA 35 -14.46 -22.73 41.43
CA GLY CA 35 -15.49 -22.47 42.41
C GLY CA 35 -15.65 -21.03 42.84
N ILE CA 36 -15.07 -20.09 42.12
CA ILE CA 36 -15.14 -18.68 42.47
C ILE CA 36 -16.25 -18.04 41.66
N LYS CA 37 -17.32 -17.61 42.35
CA LYS CA 37 -18.37 -16.86 41.68
C LYS CA 37 -17.88 -15.48 41.29
N GLY CA 38 -17.51 -14.67 42.27
CA GLY CA 38 -16.81 -13.44 41.99
C GLY CA 38 -17.44 -12.25 42.68
N ARG CA 39 -16.97 -11.08 42.27
CA ARG CA 39 -17.26 -9.76 42.82
C ARG CA 39 -16.58 -8.76 41.90
N LEU CA 40 -17.21 -7.61 41.74
CA LEU CA 40 -16.64 -6.59 40.87
C LEU CA 40 -15.29 -6.15 41.39
N ASN CA 41 -14.27 -6.25 40.52
CA ASN CA 41 -12.88 -5.87 40.73
C ASN CA 41 -12.11 -6.80 41.65
N ARG CA 42 -12.74 -7.81 42.23
CA ARG CA 42 -12.05 -8.70 43.15
C ARG CA 42 -11.31 -9.79 42.37
N LEU CA 43 -10.03 -9.95 42.67
CA LEU CA 43 -9.26 -11.01 42.04
C LEU CA 43 -9.61 -12.36 42.65
N PRO CA 44 -9.84 -13.39 41.85
CA PRO CA 44 -10.04 -14.74 42.39
C PRO CA 44 -8.75 -15.25 43.02
N ALA CA 45 -8.82 -15.66 44.28
CA ALA CA 45 -7.65 -16.05 45.03
C ALA CA 45 -7.81 -17.47 45.56
N ALA CA 46 -6.68 -18.13 45.80
CA ALA CA 46 -6.68 -19.52 46.21
C ALA CA 46 -5.78 -19.72 47.42
N GLY CA 47 -6.20 -20.63 48.29
CA GLY CA 47 -5.37 -21.12 49.36
C GLY CA 47 -4.94 -22.56 49.12
N VAL CA 48 -4.36 -23.16 50.16
CA VAL CA 48 -3.92 -24.55 50.04
C VAL CA 48 -5.15 -25.45 49.95
N GLY CA 49 -5.03 -26.50 49.14
CA GLY CA 49 -6.15 -27.38 48.87
C GLY CA 49 -7.09 -26.90 47.81
N ASP CA 50 -6.82 -25.76 47.20
CA ASP CA 50 -7.69 -25.21 46.16
C ASP CA 50 -7.25 -25.69 44.79
N MET CA 51 -8.24 -26.03 43.96
CA MET CA 51 -8.00 -26.33 42.56
C MET CA 51 -7.99 -25.02 41.77
N VAL CA 52 -6.98 -24.87 40.93
CA VAL CA 52 -6.79 -23.68 40.11
C VAL CA 52 -6.53 -24.12 38.68
N MET CA 53 -6.70 -23.18 37.76
CA MET CA 53 -6.24 -23.34 36.39
C MET CA 53 -4.92 -22.60 36.25
N ALA CA 54 -3.90 -23.28 35.72
CA ALA CA 54 -2.58 -22.71 35.68
C ALA CA 54 -1.89 -23.05 34.37
N THR CA 55 -0.94 -22.20 33.99
CA THR CA 55 -0.03 -22.46 32.88
C THR CA 55 1.39 -22.46 33.42
N VAL CA 56 2.23 -23.34 32.92
CA VAL CA 56 3.62 -23.35 33.34
C VAL CA 56 4.39 -22.37 32.48
N LYS CA 57 5.14 -21.49 33.11
CA LYS CA 57 5.88 -20.49 32.36
C LYS CA 57 7.26 -20.97 31.98
N LYS CA 58 7.92 -21.72 32.86
CA LYS CA 58 9.19 -22.34 32.55
C LYS CA 58 9.10 -23.81 32.91
N GLY CA 59 9.74 -24.65 32.11
CA GLY CA 59 9.65 -26.07 32.24
C GLY CA 59 9.75 -26.74 30.89
N LYS CA 60 9.30 -27.98 30.83
CA LYS CA 60 9.38 -28.73 29.59
C LYS CA 60 8.48 -28.09 28.53
N PRO CA 61 8.96 -28.00 27.28
CA PRO CA 61 8.18 -27.28 26.26
C PRO CA 61 6.84 -27.91 25.92
N GLU CA 62 6.64 -29.18 26.21
CA GLU CA 62 5.37 -29.83 25.90
C GLU CA 62 4.30 -29.56 26.95
N LEU CA 63 4.62 -28.82 28.00
CA LEU CA 63 3.65 -28.42 29.00
C LEU CA 63 3.34 -26.93 28.97
N ARG CA 64 4.09 -26.14 28.21
CA ARG CA 64 4.13 -24.70 28.45
C ARG CA 64 2.86 -24.00 27.97
N LYS CA 65 2.56 -24.08 26.68
CA LYS CA 65 1.47 -23.26 26.15
C LYS CA 65 0.12 -23.96 26.25
N LYS CA 66 -0.20 -24.44 27.45
CA LYS CA 66 -1.46 -25.13 27.72
C LYS CA 66 -2.00 -24.68 29.06
N VAL CA 67 -3.25 -25.04 29.33
CA VAL CA 67 -3.90 -24.80 30.61
C VAL CA 67 -4.07 -26.14 31.30
N HIS CA 68 -3.57 -26.24 32.53
CA HIS CA 68 -3.61 -27.44 33.33
C HIS CA 68 -4.42 -27.19 34.58
N PRO CA 69 -5.13 -28.19 35.10
CA PRO CA 69 -5.62 -28.11 36.47
C PRO CA 69 -4.50 -28.37 37.45
N ALA CA 70 -4.47 -27.58 38.52
CA ALA CA 70 -3.45 -27.72 39.54
C ALA CA 70 -4.12 -27.59 40.91
N VAL CA 71 -3.44 -28.08 41.93
CA VAL CA 71 -3.91 -27.97 43.30
C VAL CA 71 -2.81 -27.36 44.14
N VAL CA 72 -3.16 -26.33 44.91
CA VAL CA 72 -2.19 -25.66 45.78
C VAL CA 72 -1.93 -26.53 47.00
N ILE CA 73 -0.66 -26.81 47.26
CA ILE CA 73 -0.28 -27.67 48.37
C ILE CA 73 0.48 -26.92 49.46
N ARG CA 74 1.11 -25.79 49.16
CA ARG CA 74 1.80 -24.99 50.16
C ARG CA 74 1.59 -23.53 49.84
N GLN CA 75 1.41 -22.71 50.87
CA GLN CA 75 1.29 -21.27 50.67
C GLN CA 75 2.12 -20.53 51.72
N ARG CA 76 2.61 -19.37 51.32
CA ARG CA 76 3.39 -18.53 52.23
C ARG CA 76 2.53 -17.71 53.16
N LYS CA 77 1.25 -17.50 52.82
CA LYS CA 77 0.36 -16.73 53.67
C LYS CA 77 -0.03 -17.55 54.89
N SER CA 78 0.06 -16.96 56.06
CA SER CA 78 -0.35 -17.64 57.28
C SER CA 78 -1.85 -17.87 57.29
N TYR CA 79 -2.26 -19.03 57.76
CA TYR CA 79 -3.67 -19.33 57.90
C TYR CA 79 -3.93 -20.05 59.21
N ARG CA 80 -5.13 -19.82 59.76
CA ARG CA 80 -5.56 -20.41 61.02
C ARG CA 80 -6.17 -21.77 60.78
N ARG CA 81 -5.83 -22.72 61.66
CA ARG CA 81 -6.26 -24.11 61.50
C ARG CA 81 -7.22 -24.52 62.62
N LYS CA 82 -8.14 -23.63 62.99
CA LYS CA 82 -9.26 -23.95 63.87
C LYS CA 82 -8.87 -24.45 65.25
N ASP CA 83 -7.58 -24.50 65.54
CA ASP CA 83 -7.08 -24.84 66.86
C ASP CA 83 -6.09 -23.79 67.36
N GLY CA 84 -6.21 -22.57 66.86
CA GLY CA 84 -5.35 -21.48 67.25
C GLY CA 84 -3.99 -21.48 66.58
N VAL CA 85 -3.73 -22.42 65.69
CA VAL CA 85 -2.43 -22.54 65.04
C VAL CA 85 -2.47 -21.71 63.76
N PHE CA 86 -1.59 -20.72 63.68
CA PHE CA 86 -1.36 -19.96 62.46
C PHE CA 86 -0.15 -20.57 61.78
N LEU CA 87 -0.36 -21.22 60.64
CA LEU CA 87 0.70 -21.93 59.94
C LEU CA 87 0.96 -21.27 58.60
N TYR CA 88 2.23 -21.21 58.23
CA TYR CA 88 2.63 -20.79 56.89
C TYR CA 88 3.85 -21.58 56.46
N PHE CA 89 4.06 -21.63 55.15
CA PHE CA 89 5.12 -22.42 54.56
C PHE CA 89 6.21 -21.52 53.99
N GLU CA 90 7.33 -22.13 53.64
CA GLU CA 90 8.47 -21.38 53.12
C GLU CA 90 8.20 -20.84 51.72
N ASP CA 91 7.38 -21.53 50.92
CA ASP CA 91 7.13 -21.12 49.56
C ASP CA 91 5.71 -21.51 49.16
N ASN CA 92 5.23 -20.90 48.09
CA ASN CA 92 3.96 -21.27 47.48
C ASN CA 92 4.23 -22.36 46.45
N ALA CA 93 3.60 -23.51 46.62
CA ALA CA 93 3.81 -24.64 45.73
C ALA CA 93 2.49 -25.33 45.43
N GLY CA 94 2.37 -25.81 44.20
CA GLY CA 94 1.24 -26.61 43.80
C GLY CA 94 1.67 -27.75 42.91
N VAL CA 95 0.74 -28.65 42.63
CA VAL CA 95 1.02 -29.79 41.77
C VAL CA 95 -0.01 -29.82 40.65
N ILE CA 96 0.37 -30.45 39.55
CA ILE CA 96 -0.50 -30.56 38.37
C ILE CA 96 -1.31 -31.84 38.48
N VAL CA 97 -2.63 -31.71 38.36
CA VAL CA 97 -3.55 -32.83 38.42
C VAL CA 97 -4.48 -32.75 37.21
N ASN CA 98 -5.43 -33.67 37.14
CA ASN CA 98 -6.53 -33.55 36.20
C ASN CA 98 -7.80 -33.19 36.95
N ASN CA 99 -8.90 -33.10 36.21
CA ASN CA 99 -10.17 -32.71 36.84
C ASN CA 99 -10.67 -33.74 37.84
N LYS CA 100 -10.23 -35.00 37.74
CA LYS CA 100 -10.64 -36.02 38.68
C LYS CA 100 -9.82 -36.01 39.96
N GLY CA 101 -8.69 -35.32 40.00
CA GLY CA 101 -7.92 -35.12 41.21
C GLY CA 101 -6.60 -35.84 41.25
N GLU CA 102 -6.37 -36.86 40.43
CA GLU CA 102 -5.10 -37.55 40.47
C GLU CA 102 -4.02 -36.76 39.74
N MET CA 103 -2.80 -36.87 40.24
CA MET CA 103 -1.69 -36.08 39.73
C MET CA 103 -1.20 -36.61 38.39
N LYS CA 104 -0.76 -35.68 37.55
CA LYS CA 104 -0.02 -36.07 36.35
C LYS CA 104 1.32 -36.69 36.71
N GLY CA 105 1.99 -36.14 37.72
CA GLY CA 105 3.25 -36.66 38.18
C GLY CA 105 3.08 -37.82 39.14
N SER CA 106 4.17 -38.18 39.81
CA SER CA 106 4.18 -39.33 40.70
C SER CA 106 4.82 -39.08 42.05
N ALA CA 107 5.50 -37.96 42.25
CA ALA CA 107 6.15 -37.67 43.52
C ALA CA 107 6.03 -36.19 43.81
N ILE CA 108 6.10 -35.85 45.10
CA ILE CA 108 6.01 -34.47 45.56
C ILE CA 108 7.24 -34.15 46.38
N THR CA 109 7.87 -33.02 46.10
CA THR CA 109 9.01 -32.54 46.87
C THR CA 109 8.53 -31.58 47.94
N GLY CA 110 8.91 -31.84 49.19
CA GLY CA 110 8.53 -30.99 50.29
C GLY CA 110 7.21 -31.39 50.92
N PRO CA 111 6.84 -30.71 51.99
CA PRO CA 111 5.61 -31.06 52.70
C PRO CA 111 4.37 -30.65 51.92
N VAL CA 112 3.24 -31.20 52.35
CA VAL CA 112 1.93 -30.86 51.82
C VAL CA 112 1.06 -30.43 52.99
N ALA CA 113 0.30 -29.35 52.80
CA ALA CA 113 -0.61 -28.90 53.84
C ALA CA 113 -1.63 -29.96 54.17
N LYS CA 114 -2.01 -30.04 55.45
CA LYS CA 114 -2.97 -31.05 55.88
C LYS CA 114 -4.33 -30.83 55.24
N GLU CA 115 -4.69 -29.58 54.98
CA GLU CA 115 -5.96 -29.29 54.34
C GLU CA 115 -6.00 -29.92 52.94
N CYS CA 116 -4.95 -29.69 52.16
CA CYS CA 116 -4.86 -30.27 50.84
C CYS CA 116 -4.79 -31.79 50.90
N ALA CA 117 -4.04 -32.33 51.86
CA ALA CA 117 -3.92 -33.78 51.98
C ALA CA 117 -5.26 -34.42 52.32
N ASP CA 118 -6.04 -33.81 53.21
CA ASP CA 118 -7.34 -34.34 53.55
C ASP CA 118 -8.33 -34.21 52.41
N LEU CA 119 -8.21 -33.15 51.63
CA LEU CA 119 -9.19 -32.91 50.56
C LEU CA 119 -8.87 -33.66 49.28
N TRP CA 120 -7.61 -34.01 49.03
CA TRP CA 120 -7.21 -34.73 47.83
C TRP CA 120 -6.47 -36.00 48.21
N PRO CA 121 -7.15 -37.15 48.23
CA PRO CA 121 -6.47 -38.39 48.63
C PRO CA 121 -5.33 -38.81 47.71
N ARG CA 122 -5.42 -38.54 46.41
CA ARG CA 122 -4.35 -38.95 45.51
C ARG CA 122 -3.09 -38.13 45.71
N ILE CA 123 -3.24 -36.86 46.10
CA ILE CA 123 -2.08 -36.04 46.44
C ILE CA 123 -1.45 -36.51 47.75
N ALA CA 124 -2.29 -36.89 48.72
CA ALA CA 124 -1.80 -37.29 50.03
C ALA CA 124 -0.94 -38.55 49.95
N SER CA 125 -1.27 -39.46 49.04
CA SER CA 125 -0.49 -40.68 48.91
C SER CA 125 0.93 -40.39 48.43
N ASN CA 126 1.07 -39.49 47.46
CA ASN CA 126 2.39 -39.11 46.97
C ASN CA 126 3.07 -38.07 47.86
N ALA CA 127 2.37 -37.54 48.85
CA ALA CA 127 2.98 -36.55 49.74
C ALA CA 127 4.09 -37.18 50.57
N GLY CA 128 5.27 -36.58 50.53
CA GLY CA 128 6.36 -37.06 51.37
C GLY CA 128 6.10 -36.84 52.84
N SER CA 129 5.59 -35.67 53.20
CA SER CA 129 5.22 -35.38 54.57
C SER CA 129 4.01 -34.47 54.56
N ILE CA 130 3.27 -34.47 55.65
CA ILE CA 130 2.07 -33.65 55.81
C ILE CA 130 2.32 -32.67 56.94
N ALA CA 131 2.22 -31.38 56.64
CA ALA CA 131 2.44 -30.35 57.64
C ALA CA 131 1.13 -29.65 57.99
N MET DA 1 -4.59 -26.66 77.09
CA MET DA 1 -4.72 -28.01 77.62
C MET DA 1 -4.23 -29.01 76.56
N LYS DA 2 -3.94 -28.48 75.38
CA LYS DA 2 -3.42 -29.29 74.28
C LYS DA 2 -1.94 -29.58 74.52
N VAL DA 3 -1.26 -30.10 73.50
CA VAL DA 3 0.17 -30.35 73.60
C VAL DA 3 0.90 -29.01 73.68
N GLU DA 4 1.83 -28.92 74.64
CA GLU DA 4 2.64 -27.72 74.79
C GLU DA 4 3.82 -27.74 73.83
N LEU DA 5 4.14 -26.58 73.27
CA LEU DA 5 5.23 -26.46 72.32
C LEU DA 5 6.27 -25.47 72.85
N CYS DA 6 7.49 -25.58 72.33
CA CYS DA 6 8.59 -24.72 72.72
C CYS DA 6 9.08 -23.96 71.48
N SER DA 7 9.67 -22.79 71.71
CA SER DA 7 9.95 -21.83 70.66
C SER DA 7 11.43 -21.78 70.30
N PHE DA 8 11.78 -20.80 69.46
CA PHE DA 8 13.18 -20.42 69.23
C PHE DA 8 13.86 -20.00 70.52
N SER DA 9 13.12 -19.41 71.44
CA SER DA 9 13.63 -19.00 72.74
C SER DA 9 13.49 -20.06 73.81
N GLY DA 10 12.89 -21.21 73.49
CA GLY DA 10 12.68 -22.24 74.48
C GLY DA 10 11.54 -21.98 75.44
N TYR DA 11 10.70 -20.99 75.17
CA TYR DA 11 9.56 -20.68 76.02
C TYR DA 11 8.38 -21.57 75.64
N LYS DA 12 7.52 -21.81 76.62
CA LYS DA 12 6.29 -22.54 76.34
C LYS DA 12 5.35 -21.69 75.50
N ILE DA 13 4.77 -22.29 74.47
CA ILE DA 13 3.77 -21.63 73.64
C ILE DA 13 2.43 -22.24 73.98
N TYR DA 14 1.56 -21.44 74.56
CA TYR DA 14 0.23 -21.90 74.91
C TYR DA 14 -0.66 -21.91 73.68
N PRO DA 15 -1.75 -22.68 73.71
CA PRO DA 15 -2.66 -22.72 72.55
C PRO DA 15 -3.20 -21.34 72.22
N GLY DA 16 -3.32 -21.07 70.91
CA GLY DA 16 -3.77 -19.79 70.45
C GLY DA 16 -2.71 -18.71 70.42
N HIS DA 17 -1.45 -19.05 70.62
CA HIS DA 17 -0.38 -18.07 70.64
C HIS DA 17 0.69 -18.41 69.61
N GLY DA 18 1.32 -17.39 69.08
CA GLY DA 18 2.46 -17.57 68.20
C GLY DA 18 2.09 -18.08 66.83
N ARG DA 19 3.12 -18.51 66.11
CA ARG DA 19 2.95 -19.00 64.74
C ARG DA 19 3.75 -20.27 64.56
N ARG DA 20 3.44 -20.98 63.48
CA ARG DA 20 4.13 -22.21 63.13
C ARG DA 20 4.63 -22.09 61.71
N TYR DA 21 5.86 -22.54 61.47
CA TYR DA 21 6.55 -22.33 60.21
C TYR DA 21 7.04 -23.66 59.69
N ALA DA 22 6.56 -24.06 58.52
CA ALA DA 22 6.99 -25.29 57.87
C ALA DA 22 7.93 -24.95 56.73
N ARG DA 23 9.09 -25.60 56.70
CA ARG DA 23 10.07 -25.37 55.65
C ARG DA 23 9.94 -26.42 54.57
N THR DA 24 10.52 -26.12 53.41
CA THR DA 24 10.43 -27.04 52.28
C THR DA 24 11.20 -28.33 52.53
N ASP DA 25 12.29 -28.26 53.31
CA ASP DA 25 13.06 -29.46 53.59
C ASP DA 25 12.34 -30.43 54.53
N GLY DA 26 11.21 -30.02 55.11
CA GLY DA 26 10.42 -30.89 55.94
C GLY DA 26 10.49 -30.63 57.43
N LYS DA 27 11.10 -29.54 57.86
CA LYS DA 27 11.24 -29.21 59.27
C LYS DA 27 10.20 -28.18 59.67
N VAL DA 28 9.58 -28.40 60.82
CA VAL DA 28 8.51 -27.54 61.33
C VAL DA 28 9.00 -26.91 62.62
N PHE DA 29 9.00 -25.59 62.66
CA PHE DA 29 9.33 -24.83 63.85
C PHE DA 29 8.09 -24.10 64.33
N GLN DA 30 8.14 -23.64 65.57
CA GLN DA 30 7.06 -22.83 66.11
C GLN DA 30 7.66 -21.72 66.95
N PHE DA 31 7.11 -20.52 66.80
CA PHE DA 31 7.64 -19.33 67.44
C PHE DA 31 6.58 -18.71 68.34
N LEU DA 32 7.04 -18.28 69.51
CA LEU DA 32 6.15 -17.68 70.50
C LEU DA 32 5.61 -16.34 70.01
N ASN DA 33 6.44 -15.53 69.37
CA ASN DA 33 5.99 -14.23 68.88
C ASN DA 33 6.86 -13.82 67.70
N ALA DA 34 6.53 -12.64 67.16
CA ALA DA 34 7.21 -12.15 65.97
C ALA DA 34 8.67 -11.78 66.26
N LYS DA 35 9.00 -11.42 67.50
CA LYS DA 35 10.39 -11.16 67.85
C LYS DA 35 11.24 -12.41 67.66
N CYS DA 36 10.81 -13.51 68.26
CA CYS DA 36 11.51 -14.78 68.09
C CYS DA 36 11.48 -15.23 66.64
N GLU DA 37 10.36 -15.04 65.96
CA GLU DA 37 10.26 -15.47 64.57
C GLU DA 37 11.26 -14.70 63.68
N SER DA 38 11.37 -13.39 63.88
CA SER DA 38 12.29 -12.60 63.07
C SER DA 38 13.73 -12.91 63.43
N ALA DA 39 14.01 -13.15 64.72
CA ALA DA 39 15.36 -13.56 65.10
C ALA DA 39 15.74 -14.89 64.45
N PHE DA 40 14.79 -15.83 64.39
CA PHE DA 40 15.05 -17.08 63.71
C PHE DA 40 15.25 -16.89 62.21
N LEU DA 41 14.43 -16.02 61.61
CA LEU DA 41 14.48 -15.85 60.16
C LEU DA 41 15.75 -15.12 59.71
N SER DA 42 16.24 -14.21 60.52
CA SER DA 42 17.51 -13.54 60.22
C SER DA 42 18.72 -14.40 60.58
N LYS DA 43 18.51 -15.68 60.87
CA LYS DA 43 19.57 -16.64 61.15
C LYS DA 43 20.44 -16.23 62.33
N ARG DA 44 19.82 -15.63 63.34
CA ARG DA 44 20.54 -15.30 64.56
C ARG DA 44 20.59 -16.52 65.47
N ASN DA 45 21.75 -16.77 66.04
CA ASN DA 45 21.93 -17.93 66.89
C ASN DA 45 21.29 -17.69 68.25
N PRO DA 46 20.40 -18.57 68.72
CA PRO DA 46 19.78 -18.36 70.04
C PRO DA 46 20.75 -18.42 71.19
N ARG DA 47 21.91 -19.07 71.04
CA ARG DA 47 22.88 -19.12 72.11
C ARG DA 47 23.59 -17.81 72.34
N GLN DA 48 23.41 -16.83 71.46
CA GLN DA 48 24.06 -15.54 71.57
C GLN DA 48 23.08 -14.43 71.93
N ILE DA 49 21.83 -14.78 72.22
CA ILE DA 49 20.79 -13.82 72.58
C ILE DA 49 20.49 -14.02 74.05
N ASN DA 50 20.63 -12.95 74.84
CA ASN DA 50 20.75 -13.07 76.28
C ASN DA 50 19.50 -13.63 76.94
N TRP DA 51 18.32 -13.33 76.41
CA TRP DA 51 17.08 -13.68 77.08
C TRP DA 51 16.56 -15.06 76.68
N THR DA 52 17.31 -15.82 75.90
CA THR DA 52 16.86 -17.13 75.46
C THR DA 52 17.30 -18.21 76.42
N VAL DA 53 16.48 -19.27 76.48
CA VAL DA 53 16.74 -20.38 77.39
C VAL DA 53 18.05 -21.06 77.04
N LEU DA 54 18.37 -21.17 75.76
CA LEU DA 54 19.61 -21.81 75.35
C LEU DA 54 20.83 -21.02 75.83
N TYR DA 55 20.78 -19.69 75.71
CA TYR DA 55 21.86 -18.87 76.25
C TYR DA 55 21.95 -19.02 77.76
N ARG DA 56 20.80 -19.05 78.43
CA ARG DA 56 20.81 -19.15 79.88
C ARG DA 56 21.47 -20.45 80.34
N ARG DA 57 21.13 -21.56 79.68
CA ARG DA 57 21.71 -22.83 80.10
C ARG DA 57 23.16 -22.96 79.64
N LYS DA 58 23.55 -22.29 78.56
CA LYS DA 58 24.95 -22.31 78.16
C LYS DA 58 25.82 -21.55 79.16
N HIS DA 59 25.31 -20.43 79.65
CA HIS DA 59 26.07 -19.63 80.61
C HIS DA 59 25.78 -20.02 82.06
N LYS DA 60 24.95 -21.03 82.29
CA LYS DA 60 24.67 -21.56 83.62
C LYS DA 60 24.11 -20.49 84.53
N LYS DA 61 23.27 -19.62 83.98
CA LYS DA 61 22.65 -18.56 84.76
C LYS DA 61 21.59 -19.14 85.69
N GLY DA 62 21.61 -18.70 86.94
CA GLY DA 62 20.64 -19.18 87.91
C GLY DA 62 21.01 -20.50 88.53
N GLN DA 63 21.44 -21.47 87.72
CA GLN DA 63 21.78 -22.79 88.22
C GLN DA 63 23.15 -23.22 87.73
N THR DA 72 31.29 -38.36 94.75
CA THR DA 72 32.47 -38.71 95.54
C THR DA 72 33.02 -40.06 95.11
N ARG DA 73 33.75 -40.70 96.03
CA ARG DA 73 34.37 -41.99 95.79
C ARG DA 73 33.52 -43.10 96.40
N ARG DA 74 33.26 -44.15 95.65
CA ARG DA 74 32.48 -45.28 96.11
C ARG DA 74 33.06 -46.57 95.53
N ALA DA 75 33.21 -47.58 96.39
CA ALA DA 75 33.75 -48.87 95.97
C ALA DA 75 33.29 -49.91 96.97
N VAL DA 76 32.42 -50.82 96.55
CA VAL DA 76 31.88 -51.87 97.41
C VAL DA 76 31.95 -53.20 96.67
N LYS DA 77 32.41 -54.23 97.38
CA LYS DA 77 32.50 -55.58 96.83
C LYS DA 77 31.81 -56.54 97.80
N PHE DA 78 31.07 -57.50 97.25
CA PHE DA 78 30.33 -58.45 98.05
C PHE DA 78 30.82 -59.86 97.75
N GLN DA 79 30.59 -60.76 98.70
CA GLN DA 79 30.97 -62.15 98.57
C GLN DA 79 29.75 -62.98 98.21
N ARG DA 80 29.86 -63.79 97.17
CA ARG DA 80 28.76 -64.60 96.67
C ARG DA 80 29.19 -66.06 96.61
N ALA DA 81 28.22 -66.96 96.76
CA ALA DA 81 28.49 -68.38 96.62
C ALA DA 81 28.88 -68.71 95.18
N ILE DA 82 29.62 -69.80 95.03
CA ILE DA 82 30.08 -70.28 93.72
C ILE DA 82 29.49 -71.66 93.50
N THR DA 83 29.06 -71.92 92.27
CA THR DA 83 28.59 -73.26 91.92
C THR DA 83 29.68 -74.29 92.19
N GLY DA 84 29.45 -75.15 93.17
CA GLY DA 84 30.46 -76.08 93.63
C GLY DA 84 31.13 -75.70 94.93
N ALA DA 85 30.92 -74.47 95.41
CA ALA DA 85 31.49 -74.04 96.69
C ALA DA 85 30.59 -72.92 97.22
N SER DA 86 29.73 -73.26 98.18
CA SER DA 86 28.78 -72.29 98.71
C SER DA 86 29.50 -71.29 99.63
N LEU DA 87 28.71 -70.38 100.20
CA LEU DA 87 29.26 -69.37 101.10
C LEU DA 87 29.91 -70.01 102.32
N ALA DA 88 29.24 -70.99 102.92
CA ALA DA 88 29.81 -71.68 104.06
C ALA DA 88 31.09 -72.39 103.69
N ASP DA 89 31.11 -73.02 102.51
CA ASP DA 89 32.30 -73.75 102.07
C ASP DA 89 33.47 -72.81 101.86
N ILE DA 90 33.25 -71.68 101.18
CA ILE DA 90 34.36 -70.77 100.89
C ILE DA 90 34.84 -70.10 102.17
N MET DA 91 33.93 -69.76 103.08
CA MET DA 91 34.35 -69.18 104.35
C MET DA 91 35.17 -70.18 105.16
N ALA DA 92 34.74 -71.45 105.17
CA ALA DA 92 35.50 -72.47 105.89
C ALA DA 92 36.88 -72.65 105.29
N LYS DA 93 36.98 -72.65 103.96
CA LYS DA 93 38.28 -72.79 103.30
C LYS DA 93 39.18 -71.60 103.60
N ARG DA 94 38.64 -70.39 103.55
CA ARG DA 94 39.48 -69.21 103.71
C ARG DA 94 39.78 -68.88 105.16
N ASN DA 95 39.04 -69.45 106.12
CA ASN DA 95 39.26 -69.17 107.53
C ASN DA 95 40.13 -70.19 108.22
N GLN DA 96 40.96 -70.92 107.47
CA GLN DA 96 41.91 -71.87 108.03
C GLN DA 96 43.25 -71.21 108.36
N LYS DA 97 43.25 -69.89 108.60
CA LYS DA 97 44.49 -69.18 108.88
C LYS DA 97 45.26 -69.63 110.12
N PRO DA 98 44.63 -69.95 111.30
CA PRO DA 98 45.45 -70.15 112.50
C PRO DA 98 46.32 -71.40 112.44
N GLU DA 99 47.43 -71.31 111.71
CA GLU DA 99 48.48 -72.33 111.58
C GLU DA 99 48.01 -73.59 110.88
N VAL DA 100 46.73 -73.69 110.51
CA VAL DA 100 46.26 -74.84 109.76
C VAL DA 100 46.87 -74.85 108.37
N ARG DA 101 46.98 -73.67 107.75
CA ARG DA 101 47.69 -73.56 106.48
C ARG DA 101 49.15 -73.94 106.62
N LYS DA 102 49.75 -73.61 107.78
CA LYS DA 102 51.11 -74.06 108.05
C LYS DA 102 51.18 -75.58 108.11
N ALA DA 103 50.17 -76.21 108.71
CA ALA DA 103 50.12 -77.67 108.73
C ALA DA 103 50.04 -78.23 107.32
N GLN DA 104 49.19 -77.65 106.47
CA GLN DA 104 49.09 -78.14 105.10
C GLN DA 104 50.39 -77.96 104.34
N ARG DA 105 51.05 -76.81 104.46
CA ARG DA 105 52.27 -76.61 103.69
C ARG DA 105 53.39 -77.52 104.18
N GLU DA 106 53.52 -77.72 105.49
CA GLU DA 106 54.58 -78.60 105.98
C GLU DA 106 54.31 -80.05 105.62
N GLN DA 107 53.05 -80.48 105.70
CA GLN DA 107 52.75 -81.86 105.32
C GLN DA 107 52.92 -82.06 103.82
N ALA DA 108 52.61 -81.04 103.01
CA ALA DA 108 52.86 -81.14 101.58
C ALA DA 108 54.35 -81.21 101.29
N ILE DA 109 55.16 -80.44 102.03
CA ILE DA 109 56.61 -80.47 101.81
C ILE DA 109 57.16 -81.86 102.12
N ARG DA 110 56.76 -82.44 103.25
CA ARG DA 110 57.30 -83.76 103.59
C ARG DA 110 56.73 -84.85 102.66
N ALA DA 111 55.47 -84.73 102.27
CA ALA DA 111 54.86 -85.69 101.36
C ALA DA 111 55.54 -85.66 99.99
N ALA DA 112 55.86 -84.47 99.50
CA ALA DA 112 56.68 -84.36 98.31
C ALA DA 112 58.11 -84.80 98.56
N LYS DA 113 58.57 -84.74 99.82
CA LYS DA 113 59.93 -85.17 100.11
C LYS DA 113 60.12 -86.67 99.95
N GLU DA 114 59.16 -87.48 100.44
CA GLU DA 114 59.36 -88.91 100.22
C GLU DA 114 59.23 -89.26 98.74
N ALA DA 115 58.35 -88.56 98.01
CA ALA DA 115 58.27 -88.76 96.56
C ALA DA 115 59.56 -88.34 95.88
N LYS DA 116 60.20 -87.29 96.38
CA LYS DA 116 61.48 -86.85 95.84
C LYS DA 116 62.58 -87.87 96.11
N LYS DA 117 62.55 -88.51 97.28
CA LYS DA 117 63.51 -89.58 97.56
C LYS DA 117 63.29 -90.77 96.64
N ALA DA 118 62.02 -91.13 96.41
CA ALA DA 118 61.72 -92.20 95.45
C ALA DA 118 62.19 -91.83 94.05
N LYS DA 119 61.99 -90.56 93.67
CA LYS DA 119 62.48 -90.07 92.38
C LYS DA 119 63.99 -90.14 92.30
N GLN DA 120 64.68 -89.79 93.37
CA GLN DA 120 66.15 -89.89 93.39
C GLN DA 120 66.60 -91.33 93.23
N ALA DA 121 65.91 -92.26 93.89
CA ALA DA 121 66.24 -93.67 93.75
C ALA DA 121 65.99 -94.16 92.32
N SER DA 122 64.88 -93.76 91.71
CA SER DA 122 64.49 -94.26 90.40
C SER DA 122 65.06 -93.46 89.24
N LYS DA 123 65.78 -92.36 89.52
CA LYS DA 123 66.35 -91.50 88.50
C LYS DA 123 67.78 -91.89 88.13
N LYS DA 124 68.67 -91.88 89.11
CA LYS DA 124 70.08 -92.20 88.87
C LYS DA 124 70.27 -93.69 88.67
N LYS EA 1 62.23 83.50 -12.56
CA LYS EA 1 63.02 82.28 -12.70
C LYS EA 1 63.16 81.57 -11.36
N LYS EA 2 62.42 82.05 -10.36
CA LYS EA 2 62.49 81.51 -9.01
C LYS EA 2 61.16 80.99 -8.48
N LYS EA 3 60.04 81.35 -9.08
CA LYS EA 3 58.74 80.91 -8.61
C LYS EA 3 58.51 79.47 -9.06
N ILE EA 4 58.50 78.54 -8.11
CA ILE EA 4 58.45 77.12 -8.40
C ILE EA 4 57.43 76.46 -7.47
N ARG EA 5 56.79 75.42 -7.98
CA ARG EA 5 55.84 74.62 -7.21
C ARG EA 5 56.44 73.23 -7.02
N THR EA 6 57.06 73.00 -5.86
CA THR EA 6 57.67 71.72 -5.57
C THR EA 6 56.70 70.73 -4.96
N SER EA 7 55.44 71.12 -4.76
CA SER EA 7 54.44 70.20 -4.26
C SER EA 7 53.26 70.14 -5.22
N PRO EA 8 52.69 68.96 -5.46
CA PRO EA 8 51.55 68.84 -6.37
C PRO EA 8 50.22 69.25 -5.76
N THR EA 9 50.23 69.87 -4.58
CA THR EA 9 49.02 70.29 -3.89
C THR EA 9 48.97 71.79 -3.83
N PHE EA 10 47.82 72.36 -4.20
CA PHE EA 10 47.57 73.79 -4.03
C PHE EA 10 46.92 73.98 -2.67
N ARG EA 11 47.60 74.67 -1.77
CA ARG EA 11 47.03 75.04 -0.49
C ARG EA 11 46.51 76.47 -0.56
N ARG EA 12 45.52 76.76 0.27
CA ARG EA 12 44.99 78.11 0.33
C ARG EA 12 46.04 79.04 0.88
N PRO EA 13 46.38 80.12 0.17
CA PRO EA 13 47.43 81.02 0.66
C PRO EA 13 47.02 81.73 1.94
N LYS EA 14 48.03 82.05 2.74
CA LYS EA 14 47.82 82.71 4.02
C LYS EA 14 47.62 84.20 3.82
N THR EA 15 46.43 84.69 4.17
CA THR EA 15 46.10 86.10 4.06
C THR EA 15 45.89 86.67 5.46
N LEU EA 16 46.32 87.91 5.66
CA LEU EA 16 46.30 88.48 7.01
C LEU EA 16 44.88 88.74 7.46
N ARG EA 17 44.63 88.54 8.75
CA ARG EA 17 43.32 88.71 9.36
C ARG EA 17 43.41 89.85 10.36
N LEU EA 18 42.69 90.93 10.08
CA LEU EA 18 42.72 92.08 10.97
C LEU EA 18 42.01 91.76 12.28
N ARG EA 19 42.46 92.40 13.35
CA ARG EA 19 41.79 92.34 14.63
C ARG EA 19 40.63 93.32 14.65
N ARG EA 20 39.59 92.96 15.40
CA ARG EA 20 38.39 93.79 15.46
C ARG EA 20 38.71 95.16 16.04
N GLN EA 21 38.23 96.21 15.37
CA GLN EA 21 38.34 97.59 15.83
C GLN EA 21 36.95 98.22 15.78
N PRO EA 22 36.06 97.82 16.69
CA PRO EA 22 34.67 98.25 16.58
C PRO EA 22 34.50 99.75 16.79
N LYS EA 23 33.52 100.30 16.09
CA LYS EA 23 33.22 101.73 16.19
C LYS EA 23 32.36 102.07 17.39
N TYR EA 24 31.83 101.07 18.09
CA TYR EA 24 31.04 101.29 19.30
C TYR EA 24 31.06 100.00 20.09
N PRO EA 25 31.16 100.07 21.41
CA PRO EA 25 31.00 98.85 22.21
C PRO EA 25 29.56 98.38 22.16
N ARG EA 26 29.40 97.05 22.05
CA ARG EA 26 28.05 96.50 21.96
C ARG EA 26 27.31 96.65 23.28
N LYS EA 27 28.03 96.65 24.39
CA LYS EA 27 27.48 96.98 25.70
C LYS EA 27 28.11 98.27 26.18
N SER EA 28 27.27 99.19 26.67
CA SER EA 28 27.77 100.51 27.05
C SER EA 28 28.75 100.42 28.21
N ALA EA 29 28.46 99.59 29.19
CA ALA EA 29 29.33 99.42 30.34
C ALA EA 29 29.47 97.96 30.68
N PRO EA 30 30.61 97.55 31.24
CA PRO EA 30 30.76 96.16 31.67
C PRO EA 30 29.84 95.85 32.84
N ARG EA 31 29.20 94.69 32.79
CA ARG EA 31 28.33 94.28 33.89
C ARG EA 31 29.15 93.96 35.12
N ARG EA 32 28.71 94.44 36.27
CA ARG EA 32 29.48 94.26 37.49
C ARG EA 32 29.45 92.80 37.95
N ASN EA 33 30.43 92.44 38.76
CA ASN EA 33 30.55 91.09 39.27
C ASN EA 33 29.45 90.84 40.30
N LYS EA 34 28.45 90.03 39.93
CA LYS EA 34 27.39 89.70 40.87
C LYS EA 34 27.91 88.78 41.97
N LEU EA 35 28.94 88.00 41.69
CA LEU EA 35 29.51 87.08 42.66
C LEU EA 35 30.70 87.73 43.39
N ASP EA 36 30.40 88.79 44.13
CA ASP EA 36 31.41 89.40 44.99
C ASP EA 36 31.58 88.53 46.24
N HIS EA 37 32.37 89.00 47.20
CA HIS EA 37 32.68 88.17 48.35
C HIS EA 37 31.50 88.04 49.31
N TYR EA 38 30.70 89.11 49.43
CA TYR EA 38 29.48 89.02 50.23
C TYR EA 38 28.48 88.05 49.63
N ALA EA 39 28.43 87.95 48.31
CA ALA EA 39 27.57 86.94 47.68
C ALA EA 39 28.18 85.55 47.78
N ILE EA 40 29.50 85.46 47.81
CA ILE EA 40 30.16 84.16 47.89
C ILE EA 40 29.91 83.53 49.25
N ILE EA 41 30.12 84.29 50.32
CA ILE EA 41 29.88 83.79 51.67
C ILE EA 41 28.47 84.19 52.08
N LYS EA 42 27.58 83.21 52.23
CA LYS EA 42 26.20 83.50 52.59
C LYS EA 42 26.03 83.59 54.11
N PHE EA 43 26.31 82.49 54.81
CA PHE EA 43 26.19 82.45 56.26
C PHE EA 43 26.96 81.26 56.77
N PRO EA 44 27.48 81.31 57.98
CA PRO EA 44 28.18 80.15 58.54
C PRO EA 44 27.24 79.13 59.13
N LEU EA 45 27.68 77.87 59.10
CA LEU EA 45 26.93 76.79 59.70
C LEU EA 45 27.25 76.72 61.19
N THR EA 46 26.21 76.53 62.01
CA THR EA 46 26.36 76.54 63.46
C THR EA 46 25.85 75.25 64.09
N THR EA 47 25.85 74.17 63.35
CA THR EA 47 25.38 72.90 63.87
C THR EA 47 26.41 72.31 64.83
N GLU EA 48 26.07 71.16 65.43
CA GLU EA 48 26.99 70.50 66.35
C GLU EA 48 28.25 70.06 65.63
N SER EA 49 28.12 69.53 64.42
CA SER EA 49 29.28 69.13 63.65
C SER EA 49 30.14 70.33 63.29
N ALA EA 50 29.51 71.45 62.94
CA ALA EA 50 30.26 72.66 62.64
C ALA EA 50 31.02 73.16 63.87
N MET EA 51 30.39 73.14 65.04
CA MET EA 51 31.07 73.58 66.25
C MET EA 51 32.21 72.65 66.60
N LYS EA 52 32.03 71.34 66.37
CA LYS EA 52 33.10 70.39 66.59
C LYS EA 52 34.27 70.66 65.66
N LYS EA 53 33.99 70.99 64.40
CA LYS EA 53 35.05 71.36 63.46
C LYS EA 53 35.75 72.62 63.91
N ILE EA 54 35.00 73.58 64.43
CA ILE EA 54 35.60 74.84 64.88
C ILE EA 54 36.56 74.60 66.05
N GLU EA 55 36.12 73.82 67.02
CA GLU EA 55 36.90 73.67 68.24
C GLU EA 55 37.91 72.52 68.18
N ASP EA 56 37.90 71.70 67.13
CA ASP EA 56 38.83 70.58 67.03
C ASP EA 56 39.76 70.68 65.84
N ASN EA 57 39.21 70.88 64.63
CA ASN EA 57 40.01 70.89 63.42
C ASN EA 57 40.48 72.27 63.02
N ASN EA 58 40.20 73.29 63.82
CA ASN EA 58 40.51 74.70 63.47
C ASN EA 58 39.88 75.08 62.14
N THR EA 59 38.64 74.64 61.93
CA THR EA 59 37.95 74.76 60.66
C THR EA 59 36.65 75.53 60.85
N LEU EA 60 36.44 76.55 60.03
CA LEU EA 60 35.17 77.26 59.98
C LEU EA 60 34.30 76.66 58.89
N VAL EA 61 33.03 76.45 59.20
CA VAL EA 61 32.08 75.88 58.25
C VAL EA 61 31.16 76.99 57.75
N PHE EA 62 31.11 77.16 56.44
CA PHE EA 62 30.30 78.20 55.83
C PHE EA 62 29.34 77.58 54.82
N ILE EA 63 28.23 78.27 54.59
CA ILE EA 63 27.35 77.97 53.47
C ILE EA 63 27.62 79.03 52.42
N VAL EA 64 28.03 78.59 51.24
CA VAL EA 64 28.54 79.49 50.21
C VAL EA 64 27.68 79.34 48.96
N ASP EA 65 27.90 80.26 48.02
CA ASP EA 65 27.20 80.20 46.74
C ASP EA 65 27.66 78.97 45.95
N VAL EA 66 26.70 78.33 45.27
CA VAL EA 66 27.00 77.09 44.57
C VAL EA 66 27.97 77.32 43.41
N LYS EA 67 28.03 78.52 42.86
CA LYS EA 67 28.91 78.80 41.73
C LYS EA 67 30.31 79.22 42.15
N ALA EA 68 30.58 79.32 43.44
CA ALA EA 68 31.91 79.70 43.92
C ALA EA 68 32.80 78.48 44.03
N ASN EA 69 34.04 78.62 43.61
CA ASN EA 69 35.01 77.54 43.72
C ASN EA 69 35.91 77.78 44.93
N LYS EA 70 36.90 76.89 45.10
CA LYS EA 70 37.75 76.93 46.28
C LYS EA 70 38.59 78.20 46.33
N HIS EA 71 39.13 78.62 45.19
CA HIS EA 71 39.92 79.85 45.16
C HIS EA 71 39.08 81.06 45.55
N GLN EA 72 37.85 81.14 45.02
CA GLN EA 72 36.99 82.26 45.34
C GLN EA 72 36.57 82.25 46.80
N ILE EA 73 36.29 81.07 47.35
CA ILE EA 73 35.93 80.97 48.77
C ILE EA 73 37.11 81.42 49.63
N LYS EA 74 38.31 80.96 49.28
CA LYS EA 74 39.51 81.34 50.03
C LYS EA 74 39.71 82.84 50.02
N GLN EA 75 39.61 83.47 48.84
CA GLN EA 75 39.79 84.91 48.77
C GLN EA 75 38.70 85.66 49.50
N ALA EA 76 37.45 85.19 49.43
CA ALA EA 76 36.36 85.86 50.11
C ALA EA 76 36.55 85.84 51.62
N VAL EA 77 36.89 84.66 52.17
CA VAL EA 77 37.12 84.57 53.60
C VAL EA 77 38.31 85.42 54.00
N LYS EA 78 39.40 85.38 53.22
CA LYS EA 78 40.58 86.17 53.53
C LYS EA 78 40.26 87.65 53.55
N LYS EA 79 39.42 88.12 52.62
CA LYS EA 79 39.14 89.54 52.54
C LYS EA 79 38.23 89.97 53.68
N LEU EA 80 37.06 89.34 53.79
CA LEU EA 80 36.04 89.87 54.68
C LEU EA 80 36.12 89.31 56.10
N TYR EA 81 37.14 88.52 56.42
CA TYR EA 81 37.40 88.20 57.81
C TYR EA 81 38.84 88.49 58.23
N ASP EA 82 39.70 88.92 57.30
CA ASP EA 82 41.09 89.31 57.60
C ASP EA 82 41.86 88.19 58.28
N ILE EA 83 41.68 86.96 57.80
CA ILE EA 83 42.36 85.79 58.33
C ILE EA 83 43.00 85.03 57.18
N ASP EA 84 44.02 84.26 57.51
CA ASP EA 84 44.71 83.43 56.53
C ASP EA 84 44.23 81.99 56.67
N VAL EA 85 43.96 81.35 55.54
CA VAL EA 85 43.34 80.03 55.54
C VAL EA 85 44.34 79.01 55.01
N ALA EA 86 44.29 77.81 55.58
CA ALA EA 86 45.18 76.75 55.16
C ALA EA 86 44.65 76.02 53.93
N LYS EA 87 43.38 75.60 53.96
CA LYS EA 87 42.82 74.91 52.81
C LYS EA 87 41.31 75.01 52.86
N VAL EA 88 40.68 74.62 51.75
CA VAL EA 88 39.23 74.66 51.62
C VAL EA 88 38.76 73.31 51.07
N ASN EA 89 37.85 72.67 51.78
CA ASN EA 89 37.14 71.51 51.28
C ASN EA 89 35.70 71.90 50.99
N THR EA 90 35.13 71.33 49.95
CA THR EA 90 33.84 71.78 49.45
C THR EA 90 32.96 70.58 49.17
N LEU EA 91 31.70 70.64 49.60
CA LEU EA 91 30.71 69.67 49.18
C LEU EA 91 29.44 70.41 48.82
N ILE EA 92 28.54 69.70 48.15
CA ILE EA 92 27.22 70.22 47.84
C ILE EA 92 26.20 69.36 48.58
N ARG EA 93 25.41 70.00 49.43
CA ARG EA 93 24.50 69.33 50.32
C ARG EA 93 23.33 68.72 49.55
N PRO EA 94 22.64 67.75 50.14
CA PRO EA 94 21.45 67.19 49.47
C PRO EA 94 20.34 68.19 49.26
N ASP EA 95 20.33 69.29 49.99
CA ASP EA 95 19.35 70.35 49.80
C ASP EA 95 19.78 71.36 48.75
N GLY EA 96 20.91 71.16 48.09
CA GLY EA 96 21.32 71.99 46.99
C GLY EA 96 22.29 73.09 47.33
N GLU EA 97 22.49 73.41 48.61
CA GLU EA 97 23.45 74.42 48.99
C GLU EA 97 24.87 73.90 48.84
N LYS EA 98 25.83 74.79 48.92
CA LYS EA 98 27.23 74.40 48.94
C LYS EA 98 27.81 74.69 50.32
N LYS EA 99 28.53 73.72 50.89
CA LYS EA 99 29.11 73.84 52.22
C LYS EA 99 30.62 73.78 52.09
N ALA EA 100 31.30 74.72 52.73
CA ALA EA 100 32.75 74.83 52.68
C ALA EA 100 33.33 74.68 54.07
N TYR EA 101 34.23 73.72 54.23
CA TYR EA 101 35.05 73.59 55.42
C TYR EA 101 36.37 74.29 55.15
N VAL EA 102 36.57 75.44 55.77
CA VAL EA 102 37.75 76.26 55.55
C VAL EA 102 38.67 76.08 56.76
N ARG EA 103 39.79 75.41 56.55
CA ARG EA 103 40.77 75.24 57.62
C ARG EA 103 41.74 76.43 57.59
N LEU EA 104 41.85 77.09 58.73
CA LEU EA 104 42.65 78.29 58.90
C LEU EA 104 44.12 77.94 59.07
N ALA EA 105 44.97 78.95 58.92
CA ALA EA 105 46.38 78.79 59.15
C ALA EA 105 46.63 78.52 60.64
N PRO EA 106 47.73 77.85 61.00
CA PRO EA 106 47.96 77.51 62.40
C PRO EA 106 48.03 78.70 63.33
N ASP EA 107 48.52 79.85 62.84
CA ASP EA 107 48.63 81.03 63.68
C ASP EA 107 47.29 81.72 63.91
N TYR EA 108 46.24 81.29 63.24
CA TYR EA 108 44.89 81.81 63.44
C TYR EA 108 44.05 80.77 64.18
N ASP EA 109 43.25 81.24 65.13
CA ASP EA 109 42.42 80.36 65.95
C ASP EA 109 40.98 80.44 65.46
N ALA EA 110 40.45 79.29 65.04
CA ALA EA 110 39.07 79.26 64.57
C ALA EA 110 38.11 79.61 65.70
N LEU EA 111 38.47 79.29 66.94
CA LEU EA 111 37.56 79.55 68.05
C LEU EA 111 37.32 81.05 68.24
N ASP EA 112 38.38 81.84 68.36
CA ASP EA 112 38.14 83.26 68.58
C ASP EA 112 37.78 83.99 67.30
N VAL EA 113 38.15 83.45 66.13
CA VAL EA 113 37.60 83.99 64.89
C VAL EA 113 36.09 83.82 64.87
N ALA EA 114 35.60 82.64 65.29
CA ALA EA 114 34.17 82.42 65.39
C ALA EA 114 33.53 83.33 66.44
N ASN EA 115 34.26 83.59 67.53
CA ASN EA 115 33.75 84.53 68.53
C ASN EA 115 33.55 85.92 67.95
N LYS EA 116 34.54 86.43 67.20
CA LYS EA 116 34.40 87.79 66.68
C LYS EA 116 33.41 87.84 65.52
N ILE EA 117 33.25 86.74 64.78
CA ILE EA 117 32.16 86.69 63.80
C ILE EA 117 30.81 86.72 64.50
N GLY EA 118 30.67 85.97 65.58
CA GLY EA 118 29.44 85.98 66.35
C GLY EA 118 28.66 84.69 66.24
N ILE EA 119 29.37 83.57 66.07
CA ILE EA 119 28.71 82.29 65.90
C ILE EA 119 29.11 81.32 67.00
N ILE EA 120 29.51 81.87 68.14
CA ILE EA 120 29.86 81.04 69.28
C ILE EA 120 28.61 80.34 69.79
N MET FA 1 -31.40 105.67 34.26
CA MET FA 1 -30.52 104.58 34.61
C MET FA 1 -29.16 104.69 33.92
N LYS FA 2 -28.39 103.62 33.96
CA LYS FA 2 -27.04 103.64 33.41
C LYS FA 2 -27.08 103.61 31.89
N PHE FA 3 -26.38 104.56 31.26
CA PHE FA 3 -26.31 104.64 29.81
C PHE FA 3 -24.92 104.47 29.24
N ASN FA 4 -23.88 104.60 30.06
CA ASN FA 4 -22.52 104.47 29.58
C ASN FA 4 -22.25 103.04 29.15
N PRO FA 5 -21.89 102.79 27.88
CA PRO FA 5 -21.68 101.42 27.43
C PRO FA 5 -20.35 100.82 27.88
N PHE FA 6 -19.58 101.52 28.70
CA PHE FA 6 -18.29 101.01 29.16
C PHE FA 6 -18.28 100.72 30.66
N VAL FA 7 -19.38 100.96 31.36
CA VAL FA 7 -19.55 100.49 32.73
C VAL FA 7 -20.57 99.37 32.72
N THR FA 8 -20.29 98.30 33.44
CA THR FA 8 -21.12 97.12 33.41
C THR FA 8 -22.12 97.13 34.56
N SER FA 9 -23.30 96.57 34.29
CA SER FA 9 -24.27 96.29 35.33
C SER FA 9 -24.33 94.81 35.67
N ASP FA 10 -23.38 94.03 35.19
CA ASP FA 10 -23.36 92.60 35.46
C ASP FA 10 -23.08 92.35 36.94
N ARG FA 11 -23.93 91.52 37.55
CA ARG FA 11 -23.84 91.27 38.98
C ARG FA 11 -22.54 90.57 39.33
N SER FA 12 -22.16 89.56 38.55
CA SER FA 12 -20.92 88.83 38.81
C SER FA 12 -19.71 89.73 38.64
N LYS FA 13 -19.71 90.58 37.60
CA LYS FA 13 -18.59 91.48 37.38
C LYS FA 13 -18.46 92.49 38.50
N ASN FA 14 -19.58 93.07 38.93
CA ASN FA 14 -19.53 94.03 40.03
C ASN FA 14 -19.05 93.38 41.32
N ARG FA 15 -19.53 92.17 41.61
CA ARG FA 15 -19.08 91.48 42.81
C ARG FA 15 -17.60 91.13 42.73
N LYS FA 16 -17.12 90.70 41.57
CA LYS FA 16 -15.71 90.39 41.42
C LYS FA 16 -14.86 91.63 41.63
N ARG FA 17 -15.27 92.76 41.04
CA ARG FA 17 -14.53 94.00 41.25
C ARG FA 17 -14.51 94.39 42.72
N HIS FA 18 -15.66 94.27 43.39
CA HIS FA 18 -15.75 94.68 44.79
C HIS FA 18 -14.87 93.81 45.67
N PHE FA 19 -14.87 92.49 45.46
CA PHE FA 19 -14.15 91.60 46.33
C PHE FA 19 -12.67 91.45 45.96
N ASN FA 20 -12.27 91.89 44.78
CA ASN FA 20 -10.86 91.87 44.40
C ASN FA 20 -10.30 93.27 44.21
N ALA FA 21 -10.98 94.28 44.74
CA ALA FA 21 -10.47 95.63 44.68
C ALA FA 21 -9.15 95.74 45.44
N PRO FA 22 -8.16 96.45 44.90
CA PRO FA 22 -6.95 96.75 45.68
C PRO FA 22 -7.27 97.75 46.78
N SER FA 23 -6.33 97.88 47.72
CA SER FA 23 -6.60 98.62 48.94
C SER FA 23 -6.83 100.11 48.68
N HIS FA 24 -6.20 100.67 47.65
CA HIS FA 24 -6.34 102.10 47.41
C HIS FA 24 -7.73 102.50 46.93
N ILE FA 25 -8.52 101.57 46.40
CA ILE FA 25 -9.92 101.81 46.14
C ILE FA 25 -10.83 101.11 47.14
N ARG FA 26 -10.33 100.13 47.87
CA ARG FA 26 -11.05 99.65 49.05
C ARG FA 26 -11.22 100.77 50.06
N ARG FA 27 -10.27 101.70 50.10
CA ARG FA 27 -10.41 102.88 50.94
C ARG FA 27 -11.63 103.71 50.54
N LYS FA 28 -11.83 103.90 49.23
CA LYS FA 28 -13.01 104.64 48.77
C LYS FA 28 -14.28 103.86 49.03
N ILE FA 29 -14.23 102.54 48.84
CA ILE FA 29 -15.40 101.70 49.11
C ILE FA 29 -15.80 101.79 50.57
N MET FA 30 -14.82 101.81 51.47
CA MET FA 30 -15.06 101.87 52.90
C MET FA 30 -15.20 103.32 53.36
N SER FA 31 -16.22 103.98 52.84
CA SER FA 31 -16.54 105.36 53.21
C SER FA 31 -17.70 105.38 54.19
N SER FA 32 -17.77 106.46 54.95
CA SER FA 32 -18.80 106.61 55.97
C SER FA 32 -19.46 107.97 55.87
N PRO FA 33 -20.74 108.06 56.22
CA PRO FA 33 -21.38 109.37 56.26
C PRO FA 33 -20.86 110.22 57.39
N LEU FA 34 -20.89 111.52 57.19
CA LEU FA 34 -20.59 112.46 58.26
C LEU FA 34 -21.86 112.75 59.05
N SER FA 35 -21.69 113.25 60.26
CA SER FA 35 -22.82 113.66 61.07
C SER FA 35 -23.51 114.85 60.43
N LYS FA 36 -24.67 115.23 60.97
CA LYS FA 36 -25.36 116.40 60.47
C LYS FA 36 -24.55 117.66 60.71
N GLU FA 37 -23.92 117.76 61.89
CA GLU FA 37 -23.10 118.93 62.20
C GLU FA 37 -21.90 119.02 61.28
N LEU FA 38 -21.23 117.89 61.02
CA LEU FA 38 -20.09 117.90 60.11
C LEU FA 38 -20.52 118.15 58.68
N ARG FA 39 -21.69 117.65 58.28
CA ARG FA 39 -22.21 117.90 56.95
C ARG FA 39 -22.57 119.37 56.77
N GLN FA 40 -23.01 120.03 57.84
CA GLN FA 40 -23.26 121.47 57.76
C GLN FA 40 -21.96 122.26 57.75
N LYS FA 41 -20.99 121.85 58.57
CA LYS FA 41 -19.73 122.58 58.65
C LYS FA 41 -18.93 122.47 57.35
N TYR FA 42 -18.73 121.25 56.86
CA TYR FA 42 -18.07 121.00 55.58
C TYR FA 42 -19.15 120.58 54.60
N ASN FA 43 -19.22 121.25 53.46
CA ASN FA 43 -20.29 120.97 52.50
C ASN FA 43 -20.02 119.65 51.77
N VAL FA 44 -19.90 118.58 52.56
CA VAL FA 44 -19.66 117.23 52.05
C VAL FA 44 -20.61 116.28 52.77
N ARG FA 45 -20.84 115.13 52.15
CA ARG FA 45 -21.74 114.12 52.70
C ARG FA 45 -20.98 112.94 53.28
N SER FA 46 -20.15 112.28 52.48
CA SER FA 46 -19.46 111.07 52.89
C SER FA 46 -17.96 111.29 52.87
N MET FA 47 -17.25 110.46 53.63
CA MET FA 47 -15.82 110.56 53.80
C MET FA 47 -15.26 109.15 53.94
N PRO FA 48 -14.13 108.85 53.30
CA PRO FA 48 -13.47 107.58 53.54
C PRO FA 48 -13.03 107.46 54.99
N ILE FA 49 -13.16 106.26 55.54
CA ILE FA 49 -12.87 106.07 56.96
C ILE FA 49 -11.37 106.12 57.19
N ARG FA 50 -10.99 106.54 58.39
CA ARG FA 50 -9.61 106.88 58.74
C ARG FA 50 -9.31 106.29 60.10
N LYS FA 51 -8.01 106.11 60.38
CA LYS FA 51 -7.60 105.35 61.55
C LYS FA 51 -8.02 106.00 62.85
N ASP FA 52 -7.91 107.33 62.97
CA ASP FA 52 -8.06 107.99 64.27
C ASP FA 52 -9.21 108.97 64.33
N ASP FA 53 -10.34 108.67 63.69
CA ASP FA 53 -11.51 109.52 63.85
C ASP FA 53 -12.52 108.85 64.75
N GLU FA 54 -13.42 109.66 65.31
CA GLU FA 54 -14.43 109.17 66.24
C GLU FA 54 -15.75 108.99 65.52
N VAL FA 55 -16.35 107.82 65.68
CA VAL FA 55 -17.60 107.47 65.02
C VAL FA 55 -18.57 106.94 66.07
N GLN FA 56 -19.83 106.84 65.67
CA GLN FA 56 -20.84 106.16 66.46
C GLN FA 56 -21.61 105.19 65.57
N VAL FA 57 -21.99 104.06 66.15
CA VAL FA 57 -22.63 102.99 65.40
C VAL FA 57 -24.14 103.23 65.36
N VAL FA 58 -24.72 103.09 64.18
CA VAL FA 58 -26.13 103.38 63.99
C VAL FA 58 -26.96 102.16 63.62
N ARG FA 59 -26.33 101.00 63.39
CA ARG FA 59 -27.03 99.79 63.06
C ARG FA 59 -26.40 98.62 63.81
N GLY FA 60 -27.19 97.58 64.02
CA GLY FA 60 -26.67 96.36 64.61
C GLY FA 60 -26.79 96.32 66.11
N HIS FA 61 -26.04 95.38 66.70
CA HIS FA 61 -26.09 95.15 68.14
C HIS FA 61 -25.51 96.29 68.94
N TYR FA 62 -24.63 97.09 68.36
CA TYR FA 62 -23.92 98.14 69.09
C TYR FA 62 -24.46 99.52 68.76
N LYS FA 63 -25.76 99.61 68.47
CA LYS FA 63 -26.39 100.91 68.27
C LYS FA 63 -26.31 101.74 69.54
N GLY FA 64 -26.14 103.04 69.38
CA GLY FA 64 -26.13 103.94 70.52
C GLY FA 64 -25.49 105.25 70.16
N GLN FA 65 -25.55 106.17 71.10
CA GLN FA 65 -24.97 107.49 70.95
C GLN FA 65 -23.56 107.61 71.49
N GLN FA 66 -23.00 106.52 72.03
CA GLN FA 66 -21.64 106.57 72.53
C GLN FA 66 -20.66 106.75 71.36
N ILE FA 67 -19.67 107.59 71.59
CA ILE FA 67 -18.70 107.96 70.56
C ILE FA 67 -17.42 107.19 70.83
N GLY FA 68 -16.98 106.42 69.85
CA GLY FA 68 -15.78 105.61 69.98
C GLY FA 68 -14.77 105.94 68.89
N LYS FA 69 -13.50 105.99 69.25
CA LYS FA 69 -12.46 106.24 68.29
C LYS FA 69 -12.14 104.97 67.51
N VAL FA 70 -11.99 105.10 66.19
CA VAL FA 70 -11.54 103.99 65.38
C VAL FA 70 -10.13 103.62 65.80
N VAL FA 71 -9.85 102.31 65.84
CA VAL FA 71 -8.52 101.84 66.22
C VAL FA 71 -7.88 100.99 65.14
N GLN FA 72 -8.63 100.59 64.11
CA GLN FA 72 -8.09 99.78 63.03
C GLN FA 72 -9.04 99.80 61.85
N VAL FA 73 -8.53 100.07 60.65
CA VAL FA 73 -9.31 99.96 59.44
C VAL FA 73 -8.85 98.71 58.70
N TYR FA 74 -9.54 97.60 58.89
CA TYR FA 74 -9.08 96.32 58.40
C TYR FA 74 -9.69 96.18 57.01
N ARG FA 75 -8.95 96.61 55.99
CA ARG FA 75 -9.49 96.68 54.64
C ARG FA 75 -9.60 95.31 53.97
N LYS FA 76 -8.85 94.32 54.42
CA LYS FA 76 -8.95 92.99 53.83
C LYS FA 76 -10.30 92.37 54.13
N LYS FA 77 -10.85 92.61 55.31
CA LYS FA 77 -12.17 92.11 55.69
C LYS FA 77 -13.24 93.17 55.59
N TYR FA 78 -12.92 94.35 55.04
CA TYR FA 78 -13.89 95.42 54.83
C TYR FA 78 -14.56 95.85 56.12
N VAL FA 79 -13.79 95.88 57.22
CA VAL FA 79 -14.36 96.23 58.51
C VAL FA 79 -13.50 97.27 59.20
N ILE FA 80 -14.04 97.84 60.27
CA ILE FA 80 -13.28 98.72 61.14
C ILE FA 80 -13.52 98.28 62.58
N TYR FA 81 -12.57 98.63 63.44
CA TYR FA 81 -12.66 98.36 64.86
C TYR FA 81 -12.80 99.67 65.61
N ILE FA 82 -13.64 99.67 66.65
CA ILE FA 82 -13.91 100.85 67.45
C ILE FA 82 -13.59 100.51 68.90
N GLU FA 83 -13.41 101.55 69.72
CA GLU FA 83 -12.82 101.41 71.04
C GLU FA 83 -13.63 100.45 71.93
N ARG FA 84 -14.86 100.80 72.24
CA ARG FA 84 -15.66 99.99 73.15
C ARG FA 84 -16.54 98.98 72.44
N VAL FA 85 -16.45 98.88 71.11
CA VAL FA 85 -17.23 97.90 70.35
C VAL FA 85 -16.41 96.62 70.36
N GLN FA 86 -16.62 95.80 71.39
CA GLN FA 86 -15.85 94.57 71.55
C GLN FA 86 -16.67 93.59 72.37
N ARG FA 87 -16.26 92.34 72.34
CA ARG FA 87 -16.95 91.29 73.08
C ARG FA 87 -15.94 90.39 73.75
N GLU FA 88 -16.37 89.78 74.85
CA GLU FA 88 -15.56 88.77 75.52
C GLU FA 88 -15.64 87.45 74.77
N LYS FA 89 -14.52 86.77 74.66
CA LYS FA 89 -14.53 85.43 74.11
C LYS FA 89 -14.48 84.43 75.27
N ALA FA 90 -14.31 83.15 74.94
CA ALA FA 90 -14.45 82.10 75.94
C ALA FA 90 -13.40 82.24 77.04
N ASN FA 91 -12.14 82.41 76.66
CA ASN FA 91 -11.06 82.45 77.64
C ASN FA 91 -10.93 83.79 78.35
N GLY FA 92 -11.93 84.66 78.24
CA GLY FA 92 -11.98 85.87 79.02
C GLY FA 92 -11.33 87.08 78.40
N THR FA 93 -10.67 86.94 77.25
CA THR FA 93 -10.07 88.09 76.60
C THR FA 93 -11.08 88.79 75.70
N THR FA 94 -10.89 90.09 75.52
CA THR FA 94 -11.79 90.89 74.70
C THR FA 94 -11.25 90.98 73.28
N VAL FA 95 -12.13 90.78 72.32
CA VAL FA 95 -11.80 90.90 70.90
C VAL FA 95 -12.70 91.97 70.30
N HIS FA 96 -12.13 92.79 69.42
CA HIS FA 96 -12.91 93.79 68.72
C HIS FA 96 -13.87 93.14 67.74
N VAL FA 97 -15.07 93.69 67.64
CA VAL FA 97 -16.07 93.23 66.69
C VAL FA 97 -16.01 94.16 65.48
N GLY FA 98 -15.67 93.60 64.33
CA GLY FA 98 -15.59 94.40 63.12
C GLY FA 98 -16.96 94.68 62.56
N ILE FA 99 -17.21 95.96 62.26
CA ILE FA 99 -18.47 96.37 61.65
C ILE FA 99 -18.17 97.20 60.41
N HIS FA 100 -19.13 97.19 59.49
CA HIS FA 100 -18.93 97.86 58.22
C HIS FA 100 -18.93 99.38 58.40
N PRO FA 101 -18.04 100.09 57.71
CA PRO FA 101 -18.01 101.55 57.85
C PRO FA 101 -19.24 102.25 57.33
N SER FA 102 -20.04 101.63 56.48
CA SER FA 102 -21.28 102.26 56.05
C SER FA 102 -22.33 102.26 57.14
N LYS FA 103 -22.13 101.50 58.21
CA LYS FA 103 -23.07 101.41 59.31
C LYS FA 103 -22.67 102.29 60.49
N VAL FA 104 -21.70 103.17 60.31
CA VAL FA 104 -21.32 104.14 61.33
C VAL FA 104 -21.51 105.53 60.75
N VAL FA 105 -21.42 106.53 61.61
CA VAL FA 105 -21.44 107.93 61.19
C VAL FA 105 -20.29 108.64 61.88
N ILE FA 106 -19.52 109.41 61.11
CA ILE FA 106 -18.34 110.09 61.64
C ILE FA 106 -18.78 111.36 62.34
N THR FA 107 -18.39 111.52 63.60
CA THR FA 107 -18.74 112.69 64.37
C THR FA 107 -17.59 113.67 64.54
N ARG FA 108 -16.35 113.20 64.44
CA ARG FA 108 -15.19 114.08 64.45
C ARG FA 108 -14.12 113.48 63.55
N LEU FA 109 -13.62 114.28 62.62
CA LEU FA 109 -12.64 113.81 61.65
C LEU FA 109 -11.23 113.93 62.21
N LYS FA 110 -10.38 112.98 61.82
CA LYS FA 110 -8.94 113.09 62.05
C LYS FA 110 -8.38 113.92 60.91
N LEU FA 111 -8.05 115.17 61.19
CA LEU FA 111 -7.76 116.16 60.16
C LEU FA 111 -6.27 116.40 60.03
N ASP FA 112 -5.77 116.28 58.81
CA ASP FA 112 -4.43 116.75 58.44
C ASP FA 112 -4.56 117.44 57.09
N LYS FA 113 -3.41 117.75 56.48
CA LYS FA 113 -3.45 118.54 55.25
C LYS FA 113 -4.15 117.78 54.12
N ASP FA 114 -3.94 116.46 54.04
CA ASP FA 114 -4.55 115.68 52.99
C ASP FA 114 -6.07 115.58 53.17
N ARG FA 115 -6.52 115.33 54.40
CA ARG FA 115 -7.96 115.28 54.65
C ARG FA 115 -8.60 116.63 54.37
N LYS FA 116 -7.96 117.71 54.79
CA LYS FA 116 -8.48 119.04 54.52
C LYS FA 116 -8.59 119.28 53.02
N LYS FA 117 -7.54 118.91 52.26
CA LYS FA 117 -7.55 119.11 50.83
C LYS FA 117 -8.67 118.34 50.16
N ILE FA 118 -8.89 117.08 50.57
CA ILE FA 118 -10.00 116.31 50.04
C ILE FA 118 -11.33 116.95 50.40
N LEU FA 119 -11.42 117.51 51.61
CA LEU FA 119 -12.66 118.16 52.02
C LEU FA 119 -12.99 119.36 51.15
N GLU FA 120 -12.01 120.25 50.92
CA GLU FA 120 -12.31 121.37 50.04
C GLU FA 120 -12.56 120.93 48.61
N ARG FA 121 -11.90 119.86 48.15
CA ARG FA 121 -12.16 119.40 46.79
C ARG FA 121 -13.60 118.91 46.64
N LYS FA 122 -14.07 118.10 47.58
CA LYS FA 122 -15.44 117.61 47.54
C LYS FA 122 -16.44 118.75 47.67
N ALA FA 123 -16.17 119.70 48.57
CA ALA FA 123 -17.08 120.83 48.74
C ALA FA 123 -17.13 121.68 47.48
N LYS FA 124 -15.99 121.90 46.83
CA LYS FA 124 -15.95 122.69 45.62
C LYS FA 124 -16.73 122.01 44.49
N SER FA 125 -16.57 120.70 44.35
CA SER FA 125 -17.33 119.98 43.33
C SER FA 125 -18.82 120.05 43.61
N ARG FA 126 -19.21 119.90 44.87
CA ARG FA 126 -20.63 119.98 45.21
C ARG FA 126 -21.19 121.38 44.93
N GLN FA 127 -20.41 122.41 45.23
CA GLN FA 127 -20.86 123.78 44.97
C GLN FA 127 -20.99 124.04 43.47
N VAL FA 128 -20.05 123.52 42.68
CA VAL FA 128 -20.14 123.65 41.23
C VAL FA 128 -21.39 122.96 40.71
N GLY FA 129 -21.68 121.77 41.25
CA GLY FA 129 -22.90 121.07 40.85
C GLY FA 129 -24.15 121.82 41.21
N LYS FA 130 -24.18 122.42 42.42
CA LYS FA 130 -25.34 123.21 42.81
C LYS FA 130 -25.52 124.42 41.91
N GLU FA 131 -24.42 125.10 41.55
CA GLU FA 131 -24.52 126.26 40.69
C GLU FA 131 -24.91 125.87 39.27
N LYS FA 132 -24.51 124.67 38.82
CA LYS FA 132 -24.92 124.21 37.50
C LYS FA 132 -26.39 123.84 37.48
N GLY FA 133 -26.87 123.18 38.52
CA GLY FA 133 -28.25 122.76 38.60
C GLY FA 133 -29.21 123.77 39.20
N LYS FA 134 -28.75 124.96 39.53
CA LYS FA 134 -29.63 126.00 40.08
C LYS FA 134 -30.66 126.46 39.04
N GLY GA 1 97.16 32.92 4.99
CA GLY GA 1 98.06 33.42 6.01
C GLY GA 1 97.38 34.32 7.00
N LYS GA 2 98.08 34.66 8.08
CA LYS GA 2 97.54 35.57 9.08
C LYS GA 2 97.43 36.97 8.50
N PHE GA 3 96.31 37.63 8.79
CA PHE GA 3 96.07 38.98 8.28
C PHE GA 3 95.88 40.02 9.37
N MET GA 4 95.56 39.63 10.60
CA MET GA 4 95.43 40.60 11.68
C MET GA 4 96.81 41.10 12.08
N LYS GA 5 97.22 42.21 11.50
CA LYS GA 5 98.55 42.79 11.66
C LYS GA 5 98.41 44.23 12.13
N PRO GA 6 99.46 44.78 12.74
CA PRO GA 6 99.43 46.21 13.07
C PRO GA 6 99.24 47.05 11.82
N GLY GA 7 98.45 48.12 11.96
CA GLY GA 7 98.14 48.99 10.85
C GLY GA 7 96.91 48.60 10.07
N LYS GA 8 96.32 47.44 10.33
CA LYS GA 8 95.15 46.99 9.61
C LYS GA 8 93.89 47.64 10.17
N VAL GA 9 93.01 48.10 9.29
CA VAL GA 9 91.77 48.73 9.70
C VAL GA 9 90.73 47.67 9.98
N VAL GA 10 90.10 47.75 11.15
CA VAL GA 10 89.06 46.84 11.57
C VAL GA 10 87.81 47.65 11.90
N LEU GA 11 86.70 46.94 12.00
CA LEU GA 11 85.43 47.51 12.42
C LEU GA 11 85.02 46.86 13.73
N VAL GA 12 84.68 47.68 14.72
CA VAL GA 12 84.30 47.15 16.02
C VAL GA 12 82.86 46.67 15.96
N LEU GA 13 82.64 45.41 16.34
CA LEU GA 13 81.33 44.80 16.23
C LEU GA 13 80.52 44.85 17.52
N ALA GA 14 81.16 44.91 18.67
CA ALA GA 14 80.46 44.83 19.94
C ALA GA 14 80.97 45.91 20.88
N GLY GA 15 80.17 46.22 21.89
CA GLY GA 15 80.58 47.14 22.93
C GLY GA 15 80.04 48.54 22.70
N ARG GA 16 80.57 49.48 23.49
CA ARG GA 16 80.16 50.86 23.38
C ARG GA 16 80.52 51.45 22.03
N TYR GA 17 81.65 51.02 21.45
CA TYR GA 17 82.14 51.55 20.19
C TYR GA 17 81.74 50.68 19.00
N SER GA 18 80.57 50.05 19.07
CA SER GA 18 80.08 49.23 17.97
C SER GA 18 79.97 50.05 16.69
N GLY GA 19 80.46 49.49 15.59
CA GLY GA 19 80.38 50.15 14.31
C GLY GA 19 81.45 51.19 14.06
N ARG GA 20 82.37 51.39 14.99
CA ARG GA 20 83.45 52.35 14.78
C ARG GA 20 84.58 51.72 13.99
N LYS GA 21 85.16 52.51 13.09
CA LYS GA 21 86.38 52.11 12.43
C LYS GA 21 87.56 52.31 13.36
N ALA GA 22 88.56 51.46 13.23
CA ALA GA 22 89.69 51.48 14.15
C ALA GA 22 90.89 50.84 13.47
N VAL GA 23 92.06 51.03 14.05
CA VAL GA 23 93.30 50.48 13.50
C VAL GA 23 93.96 49.60 14.55
N ILE GA 24 94.40 48.43 14.12
CA ILE GA 24 95.07 47.51 15.03
C ILE GA 24 96.46 48.05 15.37
N VAL GA 25 96.75 48.16 16.66
CA VAL GA 25 98.05 48.63 17.12
C VAL GA 25 98.97 47.46 17.43
N LYS GA 26 98.46 46.45 18.15
CA LYS GA 26 99.30 45.31 18.50
C LYS GA 26 98.44 44.07 18.61
N ASN GA 27 98.56 43.16 17.64
CA ASN GA 27 97.87 41.89 17.69
C ASN GA 27 98.60 40.93 18.61
N ILE GA 28 97.85 40.15 19.38
CA ILE GA 28 98.42 39.18 20.30
C ILE GA 28 98.16 37.75 19.82
N ASP GA 29 96.92 37.48 19.40
CA ASP GA 29 96.45 36.29 18.67
C ASP GA 29 96.95 34.97 19.27
N ASP GA 30 97.39 34.98 20.51
CA ASP GA 30 97.79 33.76 21.21
C ASP GA 30 97.33 33.70 22.65
N GLY GA 31 96.90 34.80 23.25
CA GLY GA 31 96.59 34.79 24.67
C GLY GA 31 97.81 35.06 25.53
N THR GA 32 97.56 35.64 26.70
CA THR GA 32 98.62 35.98 27.63
C THR GA 32 98.29 35.53 29.05
N SER GA 33 97.44 34.51 29.19
CA SER GA 33 97.00 33.89 30.44
C SER GA 33 96.13 34.83 31.28
N ASP GA 34 95.97 36.09 30.87
CA ASP GA 34 94.95 36.97 31.42
C ASP GA 34 93.83 37.22 30.44
N ARG GA 35 94.11 37.13 29.15
CA ARG GA 35 93.11 37.10 28.08
C ARG GA 35 93.44 35.90 27.23
N PRO GA 36 93.01 34.71 27.63
CA PRO GA 36 93.40 33.49 26.89
C PRO GA 36 92.91 33.47 25.45
N TYR GA 37 91.89 34.25 25.11
CA TYR GA 37 91.44 34.36 23.74
C TYR GA 37 92.43 35.19 22.92
N SER GA 38 92.25 35.18 21.60
CA SER GA 38 93.05 35.99 20.71
C SER GA 38 92.53 37.42 20.72
N HIS GA 39 93.40 38.39 21.01
CA HIS GA 39 92.98 39.77 21.14
C HIS GA 39 93.96 40.71 20.47
N ALA GA 40 93.66 42.00 20.52
CA ALA GA 40 94.47 43.00 19.86
C ALA GA 40 94.26 44.35 20.51
N LEU GA 41 95.37 45.01 20.84
CA LEU GA 41 95.33 46.43 21.18
C LEU GA 41 95.00 47.24 19.93
N VAL GA 42 93.94 48.05 20.03
CA VAL GA 42 93.33 48.70 18.89
C VAL GA 42 93.09 50.17 19.24
N ALA GA 43 93.43 51.06 18.32
CA ALA GA 43 93.14 52.48 18.45
C ALA GA 43 92.07 52.86 17.43
N GLY GA 44 91.01 53.49 17.88
CA GLY GA 44 89.93 53.87 17.01
C GLY GA 44 89.48 55.29 17.25
N ILE GA 45 88.38 55.70 16.63
CA ILE GA 45 87.85 57.05 16.79
C ILE GA 45 86.41 56.97 17.27
N ASP GA 46 86.12 57.73 18.34
CA ASP GA 46 84.78 57.73 18.91
C ASP GA 46 83.87 58.67 18.15
N ARG GA 47 84.33 59.89 17.90
CA ARG GA 47 83.57 60.90 17.18
C ARG GA 47 84.27 61.18 15.87
N TYR GA 48 83.58 60.88 14.77
CA TYR GA 48 84.14 61.11 13.45
C TYR GA 48 84.19 62.61 13.15
N PRO GA 49 85.17 63.06 12.37
CA PRO GA 49 85.18 64.47 11.96
C PRO GA 49 83.96 64.79 11.11
N ARG GA 50 83.42 65.98 11.31
CA ARG GA 50 82.22 66.38 10.58
C ARG GA 50 82.57 66.73 9.14
N LYS GA 51 81.55 66.67 8.29
CA LYS GA 51 81.73 67.03 6.89
C LYS GA 51 82.00 68.52 6.76
N VAL GA 52 83.02 68.88 5.98
CA VAL GA 52 83.37 70.27 5.73
C VAL GA 52 83.19 70.56 4.25
N THR GA 53 82.65 71.73 3.95
CA THR GA 53 82.41 72.18 2.58
C THR GA 53 83.19 73.46 2.31
N ALA GA 54 83.18 73.89 1.05
CA ALA GA 54 83.96 75.05 0.64
C ALA GA 54 83.44 76.33 1.30
N ALA GA 55 82.12 76.45 1.44
CA ALA GA 55 81.53 77.68 1.97
C ALA GA 55 81.32 77.56 3.48
N MET GA 56 82.41 77.35 4.19
CA MET GA 56 82.34 77.21 5.65
C MET GA 56 83.23 78.19 6.40
N GLY GA 57 84.46 78.40 5.95
CA GLY GA 57 85.34 79.27 6.69
C GLY GA 57 86.37 78.48 7.48
N LYS GA 58 87.54 79.10 7.67
CA LYS GA 58 88.67 78.38 8.27
C LYS GA 58 88.39 77.98 9.71
N LYS GA 59 87.80 78.88 10.50
CA LYS GA 59 87.57 78.57 11.90
C LYS GA 59 86.53 77.46 12.06
N LYS GA 60 85.44 77.53 11.29
CA LYS GA 60 84.43 76.48 11.35
C LYS GA 60 84.99 75.15 10.86
N ILE GA 61 85.83 75.18 9.83
CA ILE GA 61 86.44 73.95 9.32
C ILE GA 61 87.35 73.34 10.37
N ALA GA 62 88.16 74.16 11.04
CA ALA GA 62 89.04 73.66 12.09
C ALA GA 62 88.24 73.11 13.26
N LYS GA 63 87.12 73.76 13.59
CA LYS GA 63 86.26 73.25 14.66
C LYS GA 63 85.66 71.90 14.29
N ARG GA 64 85.25 71.74 13.03
CA ARG GA 64 84.61 70.50 12.62
C ARG GA 64 85.61 69.38 12.34
N SER GA 65 86.89 69.70 12.17
CA SER GA 65 87.89 68.68 11.88
C SER GA 65 88.39 67.97 13.13
N LYS GA 66 87.88 68.30 14.31
CA LYS GA 66 88.34 67.68 15.54
C LYS GA 66 87.87 66.22 15.62
N ILE GA 67 88.71 65.38 16.20
CA ILE GA 67 88.48 63.94 16.28
C ILE GA 67 88.60 63.50 17.73
N LYS GA 68 87.62 62.73 18.19
CA LYS GA 68 87.68 62.07 19.48
C LYS GA 68 88.04 60.60 19.25
N SER GA 69 89.09 60.14 19.90
CA SER GA 69 89.60 58.79 19.69
C SER GA 69 89.35 57.92 20.91
N PHE GA 70 89.74 56.66 20.79
CA PHE GA 70 89.70 55.74 21.91
C PHE GA 70 90.78 54.69 21.70
N VAL GA 71 91.18 54.04 22.80
CA VAL GA 71 92.06 52.89 22.75
C VAL GA 71 91.40 51.77 23.54
N LYS GA 72 91.46 50.55 22.99
CA LYS GA 72 90.81 49.41 23.61
C LYS GA 72 91.63 48.16 23.34
N VAL GA 73 91.28 47.09 24.05
CA VAL GA 73 91.77 45.75 23.76
C VAL GA 73 90.54 44.92 23.43
N TYR GA 74 90.52 44.36 22.24
CA TYR GA 74 89.33 43.70 21.73
C TYR GA 74 89.60 42.24 21.42
N ASN GA 75 88.66 41.38 21.81
CA ASN GA 75 88.68 40.01 21.34
C ASN GA 75 88.49 39.99 19.83
N TYR GA 76 89.14 39.02 19.17
CA TYR GA 76 89.06 38.93 17.72
C TYR GA 76 87.64 38.70 17.25
N ASN GA 77 86.84 37.99 18.03
CA ASN GA 77 85.45 37.72 17.66
C ASN GA 77 84.59 38.97 17.67
N HIS GA 78 85.06 40.05 18.26
CA HIS GA 78 84.33 41.32 18.28
C HIS GA 78 84.89 42.31 17.26
N LEU GA 79 85.79 41.88 16.39
CA LEU GA 79 86.39 42.74 15.39
C LEU GA 79 86.10 42.19 14.01
N MET GA 80 85.79 43.09 13.08
CA MET GA 80 85.60 42.74 11.68
C MET GA 80 86.79 43.26 10.89
N PRO GA 81 87.69 42.42 10.42
CA PRO GA 81 88.83 42.92 9.65
C PRO GA 81 88.39 43.43 8.30
N THR GA 82 89.14 44.41 7.80
CA THR GA 82 88.93 44.95 6.47
C THR GA 82 90.19 44.75 5.64
N ARG GA 83 90.08 45.03 4.36
CA ARG GA 83 91.23 44.98 3.48
C ARG GA 83 92.07 46.25 3.52
N TYR GA 84 91.57 47.30 4.17
CA TYR GA 84 92.27 48.57 4.20
C TYR GA 84 93.30 48.58 5.33
N SER GA 85 94.24 49.51 5.22
CA SER GA 85 95.30 49.64 6.21
C SER GA 85 95.77 51.09 6.22
N VAL GA 86 96.06 51.61 7.40
CA VAL GA 86 96.59 52.96 7.56
C VAL GA 86 97.96 52.85 8.22
N ASP GA 87 98.95 53.55 7.65
CA ASP GA 87 100.30 53.53 8.18
C ASP GA 87 100.55 54.70 9.13
N ILE GA 88 99.68 54.86 10.11
CA ILE GA 88 99.79 55.95 11.07
C ILE GA 88 100.81 55.57 12.14
N PRO GA 89 101.84 56.37 12.34
CA PRO GA 89 102.92 56.00 13.28
C PRO GA 89 102.57 56.31 14.73
N LEU GA 90 101.67 55.52 15.29
CA LEU GA 90 101.36 55.63 16.72
C LEU GA 90 102.55 55.17 17.53
N ASP GA 91 102.85 55.91 18.59
CA ASP GA 91 103.99 55.56 19.44
C ASP GA 91 103.63 54.36 20.29
N LYS GA 92 104.45 53.30 20.20
CA LYS GA 92 104.16 52.08 20.94
C LYS GA 92 104.36 52.27 22.43
N THR GA 93 105.36 53.06 22.82
CA THR GA 93 105.61 53.31 24.24
C THR GA 93 104.49 54.08 24.90
N VAL GA 94 103.73 54.86 24.13
CA VAL GA 94 102.58 55.58 24.68
C VAL GA 94 101.32 54.75 24.60
N VAL GA 95 101.05 54.14 23.46
CA VAL GA 95 99.89 53.29 23.26
C VAL GA 95 100.39 51.85 23.41
N ASN GA 96 100.37 51.34 24.63
CA ASN GA 96 100.79 49.97 24.90
C ASN GA 96 99.71 49.24 25.69
N LYS GA 97 99.98 48.01 26.12
CA LYS GA 97 98.92 47.20 26.72
C LYS GA 97 98.69 47.52 28.19
N ASP GA 98 99.73 47.86 28.93
CA ASP GA 98 99.57 48.16 30.36
C ASP GA 98 99.08 49.58 30.61
N VAL GA 99 98.50 50.22 29.60
CA VAL GA 99 98.01 51.58 29.76
C VAL GA 99 96.66 51.60 30.46
N PHE GA 100 96.00 50.44 30.56
CA PHE GA 100 94.65 50.36 31.10
C PHE GA 100 94.61 50.28 32.62
N ARG GA 101 95.77 50.28 33.28
CA ARG GA 101 95.81 50.24 34.73
C ARG GA 101 95.93 51.62 35.36
N ASP GA 102 96.19 52.66 34.58
CA ASP GA 102 96.32 54.02 35.10
C ASP GA 102 95.56 54.95 34.17
N PRO GA 103 94.53 55.65 34.65
CA PRO GA 103 93.76 56.54 33.76
C PRO GA 103 94.57 57.67 33.16
N ALA GA 104 95.60 58.17 33.85
CA ALA GA 104 96.40 59.25 33.30
C ALA GA 104 97.13 58.81 32.04
N LEU GA 105 97.75 57.62 32.08
CA LEU GA 105 98.40 57.09 30.89
C LEU GA 105 97.39 56.78 29.80
N LYS GA 106 96.19 56.34 30.16
CA LYS GA 106 95.16 56.12 29.14
C LYS GA 106 94.79 57.42 28.46
N ARG GA 107 94.69 58.50 29.22
CA ARG GA 107 94.44 59.81 28.63
C ARG GA 107 95.59 60.21 27.71
N LYS GA 108 96.83 59.94 28.12
CA LYS GA 108 97.97 60.29 27.28
C LYS GA 108 97.96 59.51 25.97
N ALA GA 109 97.66 58.22 26.03
CA ALA GA 109 97.61 57.39 24.82
C ALA GA 109 96.47 57.82 23.92
N ARG GA 110 95.33 58.16 24.51
CA ARG GA 110 94.20 58.60 23.70
C ARG GA 110 94.49 59.93 23.04
N ARG GA 111 95.20 60.82 23.74
CA ARG GA 111 95.63 62.09 23.14
C ARG GA 111 96.60 61.87 21.99
N GLU GA 112 97.52 60.92 22.16
CA GLU GA 112 98.46 60.59 21.09
C GLU GA 112 97.71 60.09 19.85
N ALA GA 113 96.77 59.17 20.07
CA ALA GA 113 95.97 58.67 18.96
C ALA GA 113 95.18 59.79 18.30
N LYS GA 114 94.63 60.70 19.11
CA LYS GA 114 93.83 61.79 18.57
C LYS GA 114 94.67 62.70 17.68
N VAL GA 115 95.86 63.09 18.13
CA VAL GA 115 96.65 64.03 17.34
C VAL GA 115 97.16 63.35 16.06
N LYS GA 116 97.57 62.08 16.15
CA LYS GA 116 98.00 61.39 14.94
C LYS GA 116 96.85 61.24 13.95
N PHE GA 117 95.66 60.89 14.45
CA PHE GA 117 94.50 60.75 13.58
C PHE GA 117 94.13 62.07 12.94
N GLU GA 118 94.23 63.18 13.68
CA GLU GA 118 93.91 64.47 13.10
C GLU GA 118 94.91 64.88 12.02
N GLU GA 119 96.21 64.66 12.27
CA GLU GA 119 97.16 65.07 11.24
C GLU GA 119 97.07 64.17 10.02
N ARG GA 120 96.63 62.92 10.17
CA ARG GA 120 96.38 62.10 9.00
C ARG GA 120 95.09 62.47 8.30
N TYR GA 121 94.07 62.89 9.05
CA TYR GA 121 92.82 63.33 8.45
C TYR GA 121 93.04 64.58 7.61
N LYS GA 122 93.89 65.48 8.07
CA LYS GA 122 94.35 66.57 7.22
C LYS GA 122 95.11 65.98 6.03
N THR GA 123 95.15 66.74 4.94
CA THR GA 123 95.69 66.37 3.63
C THR GA 123 94.85 65.32 2.92
N GLY GA 124 93.70 64.96 3.45
CA GLY GA 124 92.72 64.17 2.71
C GLY GA 124 93.16 62.78 2.32
N LYS GA 125 93.82 62.07 3.22
CA LYS GA 125 94.19 60.68 3.00
C LYS GA 125 93.42 59.77 3.95
N ASN GA 126 93.31 58.50 3.56
CA ASN GA 126 92.55 57.51 4.33
C ASN GA 126 91.11 57.98 4.55
N LYS GA 127 90.52 58.51 3.49
CA LYS GA 127 89.20 59.11 3.59
C LYS GA 127 88.15 58.08 3.97
N TRP GA 128 88.31 56.85 3.49
CA TRP GA 128 87.40 55.78 3.91
C TRP GA 128 87.51 55.54 5.40
N PHE GA 129 88.74 55.55 5.93
CA PHE GA 129 88.92 55.34 7.36
C PHE GA 129 88.26 56.45 8.17
N PHE GA 130 88.37 57.69 7.70
CA PHE GA 130 87.82 58.80 8.47
C PHE GA 130 86.34 59.06 8.19
N GLN GA 131 85.74 58.36 7.23
CA GLN GA 131 84.29 58.44 7.07
C GLN GA 131 83.59 57.48 8.01
N LYS GA 132 82.38 57.85 8.42
CA LYS GA 132 81.58 57.04 9.32
C LYS GA 132 80.84 55.97 8.55
N LEU GA 133 80.85 54.74 9.07
CA LEU GA 133 80.08 53.66 8.47
C LEU GA 133 78.60 53.87 8.70
N ARG GA 134 77.81 53.76 7.64
CA ARG GA 134 76.36 53.95 7.71
C ARG GA 134 75.69 52.59 7.78
N PHE GA 135 74.99 52.33 8.89
CA PHE GA 135 74.32 51.06 9.07
C PHE GA 135 73.06 51.22 9.92
N PRO HA 1 -42.36 75.79 18.11
CA PRO HA 1 -42.72 75.31 19.45
C PRO HA 1 -42.61 73.81 19.57
N SER HA 2 -41.65 73.34 20.36
CA SER HA 2 -41.48 71.90 20.56
C SER HA 2 -42.58 71.28 21.40
N ARG HA 3 -43.41 72.09 22.06
CA ARG HA 3 -44.48 71.57 22.90
C ARG HA 3 -45.71 71.16 22.11
N LEU HA 4 -45.73 71.41 20.81
CA LEU HA 4 -46.86 71.07 19.95
C LEU HA 4 -46.60 69.85 19.09
N ARG HA 5 -45.52 69.12 19.34
CA ARG HA 5 -45.07 68.09 18.43
C ARG HA 5 -45.33 66.70 18.98
N LYS HA 6 -45.21 65.71 18.09
CA LYS HA 6 -45.50 64.33 18.44
C LYS HA 6 -44.56 63.77 19.49
N THR HA 7 -43.38 64.35 19.66
CA THR HA 7 -42.44 63.85 20.65
C THR HA 7 -42.99 64.01 22.06
N ARG HA 8 -43.75 65.06 22.31
CA ARG HA 8 -44.32 65.24 23.64
C ARG HA 8 -45.42 64.23 23.92
N LYS HA 9 -46.05 63.68 22.90
CA LYS HA 9 -47.08 62.67 23.09
C LYS HA 9 -46.53 61.26 23.04
N LEU HA 10 -45.37 61.05 22.45
CA LEU HA 10 -44.78 59.73 22.32
C LEU HA 10 -43.95 59.32 23.53
N ARG HA 11 -43.93 60.14 24.58
CA ARG HA 11 -43.22 59.76 25.80
C ARG HA 11 -43.97 58.68 26.53
N GLY HA 12 -43.28 57.60 26.90
CA GLY HA 12 -43.90 56.46 27.53
C GLY HA 12 -44.20 55.31 26.60
N HIS HA 13 -44.14 55.53 25.30
CA HIS HA 13 -44.35 54.48 24.31
C HIS HA 13 -42.99 54.10 23.75
N VAL HA 14 -42.65 52.81 23.86
CA VAL HA 14 -41.25 52.41 23.77
C VAL HA 14 -40.68 52.68 22.38
N SER HA 15 -41.44 52.41 21.33
CA SER HA 15 -40.90 52.45 19.98
C SER HA 15 -40.93 53.85 19.37
N HIS HA 16 -41.52 54.81 20.06
CA HIS HA 16 -41.58 56.21 19.59
C HIS HA 16 -42.25 56.33 18.24
N GLY HA 17 -43.27 55.51 18.01
CA GLY HA 17 -44.05 55.60 16.79
C GLY HA 17 -43.41 54.98 15.57
N HIS HA 18 -42.35 54.19 15.73
CA HIS HA 18 -41.66 53.58 14.60
C HIS HA 18 -41.81 52.06 14.57
N GLY HA 19 -42.62 51.49 15.43
CA GLY HA 19 -42.89 50.06 15.33
C GLY HA 19 -41.91 49.23 16.12
N ARG HA 20 -42.37 48.05 16.52
CA ARG HA 20 -41.53 47.12 17.25
C ARG HA 20 -40.82 46.13 16.33
N ILE HA 21 -41.37 45.88 15.16
CA ILE HA 21 -40.85 44.86 14.27
C ILE HA 21 -39.80 45.46 13.34
N GLY HA 22 -40.21 46.43 12.53
CA GLY HA 22 -39.29 47.04 11.59
C GLY HA 22 -38.36 48.05 12.19
N LYS HA 23 -38.71 48.60 13.36
CA LYS HA 23 -37.87 49.52 14.12
C LYS HA 23 -37.55 50.78 13.34
N HIS HA 24 -36.67 51.60 13.89
CA HIS HA 24 -36.14 52.78 13.20
C HIS HA 24 -34.65 52.58 13.08
N ARG HA 25 -34.20 52.16 11.91
CA ARG HA 25 -32.80 51.89 11.66
C ARG HA 25 -32.19 53.05 10.89
N LYS HA 26 -30.89 52.96 10.62
CA LYS HA 26 -30.17 54.08 10.05
C LYS HA 26 -30.64 54.43 8.64
N HIS HA 27 -30.40 53.55 7.67
CA HIS HA 27 -30.71 53.82 6.27
C HIS HA 27 -31.08 52.53 5.56
N PRO HA 28 -32.28 52.01 5.81
CA PRO HA 28 -32.76 50.87 5.00
C PRO HA 28 -33.23 51.37 3.65
N GLY HA 29 -32.69 50.79 2.58
CA GLY HA 29 -32.98 51.21 1.23
C GLY HA 29 -31.91 52.04 0.58
N GLY HA 30 -30.99 52.60 1.35
CA GLY HA 30 -29.92 53.42 0.80
C GLY HA 30 -30.06 54.87 1.23
N ARG HA 31 -29.10 55.66 0.79
CA ARG HA 31 -29.03 57.08 1.15
C ARG HA 31 -29.39 57.94 -0.06
N GLY HA 32 -30.28 58.89 0.15
CA GLY HA 32 -30.65 59.80 -0.92
C GLY HA 32 -31.44 59.07 -1.99
N ASN HA 33 -31.14 59.38 -3.25
CA ASN HA 33 -31.82 58.75 -4.37
C ASN HA 33 -31.12 57.47 -4.80
N ALA HA 34 -30.82 56.62 -3.84
CA ALA HA 34 -30.13 55.37 -4.12
C ALA HA 34 -31.08 54.36 -4.73
N GLY HA 35 -30.56 53.58 -5.68
CA GLY HA 35 -31.34 52.51 -6.26
C GLY HA 35 -32.55 52.97 -7.05
N GLY HA 36 -32.44 54.10 -7.74
CA GLY HA 36 -33.55 54.59 -8.54
C GLY HA 36 -33.82 53.75 -9.76
N LEU HA 37 -32.89 52.88 -10.15
CA LEU HA 37 -33.10 51.97 -11.25
C LEU HA 37 -33.20 50.52 -10.82
N HIS HA 38 -32.98 50.23 -9.53
CA HIS HA 38 -32.93 48.85 -9.06
C HIS HA 38 -34.04 48.51 -8.08
N HIS HA 39 -34.07 49.12 -6.91
CA HIS HA 39 -35.07 48.74 -5.92
C HIS HA 39 -35.99 49.89 -5.54
N HIS HA 40 -35.80 51.07 -6.13
CA HIS HA 40 -36.80 52.14 -6.09
C HIS HA 40 -37.32 52.44 -7.48
N ARG HA 41 -37.18 51.49 -8.40
CA ARG HA 41 -37.53 51.70 -9.80
C ARG HA 41 -39.02 51.96 -9.95
N ILE HA 42 -39.85 51.28 -9.17
CA ILE HA 42 -41.29 51.47 -9.29
C ILE HA 42 -41.68 52.89 -8.91
N ASN HA 43 -41.13 53.39 -7.80
CA ASN HA 43 -41.42 54.76 -7.40
C ASN HA 43 -40.94 55.74 -8.44
N PHE HA 44 -39.73 55.54 -8.96
CA PHE HA 44 -39.19 56.50 -9.93
C PHE HA 44 -39.99 56.48 -11.22
N ASP HA 45 -40.36 55.30 -11.70
CA ASP HA 45 -41.14 55.22 -12.93
C ASP HA 45 -42.55 55.75 -12.73
N LYS HA 46 -43.12 55.56 -11.54
CA LYS HA 46 -44.49 55.96 -11.28
C LYS HA 46 -44.62 57.46 -11.11
N TYR HA 47 -43.67 58.11 -10.43
CA TYR HA 47 -43.84 59.52 -10.12
C TYR HA 47 -42.90 60.45 -10.86
N HIS HA 48 -41.79 59.96 -11.40
CA HIS HA 48 -40.85 60.78 -12.15
C HIS HA 48 -40.49 60.08 -13.45
N PRO HA 49 -41.42 59.97 -14.39
CA PRO HA 49 -41.06 59.46 -15.70
C PRO HA 49 -40.18 60.46 -16.44
N GLY HA 50 -39.27 59.92 -17.26
CA GLY HA 50 -38.31 60.75 -17.96
C GLY HA 50 -37.06 61.06 -17.18
N TYR HA 51 -36.90 60.52 -15.98
CA TYR HA 51 -35.81 60.92 -15.11
C TYR HA 51 -34.46 60.50 -15.65
N PHE HA 52 -34.38 59.33 -16.28
CA PHE HA 52 -33.10 58.76 -16.71
C PHE HA 52 -32.89 58.96 -18.20
N GLY HA 53 -31.67 59.35 -18.57
CA GLY HA 53 -31.28 59.48 -19.95
C GLY HA 53 -31.11 60.93 -20.37
N LYS HA 54 -30.60 61.09 -21.59
CA LYS HA 54 -30.36 62.39 -22.19
C LYS HA 54 -31.34 62.62 -23.34
N VAL HA 55 -31.80 63.86 -23.47
CA VAL HA 55 -32.63 64.27 -24.59
C VAL HA 55 -32.16 65.64 -25.05
N GLY HA 56 -31.88 65.79 -26.34
CA GLY HA 56 -31.67 67.09 -26.93
C GLY HA 56 -30.20 67.47 -27.04
N MET HA 57 -30.01 68.71 -27.50
CA MET HA 57 -28.69 69.26 -27.77
C MET HA 57 -28.21 70.05 -26.57
N LYS HA 58 -26.98 69.80 -26.14
CA LYS HA 58 -26.41 70.63 -25.09
C LYS HA 58 -25.78 71.88 -25.68
N HIS HA 59 -25.83 72.95 -24.92
CA HIS HA 59 -25.35 74.25 -25.37
C HIS HA 59 -24.48 74.84 -24.27
N TYR HA 60 -23.19 74.98 -24.53
CA TYR HA 60 -22.27 75.53 -23.54
C TYR HA 60 -22.44 77.05 -23.47
N HIS HA 61 -22.22 77.58 -22.27
CA HIS HA 61 -22.23 79.02 -22.01
C HIS HA 61 -23.58 79.63 -22.41
N LEU HA 62 -24.64 79.15 -21.78
CA LEU HA 62 -25.94 79.73 -22.01
C LEU HA 62 -26.04 81.07 -21.29
N LYS HA 63 -26.47 82.09 -22.02
CA LYS HA 63 -26.69 83.41 -21.47
C LYS HA 63 -28.19 83.70 -21.54
N ARG HA 64 -28.83 83.77 -20.37
CA ARG HA 64 -30.28 83.96 -20.31
C ARG HA 64 -30.69 85.31 -20.86
N ASN HA 65 -29.81 86.31 -20.76
CA ASN HA 65 -30.15 87.65 -21.21
C ASN HA 65 -30.39 87.69 -22.70
N GLN HA 66 -29.68 86.85 -23.47
CA GLN HA 66 -29.88 86.82 -24.92
C GLN HA 66 -31.29 86.39 -25.27
N SER HA 67 -31.83 85.41 -24.57
CA SER HA 67 -33.17 84.91 -24.83
C SER HA 67 -34.24 85.62 -24.03
N PHE HA 68 -33.87 86.60 -23.21
CA PHE HA 68 -34.84 87.38 -22.46
C PHE HA 68 -35.84 88.04 -23.41
N CYS HA 69 -37.10 87.65 -23.29
CA CYS HA 69 -38.18 88.21 -24.09
C CYS HA 69 -39.50 88.04 -23.38
N PRO HA 70 -39.84 88.92 -22.44
CA PRO HA 70 -41.13 88.80 -21.75
C PRO HA 70 -42.29 89.10 -22.68
N THR HA 71 -43.43 88.50 -22.36
CA THR HA 71 -44.62 88.57 -23.21
C THR HA 71 -45.77 89.19 -22.45
N VAL HA 72 -46.66 89.84 -23.18
CA VAL HA 72 -47.89 90.40 -22.63
C VAL HA 72 -49.03 90.02 -23.55
N ASN HA 73 -50.20 89.73 -22.97
CA ASN HA 73 -51.36 89.36 -23.75
C ASN HA 73 -52.24 90.57 -24.01
N LEU HA 74 -53.06 90.45 -25.06
CA LEU HA 74 -53.92 91.56 -25.46
C LEU HA 74 -54.98 91.87 -24.41
N ASP HA 75 -55.38 90.89 -23.61
CA ASP HA 75 -56.36 91.16 -22.57
C ASP HA 75 -55.79 92.04 -21.47
N LYS HA 76 -54.50 91.93 -21.19
CA LYS HA 76 -53.81 92.80 -20.26
C LYS HA 76 -53.15 93.99 -20.92
N LEU HA 77 -53.30 94.13 -22.25
CA LEU HA 77 -52.61 95.20 -22.97
C LEU HA 77 -52.99 96.59 -22.47
N TRP HA 78 -54.28 96.83 -22.24
CA TRP HA 78 -54.72 98.18 -21.87
C TRP HA 78 -54.38 98.53 -20.43
N THR HA 79 -53.92 97.58 -19.62
CA THR HA 79 -53.51 97.88 -18.26
C THR HA 79 -52.15 98.58 -18.19
N LEU HA 80 -51.44 98.69 -19.31
CA LEU HA 80 -50.12 99.30 -19.31
C LEU HA 80 -50.15 100.82 -19.36
N VAL HA 81 -51.31 101.41 -19.66
CA VAL HA 81 -51.45 102.85 -19.68
C VAL HA 81 -52.39 103.27 -18.57
N SER HA 82 -52.61 104.56 -18.40
CA SER HA 82 -53.51 105.04 -17.36
C SER HA 82 -54.96 104.88 -17.79
N GLU HA 83 -55.85 104.90 -16.80
CA GLU HA 83 -57.28 104.88 -17.09
C GLU HA 83 -57.70 106.13 -17.84
N GLN HA 84 -57.05 107.26 -17.53
CA GLN HA 84 -57.31 108.51 -18.24
C GLN HA 84 -57.06 108.34 -19.74
N THR HA 85 -55.99 107.64 -20.11
CA THR HA 85 -55.69 107.41 -21.51
C THR HA 85 -56.83 106.70 -22.22
N ARG HA 86 -57.30 105.60 -21.62
CA ARG HA 86 -58.34 104.81 -22.29
C ARG HA 86 -59.65 105.57 -22.38
N VAL HA 87 -60.04 106.26 -21.30
CA VAL HA 87 -61.32 106.96 -21.35
C VAL HA 87 -61.26 108.14 -22.31
N ASN HA 88 -60.12 108.85 -22.36
CA ASN HA 88 -59.98 109.94 -23.31
C ASN HA 88 -60.00 109.45 -24.74
N ALA HA 89 -59.34 108.32 -25.02
CA ALA HA 89 -59.37 107.76 -26.36
C ALA HA 89 -60.77 107.31 -26.74
N ALA HA 90 -61.50 106.72 -25.79
CA ALA HA 90 -62.85 106.24 -26.08
C ALA HA 90 -63.79 107.40 -26.37
N LYS HA 91 -63.70 108.49 -25.62
CA LYS HA 91 -64.60 109.62 -25.81
C LYS HA 91 -64.03 110.66 -26.77
N ASN HA 92 -62.90 110.39 -27.39
CA ASN HA 92 -62.32 111.33 -28.34
C ASN HA 92 -63.19 111.44 -29.58
N LYS HA 93 -63.46 112.68 -30.00
CA LYS HA 93 -64.22 112.90 -31.22
C LYS HA 93 -63.39 112.54 -32.45
N THR HA 94 -62.15 112.98 -32.49
CA THR HA 94 -61.25 112.60 -33.56
C THR HA 94 -60.82 111.15 -33.39
N GLY HA 95 -60.38 110.55 -34.50
CA GLY HA 95 -59.96 109.16 -34.47
C GLY HA 95 -58.54 108.95 -34.01
N ALA HA 96 -58.05 109.85 -33.16
CA ALA HA 96 -56.69 109.73 -32.64
C ALA HA 96 -56.59 108.52 -31.72
N ALA HA 97 -55.56 107.72 -31.92
CA ALA HA 97 -55.37 106.51 -31.14
C ALA HA 97 -54.16 106.64 -30.25
N PRO HA 98 -54.26 106.23 -28.99
CA PRO HA 98 -53.10 106.29 -28.09
C PRO HA 98 -52.05 105.27 -28.47
N ILE HA 99 -50.81 105.58 -28.09
CA ILE HA 99 -49.66 104.71 -28.33
C ILE HA 99 -49.33 103.98 -27.04
N ILE HA 100 -49.20 102.67 -27.11
CA ILE HA 100 -48.84 101.83 -25.98
C ILE HA 100 -47.46 101.24 -26.28
N ASP HA 101 -46.50 101.51 -25.41
CA ASP HA 101 -45.12 101.06 -25.60
C ASP HA 101 -44.86 99.94 -24.59
N VAL HA 102 -45.06 98.71 -25.03
CA VAL HA 102 -44.88 97.57 -24.14
C VAL HA 102 -43.41 97.40 -23.77
N VAL HA 103 -42.49 97.89 -24.62
CA VAL HA 103 -41.09 97.86 -24.26
C VAL HA 103 -40.82 98.80 -23.10
N ARG HA 104 -41.50 99.94 -23.09
CA ARG HA 104 -41.42 100.84 -21.93
C ARG HA 104 -42.01 100.17 -20.70
N SER HA 105 -43.14 99.48 -20.86
CA SER HA 105 -43.72 98.79 -19.72
C SER HA 105 -42.94 97.55 -19.29
N GLY HA 106 -41.99 97.09 -20.10
CA GLY HA 106 -41.18 95.96 -19.75
C GLY HA 106 -41.52 94.66 -20.46
N TYR HA 107 -42.13 94.72 -21.64
CA TYR HA 107 -42.49 93.54 -22.40
C TYR HA 107 -41.93 93.68 -23.81
N TYR HA 108 -41.46 92.56 -24.37
CA TYR HA 108 -40.90 92.61 -25.71
C TYR HA 108 -41.83 92.06 -26.77
N LYS HA 109 -42.64 91.07 -26.43
CA LYS HA 109 -43.54 90.42 -27.39
C LYS HA 109 -44.97 90.59 -26.94
N VAL HA 110 -45.86 90.85 -27.89
CA VAL HA 110 -47.29 90.96 -27.64
C VAL HA 110 -47.96 89.69 -28.15
N LEU HA 111 -48.59 88.96 -27.24
CA LEU HA 111 -49.30 87.74 -27.58
C LEU HA 111 -50.80 88.01 -27.70
N GLY HA 112 -51.50 87.07 -28.32
CA GLY HA 112 -52.85 87.34 -28.77
C GLY HA 112 -53.99 86.76 -27.95
N LYS HA 113 -53.73 86.35 -26.71
CA LYS HA 113 -54.80 85.80 -25.89
C LYS HA 113 -55.78 86.89 -25.48
N GLY HA 114 -57.06 86.56 -25.54
CA GLY HA 114 -58.09 87.48 -25.14
C GLY HA 114 -58.63 88.27 -26.31
N LYS HA 115 -59.33 89.35 -25.97
CA LYS HA 115 -59.92 90.24 -26.96
C LYS HA 115 -59.68 91.68 -26.53
N LEU HA 116 -59.77 92.58 -27.50
CA LEU HA 116 -59.53 93.98 -27.25
C LEU HA 116 -60.86 94.75 -27.23
N PRO HA 117 -60.94 95.84 -26.49
CA PRO HA 117 -62.08 96.74 -26.63
C PRO HA 117 -62.09 97.38 -28.01
N LYS HA 118 -63.29 97.70 -28.49
CA LYS HA 118 -63.50 98.20 -29.85
C LYS HA 118 -63.05 99.66 -29.93
N GLN HA 119 -61.73 99.86 -29.99
CA GLN HA 119 -61.19 101.19 -30.21
C GLN HA 119 -59.77 101.10 -30.73
N PRO HA 120 -59.36 101.96 -31.65
CA PRO HA 120 -58.03 101.85 -32.24
C PRO HA 120 -56.93 102.19 -31.24
N VAL HA 121 -55.76 101.62 -31.46
CA VAL HA 121 -54.60 101.83 -30.61
C VAL HA 121 -53.37 101.47 -31.40
N ILE HA 122 -52.31 102.27 -31.23
CA ILE HA 122 -51.01 101.95 -31.81
C ILE HA 122 -50.20 101.21 -30.76
N VAL HA 123 -49.59 100.10 -31.15
CA VAL HA 123 -48.84 99.26 -30.22
C VAL HA 123 -47.40 99.19 -30.71
N LYS HA 124 -46.47 99.59 -29.85
CA LYS HA 124 -45.04 99.52 -30.14
C LYS HA 124 -44.46 98.31 -29.42
N ALA HA 125 -43.94 97.35 -30.18
CA ALA HA 125 -43.37 96.16 -29.58
C ALA HA 125 -42.21 95.68 -30.43
N LYS HA 126 -41.33 94.89 -29.81
CA LYS HA 126 -40.26 94.26 -30.57
C LYS HA 126 -40.80 93.16 -31.47
N PHE HA 127 -41.68 92.32 -30.93
CA PHE HA 127 -42.24 91.20 -31.68
C PHE HA 127 -43.75 91.17 -31.49
N PHE HA 128 -44.43 90.61 -32.48
CA PHE HA 128 -45.86 90.41 -32.45
C PHE HA 128 -46.15 88.98 -32.86
N SER HA 129 -47.21 88.41 -32.30
CA SER HA 129 -47.71 87.16 -32.83
C SER HA 129 -48.75 87.45 -33.91
N ARG HA 130 -49.01 86.44 -34.74
CA ARG HA 130 -49.90 86.63 -35.88
C ARG HA 130 -51.31 86.98 -35.43
N ARG HA 131 -51.83 86.26 -34.44
CA ARG HA 131 -53.18 86.53 -33.96
C ARG HA 131 -53.25 87.84 -33.20
N ALA HA 132 -52.19 88.22 -32.50
CA ALA HA 132 -52.17 89.52 -31.85
C ALA HA 132 -52.23 90.64 -32.87
N GLU HA 133 -51.45 90.52 -33.95
CA GLU HA 133 -51.54 91.51 -35.02
C GLU HA 133 -52.92 91.53 -35.65
N GLU HA 134 -53.51 90.37 -35.88
CA GLU HA 134 -54.84 90.32 -36.48
C GLU HA 134 -55.88 90.98 -35.58
N LYS HA 135 -55.83 90.71 -34.28
CA LYS HA 135 -56.81 91.29 -33.37
C LYS HA 135 -56.59 92.78 -33.20
N ILE HA 136 -55.35 93.26 -33.26
CA ILE HA 136 -55.12 94.70 -33.20
C ILE HA 136 -55.64 95.38 -34.46
N LYS HA 137 -55.43 94.77 -35.63
CA LYS HA 137 -55.98 95.32 -36.86
C LYS HA 137 -57.49 95.27 -36.88
N SER HA 138 -58.08 94.32 -36.16
CA SER HA 138 -59.54 94.18 -36.16
C SER HA 138 -60.21 95.39 -35.52
N VAL HA 139 -59.60 95.98 -34.49
CA VAL HA 139 -60.21 97.11 -33.79
C VAL HA 139 -59.73 98.41 -34.43
N GLY HA 140 -59.12 98.32 -35.60
CA GLY HA 140 -58.67 99.51 -36.29
C GLY HA 140 -57.35 100.05 -35.83
N GLY HA 141 -56.57 99.28 -35.09
CA GLY HA 141 -55.26 99.73 -34.62
C GLY HA 141 -54.16 99.42 -35.60
N ALA HA 142 -52.93 99.71 -35.16
CA ALA HA 142 -51.75 99.44 -35.96
C ALA HA 142 -50.68 98.83 -35.08
N CYS HA 143 -49.88 97.95 -35.66
CA CYS HA 143 -48.74 97.34 -34.99
C CYS HA 143 -47.47 97.92 -35.60
N VAL HA 144 -46.65 98.55 -34.78
CA VAL HA 144 -45.39 99.14 -35.23
C VAL HA 144 -44.27 98.49 -34.44
N LEU HA 145 -43.15 98.24 -35.12
CA LEU HA 145 -42.05 97.49 -34.54
C LEU HA 145 -40.95 98.43 -34.07
N VAL HA 146 -40.25 98.00 -33.02
CA VAL HA 146 -39.11 98.73 -32.48
C VAL HA 146 -37.96 97.74 -32.33
N ALA HA 147 -36.77 98.29 -32.10
CA ALA HA 147 -35.58 97.46 -31.94
C ALA HA 147 -34.98 97.61 -30.55
N ALA IA 1 -34.24 30.38 7.12
CA ALA IA 1 -33.95 29.95 5.76
C ALA IA 1 -35.20 30.03 4.89
N LYS IA 2 -35.94 28.94 4.80
CA LYS IA 2 -37.16 28.91 4.01
C LYS IA 2 -38.27 29.67 4.73
N SER IA 3 -39.31 30.00 3.97
CA SER IA 3 -40.43 30.75 4.49
C SER IA 3 -41.65 30.48 3.60
N LYS IA 4 -42.77 31.09 3.96
CA LYS IA 4 -44.00 30.92 3.20
C LYS IA 4 -43.86 31.54 1.82
N ASN IA 5 -44.48 30.91 0.82
CA ASN IA 5 -44.37 31.31 -0.57
C ASN IA 5 -45.49 32.24 -1.02
N HIS IA 6 -46.74 31.83 -0.84
CA HIS IA 6 -47.86 32.61 -1.33
C HIS IA 6 -49.11 32.21 -0.56
N THR IA 7 -49.98 33.19 -0.33
CA THR IA 7 -51.30 32.88 0.20
C THR IA 7 -52.24 34.03 -0.15
N THR IA 8 -53.53 33.72 -0.23
CA THR IA 8 -54.59 34.71 -0.31
C THR IA 8 -55.43 34.73 0.96
N HIS IA 9 -54.90 34.18 2.04
CA HIS IA 9 -55.59 34.25 3.33
C HIS IA 9 -55.67 35.70 3.78
N ASN IA 10 -56.85 36.08 4.30
CA ASN IA 10 -57.16 37.40 4.83
C ASN IA 10 -57.33 38.44 3.72
N GLN IA 11 -57.03 38.06 2.48
CA GLN IA 11 -57.09 39.02 1.39
C GLN IA 11 -58.53 39.42 1.09
N SER IA 12 -59.47 38.48 1.14
CA SER IA 12 -60.86 38.81 0.91
C SER IA 12 -61.40 39.75 1.97
N ARG IA 13 -60.99 39.54 3.22
CA ARG IA 13 -61.39 40.42 4.31
C ARG IA 13 -60.85 41.82 4.09
N LYS IA 14 -59.58 41.93 3.67
CA LYS IA 14 -59.02 43.24 3.35
C LYS IA 14 -59.79 43.88 2.20
N TRP IA 15 -60.16 43.10 1.20
CA TRP IA 15 -60.89 43.64 0.06
C TRP IA 15 -62.25 44.18 0.48
N HIS IA 16 -62.94 43.47 1.36
CA HIS IA 16 -64.29 43.86 1.73
C HIS IA 16 -64.35 44.86 2.87
N ARG IA 17 -63.21 45.20 3.50
CA ARG IA 17 -63.26 46.20 4.56
C ARG IA 17 -63.74 47.55 4.05
N ASN IA 18 -63.24 47.99 2.89
CA ASN IA 18 -63.74 49.20 2.25
C ASN IA 18 -64.74 48.91 1.14
N GLY IA 19 -65.20 47.67 1.03
CA GLY IA 19 -66.17 47.32 0.01
C GLY IA 19 -65.55 47.13 -1.36
N ILE IA 20 -66.11 46.23 -2.16
CA ILE IA 20 -65.67 46.03 -3.53
C ILE IA 20 -66.68 46.77 -4.39
N LYS IA 21 -66.37 48.03 -4.71
CA LYS IA 21 -67.29 48.90 -5.40
C LYS IA 21 -67.20 48.69 -6.90
N LYS IA 22 -68.37 48.62 -7.54
CA LYS IA 22 -68.42 48.55 -8.99
C LYS IA 22 -68.03 49.91 -9.58
N PRO IA 23 -67.58 49.92 -10.84
CA PRO IA 23 -67.27 51.20 -11.48
C PRO IA 23 -68.49 52.09 -11.56
N ARG IA 24 -68.27 53.39 -11.41
CA ARG IA 24 -69.36 54.36 -11.32
C ARG IA 24 -70.01 54.51 -12.70
N SER IA 25 -71.14 53.85 -12.89
CA SER IA 25 -71.88 53.95 -14.13
C SER IA 25 -72.48 55.34 -14.24
N GLN IA 26 -71.97 56.15 -15.16
CA GLN IA 26 -72.39 57.54 -15.29
C GLN IA 26 -72.74 57.81 -16.74
N ARG IA 27 -73.75 58.66 -16.94
CA ARG IA 27 -74.23 58.99 -18.28
C ARG IA 27 -73.11 59.53 -19.15
N TYR IA 28 -73.28 59.43 -20.46
CA TYR IA 28 -72.33 59.97 -21.43
C TYR IA 28 -70.95 59.35 -21.25
N GLU IA 29 -70.85 58.07 -21.60
CA GLU IA 29 -69.57 57.40 -21.63
C GLU IA 29 -68.63 58.10 -22.60
N SER IA 30 -67.33 57.95 -22.38
CA SER IA 30 -66.34 58.53 -23.27
C SER IA 30 -66.31 57.78 -24.60
N LEU IA 31 -65.99 58.51 -25.67
CA LEU IA 31 -65.91 57.94 -27.01
C LEU IA 31 -64.53 57.38 -27.32
N LYS IA 32 -63.76 57.04 -26.30
CA LYS IA 32 -62.43 56.47 -26.52
C LYS IA 32 -62.55 55.06 -27.07
N GLY IA 33 -61.70 54.75 -28.04
CA GLY IA 33 -61.67 53.43 -28.64
C GLY IA 33 -62.70 53.18 -29.71
N VAL IA 34 -63.55 54.16 -29.98
CA VAL IA 34 -64.56 54.02 -31.02
C VAL IA 34 -63.88 54.18 -32.37
N ASP IA 35 -64.46 53.56 -33.40
CA ASP IA 35 -63.91 53.55 -34.76
C ASP IA 35 -63.65 54.98 -35.22
N PRO IA 36 -62.43 55.33 -35.62
CA PRO IA 36 -62.15 56.72 -36.00
C PRO IA 36 -62.94 57.24 -37.18
N LYS IA 37 -63.25 56.39 -38.16
CA LYS IA 37 -64.08 56.83 -39.28
C LYS IA 37 -65.47 57.22 -38.81
N PHE IA 38 -66.06 56.38 -37.97
CA PHE IA 38 -67.36 56.68 -37.38
C PHE IA 38 -67.30 57.95 -36.54
N LEU IA 39 -66.22 58.12 -35.78
CA LEU IA 39 -66.07 59.30 -34.94
C LEU IA 39 -65.97 60.57 -35.77
N ARG IA 40 -65.21 60.54 -36.87
CA ARG IA 40 -65.07 61.77 -37.64
C ARG IA 40 -66.37 62.11 -38.37
N ASN IA 41 -67.11 61.10 -38.83
CA ASN IA 41 -68.41 61.41 -39.40
C ASN IA 41 -69.38 61.93 -38.33
N MET IA 42 -69.30 61.40 -37.12
CA MET IA 42 -70.11 61.90 -36.02
C MET IA 42 -69.78 63.35 -35.72
N ARG IA 43 -68.50 63.70 -35.76
CA ARG IA 43 -68.08 65.07 -35.57
C ARG IA 43 -68.63 65.97 -36.67
N PHE IA 44 -68.63 65.50 -37.91
CA PHE IA 44 -69.18 66.28 -39.01
C PHE IA 44 -70.68 66.51 -38.83
N ALA IA 45 -71.40 65.47 -38.40
CA ALA IA 45 -72.83 65.63 -38.16
C ALA IA 45 -73.09 66.62 -37.04
N LYS IA 46 -72.31 66.56 -35.96
CA LYS IA 46 -72.47 67.52 -34.87
C LYS IA 46 -72.15 68.93 -35.34
N LYS IA 47 -71.11 69.08 -36.16
CA LYS IA 47 -70.73 70.40 -36.66
C LYS IA 47 -71.83 71.00 -37.52
N HIS IA 48 -72.44 70.20 -38.38
CA HIS IA 48 -73.44 70.71 -39.32
C HIS IA 48 -74.85 70.62 -38.77
N ASN IA 49 -75.02 70.22 -37.50
CA ASN IA 49 -76.34 70.33 -36.87
C ASN IA 49 -76.86 71.75 -36.84
N LYS IA 50 -75.98 72.75 -36.95
CA LYS IA 50 -76.41 74.15 -36.90
C LYS IA 50 -77.39 74.48 -38.00
N LYS IA 51 -77.07 74.09 -39.24
CA LYS IA 51 -77.98 74.33 -40.33
C LYS IA 51 -79.22 73.45 -40.18
N GLY IA 52 -80.33 73.91 -40.73
CA GLY IA 52 -81.59 73.26 -40.47
C GLY IA 52 -82.21 73.62 -39.14
N LEU IA 53 -81.64 74.60 -38.43
CA LEU IA 53 -82.23 75.04 -37.17
C LEU IA 53 -83.56 75.74 -37.41
N LYS IA 54 -83.66 76.52 -38.48
CA LYS IA 54 -84.93 77.18 -38.80
C LYS IA 54 -86.00 76.15 -39.14
N LYS IA 55 -85.67 75.12 -39.93
CA LYS IA 55 -86.62 74.07 -40.21
C LYS IA 55 -87.00 73.32 -38.93
N MET IA 56 -86.02 73.07 -38.06
CA MET IA 56 -86.29 72.37 -36.81
C MET IA 56 -87.25 73.14 -35.93
N GLN IA 57 -87.03 74.45 -35.79
CA GLN IA 57 -87.91 75.25 -34.95
C GLN IA 57 -89.28 75.45 -35.60
N ALA IA 58 -89.34 75.49 -36.94
CA ALA IA 58 -90.62 75.54 -37.61
C ALA IA 58 -91.43 74.27 -37.36
N ASN IA 59 -90.78 73.11 -37.43
CA ASN IA 59 -91.46 71.86 -37.11
C ASN IA 59 -91.91 71.82 -35.66
N ASN IA 60 -91.04 72.29 -34.75
CA ASN IA 60 -91.41 72.32 -33.34
C ASN IA 60 -92.62 73.21 -33.11
N ALA IA 61 -92.63 74.39 -33.73
CA ALA IA 61 -93.74 75.33 -33.56
C ALA IA 61 -95.04 74.77 -34.13
N LYS IA 62 -94.98 74.15 -35.31
CA LYS IA 62 -96.22 73.63 -35.90
C LYS IA 62 -96.74 72.45 -35.10
N ALA IA 63 -95.84 71.58 -34.60
CA ALA IA 63 -96.29 70.47 -33.77
C ALA IA 63 -96.88 70.98 -32.46
N MET IA 64 -96.25 71.99 -31.85
CA MET IA 64 -96.79 72.56 -30.62
C MET IA 64 -98.16 73.18 -30.85
N SER IA 65 -98.33 73.91 -31.95
CA SER IA 65 -99.62 74.52 -32.25
C SER IA 65 -100.69 73.46 -32.49
N ALA IA 66 -100.36 72.41 -33.24
CA ALA IA 66 -101.32 71.36 -33.51
C ALA IA 66 -101.73 70.64 -32.23
N ARG IA 67 -100.75 70.30 -31.39
CA ARG IA 67 -101.05 69.62 -30.13
C ARG IA 67 -101.87 70.53 -29.22
N ALA IA 68 -101.53 71.82 -29.16
CA ALA IA 68 -102.27 72.75 -28.31
C ALA IA 68 -103.70 72.91 -28.77
N GLU IA 69 -103.93 73.03 -30.07
CA GLU IA 69 -105.31 73.18 -30.54
C GLU IA 69 -106.10 71.89 -30.38
N ALA IA 70 -105.46 70.73 -30.55
CA ALA IA 70 -106.14 69.46 -30.29
C ALA IA 70 -106.51 69.33 -28.82
N ILE IA 71 -105.63 69.76 -27.92
CA ILE IA 71 -105.93 69.68 -26.50
C ILE IA 71 -107.02 70.67 -26.12
N LYS IA 72 -106.94 71.90 -26.62
CA LYS IA 72 -107.92 72.94 -26.30
C LYS IA 72 -109.24 72.73 -27.03
N ALA IA 73 -109.31 71.78 -27.96
CA ALA IA 73 -110.59 71.43 -28.58
C ALA IA 73 -111.44 70.68 -27.57
N LEU IA 74 -112.30 71.41 -26.87
CA LEU IA 74 -113.24 70.84 -25.91
C LEU IA 74 -114.66 71.00 -26.44
N VAL IA 75 -115.44 69.92 -26.33
CA VAL IA 75 -116.85 69.82 -26.77
C VAL IA 75 -117.16 70.60 -28.05
N VAL IA 88 -125.36 55.09 2.71
CA VAL IA 88 -125.69 54.53 4.02
C VAL IA 88 -125.03 55.34 5.12
N SER IA 89 -124.64 54.66 6.21
CA SER IA 89 -124.02 55.31 7.35
C SER IA 89 -122.50 55.16 7.33
N ARG IA 90 -121.99 53.92 7.35
CA ARG IA 90 -120.56 53.62 7.35
C ARG IA 90 -119.86 54.32 8.52
N LYS IA 91 -120.20 53.82 9.72
CA LYS IA 91 -119.81 54.46 10.98
C LYS IA 91 -118.32 54.76 11.04
N LEU IA 92 -117.48 53.80 10.65
CA LEU IA 92 -116.04 54.00 10.76
C LEU IA 92 -115.55 55.07 9.80
N ASP IA 93 -116.07 55.08 8.57
CA ASP IA 93 -115.71 56.13 7.62
C ASP IA 93 -116.18 57.50 8.09
N ARG IA 94 -117.37 57.55 8.67
CA ARG IA 94 -117.88 58.80 9.22
C ARG IA 94 -116.99 59.31 10.34
N LEU IA 95 -116.55 58.40 11.22
CA LEU IA 95 -115.69 58.81 12.32
C LEU IA 95 -114.33 59.28 11.82
N ALA IA 96 -113.77 58.62 10.81
CA ALA IA 96 -112.53 59.10 10.22
C ALA IA 96 -112.70 60.48 9.61
N TYR IA 97 -113.83 60.70 8.93
CA TYR IA 97 -114.11 62.00 8.34
C TYR IA 97 -114.19 63.08 9.40
N ILE IA 98 -114.88 62.79 10.51
CA ILE IA 98 -114.98 63.76 11.59
C ILE IA 98 -113.61 64.01 12.21
N ALA IA 99 -112.81 62.97 12.36
CA ALA IA 99 -111.48 63.12 12.93
C ALA IA 99 -110.51 63.83 12.01
N HIS IA 100 -110.85 63.98 10.72
CA HIS IA 100 -110.00 64.77 9.83
C HIS IA 100 -109.95 66.22 10.32
N PRO IA 101 -108.76 66.83 10.38
CA PRO IA 101 -108.66 68.19 10.93
C PRO IA 101 -109.42 69.24 10.17
N LYS IA 102 -109.54 69.11 8.85
CA LYS IA 102 -110.22 70.12 8.03
C LYS IA 102 -111.60 69.70 7.58
N LEU IA 103 -111.76 68.46 7.12
CA LEU IA 103 -113.06 68.02 6.60
C LEU IA 103 -114.09 67.86 7.71
N GLY IA 104 -113.65 67.47 8.91
CA GLY IA 104 -114.55 67.27 10.03
C GLY IA 104 -114.72 68.46 10.94
N LYS IA 105 -114.24 69.64 10.56
CA LYS IA 105 -114.33 70.81 11.42
C LYS IA 105 -115.78 71.19 11.71
N ARG IA 106 -116.58 71.33 10.65
CA ARG IA 106 -117.98 71.66 10.84
C ARG IA 106 -118.74 70.55 11.55
N ALA IA 107 -118.38 69.29 11.28
CA ALA IA 107 -119.05 68.17 11.92
C ALA IA 107 -118.82 68.18 13.43
N ARG IA 108 -117.58 68.40 13.85
CA ARG IA 108 -117.32 68.41 15.28
C ARG IA 108 -117.84 69.68 15.94
N ALA IA 109 -117.93 70.78 15.19
CA ALA IA 109 -118.64 71.95 15.71
C ALA IA 109 -120.11 71.63 15.94
N ARG IA 110 -120.72 70.89 15.01
CA ARG IA 110 -122.13 70.51 15.15
C ARG IA 110 -122.33 69.63 16.38
N ILE IA 111 -121.47 68.63 16.57
CA ILE IA 111 -121.68 67.77 17.72
C ILE IA 111 -121.40 68.50 19.03
N ALA IA 112 -120.50 69.49 18.99
CA ALA IA 112 -120.29 70.33 20.17
C ALA IA 112 -121.55 71.14 20.52
N LYS IA 113 -122.17 71.74 19.50
CA LYS IA 113 -123.42 72.47 19.76
C LYS IA 113 -124.51 71.54 20.25
N GLY IA 114 -124.55 70.31 19.74
CA GLY IA 114 -125.51 69.34 20.24
C GLY IA 114 -125.27 68.99 21.70
N LEU IA 115 -123.99 68.91 22.09
CA LEU IA 115 -123.66 68.67 23.49
C LEU IA 115 -124.10 69.84 24.37
N ARG IA 116 -123.94 71.06 23.88
CA ARG IA 116 -124.21 72.23 24.71
C ARG IA 116 -125.70 72.56 24.79
N LEU IA 117 -126.30 72.89 23.65
CA LEU IA 117 -127.66 73.40 23.63
C LEU IA 117 -128.68 72.29 23.82
N CYS IA 118 -129.75 72.60 24.54
CA CYS IA 118 -130.90 71.72 24.69
C CYS IA 118 -132.16 72.51 24.36
N ARG IA 119 -132.98 71.95 23.47
CA ARG IA 119 -134.20 72.61 23.04
C ARG IA 119 -135.33 71.59 22.94
N PRO IA 120 -136.56 72.00 23.18
CA PRO IA 120 -137.70 71.08 23.08
C PRO IA 120 -138.07 70.86 21.62
N LYS IA 121 -139.05 69.99 21.41
CA LYS IA 121 -139.59 69.65 20.09
C LYS IA 121 -138.52 69.14 19.14
N LYS JA 1 79.67 13.88 -11.92
CA LYS JA 1 80.89 13.30 -11.38
C LYS JA 1 81.50 14.20 -10.31
N SER JA 2 81.29 15.50 -10.45
CA SER JA 2 81.89 16.46 -9.52
C SER JA 2 81.34 16.28 -8.11
N LEU JA 3 80.04 16.07 -7.98
CA LEU JA 3 79.43 15.96 -6.65
C LEU JA 3 79.90 14.69 -5.94
N GLU JA 4 79.89 13.55 -6.63
CA GLU JA 4 80.36 12.32 -6.01
C GLU JA 4 81.86 12.37 -5.74
N SER JA 5 82.62 13.03 -6.61
CA SER JA 5 84.05 13.16 -6.39
C SER JA 5 84.35 14.02 -5.16
N ILE JA 6 83.66 15.15 -5.01
CA ILE JA 6 83.88 15.97 -3.84
C ILE JA 6 83.37 15.29 -2.58
N ASN JA 7 82.30 14.50 -2.68
CA ASN JA 7 81.84 13.74 -1.52
C ASN JA 7 82.87 12.70 -1.10
N SER JA 8 83.46 11.98 -2.06
CA SER JA 8 84.48 11.00 -1.72
C SER JA 8 85.73 11.66 -1.17
N ARG JA 9 86.13 12.79 -1.75
CA ARG JA 9 87.31 13.49 -1.25
C ARG JA 9 87.07 14.04 0.15
N LEU JA 10 85.85 14.51 0.43
CA LEU JA 10 85.52 14.93 1.78
C LEU JA 10 85.54 13.76 2.74
N GLN JA 11 85.02 12.60 2.30
CA GLN JA 11 85.06 11.41 3.13
C GLN JA 11 86.49 11.02 3.47
N LEU JA 12 87.41 11.21 2.53
CA LEU JA 12 88.79 10.86 2.78
C LEU JA 12 89.53 11.96 3.55
N VAL JA 13 89.07 13.21 3.48
CA VAL JA 13 89.56 14.23 4.40
C VAL JA 13 89.20 13.87 5.83
N MET JA 14 87.96 13.45 6.05
CA MET JA 14 87.63 12.81 7.31
C MET JA 14 88.44 11.53 7.45
N LYS JA 15 88.79 11.20 8.70
CA LYS JA 15 89.45 9.96 9.07
C LYS JA 15 90.91 9.92 8.64
N SER JA 16 91.33 10.88 7.82
CA SER JA 16 92.73 10.92 7.38
C SER JA 16 93.36 12.30 7.43
N GLY JA 17 92.59 13.38 7.55
CA GLY JA 17 93.15 14.70 7.62
C GLY JA 17 92.53 15.50 8.75
N LYS JA 18 93.12 16.65 9.03
CA LYS JA 18 92.66 17.51 10.10
C LYS JA 18 91.66 18.51 9.54
N TYR JA 19 90.49 18.57 10.17
CA TYR JA 19 89.44 19.46 9.73
C TYR JA 19 88.85 20.13 10.95
N VAL JA 20 87.85 20.97 10.71
CA VAL JA 20 87.09 21.56 11.80
C VAL JA 20 85.71 21.92 11.25
N LEU JA 21 84.69 21.69 12.06
CA LEU JA 21 83.30 21.81 11.63
C LEU JA 21 82.64 22.96 12.38
N GLY JA 22 82.08 23.91 11.64
CA GLY JA 22 81.29 24.94 12.25
C GLY JA 22 81.76 26.36 12.00
N TYR JA 23 80.86 27.31 12.21
CA TYR JA 23 81.10 28.70 11.82
C TYR JA 23 82.16 29.35 12.69
N LYS JA 24 82.02 29.24 14.02
CA LYS JA 24 82.95 29.92 14.92
C LYS JA 24 84.36 29.36 14.78
N GLN JA 25 84.47 28.03 14.77
CA GLN JA 25 85.78 27.42 14.60
C GLN JA 25 86.36 27.69 13.22
N THR JA 26 85.52 27.75 12.19
CA THR JA 26 86.01 28.09 10.87
C THR JA 26 86.61 29.49 10.84
N LEU JA 27 85.91 30.46 11.44
CA LEU JA 27 86.46 31.81 11.50
C LEU JA 27 87.75 31.85 12.30
N LYS JA 28 87.79 31.12 13.42
CA LYS JA 28 88.99 31.09 14.24
C LYS JA 28 90.17 30.51 13.46
N MET JA 29 89.95 29.43 12.72
CA MET JA 29 91.01 28.84 11.91
C MET JA 29 91.44 29.77 10.79
N ILE JA 30 90.49 30.47 10.15
CA ILE JA 30 90.83 31.38 9.07
C ILE JA 30 91.71 32.51 9.59
N ARG JA 31 91.32 33.12 10.70
CA ARG JA 31 92.12 34.22 11.21
C ARG JA 31 93.42 33.75 11.84
N GLN JA 32 93.52 32.47 12.22
CA GLN JA 32 94.83 31.92 12.49
C GLN JA 32 95.61 31.62 11.22
N GLY JA 33 94.94 31.63 10.07
CA GLY JA 33 95.64 31.47 8.80
C GLY JA 33 96.06 30.06 8.49
N LYS JA 34 95.44 29.06 9.11
CA LYS JA 34 95.78 27.66 8.87
C LYS JA 34 94.63 26.89 8.23
N ALA JA 35 93.59 27.57 7.78
CA ALA JA 35 92.52 26.94 7.02
C ALA JA 35 92.88 27.01 5.54
N LYS JA 36 93.00 25.85 4.90
CA LYS JA 36 93.39 25.80 3.51
C LYS JA 36 92.22 25.68 2.56
N LEU JA 37 91.05 25.29 3.05
CA LEU JA 37 89.86 25.21 2.22
C LEU JA 37 88.64 25.32 3.12
N VAL JA 38 87.70 26.18 2.75
CA VAL JA 38 86.47 26.38 3.50
C VAL JA 38 85.32 25.98 2.61
N ILE JA 39 84.48 25.07 3.11
CA ILE JA 39 83.32 24.57 2.37
C ILE JA 39 82.06 25.14 3.01
N LEU JA 40 81.20 25.72 2.17
CA LEU JA 40 79.98 26.38 2.60
C LEU JA 40 78.78 25.68 1.97
N ALA JA 41 77.81 25.29 2.79
CA ALA JA 41 76.56 24.78 2.26
C ALA JA 41 75.77 25.92 1.60
N ASN JA 42 74.99 25.56 0.58
CA ASN JA 42 74.19 26.60 -0.08
C ASN JA 42 73.05 27.08 0.82
N ASN JA 43 72.76 26.33 1.88
CA ASN JA 43 71.79 26.72 2.88
C ASN JA 43 72.30 27.85 3.77
N CYS JA 44 73.57 28.21 3.65
CA CYS JA 44 74.17 29.16 4.56
C CYS JA 44 73.47 30.52 4.46
N PRO JA 45 73.31 31.23 5.57
CA PRO JA 45 72.78 32.59 5.49
C PRO JA 45 73.67 33.45 4.61
N ALA JA 46 73.04 34.35 3.85
CA ALA JA 46 73.78 35.11 2.86
C ALA JA 46 74.83 36.01 3.51
N LEU JA 47 74.49 36.61 4.65
CA LEU JA 47 75.46 37.44 5.36
C LEU JA 47 76.65 36.61 5.83
N ARG JA 48 76.39 35.43 6.37
CA ARG JA 48 77.49 34.57 6.82
C ARG JA 48 78.36 34.14 5.66
N LYS JA 49 77.74 33.80 4.54
CA LYS JA 49 78.48 33.40 3.35
C LYS JA 49 79.37 34.53 2.86
N SER JA 50 78.82 35.75 2.80
CA SER JA 50 79.60 36.90 2.36
C SER JA 50 80.75 37.19 3.32
N GLU JA 51 80.51 37.08 4.62
CA GLU JA 51 81.55 37.38 5.59
C GLU JA 51 82.67 36.34 5.53
N ILE JA 52 82.32 35.06 5.38
CA ILE JA 52 83.34 34.04 5.27
C ILE JA 52 84.12 34.18 3.96
N GLU JA 53 83.45 34.59 2.89
CA GLU JA 53 84.16 34.85 1.64
C GLU JA 53 85.13 36.02 1.79
N TYR JA 54 84.73 37.07 2.51
CA TYR JA 54 85.65 38.18 2.75
C TYR JA 54 86.83 37.74 3.60
N TYR JA 55 86.58 36.95 4.64
CA TYR JA 55 87.67 36.41 5.46
C TYR JA 55 88.62 35.57 4.63
N ALA JA 56 88.08 34.76 3.73
CA ALA JA 56 88.91 33.92 2.87
C ALA JA 56 89.71 34.74 1.87
N MET JA 57 89.12 35.83 1.37
CA MET JA 57 89.87 36.73 0.51
C MET JA 57 91.02 37.37 1.27
N LEU JA 58 90.79 37.73 2.53
CA LEU JA 58 91.86 38.29 3.34
C LEU JA 58 92.95 37.25 3.61
N ALA JA 59 92.55 36.01 3.88
CA ALA JA 59 93.49 34.96 4.27
C ALA JA 59 94.10 34.24 3.08
N LYS JA 60 93.68 34.56 1.86
CA LYS JA 60 94.15 33.91 0.64
C LYS JA 60 93.93 32.41 0.69
N THR JA 61 92.69 32.01 1.01
CA THR JA 61 92.32 30.60 1.07
C THR JA 61 91.09 30.37 0.19
N GLY JA 62 90.94 29.11 -0.23
CA GLY JA 62 89.88 28.79 -1.16
C GLY JA 62 88.55 28.51 -0.48
N VAL JA 63 87.48 28.84 -1.17
CA VAL JA 63 86.12 28.59 -0.71
C VAL JA 63 85.41 27.75 -1.77
N HIS JA 64 84.84 26.62 -1.35
CA HIS JA 64 84.02 25.78 -2.21
C HIS JA 64 82.58 25.85 -1.74
N HIS JA 65 81.68 26.16 -2.67
CA HIS JA 65 80.25 26.22 -2.39
C HIS JA 65 79.67 24.84 -2.66
N TYR JA 66 79.47 24.07 -1.59
CA TYR JA 66 78.96 22.72 -1.70
C TYR JA 66 77.56 22.73 -2.30
N SER JA 67 77.32 21.82 -3.24
CA SER JA 67 76.02 21.71 -3.89
C SER JA 67 75.10 20.79 -3.10
N GLY JA 68 74.90 21.14 -1.83
CA GLY JA 68 74.04 20.38 -0.96
C GLY JA 68 73.19 21.28 -0.09
N ASN JA 69 73.24 21.05 1.22
CA ASN JA 69 72.73 21.97 2.23
C ASN JA 69 73.43 21.59 3.53
N ASN JA 70 72.99 22.15 4.65
CA ASN JA 70 73.69 21.83 5.90
C ASN JA 70 73.48 20.37 6.30
N ILE JA 71 72.28 19.85 6.07
CA ILE JA 71 72.01 18.44 6.34
C ILE JA 71 72.88 17.55 5.46
N GLU JA 72 72.91 17.84 4.17
CA GLU JA 72 73.66 16.98 3.25
C GLU JA 72 75.15 17.12 3.43
N LEU JA 73 75.62 18.29 3.85
CA LEU JA 73 77.03 18.46 4.16
C LEU JA 73 77.41 17.71 5.44
N GLY JA 74 76.51 17.69 6.42
CA GLY JA 74 76.76 16.85 7.58
C GLY JA 74 76.83 15.37 7.22
N THR JA 75 75.94 14.93 6.34
CA THR JA 75 75.98 13.54 5.89
C THR JA 75 77.27 13.25 5.13
N ALA JA 76 77.71 14.19 4.29
CA ALA JA 76 78.96 14.01 3.54
C ALA JA 76 80.16 13.97 4.48
N CYS JA 77 80.11 14.76 5.56
CA CYS JA 77 81.14 14.67 6.58
C CYS JA 77 81.02 13.40 7.41
N GLY JA 78 79.89 12.71 7.33
CA GLY JA 78 79.70 11.50 8.09
C GLY JA 78 79.16 11.71 9.48
N LYS JA 79 78.74 12.93 9.79
CA LYS JA 79 78.15 13.24 11.08
C LYS JA 79 76.64 13.09 11.02
N TYR JA 80 76.02 13.05 12.20
CA TYR JA 80 74.57 13.00 12.30
C TYR JA 80 73.98 14.33 12.71
N TYR JA 81 74.70 15.42 12.48
CA TYR JA 81 74.22 16.77 12.72
C TYR JA 81 74.48 17.61 11.49
N ARG JA 82 73.76 18.73 11.40
CA ARG JA 82 73.95 19.66 10.30
C ARG JA 82 75.23 20.44 10.50
N VAL JA 83 76.05 20.50 9.45
CA VAL JA 83 77.19 21.40 9.40
C VAL JA 83 76.99 22.35 8.24
N CYS JA 84 77.12 23.64 8.50
CA CYS JA 84 76.90 24.67 7.50
C CYS JA 84 78.19 25.25 6.95
N THR JA 85 79.25 25.24 7.75
CA THR JA 85 80.54 25.76 7.37
C THR JA 85 81.61 24.82 7.89
N LEU JA 86 82.63 24.55 7.08
CA LEU JA 86 83.71 23.70 7.57
C LEU JA 86 85.02 24.16 6.97
N ALA JA 87 86.12 23.81 7.64
CA ALA JA 87 87.45 24.16 7.18
C ALA JA 87 88.35 22.93 7.23
N ILE JA 88 89.33 22.90 6.33
CA ILE JA 88 90.31 21.83 6.26
C ILE JA 88 91.67 22.41 6.60
N ILE JA 89 92.29 21.92 7.66
CA ILE JA 89 93.63 22.37 8.02
C ILE JA 89 94.65 21.80 7.05
N ASP JA 90 94.58 20.49 6.77
CA ASP JA 90 95.42 19.86 5.77
C ASP JA 90 94.64 18.66 5.24
N PRO JA 91 94.59 18.47 3.93
CA PRO JA 91 93.80 17.38 3.37
C PRO JA 91 94.37 15.99 3.63
N GLY JA 92 95.63 15.79 3.28
CA GLY JA 92 96.21 14.46 3.27
C GLY JA 92 95.77 13.57 2.13
N ASP JA 93 94.99 14.10 1.17
CA ASP JA 93 94.47 13.26 0.09
C ASP JA 93 94.34 13.96 -1.25
N SER JA 94 95.07 15.05 -1.49
CA SER JA 94 95.07 15.77 -2.76
C SER JA 94 93.71 16.37 -3.11
N ASP JA 95 92.85 16.61 -2.12
CA ASP JA 95 91.75 17.54 -2.33
C ASP JA 95 92.27 18.94 -2.57
N ILE JA 96 93.33 19.30 -1.86
CA ILE JA 96 94.02 20.57 -2.03
C ILE JA 96 95.36 20.26 -2.67
N ILE JA 97 95.56 20.75 -3.90
CA ILE JA 97 96.80 20.48 -4.60
C ILE JA 97 97.94 21.28 -3.99
N ARG JA 98 99.09 20.65 -3.85
CA ARG JA 98 100.27 21.28 -3.27
C ARG JA 98 100.76 22.45 -4.12
N ASN KA 1 -0.71 27.66 106.83
CA ASN KA 1 0.17 28.78 106.51
C ASN KA 1 0.03 29.16 105.05
N GLU KA 2 0.70 30.24 104.64
CA GLU KA 2 0.64 30.67 103.25
C GLU KA 2 1.99 31.09 102.69
N VAL KA 3 3.09 30.88 103.41
CA VAL KA 3 4.41 31.19 102.89
C VAL KA 3 5.16 29.85 102.88
N VAL KA 4 4.43 28.80 102.53
CA VAL KA 4 4.98 27.45 102.55
C VAL KA 4 5.77 27.18 101.28
N THR KA 5 6.78 26.33 101.40
CA THR KA 5 7.55 25.84 100.26
C THR KA 5 7.70 24.33 100.34
N ARG KA 6 7.49 23.69 99.20
CA ARG KA 6 7.44 22.24 99.10
C ARG KA 6 8.25 21.79 97.90
N GLU KA 7 8.69 20.54 97.93
CA GLU KA 7 9.42 19.94 96.83
C GLU KA 7 8.56 18.83 96.23
N TYR KA 8 8.28 18.96 94.94
CA TYR KA 8 7.51 18.00 94.16
C TYR KA 8 8.37 17.42 93.06
N THR KA 9 7.91 16.32 92.50
CA THR KA 9 8.42 15.79 91.25
C THR KA 9 7.26 15.69 90.26
N ILE KA 10 7.54 16.09 89.03
CA ILE KA 10 6.51 16.21 88.00
C ILE KA 10 6.83 15.23 86.89
N ASN KA 11 5.81 14.48 86.47
CA ASN KA 11 5.90 13.55 85.35
C ASN KA 11 5.66 14.33 84.06
N ILE KA 12 6.74 14.96 83.59
CA ILE KA 12 6.70 15.67 82.32
C ILE KA 12 6.35 14.71 81.20
N HIS KA 13 6.86 13.47 81.27
CA HIS KA 13 6.53 12.48 80.25
C HIS KA 13 5.03 12.28 80.16
N LYS KA 14 4.38 12.12 81.31
CA LYS KA 14 2.93 11.92 81.35
C LYS KA 14 2.20 13.14 80.82
N ARG KA 15 2.62 14.34 81.19
CA ARG KA 15 1.88 15.51 80.76
C ARG KA 15 2.19 15.95 79.34
N ILE KA 16 3.25 15.42 78.72
CA ILE KA 16 3.62 15.81 77.37
C ILE KA 16 3.31 14.73 76.34
N HIS KA 17 2.99 13.51 76.79
CA HIS KA 17 2.72 12.41 75.87
C HIS KA 17 1.70 12.78 74.81
N GLY KA 18 2.09 12.65 73.55
CA GLY KA 18 1.22 12.92 72.43
C GLY KA 18 1.44 14.26 71.75
N VAL KA 19 2.31 15.09 72.28
CA VAL KA 19 2.54 16.43 71.75
C VAL KA 19 3.61 16.35 70.67
N GLY KA 20 3.42 17.14 69.60
CA GLY KA 20 4.36 17.13 68.49
C GLY KA 20 5.73 17.66 68.86
N PHE KA 21 6.69 17.41 67.97
CA PHE KA 21 8.10 17.62 68.30
C PHE KA 21 8.40 19.08 68.58
N LYS KA 22 7.89 19.99 67.75
CA LYS KA 22 8.21 21.40 67.90
C LYS KA 22 7.38 22.07 68.99
N LYS KA 23 6.65 21.29 69.79
CA LYS KA 23 5.80 21.85 70.83
C LYS KA 23 6.08 21.27 72.20
N ARG KA 24 7.00 20.30 72.32
CA ARG KA 24 7.10 19.53 73.55
C ARG KA 24 7.67 20.36 74.70
N ALA KA 25 8.78 21.05 74.48
CA ALA KA 25 9.33 21.90 75.55
C ALA KA 25 8.43 23.10 75.90
N PRO KA 26 7.86 23.84 74.94
CA PRO KA 26 6.90 24.89 75.34
C PRO KA 26 5.71 24.33 76.09
N ARG KA 27 5.21 23.17 75.68
CA ARG KA 27 4.10 22.57 76.41
C ARG KA 27 4.55 22.09 77.78
N ALA KA 28 5.82 21.68 77.92
CA ALA KA 28 6.33 21.31 79.23
C ALA KA 28 6.34 22.51 80.17
N LEU KA 29 6.75 23.67 79.68
CA LEU KA 29 6.66 24.89 80.49
C LEU KA 29 5.22 25.20 80.85
N LYS KA 30 4.30 25.07 79.90
CA LYS KA 30 2.90 25.35 80.18
C LYS KA 30 2.33 24.38 81.22
N GLU KA 31 2.69 23.10 81.12
CA GLU KA 31 2.21 22.12 82.09
C GLU KA 31 2.84 22.32 83.47
N ILE KA 32 4.11 22.76 83.53
CA ILE KA 32 4.71 23.08 84.81
C ILE KA 32 3.99 24.25 85.46
N ARG KA 33 3.68 25.28 84.68
CA ARG KA 33 2.95 26.42 85.20
C ARG KA 33 1.56 26.01 85.68
N LYS KA 34 0.87 25.16 84.90
CA LYS KA 34 -0.45 24.70 85.29
C LYS KA 34 -0.39 23.85 86.55
N PHE KA 35 0.63 23.00 86.67
CA PHE KA 35 0.82 22.20 87.87
C PHE KA 35 1.02 23.09 89.09
N ALA KA 36 1.83 24.13 88.96
CA ALA KA 36 2.06 25.04 90.07
C ALA KA 36 0.78 25.76 90.46
N MET KA 37 0.00 26.21 89.46
CA MET KA 37 -1.27 26.87 89.76
C MET KA 37 -2.20 25.93 90.50
N LYS KA 38 -2.30 24.68 90.05
CA LYS KA 38 -3.20 23.74 90.70
C LYS KA 38 -2.75 23.41 92.12
N GLU KA 39 -1.44 23.28 92.33
CA GLU KA 39 -0.96 22.87 93.64
C GLU KA 39 -1.03 23.99 94.66
N MET KA 40 -0.69 25.22 94.27
CA MET KA 40 -0.55 26.30 95.25
C MET KA 40 -1.70 27.31 95.18
N GLY KA 41 -2.62 27.16 94.25
CA GLY KA 41 -3.75 28.08 94.17
C GLY KA 41 -3.38 29.51 93.88
N THR KA 42 -2.35 29.74 93.08
CA THR KA 42 -1.89 31.09 92.76
C THR KA 42 -1.85 31.26 91.26
N PRO KA 43 -2.64 32.16 90.67
CA PRO KA 43 -2.52 32.44 89.24
C PRO KA 43 -1.18 33.02 88.85
N ASP KA 44 -0.48 33.70 89.76
CA ASP KA 44 0.83 34.28 89.49
C ASP KA 44 1.89 33.22 89.75
N VAL KA 45 2.46 32.67 88.69
CA VAL KA 45 3.49 31.65 88.78
C VAL KA 45 4.69 32.12 87.99
N ARG KA 46 5.83 32.27 88.67
CA ARG KA 46 7.09 32.59 88.06
C ARG KA 46 7.94 31.33 87.97
N ILE KA 47 8.59 31.14 86.83
CA ILE KA 47 9.44 29.99 86.58
C ILE KA 47 10.88 30.47 86.52
N ASP KA 48 11.74 29.89 87.33
CA ASP KA 48 13.14 30.28 87.35
C ASP KA 48 13.80 29.98 86.01
N THR KA 49 14.74 30.85 85.63
CA THR KA 49 15.47 30.64 84.39
C THR KA 49 16.29 29.36 84.43
N ARG KA 50 16.77 28.97 85.61
CA ARG KA 50 17.47 27.70 85.73
C ARG KA 50 16.52 26.53 85.47
N LEU KA 51 15.28 26.64 85.92
CA LEU KA 51 14.29 25.61 85.62
C LEU KA 51 13.97 25.57 84.14
N ASN KA 52 13.83 26.74 83.51
CA ASN KA 52 13.59 26.78 82.08
C ASN KA 52 14.74 26.14 81.31
N LYS KA 53 15.98 26.42 81.71
CA LYS KA 53 17.13 25.80 81.09
C LYS KA 53 17.14 24.30 81.31
N ALA KA 54 16.73 23.85 82.51
CA ALA KA 54 16.68 22.42 82.79
C ALA KA 54 15.67 21.72 81.89
N VAL KA 55 14.52 22.36 81.65
CA VAL KA 55 13.53 21.76 80.77
C VAL KA 55 14.02 21.76 79.32
N TRP KA 56 14.68 22.83 78.90
CA TRP KA 56 15.17 22.92 77.53
C TRP KA 56 16.56 22.32 77.35
N ALA KA 57 17.05 21.56 78.34
CA ALA KA 57 18.42 21.08 78.31
C ALA KA 57 18.69 20.16 77.13
N LYS KA 58 17.75 19.28 76.81
CA LYS KA 58 17.93 18.30 75.75
C LYS KA 58 17.19 18.68 74.47
N GLY KA 59 17.05 19.97 74.21
CA GLY KA 59 16.39 20.40 73.00
C GLY KA 59 14.89 20.56 73.14
N ILE KA 60 14.25 20.75 72.00
CA ILE KA 60 12.83 21.08 71.99
C ILE KA 60 11.95 19.85 72.06
N ARG KA 61 12.42 18.67 71.66
CA ARG KA 61 11.57 17.51 71.60
C ARG KA 61 11.91 16.41 72.57
N ASN KA 62 13.15 16.33 73.04
CA ASN KA 62 13.52 15.28 73.99
C ASN KA 62 13.55 15.82 75.42
N VAL KA 63 12.39 16.26 75.88
CA VAL KA 63 12.27 16.82 77.22
C VAL KA 63 12.48 15.72 78.25
N PRO KA 64 13.09 16.01 79.41
CA PRO KA 64 13.23 14.98 80.45
C PRO KA 64 11.89 14.44 80.90
N TYR KA 65 11.87 13.14 81.22
CA TYR KA 65 10.63 12.48 81.59
C TYR KA 65 10.10 12.98 82.93
N ARG KA 66 10.98 13.12 83.91
CA ARG KA 66 10.60 13.58 85.24
C ARG KA 66 11.47 14.78 85.60
N ILE KA 67 10.93 15.66 86.44
CA ILE KA 67 11.74 16.78 86.90
C ILE KA 67 11.37 17.11 88.34
N ARG KA 68 12.38 17.39 89.15
CA ARG KA 68 12.19 17.70 90.56
C ARG KA 68 12.20 19.22 90.72
N VAL KA 69 11.10 19.77 91.17
CA VAL KA 69 10.94 21.21 91.29
C VAL KA 69 10.58 21.55 92.73
N ARG KA 70 10.72 22.83 93.05
CA ARG KA 70 10.39 23.35 94.37
C ARG KA 70 9.43 24.51 94.19
N LEU KA 71 8.24 24.38 94.76
CA LEU KA 71 7.22 25.42 94.71
C LEU KA 71 7.24 26.20 96.02
N SER KA 72 7.50 27.49 95.92
CA SER KA 72 7.53 28.38 97.08
C SER KA 72 6.44 29.42 96.90
N ARG KA 73 5.49 29.47 97.83
CA ARG KA 73 4.47 30.50 97.79
C ARG KA 73 4.96 31.69 98.60
N LYS KA 74 5.00 32.86 97.97
CA LYS KA 74 5.62 34.03 98.56
C LYS KA 74 4.66 35.20 98.49
N ARG KA 75 4.87 36.16 99.40
CA ARG KA 75 4.04 37.36 99.42
C ARG KA 75 4.37 38.24 98.22
N ASN KA 76 3.33 38.65 97.50
CA ASN KA 76 3.47 39.63 96.43
C ASN KA 76 3.27 41.05 96.94
N GLU KA 77 3.24 41.26 98.25
CA GLU KA 77 2.93 42.57 98.83
C GLU KA 77 4.09 43.54 98.61
N ASP KA 78 4.34 43.88 97.34
CA ASP KA 78 5.33 44.88 96.99
C ASP KA 78 4.74 46.05 96.22
N GLU KA 79 3.53 45.92 95.70
CA GLU KA 79 2.87 46.98 94.95
C GLU KA 79 1.37 46.67 94.94
N ASP KA 80 0.60 47.56 94.30
CA ASP KA 80 -0.83 47.35 94.15
C ASP KA 80 -1.05 46.36 93.02
N SER KA 81 -1.28 45.10 93.37
CA SER KA 81 -1.51 44.04 92.41
C SER KA 81 -2.77 43.28 92.77
N PRO KA 82 -3.45 42.70 91.78
CA PRO KA 82 -4.65 41.90 92.08
C PRO KA 82 -4.38 40.69 92.96
N ASN KA 83 -3.18 40.12 92.87
CA ASN KA 83 -2.81 38.93 93.62
C ASN KA 83 -1.76 39.31 94.65
N LYS KA 84 -1.98 38.91 95.91
CA LYS KA 84 -1.02 39.14 96.97
C LYS KA 84 -0.10 37.94 97.20
N LEU KA 85 -0.27 36.86 96.43
CA LEU KA 85 0.56 35.68 96.55
C LEU KA 85 1.03 35.25 95.17
N TYR KA 86 2.24 34.72 95.13
CA TYR KA 86 2.80 34.21 93.88
C TYR KA 86 3.66 32.99 94.19
N THR KA 87 3.80 32.13 93.20
CA THR KA 87 4.54 30.88 93.35
C THR KA 87 5.79 30.94 92.49
N LEU KA 88 6.96 30.83 93.12
CA LEU KA 88 8.21 30.72 92.41
C LEU KA 88 8.57 29.24 92.29
N VAL KA 89 8.80 28.78 91.06
CA VAL KA 89 9.13 27.39 90.80
C VAL KA 89 10.61 27.33 90.45
N THR KA 90 11.40 26.68 91.29
CA THR KA 90 12.83 26.53 91.07
C THR KA 90 13.16 25.09 90.74
N TYR KA 91 14.40 24.88 90.32
CA TYR KA 91 14.87 23.59 89.83
C TYR KA 91 15.69 22.91 90.92
N VAL KA 92 15.38 21.66 91.19
CA VAL KA 92 16.13 20.87 92.18
C VAL KA 92 16.84 19.74 91.46
N PRO KA 93 18.15 19.83 91.25
CA PRO KA 93 18.87 18.74 90.58
C PRO KA 93 18.93 17.50 91.47
N VAL KA 94 18.57 16.35 90.89
CA VAL KA 94 18.61 15.08 91.60
C VAL KA 94 19.35 14.08 90.73
N THR KA 95 19.84 13.02 91.39
CA THR KA 95 20.52 11.95 90.68
C THR KA 95 19.59 10.80 90.34
N THR KA 96 18.53 10.59 91.12
CA THR KA 96 17.55 9.56 90.84
C THR KA 96 16.19 10.04 91.31
N PHE KA 97 15.14 9.51 90.69
CA PHE KA 97 13.77 9.85 91.05
C PHE KA 97 13.08 8.75 91.83
N LYS KA 98 13.81 7.70 92.19
CA LYS KA 98 13.20 6.58 92.91
C LYS KA 98 12.93 6.98 94.36
N ASN KA 99 11.72 6.66 94.83
CA ASN KA 99 11.31 6.85 96.22
C ASN KA 99 11.35 8.31 96.66
N LEU KA 100 11.12 9.24 95.74
CA LEU KA 100 11.04 10.65 96.09
C LEU KA 100 9.59 11.03 96.31
N GLN KA 101 9.29 11.48 97.53
CA GLN KA 101 7.95 11.90 97.90
C GLN KA 101 7.84 13.41 97.77
N THR KA 102 6.61 13.91 97.82
CA THR KA 102 6.38 15.34 97.95
C THR KA 102 6.65 15.73 99.40
N VAL KA 103 7.61 16.62 99.61
CA VAL KA 103 8.10 16.91 100.96
C VAL KA 103 7.98 18.40 101.25
N ASN KA 104 7.49 18.72 102.44
CA ASN KA 104 7.54 20.09 102.92
C ASN KA 104 8.98 20.43 103.26
N VAL KA 105 9.48 21.56 102.75
CA VAL KA 105 10.84 21.99 103.04
C VAL KA 105 10.78 23.27 103.86
N ASP KA 106 11.65 23.37 104.85
CA ASP KA 106 11.64 24.50 105.77
C ASP KA 106 12.32 25.70 105.11
N GLU KA 107 12.58 26.74 105.90
CA GLU KA 107 13.17 27.96 105.40
C GLU KA 107 14.66 27.80 105.14
N ALA LA 1 -73.81 75.61 64.14
CA ALA LA 1 -72.36 75.70 64.29
C ALA LA 1 -71.70 76.06 62.96
N ALA LA 2 -71.27 75.05 62.22
CA ALA LA 2 -70.62 75.27 60.95
C ALA LA 2 -71.62 75.75 59.90
N LEU LA 3 -71.13 76.54 58.95
CA LEU LA 3 -71.96 76.99 57.84
C LEU LA 3 -72.35 75.80 56.97
N ARG LA 4 -73.57 75.82 56.48
CA ARG LA 4 -74.06 74.68 55.74
C ARG LA 4 -74.20 75.00 54.26
N PRO LA 5 -73.98 74.03 53.38
CA PRO LA 5 -74.13 74.28 51.95
C PRO LA 5 -75.59 74.39 51.56
N LEU LA 6 -75.80 74.84 50.32
CA LEU LA 6 -77.16 75.00 49.81
C LEU LA 6 -77.90 73.67 49.76
N VAL LA 7 -77.29 72.67 49.13
CA VAL LA 7 -77.82 71.32 49.10
C VAL LA 7 -76.71 70.36 49.47
N LYS LA 8 -77.08 69.24 50.08
CA LYS LA 8 -76.14 68.21 50.49
C LYS LA 8 -76.60 66.88 49.90
N PRO LA 9 -76.34 66.63 48.62
CA PRO LA 9 -76.68 65.35 48.04
C PRO LA 9 -75.75 64.26 48.55
N LYS LA 10 -76.20 63.02 48.38
CA LYS LA 10 -75.37 61.88 48.74
C LYS LA 10 -74.26 61.72 47.72
N ILE LA 11 -73.01 61.86 48.16
CA ILE LA 11 -71.87 61.75 47.27
C ILE LA 11 -71.52 60.28 47.11
N VAL LA 12 -71.56 59.79 45.88
CA VAL LA 12 -71.31 58.39 45.57
C VAL LA 12 -69.97 58.31 44.85
N LYS LA 13 -69.03 57.56 45.43
CA LYS LA 13 -67.73 57.33 44.84
C LYS LA 13 -67.70 55.94 44.24
N LYS LA 14 -67.44 55.85 42.94
CA LYS LA 14 -67.37 54.56 42.29
C LYS LA 14 -66.20 53.74 42.83
N ARG LA 15 -65.07 54.38 43.05
CA ARG LA 15 -63.92 53.73 43.66
C ARG LA 15 -63.34 54.66 44.72
N THR LA 16 -63.00 54.09 45.88
CA THR LA 16 -62.45 54.86 46.97
C THR LA 16 -60.94 54.71 47.12
N LYS LA 17 -60.40 53.58 46.67
CA LYS LA 17 -58.96 53.35 46.76
C LYS LA 17 -58.24 54.08 45.64
N LYS LA 18 -56.92 53.98 45.64
CA LYS LA 18 -56.08 54.60 44.63
C LYS LA 18 -55.64 53.58 43.60
N PHE LA 19 -55.46 54.05 42.37
CA PHE LA 19 -54.90 53.21 41.31
C PHE LA 19 -53.39 53.23 41.45
N ILE LA 20 -52.82 52.20 42.03
CA ILE LA 20 -51.38 52.13 42.19
C ILE LA 20 -50.76 51.57 40.92
N ARG LA 21 -49.54 52.01 40.63
CA ARG LA 21 -48.82 51.53 39.47
C ARG LA 21 -48.48 50.06 39.62
N HIS LA 22 -48.50 49.33 38.50
CA HIS LA 22 -48.12 47.93 38.48
C HIS LA 22 -46.68 47.76 38.96
N GLN LA 23 -46.48 46.80 39.87
CA GLN LA 23 -45.19 46.46 40.45
C GLN LA 23 -44.58 47.59 41.27
N SER LA 24 -45.38 48.59 41.66
CA SER LA 24 -44.87 49.62 42.55
C SER LA 24 -44.68 49.10 43.96
N ASP LA 25 -45.27 47.96 44.28
CA ASP LA 25 -45.06 47.34 45.59
C ASP LA 25 -43.71 46.65 45.70
N ARG LA 26 -43.15 46.19 44.57
CA ARG LA 26 -41.92 45.42 44.60
C ARG LA 26 -40.66 46.26 44.52
N TYR LA 27 -40.76 47.53 44.16
CA TYR LA 27 -39.60 48.38 43.98
C TYR LA 27 -39.82 49.73 44.64
N VAL LA 28 -38.75 50.26 45.22
CA VAL LA 28 -38.77 51.64 45.71
C VAL LA 28 -38.59 52.60 44.53
N LYS LA 29 -37.84 52.19 43.51
CA LYS LA 29 -37.63 53.03 42.34
C LYS LA 29 -38.91 53.27 41.56
N ILE LA 30 -39.94 52.46 41.78
CA ILE LA 30 -41.21 52.61 41.09
C ILE LA 30 -42.18 53.26 42.05
N LYS LA 31 -42.50 54.53 41.80
CA LYS LA 31 -43.47 55.23 42.62
C LYS LA 31 -44.87 54.75 42.30
N ARG LA 32 -45.80 54.99 43.22
CA ARG LA 32 -47.16 54.51 43.07
C ARG LA 32 -47.99 55.33 42.08
N ASN LA 33 -47.44 56.42 41.56
CA ASN LA 33 -48.13 57.21 40.54
C ASN LA 33 -48.47 56.34 39.34
N TRP LA 34 -49.69 56.48 38.85
CA TRP LA 34 -50.17 55.57 37.82
C TRP LA 34 -49.42 55.78 36.51
N ARG LA 35 -48.94 54.69 35.93
CA ARG LA 35 -48.40 54.68 34.58
C ARG LA 35 -49.08 53.55 33.82
N LYS LA 36 -49.52 53.86 32.61
CA LYS LA 36 -50.18 52.85 31.79
C LYS LA 36 -49.18 51.80 31.36
N PRO LA 37 -49.41 50.52 31.64
CA PRO LA 37 -48.46 49.48 31.22
C PRO LA 37 -48.54 49.25 29.72
N ARG LA 38 -47.38 49.24 29.07
CA ARG LA 38 -47.34 49.06 27.63
C ARG LA 38 -46.46 47.88 27.21
N GLY LA 39 -46.17 46.97 28.13
CA GLY LA 39 -45.41 45.80 27.77
C GLY LA 39 -46.20 44.85 26.91
N ILE LA 40 -45.47 44.07 26.09
CA ILE LA 40 -46.12 43.17 25.17
C ILE LA 40 -46.81 42.03 25.92
N ASP LA 41 -46.20 41.56 27.02
CA ASP LA 41 -46.73 40.46 27.79
C ASP LA 41 -47.41 40.90 29.08
N ASN LA 42 -47.67 42.19 29.24
CA ASN LA 42 -48.13 42.71 30.52
C ASN LA 42 -49.54 42.22 30.84
N ARG LA 43 -49.68 41.46 31.92
CA ARG LA 43 -50.99 40.92 32.26
C ARG LA 43 -51.91 41.97 32.85
N VAL LA 44 -51.36 42.98 33.51
CA VAL LA 44 -52.20 44.09 33.97
C VAL LA 44 -52.77 44.85 32.78
N ARG LA 45 -51.94 45.13 31.78
CA ARG LA 45 -52.44 45.78 30.57
C ARG LA 45 -53.46 44.89 29.86
N ARG LA 46 -53.20 43.59 29.81
CA ARG LA 46 -54.13 42.66 29.18
C ARG LA 46 -55.38 42.41 29.99
N ARG LA 47 -55.44 42.89 31.24
CA ARG LA 47 -56.64 42.83 32.09
C ARG LA 47 -56.99 41.40 32.49
N PHE LA 48 -55.98 40.66 32.92
CA PHE LA 48 -56.23 39.34 33.48
C PHE LA 48 -56.90 39.49 34.85
N LYS LA 49 -57.68 38.48 35.22
CA LYS LA 49 -58.42 38.54 36.46
C LYS LA 49 -57.48 38.51 37.66
N GLY LA 50 -57.88 39.19 38.73
CA GLY LA 50 -57.09 39.21 39.94
C GLY LA 50 -55.89 40.12 39.90
N GLN LA 51 -55.77 40.97 38.88
CA GLN LA 51 -54.62 41.83 38.72
C GLN LA 51 -54.93 43.25 39.18
N ILE LA 52 -53.94 44.13 39.06
CA ILE LA 52 -54.12 45.53 39.36
C ILE LA 52 -55.04 46.16 38.31
N LEU LA 53 -56.04 46.90 38.75
CA LEU LA 53 -57.01 47.49 37.85
C LEU LA 53 -56.44 48.72 37.16
N MET LA 54 -56.85 48.90 35.90
CA MET LA 54 -56.40 50.13 35.27
C MET LA 54 -57.49 51.18 35.30
N PRO LA 55 -57.12 52.44 35.53
CA PRO LA 55 -58.12 53.52 35.45
C PRO LA 55 -58.69 53.66 34.05
N ASN LA 56 -59.98 53.99 34.01
CA ASN LA 56 -60.63 54.32 32.75
C ASN LA 56 -61.78 55.27 33.06
N ILE LA 57 -62.42 55.76 31.99
CA ILE LA 57 -63.40 56.82 32.14
C ILE LA 57 -64.67 56.35 32.83
N GLY LA 58 -64.88 55.04 32.94
CA GLY LA 58 -66.08 54.55 33.60
C GLY LA 58 -66.12 54.79 35.08
N TYR LA 59 -64.97 55.04 35.69
CA TYR LA 59 -64.88 55.35 37.11
C TYR LA 59 -65.20 56.81 37.41
N GLY LA 60 -65.54 57.59 36.39
CA GLY LA 60 -65.73 59.01 36.61
C GLY LA 60 -66.88 59.29 37.56
N SER LA 61 -66.71 60.32 38.38
CA SER LA 61 -67.70 60.68 39.37
C SER LA 61 -68.89 61.39 38.72
N ASN LA 62 -70.02 61.33 39.41
CA ASN LA 62 -71.19 62.07 39.00
C ASN LA 62 -70.88 63.55 38.90
N LYS LA 63 -71.29 64.18 37.80
CA LYS LA 63 -70.97 65.58 37.56
C LYS LA 63 -71.62 66.50 38.57
N LYS LA 64 -72.71 66.07 39.21
CA LYS LA 64 -73.34 66.91 40.21
C LYS LA 64 -72.52 66.98 41.48
N THR LA 65 -71.86 65.89 41.85
CA THR LA 65 -71.10 65.81 43.09
C THR LA 65 -69.59 65.77 42.86
N LYS LA 66 -69.13 66.06 41.66
CA LYS LA 66 -67.70 66.06 41.39
C LYS LA 66 -67.03 67.24 42.06
N HIS LA 67 -65.84 66.99 42.63
CA HIS LA 67 -65.02 67.95 43.36
C HIS LA 67 -65.68 68.43 44.65
N MET LA 68 -66.76 67.80 45.08
CA MET LA 68 -67.42 68.20 46.32
C MET LA 68 -66.65 67.65 47.51
N LEU LA 69 -66.41 68.51 48.49
CA LEU LA 69 -65.84 68.06 49.75
C LEU LA 69 -66.90 67.27 50.52
N PRO LA 70 -66.48 66.48 51.51
CA PRO LA 70 -67.46 65.77 52.35
C PRO LA 70 -68.44 66.70 53.04
N SER LA 71 -68.06 67.95 53.29
CA SER LA 71 -68.98 68.93 53.86
C SER LA 71 -70.07 69.35 52.88
N GLY LA 72 -69.91 69.08 51.59
CA GLY LA 72 -70.86 69.51 50.58
C GLY LA 72 -70.45 70.75 49.83
N PHE LA 73 -69.42 71.46 50.30
CA PHE LA 73 -68.92 72.63 49.60
C PHE LA 73 -67.92 72.22 48.53
N ARG LA 74 -67.53 73.18 47.71
CA ARG LA 74 -66.44 73.00 46.77
C ARG LA 74 -65.33 73.98 47.09
N LYS LA 75 -64.10 73.53 46.92
CA LYS LA 75 -62.93 74.24 47.43
C LYS LA 75 -62.49 75.31 46.46
N PHE LA 76 -62.07 76.46 47.00
CA PHE LA 76 -61.48 77.53 46.21
C PHE LA 76 -60.31 78.12 46.98
N LEU LA 77 -59.18 78.30 46.31
CA LEU LA 77 -57.96 78.74 46.96
C LEU LA 77 -57.85 80.25 46.93
N VAL LA 78 -57.57 80.85 48.09
CA VAL LA 78 -57.44 82.30 48.23
C VAL LA 78 -56.08 82.61 48.85
N HIS LA 79 -55.48 83.71 48.39
CA HIS LA 79 -54.18 84.14 48.87
C HIS LA 79 -54.20 85.41 49.69
N ASN LA 80 -55.27 86.18 49.61
CA ASN LA 80 -55.38 87.40 50.40
C ASN LA 80 -56.87 87.71 50.58
N VAL LA 81 -57.14 88.86 51.22
CA VAL LA 81 -58.52 89.23 51.52
C VAL LA 81 -59.28 89.55 50.24
N LYS LA 82 -58.60 90.16 49.27
CA LYS LA 82 -59.28 90.60 48.05
C LYS LA 82 -59.84 89.42 47.25
N GLU LA 83 -59.09 88.31 47.19
CA GLU LA 83 -59.60 87.13 46.51
C GLU LA 83 -60.68 86.40 47.29
N LEU LA 84 -61.10 86.93 48.43
CA LEU LA 84 -62.15 86.30 49.22
C LEU LA 84 -63.54 86.81 48.87
N GLU LA 85 -63.65 88.07 48.43
CA GLU LA 85 -64.97 88.61 48.10
C GLU LA 85 -65.52 88.08 46.79
N VAL LA 86 -64.75 87.29 46.02
CA VAL LA 86 -65.31 86.65 44.85
C VAL LA 86 -66.30 85.56 45.25
N LEU LA 87 -66.20 85.06 46.48
CA LEU LA 87 -67.09 84.02 46.98
C LEU LA 87 -68.31 84.58 47.69
N LEU LA 88 -68.44 85.91 47.73
CA LEU LA 88 -69.54 86.54 48.44
C LEU LA 88 -70.89 86.09 47.89
N MET LA 89 -71.00 85.97 46.57
CA MET LA 89 -72.24 85.52 45.95
C MET LA 89 -72.25 84.02 45.69
N CYS LA 90 -71.12 83.34 45.85
CA CYS LA 90 -71.02 81.88 45.79
C CYS LA 90 -70.95 81.29 47.19
N ASN LA 91 -71.50 82.03 48.14
CA ASN LA 91 -71.37 81.74 49.56
C ASN LA 91 -71.85 80.34 49.92
N LYS LA 92 -72.97 79.90 49.38
CA LYS LA 92 -73.64 78.68 49.83
C LYS LA 92 -73.13 77.43 49.14
N SER LA 93 -72.15 77.54 48.24
CA SER LA 93 -71.64 76.38 47.53
C SER LA 93 -70.13 76.27 47.49
N TYR LA 94 -69.40 77.35 47.76
CA TYR LA 94 -67.95 77.33 47.69
C TYR LA 94 -67.35 77.80 49.01
N CYS LA 95 -66.31 77.10 49.44
CA CYS LA 95 -65.59 77.41 50.66
C CYS LA 95 -64.15 77.72 50.29
N ALA LA 96 -63.51 78.54 51.12
CA ALA LA 96 -62.18 79.04 50.82
C ALA LA 96 -61.11 78.31 51.63
N GLU LA 97 -60.00 78.00 50.98
CA GLU LA 97 -58.77 77.64 51.67
C GLU LA 97 -57.75 78.76 51.53
N ILE LA 98 -57.21 79.19 52.66
CA ILE LA 98 -56.05 80.07 52.64
C ILE LA 98 -54.84 79.30 52.15
N ALA LA 99 -54.05 79.92 51.27
CA ALA LA 99 -52.90 79.25 50.71
C ALA LA 99 -51.88 78.91 51.79
N HIS LA 100 -51.07 77.88 51.53
CA HIS LA 100 -50.17 77.36 52.55
C HIS LA 100 -49.08 78.35 52.93
N ASN LA 101 -48.71 79.23 52.01
CA ASN LA 101 -47.60 80.15 52.24
C ASN LA 101 -48.07 81.51 52.77
N VAL LA 102 -49.36 81.68 53.04
CA VAL LA 102 -49.85 82.92 53.61
C VAL LA 102 -49.46 82.99 55.08
N SER LA 103 -49.01 84.17 55.52
CA SER LA 103 -48.51 84.33 56.87
C SER LA 103 -49.64 84.29 57.88
N SER LA 104 -49.26 84.15 59.15
CA SER LA 104 -50.24 84.01 60.23
C SER LA 104 -51.05 85.28 60.41
N LYS LA 105 -50.39 86.45 60.40
CA LYS LA 105 -51.12 87.69 60.62
C LYS LA 105 -52.06 88.00 59.47
N ASN LA 106 -51.70 87.60 58.25
CA ASN LA 106 -52.57 87.83 57.11
C ASN LA 106 -53.74 86.86 57.11
N ARG LA 107 -53.49 85.59 57.45
CA ARG LA 107 -54.59 84.64 57.46
C ARG LA 107 -55.54 84.88 58.62
N LYS LA 108 -55.09 85.53 59.68
CA LYS LA 108 -56.02 85.98 60.72
C LYS LA 108 -57.05 86.95 60.16
N ALA LA 109 -56.58 87.93 59.38
CA ALA LA 109 -57.48 88.88 58.75
C ALA LA 109 -58.39 88.20 57.73
N ILE LA 110 -57.85 87.24 56.97
CA ILE LA 110 -58.67 86.50 56.02
C ILE LA 110 -59.78 85.75 56.73
N VAL LA 111 -59.45 85.09 57.84
CA VAL LA 111 -60.44 84.34 58.60
C VAL LA 111 -61.52 85.27 59.15
N GLU LA 112 -61.10 86.43 59.67
CA GLU LA 112 -62.08 87.37 60.20
C GLU LA 112 -63.02 87.89 59.11
N ARG LA 113 -62.47 88.22 57.94
CA ARG LA 113 -63.30 88.71 56.85
C ARG LA 113 -64.26 87.62 56.35
N ALA LA 114 -63.78 86.37 56.31
CA ALA LA 114 -64.66 85.28 55.89
C ALA LA 114 -65.78 85.05 56.89
N ALA LA 115 -65.47 85.19 58.19
CA ALA LA 115 -66.53 85.12 59.19
C ALA LA 115 -67.54 86.23 59.00
N GLN LA 116 -67.08 87.43 58.65
CA GLN LA 116 -68.00 88.53 58.36
C GLN LA 116 -68.87 88.22 57.17
N LEU LA 117 -68.30 87.67 56.11
CA LEU LA 117 -69.02 87.41 54.86
C LEU LA 117 -69.73 86.07 54.86
N ALA LA 118 -69.70 85.33 55.97
CA ALA LA 118 -70.35 84.03 56.10
C ALA LA 118 -69.77 83.00 55.13
N ILE LA 119 -68.52 83.18 54.74
CA ILE LA 119 -67.83 82.26 53.86
C ILE LA 119 -67.14 81.21 54.71
N ARG LA 120 -67.31 79.94 54.37
CA ARG LA 120 -66.69 78.86 55.12
C ARG LA 120 -65.22 78.72 54.75
N VAL LA 121 -64.38 78.55 55.76
CA VAL LA 121 -62.96 78.27 55.58
C VAL LA 121 -62.69 76.87 56.12
N THR LA 122 -62.03 76.04 55.33
CA THR LA 122 -61.75 74.68 55.76
C THR LA 122 -60.50 74.57 56.63
N ASN LA 123 -59.67 75.60 56.67
CA ASN LA 123 -58.54 75.66 57.61
C ASN LA 123 -58.55 77.01 58.32
N PRO LA 124 -59.56 77.25 59.16
CA PRO LA 124 -59.63 78.56 59.83
C PRO LA 124 -58.62 78.73 60.95
N ASN LA 125 -58.16 77.65 61.57
CA ASN LA 125 -57.17 77.69 62.63
C ASN LA 125 -55.92 76.95 62.18
N ALA LA 126 -55.06 77.65 61.46
CA ALA LA 126 -53.93 77.02 60.78
C ALA LA 126 -52.58 77.62 61.10
N ARG LA 127 -52.51 78.84 61.63
CA ARG LA 127 -51.21 79.41 62.03
C ARG LA 127 -51.48 80.28 63.25
N LEU LA 128 -51.30 79.69 64.42
CA LEU LA 128 -51.59 80.38 65.68
C LEU LA 128 -50.93 79.69 66.87
N SER MA 1 -86.11 34.61 77.84
CA SER MA 1 -87.05 33.55 78.14
C SER MA 1 -87.04 32.46 77.08
N GLY MA 2 -86.61 32.81 75.87
CA GLY MA 2 -86.60 31.84 74.79
C GLY MA 2 -85.72 32.31 73.65
N ARG MA 3 -85.40 31.36 72.77
CA ARG MA 3 -84.44 31.63 71.70
C ARG MA 3 -85.01 32.61 70.68
N LEU MA 4 -86.25 32.42 70.26
CA LEU MA 4 -86.95 33.39 69.42
C LEU MA 4 -86.32 33.67 68.06
N TRP MA 5 -85.23 32.99 67.71
CA TRP MA 5 -84.68 33.09 66.36
C TRP MA 5 -84.27 31.72 65.88
N SER MA 6 -84.36 31.52 64.57
CA SER MA 6 -83.94 30.28 63.94
C SER MA 6 -82.43 30.29 63.74
N LYS MA 7 -81.82 29.14 64.00
CA LYS MA 7 -80.39 28.98 63.78
C LYS MA 7 -80.09 28.79 62.31
N ALA MA 8 -79.02 29.42 61.84
CA ALA MA 8 -78.54 29.25 60.49
C ALA MA 8 -77.03 29.27 60.51
N ILE MA 9 -76.43 28.74 59.47
CA ILE MA 9 -74.99 28.68 59.32
C ILE MA 9 -74.61 29.50 58.10
N PHE MA 10 -73.62 30.37 58.26
CA PHE MA 10 -73.06 31.08 57.12
C PHE MA 10 -72.21 30.10 56.31
N ALA MA 11 -72.80 29.55 55.25
CA ALA MA 11 -72.10 28.54 54.46
C ALA MA 11 -71.01 29.16 53.58
N GLY MA 12 -71.31 30.29 52.96
CA GLY MA 12 -70.34 30.92 52.07
C GLY MA 12 -71.01 32.01 51.27
N TYR MA 13 -70.25 32.55 50.34
CA TYR MA 13 -70.77 33.59 49.45
C TYR MA 13 -71.36 32.98 48.20
N LYS MA 14 -72.21 33.74 47.53
CA LYS MA 14 -72.62 33.38 46.18
C LYS MA 14 -71.40 33.37 45.28
N ARG MA 15 -71.25 32.32 44.50
CA ARG MA 15 -70.00 32.13 43.80
C ARG MA 15 -70.20 31.17 42.63
N GLY MA 16 -69.33 31.30 41.64
CA GLY MA 16 -69.06 30.25 40.71
C GLY MA 16 -67.99 29.35 41.29
N LEU MA 17 -67.30 28.64 40.41
CA LEU MA 17 -66.16 27.88 40.90
C LEU MA 17 -64.98 28.79 41.20
N ARG MA 18 -64.70 29.75 40.32
CA ARG MA 18 -63.50 30.57 40.42
C ARG MA 18 -63.81 32.06 40.51
N ASN MA 19 -65.04 32.41 40.83
CA ASN MA 19 -65.42 33.80 41.07
C ASN MA 19 -66.32 33.85 42.28
N GLN MA 20 -66.15 34.87 43.11
CA GLN MA 20 -66.85 34.99 44.37
C GLN MA 20 -67.53 36.33 44.45
N ARG MA 21 -68.84 36.33 44.69
CA ARG MA 21 -69.62 37.57 44.82
C ARG MA 21 -69.91 37.77 46.29
N GLU MA 22 -69.09 38.55 46.95
CA GLU MA 22 -69.18 38.70 48.40
C GLU MA 22 -70.36 39.55 48.84
N HIS MA 23 -71.03 40.25 47.92
CA HIS MA 23 -72.13 41.13 48.33
C HIS MA 23 -73.34 40.36 48.83
N THR MA 24 -73.43 39.07 48.55
CA THR MA 24 -74.53 38.25 49.04
C THR MA 24 -73.99 36.94 49.59
N ALA MA 25 -74.67 36.42 50.60
CA ALA MA 25 -74.20 35.27 51.37
C ALA MA 25 -75.18 34.12 51.25
N LEU MA 26 -74.67 32.91 51.46
CA LEU MA 26 -75.49 31.71 51.46
C LEU MA 26 -75.67 31.24 52.91
N LEU MA 27 -76.92 31.03 53.29
CA LEU MA 27 -77.27 30.63 54.65
C LEU MA 27 -77.93 29.27 54.62
N LYS MA 28 -77.57 28.44 55.58
CA LYS MA 28 -78.17 27.13 55.80
C LYS MA 28 -78.98 27.21 57.08
N ILE MA 29 -80.30 27.34 56.93
CA ILE MA 29 -81.18 27.38 58.08
C ILE MA 29 -81.39 25.94 58.57
N GLU MA 30 -81.31 25.75 59.88
CA GLU MA 30 -81.43 24.42 60.44
C GLU MA 30 -82.87 23.92 60.31
N GLY MA 31 -83.01 22.67 59.89
CA GLY MA 31 -84.31 22.06 59.71
C GLY MA 31 -84.99 22.34 58.39
N VAL MA 32 -84.38 23.14 57.53
CA VAL MA 32 -84.93 23.50 56.23
C VAL MA 32 -84.04 22.84 55.19
N TYR MA 33 -84.49 21.72 54.64
CA TYR MA 33 -83.67 20.92 53.72
C TYR MA 33 -84.36 20.71 52.38
N ALA MA 34 -85.30 21.55 52.03
CA ALA MA 34 -85.94 21.53 50.72
C ALA MA 34 -86.24 22.95 50.30
N ARG MA 35 -86.32 23.16 48.98
CA ARG MA 35 -86.58 24.50 48.48
C ARG MA 35 -87.99 24.97 48.80
N ASP MA 36 -88.97 24.06 48.80
CA ASP MA 36 -90.34 24.45 49.05
C ASP MA 36 -90.58 24.87 50.49
N GLU MA 37 -89.68 24.51 51.41
CA GLU MA 37 -89.82 24.91 52.80
C GLU MA 37 -89.21 26.26 53.09
N THR MA 38 -88.54 26.87 52.12
CA THR MA 38 -87.85 28.14 52.35
C THR MA 38 -88.75 29.35 52.23
N GLU MA 39 -90.01 29.17 51.80
CA GLU MA 39 -90.87 30.32 51.55
C GLU MA 39 -91.17 31.08 52.84
N PHE MA 40 -91.19 30.38 53.98
CA PHE MA 40 -91.46 31.03 55.24
C PHE MA 40 -90.40 32.07 55.56
N TYR MA 41 -89.14 31.77 55.27
CA TYR MA 41 -88.01 32.58 55.69
C TYR MA 41 -87.68 33.70 54.73
N LEU MA 42 -88.37 33.82 53.61
CA LEU MA 42 -88.08 34.88 52.66
C LEU MA 42 -88.45 36.23 53.26
N GLY MA 43 -87.51 37.16 53.20
CA GLY MA 43 -87.74 38.50 53.72
C GLY MA 43 -87.48 38.65 55.20
N LYS MA 44 -87.20 37.57 55.91
CA LYS MA 44 -86.95 37.67 57.34
C LYS MA 44 -85.63 38.35 57.62
N ARG MA 45 -85.59 39.14 58.68
CA ARG MA 45 -84.34 39.77 59.10
C ARG MA 45 -83.37 38.70 59.58
N CYS MA 46 -82.09 38.88 59.28
CA CYS MA 46 -81.07 37.98 59.80
C CYS MA 46 -79.91 38.81 60.33
N ALA MA 47 -79.27 38.30 61.37
CA ALA MA 47 -78.24 39.00 62.09
C ALA MA 47 -77.02 38.12 62.29
N TYR MA 48 -75.85 38.68 62.04
CA TYR MA 48 -74.58 38.06 62.42
C TYR MA 48 -74.10 38.76 63.69
N VAL MA 49 -74.22 38.07 64.81
CA VAL MA 49 -73.91 38.64 66.12
C VAL MA 49 -72.56 38.11 66.56
N TYR MA 50 -71.66 39.00 66.94
CA TYR MA 50 -70.31 38.65 67.33
C TYR MA 50 -69.85 39.58 68.43
N LYS MA 51 -68.67 39.30 68.98
CA LYS MA 51 -68.08 40.10 70.03
C LYS MA 51 -66.75 40.68 69.55
N ALA MA 52 -66.40 41.84 70.11
CA ALA MA 52 -65.12 42.47 69.79
C ALA MA 52 -64.43 42.97 71.05
N LYS MA 53 -63.38 43.76 70.87
CA LYS MA 53 -62.58 44.22 72.00
C LYS MA 53 -63.16 45.47 72.65
N ASN MA 54 -63.48 46.48 71.85
CA ASN MA 54 -63.99 47.73 72.39
C ASN MA 54 -65.49 47.66 72.63
N ASN MA 55 -65.95 48.38 73.64
CA ASN MA 55 -67.37 48.49 73.90
C ASN MA 55 -68.04 49.35 72.85
N THR MA 56 -69.24 48.96 72.44
CA THR MA 56 -70.06 49.75 71.53
C THR MA 56 -71.42 49.95 72.16
N VAL MA 57 -72.10 51.03 71.76
CA VAL MA 57 -73.40 51.34 72.34
C VAL MA 57 -74.41 50.27 71.98
N THR MA 58 -75.21 49.88 72.96
CA THR MA 58 -76.27 48.92 72.78
C THR MA 58 -77.61 49.64 72.83
N PRO MA 59 -78.46 49.47 71.81
CA PRO MA 59 -79.80 50.08 71.87
C PRO MA 59 -80.59 49.53 73.04
N GLY MA 60 -81.05 50.42 73.91
CA GLY MA 60 -81.79 50.02 75.09
C GLY MA 60 -80.98 49.24 76.10
N GLY MA 61 -79.74 49.65 76.37
CA GLY MA 61 -78.93 48.95 77.34
C GLY MA 61 -77.56 49.59 77.43
N LYS MA 62 -76.78 49.10 78.38
CA LYS MA 62 -75.42 49.58 78.57
C LYS MA 62 -74.52 49.10 77.44
N PRO MA 63 -73.46 49.86 77.13
CA PRO MA 63 -72.50 49.39 76.13
C PRO MA 63 -71.83 48.08 76.54
N ASN MA 64 -71.59 47.22 75.56
CA ASN MA 64 -70.96 45.94 75.79
C ASN MA 64 -70.11 45.59 74.58
N LYS MA 65 -69.65 44.34 74.53
CA LYS MA 65 -68.76 43.87 73.48
C LYS MA 65 -69.50 43.42 72.23
N THR MA 66 -70.82 43.34 72.26
CA THR MA 66 -71.58 42.76 71.17
C THR MA 66 -71.71 43.71 70.00
N ARG MA 67 -71.54 43.17 68.79
CA ARG MA 67 -71.75 43.90 67.56
C ARG MA 67 -72.58 43.04 66.62
N VAL MA 68 -73.33 43.70 65.73
CA VAL MA 68 -74.21 43.01 64.80
C VAL MA 68 -74.02 43.59 63.41
N ILE MA 69 -74.01 42.72 62.41
CA ILE MA 69 -74.21 43.10 61.02
C ILE MA 69 -75.58 42.61 60.62
N TRP MA 70 -76.48 43.54 60.33
CA TRP MA 70 -77.86 43.19 60.02
C TRP MA 70 -78.00 42.83 58.55
N GLY MA 71 -79.00 42.02 58.25
CA GLY MA 71 -79.28 41.62 56.89
C GLY MA 71 -80.67 41.05 56.78
N LYS MA 72 -80.97 40.51 55.61
CA LYS MA 72 -82.25 39.84 55.42
C LYS MA 72 -82.15 38.82 54.30
N VAL MA 73 -83.02 37.82 54.38
CA VAL MA 73 -83.09 36.75 53.38
C VAL MA 73 -83.82 37.28 52.15
N THR MA 74 -83.23 37.07 50.99
CA THR MA 74 -83.75 37.59 49.73
C THR MA 74 -84.47 36.55 48.89
N ARG MA 75 -83.88 35.36 48.74
CA ARG MA 75 -84.47 34.34 47.89
C ARG MA 75 -83.90 32.98 48.28
N ALA MA 76 -84.54 31.93 47.79
CA ALA MA 76 -84.05 30.58 47.99
C ALA MA 76 -82.88 30.30 47.07
N HIS MA 77 -81.99 29.41 47.52
CA HIS MA 77 -80.82 29.01 46.76
C HIS MA 77 -80.82 27.50 46.61
N GLY MA 78 -80.60 27.02 45.40
CA GLY MA 78 -80.54 25.59 45.17
C GLY MA 78 -81.88 24.91 45.38
N ASN MA 79 -81.80 23.60 45.65
CA ASN MA 79 -82.96 22.77 45.93
C ASN MA 79 -83.00 22.22 47.34
N SER MA 80 -81.99 22.53 48.16
CA SER MA 80 -81.78 21.81 49.41
C SER MA 80 -81.94 22.72 50.62
N GLY MA 81 -82.68 23.82 50.50
CA GLY MA 81 -82.93 24.69 51.62
C GLY MA 81 -81.91 25.76 51.86
N MET MA 82 -80.92 25.93 50.97
CA MET MA 82 -80.08 27.10 51.03
C MET MA 82 -80.93 28.35 50.80
N VAL MA 83 -80.53 29.44 51.42
CA VAL MA 83 -81.14 30.73 51.11
C VAL MA 83 -80.03 31.73 50.86
N ARG MA 84 -80.36 32.79 50.14
CA ARG MA 84 -79.45 33.89 49.92
C ARG MA 84 -79.83 35.04 50.85
N ALA MA 85 -78.83 35.74 51.34
CA ALA MA 85 -79.04 36.84 52.27
C ALA MA 85 -78.20 38.03 51.82
N LYS MA 86 -78.77 39.22 51.97
CA LYS MA 86 -78.05 40.47 51.76
C LYS MA 86 -77.88 41.16 53.10
N PHE MA 87 -76.65 41.50 53.44
CA PHE MA 87 -76.34 42.21 54.67
C PHE MA 87 -75.96 43.64 54.38
N ARG MA 88 -76.04 44.49 55.40
CA ARG MA 88 -75.70 45.90 55.23
C ARG MA 88 -74.24 46.07 54.83
N SER MA 89 -73.36 45.29 55.43
CA SER MA 89 -71.98 45.18 54.99
C SER MA 89 -71.68 43.71 54.72
N ASN MA 90 -70.82 43.46 53.75
CA ASN MA 90 -70.51 42.09 53.37
C ASN MA 90 -69.94 41.33 54.56
N LEU MA 91 -70.39 40.10 54.71
CA LEU MA 91 -70.02 39.33 55.89
C LEU MA 91 -68.53 39.03 55.88
N PRO MA 92 -67.86 39.12 57.03
CA PRO MA 92 -66.45 38.75 57.10
C PRO MA 92 -66.28 37.27 56.85
N ALA MA 93 -65.14 36.92 56.24
CA ALA MA 93 -64.91 35.54 55.87
C ALA MA 93 -64.65 34.64 57.08
N LYS MA 94 -64.31 35.23 58.23
CA LYS MA 94 -64.11 34.41 59.42
C LYS MA 94 -65.42 33.86 59.96
N ALA MA 95 -66.56 34.37 59.50
CA ALA MA 95 -67.86 33.93 59.97
C ALA MA 95 -68.36 32.70 59.23
N ILE MA 96 -67.62 32.19 58.26
CA ILE MA 96 -68.06 31.02 57.52
C ILE MA 96 -68.09 29.82 58.46
N GLY MA 97 -69.21 29.12 58.48
CA GLY MA 97 -69.40 28.05 59.43
C GLY MA 97 -69.87 28.49 60.80
N HIS MA 98 -70.28 29.74 60.95
CA HIS MA 98 -70.72 30.25 62.23
C HIS MA 98 -72.19 30.64 62.17
N ARG MA 99 -72.67 31.10 63.32
CA ARG MA 99 -74.10 31.26 63.55
C ARG MA 99 -74.64 32.54 62.92
N ILE MA 100 -75.77 32.43 62.25
CA ILE MA 100 -76.59 33.54 61.83
C ILE MA 100 -77.96 33.33 62.44
N ARG MA 101 -78.56 34.40 62.96
CA ARG MA 101 -79.88 34.32 63.55
C ARG MA 101 -80.91 34.83 62.56
N VAL MA 102 -81.95 34.05 62.31
CA VAL MA 102 -83.08 34.49 61.50
C VAL MA 102 -84.20 34.87 62.45
N MET MA 103 -84.57 36.15 62.46
CA MET MA 103 -85.20 36.77 63.61
C MET MA 103 -86.71 36.74 63.63
N LEU MA 104 -87.36 36.23 62.59
CA LEU MA 104 -88.82 36.16 62.45
C LEU MA 104 -89.49 37.53 62.35
N TYR MA 105 -88.73 38.64 62.34
CA TYR MA 105 -89.32 39.95 62.58
C TYR MA 105 -90.34 40.35 61.51
N PRO MA 106 -90.04 40.32 60.21
CA PRO MA 106 -91.12 40.70 59.28
C PRO MA 106 -92.06 39.51 59.06
N SER MA 107 -92.96 39.31 60.03
CA SER MA 107 -93.84 38.16 60.02
C SER MA 107 -94.96 38.36 59.02
N ARG MA 108 -95.21 37.33 58.22
CA ARG MA 108 -96.35 37.30 57.30
C ARG MA 108 -97.41 36.32 57.75
N ILE MA 109 -97.28 35.75 58.94
CA ILE MA 109 -98.25 34.79 59.43
C ILE MA 109 -98.94 35.32 60.68
N VAL NA 1 37.57 33.00 58.82
CA VAL NA 1 38.71 33.89 58.63
C VAL NA 1 38.24 35.24 58.14
N GLN NA 2 39.13 36.22 58.13
CA GLN NA 2 38.76 37.55 57.67
C GLN NA 2 38.54 37.55 56.17
N ARG NA 3 37.42 38.11 55.74
CA ARG NA 3 37.07 38.19 54.34
C ARG NA 3 37.20 39.64 53.88
N LEU NA 4 37.50 39.81 52.59
CA LEU NA 4 37.93 41.10 52.08
C LEU NA 4 36.86 41.74 51.22
N THR NA 5 36.93 43.06 51.11
CA THR NA 5 36.06 43.84 50.24
C THR NA 5 36.92 44.74 49.37
N TYR NA 6 36.40 45.08 48.20
CA TYR NA 6 37.04 46.08 47.36
C TYR NA 6 37.02 47.43 48.07
N ARG NA 7 38.08 48.20 47.86
CA ARG NA 7 38.19 49.53 48.45
C ARG NA 7 37.75 50.64 47.52
N ARG NA 8 37.35 50.31 46.30
CA ARG NA 8 36.89 51.28 45.33
C ARG NA 8 35.52 50.86 44.81
N ARG NA 9 34.91 51.70 43.98
CA ARG NA 9 33.57 51.44 43.49
C ARG NA 9 33.54 50.57 42.24
N LEU NA 10 34.69 50.20 41.70
CA LEU NA 10 34.74 49.23 40.61
C LEU NA 10 34.63 47.84 41.22
N SER NA 11 33.52 47.17 40.97
CA SER NA 11 33.19 45.91 41.63
C SER NA 11 33.41 44.70 40.74
N TYR NA 12 34.03 44.88 39.58
CA TYR NA 12 34.19 43.80 38.62
C TYR NA 12 35.66 43.43 38.50
N ASN NA 13 35.91 42.15 38.22
CA ASN NA 13 37.26 41.62 38.12
C ASN NA 13 37.86 41.92 36.74
N THR NA 14 37.95 43.21 36.45
CA THR NA 14 38.49 43.66 35.17
C THR NA 14 40.00 43.73 35.24
N ALA NA 15 40.63 44.06 34.11
CA ALA NA 15 42.09 44.09 34.05
C ALA NA 15 42.66 45.24 34.86
N SER NA 16 41.91 46.31 35.06
CA SER NA 16 42.35 47.45 35.83
C SER NA 16 41.99 47.34 37.30
N ASN NA 17 41.41 46.23 37.72
CA ASN NA 17 40.92 46.08 39.08
C ASN NA 17 41.61 44.93 39.78
N LYS NA 18 42.93 44.85 39.65
CA LYS NA 18 43.71 43.75 40.16
C LYS NA 18 44.32 44.12 41.51
N THR NA 19 44.19 43.23 42.47
CA THR NA 19 44.56 43.48 43.85
C THR NA 19 45.56 42.43 44.33
N ARG NA 20 46.27 42.77 45.40
CA ARG NA 20 47.08 41.82 46.14
C ARG NA 20 46.83 42.02 47.62
N LEU NA 21 47.10 40.98 48.40
CA LEU NA 21 46.81 41.00 49.82
C LEU NA 21 47.97 41.60 50.59
N SER NA 22 47.66 42.48 51.54
CA SER NA 22 48.66 43.16 52.34
C SER NA 22 48.26 43.13 53.81
N ARG NA 23 49.22 42.88 54.68
CA ARG NA 23 48.99 42.93 56.12
C ARG NA 23 49.48 44.27 56.65
N THR NA 24 48.56 45.05 57.21
CA THR NA 24 48.86 46.37 57.72
C THR NA 24 49.49 46.29 59.10
N PRO NA 25 50.13 47.37 59.57
CA PRO NA 25 50.59 47.40 60.97
C PRO NA 25 49.47 47.25 61.98
N GLY NA 26 48.23 47.52 61.59
CA GLY NA 26 47.08 47.28 62.45
C GLY NA 26 46.63 45.84 62.50
N ASN NA 27 47.41 44.93 61.91
CA ASN NA 27 47.16 43.49 61.93
C ASN NA 27 45.80 43.15 61.30
N ARG NA 28 45.66 43.57 60.05
CA ARG NA 28 44.50 43.19 59.26
C ARG NA 28 44.93 43.06 57.81
N ILE NA 29 44.17 42.27 57.06
CA ILE NA 29 44.46 42.03 55.66
C ILE NA 29 43.61 42.99 54.82
N VAL NA 30 44.25 43.64 53.85
CA VAL NA 30 43.57 44.59 52.97
C VAL NA 30 44.00 44.33 51.54
N TYR NA 31 43.22 44.86 50.61
CA TYR NA 31 43.60 44.92 49.22
C TYR NA 31 44.54 46.09 48.96
N LEU NA 32 45.60 45.84 48.21
CA LEU NA 32 46.41 46.89 47.61
C LEU NA 32 46.25 46.73 46.11
N TYR NA 33 45.86 47.81 45.44
CA TYR NA 33 45.59 47.75 44.01
C TYR NA 33 46.90 47.81 43.25
N THR NA 34 47.23 46.73 42.55
CA THR NA 34 48.53 46.62 41.90
C THR NA 34 48.56 47.41 40.60
N LYS NA 35 49.77 47.66 40.12
CA LYS NA 35 49.98 48.23 38.80
C LYS NA 35 50.18 47.11 37.79
N LYS NA 36 49.87 47.41 36.53
CA LYS NA 36 50.03 46.43 35.48
C LYS NA 36 51.50 46.09 35.27
N VAL NA 37 51.75 44.86 34.83
CA VAL NA 37 53.12 44.41 34.59
C VAL NA 37 53.64 45.06 33.32
N GLY NA 38 54.77 45.76 33.42
CA GLY NA 38 55.36 46.37 32.26
C GLY NA 38 56.17 45.38 31.43
N LYS NA 39 56.46 45.78 30.20
CA LYS NA 39 57.20 44.96 29.26
C LYS NA 39 58.44 45.70 28.80
N ALA NA 40 59.54 44.96 28.68
CA ALA NA 40 60.74 45.49 28.08
C ALA NA 40 60.51 45.70 26.58
N PRO NA 41 61.30 46.56 25.94
CA PRO NA 41 61.12 46.77 24.50
C PRO NA 41 61.44 45.52 23.69
N LYS NA 42 60.80 45.41 22.54
CA LYS NA 42 61.20 44.45 21.52
C LYS NA 42 62.17 45.10 20.55
N SER NA 43 63.02 44.27 19.96
CA SER NA 43 64.06 44.78 19.08
C SER NA 43 63.46 45.35 17.80
N ALA NA 44 64.05 46.44 17.32
CA ALA NA 44 63.57 47.10 16.11
C ALA NA 44 63.82 46.26 14.86
N CYS NA 45 64.66 45.22 14.95
CA CYS NA 45 64.85 44.33 13.82
C CYS NA 45 63.55 43.61 13.46
N GLY NA 46 62.78 43.24 14.48
CA GLY NA 46 61.55 42.52 14.24
C GLY NA 46 61.72 41.07 13.89
N VAL NA 47 62.89 40.50 14.16
CA VAL NA 47 63.18 39.11 13.83
C VAL NA 47 63.31 38.27 15.09
N CYS NA 48 64.28 38.56 15.93
CA CYS NA 48 64.47 37.75 17.12
C CYS NA 48 63.43 38.10 18.18
N PRO NA 49 62.84 37.08 18.84
CA PRO NA 49 61.66 37.33 19.67
C PRO NA 49 61.96 37.82 21.07
N GLY NA 50 63.18 37.71 21.56
CA GLY NA 50 63.49 38.14 22.90
C GLY NA 50 63.42 39.65 23.06
N ARG NA 51 63.17 40.07 24.29
CA ARG NA 51 63.11 41.49 24.62
C ARG NA 51 64.49 41.98 25.06
N LEU NA 52 64.67 43.30 24.98
CA LEU NA 52 65.99 43.86 25.19
C LEU NA 52 66.39 43.80 26.66
N ARG NA 53 67.70 43.81 26.88
CA ARG NA 53 68.29 43.74 28.21
C ARG NA 53 68.80 45.12 28.60
N GLY NA 54 68.98 45.31 29.91
CA GLY NA 54 69.49 46.56 30.41
C GLY NA 54 68.49 47.69 30.45
N VAL NA 55 67.24 47.44 30.11
CA VAL NA 55 66.18 48.45 30.09
C VAL NA 55 65.12 48.05 31.10
N ARG NA 56 64.74 48.98 31.96
CA ARG NA 56 63.75 48.70 32.98
C ARG NA 56 62.37 48.54 32.35
N ALA NA 57 61.66 47.48 32.74
CA ALA NA 57 60.37 47.15 32.16
C ALA NA 57 59.26 47.76 33.02
N VAL NA 58 58.66 48.85 32.53
CA VAL NA 58 57.65 49.59 33.26
C VAL NA 58 56.53 49.96 32.30
N ARG NA 59 55.46 50.53 32.85
CA ARG NA 59 54.40 51.06 32.02
C ARG NA 59 54.90 52.26 31.23
N PRO NA 60 54.32 52.54 30.05
CA PRO NA 60 54.91 53.56 29.17
C PRO NA 60 55.00 54.95 29.78
N LYS NA 61 54.02 55.36 30.59
CA LYS NA 61 54.09 56.70 31.17
C LYS NA 61 55.06 56.78 32.33
N VAL NA 62 55.50 55.65 32.88
CA VAL NA 62 56.53 55.66 33.92
C VAL NA 62 57.89 56.00 33.33
N LEU NA 63 58.10 55.73 32.04
CA LEU NA 63 59.39 56.03 31.41
C LEU NA 63 59.69 57.52 31.37
N MET NA 64 58.67 58.37 31.55
CA MET NA 64 58.89 59.80 31.52
C MET NA 64 59.70 60.27 32.73
N ARG NA 65 59.54 59.61 33.88
CA ARG NA 65 60.23 60.01 35.10
C ARG NA 65 61.44 59.14 35.40
N LEU NA 66 61.87 58.30 34.47
CA LEU NA 66 63.11 57.56 34.64
C LEU NA 66 64.26 58.35 34.04
N SER NA 67 65.46 58.10 34.56
CA SER NA 67 66.64 58.74 34.00
C SER NA 67 66.96 58.13 32.64
N LYS NA 68 67.82 58.81 31.88
CA LYS NA 68 68.16 58.36 30.54
C LYS NA 68 68.82 57.00 30.56
N THR NA 69 69.72 56.77 31.52
CA THR NA 69 70.50 55.53 31.55
C THR NA 69 69.60 54.32 31.73
N LYS NA 70 68.53 54.45 32.50
CA LYS NA 70 67.63 53.33 32.76
C LYS NA 70 66.84 52.91 31.53
N LYS NA 71 66.85 53.69 30.45
CA LYS NA 71 66.03 53.43 29.29
C LYS NA 71 66.81 53.08 28.04
N HIS NA 72 68.13 52.94 28.12
CA HIS NA 72 68.91 52.57 26.95
C HIS NA 72 70.15 51.81 27.38
N VAL NA 73 70.95 51.43 26.38
CA VAL NA 73 72.20 50.70 26.57
C VAL NA 73 73.29 51.48 25.83
N SER NA 74 74.47 51.56 26.43
CA SER NA 74 75.57 52.33 25.86
C SER NA 74 76.13 51.61 24.64
N ARG NA 75 75.47 51.82 23.51
CA ARG NA 75 75.83 51.21 22.24
C ARG NA 75 74.98 51.86 21.16
N ALA NA 76 75.48 51.85 19.93
CA ALA NA 76 74.68 52.28 18.80
C ALA NA 76 73.40 51.46 18.73
N TYR NA 77 72.28 52.15 18.53
CA TYR NA 77 70.93 51.58 18.58
C TYR NA 77 70.58 51.00 19.95
N GLY NA 78 71.37 51.30 20.98
CA GLY NA 78 71.16 50.75 22.30
C GLY NA 78 69.82 51.14 22.90
N GLY NA 79 69.06 50.16 23.38
CA GLY NA 79 67.72 50.39 23.85
C GLY NA 79 66.67 50.36 22.77
N SER NA 80 67.06 50.21 21.51
CA SER NA 80 66.16 50.10 20.39
C SER NA 80 66.37 48.84 19.58
N MET NA 81 67.62 48.41 19.43
CA MET NA 81 67.94 47.18 18.71
C MET NA 81 68.87 46.31 19.54
N CYS NA 82 68.77 45.02 19.31
CA CYS NA 82 69.59 44.04 20.02
C CYS NA 82 71.00 44.01 19.48
N ALA NA 83 71.91 43.53 20.33
CA ALA NA 83 73.33 43.50 19.98
C ALA NA 83 73.59 42.60 18.78
N LYS NA 84 72.92 41.45 18.73
CA LYS NA 84 73.18 40.49 17.65
C LYS NA 84 72.81 41.08 16.30
N CYS NA 85 71.62 41.67 16.19
CA CYS NA 85 71.22 42.25 14.92
C CYS NA 85 71.97 43.55 14.63
N VAL NA 86 72.49 44.24 15.65
CA VAL NA 86 73.37 45.37 15.39
C VAL NA 86 74.66 44.91 14.74
N ARG NA 87 75.26 43.82 15.25
CA ARG NA 87 76.46 43.26 14.62
C ARG NA 87 76.16 42.80 13.21
N ASP NA 88 75.02 42.15 13.01
CA ASP NA 88 74.63 41.71 11.67
C ASP NA 88 74.50 42.89 10.72
N ARG NA 89 73.91 44.00 11.19
CA ARG NA 89 73.75 45.17 10.33
C ARG NA 89 75.09 45.82 10.02
N ILE NA 90 76.00 45.86 10.99
CA ILE NA 90 77.34 46.41 10.71
C ILE NA 90 78.03 45.59 9.64
N LYS NA 91 78.03 44.27 9.80
CA LYS NA 91 78.69 43.41 8.83
C LYS NA 91 78.01 43.50 7.47
N ARG NA 92 76.68 43.53 7.45
CA ARG NA 92 75.95 43.61 6.19
C ARG NA 92 76.24 44.90 5.46
N ALA NA 93 76.26 46.03 6.18
CA ALA NA 93 76.58 47.31 5.56
C ALA NA 93 77.98 47.29 4.96
N PHE NA 94 78.96 46.87 5.76
CA PHE NA 94 80.34 46.88 5.27
C PHE NA 94 80.50 45.97 4.06
N LEU NA 95 79.93 44.78 4.11
CA LEU NA 95 80.13 43.82 3.03
C LEU NA 95 79.41 44.24 1.76
N ILE NA 96 78.22 44.85 1.89
CA ILE NA 96 77.52 45.31 0.69
C ILE NA 96 78.25 46.48 0.05
N GLU NA 97 78.79 47.40 0.86
CA GLU NA 97 79.59 48.47 0.27
C GLU NA 97 80.85 47.92 -0.41
N GLU NA 98 81.46 46.90 0.19
CA GLU NA 98 82.60 46.26 -0.45
C GLU NA 98 82.20 45.63 -1.78
N GLN NA 99 81.02 45.01 -1.83
CA GLN NA 99 80.54 44.42 -3.07
C GLN NA 99 80.28 45.48 -4.13
N LYS NA 100 79.77 46.65 -3.71
CA LYS NA 100 79.61 47.75 -4.65
C LYS NA 100 80.95 48.19 -5.22
N ILE NA 101 81.98 48.27 -4.36
CA ILE NA 101 83.31 48.60 -4.85
C ILE NA 101 83.79 47.56 -5.84
N VAL NA 102 83.54 46.28 -5.55
CA VAL NA 102 84.00 45.21 -6.42
C VAL NA 102 83.34 45.31 -7.79
N VAL NA 103 82.03 45.53 -7.83
CA VAL NA 103 81.36 45.59 -9.12
C VAL NA 103 81.76 46.85 -9.89
N LYS NA 104 82.03 47.94 -9.18
CA LYS NA 104 82.51 49.15 -9.85
C LYS NA 104 83.87 48.91 -10.49
N VAL NA 105 84.79 48.27 -9.76
CA VAL NA 105 86.10 47.94 -10.32
C VAL NA 105 85.95 46.97 -11.48
N LEU NA 106 85.01 46.03 -11.36
CA LEU NA 106 84.83 45.03 -12.39
C LEU NA 106 84.35 45.66 -13.70
N LYS NA 107 83.39 46.58 -13.62
CA LYS NA 107 82.95 47.24 -14.85
C LYS NA 107 84.01 48.19 -15.38
N ALA NA 108 84.78 48.81 -14.48
CA ALA NA 108 85.85 49.72 -14.93
C ALA NA 108 86.94 48.97 -15.69
N GLN NA 109 87.25 47.75 -15.25
CA GLN NA 109 88.24 46.95 -15.99
C GLN NA 109 87.62 46.23 -17.18
N ALA NA 110 86.30 46.01 -17.18
CA ALA NA 110 85.65 45.38 -18.31
C ALA NA 110 85.46 46.33 -19.48
N GLN NA 111 85.31 47.63 -19.22
CA GLN NA 111 85.12 48.60 -20.30
C GLN NA 111 86.41 48.90 -21.05
N SER NA 112 87.52 48.23 -20.73
CA SER NA 112 88.79 48.51 -21.38
C SER NA 112 88.79 48.13 -22.86
N GLN NA 113 87.90 47.25 -23.29
CA GLN NA 113 87.84 46.77 -24.66
C GLN NA 113 86.63 47.37 -25.36
N LYS NA 114 86.84 47.90 -26.55
CA LYS NA 114 85.76 48.52 -27.31
C LYS NA 114 84.70 47.52 -27.72
N ALA OA 1 15.31 104.75 60.78
CA ALA OA 1 16.21 105.66 60.07
C ALA OA 1 16.62 105.08 58.72
N LYS OA 2 15.68 105.08 57.78
CA LYS OA 2 15.91 104.52 56.47
C LYS OA 2 16.71 105.49 55.60
N ILE OA 3 17.18 104.97 54.46
CA ILE OA 3 17.88 105.76 53.46
C ILE OA 3 16.97 105.89 52.24
N LYS OA 4 16.92 107.09 51.68
CA LYS OA 4 16.03 107.40 50.58
C LYS OA 4 16.82 107.50 49.29
N ALA OA 5 16.10 107.39 48.17
CA ALA OA 5 16.76 107.53 46.88
C ALA OA 5 17.04 108.99 46.53
N ARG OA 6 16.28 109.93 47.09
CA ARG OA 6 16.42 111.33 46.72
C ARG OA 6 17.76 111.89 47.17
N ASP OA 7 18.12 111.67 48.44
CA ASP OA 7 19.35 112.23 48.96
C ASP OA 7 20.59 111.45 48.54
N LEU OA 8 20.41 110.28 47.93
CA LEU OA 8 21.54 109.53 47.40
C LEU OA 8 22.01 110.05 46.06
N ARG OA 9 21.17 110.81 45.34
CA ARG OA 9 21.52 111.22 43.99
C ARG OA 9 22.58 112.32 43.97
N GLY OA 10 22.64 113.13 45.03
CA GLY OA 10 23.68 114.14 45.09
C GLY OA 10 25.06 113.59 45.36
N LYS OA 11 25.16 112.43 46.00
CA LYS OA 11 26.45 111.87 46.36
C LYS OA 11 27.20 111.37 45.13
N LYS OA 12 28.52 111.31 45.25
CA LYS OA 12 29.34 110.83 44.15
C LYS OA 12 29.69 109.37 44.36
N LYS OA 13 30.53 108.83 43.46
CA LYS OA 13 30.66 107.38 43.33
C LYS OA 13 31.28 106.75 44.57
N GLU OA 14 32.27 107.41 45.17
CA GLU OA 14 33.06 106.79 46.22
C GLU OA 14 32.22 106.54 47.47
N GLU OA 15 31.50 107.55 47.97
CA GLU OA 15 30.71 107.31 49.16
C GLU OA 15 29.46 106.48 48.89
N LEU OA 16 28.96 106.49 47.65
CA LEU OA 16 27.90 105.56 47.29
C LEU OA 16 28.38 104.12 47.42
N LEU OA 17 29.56 103.83 46.90
CA LEU OA 17 30.13 102.49 47.04
C LEU OA 17 30.43 102.18 48.49
N LYS OA 18 30.89 103.17 49.25
CA LYS OA 18 31.18 102.94 50.67
C LYS OA 18 29.91 102.59 51.44
N GLN OA 19 28.82 103.31 51.18
CA GLN OA 19 27.56 103.01 51.86
C GLN OA 19 27.01 101.67 51.43
N LEU OA 20 27.17 101.31 50.15
CA LEU OA 20 26.78 99.99 49.69
C LEU OA 20 27.56 98.90 50.42
N ASP OA 21 28.86 99.10 50.60
CA ASP OA 21 29.67 98.13 51.31
C ASP OA 21 29.26 98.01 52.76
N ASP OA 22 28.96 99.14 53.41
CA ASP OA 22 28.49 99.10 54.79
C ASP OA 22 27.18 98.34 54.90
N LEU OA 23 26.27 98.56 53.97
CA LEU OA 23 25.00 97.83 53.97
C LEU OA 23 25.22 96.34 53.76
N LYS OA 24 26.15 95.97 52.87
CA LYS OA 24 26.42 94.56 52.65
C LYS OA 24 27.01 93.90 53.89
N VAL OA 25 27.91 94.60 54.58
CA VAL OA 25 28.47 94.08 55.82
C VAL OA 25 27.37 93.89 56.87
N GLU OA 26 26.48 94.87 56.99
CA GLU OA 26 25.40 94.76 57.96
C GLU OA 26 24.45 93.61 57.60
N LEU OA 27 24.21 93.40 56.31
CA LEU OA 27 23.36 92.29 55.90
C LEU OA 27 24.00 90.95 56.23
N SER OA 28 25.31 90.83 56.03
CA SER OA 28 25.99 89.58 56.39
C SER OA 28 25.90 89.33 57.89
N GLN OA 29 26.07 90.39 58.71
CA GLN OA 29 25.91 90.24 60.15
C GLN OA 29 24.49 89.82 60.51
N LEU OA 30 23.50 90.38 59.82
CA LEU OA 30 22.12 90.00 60.08
C LEU OA 30 21.87 88.54 59.72
N ARG OA 31 22.47 88.06 58.65
CA ARG OA 31 22.34 86.65 58.30
C ARG OA 31 22.99 85.76 59.35
N VAL OA 32 24.13 86.20 59.89
CA VAL OA 32 24.77 85.47 60.99
C VAL OA 32 23.84 85.40 62.19
N ALA OA 33 23.20 86.53 62.52
CA ALA OA 33 22.25 86.53 63.63
C ALA OA 33 21.07 85.61 63.35
N LYS OA 34 20.61 85.59 62.10
CA LYS OA 34 19.49 84.73 61.72
C LYS OA 34 19.83 83.26 61.91
N VAL OA 35 21.04 82.86 61.51
CA VAL OA 35 21.39 81.45 61.66
C VAL OA 35 21.71 81.11 63.12
N THR OA 36 22.17 82.09 63.91
CA THR OA 36 22.42 81.87 65.33
C THR OA 36 21.25 82.27 66.21
N GLY OA 37 20.05 82.38 65.64
CA GLY OA 37 18.87 82.70 66.41
C GLY OA 37 18.56 84.18 66.43
N GLY OA 38 19.38 84.96 67.13
CA GLY OA 38 19.22 86.40 67.12
C GLY OA 38 17.91 86.84 67.76
N ALA OA 39 17.36 87.93 67.22
CA ALA OA 39 16.15 88.52 67.74
C ALA OA 39 15.21 88.84 66.58
N ALA OA 40 13.93 88.99 66.90
CA ALA OA 40 12.93 89.29 65.89
C ALA OA 40 13.19 90.62 65.21
N SER OA 41 13.69 91.60 65.97
CA SER OA 41 14.02 92.89 65.37
C SER OA 41 15.14 92.75 64.35
N LYS OA 42 16.17 91.97 64.68
CA LYS OA 42 17.27 91.77 63.75
C LYS OA 42 16.83 90.95 62.55
N LEU OA 43 15.88 90.04 62.73
CA LEU OA 43 15.32 89.32 61.58
C LEU OA 43 14.54 90.25 60.68
N SER OA 44 13.76 91.17 61.26
CA SER OA 44 12.97 92.09 60.45
C SER OA 44 13.85 93.10 59.75
N LYS OA 45 15.03 93.41 60.30
CA LYS OA 45 15.92 94.36 59.65
C LYS OA 45 16.53 93.82 58.36
N ILE OA 46 16.43 92.52 58.11
CA ILE OA 46 17.05 91.94 56.92
C ILE OA 46 16.43 92.51 55.66
N ARG OA 47 15.10 92.58 55.63
CA ARG OA 47 14.41 93.13 54.46
C ARG OA 47 14.75 94.60 54.27
N VAL OA 48 14.84 95.35 55.37
CA VAL OA 48 15.16 96.77 55.28
C VAL OA 48 16.54 96.97 54.66
N VAL OA 49 17.51 96.19 55.12
CA VAL OA 49 18.87 96.34 54.59
C VAL OA 49 18.93 95.88 53.14
N ARG OA 50 18.19 94.83 52.79
CA ARG OA 50 18.17 94.37 51.40
C ARG OA 50 17.58 95.42 50.47
N LYS OA 51 16.49 96.06 50.89
CA LYS OA 51 15.91 97.10 50.06
C LYS OA 51 16.80 98.34 49.99
N SER OA 52 17.53 98.64 51.08
CA SER OA 52 18.49 99.73 51.02
C SER OA 52 19.62 99.43 50.03
N ILE OA 53 20.10 98.18 50.01
CA ILE OA 53 21.11 97.78 49.04
C ILE OA 53 20.57 97.94 47.63
N ALA OA 54 19.33 97.50 47.39
CA ALA OA 54 18.72 97.66 46.08
C ALA OA 54 18.62 99.13 45.69
N ARG OA 55 18.26 99.99 46.65
CA ARG OA 55 18.14 101.42 46.39
C ARG OA 55 19.48 102.02 45.99
N VAL OA 56 20.54 101.71 46.75
CA VAL OA 56 21.85 102.26 46.43
C VAL OA 56 22.31 101.77 45.07
N LEU OA 57 22.12 100.48 44.80
CA LEU OA 57 22.57 99.92 43.53
C LEU OA 57 21.81 100.52 42.36
N THR OA 58 20.49 100.74 42.50
CA THR OA 58 19.75 101.32 41.39
C THR OA 58 20.11 102.78 41.18
N VAL OA 59 20.44 103.51 42.25
CA VAL OA 59 20.90 104.88 42.06
C VAL OA 59 22.23 104.90 41.33
N ILE OA 60 23.14 104.01 41.70
CA ILE OA 60 24.43 103.92 41.01
C ILE OA 60 24.24 103.58 39.54
N ASN OA 61 23.40 102.59 39.26
CA ASN OA 61 23.19 102.17 37.89
C ASN OA 61 22.53 103.25 37.05
N GLN OA 62 21.54 103.96 37.62
CA GLN OA 62 20.89 105.03 36.88
C GLN OA 62 21.84 106.18 36.61
N THR OA 63 22.69 106.53 37.58
CA THR OA 63 23.66 107.59 37.35
C THR OA 63 24.65 107.20 36.25
N GLN OA 64 25.15 105.96 36.29
CA GLN OA 64 26.08 105.52 35.27
C GLN OA 64 25.42 105.50 33.89
N LYS OA 65 24.17 105.04 33.82
CA LYS OA 65 23.48 104.97 32.54
C LYS OA 65 23.21 106.35 31.97
N GLU OA 66 22.82 107.32 32.80
CA GLU OA 66 22.57 108.65 32.26
C GLU OA 66 23.87 109.33 31.86
N ASN OA 67 24.96 109.07 32.58
CA ASN OA 67 26.26 109.60 32.15
C ASN OA 67 26.66 109.01 30.81
N LEU OA 68 26.42 107.71 30.60
CA LEU OA 68 26.72 107.10 29.32
C LEU OA 68 25.85 107.66 28.21
N ARG OA 69 24.56 107.92 28.50
CA ARG OA 69 23.69 108.52 27.50
C ARG OA 69 24.16 109.92 27.13
N LYS OA 70 24.59 110.71 28.11
CA LYS OA 70 25.14 112.02 27.82
C LYS OA 70 26.42 111.91 26.98
N PHE OA 71 27.27 110.94 27.30
CA PHE OA 71 28.51 110.77 26.56
C PHE OA 71 28.25 110.38 25.11
N TYR OA 72 27.29 109.50 24.88
CA TYR OA 72 27.01 108.99 23.55
C TYR OA 72 25.97 109.81 22.79
N LYS OA 73 25.44 110.87 23.40
CA LYS OA 73 24.51 111.74 22.69
C LYS OA 73 25.24 112.46 21.56
N GLY OA 74 24.63 112.47 20.38
CA GLY OA 74 25.22 113.13 19.24
C GLY OA 74 26.24 112.31 18.49
N LYS OA 75 26.37 111.03 18.78
CA LYS OA 75 27.33 110.16 18.10
C LYS OA 75 26.60 109.30 17.07
N LYS OA 76 27.31 108.99 15.99
CA LYS OA 76 26.70 108.21 14.92
C LYS OA 76 26.35 106.80 15.37
N TYR OA 77 27.25 106.16 16.10
CA TYR OA 77 27.06 104.79 16.56
C TYR OA 77 26.96 104.77 18.07
N LYS OA 78 25.96 104.07 18.58
CA LYS OA 78 25.70 103.97 20.02
C LYS OA 78 25.60 102.51 20.40
N PRO OA 79 25.91 102.18 21.66
CA PRO OA 79 25.71 100.80 22.13
C PRO OA 79 24.25 100.39 22.05
N LEU OA 80 24.05 99.08 21.88
CA LEU OA 80 22.71 98.55 21.66
C LEU OA 80 21.81 98.81 22.86
N ASP OA 81 22.35 98.68 24.07
CA ASP OA 81 21.57 98.96 25.26
C ASP OA 81 21.21 100.43 25.40
N LEU OA 82 21.88 101.32 24.66
CA LEU OA 82 21.51 102.72 24.64
C LEU OA 82 20.57 103.06 23.49
N ARG OA 83 20.56 102.26 22.43
CA ARG OA 83 19.62 102.48 21.36
C ARG OA 83 18.20 102.16 21.83
N PRO OA 84 17.18 102.79 21.23
CA PRO OA 84 15.80 102.51 21.63
C PRO OA 84 15.40 101.08 21.33
N LYS OA 85 14.49 100.56 22.15
CA LYS OA 85 14.02 99.17 22.10
C LYS OA 85 12.52 99.12 21.93
N LYS OA 86 12.01 99.82 20.93
CA LYS OA 86 10.57 99.83 20.66
C LYS OA 86 10.04 98.42 20.48
N THR OA 87 10.46 97.79 19.39
CA THR OA 87 9.98 96.48 18.95
C THR OA 87 10.87 96.12 17.78
N ARG OA 88 11.12 94.82 17.55
CA ARG OA 88 11.98 94.44 16.44
C ARG OA 88 11.46 94.95 15.11
N ALA OA 89 10.15 94.77 14.88
CA ALA OA 89 9.56 95.26 13.63
C ALA OA 89 9.58 96.78 13.55
N MET OA 90 9.33 97.45 14.66
CA MET OA 90 9.36 98.90 14.68
C MET OA 90 10.76 99.44 14.40
N ARG OA 91 11.78 98.70 14.81
CA ARG OA 91 13.15 99.08 14.49
C ARG OA 91 13.50 98.78 13.05
N ARG OA 92 12.89 97.74 12.47
CA ARG OA 92 13.17 97.44 11.06
C ARG OA 92 12.49 98.42 10.12
N ARG OA 93 11.36 98.99 10.52
CA ARG OA 93 10.59 99.80 9.58
C ARG OA 93 11.31 101.10 9.23
N LEU OA 94 10.86 101.74 8.16
CA LEU OA 94 11.51 102.94 7.64
C LEU OA 94 11.36 104.11 8.60
N ASN OA 95 12.35 105.00 8.59
CA ASN OA 95 12.27 106.19 9.42
C ASN OA 95 11.40 107.25 8.73
N LYS OA 96 11.23 108.39 9.42
CA LYS OA 96 10.30 109.40 8.94
C LYS OA 96 10.75 110.00 7.61
N HIS OA 97 12.03 110.31 7.49
CA HIS OA 97 12.52 111.01 6.30
C HIS OA 97 12.36 110.16 5.06
N GLU OA 98 12.85 108.92 5.10
CA GLU OA 98 12.70 108.03 3.96
C GLU OA 98 11.30 107.48 3.81
N GLU OA 99 10.47 107.62 4.84
CA GLU OA 99 9.05 107.29 4.72
C GLU OA 99 8.29 108.35 3.94
N ASN OA 100 8.65 109.62 4.12
CA ASN OA 100 7.86 110.69 3.53
C ASN OA 100 8.49 111.33 2.29
N LEU OA 101 9.74 111.00 1.95
CA LEU OA 101 10.32 111.57 0.74
C LEU OA 101 9.69 110.94 -0.51
N LYS OA 102 9.53 111.76 -1.55
CA LYS OA 102 8.82 111.38 -2.77
C LYS OA 102 9.71 111.56 -3.99
N THR OA 103 9.30 110.94 -5.10
CA THR OA 103 10.01 111.09 -6.36
C THR OA 103 9.70 112.44 -6.99
N LYS OA 104 10.59 112.85 -7.90
CA LYS OA 104 10.38 114.10 -8.62
C LYS OA 104 9.12 114.05 -9.46
N LYS OA 105 8.84 112.91 -10.08
CA LYS OA 105 7.60 112.75 -10.82
C LYS OA 105 6.39 112.92 -9.91
N GLN OA 106 6.44 112.33 -8.72
CA GLN OA 106 5.32 112.42 -7.80
C GLN OA 106 5.09 113.85 -7.35
N GLN OA 107 6.17 114.56 -6.97
CA GLN OA 107 5.98 115.92 -6.48
C GLN OA 107 5.61 116.87 -7.61
N ARG OA 108 6.03 116.57 -8.84
CA ARG OA 108 5.54 117.34 -9.97
C ARG OA 108 4.05 117.13 -10.17
N LYS OA 109 3.57 115.90 -9.99
CA LYS OA 109 2.14 115.65 -10.07
C LYS OA 109 1.38 116.44 -9.00
N GLU OA 110 1.90 116.43 -7.77
CA GLU OA 110 1.23 117.16 -6.69
C GLU OA 110 1.24 118.66 -6.95
N ARG OA 111 2.34 119.18 -7.51
CA ARG OA 111 2.39 120.61 -7.79
C ARG OA 111 1.43 121.00 -8.92
N LEU OA 112 1.35 120.16 -9.96
CA LEU OA 112 0.58 120.55 -11.13
C LEU OA 112 -0.91 120.31 -10.95
N TYR OA 113 -1.31 119.20 -10.34
CA TYR OA 113 -2.71 118.83 -10.20
C TYR OA 113 -3.03 118.56 -8.74
N PRO OA 114 -3.14 119.61 -7.93
CA PRO OA 114 -3.46 119.42 -6.52
C PRO OA 114 -4.96 119.25 -6.32
N LEU OA 115 -5.30 118.57 -5.23
CA LEU OA 115 -6.71 118.36 -4.90
C LEU OA 115 -7.36 119.69 -4.54
N ARG OA 116 -8.53 119.94 -5.10
CA ARG OA 116 -9.22 121.21 -4.91
C ARG OA 116 -10.36 121.06 -3.92
N LYS OA 117 -10.66 122.15 -3.23
CA LYS OA 117 -11.83 122.23 -2.37
C LYS OA 117 -12.99 122.77 -3.21
N TYR OA 118 -14.08 122.03 -3.26
CA TYR OA 118 -15.19 122.40 -4.13
C TYR OA 118 -16.49 121.97 -3.50
N ALA OA 119 -17.57 122.61 -3.95
CA ALA OA 119 -18.92 122.24 -3.57
C ALA OA 119 -19.79 122.23 -4.80
N VAL OA 120 -20.85 121.43 -4.76
CA VAL OA 120 -21.75 121.28 -5.90
C VAL OA 120 -23.14 121.73 -5.47
N LYS OA 121 -23.69 122.71 -6.20
CA LYS OA 121 -25.06 123.14 -5.94
C LYS OA 121 -26.05 122.05 -6.35
N ALA OA 122 -27.15 121.97 -5.62
CA ALA OA 122 -28.19 121.00 -5.93
C ALA OA 122 -29.04 121.47 -7.09
N ALA PA 1 -45.52 102.89 -41.43
CA ALA PA 1 -44.46 103.20 -42.38
C ALA PA 1 -44.08 101.96 -43.16
N LEU PA 2 -43.23 102.14 -44.17
CA LEU PA 2 -42.81 101.00 -44.99
C LEU PA 2 -41.91 100.06 -44.21
N ARG PA 3 -40.90 100.60 -43.52
CA ARG PA 3 -39.97 99.78 -42.77
C ARG PA 3 -39.76 100.39 -41.38
N TYR PA 4 -39.55 99.51 -40.41
CA TYR PA 4 -39.32 99.88 -39.03
C TYR PA 4 -38.04 99.23 -38.54
N PRO PA 5 -37.38 99.82 -37.55
CA PRO PA 5 -36.27 99.12 -36.90
C PRO PA 5 -36.75 97.83 -36.26
N MET PA 6 -35.94 96.78 -36.38
CA MET PA 6 -36.32 95.47 -35.92
C MET PA 6 -35.24 94.88 -35.05
N ALA PA 7 -35.63 93.95 -34.18
CA ALA PA 7 -34.67 93.20 -33.39
C ALA PA 7 -34.11 92.01 -34.14
N VAL PA 8 -34.63 91.71 -35.33
CA VAL PA 8 -34.18 90.59 -36.14
C VAL PA 8 -34.00 91.08 -37.57
N GLY PA 9 -33.21 90.33 -38.33
CA GLY PA 9 -32.97 90.64 -39.72
C GLY PA 9 -31.54 91.09 -39.96
N LEU PA 10 -31.29 91.44 -41.22
CA LEU PA 10 -29.95 91.86 -41.61
C LEU PA 10 -29.62 93.26 -41.10
N ASN PA 11 -30.62 94.11 -40.96
CA ASN PA 11 -30.43 95.48 -40.47
C ASN PA 11 -30.96 95.64 -39.05
N LYS PA 12 -30.84 94.60 -38.24
CA LYS PA 12 -31.40 94.62 -36.91
C LYS PA 12 -30.64 95.57 -36.01
N GLY PA 13 -31.31 96.03 -34.95
CA GLY PA 13 -30.68 96.87 -33.97
C GLY PA 13 -31.26 98.27 -33.89
N HIS PA 14 -31.13 98.88 -32.72
CA HIS PA 14 -31.52 100.27 -32.54
C HIS PA 14 -30.62 101.17 -33.37
N LYS PA 15 -31.20 102.19 -33.96
CA LYS PA 15 -30.48 103.07 -34.88
C LYS PA 15 -29.84 104.21 -34.11
N VAL PA 16 -28.52 104.28 -34.13
CA VAL PA 16 -27.76 105.37 -33.56
C VAL PA 16 -26.75 105.83 -34.59
N THR PA 17 -26.32 107.09 -34.48
CA THR PA 17 -25.30 107.61 -35.36
C THR PA 17 -23.93 107.18 -34.86
N LYS PA 18 -23.21 106.43 -35.68
CA LYS PA 18 -21.90 105.93 -35.28
C LYS PA 18 -20.92 107.07 -35.13
N ASN PA 19 -20.16 107.04 -34.04
CA ASN PA 19 -19.16 108.07 -33.75
C ASN PA 19 -17.82 107.63 -34.33
N VAL PA 20 -17.40 108.28 -35.40
CA VAL PA 20 -16.12 107.99 -36.01
C VAL PA 20 -15.02 108.73 -35.25
N SER PA 21 -13.97 108.01 -34.88
CA SER PA 21 -12.89 108.59 -34.11
C SER PA 21 -11.61 107.82 -34.39
N LYS PA 22 -10.49 108.42 -34.04
CA LYS PA 22 -9.20 107.76 -34.23
C LYS PA 22 -9.14 106.51 -33.36
N PRO PA 23 -8.56 105.42 -33.87
CA PRO PA 23 -8.39 104.23 -33.03
C PRO PA 23 -7.46 104.49 -31.88
N ARG PA 24 -7.68 103.76 -30.79
CA ARG PA 24 -6.85 103.89 -29.61
C ARG PA 24 -5.43 103.45 -29.93
N HIS PA 25 -4.47 104.01 -29.19
CA HIS PA 25 -3.07 103.71 -29.44
C HIS PA 25 -2.70 102.28 -29.12
N SER PA 26 -3.49 101.60 -28.27
CA SER PA 26 -3.22 100.20 -27.99
C SER PA 26 -3.45 99.34 -29.23
N ARG PA 27 -4.40 99.72 -30.08
CA ARG PA 27 -4.66 98.98 -31.31
C ARG PA 27 -3.48 99.03 -32.26
N ARG PA 28 -2.60 100.02 -32.10
CA ARG PA 28 -1.41 100.14 -32.91
C ARG PA 28 -0.40 99.03 -32.66
N ARG PA 29 -0.53 98.31 -31.54
CA ARG PA 29 0.47 97.33 -31.12
C ARG PA 29 0.75 96.31 -32.21
N GLY PA 30 2.02 95.95 -32.37
CA GLY PA 30 2.43 94.93 -33.31
C GLY PA 30 2.82 95.46 -34.68
N ARG PA 31 2.60 96.74 -34.95
CA ARG PA 31 3.01 97.30 -36.23
C ARG PA 31 4.52 97.34 -36.32
N LEU PA 32 5.04 97.03 -37.50
CA LEU PA 32 6.48 97.03 -37.73
C LEU PA 32 6.95 98.45 -38.04
N THR PA 33 8.00 98.87 -37.35
CA THR PA 33 8.60 100.18 -37.60
C THR PA 33 9.85 100.03 -38.44
N LYS PA 34 10.31 101.15 -38.98
CA LYS PA 34 11.51 101.15 -39.81
C LYS PA 34 12.72 100.71 -38.98
N HIS PA 35 12.86 101.25 -37.77
CA HIS PA 35 14.01 100.93 -36.96
C HIS PA 35 13.98 99.48 -36.47
N THR PA 36 12.80 98.99 -36.09
CA THR PA 36 12.70 97.60 -35.68
C THR PA 36 12.98 96.65 -36.83
N LYS PA 37 12.50 97.00 -38.04
CA LYS PA 37 12.80 96.19 -39.21
C LYS PA 37 14.30 96.18 -39.48
N PHE PA 38 14.96 97.32 -39.34
CA PHE PA 38 16.41 97.38 -39.52
C PHE PA 38 17.12 96.51 -38.50
N VAL PA 39 16.69 96.56 -37.24
CA VAL PA 39 17.33 95.77 -36.19
C VAL PA 39 17.14 94.28 -36.46
N ARG PA 40 15.93 93.89 -36.86
CA ARG PA 40 15.69 92.47 -37.11
C ARG PA 40 16.46 91.97 -38.33
N ASP PA 41 16.62 92.81 -39.36
CA ASP PA 41 17.46 92.42 -40.49
C ASP PA 41 18.91 92.28 -40.08
N MET PA 42 19.40 93.20 -39.25
CA MET PA 42 20.76 93.09 -38.72
C MET PA 42 20.96 91.79 -37.98
N ILE PA 43 20.03 91.46 -37.08
CA ILE PA 43 20.18 90.25 -36.29
C ILE PA 43 20.05 89.01 -37.17
N ARG PA 44 19.17 89.06 -38.17
CA ARG PA 44 19.02 87.92 -39.07
C ARG PA 44 20.30 87.66 -39.85
N GLU PA 45 20.93 88.70 -40.37
CA GLU PA 45 22.14 88.46 -41.13
C GLU PA 45 23.35 88.17 -40.25
N VAL PA 46 23.32 88.58 -38.98
CA VAL PA 46 24.36 88.15 -38.04
C VAL PA 46 24.20 86.68 -37.70
N CYS PA 47 22.97 86.25 -37.42
CA CYS PA 47 22.72 84.92 -36.89
C CYS PA 47 22.68 83.87 -37.99
N GLY PA 48 21.76 84.01 -38.93
CA GLY PA 48 21.50 82.98 -39.90
C GLY PA 48 20.09 82.45 -39.73
N PHE PA 49 19.91 81.14 -39.85
CA PHE PA 49 18.61 80.52 -39.75
C PHE PA 49 18.68 79.30 -38.86
N ALA PA 50 17.54 78.96 -38.27
CA ALA PA 50 17.44 77.74 -37.50
C ALA PA 50 17.50 76.53 -38.43
N PRO PA 51 17.94 75.37 -37.92
CA PRO PA 51 18.05 74.19 -38.79
C PRO PA 51 16.74 73.78 -39.44
N TYR PA 52 15.62 73.90 -38.74
CA TYR PA 52 14.34 73.55 -39.35
C TYR PA 52 13.99 74.52 -40.47
N GLU PA 53 14.33 75.81 -40.30
CA GLU PA 53 14.13 76.77 -41.36
C GLU PA 53 14.99 76.44 -42.57
N ARG PA 54 16.24 76.02 -42.34
CA ARG PA 54 17.09 75.63 -43.45
C ARG PA 54 16.54 74.42 -44.19
N ARG PA 55 16.05 73.42 -43.44
CA ARG PA 55 15.47 72.24 -44.07
C ARG PA 55 14.23 72.59 -44.88
N ALA PA 56 13.37 73.45 -44.35
CA ALA PA 56 12.21 73.91 -45.10
C ALA PA 56 12.64 74.68 -46.34
N MET PA 57 13.75 75.41 -46.27
CA MET PA 57 14.26 76.10 -47.45
C MET PA 57 14.74 75.12 -48.50
N GLU PA 58 15.35 73.99 -48.09
CA GLU PA 58 15.69 72.96 -49.06
C GLU PA 58 14.45 72.39 -49.73
N LEU PA 59 13.39 72.16 -48.93
CA LEU PA 59 12.15 71.67 -49.51
C LEU PA 59 11.57 72.65 -50.51
N LEU PA 60 11.58 73.95 -50.18
CA LEU PA 60 11.07 74.94 -51.11
C LEU PA 60 11.97 75.08 -52.34
N LYS PA 61 13.27 74.82 -52.18
CA LYS PA 61 14.18 74.85 -53.32
C LYS PA 61 13.87 73.74 -54.30
N VAL PA 62 13.58 72.54 -53.79
CA VAL PA 62 13.20 71.45 -54.67
C VAL PA 62 11.71 71.53 -54.97
N SER PA 63 11.07 72.61 -54.49
CA SER PA 63 9.70 72.99 -54.86
C SER PA 63 8.68 71.95 -54.40
N LYS PA 64 8.90 71.40 -53.22
CA LYS PA 64 7.91 70.56 -52.56
C LYS PA 64 7.19 71.44 -51.54
N ASP PA 65 6.30 72.28 -52.05
CA ASP PA 65 5.71 73.32 -51.21
C ASP PA 65 4.75 72.75 -50.19
N LYS PA 66 3.94 71.76 -50.58
CA LYS PA 66 3.02 71.15 -49.62
C LYS PA 66 3.79 70.43 -48.51
N ARG PA 67 4.85 69.71 -48.88
CA ARG PA 67 5.67 69.04 -47.87
C ARG PA 67 6.36 70.06 -46.96
N ALA PA 68 6.82 71.17 -47.53
CA ALA PA 68 7.42 72.22 -46.72
C ALA PA 68 6.42 72.81 -45.74
N LEU PA 69 5.18 73.03 -46.20
CA LEU PA 69 4.15 73.54 -45.31
C LEU PA 69 3.83 72.55 -44.20
N LYS PA 70 3.76 71.25 -44.54
CA LYS PA 70 3.50 70.24 -43.52
C LYS PA 70 4.63 70.21 -42.49
N PHE PA 71 5.88 70.29 -42.95
CA PHE PA 71 7.01 70.28 -42.04
C PHE PA 71 7.02 71.51 -41.14
N ILE PA 72 6.77 72.69 -41.71
CA ILE PA 72 6.77 73.91 -40.92
C ILE PA 72 5.61 73.91 -39.94
N LYS PA 73 4.47 73.35 -40.33
CA LYS PA 73 3.35 73.24 -39.39
C LYS PA 73 3.68 72.28 -38.27
N LYS PA 74 4.31 71.15 -38.58
CA LYS PA 74 4.72 70.21 -37.54
C LYS PA 74 5.71 70.84 -36.58
N ARG PA 75 6.57 71.73 -37.08
CA ARG PA 75 7.54 72.36 -36.21
C ARG PA 75 6.93 73.49 -35.39
N VAL PA 76 6.43 74.53 -36.05
CA VAL PA 76 5.93 75.71 -35.36
C VAL PA 76 4.64 75.40 -34.61
N GLY PA 77 3.69 74.75 -35.27
CA GLY PA 77 2.51 74.28 -34.57
C GLY PA 77 1.16 74.58 -35.20
N THR PA 78 0.98 75.75 -35.79
CA THR PA 78 -0.32 76.14 -36.30
C THR PA 78 -0.23 76.45 -37.79
N HIS PA 79 -1.39 76.36 -38.44
CA HIS PA 79 -1.46 76.55 -39.89
C HIS PA 79 -1.17 77.99 -40.28
N ILE PA 80 -1.68 78.96 -39.53
CA ILE PA 80 -1.48 80.37 -39.86
C ILE PA 80 -0.01 80.74 -39.71
N ARG PA 81 0.60 80.35 -38.59
CA ARG PA 81 2.01 80.62 -38.37
C ARG PA 81 2.86 79.90 -39.41
N ALA PA 82 2.48 78.67 -39.76
CA ALA PA 82 3.23 77.93 -40.78
C ALA PA 82 3.15 78.62 -42.13
N LYS PA 83 1.97 79.12 -42.50
CA LYS PA 83 1.83 79.83 -43.77
C LYS PA 83 2.68 81.09 -43.79
N ARG PA 84 2.65 81.85 -42.70
CA ARG PA 84 3.46 83.06 -42.64
C ARG PA 84 4.95 82.73 -42.74
N LYS PA 85 5.39 81.71 -42.02
CA LYS PA 85 6.80 81.32 -42.05
C LYS PA 85 7.20 80.82 -43.43
N ARG PA 86 6.34 80.06 -44.09
CA ARG PA 86 6.65 79.58 -45.43
C ARG PA 86 6.73 80.73 -46.43
N GLU PA 87 5.85 81.72 -46.29
CA GLU PA 87 5.96 82.91 -47.14
C GLU PA 87 7.27 83.64 -46.90
N GLU PA 88 7.68 83.77 -45.63
CA GLU PA 88 8.95 84.43 -45.33
C GLU PA 88 10.13 83.67 -45.93
N LEU PA 89 10.11 82.34 -45.82
CA LEU PA 89 11.21 81.54 -46.34
C LEU PA 89 11.25 81.57 -47.86
N SER PA 90 10.09 81.54 -48.51
CA SER PA 90 10.06 81.69 -49.96
C SER PA 90 10.59 83.06 -50.38
N ASN PA 91 10.26 84.10 -49.61
CA ASN PA 91 10.73 85.43 -49.92
C ASN PA 91 12.25 85.53 -49.80
N VAL PA 92 12.83 84.94 -48.75
CA VAL PA 92 14.28 85.03 -48.63
C VAL PA 92 14.97 84.17 -49.68
N LEU PA 93 14.36 83.04 -50.06
CA LEU PA 93 14.91 82.25 -51.16
C LEU PA 93 14.89 83.03 -52.47
N ALA PA 94 13.79 83.74 -52.75
CA ALA PA 94 13.72 84.55 -53.95
C ALA PA 94 14.73 85.70 -53.90
N ALA PA 95 14.92 86.28 -52.72
CA ALA PA 95 15.89 87.37 -52.57
C ALA PA 95 17.30 86.88 -52.85
N MET PA 96 17.68 85.74 -52.30
CA MET PA 96 19.03 85.23 -52.55
C MET PA 96 19.16 84.74 -53.99
N ARG PA 97 18.08 84.27 -54.61
CA ARG PA 97 18.13 83.88 -56.01
C ARG PA 97 18.40 85.08 -56.90
N LYS PA 98 17.66 86.18 -56.69
CA LYS PA 98 17.89 87.37 -57.50
C LYS PA 98 19.22 88.04 -57.15
N ALA PA 99 19.74 87.81 -55.95
CA ALA PA 99 21.08 88.32 -55.62
C ALA PA 99 22.15 87.53 -56.37
N ALA PA 100 22.03 86.20 -56.41
CA ALA PA 100 23.00 85.39 -57.12
C ALA PA 100 22.85 85.47 -58.63
N ALA PA 101 21.69 85.94 -59.12
CA ALA PA 101 21.50 86.09 -60.55
C ALA PA 101 22.47 87.11 -61.14
N LYS PA 102 22.69 88.21 -60.45
CA LYS PA 102 23.63 89.23 -60.90
C LYS PA 102 25.00 89.03 -60.27
N THR QA 1 9.23 34.24 30.62
CA THR QA 1 8.01 34.88 31.06
C THR QA 1 7.92 36.33 30.62
N LYS QA 2 6.89 36.64 29.83
CA LYS QA 2 6.77 37.96 29.24
C LYS QA 2 6.25 39.00 30.22
N GLY QA 3 5.79 38.60 31.39
CA GLY QA 3 5.21 39.54 32.32
C GLY QA 3 6.06 39.91 33.52
N THR QA 4 5.71 39.34 34.67
CA THR QA 4 6.30 39.77 35.94
C THR QA 4 7.80 39.55 35.97
N SER QA 5 8.26 38.40 35.47
CA SER QA 5 9.69 38.12 35.45
C SER QA 5 10.43 39.09 34.53
N SER QA 6 9.84 39.41 33.39
CA SER QA 6 10.49 40.32 32.46
C SER QA 6 10.54 41.74 33.01
N PHE QA 7 9.56 42.12 33.84
CA PHE QA 7 9.57 43.46 34.40
C PHE QA 7 10.71 43.69 35.39
N GLY QA 8 11.39 42.64 35.82
CA GLY QA 8 12.51 42.82 36.72
C GLY QA 8 13.79 43.27 36.07
N LYS QA 9 13.87 43.17 34.74
CA LYS QA 9 15.10 43.43 34.02
C LYS QA 9 15.22 44.87 33.52
N ARG QA 10 14.23 45.72 33.77
CA ARG QA 10 14.28 47.09 33.27
C ARG QA 10 15.05 47.95 34.28
N ARG QA 11 16.28 48.27 33.92
CA ARG QA 11 17.20 49.05 34.74
C ARG QA 11 18.02 50.04 33.94
N ASN QA 12 17.64 50.32 32.69
CA ASN QA 12 18.39 51.22 31.81
C ASN QA 12 17.41 52.22 31.20
N LYS QA 13 17.60 53.50 31.49
CA LYS QA 13 16.65 54.51 31.05
C LYS QA 13 16.80 54.80 29.56
N THR QA 14 15.69 54.75 28.83
CA THR QA 14 15.68 55.20 27.44
C THR QA 14 15.72 56.71 27.33
N HIS QA 15 14.97 57.41 28.17
CA HIS QA 15 14.79 58.85 28.06
C HIS QA 15 15.37 59.53 29.29
N THR QA 16 15.81 60.77 29.10
CA THR QA 16 16.26 61.62 30.18
C THR QA 16 15.61 62.99 30.02
N LEU QA 17 15.90 63.89 30.95
CA LEU QA 17 15.38 65.25 30.87
C LEU QA 17 15.98 65.99 29.68
N CYS QA 18 15.14 66.76 29.00
CA CYS QA 18 15.53 67.52 27.83
C CYS QA 18 15.90 68.93 28.25
N ARG QA 19 17.04 69.42 27.78
CA ARG QA 19 17.50 70.75 28.17
C ARG QA 19 16.62 71.85 27.59
N ARG QA 20 15.96 71.59 26.47
CA ARG QA 20 14.82 72.36 26.03
C ARG QA 20 13.57 71.70 26.58
N CYS QA 21 12.54 72.50 26.86
CA CYS QA 21 11.20 72.06 27.24
C CYS QA 21 11.13 71.26 28.54
N GLY QA 22 12.28 70.88 29.10
CA GLY QA 22 12.34 70.25 30.41
C GLY QA 22 11.54 68.99 30.57
N SER QA 23 11.27 68.27 29.50
CA SER QA 23 10.46 67.07 29.57
C SER QA 23 11.35 65.83 29.52
N LYS QA 24 10.90 64.78 30.20
CA LYS QA 24 11.64 63.52 30.27
C LYS QA 24 11.38 62.66 29.03
N ALA QA 25 11.72 63.23 27.87
CA ALA QA 25 11.52 62.54 26.61
C ALA QA 25 12.75 62.60 25.72
N TYR QA 26 13.91 62.97 26.26
CA TYR QA 26 15.12 63.06 25.46
C TYR QA 26 15.70 61.66 25.29
N HIS QA 27 15.36 61.02 24.17
CA HIS QA 27 15.99 59.75 23.81
C HIS QA 27 17.48 59.92 23.77
N LEU QA 28 18.17 59.21 24.67
CA LEU QA 28 19.61 59.31 24.80
C LEU QA 28 20.34 58.67 23.63
N GLN QA 29 19.89 57.50 23.20
CA GLN QA 29 20.56 56.76 22.15
C GLN QA 29 20.36 57.39 20.79
N LYS QA 30 19.21 58.03 20.56
CA LYS QA 30 18.97 58.82 19.35
C LYS QA 30 19.37 60.27 19.52
N SER QA 31 19.63 60.71 20.75
CA SER QA 31 19.99 62.11 21.05
C SER QA 31 18.93 63.07 20.52
N THR QA 32 17.68 62.77 20.82
CA THR QA 32 16.58 63.58 20.28
C THR QA 32 15.41 63.56 21.25
N CYS QA 33 14.79 64.71 21.46
CA CYS QA 33 13.62 64.76 22.31
C CYS QA 33 12.38 64.35 21.52
N GLY QA 34 11.63 63.41 22.07
CA GLY QA 34 10.41 62.96 21.44
C GLY QA 34 9.23 63.87 21.61
N LYS QA 35 9.36 64.93 22.42
CA LYS QA 35 8.30 65.91 22.58
C LYS QA 35 8.56 67.18 21.79
N CYS QA 36 9.77 67.73 21.86
CA CYS QA 36 10.09 68.96 21.18
C CYS QA 36 11.04 68.81 20.01
N GLY QA 37 11.73 67.68 19.89
CA GLY QA 37 12.77 67.54 18.91
C GLY QA 37 13.88 68.54 19.13
N TYR QA 38 14.60 68.43 20.24
CA TYR QA 38 15.50 69.50 20.65
C TYR QA 38 16.61 69.83 19.67
N PRO QA 39 17.40 68.88 19.15
CA PRO QA 39 18.47 69.30 18.23
C PRO QA 39 17.96 69.96 16.98
N ALA QA 40 16.70 69.73 16.62
CA ALA QA 40 16.08 70.48 15.55
C ALA QA 40 15.84 71.92 15.98
N LYS QA 41 16.04 72.85 15.05
CA LYS QA 41 15.83 74.26 15.35
C LYS QA 41 14.37 74.55 15.67
N ARG QA 42 13.46 73.94 14.93
CA ARG QA 42 12.05 74.23 15.09
C ARG QA 42 11.41 73.28 16.09
N LYS QA 43 10.41 73.80 16.79
CA LYS QA 43 9.69 73.02 17.80
C LYS QA 43 8.82 71.96 17.13
N ARG QA 44 8.76 70.78 17.75
CA ARG QA 44 7.91 69.70 17.27
C ARG QA 44 6.47 70.01 17.66
N LYS QA 45 5.63 70.25 16.67
CA LYS QA 45 4.24 70.63 16.92
C LYS QA 45 3.38 70.03 15.82
N TYR QA 46 2.25 69.46 16.21
CA TYR QA 46 1.38 68.78 15.25
C TYR QA 46 -0.06 69.18 15.48
N ASN QA 47 -0.82 69.28 14.38
CA ASN QA 47 -2.22 69.68 14.47
C ASN QA 47 -3.14 68.52 14.80
N TRP QA 48 -2.63 67.30 14.85
CA TRP QA 48 -3.49 66.20 15.28
C TRP QA 48 -3.55 66.07 16.79
N SER QA 49 -2.87 66.93 17.53
CA SER QA 49 -3.01 66.96 18.99
C SER QA 49 -3.18 68.41 19.44
N ALA QA 50 -4.43 68.88 19.43
CA ALA QA 50 -4.71 70.21 19.95
C ALA QA 50 -4.48 70.28 21.45
N LYS QA 51 -4.73 69.19 22.16
CA LYS QA 51 -4.46 69.14 23.59
C LYS QA 51 -2.97 69.30 23.86
N ALA QA 52 -2.13 68.63 23.08
CA ALA QA 52 -0.70 68.80 23.23
C ALA QA 52 -0.25 70.20 22.85
N LYS QA 53 -0.87 70.80 21.83
CA LYS QA 53 -0.54 72.18 21.49
C LYS QA 53 -0.87 73.13 22.62
N ARG QA 54 -2.03 72.96 23.25
CA ARG QA 54 -2.43 73.89 24.31
C ARG QA 54 -1.75 73.60 25.63
N ARG QA 55 -1.14 72.42 25.79
CA ARG QA 55 -0.36 72.17 27.00
C ARG QA 55 0.89 73.03 27.05
N ASN QA 56 1.45 73.39 25.90
CA ASN QA 56 2.74 74.08 25.86
C ASN QA 56 2.71 75.32 24.97
N THR QA 57 1.52 75.82 24.63
CA THR QA 57 1.43 77.00 23.80
C THR QA 57 1.88 78.24 24.57
N THR QA 58 1.89 79.37 23.88
CA THR QA 58 2.19 80.65 24.49
C THR QA 58 1.13 81.00 25.53
N GLY QA 59 1.57 81.49 26.68
CA GLY QA 59 0.69 81.82 27.77
C GLY QA 59 0.62 80.77 28.85
N THR QA 60 1.05 79.54 28.56
CA THR QA 60 1.11 78.50 29.57
C THR QA 60 2.31 78.65 30.50
N GLY QA 61 3.26 79.51 30.16
CA GLY QA 61 4.41 79.73 31.00
C GLY QA 61 4.40 81.10 31.65
N ARG QA 62 5.54 81.78 31.62
CA ARG QA 62 5.70 83.02 32.36
C ARG QA 62 5.36 84.24 31.53
N MET QA 63 5.73 84.24 30.26
CA MET QA 63 5.56 85.40 29.36
C MET QA 63 6.20 86.64 29.95
N ARG QA 64 7.46 86.49 30.39
CA ARG QA 64 8.17 87.57 31.06
C ARG QA 64 8.27 88.80 30.17
N HIS QA 65 8.56 88.59 28.89
CA HIS QA 65 8.69 89.70 27.96
C HIS QA 65 7.36 90.10 27.34
N LEU QA 66 6.47 89.14 27.10
CA LEU QA 66 5.21 89.45 26.45
C LEU QA 66 4.27 90.23 27.35
N LYS QA 67 4.30 89.99 28.67
CA LYS QA 67 3.49 90.80 29.58
C LYS QA 67 3.90 92.27 29.50
N ILE QA 68 5.21 92.51 29.49
CA ILE QA 68 5.70 93.88 29.41
C ILE QA 68 5.37 94.49 28.06
N VAL QA 69 5.42 93.69 27.00
CA VAL QA 69 5.05 94.20 25.68
C VAL QA 69 3.58 94.58 25.64
N TYR QA 70 2.72 93.75 26.24
CA TYR QA 70 1.30 94.04 26.27
C TYR QA 70 1.01 95.30 27.08
N ARG QA 71 1.73 95.49 28.17
CA ARG QA 71 1.57 96.73 28.93
C ARG QA 71 2.08 97.94 28.17
N ARG QA 72 3.25 97.81 27.52
CA ARG QA 72 3.88 98.93 26.84
C ARG QA 72 3.14 99.34 25.58
N PHE QA 73 2.40 98.42 24.96
CA PHE QA 73 1.65 98.75 23.76
C PHE QA 73 0.59 99.80 24.03
N ARG QA 74 0.02 99.80 25.25
CA ARG QA 74 -1.05 100.70 25.59
C ARG QA 74 -0.62 102.15 25.67
N HIS QA 75 0.68 102.43 25.64
CA HIS QA 75 1.19 103.79 25.63
C HIS QA 75 2.09 104.07 24.43
N GLY QA 76 1.96 103.28 23.38
CA GLY QA 76 2.70 103.52 22.16
C GLY QA 76 4.17 103.19 22.21
N PHE QA 77 4.57 102.29 23.11
CA PHE QA 77 5.97 101.86 23.25
C PHE QA 77 6.90 103.05 23.48
N ARG QA 78 6.47 103.97 24.35
CA ARG QA 78 7.28 105.15 24.63
C ARG QA 78 8.55 104.77 25.38
N GLU QA 79 9.63 105.48 25.09
CA GLU QA 79 10.91 105.25 25.73
C GLU QA 79 11.65 106.56 25.88
N GLY QA 80 12.59 106.58 26.82
CA GLY QA 80 13.40 107.76 27.03
C GLY QA 80 12.69 108.89 27.76
N THR QA 81 11.50 108.65 28.29
CA THR QA 81 10.75 109.66 28.99
C THR QA 81 10.43 109.19 30.41
N THR QA 82 10.14 110.15 31.27
CA THR QA 82 9.77 109.92 32.66
C THR QA 82 8.55 110.75 32.97
N PRO QA 83 7.77 110.37 33.98
CA PRO QA 83 6.68 111.25 34.43
C PRO QA 83 7.24 112.56 34.95
N LYS QA 84 6.42 113.59 34.87
CA LYS QA 84 6.83 114.92 35.31
C LYS QA 84 7.16 114.90 36.80
N PRO QA 85 8.36 115.31 37.20
CA PRO QA 85 8.73 115.20 38.62
C PRO QA 85 7.85 116.06 39.51
N LYS QA 86 7.61 115.57 40.72
CA LYS QA 86 6.75 116.27 41.66
C LYS QA 86 7.46 117.46 42.28
N PRO RA 1 61.10 57.82 53.59
CA PRO RA 1 62.17 57.93 54.59
C PRO RA 1 63.52 57.53 54.02
N ARG RA 2 64.58 58.16 54.52
CA ARG RA 2 65.93 57.84 54.10
C ARG RA 2 66.77 57.53 55.33
N LYS RA 3 67.70 56.60 55.19
CA LYS RA 3 68.56 56.17 56.28
C LYS RA 3 69.96 56.71 56.02
N ILE RA 4 70.41 57.61 56.89
CA ILE RA 4 71.75 58.19 56.78
C ILE RA 4 72.74 57.20 57.37
N GLU RA 5 73.83 56.94 56.64
CA GLU RA 5 74.73 55.88 57.03
C GLU RA 5 75.72 56.34 58.11
N GLU RA 6 76.45 57.41 57.86
CA GLU RA 6 77.45 57.86 58.83
C GLU RA 6 77.06 59.24 59.39
N ILE RA 7 77.92 59.77 60.24
CA ILE RA 7 77.57 60.87 61.13
C ILE RA 7 77.67 62.22 60.44
N LYS RA 8 78.68 62.41 59.58
CA LYS RA 8 78.87 63.69 58.91
C LYS RA 8 77.69 64.04 58.01
N ASP RA 9 77.17 63.04 57.30
CA ASP RA 9 76.01 63.27 56.45
C ASP RA 9 74.82 63.73 57.27
N PHE RA 10 74.60 63.13 58.43
CA PHE RA 10 73.52 63.58 59.29
C PHE RA 10 73.75 65.00 59.77
N LEU RA 11 75.00 65.36 60.05
CA LEU RA 11 75.30 66.72 60.46
C LEU RA 11 74.91 67.73 59.39
N LEU RA 12 75.39 67.54 58.16
CA LEU RA 12 75.03 68.58 57.19
C LEU RA 12 73.61 68.43 56.68
N THR RA 13 72.94 67.31 56.95
CA THR RA 13 71.51 67.24 56.70
C THR RA 13 70.73 68.02 57.74
N ALA RA 14 71.14 67.93 59.01
CA ALA RA 14 70.48 68.70 60.06
C ALA RA 14 70.76 70.19 59.91
N ARG RA 15 71.91 70.56 59.34
CA ARG RA 15 72.20 71.96 59.11
C ARG RA 15 71.52 72.53 57.86
N ARG RA 16 70.52 71.85 57.30
CA ARG RA 16 69.83 72.35 56.13
C ARG RA 16 68.77 73.37 56.52
N LYS RA 17 68.34 74.15 55.53
CA LYS RA 17 67.35 75.19 55.79
C LYS RA 17 65.96 74.60 56.03
N ASP RA 18 65.63 73.51 55.36
CA ASP RA 18 64.31 72.92 55.45
C ASP RA 18 64.16 71.93 56.59
N ALA RA 19 65.21 71.73 57.39
CA ALA RA 19 65.13 70.84 58.54
C ALA RA 19 64.21 71.46 59.59
N LYS RA 20 63.02 70.86 59.76
CA LYS RA 20 62.04 71.43 60.68
C LYS RA 20 62.37 71.10 62.12
N SER RA 21 62.70 69.84 62.40
CA SER RA 21 62.95 69.39 63.75
C SER RA 21 63.76 68.11 63.70
N VAL RA 22 64.27 67.70 64.85
CA VAL RA 22 64.90 66.40 65.02
C VAL RA 22 64.27 65.75 66.24
N LYS RA 23 64.00 64.45 66.12
CA LYS RA 23 63.43 63.64 67.18
C LYS RA 23 64.45 62.59 67.57
N ILE RA 24 64.69 62.45 68.86
CA ILE RA 24 65.63 61.47 69.38
C ILE RA 24 64.84 60.37 70.06
N LYS RA 25 64.99 59.14 69.56
CA LYS RA 25 64.27 57.98 70.07
C LYS RA 25 65.29 57.03 70.66
N LYS RA 26 65.15 56.71 71.94
CA LYS RA 26 66.06 55.81 72.63
C LYS RA 26 65.42 54.43 72.70
N ASN RA 27 65.90 53.51 71.86
CA ASN RA 27 65.44 52.13 71.90
C ASN RA 27 66.31 51.32 72.83
N LYS RA 28 65.99 50.03 72.97
CA LYS RA 28 66.79 49.15 73.81
C LYS RA 28 68.15 48.90 73.20
N ASP RA 29 68.23 48.79 71.87
CA ASP RA 29 69.45 48.41 71.20
C ASP RA 29 70.20 49.57 70.58
N ASN RA 30 69.52 50.66 70.24
CA ASN RA 30 70.14 51.76 69.54
C ASN RA 30 69.41 53.06 69.83
N VAL RA 31 69.95 54.15 69.32
CA VAL RA 31 69.36 55.48 69.42
C VAL RA 31 69.18 56.01 68.00
N LYS RA 32 67.98 56.48 67.69
CA LYS RA 32 67.64 56.95 66.36
C LYS RA 32 67.45 58.47 66.39
N PHE RA 33 68.19 59.17 65.54
CA PHE RA 33 68.07 60.60 65.36
C PHE RA 33 67.35 60.83 64.03
N LYS RA 34 66.13 61.36 64.09
CA LYS RA 34 65.31 61.54 62.89
C LYS RA 34 65.10 63.01 62.65
N VAL RA 35 65.69 63.54 61.58
CA VAL RA 35 65.49 64.92 61.19
C VAL RA 35 64.41 64.97 60.11
N ARG RA 36 63.47 65.89 60.27
CA ARG RA 36 62.32 66.03 59.38
C ARG RA 36 62.64 67.14 58.38
N CYS RA 37 63.04 66.74 57.18
CA CYS RA 37 63.32 67.70 56.12
C CYS RA 37 62.06 67.92 55.31
N SER RA 38 62.20 68.59 54.17
CA SER RA 38 61.02 68.93 53.37
C SER RA 38 60.42 67.69 52.72
N ARG RA 39 61.25 66.86 52.13
CA ARG RA 39 60.77 65.69 51.39
C ARG RA 39 60.86 64.40 52.19
N TYR RA 40 61.95 64.18 52.90
CA TYR RA 40 62.19 62.91 53.58
C TYR RA 40 62.39 63.11 55.06
N LEU RA 41 62.19 62.01 55.78
CA LEU RA 41 62.61 61.89 57.17
C LEU RA 41 63.91 61.11 57.19
N TYR RA 42 64.98 61.74 57.64
CA TYR RA 42 66.30 61.13 57.63
C TYR RA 42 66.59 60.56 59.00
N THR RA 43 66.89 59.27 59.06
CA THR RA 43 67.13 58.57 60.31
C THR RA 43 68.58 58.12 60.38
N LEU RA 44 69.26 58.48 61.46
CA LEU RA 44 70.60 57.98 61.76
C LEU RA 44 70.50 57.07 62.97
N VAL RA 45 71.08 55.88 62.85
CA VAL RA 45 71.02 54.86 63.90
C VAL RA 45 72.40 54.76 64.54
N ILE RA 46 72.45 54.96 65.85
CA ILE RA 46 73.68 54.89 66.63
C ILE RA 46 73.57 53.70 67.57
N THR RA 47 74.50 52.74 67.44
CA THR RA 47 74.40 51.51 68.21
C THR RA 47 74.75 51.74 69.68
N ASP RA 48 75.80 52.50 69.95
CA ASP RA 48 76.22 52.73 71.33
C ASP RA 48 75.54 53.99 71.87
N LYS RA 49 75.96 54.43 73.05
CA LYS RA 49 75.31 55.56 73.72
C LYS RA 49 76.19 56.79 73.85
N GLU RA 50 77.50 56.60 73.99
CA GLU RA 50 78.39 57.76 74.12
C GLU RA 50 78.40 58.59 72.84
N LYS RA 51 78.41 57.95 71.68
CA LYS RA 51 78.36 58.68 70.42
C LYS RA 51 77.01 59.37 70.23
N ALA RA 52 75.94 58.72 70.69
CA ALA RA 52 74.63 59.36 70.64
C ALA RA 52 74.58 60.60 71.50
N GLU RA 53 75.19 60.55 72.70
CA GLU RA 53 75.25 61.72 73.55
C GLU RA 53 76.10 62.82 72.91
N LYS RA 54 77.24 62.45 72.32
CA LYS RA 54 78.08 63.42 71.64
C LYS RA 54 77.31 64.11 70.51
N LEU RA 55 76.54 63.34 69.74
CA LEU RA 55 75.70 63.93 68.72
C LEU RA 55 74.63 64.84 69.33
N LYS RA 56 74.09 64.45 70.48
CA LYS RA 56 73.09 65.28 71.16
C LYS RA 56 73.65 66.65 71.49
N GLN RA 57 74.87 66.71 72.03
CA GLN RA 57 75.45 68.03 72.27
C GLN RA 57 75.97 68.70 71.01
N SER RA 58 76.24 67.96 69.93
CA SER RA 58 76.76 68.57 68.72
C SER RA 58 75.68 68.93 67.71
N LEU RA 59 74.39 68.74 68.05
CA LEU RA 59 73.34 69.19 67.16
C LEU RA 59 73.36 70.72 67.03
N PRO RA 60 73.01 71.25 65.86
CA PRO RA 60 73.03 72.69 65.68
C PRO RA 60 71.92 73.36 66.48
N PRO RA 61 72.11 74.61 66.88
CA PRO RA 61 71.05 75.33 67.60
C PRO RA 61 69.98 75.81 66.62
N GLY RA 62 68.95 76.43 67.18
CA GLY RA 62 67.87 76.93 66.35
C GLY RA 62 67.00 75.85 65.75
N LEU RA 63 67.02 74.65 66.31
CA LEU RA 63 66.27 73.52 65.78
C LEU RA 63 65.62 72.80 66.95
N ALA RA 64 64.39 72.33 66.75
CA ALA RA 64 63.72 71.56 67.79
C ALA RA 64 64.42 70.21 67.97
N VAL RA 65 64.62 69.83 69.23
CA VAL RA 65 65.48 68.70 69.58
C VAL RA 65 64.60 67.70 70.35
N LYS RA 66 63.37 67.52 69.88
CA LYS RA 66 62.36 66.79 70.64
C LYS RA 66 62.81 65.38 70.99
N GLU RA 67 62.61 65.01 72.26
CA GLU RA 67 62.90 63.67 72.75
C GLU RA 67 61.60 62.87 72.78
N LEU RA 68 61.64 61.66 72.24
CA LEU RA 68 60.43 60.86 72.12
C LEU RA 68 60.14 60.02 73.36
N LYS RA 69 60.97 60.09 74.38
CA LYS RA 69 60.68 59.40 75.63
C LYS RA 69 60.31 60.39 76.73
N SER SA 1 21.46 56.51 42.01
CA SER SA 1 22.69 55.81 42.36
C SER SA 1 23.63 56.73 43.11
N SER SA 2 24.76 56.19 43.55
CA SER SA 2 25.77 57.03 44.17
C SER SA 2 26.44 57.94 43.16
N HIS SA 3 26.73 57.42 41.97
CA HIS SA 3 27.21 58.24 40.87
C HIS SA 3 26.03 59.00 40.27
N LYS SA 4 26.11 60.31 40.24
CA LYS SA 4 25.04 61.11 39.66
C LYS SA 4 25.62 62.40 39.10
N THR SA 5 24.85 63.02 38.21
CA THR SA 5 25.26 64.28 37.63
C THR SA 5 24.78 65.44 38.48
N PHE SA 6 25.37 66.61 38.24
CA PHE SA 6 25.00 67.79 39.00
C PHE SA 6 23.56 68.19 38.76
N ARG SA 7 23.09 68.08 37.51
CA ARG SA 7 21.71 68.44 37.21
C ARG SA 7 20.71 67.51 37.90
N ILE SA 8 21.01 66.21 37.90
CA ILE SA 8 20.15 65.26 38.60
C ILE SA 8 20.15 65.55 40.10
N LYS SA 9 21.32 65.85 40.66
CA LYS SA 9 21.39 66.15 42.08
C LYS SA 9 20.60 67.40 42.42
N ARG SA 10 20.66 68.41 41.56
CA ARG SA 10 19.89 69.64 41.80
C ARG SA 10 18.39 69.39 41.71
N PHE SA 11 17.98 68.56 40.75
CA PHE SA 11 16.57 68.20 40.64
C PHE SA 11 16.08 67.50 41.90
N LEU SA 12 16.86 66.54 42.40
CA LEU SA 12 16.49 65.85 43.62
C LEU SA 12 16.50 66.78 44.82
N ALA SA 13 17.42 67.75 44.84
CA ALA SA 13 17.46 68.71 45.93
C ALA SA 13 16.18 69.54 45.98
N LYS SA 14 15.72 70.01 44.82
CA LYS SA 14 14.48 70.77 44.79
C LYS SA 14 13.30 69.92 45.23
N LYS SA 15 13.26 68.67 44.79
CA LYS SA 15 12.18 67.79 45.22
C LYS SA 15 12.18 67.58 46.74
N GLN SA 16 13.36 67.38 47.31
CA GLN SA 16 13.48 67.24 48.76
C GLN SA 16 12.98 68.50 49.46
N LYS SA 17 13.37 69.66 48.96
CA LYS SA 17 13.00 70.91 49.62
C LYS SA 17 11.50 71.15 49.57
N GLN SA 18 10.86 70.82 48.45
CA GLN SA 18 9.43 71.10 48.36
C GLN SA 18 8.57 69.97 48.89
N ASN SA 19 9.15 68.84 49.30
CA ASN SA 19 8.39 67.79 49.96
C ASN SA 19 8.40 68.00 51.48
N ARG SA 20 7.50 68.86 51.94
CA ARG SA 20 7.40 69.19 53.36
C ARG SA 20 5.99 69.67 53.66
N PRO SA 21 5.56 69.60 54.93
CA PRO SA 21 4.21 70.06 55.27
C PRO SA 21 4.08 71.57 55.21
N ILE SA 22 2.83 72.03 55.21
CA ILE SA 22 2.54 73.46 55.19
C ILE SA 22 2.80 74.02 56.59
N PRO SA 23 3.17 75.29 56.70
CA PRO SA 23 3.32 75.91 58.03
C PRO SA 23 1.97 76.04 58.71
N GLN SA 24 2.02 76.02 60.04
CA GLN SA 24 0.79 76.02 60.83
C GLN SA 24 0.03 77.33 60.70
N TRP SA 25 0.74 78.44 60.51
CA TRP SA 25 0.11 79.75 60.46
C TRP SA 25 -0.60 80.02 59.15
N ILE SA 26 -0.45 79.16 58.15
CA ILE SA 26 -1.17 79.33 56.89
C ILE SA 26 -2.67 79.22 57.12
N ARG SA 27 -3.08 78.25 57.95
CA ARG SA 27 -4.50 78.02 58.18
C ARG SA 27 -5.18 79.17 58.90
N MET SA 28 -4.42 80.07 59.50
CA MET SA 28 -5.01 81.22 60.17
C MET SA 28 -5.20 82.41 59.26
N LYS SA 29 -4.73 82.35 58.02
CA LYS SA 29 -4.86 83.47 57.11
C LYS SA 29 -6.31 83.65 56.67
N THR SA 30 -6.63 84.86 56.23
CA THR SA 30 -8.00 85.22 55.87
C THR SA 30 -8.34 84.56 54.54
N GLY SA 31 -9.33 83.68 54.56
CA GLY SA 31 -9.76 82.98 53.37
C GLY SA 31 -8.73 82.03 52.82
N ASN SA 32 -8.26 81.10 53.66
CA ASN SA 32 -7.17 80.21 53.26
C ASN SA 32 -7.64 79.13 52.30
N LYS SA 33 -8.59 78.31 52.72
CA LYS SA 33 -9.11 77.15 52.00
C LYS SA 33 -8.06 76.07 51.76
N ILE SA 34 -6.96 76.08 52.51
CA ILE SA 34 -5.93 75.05 52.39
C ILE SA 34 -5.88 74.31 53.71
N ARG SA 35 -6.02 72.98 53.65
CA ARG SA 35 -5.99 72.15 54.85
C ARG SA 35 -4.64 71.48 55.06
N TYR SA 36 -4.00 71.04 53.98
CA TYR SA 36 -2.74 70.32 54.07
C TYR SA 36 -2.06 70.38 52.71
N ASN SA 37 -0.79 70.00 52.70
CA ASN SA 37 -0.04 69.92 51.45
C ASN SA 37 -0.49 68.68 50.69
N SER SA 38 -1.28 68.89 49.63
CA SER SA 38 -1.78 67.78 48.84
C SER SA 38 -0.77 67.29 47.82
N LYS SA 39 0.38 67.95 47.70
CA LYS SA 39 1.43 67.54 46.78
C LYS SA 39 2.57 66.81 47.49
N ARG SA 40 2.31 66.28 48.68
CA ARG SA 40 3.32 65.51 49.39
C ARG SA 40 3.64 64.24 48.63
N ARG SA 41 4.91 63.87 48.63
CA ARG SA 41 5.38 62.70 47.92
C ARG SA 41 6.17 61.81 48.87
N HIS SA 42 5.92 60.51 48.80
CA HIS SA 42 6.69 59.53 49.55
C HIS SA 42 7.57 58.75 48.59
N TRP SA 43 8.80 58.46 49.04
CA TRP SA 43 9.77 57.82 48.16
C TRP SA 43 9.36 56.41 47.76
N ARG SA 44 8.51 55.76 48.54
CA ARG SA 44 8.11 54.40 48.25
C ARG SA 44 6.77 54.29 47.56
N ARG SA 45 5.85 55.24 47.80
CA ARG SA 45 4.53 55.16 47.18
C ARG SA 45 4.60 55.54 45.70
N THR SA 46 5.02 56.76 45.41
CA THR SA 46 5.11 57.25 44.05
C THR SA 46 6.55 57.64 43.73
N LYS SA 47 6.95 57.37 42.50
CA LYS SA 47 8.33 57.58 42.07
C LYS SA 47 8.44 58.87 41.28
N LEU SA 48 9.64 59.44 41.27
CA LEU SA 48 9.86 60.70 40.59
C LEU SA 48 9.86 60.49 39.08
N GLY SA 49 9.77 61.60 38.35
CA GLY SA 49 9.65 61.52 36.91
C GLY SA 49 10.87 60.92 36.25
N LEU SA 50 12.07 61.32 36.69
CA LEU SA 50 13.30 60.85 36.05
C LEU SA 50 13.46 59.36 36.29
N ILE TA 1 -44.05 -52.24 39.37
CA ILE TA 1 -45.14 -52.68 38.52
C ILE TA 1 -46.49 -52.25 39.10
N ILE TA 2 -47.40 -51.85 38.21
CA ILE TA 2 -48.73 -51.39 38.59
C ILE TA 2 -49.75 -52.18 37.78
N GLU TA 3 -50.74 -52.74 38.45
CA GLU TA 3 -51.74 -53.52 37.74
C GLU TA 3 -52.71 -52.58 37.01
N PRO TA 4 -53.34 -53.06 35.93
CA PRO TA 4 -54.02 -52.13 35.01
C PRO TA 4 -55.12 -51.28 35.63
N SER TA 5 -55.89 -51.78 36.59
CA SER TA 5 -56.97 -50.96 37.13
C SER TA 5 -56.41 -49.81 37.97
N LEU TA 6 -55.39 -50.08 38.77
CA LEU TA 6 -54.74 -49.00 39.51
C LEU TA 6 -54.03 -48.04 38.56
N ARG TA 7 -53.47 -48.55 37.47
CA ARG TA 7 -52.88 -47.67 36.47
C ARG TA 7 -53.93 -46.75 35.85
N GLN TA 8 -55.12 -47.29 35.57
CA GLN TA 8 -56.20 -46.46 35.04
C GLN TA 8 -56.64 -45.41 36.06
N LEU TA 9 -56.71 -45.79 37.33
CA LEU TA 9 -57.07 -44.83 38.37
C LEU TA 9 -56.04 -43.70 38.45
N ALA TA 10 -54.75 -44.03 38.39
CA ALA TA 10 -53.72 -43.00 38.41
C ALA TA 10 -53.80 -42.12 37.17
N GLN TA 11 -54.03 -42.73 36.01
CA GLN TA 11 -54.10 -41.97 34.77
C GLN TA 11 -55.32 -41.09 34.69
N LYS TA 12 -56.39 -41.41 35.42
CA LYS TA 12 -57.55 -40.54 35.43
C LYS TA 12 -57.22 -39.17 36.00
N TYR TA 13 -56.31 -39.12 36.97
CA TYR TA 13 -55.88 -37.85 37.53
C TYR TA 13 -54.63 -37.28 36.88
N ASN TA 14 -53.80 -38.12 36.26
CA ASN TA 14 -52.52 -37.63 35.77
C ASN TA 14 -52.44 -37.44 34.26
N CYS TA 15 -53.21 -38.19 33.47
CA CYS TA 15 -52.97 -38.22 32.04
C CYS TA 15 -54.21 -37.91 31.21
N ASP TA 16 -55.39 -38.34 31.68
CA ASP TA 16 -56.63 -38.19 30.91
C ASP TA 16 -57.19 -36.80 31.13
N LYS TA 17 -56.60 -35.83 30.43
CA LYS TA 17 -56.94 -34.44 30.66
C LYS TA 17 -56.69 -33.64 29.38
N MET TA 18 -57.25 -32.44 29.34
CA MET TA 18 -57.09 -31.51 28.23
C MET TA 18 -56.10 -30.42 28.61
N ILE TA 19 -55.40 -29.90 27.60
CA ILE TA 19 -54.43 -28.84 27.78
C ILE TA 19 -54.83 -27.68 26.87
N CYS TA 20 -54.87 -26.48 27.44
CA CYS TA 20 -55.11 -25.28 26.65
C CYS TA 20 -53.90 -24.95 25.81
N ARG TA 21 -54.10 -24.70 24.51
CA ARG TA 21 -52.98 -24.38 23.64
C ARG TA 21 -52.38 -23.02 23.94
N LYS TA 22 -53.15 -22.11 24.54
CA LYS TA 22 -52.65 -20.77 24.79
C LYS TA 22 -51.94 -20.63 26.13
N CYS TA 23 -52.46 -21.26 27.19
CA CYS TA 23 -51.92 -21.05 28.53
C CYS TA 23 -51.56 -22.35 29.25
N TYR TA 24 -51.60 -23.49 28.57
CA TYR TA 24 -51.12 -24.77 29.07
C TYR TA 24 -51.87 -25.26 30.30
N ALA TA 25 -53.05 -24.72 30.56
CA ALA TA 25 -53.80 -25.12 31.75
C ALA TA 25 -54.25 -26.57 31.63
N ARG TA 26 -54.27 -27.27 32.76
CA ARG TA 26 -54.69 -28.66 32.82
C ARG TA 26 -56.19 -28.70 33.10
N LEU TA 27 -56.96 -29.18 32.12
CA LEU TA 27 -58.41 -29.15 32.21
C LEU TA 27 -58.98 -30.55 32.19
N HIS TA 28 -60.21 -30.68 32.63
CA HIS TA 28 -60.89 -31.97 32.67
C HIS TA 28 -61.09 -32.48 31.24
N PRO TA 29 -61.18 -33.80 31.06
CA PRO TA 29 -61.16 -34.35 29.69
C PRO TA 29 -62.32 -33.93 28.83
N ARG TA 30 -63.44 -33.50 29.42
CA ARG TA 30 -64.60 -33.07 28.65
C ARG TA 30 -64.65 -31.56 28.46
N ALA TA 31 -63.54 -30.86 28.71
CA ALA TA 31 -63.53 -29.42 28.61
C ALA TA 31 -63.65 -28.96 27.16
N VAL TA 32 -64.39 -27.88 26.97
CA VAL TA 32 -64.52 -27.23 25.67
C VAL TA 32 -63.84 -25.87 25.66
N ASN TA 33 -63.92 -25.15 26.77
CA ASN TA 33 -63.26 -23.86 26.91
C ASN TA 33 -62.33 -23.92 28.12
N CYS TA 34 -61.22 -23.19 28.03
CA CYS TA 34 -60.33 -23.07 29.18
C CYS TA 34 -61.00 -22.27 30.28
N ARG TA 35 -60.68 -22.62 31.52
CA ARG TA 35 -61.31 -22.00 32.68
C ARG TA 35 -60.59 -20.75 33.15
N LYS TA 36 -59.52 -20.34 32.48
CA LYS TA 36 -58.64 -19.30 32.99
C LYS TA 36 -58.80 -18.02 32.18
N LYS TA 37 -58.73 -16.89 32.86
CA LYS TA 37 -58.98 -15.61 32.21
C LYS TA 37 -57.82 -15.19 31.31
N LYS TA 38 -56.60 -15.55 31.66
CA LYS TA 38 -55.44 -14.99 30.96
C LYS TA 38 -55.35 -15.44 29.51
N CYS TA 39 -56.01 -16.53 29.14
CA CYS TA 39 -56.15 -16.91 27.75
C CYS TA 39 -57.49 -16.48 27.16
N GLY TA 40 -58.34 -15.83 27.95
CA GLY TA 40 -59.63 -15.41 27.45
C GLY TA 40 -60.65 -16.52 27.33
N HIS TA 41 -60.55 -17.55 28.17
CA HIS TA 41 -61.46 -18.70 28.14
C HIS TA 41 -61.51 -19.33 26.75
N THR TA 42 -60.35 -19.45 26.12
CA THR TA 42 -60.30 -19.89 24.74
C THR TA 42 -60.75 -21.35 24.61
N ASN TA 43 -61.21 -21.69 23.43
CA ASN TA 43 -61.62 -23.05 23.10
C ASN TA 43 -60.59 -23.79 22.27
N ASN TA 44 -59.36 -23.28 22.21
CA ASN TA 44 -58.25 -23.99 21.57
C ASN TA 44 -57.66 -24.95 22.59
N LEU TA 45 -58.16 -26.17 22.58
CA LEU TA 45 -57.71 -27.20 23.50
C LEU TA 45 -57.18 -28.39 22.71
N ARG TA 46 -56.27 -29.12 23.32
CA ARG TA 46 -55.70 -30.33 22.75
C ARG TA 46 -55.67 -31.40 23.84
N PRO TA 47 -55.61 -32.66 23.46
CA PRO TA 47 -55.41 -33.70 24.47
C PRO TA 47 -54.02 -33.61 25.08
N LYS TA 48 -53.93 -34.01 26.34
CA LYS TA 48 -52.62 -34.18 26.96
C LYS TA 48 -51.92 -35.36 26.28
N LYS TA 49 -50.67 -35.14 25.87
CA LYS TA 49 -49.97 -36.13 25.08
C LYS TA 49 -49.63 -37.35 25.93
N LYS TA 50 -49.73 -38.52 25.33
CA LYS TA 50 -49.52 -39.78 26.02
C LYS TA 50 -48.06 -40.20 25.95
N VAL TA 51 -47.69 -41.13 26.84
CA VAL TA 51 -46.36 -41.70 26.82
C VAL TA 51 -46.14 -42.70 25.71
N LYS TA 52 -47.21 -43.12 25.03
CA LYS TA 52 -47.11 -44.09 23.94
C LYS TA 52 -46.38 -43.49 22.75
N MET UA 1 25.01 -23.39 -19.75
CA MET UA 1 25.40 -21.99 -19.92
C MET UA 1 26.87 -21.86 -20.19
N ARG UA 2 27.26 -20.66 -20.62
CA ARG UA 2 28.66 -20.28 -20.61
C ARG UA 2 29.14 -20.18 -19.17
N ALA UA 3 30.38 -20.60 -18.94
CA ALA UA 3 30.91 -20.62 -17.57
C ALA UA 3 30.96 -19.22 -16.99
N LYS UA 4 31.29 -18.24 -17.83
CA LYS UA 4 31.34 -16.85 -17.37
C LYS UA 4 29.97 -16.37 -16.93
N TRP UA 5 28.92 -16.75 -17.65
CA TRP UA 5 27.59 -16.32 -17.26
C TRP UA 5 27.06 -17.10 -16.06
N ARG UA 6 27.48 -18.37 -15.89
CA ARG UA 6 27.17 -19.05 -14.64
C ARG UA 6 27.84 -18.36 -13.47
N LYS UA 7 29.08 -17.91 -13.66
CA LYS UA 7 29.78 -17.17 -12.61
C LYS UA 7 29.05 -15.88 -12.28
N LYS UA 8 28.57 -15.17 -13.30
CA LYS UA 8 27.82 -13.94 -13.06
C LYS UA 8 26.51 -14.21 -12.33
N ARG UA 9 25.80 -15.26 -12.75
CA ARG UA 9 24.55 -15.64 -12.07
C ARG UA 9 24.80 -16.00 -10.62
N MET UA 10 25.88 -16.74 -10.36
CA MET UA 10 26.21 -17.10 -8.98
C MET UA 10 26.57 -15.88 -8.16
N ARG UA 11 27.26 -14.91 -8.76
CA ARG UA 11 27.58 -13.69 -8.03
C ARG UA 11 26.32 -12.89 -7.68
N ARG UA 12 25.38 -12.81 -8.62
CA ARG UA 12 24.11 -12.14 -8.34
C ARG UA 12 23.38 -12.85 -7.19
N LEU UA 13 23.35 -14.17 -7.25
CA LEU UA 13 22.67 -14.94 -6.21
C LEU UA 13 23.36 -14.76 -4.86
N LYS UA 14 24.69 -14.67 -4.85
CA LYS UA 14 25.42 -14.49 -3.61
C LYS UA 14 25.19 -13.11 -3.02
N ARG UA 15 25.11 -12.07 -3.86
CA ARG UA 15 24.74 -10.76 -3.33
C ARG UA 15 23.35 -10.76 -2.74
N LYS UA 16 22.41 -11.44 -3.40
CA LYS UA 16 21.06 -11.53 -2.85
C LYS UA 16 21.06 -12.27 -1.51
N ARG UA 17 21.84 -13.35 -1.42
CA ARG UA 17 21.94 -14.10 -0.16
C ARG UA 17 22.54 -13.25 0.95
N ARG UA 18 23.60 -12.50 0.63
CA ARG UA 18 24.21 -11.63 1.64
C ARG UA 18 23.23 -10.57 2.10
N LYS UA 19 22.45 -10.00 1.18
CA LYS UA 19 21.46 -9.00 1.56
C LYS UA 19 20.39 -9.61 2.46
N MET UA 20 19.92 -10.81 2.13
CA MET UA 20 18.91 -11.47 2.96
C MET UA 20 19.44 -11.76 4.36
N ARG UA 21 20.69 -12.23 4.45
CA ARG UA 21 21.24 -12.53 5.77
C ARG UA 21 21.51 -11.27 6.57
N GLN UA 22 21.98 -10.22 5.92
CA GLN UA 22 22.22 -8.96 6.60
C GLN UA 22 20.94 -8.35 7.11
N ARG UA 23 19.84 -8.56 6.39
CA ARG UA 23 18.54 -8.05 6.85
C ARG UA 23 18.14 -8.65 8.19
N SER UA 24 18.53 -9.89 8.47
CA SER UA 24 18.20 -10.52 9.73
C SER UA 24 19.01 -9.93 10.88
N VAL VA 1 -31.86 30.92 -42.74
CA VAL VA 1 -32.98 31.25 -43.60
C VAL VA 1 -32.47 31.73 -44.95
N ASN VA 2 -33.38 31.84 -45.91
CA ASN VA 2 -33.06 32.29 -47.25
C ASN VA 2 -33.99 33.43 -47.63
N VAL VA 3 -33.43 34.53 -48.12
CA VAL VA 3 -34.25 35.62 -48.63
C VAL VA 3 -33.70 36.02 -50.00
N PRO VA 4 -34.56 36.35 -50.95
CA PRO VA 4 -34.06 36.72 -52.29
C PRO VA 4 -33.33 38.05 -52.27
N LYS VA 5 -32.46 38.21 -53.26
CA LYS VA 5 -31.64 39.42 -53.36
C LYS VA 5 -32.43 40.63 -53.81
N THR VA 6 -33.68 40.47 -54.23
CA THR VA 6 -34.51 41.59 -54.60
C THR VA 6 -35.93 41.35 -54.10
N ARG VA 7 -36.61 42.44 -53.76
CA ARG VA 7 -38.01 42.32 -53.39
C ARG VA 7 -38.73 43.61 -53.74
N ARG VA 8 -40.02 43.50 -54.05
CA ARG VA 8 -40.83 44.65 -54.38
C ARG VA 8 -41.58 45.08 -53.13
N THR VA 9 -41.16 46.18 -52.52
CA THR VA 9 -41.73 46.61 -51.25
C THR VA 9 -41.84 48.13 -51.25
N PHE VA 10 -42.50 48.64 -50.21
CA PHE VA 10 -42.82 50.07 -50.14
C PHE VA 10 -41.55 50.90 -50.00
N CYS VA 11 -41.49 51.98 -50.77
CA CYS VA 11 -40.41 52.95 -50.68
C CYS VA 11 -40.98 54.25 -50.13
N LYS VA 12 -40.41 54.71 -49.02
CA LYS VA 12 -40.96 55.90 -48.36
C LYS VA 12 -40.72 57.15 -49.18
N LYS VA 13 -39.59 57.24 -49.86
CA LYS VA 13 -39.31 58.42 -50.66
C LYS VA 13 -40.19 58.47 -51.90
N CYS VA 14 -40.32 57.34 -52.61
CA CYS VA 14 -41.24 57.28 -53.74
C CYS VA 14 -42.69 57.35 -53.27
N GLY VA 15 -42.98 56.80 -52.10
CA GLY VA 15 -44.34 56.75 -51.60
C GLY VA 15 -45.17 55.62 -52.17
N LYS VA 16 -44.55 54.64 -52.82
CA LYS VA 16 -45.26 53.55 -53.45
C LYS VA 16 -44.37 52.31 -53.39
N HIS VA 17 -44.89 51.20 -53.88
CA HIS VA 17 -44.12 49.96 -53.93
C HIS VA 17 -43.15 50.01 -55.10
N GLN VA 18 -41.89 49.69 -54.83
CA GLN VA 18 -40.82 49.74 -55.80
C GLN VA 18 -39.93 48.53 -55.60
N PRO VA 19 -39.18 48.13 -56.62
CA PRO VA 19 -38.16 47.09 -56.43
C PRO VA 19 -37.00 47.60 -55.59
N HIS VA 20 -36.48 46.72 -54.76
CA HIS VA 20 -35.43 47.01 -53.80
C HIS VA 20 -34.39 45.91 -53.88
N LYS VA 21 -33.13 46.30 -54.02
CA LYS VA 21 -32.03 45.37 -53.82
C LYS VA 21 -31.81 45.16 -52.33
N VAL VA 22 -31.59 43.91 -51.94
CA VAL VA 22 -31.51 43.52 -50.54
C VAL VA 22 -30.10 43.04 -50.26
N THR VA 23 -29.43 43.68 -49.30
CA THR VA 23 -28.14 43.22 -48.81
C THR VA 23 -28.25 43.01 -47.31
N GLN VA 24 -27.16 42.52 -46.71
CA GLN VA 24 -27.11 42.34 -45.27
C GLN VA 24 -26.36 43.51 -44.66
N TYR VA 25 -26.93 44.10 -43.61
CA TYR VA 25 -26.32 45.24 -42.95
C TYR VA 25 -25.21 44.79 -42.03
N LYS VA 26 -24.06 45.45 -42.12
CA LYS VA 26 -22.96 45.22 -41.21
C LYS VA 26 -22.68 46.49 -40.41
N LYS VA 27 -22.36 46.33 -39.14
CA LYS VA 27 -22.05 47.48 -38.30
C LYS VA 27 -20.81 48.19 -38.82
N GLY VA 28 -20.90 49.51 -38.95
CA GLY VA 28 -19.80 50.29 -39.46
C GLY VA 28 -18.69 50.44 -38.45
N LYS VA 29 -17.58 51.00 -38.91
CA LYS VA 29 -16.43 51.21 -38.06
C LYS VA 29 -16.68 52.36 -37.09
N ASP VA 30 -16.18 52.23 -35.87
CA ASP VA 30 -16.35 53.26 -34.86
C ASP VA 30 -15.61 54.53 -35.25
N SER VA 31 -16.22 55.68 -34.93
CA SER VA 31 -15.72 56.94 -35.46
C SER VA 31 -14.45 57.43 -34.79
N LEU VA 32 -14.28 57.13 -33.50
CA LEU VA 32 -13.17 57.61 -32.66
C LEU VA 32 -13.34 59.09 -32.34
N TYR VA 33 -14.31 59.74 -33.00
CA TYR VA 33 -14.64 61.12 -32.71
C TYR VA 33 -16.11 61.28 -32.37
N ALA VA 34 -16.81 60.17 -32.15
CA ALA VA 34 -18.13 60.23 -31.55
C ALA VA 34 -18.00 60.72 -30.12
N GLN VA 35 -19.05 61.40 -29.65
CA GLN VA 35 -18.97 62.08 -28.36
C GLN VA 35 -18.75 61.10 -27.22
N GLY VA 36 -19.41 59.95 -27.27
CA GLY VA 36 -19.20 58.95 -26.23
C GLY VA 36 -17.81 58.36 -26.27
N LYS VA 37 -17.26 58.16 -27.46
CA LYS VA 37 -15.89 57.69 -27.56
C LYS VA 37 -14.91 58.72 -27.02
N ARG VA 38 -15.13 59.99 -27.31
CA ARG VA 38 -14.28 61.05 -26.77
C ARG VA 38 -14.36 61.10 -25.26
N ARG VA 39 -15.56 61.00 -24.71
CA ARG VA 39 -15.74 60.98 -23.26
C ARG VA 39 -15.05 59.77 -22.64
N TYR VA 40 -15.15 58.62 -23.30
CA TYR VA 40 -14.51 57.41 -22.80
C TYR VA 40 -12.99 57.53 -22.83
N ASP VA 41 -12.43 58.09 -23.90
CA ASP VA 41 -10.99 58.25 -23.98
C ASP VA 41 -10.48 59.22 -22.92
N ARG VA 42 -11.19 60.33 -22.71
CA ARG VA 42 -10.81 61.26 -21.66
C ARG VA 42 -10.89 60.61 -20.30
N LYS VA 43 -11.93 59.80 -20.06
CA LYS VA 43 -12.08 59.12 -18.79
C LYS VA 43 -10.98 58.09 -18.57
N GLN VA 44 -10.58 57.40 -19.62
CA GLN VA 44 -9.59 56.34 -19.50
C GLN VA 44 -8.17 56.87 -19.38
N SER VA 45 -7.91 58.07 -19.88
CA SER VA 45 -6.57 58.63 -19.76
C SER VA 45 -6.22 58.89 -18.31
N GLY VA 46 -4.97 58.61 -17.96
CA GLY VA 46 -4.51 58.84 -16.60
C GLY VA 46 -4.46 57.59 -15.77
N TYR VA 47 -4.62 57.73 -14.46
CA TYR VA 47 -4.65 56.61 -13.54
C TYR VA 47 -6.07 56.32 -13.10
N GLY VA 48 -6.31 55.09 -12.70
CA GLY VA 48 -7.63 54.68 -12.27
C GLY VA 48 -8.07 53.38 -12.91
N GLY VA 49 -7.35 52.97 -13.94
CA GLY VA 49 -7.67 51.72 -14.58
C GLY VA 49 -8.93 51.80 -15.44
N GLN VA 50 -9.59 50.66 -15.57
CA GLN VA 50 -10.84 50.59 -16.33
C GLN VA 50 -11.92 51.34 -15.59
N THR VA 51 -12.57 52.28 -16.28
CA THR VA 51 -13.55 53.16 -15.66
C THR VA 51 -14.98 52.86 -16.06
N LYS VA 52 -15.19 51.98 -17.05
CA LYS VA 52 -16.50 51.60 -17.52
C LYS VA 52 -16.61 50.08 -17.51
N PRO VA 53 -17.82 49.54 -17.37
CA PRO VA 53 -17.96 48.08 -17.34
C PRO VA 53 -17.59 47.42 -18.66
N ILE VA 54 -17.08 46.20 -18.56
CA ILE VA 54 -16.81 45.34 -19.70
C ILE VA 54 -17.70 44.12 -19.55
N PHE VA 55 -18.54 43.87 -20.55
CA PHE VA 55 -19.69 42.98 -20.37
C PHE VA 55 -19.27 41.55 -20.00
N ARG VA 56 -18.58 40.86 -20.90
CA ARG VA 56 -18.01 39.52 -20.69
C ARG VA 56 -18.98 38.52 -20.05
N LYS VA 57 -20.27 38.59 -20.36
CA LYS VA 57 -21.23 37.58 -19.92
C LYS VA 57 -22.19 37.22 -21.05
N LYS VA 58 -21.63 36.94 -22.23
CA LYS VA 58 -22.43 36.69 -23.42
C LYS VA 58 -23.34 35.49 -23.23
N ALA VA 59 -24.59 35.65 -23.65
CA ALA VA 59 -25.59 34.59 -23.55
C ALA VA 59 -26.27 34.29 -24.87
N LYS VA 60 -26.51 35.30 -25.70
CA LYS VA 60 -27.09 35.06 -27.01
C LYS VA 60 -26.11 34.36 -27.92
N THR VA 61 -26.61 33.49 -28.79
CA THR VA 61 -25.80 32.83 -29.78
C THR VA 61 -26.09 33.32 -31.19
N THR VA 62 -27.11 34.14 -31.38
CA THR VA 62 -27.51 34.66 -32.68
C THR VA 62 -27.68 36.16 -32.59
N LYS VA 63 -27.82 36.79 -33.75
CA LYS VA 63 -28.16 38.19 -33.87
C LYS VA 63 -29.37 38.33 -34.78
N LYS VA 64 -30.11 39.41 -34.59
CA LYS VA 64 -31.21 39.72 -35.50
C LYS VA 64 -30.63 40.22 -36.81
N ILE VA 65 -30.93 39.52 -37.91
CA ILE VA 65 -30.41 39.91 -39.21
C ILE VA 65 -31.10 41.16 -39.70
N VAL VA 66 -30.34 42.11 -40.19
CA VAL VA 66 -30.86 43.37 -40.70
C VAL VA 66 -30.68 43.41 -42.20
N LEU VA 67 -31.76 43.65 -42.92
CA LEU VA 67 -31.74 43.74 -44.37
C LEU VA 67 -31.66 45.20 -44.77
N ARG VA 68 -30.64 45.54 -45.55
CA ARG VA 68 -30.49 46.85 -46.16
C ARG VA 68 -31.18 46.82 -47.51
N LEU VA 69 -32.33 47.47 -47.59
CA LEU VA 69 -33.05 47.61 -48.85
C LEU VA 69 -32.65 48.90 -49.53
N GLU VA 70 -32.52 48.85 -50.85
CA GLU VA 70 -32.17 50.02 -51.64
C GLU VA 70 -33.10 50.09 -52.83
N CYS VA 71 -33.88 51.16 -52.92
CA CYS VA 71 -34.78 51.36 -54.04
C CYS VA 71 -33.99 51.42 -55.34
N VAL VA 72 -34.46 50.68 -56.35
CA VAL VA 72 -33.72 50.60 -57.61
C VAL VA 72 -34.00 51.77 -58.53
N GLU VA 73 -34.85 52.70 -58.12
CA GLU VA 73 -35.11 53.88 -58.94
C GLU VA 73 -33.83 54.71 -59.09
N PRO VA 74 -33.43 55.07 -60.31
CA PRO VA 74 -32.20 55.85 -60.48
C PRO VA 74 -32.21 57.18 -59.77
N ASN VA 75 -33.37 57.84 -59.70
CA ASN VA 75 -33.49 59.11 -59.01
C ASN VA 75 -33.79 58.95 -57.53
N CYS VA 76 -34.09 57.74 -57.08
CA CYS VA 76 -34.40 57.45 -55.67
C CYS VA 76 -33.56 56.26 -55.24
N ARG VA 77 -32.39 56.52 -54.68
CA ARG VA 77 -31.55 55.48 -54.13
C ARG VA 77 -31.73 55.36 -52.62
N SER VA 78 -32.95 55.60 -52.15
CA SER VA 78 -33.22 55.62 -50.72
C SER VA 78 -33.02 54.24 -50.11
N LYS VA 79 -32.53 54.22 -48.88
CA LYS VA 79 -32.21 52.99 -48.19
C LYS VA 79 -33.06 52.86 -46.94
N ARG VA 80 -33.36 51.62 -46.57
CA ARG VA 80 -34.14 51.32 -45.38
C ARG VA 80 -33.56 50.06 -44.73
N MET VA 81 -33.82 49.93 -43.44
CA MET VA 81 -33.37 48.78 -42.67
C MET VA 81 -34.57 47.98 -42.20
N LEU VA 82 -34.62 46.70 -42.56
CA LEU VA 82 -35.58 45.77 -42.00
C LEU VA 82 -34.85 44.71 -41.19
N ALA VA 83 -35.32 44.48 -39.97
CA ALA VA 83 -34.82 43.41 -39.13
C ALA VA 83 -35.76 42.22 -39.24
N ILE VA 84 -35.18 41.03 -39.34
CA ILE VA 84 -35.95 39.79 -39.31
C ILE VA 84 -35.60 39.07 -38.02
N LYS VA 85 -36.25 37.95 -37.76
CA LYS VA 85 -36.06 37.25 -36.50
C LYS VA 85 -34.66 36.68 -36.40
N ARG VA 86 -34.32 36.23 -35.20
CA ARG VA 86 -33.01 35.64 -34.96
C ARG VA 86 -32.86 34.33 -35.72
N CYS VA 87 -31.69 34.14 -36.33
CA CYS VA 87 -31.40 32.91 -37.04
C CYS VA 87 -29.93 32.61 -36.93
N LYS VA 88 -29.59 31.32 -37.01
CA LYS VA 88 -28.20 30.90 -36.95
C LYS VA 88 -27.53 30.93 -38.32
N HIS VA 89 -28.24 30.49 -39.36
CA HIS VA 89 -27.70 30.46 -40.72
C HIS VA 89 -28.55 31.37 -41.59
N PHE VA 90 -27.91 32.34 -42.23
CA PHE VA 90 -28.59 33.29 -43.09
C PHE VA 90 -27.86 33.35 -44.42
N GLU VA 91 -28.62 33.41 -45.51
CA GLU VA 91 -28.04 33.51 -46.83
C GLU VA 91 -28.93 34.38 -47.69
N LEU VA 92 -28.33 35.00 -48.71
CA LEU VA 92 -29.00 35.92 -49.61
C LEU VA 92 -29.09 35.26 -50.99
N GLY VA 93 -30.32 35.08 -51.48
CA GLY VA 93 -30.50 34.59 -52.82
C GLY VA 93 -29.93 33.21 -53.06
N GLY VA 94 -30.11 32.29 -52.12
CA GLY VA 94 -29.67 30.93 -52.29
C GLY VA 94 -30.55 30.14 -53.23
N ASP VA 95 -30.17 28.89 -53.45
CA ASP VA 95 -30.91 28.02 -54.35
C ASP VA 95 -32.27 27.71 -53.77
N LYS VA 96 -33.33 28.06 -54.49
CA LYS VA 96 -34.68 27.87 -54.00
C LYS VA 96 -35.04 26.39 -53.96
N LYS VA 97 -35.80 26.00 -52.94
CA LYS VA 97 -36.12 24.60 -52.72
C LYS VA 97 -37.17 24.12 -53.71
N ARG VA 98 -37.09 22.84 -54.07
CA ARG VA 98 -38.09 22.15 -54.86
C ARG VA 98 -38.77 21.10 -54.00
N LYS VA 99 -39.89 20.58 -54.51
CA LYS VA 99 -40.71 19.66 -53.73
C LYS VA 99 -40.58 18.21 -54.18
N GLY VA 100 -40.82 17.92 -55.45
CA GLY VA 100 -40.84 16.55 -55.90
C GLY VA 100 -39.51 16.06 -56.45
N GLN VA 101 -38.46 16.12 -55.64
CA GLN VA 101 -37.12 15.74 -56.08
C GLN VA 101 -36.57 14.66 -55.16
N VAL VA 102 -35.50 14.03 -55.63
CA VAL VA 102 -34.85 12.95 -54.88
C VAL VA 102 -33.79 13.54 -53.97
N ILE VA 103 -33.77 13.07 -52.73
CA ILE VA 103 -32.71 13.44 -51.80
C ILE VA 103 -31.47 12.65 -52.13
N GLN VA 104 -30.30 13.27 -51.99
CA GLN VA 104 -29.05 12.61 -52.33
C GLN VA 104 -28.84 11.36 -51.47
N PHE VA 105 -28.52 10.25 -52.15
CA PHE VA 105 -28.42 8.96 -51.48
C PHE VA 105 -27.05 8.76 -50.85
N ALA WA 1 51.60 0.61 23.82
CA ALA WA 1 51.08 -0.26 22.77
C ALA WA 1 50.34 0.56 21.73
N LYS WA 2 49.95 -0.09 20.64
CA LYS WA 2 49.11 0.56 19.65
C LYS WA 2 47.72 0.79 20.22
N ARG WA 3 47.25 2.03 20.16
CA ARG WA 3 46.03 2.38 20.86
C ARG WA 3 44.80 2.32 19.98
N THR WA 4 44.93 2.62 18.69
CA THR WA 4 43.83 2.52 17.75
C THR WA 4 44.27 1.71 16.55
N LYS WA 5 43.32 1.00 15.96
CA LYS WA 5 43.64 0.17 14.80
C LYS WA 5 43.82 1.02 13.54
N LYS WA 6 42.86 1.91 13.26
CA LYS WA 6 42.91 2.65 12.01
C LYS WA 6 42.58 4.13 12.10
N VAL WA 7 41.86 4.60 13.13
CA VAL WA 7 41.42 6.00 13.12
C VAL WA 7 42.60 6.94 13.32
N GLY WA 8 43.53 6.59 14.19
CA GLY WA 8 44.69 7.43 14.39
C GLY WA 8 44.32 8.78 14.97
N ILE WA 9 44.65 9.85 14.26
CA ILE WA 9 44.47 11.19 14.80
C ILE WA 9 43.01 11.60 14.86
N VAL WA 10 42.13 10.95 14.10
CA VAL WA 10 40.73 11.35 14.10
C VAL WA 10 39.95 10.52 15.11
N GLY WA 11 40.68 9.87 16.01
CA GLY WA 11 40.02 9.24 17.15
C GLY WA 11 39.41 10.23 18.10
N LYS WA 12 39.82 11.50 18.01
CA LYS WA 12 39.23 12.55 18.84
C LYS WA 12 37.81 12.88 18.42
N TYR WA 13 37.43 12.55 17.19
CA TYR WA 13 36.08 12.84 16.72
C TYR WA 13 35.08 11.76 17.11
N GLY WA 14 35.52 10.68 17.75
CA GLY WA 14 34.59 9.69 18.23
C GLY WA 14 33.93 8.94 17.09
N THR WA 15 32.63 8.71 17.23
CA THR WA 15 31.83 8.02 16.24
C THR WA 15 31.15 8.98 15.27
N ARG WA 16 31.42 10.27 15.38
CA ARG WA 16 30.65 11.27 14.66
C ARG WA 16 31.20 11.52 13.26
N TYR WA 17 30.37 12.17 12.44
CA TYR WA 17 30.65 12.80 11.16
C TYR WA 17 30.81 11.81 10.01
N GLY WA 18 30.82 10.51 10.25
CA GLY WA 18 30.93 9.58 9.15
C GLY WA 18 32.34 9.10 8.90
N ALA WA 19 32.48 7.80 8.62
CA ALA WA 19 33.79 7.20 8.49
C ALA WA 19 34.55 7.78 7.31
N SER WA 20 33.88 8.00 6.18
CA SER WA 20 34.57 8.53 5.01
C SER WA 20 35.01 9.97 5.23
N LEU WA 21 34.19 10.78 5.90
CA LEU WA 21 34.60 12.15 6.19
C LEU WA 21 35.76 12.18 7.17
N ARG WA 22 35.75 11.30 8.18
CA ARG WA 22 36.89 11.23 9.09
C ARG WA 22 38.16 10.78 8.38
N LYS WA 23 38.03 9.80 7.47
CA LYS WA 23 39.19 9.36 6.71
C LYS WA 23 39.71 10.47 5.81
N MET WA 24 38.80 11.26 5.22
CA MET WA 24 39.21 12.37 4.38
C MET WA 24 39.94 13.44 5.18
N VAL WA 25 39.43 13.77 6.37
CA VAL WA 25 40.05 14.81 7.17
C VAL WA 25 41.30 14.32 7.89
N LYS WA 26 41.51 13.00 7.95
CA LYS WA 26 42.65 12.47 8.67
C LYS WA 26 43.98 12.90 8.06
N LYS WA 27 44.14 12.69 6.75
CA LYS WA 27 45.41 13.02 6.13
C LYS WA 27 45.65 14.51 6.11
N ILE WA 28 44.58 15.30 5.96
CA ILE WA 28 44.71 16.75 5.99
C ILE WA 28 45.14 17.22 7.37
N GLU WA 29 44.57 16.63 8.43
CA GLU WA 29 44.97 17.01 9.78
C GLU WA 29 46.40 16.59 10.09
N ILE WA 30 46.81 15.42 9.59
CA ILE WA 30 48.19 14.98 9.79
C ILE WA 30 49.16 15.95 9.12
N SER WA 31 48.89 16.32 7.86
CA SER WA 31 49.76 17.26 7.18
C SER WA 31 49.69 18.65 7.81
N GLN WA 32 48.52 19.03 8.32
CA GLN WA 32 48.35 20.31 8.99
C GLN WA 32 49.22 20.42 10.23
N HIS WA 33 49.24 19.37 11.04
CA HIS WA 33 49.95 19.41 12.31
C HIS WA 33 51.35 18.83 12.23
N ALA WA 34 51.79 18.40 11.05
CA ALA WA 34 53.14 17.90 10.90
C ALA WA 34 54.15 19.04 10.97
N LYS WA 35 55.37 18.70 11.36
CA LYS WA 35 56.48 19.64 11.37
C LYS WA 35 57.38 19.35 10.18
N TYR WA 36 57.61 20.36 9.36
CA TYR WA 36 58.37 20.21 8.14
C TYR WA 36 59.80 20.70 8.35
N THR WA 37 60.71 20.15 7.56
CA THR WA 37 62.09 20.59 7.60
C THR WA 37 62.20 21.97 6.96
N CYS WA 38 62.67 22.94 7.71
CA CYS WA 38 62.86 24.28 7.17
C CYS WA 38 63.93 24.26 6.09
N SER WA 39 63.64 24.87 4.95
CA SER WA 39 64.60 24.91 3.86
C SER WA 39 65.61 26.04 4.01
N PHE WA 40 65.49 26.86 5.05
CA PHE WA 40 66.41 27.96 5.30
C PHE WA 40 67.44 27.61 6.35
N CYS WA 41 67.01 27.15 7.52
CA CYS WA 41 67.92 26.78 8.58
C CYS WA 41 68.21 25.29 8.66
N GLY WA 42 67.40 24.46 7.99
CA GLY WA 42 67.62 23.04 7.98
C GLY WA 42 66.97 22.28 9.11
N LYS WA 43 66.38 22.96 10.08
CA LYS WA 43 65.77 22.30 11.22
C LYS WA 43 64.34 21.89 10.91
N THR WA 44 63.87 20.88 11.64
CA THR WA 44 62.51 20.39 11.50
C THR WA 44 61.58 21.12 12.46
N LYS WA 45 61.50 22.43 12.28
CA LYS WA 45 60.75 23.31 13.17
C LYS WA 45 59.83 24.23 12.41
N MET WA 46 59.48 23.91 11.18
CA MET WA 46 58.59 24.70 10.36
C MET WA 46 57.18 24.14 10.51
N LYS WA 47 56.31 24.87 11.20
CA LYS WA 47 54.96 24.41 11.47
C LYS WA 47 53.96 25.51 11.14
N ARG WA 48 52.71 25.10 10.96
CA ARG WA 48 51.67 26.03 10.56
C ARG WA 48 51.29 26.96 11.69
N ARG WA 49 51.17 28.25 11.38
CA ARG WA 49 50.70 29.25 12.33
C ARG WA 49 49.22 29.55 12.13
N ALA WA 50 48.85 29.96 10.93
CA ALA WA 50 47.46 30.07 10.54
C ALA WA 50 47.30 29.39 9.18
N VAL WA 51 46.12 29.48 8.58
CA VAL WA 51 45.91 28.83 7.29
C VAL WA 51 46.73 29.56 6.24
N GLY WA 52 47.63 28.83 5.57
CA GLY WA 52 48.49 29.40 4.57
C GLY WA 52 49.77 30.02 5.07
N ILE WA 53 49.99 30.05 6.39
CA ILE WA 53 51.16 30.69 6.98
C ILE WA 53 51.96 29.64 7.71
N TRP WA 54 53.25 29.54 7.38
CA TRP WA 54 54.12 28.53 7.96
C TRP WA 54 55.33 29.20 8.57
N HIS WA 55 55.51 29.06 9.87
CA HIS WA 55 56.55 29.75 10.60
C HIS WA 55 57.57 28.74 11.10
N CYS WA 56 58.85 29.12 11.06
CA CYS WA 56 59.91 28.30 11.60
C CYS WA 56 60.27 28.80 12.98
N GLY WA 57 60.36 27.88 13.94
CA GLY WA 57 60.67 28.27 15.31
C GLY WA 57 62.07 28.81 15.47
N SER WA 58 63.03 28.27 14.73
CA SER WA 58 64.44 28.60 14.96
C SER WA 58 64.84 29.91 14.29
N CYS WA 59 64.80 29.95 12.96
CA CYS WA 59 65.27 31.14 12.25
C CYS WA 59 64.20 32.21 12.15
N MET WA 60 63.01 31.97 12.69
CA MET WA 60 61.92 32.93 12.72
C MET WA 60 61.55 33.41 11.32
N LYS WA 61 61.61 32.49 10.37
CA LYS WA 61 61.23 32.77 8.99
C LYS WA 61 59.78 32.37 8.79
N THR WA 62 59.00 33.27 8.24
CA THR WA 62 57.59 33.02 7.93
C THR WA 62 57.43 32.90 6.42
N VAL WA 63 56.74 31.86 5.97
CA VAL WA 63 56.58 31.56 4.56
C VAL WA 63 55.09 31.46 4.26
N ALA WA 64 54.70 31.92 3.08
CA ALA WA 64 53.35 31.73 2.58
C ALA WA 64 53.30 30.39 1.83
N GLY WA 65 52.49 29.47 2.33
CA GLY WA 65 52.39 28.14 1.78
C GLY WA 65 50.93 27.74 1.57
N GLY WA 66 50.71 26.44 1.59
CA GLY WA 66 49.37 25.92 1.41
C GLY WA 66 48.56 25.95 2.68
N ALA WA 67 47.29 25.58 2.54
CA ALA WA 67 46.40 25.58 3.69
C ALA WA 67 46.76 24.47 4.68
N TRP WA 68 47.03 23.27 4.18
CA TRP WA 68 47.29 22.12 5.01
C TRP WA 68 48.66 21.52 4.83
N THR WA 69 49.36 21.82 3.74
CA THR WA 69 50.72 21.39 3.52
C THR WA 69 51.61 22.61 3.38
N TYR WA 70 52.90 22.41 3.62
CA TYR WA 70 53.85 23.53 3.55
C TYR WA 70 53.89 24.12 2.14
N ASN WA 71 53.91 23.27 1.11
CA ASN WA 71 53.75 23.75 -0.25
C ASN WA 71 52.80 22.82 -0.99
N THR WA 72 52.11 23.38 -1.96
CA THR WA 72 51.19 22.64 -2.80
C THR WA 72 51.88 22.23 -4.09
N THR WA 73 51.47 21.07 -4.63
CA THR WA 73 52.03 20.59 -5.88
C THR WA 73 51.74 21.58 -7.00
N SER WA 74 50.57 22.22 -6.95
CA SER WA 74 50.26 23.29 -7.90
C SER WA 74 51.33 24.36 -7.87
N ALA WA 75 51.64 24.88 -6.68
CA ALA WA 75 52.62 25.94 -6.57
C ALA WA 75 54.00 25.48 -6.97
N VAL WA 76 54.35 24.23 -6.71
CA VAL WA 76 55.66 23.73 -7.11
C VAL WA 76 55.78 23.69 -8.63
N THR WA 77 54.75 23.17 -9.31
CA THR WA 77 54.76 23.17 -10.77
C THR WA 77 54.76 24.59 -11.32
N VAL WA 78 54.07 25.51 -10.63
CA VAL WA 78 54.05 26.90 -11.05
C VAL WA 78 55.45 27.50 -10.97
N LYS WA 79 56.16 27.25 -9.86
CA LYS WA 79 57.50 27.79 -9.71
C LYS WA 79 58.43 27.25 -10.78
N SER WA 80 58.35 25.95 -11.06
CA SER WA 80 59.18 25.39 -12.12
C SER WA 80 58.84 25.99 -13.48
N ALA WA 81 57.55 26.18 -13.75
CA ALA WA 81 57.15 26.77 -15.02
C ALA WA 81 57.62 28.22 -15.15
N ILE WA 82 57.53 29.00 -14.07
CA ILE WA 82 57.98 30.38 -14.12
C ILE WA 82 59.48 30.44 -14.33
N ARG WA 83 60.24 29.54 -13.69
CA ARG WA 83 61.67 29.50 -13.93
C ARG WA 83 61.97 29.17 -15.39
N ARG WA 84 61.25 28.20 -15.96
CA ARG WA 84 61.48 27.83 -17.34
C ARG WA 84 61.12 28.97 -18.29
N LEU WA 85 60.01 29.67 -18.05
CA LEU WA 85 59.66 30.80 -18.89
C LEU WA 85 60.62 31.96 -18.74
N LYS WA 86 61.17 32.18 -17.55
CA LYS WA 86 62.17 33.23 -17.39
C LYS WA 86 63.44 32.91 -18.16
N GLU WA 87 63.92 31.67 -18.05
CA GLU WA 87 65.14 31.31 -18.75
C GLU WA 87 64.92 31.20 -20.26
N LEU WA 88 63.69 30.99 -20.69
CA LEU WA 88 63.38 31.07 -22.12
C LEU WA 88 63.28 32.51 -22.58
N LYS WA 89 62.75 33.39 -21.73
CA LYS WA 89 62.61 34.79 -22.08
C LYS WA 89 63.97 35.47 -22.24
N ASP WA 90 64.89 35.20 -21.32
CA ASP WA 90 66.21 35.79 -21.47
C ASP WA 90 67.14 34.82 -22.20
N GLN WA 91 68.27 35.35 -22.66
CA GLN WA 91 69.22 34.54 -23.42
C GLN WA 91 70.66 34.90 -23.06
N SER XA 1 -67.88 97.94 20.77
CA SER XA 1 -69.13 97.28 21.11
C SER XA 1 -68.94 96.26 22.22
N ALA XA 2 -70.02 95.97 22.94
CA ALA XA 2 -69.94 95.06 24.08
C ALA XA 2 -69.53 93.66 23.64
N HIS XA 3 -70.11 93.16 22.56
CA HIS XA 3 -69.79 91.80 22.10
C HIS XA 3 -68.35 91.72 21.63
N LEU XA 4 -67.87 92.74 20.92
CA LEU XA 4 -66.48 92.74 20.46
C LEU XA 4 -65.50 92.79 21.63
N GLN XA 5 -65.76 93.69 22.59
CA GLN XA 5 -64.90 93.76 23.76
C GLN XA 5 -64.95 92.48 24.56
N TRP XA 6 -66.11 91.82 24.59
CA TRP XA 6 -66.19 90.52 25.24
C TRP XA 6 -65.33 89.48 24.53
N MET XA 7 -65.36 89.48 23.20
CA MET XA 7 -64.49 88.54 22.48
C MET XA 7 -63.03 88.85 22.74
N VAL XA 8 -62.70 90.10 23.05
CA VAL XA 8 -61.32 90.44 23.38
C VAL XA 8 -60.95 89.92 24.78
N VAL XA 9 -61.82 90.13 25.77
CA VAL XA 9 -61.42 89.93 27.17
C VAL XA 9 -62.07 88.71 27.81
N ARG XA 10 -62.69 87.83 27.03
CA ARG XA 10 -63.34 86.67 27.65
C ARG XA 10 -62.34 85.70 28.26
N ASN XA 11 -61.10 85.69 27.76
CA ASN XA 11 -60.09 84.79 28.29
C ASN XA 11 -58.79 85.49 28.63
N CYS XA 12 -58.60 86.74 28.23
CA CYS XA 12 -57.39 87.49 28.53
C CYS XA 12 -57.79 88.76 29.25
N SER XA 13 -57.71 88.74 30.58
CA SER XA 13 -58.09 89.87 31.40
C SER XA 13 -57.34 89.81 32.71
N SER XA 14 -57.01 90.99 33.24
CA SER XA 14 -56.35 91.03 34.55
C SER XA 14 -57.30 90.70 35.68
N PHE XA 15 -58.60 90.85 35.46
CA PHE XA 15 -59.60 90.50 36.47
C PHE XA 15 -59.98 89.04 36.45
N LEU XA 16 -59.43 88.26 35.53
CA LEU XA 16 -59.82 86.88 35.35
C LEU XA 16 -59.05 85.99 36.31
N ILE XA 17 -59.77 85.20 37.11
CA ILE XA 17 -59.18 84.21 38.01
C ILE XA 17 -59.71 82.85 37.59
N LYS XA 18 -58.80 81.93 37.27
CA LYS XA 18 -59.16 80.57 36.89
C LYS XA 18 -58.46 79.62 37.85
N ARG XA 19 -59.22 79.06 38.79
CA ARG XA 19 -58.66 78.20 39.82
C ARG XA 19 -59.70 77.16 40.22
N ASN XA 20 -59.21 75.97 40.56
CA ASN XA 20 -60.03 74.92 41.17
C ASN XA 20 -61.25 74.58 40.32
N LYS XA 21 -61.04 74.47 39.00
CA LYS XA 21 -62.10 74.21 38.02
C LYS XA 21 -63.17 75.30 38.03
N GLN XA 22 -62.87 76.47 38.56
CA GLN XA 22 -63.80 77.58 38.62
C GLN XA 22 -63.20 78.78 37.90
N THR XA 23 -64.05 79.77 37.65
CA THR XA 23 -63.61 81.02 37.06
C THR XA 23 -64.34 82.18 37.73
N TYR XA 24 -63.62 83.28 37.91
CA TYR XA 24 -64.18 84.45 38.57
C TYR XA 24 -63.63 85.70 37.91
N SER XA 25 -64.36 86.79 38.05
CA SER XA 25 -63.96 88.08 37.50
C SER XA 25 -64.03 89.12 38.60
N THR XA 26 -62.98 89.91 38.74
CA THR XA 26 -62.85 90.84 39.86
C THR XA 26 -62.96 92.30 39.41
N GLU XA 27 -63.59 92.58 38.28
CA GLU XA 27 -63.79 93.96 37.87
C GLU XA 27 -64.81 94.62 38.80
N PRO XA 28 -64.73 95.95 38.97
CA PRO XA 28 -65.51 96.59 40.05
C PRO XA 28 -67.02 96.44 39.95
N ASN XA 29 -67.60 96.43 38.76
CA ASN XA 29 -69.06 96.48 38.64
C ASN XA 29 -69.66 95.15 38.26
N ASN XA 30 -69.11 94.06 38.78
CA ASN XA 30 -69.55 92.71 38.45
C ASN XA 30 -70.35 92.16 39.63
N LEU XA 31 -71.67 92.13 39.48
CA LEU XA 31 -72.49 91.37 40.41
C LEU XA 31 -72.25 89.89 40.17
N LYS XA 32 -72.21 89.11 41.25
CA LYS XA 32 -71.93 87.68 41.25
C LYS XA 32 -70.47 87.37 40.95
N ALA XA 33 -69.71 88.38 40.53
CA ALA XA 33 -68.26 88.27 40.32
C ALA XA 33 -67.89 87.09 39.42
N ARG XA 34 -68.69 86.86 38.39
CA ARG XA 34 -68.45 85.74 37.49
C ARG XA 34 -68.00 86.25 36.13
N ASN XA 35 -67.16 85.44 35.47
CA ASN XA 35 -66.69 85.75 34.13
C ASN XA 35 -67.81 85.40 33.16
N SER XA 36 -68.59 86.40 32.77
CA SER XA 36 -69.68 86.18 31.84
C SER XA 36 -69.98 87.48 31.10
N PHE XA 37 -70.56 87.34 29.92
CA PHE XA 37 -70.91 88.52 29.12
C PHE XA 37 -71.99 89.34 29.81
N ARG XA 38 -72.98 88.68 30.41
CA ARG XA 38 -74.07 89.39 31.03
C ARG XA 38 -73.63 90.18 32.24
N TYR XA 39 -72.73 89.62 33.05
CA TYR XA 39 -72.35 90.22 34.32
C TYR XA 39 -71.06 91.01 34.26
N ASN XA 40 -70.41 91.10 33.11
CA ASN XA 40 -69.19 91.89 33.01
C ASN XA 40 -69.49 93.36 33.25
N GLY XA 41 -68.67 94.00 34.08
CA GLY XA 41 -68.95 95.36 34.50
C GLY XA 41 -68.15 96.42 33.77
N LEU XA 42 -67.60 96.07 32.60
CA LEU XA 42 -66.78 97.02 31.87
C LEU XA 42 -67.23 97.16 30.42
N ILE XA 43 -67.76 96.10 29.84
CA ILE XA 43 -68.01 96.07 28.41
C ILE XA 43 -69.37 96.62 28.02
N HIS XA 44 -70.29 96.78 28.96
CA HIS XA 44 -71.65 97.17 28.62
C HIS XA 44 -71.82 98.67 28.67
N ARG XA 45 -72.73 99.18 27.83
CA ARG XA 45 -73.01 100.60 27.79
C ARG XA 45 -73.65 101.07 29.09
N LYS XA 46 -74.49 100.25 29.70
CA LYS XA 46 -75.04 100.54 31.01
C LYS XA 46 -74.74 99.37 31.93
N THR XA 47 -74.21 99.68 33.12
CA THR XA 47 -73.90 98.66 34.12
C THR XA 47 -74.36 99.17 35.48
N VAL XA 48 -74.61 98.23 36.38
CA VAL XA 48 -74.99 98.52 37.76
C VAL XA 48 -74.14 97.66 38.69
N GLY XA 49 -73.66 98.28 39.76
CA GLY XA 49 -72.89 97.55 40.76
C GLY XA 49 -73.29 97.99 42.15
N VAL XA 50 -73.15 97.08 43.10
CA VAL XA 50 -73.46 97.32 44.50
C VAL XA 50 -72.23 97.02 45.33
N GLU XA 51 -71.80 97.97 46.13
CA GLU XA 51 -70.62 97.85 46.94
C GLU XA 51 -70.94 98.22 48.38
N PRO XA 52 -70.15 97.76 49.35
CA PRO XA 52 -70.31 98.27 50.71
C PRO XA 52 -69.89 99.73 50.79
N ALA XA 53 -70.50 100.45 51.72
CA ALA XA 53 -70.15 101.85 51.92
C ALA XA 53 -68.77 101.96 52.55
N ALA XA 54 -68.21 103.17 52.49
CA ALA XA 54 -66.89 103.42 53.06
C ALA XA 54 -66.86 103.09 54.54
N ASP XA 55 -67.83 103.60 55.30
CA ASP XA 55 -68.07 103.11 56.63
C ASP XA 55 -68.89 101.83 56.56
N GLY XA 56 -68.74 100.99 57.56
CA GLY XA 56 -69.41 99.70 57.54
C GLY XA 56 -70.89 99.76 57.82
N LYS XA 57 -71.62 100.57 57.05
CA LYS XA 57 -73.07 100.64 57.17
C LYS XA 57 -73.64 101.20 55.89
N GLY XA 58 -74.71 100.59 55.39
CA GLY XA 58 -75.31 100.98 54.14
C GLY XA 58 -74.61 100.36 52.94
N VAL XA 59 -75.13 100.68 51.76
CA VAL XA 59 -74.55 100.24 50.50
C VAL XA 59 -74.37 101.44 49.59
N VAL XA 60 -73.53 101.25 48.59
CA VAL XA 60 -73.34 102.22 47.51
C VAL XA 60 -73.77 101.55 46.23
N VAL XA 61 -74.76 102.13 45.57
CA VAL XA 61 -75.23 101.66 44.27
C VAL XA 61 -74.65 102.58 43.22
N VAL XA 62 -73.89 102.01 42.30
CA VAL XA 62 -73.26 102.76 41.22
C VAL XA 62 -73.86 102.32 39.91
N ILE XA 63 -74.20 103.28 39.07
CA ILE XA 63 -74.74 102.98 37.74
C ILE XA 63 -73.94 103.77 36.71
N LYS XA 64 -73.84 103.22 35.51
CA LYS XA 64 -73.10 103.86 34.44
C LYS XA 64 -74.03 104.77 33.66
N ARG XA 65 -73.63 106.03 33.50
CA ARG XA 65 -74.43 106.97 32.74
C ARG XA 65 -74.30 106.69 31.24
N ARG XA 66 -75.17 107.31 30.46
CA ARG XA 66 -75.26 106.98 29.05
C ARG XA 66 -74.23 107.72 28.19
N SER XA 67 -73.89 108.96 28.56
CA SER XA 67 -73.16 109.82 27.63
C SER XA 67 -71.66 109.52 27.63
N GLY XA 68 -71.00 109.74 28.76
CA GLY XA 68 -69.54 109.66 28.77
C GLY XA 68 -69.00 108.25 28.79
N GLN XA 69 -69.14 107.51 27.69
CA GLN XA 69 -68.66 106.14 27.66
C GLN XA 69 -67.15 106.08 27.62
N ARG XA 70 -66.51 107.00 26.90
CA ARG XA 70 -65.06 107.05 26.81
C ARG XA 70 -64.42 107.92 27.88
N LYS XA 71 -65.22 108.45 28.81
CA LYS XA 71 -64.73 109.34 29.85
C LYS XA 71 -64.89 108.68 31.21
N PRO XA 72 -63.93 107.85 31.64
CA PRO XA 72 -64.14 107.07 32.86
C PRO XA 72 -64.22 107.90 34.13
N ALA XA 73 -63.79 109.15 34.13
CA ALA XA 73 -63.82 109.94 35.35
C ALA XA 73 -65.26 110.28 35.76
N THR XA 74 -66.13 110.52 34.79
CA THR XA 74 -67.50 110.92 35.06
C THR XA 74 -68.51 109.89 34.57
N SER XA 75 -68.07 108.68 34.28
CA SER XA 75 -68.93 107.68 33.67
C SER XA 75 -69.86 107.01 34.68
N TYR XA 76 -69.55 107.09 35.97
CA TYR XA 76 -70.27 106.33 36.98
C TYR XA 76 -70.87 107.28 38.01
N VAL XA 77 -72.13 107.04 38.35
CA VAL XA 77 -72.86 107.82 39.34
C VAL XA 77 -73.14 106.92 40.53
N ARG XA 78 -72.71 107.35 41.71
CA ARG XA 78 -72.80 106.55 42.93
C ARG XA 78 -73.76 107.22 43.91
N THR XA 79 -74.72 106.45 44.40
CA THR XA 79 -75.61 106.89 45.47
C THR XA 79 -75.41 105.99 46.68
N THR XA 80 -75.57 106.55 47.86
CA THR XA 80 -75.41 105.79 49.10
C THR XA 80 -76.77 105.63 49.75
N ILE XA 81 -77.15 104.39 50.02
CA ILE XA 81 -78.41 104.06 50.67
C ILE XA 81 -78.08 103.48 52.03
N ASN XA 82 -78.53 104.15 53.08
CA ASN XA 82 -78.26 103.76 54.46
C ASN XA 82 -79.58 103.66 55.23
N LYS XA 83 -80.54 102.97 54.64
CA LYS XA 83 -81.84 102.74 55.22
C LYS XA 83 -81.89 101.33 55.82
N ASN XA 84 -83.08 100.91 56.23
CA ASN XA 84 -83.25 99.52 56.64
C ASN XA 84 -83.16 98.61 55.43
N ALA XA 85 -83.09 97.31 55.68
CA ALA XA 85 -82.84 96.35 54.61
C ALA XA 85 -83.97 96.33 53.60
N ARG XA 86 -85.22 96.33 54.06
CA ARG XA 86 -86.35 96.28 53.15
C ARG XA 86 -86.42 97.54 52.29
N ALA XA 87 -86.18 98.71 52.91
CA ALA XA 87 -86.19 99.95 52.16
C ALA XA 87 -85.06 100.01 51.15
N THR XA 88 -83.87 99.49 51.52
CA THR XA 88 -82.75 99.47 50.60
C THR XA 88 -83.03 98.57 49.39
N LEU XA 89 -83.59 97.39 49.64
CA LEU XA 89 -83.93 96.50 48.55
C LEU XA 89 -85.01 97.11 47.66
N SER XA 90 -85.97 97.80 48.26
CA SER XA 90 -86.98 98.49 47.47
C SER XA 90 -86.37 99.58 46.60
N SER XA 91 -85.42 100.34 47.15
CA SER XA 91 -84.76 101.39 46.37
C SER XA 91 -84.00 100.82 45.18
N ILE XA 92 -83.28 99.72 45.40
CA ILE XA 92 -82.53 99.10 44.31
C ILE XA 92 -83.48 98.52 43.27
N ARG XA 93 -84.57 97.90 43.74
CA ARG XA 93 -85.57 97.36 42.83
C ARG XA 93 -86.19 98.47 41.98
N HIS XA 94 -86.42 99.63 42.57
CA HIS XA 94 -87.00 100.73 41.80
C HIS XA 94 -85.98 101.33 40.84
N MET XA 95 -84.72 101.43 41.25
CA MET XA 95 -83.72 101.95 40.33
C MET XA 95 -83.52 101.05 39.12
N ILE XA 96 -83.62 99.74 39.30
CA ILE XA 96 -83.41 98.84 38.16
C ILE XA 96 -84.69 98.68 37.35
N ARG XA 97 -85.82 98.44 38.01
CA ARG XA 97 -87.03 98.06 37.30
C ARG XA 97 -87.76 99.26 36.73
N LYS XA 98 -87.99 100.29 37.55
CA LYS XA 98 -88.76 101.44 37.09
C LYS XA 98 -88.01 102.18 35.99
N ASN XA 99 -86.70 102.34 36.13
CA ASN XA 99 -85.90 102.98 35.09
C ASN XA 99 -85.69 102.09 33.87
N LYS XA 100 -86.02 100.80 33.97
CA LYS XA 100 -85.69 99.82 32.94
C LYS XA 100 -84.20 99.84 32.64
N TYR XA 101 -83.40 99.98 33.69
CA TYR XA 101 -81.95 100.05 33.60
C TYR XA 101 -81.41 98.66 33.88
N ARG XA 102 -81.20 97.89 32.82
CA ARG XA 102 -80.72 96.52 32.88
C ARG XA 102 -81.58 95.67 33.80
N PRO XA 103 -82.82 95.37 33.42
CA PRO XA 103 -83.70 94.59 34.30
C PRO XA 103 -83.23 93.17 34.54
N ASP XA 104 -82.29 92.68 33.75
CA ASP XA 104 -81.77 91.33 33.92
C ASP XA 104 -80.77 91.21 35.07
N LEU XA 105 -80.41 92.32 35.71
CA LEU XA 105 -79.51 92.30 36.87
C LEU XA 105 -80.24 92.61 38.17
N ARG XA 106 -81.57 92.65 38.16
CA ARG XA 106 -82.32 93.12 39.32
C ARG XA 106 -82.13 92.21 40.52
N MET XA 107 -82.36 90.91 40.35
CA MET XA 107 -82.22 90.00 41.48
C MET XA 107 -80.77 89.80 41.89
N ALA XA 108 -79.84 89.87 40.93
CA ALA XA 108 -78.43 89.81 41.29
C ALA XA 108 -78.05 90.98 42.20
N ALA XA 109 -78.51 92.18 41.85
CA ALA XA 109 -78.20 93.34 42.69
C ALA XA 109 -78.90 93.27 44.03
N ILE XA 110 -80.14 92.79 44.05
CA ILE XA 110 -80.87 92.68 45.32
C ILE XA 110 -80.19 91.67 46.24
N ARG XA 111 -79.79 90.52 45.69
CA ARG XA 111 -79.11 89.51 46.49
C ARG XA 111 -77.75 90.01 46.98
N ARG XA 112 -77.02 90.73 46.14
CA ARG XA 112 -75.74 91.27 46.58
C ARG XA 112 -75.91 92.31 47.68
N ALA XA 113 -76.92 93.16 47.56
CA ALA XA 113 -77.20 94.13 48.62
C ALA XA 113 -77.56 93.43 49.91
N SER XA 114 -78.37 92.37 49.83
CA SER XA 114 -78.71 91.60 51.01
C SER XA 114 -77.47 90.99 51.66
N ALA XA 115 -76.57 90.45 50.84
CA ALA XA 115 -75.35 89.88 51.37
C ALA XA 115 -74.49 90.93 52.07
N ILE XA 116 -74.38 92.12 51.45
CA ILE XA 116 -73.59 93.19 52.05
C ILE XA 116 -74.18 93.64 53.38
N LEU XA 117 -75.51 93.81 53.42
CA LEU XA 117 -76.14 94.25 54.67
C LEU XA 117 -76.03 93.19 55.76
N ARG XA 118 -76.17 91.92 55.39
CA ARG XA 118 -76.01 90.86 56.38
C ARG XA 118 -74.58 90.79 56.90
N SER XA 119 -73.60 91.05 56.03
CA SER XA 119 -72.22 91.11 56.48
C SER XA 119 -71.99 92.32 57.37
N GLN XA 120 -72.70 93.41 57.13
CA GLN XA 120 -72.49 94.63 57.89
C GLN XA 120 -73.12 94.57 59.27
N LYS XA 121 -74.23 93.88 59.43
CA LYS XA 121 -74.88 93.85 60.73
C LYS XA 121 -73.98 93.13 61.74
N PRO XA 122 -74.03 93.52 63.02
CA PRO XA 122 -73.12 92.94 64.01
C PRO XA 122 -73.37 91.45 64.20
N VAL XA 123 -72.29 90.73 64.51
CA VAL XA 123 -72.40 89.29 64.71
C VAL XA 123 -73.14 88.99 66.01
N MET XA 124 -73.58 87.75 66.13
CA MET XA 124 -74.30 87.28 67.30
C MET XA 124 -73.36 86.58 68.27
N VAL XA 125 -73.90 86.14 69.40
CA VAL XA 125 -73.13 85.42 70.40
C VAL XA 125 -73.79 84.08 70.72
N ASP YA 1 -86.92 -37.17 3.90
CA ASP YA 1 -86.36 -38.51 4.04
C ASP YA 1 -86.85 -39.19 5.31
N ARG YA 2 -86.70 -38.49 6.44
CA ARG YA 2 -87.12 -39.07 7.72
C ARG YA 2 -88.63 -39.25 7.78
N ALA YA 3 -89.39 -38.25 7.31
CA ALA YA 3 -90.85 -38.36 7.32
C ALA YA 3 -91.32 -39.49 6.42
N THR YA 4 -90.75 -39.61 5.22
CA THR YA 4 -91.10 -40.70 4.33
C THR YA 4 -90.72 -42.04 4.93
N TRP YA 5 -89.56 -42.10 5.59
CA TRP YA 5 -89.13 -43.31 6.27
C TRP YA 5 -90.16 -43.73 7.33
N LYS YA 6 -90.61 -42.79 8.16
CA LYS YA 6 -91.54 -43.13 9.21
C LYS YA 6 -92.91 -43.50 8.64
N SER YA 7 -93.34 -42.82 7.57
CA SER YA 7 -94.62 -43.16 6.95
C SER YA 7 -94.58 -44.56 6.33
N ASN YA 8 -93.50 -44.87 5.62
CA ASN YA 8 -93.34 -46.20 5.05
C ASN YA 8 -93.27 -47.26 6.15
N TYR YA 9 -92.63 -46.92 7.26
CA TYR YA 9 -92.56 -47.83 8.39
C TYR YA 9 -93.96 -48.09 8.96
N PHE YA 10 -94.76 -47.04 9.10
CA PHE YA 10 -96.14 -47.22 9.58
C PHE YA 10 -96.94 -48.12 8.65
N LEU YA 11 -96.81 -47.89 7.34
CA LEU YA 11 -97.51 -48.73 6.37
C LEU YA 11 -97.05 -50.19 6.49
N LYS YA 12 -95.74 -50.40 6.63
CA LYS YA 12 -95.22 -51.75 6.77
C LYS YA 12 -95.76 -52.42 8.01
N ILE YA 13 -95.80 -51.71 9.14
CA ILE YA 13 -96.28 -52.31 10.38
C ILE YA 13 -97.76 -52.67 10.26
N ILE YA 14 -98.57 -51.76 9.73
CA ILE YA 14 -100.00 -52.03 9.68
C ILE YA 14 -100.30 -53.18 8.72
N GLN YA 15 -99.61 -53.23 7.57
CA GLN YA 15 -99.85 -54.34 6.64
C GLN YA 15 -99.35 -55.66 7.23
N LEU YA 16 -98.23 -55.64 7.96
CA LEU YA 16 -97.72 -56.87 8.54
C LEU YA 16 -98.66 -57.39 9.62
N LEU YA 17 -99.18 -56.50 10.48
CA LEU YA 17 -100.05 -56.96 11.56
C LEU YA 17 -101.41 -57.37 11.02
N ASP YA 18 -101.85 -56.80 9.90
CA ASP YA 18 -103.07 -57.29 9.27
C ASP YA 18 -102.84 -58.65 8.61
N ASP YA 19 -101.68 -58.84 7.97
CA ASP YA 19 -101.42 -60.09 7.28
C ASP YA 19 -101.25 -61.25 8.26
N TYR YA 20 -100.42 -61.07 9.28
CA TYR YA 20 -100.11 -62.15 10.20
C TYR YA 20 -100.96 -62.03 11.46
N PRO YA 21 -101.76 -63.04 11.80
CA PRO YA 21 -102.62 -62.96 12.98
C PRO YA 21 -101.99 -63.43 14.28
N LYS YA 22 -100.85 -64.12 14.22
CA LYS YA 22 -100.19 -64.65 15.40
C LYS YA 22 -98.79 -64.08 15.50
N CYS YA 23 -98.48 -63.50 16.66
CA CYS YA 23 -97.19 -62.85 16.86
C CYS YA 23 -96.75 -63.01 18.30
N PHE YA 24 -95.47 -63.27 18.49
CA PHE YA 24 -94.88 -63.37 19.82
C PHE YA 24 -94.02 -62.14 20.06
N ILE YA 25 -94.22 -61.48 21.18
CA ILE YA 25 -93.39 -60.35 21.55
C ILE YA 25 -92.16 -60.89 22.26
N VAL YA 26 -90.99 -60.44 21.83
CA VAL YA 26 -89.72 -61.05 22.17
C VAL YA 26 -88.72 -59.97 22.51
N GLY YA 27 -88.08 -60.11 23.67
CA GLY YA 27 -87.06 -59.17 24.10
C GLY YA 27 -85.71 -59.46 23.49
N ALA YA 28 -85.01 -58.38 23.13
CA ALA YA 28 -83.67 -58.46 22.57
C ALA YA 28 -82.66 -58.05 23.64
N ASP YA 29 -81.80 -58.98 24.00
CA ASP YA 29 -80.72 -58.73 24.95
C ASP YA 29 -79.53 -58.15 24.19
N ASN YA 30 -78.34 -58.19 24.79
CA ASN YA 30 -77.14 -57.71 24.11
C ASN YA 30 -76.81 -58.67 22.98
N VAL YA 31 -77.41 -58.44 21.82
CA VAL YA 31 -77.25 -59.30 20.65
C VAL YA 31 -76.53 -58.52 19.57
N GLY YA 32 -75.82 -59.25 18.71
CA GLY YA 32 -75.01 -58.64 17.67
C GLY YA 32 -75.68 -58.63 16.31
N SER YA 33 -75.06 -57.85 15.41
CA SER YA 33 -75.56 -57.78 14.03
C SER YA 33 -75.37 -59.09 13.29
N LYS YA 34 -74.30 -59.83 13.60
CA LYS YA 34 -74.13 -61.16 13.05
C LYS YA 34 -75.26 -62.08 13.49
N GLN YA 35 -75.64 -62.01 14.77
CA GLN YA 35 -76.77 -62.79 15.24
C GLN YA 35 -78.06 -62.35 14.58
N MET YA 36 -78.21 -61.05 14.33
CA MET YA 36 -79.38 -60.56 13.61
C MET YA 36 -79.46 -61.15 12.21
N GLN YA 37 -78.33 -61.17 11.50
CA GLN YA 37 -78.32 -61.76 10.16
C GLN YA 37 -78.61 -63.26 10.22
N GLN YA 38 -78.03 -63.96 11.20
CA GLN YA 38 -78.25 -65.39 11.33
C GLN YA 38 -79.72 -65.71 11.61
N ILE YA 39 -80.34 -64.96 12.53
CA ILE YA 39 -81.75 -65.16 12.83
C ILE YA 39 -82.60 -64.82 11.62
N ARG YA 40 -82.24 -63.75 10.89
CA ARG YA 40 -83.00 -63.36 9.70
C ARG YA 40 -82.98 -64.47 8.66
N MET YA 41 -81.80 -65.06 8.43
CA MET YA 41 -81.70 -66.14 7.45
C MET YA 41 -82.41 -67.40 7.93
N SER YA 42 -82.28 -67.73 9.21
CA SER YA 42 -82.87 -68.96 9.75
C SER YA 42 -84.36 -68.87 9.95
N LEU YA 43 -84.94 -67.66 9.95
CA LEU YA 43 -86.35 -67.50 10.20
C LEU YA 43 -87.14 -67.02 8.99
N ARG YA 44 -86.47 -66.39 8.01
CA ARG YA 44 -87.17 -65.84 6.86
C ARG YA 44 -87.82 -66.90 5.98
N GLY YA 45 -87.49 -68.18 6.16
CA GLY YA 45 -88.14 -69.21 5.39
C GLY YA 45 -89.61 -69.38 5.71
N LYS YA 46 -89.96 -69.35 6.99
CA LYS YA 46 -91.31 -69.68 7.42
C LYS YA 46 -92.07 -68.53 8.08
N ALA YA 47 -91.38 -67.58 8.70
CA ALA YA 47 -92.04 -66.50 9.43
C ALA YA 47 -91.23 -65.23 9.20
N VAL YA 48 -91.60 -64.15 9.89
CA VAL YA 48 -90.88 -62.89 9.78
C VAL YA 48 -90.64 -62.35 11.19
N VAL YA 49 -89.61 -61.52 11.31
CA VAL YA 49 -89.27 -60.91 12.60
C VAL YA 49 -89.17 -59.41 12.40
N LEU YA 50 -89.57 -58.67 13.44
CA LEU YA 50 -89.68 -57.22 13.39
C LEU YA 50 -89.06 -56.68 14.67
N MET YA 51 -88.10 -55.76 14.52
CA MET YA 51 -87.39 -55.22 15.68
C MET YA 51 -87.01 -53.77 15.36
N GLY YA 52 -87.84 -52.83 15.78
CA GLY YA 52 -87.60 -51.42 15.53
C GLY YA 52 -87.83 -50.56 16.75
N LYS YA 53 -88.41 -49.38 16.56
CA LYS YA 53 -88.61 -48.42 17.64
C LYS YA 53 -89.91 -48.72 18.38
N ASN YA 54 -89.82 -48.77 19.71
CA ASN YA 54 -90.99 -49.08 20.52
C ASN YA 54 -92.06 -48.01 20.38
N THR YA 55 -91.66 -46.75 20.26
CA THR YA 55 -92.65 -45.69 20.06
C THR YA 55 -93.40 -45.89 18.75
N MET YA 56 -92.67 -46.25 17.69
CA MET YA 56 -93.30 -46.66 16.44
C MET YA 56 -94.28 -47.79 16.66
N MET YA 57 -93.88 -48.80 17.44
CA MET YA 57 -94.73 -49.97 17.65
C MET YA 57 -96.04 -49.57 18.34
N ARG YA 58 -95.94 -48.86 19.46
CA ARG YA 58 -97.14 -48.47 20.19
C ARG YA 58 -98.03 -47.53 19.37
N LYS YA 59 -97.43 -46.57 18.65
CA LYS YA 59 -98.25 -45.67 17.86
C LYS YA 59 -98.97 -46.41 16.74
N ALA YA 60 -98.28 -47.34 16.07
CA ALA YA 60 -98.91 -48.09 15.00
C ALA YA 60 -100.03 -48.98 15.51
N ILE YA 61 -99.82 -49.66 16.65
CA ILE YA 61 -100.86 -50.55 17.16
C ILE YA 61 -101.94 -49.82 17.94
N ARG YA 62 -101.76 -48.54 18.24
CA ARG YA 62 -102.76 -47.76 18.95
C ARG YA 62 -103.62 -46.91 18.02
N GLY YA 63 -102.99 -46.10 17.16
CA GLY YA 63 -103.75 -45.18 16.34
C GLY YA 63 -104.63 -45.88 15.32
N HIS YA 64 -104.15 -46.98 14.75
CA HIS YA 64 -104.87 -47.71 13.72
C HIS YA 64 -105.40 -49.04 14.27
N LEU YA 65 -105.88 -49.00 15.51
CA LEU YA 65 -106.51 -50.15 16.14
C LEU YA 65 -107.95 -50.35 15.70
N GLU YA 66 -108.55 -49.35 15.04
CA GLU YA 66 -109.96 -49.43 14.68
C GLU YA 66 -110.25 -50.55 13.67
N ASN YA 67 -109.24 -51.03 12.97
CA ASN YA 67 -109.47 -52.07 11.96
C ASN YA 67 -109.75 -53.42 12.62
N ASN YA 68 -109.27 -53.63 13.86
CA ASN YA 68 -109.57 -54.86 14.56
C ASN YA 68 -109.48 -54.65 16.07
N PRO YA 69 -110.49 -55.09 16.83
CA PRO YA 69 -110.43 -54.95 18.29
C PRO YA 69 -109.51 -56.00 18.91
N ALA YA 70 -109.51 -56.06 20.24
CA ALA YA 70 -108.71 -57.03 20.99
C ALA YA 70 -107.23 -56.89 20.68
N LEU YA 71 -106.74 -55.65 20.73
CA LEU YA 71 -105.34 -55.35 20.51
C LEU YA 71 -104.73 -54.39 21.52
N GLU YA 72 -105.55 -53.55 22.18
CA GLU YA 72 -105.05 -52.53 23.10
C GLU YA 72 -104.44 -53.10 24.36
N LYS YA 73 -104.65 -54.39 24.64
CA LYS YA 73 -104.08 -55.01 25.83
C LYS YA 73 -102.60 -55.35 25.66
N LEU YA 74 -102.05 -55.21 24.46
CA LEU YA 74 -100.60 -55.23 24.30
C LEU YA 74 -99.95 -53.92 24.75
N LEU YA 75 -100.67 -52.81 24.61
CA LEU YA 75 -100.12 -51.49 24.89
C LEU YA 75 -99.49 -51.33 26.26
N PRO YA 76 -100.11 -51.79 27.38
CA PRO YA 76 -99.43 -51.61 28.67
C PRO YA 76 -98.36 -52.66 28.95
N HIS YA 77 -97.93 -53.38 27.91
CA HIS YA 77 -96.95 -54.44 28.09
C HIS YA 77 -95.75 -54.34 27.16
N ILE YA 78 -95.83 -53.59 26.06
CA ILE YA 78 -94.71 -53.47 25.14
C ILE YA 78 -93.74 -52.41 25.66
N ARG YA 79 -92.74 -52.85 26.43
CA ARG YA 79 -91.74 -51.97 26.98
C ARG YA 79 -90.37 -52.62 26.84
N GLY YA 80 -89.33 -51.78 26.81
CA GLY YA 80 -87.98 -52.28 26.72
C GLY YA 80 -87.59 -52.68 25.31
N ASN YA 81 -86.39 -53.25 25.21
CA ASN YA 81 -85.82 -53.62 23.91
C ASN YA 81 -86.54 -54.88 23.41
N VAL YA 82 -87.75 -54.67 22.87
CA VAL YA 82 -88.62 -55.76 22.46
C VAL YA 82 -89.11 -55.53 21.04
N GLY YA 83 -89.52 -56.63 20.41
CA GLY YA 83 -90.08 -56.59 19.06
C GLY YA 83 -91.10 -57.70 18.86
N PHE YA 84 -91.58 -57.85 17.63
CA PHE YA 84 -92.62 -58.84 17.33
C PHE YA 84 -92.14 -59.81 16.26
N VAL YA 85 -92.27 -61.10 16.53
CA VAL YA 85 -92.10 -62.13 15.51
C VAL YA 85 -93.48 -62.57 15.04
N PHE YA 86 -93.71 -62.45 13.74
CA PHE YA 86 -95.00 -62.79 13.14
C PHE YA 86 -94.88 -64.16 12.48
N THR YA 87 -95.76 -65.08 12.87
CA THR YA 87 -95.70 -66.43 12.34
C THR YA 87 -97.11 -66.97 12.13
N LYS YA 88 -97.23 -67.90 11.21
CA LYS YA 88 -98.44 -68.68 10.99
C LYS YA 88 -98.33 -70.09 11.56
N GLU YA 89 -97.18 -70.43 12.14
CA GLU YA 89 -96.98 -71.72 12.79
C GLU YA 89 -97.47 -71.63 14.24
N ASP YA 90 -97.13 -72.62 15.05
CA ASP YA 90 -97.63 -72.67 16.42
C ASP YA 90 -96.51 -72.44 17.44
N LEU YA 91 -96.96 -72.29 18.69
CA LEU YA 91 -96.11 -71.77 19.76
C LEU YA 91 -94.92 -72.68 20.02
N THR YA 92 -95.15 -73.99 20.11
CA THR YA 92 -94.07 -74.91 20.42
C THR YA 92 -93.04 -74.95 19.29
N GLU YA 93 -93.49 -74.98 18.04
CA GLU YA 93 -92.57 -75.03 16.91
C GLU YA 93 -91.75 -73.75 16.79
N ILE YA 94 -92.32 -72.59 17.15
CA ILE YA 94 -91.49 -71.39 17.16
C ILE YA 94 -90.54 -71.40 18.35
N ARG YA 95 -91.04 -71.76 19.53
CA ARG YA 95 -90.27 -71.59 20.76
C ARG YA 95 -89.08 -72.54 20.80
N ASP YA 96 -89.26 -73.80 20.41
CA ASP YA 96 -88.14 -74.74 20.50
C ASP YA 96 -87.01 -74.34 19.56
N MET YA 97 -87.33 -73.92 18.33
CA MET YA 97 -86.26 -73.55 17.41
C MET YA 97 -85.61 -72.24 17.82
N LEU YA 98 -86.38 -71.29 18.35
CA LEU YA 98 -85.79 -70.02 18.74
C LEU YA 98 -84.97 -70.16 20.02
N LEU YA 99 -85.33 -71.09 20.89
CA LEU YA 99 -84.54 -71.38 22.08
C LEU YA 99 -83.35 -72.28 21.77
N ALA YA 100 -83.37 -72.99 20.64
CA ALA YA 100 -82.26 -73.85 20.26
C ALA YA 100 -81.19 -73.10 19.47
N ASN YA 101 -81.59 -72.16 18.61
CA ASN YA 101 -80.60 -71.48 17.78
C ASN YA 101 -79.98 -70.29 18.51
N LYS YA 102 -79.47 -70.53 19.72
CA LYS YA 102 -78.83 -69.49 20.52
C LYS YA 102 -77.33 -69.51 20.26
N VAL YA 103 -76.82 -68.42 19.71
CA VAL YA 103 -75.38 -68.33 19.41
C VAL YA 103 -74.61 -68.22 20.72
N PRO YA 104 -73.52 -68.97 20.90
CA PRO YA 104 -72.75 -68.86 22.14
C PRO YA 104 -71.94 -67.57 22.21
N ALA YA 105 -72.59 -66.51 22.70
CA ALA YA 105 -71.92 -65.23 22.84
C ALA YA 105 -70.75 -65.31 23.79
N ALA YA 106 -69.69 -64.58 23.47
CA ALA YA 106 -68.45 -64.61 24.25
C ALA YA 106 -68.58 -63.68 25.46
N ALA YA 107 -67.46 -63.42 26.12
CA ALA YA 107 -67.42 -62.56 27.30
C ALA YA 107 -66.90 -61.18 26.86
N ARG YA 108 -67.82 -60.34 26.41
CA ARG YA 108 -67.48 -58.98 26.03
C ARG YA 108 -67.11 -58.17 27.26
N ALA YA 109 -66.10 -57.31 27.12
CA ALA YA 109 -65.67 -56.46 28.23
C ALA YA 109 -66.76 -55.45 28.56
N GLY YA 110 -67.01 -55.26 29.86
CA GLY YA 110 -68.03 -54.34 30.30
C GLY YA 110 -69.43 -54.90 30.35
N ALA YA 111 -69.59 -56.22 30.29
CA ALA YA 111 -70.89 -56.85 30.28
C ALA YA 111 -71.12 -57.64 31.56
N ILE YA 112 -72.31 -57.50 32.14
CA ILE YA 112 -72.64 -58.23 33.35
C ILE YA 112 -72.89 -59.71 33.01
N ALA YA 113 -72.56 -60.58 33.96
CA ALA YA 113 -72.68 -62.02 33.78
C ALA YA 113 -73.50 -62.61 34.92
N PRO YA 114 -74.82 -62.63 34.80
CA PRO YA 114 -75.65 -63.29 35.83
C PRO YA 114 -75.36 -64.77 35.98
N CYS YA 115 -75.00 -65.45 34.89
CA CYS YA 115 -74.64 -66.86 34.98
C CYS YA 115 -73.23 -67.02 35.56
N GLU YA 116 -72.93 -68.24 36.01
CA GLU YA 116 -71.65 -68.56 36.63
C GLU YA 116 -70.96 -69.65 35.83
N VAL YA 117 -69.66 -69.47 35.59
CA VAL YA 117 -68.82 -70.48 34.96
C VAL YA 117 -67.52 -70.57 35.73
N THR YA 118 -66.85 -71.70 35.59
CA THR YA 118 -65.58 -71.94 36.27
C THR YA 118 -64.67 -72.76 35.37
N VAL YA 119 -63.44 -72.28 35.18
CA VAL YA 119 -62.47 -72.98 34.33
C VAL YA 119 -62.05 -74.27 35.03
N PRO YA 120 -61.93 -75.39 34.31
CA PRO YA 120 -61.43 -76.61 34.94
C PRO YA 120 -59.92 -76.71 34.87
N ALA YA 121 -59.37 -77.83 35.33
CA ALA YA 121 -57.93 -78.10 35.24
C ALA YA 121 -57.68 -78.93 34.00
N GLN YA 122 -57.25 -78.27 32.92
CA GLN YA 122 -56.98 -78.95 31.67
C GLN YA 122 -55.93 -78.17 30.90
N ASN YA 123 -55.31 -78.85 29.93
CA ASN YA 123 -54.30 -78.23 29.10
C ASN YA 123 -54.93 -77.16 28.21
N THR YA 124 -54.20 -76.05 28.03
CA THR YA 124 -54.70 -74.97 27.19
C THR YA 124 -54.59 -75.34 25.71
N GLY YA 125 -53.52 -76.00 25.32
CA GLY YA 125 -53.29 -76.35 23.93
C GLY YA 125 -52.61 -75.29 23.09
N LEU YA 126 -52.30 -74.14 23.68
CA LEU YA 126 -51.63 -73.05 22.98
C LEU YA 126 -50.15 -73.01 23.36
N GLY YA 127 -49.39 -72.21 22.63
CA GLY YA 127 -47.97 -72.07 22.89
C GLY YA 127 -47.69 -71.41 24.23
N PRO YA 128 -46.51 -71.69 24.81
CA PRO YA 128 -46.15 -71.17 26.13
C PRO YA 128 -45.59 -69.74 26.09
N GLU YA 129 -46.27 -68.86 25.35
CA GLU YA 129 -45.90 -67.45 25.28
C GLU YA 129 -47.05 -66.54 25.70
N LYS YA 130 -48.06 -67.10 26.37
CA LYS YA 130 -49.21 -66.34 26.85
C LYS YA 130 -49.37 -66.45 28.35
N THR YA 131 -48.27 -66.70 29.07
CA THR YA 131 -48.32 -66.79 30.52
C THR YA 131 -48.51 -65.45 31.19
N SER YA 132 -48.40 -64.34 30.46
CA SER YA 132 -48.49 -63.02 31.07
C SER YA 132 -49.87 -62.76 31.65
N PHE YA 133 -50.92 -63.11 30.89
CA PHE YA 133 -52.28 -62.90 31.39
C PHE YA 133 -52.56 -63.78 32.60
N PHE YA 134 -52.11 -65.04 32.56
CA PHE YA 134 -52.30 -65.94 33.70
C PHE YA 134 -51.60 -65.42 34.95
N GLN YA 135 -50.37 -64.93 34.80
CA GLN YA 135 -49.63 -64.44 35.96
C GLN YA 135 -50.22 -63.14 36.47
N ALA YA 136 -50.71 -62.28 35.58
CA ALA YA 136 -51.36 -61.05 36.02
C ALA YA 136 -52.64 -61.34 36.77
N LEU YA 137 -53.43 -62.31 36.31
CA LEU YA 137 -54.65 -62.68 37.02
C LEU YA 137 -54.33 -63.41 38.32
N GLY YA 138 -53.19 -64.09 38.40
CA GLY YA 138 -52.82 -64.83 39.59
C GLY YA 138 -53.06 -66.32 39.43
N ILE YA 139 -52.70 -66.86 38.25
CA ILE YA 139 -52.94 -68.25 37.91
C ILE YA 139 -51.59 -68.96 37.86
N THR YA 140 -51.46 -70.06 38.59
CA THR YA 140 -50.24 -70.84 38.62
C THR YA 140 -50.22 -71.78 37.43
N THR YA 141 -49.36 -71.50 36.46
CA THR YA 141 -49.22 -72.32 35.26
C THR YA 141 -47.75 -72.69 35.08
N LYS YA 142 -47.52 -73.91 34.59
CA LYS YA 142 -46.17 -74.43 34.43
C LYS YA 142 -46.06 -75.12 33.07
N ILE YA 143 -44.82 -75.20 32.58
CA ILE YA 143 -44.57 -75.80 31.28
C ILE YA 143 -44.77 -77.31 31.33
N SER YA 144 -45.43 -77.85 30.30
CA SER YA 144 -45.66 -79.28 30.21
C SER YA 144 -45.87 -79.62 28.74
N ARG YA 145 -44.90 -80.35 28.16
CA ARG YA 145 -44.96 -80.79 26.77
C ARG YA 145 -45.08 -79.62 25.79
N GLY YA 146 -44.50 -78.48 26.16
CA GLY YA 146 -44.60 -77.30 25.31
C GLY YA 146 -45.95 -76.64 25.31
N THR YA 147 -46.78 -76.90 26.32
CA THR YA 147 -48.11 -76.31 26.40
C THR YA 147 -48.36 -75.87 27.84
N ILE YA 148 -49.31 -74.94 27.98
CA ILE YA 148 -49.65 -74.37 29.29
C ILE YA 148 -50.71 -75.23 29.94
N GLU YA 149 -50.48 -75.60 31.20
CA GLU YA 149 -51.36 -76.49 31.94
C GLU YA 149 -51.86 -75.80 33.20
N ILE YA 150 -53.15 -75.99 33.50
CA ILE YA 150 -53.77 -75.44 34.70
C ILE YA 150 -53.67 -76.50 35.78
N LEU YA 151 -52.75 -76.30 36.73
CA LEU YA 151 -52.48 -77.31 37.74
C LEU YA 151 -53.48 -77.31 38.89
N SER YA 152 -54.29 -76.26 39.02
CA SER YA 152 -55.22 -76.18 40.13
C SER YA 152 -56.50 -75.48 39.67
N ASP YA 153 -57.63 -75.91 40.23
CA ASP YA 153 -58.90 -75.26 39.97
C ASP YA 153 -58.96 -73.93 40.71
N VAL YA 154 -59.35 -72.87 40.01
CA VAL YA 154 -59.39 -71.53 40.57
C VAL YA 154 -60.75 -70.91 40.25
N GLN YA 155 -61.17 -69.98 41.08
CA GLN YA 155 -62.44 -69.28 40.89
C GLN YA 155 -62.27 -68.23 39.80
N LEU YA 156 -63.04 -68.36 38.71
CA LEU YA 156 -62.92 -67.46 37.58
C LEU YA 156 -63.87 -66.25 37.71
N ILE YA 157 -65.16 -66.51 37.89
CA ILE YA 157 -66.14 -65.44 37.94
C ILE YA 157 -67.30 -65.88 38.83
N LYS YA 158 -67.93 -64.89 39.47
CA LYS YA 158 -69.14 -65.08 40.25
C LYS YA 158 -70.33 -64.51 39.49
N THR YA 159 -71.50 -64.62 40.10
CA THR YA 159 -72.72 -64.12 39.48
C THR YA 159 -72.88 -62.63 39.75
N GLY YA 160 -73.35 -61.89 38.73
CA GLY YA 160 -73.64 -60.49 38.88
C GLY YA 160 -72.46 -59.60 39.19
N ASP YA 161 -71.36 -59.77 38.47
CA ASP YA 161 -70.17 -58.95 38.66
C ASP YA 161 -69.62 -58.52 37.30
N LYS YA 162 -68.91 -57.39 37.31
CA LYS YA 162 -68.32 -56.86 36.10
C LYS YA 162 -67.11 -57.70 35.67
N VAL YA 163 -66.92 -57.80 34.36
CA VAL YA 163 -65.83 -58.58 33.77
C VAL YA 163 -64.69 -57.63 33.42
N GLY YA 164 -63.50 -57.91 33.93
CA GLY YA 164 -62.34 -57.12 33.61
C GLY YA 164 -61.78 -57.44 32.22
N ALA YA 165 -60.90 -56.55 31.76
CA ALA YA 165 -60.31 -56.73 30.43
C ALA YA 165 -59.42 -57.97 30.37
N SER YA 166 -58.64 -58.21 31.44
CA SER YA 166 -57.78 -59.40 31.46
C SER YA 166 -58.62 -60.68 31.46
N GLU YA 167 -59.70 -60.71 32.25
CA GLU YA 167 -60.58 -61.87 32.25
C GLU YA 167 -61.25 -62.06 30.90
N ALA YA 168 -61.67 -60.96 30.27
CA ALA YA 168 -62.33 -61.04 28.96
C ALA YA 168 -61.38 -61.57 27.90
N THR YA 169 -60.13 -61.07 27.87
CA THR YA 169 -59.19 -61.58 26.89
C THR YA 169 -58.74 -63.01 27.21
N LEU YA 170 -58.72 -63.39 28.50
CA LEU YA 170 -58.44 -64.77 28.85
C LEU YA 170 -59.51 -65.71 28.33
N LEU YA 171 -60.78 -65.34 28.54
CA LEU YA 171 -61.88 -66.15 28.01
C LEU YA 171 -61.94 -66.10 26.49
N ASN YA 172 -61.44 -65.03 25.88
CA ASN YA 172 -61.36 -64.97 24.42
C ASN YA 172 -60.33 -65.95 23.89
N MET YA 173 -59.14 -66.00 24.50
CA MET YA 173 -58.09 -66.89 24.03
C MET YA 173 -58.26 -68.33 24.50
N LEU YA 174 -59.09 -68.57 25.52
CA LEU YA 174 -59.23 -69.91 26.06
C LEU YA 174 -60.04 -70.83 25.16
N ASN YA 175 -60.82 -70.27 24.24
CA ASN YA 175 -61.66 -71.05 23.31
C ASN YA 175 -62.62 -71.97 24.05
N ILE YA 176 -63.23 -71.46 25.11
CA ILE YA 176 -64.19 -72.21 25.90
C ILE YA 176 -65.57 -71.58 25.74
N SER YA 177 -66.57 -72.17 26.39
CA SER YA 177 -67.94 -71.66 26.29
C SER YA 177 -68.22 -70.76 27.48
N PRO YA 178 -68.31 -69.45 27.30
CA PRO YA 178 -68.65 -68.56 28.42
C PRO YA 178 -70.15 -68.38 28.56
N PHE YA 179 -70.56 -67.53 29.49
CA PHE YA 179 -71.96 -67.17 29.63
C PHE YA 179 -72.48 -66.55 28.33
N SER YA 180 -73.66 -66.98 27.90
CA SER YA 180 -74.21 -66.54 26.63
C SER YA 180 -75.69 -66.25 26.77
N PHE YA 181 -76.20 -65.40 25.89
CA PHE YA 181 -77.60 -65.01 25.90
C PHE YA 181 -77.99 -64.56 24.50
N GLY YA 182 -79.29 -64.49 24.26
CA GLY YA 182 -79.79 -64.10 22.96
C GLY YA 182 -81.22 -63.59 22.98
N LEU YA 183 -81.89 -63.68 21.83
CA LEU YA 183 -83.25 -63.18 21.68
C LEU YA 183 -84.22 -64.10 22.42
N VAL YA 184 -84.90 -63.58 23.44
CA VAL YA 184 -85.69 -64.41 24.34
C VAL YA 184 -87.14 -63.92 24.34
N ILE YA 185 -88.08 -64.85 24.15
CA ILE YA 185 -89.48 -64.49 24.02
C ILE YA 185 -89.99 -63.95 25.35
N GLN YA 186 -90.61 -62.77 25.31
CA GLN YA 186 -91.25 -62.22 26.50
C GLN YA 186 -92.62 -62.83 26.72
N GLN YA 187 -93.51 -62.73 25.71
CA GLN YA 187 -94.81 -63.38 25.81
C GLN YA 187 -95.39 -63.52 24.41
N VAL YA 188 -96.61 -64.07 24.33
CA VAL YA 188 -97.21 -64.46 23.07
C VAL YA 188 -98.47 -63.61 22.82
N PHE YA 189 -98.98 -63.69 21.59
CA PHE YA 189 -100.23 -63.02 21.23
C PHE YA 189 -100.83 -63.78 20.06
N ASP YA 190 -101.84 -64.59 20.35
CA ASP YA 190 -102.54 -65.40 19.35
C ASP YA 190 -104.00 -64.94 19.31
N ASN YA 191 -104.27 -63.97 18.43
CA ASN YA 191 -105.62 -63.44 18.21
C ASN YA 191 -106.24 -62.92 19.50
N GLY YA 192 -105.43 -62.27 20.33
CA GLY YA 192 -105.91 -61.72 21.58
C GLY YA 192 -105.78 -62.67 22.76
N SER YA 193 -104.57 -63.16 23.00
CA SER YA 193 -104.32 -64.07 24.11
C SER YA 193 -102.90 -63.88 24.61
N ILE YA 194 -102.74 -63.86 25.93
CA ILE YA 194 -101.45 -63.61 26.57
C ILE YA 194 -101.09 -64.84 27.39
N TYR YA 195 -99.95 -65.45 27.07
CA TYR YA 195 -99.42 -66.58 27.82
C TYR YA 195 -97.92 -66.35 27.98
N ASN YA 196 -97.21 -67.39 28.43
CA ASN YA 196 -95.77 -67.32 28.61
C ASN YA 196 -95.06 -67.21 27.28
N PRO ZA 1 -57.29 -81.45 15.20
CA PRO ZA 1 -57.20 -80.80 13.88
C PRO ZA 1 -55.88 -81.11 13.16
N ASN ZA 2 -55.42 -82.35 13.28
CA ASN ZA 2 -54.18 -82.81 12.65
C ASN ZA 2 -52.96 -82.00 13.12
N GLU ZA 3 -53.04 -81.45 14.33
CA GLU ZA 3 -52.00 -80.71 15.03
C GLU ZA 3 -51.63 -79.39 14.37
N ILE ZA 4 -52.23 -79.06 13.23
CA ILE ZA 4 -51.93 -77.82 12.52
C ILE ZA 4 -53.06 -77.57 11.53
N LYS ZA 5 -53.38 -76.29 11.32
CA LYS ZA 5 -54.47 -75.93 10.43
C LYS ZA 5 -54.08 -74.69 9.64
N VAL ZA 6 -54.72 -74.53 8.49
CA VAL ZA 6 -54.29 -73.59 7.46
C VAL ZA 6 -55.42 -72.61 7.13
N VAL ZA 7 -56.23 -72.29 8.14
CA VAL ZA 7 -57.42 -71.45 7.95
C VAL ZA 7 -57.06 -70.08 7.37
N TYR ZA 8 -55.83 -69.61 7.60
CA TYR ZA 8 -55.43 -68.26 7.23
C TYR ZA 8 -55.56 -68.02 5.73
N LEU ZA 9 -55.89 -66.78 5.38
CA LEU ZA 9 -56.07 -66.36 4.01
C LEU ZA 9 -54.77 -65.82 3.43
N ARG ZA 10 -54.79 -65.50 2.13
CA ARG ZA 10 -53.68 -64.85 1.47
C ARG ZA 10 -54.21 -63.73 0.58
N CYS ZA 11 -53.35 -62.75 0.32
CA CYS ZA 11 -53.68 -61.62 -0.54
C CYS ZA 11 -52.59 -61.42 -1.59
N THR ZA 12 -52.11 -62.51 -2.16
CA THR ZA 12 -51.07 -62.46 -3.20
C THR ZA 12 -51.59 -63.07 -4.49
N GLY ZA 13 -51.13 -62.54 -5.61
CA GLY ZA 13 -51.56 -63.03 -6.90
C GLY ZA 13 -50.90 -62.25 -8.01
N GLY ZA 14 -51.15 -62.71 -9.24
CA GLY ZA 14 -50.53 -62.11 -10.41
C GLY ZA 14 -49.12 -62.63 -10.63
N GLU ZA 15 -48.13 -61.81 -10.29
CA GLU ZA 15 -46.74 -62.24 -10.34
C GLU ZA 15 -46.50 -63.32 -9.30
N VAL ZA 16 -45.53 -64.21 -9.59
CA VAL ZA 16 -45.21 -65.29 -8.66
C VAL ZA 16 -44.70 -64.73 -7.34
N GLY ZA 17 -43.73 -63.83 -7.40
CA GLY ZA 17 -43.23 -63.17 -6.21
C GLY ZA 17 -42.32 -64.05 -5.36
N ALA ZA 18 -42.90 -65.05 -4.70
CA ALA ZA 18 -42.18 -66.00 -3.84
C ALA ZA 18 -41.41 -65.28 -2.74
N THR ZA 19 -40.12 -65.02 -2.97
CA THR ZA 19 -39.30 -64.34 -1.96
C THR ZA 19 -39.79 -62.92 -1.72
N SER ZA 20 -40.16 -62.22 -2.78
CA SER ZA 20 -40.67 -60.85 -2.63
C SER ZA 20 -42.02 -60.84 -1.91
N ALA ZA 21 -42.79 -61.92 -2.03
CA ALA ZA 21 -44.08 -62.01 -1.35
C ALA ZA 21 -43.87 -62.26 0.13
N LEU ZA 22 -44.94 -62.09 0.90
CA LEU ZA 22 -44.93 -62.27 2.34
C LEU ZA 22 -45.20 -63.70 2.76
N ALA ZA 23 -45.35 -64.62 1.81
CA ALA ZA 23 -45.52 -66.03 2.16
C ALA ZA 23 -44.43 -66.58 3.07
N PRO ZA 24 -43.14 -66.25 2.91
CA PRO ZA 24 -42.17 -66.60 3.96
C PRO ZA 24 -42.46 -65.94 5.29
N LYS ZA 25 -43.18 -64.81 5.33
CA LYS ZA 25 -43.54 -64.22 6.61
C LYS ZA 25 -44.69 -64.98 7.27
N ILE ZA 26 -45.64 -65.48 6.48
CA ILE ZA 26 -46.63 -66.39 7.06
C ILE ZA 26 -45.97 -67.69 7.51
N GLY ZA 27 -44.95 -68.16 6.79
CA GLY ZA 27 -44.30 -69.43 7.02
C GLY ZA 27 -44.14 -69.89 8.46
N PRO ZA 28 -43.54 -69.06 9.32
CA PRO ZA 28 -43.36 -69.46 10.73
C PRO ZA 28 -44.66 -69.74 11.49
N LEU ZA 29 -45.83 -69.49 10.90
CA LEU ZA 29 -47.07 -69.83 11.59
C LEU ZA 29 -47.31 -71.33 11.59
N GLY ZA 30 -46.98 -72.01 10.51
CA GLY ZA 30 -47.26 -73.43 10.39
C GLY ZA 30 -46.04 -74.31 10.16
N LEU ZA 31 -44.99 -73.74 9.56
CA LEU ZA 31 -43.71 -74.40 9.27
C LEU ZA 31 -43.82 -75.49 8.22
N SER ZA 32 -45.03 -75.80 7.76
CA SER ZA 32 -45.21 -76.85 6.76
C SER ZA 32 -44.91 -76.39 5.34
N PRO ZA 33 -45.57 -75.33 4.79
CA PRO ZA 33 -45.38 -75.03 3.36
C PRO ZA 33 -43.97 -74.62 2.98
N LYS ZA 34 -43.47 -73.55 3.59
CA LYS ZA 34 -42.16 -72.95 3.30
C LYS ZA 34 -42.12 -72.57 1.81
N LYS ZA 35 -40.91 -72.53 1.23
CA LYS ZA 35 -40.78 -72.18 -0.17
C LYS ZA 35 -41.35 -73.27 -1.08
N VAL ZA 36 -41.08 -74.54 -0.74
CA VAL ZA 36 -41.65 -75.64 -1.50
C VAL ZA 36 -43.16 -75.72 -1.39
N GLY ZA 37 -43.76 -74.95 -0.48
CA GLY ZA 37 -45.20 -74.87 -0.38
C GLY ZA 37 -45.78 -73.67 -1.10
N ASP ZA 38 -45.17 -72.49 -0.93
CA ASP ZA 38 -45.75 -71.32 -1.57
C ASP ZA 38 -45.50 -71.32 -3.08
N ASP ZA 39 -44.40 -71.92 -3.53
CA ASP ZA 39 -44.19 -72.04 -4.98
C ASP ZA 39 -45.24 -72.93 -5.62
N ILE ZA 40 -45.53 -74.08 -5.00
CA ILE ZA 40 -46.53 -74.98 -5.58
C ILE ZA 40 -47.94 -74.44 -5.38
N ALA ZA 41 -48.17 -73.59 -4.38
CA ALA ZA 41 -49.45 -72.90 -4.30
C ALA ZA 41 -49.60 -71.88 -5.42
N LYS ZA 42 -48.55 -71.11 -5.69
CA LYS ZA 42 -48.61 -70.12 -6.76
C LYS ZA 42 -48.70 -70.78 -8.13
N ALA ZA 43 -48.17 -72.00 -8.26
CA ALA ZA 43 -48.25 -72.71 -9.54
C ALA ZA 43 -49.70 -72.90 -9.98
N THR ZA 44 -50.58 -73.22 -9.04
CA THR ZA 44 -52.01 -73.31 -9.34
C THR ZA 44 -52.72 -71.98 -9.17
N GLY ZA 45 -52.13 -71.04 -8.44
CA GLY ZA 45 -52.73 -69.72 -8.28
C GLY ZA 45 -52.25 -68.66 -9.24
N ASP ZA 46 -51.57 -69.04 -10.33
CA ASP ZA 46 -51.12 -68.07 -11.32
C ASP ZA 46 -52.30 -67.32 -11.94
N TRP ZA 47 -53.37 -68.05 -12.27
CA TRP ZA 47 -54.58 -67.46 -12.82
C TRP ZA 47 -55.75 -67.66 -11.86
N LYS ZA 48 -56.92 -67.23 -12.31
CA LYS ZA 48 -58.15 -67.21 -11.51
C LYS ZA 48 -57.94 -66.47 -10.18
N GLY ZA 49 -57.65 -65.18 -10.27
CA GLY ZA 49 -57.46 -64.33 -11.44
C GLY ZA 49 -56.00 -63.93 -11.61
N LEU ZA 50 -55.76 -62.86 -12.39
CA LEU ZA 50 -54.44 -62.32 -12.59
C LEU ZA 50 -54.21 -61.08 -11.69
N ARG ZA 51 -54.99 -60.96 -10.64
CA ARG ZA 51 -55.01 -59.81 -9.75
C ARG ZA 51 -54.57 -60.25 -8.34
N ILE ZA 52 -54.80 -59.37 -7.37
CA ILE ZA 52 -54.41 -59.63 -5.98
C ILE ZA 52 -54.92 -60.99 -5.52
N THR ZA 53 -56.13 -61.36 -5.91
CA THR ZA 53 -56.66 -62.73 -5.81
C THR ZA 53 -56.62 -63.23 -4.36
N VAL ZA 54 -57.44 -62.58 -3.53
CA VAL ZA 54 -57.59 -63.03 -2.16
C VAL ZA 54 -58.23 -64.42 -2.17
N LYS ZA 55 -57.52 -65.40 -1.61
CA LYS ZA 55 -57.92 -66.79 -1.75
C LYS ZA 55 -57.49 -67.56 -0.52
N LEU ZA 56 -58.18 -68.69 -0.29
CA LEU ZA 56 -57.92 -69.56 0.84
C LEU ZA 56 -57.22 -70.82 0.35
N THR ZA 57 -56.42 -71.42 1.23
CA THR ZA 57 -55.71 -72.65 0.89
C THR ZA 57 -56.01 -73.73 1.93
N ILE ZA 58 -55.96 -74.98 1.48
CA ILE ZA 58 -56.19 -76.15 2.31
C ILE ZA 58 -54.96 -77.05 2.21
N GLN ZA 59 -54.47 -77.48 3.37
CA GLN ZA 59 -53.21 -78.20 3.47
C GLN ZA 59 -53.46 -79.70 3.63
N ASN ZA 60 -52.75 -80.49 2.84
CA ASN ZA 60 -52.79 -81.96 2.95
C ASN ZA 60 -51.52 -82.51 3.57
N ARG ZA 61 -50.82 -81.69 4.35
CA ARG ZA 61 -49.60 -82.03 5.11
C ARG ZA 61 -48.39 -82.21 4.21
N GLN ZA 62 -48.59 -82.23 2.90
CA GLN ZA 62 -47.51 -82.24 1.93
C GLN ZA 62 -47.71 -81.20 0.84
N ALA ZA 63 -48.95 -80.99 0.39
CA ALA ZA 63 -49.25 -80.06 -0.68
C ALA ZA 63 -50.50 -79.28 -0.33
N GLN ZA 64 -50.66 -78.14 -0.98
CA GLN ZA 64 -51.79 -77.24 -0.72
C GLN ZA 64 -52.66 -77.10 -1.96
N ILE ZA 65 -53.97 -77.15 -1.75
CA ILE ZA 65 -54.94 -76.82 -2.78
C ILE ZA 65 -55.46 -75.41 -2.47
N GLU ZA 66 -55.95 -74.72 -3.50
CA GLU ZA 66 -56.33 -73.32 -3.36
C GLU ZA 66 -57.73 -73.12 -3.91
N VAL ZA 67 -58.57 -72.43 -3.13
CA VAL ZA 67 -59.90 -72.04 -3.56
C VAL ZA 67 -60.01 -70.53 -3.49
N VAL ZA 68 -60.47 -69.92 -4.57
CA VAL ZA 68 -60.57 -68.47 -4.68
C VAL ZA 68 -62.04 -68.09 -4.51
N PRO ZA 69 -62.41 -67.36 -3.45
CA PRO ZA 69 -63.79 -66.88 -3.33
C PRO ZA 69 -64.15 -65.96 -4.48
N SER ZA 70 -65.41 -66.04 -4.91
CA SER ZA 70 -65.90 -65.27 -6.05
C SER ZA 70 -66.12 -63.82 -5.64
N ALA ZA 71 -65.01 -63.13 -5.42
CA ALA ZA 71 -65.07 -61.69 -5.17
C ALA ZA 71 -65.50 -60.96 -6.43
N SER ZA 72 -66.40 -59.99 -6.27
CA SER ZA 72 -67.00 -59.32 -7.42
C SER ZA 72 -65.95 -58.57 -8.24
N ALA ZA 73 -65.17 -57.72 -7.56
CA ALA ZA 73 -64.16 -56.94 -8.27
C ALA ZA 73 -63.06 -57.84 -8.83
N LEU ZA 74 -62.69 -58.89 -8.08
CA LEU ZA 74 -61.68 -59.82 -8.56
C LEU ZA 74 -62.13 -60.50 -9.85
N ILE ZA 75 -63.36 -61.02 -9.87
CA ILE ZA 75 -63.82 -61.75 -11.05
C ILE ZA 75 -64.07 -60.80 -12.21
N ILE ZA 76 -64.51 -59.57 -11.94
CA ILE ZA 76 -64.73 -58.65 -13.05
C ILE ZA 76 -63.41 -58.15 -13.62
N LYS ZA 77 -62.37 -58.01 -12.79
CA LYS ZA 77 -61.07 -57.63 -13.32
C LYS ZA 77 -60.42 -58.80 -14.06
N ALA ZA 78 -60.71 -60.03 -13.64
CA ALA ZA 78 -60.28 -61.19 -14.41
C ALA ZA 78 -60.97 -61.24 -15.76
N LEU ZA 79 -62.27 -60.91 -15.79
CA LEU ZA 79 -63.01 -60.87 -17.05
C LEU ZA 79 -62.48 -59.78 -17.96
N LYS ZA 80 -62.20 -58.61 -17.42
CA LYS ZA 80 -61.70 -57.49 -18.21
C LYS ZA 80 -60.26 -57.74 -18.63
N GLU ZA 81 -59.86 -57.08 -19.71
CA GLU ZA 81 -58.52 -57.25 -20.26
C GLU ZA 81 -57.89 -55.91 -20.63
N ILE ZA 98 -70.25 -50.39 -22.84
CA ILE ZA 98 -70.51 -51.82 -22.99
C ILE ZA 98 -71.35 -52.32 -21.80
N THR ZA 99 -72.22 -53.29 -22.09
CA THR ZA 99 -73.14 -53.81 -21.08
C THR ZA 99 -72.63 -55.10 -20.43
N PHE ZA 100 -72.25 -56.08 -21.27
CA PHE ZA 100 -71.83 -57.42 -20.85
C PHE ZA 100 -72.68 -57.96 -19.70
N ASP ZA 101 -73.99 -57.91 -19.90
CA ASP ZA 101 -74.94 -58.30 -18.84
C ASP ZA 101 -74.86 -59.79 -18.55
N GLU ZA 102 -74.71 -60.62 -19.57
CA GLU ZA 102 -74.81 -62.07 -19.36
C GLU ZA 102 -73.65 -62.62 -18.55
N ILE ZA 103 -72.44 -62.06 -18.71
CA ILE ZA 103 -71.30 -62.61 -17.98
C ILE ZA 103 -71.43 -62.31 -16.48
N VAL ZA 104 -71.93 -61.12 -16.13
CA VAL ZA 104 -72.15 -60.83 -14.72
C VAL ZA 104 -73.39 -61.57 -14.19
N ASN ZA 105 -74.36 -61.87 -15.06
CA ASN ZA 105 -75.48 -62.72 -14.63
C ASN ZA 105 -75.01 -64.13 -14.29
N ILE ZA 106 -74.07 -64.67 -15.07
CA ILE ZA 106 -73.61 -66.04 -14.85
C ILE ZA 106 -72.44 -66.13 -13.87
N ALA ZA 107 -71.76 -65.02 -13.56
CA ALA ZA 107 -70.63 -65.09 -12.65
C ALA ZA 107 -71.06 -65.25 -11.20
N ARG ZA 108 -72.30 -64.89 -10.87
CA ARG ZA 108 -72.79 -65.01 -9.50
C ARG ZA 108 -73.42 -66.37 -9.20
N GLN ZA 109 -73.45 -67.28 -10.18
CA GLN ZA 109 -74.11 -68.56 -9.95
C GLN ZA 109 -73.32 -69.45 -8.99
N MET ZA 110 -72.00 -69.43 -9.08
CA MET ZA 110 -71.15 -70.32 -8.33
C MET ZA 110 -70.58 -69.69 -7.06
N ARG ZA 111 -71.04 -68.50 -6.69
CA ARG ZA 111 -70.56 -67.84 -5.49
C ARG ZA 111 -71.31 -68.33 -4.26
N HIS ZA 112 -70.94 -67.79 -3.10
CA HIS ZA 112 -71.65 -68.11 -1.86
C HIS ZA 112 -73.09 -67.64 -1.91
N ARG ZA 113 -73.32 -66.47 -2.52
CA ARG ZA 113 -74.66 -65.98 -2.87
C ARG ZA 113 -75.53 -65.76 -1.64
N SER ZA 114 -74.93 -65.30 -0.54
CA SER ZA 114 -75.69 -65.00 0.67
C SER ZA 114 -76.09 -63.53 0.71
N LEU ZA 115 -75.10 -62.63 0.78
CA LEU ZA 115 -75.27 -61.18 0.68
C LEU ZA 115 -76.42 -60.62 1.52
N ALA ZA 116 -76.80 -61.33 2.59
CA ALA ZA 116 -77.98 -61.00 3.39
C ALA ZA 116 -79.22 -60.85 2.51
N ARG ZA 117 -79.36 -61.74 1.54
CA ARG ZA 117 -80.32 -61.59 0.46
C ARG ZA 117 -81.76 -61.77 0.93
N GLU ZA 118 -82.67 -61.29 0.09
CA GLU ZA 118 -84.08 -61.66 0.16
C GLU ZA 118 -84.63 -62.05 -1.21
N LEU ZA 119 -83.90 -61.79 -2.29
CA LEU ZA 119 -84.33 -62.14 -3.64
C LEU ZA 119 -83.07 -62.23 -4.49
N SER ZA 120 -83.20 -62.91 -5.64
CA SER ZA 120 -82.07 -63.09 -6.54
C SER ZA 120 -81.57 -61.78 -7.15
N GLY ZA 121 -82.45 -60.78 -7.29
CA GLY ZA 121 -82.04 -59.53 -7.90
C GLY ZA 121 -81.06 -58.73 -7.07
N THR ZA 122 -80.98 -59.00 -5.77
CA THR ZA 122 -80.08 -58.24 -4.90
C THR ZA 122 -78.63 -58.42 -5.31
N ILE ZA 123 -78.25 -59.65 -5.67
CA ILE ZA 123 -76.86 -59.94 -6.01
C ILE ZA 123 -76.46 -59.19 -7.28
N LYS ZA 124 -77.31 -59.23 -8.30
CA LYS ZA 124 -76.98 -58.53 -9.54
C LYS ZA 124 -77.03 -57.02 -9.35
N GLU ZA 125 -77.92 -56.52 -8.50
CA GLU ZA 125 -77.87 -55.09 -8.15
C GLU ZA 125 -76.56 -54.74 -7.47
N ILE ZA 126 -76.05 -55.63 -6.63
CA ILE ZA 126 -74.77 -55.38 -5.96
C ILE ZA 126 -73.63 -55.32 -6.98
N LEU ZA 127 -73.54 -56.33 -7.85
CA LEU ZA 127 -72.43 -56.38 -8.80
C LEU ZA 127 -72.53 -55.33 -9.89
N GLY ZA 128 -73.73 -54.89 -10.27
CA GLY ZA 128 -73.85 -53.89 -11.32
C GLY ZA 128 -73.15 -52.59 -10.96
N THR ZA 129 -73.25 -52.17 -9.70
CA THR ZA 129 -72.53 -51.00 -9.23
C THR ZA 129 -71.21 -51.32 -8.56
N ALA ZA 130 -70.94 -52.60 -8.28
CA ALA ZA 130 -69.57 -52.99 -7.99
C ALA ZA 130 -68.69 -52.87 -9.23
N GLN ZA 131 -69.30 -52.93 -10.42
CA GLN ZA 131 -68.59 -52.69 -11.66
C GLN ZA 131 -68.40 -51.21 -11.98
N SER ZA 132 -68.82 -50.30 -11.09
CA SER ZA 132 -68.72 -48.87 -11.38
C SER ZA 132 -67.27 -48.38 -11.45
N VAL ZA 133 -66.31 -49.17 -11.00
CA VAL ZA 133 -64.91 -48.78 -11.07
C VAL ZA 133 -64.40 -48.87 -12.51
N HIS ZA 141 -72.38 -45.16 -17.64
CA HIS ZA 141 -72.24 -45.55 -16.24
C HIS ZA 141 -73.17 -46.72 -15.90
N PRO ZA 142 -72.65 -47.71 -15.15
CA PRO ZA 142 -73.44 -48.88 -14.76
C PRO ZA 142 -74.41 -48.60 -13.60
N HIS ZA 143 -75.15 -47.49 -13.71
CA HIS ZA 143 -76.13 -47.11 -12.71
C HIS ZA 143 -77.52 -46.91 -13.29
N ASP ZA 144 -77.65 -46.73 -14.60
CA ASP ZA 144 -78.97 -46.67 -15.21
C ASP ZA 144 -79.73 -47.98 -15.07
N ILE ZA 145 -79.01 -49.10 -15.19
CA ILE ZA 145 -79.62 -50.41 -14.96
C ILE ZA 145 -80.10 -50.52 -13.51
N ILE ZA 146 -79.27 -50.06 -12.58
CA ILE ZA 146 -79.64 -50.05 -11.16
C ILE ZA 146 -80.89 -49.20 -10.95
N ASP ZA 147 -80.98 -48.07 -11.65
CA ASP ZA 147 -82.13 -47.19 -11.51
C ASP ZA 147 -83.40 -47.86 -12.03
N ASP ZA 148 -83.44 -48.20 -13.31
CA ASP ZA 148 -84.62 -48.87 -13.87
C ASP ZA 148 -84.17 -50.18 -14.53
N ILE ZA 149 -84.08 -51.21 -13.71
CA ILE ZA 149 -83.87 -52.59 -14.17
C ILE ZA 149 -85.21 -53.32 -14.15
N ASN ZA 150 -85.49 -54.07 -15.22
CA ASN ZA 150 -86.72 -54.84 -15.30
C ASN ZA 150 -86.50 -56.20 -15.96
N SER ZA 151 -85.32 -56.78 -15.78
CA SER ZA 151 -84.97 -58.03 -16.46
C SER ZA 151 -84.32 -58.99 -15.48
N GLY ZA 152 -84.67 -60.27 -15.61
CA GLY ZA 152 -84.02 -61.33 -14.84
C GLY ZA 152 -84.18 -61.22 -13.34
N ALA ZA 153 -85.36 -60.81 -12.87
CA ALA ZA 153 -85.60 -60.71 -11.44
C ALA ZA 153 -85.59 -62.08 -10.78
N VAL ZA 154 -86.18 -63.08 -11.44
CA VAL ZA 154 -86.25 -64.43 -10.91
C VAL ZA 154 -85.54 -65.38 -11.85
N GLU ZA 155 -84.50 -64.87 -12.54
CA GLU ZA 155 -83.79 -65.69 -13.51
C GLU ZA 155 -83.05 -66.84 -12.85
N CYS ZA 156 -82.28 -66.55 -11.80
CA CYS ZA 156 -81.53 -67.60 -11.13
C CYS ZA 156 -82.40 -68.63 -10.45
N PRO ZA 157 -83.45 -68.28 -9.67
CA PRO ZA 157 -84.23 -69.40 -9.10
C PRO ZA 157 -85.23 -69.98 -10.09
N MET AB 1 -2.28 -74.75 -91.91
CA MET AB 1 -3.71 -74.75 -92.19
C MET AB 1 -4.52 -74.50 -90.91
N ALA AB 2 -5.81 -74.85 -90.95
CA ALA AB 2 -6.68 -74.59 -89.80
C ALA AB 2 -6.28 -75.44 -88.59
N VAL AB 3 -5.85 -76.69 -88.83
CA VAL AB 3 -5.54 -77.59 -87.73
C VAL AB 3 -4.30 -77.12 -86.99
N GLN AB 4 -3.25 -76.74 -87.72
CA GLN AB 4 -2.04 -76.25 -87.09
C GLN AB 4 -2.18 -74.78 -86.70
N ILE AB 5 -1.63 -74.44 -85.54
CA ILE AB 5 -1.65 -73.06 -85.06
C ILE AB 5 -0.54 -72.29 -85.75
N SER AB 6 -0.57 -70.96 -85.61
CA SER AB 6 0.40 -70.11 -86.28
C SER AB 6 1.80 -70.32 -85.70
N LYS AB 7 2.80 -69.80 -86.42
CA LYS AB 7 4.18 -69.96 -86.00
C LYS AB 7 4.45 -69.26 -84.67
N LYS AB 8 3.85 -68.09 -84.46
CA LYS AB 8 4.06 -67.37 -83.21
C LYS AB 8 3.59 -68.19 -82.02
N ARG AB 9 2.35 -68.66 -82.07
CA ARG AB 9 1.82 -69.48 -80.99
C ARG AB 9 2.55 -70.81 -80.88
N LYS AB 10 3.02 -71.36 -81.99
CA LYS AB 10 3.73 -72.64 -81.95
C LYS AB 10 5.06 -72.49 -81.22
N PHE AB 11 5.82 -71.44 -81.52
CA PHE AB 11 7.07 -71.21 -80.83
C PHE AB 11 6.84 -70.88 -79.35
N VAL AB 12 5.81 -70.10 -79.06
CA VAL AB 12 5.50 -69.80 -77.65
C VAL AB 12 5.14 -71.09 -76.91
N ALA AB 13 4.37 -71.96 -77.56
CA ALA AB 13 4.01 -73.24 -76.93
C ALA AB 13 5.22 -74.13 -76.74
N ASP AB 14 6.17 -74.11 -77.68
CA ASP AB 14 7.41 -74.86 -77.51
C ASP AB 14 8.18 -74.35 -76.30
N GLY AB 15 8.26 -73.03 -76.15
CA GLY AB 15 8.91 -72.47 -74.98
C GLY AB 15 8.20 -72.83 -73.69
N ILE AB 16 6.88 -72.83 -73.71
CA ILE AB 16 6.10 -73.21 -72.54
C ILE AB 16 6.37 -74.67 -72.18
N PHE AB 17 6.43 -75.54 -73.19
CA PHE AB 17 6.75 -76.94 -72.95
C PHE AB 17 8.12 -77.10 -72.34
N LYS AB 18 9.12 -76.37 -72.87
CA LYS AB 18 10.46 -76.43 -72.31
C LYS AB 18 10.48 -76.00 -70.85
N ALA AB 19 9.79 -74.89 -70.55
CA ALA AB 19 9.78 -74.37 -69.19
C ALA AB 19 9.07 -75.32 -68.23
N GLU AB 20 7.92 -75.85 -68.63
CA GLU AB 20 7.19 -76.78 -67.77
C GLU AB 20 7.99 -78.05 -67.53
N LEU AB 21 8.60 -78.60 -68.58
CA LEU AB 21 9.41 -79.80 -68.43
C LEU AB 21 10.61 -79.53 -67.53
N ASN AB 22 11.25 -78.38 -67.68
CA ASN AB 22 12.40 -78.05 -66.84
C ASN AB 22 11.99 -77.90 -65.38
N GLU AB 23 10.85 -77.24 -65.12
CA GLU AB 23 10.39 -77.11 -63.74
C GLU AB 23 10.05 -78.47 -63.14
N PHE AB 24 9.40 -79.33 -63.92
CA PHE AB 24 9.09 -80.68 -63.43
C PHE AB 24 10.37 -81.45 -63.11
N LEU AB 25 11.34 -81.40 -64.01
CA LEU AB 25 12.59 -82.13 -63.79
C LEU AB 25 13.37 -81.55 -62.62
N THR AB 26 13.28 -80.24 -62.41
CA THR AB 26 13.93 -79.63 -61.26
C THR AB 26 13.29 -80.09 -59.96
N ARG AB 27 11.96 -80.09 -59.90
CA ARG AB 27 11.29 -80.49 -58.68
C ARG AB 27 11.36 -81.99 -58.44
N GLU AB 28 11.61 -82.79 -59.47
CA GLU AB 28 11.65 -84.24 -59.32
C GLU AB 28 13.06 -84.77 -59.11
N LEU AB 29 14.01 -84.40 -59.97
CA LEU AB 29 15.37 -84.90 -59.94
C LEU AB 29 16.31 -84.01 -59.14
N ALA AB 30 15.79 -83.29 -58.15
CA ALA AB 30 16.61 -82.34 -57.42
C ALA AB 30 17.76 -83.01 -56.68
N GLU AB 31 17.49 -84.15 -56.04
CA GLU AB 31 18.51 -84.82 -55.25
C GLU AB 31 19.45 -85.65 -56.11
N ASP AB 32 19.19 -85.79 -57.40
CA ASP AB 32 19.99 -86.64 -58.28
C ASP AB 32 20.98 -85.83 -59.11
N GLY AB 33 21.34 -84.64 -58.67
CA GLY AB 33 22.27 -83.82 -59.42
C GLY AB 33 21.75 -83.36 -60.76
N TYR AB 34 20.50 -82.90 -60.80
CA TYR AB 34 19.94 -82.36 -62.03
C TYR AB 34 20.71 -81.13 -62.47
N SER AB 35 21.05 -81.08 -63.76
CA SER AB 35 21.72 -79.92 -64.33
C SER AB 35 20.87 -79.21 -65.37
N GLY AB 36 20.31 -79.94 -66.33
CA GLY AB 36 19.51 -79.27 -67.34
C GLY AB 36 18.79 -80.28 -68.22
N VAL AB 37 17.97 -79.75 -69.12
CA VAL AB 37 17.22 -80.56 -70.06
C VAL AB 37 17.38 -79.99 -71.46
N GLU AB 38 17.55 -80.87 -72.44
CA GLU AB 38 17.64 -80.49 -73.84
C GLU AB 38 16.66 -81.32 -74.64
N VAL AB 39 15.79 -80.66 -75.40
CA VAL AB 39 14.79 -81.34 -76.20
C VAL AB 39 15.12 -81.15 -77.68
N ARG AB 40 15.19 -82.26 -78.41
CA ARG AB 40 15.36 -82.26 -79.86
C ARG AB 40 14.06 -82.75 -80.46
N VAL AB 41 13.32 -81.84 -81.08
CA VAL AB 41 11.99 -82.15 -81.60
C VAL AB 41 12.07 -82.31 -83.12
N THR AB 42 11.48 -83.39 -83.62
CA THR AB 42 11.32 -83.64 -85.04
C THR AB 42 9.87 -84.06 -85.28
N PRO AB 43 9.36 -83.85 -86.50
CA PRO AB 43 7.99 -84.32 -86.78
C PRO AB 43 7.81 -85.82 -86.57
N THR AB 44 8.85 -86.62 -86.81
CA THR AB 44 8.74 -88.06 -86.60
C THR AB 44 8.64 -88.39 -85.11
N ARG AB 45 9.54 -87.83 -84.31
CA ARG AB 45 9.60 -88.13 -82.88
C ARG AB 45 10.43 -87.07 -82.18
N THR AB 46 10.48 -87.18 -80.86
CA THR AB 46 11.18 -86.21 -80.02
C THR AB 46 12.08 -86.92 -79.02
N GLU AB 47 13.20 -86.27 -78.70
CA GLU AB 47 14.21 -86.83 -77.81
C GLU AB 47 14.47 -85.85 -76.69
N ILE AB 48 14.22 -86.28 -75.46
CA ILE AB 48 14.48 -85.47 -74.27
C ILE AB 48 15.72 -86.02 -73.58
N ILE AB 49 16.74 -85.18 -73.44
CA ILE AB 49 18.01 -85.57 -72.85
C ILE AB 49 18.14 -84.81 -71.54
N ILE AB 50 18.31 -85.55 -70.45
CA ILE AB 50 18.45 -84.97 -69.12
C ILE AB 50 19.92 -84.96 -68.76
N LEU AB 51 20.52 -83.78 -68.76
CA LEU AB 51 21.90 -83.62 -68.30
C LEU AB 51 21.87 -83.62 -66.78
N ALA AB 52 22.46 -84.66 -66.19
CA ALA AB 52 22.51 -84.80 -64.73
C ALA AB 52 23.80 -85.50 -64.34
N THR AB 53 24.26 -85.21 -63.12
CA THR AB 53 25.53 -85.78 -62.67
C THR AB 53 25.41 -87.27 -62.37
N ARG AB 54 24.34 -87.67 -61.67
CA ARG AB 54 24.17 -89.06 -61.24
C ARG AB 54 23.22 -89.77 -62.20
N THR AB 55 23.77 -90.20 -63.33
CA THR AB 55 22.97 -90.92 -64.31
C THR AB 55 22.50 -92.27 -63.77
N GLN AB 56 23.38 -92.99 -63.07
CA GLN AB 56 23.03 -94.27 -62.48
C GLN AB 56 22.00 -94.14 -61.36
N ASN AB 57 21.78 -92.93 -60.85
CA ASN AB 57 20.75 -92.69 -59.84
C ASN AB 57 19.45 -92.17 -60.44
N VAL AB 58 19.53 -91.36 -61.50
CA VAL AB 58 18.30 -90.96 -62.18
C VAL AB 58 17.69 -92.15 -62.91
N LEU AB 59 18.52 -93.09 -63.35
CA LEU AB 59 18.03 -94.35 -63.90
C LEU AB 59 17.85 -95.31 -62.74
N GLY AB 60 16.61 -95.69 -62.46
CA GLY AB 60 16.32 -96.58 -61.35
C GLY AB 60 16.76 -98.01 -61.58
N GLU AB 61 16.17 -98.94 -60.85
CA GLU AB 61 16.49 -100.35 -61.01
C GLU AB 61 16.07 -100.83 -62.39
N LYS AB 62 17.06 -101.12 -63.24
CA LYS AB 62 16.84 -101.53 -64.62
C LYS AB 62 16.03 -100.49 -65.40
N GLY AB 63 16.30 -99.22 -65.12
CA GLY AB 63 15.60 -98.15 -65.82
C GLY AB 63 14.17 -97.94 -65.41
N ARG AB 64 13.80 -98.38 -64.20
CA ARG AB 64 12.41 -98.22 -63.75
C ARG AB 64 12.04 -96.75 -63.64
N ARG AB 65 12.93 -95.93 -63.08
CA ARG AB 65 12.58 -94.54 -62.85
C ARG AB 65 12.55 -93.76 -64.15
N ILE AB 66 13.50 -94.04 -65.06
CA ILE AB 66 13.46 -93.35 -66.35
C ILE AB 66 12.24 -93.78 -67.16
N ARG AB 67 11.81 -95.05 -67.04
CA ARG AB 67 10.57 -95.46 -67.67
C ARG AB 67 9.38 -94.73 -67.07
N GLU AB 68 9.38 -94.56 -65.75
CA GLU AB 68 8.29 -93.86 -65.09
C GLU AB 68 8.20 -92.42 -65.57
N LEU AB 69 9.34 -91.71 -65.62
CA LEU AB 69 9.34 -90.33 -66.10
C LEU AB 69 8.98 -90.25 -67.58
N THR AB 70 9.40 -91.22 -68.39
CA THR AB 70 8.99 -91.24 -69.79
C THR AB 70 7.48 -91.37 -69.92
N ALA AB 71 6.88 -92.25 -69.11
CA ALA AB 71 5.44 -92.40 -69.14
C ALA AB 71 4.73 -91.14 -68.65
N VAL AB 72 5.30 -90.47 -67.64
CA VAL AB 72 4.69 -89.24 -67.12
C VAL AB 72 4.70 -88.15 -68.17
N VAL AB 73 5.85 -87.94 -68.82
CA VAL AB 73 5.92 -86.89 -69.85
C VAL AB 73 5.12 -87.31 -71.08
N GLN AB 74 4.93 -88.61 -71.28
CA GLN AB 74 4.00 -89.08 -72.31
C GLN AB 74 2.58 -88.62 -71.99
N LYS AB 75 2.11 -88.91 -70.79
CA LYS AB 75 0.71 -88.69 -70.47
C LYS AB 75 0.37 -87.24 -70.24
N ARG AB 76 1.29 -86.44 -69.71
CA ARG AB 76 0.96 -85.05 -69.39
C ARG AB 76 0.74 -84.23 -70.65
N PHE AB 77 1.65 -84.33 -71.62
CA PHE AB 77 1.52 -83.55 -72.84
C PHE AB 77 0.82 -84.32 -73.96
N GLY AB 78 0.53 -85.60 -73.78
CA GLY AB 78 -0.23 -86.33 -74.77
C GLY AB 78 0.47 -86.50 -76.11
N PHE AB 79 1.71 -86.97 -76.10
CA PHE AB 79 2.36 -87.32 -77.35
C PHE AB 79 1.70 -88.56 -77.94
N PRO AB 80 1.89 -88.82 -79.23
CA PRO AB 80 1.60 -90.15 -79.76
C PRO AB 80 2.50 -91.18 -79.09
N GLU AB 81 1.96 -92.39 -78.93
CA GLU AB 81 2.68 -93.43 -78.22
C GLU AB 81 3.95 -93.84 -78.96
N GLY AB 82 5.04 -94.00 -78.21
CA GLY AB 82 6.30 -94.37 -78.80
C GLY AB 82 6.95 -93.30 -79.64
N SER AB 83 6.58 -92.04 -79.43
CA SER AB 83 7.14 -90.93 -80.20
C SER AB 83 8.06 -90.05 -79.37
N VAL AB 84 8.35 -90.43 -78.13
CA VAL AB 84 9.22 -89.66 -77.26
C VAL AB 84 10.21 -90.61 -76.60
N GLU AB 85 11.49 -90.26 -76.61
CA GLU AB 85 12.52 -91.06 -75.96
C GLU AB 85 13.32 -90.20 -75.00
N LEU AB 86 13.50 -90.70 -73.78
CA LEU AB 86 14.21 -89.98 -72.73
C LEU AB 86 15.55 -90.64 -72.48
N TYR AB 87 16.62 -89.87 -72.62
CA TYR AB 87 17.98 -90.33 -72.33
C TYR AB 87 18.54 -89.51 -71.17
N ALA AB 88 19.50 -90.10 -70.47
CA ALA AB 88 20.22 -89.43 -69.40
C ALA AB 88 21.67 -89.29 -69.79
N GLU AB 89 22.23 -88.10 -69.61
CA GLU AB 89 23.60 -87.80 -70.00
C GLU AB 89 24.35 -87.22 -68.82
N LYS AB 90 25.53 -87.77 -68.55
CA LYS AB 90 26.39 -87.24 -67.49
C LYS AB 90 27.05 -85.95 -67.97
N VAL AB 91 26.97 -84.92 -67.14
CA VAL AB 91 27.60 -83.65 -67.49
C VAL AB 91 29.11 -83.76 -67.35
N ALA AB 92 29.81 -82.87 -68.03
CA ALA AB 92 31.27 -82.77 -67.97
C ALA AB 92 31.64 -81.54 -67.16
N THR AB 93 32.59 -81.72 -66.23
CA THR AB 93 33.06 -80.66 -65.34
C THR AB 93 31.90 -80.07 -64.55
N ARG AB 94 31.35 -80.91 -63.67
CA ARG AB 94 30.18 -80.53 -62.88
C ARG AB 94 30.44 -79.33 -61.98
N GLY AB 95 31.71 -79.02 -61.71
CA GLY AB 95 32.02 -77.81 -60.96
C GLY AB 95 31.68 -76.53 -61.70
N LEU AB 96 31.57 -76.60 -63.02
CA LEU AB 96 31.23 -75.43 -63.83
C LEU AB 96 29.73 -75.22 -63.96
N CYS AB 97 28.91 -76.17 -63.53
CA CYS AB 97 27.46 -76.03 -63.59
C CYS AB 97 26.97 -75.39 -62.30
N ALA AB 98 26.41 -74.19 -62.42
CA ALA AB 98 25.91 -73.49 -61.23
C ALA AB 98 24.68 -74.18 -60.65
N ILE AB 99 23.90 -74.85 -61.49
CA ILE AB 99 22.71 -75.56 -61.01
C ILE AB 99 23.12 -76.70 -60.08
N ALA AB 100 24.08 -77.52 -60.53
CA ALA AB 100 24.51 -78.66 -59.74
C ALA AB 100 25.17 -78.22 -58.44
N GLN AB 101 26.00 -77.19 -58.50
CA GLN AB 101 26.69 -76.74 -57.28
C GLN AB 101 25.73 -76.09 -56.30
N ALA AB 102 24.75 -75.34 -56.81
CA ALA AB 102 23.73 -74.78 -55.92
C ALA AB 102 22.91 -75.88 -55.27
N GLU AB 103 22.57 -76.91 -56.04
CA GLU AB 103 21.81 -78.03 -55.48
C GLU AB 103 22.63 -78.77 -54.42
N SER AB 104 23.93 -78.96 -54.67
CA SER AB 104 24.78 -79.60 -53.69
C SER AB 104 24.91 -78.76 -52.41
N LEU AB 105 25.02 -77.44 -52.57
CA LEU AB 105 25.06 -76.57 -51.40
C LEU AB 105 23.77 -76.64 -50.61
N ARG AB 106 22.64 -76.66 -51.32
CA ARG AB 106 21.35 -76.80 -50.64
C ARG AB 106 21.26 -78.13 -49.90
N TYR AB 107 21.77 -79.20 -50.52
CA TYR AB 107 21.78 -80.50 -49.86
C TYR AB 107 22.63 -80.47 -48.59
N LYS AB 108 23.81 -79.84 -48.67
CA LYS AB 108 24.66 -79.75 -47.49
C LYS AB 108 24.00 -78.94 -46.37
N LEU AB 109 23.38 -77.82 -46.74
CA LEU AB 109 22.73 -76.98 -45.72
C LEU AB 109 21.54 -77.69 -45.10
N LEU AB 110 20.78 -78.44 -45.91
CA LEU AB 110 19.68 -79.24 -45.36
C LEU AB 110 20.21 -80.36 -44.47
N GLY AB 111 21.36 -80.93 -44.81
CA GLY AB 111 21.98 -81.92 -43.95
C GLY AB 111 22.37 -81.33 -42.60
N GLY AB 112 22.91 -80.12 -42.60
CA GLY AB 112 23.17 -79.44 -41.35
C GLY AB 112 24.59 -78.94 -41.19
N LEU AB 113 25.36 -78.94 -42.27
CA LEU AB 113 26.70 -78.38 -42.24
C LEU AB 113 26.63 -76.89 -41.99
N ALA AB 114 27.65 -76.37 -41.30
CA ALA AB 114 27.75 -74.94 -41.09
C ALA AB 114 27.88 -74.23 -42.44
N VAL AB 115 27.12 -73.14 -42.60
CA VAL AB 115 27.03 -72.48 -43.89
C VAL AB 115 28.39 -71.93 -44.33
N ARG AB 116 29.20 -71.49 -43.37
CA ARG AB 116 30.52 -70.96 -43.68
C ARG AB 116 31.41 -72.03 -44.31
N ARG AB 117 31.52 -73.17 -43.65
CA ARG AB 117 32.35 -74.27 -44.16
C ARG AB 117 31.79 -74.82 -45.46
N ALA AB 118 30.47 -74.94 -45.56
CA ALA AB 118 29.87 -75.48 -46.78
C ALA AB 118 30.13 -74.58 -47.98
N CYS AB 119 29.98 -73.27 -47.79
CA CYS AB 119 30.23 -72.33 -48.88
C CYS AB 119 31.70 -72.32 -49.26
N TYR AB 120 32.59 -72.38 -48.27
CA TYR AB 120 34.01 -72.48 -48.58
C TYR AB 120 34.32 -73.73 -49.40
N GLY AB 121 33.72 -74.85 -49.01
CA GLY AB 121 33.94 -76.08 -49.76
C GLY AB 121 33.42 -76.00 -51.18
N VAL AB 122 32.25 -75.41 -51.37
CA VAL AB 122 31.69 -75.27 -52.71
C VAL AB 122 32.59 -74.39 -53.57
N LEU AB 123 33.03 -73.26 -53.01
CA LEU AB 123 33.91 -72.36 -53.75
C LEU AB 123 35.22 -73.04 -54.10
N ARG AB 124 35.81 -73.77 -53.14
CA ARG AB 124 37.07 -74.46 -53.39
C ARG AB 124 36.90 -75.52 -54.46
N PHE AB 125 35.79 -76.27 -54.43
CA PHE AB 125 35.56 -77.29 -55.45
C PHE AB 125 35.38 -76.67 -56.83
N ILE AB 126 34.69 -75.54 -56.91
CA ILE AB 126 34.47 -74.91 -58.21
C ILE AB 126 35.80 -74.41 -58.78
N MET AB 127 36.60 -73.72 -57.96
CA MET AB 127 37.88 -73.25 -58.46
C MET AB 127 38.87 -74.39 -58.70
N GLU AB 128 38.70 -75.53 -58.05
CA GLU AB 128 39.52 -76.69 -58.36
C GLU AB 128 39.10 -77.31 -59.69
N SER AB 129 37.80 -77.34 -59.96
CA SER AB 129 37.32 -77.76 -61.27
C SER AB 129 37.80 -76.83 -62.36
N GLY AB 130 38.03 -75.56 -62.01
CA GLY AB 130 38.71 -74.66 -62.92
C GLY AB 130 37.79 -73.66 -63.59
N ALA AB 131 37.74 -72.46 -63.06
CA ALA AB 131 36.92 -71.40 -63.62
C ALA AB 131 37.61 -70.07 -63.38
N LYS AB 132 37.26 -69.08 -64.20
CA LYS AB 132 37.83 -67.75 -64.02
C LYS AB 132 37.40 -67.10 -62.72
N GLY AB 133 36.32 -67.57 -62.11
CA GLY AB 133 35.91 -67.03 -60.83
C GLY AB 133 34.57 -67.59 -60.42
N CYS AB 134 34.28 -67.40 -59.15
CA CYS AB 134 33.03 -67.89 -58.56
C CYS AB 134 32.54 -66.88 -57.54
N GLU AB 135 31.23 -66.93 -57.29
CA GLU AB 135 30.61 -66.08 -56.28
C GLU AB 135 29.36 -66.76 -55.77
N VAL AB 136 29.32 -67.04 -54.47
CA VAL AB 136 28.16 -67.66 -53.83
C VAL AB 136 27.63 -66.70 -52.77
N VAL AB 137 26.33 -66.44 -52.83
CA VAL AB 137 25.66 -65.54 -51.89
C VAL AB 137 24.60 -66.33 -51.16
N VAL AB 138 24.65 -66.30 -49.83
CA VAL AB 138 23.68 -66.96 -48.98
C VAL AB 138 22.98 -65.89 -48.17
N SER AB 139 21.67 -65.79 -48.30
CA SER AB 139 20.89 -64.78 -47.61
C SER AB 139 19.80 -65.44 -46.79
N GLY AB 140 19.47 -64.83 -45.66
CA GLY AB 140 18.33 -65.30 -44.90
C GLY AB 140 18.58 -65.17 -43.42
N LYS AB 141 17.82 -65.96 -42.65
CA LYS AB 141 17.85 -65.89 -41.20
C LYS AB 141 19.06 -66.65 -40.65
N LEU AB 142 20.24 -66.16 -41.02
CA LEU AB 142 21.47 -66.65 -40.41
C LEU AB 142 21.61 -66.08 -39.01
N ARG AB 143 22.27 -66.86 -38.15
CA ARG AB 143 22.41 -66.53 -36.73
C ARG AB 143 21.05 -66.33 -36.07
N GLY AB 144 20.71 -65.08 -35.78
CA GLY AB 144 19.50 -64.76 -35.04
C GLY AB 144 18.29 -64.54 -35.93
N GLN AB 145 17.29 -63.88 -35.36
CA GLN AB 145 16.06 -63.60 -36.10
C GLN AB 145 16.30 -62.62 -37.23
N ARG AB 146 17.14 -61.61 -36.99
CA ARG AB 146 17.46 -60.62 -38.02
C ARG AB 146 18.25 -61.27 -39.14
N ALA AB 147 17.82 -61.05 -40.38
CA ALA AB 147 18.41 -61.71 -41.53
C ALA AB 147 19.69 -61.02 -41.98
N LYS AB 148 20.63 -61.83 -42.48
CA LYS AB 148 21.90 -61.34 -42.98
C LYS AB 148 22.22 -62.05 -44.29
N SER AB 149 23.20 -61.50 -45.01
CA SER AB 149 23.66 -62.06 -46.27
C SER AB 149 25.18 -62.15 -46.26
N MET AB 150 25.71 -63.28 -46.68
CA MET AB 150 27.15 -63.47 -46.80
C MET AB 150 27.50 -63.82 -48.23
N LYS AB 151 28.45 -63.09 -48.80
CA LYS AB 151 28.90 -63.27 -50.18
C LYS AB 151 30.35 -63.69 -50.18
N PHE AB 152 30.63 -64.80 -50.86
CA PHE AB 152 31.97 -65.38 -50.95
C PHE AB 152 32.35 -65.39 -52.42
N VAL AB 153 33.31 -64.57 -52.80
CA VAL AB 153 33.65 -64.37 -54.20
C VAL AB 153 35.17 -64.49 -54.35
N ASP AB 154 35.59 -65.13 -55.44
CA ASP AB 154 37.01 -65.15 -55.78
C ASP AB 154 37.15 -65.25 -57.29
N GLY AB 155 38.34 -64.94 -57.77
CA GLY AB 155 38.58 -64.96 -59.20
C GLY AB 155 37.92 -63.78 -59.89
N LEU AB 156 37.80 -63.91 -61.21
CA LEU AB 156 37.20 -62.87 -62.04
C LEU AB 156 35.69 -63.05 -62.09
N MET AB 157 34.97 -61.93 -62.20
CA MET AB 157 33.52 -61.98 -62.29
C MET AB 157 33.04 -60.70 -62.96
N ILE AB 158 32.57 -60.81 -64.19
CA ILE AB 158 31.97 -59.68 -64.89
C ILE AB 158 30.51 -59.58 -64.51
N HIS AB 159 29.96 -58.39 -64.62
CA HIS AB 159 28.59 -58.13 -64.23
C HIS AB 159 27.75 -57.47 -65.32
N SER AB 160 28.36 -56.70 -66.22
CA SER AB 160 27.63 -55.88 -67.17
C SER AB 160 27.92 -56.33 -68.60
N GLY AB 161 27.06 -55.87 -69.51
CA GLY AB 161 27.24 -56.12 -70.92
C GLY AB 161 26.69 -57.46 -71.37
N ASP AB 162 26.81 -57.69 -72.67
CA ASP AB 162 26.41 -58.98 -73.25
C ASP AB 162 27.18 -60.18 -72.71
N PRO AB 163 28.53 -60.17 -72.61
CA PRO AB 163 29.25 -61.43 -72.35
C PRO AB 163 28.90 -62.11 -71.03
N VAL AB 164 28.20 -61.44 -70.12
CA VAL AB 164 27.76 -62.10 -68.91
C VAL AB 164 26.85 -63.29 -69.22
N ASN AB 165 26.09 -63.20 -70.31
CA ASN AB 165 25.12 -64.25 -70.64
C ASN AB 165 25.80 -65.57 -70.95
N TYR AB 166 26.87 -65.55 -71.75
CA TYR AB 166 27.55 -66.77 -72.13
C TYR AB 166 28.85 -67.01 -71.36
N TYR AB 167 29.20 -66.16 -70.40
CA TYR AB 167 30.35 -66.42 -69.56
C TYR AB 167 29.99 -66.74 -68.12
N VAL AB 168 28.88 -66.21 -67.62
CA VAL AB 168 28.50 -66.41 -66.23
C VAL AB 168 27.27 -67.30 -66.19
N ASP AB 169 27.37 -68.41 -65.49
CA ASP AB 169 26.24 -69.30 -65.25
C ASP AB 169 25.72 -68.99 -63.86
N THR AB 170 24.42 -68.70 -63.76
CA THR AB 170 23.80 -68.23 -62.54
C THR AB 170 22.67 -69.18 -62.15
N ALA AB 171 22.63 -69.56 -60.88
CA ALA AB 171 21.58 -70.43 -60.37
C ALA AB 171 21.11 -69.90 -59.02
N VAL AB 172 19.80 -69.86 -58.83
CA VAL AB 172 19.19 -69.41 -57.59
C VAL AB 172 18.34 -70.54 -57.04
N ARG AB 173 18.55 -70.90 -55.77
CA ARG AB 173 17.82 -71.97 -55.12
C ARG AB 173 17.33 -71.50 -53.75
N HIS AB 174 16.32 -72.20 -53.26
CA HIS AB 174 15.73 -71.94 -51.96
C HIS AB 174 15.94 -73.15 -51.07
N VAL AB 175 16.34 -72.90 -49.83
CA VAL AB 175 16.53 -73.95 -48.82
C VAL AB 175 15.46 -73.76 -47.76
N LEU AB 176 14.69 -74.82 -47.51
CA LEU AB 176 13.59 -74.78 -46.55
C LEU AB 176 14.11 -75.22 -45.20
N LEU AB 177 14.63 -74.28 -44.43
CA LEU AB 177 15.13 -74.56 -43.10
C LEU AB 177 14.02 -74.35 -42.07
N ARG AB 178 14.26 -74.87 -40.86
CA ARG AB 178 13.26 -74.79 -39.80
C ARG AB 178 12.93 -73.35 -39.44
N GLN AB 179 13.87 -72.43 -39.64
CA GLN AB 179 13.63 -71.03 -39.34
C GLN AB 179 13.02 -70.27 -40.51
N GLY AB 180 12.94 -70.87 -41.68
CA GLY AB 180 12.36 -70.19 -42.82
C GLY AB 180 12.95 -70.61 -44.16
N VAL AB 181 13.23 -69.63 -45.01
CA VAL AB 181 13.76 -69.87 -46.35
C VAL AB 181 15.10 -69.17 -46.47
N LEU AB 182 16.10 -69.89 -46.96
CA LEU AB 182 17.43 -69.35 -47.18
C LEU AB 182 17.70 -69.34 -48.68
N GLY AB 183 18.09 -68.17 -49.21
CA GLY AB 183 18.33 -68.03 -50.63
C GLY AB 183 19.79 -68.23 -50.96
N ILE AB 184 20.04 -69.01 -52.01
CA ILE AB 184 21.39 -69.33 -52.48
C ILE AB 184 21.51 -68.87 -53.92
N LYS AB 185 22.52 -68.06 -54.20
CA LYS AB 185 22.82 -67.59 -55.54
C LYS AB 185 24.25 -67.99 -55.88
N VAL AB 186 24.42 -68.71 -56.98
CA VAL AB 186 25.74 -69.18 -57.41
C VAL AB 186 26.00 -68.62 -58.81
N LYS AB 187 27.10 -67.90 -58.96
CA LYS AB 187 27.55 -67.38 -60.25
C LYS AB 187 28.94 -67.92 -60.53
N ILE AB 188 29.12 -68.51 -61.70
CA ILE AB 188 30.39 -69.08 -62.11
C ILE AB 188 30.81 -68.49 -63.43
N MET AB 189 32.04 -67.97 -63.49
CA MET AB 189 32.61 -67.48 -64.74
C MET AB 189 33.27 -68.64 -65.47
N LEU AB 190 32.65 -69.07 -66.57
CA LEU AB 190 33.18 -70.19 -67.33
C LEU AB 190 34.49 -69.79 -68.00
N PRO AB 191 35.50 -70.66 -67.98
CA PRO AB 191 36.74 -70.36 -68.68
C PRO AB 191 36.54 -70.43 -70.19
N TRP AB 192 37.34 -69.63 -70.91
CA TRP AB 192 37.28 -69.63 -72.36
C TRP AB 192 37.95 -70.88 -72.92
N ASP AB 193 37.33 -71.46 -73.95
CA ASP AB 193 37.93 -72.57 -74.65
C ASP AB 193 37.45 -72.58 -76.09
N PRO AB 194 38.34 -72.76 -77.07
CA PRO AB 194 37.88 -72.89 -78.45
C PRO AB 194 37.02 -74.11 -78.68
N THR AB 195 37.22 -75.18 -77.90
CA THR AB 195 36.42 -76.38 -78.06
C THR AB 195 34.95 -76.11 -77.75
N GLY AB 196 34.68 -75.35 -76.69
CA GLY AB 196 33.34 -74.92 -76.38
C GLY AB 196 32.53 -75.89 -75.55
N LYS AB 197 33.08 -77.03 -75.15
CA LYS AB 197 32.34 -78.00 -74.36
C LYS AB 197 32.52 -77.78 -72.86
N ILE AB 198 33.35 -76.82 -72.45
CA ILE AB 198 33.43 -76.41 -71.06
C ILE AB 198 33.05 -74.95 -70.86
N GLY AB 199 32.96 -74.16 -71.93
CA GLY AB 199 32.65 -72.76 -71.82
C GLY AB 199 32.39 -72.12 -73.16
N PRO AB 200 32.29 -70.79 -73.18
CA PRO AB 200 32.04 -70.09 -74.45
C PRO AB 200 33.20 -70.24 -75.41
N LYS AB 201 32.85 -70.30 -76.70
CA LYS AB 201 33.87 -70.36 -77.75
C LYS AB 201 34.51 -68.99 -77.97
N LYS AB 202 33.71 -67.94 -77.92
CA LYS AB 202 34.22 -66.59 -78.15
C LYS AB 202 35.06 -66.13 -76.96
N PRO AB 203 36.10 -65.34 -77.19
CA PRO AB 203 36.84 -64.74 -76.09
C PRO AB 203 36.08 -63.56 -75.51
N LEU AB 204 36.63 -63.00 -74.43
CA LEU AB 204 36.07 -61.79 -73.88
C LEU AB 204 36.23 -60.65 -74.88
N PRO AB 205 35.26 -59.74 -74.96
CA PRO AB 205 35.31 -58.69 -75.99
C PRO AB 205 36.54 -57.79 -75.88
N ASP AB 206 36.99 -57.49 -74.67
CA ASP AB 206 38.15 -56.63 -74.47
C ASP AB 206 39.45 -57.41 -74.36
N HIS AB 207 39.41 -58.73 -74.52
CA HIS AB 207 40.63 -59.54 -74.48
C HIS AB 207 41.32 -59.49 -75.82
N VAL AB 208 42.56 -59.01 -75.83
CA VAL AB 208 43.35 -58.87 -77.05
C VAL AB 208 44.53 -59.82 -76.96
N SER AB 209 44.67 -60.69 -77.95
CA SER AB 209 45.77 -61.64 -78.03
C SER AB 209 46.58 -61.37 -79.29
N ILE AB 210 47.90 -61.40 -79.16
CA ILE AB 210 48.82 -61.06 -80.24
C ILE AB 210 49.71 -62.26 -80.51
N VAL AB 211 49.80 -62.66 -81.78
CA VAL AB 211 50.64 -63.79 -82.15
C VAL AB 211 52.10 -63.39 -82.10
N GLU AB 212 52.94 -64.30 -81.62
CA GLU AB 212 54.37 -63.99 -81.45
C GLU AB 212 55.07 -63.99 -82.80
N PRO AB 213 55.78 -62.91 -83.14
CA PRO AB 213 56.53 -62.89 -84.40
C PRO AB 213 57.73 -63.82 -84.35
N LYS AB 214 58.20 -64.19 -85.55
CA LYS AB 214 59.41 -64.97 -85.69
C LYS AB 214 60.60 -64.02 -85.84
N ASP AB 215 61.77 -64.57 -86.19
CA ASP AB 215 62.95 -63.73 -86.34
C ASP AB 215 62.97 -62.98 -87.67
N GLU AB 216 63.03 -63.72 -88.78
CA GLU AB 216 63.02 -63.15 -90.14
C GLU AB 216 64.06 -62.04 -90.30
N ILE AB 217 65.28 -62.32 -89.83
CA ILE AB 217 66.31 -61.29 -89.77
C ILE AB 217 66.84 -60.99 -91.17
N LEU AB 218 67.33 -62.02 -91.86
CA LEU AB 218 67.98 -61.93 -93.17
C LEU AB 218 69.12 -60.90 -93.09
N PRO AB 219 70.24 -61.23 -92.45
CA PRO AB 219 71.37 -60.28 -92.36
C PRO AB 219 72.45 -60.48 -93.41
N THR AB 220 72.26 -61.36 -94.40
CA THR AB 220 73.31 -61.74 -95.32
C THR AB 220 73.16 -61.03 -96.65
N THR AB 221 74.08 -61.32 -97.56
CA THR AB 221 74.05 -60.76 -98.89
C THR AB 221 72.87 -61.32 -99.69
N PRO AB 222 72.33 -60.55 -100.64
CA PRO AB 222 71.28 -61.10 -101.51
C PRO AB 222 71.79 -62.29 -102.33
N ILE AB 223 70.92 -63.29 -102.48
CA ILE AB 223 71.23 -64.50 -103.22
C ILE AB 223 70.09 -64.78 -104.18
N SER AB 224 70.30 -65.82 -105.01
CA SER AB 224 69.29 -66.28 -105.96
C SER AB 224 69.31 -67.80 -105.95
N GLU AB 225 68.27 -68.40 -105.38
CA GLU AB 225 68.20 -69.86 -105.22
C GLU AB 225 67.25 -70.41 -106.27
N GLN AB 226 67.75 -71.37 -107.06
CA GLN AB 226 66.96 -71.97 -108.14
C GLN AB 226 66.14 -73.12 -107.59
N LYS AB 227 64.82 -73.06 -107.78
CA LYS AB 227 63.93 -74.09 -107.28
C LYS AB 227 62.74 -74.29 -108.23
N ASP BB 1 15.88 -13.32 -109.76
CA ASP BB 1 16.01 -14.63 -110.41
C ASP BB 1 15.39 -15.72 -109.56
N ILE BB 2 15.53 -15.61 -108.24
CA ILE BB 2 14.98 -16.62 -107.34
C ILE BB 2 13.50 -16.40 -107.12
N LYS BB 3 13.11 -15.15 -106.81
CA LYS BB 3 11.70 -14.75 -106.75
C LYS BB 3 10.92 -15.58 -105.72
N LEU BB 4 11.25 -15.33 -104.45
CA LEU BB 4 10.54 -15.93 -103.33
C LEU BB 4 9.03 -15.80 -103.48
N PHE BB 5 8.33 -16.92 -103.41
CA PHE BB 5 6.89 -17.05 -103.67
C PHE BB 5 6.53 -16.71 -105.10
N GLY BB 6 7.49 -16.71 -106.02
CA GLY BB 6 7.23 -16.39 -107.41
C GLY BB 6 7.45 -14.93 -107.78
N LYS BB 7 7.69 -14.06 -106.81
CA LYS BB 7 7.89 -12.65 -107.07
C LYS BB 7 8.85 -12.11 -106.01
N TRP BB 8 8.93 -10.78 -105.88
CA TRP BB 8 9.69 -10.12 -104.81
C TRP BB 8 11.16 -10.55 -104.84
N SER BB 9 11.84 -10.12 -105.91
CA SER BB 9 13.25 -10.43 -106.09
C SER BB 9 14.06 -9.94 -104.88
N THR BB 10 15.06 -10.74 -104.50
CA THR BB 10 15.79 -10.49 -103.26
C THR BB 10 16.92 -9.49 -103.43
N ASP BB 11 17.47 -9.37 -104.64
CA ASP BB 11 18.72 -8.65 -104.83
C ASP BB 11 18.62 -7.16 -104.55
N ASP BB 12 17.41 -6.59 -104.55
CA ASP BB 12 17.26 -5.17 -104.28
C ASP BB 12 17.16 -4.84 -102.79
N VAL BB 13 17.08 -5.85 -101.92
CA VAL BB 13 16.94 -5.62 -100.49
C VAL BB 13 18.29 -5.29 -99.90
N GLN BB 14 18.37 -4.20 -99.15
CA GLN BB 14 19.61 -3.75 -98.54
C GLN BB 14 19.40 -3.58 -97.04
N ILE BB 15 20.33 -4.11 -96.26
CA ILE BB 15 20.29 -3.93 -94.81
C ILE BB 15 20.98 -2.62 -94.46
N ASN BB 16 20.29 -1.77 -93.71
CA ASN BB 16 20.74 -0.40 -93.48
C ASN BB 16 21.83 -0.29 -92.42
N ASP BB 17 22.05 -1.31 -91.60
CA ASP BB 17 23.09 -1.27 -90.58
C ASP BB 17 23.94 -2.52 -90.67
N ILE BB 18 25.26 -2.35 -90.49
CA ILE BB 18 26.19 -3.46 -90.62
C ILE BB 18 26.18 -4.39 -89.41
N SER BB 19 25.46 -4.02 -88.35
CA SER BB 19 25.42 -4.88 -87.16
C SER BB 19 24.74 -6.20 -87.44
N LEU BB 20 23.72 -6.21 -88.30
CA LEU BB 20 22.92 -7.41 -88.55
C LEU BB 20 23.06 -7.94 -89.96
N GLN BB 21 24.04 -7.44 -90.73
CA GLN BB 21 24.17 -7.90 -92.10
C GLN BB 21 24.85 -9.25 -92.22
N ASP BB 22 25.45 -9.75 -91.14
CA ASP BB 22 25.96 -11.11 -91.08
C ASP BB 22 24.94 -12.09 -90.53
N TYR BB 23 23.76 -11.62 -90.14
CA TYR BB 23 22.74 -12.48 -89.55
C TYR BB 23 21.41 -12.42 -90.27
N ILE BB 24 21.15 -11.38 -91.05
CA ILE BB 24 20.04 -11.40 -92.00
C ILE BB 24 20.49 -12.14 -93.26
N ALA BB 25 19.62 -13.00 -93.78
CA ALA BB 25 19.97 -13.94 -94.83
C ALA BB 25 19.03 -13.82 -96.02
N VAL BB 26 18.84 -12.60 -96.51
CA VAL BB 26 18.03 -12.36 -97.70
C VAL BB 26 18.86 -12.23 -98.96
N LYS BB 27 20.18 -12.31 -98.86
CA LYS BB 27 21.04 -12.10 -100.02
C LYS BB 27 21.01 -13.34 -100.91
N GLU BB 28 21.50 -13.19 -102.14
CA GLU BB 28 21.21 -14.17 -103.20
C GLU BB 28 21.76 -15.56 -102.86
N LYS BB 29 22.80 -15.64 -102.03
CA LYS BB 29 23.28 -16.96 -101.62
C LYS BB 29 22.30 -17.67 -100.70
N TYR BB 30 21.38 -16.93 -100.09
CA TYR BB 30 20.36 -17.50 -99.22
C TYR BB 30 18.96 -17.27 -99.75
N ALA BB 31 18.82 -16.87 -101.00
CA ALA BB 31 17.51 -16.66 -101.60
C ALA BB 31 16.91 -18.00 -102.01
N LYS BB 32 15.70 -18.29 -101.54
CA LYS BB 32 15.04 -19.55 -101.80
C LYS BB 32 13.66 -19.31 -102.40
N TYR BB 33 13.22 -20.26 -103.22
CA TYR BB 33 11.92 -20.14 -103.87
C TYR BB 33 10.78 -20.18 -102.87
N LEU BB 34 10.96 -20.81 -101.71
CA LEU BB 34 9.86 -21.03 -100.81
C LEU BB 34 10.42 -21.13 -99.40
N PRO BB 35 9.79 -20.51 -98.40
CA PRO BB 35 10.33 -20.59 -97.03
C PRO BB 35 9.98 -21.90 -96.34
N HIS BB 36 10.55 -23.00 -96.86
CA HIS BB 36 10.37 -24.30 -96.24
C HIS BB 36 11.55 -25.16 -96.65
N SER BB 37 12.41 -25.50 -95.69
CA SER BB 37 13.57 -26.33 -95.97
C SER BB 37 14.01 -26.98 -94.67
N ALA BB 38 13.95 -28.30 -94.61
CA ALA BB 38 14.41 -29.04 -93.43
C ALA BB 38 15.93 -29.07 -93.46
N GLY BB 39 16.52 -27.96 -93.03
CA GLY BB 39 17.95 -27.73 -93.17
C GLY BB 39 18.80 -28.05 -91.95
N ARG BB 40 18.22 -28.62 -90.90
CA ARG BB 40 18.94 -28.97 -89.67
C ARG BB 40 19.68 -27.76 -89.10
N TYR BB 41 18.99 -26.61 -89.07
CA TYR BB 41 19.62 -25.37 -88.68
C TYR BB 41 19.87 -25.25 -87.18
N ALA BB 42 19.32 -26.15 -86.38
CA ALA BB 42 19.54 -26.14 -84.94
C ALA BB 42 20.56 -27.17 -84.51
N ALA BB 43 21.25 -27.81 -85.45
CA ALA BB 43 22.17 -28.89 -85.10
C ALA BB 43 23.42 -28.35 -84.42
N LYS BB 44 23.89 -27.18 -84.82
CA LYS BB 44 25.11 -26.61 -84.28
C LYS BB 44 24.88 -25.14 -83.98
N ARG BB 45 25.69 -24.61 -83.06
CA ARG BB 45 25.61 -23.21 -82.69
C ARG BB 45 25.90 -22.31 -83.89
N PHE BB 46 25.20 -21.18 -83.96
CA PHE BB 46 25.34 -20.17 -85.01
C PHE BB 46 25.00 -20.70 -86.40
N ARG BB 47 24.28 -21.82 -86.47
CA ARG BB 47 23.80 -22.29 -87.77
C ARG BB 47 22.53 -21.60 -88.21
N LYS BB 48 21.75 -21.08 -87.26
CA LYS BB 48 20.56 -20.31 -87.60
C LYS BB 48 20.91 -18.95 -88.21
N ALA BB 49 22.16 -18.51 -88.09
CA ALA BB 49 22.56 -17.24 -88.67
C ALA BB 49 22.45 -17.27 -90.19
N GLN BB 50 22.84 -18.38 -90.81
CA GLN BB 50 22.75 -18.54 -92.26
C GLN BB 50 21.40 -19.06 -92.71
N CYS BB 51 20.47 -19.30 -91.79
CA CYS BB 51 19.11 -19.63 -92.16
C CYS BB 51 18.39 -18.38 -92.64
N PRO BB 52 17.65 -18.45 -93.75
CA PRO BB 52 16.95 -17.26 -94.26
C PRO BB 52 15.93 -16.75 -93.25
N ILE BB 53 15.83 -15.42 -93.15
CA ILE BB 53 15.01 -14.82 -92.11
C ILE BB 53 13.53 -15.02 -92.39
N VAL BB 54 13.14 -15.28 -93.64
CA VAL BB 54 11.75 -15.63 -93.91
C VAL BB 54 11.45 -17.01 -93.36
N GLU BB 55 12.40 -17.94 -93.48
CA GLU BB 55 12.29 -19.22 -92.81
C GLU BB 55 12.20 -19.06 -91.31
N ARG BB 56 13.01 -18.15 -90.74
CA ARG BB 56 12.96 -17.90 -89.30
C ARG BB 56 11.60 -17.35 -88.88
N LEU BB 57 11.05 -16.43 -89.66
CA LEU BB 57 9.73 -15.87 -89.35
C LEU BB 57 8.65 -16.94 -89.44
N THR BB 58 8.73 -17.80 -90.45
CA THR BB 58 7.80 -18.91 -90.55
C THR BB 58 7.90 -19.84 -89.37
N ASN BB 59 9.12 -20.14 -88.94
CA ASN BB 59 9.29 -21.06 -87.81
C ASN BB 59 8.83 -20.45 -86.50
N SER BB 60 9.02 -19.15 -86.31
CA SER BB 60 8.62 -18.50 -85.07
C SER BB 60 7.18 -18.04 -85.09
N MET BB 61 6.50 -18.09 -86.23
CA MET BB 61 5.11 -17.66 -86.31
C MET BB 61 4.14 -18.78 -85.96
N MET BB 62 4.62 -19.99 -85.76
CA MET BB 62 3.81 -21.16 -85.47
C MET BB 62 4.01 -21.56 -84.01
N MET BB 63 3.11 -21.09 -83.14
CA MET BB 63 3.26 -21.24 -81.71
C MET BB 63 1.90 -21.44 -81.05
N HIS BB 64 1.95 -21.59 -79.73
CA HIS BB 64 0.78 -21.67 -78.85
C HIS BB 64 -0.05 -22.93 -79.09
N GLY BB 65 0.61 -24.08 -79.01
CA GLY BB 65 -0.09 -25.34 -78.84
C GLY BB 65 -0.89 -25.80 -80.03
N ARG BB 66 -1.85 -24.98 -80.45
CA ARG BB 66 -2.68 -25.33 -81.60
C ARG BB 66 -1.85 -25.46 -82.86
N ASN BB 67 -0.79 -24.67 -82.98
CA ASN BB 67 0.01 -24.58 -84.19
C ASN BB 67 1.46 -24.88 -83.85
N ASN BB 68 1.82 -26.16 -83.82
CA ASN BB 68 3.21 -26.56 -83.64
C ASN BB 68 3.76 -27.36 -84.80
N GLY BB 69 2.93 -27.80 -85.73
CA GLY BB 69 3.42 -28.50 -86.90
C GLY BB 69 2.88 -27.87 -88.17
N LYS BB 70 1.96 -26.91 -88.02
CA LYS BB 70 1.25 -26.34 -89.16
C LYS BB 70 2.12 -25.33 -89.90
N LYS BB 71 3.25 -25.84 -90.40
CA LYS BB 71 4.18 -25.00 -91.13
C LYS BB 71 3.63 -24.60 -92.49
N LEU BB 72 2.85 -25.45 -93.14
CA LEU BB 72 2.22 -25.06 -94.39
C LEU BB 72 1.23 -23.91 -94.18
N MET BB 73 0.46 -23.99 -93.10
CA MET BB 73 -0.43 -22.88 -92.74
C MET BB 73 0.37 -21.62 -92.47
N THR BB 74 1.51 -21.76 -91.79
CA THR BB 74 2.31 -20.56 -91.51
C THR BB 74 2.92 -19.99 -92.80
N VAL BB 75 3.31 -20.85 -93.73
CA VAL BB 75 3.82 -20.38 -95.02
C VAL BB 75 2.75 -19.61 -95.78
N ARG BB 76 1.52 -20.12 -95.79
CA ARG BB 76 0.46 -19.37 -96.46
C ARG BB 76 0.15 -18.07 -95.74
N ILE BB 77 0.29 -18.05 -94.40
CA ILE BB 77 0.09 -16.81 -93.65
C ILE BB 77 1.14 -15.78 -94.06
N VAL BB 78 2.39 -16.21 -94.16
CA VAL BB 78 3.46 -15.30 -94.55
C VAL BB 78 3.27 -14.80 -95.98
N LYS BB 79 2.82 -15.69 -96.87
CA LYS BB 79 2.59 -15.28 -98.25
C LYS BB 79 1.48 -14.23 -98.34
N HIS BB 80 0.39 -14.45 -97.62
CA HIS BB 80 -0.70 -13.47 -97.61
C HIS BB 80 -0.25 -12.16 -96.98
N ALA BB 81 0.55 -12.23 -95.92
CA ALA BB 81 1.05 -11.01 -95.29
C ALA BB 81 1.94 -10.22 -96.23
N PHE BB 82 2.80 -10.91 -96.98
CA PHE BB 82 3.63 -10.21 -97.96
C PHE BB 82 2.79 -9.57 -99.06
N GLU BB 83 1.76 -10.29 -99.53
CA GLU BB 83 0.84 -9.68 -100.49
C GLU BB 83 0.22 -8.40 -99.93
N ILE BB 84 -0.25 -8.47 -98.68
CA ILE BB 84 -0.94 -7.33 -98.08
C ILE BB 84 0.01 -6.16 -97.92
N ILE BB 85 1.23 -6.41 -97.44
CA ILE BB 85 2.15 -5.29 -97.23
C ILE BB 85 2.62 -4.72 -98.56
N HIS BB 86 2.76 -5.55 -99.59
CA HIS BB 86 3.08 -5.01 -100.91
C HIS BB 86 1.98 -4.10 -101.41
N LEU BB 87 0.72 -4.52 -101.25
CA LEU BB 87 -0.37 -3.65 -101.70
C LEU BB 87 -0.45 -2.38 -100.86
N LEU BB 88 -0.18 -2.47 -99.57
CA LEU BB 88 -0.34 -1.32 -98.70
C LEU BB 88 0.79 -0.31 -98.84
N THR BB 89 2.01 -0.76 -99.13
CA THR BB 89 3.15 0.13 -99.15
C THR BB 89 3.74 0.36 -100.54
N GLY BB 90 3.82 -0.68 -101.37
CA GLY BB 90 4.39 -0.54 -102.69
C GLY BB 90 5.84 -0.94 -102.83
N GLU BB 91 6.54 -1.16 -101.72
CA GLU BB 91 7.93 -1.55 -101.77
C GLU BB 91 8.05 -3.06 -101.54
N ASN BB 92 9.28 -3.54 -101.46
CA ASN BB 92 9.53 -4.97 -101.35
C ASN BB 92 9.08 -5.48 -99.99
N PRO BB 93 8.26 -6.54 -99.93
CA PRO BB 93 7.95 -7.15 -98.63
C PRO BB 93 9.17 -7.60 -97.87
N LEU BB 94 10.19 -8.10 -98.57
CA LEU BB 94 11.43 -8.47 -97.91
C LEU BB 94 12.11 -7.26 -97.30
N GLN BB 95 12.12 -6.13 -98.01
CA GLN BB 95 12.70 -4.92 -97.46
C GLN BB 95 11.93 -4.46 -96.23
N VAL BB 96 10.61 -4.56 -96.26
CA VAL BB 96 9.80 -4.21 -95.10
C VAL BB 96 10.14 -5.10 -93.92
N LEU BB 97 10.29 -6.41 -94.16
CA LEU BB 97 10.63 -7.33 -93.10
C LEU BB 97 12.00 -7.03 -92.51
N VAL BB 98 12.98 -6.72 -93.37
CA VAL BB 98 14.33 -6.42 -92.90
C VAL BB 98 14.32 -5.15 -92.04
N ASN BB 99 13.62 -4.12 -92.50
CA ASN BB 99 13.54 -2.88 -91.73
C ASN BB 99 12.82 -3.11 -90.40
N ALA BB 100 11.79 -3.96 -90.40
CA ALA BB 100 11.08 -4.28 -89.18
C ALA BB 100 12.01 -4.98 -88.19
N ILE BB 101 12.81 -5.93 -88.67
CA ILE BB 101 13.77 -6.61 -87.81
C ILE BB 101 14.75 -5.63 -87.21
N ILE BB 102 15.28 -4.73 -88.05
CA ILE BB 102 16.29 -3.78 -87.59
C ILE BB 102 15.70 -2.85 -86.53
N ASN BB 103 14.51 -2.34 -86.77
CA ASN BB 103 13.89 -1.42 -85.83
C ASN BB 103 13.31 -2.12 -84.60
N SER BB 104 13.16 -3.44 -84.64
CA SER BB 104 12.61 -4.16 -83.50
C SER BB 104 13.69 -4.72 -82.58
N GLY BB 105 14.87 -5.02 -83.10
CA GLY BB 105 15.95 -5.52 -82.28
C GLY BB 105 16.37 -4.52 -81.22
N PRO BB 106 16.24 -4.91 -79.94
CA PRO BB 106 16.57 -4.00 -78.84
C PRO BB 106 18.08 -3.97 -78.61
N ARG BB 107 18.66 -2.77 -78.72
CA ARG BB 107 20.11 -2.63 -78.69
C ARG BB 107 20.73 -2.99 -77.36
N GLU BB 108 19.98 -2.93 -76.26
CA GLU BB 108 20.50 -3.39 -74.98
C GLU BB 108 19.34 -3.84 -74.11
N ASP BB 109 19.67 -4.65 -73.10
CA ASP BB 109 18.71 -5.21 -72.16
C ASP BB 109 19.37 -5.12 -70.79
N SER BB 110 18.77 -5.76 -69.78
CA SER BB 110 19.37 -5.81 -68.46
C SER BB 110 19.27 -7.23 -67.93
N THR BB 111 20.33 -7.68 -67.24
CA THR BB 111 20.31 -9.03 -66.69
C THR BB 111 21.29 -9.14 -65.53
N ARG BB 112 20.82 -9.75 -64.44
CA ARG BB 112 21.60 -10.11 -63.27
C ARG BB 112 20.71 -10.95 -62.36
N ILE BB 113 21.22 -11.28 -61.16
CA ILE BB 113 20.57 -12.20 -60.25
C ILE BB 113 20.26 -11.56 -58.90
N GLY BB 114 21.21 -10.80 -58.35
CA GLY BB 114 21.11 -10.32 -56.99
C GLY BB 114 20.02 -9.29 -56.73
N ARG BB 115 20.19 -8.51 -55.65
CA ARG BB 115 19.20 -7.52 -55.25
C ARG BB 115 18.92 -6.53 -56.38
N ALA BB 116 17.73 -6.62 -56.95
CA ALA BB 116 17.43 -5.87 -58.17
C ALA BB 116 17.26 -4.38 -57.86
N GLY BB 117 17.89 -3.55 -58.67
CA GLY BB 117 17.67 -2.11 -58.58
C GLY BB 117 16.28 -1.74 -59.02
N THR BB 118 16.01 -1.89 -60.32
CA THR BB 118 14.66 -1.79 -60.86
C THR BB 118 14.18 -3.11 -61.42
N VAL BB 119 14.94 -3.73 -62.33
CA VAL BB 119 14.66 -5.06 -62.84
C VAL BB 119 15.85 -5.99 -62.64
N ARG BB 120 17.03 -5.58 -63.12
CA ARG BB 120 18.25 -6.32 -62.92
C ARG BB 120 19.36 -5.37 -62.49
N ARG BB 121 20.40 -5.94 -61.88
CA ARG BB 121 21.47 -5.12 -61.35
C ARG BB 121 22.28 -4.46 -62.46
N GLN BB 122 22.45 -5.11 -63.60
CA GLN BB 122 23.34 -4.63 -64.64
C GLN BB 122 22.60 -4.47 -65.96
N ALA BB 123 22.96 -3.39 -66.67
CA ALA BB 123 22.51 -3.16 -68.03
C ALA BB 123 23.57 -3.70 -68.99
N VAL BB 124 23.16 -4.57 -69.90
CA VAL BB 124 24.05 -5.32 -70.76
C VAL BB 124 23.55 -5.16 -72.20
N ASP BB 125 24.45 -4.76 -73.10
CA ASP BB 125 24.10 -4.74 -74.52
C ASP BB 125 24.06 -6.16 -75.06
N VAL BB 126 23.36 -6.34 -76.18
CA VAL BB 126 23.03 -7.66 -76.69
C VAL BB 126 23.81 -7.92 -77.97
N SER BB 127 23.85 -9.19 -78.36
CA SER BB 127 24.50 -9.63 -79.58
C SER BB 127 23.59 -9.43 -80.78
N PRO BB 128 24.15 -9.34 -81.99
CA PRO BB 128 23.30 -9.26 -83.18
C PRO BB 128 22.37 -10.44 -83.36
N LEU BB 129 22.83 -11.65 -83.04
CA LEU BB 129 21.97 -12.82 -83.12
C LEU BB 129 20.79 -12.70 -82.16
N ARG BB 130 21.05 -12.24 -80.93
CA ARG BB 130 19.97 -12.01 -79.99
C ARG BB 130 19.05 -10.90 -80.45
N ARG BB 131 19.59 -9.88 -81.12
CA ARG BB 131 18.76 -8.85 -81.72
C ARG BB 131 17.78 -9.45 -82.71
N VAL BB 132 18.27 -10.28 -83.63
CA VAL BB 132 17.42 -10.87 -84.65
C VAL BB 132 16.36 -11.78 -84.01
N ASN BB 133 16.80 -12.61 -83.06
CA ASN BB 133 15.89 -13.54 -82.41
C ASN BB 133 14.79 -12.80 -81.67
N GLN BB 134 15.17 -11.78 -80.89
CA GLN BB 134 14.19 -11.01 -80.13
C GLN BB 134 13.25 -10.26 -81.05
N ALA BB 135 13.76 -9.73 -82.16
CA ALA BB 135 12.91 -9.00 -83.09
C ALA BB 135 11.87 -9.91 -83.72
N ILE BB 136 12.30 -11.08 -84.18
CA ILE BB 136 11.35 -12.02 -84.79
C ILE BB 136 10.31 -12.46 -83.77
N TRP BB 137 10.76 -12.78 -82.56
CA TRP BB 137 9.82 -13.21 -81.52
C TRP BB 137 8.82 -12.11 -81.20
N LEU BB 138 9.29 -10.87 -81.09
CA LEU BB 138 8.40 -9.76 -80.77
C LEU BB 138 7.38 -9.52 -81.89
N LEU BB 139 7.82 -9.60 -83.15
CA LEU BB 139 6.91 -9.40 -84.26
C LEU BB 139 5.82 -10.47 -84.28
N CYS BB 140 6.22 -11.74 -84.14
CA CYS BB 140 5.23 -12.81 -84.15
C CYS BB 140 4.27 -12.70 -82.97
N THR BB 141 4.80 -12.34 -81.79
CA THR BB 141 3.94 -12.20 -80.62
C THR BB 141 2.94 -11.07 -80.81
N GLY BB 142 3.41 -9.93 -81.33
CA GLY BB 142 2.51 -8.81 -81.56
C GLY BB 142 1.41 -9.16 -82.55
N ALA BB 143 1.77 -9.86 -83.63
CA ALA BB 143 0.75 -10.31 -84.56
C ALA BB 143 -0.24 -11.26 -83.90
N ARG BB 144 0.25 -12.13 -83.00
CA ARG BB 144 -0.62 -13.11 -82.37
C ARG BB 144 -1.65 -12.44 -81.46
N GLU BB 145 -1.22 -11.55 -80.56
CA GLU BB 145 -2.23 -10.86 -79.75
C GLU BB 145 -3.01 -9.82 -80.54
N ALA BB 146 -2.54 -9.40 -81.71
CA ALA BB 146 -3.38 -8.58 -82.56
C ALA BB 146 -4.53 -9.40 -83.15
N ALA BB 147 -4.24 -10.64 -83.52
CA ALA BB 147 -5.23 -11.46 -84.23
C ALA BB 147 -6.06 -12.34 -83.31
N PHE BB 148 -5.76 -12.40 -82.01
CA PHE BB 148 -6.44 -13.35 -81.15
C PHE BB 148 -7.96 -13.21 -81.12
N ARG BB 149 -8.48 -12.10 -80.63
CA ARG BB 149 -9.93 -12.05 -80.43
C ARG BB 149 -10.59 -10.92 -81.21
N ASN BB 150 -10.23 -10.76 -82.47
CA ASN BB 150 -10.88 -9.78 -83.34
C ASN BB 150 -11.07 -10.38 -84.72
N ILE BB 151 -11.95 -9.75 -85.51
CA ILE BB 151 -12.28 -10.27 -86.82
C ILE BB 151 -11.09 -10.17 -87.78
N LYS BB 152 -10.18 -9.23 -87.54
CA LYS BB 152 -9.05 -9.05 -88.46
C LYS BB 152 -8.13 -10.25 -88.38
N THR BB 153 -7.82 -10.83 -89.54
CA THR BB 153 -7.18 -12.13 -89.56
C THR BB 153 -5.69 -12.02 -89.28
N ILE BB 154 -5.06 -13.18 -89.10
CA ILE BB 154 -3.66 -13.25 -88.73
C ILE BB 154 -2.77 -12.68 -89.82
N ALA BB 155 -3.19 -12.81 -91.08
CA ALA BB 155 -2.42 -12.27 -92.20
C ALA BB 155 -2.35 -10.74 -92.11
N GLU BB 156 -3.49 -10.08 -91.95
CA GLU BB 156 -3.47 -8.62 -91.83
C GLU BB 156 -2.77 -8.18 -90.56
N CYS BB 157 -2.91 -8.93 -89.47
CA CYS BB 157 -2.27 -8.55 -88.23
C CYS BB 157 -0.75 -8.60 -88.35
N LEU BB 158 -0.23 -9.68 -88.92
CA LEU BB 158 1.21 -9.76 -89.18
C LEU BB 158 1.63 -8.66 -90.15
N ALA BB 159 0.81 -8.40 -91.15
CA ALA BB 159 1.13 -7.40 -92.16
C ALA BB 159 1.30 -6.03 -91.55
N ASP BB 160 0.30 -5.56 -90.79
CA ASP BB 160 0.42 -4.23 -90.22
C ASP BB 160 1.39 -4.19 -89.05
N GLU BB 161 1.67 -5.32 -88.40
CA GLU BB 161 2.74 -5.36 -87.41
C GLU BB 161 4.08 -5.06 -88.06
N LEU BB 162 4.39 -5.74 -89.16
CA LEU BB 162 5.61 -5.44 -89.90
C LEU BB 162 5.60 -4.02 -90.45
N ILE BB 163 4.44 -3.55 -90.92
CA ILE BB 163 4.37 -2.20 -91.48
C ILE BB 163 4.71 -1.16 -90.42
N ASN BB 164 4.13 -1.30 -89.23
CA ASN BB 164 4.41 -0.35 -88.17
C ASN BB 164 5.85 -0.46 -87.68
N ALA BB 165 6.38 -1.69 -87.64
CA ALA BB 165 7.74 -1.87 -87.14
C ALA BB 165 8.77 -1.32 -88.12
N ALA BB 166 8.52 -1.44 -89.42
CA ALA BB 166 9.50 -1.00 -90.41
C ALA BB 166 9.69 0.51 -90.40
N LYS BB 167 8.73 1.26 -89.88
CA LYS BB 167 8.84 2.71 -89.76
C LYS BB 167 9.17 3.16 -88.35
N GLY BB 168 8.43 2.67 -87.37
CA GLY BB 168 8.59 3.12 -85.99
C GLY BB 168 7.50 4.11 -85.67
N SER BB 169 6.43 3.65 -85.02
CA SER BB 169 5.29 4.50 -84.76
C SER BB 169 4.70 4.32 -83.38
N SER BB 170 5.31 3.50 -82.52
CA SER BB 170 4.81 3.12 -81.20
C SER BB 170 3.45 2.43 -81.26
N ASN BB 171 2.99 2.07 -82.45
CA ASN BB 171 1.74 1.35 -82.62
C ASN BB 171 1.93 -0.15 -82.71
N SER BB 172 3.16 -0.63 -82.74
CA SER BB 172 3.44 -2.05 -82.85
C SER BB 172 3.99 -2.56 -81.52
N TYR BB 173 3.49 -3.72 -81.10
CA TYR BB 173 3.91 -4.34 -79.85
C TYR BB 173 5.40 -4.58 -79.83
N ALA BB 174 6.00 -4.87 -80.99
CA ALA BB 174 7.43 -5.15 -81.03
C ALA BB 174 8.24 -3.95 -80.59
N ILE BB 175 8.00 -2.79 -81.18
CA ILE BB 175 8.82 -1.64 -80.80
C ILE BB 175 8.36 -1.03 -79.48
N LYS BB 176 7.10 -1.25 -79.08
CA LYS BB 176 6.70 -0.84 -77.74
C LYS BB 176 7.48 -1.61 -76.68
N LYS BB 177 7.58 -2.93 -76.83
CA LYS BB 177 8.37 -3.73 -75.91
C LYS BB 177 9.85 -3.41 -76.03
N LYS BB 178 10.32 -3.09 -77.24
CA LYS BB 178 11.70 -2.68 -77.40
C LYS BB 178 12.00 -1.41 -76.61
N ASP BB 179 11.11 -0.42 -76.70
CA ASP BB 179 11.30 0.82 -75.95
C ASP BB 179 11.24 0.56 -74.45
N GLU BB 180 10.34 -0.31 -74.01
CA GLU BB 180 10.28 -0.66 -72.59
C GLU BB 180 11.59 -1.27 -72.12
N LEU BB 181 12.14 -2.21 -72.91
CA LEU BB 181 13.41 -2.83 -72.57
C LEU BB 181 14.54 -1.80 -72.54
N GLU BB 182 14.55 -0.89 -73.52
CA GLU BB 182 15.60 0.13 -73.56
C GLU BB 182 15.53 1.05 -72.35
N ARG BB 183 14.32 1.45 -71.96
CA ARG BB 183 14.16 2.31 -70.79
C ARG BB 183 14.59 1.58 -69.52
N VAL BB 184 14.24 0.31 -69.39
CA VAL BB 184 14.66 -0.46 -68.22
C VAL BB 184 16.17 -0.55 -68.15
N ALA BB 185 16.81 -0.84 -69.28
CA ALA BB 185 18.27 -0.92 -69.31
C ALA BB 185 18.91 0.42 -68.99
N LYS BB 186 18.35 1.51 -69.54
CA LYS BB 186 18.92 2.82 -69.27
C LYS BB 186 18.79 3.19 -67.79
N SER BB 187 17.66 2.84 -67.17
CA SER BB 187 17.53 3.04 -65.73
C SER BB 187 18.49 2.17 -64.94
N ASN BB 188 18.79 0.97 -65.45
CA ASN BB 188 19.68 0.05 -64.77
C ASN BB 188 21.14 0.27 -65.13
N ARG BB 189 21.46 1.29 -65.92
CA ARG BB 189 22.83 1.65 -66.23
C ARG BB 189 23.70 1.83 -64.99
N MET CB 1 -13.82 -90.04 -49.09
CA MET CB 1 -14.45 -89.87 -50.39
C MET CB 1 -15.55 -90.91 -50.62
N LEU CB 2 -16.74 -90.42 -50.98
CA LEU CB 2 -17.89 -91.28 -51.22
C LEU CB 2 -17.85 -91.98 -52.58
N MET CB 3 -16.73 -91.90 -53.29
CA MET CB 3 -16.63 -92.43 -54.63
C MET CB 3 -16.78 -93.95 -54.63
N PRO CB 4 -17.54 -94.51 -55.57
CA PRO CB 4 -17.94 -95.93 -55.47
C PRO CB 4 -16.91 -96.93 -55.97
N LYS CB 5 -17.31 -98.20 -55.97
CA LYS CB 5 -16.44 -99.24 -56.50
C LYS CB 5 -16.27 -99.10 -58.02
N LYS CB 6 -17.35 -98.80 -58.73
CA LYS CB 6 -17.33 -98.82 -60.18
C LYS CB 6 -16.33 -97.85 -60.78
N ASN CB 7 -15.90 -96.84 -60.02
CA ASN CB 7 -14.78 -96.01 -60.43
C ASN CB 7 -13.53 -96.21 -59.58
N ARG CB 8 -13.65 -96.74 -58.36
CA ARG CB 8 -12.47 -97.02 -57.56
C ARG CB 8 -11.59 -98.09 -58.22
N ILE CB 9 -12.21 -99.21 -58.62
CA ILE CB 9 -11.45 -100.24 -59.33
C ILE CB 9 -10.94 -99.73 -60.67
N ALA CB 10 -11.70 -98.86 -61.33
CA ALA CB 10 -11.23 -98.31 -62.61
C ALA CB 10 -9.96 -97.49 -62.41
N ILE CB 11 -9.95 -96.61 -61.42
CA ILE CB 11 -8.76 -95.82 -61.12
C ILE CB 11 -7.60 -96.73 -60.72
N TYR CB 12 -7.88 -97.74 -59.90
CA TYR CB 12 -6.82 -98.60 -59.41
C TYR CB 12 -6.21 -99.42 -60.54
N GLU CB 13 -7.02 -99.90 -61.48
CA GLU CB 13 -6.47 -100.67 -62.58
C GLU CB 13 -5.75 -99.77 -63.57
N LEU CB 14 -6.19 -98.52 -63.75
CA LEU CB 14 -5.39 -97.58 -64.51
C LEU CB 14 -4.03 -97.37 -63.86
N LEU CB 15 -4.01 -97.21 -62.54
CA LEU CB 15 -2.77 -97.01 -61.83
C LEU CB 15 -1.88 -98.25 -61.86
N PHE CB 16 -2.47 -99.44 -62.00
CA PHE CB 16 -1.66 -100.63 -62.06
C PHE CB 16 -1.15 -100.96 -63.46
N LYS CB 17 -1.90 -100.58 -64.50
CA LYS CB 17 -1.49 -100.90 -65.86
C LYS CB 17 -0.14 -100.27 -66.20
N GLU CB 18 0.06 -99.02 -65.78
CA GLU CB 18 1.33 -98.34 -65.91
C GLU CB 18 1.70 -97.77 -64.54
N GLY CB 19 2.99 -97.81 -64.21
CA GLY CB 19 3.43 -97.48 -62.86
C GLY CB 19 3.23 -96.03 -62.45
N VAL CB 20 2.64 -95.20 -63.30
CA VAL CB 20 2.46 -93.79 -63.01
C VAL CB 20 1.02 -93.40 -63.36
N MET CB 21 0.62 -92.23 -62.89
CA MET CB 21 -0.57 -91.60 -63.45
C MET CB 21 -0.52 -90.09 -63.20
N VAL CB 22 -1.04 -89.34 -64.15
CA VAL CB 22 -0.94 -87.89 -64.19
C VAL CB 22 -2.33 -87.32 -64.08
N ALA CB 23 -2.52 -86.36 -63.17
CA ALA CB 23 -3.83 -85.76 -62.95
C ALA CB 23 -3.70 -84.26 -62.82
N LYS CB 24 -4.35 -83.52 -63.70
CA LYS CB 24 -4.36 -82.07 -63.59
C LYS CB 24 -5.13 -81.64 -62.35
N LYS CB 25 -4.59 -80.67 -61.61
CA LYS CB 25 -5.26 -80.19 -60.42
C LYS CB 25 -6.47 -79.36 -60.79
N ASP CB 26 -7.63 -79.98 -60.88
CA ASP CB 26 -8.87 -79.28 -61.16
C ASP CB 26 -9.99 -80.08 -60.48
N VAL CB 27 -10.37 -79.66 -59.28
CA VAL CB 27 -11.43 -80.35 -58.56
C VAL CB 27 -12.77 -80.17 -59.25
N HIS CB 28 -12.93 -79.11 -60.04
CA HIS CB 28 -14.17 -78.85 -60.75
C HIS CB 28 -14.17 -79.43 -62.17
N MET CB 29 -13.12 -80.14 -62.55
CA MET CB 29 -13.07 -80.74 -63.87
C MET CB 29 -14.13 -81.84 -63.97
N PRO CB 30 -15.04 -81.76 -64.94
CA PRO CB 30 -16.10 -82.78 -65.02
C PRO CB 30 -15.58 -84.18 -65.27
N LYS CB 31 -14.48 -84.32 -66.00
CA LYS CB 31 -14.01 -85.64 -66.39
C LYS CB 31 -12.50 -85.69 -66.52
N HIS CB 32 -11.91 -86.70 -65.91
CA HIS CB 32 -10.49 -86.99 -66.10
C HIS CB 32 -10.26 -87.49 -67.52
N PRO CB 33 -9.27 -86.94 -68.26
CA PRO CB 33 -9.22 -87.17 -69.71
C PRO CB 33 -9.08 -88.62 -70.16
N GLU CB 34 -8.04 -89.33 -69.73
CA GLU CB 34 -8.04 -90.74 -70.08
C GLU CB 34 -9.04 -91.50 -69.21
N LEU CB 35 -9.25 -92.77 -69.55
CA LEU CB 35 -10.42 -93.54 -69.12
C LEU CB 35 -11.70 -92.72 -69.31
N ALA CB 36 -11.86 -92.18 -70.53
CA ALA CB 36 -12.93 -91.25 -70.83
C ALA CB 36 -14.32 -91.88 -70.73
N ASP CB 37 -14.40 -93.21 -70.73
CA ASP CB 37 -15.68 -93.90 -70.77
C ASP CB 37 -16.18 -94.36 -69.42
N LYS CB 38 -15.46 -94.06 -68.33
CA LYS CB 38 -15.81 -94.54 -67.02
C LYS CB 38 -16.56 -93.53 -66.17
N ASN CB 39 -16.71 -92.29 -66.65
CA ASN CB 39 -17.41 -91.22 -65.94
C ASN CB 39 -16.83 -90.99 -64.54
N VAL CB 40 -15.51 -90.83 -64.48
CA VAL CB 40 -14.79 -90.67 -63.23
C VAL CB 40 -14.44 -89.20 -63.04
N PRO CB 41 -14.97 -88.53 -62.03
CA PRO CB 41 -14.62 -87.12 -61.82
C PRO CB 41 -13.20 -86.94 -61.32
N ASN CB 42 -12.61 -85.81 -61.75
CA ASN CB 42 -11.24 -85.50 -61.38
C ASN CB 42 -11.09 -85.33 -59.88
N LEU CB 43 -12.10 -84.80 -59.20
CA LEU CB 43 -12.03 -84.70 -57.74
C LEU CB 43 -11.92 -86.07 -57.10
N HIS CB 44 -12.71 -87.03 -57.59
CA HIS CB 44 -12.66 -88.38 -57.04
C HIS CB 44 -11.29 -89.02 -57.28
N VAL CB 45 -10.73 -88.86 -58.49
CA VAL CB 45 -9.44 -89.49 -58.73
C VAL CB 45 -8.34 -88.81 -57.92
N MET CB 46 -8.41 -87.48 -57.77
CA MET CB 46 -7.43 -86.76 -56.96
C MET CB 46 -7.47 -87.22 -55.51
N LYS CB 47 -8.67 -87.36 -54.94
CA LYS CB 47 -8.71 -87.77 -53.54
C LYS CB 47 -8.38 -89.24 -53.35
N ALA CB 48 -8.69 -90.10 -54.33
CA ALA CB 48 -8.26 -91.48 -54.24
C ALA CB 48 -6.74 -91.58 -54.23
N MET CB 49 -6.09 -90.84 -55.13
CA MET CB 49 -4.63 -90.87 -55.15
C MET CB 49 -4.05 -90.20 -53.90
N GLN CB 50 -4.75 -89.21 -53.35
CA GLN CB 50 -4.29 -88.60 -52.11
C GLN CB 50 -4.36 -89.58 -50.94
N SER CB 51 -5.42 -90.39 -50.88
CA SER CB 51 -5.52 -91.41 -49.85
C SER CB 51 -4.42 -92.46 -50.03
N LEU CB 52 -4.14 -92.84 -51.28
CA LEU CB 52 -3.05 -93.77 -51.52
C LEU CB 52 -1.70 -93.19 -51.09
N LYS CB 53 -1.50 -91.89 -51.34
CA LYS CB 53 -0.29 -91.22 -50.86
C LYS CB 53 -0.19 -91.27 -49.35
N SER CB 54 -1.30 -90.97 -48.66
CA SER CB 54 -1.30 -90.96 -47.21
C SER CB 54 -0.99 -92.34 -46.65
N ARG CB 55 -1.52 -93.38 -47.27
CA ARG CB 55 -1.16 -94.73 -46.86
C ARG CB 55 0.20 -95.18 -47.38
N GLY CB 56 0.84 -94.38 -48.24
CA GLY CB 56 2.22 -94.60 -48.60
C GLY CB 56 2.48 -95.46 -49.81
N TYR CB 57 1.46 -95.82 -50.57
CA TYR CB 57 1.64 -96.68 -51.73
C TYR CB 57 1.97 -95.92 -53.00
N VAL CB 58 1.91 -94.59 -52.98
CA VAL CB 58 2.22 -93.78 -54.15
C VAL CB 58 2.90 -92.50 -53.69
N LYS CB 59 3.88 -92.04 -54.45
CA LYS CB 59 4.60 -90.80 -54.14
C LYS CB 59 4.21 -89.73 -55.15
N GLU CB 60 4.07 -88.50 -54.65
CA GLU CB 60 3.42 -87.43 -55.39
C GLU CB 60 4.44 -86.35 -55.74
N GLN CB 61 4.37 -85.88 -56.98
CA GLN CB 61 5.20 -84.78 -57.45
C GLN CB 61 4.30 -83.74 -58.11
N PHE CB 62 4.54 -82.47 -57.79
CA PHE CB 62 3.65 -81.38 -58.19
C PHE CB 62 4.42 -80.35 -59.00
N ALA CB 63 4.18 -80.31 -60.30
CA ALA CB 63 4.59 -79.20 -61.16
C ALA CB 63 3.50 -78.13 -61.13
N TRP CB 64 3.51 -77.23 -62.12
CA TRP CB 64 2.67 -76.05 -62.15
C TRP CB 64 1.23 -76.30 -61.72
N ARG CB 65 0.49 -77.11 -62.48
CA ARG CB 65 -0.90 -77.43 -62.14
C ARG CB 65 -1.18 -78.91 -62.39
N HIS CB 66 -0.28 -79.78 -61.95
CA HIS CB 66 -0.43 -81.20 -62.23
C HIS CB 66 0.18 -82.03 -61.10
N PHE CB 67 -0.43 -83.18 -60.86
CA PHE CB 67 0.14 -84.22 -60.01
C PHE CB 67 0.67 -85.33 -60.91
N TYR CB 68 1.81 -85.90 -60.51
CA TYR CB 68 2.55 -86.86 -61.32
C TYR CB 68 2.81 -88.14 -60.52
N TRP CB 69 1.74 -88.73 -60.00
CA TRP CB 69 1.87 -89.80 -59.02
C TRP CB 69 2.65 -91.00 -59.57
N TYR CB 70 3.61 -91.48 -58.77
CA TYR CB 70 4.45 -92.62 -59.07
C TYR CB 70 4.11 -93.74 -58.08
N LEU CB 71 3.64 -94.86 -58.61
CA LEU CB 71 3.33 -96.01 -57.76
C LEU CB 71 4.61 -96.62 -57.21
N THR CB 72 4.53 -97.13 -55.99
CA THR CB 72 5.69 -97.63 -55.25
C THR CB 72 5.65 -99.15 -55.10
N ASN CB 73 6.78 -99.70 -54.66
CA ASN CB 73 6.85 -101.14 -54.40
C ASN CB 73 5.91 -101.54 -53.27
N GLU CB 74 5.70 -100.66 -52.30
CA GLU CB 74 4.65 -100.89 -51.30
C GLU CB 74 3.27 -100.85 -51.93
N GLY CB 75 3.12 -100.21 -53.07
CA GLY CB 75 1.86 -100.17 -53.77
C GLY CB 75 1.63 -101.37 -54.66
N ILE CB 76 2.72 -102.03 -55.06
CA ILE CB 76 2.64 -103.23 -55.91
C ILE CB 76 1.71 -104.25 -55.28
N GLN CB 77 2.08 -104.76 -54.10
CA GLN CB 77 1.33 -105.85 -53.50
C GLN CB 77 -0.05 -105.40 -53.04
N TYR CB 78 -0.21 -104.13 -52.66
CA TYR CB 78 -1.52 -103.66 -52.24
C TYR CB 78 -2.48 -103.62 -53.41
N LEU CB 79 -2.02 -103.12 -54.56
CA LEU CB 79 -2.84 -103.21 -55.76
C LEU CB 79 -3.10 -104.65 -56.15
N ARG CB 80 -2.09 -105.52 -56.01
CA ARG CB 80 -2.25 -106.92 -56.39
C ARG CB 80 -3.36 -107.60 -55.59
N ASP CB 81 -3.31 -107.47 -54.26
CA ASP CB 81 -4.30 -108.17 -53.46
C ASP CB 81 -5.61 -107.38 -53.30
N TYR CB 82 -5.63 -106.11 -53.71
CA TYR CB 82 -6.91 -105.41 -53.80
C TYR CB 82 -7.65 -105.79 -55.08
N LEU CB 83 -6.92 -105.99 -56.17
CA LEU CB 83 -7.52 -106.39 -57.44
C LEU CB 83 -7.56 -107.90 -57.61
N HIS CB 84 -7.06 -108.67 -56.63
CA HIS CB 84 -7.05 -110.12 -56.65
C HIS CB 84 -6.33 -110.66 -57.89
N LEU CB 85 -5.04 -110.35 -57.95
CA LEU CB 85 -4.22 -110.72 -59.09
C LEU CB 85 -2.99 -111.48 -58.60
N PRO CB 86 -2.65 -112.61 -59.22
CA PRO CB 86 -1.44 -113.32 -58.81
C PRO CB 86 -0.20 -112.51 -59.15
N PRO CB 87 0.89 -112.69 -58.41
CA PRO CB 87 2.10 -111.90 -58.67
C PRO CB 87 2.82 -112.30 -59.95
N GLU CB 88 2.13 -112.19 -61.07
CA GLU CB 88 2.74 -112.49 -62.37
C GLU CB 88 2.57 -111.35 -63.36
N ILE CB 89 1.44 -110.65 -63.33
CA ILE CB 89 1.25 -109.47 -64.16
C ILE CB 89 1.86 -108.26 -63.44
N VAL CB 90 2.68 -107.51 -64.16
CA VAL CB 90 3.44 -106.41 -63.58
C VAL CB 90 3.02 -105.13 -64.28
N PRO CB 91 3.21 -103.98 -63.63
CA PRO CB 91 3.00 -102.70 -64.32
C PRO CB 91 3.98 -102.53 -65.48
N ALA CB 92 3.66 -101.57 -66.36
CA ALA CB 92 4.44 -101.39 -67.58
C ALA CB 92 5.88 -100.98 -67.26
N THR CB 93 6.07 -100.12 -66.27
CA THR CB 93 7.42 -99.65 -65.94
C THR CB 93 8.29 -100.75 -65.34
N LEU CB 94 7.70 -101.83 -64.82
CA LEU CB 94 8.49 -102.86 -64.16
C LEU CB 94 9.23 -103.72 -65.17
N ARG CB 95 8.50 -104.42 -66.04
CA ARG CB 95 9.08 -105.36 -66.98
C ARG CB 95 8.65 -104.99 -68.40
N ARG CB 96 9.61 -104.91 -69.31
CA ARG CB 96 9.34 -104.73 -70.73
C ARG CB 96 10.11 -105.80 -71.50
N SER CB 97 9.37 -106.62 -72.26
CA SER CB 97 9.91 -107.64 -73.14
C SER CB 97 10.72 -108.71 -72.41
N ARG CB 98 10.76 -108.64 -71.08
CA ARG CB 98 11.58 -109.57 -70.28
C ARG CB 98 10.75 -110.18 -69.16
N VAL DB 1 -19.65 -133.95 -46.46
CA VAL DB 1 -20.11 -132.57 -46.48
C VAL DB 1 -18.92 -131.65 -46.67
N MET DB 2 -17.72 -132.19 -46.46
CA MET DB 2 -16.51 -131.38 -46.59
C MET DB 2 -16.26 -130.98 -48.04
N ASP DB 3 -16.55 -131.88 -48.99
CA ASP DB 3 -16.34 -131.55 -50.40
C ASP DB 3 -17.24 -130.40 -50.83
N VAL DB 4 -18.54 -130.51 -50.58
CA VAL DB 4 -19.46 -129.43 -50.94
C VAL DB 4 -19.17 -128.18 -50.12
N ASN DB 5 -18.65 -128.35 -48.90
CA ASN DB 5 -18.28 -127.21 -48.07
C ASN DB 5 -17.17 -126.40 -48.73
N THR DB 6 -16.08 -127.07 -49.10
CA THR DB 6 -15.01 -126.40 -49.83
C THR DB 6 -15.51 -125.86 -51.17
N ALA DB 7 -16.47 -126.55 -51.78
CA ALA DB 7 -17.01 -126.09 -53.06
C ALA DB 7 -17.68 -124.74 -52.92
N LEU DB 8 -18.61 -124.59 -51.97
CA LEU DB 8 -19.22 -123.26 -51.85
C LEU DB 8 -18.28 -122.26 -51.22
N GLN DB 9 -17.26 -122.74 -50.48
CA GLN DB 9 -16.25 -121.83 -49.96
C GLN DB 9 -15.49 -121.15 -51.10
N GLU DB 10 -15.03 -121.94 -52.07
CA GLU DB 10 -14.35 -121.34 -53.22
C GLU DB 10 -15.32 -120.58 -54.11
N VAL DB 11 -16.59 -121.00 -54.15
CA VAL DB 11 -17.60 -120.25 -54.92
C VAL DB 11 -17.78 -118.86 -54.33
N LEU DB 12 -17.92 -118.77 -53.00
CA LEU DB 12 -18.08 -117.47 -52.38
C LEU DB 12 -16.77 -116.67 -52.41
N LYS DB 13 -15.62 -117.34 -52.46
CA LYS DB 13 -14.37 -116.63 -52.68
C LYS DB 13 -14.36 -115.97 -54.05
N THR DB 14 -14.77 -116.71 -55.09
CA THR DB 14 -14.87 -116.13 -56.42
C THR DB 14 -15.91 -115.01 -56.46
N ALA DB 15 -16.98 -115.16 -55.68
CA ALA DB 15 -17.96 -114.08 -55.55
C ALA DB 15 -17.36 -112.85 -54.89
N LEU DB 16 -16.45 -113.05 -53.94
CA LEU DB 16 -15.71 -111.93 -53.36
C LEU DB 16 -14.83 -111.26 -54.40
N ILE DB 17 -14.19 -112.06 -55.25
CA ILE DB 17 -13.35 -111.49 -56.31
C ILE DB 17 -14.20 -110.63 -57.25
N HIS DB 18 -15.36 -111.16 -57.65
CA HIS DB 18 -16.25 -110.46 -58.56
C HIS DB 18 -17.29 -109.68 -57.75
N ASP DB 19 -18.35 -109.22 -58.41
CA ASP DB 19 -19.36 -108.38 -57.76
C ASP DB 19 -20.71 -109.07 -57.60
N GLY DB 20 -20.83 -110.33 -57.98
CA GLY DB 20 -22.10 -111.03 -57.84
C GLY DB 20 -22.29 -111.65 -56.47
N LEU DB 21 -22.37 -110.81 -55.44
CA LEU DB 21 -22.40 -111.29 -54.06
C LEU DB 21 -23.68 -110.90 -53.34
N ALA DB 22 -24.02 -109.61 -53.31
CA ALA DB 22 -25.29 -109.10 -52.76
C ALA DB 22 -25.47 -109.52 -51.29
N ARG DB 23 -24.56 -109.02 -50.46
CA ARG DB 23 -24.62 -109.27 -49.02
C ARG DB 23 -25.77 -108.47 -48.43
N GLY DB 24 -26.87 -109.15 -48.16
CA GLY DB 24 -28.05 -108.51 -47.59
C GLY DB 24 -29.32 -109.02 -48.23
N ILE DB 25 -30.40 -109.09 -47.44
CA ILE DB 25 -31.66 -109.60 -47.94
C ILE DB 25 -32.27 -108.70 -48.99
N ARG DB 26 -32.04 -107.39 -48.92
CA ARG DB 26 -32.62 -106.48 -49.91
C ARG DB 26 -32.05 -106.75 -51.30
N GLU DB 27 -30.72 -106.77 -51.41
CA GLU DB 27 -30.10 -107.09 -52.70
C GLU DB 27 -30.37 -108.53 -53.11
N ALA DB 28 -30.44 -109.44 -52.13
CA ALA DB 28 -30.76 -110.83 -52.43
C ALA DB 28 -32.14 -110.94 -53.06
N ALA DB 29 -33.14 -110.26 -52.48
CA ALA DB 29 -34.49 -110.29 -53.01
C ALA DB 29 -34.58 -109.59 -54.36
N LYS DB 30 -33.79 -108.54 -54.57
CA LYS DB 30 -33.73 -107.92 -55.88
C LYS DB 30 -33.21 -108.91 -56.92
N ALA DB 31 -32.12 -109.61 -56.61
CA ALA DB 31 -31.61 -110.64 -57.51
C ALA DB 31 -32.60 -111.78 -57.70
N LEU DB 32 -33.43 -112.03 -56.68
CA LEU DB 32 -34.43 -113.09 -56.77
C LEU DB 32 -35.53 -112.72 -57.75
N ASP DB 33 -36.22 -111.60 -57.51
CA ASP DB 33 -37.37 -111.25 -58.35
C ASP DB 33 -36.94 -110.68 -59.70
N LYS DB 34 -35.64 -110.42 -59.89
CA LYS DB 34 -35.16 -110.20 -61.24
C LYS DB 34 -34.81 -111.49 -61.97
N ARG DB 35 -34.96 -112.64 -61.31
CA ARG DB 35 -34.51 -113.94 -61.78
C ARG DB 35 -33.01 -113.95 -62.06
N GLN DB 36 -32.27 -113.00 -61.49
CA GLN DB 36 -30.82 -112.93 -61.62
C GLN DB 36 -30.16 -113.53 -60.38
N ALA DB 37 -30.39 -114.83 -60.17
CA ALA DB 37 -29.85 -115.51 -59.00
C ALA DB 37 -29.64 -116.97 -59.34
N HIS DB 38 -28.66 -117.58 -58.68
CA HIS DB 38 -28.33 -118.98 -58.94
C HIS DB 38 -28.31 -119.80 -57.66
N LEU DB 39 -27.88 -119.18 -56.55
CA LEU DB 39 -27.80 -119.87 -55.27
C LEU DB 39 -28.37 -118.95 -54.19
N CYS DB 40 -28.79 -119.56 -53.09
CA CYS DB 40 -29.19 -118.83 -51.89
C CYS DB 40 -28.74 -119.63 -50.68
N VAL DB 41 -27.83 -119.08 -49.89
CA VAL DB 41 -27.40 -119.71 -48.65
C VAL DB 41 -27.91 -118.86 -47.49
N LEU DB 42 -28.56 -119.54 -46.54
CA LEU DB 42 -29.22 -118.95 -45.39
C LEU DB 42 -28.62 -119.54 -44.11
N ALA DB 43 -28.53 -118.71 -43.07
CA ALA DB 43 -28.04 -119.18 -41.78
C ALA DB 43 -29.16 -119.92 -41.05
N SER DB 44 -28.92 -121.19 -40.72
CA SER DB 44 -29.89 -121.97 -39.97
C SER DB 44 -30.02 -121.50 -38.53
N ASN DB 45 -29.13 -120.65 -38.04
CA ASN DB 45 -29.17 -120.11 -36.70
C ASN DB 45 -29.56 -118.63 -36.80
N CYS DB 46 -30.87 -118.37 -36.86
CA CYS DB 46 -31.38 -117.01 -36.90
C CYS DB 46 -32.60 -116.93 -36.00
N ASP DB 47 -32.57 -115.97 -35.06
CA ASP DB 47 -33.61 -115.89 -34.04
C ASP DB 47 -34.90 -115.28 -34.57
N GLU DB 48 -34.82 -114.39 -35.54
CA GLU DB 48 -36.00 -113.64 -35.95
C GLU DB 48 -36.91 -114.56 -36.75
N PRO DB 49 -38.21 -114.67 -36.41
CA PRO DB 49 -39.03 -115.79 -36.90
C PRO DB 49 -39.16 -115.93 -38.41
N MET DB 50 -39.71 -114.93 -39.08
CA MET DB 50 -39.98 -115.04 -40.52
C MET DB 50 -38.81 -114.56 -41.37
N TYR DB 51 -37.69 -114.20 -40.74
CA TYR DB 51 -36.48 -113.90 -41.49
C TYR DB 51 -36.03 -115.11 -42.30
N VAL DB 52 -36.05 -116.30 -41.68
CA VAL DB 52 -35.71 -117.53 -42.37
C VAL DB 52 -36.86 -118.09 -43.18
N LYS DB 53 -37.98 -117.38 -43.25
CA LYS DB 53 -39.16 -117.86 -43.96
C LYS DB 53 -39.45 -117.10 -45.23
N LEU DB 54 -39.30 -115.77 -45.22
CA LEU DB 54 -39.53 -114.99 -46.44
C LEU DB 54 -38.56 -115.40 -47.55
N VAL DB 55 -37.29 -115.55 -47.22
CA VAL DB 55 -36.28 -115.84 -48.24
C VAL DB 55 -36.49 -117.24 -48.81
N GLU DB 56 -36.83 -118.22 -47.97
CA GLU DB 56 -37.07 -119.56 -48.48
C GLU DB 56 -38.37 -119.62 -49.28
N ALA DB 57 -39.38 -118.84 -48.89
CA ALA DB 57 -40.60 -118.77 -49.70
C ALA DB 57 -40.30 -118.20 -51.08
N LEU DB 58 -39.53 -117.12 -51.14
CA LEU DB 58 -39.17 -116.53 -52.43
C LEU DB 58 -38.35 -117.51 -53.27
N CYS DB 59 -37.39 -118.18 -52.65
CA CYS DB 59 -36.51 -119.09 -53.38
C CYS DB 59 -37.24 -120.36 -53.81
N ALA DB 60 -38.31 -120.75 -53.11
CA ALA DB 60 -39.14 -121.85 -53.56
C ALA DB 60 -40.06 -121.42 -54.69
N GLU DB 61 -40.57 -120.18 -54.63
CA GLU DB 61 -41.38 -119.66 -55.73
C GLU DB 61 -40.56 -119.55 -57.01
N HIS DB 62 -39.31 -119.14 -56.90
CA HIS DB 62 -38.39 -119.21 -58.02
C HIS DB 62 -37.75 -120.60 -58.06
N GLN DB 63 -36.87 -120.82 -59.03
CA GLN DB 63 -36.17 -122.10 -59.18
C GLN DB 63 -34.69 -121.84 -58.93
N ILE DB 64 -34.31 -121.85 -57.66
CA ILE DB 64 -32.96 -121.50 -57.22
C ILE DB 64 -32.58 -122.40 -56.05
N ASN DB 65 -31.31 -122.81 -56.00
CA ASN DB 65 -30.84 -123.68 -54.94
C ASN DB 65 -30.90 -123.00 -53.58
N LEU DB 66 -31.27 -123.77 -52.56
CA LEU DB 66 -31.30 -123.32 -51.17
C LEU DB 66 -30.34 -124.18 -50.35
N ILE DB 67 -29.38 -123.54 -49.69
CA ILE DB 67 -28.42 -124.22 -48.84
C ILE DB 67 -28.41 -123.51 -47.49
N LYS DB 68 -28.19 -124.27 -46.42
CA LYS DB 68 -28.17 -123.74 -45.07
C LYS DB 68 -26.77 -123.88 -44.48
N VAL DB 69 -26.34 -122.82 -43.79
CA VAL DB 69 -25.03 -122.77 -43.15
C VAL DB 69 -25.25 -122.75 -41.64
N ASP DB 70 -24.28 -123.31 -40.90
CA ASP DB 70 -24.46 -123.55 -39.48
C ASP DB 70 -24.64 -122.26 -38.69
N ASP DB 71 -23.83 -121.24 -38.98
CA ASP DB 71 -23.83 -120.03 -38.17
C ASP DB 71 -23.74 -118.78 -39.04
N ASN DB 72 -24.50 -117.77 -38.65
CA ASN DB 72 -24.49 -116.50 -39.39
C ASN DB 72 -23.15 -115.78 -39.27
N LYS DB 73 -22.55 -115.77 -38.07
CA LYS DB 73 -21.25 -115.14 -37.91
C LYS DB 73 -20.17 -115.91 -38.65
N LYS DB 74 -20.27 -117.24 -38.68
CA LYS DB 74 -19.35 -118.03 -39.48
C LYS DB 74 -19.50 -117.72 -40.96
N LEU DB 75 -20.74 -117.58 -41.43
CA LEU DB 75 -20.96 -117.21 -42.84
C LEU DB 75 -20.42 -115.82 -43.13
N GLY DB 76 -20.55 -114.89 -42.17
CA GLY DB 76 -19.99 -113.57 -42.36
C GLY DB 76 -18.47 -113.57 -42.44
N GLU DB 77 -17.83 -114.35 -41.57
CA GLU DB 77 -16.38 -114.49 -41.64
C GLU DB 77 -15.96 -115.13 -42.96
N TRP DB 78 -16.75 -116.08 -43.46
CA TRP DB 78 -16.45 -116.73 -44.72
C TRP DB 78 -16.56 -115.73 -45.88
N VAL DB 79 -17.66 -114.97 -45.93
CA VAL DB 79 -17.87 -114.00 -46.99
C VAL DB 79 -17.01 -112.75 -46.79
N GLY DB 80 -16.26 -112.68 -45.70
CA GLY DB 80 -15.33 -111.59 -45.50
C GLY DB 80 -15.98 -110.27 -45.16
N LEU DB 81 -17.01 -110.28 -44.34
CA LEU DB 81 -17.62 -109.05 -43.83
C LEU DB 81 -16.92 -108.58 -42.56
N CYS DB 82 -15.60 -108.45 -42.64
CA CYS DB 82 -14.78 -108.16 -41.47
C CYS DB 82 -13.54 -107.39 -41.92
N LYS DB 83 -12.56 -107.27 -41.01
CA LYS DB 83 -11.33 -106.55 -41.31
C LYS DB 83 -10.43 -107.31 -42.26
N ILE DB 84 -10.60 -108.63 -42.37
CA ILE DB 84 -9.72 -109.52 -43.12
C ILE DB 84 -8.30 -109.31 -42.61
N ASP DB 85 -8.05 -109.73 -41.38
CA ASP DB 85 -6.76 -109.60 -40.73
C ASP DB 85 -6.40 -110.90 -40.02
N ARG DB 86 -6.54 -112.02 -40.74
CA ARG DB 86 -6.42 -113.34 -40.13
C ARG DB 86 -5.04 -113.58 -39.52
N GLU DB 87 -4.02 -112.88 -40.02
CA GLU DB 87 -2.68 -113.07 -39.48
C GLU DB 87 -2.51 -112.41 -38.12
N GLY DB 88 -3.24 -111.32 -37.86
CA GLY DB 88 -3.06 -110.60 -36.61
C GLY DB 88 -4.30 -110.41 -35.77
N LYS DB 89 -5.48 -110.44 -36.39
CA LYS DB 89 -6.71 -110.11 -35.68
C LYS DB 89 -7.77 -111.18 -35.91
N PRO DB 90 -8.66 -111.38 -34.93
CA PRO DB 90 -9.85 -112.20 -35.19
C PRO DB 90 -10.77 -111.62 -36.26
N ARG DB 91 -10.64 -110.33 -36.58
CA ARG DB 91 -11.45 -109.65 -37.59
C ARG DB 91 -12.94 -109.75 -37.23
N LYS DB 92 -13.28 -109.02 -36.16
CA LYS DB 92 -14.66 -108.89 -35.69
C LYS DB 92 -15.62 -108.66 -36.85
N VAL DB 93 -16.68 -109.47 -36.89
CA VAL DB 93 -17.51 -109.61 -38.08
C VAL DB 93 -18.95 -109.27 -37.74
N VAL DB 94 -19.68 -108.79 -38.73
CA VAL DB 94 -21.12 -108.58 -38.62
C VAL DB 94 -21.82 -109.89 -38.94
N GLY DB 95 -23.11 -109.95 -38.61
CA GLY DB 95 -23.89 -111.15 -38.85
C GLY DB 95 -24.45 -111.20 -40.26
N CYS DB 96 -23.81 -111.97 -41.13
CA CYS DB 96 -24.28 -112.18 -42.49
C CYS DB 96 -24.99 -113.52 -42.56
N SER DB 97 -26.28 -113.50 -42.86
CA SER DB 97 -27.12 -114.70 -42.83
C SER DB 97 -27.76 -115.00 -44.17
N CYS DB 98 -27.27 -114.40 -45.25
CA CYS DB 98 -27.87 -114.58 -46.57
C CYS DB 98 -26.87 -114.19 -47.63
N VAL DB 99 -26.54 -115.12 -48.53
CA VAL DB 99 -25.66 -114.81 -49.66
C VAL DB 99 -26.26 -115.43 -50.92
N VAL DB 100 -26.26 -114.67 -52.00
CA VAL DB 100 -26.78 -115.12 -53.30
C VAL DB 100 -25.67 -114.96 -54.33
N VAL DB 101 -25.41 -116.03 -55.09
CA VAL DB 101 -24.28 -116.10 -56.01
C VAL DB 101 -24.76 -115.79 -57.42
N LYS DB 102 -24.04 -114.90 -58.10
CA LYS DB 102 -24.38 -114.48 -59.46
C LYS DB 102 -23.21 -114.61 -60.41
N ASP DB 103 -21.99 -114.42 -59.89
CA ASP DB 103 -20.85 -114.11 -60.74
C ASP DB 103 -20.49 -115.27 -61.67
N TYR DB 104 -20.26 -116.45 -61.11
CA TYR DB 104 -19.74 -117.60 -61.85
C TYR DB 104 -18.48 -117.21 -62.64
N GLY DB 105 -17.59 -116.47 -61.99
CA GLY DB 105 -16.39 -116.01 -62.68
C GLY DB 105 -15.47 -117.14 -63.07
N LYS DB 106 -15.23 -118.07 -62.15
CA LYS DB 106 -14.42 -119.24 -62.43
C LYS DB 106 -15.04 -120.44 -61.72
N GLU DB 107 -15.21 -121.53 -62.46
CA GLU DB 107 -15.88 -122.72 -61.95
C GLU DB 107 -14.87 -123.85 -61.89
N SER DB 108 -14.12 -123.92 -60.78
CA SER DB 108 -13.21 -125.02 -60.53
C SER DB 108 -13.79 -126.08 -59.61
N GLN DB 109 -14.60 -125.68 -58.63
CA GLN DB 109 -15.29 -126.61 -57.76
C GLN DB 109 -16.79 -126.33 -57.69
N ALA DB 110 -17.28 -125.36 -58.47
CA ALA DB 110 -18.72 -125.13 -58.54
C ALA DB 110 -19.46 -126.30 -59.17
N LYS DB 111 -18.76 -127.16 -59.90
CA LYS DB 111 -19.36 -128.39 -60.39
C LYS DB 111 -19.79 -129.30 -59.24
N ASP DB 112 -19.06 -129.26 -58.11
CA ASP DB 112 -19.47 -130.02 -56.94
C ASP DB 112 -20.76 -129.45 -56.35
N VAL DB 113 -20.89 -128.12 -56.32
CA VAL DB 113 -22.15 -127.51 -55.88
C VAL DB 113 -23.29 -127.90 -56.80
N ILE DB 114 -23.02 -127.94 -58.11
CA ILE DB 114 -24.02 -128.35 -59.08
C ILE DB 114 -24.44 -129.79 -58.83
N GLU DB 115 -23.48 -130.67 -58.56
CA GLU DB 115 -23.78 -132.07 -58.28
C GLU DB 115 -24.60 -132.21 -56.99
N GLU DB 116 -24.26 -131.43 -55.96
CA GLU DB 116 -25.04 -131.46 -54.72
C GLU DB 116 -26.46 -130.98 -54.95
N TYR DB 117 -26.63 -129.94 -55.78
CA TYR DB 117 -27.95 -129.46 -56.12
C TYR DB 117 -28.74 -130.53 -56.88
N PHE DB 118 -28.06 -131.24 -57.80
CA PHE DB 118 -28.72 -132.32 -58.52
C PHE DB 118 -29.15 -133.43 -57.58
N LYS DB 119 -28.28 -133.80 -56.62
CA LYS DB 119 -28.63 -134.82 -55.65
C LYS DB 119 -29.81 -134.37 -54.79
N CYS DB 120 -29.85 -133.10 -54.40
CA CYS DB 120 -30.96 -132.58 -53.62
C CYS DB 120 -32.26 -132.61 -54.42
N LYS DB 121 -32.20 -132.26 -55.71
CA LYS DB 121 -33.40 -132.23 -56.53
C LYS DB 121 -33.84 -133.60 -57.01
N LYS DB 122 -32.99 -134.62 -56.92
CA LYS DB 122 -33.41 -135.99 -57.22
C LYS DB 122 -34.06 -136.62 -56.00
N THR EB 1 -52.42 -46.27 -68.47
CA THR EB 1 -52.05 -46.24 -69.87
C THR EB 1 -50.54 -46.30 -70.04
N TYR EB 2 -50.04 -47.43 -70.54
CA TYR EB 2 -48.60 -47.61 -70.71
C TYR EB 2 -48.12 -46.98 -72.02
N ARG EB 3 -48.64 -47.45 -73.14
CA ARG EB 3 -48.25 -46.92 -74.44
C ARG EB 3 -49.48 -46.51 -75.23
N GLY EB 4 -50.51 -46.06 -74.54
CA GLY EB 4 -51.80 -45.79 -75.13
C GLY EB 4 -52.82 -46.88 -74.90
N VAL EB 5 -52.38 -48.07 -74.53
CA VAL EB 5 -53.28 -49.16 -74.20
C VAL EB 5 -53.52 -49.16 -72.70
N ASP EB 6 -54.66 -49.69 -72.29
CA ASP EB 6 -55.02 -49.73 -70.89
C ASP EB 6 -54.51 -51.01 -70.23
N LEU EB 7 -54.57 -51.02 -68.90
CA LEU EB 7 -54.15 -52.19 -68.15
C LEU EB 7 -55.02 -53.40 -68.46
N ASP EB 8 -56.29 -53.17 -68.83
CA ASP EB 8 -57.18 -54.27 -69.15
C ASP EB 8 -56.69 -55.04 -70.37
N GLN EB 9 -56.18 -54.33 -71.38
CA GLN EB 9 -55.52 -55.00 -72.49
C GLN EB 9 -54.13 -55.48 -72.11
N LEU EB 10 -53.48 -54.82 -71.16
CA LEU EB 10 -52.13 -55.21 -70.78
C LEU EB 10 -52.10 -56.59 -70.11
N LEU EB 11 -53.13 -56.93 -69.34
CA LEU EB 11 -53.17 -58.27 -68.73
C LEU EB 11 -53.16 -59.37 -69.76
N ASP EB 12 -54.04 -59.29 -70.76
CA ASP EB 12 -54.08 -60.31 -71.80
C ASP EB 12 -53.19 -59.98 -72.99
N MET EB 13 -52.27 -59.03 -72.81
CA MET EB 13 -51.32 -58.66 -73.84
C MET EB 13 -50.16 -59.65 -73.80
N SER EB 14 -50.05 -60.50 -74.81
CA SER EB 14 -49.06 -61.58 -74.80
C SER EB 14 -47.66 -61.03 -75.04
N TYR EB 15 -46.67 -61.87 -74.71
CA TYR EB 15 -45.27 -61.44 -74.69
C TYR EB 15 -44.79 -60.97 -76.05
N GLU EB 16 -45.11 -61.73 -77.10
CA GLU EB 16 -44.52 -61.50 -78.41
C GLU EB 16 -44.88 -60.13 -78.95
N GLN EB 17 -46.12 -59.71 -78.77
CA GLN EB 17 -46.55 -58.38 -79.17
C GLN EB 17 -46.39 -57.34 -78.07
N LEU EB 18 -46.04 -57.77 -76.85
CA LEU EB 18 -45.71 -56.83 -75.78
C LEU EB 18 -44.28 -56.32 -75.89
N MET EB 19 -43.39 -57.10 -76.53
CA MET EB 19 -42.02 -56.64 -76.72
C MET EB 19 -41.97 -55.36 -77.54
N GLN EB 20 -42.90 -55.18 -78.48
CA GLN EB 20 -42.95 -53.93 -79.24
C GLN EB 20 -43.39 -52.76 -78.36
N LEU EB 21 -44.28 -53.01 -77.40
CA LEU EB 21 -44.66 -51.94 -76.49
C LEU EB 21 -43.55 -51.60 -75.51
N TYR EB 22 -42.73 -52.58 -75.14
CA TYR EB 22 -41.60 -52.29 -74.26
C TYR EB 22 -40.50 -51.53 -75.00
N SER EB 23 -39.57 -51.01 -74.21
CA SER EB 23 -38.41 -50.30 -74.74
C SER EB 23 -37.41 -51.31 -75.31
N ALA EB 24 -36.26 -50.79 -75.77
CA ALA EB 24 -35.28 -51.64 -76.42
C ALA EB 24 -34.70 -52.67 -75.45
N ARG EB 25 -34.33 -52.23 -74.24
CA ARG EB 25 -33.73 -53.15 -73.27
C ARG EB 25 -34.71 -54.24 -72.87
N GLN EB 26 -35.95 -53.85 -72.55
CA GLN EB 26 -36.95 -54.83 -72.13
C GLN EB 26 -37.31 -55.77 -73.28
N ARG EB 27 -37.40 -55.24 -74.50
CA ARG EB 27 -37.69 -56.07 -75.66
C ARG EB 27 -36.59 -57.09 -75.89
N ARG EB 28 -35.32 -56.67 -75.77
CA ARG EB 28 -34.22 -57.62 -75.91
C ARG EB 28 -34.25 -58.66 -74.79
N ARG EB 29 -34.56 -58.23 -73.56
CA ARG EB 29 -34.61 -59.15 -72.44
C ARG EB 29 -35.69 -60.21 -72.64
N LEU EB 30 -36.85 -59.81 -73.14
CA LEU EB 30 -37.92 -60.78 -73.38
C LEU EB 30 -37.68 -61.62 -74.63
N ASN EB 31 -37.02 -61.06 -75.65
CA ASN EB 31 -36.65 -61.84 -76.82
C ASN EB 31 -35.69 -62.95 -76.43
N ARG EB 32 -34.72 -62.64 -75.58
CA ARG EB 32 -33.97 -63.69 -74.93
C ARG EB 32 -34.87 -64.44 -73.95
N GLY EB 33 -34.62 -65.73 -73.80
CA GLY EB 33 -35.51 -66.56 -73.01
C GLY EB 33 -35.48 -66.19 -71.53
N LEU EB 34 -36.64 -65.94 -70.96
CA LEU EB 34 -36.74 -65.81 -69.52
C LEU EB 34 -36.44 -67.15 -68.86
N ARG EB 35 -35.72 -67.10 -67.75
CA ARG EB 35 -35.22 -68.32 -67.15
C ARG EB 35 -36.21 -68.89 -66.14
N ARG EB 36 -35.88 -70.10 -65.66
CA ARG EB 36 -36.77 -70.84 -64.78
C ARG EB 36 -36.95 -70.13 -63.45
N LYS EB 37 -35.97 -69.35 -63.01
CA LYS EB 37 -36.13 -68.60 -61.77
C LYS EB 37 -37.19 -67.52 -61.89
N GLN EB 38 -37.16 -66.77 -62.99
CA GLN EB 38 -38.20 -65.77 -63.23
C GLN EB 38 -39.56 -66.45 -63.41
N HIS EB 39 -39.58 -67.60 -64.08
CA HIS EB 39 -40.83 -68.32 -64.24
C HIS EB 39 -41.40 -68.76 -62.89
N SER EB 40 -40.53 -69.23 -61.99
CA SER EB 40 -40.96 -69.63 -60.65
C SER EB 40 -41.45 -68.43 -59.85
N LEU EB 41 -40.80 -67.27 -60.01
CA LEU EB 41 -41.28 -66.07 -59.35
C LEU EB 41 -42.68 -65.70 -59.84
N LEU EB 42 -42.90 -65.77 -61.15
CA LEU EB 42 -44.23 -65.49 -61.69
C LEU EB 42 -45.26 -66.48 -61.16
N LYS EB 43 -44.89 -67.76 -61.08
CA LYS EB 43 -45.79 -68.76 -60.53
C LYS EB 43 -46.15 -68.46 -59.09
N ARG EB 44 -45.16 -68.07 -58.29
CA ARG EB 44 -45.42 -67.76 -56.89
C ARG EB 44 -46.30 -66.53 -56.74
N LEU EB 45 -46.07 -65.51 -57.56
CA LEU EB 45 -46.90 -64.31 -57.49
C LEU EB 45 -48.33 -64.62 -57.90
N ARG EB 46 -48.52 -65.46 -58.92
CA ARG EB 46 -49.87 -65.88 -59.30
C ARG EB 46 -50.53 -66.67 -58.18
N LYS EB 47 -49.79 -67.58 -57.54
CA LYS EB 47 -50.34 -68.34 -56.43
C LYS EB 47 -50.80 -67.43 -55.30
N ALA EB 48 -49.95 -66.46 -54.94
CA ALA EB 48 -50.32 -65.53 -53.87
C ALA EB 48 -51.53 -64.69 -54.25
N LYS EB 49 -51.59 -64.22 -55.50
CA LYS EB 49 -52.70 -63.38 -55.91
C LYS EB 49 -54.01 -64.16 -55.92
N LYS EB 50 -53.98 -65.41 -56.40
CA LYS EB 50 -55.20 -66.22 -56.40
C LYS EB 50 -55.63 -66.60 -54.99
N GLU EB 51 -54.68 -66.90 -54.10
CA GLU EB 51 -55.07 -67.27 -52.76
C GLU EB 51 -55.29 -66.06 -51.85
N ALA EB 52 -55.09 -64.86 -52.35
CA ALA EB 52 -55.35 -63.67 -51.56
C ALA EB 52 -56.85 -63.51 -51.30
N PRO EB 53 -57.24 -63.05 -50.12
CA PRO EB 53 -58.65 -62.77 -49.85
C PRO EB 53 -59.13 -61.60 -50.69
N PRO EB 54 -60.44 -61.52 -50.96
CA PRO EB 54 -60.96 -60.39 -51.74
C PRO EB 54 -60.81 -59.08 -50.99
N MET EB 55 -60.80 -57.99 -51.77
CA MET EB 55 -60.62 -56.60 -51.33
C MET EB 55 -59.44 -56.44 -50.35
N GLU EB 56 -58.47 -57.33 -50.41
CA GLU EB 56 -57.30 -57.29 -49.55
C GLU EB 56 -56.05 -57.56 -50.38
N LYS EB 57 -54.99 -56.82 -50.08
CA LYS EB 57 -53.72 -57.03 -50.75
C LYS EB 57 -53.16 -58.41 -50.42
N PRO EB 58 -52.42 -59.03 -51.34
CA PRO EB 58 -51.89 -60.38 -51.09
C PRO EB 58 -50.82 -60.39 -50.01
N GLU EB 59 -50.30 -61.58 -49.70
CA GLU EB 59 -49.20 -61.66 -48.76
C GLU EB 59 -47.89 -61.28 -49.45
N VAL EB 60 -46.90 -60.94 -48.64
CA VAL EB 60 -45.60 -60.55 -49.17
C VAL EB 60 -44.81 -61.80 -49.55
N VAL EB 61 -44.20 -61.77 -50.73
CA VAL EB 61 -43.34 -62.84 -51.20
C VAL EB 61 -41.97 -62.24 -51.52
N LYS EB 62 -40.91 -62.88 -51.03
CA LYS EB 62 -39.59 -62.30 -51.05
C LYS EB 62 -38.75 -62.90 -52.16
N THR EB 63 -37.71 -62.16 -52.55
CA THR EB 63 -36.77 -62.63 -53.57
C THR EB 63 -35.50 -61.80 -53.51
N HIS EB 64 -34.40 -62.42 -53.95
CA HIS EB 64 -33.18 -61.66 -54.22
C HIS EB 64 -33.21 -61.04 -55.61
N LEU EB 65 -33.71 -61.78 -56.59
CA LEU EB 65 -33.55 -61.38 -57.98
C LEU EB 65 -34.28 -60.07 -58.25
N ARG EB 66 -33.50 -59.04 -58.57
CA ARG EB 66 -34.01 -57.69 -58.80
C ARG EB 66 -33.78 -57.24 -60.23
N ASP EB 67 -33.30 -58.13 -61.09
CA ASP EB 67 -33.27 -57.91 -62.53
C ASP EB 67 -34.57 -58.32 -63.20
N MET EB 68 -35.55 -58.79 -62.42
CA MET EB 68 -36.88 -59.02 -62.93
C MET EB 68 -37.47 -57.73 -63.49
N ILE EB 69 -37.89 -57.77 -64.74
CA ILE EB 69 -38.67 -56.68 -65.30
C ILE EB 69 -40.11 -56.85 -64.89
N ILE EB 70 -40.78 -55.73 -64.61
CA ILE EB 70 -42.15 -55.79 -64.09
C ILE EB 70 -43.11 -56.00 -65.24
N LEU EB 71 -43.84 -57.00 -65.18
CA LEU EB 71 -44.86 -57.38 -66.13
C LEU EB 71 -46.20 -56.76 -65.74
N PRO EB 72 -47.08 -56.50 -66.71
CA PRO EB 72 -48.39 -55.94 -66.36
C PRO EB 72 -49.24 -56.84 -65.50
N GLU EB 73 -48.94 -58.15 -65.48
CA GLU EB 73 -49.73 -59.08 -64.68
C GLU EB 73 -49.29 -59.12 -63.22
N MET EB 74 -48.23 -58.43 -62.84
CA MET EB 74 -47.77 -58.41 -61.47
C MET EB 74 -48.20 -57.14 -60.73
N VAL EB 75 -49.10 -56.35 -61.31
CA VAL EB 75 -49.54 -55.12 -60.67
C VAL EB 75 -50.38 -55.45 -59.44
N GLY EB 76 -50.08 -54.80 -58.33
CA GLY EB 76 -50.77 -55.04 -57.08
C GLY EB 76 -50.16 -56.10 -56.20
N SER EB 77 -49.09 -56.74 -56.63
CA SER EB 77 -48.46 -57.80 -55.84
C SER EB 77 -47.64 -57.21 -54.69
N MET EB 78 -47.40 -58.03 -53.69
CA MET EB 78 -46.54 -57.69 -52.56
C MET EB 78 -45.23 -58.43 -52.75
N VAL EB 79 -44.21 -57.73 -53.23
CA VAL EB 79 -42.89 -58.32 -53.45
C VAL EB 79 -41.88 -57.65 -52.53
N GLY EB 80 -41.08 -58.46 -51.87
CA GLY EB 80 -39.94 -57.99 -51.12
C GLY EB 80 -38.68 -58.23 -51.94
N VAL EB 81 -37.95 -57.16 -52.20
CA VAL EB 81 -36.74 -57.21 -52.99
C VAL EB 81 -35.56 -57.11 -52.04
N TYR EB 82 -34.56 -57.98 -52.22
CA TYR EB 82 -33.37 -57.90 -51.39
C TYR EB 82 -32.53 -56.71 -51.83
N ASN EB 83 -32.16 -55.86 -50.88
CA ASN EB 83 -31.27 -54.73 -51.16
C ASN EB 83 -29.83 -55.03 -50.82
N GLY EB 84 -29.52 -56.26 -50.41
CA GLY EB 84 -28.21 -56.63 -49.94
C GLY EB 84 -28.18 -57.02 -48.47
N LYS EB 85 -29.04 -56.41 -47.67
CA LYS EB 85 -29.13 -56.74 -46.25
C LYS EB 85 -30.50 -57.25 -45.85
N THR EB 86 -31.57 -56.58 -46.26
CA THR EB 86 -32.93 -56.94 -45.88
C THR EB 86 -33.81 -57.00 -47.12
N PHE EB 87 -35.04 -57.46 -46.92
CA PHE EB 87 -36.06 -57.49 -47.95
C PHE EB 87 -36.97 -56.28 -47.78
N ASN EB 88 -37.03 -55.44 -48.79
CA ASN EB 88 -37.87 -54.25 -48.78
C ASN EB 88 -39.14 -54.56 -49.56
N GLN EB 89 -40.29 -54.46 -48.91
CA GLN EB 89 -41.55 -54.67 -49.60
C GLN EB 89 -41.92 -53.46 -50.44
N VAL EB 90 -42.52 -53.69 -51.59
CA VAL EB 90 -42.85 -52.61 -52.50
C VAL EB 90 -44.11 -52.94 -53.28
N GLU EB 91 -44.95 -51.93 -53.47
CA GLU EB 91 -46.10 -52.01 -54.35
C GLU EB 91 -45.64 -52.06 -55.81
N ILE EB 92 -46.46 -52.67 -56.66
CA ILE EB 92 -46.28 -52.55 -58.11
C ILE EB 92 -47.40 -51.68 -58.64
N LYS EB 93 -47.09 -50.42 -58.90
CA LYS EB 93 -48.03 -49.49 -59.49
C LYS EB 93 -48.20 -49.74 -60.99
N PRO EB 94 -49.31 -49.30 -61.56
CA PRO EB 94 -49.49 -49.41 -63.02
C PRO EB 94 -48.62 -48.45 -63.81
N GLU EB 95 -47.67 -47.80 -63.16
CA GLU EB 95 -46.68 -46.97 -63.82
C GLU EB 95 -45.28 -47.56 -63.74
N MET EB 96 -45.17 -48.80 -63.28
CA MET EB 96 -43.88 -49.41 -62.95
C MET EB 96 -43.50 -50.53 -63.91
N ILE EB 97 -44.21 -50.65 -65.03
CA ILE EB 97 -44.04 -51.82 -65.89
C ILE EB 97 -42.67 -51.82 -66.56
N GLY EB 98 -42.27 -50.69 -67.14
CA GLY EB 98 -41.00 -50.67 -67.85
C GLY EB 98 -39.79 -50.57 -66.95
N HIS EB 99 -39.94 -50.95 -65.68
CA HIS EB 99 -38.92 -50.72 -64.68
C HIS EB 99 -38.52 -52.04 -64.02
N TYR EB 100 -37.27 -52.13 -63.61
CA TYR EB 100 -36.75 -53.29 -62.91
C TYR EB 100 -37.17 -53.26 -61.44
N LEU EB 101 -37.13 -54.44 -60.82
CA LEU EB 101 -37.43 -54.52 -59.39
C LEU EB 101 -36.34 -53.85 -58.55
N GLY EB 102 -35.11 -53.82 -59.05
CA GLY EB 102 -34.02 -53.22 -58.29
C GLY EB 102 -34.10 -51.72 -58.19
N GLU EB 103 -34.89 -51.08 -59.04
CA GLU EB 103 -35.01 -49.62 -59.01
C GLU EB 103 -35.82 -49.12 -57.82
N PHE EB 104 -36.48 -50.01 -57.09
CA PHE EB 104 -37.38 -49.62 -56.00
C PHE EB 104 -36.95 -50.20 -54.66
N SER EB 105 -35.79 -50.84 -54.59
CA SER EB 105 -35.19 -51.27 -53.33
C SER EB 105 -33.76 -50.71 -53.31
N ILE EB 106 -33.59 -49.56 -52.68
CA ILE EB 106 -32.31 -48.88 -52.71
C ILE EB 106 -31.28 -49.67 -51.93
N THR EB 107 -30.05 -49.73 -52.45
CA THR EB 107 -28.99 -50.54 -51.87
C THR EB 107 -28.14 -49.78 -50.86
N TYR EB 108 -28.42 -48.50 -50.65
CA TYR EB 108 -27.61 -47.68 -49.75
C TYR EB 108 -28.50 -46.63 -49.09
N LYS EB 109 -28.09 -46.20 -47.91
CA LYS EB 109 -28.90 -45.05 -47.54
C LYS EB 109 -28.21 -43.76 -47.98
N PRO EB 110 -28.98 -42.71 -48.23
CA PRO EB 110 -28.35 -41.43 -48.61
C PRO EB 110 -27.44 -40.92 -47.51
N VAL EB 111 -26.34 -40.31 -47.90
CA VAL EB 111 -25.32 -39.89 -46.94
C VAL EB 111 -25.71 -38.56 -46.33
N LYS EB 112 -25.60 -38.48 -45.02
CA LYS EB 112 -25.73 -37.22 -44.28
C LYS EB 112 -24.34 -36.88 -43.78
N HIS EB 113 -23.72 -35.87 -44.38
CA HIS EB 113 -22.33 -35.56 -44.08
C HIS EB 113 -22.19 -34.98 -42.69
N GLY EB 114 -21.23 -35.50 -41.93
CA GLY EB 114 -20.83 -34.92 -40.66
C GLY EB 114 -19.63 -34.02 -40.82
N ARG EB 115 -19.01 -33.71 -39.70
CA ARG EB 115 -17.82 -32.86 -39.72
C ARG EB 115 -16.62 -33.67 -40.25
N PRO EB 116 -15.93 -33.19 -41.28
CA PRO EB 116 -14.76 -33.92 -41.79
C PRO EB 116 -13.67 -34.02 -40.74
N GLY EB 117 -12.91 -35.11 -40.80
CA GLY EB 117 -11.91 -35.40 -39.80
C GLY EB 117 -10.51 -34.94 -40.13
N ILE EB 118 -9.53 -35.84 -39.96
CA ILE EB 118 -8.13 -35.47 -40.11
C ILE EB 118 -7.78 -35.17 -41.56
N GLY EB 119 -8.46 -35.81 -42.52
CA GLY EB 119 -8.20 -35.56 -43.91
C GLY EB 119 -8.64 -34.16 -44.34
N ALA EB 120 -8.01 -33.69 -45.42
CA ALA EB 120 -8.22 -32.34 -45.96
C ALA EB 120 -7.92 -31.28 -44.89
N THR EB 121 -6.65 -31.27 -44.47
CA THR EB 121 -6.19 -30.39 -43.39
C THR EB 121 -6.38 -28.90 -43.67
N SER FB 1 19.36 -41.82 -133.16
CA SER FB 1 18.20 -42.10 -134.00
C SER FB 1 17.15 -42.89 -133.23
N LYS FB 2 17.44 -44.15 -132.95
CA LYS FB 2 16.53 -45.03 -132.23
C LYS FB 2 17.29 -45.87 -131.22
N GLY FB 3 18.21 -45.24 -130.48
CA GLY FB 3 19.01 -45.95 -129.51
C GLY FB 3 18.23 -46.35 -128.27
N PRO FB 4 18.08 -47.66 -128.05
CA PRO FB 4 17.30 -48.13 -126.90
C PRO FB 4 18.15 -48.32 -125.65
N LEU FB 5 17.52 -48.81 -124.58
CA LEU FB 5 18.21 -49.17 -123.34
C LEU FB 5 18.96 -47.98 -122.74
N GLN FB 6 18.24 -46.86 -122.60
CA GLN FB 6 18.78 -45.64 -122.01
C GLN FB 6 17.87 -45.26 -120.85
N SER FB 7 18.15 -45.82 -119.68
CA SER FB 7 17.29 -45.58 -118.52
C SER FB 7 18.06 -45.86 -117.24
N VAL FB 8 17.69 -45.13 -116.19
CA VAL FB 8 18.18 -45.36 -114.84
C VAL FB 8 16.98 -45.34 -113.90
N GLN FB 9 17.14 -45.99 -112.75
CA GLN FB 9 16.12 -46.03 -111.71
C GLN FB 9 16.78 -45.62 -110.40
N VAL FB 10 16.47 -44.42 -109.93
CA VAL FB 10 17.16 -43.85 -108.77
C VAL FB 10 16.16 -43.44 -107.72
N PHE FB 11 16.42 -43.77 -106.46
CA PHE FB 11 15.51 -43.50 -105.38
C PHE FB 11 15.98 -42.33 -104.52
N GLY FB 12 15.03 -41.78 -103.77
CA GLY FB 12 15.33 -40.77 -102.77
C GLY FB 12 14.46 -41.00 -101.55
N ARG FB 13 14.97 -40.59 -100.39
CA ARG FB 13 14.32 -40.88 -99.12
C ARG FB 13 14.19 -39.63 -98.29
N LYS FB 14 13.10 -39.55 -97.53
CA LYS FB 14 12.93 -38.51 -96.52
C LYS FB 14 11.90 -39.01 -95.53
N LYS FB 15 12.35 -39.41 -94.34
CA LYS FB 15 11.47 -39.91 -93.28
C LYS FB 15 10.62 -41.08 -93.77
N THR FB 16 11.33 -42.18 -94.06
CA THR FB 16 10.78 -43.46 -94.55
C THR FB 16 9.78 -43.29 -95.69
N ALA FB 17 9.95 -42.23 -96.49
CA ALA FB 17 9.16 -42.03 -97.70
C ALA FB 17 10.10 -42.20 -98.88
N THR FB 18 10.04 -43.36 -99.52
CA THR FB 18 10.90 -43.64 -100.66
C THR FB 18 10.22 -43.24 -101.96
N ALA FB 19 11.01 -42.74 -102.90
CA ALA FB 19 10.50 -42.30 -104.20
C ALA FB 19 11.50 -42.73 -105.26
N VAL FB 20 11.04 -43.55 -106.21
CA VAL FB 20 11.91 -44.06 -107.27
C VAL FB 20 11.55 -43.38 -108.57
N ALA FB 21 12.49 -42.64 -109.13
CA ALA FB 21 12.34 -42.02 -110.44
C ALA FB 21 12.98 -42.92 -111.49
N HIS FB 22 12.21 -43.22 -112.54
CA HIS FB 22 12.69 -44.03 -113.67
C HIS FB 22 12.96 -43.07 -114.81
N CYS FB 23 14.18 -42.54 -114.85
CA CYS FB 23 14.58 -41.64 -115.92
C CYS FB 23 14.89 -42.45 -117.18
N LYS FB 24 14.48 -41.93 -118.33
CA LYS FB 24 14.56 -42.68 -119.56
C LYS FB 24 14.68 -41.71 -120.73
N ARG FB 25 15.37 -42.15 -121.78
CA ARG FB 25 15.49 -41.36 -122.99
C ARG FB 25 14.13 -41.16 -123.64
N GLY FB 26 13.88 -39.94 -124.12
CA GLY FB 26 12.65 -39.64 -124.80
C GLY FB 26 12.40 -38.14 -124.79
N ASN FB 27 11.16 -37.79 -125.08
CA ASN FB 27 10.75 -36.40 -124.97
C ASN FB 27 10.79 -35.96 -123.51
N GLY FB 28 10.97 -34.66 -123.30
CA GLY FB 28 11.07 -34.16 -121.96
C GLY FB 28 9.75 -34.14 -121.22
N LEU FB 29 9.58 -35.03 -120.25
CA LEU FB 29 8.40 -34.98 -119.39
C LEU FB 29 8.71 -35.63 -118.06
N ILE FB 30 8.04 -35.14 -117.02
CA ILE FB 30 8.19 -35.63 -115.66
C ILE FB 30 6.80 -35.89 -115.11
N LYS FB 31 6.54 -37.10 -114.64
CA LYS FB 31 5.28 -37.45 -114.04
C LYS FB 31 5.52 -38.18 -112.72
N VAL FB 32 4.60 -37.99 -111.78
CA VAL FB 32 4.66 -38.61 -110.47
C VAL FB 32 3.36 -39.37 -110.27
N ASN FB 33 3.47 -40.70 -110.14
CA ASN FB 33 2.31 -41.58 -109.96
C ASN FB 33 1.28 -41.41 -111.06
N GLY FB 34 1.74 -41.11 -112.27
CA GLY FB 34 0.86 -40.86 -113.39
C GLY FB 34 0.31 -39.45 -113.47
N ARG FB 35 0.68 -38.57 -112.53
CA ARG FB 35 0.18 -37.22 -112.52
C ARG FB 35 1.27 -36.22 -112.91
N PRO FB 36 0.91 -35.08 -113.48
CA PRO FB 36 1.93 -34.08 -113.82
C PRO FB 36 2.64 -33.54 -112.59
N LEU FB 37 3.90 -33.15 -112.79
CA LEU FB 37 4.72 -32.68 -111.68
C LEU FB 37 4.14 -31.42 -111.04
N GLU FB 38 3.65 -30.50 -111.86
CA GLU FB 38 3.08 -29.25 -111.36
C GLU FB 38 1.75 -29.46 -110.65
N MET FB 39 1.18 -30.66 -110.72
CA MET FB 39 -0.14 -30.94 -110.16
C MET FB 39 0.01 -31.99 -109.06
N ILE FB 40 0.07 -31.53 -107.81
CA ILE FB 40 0.21 -32.41 -106.65
C ILE FB 40 -0.73 -31.90 -105.56
N GLU FB 41 -1.02 -32.77 -104.60
CA GLU FB 41 -1.98 -32.42 -103.55
C GLU FB 41 -1.51 -31.26 -102.68
N PRO FB 42 -0.31 -31.28 -102.05
CA PRO FB 42 0.08 -30.05 -101.35
C PRO FB 42 0.74 -29.05 -102.30
N ARG FB 43 -0.11 -28.26 -102.97
CA ARG FB 43 0.36 -27.32 -103.99
C ARG FB 43 1.18 -26.19 -103.40
N THR FB 44 1.19 -26.02 -102.07
CA THR FB 44 2.10 -25.06 -101.46
C THR FB 44 3.55 -25.41 -101.77
N LEU FB 45 3.86 -26.71 -101.80
CA LEU FB 45 5.21 -27.20 -102.08
C LEU FB 45 5.44 -27.44 -103.57
N GLN FB 46 4.64 -26.81 -104.43
CA GLN FB 46 4.87 -26.93 -105.86
C GLN FB 46 6.23 -26.35 -106.24
N TYR FB 47 6.67 -25.29 -105.57
CA TYR FB 47 7.99 -24.76 -105.82
C TYR FB 47 9.08 -25.74 -105.39
N LYS FB 48 8.87 -26.47 -104.29
CA LYS FB 48 9.84 -27.49 -103.92
C LYS FB 48 9.90 -28.60 -104.96
N LEU FB 49 8.74 -28.99 -105.51
CA LEU FB 49 8.74 -30.00 -106.57
C LEU FB 49 9.45 -29.50 -107.82
N LEU FB 50 9.21 -28.25 -108.21
CA LEU FB 50 9.78 -27.70 -109.43
C LEU FB 50 11.17 -27.13 -109.23
N GLU FB 51 11.69 -27.19 -108.00
CA GLU FB 51 12.98 -26.57 -107.69
C GLU FB 51 14.13 -27.10 -108.52
N PRO FB 52 14.34 -28.42 -108.70
CA PRO FB 52 15.40 -28.86 -109.60
C PRO FB 52 15.23 -28.39 -111.03
N VAL FB 53 13.98 -28.41 -111.52
CA VAL FB 53 13.71 -27.98 -112.90
C VAL FB 53 14.01 -26.50 -113.05
N LEU FB 54 13.57 -25.68 -112.09
CA LEU FB 54 13.83 -24.25 -112.16
C LEU FB 54 15.32 -23.94 -112.02
N LEU FB 55 16.04 -24.73 -111.23
CA LEU FB 55 17.47 -24.50 -111.07
C LEU FB 55 18.23 -24.85 -112.34
N LEU FB 56 17.94 -26.00 -112.93
CA LEU FB 56 18.76 -26.51 -114.02
C LEU FB 56 18.33 -25.99 -115.37
N GLY FB 57 17.03 -25.83 -115.60
CA GLY FB 57 16.56 -25.40 -116.90
C GLY FB 57 15.84 -26.52 -117.62
N LYS FB 58 14.84 -26.15 -118.41
CA LYS FB 58 14.05 -27.14 -119.13
C LYS FB 58 14.85 -27.81 -120.24
N GLU FB 59 15.95 -27.20 -120.68
CA GLU FB 59 16.73 -27.78 -121.78
C GLU FB 59 17.39 -29.09 -121.37
N ARG FB 60 17.94 -29.15 -120.16
CA ARG FB 60 18.54 -30.39 -119.69
C ARG FB 60 17.50 -31.46 -119.40
N PHE FB 61 16.26 -31.06 -119.13
CA PHE FB 61 15.16 -31.98 -118.92
C PHE FB 61 14.41 -32.32 -120.20
N ALA FB 62 14.77 -31.69 -121.32
CA ALA FB 62 14.02 -31.89 -122.56
C ALA FB 62 14.27 -33.24 -123.19
N GLY FB 63 15.31 -33.96 -122.76
CA GLY FB 63 15.62 -35.24 -123.37
C GLY FB 63 15.37 -36.43 -122.49
N VAL FB 64 14.55 -36.28 -121.45
CA VAL FB 64 14.36 -37.34 -120.47
C VAL FB 64 12.88 -37.53 -120.18
N ASP FB 65 12.47 -38.79 -120.07
CA ASP FB 65 11.15 -39.19 -119.62
C ASP FB 65 11.30 -39.77 -118.22
N ILE FB 66 10.72 -39.09 -117.23
CA ILE FB 66 10.87 -39.45 -115.83
C ILE FB 66 9.52 -39.79 -115.25
N ARG FB 67 9.42 -40.94 -114.60
CA ARG FB 67 8.22 -41.34 -113.89
C ARG FB 67 8.61 -41.71 -112.46
N VAL FB 68 7.92 -41.13 -111.49
CA VAL FB 68 8.27 -41.23 -110.08
C VAL FB 68 7.14 -41.93 -109.34
N ARG FB 69 7.48 -42.93 -108.53
CA ARG FB 69 6.53 -43.64 -107.70
C ARG FB 69 6.90 -43.45 -106.24
N VAL FB 70 5.90 -43.15 -105.41
CA VAL FB 70 6.11 -42.94 -103.98
C VAL FB 70 5.16 -43.85 -103.22
N LYS FB 71 5.68 -44.61 -102.27
CA LYS FB 71 4.87 -45.55 -101.51
C LYS FB 71 5.25 -45.49 -100.03
N GLY FB 72 5.31 -44.31 -99.45
CA GLY FB 72 5.58 -44.21 -98.03
C GLY FB 72 5.54 -42.78 -97.54
N GLY FB 73 5.60 -42.64 -96.21
CA GLY FB 73 5.71 -41.36 -95.56
C GLY FB 73 4.43 -40.54 -95.61
N GLY FB 74 4.60 -39.24 -95.34
CA GLY FB 74 3.52 -38.28 -95.37
C GLY FB 74 3.49 -37.47 -96.65
N HIS FB 75 2.99 -36.24 -96.53
CA HIS FB 75 2.84 -35.38 -97.70
C HIS FB 75 4.14 -34.65 -98.02
N VAL FB 76 4.63 -33.83 -97.10
CA VAL FB 76 5.85 -33.08 -97.37
C VAL FB 76 7.06 -34.00 -97.43
N ALA FB 77 7.04 -35.10 -96.67
CA ALA FB 77 8.09 -36.11 -96.84
C ALA FB 77 8.07 -36.68 -98.24
N GLN FB 78 6.87 -36.91 -98.77
CA GLN FB 78 6.73 -37.33 -100.16
C GLN FB 78 7.33 -36.29 -101.10
N ILE FB 79 7.04 -35.01 -100.86
CA ILE FB 79 7.51 -33.96 -101.76
C ILE FB 79 9.04 -33.91 -101.79
N TYR FB 80 9.64 -33.97 -100.61
CA TYR FB 80 11.11 -33.97 -100.54
C TYR FB 80 11.69 -35.22 -101.17
N ALA FB 81 11.02 -36.36 -100.99
CA ALA FB 81 11.47 -37.58 -101.65
C ALA FB 81 11.44 -37.45 -103.16
N ILE FB 82 10.37 -36.86 -103.71
CA ILE FB 82 10.29 -36.68 -105.16
C ILE FB 82 11.39 -35.76 -105.67
N ARG FB 83 11.59 -34.62 -104.99
CA ARG FB 83 12.60 -33.70 -105.52
C ARG FB 83 13.99 -34.30 -105.45
N GLN FB 84 14.32 -34.97 -104.35
CA GLN FB 84 15.61 -35.64 -104.25
C GLN FB 84 15.75 -36.73 -105.29
N SER FB 85 14.68 -37.50 -105.51
CA SER FB 85 14.73 -38.60 -106.46
C SER FB 85 14.94 -38.07 -107.89
N ILE FB 86 14.26 -36.99 -108.24
CA ILE FB 86 14.43 -36.41 -109.58
C ILE FB 86 15.85 -35.90 -109.76
N SER FB 87 16.38 -35.18 -108.75
CA SER FB 87 17.73 -34.65 -108.86
C SER FB 87 18.76 -35.78 -108.98
N LYS FB 88 18.62 -36.82 -108.15
CA LYS FB 88 19.58 -37.91 -108.18
C LYS FB 88 19.45 -38.73 -109.47
N ALA FB 89 18.23 -38.91 -109.97
CA ALA FB 89 18.04 -39.61 -111.24
C ALA FB 89 18.68 -38.85 -112.38
N LEU FB 90 18.52 -37.53 -112.40
CA LEU FB 90 19.15 -36.74 -113.46
C LEU FB 90 20.67 -36.80 -113.37
N VAL FB 91 21.23 -36.72 -112.16
CA VAL FB 91 22.69 -36.76 -112.08
C VAL FB 91 23.21 -38.15 -112.42
N ALA FB 92 22.45 -39.21 -112.11
CA ALA FB 92 22.87 -40.55 -112.49
C ALA FB 92 22.81 -40.72 -114.01
N TYR FB 93 21.76 -40.20 -114.64
CA TYR FB 93 21.67 -40.25 -116.10
C TYR FB 93 22.82 -39.50 -116.75
N TYR FB 94 23.13 -38.31 -116.23
CA TYR FB 94 24.23 -37.52 -116.77
C TYR FB 94 25.59 -38.13 -116.45
N GLN FB 95 25.69 -38.91 -115.38
CA GLN FB 95 26.94 -39.58 -115.07
C GLN FB 95 27.15 -40.80 -115.96
N LYS FB 96 26.07 -41.47 -116.36
CA LYS FB 96 26.24 -42.69 -117.13
C LYS FB 96 26.26 -42.43 -118.64
N TYR FB 97 25.25 -41.74 -119.17
CA TYR FB 97 25.06 -41.67 -120.61
C TYR FB 97 25.68 -40.44 -121.25
N VAL FB 98 26.24 -39.52 -120.47
CA VAL FB 98 26.97 -38.38 -120.99
C VAL FB 98 28.12 -38.09 -120.01
N ASP FB 99 28.90 -37.05 -120.28
CA ASP FB 99 30.16 -36.84 -119.60
C ASP FB 99 29.98 -36.35 -118.16
N GLU FB 100 30.94 -36.74 -117.32
CA GLU FB 100 30.98 -36.20 -115.95
C GLU FB 100 31.35 -34.74 -115.92
N ALA FB 101 31.77 -34.14 -117.04
CA ALA FB 101 31.83 -32.69 -117.10
C ALA FB 101 30.43 -32.09 -116.88
N SER FB 102 29.46 -32.54 -117.67
CA SER FB 102 28.08 -32.10 -117.46
C SER FB 102 27.55 -32.57 -116.13
N LYS FB 103 27.92 -33.78 -115.70
CA LYS FB 103 27.49 -34.26 -114.39
C LYS FB 103 27.97 -33.34 -113.27
N LYS FB 104 29.23 -32.90 -113.35
CA LYS FB 104 29.80 -32.06 -112.29
C LYS FB 104 29.22 -30.66 -112.33
N GLU FB 105 29.11 -30.06 -113.51
CA GLU FB 105 28.51 -28.73 -113.62
C GLU FB 105 26.99 -28.76 -113.73
N ILE FB 106 26.35 -29.83 -113.30
CA ILE FB 106 25.01 -29.74 -112.72
C ILE FB 106 25.00 -30.09 -111.23
N LYS FB 107 25.87 -31.01 -110.79
CA LYS FB 107 25.91 -31.42 -109.40
C LYS FB 107 26.33 -30.26 -108.51
N ASP FB 108 27.22 -29.39 -108.99
CA ASP FB 108 27.63 -28.26 -108.18
C ASP FB 108 26.48 -27.29 -107.95
N ILE FB 109 25.70 -26.97 -108.99
CA ILE FB 109 24.52 -26.13 -108.78
C ILE FB 109 23.60 -26.78 -107.76
N LEU FB 110 23.37 -28.08 -107.89
CA LEU FB 110 22.49 -28.76 -106.93
C LEU FB 110 23.04 -28.69 -105.51
N ILE FB 111 24.35 -28.88 -105.34
CA ILE FB 111 24.94 -28.91 -104.01
C ILE FB 111 24.92 -27.53 -103.37
N GLN FB 112 25.56 -26.54 -103.99
CA GLN FB 112 25.54 -25.23 -103.35
C GLN FB 112 24.25 -24.46 -103.60
N TYR FB 113 23.17 -25.13 -104.02
CA TYR FB 113 21.86 -24.61 -103.70
C TYR FB 113 21.23 -25.33 -102.51
N ASP FB 114 21.24 -26.66 -102.51
CA ASP FB 114 20.63 -27.43 -101.43
C ASP FB 114 21.31 -28.79 -101.37
N ARG FB 115 22.00 -29.08 -100.27
CA ARG FB 115 22.68 -30.36 -100.13
C ARG FB 115 21.69 -31.51 -100.07
N THR FB 116 20.50 -31.29 -99.49
CA THR FB 116 19.52 -32.36 -99.35
C THR FB 116 18.93 -32.81 -100.67
N LEU FB 117 19.17 -32.07 -101.76
CA LEU FB 117 18.70 -32.51 -103.07
C LEU FB 117 19.43 -33.76 -103.54
N LEU FB 118 20.63 -34.02 -103.03
CA LEU FB 118 21.41 -35.17 -103.45
C LEU FB 118 21.85 -36.07 -102.30
N VAL FB 119 21.72 -35.63 -101.05
CA VAL FB 119 22.11 -36.41 -99.88
C VAL FB 119 20.88 -36.59 -99.01
N ALA FB 120 20.58 -37.83 -98.66
CA ALA FB 120 19.38 -38.12 -97.87
C ALA FB 120 19.54 -37.64 -96.44
N ASP FB 121 18.42 -37.25 -95.84
CA ASP FB 121 18.41 -36.82 -94.46
C ASP FB 121 18.40 -38.05 -93.55
N PRO FB 122 19.43 -38.27 -92.72
CA PRO FB 122 19.48 -39.51 -91.94
C PRO FB 122 18.51 -39.54 -90.77
N ARG FB 123 18.02 -38.40 -90.31
CA ARG FB 123 17.17 -38.37 -89.13
C ARG FB 123 15.80 -38.96 -89.45
N ARG FB 124 15.39 -39.98 -88.70
CA ARG FB 124 14.11 -40.61 -88.94
C ARG FB 124 13.13 -40.43 -87.79
N CYS FB 125 13.43 -40.94 -86.60
CA CYS FB 125 12.52 -40.94 -85.47
C CYS FB 125 13.34 -41.18 -84.21
N GLU FB 126 12.65 -41.48 -83.12
CA GLU FB 126 13.28 -41.89 -81.87
C GLU FB 126 12.24 -42.62 -81.05
N SER FB 127 12.64 -43.76 -80.48
CA SER FB 127 11.70 -44.62 -79.78
C SER FB 127 11.18 -43.95 -78.51
N LYS FB 128 9.89 -44.12 -78.25
CA LYS FB 128 9.30 -43.64 -77.01
C LYS FB 128 9.76 -44.50 -75.84
N LYS FB 129 10.04 -43.85 -74.72
CA LYS FB 129 10.44 -44.55 -73.51
C LYS FB 129 9.29 -44.63 -72.53
N PHE FB 130 9.44 -45.48 -71.51
CA PHE FB 130 8.33 -45.81 -70.62
C PHE FB 130 8.22 -44.88 -69.42
N GLY FB 131 8.66 -43.64 -69.55
CA GLY FB 131 8.50 -42.70 -68.45
C GLY FB 131 7.75 -41.45 -68.85
N GLY FB 132 7.40 -41.34 -70.12
CA GLY FB 132 6.74 -40.16 -70.62
C GLY FB 132 5.96 -40.41 -71.89
N PRO FB 133 5.26 -39.38 -72.37
CA PRO FB 133 4.43 -39.57 -73.57
C PRO FB 133 5.24 -39.76 -74.82
N GLY FB 134 6.48 -39.26 -74.87
CA GLY FB 134 7.26 -39.34 -76.09
C GLY FB 134 8.66 -39.85 -75.88
N ALA FB 135 9.55 -39.50 -76.82
CA ALA FB 135 10.91 -40.01 -76.78
C ALA FB 135 11.70 -39.42 -75.62
N ARG FB 136 11.52 -38.13 -75.33
CA ARG FB 136 12.31 -37.48 -74.30
C ARG FB 136 11.48 -36.86 -73.20
N ALA FB 137 10.29 -36.37 -73.48
CA ALA FB 137 9.46 -35.78 -72.44
C ALA FB 137 9.06 -36.83 -71.42
N ARG FB 138 8.87 -36.40 -70.18
CA ARG FB 138 8.49 -37.28 -69.09
C ARG FB 138 7.12 -36.88 -68.57
N TYR FB 139 6.41 -37.85 -68.00
CA TYR FB 139 5.13 -37.57 -67.37
C TYR FB 139 5.33 -36.61 -66.20
N GLN FB 140 4.35 -35.73 -66.00
CA GLN FB 140 4.46 -34.73 -64.95
C GLN FB 140 4.47 -35.40 -63.58
N LYS FB 141 5.42 -35.00 -62.74
CA LYS FB 141 5.60 -35.58 -61.43
C LYS FB 141 5.18 -34.59 -60.35
N SER FB 142 4.76 -35.13 -59.21
CA SER FB 142 4.28 -34.33 -58.09
C SER FB 142 4.92 -34.83 -56.81
N TYR FB 143 5.05 -33.92 -55.85
CA TYR FB 143 5.72 -34.23 -54.59
C TYR FB 143 4.79 -34.22 -53.39
N ARG FB 144 3.63 -33.59 -53.47
CA ARG FB 144 2.71 -33.52 -52.35
C ARG FB 144 1.36 -34.08 -52.75
N MET GB 1 35.22 -34.01 -78.04
CA MET GB 1 35.15 -34.43 -76.64
C MET GB 1 34.79 -35.91 -76.52
N GLY GB 2 35.29 -36.54 -75.47
CA GLY GB 2 35.01 -37.95 -75.24
C GLY GB 2 35.65 -38.88 -76.24
N ARG GB 3 36.88 -38.57 -76.69
CA ARG GB 3 37.60 -39.44 -77.60
C ARG GB 3 38.86 -40.00 -76.96
N VAL GB 4 38.91 -40.05 -75.63
CA VAL GB 4 40.07 -40.58 -74.93
C VAL GB 4 40.10 -42.09 -75.06
N ARG GB 5 41.25 -42.62 -75.46
CA ARG GB 5 41.41 -44.06 -75.58
C ARG GB 5 41.74 -44.68 -74.23
N THR GB 6 41.44 -45.97 -74.09
CA THR GB 6 41.59 -46.67 -72.83
C THR GB 6 42.82 -47.57 -72.84
N LYS GB 7 43.04 -48.25 -71.71
CA LYS GB 7 44.18 -49.17 -71.62
C LYS GB 7 44.05 -50.31 -72.62
N THR GB 8 42.81 -50.79 -72.84
CA THR GB 8 42.60 -51.93 -73.71
C THR GB 8 43.15 -51.67 -75.11
N VAL GB 9 42.99 -50.46 -75.61
CA VAL GB 9 43.53 -50.13 -76.93
C VAL GB 9 44.97 -49.66 -76.85
N LYS GB 10 45.34 -48.91 -75.81
CA LYS GB 10 46.69 -48.35 -75.75
C LYS GB 10 47.74 -49.44 -75.56
N LYS GB 11 47.50 -50.36 -74.61
CA LYS GB 11 48.46 -51.44 -74.38
C LYS GB 11 48.59 -52.33 -75.61
N ALA GB 12 47.47 -52.66 -76.25
CA ALA GB 12 47.50 -53.48 -77.45
C ALA GB 12 48.27 -52.80 -78.56
N ALA GB 13 48.05 -51.48 -78.73
CA ALA GB 13 48.77 -50.74 -79.76
C ALA GB 13 50.26 -50.74 -79.50
N ARG GB 14 50.67 -50.49 -78.26
CA ARG GB 14 52.10 -50.50 -77.94
C ARG GB 14 52.71 -51.88 -78.16
N VAL GB 15 51.99 -52.94 -77.77
CA VAL GB 15 52.51 -54.29 -77.93
C VAL GB 15 52.69 -54.63 -79.40
N ILE GB 16 51.68 -54.34 -80.22
CA ILE GB 16 51.80 -54.72 -81.63
C ILE GB 16 52.81 -53.84 -82.34
N ILE GB 17 53.01 -52.60 -81.88
CA ILE GB 17 54.05 -51.76 -82.47
C ILE GB 17 55.43 -52.33 -82.15
N GLU GB 18 55.66 -52.69 -80.89
CA GLU GB 18 56.96 -53.23 -80.53
C GLU GB 18 57.19 -54.62 -81.09
N LYS GB 19 56.13 -55.31 -81.50
CA LYS GB 19 56.30 -56.63 -82.11
C LYS GB 19 56.51 -56.56 -83.62
N TYR GB 20 55.76 -55.71 -84.32
CA TYR GB 20 55.71 -55.69 -85.77
C TYR GB 20 56.00 -54.31 -86.31
N TYR GB 21 57.06 -53.67 -85.79
CA TYR GB 21 57.38 -52.31 -86.24
C TYR GB 21 57.74 -52.26 -87.71
N THR GB 22 58.28 -53.35 -88.26
CA THR GB 22 58.65 -53.37 -89.66
C THR GB 22 57.41 -53.41 -90.56
N ARG GB 23 56.42 -54.24 -90.21
CA ARG GB 23 55.25 -54.39 -91.06
C ARG GB 23 54.30 -53.20 -90.99
N LEU GB 24 54.22 -52.56 -89.84
CA LEU GB 24 53.28 -51.45 -89.66
C LEU GB 24 53.70 -50.24 -90.48
N GLY GB 25 52.75 -49.36 -90.73
CA GLY GB 25 52.98 -48.16 -91.51
C GLY GB 25 52.13 -47.02 -90.99
N ASN GB 26 52.21 -45.89 -91.70
CA ASN GB 26 51.48 -44.69 -91.33
C ASN GB 26 50.09 -44.63 -91.94
N ASP GB 27 49.68 -45.67 -92.66
CA ASP GB 27 48.35 -45.73 -93.27
C ASP GB 27 47.41 -46.45 -92.33
N PHE GB 28 46.29 -45.80 -91.99
CA PHE GB 28 45.34 -46.39 -91.07
C PHE GB 28 44.74 -47.67 -91.65
N HIS GB 29 44.42 -47.66 -92.93
CA HIS GB 29 43.82 -48.85 -93.54
C HIS GB 29 44.82 -49.99 -93.63
N THR GB 30 46.07 -49.69 -93.96
CA THR GB 30 47.10 -50.73 -93.98
C THR GB 30 47.30 -51.33 -92.60
N ASN GB 31 47.31 -50.49 -91.56
CA ASN GB 31 47.46 -51.00 -90.21
C ASN GB 31 46.27 -51.85 -89.80
N LYS GB 32 45.05 -51.37 -90.07
CA LYS GB 32 43.88 -52.17 -89.73
C LYS GB 32 43.78 -53.42 -90.60
N ARG GB 33 44.53 -53.50 -91.70
CA ARG GB 33 44.60 -54.74 -92.45
C ARG GB 33 45.67 -55.69 -91.94
N VAL GB 34 46.72 -55.18 -91.30
CA VAL GB 34 47.67 -56.10 -90.69
C VAL GB 34 47.17 -56.61 -89.34
N CYS GB 35 46.27 -55.85 -88.68
CA CYS GB 35 45.84 -56.22 -87.34
C CYS GB 35 45.11 -57.57 -87.30
N GLU GB 36 44.29 -57.88 -88.31
CA GLU GB 36 43.49 -59.10 -88.22
C GLU GB 36 44.35 -60.35 -88.16
N GLU GB 37 45.55 -60.33 -88.76
CA GLU GB 37 46.39 -61.51 -88.68
C GLU GB 37 47.53 -61.38 -87.68
N ILE GB 38 47.91 -60.17 -87.26
CA ILE GB 38 48.91 -60.07 -86.19
C ILE GB 38 48.28 -60.13 -84.82
N ALA GB 39 46.96 -60.04 -84.72
CA ALA GB 39 46.28 -60.09 -83.44
C ALA GB 39 44.86 -60.58 -83.64
N ILE GB 40 44.29 -61.15 -82.59
CA ILE GB 40 42.89 -61.58 -82.60
C ILE GB 40 42.09 -60.51 -81.86
N ILE GB 41 41.30 -59.75 -82.60
CA ILE GB 41 40.49 -58.66 -82.04
C ILE GB 41 39.03 -59.10 -82.10
N PRO GB 42 38.35 -59.22 -80.96
CA PRO GB 42 36.95 -59.67 -80.98
C PRO GB 42 36.00 -58.72 -81.68
N SER GB 43 36.36 -57.46 -81.86
CA SER GB 43 35.44 -56.46 -82.40
C SER GB 43 36.10 -55.66 -83.51
N LYS GB 44 35.32 -55.36 -84.55
CA LYS GB 44 35.81 -54.52 -85.63
C LYS GB 44 36.08 -53.10 -85.15
N LYS GB 45 35.20 -52.58 -84.29
CA LYS GB 45 35.40 -51.26 -83.71
C LYS GB 45 36.69 -51.21 -82.90
N LEU GB 46 36.91 -52.24 -82.08
CA LEU GB 46 38.15 -52.31 -81.30
C LEU GB 46 39.36 -52.38 -82.23
N ARG GB 47 39.26 -53.17 -83.29
CA ARG GB 47 40.37 -53.32 -84.23
C ARG GB 47 40.73 -51.99 -84.88
N ASN GB 48 39.74 -51.28 -85.40
CA ASN GB 48 40.04 -50.03 -86.08
C ASN GB 48 40.47 -48.93 -85.09
N LYS GB 49 39.95 -48.95 -83.87
CA LYS GB 49 40.42 -48.00 -82.87
C LYS GB 49 41.88 -48.24 -82.51
N ILE GB 50 42.26 -49.51 -82.34
CA ILE GB 50 43.67 -49.84 -82.12
C ILE GB 50 44.52 -49.41 -83.30
N ALA GB 51 44.02 -49.62 -84.52
CA ALA GB 51 44.78 -49.23 -85.71
C ALA GB 51 44.99 -47.72 -85.76
N GLY GB 52 43.97 -46.95 -85.41
CA GLY GB 52 44.13 -45.50 -85.37
C GLY GB 52 45.16 -45.07 -84.35
N TYR GB 53 45.13 -45.67 -83.17
CA TYR GB 53 46.15 -45.33 -82.18
C TYR GB 53 47.54 -45.77 -82.63
N VAL GB 54 47.63 -46.87 -83.38
CA VAL GB 54 48.93 -47.28 -83.92
C VAL GB 54 49.45 -46.26 -84.92
N THR GB 55 48.57 -45.71 -85.75
CA THR GB 55 49.01 -44.65 -86.67
C THR GB 55 49.53 -43.44 -85.89
N HIS GB 56 48.80 -43.04 -84.85
CA HIS GB 56 49.24 -41.91 -84.04
C HIS GB 56 50.60 -42.18 -83.41
N LEU GB 57 50.76 -43.36 -82.81
CA LEU GB 57 52.01 -43.67 -82.13
C LEU GB 57 53.16 -43.84 -83.12
N MET GB 58 52.90 -44.30 -84.33
CA MET GB 58 54.01 -44.38 -85.29
C MET GB 58 54.40 -43.01 -85.81
N LYS GB 59 53.45 -42.10 -85.97
CA LYS GB 59 53.84 -40.73 -86.27
C LYS GB 59 54.71 -40.16 -85.15
N ARG GB 60 54.32 -40.41 -83.90
CA ARG GB 60 55.13 -39.94 -82.78
C ARG GB 60 56.50 -40.63 -82.75
N ILE GB 61 56.56 -41.90 -83.14
CA ILE GB 61 57.82 -42.63 -83.11
C ILE GB 61 58.77 -42.10 -84.18
N GLN GB 62 58.25 -41.89 -85.39
CA GLN GB 62 59.10 -41.35 -86.45
C GLN GB 62 59.50 -39.90 -86.20
N ARG GB 63 58.74 -39.17 -85.37
CA ARG GB 63 59.21 -37.85 -85.00
C ARG GB 63 60.08 -37.85 -83.73
N GLY GB 64 60.10 -38.94 -82.97
CA GLY GB 64 60.90 -38.98 -81.76
C GLY GB 64 60.82 -40.29 -80.99
N PRO GB 65 61.78 -40.50 -80.08
CA PRO GB 65 61.84 -41.76 -79.32
C PRO GB 65 60.74 -41.93 -78.29
N VAL GB 66 59.56 -42.40 -78.72
CA VAL GB 66 58.49 -42.73 -77.78
C VAL GB 66 58.93 -43.89 -76.89
N ARG GB 67 58.36 -43.95 -75.69
CA ARG GB 67 58.76 -44.94 -74.68
C ARG GB 67 58.57 -46.38 -75.14
N GLY GB 68 57.73 -46.63 -76.14
CA GLY GB 68 57.60 -47.96 -76.71
C GLY GB 68 58.92 -48.47 -77.25
N ILE GB 69 59.26 -49.71 -76.93
CA ILE GB 69 60.58 -50.24 -77.29
C ILE GB 69 60.64 -50.47 -78.80
N SER GB 70 61.79 -50.14 -79.39
CA SER GB 70 61.98 -50.30 -80.83
C SER GB 70 63.44 -50.59 -81.10
N ILE GB 71 63.69 -51.63 -81.91
CA ILE GB 71 65.05 -52.15 -82.03
C ILE GB 71 65.96 -51.16 -82.75
N LYS GB 72 65.43 -50.46 -83.77
CA LYS GB 72 66.25 -49.48 -84.47
C LYS GB 72 66.62 -48.30 -83.57
N LEU GB 73 65.65 -47.82 -82.80
CA LEU GB 73 65.92 -46.74 -81.85
C LEU GB 73 66.93 -47.19 -80.80
N GLN GB 74 66.81 -48.43 -80.33
CA GLN GB 74 67.73 -48.92 -79.31
C GLN GB 74 69.14 -49.11 -79.85
N GLU GB 75 69.28 -49.59 -81.10
CA GLU GB 75 70.62 -49.73 -81.64
C GLU GB 75 71.24 -48.37 -81.93
N GLU GB 76 70.44 -47.40 -82.36
CA GLU GB 76 70.96 -46.04 -82.51
C GLU GB 76 71.40 -45.47 -81.17
N GLU GB 77 70.60 -45.67 -80.12
CA GLU GB 77 70.98 -45.19 -78.80
C GLU GB 77 72.24 -45.88 -78.31
N ARG GB 78 72.35 -47.19 -78.57
CA ARG GB 78 73.54 -47.93 -78.20
C ARG GB 78 74.77 -47.37 -78.88
N GLU GB 79 74.68 -47.12 -80.20
CA GLU GB 79 75.81 -46.54 -80.93
C GLU GB 79 76.15 -45.16 -80.40
N ARG GB 80 75.13 -44.38 -80.02
CA ARG GB 80 75.35 -43.02 -79.56
C ARG GB 80 75.87 -42.97 -78.13
N ARG GB 81 75.74 -44.07 -77.37
CA ARG GB 81 76.23 -44.11 -76.00
C ARG GB 81 77.57 -44.81 -75.85
N ASP GB 82 77.69 -46.06 -76.31
CA ASP GB 82 78.91 -46.83 -76.11
C ASP GB 82 79.99 -46.52 -77.13
N ASN GB 83 79.85 -45.42 -77.87
CA ASN GB 83 80.85 -44.99 -78.82
C ASN GB 83 81.00 -43.48 -78.72
N TYR GB 84 81.60 -42.88 -79.74
CA TYR GB 84 81.91 -41.46 -79.78
C TYR GB 84 82.80 -41.04 -78.61
N VAL GB 85 83.77 -41.90 -78.28
CA VAL GB 85 84.88 -41.45 -77.46
C VAL GB 85 85.74 -40.59 -78.38
N PRO GB 86 86.00 -39.33 -78.02
CA PRO GB 86 86.79 -38.47 -78.90
C PRO GB 86 88.23 -38.95 -79.00
N GLU GB 87 88.85 -38.65 -80.13
CA GLU GB 87 90.24 -39.07 -80.36
C GLU GB 87 91.18 -38.43 -79.37
N VAL GB 88 90.83 -37.26 -78.84
CA VAL GB 88 91.57 -36.62 -77.75
C VAL GB 88 90.62 -36.52 -76.56
N SER GB 89 91.13 -36.84 -75.38
CA SER GB 89 90.29 -36.86 -74.20
C SER GB 89 89.89 -35.45 -73.78
N ALA GB 90 88.86 -35.37 -72.95
CA ALA GB 90 88.46 -34.10 -72.35
C ALA GB 90 89.20 -33.82 -71.05
N LEU GB 91 90.05 -34.75 -70.61
CA LEU GB 91 90.75 -34.62 -69.34
C LEU GB 91 92.26 -34.57 -69.52
N ASP GB 92 92.74 -34.35 -70.74
CA ASP GB 92 94.17 -34.25 -71.02
C ASP GB 92 94.57 -32.83 -71.36
N GLN GB 93 94.02 -31.87 -70.61
CA GLN GB 93 94.31 -30.46 -70.84
C GLN GB 93 95.80 -30.18 -70.66
N GLU GB 94 96.35 -29.34 -71.54
CA GLU GB 94 97.76 -29.01 -71.47
C GLU GB 94 98.09 -28.27 -70.17
N ILE GB 95 97.21 -27.35 -69.77
CA ILE GB 95 97.38 -26.61 -68.53
C ILE GB 95 96.10 -26.74 -67.72
N ILE GB 96 96.26 -26.81 -66.40
CA ILE GB 96 95.14 -26.85 -65.48
C ILE GB 96 95.21 -25.60 -64.62
N GLU GB 97 94.14 -24.81 -64.63
CA GLU GB 97 94.07 -23.60 -63.83
C GLU GB 97 93.84 -23.98 -62.38
N VAL GB 98 94.85 -23.77 -61.55
CA VAL GB 98 94.88 -24.34 -60.20
C VAL GB 98 94.87 -23.21 -59.18
N ASP GB 99 94.08 -23.37 -58.14
CA ASP GB 99 93.95 -22.49 -57.00
C ASP GB 99 95.19 -22.63 -56.13
N PRO GB 100 95.74 -21.53 -55.60
CA PRO GB 100 96.87 -21.65 -54.67
C PRO GB 100 96.61 -22.53 -53.45
N ASP GB 101 95.37 -22.55 -52.93
CA ASP GB 101 95.06 -23.45 -51.83
C ASP GB 101 95.17 -24.91 -52.27
N THR GB 102 94.65 -25.22 -53.46
CA THR GB 102 94.80 -26.56 -54.00
C THR GB 102 96.27 -26.89 -54.29
N LYS GB 103 97.05 -25.88 -54.66
CA LYS GB 103 98.48 -26.08 -54.84
C LYS GB 103 99.15 -26.47 -53.53
N GLU GB 104 98.76 -25.80 -52.44
CA GLU GB 104 99.26 -26.18 -51.12
C GLU GB 104 98.83 -27.59 -50.75
N MET GB 105 97.59 -27.96 -51.09
CA MET GB 105 97.12 -29.32 -50.83
C MET GB 105 97.97 -30.33 -51.58
N LEU GB 106 98.25 -30.05 -52.85
CA LEU GB 106 99.08 -30.96 -53.64
C LEU GB 106 100.49 -31.04 -53.09
N LYS GB 107 101.03 -29.92 -52.62
CA LYS GB 107 102.36 -29.92 -52.03
C LYS GB 107 102.41 -30.77 -50.78
N LEU GB 108 101.38 -30.69 -49.93
CA LEU GB 108 101.31 -31.55 -48.76
C LEU GB 108 101.13 -33.01 -49.17
N LEU GB 109 100.39 -33.25 -50.26
CA LEU GB 109 100.23 -34.61 -50.78
C LEU GB 109 101.51 -35.14 -51.41
N ASP GB 110 102.46 -34.25 -51.71
CA ASP GB 110 103.78 -34.35 -52.39
C ASP GB 110 103.66 -34.29 -53.91
N PHE GB 111 102.46 -34.11 -54.47
CA PHE GB 111 102.31 -33.93 -55.90
C PHE GB 111 102.38 -32.48 -56.33
N GLY GB 112 103.04 -31.62 -55.55
CA GLY GB 112 103.27 -30.27 -55.96
C GLY GB 112 104.36 -30.17 -57.00
N SER GB 113 104.51 -28.97 -57.55
CA SER GB 113 105.51 -28.66 -58.57
C SER GB 113 105.35 -29.57 -59.80
N LEU GB 114 104.18 -29.44 -60.44
CA LEU GB 114 103.90 -30.12 -61.70
C LEU GB 114 103.91 -29.12 -62.84
N SER GB 115 104.47 -29.54 -63.97
CA SER GB 115 104.64 -28.64 -65.11
C SER GB 115 103.33 -28.33 -65.82
N ASN GB 116 102.26 -29.08 -65.54
CA ASN GB 116 100.99 -28.92 -66.22
C ASN GB 116 100.00 -28.06 -65.43
N LEU GB 117 100.45 -27.42 -64.36
CA LEU GB 117 99.57 -26.62 -63.51
C LEU GB 117 99.96 -25.15 -63.61
N GLN GB 118 98.96 -24.30 -63.82
CA GLN GB 118 99.16 -22.85 -63.83
C GLN GB 118 98.37 -22.25 -62.68
N VAL GB 119 99.05 -21.55 -61.79
CA VAL GB 119 98.42 -21.03 -60.58
C VAL GB 119 97.59 -19.79 -60.94
N THR GB 120 96.31 -19.83 -60.61
CA THR GB 120 95.45 -18.67 -60.84
C THR GB 120 95.67 -17.62 -59.75
N GLN GB 121 95.33 -16.39 -60.08
CA GLN GB 121 95.27 -15.35 -59.07
C GLN GB 121 94.00 -15.51 -58.25
N PRO GB 122 94.09 -15.70 -56.93
CA PRO GB 122 92.88 -15.90 -56.14
C PRO GB 122 91.99 -14.66 -56.16
N THR GB 123 90.68 -14.89 -56.15
CA THR GB 123 89.76 -13.78 -56.17
C THR GB 123 89.78 -13.07 -54.82
N VAL GB 124 89.37 -11.80 -54.84
CA VAL GB 124 89.40 -10.94 -53.67
C VAL GB 124 88.02 -10.32 -53.51
N GLY GB 125 87.50 -10.33 -52.29
CA GLY GB 125 86.22 -9.73 -52.00
C GLY GB 125 85.32 -10.62 -51.17
N MET GB 126 85.43 -11.94 -51.38
CA MET GB 126 84.68 -12.94 -50.63
C MET GB 126 83.19 -12.66 -50.70
N ASN GB 127 82.72 -12.37 -51.91
CA ASN GB 127 81.35 -11.90 -52.13
C ASN GB 127 80.43 -12.99 -52.62
N PHE GB 128 80.61 -14.22 -52.16
CA PHE GB 128 79.68 -15.30 -52.46
C PHE GB 128 78.44 -15.13 -51.58
N LYS GB 129 77.58 -16.15 -51.56
CA LYS GB 129 76.30 -16.17 -50.85
C LYS GB 129 75.29 -15.24 -51.50
N THR GB 130 74.06 -15.69 -51.63
CA THR GB 130 73.00 -14.82 -52.12
C THR GB 130 72.53 -13.89 -51.01
N PRO GB 131 72.07 -12.69 -51.36
CA PRO GB 131 71.51 -11.80 -50.34
C PRO GB 131 70.32 -12.45 -49.64
N ARG GB 132 70.26 -12.26 -48.32
CA ARG GB 132 69.32 -13.00 -47.50
C ARG GB 132 67.93 -12.39 -47.57
N GLY GB 133 66.93 -13.26 -47.66
CA GLY GB 133 65.55 -12.84 -47.72
C GLY GB 133 65.20 -12.25 -49.07
N PRO GB 134 63.99 -11.71 -49.19
CA PRO GB 134 63.61 -10.99 -50.42
C PRO GB 134 64.33 -9.66 -50.54
N VAL GB 135 63.99 -8.90 -51.58
CA VAL GB 135 64.63 -7.62 -51.91
C VAL GB 135 66.12 -7.81 -52.12
N MET HB 1 -30.33 -9.68 -103.01
CA MET HB 1 -28.96 -10.15 -102.79
C MET HB 1 -28.00 -9.00 -102.47
N SER HB 2 -27.57 -8.94 -101.21
CA SER HB 2 -26.71 -7.87 -100.69
C SER HB 2 -27.34 -6.49 -100.88
N LEU HB 3 -28.66 -6.43 -100.92
CA LEU HB 3 -29.35 -5.15 -101.00
C LEU HB 3 -29.38 -4.49 -99.63
N VAL HB 4 -30.11 -3.39 -99.52
CA VAL HB 4 -30.34 -2.74 -98.25
C VAL HB 4 -31.25 -3.61 -97.41
N ILE HB 5 -31.38 -3.28 -96.12
CA ILE HB 5 -32.30 -4.01 -95.25
C ILE HB 5 -33.73 -3.83 -95.77
N PRO HB 6 -34.53 -4.88 -95.86
CA PRO HB 6 -35.91 -4.71 -96.36
C PRO HB 6 -36.78 -3.98 -95.36
N GLU HB 7 -37.87 -3.40 -95.88
CA GLU HB 7 -38.72 -2.56 -95.04
C GLU HB 7 -39.38 -3.35 -93.92
N LYS HB 8 -39.91 -4.53 -94.24
CA LYS HB 8 -40.56 -5.37 -93.23
C LYS HB 8 -39.60 -6.37 -92.61
N PHE HB 9 -38.45 -5.86 -92.17
CA PHE HB 9 -37.44 -6.68 -91.51
C PHE HB 9 -37.59 -6.48 -90.01
N GLN HB 10 -38.33 -7.38 -89.37
CA GLN HB 10 -38.43 -7.36 -87.92
C GLN HB 10 -37.16 -7.95 -87.32
N HIS HB 11 -36.59 -7.26 -86.33
CA HIS HB 11 -35.30 -7.68 -85.80
C HIS HB 11 -35.41 -8.94 -84.97
N ILE HB 12 -36.51 -9.12 -84.24
CA ILE HB 12 -36.80 -10.40 -83.60
C ILE HB 12 -38.23 -10.78 -83.93
N LEU HB 13 -38.49 -12.08 -83.95
CA LEU HB 13 -39.78 -12.63 -84.28
C LEU HB 13 -40.50 -13.07 -83.01
N ARG HB 14 -41.69 -13.63 -83.17
CA ARG HB 14 -42.42 -14.26 -82.07
C ARG HB 14 -42.91 -15.62 -82.58
N VAL HB 15 -42.19 -16.68 -82.21
CA VAL HB 15 -42.50 -18.02 -82.64
C VAL HB 15 -43.00 -18.80 -81.43
N LEU HB 16 -44.18 -19.41 -81.57
CA LEU HB 16 -44.84 -20.14 -80.50
C LEU HB 16 -45.06 -19.21 -79.30
N ASN HB 17 -44.14 -19.25 -78.34
CA ASN HB 17 -44.20 -18.34 -77.21
C ASN HB 17 -42.84 -17.71 -76.91
N THR HB 18 -41.84 -17.91 -77.75
CA THR HB 18 -40.51 -17.36 -77.54
C THR HB 18 -40.11 -16.51 -78.73
N ASN HB 19 -39.21 -15.56 -78.48
CA ASN HB 19 -38.69 -14.72 -79.53
C ASN HB 19 -37.38 -15.28 -80.08
N ILE HB 20 -37.18 -15.10 -81.38
CA ILE HB 20 -35.98 -15.55 -82.06
C ILE HB 20 -35.34 -14.37 -82.75
N ASP HB 21 -34.01 -14.33 -82.74
CA ASP HB 21 -33.28 -13.21 -83.32
C ASP HB 21 -33.32 -13.32 -84.84
N GLY HB 22 -33.87 -12.30 -85.48
CA GLY HB 22 -33.87 -12.27 -86.93
C GLY HB 22 -32.58 -11.81 -87.54
N ARG HB 23 -31.61 -11.41 -86.71
CA ARG HB 23 -30.33 -10.96 -87.23
C ARG HB 23 -29.49 -12.11 -87.74
N ARG HB 24 -29.68 -13.31 -87.20
CA ARG HB 24 -28.89 -14.47 -87.59
C ARG HB 24 -29.57 -15.21 -88.74
N LYS HB 25 -28.90 -16.25 -89.22
CA LYS HB 25 -29.44 -17.07 -90.30
C LYS HB 25 -30.67 -17.82 -89.83
N ILE HB 26 -31.54 -18.16 -90.78
CA ILE HB 26 -32.79 -18.86 -90.43
C ILE HB 26 -32.49 -20.25 -89.91
N ALA HB 27 -31.47 -20.92 -90.45
CA ALA HB 27 -31.16 -22.28 -90.03
C ALA HB 27 -30.72 -22.36 -88.57
N PHE HB 28 -30.27 -21.25 -87.99
CA PHE HB 28 -29.82 -21.25 -86.61
C PHE HB 28 -30.63 -20.34 -85.71
N ALA HB 29 -31.54 -19.53 -86.26
CA ALA HB 29 -32.34 -18.64 -85.44
C ALA HB 29 -33.41 -19.39 -84.69
N ILE HB 30 -34.06 -20.35 -85.34
CA ILE HB 30 -35.16 -21.08 -84.73
C ILE HB 30 -34.60 -22.15 -83.80
N THR HB 31 -33.28 -22.32 -83.79
CA THR HB 31 -32.67 -23.18 -82.81
C THR HB 31 -32.81 -22.63 -81.40
N ALA HB 32 -33.10 -21.34 -81.26
CA ALA HB 32 -33.38 -20.74 -79.95
C ALA HB 32 -34.67 -21.25 -79.35
N ILE HB 33 -35.51 -21.93 -80.14
CA ILE HB 33 -36.73 -22.54 -79.63
C ILE HB 33 -36.37 -23.87 -78.98
N LYS HB 34 -36.79 -24.06 -77.73
CA LYS HB 34 -36.47 -25.30 -77.03
C LYS HB 34 -37.13 -26.48 -77.72
N GLY HB 35 -36.38 -27.57 -77.86
CA GLY HB 35 -36.81 -28.69 -78.65
C GLY HB 35 -36.41 -28.65 -80.10
N VAL HB 36 -35.68 -27.62 -80.52
CA VAL HB 36 -35.22 -27.48 -81.90
C VAL HB 36 -33.72 -27.26 -81.87
N GLY HB 37 -33.00 -28.02 -82.69
CA GLY HB 37 -31.57 -27.88 -82.80
C GLY HB 37 -31.13 -27.68 -84.23
N ARG HB 38 -29.83 -27.83 -84.48
CA ARG HB 38 -29.30 -27.59 -85.82
C ARG HB 38 -29.90 -28.58 -86.84
N ARG HB 39 -29.92 -29.87 -86.48
CA ARG HB 39 -30.42 -30.88 -87.40
C ARG HB 39 -31.91 -30.71 -87.68
N TYR HB 40 -32.70 -30.51 -86.61
CA TYR HB 40 -34.14 -30.35 -86.79
C TYR HB 40 -34.46 -29.09 -87.57
N ALA HB 41 -33.78 -27.99 -87.26
CA ALA HB 41 -34.01 -26.76 -88.02
C ALA HB 41 -33.66 -26.94 -89.48
N HIS HB 42 -32.53 -27.58 -89.77
CA HIS HB 42 -32.12 -27.77 -91.15
C HIS HB 42 -33.13 -28.63 -91.91
N VAL HB 43 -33.61 -29.72 -91.29
CA VAL HB 43 -34.50 -30.60 -92.03
C VAL HB 43 -35.87 -29.94 -92.24
N VAL HB 44 -36.35 -29.18 -91.25
CA VAL HB 44 -37.65 -28.54 -91.46
C VAL HB 44 -37.55 -27.43 -92.48
N LEU HB 45 -36.42 -26.71 -92.54
CA LEU HB 45 -36.27 -25.72 -93.60
C LEU HB 45 -36.16 -26.40 -94.97
N ARG HB 46 -35.44 -27.53 -95.04
CA ARG HB 46 -35.31 -28.24 -96.31
C ARG HB 46 -36.67 -28.71 -96.82
N LYS HB 47 -37.51 -29.22 -95.93
CA LYS HB 47 -38.84 -29.67 -96.34
C LYS HB 47 -39.86 -28.54 -96.39
N ALA HB 48 -39.52 -27.36 -95.90
CA ALA HB 48 -40.33 -26.17 -96.13
C ALA HB 48 -39.97 -25.46 -97.42
N ASP HB 49 -38.84 -25.83 -98.04
CA ASP HB 49 -38.39 -25.25 -99.30
C ASP HB 49 -38.21 -23.74 -99.14
N ILE HB 50 -37.26 -23.38 -98.28
CA ILE HB 50 -36.90 -22.00 -98.01
C ILE HB 50 -35.39 -21.89 -98.17
N ASP HB 51 -34.95 -20.82 -98.84
CA ASP HB 51 -33.52 -20.61 -99.04
C ASP HB 51 -32.83 -20.49 -97.68
N LEU HB 52 -31.81 -21.31 -97.47
CA LEU HB 52 -31.10 -21.33 -96.19
C LEU HB 52 -30.13 -20.17 -96.05
N THR HB 53 -29.82 -19.46 -97.13
CA THR HB 53 -28.82 -18.41 -97.11
C THR HB 53 -29.40 -17.03 -96.82
N LYS HB 54 -30.54 -16.97 -96.13
CA LYS HB 54 -31.18 -15.70 -95.80
C LYS HB 54 -31.53 -15.67 -94.32
N ARG HB 55 -31.54 -14.47 -93.76
CA ARG HB 55 -31.76 -14.30 -92.34
C ARG HB 55 -33.23 -14.52 -92.00
N ALA HB 56 -33.48 -14.78 -90.71
CA ALA HB 56 -34.84 -15.05 -90.26
C ALA HB 56 -35.69 -13.79 -90.28
N GLY HB 57 -35.08 -12.62 -90.15
CA GLY HB 57 -35.85 -11.38 -90.13
C GLY HB 57 -36.43 -11.00 -91.47
N GLU HB 58 -35.85 -11.48 -92.57
CA GLU HB 58 -36.32 -11.15 -93.90
C GLU HB 58 -37.30 -12.16 -94.46
N LEU HB 59 -37.69 -13.15 -93.66
CA LEU HB 59 -38.76 -14.05 -94.09
C LEU HB 59 -40.11 -13.35 -94.01
N THR HB 60 -41.08 -13.89 -94.74
CA THR HB 60 -42.41 -13.34 -94.79
C THR HB 60 -43.37 -14.19 -93.97
N GLU HB 61 -44.61 -13.71 -93.86
CA GLU HB 61 -45.59 -14.35 -92.98
C GLU HB 61 -45.95 -15.76 -93.47
N ASP HB 62 -46.09 -15.93 -94.78
CA ASP HB 62 -46.42 -17.26 -95.30
C ASP HB 62 -45.30 -18.25 -95.03
N GLU HB 63 -44.05 -17.85 -95.26
CA GLU HB 63 -42.93 -18.74 -94.99
C GLU HB 63 -42.84 -19.08 -93.51
N VAL HB 64 -43.01 -18.08 -92.63
CA VAL HB 64 -42.85 -18.36 -91.21
C VAL HB 64 -43.99 -19.25 -90.71
N GLU HB 65 -45.20 -19.08 -91.24
CA GLU HB 65 -46.28 -19.96 -90.80
C GLU HB 65 -46.12 -21.36 -91.37
N ARG HB 66 -45.51 -21.49 -92.55
CA ARG HB 66 -45.16 -22.82 -93.05
C ARG HB 66 -44.17 -23.50 -92.11
N VAL HB 67 -43.17 -22.75 -91.64
CA VAL HB 67 -42.24 -23.30 -90.66
C VAL HB 67 -42.98 -23.70 -89.39
N ILE HB 68 -43.90 -22.86 -88.92
CA ILE HB 68 -44.67 -23.19 -87.73
C ILE HB 68 -45.42 -24.49 -87.91
N THR HB 69 -46.10 -24.63 -89.04
CA THR HB 69 -46.92 -25.82 -89.28
C THR HB 69 -46.06 -27.07 -89.34
N ILE HB 70 -44.92 -27.00 -90.04
CA ILE HB 70 -44.07 -28.17 -90.17
C ILE HB 70 -43.44 -28.54 -88.83
N MET HB 71 -43.04 -27.55 -88.04
CA MET HB 71 -42.50 -27.81 -86.71
C MET HB 71 -43.54 -28.46 -85.82
N GLN HB 72 -44.77 -27.95 -85.82
CA GLN HB 72 -45.81 -28.50 -84.96
C GLN HB 72 -46.19 -29.91 -85.38
N ASN HB 73 -46.29 -30.16 -86.69
CA ASN HB 73 -46.75 -31.46 -87.21
C ASN HB 73 -45.71 -31.99 -88.17
N PRO HB 74 -44.71 -32.71 -87.69
CA PRO HB 74 -43.65 -33.20 -88.58
C PRO HB 74 -44.02 -34.50 -89.28
N ARG HB 75 -44.91 -35.28 -88.69
CA ARG HB 75 -45.20 -36.62 -89.20
C ARG HB 75 -45.78 -36.58 -90.61
N GLN HB 76 -46.69 -35.64 -90.87
CA GLN HB 76 -47.36 -35.58 -92.16
C GLN HB 76 -46.53 -34.88 -93.24
N TYR HB 77 -45.36 -34.37 -92.91
CA TYR HB 77 -44.47 -33.75 -93.89
C TYR HB 77 -43.19 -34.56 -94.09
N LYS HB 78 -43.29 -35.87 -93.97
CA LYS HB 78 -42.23 -36.83 -94.31
C LYS HB 78 -40.99 -36.67 -93.43
N ILE HB 79 -41.12 -36.07 -92.25
CA ILE HB 79 -40.06 -36.12 -91.25
C ILE HB 79 -40.00 -37.56 -90.77
N PRO HB 80 -38.85 -38.23 -90.82
CA PRO HB 80 -38.81 -39.65 -90.47
C PRO HB 80 -39.00 -39.86 -88.99
N ASP HB 81 -39.45 -41.08 -88.66
CA ASP HB 81 -39.95 -41.38 -87.33
C ASP HB 81 -38.86 -41.23 -86.27
N TRP HB 82 -37.65 -41.69 -86.59
CA TRP HB 82 -36.50 -41.75 -85.69
C TRP HB 82 -35.89 -40.43 -85.40
N PHE HB 83 -36.50 -39.33 -85.82
CA PHE HB 83 -35.87 -38.03 -85.73
C PHE HB 83 -36.46 -37.19 -84.61
N LEU HB 84 -37.53 -37.67 -83.97
CA LEU HB 84 -38.33 -36.90 -83.03
C LEU HB 84 -37.83 -37.07 -81.59
N ASN HB 85 -38.22 -36.14 -80.73
CA ASN HB 85 -37.77 -36.18 -79.34
C ASN HB 85 -38.63 -37.11 -78.50
N ARG HB 86 -39.91 -36.80 -78.34
CA ARG HB 86 -40.80 -37.63 -77.53
C ARG HB 86 -41.34 -38.72 -78.45
N GLN HB 87 -40.49 -39.71 -78.69
CA GLN HB 87 -40.88 -40.90 -79.42
C GLN HB 87 -41.37 -41.93 -78.42
N LYS HB 88 -42.53 -42.53 -78.72
CA LYS HB 88 -43.09 -43.62 -77.92
C LYS HB 88 -43.32 -43.16 -76.48
N ASP HB 89 -44.22 -42.19 -76.35
CA ASP HB 89 -44.42 -41.49 -75.09
C ASP HB 89 -44.85 -42.46 -74.00
N VAL HB 90 -44.38 -42.20 -72.78
CA VAL HB 90 -44.70 -43.06 -71.64
C VAL HB 90 -46.17 -42.96 -71.25
N LYS HB 91 -46.86 -41.90 -71.65
CA LYS HB 91 -48.27 -41.74 -71.31
C LYS HB 91 -49.21 -42.36 -72.34
N ASP HB 92 -49.09 -41.97 -73.61
CA ASP HB 92 -49.99 -42.43 -74.64
C ASP HB 92 -49.32 -43.18 -75.78
N GLY HB 93 -47.99 -43.25 -75.79
CA GLY HB 93 -47.30 -44.00 -76.83
C GLY HB 93 -47.48 -43.47 -78.23
N LYS HB 94 -47.48 -42.15 -78.39
CA LYS HB 94 -47.64 -41.52 -79.69
C LYS HB 94 -46.40 -40.70 -80.01
N TYR HB 95 -45.97 -40.78 -81.27
CA TYR HB 95 -44.70 -40.23 -81.72
C TYR HB 95 -44.89 -38.75 -81.99
N SER HB 96 -44.22 -37.90 -81.23
CA SER HB 96 -44.46 -36.47 -81.34
C SER HB 96 -43.20 -35.68 -81.01
N GLN HB 97 -42.90 -34.71 -81.86
CA GLN HB 97 -41.90 -33.70 -81.54
C GLN HB 97 -42.53 -32.64 -80.65
N VAL HB 98 -41.79 -32.21 -79.63
CA VAL HB 98 -42.28 -31.24 -78.67
C VAL HB 98 -41.44 -29.98 -78.81
N LEU HB 99 -42.11 -28.82 -78.82
CA LEU HB 99 -41.54 -27.62 -79.42
C LEU HB 99 -41.38 -26.43 -78.50
N ALA HB 100 -41.90 -26.47 -77.28
CA ALA HB 100 -42.03 -25.24 -76.50
C ALA HB 100 -41.94 -25.61 -75.03
N ASN HB 101 -42.46 -24.74 -74.16
CA ASN HB 101 -42.62 -25.05 -72.74
C ASN HB 101 -43.44 -26.32 -72.50
N GLY HB 102 -44.08 -26.86 -73.54
CA GLY HB 102 -44.55 -28.23 -73.47
C GLY HB 102 -43.43 -29.19 -73.16
N LEU HB 103 -42.23 -28.92 -73.67
CA LEU HB 103 -41.07 -29.73 -73.33
C LEU HB 103 -40.73 -29.60 -71.85
N ASP HB 104 -40.82 -28.38 -71.31
CA ASP HB 104 -40.52 -28.17 -69.91
C ASP HB 104 -41.52 -28.91 -69.02
N ASN HB 105 -42.80 -28.77 -69.30
CA ASN HB 105 -43.79 -29.45 -68.47
C ASN HB 105 -43.80 -30.96 -68.71
N LYS HB 106 -43.37 -31.43 -69.89
CA LYS HB 106 -43.23 -32.86 -70.10
C LYS HB 106 -42.08 -33.43 -69.30
N LEU HB 107 -40.95 -32.71 -69.26
CA LEU HB 107 -39.86 -33.09 -68.38
C LEU HB 107 -40.31 -33.09 -66.92
N ARG HB 108 -41.07 -32.07 -66.54
CA ARG HB 108 -41.57 -31.98 -65.17
C ARG HB 108 -42.46 -33.18 -64.83
N GLU HB 109 -43.37 -33.54 -65.73
CA GLU HB 109 -44.28 -34.63 -65.43
C GLU HB 109 -43.56 -35.97 -65.43
N ASP HB 110 -42.55 -36.14 -66.30
CA ASP HB 110 -41.79 -37.40 -66.26
C ASP HB 110 -40.98 -37.52 -64.98
N LEU HB 111 -40.37 -36.42 -64.53
CA LEU HB 111 -39.62 -36.46 -63.28
C LEU HB 111 -40.53 -36.73 -62.09
N GLU HB 112 -41.71 -36.09 -62.06
CA GLU HB 112 -42.61 -36.35 -60.94
C GLU HB 112 -43.22 -37.74 -61.02
N ARG HB 113 -43.34 -38.30 -62.22
CA ARG HB 113 -43.76 -39.70 -62.36
C ARG HB 113 -42.73 -40.63 -61.74
N LEU HB 114 -41.45 -40.38 -62.04
CA LEU HB 114 -40.39 -41.19 -61.45
C LEU HB 114 -40.37 -41.03 -59.93
N LYS HB 115 -40.55 -39.82 -59.44
CA LYS HB 115 -40.60 -39.60 -57.99
C LYS HB 115 -41.79 -40.32 -57.38
N LYS HB 116 -42.95 -40.29 -58.05
CA LYS HB 116 -44.14 -40.94 -57.52
C LYS HB 116 -43.95 -42.44 -57.43
N ILE HB 117 -43.37 -43.05 -58.46
CA ILE HB 117 -43.11 -44.50 -58.38
C ILE HB 117 -41.91 -44.80 -57.52
N ARG HB 118 -41.17 -43.77 -57.07
CA ARG HB 118 -40.07 -43.93 -56.12
C ARG HB 118 -38.94 -44.77 -56.71
N ALA HB 119 -38.70 -44.60 -58.00
CA ALA HB 119 -37.56 -45.26 -58.63
C ALA HB 119 -36.27 -44.63 -58.15
N HIS HB 120 -35.16 -45.36 -58.35
CA HIS HB 120 -33.87 -44.84 -57.94
C HIS HB 120 -33.50 -43.58 -58.71
N ARG HB 121 -33.78 -43.55 -60.01
CA ARG HB 121 -33.50 -42.36 -60.80
C ARG HB 121 -34.32 -41.17 -60.32
N GLY HB 122 -35.60 -41.40 -59.99
CA GLY HB 122 -36.42 -40.33 -59.46
C GLY HB 122 -35.95 -39.83 -58.12
N LEU HB 123 -35.49 -40.75 -57.26
CA LEU HB 123 -34.95 -40.34 -55.96
C LEU HB 123 -33.68 -39.52 -56.13
N ARG HB 124 -32.82 -39.92 -57.08
CA ARG HB 124 -31.61 -39.14 -57.35
C ARG HB 124 -31.97 -37.75 -57.89
N HIS HB 125 -32.99 -37.67 -58.75
CA HIS HB 125 -33.45 -36.39 -59.23
C HIS HB 125 -33.97 -35.51 -58.08
N PHE HB 126 -34.70 -36.12 -57.15
CA PHE HB 126 -35.20 -35.39 -55.99
C PHE HB 126 -34.05 -34.87 -55.13
N TRP HB 127 -33.04 -35.71 -54.91
CA TRP HB 127 -31.90 -35.32 -54.09
C TRP HB 127 -30.92 -34.41 -54.81
N GLY HB 128 -31.08 -34.23 -56.13
CA GLY HB 128 -30.17 -33.36 -56.86
C GLY HB 128 -28.84 -33.99 -57.20
N LEU HB 129 -28.74 -35.31 -57.13
CA LEU HB 129 -27.51 -36.01 -57.45
C LEU HB 129 -27.54 -36.48 -58.91
N ARG HB 130 -26.40 -37.00 -59.36
CA ARG HB 130 -26.30 -37.53 -60.72
C ARG HB 130 -27.18 -38.77 -60.86
N VAL HB 131 -27.79 -38.91 -62.03
CA VAL HB 131 -28.71 -40.01 -62.29
C VAL HB 131 -28.18 -41.01 -63.31
N ARG HB 132 -27.07 -40.70 -63.98
CA ARG HB 132 -26.53 -41.58 -65.01
C ARG HB 132 -25.36 -42.43 -64.51
N GLY HB 133 -25.23 -42.59 -63.20
CA GLY HB 133 -24.23 -43.46 -62.64
C GLY HB 133 -22.84 -42.87 -62.54
N GLN HB 134 -22.69 -41.55 -62.68
CA GLN HB 134 -21.39 -40.94 -62.60
C GLN HB 134 -20.86 -40.98 -61.15
N HIS HB 135 -19.54 -40.85 -61.03
CA HIS HB 135 -18.91 -40.78 -59.73
C HIS HB 135 -19.15 -39.40 -59.12
N THR HB 136 -19.79 -39.37 -57.96
CA THR HB 136 -20.08 -38.12 -57.29
C THR HB 136 -19.03 -37.77 -56.23
N LYS HB 137 -17.96 -38.55 -56.14
CA LYS HB 137 -16.96 -38.33 -55.10
C LYS HB 137 -16.15 -37.06 -55.36
N THR HB 138 -15.71 -36.86 -56.60
CA THR HB 138 -14.72 -35.84 -56.89
C THR HB 138 -15.22 -34.70 -57.77
N THR HB 139 -16.34 -34.87 -58.46
CA THR HB 139 -16.85 -33.86 -59.37
C THR HB 139 -18.24 -33.40 -58.94
N GLY HB 140 -18.75 -32.40 -59.65
CA GLY HB 140 -20.05 -31.84 -59.31
C GLY HB 140 -20.05 -30.99 -58.07
N ARG HB 141 -18.88 -30.48 -57.66
CA ARG HB 141 -18.80 -29.72 -56.42
C ARG HB 141 -19.38 -28.33 -56.55
N ARG HB 142 -19.35 -27.74 -57.75
CA ARG HB 142 -19.82 -26.37 -57.93
C ARG HB 142 -21.32 -26.28 -57.71
N GLY HB 143 -22.08 -27.28 -58.17
CA GLY HB 143 -23.53 -27.26 -58.02
C GLY HB 143 -24.00 -27.31 -56.58
N ARG HB 144 -23.12 -27.69 -55.65
CA ARG HB 144 -23.46 -27.76 -54.23
C ARG HB 144 -22.81 -26.64 -53.43
N THR HB 145 -21.55 -26.33 -53.70
CA THR HB 145 -20.86 -25.22 -53.05
C THR HB 145 -20.10 -24.40 -54.08
N PRO IB 1 -3.05 -34.60 -128.41
CA PRO IB 1 -3.12 -34.26 -126.99
C PRO IB 1 -4.33 -34.86 -126.29
N GLY IB 2 -4.30 -36.16 -126.04
CA GLY IB 2 -5.35 -36.77 -125.24
C GLY IB 2 -5.25 -36.36 -123.78
N VAL IB 3 -6.39 -36.35 -123.10
CA VAL IB 3 -6.46 -35.94 -121.71
C VAL IB 3 -7.15 -37.03 -120.91
N THR IB 4 -6.51 -37.47 -119.84
CA THR IB 4 -7.09 -38.38 -118.87
C THR IB 4 -7.40 -37.62 -117.59
N VAL IB 5 -8.03 -38.32 -116.64
CA VAL IB 5 -8.46 -37.64 -115.42
C VAL IB 5 -7.28 -37.36 -114.50
N LYS IB 6 -6.15 -38.05 -114.71
CA LYS IB 6 -4.98 -37.86 -113.86
C LYS IB 6 -4.18 -36.63 -114.24
N ASP IB 7 -4.49 -36.00 -115.38
CA ASP IB 7 -3.82 -34.80 -115.83
C ASP IB 7 -4.60 -33.53 -115.50
N VAL IB 8 -5.72 -33.65 -114.80
CA VAL IB 8 -6.52 -32.49 -114.40
C VAL IB 8 -6.67 -32.50 -112.89
N ASN IB 9 -6.80 -31.30 -112.32
CA ASN IB 9 -7.05 -31.19 -110.89
C ASN IB 9 -8.36 -31.88 -110.53
N GLN IB 10 -8.30 -32.79 -109.56
CA GLN IB 10 -9.45 -33.61 -109.25
C GLN IB 10 -10.59 -32.82 -108.63
N GLN IB 11 -10.33 -31.65 -108.08
CA GLN IB 11 -11.38 -30.91 -107.38
C GLN IB 11 -12.39 -30.30 -108.35
N GLU IB 12 -11.94 -29.44 -109.25
CA GLU IB 12 -12.89 -28.93 -110.23
C GLU IB 12 -13.29 -30.01 -111.22
N PHE IB 13 -12.50 -31.08 -111.36
CA PHE IB 13 -12.93 -32.20 -112.17
C PHE IB 13 -14.16 -32.87 -111.58
N VAL IB 14 -14.12 -33.17 -110.29
CA VAL IB 14 -15.27 -33.82 -109.67
C VAL IB 14 -16.44 -32.85 -109.60
N ARG IB 15 -16.16 -31.55 -109.48
CA ARG IB 15 -17.24 -30.56 -109.55
C ARG IB 15 -17.92 -30.58 -110.92
N ALA IB 16 -17.13 -30.63 -111.99
CA ALA IB 16 -17.70 -30.68 -113.33
C ALA IB 16 -18.45 -31.98 -113.58
N LEU IB 17 -17.92 -33.10 -113.07
CA LEU IB 17 -18.62 -34.37 -113.20
C LEU IB 17 -19.95 -34.34 -112.46
N ALA IB 18 -19.98 -33.75 -111.27
CA ALA IB 18 -21.23 -33.60 -110.55
C ALA IB 18 -22.21 -32.72 -111.29
N ALA IB 19 -21.72 -31.63 -111.90
CA ALA IB 19 -22.60 -30.75 -112.67
C ALA IB 19 -23.19 -31.47 -113.88
N PHE IB 20 -22.36 -32.24 -114.58
CA PHE IB 20 -22.86 -33.02 -115.71
C PHE IB 20 -23.88 -34.05 -115.26
N LEU IB 21 -23.61 -34.73 -114.15
CA LEU IB 21 -24.52 -35.74 -113.64
C LEU IB 21 -25.84 -35.11 -113.20
N LYS IB 22 -25.79 -33.87 -112.71
CA LYS IB 22 -27.00 -33.13 -112.37
C LYS IB 22 -27.79 -32.77 -113.61
N LYS IB 23 -27.13 -32.22 -114.63
CA LYS IB 23 -27.86 -31.72 -115.79
C LYS IB 23 -28.44 -32.86 -116.61
N SER IB 24 -27.71 -33.98 -116.70
CA SER IB 24 -28.23 -35.18 -117.37
C SER IB 24 -28.80 -36.14 -116.33
N GLY IB 25 -29.83 -35.68 -115.63
CA GLY IB 25 -30.30 -36.39 -114.45
C GLY IB 25 -31.09 -37.64 -114.73
N LYS IB 26 -30.46 -38.80 -114.51
CA LYS IB 26 -31.11 -40.10 -114.62
C LYS IB 26 -30.83 -40.96 -113.40
N LEU IB 27 -30.43 -40.35 -112.29
CA LEU IB 27 -30.00 -41.08 -111.11
C LEU IB 27 -31.20 -41.66 -110.36
N LYS IB 28 -30.93 -42.69 -109.57
CA LYS IB 28 -31.89 -43.21 -108.59
C LYS IB 28 -31.56 -42.55 -107.26
N VAL IB 29 -32.09 -41.35 -107.08
CA VAL IB 29 -31.86 -40.57 -105.86
C VAL IB 29 -32.83 -41.06 -104.79
N PRO IB 30 -32.33 -41.48 -103.63
CA PRO IB 30 -33.22 -42.00 -102.58
C PRO IB 30 -34.04 -40.88 -101.94
N GLU IB 31 -35.05 -41.30 -101.20
CA GLU IB 31 -36.01 -40.37 -100.60
C GLU IB 31 -35.51 -39.73 -99.31
N TRP IB 32 -34.37 -40.17 -98.79
CA TRP IB 32 -33.86 -39.66 -97.52
C TRP IB 32 -32.65 -38.75 -97.69
N VAL IB 33 -32.48 -38.15 -98.87
CA VAL IB 33 -31.31 -37.31 -99.09
C VAL IB 33 -31.41 -35.98 -98.35
N ASP IB 34 -32.60 -35.60 -97.89
CA ASP IB 34 -32.77 -34.33 -97.22
C ASP IB 34 -32.68 -34.43 -95.70
N THR IB 35 -32.49 -35.63 -95.16
CA THR IB 35 -32.51 -35.81 -93.72
C THR IB 35 -31.23 -36.40 -93.15
N VAL IB 36 -30.67 -37.41 -93.80
CA VAL IB 36 -29.61 -38.20 -93.19
C VAL IB 36 -28.30 -37.41 -93.16
N LYS IB 37 -27.46 -37.74 -92.17
CA LYS IB 37 -26.08 -37.29 -92.17
C LYS IB 37 -25.24 -38.24 -93.02
N LEU IB 38 -24.22 -37.68 -93.66
CA LEU IB 38 -23.39 -38.49 -94.54
C LEU IB 38 -22.49 -39.47 -93.79
N ALA IB 39 -22.35 -39.31 -92.48
CA ALA IB 39 -21.52 -40.23 -91.71
C ALA IB 39 -21.93 -40.17 -90.25
N LYS IB 40 -21.52 -41.19 -89.50
CA LYS IB 40 -21.81 -41.24 -88.08
C LYS IB 40 -21.12 -40.09 -87.34
N HIS IB 41 -19.90 -39.76 -87.74
CA HIS IB 41 -19.12 -38.75 -87.03
C HIS IB 41 -19.54 -37.32 -87.37
N LYS IB 42 -20.29 -37.12 -88.44
CA LYS IB 42 -20.76 -35.78 -88.76
C LYS IB 42 -21.84 -35.34 -87.77
N GLU IB 43 -22.02 -34.04 -87.64
CA GLU IB 43 -23.01 -33.48 -86.75
C GLU IB 43 -24.04 -32.59 -87.43
N LEU IB 44 -23.85 -32.27 -88.71
CA LEU IB 44 -24.86 -31.63 -89.53
C LEU IB 44 -24.96 -32.34 -90.87
N ALA IB 45 -26.14 -32.23 -91.48
CA ALA IB 45 -26.31 -32.68 -92.84
C ALA IB 45 -25.48 -31.80 -93.78
N PRO IB 46 -25.08 -32.32 -94.94
CA PRO IB 46 -24.26 -31.52 -95.87
C PRO IB 46 -24.98 -30.24 -96.30
N TYR IB 47 -24.20 -29.18 -96.44
CA TYR IB 47 -24.77 -27.87 -96.76
C TYR IB 47 -25.39 -27.87 -98.15
N ASP IB 48 -24.72 -28.49 -99.11
CA ASP IB 48 -25.20 -28.46 -100.49
C ASP IB 48 -26.43 -29.35 -100.65
N GLU IB 49 -27.33 -28.93 -101.53
CA GLU IB 49 -28.58 -29.66 -101.73
C GLU IB 49 -28.37 -30.96 -102.48
N ASN IB 50 -27.83 -30.86 -103.70
CA ASN IB 50 -27.58 -32.06 -104.50
C ASN IB 50 -26.19 -32.64 -104.24
N TRP IB 51 -25.93 -32.90 -102.95
CA TRP IB 51 -24.68 -33.54 -102.55
C TRP IB 51 -24.58 -34.97 -103.05
N PHE IB 52 -25.70 -35.62 -103.35
CA PHE IB 52 -25.67 -36.99 -103.82
C PHE IB 52 -24.92 -37.09 -105.14
N TYR IB 53 -25.11 -36.11 -106.02
CA TYR IB 53 -24.42 -36.13 -107.30
C TYR IB 53 -22.92 -35.93 -107.14
N THR IB 54 -22.52 -35.03 -106.23
CA THR IB 54 -21.10 -34.84 -105.96
C THR IB 54 -20.48 -36.11 -105.38
N ARG IB 55 -21.18 -36.76 -104.45
CA ARG IB 55 -20.67 -37.97 -103.86
C ARG IB 55 -20.56 -39.09 -104.89
N ALA IB 56 -21.55 -39.21 -105.77
CA ALA IB 56 -21.48 -40.22 -106.83
C ALA IB 56 -20.34 -39.93 -107.78
N ALA IB 57 -20.11 -38.65 -108.09
CA ALA IB 57 -18.96 -38.29 -108.92
C ALA IB 57 -17.65 -38.67 -108.27
N SER IB 58 -17.53 -38.42 -106.96
CA SER IB 58 -16.31 -38.78 -106.25
C SER IB 58 -16.11 -40.28 -106.21
N THR IB 59 -17.19 -41.05 -106.02
CA THR IB 59 -17.07 -42.50 -106.02
C THR IB 59 -16.65 -43.02 -107.39
N ALA IB 60 -17.19 -42.43 -108.46
CA ALA IB 60 -16.77 -42.82 -109.80
C ALA IB 60 -15.29 -42.52 -110.03
N ARG IB 61 -14.84 -41.35 -109.55
CA ARG IB 61 -13.44 -41.00 -109.68
C ARG IB 61 -12.54 -41.96 -108.91
N HIS IB 62 -12.95 -42.32 -107.69
CA HIS IB 62 -12.18 -43.28 -106.90
C HIS IB 62 -12.16 -44.65 -107.56
N LEU IB 63 -13.29 -45.08 -108.13
CA LEU IB 63 -13.32 -46.36 -108.82
C LEU IB 63 -12.44 -46.35 -110.05
N TYR IB 64 -12.33 -45.21 -110.72
CA TYR IB 64 -11.37 -45.10 -111.81
C TYR IB 64 -9.94 -45.24 -111.29
N LEU IB 65 -9.64 -44.58 -110.17
CA LEU IB 65 -8.29 -44.62 -109.63
C LEU IB 65 -7.89 -46.04 -109.22
N ARG IB 66 -8.80 -46.75 -108.55
CA ARG IB 66 -8.57 -48.15 -108.24
C ARG IB 66 -9.91 -48.88 -108.18
N GLY IB 67 -9.96 -50.04 -108.82
CA GLY IB 67 -11.19 -50.80 -108.91
C GLY IB 67 -11.36 -51.81 -107.79
N GLY IB 68 -12.49 -52.48 -107.81
CA GLY IB 68 -12.77 -53.51 -106.83
C GLY IB 68 -13.13 -53.01 -105.46
N ALA IB 69 -13.43 -51.73 -105.31
CA ALA IB 69 -13.75 -51.17 -104.00
C ALA IB 69 -15.23 -51.43 -103.68
N GLY IB 70 -15.47 -52.07 -102.54
CA GLY IB 70 -16.82 -52.33 -102.09
C GLY IB 70 -17.34 -51.23 -101.18
N VAL IB 71 -18.50 -51.49 -100.58
CA VAL IB 71 -19.15 -50.49 -99.74
C VAL IB 71 -18.29 -50.15 -98.54
N GLY IB 72 -17.74 -51.16 -97.87
CA GLY IB 72 -16.87 -50.91 -96.74
C GLY IB 72 -15.63 -50.14 -97.12
N SER IB 73 -15.06 -50.44 -98.29
CA SER IB 73 -13.94 -49.66 -98.77
C SER IB 73 -14.33 -48.19 -98.97
N MET IB 74 -15.49 -47.94 -99.58
CA MET IB 74 -15.89 -46.56 -99.82
C MET IB 74 -16.13 -45.83 -98.50
N THR IB 75 -16.68 -46.52 -97.50
CA THR IB 75 -16.75 -45.92 -96.17
C THR IB 75 -15.36 -45.66 -95.60
N LYS IB 76 -14.38 -46.48 -95.96
CA LYS IB 76 -13.01 -46.21 -95.52
C LYS IB 76 -12.46 -44.92 -96.15
N ILE IB 77 -12.75 -44.69 -97.43
CA ILE IB 77 -12.37 -43.39 -98.02
C ILE IB 77 -13.11 -42.25 -97.32
N TYR IB 78 -14.43 -42.36 -97.19
CA TYR IB 78 -15.23 -41.26 -96.67
C TYR IB 78 -15.34 -41.25 -95.16
N GLY IB 79 -14.45 -41.96 -94.47
CA GLY IB 79 -14.35 -41.84 -93.03
C GLY IB 79 -13.69 -40.53 -92.64
N GLY IB 80 -13.83 -40.19 -91.37
CA GLY IB 80 -13.35 -38.91 -90.90
C GLY IB 80 -13.06 -38.93 -89.41
N ARG IB 81 -12.88 -37.73 -88.87
CA ARG IB 81 -12.47 -37.55 -87.49
C ARG IB 81 -13.70 -37.35 -86.62
N GLN IB 82 -13.96 -38.30 -85.72
CA GLN IB 82 -15.05 -38.18 -84.76
C GLN IB 82 -14.52 -37.55 -83.48
N ARG IB 83 -15.06 -36.40 -83.10
CA ARG IB 83 -14.52 -35.64 -81.99
C ARG IB 83 -14.87 -36.23 -80.62
N ASN IB 84 -15.96 -36.99 -80.52
CA ASN IB 84 -16.33 -37.73 -79.32
C ASN IB 84 -16.56 -36.83 -78.11
N GLY IB 85 -16.76 -35.53 -78.33
CA GLY IB 85 -17.06 -34.64 -77.22
C GLY IB 85 -15.88 -34.49 -76.28
N VAL IB 86 -16.12 -34.77 -75.00
CA VAL IB 86 -15.10 -34.57 -73.98
C VAL IB 86 -14.00 -35.62 -74.07
N MET IB 87 -14.29 -36.79 -74.63
CA MET IB 87 -13.30 -37.84 -74.81
C MET IB 87 -12.41 -37.52 -76.00
N PRO IB 88 -11.22 -38.11 -76.05
CA PRO IB 88 -10.33 -37.86 -77.20
C PRO IB 88 -10.94 -38.37 -78.49
N SER IB 89 -10.56 -37.72 -79.58
CA SER IB 89 -11.13 -38.02 -80.88
C SER IB 89 -10.63 -39.36 -81.40
N HIS IB 90 -11.33 -39.87 -82.41
CA HIS IB 90 -10.98 -41.12 -83.06
C HIS IB 90 -11.36 -41.04 -84.53
N PHE IB 91 -11.32 -42.16 -85.22
CA PHE IB 91 -11.65 -42.23 -86.63
C PHE IB 91 -12.93 -43.05 -86.82
N SER IB 92 -13.81 -42.55 -87.68
CA SER IB 92 -15.06 -43.22 -88.00
C SER IB 92 -15.17 -43.43 -89.50
N ARG IB 93 -16.07 -44.33 -89.89
CA ARG IB 93 -16.28 -44.66 -91.29
C ARG IB 93 -17.55 -44.00 -91.81
N GLY IB 94 -17.68 -44.00 -93.13
CA GLY IB 94 -18.80 -43.37 -93.79
C GLY IB 94 -20.08 -44.17 -93.64
N SER IB 95 -21.15 -43.63 -94.22
CA SER IB 95 -22.47 -44.26 -94.13
C SER IB 95 -22.56 -45.41 -95.12
N LYS IB 96 -22.80 -46.61 -94.60
CA LYS IB 96 -22.84 -47.79 -95.45
C LYS IB 96 -24.00 -47.73 -96.43
N SER IB 97 -25.18 -47.30 -95.96
CA SER IB 97 -26.33 -47.19 -96.86
C SER IB 97 -26.10 -46.13 -97.93
N VAL IB 98 -25.45 -45.03 -97.55
CA VAL IB 98 -25.18 -43.98 -98.54
C VAL IB 98 -24.24 -44.51 -99.63
N ALA IB 99 -23.16 -45.17 -99.21
CA ALA IB 99 -22.23 -45.73 -100.20
C ALA IB 99 -22.90 -46.78 -101.06
N ARG IB 100 -23.70 -47.65 -100.45
CA ARG IB 100 -24.40 -48.69 -101.18
C ARG IB 100 -25.37 -48.10 -102.19
N ARG IB 101 -26.13 -47.08 -101.79
CA ARG IB 101 -27.11 -46.50 -102.70
C ARG IB 101 -26.43 -45.72 -103.82
N VAL IB 102 -25.32 -45.06 -103.51
CA VAL IB 102 -24.55 -44.39 -104.56
C VAL IB 102 -24.06 -45.41 -105.58
N LEU IB 103 -23.53 -46.53 -105.11
CA LEU IB 103 -23.05 -47.56 -106.03
C LEU IB 103 -24.20 -48.15 -106.85
N GLN IB 104 -25.34 -48.38 -106.21
CA GLN IB 104 -26.49 -48.94 -106.92
C GLN IB 104 -27.01 -47.96 -107.98
N ALA IB 105 -27.01 -46.66 -107.67
CA ALA IB 105 -27.35 -45.68 -108.69
C ALA IB 105 -26.31 -45.66 -109.80
N LEU IB 106 -25.06 -45.95 -109.47
CA LEU IB 106 -24.02 -46.00 -110.51
C LEU IB 106 -24.25 -47.16 -111.47
N GLU IB 107 -24.58 -48.36 -110.97
CA GLU IB 107 -24.92 -49.39 -111.94
C GLU IB 107 -26.30 -49.21 -112.54
N GLY IB 108 -27.16 -48.38 -111.93
CA GLY IB 108 -28.37 -47.96 -112.62
C GLY IB 108 -28.06 -47.12 -113.84
N LEU IB 109 -27.08 -46.22 -113.72
CA LEU IB 109 -26.51 -45.52 -114.86
C LEU IB 109 -25.57 -46.40 -115.68
N LYS IB 110 -25.38 -47.65 -115.26
CA LYS IB 110 -24.61 -48.70 -115.95
C LYS IB 110 -23.20 -48.25 -116.32
N MET IB 111 -22.65 -47.28 -115.62
CA MET IB 111 -21.23 -46.96 -115.75
C MET IB 111 -20.37 -47.73 -114.77
N VAL IB 112 -20.97 -48.55 -113.90
CA VAL IB 112 -20.25 -49.35 -112.92
C VAL IB 112 -20.82 -50.76 -112.93
N GLU IB 113 -19.94 -51.76 -112.94
CA GLU IB 113 -20.36 -53.14 -112.89
C GLU IB 113 -19.56 -53.89 -111.84
N LYS IB 114 -20.19 -54.89 -111.23
CA LYS IB 114 -19.50 -55.74 -110.28
C LYS IB 114 -18.43 -56.57 -110.96
N ASP IB 115 -17.38 -56.90 -110.22
CA ASP IB 115 -16.27 -57.70 -110.73
C ASP IB 115 -16.64 -59.18 -110.70
N GLN IB 116 -15.74 -60.00 -111.26
CA GLN IB 116 -15.86 -61.44 -111.07
C GLN IB 116 -15.73 -61.81 -109.61
N ASP IB 117 -14.80 -61.16 -108.91
CA ASP IB 117 -14.72 -61.23 -107.46
C ASP IB 117 -15.54 -60.09 -106.86
N GLY IB 118 -15.38 -59.84 -105.57
CA GLY IB 118 -16.15 -58.81 -104.91
C GLY IB 118 -15.78 -57.42 -105.36
N GLY IB 119 -16.66 -56.47 -105.04
CA GLY IB 119 -16.46 -55.09 -105.41
C GLY IB 119 -16.91 -54.82 -106.83
N ARG IB 120 -16.85 -53.54 -107.21
CA ARG IB 120 -17.27 -53.12 -108.53
C ARG IB 120 -16.27 -52.13 -109.10
N LYS IB 121 -16.22 -52.06 -110.43
CA LYS IB 121 -15.32 -51.20 -111.16
C LYS IB 121 -16.08 -50.49 -112.27
N LEU IB 122 -15.35 -49.69 -113.05
CA LEU IB 122 -15.94 -48.93 -114.14
C LEU IB 122 -16.00 -49.76 -115.42
N THR IB 123 -17.07 -49.57 -116.17
CA THR IB 123 -17.21 -50.11 -117.51
C THR IB 123 -16.43 -49.25 -118.50
N PRO IB 124 -16.08 -49.80 -119.68
CA PRO IB 124 -15.37 -49.00 -120.68
C PRO IB 124 -16.06 -47.70 -121.05
N GLN IB 125 -17.39 -47.70 -121.19
CA GLN IB 125 -18.05 -46.44 -121.54
C GLN IB 125 -18.10 -45.47 -120.36
N GLY IB 126 -18.11 -45.99 -119.13
CA GLY IB 126 -17.95 -45.11 -117.97
C GLY IB 126 -16.58 -44.46 -117.96
N GLN IB 127 -15.54 -45.24 -118.26
CA GLN IB 127 -14.20 -44.68 -118.42
C GLN IB 127 -14.18 -43.63 -119.54
N ARG IB 128 -14.91 -43.90 -120.62
CA ARG IB 128 -15.03 -42.94 -121.71
C ARG IB 128 -15.65 -41.64 -121.24
N ASP IB 129 -16.71 -41.73 -120.45
CA ASP IB 129 -17.36 -40.52 -119.94
C ASP IB 129 -16.43 -39.73 -119.03
N LEU IB 130 -15.73 -40.44 -118.13
CA LEU IB 130 -14.78 -39.78 -117.23
C LEU IB 130 -13.68 -39.08 -118.03
N ASP IB 131 -13.15 -39.74 -119.05
CA ASP IB 131 -12.08 -39.13 -119.85
C ASP IB 131 -12.58 -37.94 -120.66
N ARG IB 132 -13.80 -38.03 -121.19
CA ARG IB 132 -14.35 -36.92 -121.94
C ARG IB 132 -14.54 -35.70 -121.05
N ILE IB 133 -15.06 -35.90 -119.85
CA ILE IB 133 -15.25 -34.78 -118.93
C ILE IB 133 -13.90 -34.23 -118.49
N ALA IB 134 -12.91 -35.11 -118.30
CA ALA IB 134 -11.57 -34.63 -117.97
C ALA IB 134 -11.01 -33.76 -119.10
N GLY IB 135 -11.20 -34.18 -120.35
CA GLY IB 135 -10.73 -33.37 -121.46
C GLY IB 135 -11.42 -32.02 -121.54
N GLN IB 136 -12.74 -32.00 -121.34
CA GLN IB 136 -13.46 -30.73 -121.45
C GLN IB 136 -13.11 -29.80 -120.30
N VAL IB 137 -12.90 -30.34 -119.10
CA VAL IB 137 -12.52 -29.47 -117.98
C VAL IB 137 -11.08 -29.00 -118.16
N ALA IB 138 -10.22 -29.81 -118.77
CA ALA IB 138 -8.88 -29.34 -119.08
C ALA IB 138 -8.92 -28.20 -120.08
N ALA IB 139 -9.76 -28.32 -121.11
CA ALA IB 139 -9.91 -27.23 -122.08
C ALA IB 139 -10.45 -25.97 -121.42
N ALA IB 140 -11.43 -26.12 -120.52
CA ALA IB 140 -12.00 -24.97 -119.85
C ALA IB 140 -10.97 -24.29 -118.95
N ASN IB 141 -10.16 -25.08 -118.23
CA ASN IB 141 -9.13 -24.50 -117.38
C ASN IB 141 -8.04 -23.83 -118.19
N LYS IB 142 -7.69 -24.41 -119.34
CA LYS IB 142 -6.64 -23.84 -120.18
C LYS IB 142 -7.10 -22.52 -120.80
N LYS IB 143 -8.19 -22.56 -121.57
CA LYS IB 143 -8.71 -21.37 -122.23
C LYS IB 143 -10.06 -20.97 -121.64
CA ALA JB 1 7.51 -88.62 -110.90
C ALA JB 1 7.82 -87.14 -111.06
N ILE JB 2 6.86 -86.41 -111.62
CA ILE JB 2 7.00 -84.96 -111.80
C ILE JB 2 6.54 -84.30 -110.50
N HIS JB 3 7.50 -83.86 -109.70
CA HIS JB 3 7.22 -83.26 -108.41
C HIS JB 3 7.99 -81.97 -108.26
N ARG JB 4 7.42 -81.04 -107.48
CA ARG JB 4 8.03 -79.75 -107.17
C ARG JB 4 7.71 -79.45 -105.71
N ILE JB 5 8.72 -79.43 -104.85
CA ILE JB 5 8.46 -79.35 -103.41
C ILE JB 5 9.00 -78.05 -102.85
N ARG JB 6 8.42 -77.64 -101.72
CA ARG JB 6 8.83 -76.46 -100.98
C ARG JB 6 9.17 -76.86 -99.55
N ILE JB 7 10.34 -76.42 -99.09
CA ILE JB 7 10.82 -76.70 -97.74
C ILE JB 7 10.99 -75.37 -97.03
N THR JB 8 10.28 -75.19 -95.92
CA THR JB 8 10.40 -73.98 -95.12
C THR JB 8 11.04 -74.31 -93.78
N LEU JB 9 12.02 -73.50 -93.39
CA LEU JB 9 12.78 -73.67 -92.16
C LEU JB 9 12.57 -72.45 -91.30
N THR JB 10 12.14 -72.64 -90.06
CA THR JB 10 11.93 -71.53 -89.16
C THR JB 10 12.53 -71.82 -87.79
N SER JB 11 13.18 -70.82 -87.21
CA SER JB 11 13.63 -70.95 -85.82
C SER JB 11 13.88 -69.57 -85.25
N ARG JB 12 14.63 -69.53 -84.15
CA ARG JB 12 14.90 -68.30 -83.43
C ARG JB 12 16.31 -67.76 -83.67
N ASN JB 13 17.21 -68.52 -84.28
CA ASN JB 13 18.58 -68.05 -84.42
C ASN JB 13 19.16 -68.18 -85.83
N VAL JB 14 19.79 -67.08 -86.25
CA VAL JB 14 20.23 -66.91 -87.63
C VAL JB 14 21.41 -67.83 -87.94
N LYS JB 15 22.27 -68.11 -86.97
CA LYS JB 15 23.43 -68.95 -87.22
C LYS JB 15 23.00 -70.35 -87.68
N SER JB 16 22.12 -70.99 -86.91
CA SER JB 16 21.66 -72.32 -87.28
C SER JB 16 20.79 -72.28 -88.53
N LEU JB 17 19.94 -71.24 -88.67
CA LEU JB 17 19.15 -71.14 -89.90
C LEU JB 17 20.05 -71.04 -91.13
N GLU JB 18 21.08 -70.20 -91.07
CA GLU JB 18 21.96 -70.02 -92.21
C GLU JB 18 22.75 -71.28 -92.50
N LYS JB 19 23.21 -71.99 -91.47
CA LYS JB 19 24.00 -73.19 -91.75
C LYS JB 19 23.12 -74.30 -92.31
N VAL JB 20 21.86 -74.40 -91.89
CA VAL JB 20 20.95 -75.38 -92.51
C VAL JB 20 20.65 -74.99 -93.94
N CYS JB 21 20.29 -73.72 -94.17
CA CYS JB 21 19.99 -73.27 -95.52
C CYS JB 21 21.20 -73.34 -96.43
N ALA JB 22 22.40 -73.42 -95.86
CA ALA JB 22 23.61 -73.60 -96.66
C ALA JB 22 23.90 -75.06 -96.95
N ASP JB 23 23.88 -75.92 -95.93
CA ASP JB 23 24.26 -77.31 -96.17
C ASP JB 23 23.20 -78.05 -96.98
N LEU JB 24 21.92 -77.70 -96.81
CA LEU JB 24 20.88 -78.34 -97.62
C LEU JB 24 21.06 -78.00 -99.10
N ILE JB 25 21.30 -76.72 -99.41
CA ILE JB 25 21.44 -76.36 -100.82
C ILE JB 25 22.75 -76.90 -101.38
N ARG JB 26 23.80 -76.97 -100.57
CA ARG JB 26 25.05 -77.56 -101.07
C ARG JB 26 24.87 -79.04 -101.38
N GLY JB 27 24.14 -79.76 -100.52
CA GLY JB 27 23.79 -81.13 -100.85
C GLY JB 27 22.98 -81.22 -102.12
N ALA JB 28 22.09 -80.27 -102.34
CA ALA JB 28 21.31 -80.26 -103.58
C ALA JB 28 22.20 -80.06 -104.80
N LYS JB 29 23.16 -79.13 -104.71
CA LYS JB 29 24.07 -78.92 -105.84
C LYS JB 29 24.93 -80.15 -106.10
N GLU JB 30 25.46 -80.77 -105.04
CA GLU JB 30 26.21 -82.01 -105.23
C GLU JB 30 25.33 -83.14 -105.74
N LYS JB 31 24.03 -83.06 -105.52
CA LYS JB 31 23.08 -84.07 -105.97
C LYS JB 31 22.26 -83.56 -107.15
N ASN JB 32 22.83 -82.59 -107.89
CA ASN JB 32 22.34 -81.93 -109.11
C ASN JB 32 20.83 -81.81 -109.19
N LEU JB 33 20.23 -81.17 -108.18
CA LEU JB 33 18.86 -80.68 -108.24
C LEU JB 33 18.92 -79.16 -108.31
N LYS JB 34 18.37 -78.58 -109.37
CA LYS JB 34 18.43 -77.14 -109.52
C LYS JB 34 17.59 -76.46 -108.45
N VAL JB 35 18.15 -75.42 -107.85
CA VAL JB 35 17.64 -74.86 -106.60
C VAL JB 35 17.03 -73.49 -106.87
N LYS JB 36 15.77 -73.34 -106.50
CA LYS JB 36 15.16 -72.02 -106.40
C LYS JB 36 15.72 -71.35 -105.15
N GLY JB 37 16.20 -70.12 -105.29
CA GLY JB 37 16.99 -69.47 -104.28
C GLY JB 37 16.30 -69.34 -102.93
N PRO JB 38 17.09 -69.33 -101.86
CA PRO JB 38 16.51 -69.22 -100.51
C PRO JB 38 15.88 -67.84 -100.30
N VAL JB 39 14.61 -67.84 -99.95
CA VAL JB 39 13.85 -66.61 -99.72
C VAL JB 39 13.76 -66.40 -98.21
N ARG JB 40 14.26 -65.27 -97.74
CA ARG JB 40 14.27 -64.94 -96.32
C ARG JB 40 13.05 -64.09 -96.01
N MET JB 41 12.07 -64.66 -95.32
CA MET JB 41 10.86 -63.92 -95.02
C MET JB 41 11.14 -62.90 -93.93
N PRO JB 42 10.33 -61.84 -93.86
CA PRO JB 42 10.55 -60.82 -92.82
C PRO JB 42 10.44 -61.41 -91.42
N THR JB 43 11.30 -60.93 -90.52
CA THR JB 43 11.38 -61.48 -89.18
C THR JB 43 10.14 -61.15 -88.37
N LYS JB 44 9.66 -62.12 -87.61
CA LYS JB 44 8.55 -61.91 -86.68
C LYS JB 44 9.12 -61.55 -85.32
N THR JB 45 8.80 -60.35 -84.85
CA THR JB 45 9.33 -59.84 -83.59
C THR JB 45 8.22 -59.86 -82.55
N LEU JB 46 8.22 -60.89 -81.71
CA LEU JB 46 7.25 -61.00 -80.64
C LEU JB 46 7.72 -60.15 -79.47
N ARG JB 47 6.96 -59.11 -79.14
CA ARG JB 47 7.35 -58.15 -78.12
C ARG JB 47 6.38 -58.23 -76.95
N ILE JB 48 6.91 -58.32 -75.74
CA ILE JB 48 6.09 -58.30 -74.53
C ILE JB 48 6.71 -57.30 -73.57
N THR JB 49 5.95 -56.28 -73.21
CA THR JB 49 6.40 -55.27 -72.26
C THR JB 49 5.65 -55.45 -70.96
N THR JB 50 6.39 -55.68 -69.87
CA THR JB 50 5.79 -56.03 -68.60
C THR JB 50 6.47 -55.24 -67.49
N ARG JB 51 5.70 -54.82 -66.50
CA ARG JB 51 6.28 -54.13 -65.35
C ARG JB 51 7.29 -55.03 -64.65
N LYS JB 52 8.46 -54.48 -64.33
CA LYS JB 52 9.50 -55.26 -63.69
C LYS JB 52 9.08 -55.73 -62.30
N THR JB 53 8.48 -54.84 -61.51
CA THR JB 53 8.22 -55.15 -60.12
C THR JB 53 7.07 -56.16 -60.01
N PRO JB 54 7.12 -57.06 -59.03
CA PRO JB 54 5.96 -57.89 -58.69
C PRO JB 54 5.00 -57.24 -57.71
N CYS JB 55 5.11 -55.94 -57.46
CA CYS JB 55 4.39 -55.29 -56.38
C CYS JB 55 3.59 -54.09 -56.86
N GLY JB 56 4.09 -53.39 -57.87
CA GLY JB 56 3.51 -52.13 -58.25
C GLY JB 56 4.07 -50.93 -57.52
N GLU JB 57 5.04 -51.12 -56.64
CA GLU JB 57 5.74 -50.05 -55.98
C GLU JB 57 7.09 -49.82 -56.65
N GLY JB 58 7.41 -48.56 -56.91
CA GLY JB 58 8.68 -48.25 -57.54
C GLY JB 58 8.61 -47.05 -58.46
N SER JB 59 9.48 -47.02 -59.47
CA SER JB 59 9.56 -45.91 -60.39
C SER JB 59 8.94 -46.23 -61.75
N LYS JB 60 8.10 -47.26 -61.82
CA LYS JB 60 7.40 -47.65 -63.04
C LYS JB 60 8.39 -47.99 -64.16
N THR JB 61 9.25 -48.96 -63.88
CA THR JB 61 10.19 -49.45 -64.88
C THR JB 61 9.58 -50.63 -65.61
N TRP JB 62 9.70 -50.62 -66.93
CA TRP JB 62 9.12 -51.64 -67.78
C TRP JB 62 10.23 -52.44 -68.44
N ASP JB 63 10.11 -53.75 -68.38
CA ASP JB 63 11.05 -54.67 -69.02
C ASP JB 63 10.42 -55.16 -70.30
N ARG JB 64 11.14 -55.04 -71.41
CA ARG JB 64 10.66 -55.42 -72.72
C ARG JB 64 11.41 -56.66 -73.19
N PHE JB 65 10.66 -57.69 -73.55
CA PHE JB 65 11.20 -58.96 -74.00
C PHE JB 65 10.90 -59.13 -75.48
N GLN JB 66 11.89 -59.62 -76.22
CA GLN JB 66 11.75 -59.85 -77.65
C GLN JB 66 11.99 -61.32 -77.97
N MET JB 67 11.29 -61.80 -78.98
CA MET JB 67 11.55 -63.10 -79.57
C MET JB 67 11.58 -62.94 -81.07
N ARG JB 68 12.74 -63.17 -81.68
CA ARG JB 68 12.89 -63.05 -83.12
C ARG JB 68 12.70 -64.42 -83.76
N ILE JB 69 11.74 -64.52 -84.66
CA ILE JB 69 11.49 -65.74 -85.43
C ILE JB 69 11.86 -65.45 -86.86
N HIS JB 70 12.83 -66.20 -87.39
CA HIS JB 70 13.25 -66.07 -88.77
C HIS JB 70 12.88 -67.34 -89.53
N LYS JB 71 12.44 -67.16 -90.77
CA LYS JB 71 12.06 -68.29 -91.61
C LYS JB 71 12.56 -68.08 -93.03
N ARG JB 72 12.91 -69.20 -93.66
CA ARG JB 72 13.42 -69.23 -95.02
C ARG JB 72 12.66 -70.29 -95.82
N LEU JB 73 12.55 -70.04 -97.12
CA LEU JB 73 11.86 -70.93 -98.04
C LEU JB 73 12.84 -71.36 -99.13
N ILE JB 74 12.91 -72.66 -99.40
CA ILE JB 74 13.72 -73.21 -100.47
C ILE JB 74 12.84 -74.13 -101.30
N ASP JB 75 12.74 -73.85 -102.59
CA ASP JB 75 11.95 -74.67 -103.51
C ASP JB 75 12.88 -75.64 -104.23
N LEU JB 76 12.67 -76.92 -104.01
CA LEU JB 76 13.41 -77.97 -104.71
C LEU JB 76 12.59 -78.40 -105.92
N HIS JB 77 13.15 -78.18 -107.10
CA HIS JB 77 12.49 -78.48 -108.36
C HIS JB 77 13.44 -79.32 -109.20
N SER JB 78 13.03 -80.55 -109.52
CA SER JB 78 13.80 -81.40 -110.40
C SER JB 78 12.90 -82.05 -111.43
N PRO JB 79 13.41 -82.34 -112.64
CA PRO JB 79 12.60 -83.06 -113.63
C PRO JB 79 12.17 -84.44 -113.17
N SER JB 80 13.00 -85.13 -112.39
CA SER JB 80 12.66 -86.44 -111.87
C SER JB 80 12.00 -86.29 -110.50
N GLU JB 81 11.81 -87.42 -109.81
CA GLU JB 81 11.23 -87.39 -108.47
C GLU JB 81 12.20 -86.74 -107.50
N ILE JB 82 11.65 -86.21 -106.41
CA ILE JB 82 12.43 -85.47 -105.43
C ILE JB 82 12.47 -86.19 -104.08
N VAL JB 83 11.32 -86.68 -103.62
CA VAL JB 83 11.23 -87.23 -102.27
C VAL JB 83 11.98 -88.54 -102.16
N LYS JB 84 11.89 -89.39 -103.18
CA LYS JB 84 12.64 -90.64 -103.16
C LYS JB 84 14.14 -90.40 -103.24
N GLN JB 85 14.54 -89.27 -103.83
CA GLN JB 85 15.96 -88.94 -103.90
C GLN JB 85 16.47 -88.39 -102.58
N ILE JB 86 15.86 -87.34 -102.06
CA ILE JB 86 16.31 -86.72 -100.82
C ILE JB 86 15.49 -87.30 -99.67
N THR JB 87 16.17 -87.94 -98.73
CA THR JB 87 15.54 -88.54 -97.57
C THR JB 87 16.13 -88.03 -96.25
N SER JB 88 17.45 -87.84 -96.20
CA SER JB 88 18.07 -87.28 -95.02
C SER JB 88 17.68 -85.81 -94.85
N ILE JB 89 17.56 -85.39 -93.60
CA ILE JB 89 17.19 -84.02 -93.26
C ILE JB 89 18.32 -83.27 -92.60
N SER JB 90 19.08 -83.92 -91.72
CA SER JB 90 20.21 -83.33 -91.00
C SER JB 90 19.80 -82.04 -90.29
N ILE JB 91 18.88 -82.20 -89.35
CA ILE JB 91 18.25 -81.07 -88.66
C ILE JB 91 18.66 -81.11 -87.20
N GLU JB 92 19.26 -80.02 -86.72
CA GLU JB 92 19.63 -79.87 -85.33
C GLU JB 92 18.42 -79.44 -84.51
N PRO JB 93 18.46 -79.60 -83.19
CA PRO JB 93 17.40 -79.05 -82.35
C PRO JB 93 17.33 -77.54 -82.47
N GLY JB 94 16.11 -77.01 -82.37
CA GLY JB 94 15.90 -75.58 -82.43
C GLY JB 94 15.16 -75.12 -83.65
N VAL JB 95 15.46 -75.73 -84.80
CA VAL JB 95 14.88 -75.33 -86.08
C VAL JB 95 13.80 -76.32 -86.49
N GLU JB 96 12.68 -75.78 -86.98
CA GLU JB 96 11.52 -76.56 -87.38
C GLU JB 96 11.41 -76.53 -88.90
N VAL JB 97 11.15 -77.69 -89.49
CA VAL JB 97 11.12 -77.87 -90.93
C VAL JB 97 9.73 -78.32 -91.36
N GLU JB 98 9.26 -77.78 -92.47
CA GLU JB 98 7.98 -78.17 -93.04
C GLU JB 98 8.10 -78.32 -94.54
N VAL JB 99 7.68 -79.47 -95.06
CA VAL JB 99 7.81 -79.78 -96.48
C VAL JB 99 6.41 -79.94 -97.06
N THR JB 100 6.11 -79.15 -98.08
CA THR JB 100 4.86 -79.23 -98.83
C THR JB 100 5.16 -79.44 -100.30
N ILE JB 101 4.12 -79.68 -101.07
CA ILE JB 101 4.23 -79.81 -102.52
C ILE JB 101 3.50 -78.63 -103.17
N ALA JB 102 3.61 -78.56 -104.50
CA ALA JB 102 2.95 -77.48 -105.23
C ALA JB 102 1.43 -77.55 -105.14
N ASP JB 103 0.87 -78.73 -104.90
CA ASP JB 103 -0.57 -78.85 -104.73
C ASP JB 103 -1.05 -78.12 -103.48
N ALA JB 104 -0.30 -78.24 -102.38
CA ALA JB 104 -0.66 -77.59 -101.12
C ALA JB 104 -0.11 -76.17 -101.08
N ARG KB 1 -14.61 -1.10 -75.23
CA ARG KB 1 -14.59 -2.45 -75.76
C ARG KB 1 -15.63 -3.32 -75.06
N ASP KB 2 -16.89 -3.18 -75.47
CA ASP KB 2 -17.99 -3.96 -74.90
C ASP KB 2 -18.61 -4.91 -75.91
N LYS KB 3 -19.13 -4.39 -77.02
CA LYS KB 3 -19.75 -5.20 -78.06
C LYS KB 3 -19.72 -4.43 -79.36
N LEU KB 4 -19.97 -5.13 -80.47
CA LEU KB 4 -19.86 -4.53 -81.79
C LEU KB 4 -21.19 -4.33 -82.50
N ASN KB 5 -22.25 -5.04 -82.09
CA ASN KB 5 -23.61 -5.00 -82.63
C ASN KB 5 -23.63 -4.75 -84.14
N ASN KB 6 -22.82 -5.50 -84.86
CA ASN KB 6 -22.54 -5.22 -86.27
C ASN KB 6 -23.77 -5.43 -87.13
N LEU KB 7 -23.92 -4.60 -88.15
CA LEU KB 7 -25.07 -4.71 -89.05
C LEU KB 7 -24.98 -6.00 -89.86
N VAL KB 8 -26.11 -6.69 -89.98
CA VAL KB 8 -26.14 -7.91 -90.78
C VAL KB 8 -26.59 -7.65 -92.21
N LEU KB 9 -27.40 -6.62 -92.41
CA LEU KB 9 -27.84 -6.22 -93.74
C LEU KB 9 -27.58 -4.73 -93.92
N PHE KB 10 -27.29 -4.34 -95.15
CA PHE KB 10 -26.99 -2.94 -95.43
C PHE KB 10 -28.22 -2.06 -95.25
N ASP KB 11 -27.98 -0.76 -95.19
CA ASP KB 11 -29.02 0.24 -95.24
C ASP KB 11 -28.60 1.33 -96.21
N LYS KB 12 -29.42 2.38 -96.31
CA LYS KB 12 -29.11 3.47 -97.22
C LYS KB 12 -27.83 4.19 -96.81
N ALA KB 13 -27.63 4.37 -95.50
CA ALA KB 13 -26.47 5.12 -95.02
C ALA KB 13 -25.15 4.40 -95.30
N THR KB 14 -25.14 3.08 -95.22
CA THR KB 14 -23.91 2.33 -95.41
C THR KB 14 -23.73 1.79 -96.82
N TYR KB 15 -24.80 1.70 -97.61
CA TYR KB 15 -24.66 1.18 -98.97
C TYR KB 15 -23.83 2.11 -99.83
N ASP KB 16 -24.18 3.40 -99.86
CA ASP KB 16 -23.35 4.36 -100.58
C ASP KB 16 -22.00 4.54 -99.92
N LYS KB 17 -21.94 4.43 -98.60
CA LYS KB 17 -20.67 4.47 -97.88
C LYS KB 17 -19.73 3.39 -98.39
N LEU KB 18 -20.27 2.19 -98.65
CA LEU KB 18 -19.50 1.14 -99.27
C LEU KB 18 -19.13 1.49 -100.71
N CYS KB 19 -20.12 1.92 -101.49
CA CYS KB 19 -19.91 2.01 -102.93
C CYS KB 19 -19.01 3.17 -103.34
N LYS KB 20 -18.86 4.21 -102.53
CA LYS KB 20 -18.18 5.39 -103.04
C LYS KB 20 -16.75 5.58 -102.54
N GLU KB 21 -16.29 4.85 -101.52
CA GLU KB 21 -14.86 4.92 -101.24
C GLU KB 21 -14.18 3.59 -100.95
N VAL KB 22 -14.91 2.48 -100.82
CA VAL KB 22 -14.24 1.19 -100.62
C VAL KB 22 -13.32 0.83 -101.78
N PRO KB 23 -13.73 0.97 -103.09
CA PRO KB 23 -12.77 0.77 -104.18
C PRO KB 23 -11.88 1.98 -104.44
N ASN KB 24 -11.37 2.57 -103.36
CA ASN KB 24 -10.50 3.75 -103.47
C ASN KB 24 -9.22 3.64 -102.66
N TYR KB 25 -9.12 2.72 -101.71
CA TYR KB 25 -7.89 2.55 -100.96
C TYR KB 25 -7.20 1.25 -101.36
N LYS KB 26 -5.98 1.08 -100.83
CA LYS KB 26 -5.10 0.03 -101.32
C LYS KB 26 -5.56 -1.35 -100.90
N LEU KB 27 -5.93 -1.53 -99.63
CA LEU KB 27 -6.25 -2.83 -99.07
C LEU KB 27 -7.76 -2.96 -98.90
N ILE KB 28 -8.36 -3.91 -99.62
CA ILE KB 28 -9.74 -4.28 -99.42
C ILE KB 28 -9.77 -5.76 -99.05
N THR KB 29 -10.10 -6.04 -97.80
CA THR KB 29 -10.37 -7.38 -97.30
C THR KB 29 -11.68 -7.35 -96.53
N PRO KB 30 -12.37 -8.49 -96.43
CA PRO KB 30 -13.62 -8.50 -95.66
C PRO KB 30 -13.44 -8.04 -94.22
N ALA KB 31 -12.30 -8.33 -93.61
CA ALA KB 31 -12.07 -7.91 -92.23
C ALA KB 31 -11.99 -6.39 -92.12
N VAL KB 32 -11.20 -5.74 -92.99
CA VAL KB 32 -11.07 -4.30 -92.89
C VAL KB 32 -12.37 -3.61 -93.29
N VAL KB 33 -13.09 -4.16 -94.27
CA VAL KB 33 -14.38 -3.61 -94.64
C VAL KB 33 -15.35 -3.70 -93.46
N SER KB 34 -15.36 -4.83 -92.77
CA SER KB 34 -16.24 -4.98 -91.61
C SER KB 34 -15.86 -4.01 -90.50
N GLU KB 35 -14.56 -3.85 -90.23
CA GLU KB 35 -14.16 -3.03 -89.11
C GLU KB 35 -14.27 -1.53 -89.38
N ARG KB 36 -14.27 -1.11 -90.64
CA ARG KB 36 -14.44 0.30 -90.95
C ARG KB 36 -15.82 0.65 -91.49
N LEU KB 37 -16.71 -0.33 -91.67
CA LEU KB 37 -18.10 -0.04 -91.98
C LEU KB 37 -19.06 -0.52 -90.89
N LYS KB 38 -18.56 -1.14 -89.83
CA LYS KB 38 -19.39 -1.62 -88.71
C LYS KB 38 -20.46 -2.59 -89.19
N ILE KB 39 -20.08 -3.49 -90.09
CA ILE KB 39 -20.97 -4.53 -90.58
C ILE KB 39 -20.46 -5.89 -90.11
N ARG KB 40 -21.24 -6.93 -90.40
CA ARG KB 40 -20.99 -8.24 -89.80
C ARG KB 40 -19.72 -8.87 -90.34
N GLY KB 41 -19.66 -9.12 -91.64
CA GLY KB 41 -18.48 -9.70 -92.25
C GLY KB 41 -18.81 -10.75 -93.28
N SER KB 42 -19.85 -11.55 -93.02
CA SER KB 42 -20.47 -12.29 -94.10
C SER KB 42 -21.11 -11.33 -95.09
N LEU KB 43 -21.74 -10.27 -94.57
CA LEU KB 43 -22.19 -9.17 -95.41
C LEU KB 43 -21.03 -8.54 -96.16
N ALA KB 44 -19.87 -8.41 -95.51
CA ALA KB 44 -18.70 -7.84 -96.18
C ALA KB 44 -18.25 -8.71 -97.34
N ARG KB 45 -18.17 -10.03 -97.12
CA ARG KB 45 -17.79 -10.94 -98.19
C ARG KB 45 -18.78 -10.89 -99.35
N ALA KB 46 -20.07 -10.88 -99.02
CA ALA KB 46 -21.09 -10.83 -100.06
C ALA KB 46 -21.01 -9.52 -100.86
N ALA KB 47 -20.83 -8.40 -100.15
CA ALA KB 47 -20.71 -7.12 -100.83
C ALA KB 47 -19.48 -7.08 -101.72
N LEU KB 48 -18.36 -7.64 -101.24
CA LEU KB 48 -17.14 -7.62 -102.04
C LEU KB 48 -17.26 -8.48 -103.29
N GLN KB 49 -17.95 -9.62 -103.20
CA GLN KB 49 -18.11 -10.40 -104.43
C GLN KB 49 -19.14 -9.77 -105.35
N GLU KB 50 -20.13 -9.03 -104.81
CA GLU KB 50 -21.01 -8.24 -105.68
C GLU KB 50 -20.22 -7.16 -106.41
N LEU KB 51 -19.30 -6.50 -105.72
CA LEU KB 51 -18.48 -5.48 -106.38
C LEU KB 51 -17.48 -6.11 -107.36
N LEU KB 52 -17.07 -7.35 -107.10
CA LEU KB 52 -16.33 -8.10 -108.11
C LEU KB 52 -17.17 -8.31 -109.36
N SER KB 53 -18.43 -8.70 -109.19
CA SER KB 53 -19.32 -8.88 -110.33
C SER KB 53 -19.50 -7.58 -111.10
N LYS KB 54 -19.65 -6.47 -110.37
CA LYS KB 54 -19.71 -5.17 -111.01
C LYS KB 54 -18.40 -4.77 -111.67
N GLY KB 55 -17.28 -5.35 -111.24
CA GLY KB 55 -16.02 -5.18 -111.92
C GLY KB 55 -15.21 -3.97 -111.55
N LEU KB 56 -15.54 -3.30 -110.44
CA LEU KB 56 -14.82 -2.11 -110.01
C LEU KB 56 -13.84 -2.40 -108.88
N ILE KB 57 -13.57 -3.67 -108.58
CA ILE KB 57 -12.56 -4.08 -107.61
C ILE KB 57 -11.79 -5.26 -108.19
N LYS KB 58 -10.46 -5.23 -108.07
CA LYS KB 58 -9.61 -6.27 -108.61
C LYS KB 58 -9.20 -7.23 -107.51
N LEU KB 59 -9.55 -8.50 -107.66
CA LEU KB 59 -9.12 -9.56 -106.77
C LEU KB 59 -7.66 -9.93 -107.04
N VAL KB 60 -6.92 -10.28 -105.98
CA VAL KB 60 -5.54 -10.70 -106.14
C VAL KB 60 -5.29 -12.11 -105.62
N SER KB 61 -5.86 -12.47 -104.46
CA SER KB 61 -5.49 -13.72 -103.80
C SER KB 61 -6.50 -14.84 -104.01
N LYS KB 62 -7.74 -14.65 -103.52
CA LYS KB 62 -8.78 -15.67 -103.52
C LYS KB 62 -8.31 -16.97 -102.86
N HIS KB 63 -8.08 -16.87 -101.55
CA HIS KB 63 -7.79 -18.03 -100.73
C HIS KB 63 -8.96 -18.29 -99.79
N ARG KB 64 -9.11 -19.56 -99.39
CA ARG KB 64 -10.30 -19.97 -98.63
C ARG KB 64 -10.38 -19.28 -97.28
N ALA KB 65 -9.26 -18.85 -96.72
CA ALA KB 65 -9.24 -18.22 -95.41
C ALA KB 65 -8.75 -16.78 -95.43
N GLN KB 66 -8.26 -16.29 -96.57
CA GLN KB 66 -7.73 -14.93 -96.64
C GLN KB 66 -7.84 -14.46 -98.08
N VAL KB 67 -8.85 -13.64 -98.36
CA VAL KB 67 -9.09 -13.10 -99.69
C VAL KB 67 -8.73 -11.62 -99.68
N ILE KB 68 -8.00 -11.18 -100.70
CA ILE KB 68 -7.50 -9.80 -100.77
C ILE KB 68 -7.94 -9.16 -102.08
N TYR KB 69 -8.41 -7.94 -101.97
CA TYR KB 69 -8.88 -7.13 -103.09
C TYR KB 69 -8.08 -5.84 -103.15
N THR KB 70 -8.26 -5.11 -104.24
CA THR KB 70 -7.60 -3.82 -104.41
C THR KB 70 -8.43 -2.99 -105.37
N ARG KB 71 -8.13 -1.69 -105.40
CA ARG KB 71 -8.77 -0.83 -106.37
C ARG KB 71 -8.11 -0.98 -107.74
N ASN KB 72 -8.81 -0.53 -108.76
CA ASN KB 72 -8.27 -0.59 -110.12
C ASN KB 72 -7.14 0.44 -110.29
N THR KB 73 -6.27 0.16 -111.26
CA THR KB 73 -5.14 1.03 -111.52
C THR KB 73 -5.60 2.37 -112.10
N LYS KB 74 -4.90 3.42 -111.72
CA LYS KB 74 -5.16 4.76 -112.22
C LYS KB 74 -4.01 5.20 -113.13
N GLY KB 75 -4.34 5.65 -114.32
CA GLY KB 75 -3.33 6.09 -115.27
C GLY KB 75 -3.14 5.13 -116.43
N ARG LB 1 23.34 16.95 -76.70
CA ARG LB 1 24.09 16.67 -75.48
C ARG LB 1 24.27 15.18 -75.29
N VAL LB 2 23.25 14.40 -75.66
CA VAL LB 2 23.31 12.96 -75.51
C VAL LB 2 24.30 12.37 -76.52
N GLN LB 3 24.98 11.31 -76.09
CA GLN LB 3 25.99 10.68 -76.94
C GLN LB 3 25.32 9.91 -78.06
N PRO LB 4 25.76 10.05 -79.30
CA PRO LB 4 25.19 9.26 -80.40
C PRO LB 4 25.67 7.81 -80.33
N ILE LB 5 24.88 6.95 -80.97
CA ILE LB 5 25.17 5.51 -80.99
C ILE LB 5 26.36 5.25 -81.89
N LYS LB 6 27.27 4.38 -81.44
CA LYS LB 6 28.46 4.08 -82.21
C LYS LB 6 28.75 2.58 -82.17
N LEU LB 7 29.33 2.09 -83.24
CA LEU LB 7 29.53 0.66 -83.46
C LEU LB 7 30.90 0.21 -82.96
N ALA LB 8 31.03 -1.11 -82.76
CA ALA LB 8 32.29 -1.68 -82.33
C ALA LB 8 32.29 -3.17 -82.63
N ARG LB 9 33.44 -3.68 -83.08
CA ARG LB 9 33.59 -5.07 -83.50
C ARG LB 9 34.23 -5.89 -82.40
N VAL LB 10 33.63 -7.03 -82.07
CA VAL LB 10 34.19 -7.93 -81.08
C VAL LB 10 35.48 -8.53 -81.59
N THR LB 11 36.57 -8.32 -80.86
CA THR LB 11 37.87 -8.88 -81.21
C THR LB 11 38.21 -10.14 -80.45
N LYS LB 12 37.80 -10.25 -79.18
CA LYS LB 12 38.12 -11.46 -78.43
C LYS LB 12 37.01 -11.76 -77.44
N VAL LB 13 36.83 -13.04 -77.12
CA VAL LB 13 35.83 -13.45 -76.13
C VAL LB 13 36.57 -13.93 -74.88
N LEU LB 14 36.40 -13.17 -73.79
CA LEU LB 14 37.09 -13.49 -72.54
C LEU LB 14 36.48 -14.71 -71.88
N GLY LB 15 35.17 -14.70 -71.66
CA GLY LB 15 34.51 -15.82 -71.02
C GLY LB 15 33.15 -15.42 -70.50
N ARG LB 16 32.42 -16.43 -70.03
CA ARG LB 16 31.08 -16.21 -69.52
C ARG LB 16 31.11 -15.56 -68.14
N THR LB 17 30.02 -14.88 -67.80
CA THR LB 17 29.90 -14.21 -66.52
C THR LB 17 28.42 -14.08 -66.18
N GLY LB 18 28.16 -13.47 -65.02
CA GLY LB 18 26.82 -13.35 -64.50
C GLY LB 18 26.41 -14.47 -63.57
N SER LB 19 27.25 -15.49 -63.41
CA SER LB 19 27.10 -16.64 -62.53
C SER LB 19 25.95 -17.56 -62.92
N GLN LB 20 25.16 -17.20 -63.93
CA GLN LB 20 24.30 -18.14 -64.62
C GLN LB 20 24.77 -18.41 -66.04
N GLY LB 21 25.86 -17.78 -66.47
CA GLY LB 21 26.32 -17.91 -67.83
C GLY LB 21 25.52 -17.12 -68.84
N GLN LB 22 24.59 -16.29 -68.40
CA GLN LB 22 23.75 -15.56 -69.32
C GLN LB 22 24.54 -14.46 -70.05
N CYS LB 23 25.62 -13.99 -69.45
CA CYS LB 23 26.46 -12.97 -70.05
C CYS LB 23 27.78 -13.56 -70.50
N THR LB 24 28.25 -13.13 -71.67
CA THR LB 24 29.61 -13.39 -72.11
C THR LB 24 30.34 -12.06 -72.20
N GLN LB 25 31.56 -12.05 -71.70
CA GLN LB 25 32.38 -10.85 -71.64
C GLN LB 25 33.35 -10.85 -72.80
N VAL LB 26 33.48 -9.72 -73.48
CA VAL LB 26 34.28 -9.66 -74.69
C VAL LB 26 35.15 -8.41 -74.67
N ARG LB 27 36.27 -8.49 -75.39
CA ARG LB 27 37.08 -7.34 -75.73
C ARG LB 27 36.67 -6.89 -77.13
N VAL LB 28 36.38 -5.60 -77.25
CA VAL LB 28 35.70 -5.04 -78.41
C VAL LB 28 36.44 -3.79 -78.86
N GLU LB 29 36.57 -3.61 -80.16
CA GLU LB 29 37.38 -2.56 -80.78
C GLU LB 29 36.47 -1.56 -81.47
N PHE LB 30 36.72 -0.27 -81.23
CA PHE LB 30 35.85 0.77 -81.78
C PHE LB 30 36.13 0.98 -83.26
N MET LB 31 35.09 1.38 -83.99
CA MET LB 31 35.23 1.71 -85.41
C MET LB 31 35.92 3.06 -85.62
N ASP LB 32 35.53 4.07 -84.84
CA ASP LB 32 36.07 5.41 -85.04
C ASP LB 32 37.55 5.48 -84.72
N ASP LB 33 38.01 4.68 -83.76
CA ASP LB 33 39.43 4.64 -83.40
C ASP LB 33 39.77 3.16 -83.23
N THR LB 34 40.45 2.59 -84.23
CA THR LB 34 40.82 1.19 -84.18
C THR LB 34 41.77 0.90 -83.03
N SER LB 35 42.61 1.86 -82.66
CA SER LB 35 43.50 1.66 -81.54
C SER LB 35 42.74 1.59 -80.22
N ARG LB 36 41.49 2.03 -80.17
CA ARG LB 36 40.69 1.99 -78.95
C ARG LB 36 39.93 0.69 -78.86
N SER LB 37 40.12 -0.03 -77.75
CA SER LB 37 39.43 -1.28 -77.49
C SER LB 37 39.16 -1.39 -76.00
N ILE LB 38 37.93 -1.71 -75.66
CA ILE LB 38 37.52 -1.81 -74.26
C ILE LB 38 36.97 -3.20 -73.99
N ILE LB 39 36.51 -3.43 -72.76
CA ILE LB 39 35.94 -4.71 -72.36
C ILE LB 39 34.49 -4.48 -71.98
N ARG LB 40 33.59 -5.18 -72.64
CA ARG LB 40 32.15 -5.04 -72.42
C ARG LB 40 31.54 -6.42 -72.26
N ASN LB 41 30.59 -6.54 -71.35
CA ASN LB 41 29.82 -7.77 -71.22
C ASN LB 41 28.58 -7.71 -72.09
N VAL LB 42 28.32 -8.79 -72.83
CA VAL LB 42 27.22 -8.86 -73.78
C VAL LB 42 26.42 -10.12 -73.52
N LYS LB 43 25.15 -10.09 -73.89
CA LYS LB 43 24.26 -11.22 -73.68
C LYS LB 43 23.76 -11.74 -75.02
N GLY LB 44 23.50 -13.05 -75.07
CA GLY LB 44 23.16 -13.70 -76.30
C GLY LB 44 24.37 -14.37 -76.92
N PRO LB 45 24.15 -15.17 -77.96
CA PRO LB 45 25.26 -15.90 -78.58
C PRO LB 45 26.19 -14.94 -79.32
N VAL LB 46 27.47 -14.98 -78.94
CA VAL LB 46 28.47 -14.08 -79.49
C VAL LB 46 29.66 -14.91 -79.97
N ARG LB 47 30.13 -14.60 -81.18
CA ARG LB 47 31.39 -15.13 -81.67
C ARG LB 47 32.22 -13.95 -82.18
N GLU LB 48 33.54 -14.10 -82.10
CA GLU LB 48 34.41 -12.98 -82.44
C GLU LB 48 34.29 -12.62 -83.91
N GLY LB 49 34.39 -11.33 -84.20
CA GLY LB 49 34.30 -10.81 -85.55
C GLY LB 49 33.03 -10.03 -85.84
N ASP LB 50 31.95 -10.28 -85.09
CA ASP LB 50 30.72 -9.56 -85.37
C ASP LB 50 30.73 -8.20 -84.70
N VAL LB 51 29.89 -7.30 -85.20
CA VAL LB 51 29.87 -5.93 -84.74
C VAL LB 51 28.57 -5.68 -83.99
N LEU LB 52 28.61 -4.72 -83.07
CA LEU LB 52 27.45 -4.44 -82.24
C LEU LB 52 27.45 -2.97 -81.83
N THR LB 53 26.28 -2.49 -81.44
CA THR LB 53 26.09 -1.10 -81.07
C THR LB 53 26.44 -0.88 -79.61
N LEU LB 54 26.89 0.34 -79.31
CA LEU LB 54 27.16 0.76 -77.94
C LEU LB 54 26.31 1.99 -77.68
N LEU LB 55 25.16 1.81 -77.03
CA LEU LB 55 24.30 2.95 -76.71
C LEU LB 55 25.00 3.92 -75.79
N GLU LB 56 25.73 3.40 -74.80
CA GLU LB 56 26.61 4.19 -73.96
C GLU LB 56 28.01 3.60 -74.07
N SER LB 57 29.01 4.47 -74.17
CA SER LB 57 30.32 4.02 -74.62
C SER LB 57 31.03 3.16 -73.58
N GLU LB 58 31.32 3.73 -72.41
CA GLU LB 58 32.07 3.01 -71.38
C GLU LB 58 31.18 2.77 -70.17
N ARG LB 59 30.98 1.49 -69.82
CA ARG LB 59 30.17 1.12 -68.68
C ARG LB 59 31.01 0.47 -67.58
N GLU LB 60 31.71 -0.62 -67.88
CA GLU LB 60 32.48 -1.34 -66.89
C GLU LB 60 33.38 -2.34 -67.58
N ALA LB 61 34.59 -2.51 -67.05
CA ALA LB 61 35.52 -3.53 -67.49
C ALA LB 61 36.10 -4.21 -66.26
N ARG LB 62 36.11 -5.54 -66.26
CA ARG LB 62 36.62 -6.28 -65.12
C ARG LB 62 37.05 -7.66 -65.60
N ARG LB 63 38.35 -7.94 -65.51
CA ARG LB 63 38.86 -9.23 -65.93
C ARG LB 63 38.33 -10.34 -65.03
N LEU LB 64 37.96 -11.46 -65.65
CA LEU LB 64 37.42 -12.60 -64.92
C LEU LB 64 38.46 -13.20 -63.97
N GLY MB 1 -23.82 -77.74 -52.20
CA GLY MB 1 -24.86 -78.75 -52.18
C GLY MB 1 -24.67 -79.82 -53.24
N HIS MB 2 -25.73 -80.12 -53.98
CA HIS MB 2 -25.66 -81.12 -55.03
C HIS MB 2 -25.11 -80.49 -56.31
N GLN MB 3 -25.16 -81.24 -57.41
CA GLN MB 3 -24.54 -80.80 -58.65
C GLN MB 3 -25.28 -79.64 -59.30
N GLN MB 4 -26.51 -79.35 -58.87
CA GLN MB 4 -27.31 -78.33 -59.53
C GLN MB 4 -26.92 -76.92 -59.13
N LEU MB 5 -26.17 -76.75 -58.03
CA LEU MB 5 -25.77 -75.41 -57.61
C LEU MB 5 -24.31 -75.30 -57.21
N TYR MB 6 -23.56 -76.40 -57.17
CA TYR MB 6 -22.18 -76.34 -56.71
C TYR MB 6 -21.31 -75.51 -57.64
N TRP MB 7 -21.47 -75.69 -58.95
CA TRP MB 7 -20.66 -75.00 -59.95
C TRP MB 7 -21.55 -74.42 -61.03
N SER MB 8 -22.79 -74.10 -60.68
CA SER MB 8 -23.79 -73.71 -61.68
C SER MB 8 -23.55 -72.31 -62.22
N HIS MB 9 -22.83 -71.48 -61.47
CA HIS MB 9 -22.60 -70.10 -61.89
C HIS MB 9 -21.73 -70.09 -63.15
N PRO MB 10 -22.16 -69.43 -64.22
CA PRO MB 10 -21.40 -69.47 -65.48
C PRO MB 10 -20.03 -68.80 -65.34
N ARG MB 11 -19.01 -69.47 -65.89
CA ARG MB 11 -17.68 -68.90 -66.05
C ARG MB 11 -17.16 -69.22 -67.44
N LYS MB 12 -17.98 -68.94 -68.46
CA LYS MB 12 -17.54 -69.09 -69.84
C LYS MB 12 -16.72 -67.91 -70.33
N PHE MB 13 -16.60 -66.85 -69.52
CA PHE MB 13 -15.85 -65.66 -69.91
C PHE MB 13 -15.49 -64.90 -68.64
N GLY MB 14 -14.92 -63.70 -68.82
CA GLY MB 14 -14.57 -62.88 -67.69
C GLY MB 14 -13.23 -63.24 -67.09
N GLN MB 15 -12.86 -62.48 -66.07
CA GLN MB 15 -11.56 -62.69 -65.42
C GLN MB 15 -11.53 -63.99 -64.64
N GLY MB 16 -12.68 -64.43 -64.11
CA GLY MB 16 -12.73 -65.68 -63.37
C GLY MB 16 -12.66 -66.93 -64.21
N SER MB 17 -12.82 -66.81 -65.53
CA SER MB 17 -12.69 -67.95 -66.41
C SER MB 17 -11.24 -68.23 -66.80
N ARG MB 18 -10.32 -67.34 -66.45
CA ARG MB 18 -8.92 -67.46 -66.82
C ARG MB 18 -8.06 -67.46 -65.56
N SER MB 19 -7.05 -68.32 -65.55
CA SER MB 19 -6.11 -68.41 -64.44
C SER MB 19 -4.72 -68.65 -65.01
N CYS MB 20 -3.71 -68.31 -64.21
CA CYS MB 20 -2.33 -68.54 -64.63
C CYS MB 20 -2.07 -70.02 -64.79
N ARG MB 21 -1.41 -70.38 -65.88
CA ARG MB 21 -1.10 -71.78 -66.14
C ARG MB 21 -0.02 -72.32 -65.22
N VAL MB 22 0.64 -71.48 -64.45
CA VAL MB 22 1.69 -71.88 -63.53
C VAL MB 22 1.21 -71.86 -62.09
N CYS MB 23 0.77 -70.69 -61.61
CA CYS MB 23 0.48 -70.48 -60.20
C CYS MB 23 -1.01 -70.34 -59.91
N SER MB 24 -1.87 -70.51 -60.91
CA SER MB 24 -3.33 -70.45 -60.75
C SER MB 24 -3.79 -69.09 -60.22
N ASN MB 25 -3.04 -68.04 -60.51
CA ASN MB 25 -3.45 -66.69 -60.13
C ASN MB 25 -4.42 -66.13 -61.16
N ARG MB 26 -5.22 -65.15 -60.72
CA ARG MB 26 -6.24 -64.56 -61.58
C ARG MB 26 -6.01 -63.08 -61.83
N HIS MB 27 -4.79 -62.60 -61.63
CA HIS MB 27 -4.49 -61.19 -61.83
C HIS MB 27 -3.18 -61.05 -62.61
N GLY MB 28 -3.15 -60.08 -63.50
CA GLY MB 28 -1.97 -59.84 -64.32
C GLY MB 28 -1.65 -60.96 -65.27
N LEU MB 29 -2.66 -61.58 -65.87
CA LEU MB 29 -2.39 -62.61 -66.86
C LEU MB 29 -1.91 -62.00 -68.16
N ILE MB 30 -1.19 -62.80 -68.93
CA ILE MB 30 -0.74 -62.42 -70.27
C ILE MB 30 -1.33 -63.44 -71.23
N ARG MB 31 -2.37 -63.05 -71.95
CA ARG MB 31 -2.99 -63.93 -72.93
C ARG MB 31 -2.40 -63.76 -74.33
N LYS MB 32 -1.48 -62.83 -74.51
CA LYS MB 32 -0.90 -62.60 -75.82
C LYS MB 32 -0.09 -63.80 -76.26
N TYR MB 33 -0.22 -64.17 -77.54
CA TYR MB 33 0.40 -65.36 -78.12
C TYR MB 33 0.00 -66.64 -77.39
N GLY MB 34 -1.18 -66.64 -76.77
CA GLY MB 34 -1.63 -67.80 -76.04
C GLY MB 34 -0.75 -68.18 -74.86
N LEU MB 35 -0.14 -67.18 -74.21
CA LEU MB 35 0.81 -67.45 -73.15
C LEU MB 35 0.09 -67.95 -71.90
N ASN MB 36 -0.98 -67.27 -71.51
CA ASN MB 36 -1.81 -67.66 -70.36
C ASN MB 36 -0.99 -67.82 -69.09
N MET MB 37 -0.09 -66.88 -68.85
CA MET MB 37 0.81 -66.94 -67.73
C MET MB 37 0.75 -65.63 -66.95
N CYS MB 38 0.97 -65.72 -65.65
CA CYS MB 38 0.92 -64.54 -64.79
C CYS MB 38 2.02 -63.56 -65.15
N ARG MB 39 1.82 -62.32 -64.75
CA ARG MB 39 2.80 -61.26 -65.01
C ARG MB 39 4.13 -61.57 -64.36
N GLN MB 40 4.11 -62.05 -63.11
CA GLN MB 40 5.34 -62.39 -62.41
C GLN MB 40 5.94 -63.69 -62.93
N CYS MB 41 5.09 -64.68 -63.20
CA CYS MB 41 5.59 -65.95 -63.70
C CYS MB 41 6.24 -65.82 -65.06
N PHE MB 42 5.78 -64.88 -65.88
CA PHE MB 42 6.43 -64.67 -67.17
C PHE MB 42 7.83 -64.11 -66.99
N ARG MB 43 8.00 -63.16 -66.07
CA ARG MB 43 9.35 -62.68 -65.78
C ARG MB 43 10.21 -63.81 -65.24
N GLN MB 44 9.61 -64.71 -64.46
CA GLN MB 44 10.36 -65.83 -63.93
C GLN MB 44 10.85 -66.77 -65.03
N TYR MB 45 10.02 -67.04 -66.03
CA TYR MB 45 10.31 -68.09 -67.00
C TYR MB 45 10.70 -67.60 -68.39
N ALA MB 46 10.78 -66.29 -68.61
CA ALA MB 46 11.02 -65.75 -69.96
C ALA MB 46 12.31 -66.27 -70.57
N LYS MB 47 13.33 -66.51 -69.74
CA LYS MB 47 14.54 -67.12 -70.24
C LYS MB 47 14.27 -68.52 -70.79
N ASP MB 48 13.39 -69.27 -70.13
CA ASP MB 48 13.10 -70.63 -70.56
C ASP MB 48 12.25 -70.64 -71.83
N ILE MB 49 11.24 -69.77 -71.91
CA ILE MB 49 10.47 -69.69 -73.16
C ILE MB 49 11.34 -69.22 -74.31
N GLY MB 50 12.14 -68.18 -74.08
CA GLY MB 50 13.00 -67.69 -75.14
C GLY MB 50 12.87 -66.20 -75.35
N PHE MB 51 11.97 -65.56 -74.61
CA PHE MB 51 11.84 -64.11 -74.64
C PHE MB 51 13.04 -63.50 -73.94
N ILE MB 52 14.00 -63.01 -74.73
CA ILE MB 52 15.22 -62.45 -74.18
C ILE MB 52 15.25 -60.95 -74.46
N LYS MB 53 15.99 -60.23 -73.62
CA LYS MB 53 16.06 -58.78 -73.68
C LYS MB 53 17.10 -58.33 -74.69
N LEU MB 54 16.71 -57.41 -75.57
CA LEU MB 54 17.64 -56.84 -76.54
C LEU MB 54 17.81 -55.35 -76.38
N ASP MB 55 16.74 -54.62 -76.10
CA ASP MB 55 16.82 -53.18 -75.86
C ASP MB 55 15.85 -52.76 -74.77
N TYR NB 1 -19.40 -62.85 -34.44
CA TYR NB 1 -20.41 -63.75 -34.97
C TYR NB 1 -21.80 -63.35 -34.53
N THR NB 2 -22.31 -64.05 -33.52
CA THR NB 2 -23.66 -63.85 -32.97
C THR NB 2 -24.70 -63.96 -34.09
N THR NB 3 -24.80 -65.16 -34.63
CA THR NB 3 -25.71 -65.42 -35.72
C THR NB 3 -27.15 -65.31 -35.21
N PRO NB 4 -28.02 -64.55 -35.90
CA PRO NB 4 -29.41 -64.44 -35.42
C PRO NB 4 -30.16 -65.76 -35.36
N LYS NB 5 -29.89 -66.67 -36.29
CA LYS NB 5 -30.59 -67.96 -36.30
C LYS NB 5 -29.85 -68.96 -35.42
N LYS NB 6 -30.62 -69.85 -34.81
CA LYS NB 6 -30.06 -70.95 -34.05
C LYS NB 6 -29.37 -71.94 -34.98
N ASN NB 7 -28.59 -72.84 -34.39
CA ASN NB 7 -27.83 -73.82 -35.17
C ASN NB 7 -28.77 -74.75 -35.91
N LYS NB 8 -28.65 -74.77 -37.24
CA LYS NB 8 -29.50 -75.60 -38.09
C LYS NB 8 -29.31 -77.08 -37.78
N HIS NB 9 -30.35 -77.73 -37.29
CA HIS NB 9 -30.26 -79.14 -36.92
C HIS NB 9 -30.17 -79.99 -38.18
N LYS NB 10 -29.04 -80.67 -38.34
CA LYS NB 10 -28.84 -81.53 -39.51
C LYS NB 10 -29.80 -82.72 -39.46
N ARG NB 11 -30.21 -83.17 -40.63
CA ARG NB 11 -31.16 -84.27 -40.72
C ARG NB 11 -30.57 -85.56 -40.17
N LYS NB 12 -31.35 -86.26 -39.35
CA LYS NB 12 -31.01 -87.59 -38.88
C LYS NB 12 -32.01 -88.59 -39.47
N LYS NB 13 -31.49 -89.64 -40.08
CA LYS NB 13 -32.36 -90.61 -40.72
C LYS NB 13 -33.16 -91.40 -39.69
N VAL NB 14 -34.25 -92.01 -40.16
CA VAL NB 14 -35.22 -92.63 -39.27
C VAL NB 14 -34.73 -93.92 -38.63
N LYS NB 15 -33.60 -94.46 -39.08
CA LYS NB 15 -33.02 -95.69 -38.55
C LYS NB 15 -34.03 -96.84 -38.68
N LEU NB 16 -34.33 -97.16 -39.93
CA LEU NB 16 -35.33 -98.18 -40.22
C LEU NB 16 -34.80 -99.57 -39.91
N ALA NB 17 -35.67 -100.42 -39.36
CA ALA NB 17 -35.33 -101.80 -39.08
C ALA NB 17 -35.41 -102.63 -40.36
N VAL NB 18 -35.42 -103.96 -40.22
CA VAL NB 18 -35.53 -104.84 -41.37
C VAL NB 18 -36.81 -104.52 -42.14
N LEU NB 19 -36.69 -104.49 -43.48
CA LEU NB 19 -37.74 -103.95 -44.34
C LEU NB 19 -39.04 -104.76 -44.26
N LYS NB 20 -39.03 -106.02 -44.71
CA LYS NB 20 -40.12 -106.97 -44.52
C LYS NB 20 -41.48 -106.43 -44.99
N TYR NB 21 -41.49 -105.58 -46.02
CA TYR NB 21 -42.78 -105.10 -46.52
C TYR NB 21 -43.28 -105.91 -47.71
N TYR NB 22 -43.35 -107.24 -47.54
CA TYR NB 22 -44.03 -108.13 -48.46
C TYR NB 22 -44.30 -109.44 -47.75
N LYS NB 23 -45.46 -110.03 -48.06
CA LYS NB 23 -45.98 -111.17 -47.29
C LYS NB 23 -46.50 -112.23 -48.24
N VAL NB 24 -46.36 -113.49 -47.82
CA VAL NB 24 -46.96 -114.62 -48.51
C VAL NB 24 -47.94 -115.29 -47.56
N ASP NB 25 -48.89 -116.03 -48.12
CA ASP NB 25 -49.98 -116.59 -47.36
C ASP NB 25 -50.14 -118.07 -47.67
N GLU NB 26 -50.76 -118.78 -46.71
CA GLU NB 26 -51.09 -120.21 -46.76
C GLU NB 26 -49.95 -121.04 -47.36
N ASN NB 27 -48.83 -121.04 -46.64
CA ASN NB 27 -47.63 -121.80 -46.99
C ASN NB 27 -47.05 -121.33 -48.32
N GLY NB 28 -47.15 -120.03 -48.57
CA GLY NB 28 -46.45 -119.38 -49.66
C GLY NB 28 -47.28 -119.08 -50.88
N LYS NB 29 -47.79 -117.85 -50.95
CA LYS NB 29 -48.44 -117.31 -52.15
C LYS NB 29 -48.06 -115.84 -52.21
N ILE NB 30 -47.28 -115.48 -53.23
CA ILE NB 30 -46.58 -114.19 -53.22
C ILE NB 30 -47.59 -113.06 -53.33
N SER NB 31 -47.38 -112.00 -52.55
CA SER NB 31 -48.23 -110.81 -52.57
C SER NB 31 -47.34 -109.58 -52.49
N ARG NB 32 -47.01 -108.99 -53.64
CA ARG NB 32 -46.42 -107.67 -53.69
C ARG NB 32 -47.43 -106.66 -53.15
N LEU NB 33 -47.18 -106.17 -51.94
CA LEU NB 33 -47.98 -105.09 -51.37
C LEU NB 33 -47.40 -103.72 -51.70
N ARG NB 34 -46.35 -103.67 -52.53
CA ARG NB 34 -45.73 -102.44 -52.97
C ARG NB 34 -45.72 -102.38 -54.48
N ARG NB 35 -45.81 -101.18 -55.02
CA ARG NB 35 -45.82 -100.98 -56.47
C ARG NB 35 -44.43 -101.26 -57.05
N GLU NB 36 -44.40 -101.66 -58.31
CA GLU NB 36 -43.17 -101.98 -59.02
C GLU NB 36 -42.84 -100.89 -60.03
N CYS NB 37 -41.59 -100.45 -60.03
CA CYS NB 37 -41.11 -99.49 -61.02
C CYS NB 37 -40.86 -100.21 -62.34
N PRO NB 38 -41.56 -99.86 -63.41
CA PRO NB 38 -41.48 -100.64 -64.65
C PRO NB 38 -40.41 -100.20 -65.63
N SER NB 39 -39.59 -99.21 -65.31
CA SER NB 39 -38.57 -98.77 -66.25
C SER NB 39 -37.40 -99.75 -66.27
N ASP NB 40 -36.59 -99.67 -67.33
CA ASP NB 40 -35.42 -100.51 -67.42
C ASP NB 40 -34.38 -100.13 -66.37
N GLU NB 41 -34.20 -98.83 -66.13
CA GLU NB 41 -33.20 -98.39 -65.16
C GLU NB 41 -33.60 -98.76 -63.74
N CYS NB 42 -34.89 -98.70 -63.41
CA CYS NB 42 -35.35 -99.23 -62.13
C CYS NB 42 -35.27 -100.75 -62.11
N GLY NB 43 -35.75 -101.40 -63.17
CA GLY NB 43 -35.78 -102.85 -63.21
C GLY NB 43 -36.95 -103.42 -62.45
N ALA NB 44 -37.09 -104.73 -62.54
CA ALA NB 44 -38.17 -105.44 -61.85
C ALA NB 44 -37.81 -105.82 -60.41
N GLY NB 45 -36.59 -105.52 -59.97
CA GLY NB 45 -36.16 -105.88 -58.63
C GLY NB 45 -36.60 -104.92 -57.56
N VAL NB 46 -36.36 -103.63 -57.78
CA VAL NB 46 -36.65 -102.63 -56.76
C VAL NB 46 -38.16 -102.43 -56.64
N PHE NB 47 -38.57 -101.91 -55.49
CA PHE NB 47 -39.97 -101.63 -55.20
C PHE NB 47 -40.19 -100.12 -55.17
N MET NB 48 -41.38 -99.69 -55.56
CA MET NB 48 -41.69 -98.27 -55.51
C MET NB 48 -42.21 -97.87 -54.13
N ALA NB 49 -42.19 -96.57 -53.88
CA ALA NB 49 -42.77 -96.04 -52.66
C ALA NB 49 -44.29 -96.14 -52.71
N SER NB 50 -44.89 -96.12 -51.53
CA SER NB 50 -46.35 -96.21 -51.37
C SER NB 50 -46.84 -95.03 -50.54
N HIS NB 51 -46.43 -93.83 -50.95
CA HIS NB 51 -46.85 -92.58 -50.32
C HIS NB 51 -48.37 -92.48 -50.31
N PHE NB 52 -48.91 -91.67 -49.40
CA PHE NB 52 -50.35 -91.65 -49.18
C PHE NB 52 -51.13 -91.09 -50.37
N ASP NB 53 -50.45 -90.42 -51.31
CA ASP NB 53 -51.14 -89.92 -52.49
C ASP NB 53 -50.35 -90.04 -53.78
N ARG NB 54 -49.23 -90.76 -53.79
CA ARG NB 54 -48.50 -91.04 -55.02
C ARG NB 54 -47.60 -92.24 -54.80
N HIS NB 55 -46.89 -92.64 -55.85
CA HIS NB 55 -45.91 -93.71 -55.82
C HIS NB 55 -44.61 -93.21 -56.43
N TYR NB 56 -43.49 -93.54 -55.79
CA TYR NB 56 -42.18 -93.05 -56.18
C TYR NB 56 -41.23 -94.22 -56.41
N CYS NB 57 -40.50 -94.21 -57.52
CA CYS NB 57 -39.56 -95.28 -57.82
C CYS NB 57 -38.19 -94.83 -57.32
N GLY NB 58 -37.53 -95.70 -56.54
CA GLY NB 58 -36.30 -95.31 -55.88
C GLY NB 58 -35.17 -94.99 -56.83
N LYS NB 59 -35.09 -95.72 -57.95
CA LYS NB 59 -34.08 -95.51 -58.97
C LYS NB 59 -34.58 -94.65 -60.13
N CYS NB 60 -35.71 -95.03 -60.72
CA CYS NB 60 -36.23 -94.34 -61.88
C CYS NB 60 -36.76 -92.95 -61.54
N CYS NB 61 -36.99 -92.65 -60.26
CA CYS NB 61 -37.57 -91.40 -59.77
C CYS NB 61 -38.83 -91.01 -60.53
N LEU NB 62 -39.55 -92.00 -61.05
CA LEU NB 62 -40.88 -91.77 -61.58
C LEU NB 62 -41.88 -91.68 -60.44
N THR NB 63 -42.84 -90.76 -60.58
CA THR NB 63 -43.90 -90.55 -59.62
C THR NB 63 -45.24 -90.75 -60.31
N TYR NB 64 -45.96 -91.77 -59.89
CA TYR NB 64 -47.30 -92.08 -60.41
C TYR NB 64 -48.32 -91.53 -59.42
N CYS NB 65 -49.19 -90.64 -59.91
CA CYS NB 65 -50.15 -89.94 -59.08
C CYS NB 65 -51.54 -90.51 -59.32
N PHE NB 66 -52.23 -90.86 -58.24
CA PHE NB 66 -53.62 -91.30 -58.29
C PHE NB 66 -54.48 -90.27 -57.58
N ASN NB 67 -55.53 -89.81 -58.26
CA ASN NB 67 -56.39 -88.78 -57.71
C ASN NB 67 -57.71 -89.37 -57.24
N THR OB 1 70.53 -31.53 -122.09
CA THR OB 1 69.56 -30.46 -122.29
C THR OB 1 68.14 -30.97 -122.04
N GLU OB 2 68.03 -32.10 -121.36
CA GLU OB 2 66.74 -32.71 -121.05
C GLU OB 2 66.58 -32.84 -119.54
N GLN OB 3 65.37 -32.53 -119.07
CA GLN OB 3 65.03 -32.66 -117.66
C GLN OB 3 63.54 -32.89 -117.54
N MET OB 4 63.12 -33.45 -116.42
CA MET OB 4 61.75 -33.84 -116.21
C MET OB 4 61.07 -32.76 -115.38
N THR OB 5 59.93 -32.25 -115.86
CA THR OB 5 59.31 -31.09 -115.24
C THR OB 5 57.80 -31.26 -115.21
N LEU OB 6 57.12 -30.29 -114.61
CA LEU OB 6 55.67 -30.32 -114.51
C LEU OB 6 55.03 -30.07 -115.87
N ARG OB 7 53.81 -30.59 -116.03
CA ARG OB 7 52.99 -30.25 -117.18
C ARG OB 7 51.59 -29.90 -116.71
N GLY OB 8 51.18 -30.43 -115.57
CA GLY OB 8 49.89 -30.12 -115.01
C GLY OB 8 49.42 -31.18 -114.04
N THR OB 9 48.19 -31.00 -113.57
CA THR OB 9 47.56 -31.89 -112.61
C THR OB 9 46.18 -32.27 -113.11
N LEU OB 10 45.71 -33.44 -112.71
CA LEU OB 10 44.38 -33.91 -113.06
C LEU OB 10 43.57 -34.03 -111.78
N LYS OB 11 42.43 -33.34 -111.73
CA LYS OB 11 41.60 -33.29 -110.54
C LYS OB 11 40.30 -34.04 -110.76
N GLY OB 12 39.74 -34.57 -109.68
CA GLY OB 12 38.47 -35.26 -109.75
C GLY OB 12 38.38 -36.47 -108.84
N HIS OB 13 39.50 -36.85 -108.23
CA HIS OB 13 39.53 -38.00 -107.35
C HIS OB 13 39.24 -37.60 -105.91
N ASN OB 14 38.60 -38.49 -105.17
CA ASN OB 14 38.35 -38.33 -103.74
C ASN OB 14 39.08 -39.39 -102.94
N GLY OB 15 40.28 -39.75 -103.40
CA GLY OB 15 41.09 -40.73 -102.70
C GLY OB 15 42.44 -40.83 -103.36
N TRP OB 16 43.34 -41.56 -102.70
CA TRP OB 16 44.70 -41.72 -103.22
C TRP OB 16 44.66 -42.46 -104.55
N VAL OB 17 45.38 -41.92 -105.52
CA VAL OB 17 45.43 -42.52 -106.86
C VAL OB 17 46.31 -43.76 -106.77
N THR OB 18 45.69 -44.93 -106.66
CA THR OB 18 46.45 -46.16 -106.44
C THR OB 18 47.20 -46.58 -107.70
N GLN OB 19 46.57 -46.46 -108.87
CA GLN OB 19 47.15 -46.97 -110.09
C GLN OB 19 46.83 -46.07 -111.27
N ILE OB 20 47.81 -45.89 -112.16
CA ILE OB 20 47.64 -45.22 -113.43
C ILE OB 20 47.83 -46.25 -114.53
N ALA OB 21 46.93 -46.27 -115.50
CA ALA OB 21 47.05 -47.15 -116.65
C ALA OB 21 46.93 -46.33 -117.93
N THR OB 22 47.85 -46.56 -118.85
CA THR OB 22 47.89 -45.88 -120.14
C THR OB 22 47.94 -46.92 -121.24
N THR OB 23 47.47 -46.53 -122.43
CA THR OB 23 47.39 -47.45 -123.54
C THR OB 23 48.08 -46.87 -124.77
N PRO OB 24 48.68 -47.72 -125.60
CA PRO OB 24 49.35 -47.19 -126.80
C PRO OB 24 48.38 -46.78 -127.90
N GLN OB 25 47.29 -47.52 -128.08
CA GLN OB 25 46.37 -47.23 -129.17
C GLN OB 25 45.64 -45.91 -128.96
N PHE OB 26 45.47 -45.49 -127.72
CA PHE OB 26 44.82 -44.22 -127.39
C PHE OB 26 45.79 -43.39 -126.55
N PRO OB 27 46.71 -42.65 -127.19
CA PRO OB 27 47.65 -41.83 -126.42
C PRO OB 27 46.99 -40.70 -125.67
N ASP OB 28 45.76 -40.32 -126.02
CA ASP OB 28 45.05 -39.23 -125.37
C ASP OB 28 44.05 -39.72 -124.33
N MET OB 29 44.08 -41.00 -123.98
CA MET OB 29 43.15 -41.55 -123.01
C MET OB 29 43.92 -42.34 -121.98
N ILE OB 30 43.74 -41.99 -120.70
CA ILE OB 30 44.34 -42.75 -119.61
C ILE OB 30 43.23 -43.14 -118.64
N LEU OB 31 43.56 -43.92 -117.62
CA LEU OB 31 42.58 -44.22 -116.59
C LEU OB 31 43.26 -44.47 -115.26
N SER OB 32 42.70 -43.90 -114.20
CA SER OB 32 43.28 -43.92 -112.87
C SER OB 32 42.33 -44.56 -111.88
N ALA OB 33 42.83 -45.55 -111.15
CA ALA OB 33 42.11 -46.09 -110.01
C ALA OB 33 42.37 -45.22 -108.78
N SER OB 34 41.51 -45.35 -107.78
CA SER OB 34 41.60 -44.53 -106.60
C SER OB 34 41.03 -45.26 -105.39
N ARG OB 35 41.18 -44.64 -104.23
CA ARG OB 35 40.60 -45.13 -102.99
C ARG OB 35 39.23 -44.53 -102.71
N ASP OB 36 38.49 -44.17 -103.76
CA ASP OB 36 37.11 -43.73 -103.65
C ASP OB 36 36.17 -44.69 -104.35
N LYS OB 37 36.61 -45.95 -104.54
CA LYS OB 37 35.83 -47.02 -105.16
C LYS OB 37 35.45 -46.71 -106.61
N THR OB 38 36.13 -45.75 -107.23
CA THR OB 38 35.83 -45.35 -108.61
C THR OB 38 37.10 -45.34 -109.43
N ILE OB 39 36.95 -45.62 -110.71
CA ILE OB 39 38.05 -45.56 -111.68
C ILE OB 39 37.71 -44.47 -112.67
N ILE OB 40 38.48 -43.39 -112.68
CA ILE OB 40 38.19 -42.24 -113.51
C ILE OB 40 39.07 -42.32 -114.75
N MET OB 41 38.46 -42.37 -115.93
CA MET OB 41 39.21 -42.34 -117.18
C MET OB 41 39.25 -40.91 -117.70
N TRP OB 42 40.40 -40.53 -118.24
CA TRP OB 42 40.69 -39.14 -118.57
C TRP OB 42 40.96 -39.01 -120.07
N LYS OB 43 40.28 -38.05 -120.69
CA LYS OB 43 40.66 -37.56 -122.01
C LYS OB 43 41.62 -36.39 -121.84
N LEU OB 44 42.71 -36.41 -122.60
CA LEU OB 44 43.83 -35.51 -122.38
C LEU OB 44 43.68 -34.33 -123.34
N THR OB 45 43.23 -33.20 -122.81
CA THR OB 45 43.01 -32.00 -123.61
C THR OB 45 44.16 -31.05 -123.29
N ARG OB 46 45.26 -31.20 -124.03
CA ARG OB 46 46.52 -30.54 -123.71
C ARG OB 46 46.40 -29.05 -124.05
N ASP OB 47 45.79 -28.31 -123.13
CA ASP OB 47 45.62 -26.88 -123.31
C ASP OB 47 46.14 -26.13 -122.08
N GLU OB 48 45.92 -24.82 -122.02
CA GLU OB 48 46.40 -24.00 -120.93
C GLU OB 48 45.47 -23.97 -119.73
N THR OB 49 44.23 -24.44 -119.88
CA THR OB 49 43.30 -24.46 -118.75
C THR OB 49 43.56 -25.65 -117.84
N ASN OB 50 43.43 -26.86 -118.38
CA ASN OB 50 43.80 -28.08 -117.68
C ASN OB 50 44.37 -29.06 -118.69
N TYR OB 51 45.18 -30.00 -118.19
CA TYR OB 51 45.85 -30.90 -119.11
C TYR OB 51 44.95 -32.09 -119.47
N GLY OB 52 44.11 -32.52 -118.52
CA GLY OB 52 43.18 -33.61 -118.79
C GLY OB 52 41.83 -33.31 -118.16
N ILE OB 53 40.86 -34.17 -118.49
CA ILE OB 53 39.51 -34.02 -117.97
C ILE OB 53 38.86 -35.39 -117.89
N PRO OB 54 38.10 -35.69 -116.83
CA PRO OB 54 37.39 -36.96 -116.76
C PRO OB 54 36.37 -37.09 -117.88
N GLN OB 55 36.23 -38.31 -118.38
CA GLN OB 55 35.25 -38.64 -119.42
C GLN OB 55 34.27 -39.70 -119.00
N ARG OB 56 34.71 -40.68 -118.20
CA ARG OB 56 33.82 -41.67 -117.62
C ARG OB 56 34.33 -42.10 -116.26
N ALA OB 57 33.39 -42.53 -115.41
CA ALA OB 57 33.69 -43.05 -114.09
C ALA OB 57 33.18 -44.47 -113.99
N LEU OB 58 34.03 -45.37 -113.55
CA LEU OB 58 33.73 -46.79 -113.44
C LEU OB 58 33.46 -47.09 -111.97
N ARG OB 59 32.22 -47.48 -111.67
CA ARG OB 59 31.78 -47.70 -110.30
C ARG OB 59 31.17 -49.08 -110.16
N GLY OB 60 31.30 -49.65 -108.97
CA GLY OB 60 30.81 -50.99 -108.72
C GLY OB 60 31.68 -51.76 -107.74
N HIS OB 61 32.90 -51.28 -107.51
CA HIS OB 61 33.73 -51.84 -106.45
C HIS OB 61 33.23 -51.35 -105.10
N SER OB 62 33.13 -52.26 -104.15
CA SER OB 62 32.59 -51.93 -102.83
C SER OB 62 33.60 -51.25 -101.93
N HIS OB 63 34.88 -51.25 -102.27
CA HIS OB 63 35.89 -50.70 -101.37
C HIS OB 63 37.00 -50.12 -102.24
N PHE OB 64 38.16 -49.87 -101.66
CA PHE OB 64 39.25 -49.21 -102.37
C PHE OB 64 39.70 -50.05 -103.56
N VAL OB 65 39.91 -49.40 -104.70
CA VAL OB 65 40.36 -50.07 -105.91
C VAL OB 65 41.88 -50.08 -105.92
N SER OB 66 42.47 -51.29 -105.95
CA SER OB 66 43.91 -51.42 -105.86
C SER OB 66 44.59 -51.20 -107.21
N ASP OB 67 44.28 -52.05 -108.17
CA ASP OB 67 45.03 -52.11 -109.42
C ASP OB 67 44.08 -52.07 -110.61
N VAL OB 68 44.55 -51.46 -111.70
CA VAL OB 68 43.80 -51.40 -112.95
C VAL OB 68 44.79 -51.64 -114.10
N VAL OB 69 44.36 -52.45 -115.06
CA VAL OB 69 45.19 -52.81 -116.21
C VAL OB 69 44.35 -52.74 -117.47
N ILE OB 70 44.93 -52.23 -118.54
CA ILE OB 70 44.26 -52.14 -119.83
C ILE OB 70 44.29 -53.50 -120.52
N SER OB 71 43.54 -53.64 -121.60
CA SER OB 71 43.79 -54.69 -122.56
C SER OB 71 44.67 -54.14 -123.68
N SER OB 72 45.13 -55.05 -124.55
CA SER OB 72 46.00 -54.62 -125.65
C SER OB 72 45.26 -53.69 -126.61
N ASP OB 73 44.00 -54.00 -126.92
CA ASP OB 73 43.21 -53.16 -127.80
C ASP OB 73 42.61 -51.96 -127.09
N GLY OB 74 42.61 -51.95 -125.76
CA GLY OB 74 42.01 -50.86 -125.01
C GLY OB 74 40.52 -50.92 -124.86
N GLN OB 75 39.87 -51.96 -125.38
CA GLN OB 75 38.43 -52.08 -125.25
C GLN OB 75 38.00 -52.50 -123.86
N PHE OB 76 38.86 -53.19 -123.11
CA PHE OB 76 38.52 -53.71 -121.80
C PHE OB 76 39.57 -53.28 -120.78
N ALA OB 77 39.13 -53.17 -119.53
CA ALA OB 77 40.01 -52.86 -118.42
C ALA OB 77 39.68 -53.78 -117.25
N LEU OB 78 40.70 -54.38 -116.67
CA LEU OB 78 40.53 -55.29 -115.54
C LEU OB 78 41.02 -54.61 -114.27
N SER OB 79 40.20 -54.66 -113.23
CA SER OB 79 40.50 -53.98 -111.98
C SER OB 79 40.34 -54.93 -110.81
N GLY OB 80 41.27 -54.81 -109.87
CA GLY OB 80 41.18 -55.52 -108.61
C GLY OB 80 41.11 -54.55 -107.45
N SER OB 81 40.19 -54.78 -106.52
CA SER OB 81 39.94 -53.86 -105.42
C SER OB 81 39.98 -54.62 -104.10
N TRP OB 82 39.80 -53.88 -103.02
CA TRP OB 82 39.84 -54.48 -101.69
C TRP OB 82 38.58 -55.30 -101.41
N ASP OB 83 37.52 -55.12 -102.18
CA ASP OB 83 36.29 -55.86 -101.89
C ASP OB 83 36.40 -57.36 -102.18
N GLY OB 84 37.58 -57.88 -102.55
CA GLY OB 84 37.75 -59.29 -102.78
C GLY OB 84 37.32 -59.77 -104.14
N THR OB 85 36.85 -58.88 -105.01
CA THR OB 85 36.36 -59.25 -106.33
C THR OB 85 37.14 -58.48 -107.39
N LEU OB 86 37.32 -59.11 -108.54
CA LEU OB 86 37.89 -58.48 -109.71
C LEU OB 86 36.76 -58.15 -110.69
N ARG OB 87 36.88 -57.02 -111.38
CA ARG OB 87 35.87 -56.61 -112.34
C ARG OB 87 36.53 -56.31 -113.67
N LEU OB 88 36.05 -56.97 -114.72
CA LEU OB 88 36.46 -56.70 -116.08
C LEU OB 88 35.39 -55.85 -116.75
N TRP OB 89 35.80 -54.71 -117.31
CA TRP OB 89 34.92 -53.67 -117.79
C TRP OB 89 35.12 -53.51 -119.29
N ASP OB 90 34.04 -53.22 -120.00
CA ASP OB 90 34.17 -52.68 -121.35
C ASP OB 90 34.09 -51.15 -121.29
N LEU OB 91 34.93 -50.50 -122.07
CA LEU OB 91 35.06 -49.05 -122.01
C LEU OB 91 34.12 -48.33 -122.96
N THR OB 92 33.54 -49.03 -123.93
CA THR OB 92 32.56 -48.40 -124.81
C THR OB 92 31.34 -47.94 -124.03
N THR OB 93 30.87 -48.78 -123.11
CA THR OB 93 29.76 -48.42 -122.24
C THR OB 93 30.20 -48.15 -120.81
N GLY OB 94 31.46 -48.39 -120.47
CA GLY OB 94 31.95 -48.20 -119.11
C GLY OB 94 31.25 -49.11 -118.14
N THR OB 95 31.14 -50.40 -118.48
CA THR OB 95 30.30 -51.32 -117.74
C THR OB 95 31.06 -52.57 -117.33
N THR OB 96 30.81 -53.05 -116.13
CA THR OB 96 31.36 -54.32 -115.66
C THR OB 96 30.70 -55.46 -116.40
N THR OB 97 31.42 -56.06 -117.34
CA THR OB 97 30.91 -57.23 -118.05
C THR OB 97 31.29 -58.54 -117.38
N ARG OB 98 32.35 -58.56 -116.58
CA ARG OB 98 32.77 -59.82 -115.97
C ARG OB 98 33.15 -59.59 -114.52
N ARG OB 99 32.82 -60.57 -113.67
CA ARG OB 99 33.18 -60.52 -112.26
C ARG OB 99 33.91 -61.80 -111.87
N PHE OB 100 35.05 -61.64 -111.20
CA PHE OB 100 35.89 -62.73 -110.74
C PHE OB 100 35.81 -62.77 -109.22
N VAL OB 101 35.45 -63.92 -108.66
CA VAL OB 101 35.31 -64.09 -107.22
C VAL OB 101 36.05 -65.34 -106.78
N GLY OB 102 36.47 -65.34 -105.51
CA GLY OB 102 37.22 -66.45 -104.98
C GLY OB 102 38.27 -66.03 -103.98
N HIS OB 103 38.77 -64.80 -104.09
CA HIS OB 103 39.66 -64.27 -103.06
C HIS OB 103 38.87 -63.94 -101.81
N THR OB 104 39.39 -64.37 -100.66
CA THR OB 104 38.72 -64.16 -99.39
C THR OB 104 39.14 -62.86 -98.70
N LYS OB 105 40.12 -62.15 -99.23
CA LYS OB 105 40.62 -60.93 -98.59
C LYS OB 105 40.81 -59.86 -99.66
N ASP OB 106 41.47 -58.78 -99.27
CA ASP OB 106 41.66 -57.64 -100.17
C ASP OB 106 42.55 -58.05 -101.34
N VAL OB 107 42.09 -57.77 -102.56
CA VAL OB 107 42.89 -58.03 -103.75
C VAL OB 107 43.74 -56.80 -104.02
N LEU OB 108 45.06 -57.00 -104.15
CA LEU OB 108 45.98 -55.90 -104.35
C LEU OB 108 46.66 -55.88 -105.70
N SER OB 109 46.76 -57.01 -106.40
CA SER OB 109 47.48 -57.01 -107.66
C SER OB 109 46.69 -57.78 -108.72
N VAL OB 110 46.58 -57.20 -109.90
CA VAL OB 110 46.02 -57.87 -111.06
C VAL OB 110 47.01 -57.71 -112.21
N ALA OB 111 47.01 -58.68 -113.11
CA ALA OB 111 47.83 -58.59 -114.30
C ALA OB 111 47.18 -59.38 -115.43
N PHE OB 112 47.29 -58.84 -116.64
CA PHE OB 112 46.64 -59.36 -117.83
C PHE OB 112 47.73 -59.78 -118.81
N SER OB 113 47.61 -60.99 -119.34
CA SER OB 113 48.70 -61.57 -120.13
C SER OB 113 48.85 -60.85 -121.47
N SER OB 114 50.02 -61.05 -122.08
CA SER OB 114 50.30 -60.42 -123.37
C SER OB 114 49.37 -60.92 -124.46
N ASP OB 115 49.07 -62.21 -124.46
CA ASP OB 115 48.16 -62.78 -125.45
C ASP OB 115 46.69 -62.50 -125.13
N ASN OB 116 46.42 -61.75 -124.06
CA ASN OB 116 45.06 -61.34 -123.68
C ASN OB 116 44.16 -62.56 -123.43
N ARG OB 117 44.74 -63.59 -122.81
CA ARG OB 117 44.00 -64.80 -122.49
C ARG OB 117 44.12 -65.22 -121.02
N GLN OB 118 45.19 -64.84 -120.34
CA GLN OB 118 45.40 -65.25 -118.95
C GLN OB 118 45.30 -64.04 -118.02
N ILE OB 119 44.80 -64.29 -116.82
CA ILE OB 119 44.71 -63.28 -115.77
C ILE OB 119 45.37 -63.86 -114.53
N VAL OB 120 46.22 -63.07 -113.88
CA VAL OB 120 46.82 -63.49 -112.61
C VAL OB 120 46.48 -62.43 -111.56
N SER OB 121 46.14 -62.90 -110.36
CA SER OB 121 45.70 -62.02 -109.29
C SER OB 121 46.37 -62.42 -107.99
N GLY OB 122 46.70 -61.42 -107.17
CA GLY OB 122 47.28 -61.62 -105.86
C GLY OB 122 46.60 -60.78 -104.80
N SER OB 123 46.22 -61.42 -103.69
CA SER OB 123 45.43 -60.80 -102.65
C SER OB 123 46.10 -61.00 -101.30
N ARG OB 124 45.43 -60.53 -100.25
CA ARG OB 124 45.94 -60.65 -98.89
C ARG OB 124 45.79 -62.06 -98.32
N ASP OB 125 45.06 -62.94 -98.99
CA ASP OB 125 44.87 -64.30 -98.52
C ASP OB 125 46.08 -65.19 -98.77
N LYS OB 126 47.22 -64.61 -99.15
CA LYS OB 126 48.46 -65.34 -99.41
C LYS OB 126 48.27 -66.41 -100.47
N THR OB 127 47.41 -66.15 -101.44
CA THR OB 127 47.11 -67.12 -102.49
C THR OB 127 47.07 -66.39 -103.83
N ILE OB 128 47.72 -66.95 -104.84
CA ILE OB 128 47.72 -66.40 -106.19
C ILE OB 128 46.66 -67.15 -106.98
N LYS OB 129 45.99 -66.45 -107.89
CA LYS OB 129 44.90 -67.07 -108.64
C LYS OB 129 45.05 -66.81 -110.12
N LEU OB 130 44.81 -67.85 -110.93
CA LEU OB 130 44.93 -67.80 -112.37
C LEU OB 130 43.56 -68.01 -113.00
N TRP OB 131 43.16 -67.07 -113.85
CA TRP OB 131 41.82 -66.94 -114.38
C TRP OB 131 41.85 -66.88 -115.90
N ASN OB 132 40.73 -67.28 -116.50
CA ASN OB 132 40.48 -67.02 -117.91
C ASN OB 132 39.61 -65.78 -118.06
N THR OB 133 39.23 -65.49 -119.30
CA THR OB 133 38.37 -64.33 -119.54
C THR OB 133 36.96 -64.56 -119.03
N LEU OB 134 36.47 -65.80 -119.08
CA LEU OB 134 35.09 -66.11 -118.74
C LEU OB 134 34.76 -65.92 -117.26
N GLY OB 135 35.76 -65.73 -116.41
CA GLY OB 135 35.51 -65.52 -115.00
C GLY OB 135 35.73 -66.73 -114.11
N VAL OB 136 36.39 -67.76 -114.60
CA VAL OB 136 36.60 -69.00 -113.84
C VAL OB 136 38.05 -69.02 -113.37
N CYS OB 137 38.24 -69.26 -112.07
CA CYS OB 137 39.57 -69.40 -111.50
C CYS OB 137 40.15 -70.73 -111.94
N LYS OB 138 40.96 -70.72 -112.98
CA LYS OB 138 41.52 -71.97 -113.50
C LYS OB 138 42.45 -72.61 -112.49
N TYR OB 139 43.30 -71.83 -111.83
CA TYR OB 139 44.29 -72.39 -110.93
C TYR OB 139 44.40 -71.57 -109.67
N THR OB 140 44.74 -72.23 -108.56
CA THR OB 140 44.97 -71.59 -107.27
C THR OB 140 46.39 -71.93 -106.83
N VAL OB 141 47.32 -71.02 -107.06
CA VAL OB 141 48.70 -71.17 -106.58
C VAL OB 141 48.70 -70.91 -105.07
N GLN OB 142 48.89 -71.97 -104.29
CA GLN OB 142 49.07 -71.86 -102.85
C GLN OB 142 50.23 -72.68 -102.31
N ASP OB 143 50.68 -73.71 -103.02
CA ASP OB 143 51.80 -74.51 -102.58
C ASP OB 143 53.11 -73.79 -102.88
N GLU OB 144 53.98 -73.71 -101.87
CA GLU OB 144 55.25 -72.97 -101.95
C GLU OB 144 55.04 -71.51 -102.35
N SER OB 145 53.94 -70.92 -101.88
CA SER OB 145 53.61 -69.55 -102.20
C SER OB 145 54.26 -68.61 -101.19
N HIS OB 146 53.85 -67.35 -101.20
CA HIS OB 146 54.33 -66.40 -100.22
C HIS OB 146 53.79 -66.75 -98.84
N SER OB 147 54.66 -66.70 -97.83
CA SER OB 147 54.22 -66.88 -96.46
C SER OB 147 53.43 -65.69 -95.93
N GLU OB 148 53.50 -64.55 -96.62
CA GLU OB 148 52.79 -63.34 -96.27
C GLU OB 148 51.92 -62.94 -97.47
N TRP OB 149 51.38 -61.72 -97.42
CA TRP OB 149 50.58 -61.18 -98.50
C TRP OB 149 51.29 -61.24 -99.84
N VAL OB 150 50.52 -61.17 -100.93
CA VAL OB 150 51.06 -61.02 -102.27
C VAL OB 150 50.76 -59.59 -102.71
N SER OB 151 51.81 -58.81 -102.94
CA SER OB 151 51.63 -57.39 -103.21
C SER OB 151 51.52 -57.08 -104.69
N CYS OB 152 52.37 -57.67 -105.52
CA CYS OB 152 52.35 -57.37 -106.94
C CYS OB 152 52.61 -58.63 -107.76
N VAL OB 153 51.88 -58.78 -108.86
CA VAL OB 153 52.10 -59.84 -109.84
C VAL OB 153 52.13 -59.21 -111.22
N ARG OB 154 53.09 -59.64 -112.04
CA ARG OB 154 53.27 -59.07 -113.37
C ARG OB 154 53.68 -60.16 -114.36
N PHE OB 155 53.03 -60.19 -115.52
CA PHE OB 155 53.45 -61.06 -116.61
C PHE OB 155 54.75 -60.56 -117.24
N SER OB 156 55.47 -61.48 -117.86
CA SER OB 156 56.60 -61.11 -118.70
C SER OB 156 56.08 -60.63 -120.05
N PRO OB 157 56.50 -59.44 -120.51
CA PRO OB 157 56.01 -58.96 -121.82
C PRO OB 157 56.43 -59.84 -122.99
N ASN OB 158 57.50 -60.62 -122.84
CA ASN OB 158 57.97 -61.47 -123.92
C ASN OB 158 56.95 -62.58 -124.20
N SER OB 159 56.73 -62.85 -125.49
CA SER OB 159 55.84 -63.92 -125.89
C SER OB 159 56.39 -65.28 -125.47
N SER OB 160 57.70 -65.47 -125.59
CA SER OB 160 58.32 -66.70 -125.15
C SER OB 160 58.35 -66.77 -123.62
N ASN OB 161 58.85 -67.92 -123.10
CA ASN OB 161 59.05 -68.31 -121.71
C ASN OB 161 58.04 -67.65 -120.76
N PRO OB 162 56.74 -67.96 -120.90
CA PRO OB 162 55.73 -67.21 -120.15
C PRO OB 162 55.86 -67.37 -118.64
N ILE OB 163 56.21 -66.28 -117.98
CA ILE OB 163 56.46 -66.29 -116.55
C ILE OB 163 55.79 -65.09 -115.91
N ILE OB 164 55.57 -65.19 -114.61
CA ILE OB 164 55.01 -64.11 -113.80
C ILE OB 164 55.93 -63.86 -112.62
N VAL OB 165 56.17 -62.59 -112.33
CA VAL OB 165 56.90 -62.19 -111.13
C VAL OB 165 55.88 -61.83 -110.07
N SER OB 166 56.20 -62.14 -108.81
CA SER OB 166 55.28 -61.91 -107.71
C SER OB 166 56.08 -61.51 -106.48
N CYS OB 167 55.83 -60.31 -105.98
CA CYS OB 167 56.44 -59.83 -104.75
C CYS OB 167 55.37 -59.65 -103.68
N GLY OB 168 55.76 -59.86 -102.43
CA GLY OB 168 54.84 -59.74 -101.33
C GLY OB 168 55.49 -59.22 -100.06
N TRP OB 169 54.87 -59.51 -98.92
CA TRP OB 169 55.34 -59.05 -97.62
C TRP OB 169 56.26 -60.03 -96.93
N ASP OB 170 56.57 -61.16 -97.57
CA ASP OB 170 57.55 -62.10 -97.05
C ASP OB 170 58.96 -61.78 -97.52
N LYS OB 171 59.16 -60.63 -98.16
CA LYS OB 171 60.45 -60.13 -98.62
C LYS OB 171 61.09 -61.04 -99.67
N LEU OB 172 60.28 -61.84 -100.37
CA LEU OB 172 60.78 -62.75 -101.40
C LEU OB 172 60.00 -62.54 -102.68
N VAL OB 173 60.70 -62.31 -103.78
CA VAL OB 173 60.10 -62.29 -105.10
C VAL OB 173 60.21 -63.68 -105.70
N LYS OB 174 59.12 -64.14 -106.31
CA LYS OB 174 59.05 -65.47 -106.89
C LYS OB 174 58.62 -65.37 -108.35
N VAL OB 175 59.27 -66.15 -109.21
CA VAL OB 175 58.92 -66.24 -110.62
C VAL OB 175 58.26 -67.58 -110.85
N TRP OB 176 57.11 -67.56 -111.51
CA TRP OB 176 56.32 -68.76 -111.77
C TRP OB 176 56.18 -68.93 -113.28
N ASN OB 177 56.62 -70.08 -113.78
CA ASN OB 177 56.42 -70.43 -115.18
C ASN OB 177 54.99 -70.93 -115.38
N LEU OB 178 54.32 -70.41 -116.41
CA LEU OB 178 52.95 -70.78 -116.71
C LEU OB 178 52.82 -72.10 -117.44
N ALA OB 179 53.93 -72.65 -117.93
CA ALA OB 179 53.87 -73.93 -118.65
C ALA OB 179 53.36 -75.03 -117.74
N ASN OB 180 53.82 -75.06 -116.49
CA ASN OB 180 53.33 -75.98 -115.48
C ASN OB 180 52.73 -75.28 -114.29
N CYS OB 181 52.63 -73.95 -114.34
CA CYS OB 181 52.17 -73.12 -113.22
C CYS OB 181 52.97 -73.41 -111.96
N LYS OB 182 54.29 -73.32 -112.10
CA LYS OB 182 55.19 -73.79 -111.05
C LYS OB 182 56.33 -72.81 -110.83
N LEU OB 183 56.92 -72.89 -109.64
CA LEU OB 183 58.02 -72.00 -109.26
C LEU OB 183 59.25 -72.28 -110.12
N LYS OB 184 60.04 -71.23 -110.35
CA LYS OB 184 61.28 -71.34 -111.10
C LYS OB 184 62.50 -71.06 -110.23
N THR OB 185 62.56 -69.90 -109.59
CA THR OB 185 63.66 -69.57 -108.70
C THR OB 185 63.18 -68.53 -107.70
N ASN OB 186 63.90 -68.44 -106.58
CA ASN OB 186 63.61 -67.49 -105.52
C ASN OB 186 64.77 -66.52 -105.40
N HIS OB 187 64.47 -65.23 -105.43
CA HIS OB 187 65.47 -64.19 -105.28
C HIS OB 187 65.32 -63.57 -103.91
N ILE OB 188 66.38 -63.64 -103.10
CA ILE OB 188 66.35 -63.24 -101.70
C ILE OB 188 67.31 -62.07 -101.53
N GLY OB 189 67.06 -61.28 -100.50
CA GLY OB 189 67.92 -60.15 -100.21
C GLY OB 189 67.21 -58.94 -99.66
N HIS OB 190 65.88 -58.98 -99.62
CA HIS OB 190 65.09 -57.86 -99.14
C HIS OB 190 65.02 -57.87 -97.63
N THR OB 191 65.25 -56.71 -97.02
CA THR OB 191 65.16 -56.55 -95.57
C THR OB 191 63.82 -55.99 -95.12
N GLY OB 192 62.89 -55.76 -96.03
CA GLY OB 192 61.57 -55.26 -95.68
C GLY OB 192 60.55 -55.72 -96.70
N TYR OB 193 59.28 -55.54 -96.36
CA TYR OB 193 58.21 -55.99 -97.23
C TYR OB 193 58.23 -55.22 -98.54
N LEU OB 194 57.77 -55.87 -99.60
CA LEU OB 194 57.85 -55.33 -100.96
C LEU OB 194 56.51 -54.77 -101.38
N ASN OB 195 56.53 -53.59 -102.00
CA ASN OB 195 55.32 -52.97 -102.50
C ASN OB 195 55.12 -53.16 -103.99
N THR OB 196 56.19 -53.38 -104.75
CA THR OB 196 56.03 -53.46 -106.20
C THR OB 196 57.16 -54.26 -106.83
N VAL OB 197 56.85 -54.85 -107.99
CA VAL OB 197 57.84 -55.50 -108.84
C VAL OB 197 57.38 -55.33 -110.29
N THR OB 198 58.29 -54.88 -111.15
CA THR OB 198 57.96 -54.59 -112.54
C THR OB 198 59.01 -55.16 -113.47
N VAL OB 199 58.55 -55.68 -114.62
CA VAL OB 199 59.41 -56.34 -115.59
C VAL OB 199 59.68 -55.37 -116.73
N SER OB 200 60.95 -55.32 -117.15
CA SER OB 200 61.36 -54.48 -118.26
C SER OB 200 60.74 -54.98 -119.55
N PRO OB 201 60.58 -54.09 -120.55
CA PRO OB 201 59.94 -54.50 -121.82
C PRO OB 201 60.65 -55.64 -122.53
N ASP OB 202 61.98 -55.75 -122.40
CA ASP OB 202 62.69 -56.85 -123.03
C ASP OB 202 62.46 -58.18 -122.32
N GLY OB 203 61.82 -58.17 -121.16
CA GLY OB 203 61.59 -59.39 -120.41
C GLY OB 203 62.84 -60.02 -119.84
N SER OB 204 63.76 -59.19 -119.34
CA SER OB 204 64.98 -59.68 -118.70
C SER OB 204 65.22 -59.15 -117.31
N LEU OB 205 64.52 -58.08 -116.90
CA LEU OB 205 64.71 -57.42 -115.61
C LEU OB 205 63.39 -57.43 -114.85
N CYS OB 206 63.45 -57.71 -113.55
CA CYS OB 206 62.26 -57.81 -112.70
C CYS OB 206 62.42 -56.90 -111.47
N ALA OB 207 62.69 -55.62 -111.73
CA ALA OB 207 63.05 -54.68 -110.67
C ALA OB 207 61.99 -54.65 -109.57
N SER OB 208 62.44 -54.85 -108.33
CA SER OB 208 61.54 -54.97 -107.18
C SER OB 208 61.90 -53.95 -106.12
N GLY OB 209 60.87 -53.38 -105.49
CA GLY OB 209 61.09 -52.38 -104.46
C GLY OB 209 60.00 -52.44 -103.39
N GLY OB 210 60.36 -51.97 -102.20
CA GLY OB 210 59.45 -52.00 -101.07
C GLY OB 210 59.87 -51.12 -99.90
N LYS OB 211 59.74 -51.67 -98.69
CA LYS OB 211 59.96 -50.87 -97.48
C LYS OB 211 61.43 -50.53 -97.27
N ASP OB 212 62.34 -51.39 -97.72
CA ASP OB 212 63.75 -51.28 -97.38
C ASP OB 212 64.42 -50.04 -97.97
N GLY OB 213 63.76 -49.33 -98.88
CA GLY OB 213 64.37 -48.15 -99.45
C GLY OB 213 65.42 -48.43 -100.49
N GLN OB 214 65.49 -49.67 -100.98
CA GLN OB 214 66.46 -50.03 -102.00
C GLN OB 214 65.83 -51.02 -102.97
N ALA OB 215 66.04 -50.76 -104.25
CA ALA OB 215 65.48 -51.56 -105.33
C ALA OB 215 66.49 -52.61 -105.77
N MET OB 216 65.96 -53.75 -106.22
CA MET OB 216 66.76 -54.89 -106.62
C MET OB 216 66.49 -55.19 -108.09
N LEU OB 217 67.55 -55.21 -108.88
CA LEU OB 217 67.50 -55.58 -110.29
C LEU OB 217 68.06 -56.99 -110.42
N TRP OB 218 67.25 -57.91 -110.94
CA TRP OB 218 67.64 -59.31 -111.08
C TRP OB 218 67.77 -59.66 -112.55
N ASP OB 219 68.07 -60.93 -112.81
CA ASP OB 219 68.16 -61.46 -114.16
C ASP OB 219 67.03 -62.45 -114.40
N LEU OB 220 66.52 -62.47 -115.64
CA LEU OB 220 65.46 -63.41 -115.97
C LEU OB 220 65.89 -64.48 -116.96
N ASN OB 221 66.77 -64.15 -117.90
CA ASN OB 221 67.18 -65.14 -118.90
C ASN OB 221 67.90 -66.31 -118.24
N GLU OB 222 68.79 -66.03 -117.29
CA GLU OB 222 69.45 -67.06 -116.50
C GLU OB 222 68.91 -67.11 -115.08
N GLY OB 223 68.82 -65.96 -114.41
CA GLY OB 223 68.28 -65.89 -113.07
C GLY OB 223 69.35 -65.77 -112.02
N LYS OB 224 69.60 -64.54 -111.57
CA LYS OB 224 70.64 -64.26 -110.58
C LYS OB 224 70.50 -62.79 -110.18
N HIS OB 225 71.30 -62.41 -109.18
CA HIS OB 225 71.41 -61.00 -108.82
C HIS OB 225 72.11 -60.23 -109.93
N LEU OB 226 71.63 -59.02 -110.18
CA LEU OB 226 72.29 -58.13 -111.14
C LEU OB 226 72.77 -56.86 -110.48
N TYR OB 227 71.92 -56.14 -109.75
CA TYR OB 227 72.33 -54.87 -109.19
C TYR OB 227 71.44 -54.51 -108.02
N THR OB 228 72.00 -53.76 -107.07
CA THR OB 228 71.28 -53.23 -105.92
C THR OB 228 71.35 -51.71 -105.96
N LEU OB 229 70.23 -51.08 -106.29
CA LEU OB 229 70.12 -49.63 -106.31
C LEU OB 229 69.44 -49.16 -105.02
N ASP OB 230 69.63 -47.90 -104.68
CA ASP OB 230 69.09 -47.35 -103.43
C ASP OB 230 68.35 -46.05 -103.70
N GLY OB 231 67.33 -45.79 -102.87
CA GLY OB 231 66.60 -44.54 -102.92
C GLY OB 231 66.51 -43.92 -101.55
N GLY OB 232 65.81 -42.77 -101.49
CA GLY OB 232 65.73 -42.03 -100.24
C GLY OB 232 64.99 -42.78 -99.15
N ASP OB 233 63.84 -43.35 -99.48
CA ASP OB 233 62.99 -44.02 -98.51
C ASP OB 233 62.19 -45.10 -99.24
N ILE OB 234 61.07 -45.52 -98.63
CA ILE OB 234 60.25 -46.60 -99.17
C ILE OB 234 59.95 -46.41 -100.65
N ILE OB 235 60.02 -47.50 -101.39
CA ILE OB 235 59.72 -47.53 -102.82
C ILE OB 235 58.39 -48.24 -102.98
N ASN OB 236 57.31 -47.47 -103.08
CA ASN OB 236 55.98 -48.01 -103.23
C ASN OB 236 55.47 -47.99 -104.66
N ALA OB 237 56.28 -47.53 -105.61
CA ALA OB 237 55.89 -47.52 -107.02
C ALA OB 237 57.14 -47.55 -107.88
N LEU OB 238 57.17 -48.45 -108.86
CA LEU OB 238 58.30 -48.65 -109.74
C LEU OB 238 57.79 -48.82 -111.16
N CYS OB 239 58.54 -48.31 -112.15
CA CYS OB 239 58.30 -48.73 -113.52
C CYS OB 239 59.47 -48.32 -114.41
N PHE OB 240 59.69 -49.11 -115.45
CA PHE OB 240 60.65 -48.81 -116.50
C PHE OB 240 60.04 -47.86 -117.51
N SER OB 241 60.90 -47.26 -118.32
CA SER OB 241 60.46 -46.53 -119.50
C SER OB 241 60.40 -47.49 -120.67
N PRO OB 242 59.25 -47.64 -121.35
CA PRO OB 242 59.18 -48.60 -122.46
C PRO OB 242 60.11 -48.28 -123.61
N ASN OB 243 60.36 -47.00 -123.89
CA ASN OB 243 61.22 -46.63 -125.00
C ASN OB 243 62.70 -46.62 -124.63
N ARG OB 244 63.03 -46.46 -123.36
CA ARG OB 244 64.41 -46.32 -122.91
C ARG OB 244 64.76 -47.47 -121.96
N TYR OB 245 65.94 -47.35 -121.35
CA TYR OB 245 66.34 -48.22 -120.25
C TYR OB 245 66.17 -47.53 -118.91
N TRP OB 246 65.57 -46.35 -118.89
CA TRP OB 246 65.41 -45.57 -117.66
C TRP OB 246 64.45 -46.29 -116.69
N LEU OB 247 64.72 -46.13 -115.40
CA LEU OB 247 63.91 -46.75 -114.36
C LEU OB 247 63.51 -45.69 -113.34
N CYS OB 248 62.22 -45.54 -113.09
CA CYS OB 248 61.74 -44.50 -112.18
C CYS OB 248 61.01 -45.11 -111.00
N ALA OB 249 61.22 -44.49 -109.84
CA ALA OB 249 60.70 -44.96 -108.57
C ALA OB 249 60.07 -43.81 -107.81
N ALA OB 250 59.12 -44.16 -106.94
CA ALA OB 250 58.45 -43.20 -106.07
C ALA OB 250 59.15 -43.25 -104.71
N THR OB 251 60.15 -42.39 -104.54
CA THR OB 251 60.87 -42.27 -103.29
C THR OB 251 60.03 -41.41 -102.35
N GLY OB 252 59.01 -42.06 -101.76
CA GLY OB 252 58.12 -41.40 -100.84
C GLY OB 252 57.40 -40.23 -101.47
N PRO OB 253 57.67 -39.02 -100.99
CA PRO OB 253 57.08 -37.81 -101.58
C PRO OB 253 57.84 -37.27 -102.78
N SER OB 254 58.77 -38.04 -103.35
CA SER OB 254 59.56 -37.60 -104.48
C SER OB 254 59.56 -38.67 -105.56
N ILE OB 255 59.97 -38.29 -106.75
CA ILE OB 255 60.08 -39.21 -107.88
C ILE OB 255 61.52 -39.17 -108.37
N LYS OB 256 62.18 -40.32 -108.39
CA LYS OB 256 63.57 -40.41 -108.80
C LYS OB 256 63.69 -41.24 -110.07
N ILE OB 257 64.34 -40.69 -111.08
CA ILE OB 257 64.57 -41.40 -112.34
C ILE OB 257 66.06 -41.70 -112.49
N TRP OB 258 66.37 -42.95 -112.82
CA TRP OB 258 67.72 -43.45 -112.93
C TRP OB 258 68.02 -43.88 -114.35
N ASP OB 259 69.17 -43.45 -114.86
CA ASP OB 259 69.79 -44.09 -116.01
C ASP OB 259 70.50 -45.35 -115.52
N LEU OB 260 70.09 -46.50 -116.04
CA LEU OB 260 70.57 -47.77 -115.53
C LEU OB 260 71.99 -48.10 -116.00
N GLU OB 261 72.34 -47.73 -117.23
CA GLU OB 261 73.70 -47.94 -117.69
C GLU OB 261 74.68 -47.12 -116.88
N GLY OB 262 74.34 -45.87 -116.57
CA GLY OB 262 75.14 -45.06 -115.68
C GLY OB 262 74.88 -45.28 -114.21
N LYS OB 263 73.79 -46.00 -113.88
CA LYS OB 263 73.37 -46.23 -112.49
C LYS OB 263 73.27 -44.92 -111.72
N ILE OB 264 72.69 -43.92 -112.37
CA ILE OB 264 72.80 -42.55 -111.89
C ILE OB 264 71.43 -41.87 -111.88
N ILE OB 265 71.22 -40.99 -110.90
CA ILE OB 265 70.11 -40.05 -110.95
C ILE OB 265 70.25 -39.21 -112.21
N VAL OB 266 69.21 -39.20 -113.04
CA VAL OB 266 69.13 -38.21 -114.10
C VAL OB 266 68.17 -37.09 -113.75
N ASP OB 267 67.22 -37.31 -112.86
CA ASP OB 267 66.40 -36.22 -112.31
C ASP OB 267 65.69 -36.70 -111.05
N GLU OB 268 65.38 -35.73 -110.19
CA GLU OB 268 64.58 -35.92 -108.99
C GLU OB 268 63.49 -34.86 -108.95
N LEU OB 269 62.28 -35.28 -108.62
CA LEU OB 269 61.11 -34.41 -108.61
C LEU OB 269 60.58 -34.35 -107.18
N LYS OB 270 60.53 -33.15 -106.61
CA LYS OB 270 60.18 -32.95 -105.21
C LYS OB 270 58.81 -32.30 -105.03
N GLN OB 271 57.94 -32.39 -106.04
CA GLN OB 271 56.57 -31.90 -106.06
C GLN OB 271 56.45 -30.38 -106.01
N GLU OB 272 57.57 -29.66 -105.87
CA GLU OB 272 57.59 -28.20 -105.91
C GLU OB 272 56.64 -27.58 -104.89
N VAL OB 273 56.64 -28.13 -103.67
CA VAL OB 273 55.81 -27.64 -102.59
C VAL OB 273 56.67 -26.79 -101.67
N ILE OB 274 56.22 -25.55 -101.42
CA ILE OB 274 56.97 -24.61 -100.60
C ILE OB 274 56.17 -24.18 -99.37
N SER OB 275 55.21 -25.01 -98.94
CA SER OB 275 54.46 -24.70 -97.73
C SER OB 275 55.36 -24.72 -96.50
N THR OB 276 56.27 -25.72 -96.43
CA THR OB 276 57.27 -25.92 -95.39
C THR OB 276 56.76 -25.64 -93.98
N SER OB 277 55.51 -26.01 -93.72
CA SER OB 277 54.91 -25.77 -92.40
C SER OB 277 55.54 -26.64 -91.32
N SER OB 278 56.30 -27.67 -91.70
CA SER OB 278 56.97 -28.59 -90.77
C SER OB 278 56.01 -29.28 -89.82
N LYS OB 279 54.75 -29.42 -90.22
CA LYS OB 279 53.74 -30.11 -89.42
C LYS OB 279 53.21 -31.35 -90.12
N ALA OB 280 52.78 -31.21 -91.37
CA ALA OB 280 52.28 -32.34 -92.14
C ALA OB 280 53.33 -32.77 -93.15
N GLU OB 281 53.48 -34.09 -93.30
CA GLU OB 281 54.44 -34.62 -94.26
C GLU OB 281 54.00 -34.29 -95.68
N PRO OB 282 54.96 -34.15 -96.60
CA PRO OB 282 54.59 -33.93 -98.00
C PRO OB 282 53.84 -35.13 -98.54
N PRO OB 283 52.92 -34.91 -99.48
CA PRO OB 283 52.12 -36.03 -100.00
C PRO OB 283 52.99 -37.10 -100.66
N GLN OB 284 52.66 -38.35 -100.37
CA GLN OB 284 53.41 -39.47 -100.92
C GLN OB 284 52.93 -39.80 -102.32
N CYS OB 285 53.82 -40.38 -103.12
CA CYS OB 285 53.49 -40.85 -104.45
C CYS OB 285 53.15 -42.33 -104.39
N THR OB 286 52.01 -42.70 -104.94
CA THR OB 286 51.54 -44.08 -104.87
C THR OB 286 51.52 -44.78 -106.22
N SER OB 287 51.28 -44.07 -107.31
CA SER OB 287 51.19 -44.69 -108.63
C SER OB 287 52.16 -44.03 -109.58
N LEU OB 288 52.66 -44.83 -110.53
CA LEU OB 288 53.66 -44.35 -111.48
C LEU OB 288 53.47 -45.10 -112.79
N ALA OB 289 53.29 -44.37 -113.88
CA ALA OB 289 53.09 -45.02 -115.17
C ALA OB 289 53.60 -44.14 -116.30
N TRP OB 290 54.39 -44.71 -117.19
CA TRP OB 290 54.88 -44.01 -118.37
C TRP OB 290 53.84 -44.05 -119.48
N SER OB 291 54.05 -43.23 -120.50
CA SER OB 291 53.24 -43.32 -121.70
C SER OB 291 53.85 -44.33 -122.67
N ALA OB 292 53.13 -44.59 -123.76
CA ALA OB 292 53.65 -45.51 -124.78
C ALA OB 292 54.89 -44.95 -125.45
N ASP OB 293 54.88 -43.66 -125.78
CA ASP OB 293 56.03 -43.04 -126.42
C ASP OB 293 57.20 -42.85 -125.46
N GLY OB 294 56.95 -42.93 -124.16
CA GLY OB 294 57.97 -42.64 -123.18
C GLY OB 294 58.28 -41.17 -123.01
N GLN OB 295 57.48 -40.30 -123.62
CA GLN OB 295 57.73 -38.86 -123.53
C GLN OB 295 57.14 -38.25 -122.27
N THR OB 296 56.02 -38.78 -121.77
CA THR OB 296 55.38 -38.23 -120.59
C THR OB 296 55.10 -39.34 -119.58
N LEU OB 297 54.97 -38.92 -118.32
CA LEU OB 297 54.79 -39.83 -117.20
C LEU OB 297 53.67 -39.31 -116.32
N PHE OB 298 53.03 -40.21 -115.58
CA PHE OB 298 51.93 -39.86 -114.69
C PHE OB 298 52.20 -40.44 -113.32
N ALA OB 299 52.14 -39.59 -112.29
CA ALA OB 299 52.42 -39.99 -110.92
C ALA OB 299 51.22 -39.62 -110.05
N GLY OB 300 50.58 -40.62 -109.48
CA GLY OB 300 49.42 -40.42 -108.62
C GLY OB 300 49.84 -40.41 -107.17
N TYR OB 301 49.38 -39.37 -106.45
CA TYR OB 301 49.83 -39.09 -105.09
C TYR OB 301 48.71 -39.37 -104.09
N THR OB 302 48.99 -39.06 -102.83
CA THR OB 302 48.03 -39.22 -101.74
C THR OB 302 47.13 -38.02 -101.55
N ASP OB 303 47.30 -36.96 -102.36
CA ASP OB 303 46.49 -35.77 -102.25
C ASP OB 303 45.25 -35.82 -103.13
N ASN OB 304 44.73 -37.03 -103.39
CA ASN OB 304 43.57 -37.23 -104.27
C ASN OB 304 43.81 -36.61 -105.64
N LEU OB 305 45.02 -36.80 -106.17
CA LEU OB 305 45.43 -36.10 -107.37
C LEU OB 305 46.52 -36.89 -108.08
N VAL OB 306 46.66 -36.63 -109.37
CA VAL OB 306 47.74 -37.19 -110.18
C VAL OB 306 48.39 -36.04 -110.95
N ARG OB 307 49.71 -36.09 -111.06
CA ARG OB 307 50.49 -35.06 -111.74
C ARG OB 307 51.10 -35.65 -113.01
N VAL OB 308 51.05 -34.89 -114.09
CA VAL OB 308 51.65 -35.28 -115.35
C VAL OB 308 53.02 -34.62 -115.46
N TRP OB 309 54.02 -35.40 -115.84
CA TRP OB 309 55.40 -34.96 -115.96
C TRP OB 309 55.83 -35.07 -117.40
N GLN OB 310 56.54 -34.04 -117.87
CA GLN OB 310 56.98 -33.95 -119.26
C GLN OB 310 58.48 -33.76 -119.31
N VAL OB 311 59.13 -34.42 -120.26
CA VAL OB 311 60.56 -34.27 -120.47
C VAL OB 311 60.80 -33.11 -121.43
N THR OB 312 61.85 -32.33 -121.15
CA THR OB 312 62.18 -31.18 -121.98
C THR OB 312 62.78 -31.65 -123.30
N ILE OB 313 62.31 -31.06 -124.39
CA ILE OB 313 62.77 -31.44 -125.72
C ILE OB 313 64.19 -30.93 -125.96
N GLY PB 1 94.44 -48.29 -49.37
CA GLY PB 1 95.68 -48.95 -49.75
C GLY PB 1 96.92 -48.26 -49.21
N ALA PB 2 97.65 -48.96 -48.35
CA ALA PB 2 98.84 -48.41 -47.71
C ALA PB 2 100.14 -48.78 -48.43
N LEU PB 3 100.06 -49.59 -49.48
CA LEU PB 3 101.26 -50.05 -50.16
C LEU PB 3 101.74 -49.01 -51.17
N ASP PB 4 102.99 -49.16 -51.59
CA ASP PB 4 103.57 -48.24 -52.56
C ASP PB 4 102.96 -48.43 -53.95
N VAL PB 5 102.61 -49.67 -54.31
CA VAL PB 5 101.96 -49.91 -55.59
C VAL PB 5 100.55 -49.32 -55.58
N LEU PB 6 99.91 -49.26 -54.42
CA LEU PB 6 98.56 -48.72 -54.28
C LEU PB 6 98.57 -47.23 -53.96
N GLN PB 7 99.31 -46.46 -54.76
CA GLN PB 7 99.44 -45.03 -54.54
C GLN PB 7 98.93 -44.27 -55.76
N MET PB 8 98.42 -43.07 -55.51
CA MET PB 8 98.01 -42.19 -56.59
C MET PB 8 99.21 -41.83 -57.45
N LYS PB 9 98.99 -41.71 -58.75
CA LYS PB 9 100.04 -41.37 -59.69
C LYS PB 9 99.82 -39.95 -60.21
N GLU PB 10 100.86 -39.41 -60.84
CA GLU PB 10 100.77 -38.07 -61.41
C GLU PB 10 99.68 -38.00 -62.47
N GLU PB 11 99.52 -39.08 -63.25
CA GLU PB 11 98.45 -39.14 -64.23
C GLU PB 11 97.08 -39.06 -63.56
N ASP PB 12 96.92 -39.77 -62.45
CA ASP PB 12 95.67 -39.70 -61.70
C ASP PB 12 95.42 -38.30 -61.16
N VAL PB 13 96.46 -37.64 -60.65
CA VAL PB 13 96.32 -36.28 -60.16
C VAL PB 13 95.87 -35.36 -61.29
N LEU PB 14 96.48 -35.52 -62.46
CA LEU PB 14 96.14 -34.68 -63.61
C LEU PB 14 94.68 -34.89 -64.02
N LYS PB 15 94.23 -36.14 -64.08
CA LYS PB 15 92.83 -36.39 -64.40
C LYS PB 15 91.90 -35.80 -63.35
N PHE PB 16 92.24 -35.96 -62.06
CA PHE PB 16 91.37 -35.45 -61.00
C PHE PB 16 91.23 -33.94 -61.09
N LEU PB 17 92.37 -33.25 -61.29
CA LEU PB 17 92.31 -31.79 -61.37
C LEU PB 17 91.61 -31.33 -62.65
N ALA PB 18 91.79 -32.04 -63.75
CA ALA PB 18 91.12 -31.65 -64.99
C ALA PB 18 89.61 -31.81 -64.85
N ALA PB 19 89.16 -32.89 -64.22
CA ALA PB 19 87.73 -33.12 -64.07
C ALA PB 19 87.12 -32.34 -62.91
N GLY PB 20 87.94 -31.77 -62.04
CA GLY PB 20 87.40 -31.08 -60.88
C GLY PB 20 87.55 -31.93 -59.64
N THR PB 21 86.44 -32.56 -59.23
CA THR PB 21 86.34 -33.60 -58.20
C THR PB 21 87.04 -33.25 -56.88
N HIS PB 22 87.41 -31.98 -56.73
CA HIS PB 22 87.89 -31.46 -55.47
C HIS PB 22 87.20 -30.17 -55.10
N LEU PB 23 86.44 -29.58 -56.01
CA LEU PB 23 85.69 -28.36 -55.76
C LEU PB 23 84.33 -28.77 -55.21
N GLY PB 24 84.19 -28.72 -53.89
CA GLY PB 24 82.94 -29.06 -53.26
C GLY PB 24 81.95 -27.91 -53.32
N GLY PB 25 80.87 -28.07 -52.57
CA GLY PB 25 79.87 -27.04 -52.47
C GLY PB 25 80.24 -25.99 -51.44
N THR PB 26 79.36 -25.01 -51.29
CA THR PB 26 79.53 -24.00 -50.26
C THR PB 26 79.08 -24.47 -48.89
N ASN PB 27 78.38 -25.60 -48.81
CA ASN PB 27 77.91 -26.15 -47.56
C ASN PB 27 78.75 -27.37 -47.17
N LEU PB 28 78.82 -27.63 -45.88
CA LEU PB 28 79.63 -28.72 -45.36
C LEU PB 28 78.83 -29.56 -44.39
N ASP PB 29 78.91 -30.88 -44.54
CA ASP PB 29 78.31 -31.81 -43.59
C ASP PB 29 79.30 -32.09 -42.48
N PHE PB 30 78.79 -32.16 -41.25
CA PHE PB 30 79.66 -32.34 -40.09
C PHE PB 30 80.36 -33.70 -40.13
N GLN PB 31 79.75 -34.68 -40.77
CA GLN PB 31 80.38 -35.97 -40.96
C GLN PB 31 81.26 -36.03 -42.19
N MET PB 32 81.18 -35.03 -43.08
CA MET PB 32 82.08 -34.89 -44.21
C MET PB 32 83.21 -33.93 -43.95
N GLU PB 33 83.22 -33.29 -42.77
CA GLU PB 33 84.25 -32.29 -42.48
C GLU PB 33 85.64 -32.90 -42.44
N GLN PB 34 85.75 -34.17 -42.07
CA GLN PB 34 87.06 -34.80 -41.94
C GLN PB 34 87.77 -35.02 -43.26
N TYR PB 35 87.07 -34.89 -44.39
CA TYR PB 35 87.69 -35.06 -45.71
C TYR PB 35 88.03 -33.75 -46.39
N ILE PB 36 87.87 -32.62 -45.70
CA ILE PB 36 88.03 -31.31 -46.30
C ILE PB 36 89.40 -30.76 -45.99
N TYR PB 37 90.08 -30.23 -47.00
CA TYR PB 37 91.37 -29.58 -46.78
C TYR PB 37 91.19 -28.15 -46.29
N LYS PB 38 90.56 -27.31 -47.12
CA LYS PB 38 90.43 -25.90 -46.79
C LYS PB 38 89.24 -25.33 -47.57
N ARG PB 39 88.70 -24.23 -47.06
CA ARG PB 39 87.63 -23.49 -47.72
C ARG PB 39 88.22 -22.27 -48.40
N LYS PB 40 87.95 -22.13 -49.70
CA LYS PB 40 88.51 -21.02 -50.44
C LYS PB 40 87.80 -19.72 -50.09
N SER PB 41 88.30 -18.62 -50.66
CA SER PB 41 87.61 -17.34 -50.55
C SER PB 41 86.31 -17.34 -51.36
N ASP PB 42 86.17 -18.26 -52.32
CA ASP PB 42 84.93 -18.44 -53.05
C ASP PB 42 83.82 -19.03 -52.19
N GLY PB 43 84.15 -19.54 -51.00
CA GLY PB 43 83.22 -20.34 -50.25
C GLY PB 43 83.20 -21.80 -50.64
N ILE PB 44 83.99 -22.18 -51.64
CA ILE PB 44 84.02 -23.56 -52.11
C ILE PB 44 85.00 -24.34 -51.25
N TYR PB 45 84.54 -25.48 -50.75
CA TYR PB 45 85.41 -26.34 -49.94
C TYR PB 45 86.29 -27.19 -50.84
N ILE PB 46 87.56 -27.32 -50.45
CA ILE PB 46 88.53 -28.13 -51.18
C ILE PB 46 88.66 -29.47 -50.48
N ILE PB 47 88.54 -30.55 -51.24
CA ILE PB 47 88.52 -31.90 -50.69
C ILE PB 47 89.89 -32.52 -50.86
N ASN PB 48 90.35 -33.19 -49.81
CA ASN PB 48 91.66 -33.84 -49.83
C ASN PB 48 91.65 -35.00 -50.82
N LEU PB 49 92.40 -34.84 -51.92
CA LEU PB 49 92.44 -35.89 -52.93
C LEU PB 49 93.08 -37.16 -52.41
N LYS PB 50 94.02 -37.04 -51.47
CA LYS PB 50 94.62 -38.25 -50.89
C LYS PB 50 93.59 -39.05 -50.09
N ARG PB 51 92.77 -38.35 -49.30
CA ARG PB 51 91.70 -39.02 -48.57
C ARG PB 51 90.68 -39.61 -49.53
N THR PB 52 90.38 -38.90 -50.62
CA THR PB 52 89.47 -39.44 -51.63
C THR PB 52 90.04 -40.72 -52.25
N TRP PB 53 91.35 -40.72 -52.52
CA TRP PB 53 92.00 -41.91 -53.08
C TRP PB 53 91.93 -43.07 -52.10
N GLU PB 54 92.17 -42.80 -50.82
CA GLU PB 54 92.11 -43.87 -49.83
C GLU PB 54 90.70 -44.45 -49.73
N LYS PB 55 89.69 -43.59 -49.73
CA LYS PB 55 88.31 -44.08 -49.66
C LYS PB 55 87.94 -44.85 -50.93
N LEU PB 56 88.43 -44.40 -52.08
CA LEU PB 56 88.17 -45.12 -53.32
C LEU PB 56 88.82 -46.49 -53.32
N LEU PB 57 90.04 -46.59 -52.81
CA LEU PB 57 90.69 -47.89 -52.69
C LEU PB 57 89.96 -48.80 -51.72
N LEU PB 58 89.47 -48.23 -50.60
CA LEU PB 58 88.68 -49.03 -49.66
C LEU PB 58 87.40 -49.54 -50.31
N ALA PB 59 86.75 -48.69 -51.11
CA ALA PB 59 85.56 -49.12 -51.84
C ALA PB 59 85.89 -50.21 -52.84
N ALA PB 60 87.05 -50.10 -53.50
CA ALA PB 60 87.48 -51.13 -54.43
C ALA PB 60 87.69 -52.47 -53.72
N ARG PB 61 88.31 -52.43 -52.54
CA ARG PB 61 88.49 -53.65 -51.77
C ARG PB 61 87.15 -54.26 -51.37
N ALA PB 62 86.22 -53.40 -50.94
CA ALA PB 62 84.89 -53.89 -50.56
C ALA PB 62 84.19 -54.54 -51.76
N ILE PB 63 84.33 -53.93 -52.93
CA ILE PB 63 83.67 -54.47 -54.12
C ILE PB 63 84.29 -55.80 -54.53
N VAL PB 64 85.62 -55.88 -54.58
CA VAL PB 64 86.28 -57.11 -54.99
C VAL PB 64 86.20 -58.19 -53.94
N ALA PB 65 85.78 -57.86 -52.72
CA ALA PB 65 85.59 -58.89 -51.70
C ALA PB 65 84.41 -59.81 -52.01
N ILE PB 66 83.58 -59.48 -52.99
CA ILE PB 66 82.39 -60.26 -53.32
C ILE PB 66 82.71 -61.19 -54.48
N GLU PB 67 82.44 -62.48 -54.30
CA GLU PB 67 82.80 -63.47 -55.31
C GLU PB 67 81.97 -63.32 -56.57
N ASN PB 68 80.67 -63.07 -56.43
CA ASN PB 68 79.78 -62.96 -57.58
C ASN PB 68 79.72 -61.50 -58.01
N PRO PB 69 80.23 -61.14 -59.19
CA PRO PB 69 80.18 -59.73 -59.61
C PRO PB 69 78.78 -59.19 -59.78
N ALA PB 70 77.78 -60.07 -59.98
CA ALA PB 70 76.41 -59.62 -60.08
C ALA PB 70 75.80 -59.28 -58.72
N ASP PB 71 76.44 -59.68 -57.61
CA ASP PB 71 75.88 -59.40 -56.30
C ASP PB 71 76.05 -57.95 -55.88
N VAL PB 72 76.80 -57.14 -56.64
CA VAL PB 72 76.93 -55.72 -56.36
C VAL PB 72 76.09 -54.95 -57.36
N SER PB 73 75.36 -53.95 -56.88
CA SER PB 73 74.43 -53.19 -57.70
C SER PB 73 74.80 -51.71 -57.67
N VAL PB 74 74.67 -51.06 -58.82
CA VAL PB 74 75.03 -49.66 -58.99
C VAL PB 74 73.78 -48.89 -59.42
N ILE PB 75 73.53 -47.77 -58.75
CA ILE PB 75 72.31 -46.99 -58.96
C ILE PB 75 72.70 -45.53 -59.18
N SER PB 76 72.11 -44.92 -60.21
CA SER PB 76 72.21 -43.47 -60.44
C SER PB 76 70.85 -42.99 -60.94
N SER PB 77 70.11 -42.30 -60.08
CA SER PB 77 68.83 -41.77 -60.52
C SER PB 77 69.01 -40.55 -61.43
N ARG PB 78 69.94 -39.67 -61.09
CA ARG PB 78 70.21 -38.52 -61.93
C ARG PB 78 70.86 -38.94 -63.23
N ASN PB 79 70.54 -38.20 -64.30
CA ASN PB 79 71.05 -38.52 -65.63
C ASN PB 79 72.57 -38.41 -65.69
N THR PB 80 73.16 -37.50 -64.91
CA THR PB 80 74.60 -37.31 -64.88
C THR PB 80 75.26 -38.44 -64.08
N GLY PB 81 75.30 -39.61 -64.71
CA GLY PB 81 75.88 -40.78 -64.06
C GLY PB 81 75.21 -42.08 -64.44
N GLN PB 82 74.09 -42.02 -65.16
CA GLN PB 82 73.47 -43.25 -65.65
C GLN PB 82 74.38 -43.93 -66.67
N ARG PB 83 74.97 -43.16 -67.58
CA ARG PB 83 75.93 -43.74 -68.51
C ARG PB 83 77.12 -44.32 -67.75
N ALA PB 84 77.57 -43.62 -66.71
CA ALA PB 84 78.70 -44.11 -65.93
C ALA PB 84 78.39 -45.44 -65.25
N VAL PB 85 77.19 -45.58 -64.66
CA VAL PB 85 76.88 -46.81 -63.97
C VAL PB 85 76.66 -47.95 -64.96
N LEU PB 86 76.09 -47.65 -66.13
CA LEU PB 86 75.97 -48.69 -67.15
C LEU PB 86 77.33 -49.19 -67.62
N LYS PB 87 78.27 -48.27 -67.87
CA LYS PB 87 79.59 -48.69 -68.29
C LYS PB 87 80.33 -49.42 -67.18
N PHE PB 88 80.15 -48.97 -65.93
CA PHE PB 88 80.76 -49.66 -64.81
C PHE PB 88 80.25 -51.09 -64.68
N ALA PB 89 78.94 -51.27 -64.82
CA ALA PB 89 78.37 -52.61 -64.75
C ALA PB 89 78.85 -53.47 -65.91
N ALA PB 90 78.95 -52.90 -67.10
CA ALA PB 90 79.44 -53.64 -68.25
C ALA PB 90 80.89 -54.08 -68.04
N ALA PB 91 81.71 -53.21 -67.46
CA ALA PB 91 83.12 -53.53 -67.27
C ALA PB 91 83.33 -54.53 -66.14
N THR PB 92 82.60 -54.39 -65.03
CA THR PB 92 82.87 -55.15 -63.82
C THR PB 92 81.89 -56.29 -63.57
N GLY PB 93 80.94 -56.53 -64.47
CA GLY PB 93 79.98 -57.58 -64.23
C GLY PB 93 78.93 -57.25 -63.20
N ALA PB 94 78.81 -55.99 -62.81
CA ALA PB 94 77.84 -55.59 -61.80
C ALA PB 94 76.44 -55.48 -62.40
N THR PB 95 75.46 -55.26 -61.53
CA THR PB 95 74.07 -55.17 -61.95
C THR PB 95 73.62 -53.71 -61.91
N PRO PB 96 73.33 -53.08 -63.03
CA PRO PB 96 73.02 -51.66 -63.03
C PRO PB 96 71.54 -51.36 -62.86
N ILE PB 97 71.27 -50.21 -62.24
CA ILE PB 97 69.94 -49.62 -62.17
C ILE PB 97 70.07 -48.15 -62.53
N ALA PB 98 69.37 -47.73 -63.57
CA ALA PB 98 69.46 -46.37 -64.06
C ALA PB 98 68.09 -45.71 -64.05
N GLY PB 99 68.08 -44.40 -63.89
CA GLY PB 99 66.83 -43.67 -63.92
C GLY PB 99 66.00 -43.94 -62.69
N ARG PB 100 64.70 -44.15 -62.90
CA ARG PB 100 63.78 -44.32 -61.79
C ARG PB 100 64.02 -45.63 -61.07
N PHE PB 101 64.17 -45.55 -59.75
CA PHE PB 101 64.31 -46.73 -58.89
C PHE PB 101 62.94 -47.00 -58.28
N THR PB 102 62.31 -48.08 -58.71
CA THR PB 102 60.99 -48.40 -58.18
C THR PB 102 61.09 -48.84 -56.72
N PRO PB 103 60.28 -48.27 -55.83
CA PRO PB 103 60.33 -48.67 -54.43
C PRO PB 103 59.91 -50.12 -54.25
N GLY PB 104 60.48 -50.75 -53.24
CA GLY PB 104 60.23 -52.16 -52.99
C GLY PB 104 61.09 -53.10 -53.79
N THR PB 105 62.09 -52.59 -54.51
CA THR PB 105 62.97 -53.46 -55.29
C THR PB 105 63.73 -54.42 -54.39
N PHE PB 106 64.22 -53.93 -53.25
CA PHE PB 106 64.97 -54.74 -52.32
C PHE PB 106 64.10 -55.35 -51.22
N THR PB 107 62.82 -55.03 -51.19
CA THR PB 107 62.02 -55.48 -50.07
C THR PB 107 60.77 -56.25 -50.48
N ASN PB 108 60.12 -55.85 -51.57
CA ASN PB 108 58.92 -56.54 -52.04
C ASN PB 108 59.32 -57.72 -52.91
N GLN PB 109 59.17 -58.92 -52.37
CA GLN PB 109 59.69 -60.13 -53.00
C GLN PB 109 58.73 -60.73 -54.02
N ILE PB 110 57.69 -60.02 -54.41
CA ILE PB 110 56.68 -60.59 -55.32
C ILE PB 110 57.00 -60.29 -56.77
N GLN PB 111 57.21 -59.02 -57.11
CA GLN PB 111 57.36 -58.65 -58.51
C GLN PB 111 58.68 -59.18 -59.07
N ALA PB 112 58.72 -59.32 -60.40
CA ALA PB 112 59.92 -59.82 -61.06
C ALA PB 112 61.08 -58.85 -60.95
N ALA PB 113 60.82 -57.57 -60.70
CA ALA PB 113 61.89 -56.61 -60.53
C ALA PB 113 62.62 -56.78 -59.20
N PHE PB 114 62.11 -57.63 -58.31
CA PHE PB 114 62.73 -57.82 -57.00
C PHE PB 114 64.13 -58.40 -57.15
N ARG PB 115 65.08 -57.80 -56.43
CA ARG PB 115 66.44 -58.28 -56.40
C ARG PB 115 67.01 -58.00 -55.02
N GLU PB 116 67.99 -58.80 -54.62
CA GLU PB 116 68.65 -58.63 -53.33
C GLU PB 116 70.17 -58.76 -53.50
N PRO PB 117 70.86 -57.63 -53.58
CA PRO PB 117 72.31 -57.68 -53.79
C PRO PB 117 73.08 -57.84 -52.49
N ARG PB 118 74.40 -57.83 -52.56
CA ARG PB 118 75.25 -57.90 -51.38
C ARG PB 118 76.03 -56.61 -51.15
N LEU PB 119 75.90 -55.63 -52.05
CA LEU PB 119 76.57 -54.36 -51.90
C LEU PB 119 75.82 -53.32 -52.73
N LEU PB 120 75.72 -52.11 -52.21
CA LEU PB 120 74.94 -51.05 -52.83
C LEU PB 120 75.85 -49.88 -53.13
N VAL PB 121 76.10 -49.62 -54.41
CA VAL PB 121 76.93 -48.49 -54.82
C VAL PB 121 76.02 -47.40 -55.37
N VAL PB 122 76.16 -46.19 -54.83
CA VAL PB 122 75.22 -45.09 -55.04
C VAL PB 122 76.00 -43.90 -55.58
N THR PB 123 75.46 -43.26 -56.62
CA THR PB 123 76.11 -42.08 -57.18
C THR PB 123 75.94 -40.86 -56.27
N ASP PB 124 74.75 -40.67 -55.71
CA ASP PB 124 74.51 -39.51 -54.88
C ASP PB 124 73.50 -39.83 -53.79
N PRO PB 125 73.80 -39.53 -52.52
CA PRO PB 125 72.86 -39.87 -51.45
C PRO PB 125 71.53 -39.13 -51.54
N ARG PB 126 71.56 -37.83 -51.83
CA ARG PB 126 70.32 -37.07 -51.89
C ARG PB 126 69.44 -37.56 -53.05
N ALA PB 127 70.04 -37.83 -54.20
CA ALA PB 127 69.26 -38.29 -55.34
C ALA PB 127 68.82 -39.74 -55.17
N ASP PB 128 69.56 -40.54 -54.42
CA ASP PB 128 69.30 -41.96 -54.28
C ASP PB 128 69.02 -42.33 -52.84
N HIS PB 129 68.28 -41.47 -52.13
CA HIS PB 129 67.90 -41.79 -50.76
C HIS PB 129 66.99 -43.01 -50.69
N GLN PB 130 66.16 -43.24 -51.72
CA GLN PB 130 65.24 -44.36 -51.67
C GLN PB 130 65.95 -45.71 -51.64
N PRO PB 131 66.90 -46.02 -52.53
CA PRO PB 131 67.67 -47.26 -52.34
C PRO PB 131 68.49 -47.25 -51.07
N LEU PB 132 68.96 -46.09 -50.63
CA LEU PB 132 69.68 -46.01 -49.36
C LEU PB 132 68.80 -46.43 -48.20
N THR PB 133 67.57 -45.91 -48.17
CA THR PB 133 66.64 -46.29 -47.11
C THR PB 133 66.25 -47.76 -47.21
N GLU PB 134 66.06 -48.25 -48.43
CA GLU PB 134 65.68 -49.65 -48.60
C GLU PB 134 66.81 -50.60 -48.22
N ALA PB 135 68.06 -50.14 -48.32
CA ALA PB 135 69.18 -50.97 -47.92
C ALA PB 135 69.17 -51.29 -46.43
N SER PB 136 68.49 -50.50 -45.62
CA SER PB 136 68.44 -50.69 -44.19
C SER PB 136 67.41 -51.73 -43.77
N TYR PB 137 66.69 -52.34 -44.70
CA TYR PB 137 65.75 -53.39 -44.39
C TYR PB 137 66.27 -54.78 -44.71
N VAL PB 138 67.41 -54.88 -45.39
CA VAL PB 138 67.83 -56.16 -45.95
C VAL PB 138 69.32 -56.39 -45.66
N ASN PB 139 69.85 -55.62 -44.71
CA ASN PB 139 71.25 -55.74 -44.27
C ASN PB 139 72.23 -55.56 -45.43
N LEU PB 140 72.15 -54.37 -46.04
CA LEU PB 140 72.91 -54.11 -47.26
C LEU PB 140 73.99 -53.06 -47.02
N PRO PB 141 75.27 -53.42 -47.08
CA PRO PB 141 76.33 -52.40 -46.98
C PRO PB 141 76.34 -51.49 -48.19
N THR PB 142 76.80 -50.26 -47.97
CA THR PB 142 76.65 -49.20 -48.96
C THR PB 142 77.96 -48.43 -49.16
N ILE PB 143 78.33 -48.27 -50.43
CA ILE PB 143 79.32 -47.29 -50.87
C ILE PB 143 78.56 -46.20 -51.61
N ALA PB 144 78.85 -44.94 -51.30
CA ALA PB 144 78.19 -43.85 -51.99
C ALA PB 144 79.20 -42.77 -52.32
N LEU PB 145 78.99 -42.11 -53.46
CA LEU PB 145 79.91 -41.08 -53.95
C LEU PB 145 79.39 -39.75 -53.41
N CYS PB 146 79.95 -39.31 -52.29
CA CYS PB 146 79.37 -38.22 -51.51
C CYS PB 146 80.13 -36.91 -51.74
N ASN PB 147 79.42 -35.80 -51.64
CA ASN PB 147 79.99 -34.48 -51.71
C ASN PB 147 80.09 -33.89 -50.31
N THR PB 148 80.50 -32.62 -50.24
CA THR PB 148 80.70 -31.97 -48.94
C THR PB 148 79.42 -31.79 -48.16
N ASP PB 149 78.27 -31.72 -48.84
CA ASP PB 149 76.98 -31.55 -48.16
C ASP PB 149 76.10 -32.80 -48.27
N SER PB 150 76.70 -33.93 -48.61
CA SER PB 150 75.92 -35.16 -48.76
C SER PB 150 75.67 -35.79 -47.39
N PRO PB 151 74.43 -36.09 -47.04
CA PRO PB 151 74.16 -36.79 -45.79
C PRO PB 151 74.73 -38.20 -45.80
N LEU PB 152 75.14 -38.66 -44.63
CA LEU PB 152 75.78 -39.96 -44.47
C LEU PB 152 74.98 -40.87 -43.57
N ARG PB 153 73.65 -40.81 -43.68
CA ARG PB 153 72.81 -41.56 -42.74
C ARG PB 153 73.01 -43.06 -42.87
N TYR PB 154 72.91 -43.59 -44.09
CA TYR PB 154 73.01 -45.04 -44.31
C TYR PB 154 74.23 -45.39 -45.14
N VAL PB 155 75.23 -44.51 -45.16
CA VAL PB 155 76.41 -44.66 -46.02
C VAL PB 155 77.55 -45.23 -45.19
N ASP PB 156 78.26 -46.20 -45.76
CA ASP PB 156 79.34 -46.88 -45.06
C ASP PB 156 80.71 -46.61 -45.66
N ILE PB 157 80.83 -46.51 -46.97
CA ILE PB 157 82.14 -46.34 -47.61
C ILE PB 157 82.13 -45.04 -48.41
N ALA PB 158 81.52 -44.00 -47.86
CA ALA PB 158 81.42 -42.69 -48.49
C ALA PB 158 82.74 -42.24 -49.10
N ILE PB 159 82.73 -42.00 -50.41
CA ILE PB 159 83.90 -41.53 -51.15
C ILE PB 159 83.75 -40.02 -51.33
N PRO PB 160 84.61 -39.21 -50.76
CA PRO PB 160 84.46 -37.74 -50.77
C PRO PB 160 85.08 -37.09 -52.00
N CYS PB 161 84.39 -37.16 -53.13
CA CYS PB 161 84.92 -36.59 -54.36
C CYS PB 161 84.04 -35.50 -54.95
N ASN PB 162 82.82 -35.82 -55.39
CA ASN PB 162 81.93 -34.89 -56.06
C ASN PB 162 80.66 -35.65 -56.43
N ASN PB 163 79.59 -34.91 -56.69
CA ASN PB 163 78.42 -35.50 -57.31
C ASN PB 163 77.73 -34.55 -58.27
N LYS PB 164 78.27 -33.37 -58.53
CA LYS PB 164 77.62 -32.38 -59.37
C LYS PB 164 78.18 -32.30 -60.78
N GLY PB 165 79.48 -32.48 -60.94
CA GLY PB 165 80.11 -32.37 -62.25
C GLY PB 165 80.01 -33.66 -63.02
N ALA PB 166 79.54 -33.56 -64.26
CA ALA PB 166 79.43 -34.76 -65.11
C ALA PB 166 80.81 -35.35 -65.37
N HIS PB 167 81.80 -34.51 -65.66
CA HIS PB 167 83.15 -34.99 -65.89
C HIS PB 167 83.70 -35.66 -64.64
N SER PB 168 83.47 -35.07 -63.48
CA SER PB 168 83.95 -35.65 -62.23
C SER PB 168 83.30 -37.00 -61.97
N VAL PB 169 81.98 -37.10 -62.18
CA VAL PB 169 81.27 -38.35 -61.92
C VAL PB 169 81.76 -39.44 -62.86
N GLY PB 170 81.91 -39.10 -64.15
CA GLY PB 170 82.46 -40.07 -65.07
C GLY PB 170 83.86 -40.51 -64.69
N LEU PB 171 84.70 -39.56 -64.26
CA LEU PB 171 86.07 -39.88 -63.90
C LEU PB 171 86.13 -40.79 -62.68
N MET PB 172 85.32 -40.48 -61.66
CA MET PB 172 85.34 -41.29 -60.44
C MET PB 172 84.80 -42.68 -60.69
N TRP PB 173 83.77 -42.82 -61.53
CA TRP PB 173 83.26 -44.15 -61.85
C TRP PB 173 84.28 -44.94 -62.66
N TRP PB 174 84.94 -44.28 -63.62
CA TRP PB 174 85.98 -44.93 -64.40
C TRP PB 174 87.15 -45.35 -63.52
N MET PB 175 87.50 -44.50 -62.55
CA MET PB 175 88.58 -44.80 -61.63
C MET PB 175 88.25 -45.99 -60.75
N LEU PB 176 87.02 -46.05 -60.25
CA LEU PB 176 86.60 -47.19 -59.43
C LEU PB 176 86.61 -48.48 -60.24
N ALA PB 177 86.12 -48.42 -61.49
CA ALA PB 177 86.14 -49.60 -62.34
C ALA PB 177 87.57 -50.06 -62.60
N ARG PB 178 88.46 -49.11 -62.89
CA ARG PB 178 89.86 -49.45 -63.12
C ARG PB 178 90.48 -50.09 -61.88
N GLU PB 179 90.19 -49.54 -60.70
CA GLU PB 179 90.77 -50.06 -59.48
C GLU PB 179 90.28 -51.47 -59.19
N VAL PB 180 88.98 -51.73 -59.35
CA VAL PB 180 88.48 -53.07 -59.06
C VAL PB 180 89.01 -54.07 -60.09
N LEU PB 181 89.14 -53.64 -61.35
CA LEU PB 181 89.68 -54.54 -62.37
C LEU PB 181 91.15 -54.83 -62.14
N ARG PB 182 91.91 -53.86 -61.64
CA ARG PB 182 93.32 -54.11 -61.35
C ARG PB 182 93.50 -54.94 -60.08
N MET PB 183 92.60 -54.78 -59.10
CA MET PB 183 92.65 -55.66 -57.93
C MET PB 183 92.33 -57.09 -58.31
N ARG PB 184 91.35 -57.28 -59.18
CA ARG PB 184 91.14 -58.61 -59.74
C ARG PB 184 92.20 -58.90 -60.79
N GLY PB 185 92.21 -60.14 -61.28
CA GLY PB 185 93.20 -60.53 -62.27
C GLY PB 185 92.84 -60.15 -63.68
N THR PB 186 92.62 -58.86 -63.93
CA THR PB 186 92.20 -58.39 -65.25
C THR PB 186 93.24 -57.47 -65.89
N ILE PB 187 93.72 -56.46 -65.17
CA ILE PB 187 94.72 -55.52 -65.66
C ILE PB 187 96.00 -55.73 -64.87
N SER PB 188 97.13 -55.68 -65.57
CA SER PB 188 98.41 -56.07 -65.00
C SER PB 188 99.12 -54.94 -64.27
N ARG PB 189 98.40 -53.88 -63.90
CA ARG PB 189 98.88 -52.77 -63.06
C ARG PB 189 99.95 -51.91 -63.73
N GLU PB 190 100.43 -52.28 -64.92
CA GLU PB 190 101.57 -51.61 -65.53
C GLU PB 190 101.15 -50.60 -66.58
N HIS PB 191 100.49 -51.05 -67.61
CA HIS PB 191 100.12 -50.13 -68.67
C HIS PB 191 98.80 -49.44 -68.34
N PRO PB 192 98.58 -48.24 -68.87
CA PRO PB 192 97.31 -47.56 -68.63
C PRO PB 192 96.13 -48.34 -69.22
N TRP PB 193 94.98 -48.20 -68.58
CA TRP PB 193 93.77 -48.89 -69.03
C TRP PB 193 93.35 -48.37 -70.40
N GLU PB 194 92.88 -49.28 -71.24
CA GLU PB 194 92.53 -48.94 -72.61
C GLU PB 194 91.18 -48.24 -72.73
N VAL PB 195 90.43 -48.13 -71.65
CA VAL PB 195 89.12 -47.49 -71.68
C VAL PB 195 89.29 -46.01 -71.35
N MET PB 196 88.95 -45.16 -72.30
CA MET PB 196 89.05 -43.73 -72.08
C MET PB 196 88.00 -43.28 -71.06
N PRO PB 197 88.36 -42.39 -70.13
CA PRO PB 197 87.38 -41.91 -69.15
C PRO PB 197 86.22 -41.15 -69.77
N ASP PB 198 86.35 -40.69 -71.00
CA ASP PB 198 85.23 -40.06 -71.69
C ASP PB 198 84.08 -41.02 -71.93
N LEU PB 199 84.35 -42.33 -71.95
CA LEU PB 199 83.30 -43.32 -72.16
C LEU PB 199 82.28 -43.32 -71.03
N TYR PB 200 82.65 -42.82 -69.86
CA TYR PB 200 81.74 -42.76 -68.72
C TYR PB 200 81.06 -41.42 -68.57
N PHE PB 201 81.42 -40.43 -69.40
CA PHE PB 201 80.92 -39.07 -69.21
C PHE PB 201 79.49 -38.96 -69.71
N TYR PB 202 78.64 -38.34 -68.88
CA TYR PB 202 77.30 -38.00 -69.33
C TYR PB 202 77.37 -36.83 -70.30
N ARG PB 203 76.62 -36.93 -71.38
CA ARG PB 203 76.60 -35.90 -72.42
C ARG PB 203 75.20 -35.32 -72.52
N ASP PB 204 75.13 -34.02 -72.77
CA ASP PB 204 73.83 -33.36 -72.85
C ASP PB 204 73.27 -33.50 -74.26
N PRO PB 205 71.95 -33.66 -74.40
CA PRO PB 205 71.37 -33.93 -75.73
C PRO PB 205 71.71 -32.89 -76.79
N GLU PB 206 71.96 -31.65 -76.40
CA GLU PB 206 72.41 -30.67 -77.39
C GLU PB 206 73.87 -30.85 -77.77
N GLU PB 207 74.59 -31.77 -77.13
CA GLU PB 207 75.83 -32.31 -77.68
C GLU PB 207 75.62 -33.61 -78.44
N ILE PB 208 74.77 -34.53 -77.96
CA ILE PB 208 74.55 -35.76 -78.73
C ILE PB 208 74.00 -35.44 -80.12
N GLU PB 209 73.13 -34.43 -80.23
CA GLU PB 209 72.46 -34.15 -81.48
C GLU PB 209 73.28 -33.29 -82.44
N LYS PB 210 74.48 -32.86 -82.07
CA LYS PB 210 75.27 -32.03 -82.97
C LYS PB 210 76.70 -32.51 -83.14
N GLU PB 211 77.24 -33.22 -82.15
CA GLU PB 211 78.62 -33.66 -82.24
C GLU PB 211 78.80 -34.73 -83.31
N GLU PB 212 77.81 -35.62 -83.46
CA GLU PB 212 77.95 -36.69 -84.45
C GLU PB 212 77.90 -36.13 -85.87
N GLN PB 213 77.06 -35.11 -86.10
CA GLN PB 213 77.02 -34.52 -87.43
C GLN PB 213 78.22 -33.63 -87.69
N ALA PB 214 78.74 -32.96 -86.66
CA ALA PB 214 80.00 -32.24 -86.82
C ALA PB 214 81.14 -33.20 -87.18
N ALA PB 215 81.19 -34.35 -86.53
CA ALA PB 215 82.19 -35.36 -86.87
C ALA PB 215 81.97 -35.90 -88.28
N ALA PB 216 80.71 -36.04 -88.69
CA ALA PB 216 80.42 -36.48 -90.05
C ALA PB 216 80.93 -35.47 -91.08
N GLU PB 217 80.73 -34.18 -90.83
CA GLU PB 217 81.25 -33.17 -91.74
C GLU PB 217 82.78 -33.17 -91.76
N LYS PB 218 83.41 -33.32 -90.58
CA LYS PB 218 84.86 -33.36 -90.55
C LYS PB 218 85.42 -34.59 -91.25
N ALA PB 219 84.68 -35.71 -91.22
CA ALA PB 219 85.13 -36.90 -91.93
C ALA PB 219 84.94 -36.77 -93.44
N VAL PB 220 83.80 -36.21 -93.87
CA VAL PB 220 83.54 -36.10 -95.29
C VAL PB 220 84.39 -35.00 -95.94
N THR PB 221 84.83 -34.02 -95.16
CA THR PB 221 85.68 -32.97 -95.69
C THR PB 221 87.15 -33.26 -95.43
N VAL QB 1 19.35 34.66 -59.35
CA VAL QB 1 19.00 34.35 -60.73
C VAL QB 1 20.24 34.29 -61.60
N VAL QB 2 20.91 35.44 -61.73
CA VAL QB 2 22.13 35.52 -62.53
C VAL QB 2 23.25 34.75 -61.84
N ASP QB 3 24.07 34.06 -62.62
CA ASP QB 3 25.18 33.30 -62.04
C ASP QB 3 26.18 34.25 -61.42
N PRO QB 4 26.72 33.91 -60.24
CA PRO QB 4 27.66 34.82 -59.57
C PRO QB 4 28.99 34.99 -60.29
N PHE QB 5 29.31 34.14 -61.25
CA PHE QB 5 30.57 34.26 -61.96
C PHE QB 5 30.58 35.43 -62.94
N SER QB 6 29.45 36.07 -63.18
CA SER QB 6 29.44 37.30 -63.96
C SER QB 6 30.06 38.46 -63.20
N LYS QB 7 30.14 38.36 -61.88
CA LYS QB 7 30.70 39.41 -61.04
C LYS QB 7 32.15 39.15 -60.65
N LYS QB 8 32.78 38.14 -61.24
CA LYS QB 8 34.14 37.77 -60.92
C LYS QB 8 35.10 38.34 -61.95
N ASP QB 9 36.28 38.73 -61.50
CA ASP QB 9 37.35 39.15 -62.41
C ASP QB 9 38.61 38.38 -62.07
N TRP QB 10 39.47 38.23 -63.06
CA TRP QB 10 40.61 37.33 -62.97
C TRP QB 10 41.89 38.09 -62.67
N TYR QB 11 42.80 37.42 -61.96
CA TYR QB 11 44.09 37.98 -61.59
C TYR QB 11 45.17 36.96 -61.92
N ASP QB 12 46.36 37.46 -62.21
CA ASP QB 12 47.51 36.61 -62.51
C ASP QB 12 48.40 36.52 -61.29
N VAL QB 13 48.79 35.30 -60.93
CA VAL QB 13 49.56 35.06 -59.72
C VAL QB 13 51.04 35.00 -60.08
N LYS QB 14 51.86 35.74 -59.33
CA LYS QB 14 53.27 35.94 -59.66
C LYS QB 14 54.14 35.39 -58.53
N ALA QB 15 54.99 34.44 -58.88
CA ALA QB 15 56.00 33.88 -58.00
C ALA QB 15 57.18 34.84 -57.86
N PRO QB 16 57.94 34.73 -56.76
CA PRO QB 16 59.13 35.59 -56.61
C PRO QB 16 60.22 35.30 -57.61
N ALA QB 17 61.31 36.06 -57.54
CA ALA QB 17 62.40 35.94 -58.51
C ALA QB 17 63.26 34.71 -58.30
N MET QB 18 63.06 33.96 -57.21
CA MET QB 18 63.84 32.74 -56.99
C MET QB 18 63.55 31.70 -58.07
N PHE QB 19 62.34 31.71 -58.62
CA PHE QB 19 61.95 30.78 -59.66
C PHE QB 19 61.97 31.47 -61.01
N ASN QB 20 62.43 30.76 -62.04
CA ASN QB 20 62.53 31.34 -63.37
C ASN QB 20 61.25 31.22 -64.19
N ILE QB 21 60.24 30.51 -63.71
CA ILE QB 21 58.88 30.66 -64.21
C ILE QB 21 58.11 31.52 -63.22
N ARG QB 22 57.68 32.70 -63.67
CA ARG QB 22 57.04 33.66 -62.79
C ARG QB 22 55.52 33.53 -62.79
N ASN QB 23 54.93 33.00 -63.86
CA ASN QB 23 53.48 32.91 -63.96
C ASN QB 23 53.02 31.62 -63.28
N ILE QB 24 52.59 31.74 -62.03
CA ILE QB 24 52.02 30.60 -61.32
C ILE QB 24 50.73 30.15 -62.00
N GLY QB 25 49.88 31.09 -62.34
CA GLY QB 25 48.59 30.78 -62.96
C GLY QB 25 47.63 31.95 -62.80
N LYS QB 26 46.35 31.62 -62.79
CA LYS QB 26 45.30 32.63 -62.66
C LYS QB 26 44.36 32.25 -61.53
N THR QB 27 43.87 33.27 -60.84
CA THR QB 27 42.85 33.12 -59.82
C THR QB 27 41.72 34.08 -60.10
N LEU QB 28 40.65 33.97 -59.34
CA LEU QB 28 39.49 34.84 -59.52
C LEU QB 28 38.97 35.28 -58.17
N VAL QB 29 38.22 36.38 -58.17
CA VAL QB 29 37.61 36.91 -56.96
C VAL QB 29 36.42 37.75 -57.38
N THR QB 30 35.44 37.86 -56.50
CA THR QB 30 34.30 38.73 -56.75
C THR QB 30 34.76 40.19 -56.74
N ARG QB 31 34.23 40.97 -57.68
CA ARG QB 31 34.57 42.38 -57.77
C ARG QB 31 34.18 43.11 -56.49
N THR QB 32 34.81 44.27 -56.27
CA THR QB 32 34.56 45.04 -55.06
C THR QB 32 33.13 45.53 -55.04
N GLN QB 33 32.44 45.27 -53.93
CA GLN QB 33 31.07 45.70 -53.74
C GLN QB 33 30.88 46.08 -52.29
N GLY QB 34 30.59 47.36 -52.04
CA GLY QB 34 30.42 47.81 -50.67
C GLY QB 34 31.74 47.80 -49.91
N THR QB 35 31.68 47.35 -48.66
CA THR QB 35 32.86 47.29 -47.82
C THR QB 35 33.78 46.13 -48.19
N LYS QB 36 33.26 45.09 -48.85
CA LYS QB 36 34.07 43.94 -49.21
C LYS QB 36 34.97 44.30 -50.39
N ILE QB 37 36.26 44.01 -50.24
CA ILE QB 37 37.28 44.44 -51.19
C ILE QB 37 37.91 43.23 -51.85
N ALA QB 38 38.06 43.30 -53.17
CA ALA QB 38 38.72 42.22 -53.91
C ALA QB 38 40.17 42.04 -53.48
N SER QB 39 40.85 43.12 -53.12
CA SER QB 39 42.22 43.01 -52.64
C SER QB 39 42.30 42.19 -51.36
N ASP QB 40 41.40 42.45 -50.42
CA ASP QB 40 41.38 41.67 -49.19
C ASP QB 40 40.91 40.25 -49.44
N GLY QB 41 40.05 40.03 -50.43
CA GLY QB 41 39.68 38.68 -50.79
C GLY QB 41 40.84 37.90 -51.37
N LEU QB 42 41.69 38.56 -52.15
CA LEU QB 42 42.82 37.89 -52.76
C LEU QB 42 43.97 37.67 -51.79
N LYS QB 43 44.16 38.57 -50.84
CA LYS QB 43 45.26 38.42 -49.89
C LYS QB 43 45.02 37.22 -48.98
N GLY QB 44 46.10 36.53 -48.64
CA GLY QB 44 46.02 35.37 -47.78
C GLY QB 44 45.69 34.07 -48.46
N ARG QB 45 45.96 33.95 -49.76
CA ARG QB 45 45.70 32.73 -50.50
C ARG QB 45 46.99 31.97 -50.73
N VAL QB 46 46.94 30.66 -50.56
CA VAL QB 46 48.10 29.78 -50.65
C VAL QB 46 47.98 28.95 -51.92
N PHE QB 47 49.05 28.91 -52.70
CA PHE QB 47 49.07 28.24 -54.00
C PHE QB 47 50.08 27.09 -53.96
N GLU QB 48 49.61 25.91 -53.59
CA GLU QB 48 50.47 24.73 -53.55
C GLU QB 48 50.86 24.37 -54.97
N VAL QB 49 52.05 24.77 -55.38
CA VAL QB 49 52.52 24.58 -56.75
C VAL QB 49 53.78 23.75 -56.73
N SER QB 50 53.91 22.86 -57.72
CA SER QB 50 55.05 21.97 -57.78
C SER QB 50 56.33 22.76 -58.10
N LEU QB 51 57.47 22.09 -57.97
CA LEU QB 51 58.73 22.72 -58.30
C LEU QB 51 59.06 22.58 -59.78
N ALA QB 52 58.53 21.56 -60.44
CA ALA QB 52 58.87 21.32 -61.84
C ALA QB 52 58.29 22.38 -62.76
N ASP QB 53 57.18 23.00 -62.36
CA ASP QB 53 56.59 24.09 -63.12
C ASP QB 53 56.91 25.46 -62.55
N LEU QB 54 57.80 25.53 -61.56
CA LEU QB 54 58.36 26.78 -61.08
C LEU QB 54 59.80 26.98 -61.55
N GLN QB 55 60.57 25.90 -61.61
CA GLN QB 55 61.93 25.89 -62.10
C GLN QB 55 61.96 25.12 -63.41
N ASN QB 56 62.96 25.42 -64.24
CA ASN QB 56 62.96 24.94 -65.62
C ASN QB 56 63.03 23.41 -65.68
N ASP QB 57 63.93 22.81 -64.90
CA ASP QB 57 64.15 21.37 -65.03
C ASP QB 57 64.34 20.68 -63.68
N GLU QB 58 63.72 21.20 -62.63
CA GLU QB 58 63.89 20.60 -61.32
C GLU QB 58 62.93 19.44 -61.11
N VAL QB 59 63.03 18.80 -59.94
CA VAL QB 59 62.19 17.64 -59.65
C VAL QB 59 60.75 18.07 -59.45
N ALA QB 60 59.86 17.08 -59.46
CA ALA QB 60 58.42 17.32 -59.41
C ALA QB 60 57.78 16.94 -58.08
N PHE QB 61 58.50 16.26 -57.19
CA PHE QB 61 57.92 15.84 -55.92
C PHE QB 61 58.06 16.89 -54.83
N ARG QB 62 58.57 18.07 -55.15
CA ARG QB 62 58.70 19.17 -54.21
C ARG QB 62 57.64 20.22 -54.51
N LYS QB 63 56.88 20.62 -53.48
CA LYS QB 63 55.83 21.61 -53.66
C LYS QB 63 56.07 22.79 -52.73
N PHE QB 64 55.69 23.97 -53.20
CA PHE QB 64 55.84 25.22 -52.46
C PHE QB 64 54.48 25.85 -52.25
N LYS QB 65 54.35 26.58 -51.13
CA LYS QB 65 53.06 27.11 -50.73
C LYS QB 65 52.77 28.47 -51.38
N LEU QB 66 53.70 29.41 -51.26
CA LEU QB 66 53.66 30.69 -51.99
C LEU QB 66 52.38 31.46 -51.68
N ILE QB 67 52.29 31.92 -50.42
CA ILE QB 67 51.15 32.72 -50.00
C ILE QB 67 51.19 34.10 -50.65
N THR QB 68 50.02 34.66 -50.92
CA THR QB 68 49.89 35.98 -51.53
C THR QB 68 49.80 37.04 -50.42
N GLU QB 69 50.71 38.02 -50.47
CA GLU QB 69 50.67 39.14 -49.54
C GLU QB 69 50.05 40.40 -50.11
N ASP QB 70 50.42 40.77 -51.33
CA ASP QB 70 49.95 42.03 -51.90
C ASP QB 70 49.53 41.83 -53.34
N VAL QB 71 48.50 42.56 -53.75
CA VAL QB 71 48.01 42.57 -55.12
C VAL QB 71 48.01 44.01 -55.61
N GLN QB 72 48.51 44.21 -56.83
CA GLN QB 72 48.50 45.51 -57.47
C GLN QB 72 48.14 45.34 -58.93
N GLY QB 73 47.19 46.13 -59.40
CA GLY QB 73 46.67 45.93 -60.74
C GLY QB 73 45.95 44.60 -60.83
N LYS QB 74 46.27 43.83 -61.87
CA LYS QB 74 45.69 42.51 -62.07
C LYS QB 74 46.64 41.40 -61.67
N ASN QB 75 47.64 41.71 -60.85
CA ASN QB 75 48.68 40.75 -60.48
C ASN QB 75 48.71 40.58 -58.97
N CYS QB 76 48.42 39.37 -58.51
CA CYS QB 76 48.71 38.99 -57.14
C CYS QB 76 50.18 38.61 -57.04
N LEU QB 77 50.81 38.98 -55.93
CA LEU QB 77 52.23 38.77 -55.74
C LEU QB 77 52.44 37.86 -54.54
N THR QB 78 53.23 36.80 -54.71
CA THR QB 78 53.38 35.79 -53.68
C THR QB 78 54.75 35.87 -53.00
N ASN QB 79 54.85 35.18 -51.87
CA ASN QB 79 56.11 35.02 -51.17
C ASN QB 79 56.09 33.65 -50.50
N PHE QB 80 57.28 33.17 -50.15
CA PHE QB 80 57.44 31.81 -49.63
C PHE QB 80 56.69 31.63 -48.33
N HIS QB 81 56.09 30.45 -48.16
CA HIS QB 81 55.29 30.14 -46.99
C HIS QB 81 55.67 28.77 -46.42
N GLY QB 82 56.15 27.89 -47.28
CA GLY QB 82 56.58 26.57 -46.86
C GLY QB 82 56.77 25.69 -48.07
N MET QB 83 57.40 24.55 -47.82
CA MET QB 83 57.50 23.50 -48.83
C MET QB 83 57.23 22.14 -48.21
N ASP QB 84 56.86 21.20 -49.08
CA ASP QB 84 56.53 19.86 -48.65
C ASP QB 84 56.88 18.87 -49.75
N LEU QB 85 57.32 17.68 -49.35
CA LEU QB 85 57.41 16.60 -50.32
C LEU QB 85 56.03 16.05 -50.61
N THR QB 86 55.93 15.29 -51.70
CA THR QB 86 54.63 14.76 -52.09
C THR QB 86 54.35 13.44 -51.37
N ARG QB 87 53.06 13.10 -51.33
CA ARG QB 87 52.60 11.89 -50.65
C ARG QB 87 53.23 10.65 -51.26
N ASP QB 88 53.21 10.54 -52.60
CA ASP QB 88 53.73 9.35 -53.24
C ASP QB 88 55.23 9.22 -53.06
N LYS QB 89 55.96 10.34 -53.15
CA LYS QB 89 57.41 10.29 -52.95
C LYS QB 89 57.74 9.85 -51.53
N MET QB 90 57.06 10.43 -50.54
CA MET QB 90 57.31 10.05 -49.15
C MET QB 90 57.00 8.58 -48.90
N CYS QB 91 55.85 8.11 -49.40
CA CYS QB 91 55.46 6.73 -49.17
C CYS QB 91 56.37 5.76 -49.90
N SER QB 92 56.89 6.14 -51.06
CA SER QB 92 57.84 5.29 -51.77
C SER QB 92 59.17 5.25 -51.04
N MET QB 93 59.57 6.36 -50.42
CA MET QB 93 60.82 6.37 -49.67
C MET QB 93 60.74 5.48 -48.44
N VAL QB 94 59.60 5.49 -47.75
CA VAL QB 94 59.46 4.66 -46.55
C VAL QB 94 59.42 3.19 -46.96
N LYS QB 95 60.33 2.39 -46.42
CA LYS QB 95 60.44 0.98 -46.75
C LYS QB 95 60.85 0.19 -45.52
N LYS QB 96 60.70 -1.13 -45.61
CA LYS QB 96 61.02 -2.02 -44.50
C LYS QB 96 62.51 -2.39 -44.50
N TRP QB 97 62.92 -3.03 -43.40
CA TRP QB 97 64.29 -3.49 -43.20
C TRP QB 97 65.29 -2.34 -43.29
N GLN QB 98 64.89 -1.17 -42.81
CA GLN QB 98 65.77 -0.02 -42.77
C GLN QB 98 65.26 0.94 -41.70
N THR QB 99 66.15 1.81 -41.25
CA THR QB 99 65.85 2.79 -40.21
C THR QB 99 65.79 4.17 -40.82
N MET QB 100 64.74 4.93 -40.49
CA MET QB 100 64.68 6.32 -40.90
C MET QB 100 64.86 7.22 -39.68
N ILE QB 101 65.62 8.29 -39.89
CA ILE QB 101 65.90 9.29 -38.88
C ILE QB 101 65.19 10.57 -39.26
N GLU QB 102 64.41 11.11 -38.32
CA GLU QB 102 63.63 12.33 -38.54
C GLU QB 102 64.11 13.39 -37.57
N ALA QB 103 64.32 14.59 -38.07
CA ALA QB 103 64.69 15.72 -37.21
C ALA QB 103 63.86 16.94 -37.56
N HIS QB 104 63.60 17.75 -36.55
CA HIS QB 104 62.91 19.02 -36.75
C HIS QB 104 63.64 20.09 -35.97
N VAL QB 105 63.62 21.31 -36.50
CA VAL QB 105 64.32 22.42 -35.86
C VAL QB 105 63.58 23.72 -36.16
N ASP QB 106 63.41 24.53 -35.11
CA ASP QB 106 62.89 25.89 -35.25
C ASP QB 106 64.06 26.85 -35.34
N VAL QB 107 64.15 27.60 -36.43
CA VAL QB 107 65.31 28.44 -36.68
C VAL QB 107 64.85 29.76 -37.30
N LYS QB 108 65.47 30.85 -36.86
CA LYS QB 108 65.13 32.19 -37.30
C LYS QB 108 66.12 32.65 -38.36
N THR QB 109 65.61 33.22 -39.45
CA THR QB 109 66.46 33.76 -40.50
C THR QB 109 67.03 35.11 -40.05
N THR QB 110 67.83 35.72 -40.93
CA THR QB 110 68.41 37.02 -40.60
C THR QB 110 67.36 38.13 -40.66
N ASP QB 111 66.36 37.99 -41.53
CA ASP QB 111 65.36 39.03 -41.72
C ASP QB 111 64.12 38.84 -40.86
N GLY QB 112 64.13 37.86 -39.96
CA GLY QB 112 63.04 37.70 -39.01
C GLY QB 112 62.03 36.63 -39.32
N TYR QB 113 62.23 35.86 -40.39
CA TYR QB 113 61.34 34.74 -40.69
C TYR QB 113 61.72 33.55 -39.84
N LEU QB 114 60.75 33.02 -39.10
CA LEU QB 114 60.95 31.82 -38.30
C LEU QB 114 60.44 30.62 -39.09
N LEU QB 115 61.28 29.60 -39.22
CA LEU QB 115 60.96 28.44 -40.02
C LEU QB 115 61.09 27.18 -39.17
N ARG QB 116 60.13 26.28 -39.33
CA ARG QB 116 60.24 24.93 -38.78
C ARG QB 116 60.63 24.00 -39.92
N LEU QB 117 61.82 23.41 -39.83
CA LEU QB 117 62.34 22.52 -40.84
C LEU QB 117 62.23 21.07 -40.35
N PHE QB 118 61.75 20.19 -41.22
CA PHE QB 118 61.65 18.76 -40.97
C PHE QB 118 62.47 18.05 -42.02
N CYS QB 119 63.49 17.32 -41.58
CA CYS QB 119 64.37 16.54 -42.43
C CYS QB 119 64.20 15.06 -42.14
N VAL QB 120 64.32 14.24 -43.18
CA VAL QB 120 64.24 12.79 -43.06
C VAL QB 120 65.43 12.17 -43.76
N GLY QB 121 65.84 11.00 -43.27
CA GLY QB 121 66.88 10.23 -43.92
C GLY QB 121 66.62 8.76 -43.68
N PHE QB 122 67.16 7.93 -44.58
CA PHE QB 122 66.96 6.49 -44.52
C PHE QB 122 68.29 5.79 -44.65
N THR QB 123 68.53 4.79 -43.80
CA THR QB 123 69.77 4.05 -43.88
C THR QB 123 69.86 3.27 -45.19
N LYS QB 124 71.05 3.25 -45.77
CA LYS QB 124 71.29 2.65 -47.07
C LYS QB 124 72.05 1.35 -46.91
N LYS QB 125 71.60 0.31 -47.61
CA LYS QB 125 72.31 -0.95 -47.59
C LYS QB 125 73.42 -0.95 -48.64
N ARG QB 126 74.52 -1.62 -48.31
CA ARG QB 126 75.65 -1.69 -49.21
C ARG QB 126 75.33 -2.59 -50.41
N ASN QB 127 76.11 -2.40 -51.48
CA ASN QB 127 75.90 -3.20 -52.68
C ASN QB 127 76.26 -4.66 -52.46
N ASN QB 128 77.29 -4.92 -51.66
CA ASN QB 128 77.71 -6.28 -51.35
C ASN QB 128 77.07 -6.82 -50.08
N GLN QB 129 76.15 -6.07 -49.47
CA GLN QB 129 75.53 -6.49 -48.23
C GLN QB 129 74.68 -7.73 -48.44
N ILE QB 130 74.80 -8.70 -47.52
CA ILE QB 130 74.04 -9.93 -47.58
C ILE QB 130 72.93 -9.89 -46.53
N ARG QB 131 73.18 -9.19 -45.43
CA ARG QB 131 72.17 -9.08 -44.38
C ARG QB 131 70.93 -8.38 -44.90
N LYS QB 132 69.77 -8.92 -44.55
CA LYS QB 132 68.51 -8.40 -45.07
C LYS QB 132 68.24 -6.98 -44.59
N THR QB 133 68.48 -6.71 -43.32
CA THR QB 133 68.15 -5.43 -42.72
C THR QB 133 69.39 -4.56 -42.59
N SER QB 134 69.17 -3.24 -42.64
CA SER QB 134 70.22 -2.26 -42.42
C SER QB 134 69.72 -1.31 -41.34
N TYR QB 135 69.91 -1.71 -40.09
CA TYR QB 135 69.41 -0.96 -38.95
C TYR QB 135 70.57 -0.23 -38.28
N ALA QB 136 70.36 1.05 -37.97
CA ALA QB 136 71.33 1.82 -37.21
C ALA QB 136 71.01 1.72 -35.73
N GLN QB 137 72.06 1.64 -34.92
CA GLN QB 137 71.88 1.59 -33.48
C GLN QB 137 71.38 2.93 -32.98
N HIS QB 138 70.91 2.94 -31.72
CA HIS QB 138 70.28 4.12 -31.17
C HIS QB 138 71.24 5.29 -31.06
N GLN QB 139 72.47 5.03 -30.64
CA GLN QB 139 73.46 6.11 -30.55
C GLN QB 139 73.82 6.63 -31.93
N GLN QB 140 73.90 5.74 -32.93
CA GLN QB 140 74.16 6.19 -34.29
C GLN QB 140 73.03 7.08 -34.80
N VAL QB 141 71.78 6.67 -34.52
CA VAL QB 141 70.64 7.48 -34.93
C VAL QB 141 70.66 8.83 -34.23
N ARG QB 142 71.00 8.85 -32.95
CA ARG QB 142 71.05 10.10 -32.20
C ARG QB 142 72.14 11.02 -32.74
N GLN QB 143 73.30 10.47 -33.05
CA GLN QB 143 74.38 11.29 -33.62
C GLN QB 143 73.99 11.83 -34.98
N ILE QB 144 73.34 11.00 -35.81
CA ILE QB 144 72.90 11.47 -37.12
C ILE QB 144 71.87 12.58 -36.97
N ARG QB 145 70.93 12.42 -36.05
CA ARG QB 145 69.92 13.44 -35.83
C ARG QB 145 70.54 14.75 -35.34
N LYS QB 146 71.49 14.67 -34.40
CA LYS QB 146 72.16 15.86 -33.92
C LYS QB 146 72.95 16.54 -35.03
N LYS QB 147 73.64 15.75 -35.84
CA LYS QB 147 74.41 16.31 -36.95
C LYS QB 147 73.50 17.02 -37.94
N MET QB 148 72.39 16.39 -38.31
CA MET QB 148 71.52 16.97 -39.31
C MET QB 148 70.59 18.04 -38.75
N MET QB 149 70.54 18.21 -37.43
CA MET QB 149 69.95 19.42 -36.88
C MET QB 149 70.96 20.58 -36.91
N GLU QB 150 72.20 20.31 -36.53
CA GLU QB 150 73.17 21.40 -36.47
C GLU QB 150 73.68 21.81 -37.85
N ILE QB 151 73.45 21.01 -38.89
CA ILE QB 151 73.70 21.48 -40.24
C ILE QB 151 72.40 21.69 -41.00
N MET QB 152 71.31 21.93 -40.29
CA MET QB 152 70.21 22.74 -40.80
C MET QB 152 70.12 24.09 -40.13
N THR QB 153 70.61 24.21 -38.90
CA THR QB 153 70.59 25.51 -38.22
C THR QB 153 71.44 26.53 -38.97
N ARG QB 154 72.71 26.18 -39.24
CA ARG QB 154 73.67 27.15 -39.72
C ARG QB 154 73.48 27.55 -41.18
N GLU QB 155 72.66 26.82 -41.93
CA GLU QB 155 72.29 27.23 -43.28
C GLU QB 155 71.07 28.12 -43.31
N VAL QB 156 70.47 28.40 -42.15
CA VAL QB 156 69.34 29.30 -42.04
C VAL QB 156 69.66 30.52 -41.18
N GLN QB 157 70.44 30.33 -40.12
CA GLN QB 157 70.70 31.41 -39.17
C GLN QB 157 71.44 32.57 -39.81
N THR QB 158 72.42 32.28 -40.68
CA THR QB 158 73.35 33.29 -41.16
C THR QB 158 73.00 33.79 -42.55
N ASN QB 159 71.75 33.65 -42.99
CA ASN QB 159 71.39 34.09 -44.33
C ASN QB 159 69.90 34.39 -44.41
N ASP QB 160 69.53 35.12 -45.45
CA ASP QB 160 68.19 35.63 -45.66
C ASP QB 160 67.27 34.56 -46.23
N LEU QB 161 65.97 34.83 -46.16
CA LEU QB 161 64.97 33.89 -46.68
C LEU QB 161 65.13 33.65 -48.17
N LYS QB 162 65.57 34.66 -48.93
CA LYS QB 162 65.72 34.49 -50.37
C LYS QB 162 66.77 33.43 -50.69
N GLU QB 163 67.96 33.55 -50.10
CA GLU QB 163 68.98 32.55 -50.35
C GLU QB 163 68.83 31.31 -49.48
N VAL QB 164 67.82 31.28 -48.60
CA VAL QB 164 67.40 30.00 -48.03
C VAL QB 164 66.53 29.23 -49.02
N VAL QB 165 65.58 29.93 -49.64
CA VAL QB 165 64.67 29.30 -50.59
C VAL QB 165 65.44 28.83 -51.82
N ASN QB 166 66.36 29.64 -52.32
CA ASN QB 166 67.04 29.26 -53.56
C ASN QB 166 67.98 28.08 -53.36
N LYS QB 167 68.39 27.80 -52.12
CA LYS QB 167 69.24 26.66 -51.84
C LYS QB 167 68.47 25.45 -51.35
N LEU QB 168 67.25 25.62 -50.87
CA LEU QB 168 66.38 24.46 -50.67
C LEU QB 168 65.63 24.10 -51.93
N ILE QB 169 65.68 24.92 -52.97
CA ILE QB 169 65.16 24.51 -54.28
C ILE QB 169 65.85 23.26 -54.81
N PRO QB 170 67.18 23.15 -54.82
CA PRO QB 170 67.80 21.87 -55.15
C PRO QB 170 68.04 20.96 -53.96
N ASP QB 171 67.59 21.38 -52.76
CA ASP QB 171 67.77 20.62 -51.52
C ASP QB 171 69.25 20.31 -51.29
N SER QB 172 70.09 21.35 -51.41
CA SER QB 172 71.50 21.20 -51.11
C SER QB 172 71.72 20.90 -49.63
N ILE QB 173 70.80 21.33 -48.77
CA ILE QB 173 70.91 21.04 -47.35
C ILE QB 173 70.86 19.54 -47.12
N GLY QB 174 69.91 18.86 -47.75
CA GLY QB 174 69.84 17.41 -47.62
C GLY QB 174 71.06 16.71 -48.21
N LYS QB 175 71.59 17.25 -49.31
CA LYS QB 175 72.77 16.64 -49.91
C LYS QB 175 73.98 16.75 -48.98
N ASP QB 176 74.19 17.90 -48.35
CA ASP QB 176 75.33 17.99 -47.43
C ASP QB 176 75.06 17.21 -46.15
N ILE QB 177 73.80 17.07 -45.74
CA ILE QB 177 73.48 16.21 -44.60
C ILE QB 177 73.88 14.77 -44.90
N GLU QB 178 73.50 14.29 -46.09
CA GLU QB 178 73.85 12.93 -46.49
C GLU QB 178 75.37 12.77 -46.60
N LYS QB 179 76.05 13.78 -47.14
CA LYS QB 179 77.50 13.71 -47.22
C LYS QB 179 78.14 13.65 -45.84
N ALA QB 180 77.63 14.43 -44.89
CA ALA QB 180 78.22 14.47 -43.57
C ALA QB 180 77.96 13.20 -42.77
N CYS QB 181 76.81 12.57 -42.99
CA CYS QB 181 76.43 11.43 -42.16
C CYS QB 181 77.02 10.10 -42.63
N GLN QB 182 77.81 10.08 -43.70
CA GLN QB 182 78.37 8.82 -44.19
C GLN QB 182 79.34 8.19 -43.21
N SER QB 183 79.95 8.98 -42.33
CA SER QB 183 80.92 8.45 -41.37
C SER QB 183 80.26 7.76 -40.18
N ILE QB 184 78.95 7.85 -40.05
CA ILE QB 184 78.23 7.18 -38.97
C ILE QB 184 77.52 5.96 -39.53
N TYR QB 185 76.60 6.19 -40.47
CA TYR QB 185 75.88 5.14 -41.16
C TYR QB 185 75.50 5.76 -42.50
N PRO QB 186 75.67 5.03 -43.60
CA PRO QB 186 75.28 5.58 -44.89
C PRO QB 186 73.79 5.84 -44.97
N LEU QB 187 73.42 6.95 -45.61
CA LEU QB 187 72.04 7.30 -45.90
C LEU QB 187 71.90 7.59 -47.39
N HIS QB 188 70.72 7.32 -47.93
CA HIS QB 188 70.49 7.55 -49.35
C HIS QB 188 69.39 8.55 -49.64
N ASP QB 189 68.20 8.39 -49.06
CA ASP QB 189 67.07 9.26 -49.37
C ASP QB 189 66.96 10.35 -48.32
N VAL QB 190 67.83 11.35 -48.43
CA VAL QB 190 67.90 12.44 -47.48
C VAL QB 190 67.33 13.69 -48.13
N PHE QB 191 66.27 14.23 -47.54
CA PHE QB 191 65.64 15.44 -48.03
C PHE QB 191 65.21 16.28 -46.84
N VAL QB 192 65.05 17.58 -47.08
CA VAL QB 192 64.29 18.42 -46.17
C VAL QB 192 62.83 18.16 -46.49
N ARG QB 193 62.20 17.29 -45.70
CA ARG QB 193 60.87 16.79 -46.02
C ARG QB 193 59.85 17.91 -46.03
N LYS QB 194 60.00 18.88 -45.12
CA LYS QB 194 59.00 19.93 -44.98
C LYS QB 194 59.66 21.15 -44.39
N VAL QB 195 59.10 22.32 -44.68
CA VAL QB 195 59.36 23.52 -43.90
C VAL QB 195 58.10 24.34 -43.88
N LYS QB 196 57.80 24.90 -42.70
CA LYS QB 196 56.61 25.73 -42.52
C LYS QB 196 57.00 27.05 -41.91
N MET QB 197 56.33 28.12 -42.35
CA MET QB 197 56.51 29.44 -41.77
C MET QB 197 55.79 29.51 -40.43
N LEU QB 198 56.49 29.95 -39.39
CA LEU QB 198 55.88 30.11 -38.07
C LEU QB 198 55.52 31.55 -37.78
N LYS QB 199 56.44 32.49 -38.03
CA LYS QB 199 56.17 33.91 -37.87
C LYS QB 199 56.76 34.68 -39.04
N LYS QB 200 56.15 35.83 -39.33
CA LYS QB 200 56.59 36.70 -40.41
C LYS QB 200 56.82 38.10 -39.88
N PRO QB 201 57.85 38.79 -40.36
CA PRO QB 201 58.20 40.14 -39.87
C PRO QB 201 57.54 41.33 -40.57
N LYS QB 202 56.29 41.59 -40.20
CA LYS QB 202 55.65 42.90 -40.37
C LYS QB 202 55.30 43.24 -41.81
N PHE QB 203 55.74 42.42 -42.77
CA PHE QB 203 55.39 42.57 -44.19
C PHE QB 203 55.84 43.94 -44.73
N GLU QB 204 57.15 44.05 -44.91
CA GLU QB 204 57.71 45.22 -45.57
C GLU QB 204 57.49 45.12 -47.08
N LEU QB 205 56.73 46.06 -47.63
CA LEU QB 205 56.44 46.06 -49.06
C LEU QB 205 57.70 46.24 -49.90
N GLY QB 206 58.68 46.97 -49.40
CA GLY QB 206 59.94 47.09 -50.11
C GLY QB 206 60.65 45.75 -50.24
N LYS QB 207 60.65 44.97 -49.15
CA LYS QB 207 61.22 43.63 -49.21
C LYS QB 207 60.46 42.73 -50.17
N LEU QB 208 59.12 42.83 -50.16
CA LEU QB 208 58.33 42.03 -51.09
C LEU QB 208 58.66 42.39 -52.54
N MET QB 209 58.77 43.70 -52.82
CA MET QB 209 59.03 44.14 -54.19
C MET QB 209 60.44 43.79 -54.64
N GLU QB 210 61.42 43.81 -53.73
CA GLU QB 210 62.76 43.38 -54.14
C GLU QB 210 62.85 41.87 -54.28
N LEU QB 211 62.02 41.11 -53.56
CA LEU QB 211 61.94 39.68 -53.82
C LEU QB 211 61.36 39.40 -55.20
N HIS QB 212 60.34 40.16 -55.61
CA HIS QB 212 59.77 39.94 -56.94
C HIS QB 212 60.68 40.46 -58.04
N GLY QB 213 60.93 41.77 -58.07
CA GLY QB 213 61.73 42.35 -59.11
C GLY QB 213 63.21 42.33 -58.79
N GLU QB 214 63.85 43.50 -58.78
CA GLU QB 214 65.28 43.59 -58.52
C GLU QB 214 65.56 44.39 -57.26
N GLU RB 1 55.67 -78.79 -52.71
CA GLU RB 1 54.97 -77.86 -53.59
C GLU RB 1 55.39 -76.42 -53.32
N TRP RB 2 56.42 -76.26 -52.50
CA TRP RB 2 56.91 -74.94 -52.12
C TRP RB 2 58.02 -74.52 -53.06
N MET RB 3 57.82 -73.42 -53.78
CA MET RB 3 58.82 -72.87 -54.69
C MET RB 3 59.27 -71.52 -54.16
N PRO RB 4 60.46 -71.44 -53.59
CA PRO RB 4 60.87 -70.18 -52.94
C PRO RB 4 61.45 -69.19 -53.92
N VAL RB 5 61.14 -67.92 -53.70
CA VAL RB 5 61.87 -66.85 -54.38
C VAL RB 5 62.58 -66.00 -53.33
N THR RB 6 63.78 -66.44 -52.97
CA THR RB 6 64.67 -65.79 -52.00
C THR RB 6 65.97 -66.57 -51.99
N LYS RB 7 67.11 -65.90 -51.88
CA LYS RB 7 68.36 -66.64 -51.68
C LYS RB 7 68.31 -67.43 -50.38
N LEU RB 8 67.85 -66.81 -49.30
CA LEU RB 8 67.74 -67.49 -48.02
C LEU RB 8 66.77 -68.65 -48.09
N GLY RB 9 65.63 -68.44 -48.74
CA GLY RB 9 64.65 -69.52 -48.87
C GLY RB 9 65.20 -70.68 -49.68
N ARG RB 10 65.91 -70.38 -50.77
CA ARG RB 10 66.51 -71.44 -51.57
C ARG RB 10 67.54 -72.22 -50.77
N LEU RB 11 68.39 -71.52 -50.01
CA LEU RB 11 69.40 -72.20 -49.20
C LEU RB 11 68.76 -73.06 -48.12
N VAL RB 12 67.68 -72.57 -47.51
CA VAL RB 12 66.96 -73.37 -46.52
C VAL RB 12 66.37 -74.61 -47.18
N LYS RB 13 65.77 -74.45 -48.35
CA LYS RB 13 65.11 -75.56 -49.01
C LYS RB 13 66.08 -76.65 -49.42
N ASP RB 14 67.24 -76.28 -49.97
CA ASP RB 14 68.14 -77.28 -50.54
C ASP RB 14 69.21 -77.73 -49.54
N MET RB 15 68.89 -77.75 -48.24
CA MET RB 15 69.73 -78.34 -47.20
C MET RB 15 71.10 -77.67 -47.13
N LYS RB 16 71.13 -76.35 -47.25
CA LYS RB 16 72.37 -75.60 -47.11
C LYS RB 16 72.53 -74.95 -45.74
N ILE RB 17 71.42 -74.58 -45.10
CA ILE RB 17 71.42 -74.00 -43.77
C ILE RB 17 70.80 -75.01 -42.82
N LYS RB 18 71.52 -75.34 -41.75
CA LYS RB 18 71.09 -76.41 -40.86
C LYS RB 18 70.28 -75.91 -39.67
N SER RB 19 70.45 -74.67 -39.25
CA SER RB 19 69.79 -74.17 -38.06
C SER RB 19 69.24 -72.78 -38.29
N LEU RB 20 68.12 -72.49 -37.62
CA LEU RB 20 67.57 -71.14 -37.62
C LEU RB 20 68.50 -70.16 -36.94
N GLU RB 21 69.37 -70.64 -36.05
CA GLU RB 21 70.34 -69.78 -35.39
C GLU RB 21 71.37 -69.24 -36.36
N GLU RB 22 71.62 -69.95 -37.46
CA GLU RB 22 72.53 -69.42 -38.48
C GLU RB 22 71.95 -68.17 -39.11
N ILE RB 23 70.64 -68.16 -39.36
CA ILE RB 23 69.98 -66.94 -39.86
C ILE RB 23 69.93 -65.88 -38.77
N TYR RB 24 69.66 -66.30 -37.54
CA TYR RB 24 69.57 -65.34 -36.43
C TYR RB 24 70.91 -64.66 -36.17
N LEU RB 25 72.01 -65.35 -36.44
CA LEU RB 25 73.33 -64.77 -36.23
C LEU RB 25 73.55 -63.56 -37.11
N PHE RB 26 73.16 -63.65 -38.38
CA PHE RB 26 73.37 -62.59 -39.34
C PHE RB 26 72.16 -61.70 -39.52
N SER RB 27 71.09 -61.93 -38.75
CA SER RB 27 69.92 -61.06 -38.71
C SER RB 27 69.25 -60.94 -40.07
N LEU RB 28 69.35 -61.98 -40.88
CA LEU RB 28 68.71 -61.98 -42.18
C LEU RB 28 67.20 -62.02 -42.01
N PRO RB 29 66.45 -61.15 -42.68
CA PRO RB 29 64.99 -61.15 -42.49
C PRO RB 29 64.36 -62.37 -43.12
N ILE RB 30 63.41 -62.95 -42.39
CA ILE RB 30 62.62 -64.08 -42.88
C ILE RB 30 61.42 -63.51 -43.62
N LYS RB 31 61.40 -63.68 -44.94
CA LYS RB 31 60.35 -63.08 -45.76
C LYS RB 31 59.35 -64.09 -46.29
N GLU RB 32 59.43 -65.35 -45.84
CA GLU RB 32 58.47 -66.35 -46.26
C GLU RB 32 58.35 -67.42 -45.19
N SER RB 33 57.10 -67.79 -44.87
CA SER RB 33 56.84 -68.63 -43.70
C SER RB 33 57.25 -70.07 -43.91
N GLU RB 34 57.46 -70.50 -45.14
CA GLU RB 34 57.88 -71.87 -45.39
C GLU RB 34 59.35 -72.09 -45.09
N ILE RB 35 60.07 -71.07 -44.63
CA ILE RB 35 61.44 -71.26 -44.20
C ILE RB 35 61.49 -71.98 -42.85
N ILE RB 36 60.67 -71.52 -41.90
CA ILE RB 36 60.89 -71.94 -40.52
C ILE RB 36 60.17 -73.23 -40.15
N ASP RB 37 59.12 -73.61 -40.89
CA ASP RB 37 58.51 -74.91 -40.61
C ASP RB 37 59.46 -76.03 -41.00
N PHE RB 38 60.31 -75.78 -42.01
CA PHE RB 38 61.35 -76.72 -42.39
C PHE RB 38 62.30 -76.99 -41.23
N PHE RB 39 62.46 -76.02 -40.33
CA PHE RB 39 63.32 -76.19 -39.16
C PHE RB 39 62.53 -76.72 -37.96
N LEU RB 40 61.51 -75.98 -37.54
CA LEU RB 40 60.66 -76.35 -36.42
C LEU RB 40 59.42 -77.10 -36.88
N GLY RB 41 59.61 -78.15 -37.68
CA GLY RB 41 58.49 -78.98 -38.10
C GLY RB 41 57.85 -79.70 -36.93
N ALA RB 42 56.53 -79.65 -36.85
CA ALA RB 42 55.69 -80.38 -35.91
C ALA RB 42 55.93 -80.00 -34.46
N SER RB 43 56.78 -79.01 -34.19
CA SER RB 43 57.00 -78.54 -32.83
C SER RB 43 56.44 -77.16 -32.57
N LEU RB 44 56.08 -76.42 -33.62
CA LEU RB 44 55.53 -75.08 -33.47
C LEU RB 44 54.09 -75.19 -32.97
N LYS RB 45 53.93 -75.10 -31.66
CA LYS RB 45 52.59 -75.01 -31.10
C LYS RB 45 52.00 -73.64 -31.39
N ASP RB 46 50.68 -73.60 -31.51
CA ASP RB 46 49.95 -72.42 -31.96
C ASP RB 46 48.82 -72.13 -30.99
N GLU RB 47 48.48 -70.85 -30.86
CA GLU RB 47 47.34 -70.46 -30.05
C GLU RB 47 46.82 -69.12 -30.54
N VAL RB 48 45.51 -68.94 -30.44
CA VAL RB 48 44.84 -67.70 -30.80
C VAL RB 48 44.51 -66.95 -29.52
N LEU RB 49 45.01 -65.73 -29.40
CA LEU RB 49 44.81 -64.96 -28.18
C LEU RB 49 43.46 -64.25 -28.15
N LYS RB 50 43.09 -63.61 -29.25
CA LYS RB 50 41.88 -62.81 -29.28
C LYS RB 50 41.45 -62.58 -30.72
N ILE RB 51 40.15 -62.49 -30.93
CA ILE RB 51 39.56 -62.01 -32.18
C ILE RB 51 38.81 -60.74 -31.87
N MET RB 52 39.24 -59.63 -32.44
CA MET RB 52 38.60 -58.36 -32.18
C MET RB 52 37.99 -57.79 -33.45
N PRO RB 53 36.73 -57.38 -33.42
CA PRO RB 53 36.05 -56.79 -34.58
C PRO RB 53 36.19 -55.27 -34.73
N VAL RB 54 37.28 -54.84 -35.35
CA VAL RB 54 37.44 -53.43 -35.69
C VAL RB 54 36.43 -53.05 -36.77
N GLN RB 55 36.06 -51.77 -36.81
CA GLN RB 55 35.04 -51.30 -37.73
C GLN RB 55 35.47 -49.98 -38.35
N LYS RB 56 34.98 -49.72 -39.56
CA LYS RB 56 35.24 -48.49 -40.29
C LYS RB 56 33.91 -47.94 -40.78
N GLN RB 57 33.57 -46.74 -40.33
CA GLN RB 57 32.31 -46.14 -40.72
C GLN RB 57 32.34 -45.69 -42.18
N THR RB 58 31.27 -46.00 -42.91
CA THR RB 58 31.17 -45.61 -44.31
C THR RB 58 29.83 -44.95 -44.60
N ARG RB 59 29.56 -44.67 -45.89
CA ARG RB 59 28.29 -44.10 -46.29
C ARG RB 59 27.13 -45.02 -45.94
N ALA RB 60 27.25 -46.30 -46.28
CA ALA RB 60 26.19 -47.27 -46.04
C ALA RB 60 26.52 -48.09 -44.78
N GLY RB 61 26.42 -47.41 -43.64
CA GLY RB 61 26.74 -48.05 -42.39
C GLY RB 61 28.24 -48.26 -42.24
N GLN RB 62 28.59 -49.05 -41.24
CA GLN RB 62 29.98 -49.38 -40.97
C GLN RB 62 30.26 -50.83 -41.33
N ARG RB 63 31.40 -51.06 -41.97
CA ARG RB 63 31.82 -52.41 -42.27
C ARG RB 63 32.73 -52.93 -41.18
N THR RB 64 32.72 -54.24 -40.99
CA THR RB 64 33.43 -54.89 -39.90
C THR RB 64 34.51 -55.80 -40.48
N ARG RB 65 35.74 -55.58 -40.04
CA ARG RB 65 36.83 -56.52 -40.29
C ARG RB 65 37.29 -57.11 -38.96
N PHE RB 66 37.77 -58.34 -39.02
CA PHE RB 66 38.18 -59.07 -37.83
C PHE RB 66 39.69 -59.13 -37.75
N LYS RB 67 40.22 -58.78 -36.59
CA LYS RB 67 41.66 -58.78 -36.33
C LYS RB 67 41.99 -59.98 -35.43
N ALA RB 68 42.98 -60.74 -35.84
CA ALA RB 68 43.39 -61.95 -35.13
C ALA RB 68 44.80 -61.78 -34.59
N PHE RB 69 44.96 -62.10 -33.30
CA PHE RB 69 46.26 -62.17 -32.65
C PHE RB 69 46.59 -63.64 -32.45
N VAL RB 70 47.73 -64.07 -32.97
CA VAL RB 70 48.12 -65.48 -32.92
C VAL RB 70 49.54 -65.56 -32.39
N ALA RB 71 49.73 -66.33 -31.33
CA ALA RB 71 51.04 -66.57 -30.75
C ALA RB 71 51.45 -68.01 -31.02
N ILE RB 72 52.64 -68.20 -31.58
CA ILE RB 72 53.15 -69.53 -31.86
C ILE RB 72 54.55 -69.64 -31.26
N GLY RB 73 55.03 -70.88 -31.21
CA GLY RB 73 56.39 -71.13 -30.78
C GLY RB 73 56.57 -72.46 -30.10
N ASP RB 74 57.64 -73.17 -30.44
CA ASP RB 74 57.98 -74.38 -29.71
C ASP RB 74 58.39 -74.01 -28.29
N TYR RB 75 58.18 -74.95 -27.37
CA TYR RB 75 58.46 -74.68 -25.97
C TYR RB 75 59.94 -74.92 -25.68
N ASN RB 76 60.81 -74.28 -26.46
CA ASN RB 76 62.24 -74.51 -26.32
C ASN RB 76 63.08 -73.26 -26.57
N GLY RB 77 62.47 -72.09 -26.77
CA GLY RB 77 63.26 -70.89 -26.89
C GLY RB 77 62.99 -70.08 -28.14
N HIS RB 78 61.91 -70.39 -28.84
CA HIS RB 78 61.47 -69.62 -29.99
C HIS RB 78 60.01 -69.26 -29.81
N VAL RB 79 59.66 -68.02 -30.11
CA VAL RB 79 58.30 -67.54 -29.93
C VAL RB 79 58.04 -66.45 -30.96
N GLY RB 80 56.79 -66.29 -31.34
CA GLY RB 80 56.41 -65.26 -32.29
C GLY RB 80 54.96 -64.87 -32.11
N LEU RB 81 54.68 -63.59 -32.37
CA LEU RB 81 53.33 -63.05 -32.26
C LEU RB 81 52.98 -62.36 -33.57
N GLY RB 82 51.82 -62.68 -34.11
CA GLY RB 82 51.39 -62.10 -35.37
C GLY RB 82 49.98 -61.54 -35.25
N VAL RB 83 49.78 -60.39 -35.87
CA VAL RB 83 48.50 -59.70 -35.87
C VAL RB 83 48.08 -59.50 -37.30
N LYS RB 84 46.88 -59.96 -37.65
CA LYS RB 84 46.40 -59.81 -39.03
C LYS RB 84 44.93 -59.45 -39.02
N CYS RB 85 44.57 -58.43 -39.78
CA CYS RB 85 43.19 -57.99 -39.91
C CYS RB 85 42.68 -58.35 -41.30
N SER RB 86 41.54 -59.04 -41.35
CA SER RB 86 40.97 -59.48 -42.62
C SER RB 86 39.46 -59.52 -42.50
N LYS RB 87 38.79 -59.57 -43.64
CA LYS RB 87 37.32 -59.54 -43.65
C LYS RB 87 36.74 -60.81 -43.02
N GLU RB 88 37.32 -61.97 -43.31
CA GLU RB 88 36.85 -63.23 -42.77
C GLU RB 88 37.73 -63.68 -41.61
N VAL RB 89 37.10 -64.31 -40.62
CA VAL RB 89 37.83 -64.70 -39.41
C VAL RB 89 38.86 -65.78 -39.72
N ALA RB 90 38.50 -66.77 -40.55
CA ALA RB 90 39.45 -67.82 -40.88
C ALA RB 90 40.63 -67.27 -41.67
N THR RB 91 40.37 -66.36 -42.61
CA THR RB 91 41.45 -65.73 -43.36
C THR RB 91 42.35 -64.92 -42.43
N ALA RB 92 41.76 -64.20 -41.47
CA ALA RB 92 42.55 -63.45 -40.51
C ALA RB 92 43.39 -64.39 -39.66
N ILE RB 93 42.84 -65.54 -39.28
CA ILE RB 93 43.59 -66.51 -38.49
C ILE RB 93 44.80 -67.01 -39.27
N ARG RB 94 44.58 -67.39 -40.52
CA ARG RB 94 45.70 -67.90 -41.33
C ARG RB 94 46.75 -66.82 -41.55
N GLY RB 95 46.33 -65.59 -41.83
CA GLY RB 95 47.29 -64.52 -42.00
C GLY RB 95 48.07 -64.22 -40.74
N ALA RB 96 47.41 -64.29 -39.58
CA ALA RB 96 48.10 -64.05 -38.32
C ALA RB 96 49.08 -65.18 -38.03
N ILE RB 97 48.73 -66.42 -38.40
CA ILE RB 97 49.67 -67.52 -38.25
C ILE RB 97 50.90 -67.29 -39.11
N ILE RB 98 50.71 -66.84 -40.35
CA ILE RB 98 51.84 -66.58 -41.24
C ILE RB 98 52.72 -65.46 -40.68
N LEU RB 99 52.09 -64.40 -40.18
CA LEU RB 99 52.88 -63.28 -39.66
C LEU RB 99 53.60 -63.65 -38.38
N ALA RB 100 52.98 -64.46 -37.52
CA ALA RB 100 53.65 -64.94 -36.32
C ALA RB 100 54.83 -65.83 -36.68
N LYS RB 101 54.67 -66.64 -37.73
CA LYS RB 101 55.79 -67.43 -38.23
C LYS RB 101 56.92 -66.53 -38.72
N LEU RB 102 56.58 -65.46 -39.45
CA LEU RB 102 57.61 -64.56 -39.93
C LEU RB 102 58.35 -63.89 -38.79
N SER RB 103 57.62 -63.48 -37.76
CA SER RB 103 58.22 -62.74 -36.64
C SER RB 103 58.56 -63.68 -35.48
N ILE RB 104 59.39 -64.68 -35.75
CA ILE RB 104 59.87 -65.60 -34.72
C ILE RB 104 61.24 -65.12 -34.25
N VAL RB 105 61.37 -64.89 -32.94
CA VAL RB 105 62.64 -64.45 -32.36
C VAL RB 105 63.12 -65.53 -31.40
N PRO RB 106 64.43 -65.68 -31.21
CA PRO RB 106 64.92 -66.60 -30.19
C PRO RB 106 64.80 -65.98 -28.80
N VAL RB 107 64.74 -66.85 -27.80
CA VAL RB 107 64.59 -66.44 -26.41
C VAL RB 107 65.82 -66.88 -25.64
N ARG RB 108 66.42 -65.96 -24.90
CA ARG RB 108 67.57 -66.26 -24.06
C ARG RB 108 67.08 -66.65 -22.67
N ARG RB 109 67.42 -67.85 -22.24
CA ARG RB 109 67.08 -68.32 -20.90
C ARG RB 109 68.32 -68.26 -20.01
N GLY RB 110 68.11 -67.84 -18.77
CA GLY RB 110 69.20 -67.74 -17.82
C GLY RB 110 68.90 -68.45 -16.52
N TYR RB 111 69.63 -68.09 -15.47
CA TYR RB 111 69.47 -68.70 -14.16
C TYR RB 111 69.20 -67.61 -13.12
N TRP RB 112 68.28 -67.90 -12.20
CA TRP RB 112 68.05 -66.98 -11.09
C TRP RB 112 69.25 -66.92 -10.18
N GLY RB 113 69.92 -68.05 -9.96
CA GLY RB 113 71.11 -68.12 -9.16
C GLY RB 113 71.57 -69.56 -9.06
N ASN RB 114 72.89 -69.77 -8.89
CA ASN RB 114 73.48 -71.10 -8.76
C ASN RB 114 73.14 -71.95 -9.99
N LYS RB 115 73.74 -71.55 -11.11
CA LYS RB 115 73.55 -72.23 -12.39
C LYS RB 115 73.89 -73.71 -12.27
N ILE RB 116 72.88 -74.56 -12.45
CA ILE RB 116 73.05 -75.99 -12.23
C ILE RB 116 72.85 -76.77 -13.52
N GLY RB 117 71.65 -76.68 -14.09
CA GLY RB 117 71.33 -77.47 -15.27
C GLY RB 117 70.92 -76.62 -16.45
N LYS RB 118 69.79 -76.96 -17.05
CA LYS RB 118 69.28 -76.15 -18.14
C LYS RB 118 68.74 -74.82 -17.60
N PRO RB 119 68.97 -73.71 -18.30
CA PRO RB 119 68.43 -72.43 -17.84
C PRO RB 119 66.92 -72.44 -17.87
N HIS RB 120 66.32 -71.71 -16.93
CA HIS RB 120 64.88 -71.75 -16.70
C HIS RB 120 64.20 -70.40 -16.71
N THR RB 121 64.93 -69.30 -16.56
CA THR RB 121 64.33 -67.99 -16.41
C THR RB 121 65.04 -67.00 -17.31
N VAL RB 122 64.56 -65.76 -17.31
CA VAL RB 122 65.21 -64.70 -18.09
C VAL RB 122 66.56 -64.37 -17.47
N PRO RB 123 67.58 -64.04 -18.25
CA PRO RB 123 68.90 -63.75 -17.66
C PRO RB 123 68.92 -62.49 -16.82
N CYS RB 124 68.01 -61.55 -17.05
CA CYS RB 124 67.95 -60.32 -16.28
C CYS RB 124 66.55 -59.75 -16.43
N LYS RB 125 66.23 -58.75 -15.62
CA LYS RB 125 64.93 -58.11 -15.74
C LYS RB 125 64.90 -57.28 -17.02
N VAL RB 126 63.90 -57.53 -17.85
CA VAL RB 126 63.79 -56.90 -19.16
C VAL RB 126 62.44 -56.24 -19.29
N THR RB 127 62.40 -55.08 -19.94
CA THR RB 127 61.19 -54.28 -20.05
C THR RB 127 60.78 -54.17 -21.51
N GLY RB 128 59.55 -54.54 -21.80
CA GLY RB 128 58.95 -54.36 -23.11
C GLY RB 128 57.93 -53.24 -23.05
N ARG RB 129 57.83 -52.50 -24.16
CA ARG RB 129 57.00 -51.32 -24.22
C ARG RB 129 56.18 -51.35 -25.50
N CYS RB 130 54.89 -51.05 -25.39
CA CYS RB 130 54.03 -50.93 -26.57
C CYS RB 130 52.81 -50.11 -26.18
N GLY RB 131 52.65 -48.96 -26.82
CA GLY RB 131 51.60 -48.05 -26.39
C GLY RB 131 51.87 -47.58 -24.98
N SER RB 132 50.85 -47.67 -24.12
CA SER RB 132 51.01 -47.34 -22.72
C SER RB 132 51.30 -48.56 -21.85
N VAL RB 133 51.45 -49.73 -22.44
CA VAL RB 133 51.66 -50.95 -21.68
C VAL RB 133 53.16 -51.15 -21.49
N LEU RB 134 53.58 -51.24 -20.24
CA LEU RB 134 54.95 -51.55 -19.88
C LEU RB 134 54.95 -52.89 -19.16
N VAL RB 135 55.75 -53.84 -19.65
CA VAL RB 135 55.81 -55.17 -19.07
C VAL RB 135 57.25 -55.44 -18.64
N ARG RB 136 57.43 -55.79 -17.38
CA ARG RB 136 58.75 -56.10 -16.85
C ARG RB 136 58.79 -57.57 -16.46
N LEU RB 137 59.79 -58.28 -17.00
CA LEU RB 137 60.02 -59.68 -16.67
C LEU RB 137 61.23 -59.75 -15.74
N ILE RB 138 61.02 -60.35 -14.58
CA ILE RB 138 62.04 -60.46 -13.53
C ILE RB 138 62.41 -61.93 -13.40
N PRO RB 139 63.69 -62.26 -13.28
CA PRO RB 139 64.08 -63.66 -13.06
C PRO RB 139 63.49 -64.21 -11.77
N ALA RB 140 63.16 -65.50 -11.81
CA ALA RB 140 62.56 -66.19 -10.68
C ALA RB 140 63.27 -67.51 -10.45
N PRO RB 141 63.30 -67.99 -9.20
CA PRO RB 141 63.97 -69.26 -8.92
C PRO RB 141 63.21 -70.44 -9.51
N ARG RB 142 63.88 -71.60 -9.49
CA ARG RB 142 63.33 -72.81 -10.06
C ARG RB 142 62.00 -73.17 -9.39
N GLY RB 143 61.02 -73.55 -10.20
CA GLY RB 143 59.78 -74.08 -9.70
C GLY RB 143 58.71 -73.07 -9.37
N THR RB 144 59.00 -71.78 -9.44
CA THR RB 144 57.96 -70.79 -9.18
C THR RB 144 56.95 -70.70 -10.32
N GLY RB 145 57.33 -71.12 -11.51
CA GLY RB 145 56.45 -70.98 -12.65
C GLY RB 145 56.41 -69.55 -13.15
N ILE RB 146 55.45 -69.29 -14.02
CA ILE RB 146 55.25 -67.95 -14.56
C ILE RB 146 54.14 -67.30 -13.74
N VAL RB 147 54.47 -66.24 -13.01
CA VAL RB 147 53.47 -65.44 -12.32
C VAL RB 147 53.26 -64.16 -13.12
N SER RB 148 52.04 -64.01 -13.64
CA SER RB 148 51.72 -63.03 -14.65
C SER RB 148 50.23 -63.12 -14.95
N ALA RB 149 49.75 -62.20 -15.78
CA ALA RB 149 48.42 -62.28 -16.34
C ALA RB 149 48.37 -63.43 -17.34
N PRO RB 150 47.17 -63.98 -17.63
CA PRO RB 150 47.10 -65.13 -18.54
C PRO RB 150 47.64 -64.86 -19.94
N VAL RB 151 47.37 -63.67 -20.49
CA VAL RB 151 47.80 -63.36 -21.85
C VAL RB 151 49.31 -63.36 -21.99
N PRO RB 152 50.09 -62.68 -21.13
CA PRO RB 152 51.54 -62.87 -21.18
C PRO RB 152 51.98 -64.22 -20.66
N LYS RB 153 51.18 -64.87 -19.82
CA LYS RB 153 51.57 -66.17 -19.27
C LYS RB 153 51.72 -67.21 -20.37
N LYS RB 154 50.73 -67.27 -21.28
CA LYS RB 154 50.81 -68.25 -22.34
C LYS RB 154 51.98 -67.95 -23.28
N LEU RB 155 52.25 -66.67 -23.53
CA LEU RB 155 53.35 -66.29 -24.41
C LEU RB 155 54.70 -66.66 -23.79
N LEU RB 156 54.87 -66.35 -22.50
CA LEU RB 156 56.11 -66.75 -21.82
C LEU RB 156 56.25 -68.25 -21.74
N MET RB 157 55.14 -68.98 -21.59
CA MET RB 157 55.21 -70.43 -21.54
C MET RB 157 55.65 -71.01 -22.87
N MET RB 158 55.03 -70.58 -23.96
CA MET RB 158 55.44 -71.09 -25.27
C MET RB 158 56.75 -70.51 -25.74
N ALA RB 159 57.29 -69.49 -25.06
CA ALA RB 159 58.65 -69.05 -25.33
C ALA RB 159 59.69 -69.95 -24.69
N GLY RB 160 59.27 -70.91 -23.86
CA GLY RB 160 60.20 -71.79 -23.18
C GLY RB 160 60.61 -71.34 -21.80
N ILE RB 161 60.13 -70.18 -21.34
CA ILE RB 161 60.48 -69.70 -20.01
C ILE RB 161 59.73 -70.53 -18.97
N ASP RB 162 60.46 -71.07 -18.01
CA ASP RB 162 59.86 -71.91 -16.98
C ASP RB 162 59.42 -71.12 -15.76
N ASP RB 163 60.23 -70.17 -15.31
CA ASP RB 163 59.93 -69.39 -14.12
C ASP RB 163 60.19 -67.91 -14.40
N CYS RB 164 59.26 -67.06 -13.98
CA CYS RB 164 59.39 -65.63 -14.23
C CYS RB 164 58.36 -64.83 -13.43
N TYR RB 165 58.83 -63.77 -12.76
CA TYR RB 165 57.93 -62.77 -12.20
C TYR RB 165 57.57 -61.77 -13.28
N THR RB 166 56.33 -61.29 -13.27
CA THR RB 166 55.96 -60.24 -14.21
C THR RB 166 55.32 -59.07 -13.48
N SER RB 167 55.59 -57.87 -13.98
CA SER RB 167 54.96 -56.66 -13.46
C SER RB 167 54.54 -55.80 -14.63
N ALA RB 168 53.24 -55.52 -14.74
CA ALA RB 168 52.69 -54.79 -15.87
C ALA RB 168 52.08 -53.48 -15.38
N ARG RB 169 52.24 -52.43 -16.19
CA ARG RB 169 51.61 -51.14 -15.94
C ARG RB 169 50.97 -50.65 -17.22
N GLY RB 170 49.89 -49.90 -17.07
CA GLY RB 170 49.18 -49.31 -18.18
C GLY RB 170 47.86 -49.99 -18.44
N CYS RB 171 47.31 -49.72 -19.62
CA CYS RB 171 46.02 -50.28 -20.02
C CYS RB 171 46.28 -51.69 -20.54
N THR RB 172 46.45 -52.62 -19.61
CA THR RB 172 46.64 -54.02 -19.96
C THR RB 172 45.39 -54.66 -20.53
N ALA RB 173 44.23 -54.00 -20.42
CA ALA RB 173 43.03 -54.53 -21.05
C ALA RB 173 43.14 -54.51 -22.57
N THR RB 174 44.00 -53.65 -23.12
CA THR RB 174 44.31 -53.67 -24.54
C THR RB 174 45.17 -54.89 -24.80
N LEU RB 175 44.54 -55.96 -25.30
CA LEU RB 175 45.24 -57.25 -25.41
C LEU RB 175 46.34 -57.20 -26.45
N GLY RB 176 46.12 -56.48 -27.55
CA GLY RB 176 47.16 -56.39 -28.56
C GLY RB 176 48.42 -55.74 -28.06
N ASN RB 177 48.28 -54.59 -27.40
CA ASN RB 177 49.44 -53.90 -26.83
C ASN RB 177 50.05 -54.71 -25.71
N PHE RB 178 49.22 -55.37 -24.90
CA PHE RB 178 49.72 -56.12 -23.76
C PHE RB 178 50.47 -57.37 -24.20
N ALA RB 179 50.12 -57.93 -25.36
CA ALA RB 179 50.88 -59.05 -25.89
C ALA RB 179 52.13 -58.57 -26.62
N LYS RB 180 52.03 -57.44 -27.33
CA LYS RB 180 53.17 -56.94 -28.07
C LYS RB 180 54.28 -56.44 -27.16
N ALA RB 181 53.93 -55.85 -26.02
CA ALA RB 181 54.94 -55.42 -25.05
C ALA RB 181 55.70 -56.60 -24.48
N THR RB 182 55.00 -57.68 -24.14
CA THR RB 182 55.68 -58.88 -23.65
C THR RB 182 56.53 -59.50 -24.75
N PHE RB 183 56.05 -59.47 -26.00
CA PHE RB 183 56.85 -59.96 -27.10
C PHE RB 183 58.14 -59.16 -27.25
N ASP RB 184 58.04 -57.83 -27.11
CA ASP RB 184 59.24 -57.00 -27.17
C ASP RB 184 60.20 -57.32 -26.03
N ALA RB 185 59.67 -57.51 -24.82
CA ALA RB 185 60.51 -57.85 -23.68
C ALA RB 185 61.22 -59.18 -23.88
N ILE RB 186 60.50 -60.16 -24.42
CA ILE RB 186 61.12 -61.44 -24.74
C ILE RB 186 62.18 -61.28 -25.81
N SER RB 187 61.90 -60.46 -26.83
CA SER RB 187 62.80 -60.33 -27.96
C SER RB 187 64.09 -59.64 -27.59
N LYS RB 188 64.06 -58.70 -26.64
CA LYS RB 188 65.28 -57.97 -26.31
C LYS RB 188 66.16 -58.69 -25.29
N THR RB 189 65.88 -59.96 -24.99
CA THR RB 189 66.73 -60.71 -24.07
C THR RB 189 68.13 -60.87 -24.62
N TYR RB 190 68.27 -61.10 -25.93
CA TYR RB 190 69.59 -61.09 -26.53
C TYR RB 190 70.13 -59.69 -26.74
N SER RB 191 69.27 -58.72 -26.99
CA SER RB 191 69.73 -57.35 -27.17
C SER RB 191 70.39 -56.83 -25.90
N TYR RB 192 69.98 -57.32 -24.74
CA TYR RB 192 70.65 -56.95 -23.50
C TYR RB 192 72.04 -57.57 -23.45
N LEU RB 193 73.02 -56.77 -23.04
CA LEU RB 193 74.42 -57.20 -22.99
C LEU RB 193 74.79 -57.57 -21.57
N THR RB 194 75.41 -58.72 -21.40
CA THR RB 194 75.81 -59.26 -20.11
C THR RB 194 77.28 -59.61 -20.15
N PRO RB 195 77.95 -59.63 -18.99
CA PRO RB 195 79.42 -59.85 -18.99
C PRO RB 195 79.85 -61.19 -19.57
N ASP RB 196 78.98 -62.19 -19.60
CA ASP RB 196 79.35 -63.44 -20.25
C ASP RB 196 79.42 -63.33 -21.77
N LEU RB 197 78.86 -62.25 -22.34
CA LEU RB 197 78.97 -61.99 -23.76
C LEU RB 197 80.06 -60.98 -24.09
N TRP RB 198 80.91 -60.66 -23.12
CA TRP RB 198 81.96 -59.66 -23.33
C TRP RB 198 83.07 -60.15 -24.24
N LYS RB 199 83.13 -61.44 -24.52
CA LYS RB 199 84.19 -61.97 -25.36
C LYS RB 199 84.11 -61.36 -26.76
N GLU RB 200 85.28 -61.08 -27.33
CA GLU RB 200 85.32 -60.49 -28.66
C GLU RB 200 84.78 -61.48 -29.68
N THR RB 201 83.84 -61.01 -30.51
CA THR RB 201 83.15 -61.90 -31.43
C THR RB 201 84.04 -62.28 -32.59
N VAL RB 202 84.16 -63.57 -32.83
CA VAL RB 202 84.79 -64.08 -34.05
C VAL RB 202 83.73 -64.12 -35.14
N PHE RB 203 84.12 -63.73 -36.34
CA PHE RB 203 83.19 -63.60 -37.45
C PHE RB 203 83.31 -64.78 -38.39
N THR RB 204 82.18 -65.39 -38.71
CA THR RB 204 82.11 -66.46 -39.70
C THR RB 204 81.53 -65.92 -41.00
N LYS RB 205 81.66 -66.72 -42.05
CA LYS RB 205 81.12 -66.32 -43.35
C LYS RB 205 79.61 -66.28 -43.31
N SER RB 206 79.04 -65.25 -43.91
CA SER RB 206 77.61 -65.19 -44.11
C SER RB 206 77.19 -66.30 -45.07
N PRO RB 207 75.97 -66.81 -44.94
CA PRO RB 207 75.50 -67.82 -45.90
C PRO RB 207 75.52 -67.33 -47.34
N TYR RB 208 75.24 -66.05 -47.55
CA TYR RB 208 75.18 -65.51 -48.91
C TYR RB 208 76.53 -65.60 -49.62
N GLN RB 209 77.63 -65.45 -48.90
CA GLN RB 209 78.93 -65.62 -49.52
C GLN RB 209 79.47 -67.03 -49.37
N GLU RB 210 79.01 -67.78 -48.36
CA GLU RB 210 79.47 -69.15 -48.19
C GLU RB 210 78.92 -70.05 -49.28
N PHE RB 211 77.70 -69.80 -49.73
CA PHE RB 211 77.07 -70.61 -50.78
C PHE RB 211 76.77 -69.76 -52.00
N THR RB 212 77.67 -68.84 -52.33
CA THR RB 212 77.45 -67.99 -53.49
C THR RB 212 77.65 -68.76 -54.80
N ASP RB 213 78.46 -69.81 -54.78
CA ASP RB 213 78.64 -70.61 -56.00
C ASP RB 213 77.41 -71.45 -56.30
N HIS RB 214 76.79 -72.00 -55.25
CA HIS RB 214 75.58 -72.78 -55.44
C HIS RB 214 74.39 -71.90 -55.80
N LEU RB 215 74.35 -70.68 -55.27
CA LEU RB 215 73.27 -69.76 -55.57
C LEU RB 215 73.26 -69.36 -57.04
N VAL RB 216 74.46 -69.17 -57.62
CA VAL RB 216 74.55 -68.85 -59.04
C VAL RB 216 73.96 -69.96 -59.88
N LYS RB 217 74.28 -71.22 -59.55
CA LYS RB 217 73.80 -72.34 -60.33
C LYS RB 217 72.30 -72.52 -60.18
N THR RB 218 71.79 -72.46 -58.95
CA THR RB 218 70.38 -72.81 -58.72
C THR RB 218 69.47 -71.59 -58.75
N HIS RB 219 69.69 -70.63 -57.85
CA HIS RB 219 68.79 -69.47 -57.72
C HIS RB 219 69.22 -68.42 -58.74
N THR RB 220 68.74 -68.59 -59.96
CA THR RB 220 69.05 -67.67 -61.04
C THR RB 220 68.37 -66.32 -60.83
N ALA SB 1 47.64 -52.26 41.32
CA ALA SB 1 47.33 -53.08 42.49
C ALA SB 1 47.38 -52.23 43.75
N ARG SB 2 46.75 -52.73 44.81
CA ARG SB 2 46.75 -52.06 46.10
C ARG SB 2 47.75 -52.67 47.08
N GLY SB 3 48.57 -53.61 46.62
CA GLY SB 3 49.54 -54.25 47.48
C GLY SB 3 50.34 -55.31 46.76
N PRO SB 4 51.13 -56.07 47.52
CA PRO SB 4 52.02 -57.05 46.89
C PRO SB 4 51.26 -58.17 46.22
N LYS SB 5 51.83 -58.67 45.13
CA LYS SB 5 51.24 -59.77 44.37
C LYS SB 5 51.68 -61.09 44.99
N LYS SB 6 50.73 -62.02 45.09
CA LYS SB 6 51.01 -63.35 45.65
C LYS SB 6 50.53 -64.45 44.72
N HIS SB 7 50.46 -64.15 43.42
CA HIS SB 7 50.16 -65.15 42.40
C HIS SB 7 51.19 -65.05 41.30
N LEU SB 8 51.35 -66.16 40.57
CA LEU SB 8 52.26 -66.20 39.43
C LEU SB 8 51.62 -67.03 38.33
N LYS SB 9 51.34 -66.39 37.20
CA LYS SB 9 50.76 -67.11 36.07
C LYS SB 9 51.76 -68.10 35.50
N ARG SB 10 51.23 -69.21 34.98
CA ARG SB 10 52.08 -70.30 34.51
C ARG SB 10 52.96 -69.85 33.34
N VAL SB 11 52.40 -69.06 32.43
CA VAL SB 11 53.16 -68.62 31.27
C VAL SB 11 54.10 -67.46 31.61
N ALA SB 12 53.87 -66.75 32.71
CA ALA SB 12 54.75 -65.68 33.14
C ALA SB 12 55.85 -66.17 34.07
N ALA SB 13 55.93 -67.47 34.32
CA ALA SB 13 56.97 -68.03 35.16
C ALA SB 13 58.32 -67.93 34.45
N PRO SB 14 59.42 -68.00 35.20
CA PRO SB 14 60.74 -67.99 34.58
C PRO SB 14 60.91 -69.15 33.61
N LYS SB 15 61.61 -68.87 32.50
CA LYS SB 15 61.74 -69.85 31.42
C LYS SB 15 62.54 -71.06 31.86
N HIS SB 16 63.55 -70.86 32.71
CA HIS SB 16 64.42 -71.96 33.11
C HIS SB 16 63.71 -72.96 34.02
N TRP SB 17 62.52 -72.63 34.53
CA TRP SB 17 61.75 -73.60 35.30
C TRP SB 17 61.24 -74.74 34.43
N MET SB 18 61.22 -74.56 33.11
CA MET SB 18 60.86 -75.62 32.17
C MET SB 18 59.43 -76.10 32.37
N LEU SB 19 58.54 -75.20 32.77
CA LEU SB 19 57.14 -75.52 32.93
C LEU SB 19 56.44 -75.49 31.57
N ASP SB 20 55.39 -76.30 31.45
CA ASP SB 20 54.63 -76.40 30.22
C ASP SB 20 53.44 -75.44 30.27
N LYS SB 21 52.51 -75.58 29.33
CA LYS SB 21 51.39 -74.66 29.21
C LYS SB 21 50.04 -75.27 29.56
N LEU SB 22 49.90 -76.58 29.52
CA LEU SB 22 48.59 -77.22 29.61
C LEU SB 22 48.27 -77.79 30.98
N THR SB 23 49.24 -77.86 31.89
CA THR SB 23 48.97 -78.39 33.22
C THR SB 23 47.98 -77.51 33.98
N GLY SB 24 48.16 -76.19 33.89
CA GLY SB 24 47.28 -75.31 34.64
C GLY SB 24 47.53 -73.86 34.29
N VAL SB 25 46.95 -72.99 35.11
CA VAL SB 25 47.01 -71.56 34.85
C VAL SB 25 48.11 -70.88 35.66
N PHE SB 26 48.47 -71.44 36.81
CA PHE SB 26 49.35 -70.78 37.74
C PHE SB 26 50.69 -71.49 37.83
N ALA SB 27 51.66 -70.75 38.37
CA ALA SB 27 53.00 -71.22 38.65
C ALA SB 27 53.22 -71.23 40.16
N PRO SB 28 54.27 -71.90 40.64
CA PRO SB 28 54.46 -72.01 42.09
C PRO SB 28 54.48 -70.71 42.87
N ARG SB 29 54.95 -69.60 42.28
CA ARG SB 29 55.08 -68.32 43.00
C ARG SB 29 55.90 -68.51 44.26
N PRO SB 30 57.22 -68.64 44.15
CA PRO SB 30 58.04 -68.98 45.31
C PRO SB 30 57.96 -67.89 46.38
N SER SB 31 58.02 -68.33 47.63
CA SER SB 31 57.99 -67.40 48.74
C SER SB 31 59.29 -66.58 48.78
N THR SB 32 59.25 -65.50 49.53
CA THR SB 32 60.44 -64.67 49.69
C THR SB 32 61.53 -65.45 50.41
N GLY SB 33 62.77 -65.19 50.03
CA GLY SB 33 63.88 -65.93 50.59
C GLY SB 33 65.23 -65.40 50.16
N PRO SB 34 66.25 -66.25 50.26
CA PRO SB 34 67.62 -65.82 49.95
C PRO SB 34 67.84 -65.41 48.51
N HIS SB 35 66.99 -65.84 47.58
CA HIS SB 35 67.21 -65.57 46.17
C HIS SB 35 65.96 -64.96 45.54
N LYS SB 36 66.19 -64.16 44.51
CA LYS SB 36 65.11 -63.58 43.74
C LYS SB 36 64.33 -64.67 43.02
N LEU SB 37 63.04 -64.43 42.81
CA LEU SB 37 62.21 -65.46 42.19
C LEU SB 37 62.55 -65.69 40.72
N ARG SB 38 63.28 -64.78 40.09
CA ARG SB 38 63.62 -64.96 38.69
C ARG SB 38 64.67 -66.06 38.50
N GLU SB 39 65.60 -66.21 39.44
CA GLU SB 39 66.69 -67.16 39.31
C GLU SB 39 66.69 -68.20 40.44
N CYS SB 40 65.53 -68.48 41.00
CA CYS SB 40 65.39 -69.50 42.03
C CYS SB 40 64.63 -70.70 41.48
N LEU SB 41 64.84 -71.84 42.13
CA LEU SB 41 64.14 -73.08 41.79
C LEU SB 41 63.34 -73.53 42.99
N PRO SB 42 62.03 -73.30 43.02
CA PRO SB 42 61.23 -73.73 44.16
C PRO SB 42 61.23 -75.25 44.32
N LEU SB 43 61.09 -75.69 45.57
CA LEU SB 43 61.20 -77.10 45.88
C LEU SB 43 60.08 -77.92 45.25
N ILE SB 44 58.91 -77.31 45.05
CA ILE SB 44 57.81 -78.05 44.43
C ILE SB 44 58.19 -78.53 43.04
N ILE SB 45 58.77 -77.65 42.22
CA ILE SB 45 59.13 -78.09 40.88
C ILE SB 45 60.45 -78.86 40.90
N PHE SB 46 61.31 -78.60 41.88
CA PHE SB 46 62.52 -79.41 41.96
C PHE SB 46 62.21 -80.87 42.27
N LEU SB 47 61.23 -81.13 43.13
CA LEU SB 47 60.89 -82.49 43.50
C LEU SB 47 59.75 -83.08 42.69
N ARG SB 48 59.08 -82.29 41.84
CA ARG SB 48 58.02 -82.82 41.00
C ARG SB 48 58.41 -82.90 39.53
N ASN SB 49 59.10 -81.89 39.00
CA ASN SB 49 59.42 -81.84 37.59
C ASN SB 49 60.85 -82.29 37.28
N ARG SB 50 61.77 -82.17 38.24
CA ARG SB 50 63.16 -82.53 38.01
C ARG SB 50 63.47 -83.96 38.45
N LEU SB 51 63.00 -84.37 39.63
CA LEU SB 51 63.31 -85.69 40.15
C LEU SB 51 62.15 -86.67 40.04
N LYS SB 52 60.92 -86.18 39.87
CA LYS SB 52 59.72 -87.02 39.78
C LYS SB 52 59.52 -87.86 41.04
N TYR SB 53 60.02 -87.39 42.17
CA TYR SB 53 59.70 -88.02 43.44
C TYR SB 53 58.23 -87.87 43.79
N ALA SB 54 57.62 -86.75 43.41
CA ALA SB 54 56.22 -86.50 43.64
C ALA SB 54 55.52 -86.19 42.32
N LEU SB 55 54.25 -86.55 42.25
CA LEU SB 55 53.48 -86.31 41.04
C LEU SB 55 52.60 -85.07 41.13
N THR SB 56 52.27 -84.61 42.35
CA THR SB 56 51.39 -83.46 42.51
C THR SB 56 51.93 -82.58 43.63
N GLY SB 57 51.35 -81.37 43.71
CA GLY SB 57 51.70 -80.46 44.78
C GLY SB 57 51.36 -81.01 46.14
N ASP SB 58 50.26 -81.75 46.25
CA ASP SB 58 49.92 -82.38 47.52
C ASP SB 58 50.95 -83.42 47.92
N GLU SB 59 51.42 -84.23 46.95
CA GLU SB 59 52.44 -85.22 47.27
C GLU SB 59 53.75 -84.57 47.70
N VAL SB 60 54.17 -83.51 47.00
CA VAL SB 60 55.41 -82.86 47.41
C VAL SB 60 55.22 -82.16 48.75
N LYS SB 61 54.00 -81.70 49.05
CA LYS SB 61 53.71 -81.15 50.37
C LYS SB 61 53.84 -82.21 51.45
N LYS SB 62 53.35 -83.42 51.18
CA LYS SB 62 53.54 -84.52 52.13
C LYS SB 62 55.03 -84.82 52.32
N ILE SB 63 55.79 -84.85 51.23
CA ILE SB 63 57.23 -85.13 51.33
C ILE SB 63 57.91 -84.07 52.18
N CYS SB 64 57.57 -82.80 51.95
CA CYS SB 64 58.19 -81.72 52.73
C CYS SB 64 57.78 -81.77 54.20
N MET SB 65 56.50 -82.04 54.47
CA MET SB 65 56.04 -82.05 55.86
C MET SB 65 56.52 -83.25 56.64
N GLN SB 66 56.91 -84.33 55.97
CA GLN SB 66 57.55 -85.42 56.69
C GLN SB 66 59.00 -85.11 57.06
N ARG SB 67 59.48 -83.91 56.73
CA ARG SB 67 60.78 -83.40 57.18
C ARG SB 67 61.93 -84.26 56.68
N PHE SB 68 61.99 -84.44 55.35
CA PHE SB 68 63.11 -85.09 54.72
C PHE SB 68 63.96 -84.15 53.88
N ILE SB 69 63.41 -83.04 53.43
CA ILE SB 69 64.13 -82.11 52.57
C ILE SB 69 64.96 -81.19 53.45
N LYS SB 70 66.27 -81.19 53.24
CA LYS SB 70 67.19 -80.36 53.99
C LYS SB 70 67.93 -79.46 53.01
N ILE SB 71 67.81 -78.14 53.21
CA ILE SB 71 68.45 -77.15 52.35
C ILE SB 71 69.47 -76.40 53.18
N ASP SB 72 70.72 -76.40 52.71
CA ASP SB 72 71.84 -75.76 53.39
C ASP SB 72 72.00 -76.29 54.81
N GLY SB 73 71.74 -77.58 55.00
CA GLY SB 73 71.86 -78.20 56.29
C GLY SB 73 70.69 -77.97 57.23
N LYS SB 74 69.63 -77.29 56.78
CA LYS SB 74 68.48 -76.99 57.61
C LYS SB 74 67.22 -77.55 57.00
N VAL SB 75 66.33 -78.06 57.83
CA VAL SB 75 65.07 -78.62 57.36
C VAL SB 75 64.11 -77.49 57.02
N ARG SB 76 63.61 -77.49 55.79
CA ARG SB 76 62.66 -76.49 55.33
C ARG SB 76 61.37 -77.19 54.92
N THR SB 77 60.26 -76.76 55.50
CA THR SB 77 58.95 -77.32 55.20
C THR SB 77 58.17 -76.48 54.20
N ASP SB 78 58.76 -75.40 53.69
CA ASP SB 78 58.06 -74.54 52.74
C ASP SB 78 58.03 -75.23 51.37
N ILE SB 79 56.81 -75.42 50.85
CA ILE SB 79 56.65 -76.07 49.56
C ILE SB 79 57.24 -75.22 48.44
N THR SB 80 57.18 -73.90 48.55
CA THR SB 80 57.67 -72.98 47.54
C THR SB 80 58.87 -72.19 48.06
N TYR SB 81 59.76 -72.86 48.78
CA TYR SB 81 60.97 -72.21 49.25
C TYR SB 81 61.91 -71.97 48.08
N PRO SB 82 62.40 -70.75 47.90
CA PRO SB 82 63.32 -70.49 46.79
C PRO SB 82 64.70 -71.07 47.06
N ALA SB 83 65.04 -72.17 46.37
CA ALA SB 83 66.33 -72.80 46.59
C ALA SB 83 67.47 -71.88 46.17
N GLY SB 84 67.59 -71.60 44.88
CA GLY SB 84 68.62 -70.70 44.42
C GLY SB 84 69.92 -71.40 44.06
N PHE SB 85 70.94 -70.58 43.84
CA PHE SB 85 72.18 -71.05 43.24
C PHE SB 85 73.06 -71.75 44.27
N MET SB 86 73.48 -72.97 43.93
CA MET SB 86 74.44 -73.79 44.68
C MET SB 86 74.10 -73.91 46.17
N ASP SB 87 72.82 -74.04 46.47
CA ASP SB 87 72.40 -74.47 47.79
C ASP SB 87 72.23 -75.98 47.81
N VAL SB 88 72.84 -76.63 48.80
CA VAL SB 88 72.83 -78.08 48.88
C VAL SB 88 71.46 -78.56 49.31
N ILE SB 89 70.85 -79.42 48.51
CA ILE SB 89 69.60 -80.08 48.85
C ILE SB 89 69.96 -81.48 49.32
N SER SB 90 69.68 -81.77 50.59
CA SER SB 90 70.05 -83.04 51.20
C SER SB 90 68.80 -83.82 51.57
N ILE SB 91 68.75 -85.07 51.11
CA ILE SB 91 67.71 -86.02 51.50
C ILE SB 91 68.42 -87.20 52.16
N ASP SB 92 68.23 -87.36 53.45
CA ASP SB 92 68.97 -88.38 54.20
C ASP SB 92 68.30 -89.74 54.16
N LYS SB 93 66.97 -89.79 54.00
CA LYS SB 93 66.29 -91.08 54.01
C LYS SB 93 66.65 -91.90 52.79
N THR SB 94 66.79 -91.26 51.62
CA THR SB 94 67.29 -91.93 50.44
C THR SB 94 68.78 -91.70 50.21
N GLY SB 95 69.41 -90.85 51.00
CA GLY SB 95 70.86 -90.71 50.99
C GLY SB 95 71.52 -90.19 49.74
N GLU SB 96 71.00 -89.10 49.17
CA GLU SB 96 71.69 -88.41 48.09
C GLU SB 96 71.66 -86.91 48.35
N ASN SB 97 72.64 -86.21 47.78
CA ASN SB 97 72.78 -84.78 47.95
C ASN SB 97 72.84 -84.11 46.58
N PHE SB 98 72.15 -82.98 46.46
CA PHE SB 98 72.09 -82.24 45.20
C PHE SB 98 72.69 -80.85 45.39
N ARG SB 99 73.52 -80.45 44.43
CA ARG SB 99 74.00 -79.08 44.32
C ARG SB 99 73.32 -78.42 43.13
N LEU SB 100 72.69 -77.28 43.37
CA LEU SB 100 71.85 -76.64 42.36
C LEU SB 100 72.71 -75.70 41.53
N ILE SB 101 73.14 -76.17 40.37
CA ILE SB 101 74.03 -75.44 39.47
C ILE SB 101 73.38 -75.34 38.11
N TYR SB 102 73.54 -74.18 37.46
CA TYR SB 102 73.07 -74.02 36.10
C TYR SB 102 73.83 -74.96 35.16
N ASP SB 103 73.12 -75.47 34.16
CA ASP SB 103 73.74 -76.30 33.14
C ASP SB 103 74.28 -75.39 32.03
N THR SB 104 74.74 -75.99 30.93
CA THR SB 104 75.28 -75.21 29.82
C THR SB 104 74.23 -74.35 29.15
N LYS SB 105 72.95 -74.69 29.30
CA LYS SB 105 71.86 -73.95 28.68
C LYS SB 105 71.16 -73.03 29.67
N GLY SB 106 71.82 -72.68 30.76
CA GLY SB 106 71.27 -71.74 31.72
C GLY SB 106 70.04 -72.23 32.47
N ARG SB 107 70.00 -73.50 32.85
CA ARG SB 107 68.93 -74.07 33.63
C ARG SB 107 69.51 -74.88 34.77
N PHE SB 108 68.81 -74.87 35.90
CA PHE SB 108 69.26 -75.62 37.07
C PHE SB 108 69.22 -77.11 36.76
N ALA SB 109 70.37 -77.76 36.78
CA ALA SB 109 70.48 -79.17 36.44
C ALA SB 109 70.49 -80.02 37.71
N VAL SB 110 70.13 -81.29 37.53
CA VAL SB 110 70.16 -82.26 38.63
C VAL SB 110 71.61 -82.71 38.78
N HIS SB 111 72.33 -82.08 39.70
CA HIS SB 111 73.73 -82.38 39.95
C HIS SB 111 73.87 -83.07 41.31
N ARG SB 112 74.38 -84.29 41.30
CA ARG SB 112 74.52 -85.11 42.49
C ARG SB 112 75.94 -84.99 43.02
N ILE SB 113 76.07 -84.91 44.35
CA ILE SB 113 77.35 -84.66 44.99
C ILE SB 113 77.54 -85.61 46.18
N THR SB 114 78.81 -85.81 46.53
CA THR SB 114 79.15 -86.62 47.70
C THR SB 114 78.85 -85.85 48.98
N PRO SB 115 78.60 -86.55 50.09
CA PRO SB 115 78.33 -85.83 51.35
C PRO SB 115 79.47 -84.96 51.84
N GLU SB 116 80.72 -85.43 51.68
CA GLU SB 116 81.85 -84.64 52.16
C GLU SB 116 82.05 -83.37 51.35
N GLU SB 117 81.60 -83.35 50.09
CA GLU SB 117 81.60 -82.13 49.30
C GLU SB 117 80.36 -81.29 49.58
N ALA SB 118 79.24 -81.93 49.89
CA ALA SB 118 78.02 -81.23 50.25
C ALA SB 118 78.13 -80.52 51.59
N LYS SB 119 79.08 -80.93 52.43
CA LYS SB 119 79.25 -80.29 53.73
C LYS SB 119 79.59 -78.81 53.63
N TYR SB 120 80.14 -78.36 52.50
CA TYR SB 120 80.53 -76.97 52.31
C TYR SB 120 79.72 -76.33 51.19
N LYS SB 121 79.97 -75.05 50.95
CA LYS SB 121 79.22 -74.27 49.99
C LYS SB 121 79.97 -72.98 49.68
N LEU SB 122 79.98 -72.60 48.41
CA LEU SB 122 80.57 -71.34 47.97
C LEU SB 122 79.52 -70.23 47.98
N CYS SB 123 79.95 -69.03 48.37
CA CYS SB 123 79.11 -67.85 48.34
C CYS SB 123 79.86 -66.70 47.69
N LYS SB 124 79.11 -65.80 47.06
CA LYS SB 124 79.68 -64.58 46.50
C LYS SB 124 79.29 -63.41 47.39
N VAL SB 125 80.29 -62.74 47.96
CA VAL SB 125 80.00 -61.59 48.81
C VAL SB 125 79.43 -60.45 47.98
N ARG SB 126 78.35 -59.87 48.47
CA ARG SB 126 77.70 -58.76 47.78
C ARG SB 126 77.97 -57.41 48.39
N LYS SB 127 78.12 -57.32 49.71
CA LYS SB 127 78.53 -56.05 50.29
C LYS SB 127 79.31 -56.29 51.58
N ILE SB 128 80.16 -55.32 51.91
CA ILE SB 128 80.93 -55.32 53.13
C ILE SB 128 80.77 -53.96 53.78
N PHE SB 129 80.23 -53.93 55.00
CA PHE SB 129 80.01 -52.69 55.72
C PHE SB 129 80.41 -52.87 57.16
N VAL SB 130 80.88 -51.80 57.78
CA VAL SB 130 81.19 -51.82 59.20
C VAL SB 130 79.98 -51.27 59.97
N GLY SB 131 79.58 -52.00 61.00
CA GLY SB 131 78.49 -51.60 61.86
C GLY SB 131 78.96 -51.22 63.25
N THR SB 132 77.98 -51.06 64.14
CA THR SB 132 78.20 -50.47 65.45
C THR SB 132 79.26 -51.23 66.23
N LYS SB 133 79.92 -50.50 67.14
CA LYS SB 133 81.11 -50.95 67.86
C LYS SB 133 82.26 -51.30 66.91
N GLY SB 134 82.23 -50.75 65.71
CA GLY SB 134 83.28 -50.98 64.73
C GLY SB 134 83.41 -52.42 64.30
N ILE SB 135 82.30 -53.10 64.05
CA ILE SB 135 82.30 -54.53 63.74
C ILE SB 135 82.11 -54.70 62.24
N PRO SB 136 83.07 -55.26 61.51
CA PRO SB 136 82.85 -55.52 60.09
C PRO SB 136 81.79 -56.59 59.88
N HIS SB 137 81.12 -56.51 58.74
CA HIS SB 137 80.09 -57.46 58.35
C HIS SB 137 80.34 -57.90 56.92
N LEU SB 138 79.52 -58.83 56.45
CA LEU SB 138 79.70 -59.40 55.12
C LEU SB 138 78.38 -60.00 54.68
N VAL SB 139 77.78 -59.46 53.62
CA VAL SB 139 76.53 -59.96 53.08
C VAL SB 139 76.81 -60.62 51.75
N THR SB 140 76.42 -61.89 51.62
CA THR SB 140 76.76 -62.71 50.48
C THR SB 140 75.72 -62.58 49.38
N HIS SB 141 75.83 -63.40 48.33
CA HIS SB 141 74.83 -63.42 47.28
C HIS SB 141 73.51 -63.97 47.75
N ASP SB 142 73.51 -64.74 48.83
CA ASP SB 142 72.28 -65.12 49.51
C ASP SB 142 71.84 -63.95 50.37
N ALA SB 143 70.86 -64.17 51.22
CA ALA SB 143 70.53 -63.19 52.24
C ALA SB 143 71.41 -63.31 53.47
N ARG SB 144 72.42 -64.18 53.41
CA ARG SB 144 73.21 -64.51 54.58
C ARG SB 144 74.24 -63.42 54.86
N THR SB 145 74.23 -62.92 56.09
CA THR SB 145 75.22 -61.98 56.58
C THR SB 145 75.99 -62.63 57.73
N ILE SB 146 77.28 -62.29 57.79
CA ILE SB 146 78.16 -62.81 58.83
C ILE SB 146 79.03 -61.68 59.34
N ARG SB 147 79.60 -61.88 60.52
CA ARG SB 147 80.41 -60.88 61.18
C ARG SB 147 81.84 -61.38 61.30
N TYR SB 148 82.74 -60.42 61.50
CA TYR SB 148 84.17 -60.67 61.68
C TYR SB 148 84.76 -61.49 60.54
N PRO SB 149 84.79 -60.96 59.31
CA PRO SB 149 85.43 -61.67 58.22
C PRO SB 149 86.91 -61.31 58.13
N ASP SB 150 87.59 -62.01 57.23
CA ASP SB 150 88.99 -61.67 56.95
C ASP SB 150 89.05 -60.30 56.30
N PRO SB 151 89.86 -59.37 56.81
CA PRO SB 151 89.92 -58.04 56.21
C PRO SB 151 90.40 -58.02 54.77
N LEU SB 152 91.06 -59.10 54.30
CA LEU SB 152 91.46 -59.16 52.90
C LEU SB 152 90.27 -59.38 51.97
N ILE SB 153 89.17 -59.91 52.48
CA ILE SB 153 88.01 -60.16 51.62
C ILE SB 153 87.41 -58.82 51.22
N LYS SB 154 87.26 -58.61 49.91
CA LYS SB 154 86.69 -57.41 49.35
C LYS SB 154 85.34 -57.74 48.73
N VAL SB 155 84.74 -56.75 48.05
CA VAL SB 155 83.45 -56.95 47.40
C VAL SB 155 83.60 -57.98 46.28
N ASN SB 156 82.48 -58.64 45.95
CA ASN SB 156 82.32 -59.65 44.89
C ASN SB 156 83.53 -60.58 44.75
N ASP SB 157 83.96 -61.11 45.89
CA ASP SB 157 84.85 -62.25 45.98
C ASP SB 157 84.03 -63.47 46.39
N THR SB 158 84.68 -64.62 46.46
CA THR SB 158 84.03 -65.86 46.84
C THR SB 158 84.53 -66.32 48.19
N ILE SB 159 83.62 -66.85 49.02
CA ILE SB 159 83.97 -67.37 50.32
C ILE SB 159 83.47 -68.80 50.44
N GLN SB 160 84.12 -69.57 51.30
CA GLN SB 160 83.81 -70.98 51.53
C GLN SB 160 83.07 -71.09 52.85
N ILE SB 161 81.74 -71.13 52.77
CA ILE SB 161 80.90 -71.31 53.95
C ILE SB 161 80.66 -72.80 54.13
N ASP SB 162 81.15 -73.35 55.23
CA ASP SB 162 80.80 -74.70 55.60
C ASP SB 162 79.47 -74.70 56.35
N LEU SB 163 78.64 -75.69 56.04
CA LEU SB 163 77.33 -75.75 56.65
C LEU SB 163 77.45 -76.13 58.13
N GLU SB 164 76.35 -75.93 58.86
CA GLU SB 164 76.19 -76.27 60.27
C GLU SB 164 76.99 -75.34 61.19
N THR SB 165 77.79 -74.47 60.61
CA THR SB 165 78.52 -73.45 61.37
C THR SB 165 78.31 -72.05 60.81
N GLY SB 166 78.24 -71.90 59.49
CA GLY SB 166 78.08 -70.59 58.89
C GLY SB 166 79.34 -69.76 58.85
N LYS SB 167 80.50 -70.35 59.12
CA LYS SB 167 81.76 -69.62 59.18
C LYS SB 167 82.51 -69.73 57.86
N ILE SB 168 83.57 -68.94 57.74
CA ILE SB 168 84.41 -68.90 56.55
C ILE SB 168 85.65 -69.74 56.81
N THR SB 169 85.97 -70.64 55.88
CA THR SB 169 87.19 -71.42 55.96
C THR SB 169 88.24 -71.01 54.95
N ASP SB 170 87.84 -70.49 53.80
CA ASP SB 170 88.77 -69.99 52.79
C ASP SB 170 88.02 -69.02 51.89
N PHE SB 171 88.76 -68.38 50.99
CA PHE SB 171 88.15 -67.44 50.07
C PHE SB 171 88.99 -67.31 48.82
N ILE SB 172 88.34 -66.90 47.75
CA ILE SB 172 88.97 -66.63 46.46
C ILE SB 172 88.77 -65.15 46.14
N LYS SB 173 89.87 -64.45 45.89
CA LYS SB 173 89.80 -63.08 45.44
C LYS SB 173 89.30 -63.01 44.01
N PHE SB 174 88.61 -61.93 43.68
CA PHE SB 174 88.23 -61.66 42.30
C PHE SB 174 89.46 -61.11 41.59
N ASP SB 175 90.17 -61.98 40.87
CA ASP SB 175 91.40 -61.59 40.21
C ASP SB 175 91.41 -62.14 38.79
N THR SB 176 92.16 -61.48 37.92
CA THR SB 176 92.33 -61.96 36.56
C THR SB 176 93.01 -63.32 36.56
N GLY SB 177 92.47 -64.26 35.80
CA GLY SB 177 93.01 -65.60 35.73
C GLY SB 177 92.34 -66.61 36.62
N ASN SB 178 91.21 -66.27 37.25
CA ASN SB 178 90.50 -67.18 38.13
C ASN SB 178 89.28 -67.76 37.44
N LEU SB 179 88.94 -68.99 37.79
CA LEU SB 179 87.80 -69.68 37.20
C LEU SB 179 86.51 -69.08 37.72
N CYS SB 180 85.57 -68.81 36.82
CA CYS SB 180 84.31 -68.18 37.19
C CYS SB 180 83.14 -68.94 36.55
N MET SB 181 81.95 -68.43 36.81
CA MET SB 181 80.72 -68.94 36.20
C MET SB 181 79.75 -67.77 36.06
N VAL SB 182 79.06 -67.72 34.94
CA VAL SB 182 78.14 -66.63 34.65
C VAL SB 182 76.78 -66.96 35.26
N THR SB 183 76.27 -66.05 36.08
CA THR SB 183 75.03 -66.27 36.81
C THR SB 183 73.86 -65.46 36.28
N GLY SB 184 73.93 -64.98 35.04
CA GLY SB 184 72.80 -64.25 34.48
C GLY SB 184 73.05 -63.92 33.03
N GLY SB 185 71.95 -63.66 32.33
CA GLY SB 185 72.03 -63.19 30.96
C GLY SB 185 72.20 -64.32 29.95
N ALA SB 186 72.65 -63.92 28.76
CA ALA SB 186 72.78 -64.88 27.66
C ALA SB 186 73.84 -65.93 27.96
N ASN SB 187 74.97 -65.53 28.54
CA ASN SB 187 76.07 -66.44 28.81
C ASN SB 187 75.87 -67.25 30.08
N LEU SB 188 74.65 -67.30 30.61
CA LEU SB 188 74.34 -68.06 31.81
C LEU SB 188 74.78 -69.52 31.70
N GLY SB 189 75.50 -69.99 32.72
CA GLY SB 189 75.89 -71.38 32.78
C GLY SB 189 77.23 -71.71 32.17
N ARG SB 190 78.01 -70.71 31.78
CA ARG SB 190 79.28 -70.94 31.10
C ARG SB 190 80.43 -70.82 32.08
N ILE SB 191 81.28 -71.85 32.12
CA ILE SB 191 82.44 -71.87 32.99
C ILE SB 191 83.64 -71.33 32.23
N GLY SB 192 84.34 -70.37 32.81
CA GLY SB 192 85.50 -69.83 32.14
C GLY SB 192 86.43 -69.15 33.11
N VAL SB 193 87.50 -68.57 32.55
CA VAL SB 193 88.57 -67.94 33.32
C VAL SB 193 88.52 -66.45 33.07
N ILE SB 194 88.63 -65.66 34.15
CA ILE SB 194 88.64 -64.21 34.06
C ILE SB 194 89.85 -63.76 33.27
N THR SB 195 89.63 -63.21 32.07
CA THR SB 195 90.71 -62.70 31.24
C THR SB 195 90.88 -61.20 31.33
N ASN SB 196 89.79 -60.44 31.36
CA ASN SB 196 89.91 -58.99 31.43
C ASN SB 196 88.74 -58.43 32.20
N ARG SB 197 88.93 -57.23 32.76
CA ARG SB 197 87.84 -56.51 33.41
C ARG SB 197 87.98 -55.04 33.05
N GLU SB 198 87.07 -54.53 32.22
CA GLU SB 198 86.99 -53.12 31.95
C GLU SB 198 85.92 -52.50 32.84
N ARG SB 199 86.23 -51.36 33.43
CA ARG SB 199 85.36 -50.72 34.40
C ARG SB 199 84.88 -49.39 33.84
N HIS SB 200 83.58 -49.15 33.98
CA HIS SB 200 82.95 -47.92 33.52
C HIS SB 200 82.38 -47.18 34.72
N PRO SB 201 83.02 -46.11 35.17
CA PRO SB 201 82.51 -45.39 36.35
C PRO SB 201 81.10 -44.86 36.11
N GLY SB 202 80.27 -44.97 37.13
CA GLY SB 202 78.88 -44.60 37.01
C GLY SB 202 78.02 -45.59 36.26
N SER SB 203 78.55 -46.74 35.90
CA SER SB 203 77.79 -47.73 35.14
C SER SB 203 78.30 -49.12 35.53
N PHE SB 204 77.97 -50.11 34.72
CA PHE SB 204 78.28 -51.49 35.03
C PHE SB 204 79.64 -51.88 34.44
N ASP SB 205 80.46 -52.55 35.24
CA ASP SB 205 81.71 -53.09 34.73
C ASP SB 205 81.43 -54.29 33.82
N VAL SB 206 82.29 -54.46 32.82
CA VAL SB 206 82.17 -55.57 31.87
C VAL SB 206 83.41 -56.44 32.00
N VAL SB 207 83.21 -57.73 32.20
CA VAL SB 207 84.29 -58.69 32.37
C VAL SB 207 84.30 -59.62 31.17
N HIS SB 208 85.50 -59.89 30.67
CA HIS SB 208 85.73 -60.75 29.52
C HIS SB 208 86.35 -62.06 29.97
N VAL SB 209 85.72 -63.16 29.58
CA VAL SB 209 85.98 -64.49 30.09
C VAL SB 209 86.22 -65.44 28.93
N LYS SB 210 87.25 -66.27 29.02
CA LYS SB 210 87.54 -67.29 28.03
C LYS SB 210 87.41 -68.66 28.67
N ASP SB 211 86.72 -69.57 27.99
CA ASP SB 211 86.50 -70.91 28.50
C ASP SB 211 87.72 -71.79 28.18
N ALA SB 212 87.57 -73.10 28.39
CA ALA SB 212 88.67 -74.02 28.11
C ALA SB 212 88.91 -74.15 26.61
N ASN SB 213 87.84 -74.18 25.82
CA ASN SB 213 87.98 -74.37 24.37
C ASN SB 213 88.47 -73.12 23.66
N GLY SB 214 88.56 -71.98 24.34
CA GLY SB 214 89.02 -70.76 23.73
C GLY SB 214 87.93 -69.79 23.32
N ASN SB 215 86.66 -70.14 23.53
CA ASN SB 215 85.57 -69.23 23.19
C ASN SB 215 85.52 -68.10 24.21
N SER SB 216 85.70 -66.88 23.74
CA SER SB 216 85.73 -65.71 24.61
C SER SB 216 84.41 -64.97 24.52
N PHE SB 217 83.84 -64.64 25.68
CA PHE SB 217 82.60 -63.89 25.79
C PHE SB 217 82.77 -62.83 26.86
N ALA SB 218 81.70 -62.09 27.13
CA ALA SB 218 81.76 -61.03 28.13
C ALA SB 218 80.40 -60.91 28.79
N THR SB 219 80.40 -60.32 29.98
CA THR SB 219 79.16 -60.14 30.73
C THR SB 219 79.36 -59.06 31.77
N ARG SB 220 78.25 -58.60 32.34
CA ARG SB 220 78.32 -57.60 33.40
C ARG SB 220 78.92 -58.22 34.67
N LEU SB 221 79.47 -57.34 35.51
CA LEU SB 221 80.17 -57.79 36.70
C LEU SB 221 79.23 -58.47 37.70
N SER SB 222 77.98 -58.02 37.78
CA SER SB 222 77.04 -58.59 38.72
C SER SB 222 76.64 -60.02 38.38
N ASN SB 223 76.98 -60.51 37.20
CA ASN SB 223 76.58 -61.84 36.75
C ASN SB 223 77.71 -62.87 36.89
N ILE SB 224 78.77 -62.55 37.62
CA ILE SB 224 79.95 -63.39 37.71
C ILE SB 224 80.07 -63.94 39.11
N PHE SB 225 80.30 -65.25 39.22
CA PHE SB 225 80.52 -65.95 40.48
C PHE SB 225 81.87 -66.66 40.34
N VAL SB 226 82.87 -66.23 41.11
CA VAL SB 226 84.15 -66.91 41.07
C VAL SB 226 84.02 -68.25 41.78
N ILE SB 227 84.45 -69.32 41.11
CA ILE SB 227 84.24 -70.68 41.60
C ILE SB 227 85.53 -71.47 41.76
N GLY SB 228 86.66 -70.92 41.37
CA GLY SB 228 87.90 -71.66 41.43
C GLY SB 228 89.10 -70.77 41.64
N LYS SB 229 90.15 -71.35 42.23
CA LYS SB 229 91.41 -70.64 42.44
C LYS SB 229 92.25 -70.84 41.19
N GLY SB 230 92.15 -69.88 40.28
CA GLY SB 230 92.86 -69.92 39.02
C GLY SB 230 92.16 -70.75 37.96
N ASN SB 231 92.29 -72.06 38.04
CA ASN SB 231 91.62 -72.95 37.08
C ASN SB 231 90.99 -74.19 37.68
N LYS SB 232 91.44 -74.67 38.84
CA LYS SB 232 90.75 -75.78 39.50
C LYS SB 232 89.52 -75.26 40.21
N PRO SB 233 88.31 -75.74 39.86
CA PRO SB 233 87.12 -75.33 40.61
C PRO SB 233 87.14 -75.90 42.01
N TRP SB 234 86.54 -75.16 42.94
CA TRP SB 234 86.40 -75.62 44.30
C TRP SB 234 85.18 -76.50 44.52
N ILE SB 235 84.37 -76.69 43.48
CA ILE SB 235 83.18 -77.52 43.52
C ILE SB 235 83.25 -78.53 42.39
N SER SB 236 82.25 -79.40 42.32
CA SER SB 236 82.15 -80.39 41.25
C SER SB 236 81.29 -79.83 40.14
N LEU SB 237 81.87 -79.74 38.95
CA LEU SB 237 81.16 -79.17 37.82
C LEU SB 237 80.18 -80.17 37.22
N PRO SB 238 79.09 -79.70 36.63
CA PRO SB 238 78.13 -80.62 36.00
C PRO SB 238 78.63 -81.16 34.68
N ARG SB 239 77.79 -81.92 33.99
CA ARG SB 239 78.16 -82.49 32.70
C ARG SB 239 78.41 -81.41 31.67
N GLY SB 240 79.44 -81.61 30.85
CA GLY SB 240 79.82 -80.62 29.87
C GLY SB 240 80.76 -79.55 30.37
N LYS SB 241 81.05 -79.53 31.68
CA LYS SB 241 82.02 -78.61 32.28
C LYS SB 241 81.66 -77.16 32.03
N GLY SB 242 80.37 -76.88 31.84
CA GLY SB 242 79.92 -75.53 31.55
C GLY SB 242 80.46 -74.96 30.25
N ILE SB 243 80.65 -75.80 29.25
CA ILE SB 243 81.15 -75.37 27.95
C ILE SB 243 79.96 -75.29 27.00
N ARG SB 244 79.53 -74.07 26.69
CA ARG SB 244 78.44 -73.88 25.75
C ARG SB 244 78.90 -74.25 24.36
N LEU SB 245 78.27 -75.27 23.79
CA LEU SB 245 78.58 -75.73 22.44
C LEU SB 245 77.38 -75.50 21.54
N THR SB 246 77.64 -75.09 20.31
CA THR SB 246 76.59 -74.63 19.42
C THR SB 246 75.75 -75.81 18.92
N ILE SB 247 74.65 -75.46 18.27
CA ILE SB 247 73.71 -76.45 17.75
C ILE SB 247 74.39 -77.33 16.70
N ALA SB 248 75.36 -76.78 15.98
CA ALA SB 248 76.04 -77.54 14.94
C ALA SB 248 76.78 -78.74 15.52
N GLU SB 249 77.51 -78.54 16.62
CA GLU SB 249 78.19 -79.64 17.26
C GLU SB 249 77.37 -80.28 18.37
N GLU SB 250 76.12 -79.86 18.55
CA GLU SB 250 75.19 -80.59 19.39
C GLU SB 250 74.43 -81.65 18.59
N ARG SB 251 74.07 -81.31 17.35
CA ARG SB 251 73.30 -82.23 16.51
C ARG SB 251 74.09 -83.50 16.22
N ASP SB 252 75.37 -83.37 15.86
CA ASP SB 252 76.13 -84.56 15.53
C ASP SB 252 76.44 -85.39 16.76
N LYS SB 253 76.54 -84.74 17.94
CA LYS SB 253 76.63 -85.52 19.17
C LYS SB 253 75.37 -86.34 19.41
N ARG SB 254 74.20 -85.74 19.15
CA ARG SB 254 72.96 -86.51 19.24
C ARG SB 254 72.95 -87.67 18.25
N LEU SB 255 73.40 -87.42 17.01
CA LEU SB 255 73.44 -88.49 16.01
C LEU SB 255 74.39 -89.61 16.41
N ALA SB 256 75.55 -89.26 16.96
CA ALA SB 256 76.50 -90.27 17.43
C ALA SB 256 75.92 -91.06 18.59
N ALA SB 257 75.24 -90.39 19.52
CA ALA SB 257 74.62 -91.10 20.63
C ALA SB 257 73.54 -92.06 20.15
N LYS SB 258 72.73 -91.62 19.18
CA LYS SB 258 71.70 -92.50 18.62
C LYS SB 258 72.32 -93.69 17.91
N GLN SB 259 73.40 -93.46 17.15
CA GLN SB 259 74.09 -94.54 16.47
C GLN SB 259 74.67 -95.55 17.46
N SER SB 260 75.24 -95.05 18.56
CA SER SB 260 75.80 -95.95 19.58
C SER SB 260 74.70 -96.73 20.28
N SER SB 261 73.57 -96.09 20.58
CA SER SB 261 72.48 -96.76 21.28
C SER SB 261 71.65 -97.65 20.37
N GLY SB 262 71.79 -97.53 19.05
CA GLY SB 262 71.04 -98.34 18.12
C GLY SB 262 71.90 -99.36 17.39
N MET TB 1 5.04 -48.94 80.68
CA MET TB 1 6.48 -49.00 80.52
C MET TB 1 7.10 -50.08 81.38
N LYS TB 2 7.67 -51.09 80.74
CA LYS TB 2 8.26 -52.20 81.48
C LYS TB 2 9.54 -51.76 82.17
N LEU TB 3 9.84 -52.41 83.30
CA LEU TB 3 11.03 -52.10 84.08
C LEU TB 3 11.82 -53.38 84.26
N ASN TB 4 13.08 -53.36 83.84
CA ASN TB 4 13.97 -54.50 84.06
C ASN TB 4 14.73 -54.22 85.35
N ILE TB 5 14.33 -54.91 86.42
CA ILE TB 5 14.82 -54.65 87.76
C ILE TB 5 15.87 -55.68 88.08
N SER TB 6 17.05 -55.22 88.53
CA SER TB 6 18.17 -56.11 88.80
C SER TB 6 18.81 -55.74 90.13
N PHE TB 7 19.08 -56.74 90.95
CA PHE TB 7 19.80 -56.55 92.21
C PHE TB 7 21.11 -57.32 92.12
N PRO TB 8 22.24 -56.63 91.95
CA PRO TB 8 23.49 -57.33 91.61
C PRO TB 8 23.96 -58.31 92.65
N ALA TB 9 23.72 -58.04 93.95
CA ALA TB 9 24.26 -58.91 94.98
C ALA TB 9 23.61 -60.29 95.00
N THR TB 10 22.48 -60.47 94.31
CA THR TB 10 21.84 -61.77 94.20
C THR TB 10 21.48 -62.16 92.77
N GLY TB 11 21.65 -61.27 91.81
CA GLY TB 11 21.13 -61.55 90.48
C GLY TB 11 19.61 -61.49 90.50
N CYS TB 12 18.98 -62.50 89.89
CA CYS TB 12 17.54 -62.68 89.93
C CYS TB 12 16.79 -61.45 89.43
N GLN TB 13 17.20 -60.96 88.26
CA GLN TB 13 16.51 -59.84 87.64
C GLN TB 13 15.12 -60.27 87.20
N LYS TB 14 14.21 -59.30 87.14
CA LYS TB 14 12.84 -59.60 86.74
C LYS TB 14 12.24 -58.39 86.03
N LEU TB 15 11.20 -58.66 85.24
CA LEU TB 15 10.51 -57.64 84.47
C LEU TB 15 9.21 -57.27 85.16
N ILE TB 16 8.94 -55.97 85.28
CA ILE TB 16 7.77 -55.44 85.96
C ILE TB 16 6.95 -54.64 84.96
N GLU TB 17 5.66 -54.94 84.88
CA GLU TB 17 4.74 -54.23 84.00
C GLU TB 17 3.99 -53.19 84.81
N VAL TB 18 4.20 -51.91 84.51
CA VAL TB 18 3.50 -50.83 85.18
C VAL TB 18 2.95 -49.87 84.13
N ASP TB 19 1.84 -49.22 84.47
CA ASP TB 19 1.19 -48.27 83.58
C ASP TB 19 0.69 -47.04 84.34
N ASP TB 20 1.30 -46.73 85.48
CA ASP TB 20 0.89 -45.60 86.31
C ASP TB 20 1.84 -44.44 86.09
N GLU TB 21 1.33 -43.35 85.51
CA GLU TB 21 2.15 -42.18 85.28
C GLU TB 21 2.60 -41.55 86.60
N ARG TB 22 1.72 -41.55 87.61
CA ARG TB 22 2.10 -41.04 88.91
C ARG TB 22 3.21 -41.86 89.54
N LYS TB 23 3.18 -43.18 89.35
CA LYS TB 23 4.24 -44.02 89.87
C LYS TB 23 5.54 -43.84 89.09
N LEU TB 24 5.46 -43.63 87.78
CA LEU TB 24 6.65 -43.49 86.95
C LEU TB 24 7.21 -42.07 86.90
N ARG TB 25 6.49 -41.09 87.47
CA ARG TB 25 6.96 -39.71 87.44
C ARG TB 25 8.24 -39.54 88.24
N THR TB 26 8.49 -40.42 89.21
CA THR TB 26 9.69 -40.31 90.03
C THR TB 26 10.96 -40.52 89.22
N PHE TB 27 10.86 -41.10 88.02
CA PHE TB 27 12.02 -41.35 87.18
C PHE TB 27 12.17 -40.36 86.04
N TYR TB 28 11.13 -39.61 85.71
CA TYR TB 28 11.16 -38.77 84.53
C TYR TB 28 12.19 -37.65 84.68
N GLU TB 29 12.72 -37.20 83.54
CA GLU TB 29 13.74 -36.15 83.46
C GLU TB 29 14.94 -36.46 84.37
N LYS TB 30 15.41 -37.70 84.29
CA LYS TB 30 16.62 -38.11 84.97
C LYS TB 30 17.57 -38.74 83.97
N ARG TB 31 18.87 -38.61 84.23
CA ARG TB 31 19.86 -39.16 83.35
C ARG TB 31 20.27 -40.56 83.80
N MET TB 32 21.02 -41.25 82.95
CA MET TB 32 21.51 -42.58 83.29
C MET TB 32 22.55 -42.49 84.41
N ALA TB 33 22.77 -43.63 85.06
CA ALA TB 33 23.72 -43.75 86.16
C ALA TB 33 23.40 -42.81 87.31
N THR TB 34 22.14 -42.47 87.49
CA THR TB 34 21.68 -41.65 88.60
C THR TB 34 20.80 -42.50 89.52
N GLU TB 35 20.94 -42.28 90.82
CA GLU TB 35 20.25 -43.06 91.84
C GLU TB 35 19.06 -42.24 92.37
N VAL TB 36 17.88 -42.83 92.30
CA VAL TB 36 16.65 -42.23 92.81
C VAL TB 36 16.06 -43.19 93.85
N ALA TB 37 15.57 -42.63 94.94
CA ALA TB 37 14.86 -43.43 95.95
C ALA TB 37 13.56 -43.93 95.34
N ALA TB 38 13.46 -45.25 95.17
CA ALA TB 38 12.31 -45.85 94.50
C ALA TB 38 11.16 -46.12 95.46
N ASP TB 39 10.78 -45.10 96.22
CA ASP TB 39 9.70 -45.24 97.18
C ASP TB 39 8.35 -44.84 96.62
N ALA TB 40 8.29 -44.45 95.35
CA ALA TB 40 7.04 -44.08 94.71
C ALA TB 40 6.35 -45.26 94.02
N LEU TB 41 7.00 -46.41 93.94
CA LEU TB 41 6.40 -47.59 93.31
C LEU TB 41 5.68 -48.47 94.34
N GLY TB 42 4.80 -47.86 95.12
CA GLY TB 42 4.04 -48.60 96.11
C GLY TB 42 4.81 -48.83 97.39
N GLU TB 43 4.12 -49.43 98.36
CA GLU TB 43 4.70 -49.65 99.68
C GLU TB 43 5.79 -50.71 99.65
N GLU TB 44 5.67 -51.70 98.77
CA GLU TB 44 6.64 -52.80 98.74
C GLU TB 44 8.03 -52.34 98.31
N TRP TB 45 8.12 -51.22 97.61
CA TRP TB 45 9.41 -50.69 97.15
C TRP TB 45 9.97 -49.63 98.08
N LYS TB 46 9.40 -49.50 99.28
CA LYS TB 46 9.84 -48.48 100.22
C LYS TB 46 11.28 -48.76 100.69
N GLY TB 47 12.02 -47.68 100.92
CA GLY TB 47 13.38 -47.81 101.40
C GLY TB 47 14.37 -48.32 100.38
N TYR TB 48 14.04 -48.23 99.11
CA TYR TB 48 14.87 -48.76 98.03
C TYR TB 48 15.40 -47.61 97.19
N VAL TB 49 16.72 -47.57 97.02
CA VAL TB 49 17.39 -46.63 96.14
C VAL TB 49 17.88 -47.41 94.93
N VAL TB 50 17.50 -46.95 93.74
CA VAL TB 50 17.76 -47.69 92.51
C VAL TB 50 18.38 -46.75 91.49
N ARG TB 51 19.31 -47.27 90.70
CA ARG TB 51 20.06 -46.50 89.73
C ARG TB 51 19.52 -46.79 88.33
N ILE TB 52 19.31 -45.73 87.55
CA ILE TB 52 18.91 -45.87 86.16
C ILE TB 52 20.13 -46.31 85.34
N SER TB 53 20.04 -47.47 84.71
CA SER TB 53 21.18 -48.07 84.06
C SER TB 53 21.02 -48.17 82.55
N GLY TB 54 19.93 -47.71 81.99
CA GLY TB 54 19.71 -47.74 80.56
C GLY TB 54 18.29 -48.11 80.25
N GLY TB 55 18.05 -48.45 78.98
CA GLY TB 55 16.71 -48.81 78.55
C GLY TB 55 16.65 -48.89 77.04
N ASN TB 56 15.42 -48.91 76.53
CA ASN TB 56 15.19 -48.98 75.10
C ASN TB 56 14.07 -48.03 74.72
N ASP TB 57 14.16 -47.50 73.50
CA ASP TB 57 13.18 -46.56 72.99
C ASP TB 57 11.90 -47.32 72.62
N LYS TB 58 10.87 -46.56 72.23
CA LYS TB 58 9.62 -47.19 71.80
C LYS TB 58 9.82 -48.08 70.59
N GLN TB 59 10.83 -47.79 69.77
CA GLN TB 59 11.16 -48.60 68.61
C GLN TB 59 12.35 -49.51 68.87
N GLY TB 60 12.73 -49.71 70.13
CA GLY TB 60 13.76 -50.64 70.49
C GLY TB 60 15.17 -50.11 70.45
N PHE TB 61 15.35 -48.83 70.16
CA PHE TB 61 16.70 -48.27 70.10
C PHE TB 61 17.24 -48.08 71.52
N PRO TB 62 18.38 -48.67 71.85
CA PRO TB 62 18.94 -48.50 73.19
C PRO TB 62 19.42 -47.08 73.39
N MET TB 63 19.50 -46.69 74.66
CA MET TB 63 20.02 -45.37 75.00
C MET TB 63 21.51 -45.44 75.28
N LYS TB 64 22.19 -44.33 75.03
CA LYS TB 64 23.63 -44.23 75.22
C LYS TB 64 23.92 -43.15 76.26
N GLN TB 65 24.84 -43.44 77.16
CA GLN TB 65 25.24 -42.47 78.17
C GLN TB 65 26.01 -41.33 77.53
N GLY TB 66 25.64 -40.10 77.90
CA GLY TB 66 26.34 -38.93 77.43
C GLY TB 66 25.68 -38.18 76.29
N VAL TB 67 24.57 -38.70 75.75
CA VAL TB 67 23.92 -38.04 74.63
C VAL TB 67 23.33 -36.70 75.06
N LEU TB 68 22.81 -36.63 76.29
CA LEU TB 68 22.31 -35.39 76.89
C LEU TB 68 21.18 -34.78 76.07
N THR TB 69 20.22 -35.62 75.68
CA THR TB 69 18.98 -35.15 75.08
C THR TB 69 17.92 -36.22 75.30
N HIS TB 70 16.67 -35.84 75.07
CA HIS TB 70 15.56 -36.78 75.04
C HIS TB 70 15.12 -36.93 73.59
N GLY TB 71 15.13 -38.16 73.11
CA GLY TB 71 14.86 -38.45 71.72
C GLY TB 71 15.97 -39.29 71.14
N ARG TB 72 16.00 -39.38 69.82
CA ARG TB 72 16.93 -40.23 69.11
C ARG TB 72 17.88 -39.39 68.26
N VAL TB 73 19.16 -39.77 68.28
CA VAL TB 73 20.18 -39.11 67.47
C VAL TB 73 20.90 -40.17 66.66
N ARG TB 74 21.73 -39.71 65.72
CA ARG TB 74 22.55 -40.59 64.90
C ARG TB 74 24.01 -40.31 65.19
N LEU TB 75 24.75 -41.37 65.51
CA LEU TB 75 26.14 -41.26 65.93
C LEU TB 75 27.01 -42.19 65.10
N LEU TB 76 28.22 -41.74 64.80
CA LEU TB 76 29.22 -42.57 64.14
C LEU TB 76 29.93 -43.37 65.22
N LEU TB 77 29.46 -44.59 65.44
CA LEU TB 77 29.95 -45.42 66.53
C LEU TB 77 31.18 -46.21 66.09
N SER TB 78 32.26 -46.07 66.82
CA SER TB 78 33.49 -46.80 66.57
C SER TB 78 33.53 -48.04 67.45
N LYS TB 79 34.69 -48.69 67.50
CA LYS TB 79 34.84 -49.89 68.31
C LYS TB 79 34.76 -49.54 69.79
N GLY TB 80 33.95 -50.31 70.52
CA GLY TB 80 33.94 -50.22 71.96
C GLY TB 80 33.29 -48.98 72.55
N HIS TB 81 32.43 -48.30 71.81
CA HIS TB 81 31.73 -47.16 72.40
C HIS TB 81 30.52 -47.63 73.20
N SER TB 82 29.50 -48.12 72.51
CA SER TB 82 28.28 -48.72 73.04
C SER TB 82 27.40 -49.03 71.83
N CYS TB 83 26.39 -49.86 72.05
CA CYS TB 83 25.31 -50.07 71.09
C CYS TB 83 25.81 -50.52 69.72
N TYR TB 84 27.02 -51.07 69.67
CA TYR TB 84 27.65 -51.40 68.39
C TYR TB 84 28.84 -52.32 68.59
N ARG TB 85 28.90 -53.41 67.82
CA ARG TB 85 30.10 -54.21 67.73
C ARG TB 85 30.58 -54.21 66.29
N PRO TB 86 31.86 -53.95 66.04
CA PRO TB 86 32.33 -53.85 64.66
C PRO TB 86 32.41 -55.22 64.00
N ARG TB 87 31.92 -55.28 62.75
CA ARG TB 87 32.01 -56.51 61.99
C ARG TB 87 33.45 -56.82 61.61
N ARG TB 88 34.20 -55.80 61.18
CA ARG TB 88 35.60 -55.96 60.83
C ARG TB 88 36.40 -54.86 61.52
N THR TB 89 37.71 -55.04 61.55
CA THR TB 89 38.58 -54.16 62.31
C THR TB 89 38.59 -52.76 61.71
N GLY TB 90 38.43 -51.75 62.56
CA GLY TB 90 38.44 -50.38 62.12
C GLY TB 90 37.15 -49.87 61.53
N GLU TB 91 36.12 -50.71 61.46
CA GLU TB 91 34.84 -50.30 60.90
C GLU TB 91 34.07 -49.42 61.88
N ARG TB 92 33.55 -48.31 61.39
CA ARG TB 92 32.65 -47.45 62.14
C ARG TB 92 31.36 -47.29 61.34
N LYS TB 93 30.22 -47.44 62.00
CA LYS TB 93 28.94 -47.36 61.33
C LYS TB 93 28.03 -46.39 62.07
N ARG TB 94 27.32 -45.56 61.31
CA ARG TB 94 26.37 -44.63 61.89
C ARG TB 94 25.12 -45.36 62.31
N LYS TB 95 24.68 -45.12 63.55
CA LYS TB 95 23.52 -45.80 64.10
C LYS TB 95 22.70 -44.84 64.92
N SER TB 96 21.42 -45.16 65.10
CA SER TB 96 20.51 -44.35 65.88
C SER TB 96 20.50 -44.84 67.33
N VAL TB 97 20.62 -43.90 68.26
CA VAL TB 97 20.63 -44.19 69.69
C VAL TB 97 19.70 -43.23 70.40
N ARG TB 98 19.00 -43.75 71.41
CA ARG TB 98 18.16 -42.93 72.27
C ARG TB 98 19.02 -42.11 73.22
N GLY TB 99 18.54 -40.91 73.56
CA GLY TB 99 19.26 -40.08 74.50
C GLY TB 99 19.20 -40.62 75.91
N CYS TB 100 20.08 -40.08 76.76
CA CYS TB 100 20.23 -40.62 78.11
C CYS TB 100 19.10 -40.19 79.05
N ILE TB 101 18.54 -39.00 78.86
CA ILE TB 101 17.45 -38.54 79.70
C ILE TB 101 16.23 -39.42 79.46
N VAL TB 102 15.71 -40.03 80.51
CA VAL TB 102 14.52 -40.88 80.43
C VAL TB 102 13.27 -40.03 80.55
N ASP TB 103 12.27 -40.36 79.74
CA ASP TB 103 10.97 -39.71 79.77
C ASP TB 103 9.90 -40.76 79.57
N ALA TB 104 8.69 -40.32 79.20
CA ALA TB 104 7.57 -41.24 79.06
C ALA TB 104 7.79 -42.23 77.92
N ASN TB 105 8.36 -41.77 76.80
CA ASN TB 105 8.36 -42.53 75.55
C ASN TB 105 9.50 -43.55 75.55
N LEU TB 106 9.32 -44.59 76.37
CA LEU TB 106 10.24 -45.72 76.38
C LEU TB 106 9.45 -47.02 76.45
N SER TB 107 10.07 -48.08 75.95
CA SER TB 107 9.51 -49.42 76.11
C SER TB 107 9.89 -49.99 77.47
N VAL TB 108 11.19 -50.05 77.77
CA VAL TB 108 11.68 -50.56 79.03
C VAL TB 108 12.63 -49.56 79.65
N LEU TB 109 12.80 -49.70 80.97
CA LEU TB 109 13.78 -48.92 81.72
C LEU TB 109 14.57 -49.88 82.58
N ASN TB 110 15.90 -49.85 82.46
CA ASN TB 110 16.75 -50.71 83.26
C ASN TB 110 17.05 -50.03 84.60
N LEU TB 111 16.75 -50.74 85.69
CA LEU TB 111 16.98 -50.21 87.03
C LEU TB 111 17.74 -51.24 87.86
N VAL TB 112 18.74 -50.77 88.59
CA VAL TB 112 19.64 -51.63 89.35
C VAL TB 112 19.66 -51.14 90.79
N ILE TB 113 19.26 -51.98 91.73
CA ILE TB 113 19.15 -51.55 93.12
C ILE TB 113 20.54 -51.34 93.70
N VAL TB 114 20.76 -50.19 94.32
CA VAL TB 114 22.05 -49.90 94.94
C VAL TB 114 22.08 -50.32 96.40
N LYS TB 115 21.01 -50.03 97.16
CA LYS TB 115 20.97 -50.38 98.57
C LYS TB 115 19.67 -51.10 98.90
N LYS TB 116 19.76 -52.03 99.85
CA LYS TB 116 18.64 -52.88 100.22
C LYS TB 116 17.59 -52.09 101.00
N GLY TB 117 16.34 -52.50 100.84
CA GLY TB 117 15.24 -51.91 101.60
C GLY TB 117 15.08 -52.59 102.94
N GLU TB 118 13.89 -52.43 103.51
CA GLU TB 118 13.61 -52.98 104.84
C GLU TB 118 13.05 -54.40 104.78
N LYS TB 119 12.41 -54.79 103.68
CA LYS TB 119 11.84 -56.11 103.55
C LYS TB 119 12.33 -56.73 102.24
N ASP TB 120 11.94 -57.98 102.01
CA ASP TB 120 12.42 -58.76 100.88
C ASP TB 120 11.39 -58.76 99.76
N ILE TB 121 11.83 -58.38 98.56
CA ILE TB 121 10.95 -58.42 97.39
C ILE TB 121 10.75 -59.88 96.98
N PRO TB 122 9.51 -60.33 96.78
CA PRO TB 122 9.29 -61.73 96.40
C PRO TB 122 9.85 -62.02 95.01
N GLY TB 123 10.64 -63.09 94.93
CA GLY TB 123 11.18 -63.53 93.66
C GLY TB 123 12.38 -62.76 93.18
N LEU TB 124 12.86 -61.77 93.93
CA LEU TB 124 13.98 -60.95 93.51
C LEU TB 124 15.14 -61.01 94.48
N THR TB 125 14.87 -60.80 95.78
CA THR TB 125 15.93 -60.78 96.79
C THR TB 125 16.13 -62.14 97.45
N ASP TB 126 15.43 -63.17 97.00
CA ASP TB 126 15.55 -64.51 97.54
C ASP TB 126 16.15 -65.45 96.50
N THR TB 127 16.57 -66.63 96.99
CA THR TB 127 17.14 -67.69 96.16
C THR TB 127 18.33 -67.17 95.35
N THR TB 128 19.38 -66.80 96.08
CA THR TB 128 20.59 -66.23 95.49
C THR TB 128 21.27 -67.21 94.54
N VAL TB 129 21.22 -66.91 93.25
CA VAL TB 129 21.91 -67.75 92.26
C VAL TB 129 23.41 -67.53 92.37
N PRO TB 130 24.21 -68.58 92.49
CA PRO TB 130 25.66 -68.40 92.59
C PRO TB 130 26.27 -68.04 91.24
N ARG TB 131 27.45 -67.41 91.32
CA ARG TB 131 28.26 -67.26 90.12
C ARG TB 131 28.73 -68.63 89.66
N ARG TB 132 28.69 -68.84 88.34
CA ARG TB 132 28.89 -70.17 87.79
C ARG TB 132 30.27 -70.72 88.11
N LEU TB 133 31.30 -70.04 87.61
CA LEU TB 133 32.65 -70.60 87.58
C LEU TB 133 33.58 -69.67 88.34
N GLY TB 134 34.42 -70.26 89.19
CA GLY TB 134 35.25 -69.52 90.08
C GLY TB 134 36.45 -68.91 89.37
N PRO TB 135 37.28 -68.23 90.15
CA PRO TB 135 38.47 -67.58 89.57
C PRO TB 135 39.42 -68.59 88.97
N LYS TB 136 40.01 -68.22 87.83
CA LYS TB 136 40.94 -69.07 87.09
C LYS TB 136 42.39 -68.69 87.31
N ARG TB 137 42.67 -67.45 87.65
CA ARG TB 137 44.05 -67.01 87.87
C ARG TB 137 44.49 -67.40 89.28
N ALA TB 138 45.76 -67.77 89.41
CA ALA TB 138 46.29 -68.19 90.70
C ALA TB 138 46.22 -67.07 91.72
N SER TB 139 46.60 -65.86 91.32
CA SER TB 139 46.46 -64.73 92.24
C SER TB 139 45.00 -64.44 92.55
N ARG TB 140 44.11 -64.67 91.58
CA ARG TB 140 42.70 -64.40 91.82
C ARG TB 140 42.05 -65.45 92.72
N ILE TB 141 42.64 -66.63 92.87
CA ILE TB 141 42.14 -67.52 93.92
C ILE TB 141 42.86 -67.24 95.23
N ARG TB 142 44.11 -66.74 95.18
CA ARG TB 142 44.81 -66.38 96.40
C ARG TB 142 44.10 -65.24 97.12
N LYS TB 143 43.59 -64.25 96.38
CA LYS TB 143 42.80 -63.20 97.01
C LYS TB 143 41.52 -63.75 97.62
N LEU TB 144 40.86 -64.67 96.92
CA LEU TB 144 39.55 -65.12 97.36
C LEU TB 144 39.63 -66.07 98.55
N PHE TB 145 40.71 -66.84 98.67
CA PHE TB 145 40.88 -67.77 99.79
C PHE TB 145 42.00 -67.38 100.73
N ASN TB 146 42.51 -66.16 100.63
CA ASN TB 146 43.50 -65.61 101.58
C ASN TB 146 44.75 -66.47 101.67
N LEU TB 147 45.26 -66.91 100.52
CA LEU TB 147 46.51 -67.66 100.50
C LEU TB 147 47.69 -66.73 100.72
N SER TB 148 48.68 -67.20 101.49
CA SER TB 148 49.90 -66.42 101.64
C SER TB 148 50.86 -66.69 100.48
N LYS TB 149 51.39 -67.91 100.42
CA LYS TB 149 52.34 -68.30 99.37
C LYS TB 149 52.35 -69.83 99.28
N GLU TB 150 51.82 -70.36 98.17
CA GLU TB 150 51.98 -71.77 97.81
C GLU TB 150 51.50 -72.70 98.92
N ASP TB 151 50.24 -72.56 99.31
CA ASP TB 151 49.64 -73.41 100.33
C ASP TB 151 48.51 -74.21 99.69
N ASP TB 152 48.86 -75.35 99.09
CA ASP TB 152 47.90 -76.27 98.47
C ASP TB 152 47.03 -75.55 97.45
N VAL TB 153 47.70 -74.76 96.59
CA VAL TB 153 47.00 -73.99 95.58
C VAL TB 153 46.30 -74.90 94.58
N ARG TB 154 46.87 -76.09 94.34
CA ARG TB 154 46.26 -77.04 93.43
C ARG TB 154 44.89 -77.49 93.94
N GLN TB 155 44.80 -77.81 95.24
CA GLN TB 155 43.57 -78.36 95.78
C GLN TB 155 42.64 -77.31 96.37
N TYR TB 156 43.06 -76.05 96.44
CA TYR TB 156 42.15 -74.98 96.85
C TYR TB 156 41.38 -74.38 95.69
N VAL TB 157 41.52 -74.93 94.48
CA VAL TB 157 40.73 -74.47 93.36
C VAL TB 157 39.30 -74.98 93.52
N VAL TB 158 38.35 -74.24 92.93
CA VAL TB 158 36.95 -74.60 93.01
C VAL TB 158 36.67 -75.71 92.00
N ARG TB 159 36.12 -76.83 92.47
CA ARG TB 159 35.78 -77.95 91.62
C ARG TB 159 34.28 -77.90 91.30
N LYS TB 160 33.96 -78.08 90.01
CA LYS TB 160 32.57 -77.97 89.57
C LYS TB 160 31.96 -79.36 89.49
N PRO TB 161 31.00 -79.71 90.34
CA PRO TB 161 30.34 -81.00 90.21
C PRO TB 161 29.16 -80.95 89.25
N LEU TB 162 29.23 -81.72 88.17
CA LEU TB 162 28.19 -81.76 87.17
C LEU TB 162 27.59 -83.16 87.12
N ASN TB 163 26.26 -83.22 87.06
CA ASN TB 163 25.52 -84.48 87.12
C ASN TB 163 24.48 -84.50 86.02
N LYS TB 164 24.53 -85.52 85.18
CA LYS TB 164 23.49 -85.81 84.20
C LYS TB 164 23.09 -87.27 84.30
N GLU TB 165 21.88 -87.58 83.83
CA GLU TB 165 21.28 -88.90 83.99
C GLU TB 165 22.16 -90.00 83.39
N GLY TB 166 22.38 -89.97 82.08
CA GLY TB 166 23.25 -90.95 81.46
C GLY TB 166 24.70 -90.77 81.83
N LYS TB 167 25.08 -89.58 82.29
CA LYS TB 167 26.45 -89.32 82.68
C LYS TB 167 26.84 -90.10 83.92
N LYS TB 168 28.06 -90.62 83.92
CA LYS TB 168 28.70 -91.18 85.09
C LYS TB 168 29.36 -90.02 85.85
N PRO TB 169 29.02 -89.82 87.13
CA PRO TB 169 29.37 -88.56 87.81
C PRO TB 169 30.86 -88.28 87.84
N ARG TB 170 31.20 -87.00 87.75
CA ARG TB 170 32.58 -86.54 87.63
C ARG TB 170 32.68 -85.10 88.12
N THR TB 171 33.85 -84.74 88.61
CA THR TB 171 34.16 -83.36 88.98
C THR TB 171 34.99 -82.71 87.87
N LYS TB 172 34.88 -81.38 87.77
CA LYS TB 172 35.59 -80.62 86.75
C LYS TB 172 36.36 -79.49 87.40
N ALA TB 173 37.62 -79.34 87.00
CA ALA TB 173 38.49 -78.30 87.50
C ALA TB 173 39.16 -77.57 86.35
N PRO TB 174 39.37 -76.26 86.46
CA PRO TB 174 39.98 -75.51 85.36
C PRO TB 174 41.49 -75.61 85.36
N LYS TB 175 42.06 -75.43 84.16
CA LYS TB 175 43.50 -75.30 84.02
C LYS TB 175 43.91 -73.94 84.55
N ILE TB 176 44.43 -73.93 85.78
CA ILE TB 176 44.76 -72.66 86.44
C ILE TB 176 46.00 -72.04 85.79
N GLN TB 177 45.96 -70.73 85.58
CA GLN TB 177 46.96 -70.01 84.83
C GLN TB 177 47.80 -69.12 85.75
N ARG TB 178 48.97 -68.72 85.24
CA ARG TB 178 49.90 -67.84 85.92
C ARG TB 178 50.35 -68.43 87.26
N LEU TB 179 51.03 -69.57 87.17
CA LEU TB 179 51.58 -70.26 88.32
C LEU TB 179 53.10 -70.25 88.26
N VAL TB 180 53.71 -70.93 89.22
CA VAL TB 180 55.11 -71.28 89.17
C VAL TB 180 55.18 -72.79 88.98
N THR TB 181 55.84 -73.21 87.90
CA THR TB 181 55.79 -74.59 87.45
C THR TB 181 57.21 -75.01 87.11
N PRO TB 182 57.54 -76.31 87.26
CA PRO TB 182 58.82 -76.79 86.74
C PRO TB 182 59.03 -76.47 85.28
N ARG TB 183 57.97 -76.50 84.47
CA ARG TB 183 58.10 -76.13 83.05
C ARG TB 183 58.44 -74.65 82.90
N VAL TB 184 57.81 -73.79 83.69
CA VAL TB 184 58.09 -72.35 83.60
C VAL TB 184 59.52 -72.06 84.03
N LEU TB 185 59.97 -72.67 85.13
CA LEU TB 185 61.35 -72.50 85.56
C LEU TB 185 62.32 -73.10 84.54
N GLN TB 186 61.90 -74.17 83.85
CA GLN TB 186 62.71 -74.71 82.77
C GLN TB 186 62.87 -73.70 81.64
N HIS TB 187 61.79 -73.03 81.27
CA HIS TB 187 61.88 -72.01 80.23
C HIS TB 187 62.79 -70.87 80.66
N LYS TB 188 62.68 -70.45 81.92
CA LYS TB 188 63.53 -69.36 82.41
C LYS TB 188 65.00 -69.77 82.41
N ARG TB 189 65.30 -70.99 82.85
CA ARG TB 189 66.67 -71.46 82.80
C ARG TB 189 67.17 -71.56 81.36
N ARG TB 190 66.28 -71.97 80.44
CA ARG TB 190 66.65 -72.08 79.04
C ARG TB 190 67.04 -70.73 78.45
N ARG TB 191 66.22 -69.70 78.69
CA ARG TB 191 66.51 -68.38 78.15
C ARG TB 191 67.76 -67.77 78.80
N ILE TB 192 67.97 -68.00 80.10
CA ILE TB 192 69.21 -67.54 80.71
C ILE TB 192 70.41 -68.24 80.09
N ALA TB 193 70.28 -69.54 79.80
CA ALA TB 193 71.36 -70.25 79.13
C ALA TB 193 71.63 -69.70 77.74
N LEU TB 194 70.57 -69.36 77.02
CA LEU TB 194 70.73 -68.70 75.72
C LEU TB 194 71.53 -67.42 75.85
N LYS TB 195 71.22 -66.61 76.87
CA LYS TB 195 72.02 -65.42 77.12
C LYS TB 195 73.48 -65.79 77.40
N LYS TB 196 73.70 -66.87 78.15
CA LYS TB 196 75.05 -67.30 78.49
C LYS TB 196 75.86 -67.60 77.25
N GLN TB 197 75.41 -68.57 76.44
CA GLN TB 197 76.22 -68.89 75.27
C GLN TB 197 76.20 -67.80 74.22
N ARG TB 198 75.21 -66.90 74.23
CA ARG TB 198 75.26 -65.76 73.31
C ARG TB 198 76.39 -64.81 73.68
N THR TB 199 76.54 -64.50 74.97
CA THR TB 199 77.65 -63.67 75.41
C THR TB 199 78.98 -64.37 75.15
N LYS TB 200 79.03 -65.69 75.39
CA LYS TB 200 80.25 -66.46 75.13
C LYS TB 200 80.62 -66.40 73.65
N LYS TB 201 79.63 -66.54 72.76
CA LYS TB 201 79.86 -66.46 71.33
C LYS TB 201 80.41 -65.09 70.94
N ASN TB 202 79.81 -64.02 71.48
CA ASN TB 202 80.30 -62.68 71.16
C ASN TB 202 81.75 -62.50 71.60
N LYS TB 203 82.07 -62.96 72.81
CA LYS TB 203 83.43 -62.79 73.32
C LYS TB 203 84.44 -63.57 72.50
N GLU TB 204 84.12 -64.83 72.17
CA GLU TB 204 85.07 -65.65 71.44
C GLU TB 204 85.25 -65.15 70.00
N GLU TB 205 84.17 -64.67 69.38
CA GLU TB 205 84.28 -64.11 68.04
C GLU TB 205 85.11 -62.84 68.04
N ALA TB 206 84.93 -61.99 69.06
CA ALA TB 206 85.75 -60.79 69.16
C ALA TB 206 87.22 -61.14 69.33
N ALA TB 207 87.52 -62.14 70.15
CA ALA TB 207 88.91 -62.55 70.33
C ALA TB 207 89.51 -63.09 69.04
N GLU TB 208 88.76 -63.93 68.33
CA GLU TB 208 89.25 -64.48 67.07
C GLU TB 208 89.51 -63.39 66.05
N TYR TB 209 88.58 -62.43 65.92
CA TYR TB 209 88.79 -61.35 64.98
C TYR TB 209 89.97 -60.48 65.38
N ALA TB 210 90.16 -60.26 66.68
CA ALA TB 210 91.32 -59.48 67.11
C ALA TB 210 92.61 -60.18 66.72
N LYS TB 211 92.68 -61.50 66.92
CA LYS TB 211 93.88 -62.24 66.54
C LYS TB 211 94.13 -62.17 65.03
N LEU TB 212 93.08 -62.39 64.24
CA LEU TB 212 93.23 -62.38 62.78
C LEU TB 212 93.61 -60.98 62.27
N LEU TB 213 92.99 -59.94 62.82
CA LEU TB 213 93.31 -58.58 62.41
C LEU TB 213 94.72 -58.20 62.81
N ALA TB 214 95.17 -58.67 63.99
CA ALA TB 214 96.56 -58.44 64.37
C ALA TB 214 97.51 -59.11 63.40
N LYS TB 215 97.20 -60.33 62.97
CA LYS TB 215 98.06 -61.01 62.00
C LYS TB 215 98.09 -60.27 60.67
N ARG TB 216 96.92 -59.81 60.20
CA ARG TB 216 96.87 -59.11 58.92
C ARG TB 216 97.61 -57.77 58.97
N MET TB 217 97.44 -57.03 60.07
CA MET TB 217 98.18 -55.78 60.23
C MET TB 217 99.68 -56.04 60.36
N LYS TB 218 100.05 -57.16 60.99
CA LYS TB 218 101.46 -57.55 61.03
C LYS TB 218 101.99 -57.82 59.62
N GLU TB 219 101.17 -58.46 58.78
CA GLU TB 219 101.59 -58.70 57.40
C GLU TB 219 101.76 -57.39 56.63
N ALA TB 220 100.83 -56.45 56.80
CA ALA TB 220 100.96 -55.16 56.12
C ALA TB 220 102.18 -54.39 56.61
N LYS TB 221 102.43 -54.41 57.92
CA LYS TB 221 103.61 -53.76 58.47
C LYS TB 221 104.88 -54.43 57.98
N GLU TB 222 104.85 -55.76 57.82
CA GLU TB 222 105.99 -56.47 57.26
C GLU TB 222 106.23 -56.07 55.81
N LYS TB 223 105.15 -55.85 55.06
CA LYS TB 223 105.29 -55.37 53.68
C LYS TB 223 105.94 -54.00 53.65
N ARG TB 224 105.52 -53.10 54.54
CA ARG TB 224 106.14 -51.78 54.63
C ARG TB 224 107.61 -51.89 55.03
N GLN TB 225 107.91 -52.75 56.00
CA GLN TB 225 109.30 -52.97 56.42
C GLN TB 225 110.13 -53.58 55.30
N GLU TB 226 109.51 -54.40 54.45
CA GLU TB 226 110.23 -54.99 53.32
C GLU TB 226 110.51 -53.95 52.25
N GLN TB 227 109.58 -53.03 52.02
CA GLN TB 227 109.86 -51.91 51.13
C GLN TB 227 110.99 -51.05 51.69
N ILE TB 228 111.00 -50.86 53.02
CA ILE TB 228 112.10 -50.16 53.68
C ILE TB 228 113.42 -50.90 53.46
N ALA TB 229 113.39 -52.22 53.59
CA ALA TB 229 114.60 -53.02 53.40
C ALA TB 229 115.08 -52.93 51.95
N LYS TB 230 114.15 -52.92 50.99
CA LYS TB 230 114.53 -52.79 49.59
C LYS TB 230 115.17 -51.43 49.32
N ARG TB 231 114.60 -50.35 49.85
CA ARG TB 231 115.17 -49.04 49.59
C ARG TB 231 116.46 -48.81 50.39
N ARG TB 232 116.70 -49.58 51.45
CA ARG TB 232 117.92 -49.44 52.24
C ARG TB 232 119.07 -50.31 51.73
N ARG TB 233 118.77 -51.51 51.22
CA ARG TB 233 119.83 -52.43 50.83
C ARG TB 233 120.50 -52.04 49.53
N LEU TB 234 119.88 -51.16 48.73
CA LEU TB 234 120.42 -50.75 47.44
C LEU TB 234 120.30 -49.23 47.35
N SER TB 235 121.38 -48.54 47.70
CA SER TB 235 121.42 -47.08 47.67
C SER TB 235 122.57 -46.50 46.87
N SER TB 236 123.67 -47.24 46.68
CA SER TB 236 124.81 -46.72 45.94
C SER TB 236 125.21 -47.65 44.79
N LEU TB 237 125.09 -48.95 45.02
CA LEU TB 237 125.47 -49.95 44.02
C LEU TB 237 124.54 -49.88 42.81
N SER UB 1 139.03 -34.85 8.36
CA SER UB 1 137.89 -34.45 7.55
C SER UB 1 137.43 -33.05 7.89
N ALA UB 2 137.15 -32.25 6.87
CA ALA UB 2 136.68 -30.88 7.01
C ALA UB 2 135.21 -30.82 6.69
N LYS UB 3 134.38 -30.60 7.70
CA LYS UB 3 132.93 -30.49 7.54
C LYS UB 3 132.50 -29.25 8.31
N ILE UB 4 132.32 -28.14 7.61
CA ILE UB 4 131.93 -26.89 8.23
C ILE UB 4 130.50 -26.50 7.89
N VAL UB 5 129.99 -26.88 6.73
CA VAL UB 5 128.67 -26.47 6.28
C VAL UB 5 127.80 -27.72 6.13
N LYS UB 6 127.15 -28.11 7.23
CA LYS UB 6 126.21 -29.23 7.28
C LYS UB 6 125.40 -29.15 8.57
N PRO UB 7 124.36 -28.33 8.65
CA PRO UB 7 123.44 -28.42 9.79
C PRO UB 7 122.20 -29.24 9.48
N ASN UB 8 121.78 -30.06 10.44
CA ASN UB 8 120.50 -30.78 10.37
C ASN UB 8 120.19 -31.31 11.77
N GLY UB 9 119.14 -32.14 11.87
CA GLY UB 9 118.67 -32.56 13.17
C GLY UB 9 119.68 -33.42 13.93
N GLU UB 10 120.34 -34.32 13.23
CA GLU UB 10 121.32 -35.21 13.86
C GLU UB 10 122.72 -34.62 13.76
N LYS UB 11 123.63 -35.18 14.54
CA LYS UB 11 125.02 -34.74 14.50
C LYS UB 11 125.84 -35.36 13.36
N PRO UB 12 125.87 -36.68 13.17
CA PRO UB 12 126.84 -37.27 12.24
C PRO UB 12 126.44 -37.08 10.78
N ASP UB 13 127.24 -37.68 9.91
CA ASP UB 13 126.98 -37.70 8.47
C ASP UB 13 127.72 -38.87 7.85
N GLU UB 14 127.22 -39.31 6.70
CA GLU UB 14 127.86 -40.38 5.93
C GLU UB 14 127.87 -39.98 4.47
N PHE UB 15 129.08 -39.80 3.93
CA PHE UB 15 129.33 -39.41 2.53
C PHE UB 15 128.89 -37.98 2.25
N GLU UB 16 128.16 -37.39 3.19
CA GLU UB 16 127.78 -35.99 3.11
C GLU UB 16 128.94 -35.09 3.50
N SER UB 17 129.88 -35.62 4.28
CA SER UB 17 131.13 -34.90 4.53
C SER UB 17 131.85 -34.63 3.22
N GLY UB 18 131.78 -35.56 2.27
CA GLY UB 18 132.42 -35.34 0.98
C GLY UB 18 131.78 -34.21 0.19
N ILE UB 19 130.45 -34.14 0.18
CA ILE UB 19 129.78 -33.09 -0.59
C ILE UB 19 129.99 -31.73 0.08
N SER UB 20 129.96 -31.70 1.42
CA SER UB 20 130.28 -30.46 2.13
C SER UB 20 131.73 -30.06 1.90
N GLN UB 21 132.62 -31.04 1.80
CA GLN UB 21 134.02 -30.77 1.50
C GLN UB 21 134.15 -30.12 0.13
N ALA UB 22 133.54 -30.72 -0.89
CA ALA UB 22 133.56 -30.14 -2.23
C ALA UB 22 132.98 -28.74 -2.22
N LEU UB 23 131.95 -28.51 -1.42
CA LEU UB 23 131.40 -27.15 -1.31
C LEU UB 23 132.40 -26.20 -0.67
N LEU UB 24 133.17 -26.65 0.31
CA LEU UB 24 134.06 -25.71 0.99
C LEU UB 24 135.30 -25.39 0.15
N GLU UB 25 135.85 -26.36 -0.59
CA GLU UB 25 136.86 -25.98 -1.57
C GLU UB 25 136.27 -25.60 -2.92
N LEU UB 26 134.97 -25.35 -2.98
CA LEU UB 26 134.49 -24.54 -4.10
C LEU UB 26 134.85 -23.03 -3.91
N GLU UB 27 135.70 -22.77 -2.91
CA GLU UB 27 136.28 -21.46 -2.65
C GLU UB 27 137.06 -20.97 -3.89
N MET UB 28 137.35 -19.67 -3.89
CA MET UB 28 138.06 -18.97 -4.98
C MET UB 28 137.51 -19.33 -6.35
N ASN UB 29 136.18 -19.36 -6.44
CA ASN UB 29 135.48 -19.60 -7.70
C ASN UB 29 135.19 -18.27 -8.38
N SER UB 30 134.36 -18.30 -9.42
CA SER UB 30 134.02 -17.10 -10.18
C SER UB 30 132.88 -16.35 -9.47
N ASP UB 31 133.24 -15.77 -8.32
CA ASP UB 31 132.35 -14.89 -7.55
C ASP UB 31 131.05 -15.61 -7.14
N LEU UB 32 131.22 -16.79 -6.56
CA LEU UB 32 130.09 -17.57 -6.05
C LEU UB 32 130.09 -17.71 -4.55
N LYS UB 33 131.26 -17.76 -3.92
CA LYS UB 33 131.33 -17.92 -2.47
C LYS UB 33 130.71 -16.76 -1.71
N ALA UB 34 130.66 -15.57 -2.32
CA ALA UB 34 130.10 -14.40 -1.63
C ALA UB 34 128.65 -14.64 -1.25
N GLN UB 35 127.86 -15.22 -2.14
CA GLN UB 35 126.48 -15.58 -1.85
C GLN UB 35 126.32 -17.04 -1.45
N LEU UB 36 127.38 -17.83 -1.51
CA LEU UB 36 127.31 -19.23 -1.10
C LEU UB 36 127.66 -19.46 0.37
N ARG UB 37 128.47 -18.59 0.97
CA ARG UB 37 128.99 -18.87 2.31
C ARG UB 37 127.89 -18.81 3.37
N GLU UB 38 126.87 -17.98 3.16
CA GLU UB 38 125.77 -17.90 4.11
C GLU UB 38 124.79 -19.06 3.97
N LEU UB 39 124.95 -19.89 2.95
CA LEU UB 39 124.04 -20.99 2.69
C LEU UB 39 124.52 -22.26 3.39
N ASN UB 40 123.61 -23.21 3.53
CA ASN UB 40 123.92 -24.44 4.26
C ASN UB 40 123.17 -25.62 3.67
N ILE UB 41 123.61 -26.82 4.03
CA ILE UB 41 123.13 -28.06 3.43
C ILE UB 41 122.56 -28.95 4.54
N THR UB 42 121.35 -29.46 4.31
CA THR UB 42 120.75 -30.35 5.30
C THR UB 42 121.28 -31.77 5.17
N ALA UB 43 121.23 -32.35 3.97
CA ALA UB 43 121.64 -33.74 3.78
C ALA UB 43 121.96 -33.96 2.31
N ALA UB 44 122.50 -35.15 2.03
CA ALA UB 44 122.80 -35.55 0.66
C ALA UB 44 122.59 -37.05 0.54
N LYS UB 45 122.26 -37.49 -0.68
CA LYS UB 45 121.97 -38.90 -0.91
C LYS UB 45 122.37 -39.29 -2.33
N GLU UB 46 123.03 -40.43 -2.46
CA GLU UB 46 123.39 -40.99 -3.77
C GLU UB 46 122.49 -42.18 -4.07
N ILE UB 47 121.88 -42.16 -5.26
CA ILE UB 47 121.04 -43.27 -5.69
C ILE UB 47 121.41 -43.67 -7.11
N GLU UB 48 120.97 -44.87 -7.49
CA GLU UB 48 121.17 -45.41 -8.82
C GLU UB 48 119.93 -45.18 -9.66
N VAL UB 49 120.12 -44.65 -10.87
CA VAL UB 49 119.02 -44.39 -11.79
C VAL UB 49 119.39 -44.95 -13.15
N GLY UB 50 118.39 -45.51 -13.84
CA GLY UB 50 118.60 -46.01 -15.19
C GLY UB 50 119.48 -47.24 -15.28
N GLY UB 51 120.66 -47.07 -15.85
CA GLY UB 51 121.57 -48.17 -16.05
C GLY UB 51 122.66 -48.25 -15.00
N GLY UB 52 123.84 -47.72 -15.32
CA GLY UB 52 124.91 -47.61 -14.36
C GLY UB 52 125.21 -46.16 -14.00
N ARG UB 53 124.15 -45.37 -13.83
CA ARG UB 53 124.27 -43.92 -13.64
C ARG UB 53 123.85 -43.56 -12.22
N LYS UB 54 124.61 -42.67 -11.59
CA LYS UB 54 124.36 -42.24 -10.23
C LYS UB 54 123.78 -40.83 -10.22
N ALA UB 55 122.95 -40.55 -9.22
CA ALA UB 55 122.34 -39.25 -9.04
C ALA UB 55 122.51 -38.81 -7.60
N ILE UB 56 122.86 -37.54 -7.41
CA ILE UB 56 123.06 -36.95 -6.09
C ILE UB 56 121.94 -35.97 -5.80
N ILE UB 57 121.35 -36.11 -4.62
CA ILE UB 57 120.24 -35.30 -4.16
C ILE UB 57 120.72 -34.52 -2.94
N ILE UB 58 120.58 -33.20 -2.98
CA ILE UB 58 121.06 -32.33 -1.93
C ILE UB 58 119.85 -31.62 -1.33
N PHE UB 59 119.67 -31.76 -0.02
CA PHE UB 59 118.55 -31.18 0.68
C PHE UB 59 118.95 -29.86 1.32
N VAL UB 60 118.08 -28.86 1.17
CA VAL UB 60 118.32 -27.52 1.67
C VAL UB 60 117.14 -27.10 2.54
N PRO UB 61 117.33 -26.18 3.49
CA PRO UB 61 116.19 -25.68 4.25
C PRO UB 61 115.20 -24.92 3.38
N VAL UB 62 113.93 -25.00 3.75
CA VAL UB 62 112.89 -24.27 3.01
C VAL UB 62 113.15 -22.77 2.99
N PRO UB 63 113.53 -22.10 4.09
CA PRO UB 63 113.78 -20.66 4.00
C PRO UB 63 114.86 -20.27 2.99
N GLN UB 64 115.89 -21.09 2.82
CA GLN UB 64 116.93 -20.78 1.85
C GLN UB 64 116.77 -21.55 0.54
N LEU UB 65 115.63 -22.21 0.35
CA LEU UB 65 115.39 -22.85 -0.94
C LEU UB 65 115.37 -21.84 -2.08
N LYS UB 66 114.72 -20.70 -1.87
CA LYS UB 66 114.66 -19.68 -2.92
C LYS UB 66 116.05 -19.10 -3.21
N SER UB 67 116.84 -18.87 -2.16
CA SER UB 67 118.20 -18.38 -2.36
C SER UB 67 119.05 -19.41 -3.09
N PHE UB 68 118.86 -20.69 -2.78
CA PHE UB 68 119.57 -21.74 -3.53
C PHE UB 68 119.16 -21.75 -4.99
N GLN UB 69 117.86 -21.59 -5.26
CA GLN UB 69 117.39 -21.60 -6.64
C GLN UB 69 117.90 -20.40 -7.42
N LYS UB 70 118.05 -19.26 -6.76
CA LYS UB 70 118.49 -18.05 -7.45
C LYS UB 70 119.86 -18.22 -8.09
N ILE UB 71 120.72 -19.06 -7.51
CA ILE UB 71 122.03 -19.34 -8.06
C ILE UB 71 122.18 -20.79 -8.48
N GLN UB 72 121.08 -21.56 -8.49
CA GLN UB 72 121.18 -23.00 -8.67
C GLN UB 72 121.74 -23.37 -10.04
N VAL UB 73 121.29 -22.67 -11.10
CA VAL UB 73 121.75 -22.98 -12.44
C VAL UB 73 123.25 -22.80 -12.58
N ARG UB 74 123.86 -22.00 -11.70
CA ARG UB 74 125.30 -21.76 -11.78
C ARG UB 74 126.09 -22.96 -11.29
N LEU UB 75 125.86 -23.39 -10.05
CA LEU UB 75 126.76 -24.36 -9.41
C LEU UB 75 126.42 -25.81 -9.72
N VAL UB 76 125.33 -26.09 -10.44
CA VAL UB 76 125.05 -27.46 -10.82
C VAL UB 76 126.17 -28.00 -11.71
N ARG UB 77 126.63 -27.21 -12.66
CA ARG UB 77 127.71 -27.66 -13.53
C ARG UB 77 129.02 -27.84 -12.75
N GLU UB 78 129.27 -26.97 -11.76
CA GLU UB 78 130.47 -27.14 -10.95
C GLU UB 78 130.41 -28.42 -10.13
N LEU UB 79 129.25 -28.71 -9.54
CA LEU UB 79 129.12 -29.97 -8.80
C LEU UB 79 129.19 -31.18 -9.73
N GLU UB 80 128.72 -31.05 -10.97
CA GLU UB 80 128.87 -32.14 -11.92
C GLU UB 80 130.34 -32.35 -12.28
N LYS UB 81 131.10 -31.27 -12.43
CA LYS UB 81 132.53 -31.41 -12.65
C LYS UB 81 133.21 -32.08 -11.46
N LYS UB 82 132.80 -31.70 -10.24
CA LYS UB 82 133.36 -32.35 -9.05
C LYS UB 82 133.02 -33.83 -9.02
N PHE UB 83 131.77 -34.18 -9.30
CA PHE UB 83 131.32 -35.56 -9.42
C PHE UB 83 130.90 -35.79 -10.85
N SER UB 84 131.88 -36.08 -11.71
CA SER UB 84 131.60 -36.35 -13.11
C SER UB 84 130.76 -37.60 -13.27
N GLY UB 85 129.86 -37.58 -14.25
CA GLY UB 85 128.97 -38.70 -14.48
C GLY UB 85 127.79 -38.78 -13.54
N LYS UB 86 127.55 -37.74 -12.74
CA LYS UB 86 126.47 -37.74 -11.76
C LYS UB 86 125.66 -36.47 -11.94
N HIS UB 87 124.34 -36.60 -11.82
CA HIS UB 87 123.42 -35.49 -11.98
C HIS UB 87 123.01 -34.97 -10.61
N VAL UB 88 123.00 -33.66 -10.46
CA VAL UB 88 122.78 -32.99 -9.18
C VAL UB 88 121.37 -32.44 -9.15
N VAL UB 89 120.63 -32.74 -8.08
CA VAL UB 89 119.31 -32.16 -7.89
C VAL UB 89 119.21 -31.58 -6.49
N PHE UB 90 118.44 -30.51 -6.37
CA PHE UB 90 118.28 -29.78 -5.12
C PHE UB 90 116.83 -29.88 -4.65
N ILE UB 91 116.65 -30.39 -3.44
CA ILE UB 91 115.33 -30.62 -2.87
C ILE UB 91 115.28 -29.96 -1.51
N ALA UB 92 114.14 -29.36 -1.17
CA ALA UB 92 113.95 -28.77 0.14
C ALA UB 92 113.30 -29.80 1.06
N GLN UB 93 113.83 -29.92 2.29
CA GLN UB 93 113.22 -30.80 3.27
C GLN UB 93 111.95 -30.16 3.82
N ARG UB 94 110.84 -30.89 3.73
CA ARG UB 94 109.53 -30.32 3.99
C ARG UB 94 108.80 -30.86 5.20
N ARG UB 95 109.31 -31.91 5.86
CA ARG UB 95 108.79 -32.38 7.14
C ARG UB 95 107.30 -32.70 7.05
N ILE UB 96 107.00 -33.78 6.33
CA ILE UB 96 105.62 -34.24 6.20
C ILE UB 96 105.05 -34.53 7.59
N LEU UB 97 103.94 -33.89 7.92
CA LEU UB 97 103.28 -34.16 9.19
C LEU UB 97 102.18 -35.18 9.01
N PRO UB 98 102.06 -36.14 9.94
CA PRO UB 98 101.07 -37.19 9.79
C PRO UB 98 99.65 -36.65 9.86
N LYS UB 99 98.75 -37.31 9.14
CA LYS UB 99 97.35 -36.93 9.15
C LYS UB 99 96.76 -37.19 10.52
N PRO UB 100 96.07 -36.22 11.13
CA PRO UB 100 95.54 -36.43 12.47
C PRO UB 100 94.41 -37.43 12.52
N THR UB 101 94.66 -38.58 13.13
CA THR UB 101 93.66 -39.63 13.26
C THR UB 101 92.86 -39.43 14.55
N ARG UB 102 92.05 -40.41 14.91
CA ARG UB 102 91.27 -40.37 16.13
C ARG UB 102 92.03 -40.90 17.33
N LYS UB 103 93.28 -41.33 17.15
CA LYS UB 103 94.05 -41.91 18.24
C LYS UB 103 95.04 -40.91 18.80
N LYS UB 107 99.83 -33.04 25.63
CA LYS UB 107 98.59 -33.44 24.99
C LYS UB 107 97.93 -32.25 24.29
N ASN UB 108 98.71 -31.57 23.44
CA ASN UB 108 98.23 -30.36 22.79
C ASN UB 108 99.00 -30.20 21.48
N LYS UB 109 98.33 -30.48 20.36
CA LYS UB 109 98.90 -30.32 19.04
C LYS UB 109 98.11 -29.28 18.25
N GLN UB 110 98.82 -28.51 17.44
CA GLN UB 110 98.21 -27.44 16.67
C GLN UB 110 97.70 -27.98 15.34
N LYS UB 111 96.83 -27.19 14.70
CA LYS UB 111 96.26 -27.56 13.41
C LYS UB 111 97.37 -27.73 12.37
N ARG UB 112 97.30 -28.81 11.63
CA ARG UB 112 98.35 -29.12 10.67
C ARG UB 112 98.28 -28.14 9.50
N PRO UB 113 99.34 -27.40 9.21
CA PRO UB 113 99.32 -26.50 8.06
C PRO UB 113 99.22 -27.29 6.76
N ARG UB 114 98.57 -26.69 5.77
CA ARG UB 114 98.40 -27.37 4.49
C ARG UB 114 99.74 -27.59 3.80
N SER UB 115 100.72 -26.74 4.06
CA SER UB 115 102.05 -26.93 3.49
C SER UB 115 102.70 -28.20 4.02
N ARG UB 116 102.31 -28.63 5.21
CA ARG UB 116 102.84 -29.86 5.80
C ARG UB 116 102.09 -31.11 5.35
N THR UB 117 100.99 -30.96 4.64
CA THR UB 117 100.28 -32.13 4.15
C THR UB 117 101.09 -32.83 3.08
N LEU UB 118 100.82 -34.12 2.92
CA LEU UB 118 101.71 -34.97 2.13
C LEU UB 118 101.56 -34.72 0.64
N THR UB 119 100.36 -34.43 0.16
CA THR UB 119 100.21 -34.06 -1.25
C THR UB 119 100.92 -32.76 -1.57
N ALA UB 120 100.80 -31.77 -0.69
CA ALA UB 120 101.47 -30.49 -0.89
C ALA UB 120 102.98 -30.67 -0.89
N VAL UB 121 103.50 -31.49 0.01
CA VAL UB 121 104.94 -31.74 0.04
C VAL UB 121 105.38 -32.38 -1.27
N HIS UB 122 104.61 -33.35 -1.76
CA HIS UB 122 105.06 -34.09 -2.94
C HIS UB 122 105.01 -33.23 -4.19
N ASP UB 123 103.94 -32.48 -4.41
CA ASP UB 123 103.96 -31.66 -5.61
C ASP UB 123 104.87 -30.44 -5.45
N ALA UB 124 105.16 -29.99 -4.23
CA ALA UB 124 106.17 -28.94 -4.06
C ALA UB 124 107.57 -29.45 -4.39
N ILE UB 125 107.92 -30.65 -3.93
CA ILE UB 125 109.24 -31.18 -4.24
C ILE UB 125 109.33 -31.56 -5.71
N LEU UB 126 108.22 -31.97 -6.32
CA LEU UB 126 108.21 -32.15 -7.77
C LEU UB 126 108.46 -30.83 -8.48
N GLU UB 127 107.88 -29.74 -7.97
CA GLU UB 127 108.10 -28.43 -8.58
C GLU UB 127 109.55 -27.99 -8.47
N ASP UB 128 110.16 -28.19 -7.30
CA ASP UB 128 111.54 -27.72 -7.13
C ASP UB 128 112.59 -28.71 -7.63
N LEU UB 129 112.18 -29.92 -8.01
CA LEU UB 129 113.14 -30.88 -8.56
C LEU UB 129 113.56 -30.49 -9.98
N VAL UB 130 112.71 -29.77 -10.69
CA VAL UB 130 112.91 -29.51 -12.11
C VAL UB 130 113.16 -28.03 -12.32
N PHE UB 131 113.83 -27.39 -11.36
CA PHE UB 131 113.86 -25.93 -11.26
C PHE UB 131 114.23 -25.19 -12.54
N PRO UB 132 115.23 -25.59 -13.34
CA PRO UB 132 115.50 -24.83 -14.58
C PRO UB 132 114.29 -24.73 -15.49
N SER UB 133 113.38 -25.68 -15.44
CA SER UB 133 112.09 -25.61 -16.12
C SER UB 133 110.98 -25.41 -15.10
N GLU UB 134 109.75 -25.41 -15.59
CA GLU UB 134 108.58 -25.31 -14.72
C GLU UB 134 107.49 -26.25 -15.24
N ILE UB 135 106.61 -26.65 -14.35
CA ILE UB 135 105.48 -27.50 -14.71
C ILE UB 135 104.39 -26.63 -15.33
N VAL UB 136 104.03 -26.93 -16.57
CA VAL UB 136 102.93 -26.24 -17.23
C VAL UB 136 101.67 -27.06 -17.28
N GLY UB 137 101.73 -28.32 -16.82
CA GLY UB 137 100.57 -29.19 -16.82
C GLY UB 137 100.86 -30.53 -16.18
N LYS UB 138 99.85 -31.14 -15.61
CA LYS UB 138 100.00 -32.44 -14.96
C LYS UB 138 98.86 -33.34 -15.38
N ARG UB 139 99.18 -34.60 -15.66
CA ARG UB 139 98.19 -35.61 -16.00
C ARG UB 139 98.45 -36.85 -15.15
N ILE UB 140 97.39 -37.53 -14.77
CA ILE UB 140 97.51 -38.77 -14.00
C ILE UB 140 96.72 -39.85 -14.73
N ARG UB 141 97.40 -40.90 -15.14
CA ARG UB 141 96.79 -42.03 -15.84
C ARG UB 141 96.70 -43.22 -14.90
N VAL UB 142 95.52 -43.83 -14.85
CA VAL UB 142 95.31 -45.05 -14.07
C VAL UB 142 95.45 -46.23 -15.03
N LYS UB 143 96.52 -47.01 -14.86
CA LYS UB 143 96.95 -47.97 -15.87
C LYS UB 143 96.23 -49.32 -15.70
N LEU UB 144 94.91 -49.26 -15.76
CA LEU UB 144 94.01 -50.41 -15.93
C LEU UB 144 94.02 -51.37 -14.74
N ASP UB 145 94.86 -51.15 -13.73
CA ASP UB 145 94.88 -52.02 -12.57
C ASP UB 145 95.00 -51.24 -11.26
N GLY UB 146 94.73 -49.94 -11.29
CA GLY UB 146 94.82 -49.10 -10.11
C GLY UB 146 96.13 -48.37 -9.96
N SER UB 147 97.18 -48.82 -10.65
CA SER UB 147 98.45 -48.12 -10.61
C SER UB 147 98.33 -46.76 -11.29
N ARG UB 148 99.03 -45.77 -10.74
CA ARG UB 148 98.98 -44.41 -11.23
C ARG UB 148 100.33 -44.03 -11.82
N LEU UB 149 100.30 -43.38 -12.98
CA LEU UB 149 101.48 -42.82 -13.62
C LEU UB 149 101.23 -41.34 -13.88
N ILE UB 150 102.13 -40.49 -13.42
CA ILE UB 150 101.96 -39.04 -13.52
C ILE UB 150 102.83 -38.52 -14.64
N LYS UB 151 102.20 -37.95 -15.66
CA LYS UB 151 102.91 -37.27 -16.74
C LYS UB 151 103.00 -35.78 -16.42
N VAL UB 152 104.20 -35.24 -16.54
CA VAL UB 152 104.47 -33.85 -16.17
C VAL UB 152 104.91 -33.12 -17.43
N HIS UB 153 104.20 -32.06 -17.79
CA HIS UB 153 104.54 -31.23 -18.93
C HIS UB 153 105.49 -30.13 -18.49
N LEU UB 154 106.62 -30.01 -19.18
CA LEU UB 154 107.62 -29.03 -18.81
C LEU UB 154 107.46 -27.78 -19.67
N ASP UB 155 108.36 -26.82 -19.45
CA ASP UB 155 108.17 -25.47 -20.00
C ASP UB 155 108.22 -25.47 -21.53
N LYS UB 156 109.16 -26.21 -22.12
CA LYS UB 156 109.46 -26.23 -23.55
C LYS UB 156 110.14 -24.93 -23.98
N ALA UB 157 110.16 -23.94 -23.09
CA ALA UB 157 110.90 -22.71 -23.38
C ALA UB 157 112.39 -22.99 -23.50
N GLN UB 158 112.91 -23.91 -22.70
CA GLN UB 158 114.27 -24.37 -22.80
C GLN UB 158 114.28 -25.88 -23.00
N GLN UB 159 115.24 -26.35 -23.78
CA GLN UB 159 115.38 -27.78 -24.05
C GLN UB 159 116.82 -28.26 -24.08
N ASN UB 160 117.77 -27.49 -23.56
CA ASN UB 160 119.18 -27.84 -23.71
C ASN UB 160 119.81 -28.41 -22.46
N ASN UB 161 119.27 -28.11 -21.28
CA ASN UB 161 119.91 -28.51 -20.03
C ASN UB 161 119.02 -29.36 -19.15
N VAL UB 162 117.91 -29.87 -19.68
CA VAL UB 162 117.01 -30.74 -18.91
C VAL UB 162 116.68 -32.05 -19.62
N GLU UB 163 116.75 -32.10 -20.96
CA GLU UB 163 116.25 -33.27 -21.69
C GLU UB 163 117.02 -34.54 -21.33
N HIS UB 164 118.25 -34.42 -20.85
CA HIS UB 164 119.04 -35.58 -20.46
C HIS UB 164 118.80 -36.00 -19.02
N LYS UB 165 118.07 -35.20 -18.24
CA LYS UB 165 117.87 -35.49 -16.82
C LYS UB 165 116.46 -35.97 -16.51
N VAL UB 166 115.63 -36.28 -17.51
CA VAL UB 166 114.28 -36.72 -17.23
C VAL UB 166 114.28 -38.10 -16.58
N GLU UB 167 115.19 -38.98 -17.02
CA GLU UB 167 115.30 -40.30 -16.41
C GLU UB 167 115.75 -40.20 -14.96
N THR UB 168 116.72 -39.33 -14.69
CA THR UB 168 117.17 -39.13 -13.32
C THR UB 168 116.08 -38.50 -12.46
N PHE UB 169 115.30 -37.59 -13.04
CA PHE UB 169 114.20 -36.98 -12.32
C PHE UB 169 113.16 -38.03 -11.94
N SER UB 170 112.81 -38.90 -12.88
CA SER UB 170 111.89 -39.99 -12.59
C SER UB 170 112.45 -40.92 -11.53
N GLY UB 171 113.74 -41.21 -11.60
CA GLY UB 171 114.35 -42.10 -10.62
C GLY UB 171 114.33 -41.53 -9.23
N VAL UB 172 114.71 -40.25 -9.09
CA VAL UB 172 114.74 -39.66 -7.75
C VAL UB 172 113.32 -39.49 -7.21
N TYR UB 173 112.36 -39.16 -8.08
CA TYR UB 173 110.99 -39.05 -7.61
C TYR UB 173 110.44 -40.39 -7.16
N LYS UB 174 110.78 -41.47 -7.87
CA LYS UB 174 110.38 -42.80 -7.42
C LYS UB 174 111.08 -43.17 -6.12
N LYS UB 175 112.34 -42.76 -5.97
CA LYS UB 175 113.11 -43.12 -4.78
C LYS UB 175 112.54 -42.46 -3.52
N LEU UB 176 112.33 -41.14 -3.57
CA LEU UB 176 111.94 -40.41 -2.38
C LEU UB 176 110.46 -40.05 -2.34
N THR UB 177 109.68 -40.54 -3.28
CA THR UB 177 108.23 -40.33 -3.26
C THR UB 177 107.45 -41.62 -3.40
N GLY UB 178 107.92 -42.55 -4.23
CA GLY UB 178 107.30 -43.85 -4.36
C GLY UB 178 106.32 -44.00 -5.51
N LYS UB 179 106.18 -43.00 -6.37
CA LYS UB 179 105.24 -43.07 -7.47
C LYS UB 179 105.95 -42.82 -8.80
N ASP UB 180 105.37 -43.37 -9.86
CA ASP UB 180 105.98 -43.32 -11.18
C ASP UB 180 105.59 -42.03 -11.91
N VAL UB 181 106.58 -41.31 -12.39
CA VAL UB 181 106.39 -40.04 -13.07
C VAL UB 181 107.22 -40.02 -14.34
N ASN UB 182 106.60 -39.66 -15.45
CA ASN UB 182 107.29 -39.39 -16.70
C ASN UB 182 107.23 -37.90 -17.00
N PHE UB 183 108.22 -37.42 -17.72
CA PHE UB 183 108.33 -36.00 -18.06
C PHE UB 183 108.32 -35.83 -19.57
N GLU UB 184 107.59 -34.83 -20.05
CA GLU UB 184 107.48 -34.63 -21.49
C GLU UB 184 107.34 -33.14 -21.78
N PHE UB 185 107.70 -32.77 -23.00
CA PHE UB 185 107.66 -31.39 -23.46
C PHE UB 185 106.56 -31.22 -24.49
N PRO UB 186 105.49 -30.50 -24.19
CA PRO UB 186 104.43 -30.29 -25.17
C PRO UB 186 104.83 -29.20 -26.15
N GLU UB 187 103.96 -28.96 -27.13
CA GLU UB 187 104.18 -27.91 -28.11
C GLU UB 187 103.70 -26.58 -27.54
N PHE UB 188 103.61 -25.56 -28.40
CA PHE UB 188 103.20 -24.24 -27.96
C PHE UB 188 101.75 -24.26 -27.48
N GLN UB 189 101.44 -23.36 -26.56
CA GLN UB 189 100.12 -23.31 -25.94
C GLN UB 189 99.43 -21.99 -26.20
N GLY VB 1 41.87 -35.92 50.66
CA GLY VB 1 42.17 -34.79 51.51
C GLY VB 1 43.21 -33.88 50.90
N ILE VB 2 44.07 -33.30 51.74
CA ILE VB 2 45.18 -32.51 51.25
C ILE VB 2 46.11 -33.42 50.47
N SER VB 3 46.34 -33.09 49.22
CA SER VB 3 47.09 -33.95 48.31
C SER VB 3 48.42 -33.30 47.93
N ARG VB 4 49.46 -34.11 47.81
CA ARG VB 4 50.79 -33.67 47.45
C ARG VB 4 51.19 -34.16 46.06
N ASP VB 5 50.21 -34.41 45.21
CA ASP VB 5 50.48 -34.95 43.90
C ASP VB 5 51.12 -33.90 42.99
N ASN VB 6 51.69 -34.37 41.89
CA ASN VB 6 52.22 -33.49 40.86
C ASN VB 6 51.29 -33.31 39.68
N TRP VB 7 50.25 -34.15 39.57
CA TRP VB 7 49.41 -34.13 38.38
C TRP VB 7 48.30 -33.10 38.43
N HIS VB 8 48.14 -32.41 39.54
CA HIS VB 8 47.19 -31.30 39.58
C HIS VB 8 47.80 -30.00 39.09
N LYS VB 9 49.10 -29.98 38.84
CA LYS VB 9 49.78 -28.79 38.36
C LYS VB 9 49.77 -28.75 36.84
N ARG VB 10 49.89 -27.54 36.30
CA ARG VB 10 50.00 -27.37 34.86
C ARG VB 10 51.33 -27.91 34.36
N ARG VB 11 51.34 -28.30 33.09
CA ARG VB 11 52.58 -28.78 32.49
C ARG VB 11 53.58 -27.64 32.35
N LYS VB 12 54.83 -28.01 32.07
CA LYS VB 12 55.87 -27.02 31.90
C LYS VB 12 55.56 -26.09 30.73
N THR VB 13 54.98 -26.64 29.66
CA THR VB 13 54.56 -25.83 28.52
C THR VB 13 53.39 -24.93 28.84
N GLY VB 14 52.73 -25.13 29.97
CA GLY VB 14 51.56 -24.35 30.35
C GLY VB 14 50.25 -25.03 30.10
N GLY VB 15 50.24 -26.22 29.53
CA GLY VB 15 49.01 -26.91 29.26
C GLY VB 15 48.40 -27.50 30.51
N LYS VB 16 47.08 -27.70 30.45
CA LYS VB 16 46.35 -28.27 31.56
C LYS VB 16 46.43 -29.80 31.50
N ARG VB 17 46.73 -30.42 32.63
CA ARG VB 17 46.84 -31.86 32.72
C ARG VB 17 45.54 -32.46 33.21
N LYS VB 18 45.21 -33.64 32.70
CA LYS VB 18 44.00 -34.35 33.11
C LYS VB 18 44.36 -35.55 33.96
N PRO VB 19 43.78 -35.70 35.14
CA PRO VB 19 44.15 -36.82 36.02
C PRO VB 19 43.63 -38.14 35.48
N TYR VB 20 44.49 -39.14 35.46
CA TYR VB 20 44.10 -40.47 35.03
C TYR VB 20 43.69 -41.37 36.18
N HIS VB 21 43.76 -40.88 37.41
CA HIS VB 21 43.23 -41.60 38.56
C HIS VB 21 42.79 -40.59 39.61
N LYS VB 22 41.95 -41.04 40.52
CA LYS VB 22 41.56 -40.21 41.64
C LYS VB 22 42.69 -40.16 42.66
N LYS VB 23 42.48 -39.39 43.74
CA LYS VB 23 43.53 -39.20 44.73
C LYS VB 23 43.88 -40.51 45.41
N ARG VB 24 45.17 -40.78 45.50
CA ARG VB 24 45.67 -41.96 46.21
C ARG VB 24 46.12 -41.58 47.60
N LYS VB 25 46.16 -42.57 48.49
CA LYS VB 25 46.50 -42.28 49.88
C LYS VB 25 47.97 -41.90 50.02
N TYR VB 26 48.87 -42.60 49.33
CA TYR VB 26 50.29 -42.37 49.53
C TYR VB 26 50.71 -40.95 49.16
N GLU VB 27 49.97 -40.27 48.30
CA GLU VB 27 50.23 -38.87 47.99
C GLU VB 27 49.35 -37.93 48.82
N LEU VB 28 49.33 -38.10 50.13
CA LEU VB 28 48.49 -37.27 50.98
C LEU VB 28 49.31 -36.17 51.64
N GLY VB 29 48.59 -35.19 52.18
CA GLY VB 29 49.18 -34.21 53.06
C GLY VB 29 48.36 -34.10 54.32
N ARG VB 30 48.97 -33.51 55.33
CA ARG VB 30 48.33 -33.35 56.63
C ARG VB 30 48.43 -31.89 57.06
N PRO VB 31 47.52 -31.44 57.93
CA PRO VB 31 47.56 -30.04 58.37
C PRO VB 31 48.86 -29.72 59.09
N ALA VB 32 49.28 -28.46 58.96
CA ALA VB 32 50.52 -28.02 59.58
C ALA VB 32 50.42 -28.12 61.10
N ALA VB 33 51.54 -28.47 61.73
CA ALA VB 33 51.57 -28.58 63.18
C ALA VB 33 51.36 -27.23 63.83
N ASN VB 34 52.00 -26.19 63.30
CA ASN VB 34 51.93 -24.83 63.83
C ASN VB 34 52.34 -24.81 65.30
N THR VB 35 53.60 -25.16 65.54
CA THR VB 35 54.12 -25.27 66.90
C THR VB 35 54.19 -23.91 67.56
N LYS VB 36 53.45 -23.74 68.64
CA LYS VB 36 53.48 -22.52 69.43
C LYS VB 36 54.37 -22.71 70.64
N ILE VB 37 54.40 -21.71 71.50
CA ILE VB 37 55.19 -21.75 72.73
C ILE VB 37 54.24 -21.88 73.91
N GLY VB 38 54.45 -22.89 74.74
CA GLY VB 38 53.62 -23.13 75.89
C GLY VB 38 53.98 -24.44 76.56
N PRO VB 39 53.15 -24.87 77.51
CA PRO VB 39 53.38 -26.16 78.14
C PRO VB 39 53.33 -27.29 77.11
N ARG VB 40 54.15 -28.31 77.35
CA ARG VB 40 54.38 -29.35 76.34
C ARG VB 40 53.09 -30.02 75.91
N ARG VB 41 52.90 -30.12 74.59
CA ARG VB 41 51.78 -30.84 74.02
C ARG VB 41 52.26 -31.46 72.73
N ILE VB 42 52.26 -32.79 72.65
CA ILE VB 42 52.73 -33.51 71.48
C ILE VB 42 51.70 -34.56 71.12
N HIS VB 43 51.28 -34.58 69.86
CA HIS VB 43 50.32 -35.55 69.35
C HIS VB 43 51.04 -36.54 68.46
N THR VB 44 50.81 -37.83 68.71
CA THR VB 44 51.39 -38.87 67.88
C THR VB 44 50.51 -39.14 66.68
N VAL VB 45 51.10 -39.14 65.49
CA VAL VB 45 50.38 -39.49 64.27
C VAL VB 45 51.07 -40.69 63.62
N ARG VB 46 50.26 -41.59 63.09
CA ARG VB 46 50.76 -42.75 62.35
C ARG VB 46 51.03 -42.34 60.91
N VAL VB 47 52.17 -42.76 60.38
CA VAL VB 47 52.56 -42.36 59.03
C VAL VB 47 52.74 -43.61 58.17
N ARG VB 48 53.18 -43.41 56.93
CA ARG VB 48 53.37 -44.51 56.00
C ARG VB 48 54.32 -45.54 56.58
N GLY VB 49 53.98 -46.81 56.41
CA GLY VB 49 54.79 -47.88 56.94
C GLY VB 49 54.55 -48.21 58.40
N GLY VB 50 53.53 -47.59 59.01
CA GLY VB 50 53.28 -47.83 60.41
C GLY VB 50 54.20 -47.09 61.36
N ASN VB 51 55.05 -46.22 60.85
CA ASN VB 51 55.98 -45.47 61.69
C ASN VB 51 55.26 -44.32 62.37
N LYS VB 52 56.01 -43.58 63.18
CA LYS VB 52 55.45 -42.62 64.12
C LYS VB 52 56.02 -41.24 63.84
N LYS VB 53 55.16 -40.21 63.92
CA LYS VB 53 55.59 -38.83 63.85
C LYS VB 53 55.01 -38.07 65.03
N TYR VB 54 55.73 -37.06 65.47
CA TYR VB 54 55.36 -36.27 66.65
C TYR VB 54 55.02 -34.85 66.21
N ARG VB 55 53.75 -34.48 66.34
CA ARG VB 55 53.31 -33.11 66.13
C ARG VB 55 53.50 -32.37 67.45
N ALA VB 56 54.52 -31.53 67.52
CA ALA VB 56 54.69 -30.68 68.69
C ALA VB 56 53.76 -29.49 68.52
N LEU VB 57 52.61 -29.52 69.18
CA LEU VB 57 51.70 -28.38 69.10
C LEU VB 57 52.19 -27.23 69.96
N ARG VB 58 52.74 -27.53 71.13
CA ARG VB 58 53.28 -26.51 72.03
C ARG VB 58 54.59 -27.01 72.61
N LEU VB 59 55.60 -26.14 72.62
CA LEU VB 59 56.89 -26.46 73.22
C LEU VB 59 57.38 -25.27 74.03
N ASP VB 60 58.09 -25.58 75.11
CA ASP VB 60 58.69 -24.54 75.94
C ASP VB 60 60.16 -24.74 76.21
N VAL VB 61 60.69 -25.95 76.05
CA VAL VB 61 62.10 -26.24 76.30
C VAL VB 61 62.68 -26.90 75.06
N GLY VB 62 64.00 -26.76 74.90
CA GLY VB 62 64.68 -27.37 73.78
C GLY VB 62 66.14 -27.51 74.07
N ASN VB 63 66.78 -28.43 73.37
CA ASN VB 63 68.21 -28.68 73.54
C ASN VB 63 68.98 -27.82 72.55
N PHE VB 64 69.76 -26.88 73.07
CA PHE VB 64 70.54 -25.98 72.23
C PHE VB 64 72.01 -26.12 72.55
N SER VB 65 72.83 -26.05 71.51
CA SER VB 65 74.27 -26.24 71.61
C SER VB 65 74.97 -24.91 71.34
N TRP VB 66 75.91 -24.54 72.21
CA TRP VB 66 76.70 -23.34 72.01
C TRP VB 66 77.55 -23.45 70.75
N GLY VB 67 78.22 -24.58 70.58
CA GLY VB 67 79.03 -24.78 69.39
C GLY VB 67 80.48 -24.40 69.57
N SER VB 68 80.76 -23.11 69.80
CA SER VB 68 82.13 -22.69 70.03
C SER VB 68 82.68 -23.28 71.32
N GLU VB 69 81.86 -23.34 72.36
CA GLU VB 69 82.27 -23.92 73.64
C GLU VB 69 81.95 -25.40 73.74
N CYS VB 70 81.24 -25.96 72.76
CA CYS VB 70 80.79 -27.36 72.78
C CYS VB 70 80.01 -27.68 74.04
N CYS VB 71 79.16 -26.73 74.46
CA CYS VB 71 78.30 -26.88 75.62
C CYS VB 71 76.87 -27.01 75.12
N THR VB 72 76.27 -28.19 75.31
CA THR VB 72 74.92 -28.45 74.83
C THR VB 72 74.01 -28.63 76.04
N ARG VB 73 73.00 -27.78 76.17
CA ARG VB 73 72.15 -27.78 77.34
C ARG VB 73 70.68 -27.74 76.95
N LYS VB 74 69.85 -28.28 77.82
CA LYS VB 74 68.39 -28.22 77.67
C LYS VB 74 67.90 -26.96 78.37
N THR VB 75 67.49 -25.97 77.58
CA THR VB 75 67.11 -24.66 78.10
C THR VB 75 65.65 -24.39 77.75
N ARG VB 76 65.19 -23.19 78.11
CA ARG VB 76 63.80 -22.79 77.95
C ARG VB 76 63.70 -21.73 76.87
N ILE VB 77 62.75 -21.90 75.96
CA ILE VB 77 62.51 -20.95 74.88
C ILE VB 77 61.56 -19.88 75.38
N ILE VB 78 61.94 -18.61 75.22
CA ILE VB 78 61.09 -17.51 75.66
C ILE VB 78 60.15 -17.09 74.54
N ASP VB 79 60.69 -16.63 73.42
CA ASP VB 79 59.84 -16.18 72.32
C ASP VB 79 60.63 -16.19 71.03
N VAL VB 80 59.90 -16.00 69.92
CA VAL VB 80 60.47 -15.97 68.59
C VAL VB 80 60.70 -14.51 68.20
N VAL VB 81 61.89 -14.22 67.68
CA VAL VB 81 62.27 -12.85 67.37
C VAL VB 81 62.39 -12.59 65.88
N TYR VB 82 62.61 -13.61 65.05
CA TYR VB 82 62.76 -13.40 63.63
C TYR VB 82 62.49 -14.70 62.90
N ASN VB 83 61.98 -14.58 61.67
CA ASN VB 83 61.71 -15.72 60.82
C ASN VB 83 61.90 -15.28 59.38
N ALA VB 84 62.74 -16.01 58.64
CA ALA VB 84 63.07 -15.61 57.28
C ALA VB 84 61.89 -15.81 56.33
N SER VB 85 61.01 -16.78 56.61
CA SER VB 85 59.92 -17.04 55.69
C SER VB 85 58.80 -16.02 55.84
N ASN VB 86 58.19 -15.94 57.02
CA ASN VB 86 57.02 -15.10 57.22
C ASN VB 86 57.14 -14.33 58.53
N ASN VB 87 56.72 -13.06 58.48
CA ASN VB 87 56.66 -12.23 59.67
C ASN VB 87 55.46 -12.61 60.54
N GLU VB 88 54.41 -13.17 59.91
CA GLU VB 88 53.25 -13.64 60.66
C GLU VB 88 53.64 -14.74 61.64
N LEU VB 89 54.63 -15.55 61.29
CA LEU VB 89 55.10 -16.58 62.20
C LEU VB 89 55.74 -15.99 63.45
N VAL VB 90 56.50 -14.90 63.28
CA VAL VB 90 57.05 -14.21 64.44
C VAL VB 90 55.92 -13.63 65.29
N ARG VB 91 54.94 -13.02 64.64
CA ARG VB 91 53.86 -12.39 65.40
C ARG VB 91 53.07 -13.43 66.18
N THR VB 92 52.80 -14.58 65.59
CA THR VB 92 52.08 -15.65 66.26
C THR VB 92 52.96 -16.51 67.15
N LYS VB 93 54.28 -16.26 67.16
CA LYS VB 93 55.23 -17.00 67.98
C LYS VB 93 55.21 -18.49 67.65
N THR VB 94 55.40 -18.78 66.36
CA THR VB 94 55.38 -20.14 65.84
C THR VB 94 56.81 -20.66 65.73
N LEU VB 95 57.04 -21.86 66.26
CA LEU VB 95 58.35 -22.48 66.21
C LEU VB 95 58.43 -23.36 64.96
N VAL VB 96 59.32 -22.99 64.04
CA VAL VB 96 59.56 -23.78 62.84
C VAL VB 96 61.06 -24.05 62.74
N LYS VB 97 61.48 -24.67 61.64
CA LYS VB 97 62.84 -25.22 61.58
C LYS VB 97 63.91 -24.14 61.63
N ASN VB 98 63.71 -23.01 60.96
CA ASN VB 98 64.77 -22.03 60.83
C ASN VB 98 64.52 -20.73 61.59
N CYS VB 99 63.42 -20.61 62.29
CA CYS VB 99 63.16 -19.39 63.05
C CYS VB 99 64.13 -19.28 64.21
N ILE VB 100 64.57 -18.06 64.50
CA ILE VB 100 65.49 -17.82 65.60
C ILE VB 100 64.70 -17.32 66.80
N VAL VB 101 65.05 -17.81 67.97
CA VAL VB 101 64.28 -17.63 69.19
C VAL VB 101 65.20 -17.12 70.29
N LEU VB 102 64.58 -16.72 71.40
CA LEU VB 102 65.30 -16.30 72.59
C LEU VB 102 65.23 -17.44 73.61
N ILE VB 103 66.39 -17.87 74.07
CA ILE VB 103 66.49 -18.99 75.00
C ILE VB 103 67.19 -18.52 76.27
N ASP VB 104 66.91 -19.21 77.36
CA ASP VB 104 67.52 -18.88 78.64
C ASP VB 104 69.00 -19.21 78.62
N SER VB 105 69.82 -18.27 79.09
CA SER VB 105 71.27 -18.43 79.10
C SER VB 105 71.77 -19.00 80.41
N THR VB 106 70.88 -19.37 81.33
CA THR VB 106 71.31 -19.81 82.65
C THR VB 106 72.18 -21.06 82.63
N PRO VB 107 71.84 -22.15 81.91
CA PRO VB 107 72.74 -23.32 81.95
C PRO VB 107 74.09 -23.05 81.31
N TYR VB 108 74.12 -22.28 80.23
CA TYR VB 108 75.40 -21.93 79.61
C TYR VB 108 76.25 -21.08 80.54
N ARG VB 109 75.62 -20.13 81.23
CA ARG VB 109 76.34 -19.35 82.23
C ARG VB 109 76.92 -20.26 83.31
N GLN VB 110 76.10 -21.16 83.86
CA GLN VB 110 76.56 -22.02 84.93
C GLN VB 110 77.72 -22.90 84.48
N TRP VB 111 77.63 -23.45 83.26
CA TRP VB 111 78.74 -24.23 82.73
C TRP VB 111 79.98 -23.35 82.56
N TYR VB 112 79.79 -22.09 82.16
CA TYR VB 112 80.93 -21.20 81.98
C TYR VB 112 81.65 -20.97 83.29
N GLU VB 113 80.92 -20.70 84.38
CA GLU VB 113 81.61 -20.55 85.66
C GLU VB 113 82.21 -21.86 86.13
N SER VB 114 81.50 -22.98 85.95
CA SER VB 114 82.00 -24.25 86.47
C SER VB 114 83.19 -24.77 85.68
N HIS VB 115 83.40 -24.29 84.45
CA HIS VB 115 84.51 -24.75 83.63
C HIS VB 115 85.66 -23.76 83.55
N TYR VB 116 85.37 -22.46 83.53
CA TYR VB 116 86.41 -21.45 83.37
C TYR VB 116 86.69 -20.66 84.62
N ALA VB 117 85.77 -20.65 85.58
CA ALA VB 117 85.87 -19.87 86.81
C ALA VB 117 86.01 -18.37 86.52
N LEU VB 118 85.20 -17.88 85.58
CA LEU VB 118 85.08 -16.45 85.32
C LEU VB 118 83.65 -16.01 85.55
N PRO VB 119 83.44 -14.78 86.03
CA PRO VB 119 82.09 -14.22 86.05
C PRO VB 119 81.57 -14.05 84.63
N LEU VB 120 80.27 -14.29 84.46
CA LEU VB 120 79.63 -14.11 83.16
C LEU VB 120 78.20 -13.66 83.40
N GLY VB 121 77.82 -12.53 82.82
CA GLY VB 121 76.49 -11.98 83.00
C GLY VB 121 76.32 -11.21 84.29
N ARG VB 122 77.23 -11.34 85.25
CA ARG VB 122 77.13 -10.59 86.50
C ARG VB 122 77.48 -9.13 86.26
N LYS VB 123 76.92 -8.26 87.11
CA LYS VB 123 77.17 -6.83 87.03
C LYS VB 123 78.23 -6.38 88.04
N LYS VB 124 77.99 -6.63 89.32
CA LYS VB 124 78.91 -6.19 90.37
C LYS VB 124 79.26 -7.29 91.36
N GLY VB 125 78.61 -8.44 91.33
CA GLY VB 125 78.93 -9.52 92.24
C GLY VB 125 78.39 -9.27 93.63
N ALA VB 126 78.82 -10.14 94.55
CA ALA VB 126 78.39 -10.13 95.95
C ALA VB 126 76.87 -10.19 96.07
N LYS VB 127 76.26 -11.04 95.25
CA LYS VB 127 74.81 -11.19 95.23
C LYS VB 127 74.34 -12.63 95.47
N LEU VB 128 75.19 -13.62 95.26
CA LEU VB 128 74.87 -15.02 95.49
C LEU VB 128 75.99 -15.70 96.26
N THR VB 129 76.45 -15.03 97.32
CA THR VB 129 77.67 -15.44 98.01
C THR VB 129 77.68 -16.88 98.54
N PRO VB 130 76.63 -17.44 99.13
CA PRO VB 130 76.75 -18.81 99.66
C PRO VB 130 77.05 -19.88 98.61
N GLU VB 131 77.03 -19.54 97.32
CA GLU VB 131 77.37 -20.49 96.27
C GLU VB 131 78.56 -20.05 95.45
N GLU VB 132 78.59 -18.79 95.00
CA GLU VB 132 79.68 -18.34 94.13
C GLU VB 132 80.98 -18.14 94.87
N GLU VB 133 80.94 -17.94 96.20
CA GLU VB 133 82.18 -17.87 96.96
C GLU VB 133 82.92 -19.20 96.91
N GLU VB 134 82.19 -20.32 96.89
CA GLU VB 134 82.85 -21.61 96.76
C GLU VB 134 83.49 -21.76 95.39
N ILE VB 135 82.81 -21.33 94.33
CA ILE VB 135 83.33 -21.55 92.99
C ILE VB 135 84.41 -20.56 92.59
N LEU VB 136 84.51 -19.40 93.27
CA LEU VB 136 85.60 -18.50 92.94
C LEU VB 136 86.93 -19.00 93.52
N ASN VB 137 86.90 -19.53 94.75
CA ASN VB 137 88.12 -19.94 95.43
C ASN VB 137 88.39 -21.43 95.26
N LYS VB 138 87.47 -22.28 95.71
CA LYS VB 138 87.57 -23.74 95.70
C LYS VB 138 88.70 -24.26 96.56
N LYS VB 139 89.45 -23.35 97.20
CA LYS VB 139 90.63 -23.61 98.03
C LYS VB 139 91.49 -24.73 97.45
N ARG VB 140 91.66 -24.75 96.14
CA ARG VB 140 92.18 -25.94 95.50
C ARG VB 140 93.70 -25.97 95.53
N SER VB 141 94.24 -27.09 95.05
CA SER VB 141 95.67 -27.38 95.16
C SER VB 141 96.41 -26.78 93.97
N LYS VB 142 97.73 -26.96 93.96
CA LYS VB 142 98.57 -26.36 92.94
C LYS VB 142 98.26 -26.91 91.56
N LYS VB 143 98.04 -28.22 91.46
CA LYS VB 143 97.80 -28.83 90.15
C LYS VB 143 96.45 -28.41 89.58
N ILE VB 144 95.42 -28.37 90.43
CA ILE VB 144 94.10 -27.93 89.96
C ILE VB 144 94.14 -26.46 89.56
N GLN VB 145 94.83 -25.63 90.35
CA GLN VB 145 94.95 -24.22 89.96
C GLN VB 145 95.79 -24.07 88.70
N LYS VB 146 96.76 -24.95 88.48
CA LYS VB 146 97.51 -24.93 87.23
C LYS VB 146 96.62 -25.24 86.05
N LYS VB 147 95.74 -26.24 86.20
CA LYS VB 147 94.78 -26.52 85.13
C LYS VB 147 93.87 -25.33 84.88
N TYR VB 148 93.39 -24.70 85.96
CA TYR VB 148 92.43 -23.62 85.79
C TYR VB 148 93.07 -22.38 85.17
N ASP VB 149 94.26 -21.99 85.62
CA ASP VB 149 94.87 -20.83 84.98
C ASP VB 149 95.53 -21.16 83.65
N GLU VB 150 95.66 -22.45 83.32
CA GLU VB 150 95.92 -22.82 81.93
C GLU VB 150 94.68 -22.58 81.07
N ARG VB 151 93.51 -22.85 81.63
CA ARG VB 151 92.27 -22.62 80.89
C ARG VB 151 91.82 -21.16 80.90
N LYS VB 152 92.40 -20.32 81.75
CA LYS VB 152 91.99 -18.91 81.80
C LYS VB 152 92.33 -18.16 80.52
N LYS VB 153 93.45 -18.50 79.87
CA LYS VB 153 93.96 -17.64 78.80
C LYS VB 153 93.03 -17.56 77.61
N ASN VB 154 92.37 -18.67 77.26
CA ASN VB 154 91.43 -18.69 76.14
C ASN VB 154 89.98 -18.54 76.60
N ALA VB 155 89.75 -17.85 77.71
CA ALA VB 155 88.40 -17.59 78.21
C ALA VB 155 87.85 -16.28 77.69
N LYS VB 156 87.91 -16.07 76.39
CA LYS VB 156 87.44 -14.85 75.76
C LYS VB 156 86.11 -15.11 75.06
N ILE VB 157 85.13 -14.27 75.35
CA ILE VB 157 83.80 -14.38 74.75
C ILE VB 157 83.54 -13.09 73.98
N SER VB 158 82.89 -13.22 72.83
CA SER VB 158 82.58 -12.05 72.01
C SER VB 158 81.71 -11.07 72.78
N SER VB 159 81.87 -9.78 72.46
CA SER VB 159 81.11 -8.75 73.14
C SER VB 159 79.61 -8.90 72.91
N LEU VB 160 79.21 -9.42 71.74
CA LEU VB 160 77.81 -9.63 71.46
C LEU VB 160 77.21 -10.68 72.39
N LEU VB 161 77.89 -11.82 72.52
CA LEU VB 161 77.45 -12.84 73.46
C LEU VB 161 77.50 -12.34 74.90
N GLU VB 162 78.50 -11.51 75.23
CA GLU VB 162 78.58 -10.96 76.57
C GLU VB 162 77.38 -10.08 76.88
N GLU VB 163 76.99 -9.23 75.93
CA GLU VB 163 75.80 -8.39 76.11
C GLU VB 163 74.55 -9.25 76.24
N GLN VB 164 74.45 -10.32 75.45
CA GLN VB 164 73.30 -11.20 75.57
C GLN VB 164 73.25 -11.87 76.93
N PHE VB 165 74.42 -12.28 77.46
CA PHE VB 165 74.46 -12.88 78.78
C PHE VB 165 74.09 -11.86 79.85
N GLN VB 166 74.50 -10.61 79.68
CA GLN VB 166 74.07 -9.56 80.60
C GLN VB 166 72.56 -9.40 80.58
N GLN VB 167 71.96 -9.42 79.39
CA GLN VB 167 70.51 -9.37 79.29
C GLN VB 167 69.84 -10.62 79.84
N GLY VB 168 70.57 -11.73 79.91
CA GLY VB 168 70.04 -12.97 80.45
C GLY VB 168 69.39 -13.89 79.44
N LYS VB 169 69.33 -13.50 78.17
CA LYS VB 169 68.72 -14.30 77.13
C LYS VB 169 69.65 -14.36 75.92
N LEU VB 170 69.96 -15.56 75.46
CA LEU VB 170 70.67 -15.73 74.21
C LEU VB 170 69.67 -15.84 73.08
N LEU VB 171 70.13 -15.62 71.86
CA LEU VB 171 69.29 -15.84 70.69
C LEU VB 171 69.91 -16.93 69.83
N ALA VB 172 69.10 -17.91 69.46
CA ALA VB 172 69.58 -19.15 68.89
C ALA VB 172 68.68 -19.58 67.74
N CYS VB 173 69.25 -20.31 66.79
CA CYS VB 173 68.52 -20.80 65.64
C CYS VB 173 68.12 -22.24 65.85
N ILE VB 174 66.83 -22.54 65.64
CA ILE VB 174 66.37 -23.92 65.68
C ILE VB 174 66.99 -24.69 64.52
N ALA VB 175 67.21 -25.98 64.73
CA ALA VB 175 67.72 -26.85 63.68
C ALA VB 175 66.81 -28.03 63.39
N SER VB 176 66.09 -28.54 64.39
CA SER VB 176 65.16 -29.62 64.16
C SER VB 176 63.87 -29.09 63.58
N ARG VB 177 62.98 -30.01 63.22
CA ARG VB 177 61.69 -29.67 62.63
C ARG VB 177 60.58 -30.08 63.58
N PRO VB 178 60.06 -29.16 64.40
CA PRO VB 178 58.87 -29.50 65.20
C PRO VB 178 57.70 -29.80 64.28
N GLY VB 179 56.86 -30.74 64.72
CA GLY VB 179 55.83 -31.27 63.86
C GLY VB 179 56.26 -32.45 63.03
N GLN VB 180 57.54 -32.77 63.03
CA GLN VB 180 58.07 -34.00 62.46
C GLN VB 180 58.78 -34.85 63.50
N CYS VB 181 59.56 -34.24 64.39
CA CYS VB 181 60.21 -34.94 65.48
C CYS VB 181 59.67 -34.55 66.84
N GLY VB 182 58.88 -33.49 66.93
CA GLY VB 182 58.26 -33.11 68.18
C GLY VB 182 59.17 -32.41 69.16
N ARG VB 183 60.33 -31.93 68.72
CA ARG VB 183 61.26 -31.26 69.60
C ARG VB 183 61.86 -30.06 68.89
N ALA VB 184 62.52 -29.21 69.67
CA ALA VB 184 62.98 -27.91 69.17
C ALA VB 184 64.46 -27.71 69.40
N ASP VB 185 65.27 -28.69 69.01
CA ASP VB 185 66.72 -28.58 69.18
C ASP VB 185 67.28 -27.46 68.31
N GLY VB 186 68.46 -26.99 68.67
CA GLY VB 186 69.04 -25.89 67.91
C GLY VB 186 70.43 -25.54 68.40
N TYR VB 187 70.93 -24.41 67.89
CA TYR VB 187 72.28 -23.97 68.18
C TYR VB 187 72.30 -22.47 68.43
N VAL VB 188 73.15 -22.06 69.36
CA VAL VB 188 73.26 -20.65 69.74
C VAL VB 188 73.92 -19.87 68.62
N LEU VB 189 73.30 -18.75 68.24
CA LEU VB 189 73.85 -17.91 67.19
C LEU VB 189 75.06 -17.16 67.69
N GLU VB 190 76.14 -17.19 66.92
CA GLU VB 190 77.35 -16.46 67.25
C GLU VB 190 78.13 -16.19 65.99
N GLY VB 191 78.93 -15.13 66.01
CA GLY VB 191 79.76 -14.80 64.87
C GLY VB 191 79.03 -13.95 63.84
N LYS VB 192 79.43 -14.13 62.58
CA LYS VB 192 78.85 -13.34 61.49
C LYS VB 192 77.37 -13.59 61.33
N GLU VB 193 76.93 -14.82 61.57
CA GLU VB 193 75.50 -15.12 61.54
C GLU VB 193 74.75 -14.32 62.60
N LEU VB 194 75.33 -14.23 63.79
CA LEU VB 194 74.72 -13.44 64.85
C LEU VB 194 74.66 -11.97 64.48
N GLU VB 195 75.74 -11.45 63.89
CA GLU VB 195 75.72 -10.04 63.48
C GLU VB 195 74.67 -9.80 62.41
N PHE VB 196 74.56 -10.72 61.45
CA PHE VB 196 73.56 -10.59 60.38
C PHE VB 196 72.15 -10.57 60.95
N TYR VB 197 71.86 -11.49 61.86
CA TYR VB 197 70.51 -11.55 62.41
C TYR VB 197 70.22 -10.37 63.34
N LEU VB 198 71.23 -9.89 64.07
CA LEU VB 198 71.05 -8.70 64.89
C LEU VB 198 70.75 -7.49 64.02
N ARG VB 199 71.47 -7.33 62.91
CA ARG VB 199 71.20 -6.22 62.01
C ARG VB 199 69.81 -6.35 61.38
N LYS VB 200 69.39 -7.58 61.07
CA LYS VB 200 68.04 -7.78 60.55
C LYS VB 200 66.99 -7.37 61.56
N ILE VB 201 67.17 -7.73 62.83
CA ILE VB 201 66.19 -7.36 63.86
C ILE VB 201 66.18 -5.85 64.07
N LYS VB 202 67.37 -5.23 64.08
CA LYS VB 202 67.43 -3.77 64.23
C LYS VB 202 66.77 -3.05 63.07
N ALA VB 203 66.98 -3.55 61.85
CA ALA VB 203 66.32 -2.94 60.70
C ALA VB 203 64.81 -3.12 60.76
N ARG VB 204 64.37 -4.29 61.24
CA ARG VB 204 62.94 -4.53 61.42
C ARG VB 204 62.33 -3.54 62.40
N LYS VB 205 62.99 -3.33 63.53
CA LYS VB 205 62.47 -2.42 64.54
C LYS VB 205 63.62 -1.73 65.26
N GLY VB 206 63.47 -0.43 65.48
CA GLY VB 206 64.50 0.36 66.14
C GLY VB 206 65.57 0.85 65.19
N PRO WB 1 43.02 -66.94 33.39
CA PRO WB 1 41.80 -67.61 32.96
C PRO WB 1 42.01 -69.02 32.45
N VAL WB 2 41.38 -69.40 31.34
CA VAL WB 2 41.39 -70.78 30.91
C VAL WB 2 42.80 -71.20 30.52
N ALA WB 3 43.10 -72.49 30.74
CA ALA WB 3 44.41 -73.06 30.45
C ALA WB 3 44.45 -73.74 29.10
N ARG WB 4 43.73 -73.22 28.12
CA ARG WB 4 43.74 -73.77 26.78
C ARG WB 4 45.00 -73.30 26.05
N SER WB 5 45.05 -73.55 24.74
CA SER WB 5 46.16 -73.08 23.92
C SER WB 5 45.71 -72.22 22.75
N TRP WB 6 44.64 -72.61 22.07
CA TRP WB 6 44.11 -72.01 20.85
C TRP WB 6 45.20 -71.57 19.87
N VAL WB 7 46.23 -72.39 19.71
CA VAL WB 7 47.26 -72.16 18.69
C VAL WB 7 46.94 -73.10 17.54
N CYS WB 8 46.48 -72.52 16.43
CA CYS WB 8 46.08 -73.30 15.26
C CYS WB 8 46.40 -72.51 14.01
N ARG WB 9 46.50 -73.21 12.89
CA ARG WB 9 46.80 -72.58 11.62
C ARG WB 9 46.12 -73.35 10.50
N LYS WB 10 45.80 -72.63 9.43
CA LYS WB 10 45.26 -73.29 8.24
C LYS WB 10 46.35 -74.05 7.51
N THR WB 11 45.94 -75.11 6.82
CA THR WB 11 46.87 -75.98 6.10
C THR WB 11 46.76 -75.85 4.60
N TYR WB 12 45.95 -74.91 4.10
CA TYR WB 12 45.73 -74.78 2.67
C TYR WB 12 45.47 -73.33 2.33
N VAL WB 13 45.67 -73.01 1.05
CA VAL WB 13 45.40 -71.68 0.52
C VAL WB 13 44.60 -71.83 -0.76
N THR WB 14 43.47 -71.14 -0.84
CA THR WB 14 42.67 -71.17 -2.05
C THR WB 14 43.36 -70.40 -3.16
N PRO WB 15 43.18 -70.81 -4.42
CA PRO WB 15 43.83 -70.10 -5.53
C PRO WB 15 43.33 -68.68 -5.66
N ARG WB 16 44.21 -67.82 -6.18
CA ARG WB 16 43.90 -66.39 -6.27
C ARG WB 16 42.71 -66.13 -7.18
N ARG WB 17 42.67 -66.78 -8.34
CA ARG WB 17 41.59 -66.61 -9.28
C ARG WB 17 40.88 -67.94 -9.50
N PRO WB 18 39.57 -67.99 -9.38
CA PRO WB 18 38.83 -69.22 -9.67
C PRO WB 18 38.46 -69.29 -11.15
N PHE WB 19 37.97 -70.46 -11.54
CA PHE WB 19 37.44 -70.71 -12.88
C PHE WB 19 38.47 -70.40 -13.97
N GLU WB 20 39.57 -71.14 -13.92
CA GLU WB 20 40.52 -71.15 -15.02
C GLU WB 20 40.78 -72.59 -15.43
N LYS WB 21 40.66 -72.85 -16.74
CA LYS WB 21 40.61 -74.22 -17.24
C LYS WB 21 41.91 -74.97 -16.96
N SER WB 22 43.06 -74.29 -17.12
CA SER WB 22 44.33 -74.97 -16.93
C SER WB 22 44.50 -75.48 -15.51
N ARG WB 23 44.27 -74.61 -14.52
CA ARG WB 23 44.39 -75.04 -13.13
C ARG WB 23 43.33 -76.06 -12.76
N LEU WB 24 42.09 -75.86 -13.22
CA LEU WB 24 41.04 -76.81 -12.90
C LEU WB 24 41.37 -78.20 -13.45
N ASP WB 25 41.86 -78.26 -14.69
CA ASP WB 25 42.19 -79.55 -15.29
C ASP WB 25 43.39 -80.19 -14.62
N GLN WB 26 44.40 -79.39 -14.26
CA GLN WB 26 45.56 -79.95 -13.58
C GLN WB 26 45.18 -80.53 -12.21
N GLU WB 27 44.37 -79.79 -11.45
CA GLU WB 27 43.95 -80.27 -10.15
C GLU WB 27 43.06 -81.50 -10.26
N LEU WB 28 42.17 -81.54 -11.25
CA LEU WB 28 41.33 -82.72 -11.43
C LEU WB 28 42.16 -83.92 -11.85
N LYS WB 29 43.18 -83.71 -12.69
CA LYS WB 29 44.06 -84.80 -13.06
C LYS WB 29 44.78 -85.37 -11.84
N LEU WB 30 45.28 -84.49 -10.98
CA LEU WB 30 45.94 -84.96 -9.76
C LEU WB 30 44.97 -85.70 -8.86
N ILE WB 31 43.75 -85.18 -8.71
CA ILE WB 31 42.76 -85.80 -7.83
C ILE WB 31 42.42 -87.19 -8.36
N GLY WB 32 42.20 -87.31 -9.66
CA GLY WB 32 41.86 -88.61 -10.24
C GLY WB 32 43.00 -89.59 -10.16
N GLU WB 33 44.22 -89.12 -10.36
CA GLU WB 33 45.35 -90.04 -10.39
C GLU WB 33 45.76 -90.50 -9.00
N TYR WB 34 45.56 -89.66 -7.98
CA TYR WB 34 45.95 -90.03 -6.62
C TYR WB 34 44.78 -90.39 -5.73
N GLY WB 35 43.56 -90.40 -6.25
CA GLY WB 35 42.40 -90.76 -5.43
C GLY WB 35 42.11 -89.83 -4.28
N LEU WB 36 42.19 -88.53 -4.50
CA LEU WB 36 41.91 -87.55 -3.45
C LEU WB 36 40.42 -87.23 -3.40
N ARG WB 37 39.96 -86.82 -2.22
CA ARG WB 37 38.54 -86.57 -2.01
C ARG WB 37 38.09 -85.25 -2.64
N ASN WB 38 38.87 -84.19 -2.49
CA ASN WB 38 38.45 -82.88 -2.98
C ASN WB 38 39.68 -82.03 -3.26
N LYS WB 39 39.42 -80.77 -3.63
CA LYS WB 39 40.48 -79.83 -3.95
C LYS WB 39 41.22 -79.33 -2.72
N ARG WB 40 40.60 -79.43 -1.54
CA ARG WB 40 41.25 -78.93 -0.34
C ARG WB 40 42.52 -79.71 -0.03
N GLU WB 41 42.50 -81.02 -0.23
CA GLU WB 41 43.64 -81.85 0.13
C GLU WB 41 44.65 -81.96 -0.99
N VAL WB 42 44.47 -81.23 -2.10
CA VAL WB 42 45.57 -80.95 -3.00
C VAL WB 42 46.09 -79.53 -2.83
N TRP WB 43 45.24 -78.57 -2.47
CA TRP WB 43 45.74 -77.27 -2.06
C TRP WB 43 46.58 -77.38 -0.80
N ARG WB 44 46.29 -78.36 0.05
CA ARG WB 44 47.08 -78.55 1.26
C ARG WB 44 48.51 -78.96 0.94
N VAL WB 45 48.68 -79.93 0.05
CA VAL WB 45 50.04 -80.34 -0.29
C VAL WB 45 50.73 -79.27 -1.11
N LYS WB 46 49.98 -78.51 -1.92
CA LYS WB 46 50.57 -77.38 -2.61
C LYS WB 46 51.07 -76.33 -1.62
N PHE WB 47 50.30 -76.08 -0.56
CA PHE WB 47 50.72 -75.15 0.48
C PHE WB 47 51.95 -75.65 1.21
N THR WB 48 52.02 -76.96 1.49
CA THR WB 48 53.19 -77.53 2.14
C THR WB 48 54.44 -77.35 1.28
N LEU WB 49 54.31 -77.65 -0.02
CA LEU WB 49 55.45 -77.45 -0.92
C LEU WB 49 55.82 -75.98 -1.02
N ALA WB 50 54.83 -75.10 -1.00
CA ALA WB 50 55.11 -73.67 -1.06
C ALA WB 50 55.91 -73.22 0.17
N LYS WB 51 55.52 -73.71 1.35
CA LYS WB 51 56.26 -73.37 2.57
C LYS WB 51 57.69 -73.91 2.51
N ILE WB 52 57.86 -75.15 2.06
CA ILE WB 52 59.19 -75.73 1.98
C ILE WB 52 60.06 -74.95 1.00
N ARG WB 53 59.49 -74.59 -0.16
CA ARG WB 53 60.26 -73.86 -1.16
C ARG WB 53 60.57 -72.45 -0.70
N LYS WB 54 59.66 -71.82 0.05
CA LYS WB 54 59.94 -70.50 0.61
C LYS WB 54 61.11 -70.57 1.59
N ALA WB 55 61.11 -71.58 2.46
CA ALA WB 55 62.22 -71.73 3.39
C ALA WB 55 63.53 -71.98 2.66
N ALA WB 56 63.50 -72.83 1.63
CA ALA WB 56 64.71 -73.12 0.88
C ALA WB 56 65.22 -71.90 0.15
N ARG WB 57 64.33 -71.12 -0.45
CA ARG WB 57 64.74 -69.91 -1.16
C ARG WB 57 65.33 -68.88 -0.20
N GLU WB 58 64.73 -68.73 0.97
CA GLU WB 58 65.27 -67.80 1.96
C GLU WB 58 66.66 -68.25 2.42
N LEU WB 59 66.82 -69.56 2.67
CA LEU WB 59 68.13 -70.08 3.04
C LEU WB 59 69.15 -69.87 1.93
N LEU WB 60 68.73 -69.99 0.68
CA LEU WB 60 69.62 -69.73 -0.44
C LEU WB 60 70.03 -68.27 -0.48
N THR WB 61 69.10 -67.36 -0.15
CA THR WB 61 69.46 -65.95 -0.08
C THR WB 61 70.46 -65.67 1.03
N LEU WB 62 70.42 -66.44 2.12
CA LEU WB 62 71.50 -66.35 3.10
C LEU WB 62 72.85 -66.69 2.47
N ASP WB 63 73.89 -66.11 3.04
CA ASP WB 63 75.25 -66.32 2.56
C ASP WB 63 75.69 -67.75 2.81
N GLU WB 64 76.59 -68.23 1.97
CA GLU WB 64 77.20 -69.54 2.19
C GLU WB 64 78.08 -69.49 3.44
N LYS WB 65 78.18 -70.65 4.12
CA LYS WB 65 78.96 -70.89 5.32
C LYS WB 65 78.30 -70.23 6.55
N ASP WB 66 77.20 -69.51 6.37
CA ASP WB 66 76.45 -68.96 7.49
C ASP WB 66 75.93 -70.13 8.31
N PRO WB 67 76.24 -70.20 9.61
CA PRO WB 67 75.84 -71.38 10.40
C PRO WB 67 74.34 -71.60 10.48
N ARG WB 68 73.54 -70.54 10.50
CA ARG WB 68 72.09 -70.73 10.46
C ARG WB 68 71.67 -71.39 9.17
N ARG WB 69 72.21 -70.91 8.04
CA ARG WB 69 71.93 -71.51 6.74
C ARG WB 69 72.32 -72.97 6.72
N LEU WB 70 73.53 -73.28 7.21
CA LEU WB 70 74.00 -74.66 7.21
C LEU WB 70 73.11 -75.54 8.06
N PHE WB 71 72.82 -75.12 9.29
CA PHE WB 71 72.05 -75.94 10.21
C PHE WB 71 70.65 -76.20 9.67
N GLU WB 72 69.94 -75.14 9.29
CA GLU WB 72 68.58 -75.34 8.81
C GLU WB 72 68.56 -76.04 7.46
N GLY WB 73 69.59 -75.86 6.63
CA GLY WB 73 69.63 -76.58 5.37
C GLY WB 73 69.80 -78.06 5.56
N ASN WB 74 70.71 -78.47 6.44
CA ASN WB 74 70.84 -79.90 6.71
C ASN WB 74 69.58 -80.45 7.36
N ALA WB 75 68.93 -79.66 8.22
CA ALA WB 75 67.69 -80.12 8.85
C ALA WB 75 66.60 -80.35 7.79
N LEU WB 76 66.42 -79.40 6.88
CA LEU WB 76 65.39 -79.52 5.87
C LEU WB 76 65.70 -80.65 4.89
N LEU WB 77 66.96 -80.79 4.49
CA LEU WB 77 67.33 -81.89 3.59
C LEU WB 77 67.14 -83.23 4.28
N ARG WB 78 67.45 -83.31 5.57
CA ARG WB 78 67.25 -84.54 6.31
C ARG WB 78 65.78 -84.91 6.37
N ARG WB 79 64.92 -83.93 6.63
CA ARG WB 79 63.49 -84.23 6.65
C ARG WB 79 62.98 -84.64 5.28
N LEU WB 80 63.47 -84.00 4.22
CA LEU WB 80 63.03 -84.35 2.87
C LEU WB 80 63.47 -85.76 2.48
N VAL WB 81 64.69 -86.15 2.86
CA VAL WB 81 65.12 -87.50 2.53
C VAL WB 81 64.54 -88.54 3.48
N ARG WB 82 64.06 -88.13 4.67
CA ARG WB 82 63.32 -89.07 5.50
C ARG WB 82 61.96 -89.35 4.91
N ILE WB 83 61.24 -88.31 4.47
CA ILE WB 83 59.96 -88.54 3.82
C ILE WB 83 60.13 -89.10 2.41
N GLY WB 84 61.34 -89.08 1.87
CA GLY WB 84 61.64 -89.81 0.66
C GLY WB 84 61.37 -89.09 -0.64
N VAL WB 85 60.97 -87.81 -0.58
CA VAL WB 85 60.73 -87.07 -1.81
C VAL WB 85 62.01 -86.63 -2.50
N LEU WB 86 63.15 -86.72 -1.81
CA LEU WB 86 64.43 -86.30 -2.36
C LEU WB 86 65.41 -87.46 -2.27
N ASP WB 87 66.21 -87.63 -3.32
CA ASP WB 87 67.20 -88.69 -3.34
C ASP WB 87 68.30 -88.40 -2.32
N GLU WB 88 68.86 -89.47 -1.76
CA GLU WB 88 69.88 -89.33 -0.73
C GLU WB 88 71.16 -88.68 -1.25
N GLY WB 89 71.42 -88.75 -2.56
CA GLY WB 89 72.57 -88.09 -3.13
C GLY WB 89 72.36 -86.65 -3.54
N LYS WB 90 71.11 -86.19 -3.54
CA LYS WB 90 70.78 -84.82 -3.93
C LYS WB 90 70.68 -83.89 -2.73
N MET WB 91 71.72 -83.85 -1.91
CA MET WB 91 71.71 -83.07 -0.68
C MET WB 91 72.17 -81.63 -0.94
N LYS WB 92 71.38 -80.91 -1.73
CA LYS WB 92 71.64 -79.52 -2.02
C LYS WB 92 70.35 -78.73 -1.91
N LEU WB 93 70.47 -77.48 -1.48
CA LEU WB 93 69.30 -76.60 -1.39
C LEU WB 93 68.74 -76.25 -2.75
N ASP WB 94 69.55 -76.35 -3.81
CA ASP WB 94 69.07 -76.01 -5.15
C ASP WB 94 68.05 -77.02 -5.65
N TYR WB 95 68.24 -78.30 -5.32
CA TYR WB 95 67.32 -79.32 -5.78
C TYR WB 95 65.97 -79.25 -5.09
N ILE WB 96 65.89 -78.60 -3.94
CA ILE WB 96 64.60 -78.45 -3.25
C ILE WB 96 63.65 -77.62 -4.08
N LEU WB 97 64.17 -76.61 -4.78
CA LEU WB 97 63.34 -75.79 -5.65
C LEU WB 97 62.80 -76.58 -6.84
N GLY WB 98 63.46 -77.66 -7.21
CA GLY WB 98 63.02 -78.49 -8.32
C GLY WB 98 61.96 -79.51 -7.99
N LEU WB 99 61.49 -79.56 -6.75
CA LEU WB 99 60.50 -80.55 -6.36
C LEU WB 99 59.11 -80.16 -6.88
N LYS WB 100 58.23 -81.15 -6.89
CA LYS WB 100 56.86 -80.97 -7.34
C LYS WB 100 55.91 -81.67 -6.37
N ILE WB 101 54.65 -81.27 -6.39
CA ILE WB 101 53.67 -81.83 -5.47
C ILE WB 101 53.36 -83.28 -5.77
N GLU WB 102 53.64 -83.76 -6.98
CA GLU WB 102 53.46 -85.18 -7.26
C GLU WB 102 54.40 -86.04 -6.43
N ASP WB 103 55.61 -85.55 -6.17
CA ASP WB 103 56.54 -86.30 -5.32
C ASP WB 103 56.00 -86.46 -3.91
N PHE WB 104 55.36 -85.42 -3.38
CA PHE WB 104 54.78 -85.51 -2.05
C PHE WB 104 53.52 -86.37 -2.05
N LEU WB 105 52.72 -86.29 -3.11
CA LEU WB 105 51.51 -87.09 -3.19
C LEU WB 105 51.83 -88.57 -3.33
N GLU WB 106 52.96 -88.89 -3.96
CA GLU WB 106 53.36 -90.28 -4.10
C GLU WB 106 53.72 -90.92 -2.77
N ARG WB 107 54.08 -90.13 -1.77
CA ARG WB 107 54.48 -90.65 -0.47
C ARG WB 107 53.31 -90.86 0.48
N ARG WB 108 52.08 -90.60 0.05
CA ARG WB 108 50.93 -90.85 0.90
C ARG WB 108 50.76 -92.35 1.12
N LEU WB 109 50.18 -92.70 2.27
CA LEU WB 109 49.90 -94.10 2.56
C LEU WB 109 48.91 -94.68 1.56
N GLN WB 110 47.93 -93.88 1.14
CA GLN WB 110 46.94 -94.34 0.18
C GLN WB 110 47.60 -94.74 -1.14
N THR WB 111 48.56 -93.94 -1.60
CA THR WB 111 49.30 -94.30 -2.80
C THR WB 111 50.27 -95.44 -2.53
N GLN WB 112 50.83 -95.50 -1.33
CA GLN WB 112 51.87 -96.50 -1.05
C GLN WB 112 51.29 -97.91 -1.00
N VAL WB 113 50.10 -98.08 -0.42
CA VAL WB 113 49.51 -99.41 -0.38
C VAL WB 113 49.13 -99.86 -1.79
N PHE WB 114 48.65 -98.93 -2.62
CA PHE WB 114 48.35 -99.27 -4.01
C PHE WB 114 49.61 -99.67 -4.77
N LYS WB 115 50.72 -98.96 -4.54
CA LYS WB 115 51.97 -99.31 -5.21
C LYS WB 115 52.48 -100.66 -4.72
N LEU WB 116 52.38 -100.94 -3.43
CA LEU WB 116 52.77 -102.24 -2.89
C LEU WB 116 51.81 -103.35 -3.29
N GLY WB 117 50.64 -103.01 -3.81
CA GLY WB 117 49.73 -104.03 -4.30
C GLY WB 117 48.76 -104.59 -3.29
N LEU WB 118 48.69 -104.00 -2.10
CA LEU WB 118 47.70 -104.44 -1.12
C LEU WB 118 46.29 -104.12 -1.56
N ALA WB 119 46.12 -103.22 -2.52
CA ALA WB 119 44.82 -102.85 -3.04
C ALA WB 119 44.83 -102.89 -4.57
N LYS WB 120 43.65 -103.09 -5.14
CA LYS WB 120 43.52 -103.23 -6.59
C LYS WB 120 43.38 -101.90 -7.31
N SER WB 121 43.14 -100.80 -6.59
CA SER WB 121 43.04 -99.49 -7.18
C SER WB 121 43.28 -98.46 -6.09
N ILE WB 122 43.42 -97.20 -6.50
CA ILE WB 122 43.71 -96.15 -5.54
C ILE WB 122 42.49 -95.88 -4.64
N HIS WB 123 41.29 -95.95 -5.20
CA HIS WB 123 40.09 -95.74 -4.38
C HIS WB 123 39.87 -96.92 -3.44
N HIS WB 124 40.13 -98.13 -3.93
CA HIS WB 124 40.11 -99.30 -3.06
C HIS WB 124 41.12 -99.15 -1.94
N ALA WB 125 42.28 -98.58 -2.25
CA ALA WB 125 43.29 -98.32 -1.23
C ALA WB 125 42.78 -97.35 -0.17
N ARG WB 126 42.12 -96.28 -0.61
CA ARG WB 126 41.61 -95.31 0.36
C ARG WB 126 40.55 -95.92 1.26
N VAL WB 127 39.60 -96.65 0.68
CA VAL WB 127 38.56 -97.24 1.52
C VAL WB 127 39.13 -98.34 2.41
N LEU WB 128 40.15 -99.06 1.92
CA LEU WB 128 40.77 -100.12 2.70
C LEU WB 128 41.50 -99.54 3.90
N ILE WB 129 42.15 -98.40 3.72
CA ILE WB 129 42.78 -97.72 4.85
C ILE WB 129 41.73 -97.21 5.82
N ARG WB 130 40.65 -96.61 5.31
CA ARG WB 130 39.64 -96.03 6.18
C ARG WB 130 38.94 -97.09 7.02
N GLN WB 131 38.76 -98.29 6.48
CA GLN WB 131 38.10 -99.36 7.24
C GLN WB 131 39.06 -100.16 8.11
N ARG WB 132 40.20 -99.57 8.47
CA ARG WB 132 41.12 -100.15 9.46
C ARG WB 132 41.63 -101.52 9.04
N HIS WB 133 42.24 -101.59 7.86
CA HIS WB 133 42.83 -102.82 7.38
C HIS WB 133 44.34 -102.75 7.23
N ILE WB 134 44.91 -101.55 7.25
CA ILE WB 134 46.33 -101.34 6.96
C ILE WB 134 47.02 -100.88 8.22
N ARG WB 135 48.16 -101.51 8.53
CA ARG WB 135 48.96 -101.15 9.69
C ARG WB 135 50.38 -100.84 9.25
N VAL WB 136 51.03 -99.95 9.99
CA VAL WB 136 52.42 -99.60 9.78
C VAL WB 136 53.20 -100.03 11.01
N ARG WB 137 54.27 -100.79 10.80
CA ARG WB 137 55.02 -101.43 11.87
C ARG WB 137 54.07 -102.28 12.71
N LYS WB 138 53.58 -101.74 13.81
CA LYS WB 138 52.55 -102.37 14.62
C LYS WB 138 51.30 -101.52 14.77
N GLN WB 139 51.41 -100.20 14.66
CA GLN WB 139 50.26 -99.33 14.79
C GLN WB 139 49.39 -99.41 13.54
N VAL WB 140 48.08 -99.51 13.74
CA VAL WB 140 47.15 -99.47 12.62
C VAL WB 140 46.83 -98.02 12.31
N VAL WB 141 46.84 -97.67 11.02
CA VAL WB 141 46.62 -96.31 10.58
C VAL WB 141 45.37 -96.28 9.71
N ASN WB 142 44.46 -95.37 10.01
CA ASN WB 142 43.27 -95.16 9.22
C ASN WB 142 43.25 -93.78 8.56
N ILE WB 143 44.41 -93.16 8.40
CA ILE WB 143 44.54 -91.84 7.80
C ILE WB 143 45.15 -92.02 6.41
N PRO WB 144 44.39 -91.74 5.34
CA PRO WB 144 44.96 -91.87 3.99
C PRO WB 144 46.13 -90.95 3.71
N SER WB 145 46.15 -89.76 4.31
CA SER WB 145 47.22 -88.79 4.09
C SER WB 145 48.43 -89.02 4.97
N PHE WB 146 48.57 -90.23 5.53
CA PHE WB 146 49.73 -90.58 6.35
C PHE WB 146 50.96 -90.62 5.46
N ILE WB 147 51.86 -89.64 5.65
CA ILE WB 147 53.09 -89.61 4.87
C ILE WB 147 54.03 -90.68 5.39
N VAL WB 148 54.52 -91.52 4.48
CA VAL WB 148 55.31 -92.69 4.84
C VAL WB 148 56.79 -92.38 4.67
N ARG WB 149 57.56 -92.58 5.74
CA ARG WB 149 59.00 -92.40 5.66
C ARG WB 149 59.67 -93.62 5.06
N LEU WB 150 60.96 -93.48 4.73
CA LEU WB 150 61.69 -94.56 4.11
C LEU WB 150 61.82 -95.76 5.04
N ASP WB 151 62.05 -95.52 6.33
CA ASP WB 151 62.19 -96.62 7.28
C ASP WB 151 60.86 -97.33 7.52
N SER WB 152 59.74 -96.62 7.43
CA SER WB 152 58.43 -97.23 7.58
C SER WB 152 57.87 -97.74 6.26
N GLN WB 153 58.59 -97.53 5.15
CA GLN WB 153 58.12 -98.01 3.85
C GLN WB 153 57.99 -99.53 3.82
N LYS WB 154 58.97 -100.24 4.40
CA LYS WB 154 58.98 -101.69 4.32
C LYS WB 154 57.96 -102.33 5.24
N HIS WB 155 57.50 -101.63 6.27
CA HIS WB 155 56.70 -102.22 7.32
C HIS WB 155 55.21 -102.02 7.13
N ILE WB 156 54.77 -101.65 5.93
CA ILE WB 156 53.35 -101.53 5.64
C ILE WB 156 52.79 -102.93 5.37
N ASP WB 157 51.73 -103.28 6.06
CA ASP WB 157 51.15 -104.62 5.96
C ASP WB 157 49.71 -104.56 6.43
N PHE WB 158 48.96 -105.61 6.09
CA PHE WB 158 47.58 -105.74 6.54
C PHE WB 158 47.52 -105.86 8.05
N SER WB 159 46.44 -105.32 8.63
CA SER WB 159 46.23 -105.43 10.07
C SER WB 159 45.90 -106.87 10.46
N LEU WB 160 46.28 -107.23 11.69
CA LEU WB 160 46.05 -108.60 12.15
C LEU WB 160 44.57 -108.88 12.36
N ARG WB 161 43.83 -107.93 12.93
CA ARG WB 161 42.41 -108.13 13.18
C ARG WB 161 41.58 -108.05 11.92
N SER WB 162 42.12 -107.47 10.85
CA SER WB 162 41.38 -107.37 9.61
C SER WB 162 41.18 -108.74 8.98
N PRO WB 163 40.10 -108.94 8.22
CA PRO WB 163 39.89 -110.23 7.56
C PRO WB 163 40.71 -110.37 6.29
N TYR WB 164 41.97 -109.93 6.34
CA TYR WB 164 42.92 -110.12 5.26
C TYR WB 164 44.26 -110.62 5.73
N GLY WB 165 44.60 -110.42 7.01
CA GLY WB 165 45.75 -111.04 7.63
C GLY WB 165 45.28 -112.21 8.46
N GLY WB 166 45.12 -111.99 9.77
CA GLY WB 166 44.58 -113.00 10.64
C GLY WB 166 43.13 -113.32 10.34
N GLY WB 167 42.51 -114.03 11.28
CA GLY WB 167 41.16 -114.51 11.09
C GLY WB 167 40.09 -113.47 11.32
N ARG WB 168 38.99 -113.88 11.98
CA ARG WB 168 37.85 -113.02 12.29
C ARG WB 168 37.24 -112.43 11.03
N PRO WB 169 36.54 -113.23 10.22
CA PRO WB 169 35.91 -112.70 9.01
C PRO WB 169 34.82 -111.68 9.34
N GLY WB 170 34.42 -110.95 8.32
CA GLY WB 170 33.52 -109.82 8.51
C GLY WB 170 32.11 -110.22 8.86
N ARG WB 171 31.33 -109.20 9.23
CA ARG WB 171 29.96 -109.43 9.68
C ARG WB 171 29.09 -110.00 8.55
N VAL WB 172 29.31 -109.54 7.31
CA VAL WB 172 28.51 -110.05 6.21
C VAL WB 172 28.88 -111.51 5.91
N LYS WB 173 30.16 -111.85 6.02
CA LYS WB 173 30.58 -113.24 5.85
C LYS WB 173 29.93 -114.12 6.90
N ARG WB 174 29.96 -113.68 8.16
CA ARG WB 174 29.37 -114.48 9.23
C ARG WB 174 27.86 -114.60 9.06
N LYS WB 175 27.19 -113.52 8.67
CA LYS WB 175 25.75 -113.57 8.45
C LYS WB 175 25.40 -114.51 7.30
N ASN WB 176 26.18 -114.47 6.22
CA ASN WB 176 25.96 -115.38 5.10
C ASN WB 176 26.16 -116.82 5.53
N ALA WB 177 27.19 -117.09 6.34
CA ALA WB 177 27.44 -118.44 6.80
C ALA WB 177 26.30 -118.95 7.69
N LYS WB 178 25.82 -118.10 8.59
CA LYS WB 178 24.75 -118.56 9.48
C LYS WB 178 23.43 -118.71 8.75
N LYS WB 179 23.16 -117.85 7.75
CA LYS WB 179 21.98 -118.05 6.91
C LYS WB 179 22.09 -119.34 6.11
N GLY WB 180 23.28 -119.65 5.60
CA GLY WB 180 23.47 -120.88 4.86
C GLY WB 180 23.25 -122.12 5.71
N GLN WB 181 23.80 -122.11 6.94
CA GLN WB 181 23.59 -123.27 7.80
C GLN WB 181 22.18 -123.32 8.38
N GLY WB 182 21.48 -122.20 8.45
CA GLY WB 182 20.08 -122.24 8.80
C GLY WB 182 19.16 -122.67 7.69
N GLY WB 183 19.62 -122.54 6.43
CA GLY WB 183 18.87 -123.04 5.31
C GLY WB 183 19.13 -124.50 5.00
N ALA WB 184 20.38 -124.93 5.18
CA ALA WB 184 20.78 -126.31 4.90
C ALA WB 184 21.30 -126.95 6.18
N GLY WB 185 20.77 -128.13 6.51
CA GLY WB 185 21.17 -128.83 7.70
C GLY WB 185 22.50 -129.54 7.58
N ALA XB 1 78.79 -9.16 44.04
CA ALA XB 1 78.17 -8.52 45.19
C ALA XB 1 78.39 -9.34 46.46
N ASP XB 2 77.78 -8.90 47.55
CA ASP XB 2 77.84 -9.65 48.79
C ASP XB 2 76.96 -10.90 48.67
N ILE XB 3 77.26 -11.91 49.48
CA ILE XB 3 76.55 -13.17 49.41
C ILE XB 3 75.33 -13.22 50.31
N GLN XB 4 75.16 -12.26 51.21
CA GLN XB 4 74.01 -12.24 52.11
C GLN XB 4 72.92 -11.34 51.55
N THR XB 5 72.30 -11.82 50.48
CA THR XB 5 71.23 -11.08 49.80
C THR XB 5 69.85 -11.69 50.06
N GLU XB 6 69.73 -12.56 51.05
CA GLU XB 6 68.47 -13.20 51.37
C GLU XB 6 68.03 -12.84 52.79
N ARG XB 7 66.78 -13.14 53.08
CA ARG XB 7 66.26 -12.92 54.43
C ARG XB 7 66.95 -13.80 55.45
N ALA XB 8 67.39 -14.99 55.05
CA ALA XB 8 68.11 -15.89 55.93
C ALA XB 8 69.61 -15.75 55.71
N TYR XB 9 70.37 -16.33 56.63
CA TYR XB 9 71.82 -16.33 56.51
C TYR XB 9 72.27 -17.46 55.60
N GLN XB 10 73.03 -17.11 54.57
CA GLN XB 10 73.52 -18.08 53.60
C GLN XB 10 74.87 -18.61 54.06
N LYS XB 11 74.97 -19.93 54.20
CA LYS XB 11 76.21 -20.55 54.66
C LYS XB 11 76.22 -21.99 54.18
N GLN XB 12 77.42 -22.55 54.13
CA GLN XB 12 77.55 -23.97 53.83
C GLN XB 12 77.33 -24.77 55.12
N PRO XB 13 76.40 -25.73 55.12
CA PRO XB 13 76.10 -26.46 56.36
C PRO XB 13 77.26 -27.24 56.93
N THR XB 14 78.22 -27.65 56.10
CA THR XB 14 79.32 -28.47 56.60
C THR XB 14 80.32 -27.64 57.40
N ILE XB 15 80.65 -26.45 56.93
CA ILE XB 15 81.70 -25.65 57.54
C ILE XB 15 81.15 -24.97 58.80
N PHE XB 16 81.89 -25.10 59.90
CA PHE XB 16 81.58 -24.39 61.14
C PHE XB 16 82.38 -23.10 61.18
N GLN XB 17 81.69 -21.97 61.15
CA GLN XB 17 82.36 -20.68 61.02
C GLN XB 17 83.00 -20.21 62.31
N ASN XB 18 82.39 -20.53 63.46
CA ASN XB 18 82.75 -19.88 64.72
C ASN XB 18 83.75 -20.71 65.51
N LYS XB 19 84.95 -20.87 64.93
CA LYS XB 19 86.00 -21.69 65.52
C LYS XB 19 86.82 -20.86 66.50
N LYS XB 20 86.15 -20.45 67.58
CA LYS XB 20 86.75 -20.04 68.85
C LYS XB 20 87.94 -19.09 68.65
N ARG XB 21 87.62 -17.90 68.15
CA ARG XB 21 88.62 -16.85 68.00
C ARG XB 21 89.28 -16.55 69.34
N VAL XB 22 90.56 -16.89 69.48
CA VAL XB 22 91.29 -16.77 70.72
C VAL XB 22 92.64 -16.11 70.43
N LEU XB 23 93.46 -16.02 71.48
CA LEU XB 23 94.74 -15.32 71.38
C LEU XB 23 95.71 -16.04 70.45
N LEU XB 24 95.68 -17.38 70.42
CA LEU XB 24 96.61 -18.11 69.57
C LEU XB 24 96.33 -17.87 68.09
N GLY XB 25 95.11 -17.50 67.74
CA GLY XB 25 94.78 -17.16 66.37
C GLY XB 25 94.90 -15.67 66.15
N GLU XB 26 95.75 -15.28 65.20
CA GLU XB 26 96.01 -13.88 64.91
C GLU XB 26 94.85 -13.33 64.08
N THR XB 27 93.90 -12.68 64.75
CA THR XB 27 92.71 -12.15 64.10
C THR XB 27 92.83 -10.63 64.04
N GLY XB 28 92.80 -10.08 62.84
CA GLY XB 28 92.69 -10.82 61.59
C GLY XB 28 94.04 -11.05 60.93
N LYS XB 29 94.03 -11.65 59.74
CA LYS XB 29 92.81 -12.11 59.07
C LYS XB 29 92.91 -13.59 58.73
N GLU XB 30 91.89 -14.35 59.10
CA GLU XB 30 91.83 -15.78 58.83
C GLU XB 30 90.70 -16.04 57.85
N LYS XB 31 91.06 -16.52 56.66
CA LYS XB 31 90.09 -16.74 55.59
C LYS XB 31 89.14 -17.88 55.96
N LEU XB 32 87.87 -17.72 55.61
CA LEU XB 32 86.87 -18.73 55.90
C LEU XB 32 87.10 -19.96 55.05
N PRO XB 33 87.23 -21.15 55.63
CA PRO XB 33 87.43 -22.36 54.82
C PRO XB 33 86.21 -22.65 53.96
N ARG XB 34 86.47 -23.21 52.79
CA ARG XB 34 85.43 -23.54 51.83
C ARG XB 34 85.22 -25.04 51.77
N TYR XB 35 83.98 -25.45 51.60
CA TYR XB 35 83.65 -26.85 51.37
C TYR XB 35 83.49 -27.09 49.88
N TYR XB 36 84.18 -28.12 49.38
CA TYR XB 36 84.03 -28.51 47.99
C TYR XB 36 84.29 -30.01 47.89
N LYS XB 37 83.85 -30.60 46.79
CA LYS XB 37 84.06 -32.01 46.56
C LYS XB 37 84.24 -32.25 45.07
N ASN XB 38 84.98 -33.32 44.75
CA ASN XB 38 85.02 -33.79 43.38
C ASN XB 38 83.80 -34.67 43.11
N ILE XB 39 83.22 -34.52 41.91
CA ILE XB 39 82.00 -35.24 41.59
C ILE XB 39 82.26 -36.52 40.83
N GLY XB 40 83.52 -36.87 40.59
CA GLY XB 40 83.83 -38.09 39.89
C GLY XB 40 83.58 -37.96 38.40
N LEU XB 41 83.62 -39.12 37.73
CA LEU XB 41 83.38 -39.24 36.30
C LEU XB 41 84.36 -38.42 35.47
N GLY XB 42 85.53 -38.10 36.02
CA GLY XB 42 86.53 -37.36 35.31
C GLY XB 42 86.35 -35.86 35.31
N PHE XB 43 85.20 -35.35 35.75
CA PHE XB 43 84.98 -33.92 35.78
C PHE XB 43 85.82 -33.29 36.87
N LYS XB 44 86.51 -32.20 36.54
CA LYS XB 44 87.33 -31.48 37.50
C LYS XB 44 86.54 -30.34 38.11
N THR XB 45 86.70 -30.15 39.41
CA THR XB 45 86.04 -29.04 40.08
C THR XB 45 86.70 -27.73 39.70
N PRO XB 46 85.94 -26.71 39.31
CA PRO XB 46 86.55 -25.47 38.85
C PRO XB 46 87.20 -24.68 39.99
N LYS XB 47 88.21 -23.91 39.60
CA LYS XB 47 88.95 -23.09 40.56
C LYS XB 47 88.07 -22.03 41.19
N GLU XB 48 87.07 -21.55 40.45
CA GLU XB 48 86.11 -20.61 41.04
C GLU XB 48 85.28 -21.29 42.12
N ALA XB 49 84.91 -22.55 41.91
CA ALA XB 49 84.25 -23.29 42.99
C ALA XB 49 85.20 -23.52 44.16
N ILE XB 50 86.49 -23.69 43.87
CA ILE XB 50 87.46 -23.92 44.93
C ILE XB 50 87.59 -22.68 45.83
N GLU XB 51 87.79 -21.52 45.24
CA GLU XB 51 88.10 -20.32 46.00
C GLU XB 51 87.10 -19.19 45.75
N GLY XB 52 85.83 -19.53 45.62
CA GLY XB 52 84.78 -18.53 45.56
C GLY XB 52 84.19 -18.26 46.92
N THR XB 53 83.21 -17.36 46.93
CA THR XB 53 82.46 -17.05 48.14
C THR XB 53 80.97 -17.31 47.99
N TYR XB 54 80.49 -17.64 46.79
CA TYR XB 54 79.07 -17.83 46.57
C TYR XB 54 78.55 -19.02 47.37
N ILE XB 55 77.30 -18.92 47.79
CA ILE XB 55 76.60 -19.99 48.47
C ILE XB 55 75.52 -20.51 47.53
N ASP XB 56 75.63 -21.78 47.17
CA ASP XB 56 74.65 -22.42 46.30
C ASP XB 56 74.46 -23.85 46.78
N LYS XB 57 73.31 -24.13 47.39
CA LYS XB 57 73.04 -25.48 47.87
C LYS XB 57 72.81 -26.46 46.73
N LYS XB 58 72.59 -25.98 45.51
CA LYS XB 58 72.41 -26.83 44.35
C LYS XB 58 73.63 -26.90 43.45
N CYS XB 59 74.73 -26.27 43.84
CA CYS XB 59 75.95 -26.36 43.06
C CYS XB 59 76.49 -27.78 43.11
N PRO XB 60 76.91 -28.35 41.98
CA PRO XB 60 77.43 -29.72 42.01
C PRO XB 60 78.68 -29.88 42.84
N PHE XB 61 79.46 -28.81 43.03
CA PHE XB 61 80.73 -28.90 43.70
C PHE XB 61 80.70 -28.38 45.13
N THR XB 62 79.90 -27.36 45.41
CA THR XB 62 79.83 -26.77 46.74
C THR XB 62 78.42 -26.87 47.34
N GLY XB 63 77.63 -27.84 46.88
CA GLY XB 63 76.27 -27.98 47.36
C GLY XB 63 75.95 -29.41 47.72
N ASN XB 64 74.70 -29.62 48.10
CA ASN XB 64 74.22 -30.95 48.50
C ASN XB 64 73.45 -31.60 47.35
N VAL XB 65 74.17 -31.87 46.26
CA VAL XB 65 73.63 -32.60 45.12
C VAL XB 65 74.66 -33.62 44.67
N SER XB 66 74.20 -34.80 44.31
CA SER XB 66 75.05 -35.87 43.81
C SER XB 66 74.70 -36.15 42.37
N ILE XB 67 75.71 -36.17 41.51
CA ILE XB 67 75.50 -36.40 40.08
C ILE XB 67 75.52 -37.89 39.82
N ARG XB 68 74.40 -38.42 39.33
CA ARG XB 68 74.27 -39.83 39.02
C ARG XB 68 73.20 -39.99 37.97
N GLY XB 69 73.38 -40.99 37.12
CA GLY XB 69 72.43 -41.23 36.05
C GLY XB 69 72.99 -40.92 34.68
N ARG XB 70 72.36 -39.99 33.97
CA ARG XB 70 72.71 -39.69 32.59
C ARG XB 70 73.55 -38.43 32.51
N ILE XB 71 74.66 -38.52 31.78
CA ILE XB 71 75.51 -37.38 31.46
C ILE XB 71 75.28 -37.06 29.99
N LEU XB 72 74.79 -35.87 29.70
CA LEU XB 72 74.49 -35.49 28.33
C LEU XB 72 74.91 -34.05 28.10
N SER XB 73 74.59 -33.51 26.93
CA SER XB 73 75.09 -32.19 26.55
C SER XB 73 73.99 -31.39 25.88
N GLY XB 74 74.21 -30.09 25.79
CA GLY XB 74 73.23 -29.20 25.19
C GLY XB 74 73.85 -27.87 24.87
N VAL XB 75 73.04 -27.01 24.25
CA VAL XB 75 73.45 -25.68 23.80
C VAL XB 75 72.64 -24.65 24.58
N VAL XB 76 73.32 -23.66 25.16
CA VAL XB 76 72.64 -22.65 25.95
C VAL XB 76 71.76 -21.81 25.04
N THR XB 77 70.50 -21.62 25.46
CA THR XB 77 69.54 -20.84 24.70
C THR XB 77 69.17 -19.54 25.41
N LYS XB 78 68.76 -19.60 26.67
CA LYS XB 78 68.45 -18.41 27.44
C LYS XB 78 69.07 -18.51 28.83
N MET XB 79 69.36 -17.36 29.40
CA MET XB 79 69.96 -17.25 30.73
C MET XB 79 69.19 -16.24 31.56
N LYS XB 80 67.86 -16.26 31.46
CA LYS XB 80 67.02 -15.24 32.07
C LYS XB 80 66.53 -15.61 33.47
N MET XB 81 66.78 -16.82 33.93
CA MET XB 81 66.32 -17.25 35.25
C MET XB 81 67.44 -17.11 36.27
N GLN XB 82 67.06 -17.17 37.55
CA GLN XB 82 68.01 -17.08 38.64
C GLN XB 82 68.68 -18.42 38.85
N ARG XB 83 70.00 -18.45 38.71
CA ARG XB 83 70.85 -19.61 39.00
C ARG XB 83 70.53 -20.82 38.12
N THR XB 84 69.72 -20.65 37.08
CA THR XB 84 69.39 -21.76 36.20
C THR XB 84 69.16 -21.22 34.79
N ILE XB 85 69.44 -22.06 33.81
CA ILE XB 85 69.36 -21.70 32.40
C ILE XB 85 68.61 -22.79 31.65
N VAL XB 86 68.15 -22.45 30.46
CA VAL XB 86 67.50 -23.40 29.57
C VAL XB 86 68.44 -23.72 28.42
N ILE XB 87 68.52 -25.00 28.07
CA ILE XB 87 69.38 -25.46 26.99
C ILE XB 87 68.53 -26.22 25.99
N ARG XB 88 69.01 -26.27 24.75
CA ARG XB 88 68.33 -26.97 23.67
C ARG XB 88 69.21 -28.11 23.19
N ARG XB 89 68.63 -29.29 23.06
CA ARG XB 89 69.31 -30.45 22.51
C ARG XB 89 68.69 -30.82 21.18
N ASP XB 90 69.51 -30.90 20.15
CA ASP XB 90 69.05 -31.23 18.81
C ASP XB 90 69.39 -32.68 18.51
N TYR XB 91 68.43 -33.40 17.95
CA TYR XB 91 68.62 -34.79 17.59
C TYR XB 91 67.78 -35.10 16.36
N LEU XB 92 68.10 -36.21 15.72
CA LEU XB 92 67.39 -36.67 14.54
C LEU XB 92 66.56 -37.89 14.90
N HIS XB 93 65.26 -37.82 14.63
CA HIS XB 93 64.35 -38.93 14.89
C HIS XB 93 64.15 -39.72 13.60
N TYR XB 94 64.33 -41.03 13.68
CA TYR XB 94 64.24 -41.87 12.50
C TYR XB 94 62.79 -42.25 12.21
N ILE XB 95 62.36 -42.05 10.97
CA ILE XB 95 61.05 -42.46 10.50
C ILE XB 95 61.24 -43.63 9.55
N ARG XB 96 60.74 -44.80 9.92
CA ARG XB 96 61.09 -46.02 9.20
C ARG XB 96 60.51 -46.02 7.78
N LYS XB 97 59.25 -45.60 7.63
CA LYS XB 97 58.56 -45.76 6.36
C LYS XB 97 59.29 -45.05 5.22
N TYR XB 98 59.76 -43.84 5.47
CA TYR XB 98 60.49 -43.08 4.48
C TYR XB 98 62.00 -43.28 4.56
N ASN XB 99 62.47 -44.09 5.51
CA ASN XB 99 63.90 -44.36 5.71
C ASN XB 99 64.70 -43.10 5.93
N ARG XB 100 64.06 -42.02 6.34
CA ARG XB 100 64.71 -40.72 6.50
C ARG XB 100 64.59 -40.27 7.95
N PHE XB 101 65.17 -39.12 8.24
CA PHE XB 101 65.23 -38.61 9.60
C PHE XB 101 64.35 -37.37 9.73
N GLU XB 102 64.15 -36.96 10.98
CA GLU XB 102 63.27 -35.86 11.32
C GLU XB 102 63.97 -35.00 12.36
N LYS XB 103 64.20 -33.74 12.03
CA LYS XB 103 64.93 -32.85 12.92
C LYS XB 103 64.03 -32.46 14.09
N ARG XB 104 64.43 -32.87 15.30
CA ARG XB 104 63.66 -32.61 16.50
C ARG XB 104 64.55 -31.94 17.54
N HIS XB 105 63.91 -31.40 18.57
CA HIS XB 105 64.63 -30.74 19.64
C HIS XB 105 63.81 -30.82 20.91
N LYS XB 106 64.50 -30.70 22.05
CA LYS XB 106 63.85 -30.51 23.33
C LYS XB 106 64.61 -29.47 24.14
N ASN XB 107 63.86 -28.69 24.90
CA ASN XB 107 64.42 -27.68 25.78
C ASN XB 107 64.46 -28.21 27.21
N MET XB 108 65.60 -28.04 27.88
CA MET XB 108 65.77 -28.51 29.24
C MET XB 108 66.22 -27.36 30.12
N SER XB 109 65.57 -27.21 31.26
CA SER XB 109 65.99 -26.24 32.27
C SER XB 109 66.99 -26.93 33.20
N VAL XB 110 68.21 -26.43 33.21
CA VAL XB 110 69.27 -27.01 34.02
C VAL XB 110 69.76 -25.95 35.00
N HIS XB 111 70.29 -26.40 36.13
CA HIS XB 111 70.81 -25.49 37.12
C HIS XB 111 72.24 -25.11 36.80
N LEU XB 112 72.53 -23.81 36.82
CA LEU XB 112 73.86 -23.29 36.52
C LEU XB 112 74.47 -22.72 37.79
N SER XB 113 75.58 -23.31 38.22
CA SER XB 113 76.26 -22.84 39.42
C SER XB 113 76.91 -21.48 39.15
N PRO XB 114 77.06 -20.64 40.18
CA PRO XB 114 77.79 -19.38 40.02
C PRO XB 114 79.26 -19.57 39.71
N CYS XB 115 79.81 -20.76 39.88
CA CYS XB 115 81.21 -21.01 39.52
C CYS XB 115 81.45 -20.88 38.03
N PHE XB 116 80.40 -20.97 37.22
CA PHE XB 116 80.49 -20.75 35.78
C PHE XB 116 80.01 -19.32 35.51
N ARG XB 117 80.97 -18.41 35.28
CA ARG XB 117 80.65 -17.01 35.05
C ARG XB 117 80.65 -16.64 33.58
N ASP XB 118 81.62 -17.12 32.81
CA ASP XB 118 81.74 -16.75 31.40
C ASP XB 118 80.89 -17.71 30.55
N VAL XB 119 79.58 -17.56 30.68
CA VAL XB 119 78.61 -18.39 29.97
C VAL XB 119 77.80 -17.49 29.07
N GLN XB 120 77.77 -17.81 27.78
CA GLN XB 120 77.04 -17.05 26.78
C GLN XB 120 76.08 -17.96 26.04
N ILE XB 121 75.17 -17.33 25.30
CA ILE XB 121 74.22 -18.08 24.48
C ILE XB 121 74.98 -18.76 23.35
N GLY XB 122 74.75 -20.07 23.19
CA GLY XB 122 75.44 -20.85 22.19
C GLY XB 122 76.56 -21.71 22.73
N ASP XB 123 76.98 -21.49 23.96
CA ASP XB 123 78.03 -22.32 24.55
C ASP XB 123 77.53 -23.75 24.75
N ILE XB 124 78.45 -24.69 24.67
CA ILE XB 124 78.10 -26.11 24.79
C ILE XB 124 78.31 -26.52 26.24
N VAL XB 125 77.24 -26.93 26.90
CA VAL XB 125 77.30 -27.32 28.30
C VAL XB 125 77.06 -28.81 28.43
N THR XB 126 77.97 -29.48 29.12
CA THR XB 126 77.76 -30.86 29.54
C THR XB 126 77.08 -30.82 30.90
N VAL XB 127 75.95 -31.50 31.01
CA VAL XB 127 75.14 -31.53 32.22
C VAL XB 127 75.00 -32.97 32.68
N GLY XB 128 74.73 -33.12 33.97
CA GLY XB 128 74.56 -34.42 34.56
C GLY XB 128 73.27 -34.48 35.37
N GLU XB 129 72.66 -35.66 35.38
CA GLU XB 129 71.39 -35.84 36.06
C GLU XB 129 71.58 -35.84 37.57
N CYS XB 130 70.67 -35.17 38.27
CA CYS XB 130 70.67 -35.17 39.73
C CYS XB 130 69.27 -35.38 40.25
N ARG XB 131 69.08 -35.26 41.56
CA ARG XB 131 67.74 -35.32 42.12
C ARG XB 131 66.95 -34.08 41.69
N PRO XB 132 65.63 -34.18 41.66
CA PRO XB 132 64.82 -33.02 41.24
C PRO XB 132 65.09 -31.79 42.09
N LEU XB 133 65.56 -30.74 41.43
CA LEU XB 133 65.85 -29.48 42.10
C LEU XB 133 64.66 -28.52 42.09
N SER XB 134 63.80 -28.61 41.09
CA SER XB 134 62.58 -27.83 41.03
C SER XB 134 61.55 -28.65 40.26
N LYS XB 135 60.47 -27.99 39.86
CA LYS XB 135 59.41 -28.69 39.14
C LYS XB 135 59.90 -29.24 37.81
N THR XB 136 60.75 -28.47 37.10
CA THR XB 136 61.19 -28.86 35.77
C THR XB 136 62.70 -29.04 35.65
N VAL XB 137 63.44 -28.99 36.75
CA VAL XB 137 64.90 -29.05 36.71
C VAL XB 137 65.35 -30.38 37.31
N ARG XB 138 66.14 -31.13 36.55
CA ARG XB 138 66.71 -32.38 37.05
C ARG XB 138 68.18 -32.53 36.68
N PHE XB 139 68.84 -31.49 36.19
CA PHE XB 139 70.20 -31.60 35.70
C PHE XB 139 71.02 -30.41 36.17
N ASN XB 140 72.31 -30.65 36.37
CA ASN XB 140 73.27 -29.62 36.75
C ASN XB 140 74.33 -29.47 35.67
N VAL XB 141 74.71 -28.22 35.40
CA VAL XB 141 75.81 -27.95 34.48
C VAL XB 141 77.11 -28.37 35.13
N LEU XB 142 77.80 -29.33 34.53
CA LEU XB 142 79.07 -29.83 35.03
C LEU XB 142 80.25 -29.29 34.26
N LYS XB 143 80.09 -29.01 32.97
CA LYS XB 143 81.20 -28.52 32.16
C LYS XB 143 80.69 -27.51 31.16
N VAL XB 144 81.50 -26.49 30.88
CA VAL XB 144 81.15 -25.44 29.93
C VAL XB 144 82.28 -25.31 28.91
N THR XB 145 81.93 -25.31 27.62
CA THR XB 145 82.89 -25.07 26.56
C THR XB 145 82.37 -23.94 25.67
N LYS XB 146 83.29 -23.08 25.23
CA LYS XB 146 82.93 -21.96 24.40
C LYS XB 146 82.62 -22.41 22.98
N ALA XB 147 81.85 -21.58 22.27
CA ALA XB 147 81.45 -21.87 20.90
C ALA XB 147 82.31 -21.04 19.95
N ALA XB 148 83.51 -21.56 19.68
CA ALA XB 148 84.48 -20.93 18.76
C ALA XB 148 84.77 -19.48 19.16
N GLY XB 149 84.95 -19.26 20.46
CA GLY XB 149 85.20 -17.93 20.98
C GLY XB 149 86.56 -17.76 21.61
N THR XB 150 86.58 -17.68 22.95
CA THR XB 150 87.78 -17.46 23.76
C THR XB 150 88.51 -16.18 23.39
N LYS XB 151 87.83 -15.25 22.73
CA LYS XB 151 88.40 -13.98 22.34
C LYS XB 151 87.25 -13.03 22.03
N LYS XB 152 87.42 -11.76 22.38
CA LYS XB 152 86.42 -10.73 22.12
C LYS XB 152 87.05 -9.59 21.34
N GLN XB 153 86.43 -9.22 20.23
CA GLN XB 153 86.92 -8.13 19.40
C GLN XB 153 86.30 -6.80 19.83
N GLY YB 1 73.64 -19.00 -12.29
CA GLY YB 1 72.86 -17.84 -12.66
C GLY YB 1 73.01 -16.72 -11.65
N ARG YB 2 72.50 -15.55 -11.99
CA ARG YB 2 72.61 -14.40 -11.10
C ARG YB 2 71.71 -14.57 -9.88
N MET YB 3 72.11 -13.94 -8.79
CA MET YB 3 71.34 -14.03 -7.55
C MET YB 3 69.96 -13.42 -7.71
N HIS YB 4 69.90 -12.21 -8.28
CA HIS YB 4 68.65 -11.45 -8.36
C HIS YB 4 68.30 -11.06 -9.79
N ALA YB 5 68.88 -11.73 -10.77
CA ALA YB 5 68.59 -11.48 -12.17
C ALA YB 5 68.46 -12.80 -12.88
N PRO YB 6 67.68 -12.86 -13.96
CA PRO YB 6 67.55 -14.10 -14.75
C PRO YB 6 68.65 -14.26 -15.79
N GLY YB 7 69.87 -13.91 -15.41
CA GLY YB 7 71.01 -13.93 -16.32
C GLY YB 7 71.93 -15.08 -15.97
N LYS YB 8 72.54 -15.66 -16.98
CA LYS YB 8 73.42 -16.81 -16.84
C LYS YB 8 74.73 -16.57 -17.56
N GLY YB 9 75.31 -15.40 -17.33
CA GLY YB 9 76.55 -15.06 -18.00
C GLY YB 9 77.73 -15.85 -17.51
N LEU YB 10 78.79 -15.83 -18.32
CA LEU YB 10 79.99 -16.59 -18.05
C LEU YB 10 81.25 -15.74 -17.97
N SER YB 11 81.14 -14.42 -18.13
CA SER YB 11 82.31 -13.55 -18.15
C SER YB 11 83.06 -13.62 -16.83
N GLN YB 12 84.26 -14.19 -16.85
CA GLN YB 12 85.05 -14.40 -15.65
C GLN YB 12 86.50 -14.12 -15.98
N SER YB 13 87.39 -14.44 -15.05
CA SER YB 13 88.82 -14.35 -15.26
C SER YB 13 89.41 -15.74 -15.21
N ALA YB 14 90.25 -16.07 -16.18
CA ALA YB 14 90.89 -17.38 -16.27
C ALA YB 14 92.32 -17.24 -15.77
N LEU YB 15 92.51 -17.55 -14.49
CA LEU YB 15 93.84 -17.49 -13.91
C LEU YB 15 94.71 -18.58 -14.51
N PRO YB 16 95.94 -18.25 -14.94
CA PRO YB 16 96.77 -19.25 -15.61
C PRO YB 16 97.25 -20.34 -14.67
N TYR YB 17 97.61 -21.48 -15.26
CA TYR YB 17 98.10 -22.61 -14.49
C TYR YB 17 99.47 -22.34 -13.88
N ARG YB 18 100.25 -21.40 -14.44
CA ARG YB 18 101.58 -21.12 -13.91
C ARG YB 18 101.46 -20.16 -12.75
N ARG YB 19 101.64 -20.66 -11.53
CA ARG YB 19 101.62 -19.82 -10.34
C ARG YB 19 102.91 -19.07 -10.13
N SER YB 20 103.97 -19.39 -10.87
CA SER YB 20 105.27 -18.77 -10.66
C SER YB 20 105.26 -17.33 -11.13
N VAL YB 21 106.10 -16.53 -10.49
CA VAL YB 21 106.27 -15.12 -10.88
C VAL YB 21 107.01 -15.06 -12.21
N PRO YB 22 106.58 -14.22 -13.15
CA PRO YB 22 107.32 -14.08 -14.40
C PRO YB 22 108.72 -13.55 -14.18
N THR YB 23 109.65 -14.00 -15.03
CA THR YB 23 111.05 -13.60 -14.88
C THR YB 23 111.28 -12.14 -15.20
N TRP YB 24 110.41 -11.51 -15.98
CA TRP YB 24 110.57 -10.12 -16.35
C TRP YB 24 110.06 -9.16 -15.29
N LEU YB 25 109.51 -9.66 -14.19
CA LEU YB 25 109.00 -8.82 -13.12
C LEU YB 25 110.15 -8.52 -12.16
N LYS YB 26 110.58 -7.26 -12.13
CA LYS YB 26 111.65 -6.83 -11.24
C LYS YB 26 111.16 -6.37 -9.88
N LEU YB 27 109.84 -6.27 -9.70
CA LEU YB 27 109.31 -5.85 -8.41
C LEU YB 27 109.46 -6.97 -7.39
N THR YB 28 109.96 -6.63 -6.21
CA THR YB 28 110.05 -7.58 -5.13
C THR YB 28 108.82 -7.48 -4.23
N SER YB 29 108.72 -8.41 -3.28
CA SER YB 29 107.54 -8.48 -2.42
C SER YB 29 107.36 -7.20 -1.62
N ASP YB 30 108.45 -6.68 -1.05
CA ASP YB 30 108.36 -5.44 -0.29
C ASP YB 30 108.01 -4.26 -1.19
N ASP YB 31 108.51 -4.26 -2.43
CA ASP YB 31 108.18 -3.19 -3.37
C ASP YB 31 106.69 -3.18 -3.68
N VAL YB 32 106.12 -4.34 -3.98
CA VAL YB 32 104.69 -4.43 -4.23
C VAL YB 32 103.91 -4.03 -2.97
N LYS YB 33 104.38 -4.44 -1.81
CA LYS YB 33 103.71 -4.07 -0.56
C LYS YB 33 103.70 -2.56 -0.36
N GLU YB 34 104.82 -1.90 -0.66
CA GLU YB 34 104.87 -0.45 -0.54
C GLU YB 34 103.94 0.23 -1.54
N GLN YB 35 103.85 -0.32 -2.76
CA GLN YB 35 102.90 0.23 -3.73
C GLN YB 35 101.47 0.09 -3.23
N ILE YB 36 101.13 -1.06 -2.66
CA ILE YB 36 99.79 -1.25 -2.11
C ILE YB 36 99.55 -0.26 -0.96
N TYR YB 37 100.56 -0.05 -0.12
CA TYR YB 37 100.41 0.90 0.98
C TYR YB 37 100.15 2.31 0.47
N LYS YB 38 100.90 2.73 -0.55
CA LYS YB 38 100.70 4.07 -1.10
C LYS YB 38 99.31 4.21 -1.72
N LEU YB 39 98.86 3.20 -2.46
CA LEU YB 39 97.53 3.28 -3.06
C LEU YB 39 96.43 3.27 -2.01
N ALA YB 40 96.59 2.46 -0.96
CA ALA YB 40 95.59 2.44 0.11
C ALA YB 40 95.54 3.77 0.85
N LYS YB 41 96.70 4.40 1.07
CA LYS YB 41 96.70 5.74 1.65
C LYS YB 41 96.03 6.74 0.72
N LYS YB 42 96.24 6.62 -0.59
CA LYS YB 42 95.51 7.43 -1.55
C LYS YB 42 94.02 7.16 -1.52
N GLY YB 43 93.59 6.01 -1.01
CA GLY YB 43 92.19 5.75 -0.78
C GLY YB 43 91.54 4.71 -1.66
N LEU YB 44 92.32 3.93 -2.40
CA LEU YB 44 91.77 2.95 -3.31
C LEU YB 44 91.34 1.70 -2.55
N THR YB 45 90.20 1.15 -2.93
CA THR YB 45 89.76 -0.13 -2.42
C THR YB 45 90.62 -1.25 -3.02
N PRO YB 46 90.68 -2.41 -2.37
CA PRO YB 46 91.57 -3.48 -2.85
C PRO YB 46 91.35 -3.89 -4.30
N SER YB 47 90.12 -3.88 -4.78
CA SER YB 47 89.87 -4.18 -6.20
C SER YB 47 90.58 -3.17 -7.09
N GLN YB 48 90.46 -1.89 -6.77
CA GLN YB 48 91.14 -0.85 -7.56
C GLN YB 48 92.64 -0.97 -7.43
N ILE YB 49 93.14 -1.32 -6.25
CA ILE YB 49 94.59 -1.50 -6.07
C ILE YB 49 95.09 -2.61 -6.98
N GLY YB 50 94.37 -3.73 -7.01
CA GLY YB 50 94.75 -4.81 -7.90
C GLY YB 50 94.68 -4.42 -9.36
N VAL YB 51 93.66 -3.67 -9.73
CA VAL YB 51 93.51 -3.24 -11.13
C VAL YB 51 94.66 -2.35 -11.54
N ILE YB 52 95.00 -1.36 -10.70
CA ILE YB 52 96.11 -0.46 -11.00
C ILE YB 52 97.41 -1.24 -11.10
N LEU YB 53 97.65 -2.14 -10.14
CA LEU YB 53 98.89 -2.90 -10.12
C LEU YB 53 99.02 -3.78 -11.36
N ARG YB 54 97.92 -4.40 -11.79
CA ARG YB 54 97.98 -5.26 -12.97
C ARG YB 54 98.12 -4.46 -14.24
N ASP YB 55 97.43 -3.32 -14.33
CA ASP YB 55 97.44 -2.53 -15.56
C ASP YB 55 98.77 -1.83 -15.78
N SER YB 56 99.31 -1.21 -14.73
CA SER YB 56 100.47 -0.33 -14.89
C SER YB 56 101.79 -0.98 -14.53
N HIS YB 57 101.89 -1.58 -13.36
CA HIS YB 57 103.16 -2.09 -12.86
C HIS YB 57 103.44 -3.52 -13.29
N GLY YB 58 102.54 -4.14 -14.05
CA GLY YB 58 102.85 -5.41 -14.67
C GLY YB 58 102.84 -6.61 -13.76
N VAL YB 59 102.36 -6.46 -12.53
CA VAL YB 59 102.27 -7.60 -11.62
C VAL YB 59 100.96 -8.34 -11.90
N ALA YB 60 101.06 -9.67 -12.00
CA ALA YB 60 99.91 -10.46 -12.39
C ALA YB 60 99.01 -10.77 -11.20
N GLN YB 61 99.58 -11.32 -10.14
CA GLN YB 61 98.82 -11.64 -8.93
C GLN YB 61 99.64 -11.21 -7.72
N VAL YB 62 99.06 -10.34 -6.90
CA VAL YB 62 99.72 -9.92 -5.68
C VAL YB 62 99.97 -11.11 -4.78
N ARG YB 63 99.02 -12.05 -4.74
CA ARG YB 63 99.21 -13.26 -3.93
C ARG YB 63 100.35 -14.10 -4.47
N PHE YB 64 100.50 -14.18 -5.79
CA PHE YB 64 101.59 -14.96 -6.36
C PHE YB 64 102.94 -14.34 -6.07
N VAL YB 65 103.02 -13.01 -6.14
CA VAL YB 65 104.32 -12.35 -6.01
C VAL YB 65 104.72 -12.12 -4.55
N THR YB 66 103.76 -11.91 -3.65
CA THR YB 66 104.06 -11.66 -2.25
C THR YB 66 103.74 -12.81 -1.31
N GLY YB 67 102.85 -13.72 -1.72
CA GLY YB 67 102.40 -14.78 -0.84
C GLY YB 67 101.17 -14.45 -0.03
N ASN YB 68 100.67 -13.22 -0.10
CA ASN YB 68 99.50 -12.81 0.67
C ASN YB 68 98.55 -12.03 -0.23
N LYS YB 69 97.28 -12.04 0.14
CA LYS YB 69 96.28 -11.30 -0.60
C LYS YB 69 96.30 -9.83 -0.19
N ILE YB 70 95.67 -9.00 -1.03
CA ILE YB 70 95.73 -7.54 -0.83
C ILE YB 70 95.04 -7.15 0.48
N LEU YB 71 93.87 -7.72 0.75
CA LEU YB 71 93.18 -7.40 1.99
C LEU YB 71 93.97 -7.89 3.19
N ARG YB 72 94.61 -9.06 3.08
CA ARG YB 72 95.45 -9.55 4.17
C ARG YB 72 96.61 -8.61 4.44
N ILE YB 73 97.25 -8.11 3.38
CA ILE YB 73 98.36 -7.17 3.54
C ILE YB 73 97.89 -5.88 4.20
N LEU YB 74 96.75 -5.35 3.73
CA LEU YB 74 96.22 -4.12 4.28
C LEU YB 74 95.85 -4.29 5.75
N LYS YB 75 95.23 -5.42 6.10
CA LYS YB 75 94.85 -5.66 7.49
C LYS YB 75 96.07 -5.86 8.37
N SER YB 76 97.12 -6.51 7.84
CA SER YB 76 98.34 -6.68 8.59
C SER YB 76 99.00 -5.35 8.89
N LYS YB 77 99.05 -4.46 7.89
CA LYS YB 77 99.61 -3.13 8.15
C LYS YB 77 98.69 -2.28 9.02
N GLY YB 78 97.40 -2.55 9.02
CA GLY YB 78 96.47 -1.84 9.88
C GLY YB 78 95.74 -0.70 9.22
N LEU YB 79 95.47 -0.80 7.93
CA LEU YB 79 94.75 0.26 7.23
C LEU YB 79 93.65 -0.30 6.33
N ALA YB 80 93.16 -1.50 6.63
CA ALA YB 80 92.02 -2.03 5.93
C ALA YB 80 90.76 -1.22 6.27
N PRO YB 81 89.83 -1.08 5.32
CA PRO YB 81 88.61 -0.31 5.60
C PRO YB 81 87.78 -0.97 6.69
N ASP YB 82 87.05 -0.13 7.43
CA ASP YB 82 86.19 -0.63 8.49
C ASP YB 82 85.07 -1.51 7.94
N LEU YB 83 84.45 -1.09 6.85
CA LEU YB 83 83.51 -1.98 6.22
C LEU YB 83 84.19 -2.76 5.10
N PRO YB 84 83.73 -3.97 4.82
CA PRO YB 84 84.20 -4.67 3.63
C PRO YB 84 83.81 -3.92 2.36
N GLU YB 85 84.62 -4.09 1.33
CA GLU YB 85 84.45 -3.32 0.10
C GLU YB 85 83.09 -3.55 -0.53
N ASP YB 86 82.70 -4.82 -0.70
CA ASP YB 86 81.45 -5.12 -1.38
C ASP YB 86 80.24 -4.68 -0.56
N LEU YB 87 80.28 -4.85 0.76
CA LEU YB 87 79.20 -4.36 1.60
C LEU YB 87 79.11 -2.84 1.54
N TYR YB 88 80.26 -2.16 1.53
CA TYR YB 88 80.26 -0.71 1.42
C TYR YB 88 79.63 -0.26 0.11
N HIS YB 89 79.96 -0.93 -0.99
CA HIS YB 89 79.40 -0.55 -2.28
C HIS YB 89 77.92 -0.85 -2.37
N LEU YB 90 77.48 -1.94 -1.75
CA LEU YB 90 76.04 -2.23 -1.71
C LEU YB 90 75.29 -1.16 -0.93
N ILE YB 91 75.85 -0.74 0.21
CA ILE YB 91 75.19 0.32 0.99
C ILE YB 91 75.19 1.63 0.21
N LYS YB 92 76.29 1.93 -0.49
CA LYS YB 92 76.35 3.12 -1.31
C LYS YB 92 75.28 3.12 -2.38
N LYS YB 93 75.11 1.98 -3.06
CA LYS YB 93 74.09 1.86 -4.08
C LYS YB 93 72.69 2.02 -3.49
N ALA YB 94 72.46 1.43 -2.31
CA ALA YB 94 71.15 1.55 -1.68
C ALA YB 94 70.85 3.00 -1.30
N VAL YB 95 71.86 3.72 -0.80
CA VAL YB 95 71.67 5.12 -0.45
C VAL YB 95 71.35 5.94 -1.69
N ALA YB 96 72.07 5.68 -2.80
CA ALA YB 96 71.79 6.39 -4.04
C ALA YB 96 70.38 6.13 -4.53
N VAL YB 97 69.93 4.87 -4.47
CA VAL YB 97 68.59 4.54 -4.94
C VAL YB 97 67.54 5.19 -4.05
N ARG YB 98 67.75 5.20 -2.73
CA ARG YB 98 66.80 5.84 -1.84
C ARG YB 98 66.74 7.34 -2.09
N LYS YB 99 67.89 7.97 -2.36
CA LYS YB 99 67.91 9.39 -2.66
C LYS YB 99 67.17 9.69 -3.95
N HIS YB 100 67.30 8.83 -4.96
CA HIS YB 100 66.51 9.01 -6.18
C HIS YB 100 65.03 8.80 -5.91
N LEU YB 101 64.71 7.81 -5.07
CA LEU YB 101 63.32 7.42 -4.86
C LEU YB 101 62.56 8.45 -4.05
N GLU YB 102 63.22 9.13 -3.11
CA GLU YB 102 62.51 10.14 -2.33
C GLU YB 102 62.10 11.36 -3.17
N ARG YB 103 62.63 11.49 -4.37
CA ARG YB 103 62.15 12.50 -5.32
C ARG YB 103 61.25 11.92 -6.41
N ASN YB 104 61.50 10.69 -6.83
CA ASN YB 104 60.68 10.03 -7.85
C ASN YB 104 59.83 8.96 -7.17
N ARG YB 105 58.66 9.37 -6.68
CA ARG YB 105 57.80 8.44 -5.95
C ARG YB 105 57.15 7.41 -6.85
N LYS YB 106 57.00 7.70 -8.13
CA LYS YB 106 56.37 6.79 -9.07
C LYS YB 106 57.33 5.77 -9.64
N ASP YB 107 58.61 5.81 -9.27
CA ASP YB 107 59.61 4.89 -9.81
C ASP YB 107 59.49 3.54 -9.09
N LYS YB 108 58.45 2.80 -9.46
CA LYS YB 108 58.24 1.48 -8.87
C LYS YB 108 59.33 0.51 -9.29
N ASP YB 109 59.92 0.70 -10.47
CA ASP YB 109 61.10 -0.07 -10.85
C ASP YB 109 62.23 0.19 -9.88
N ALA YB 110 62.43 1.46 -9.51
CA ALA YB 110 63.47 1.78 -8.54
C ALA YB 110 63.16 1.18 -7.17
N LYS YB 111 61.89 1.14 -6.79
CA LYS YB 111 61.52 0.50 -5.53
C LYS YB 111 61.85 -0.99 -5.56
N PHE YB 112 61.56 -1.65 -6.68
CA PHE YB 112 61.87 -3.08 -6.82
C PHE YB 112 63.38 -3.32 -6.75
N ARG YB 113 64.15 -2.50 -7.45
CA ARG YB 113 65.61 -2.63 -7.40
C ARG YB 113 66.13 -2.36 -5.99
N LEU YB 114 65.51 -1.42 -5.28
CA LEU YB 114 65.91 -1.13 -3.91
C LEU YB 114 65.68 -2.33 -3.01
N ILE YB 115 64.54 -3.01 -3.19
CA ILE YB 115 64.28 -4.22 -2.42
C ILE YB 115 65.34 -5.27 -2.71
N LEU YB 116 65.70 -5.45 -3.98
CA LEU YB 116 66.73 -6.43 -4.32
C LEU YB 116 68.06 -6.08 -3.66
N ILE YB 117 68.45 -4.80 -3.74
CA ILE YB 117 69.74 -4.37 -3.18
C ILE YB 117 69.77 -4.55 -1.67
N GLU YB 118 68.68 -4.21 -0.99
CA GLU YB 118 68.65 -4.35 0.45
C GLU YB 118 68.63 -5.81 0.88
N SER YB 119 67.99 -6.69 0.09
CA SER YB 119 68.09 -8.12 0.36
C SER YB 119 69.53 -8.61 0.24
N ARG YB 120 70.24 -8.15 -0.79
CA ARG YB 120 71.65 -8.51 -0.92
C ARG YB 120 72.46 -7.99 0.26
N ILE YB 121 72.16 -6.77 0.70
CA ILE YB 121 72.87 -6.18 1.84
C ILE YB 121 72.67 -7.02 3.08
N HIS YB 122 71.43 -7.44 3.34
CA HIS YB 122 71.15 -8.21 4.55
C HIS YB 122 71.80 -9.59 4.49
N ARG YB 123 71.78 -10.23 3.32
CA ARG YB 123 72.44 -11.54 3.21
C ARG YB 123 73.95 -11.43 3.41
N LEU YB 124 74.57 -10.41 2.81
CA LEU YB 124 76.01 -10.22 2.99
C LEU YB 124 76.36 -9.86 4.43
N ALA YB 125 75.51 -9.04 5.08
CA ALA YB 125 75.74 -8.70 6.47
C ALA YB 125 75.61 -9.93 7.37
N ARG YB 126 74.65 -10.81 7.07
CA ARG YB 126 74.54 -12.05 7.80
C ARG YB 126 75.80 -12.89 7.66
N TYR YB 127 76.34 -12.97 6.43
CA TYR YB 127 77.58 -13.71 6.22
C TYR YB 127 78.73 -13.10 7.03
N TYR YB 128 78.86 -11.79 7.02
CA TYR YB 128 79.98 -11.15 7.70
C TYR YB 128 79.85 -11.27 9.22
N LYS YB 129 78.63 -11.18 9.75
CA LYS YB 129 78.44 -11.39 11.18
C LYS YB 129 78.72 -12.84 11.56
N THR YB 130 78.42 -13.79 10.66
CA THR YB 130 78.79 -15.17 10.92
C THR YB 130 80.30 -15.33 10.97
N LYS YB 131 81.01 -14.68 10.04
CA LYS YB 131 82.47 -14.76 10.02
C LYS YB 131 83.15 -13.84 11.03
N ARG YB 132 82.38 -13.06 11.79
CA ARG YB 132 82.88 -12.16 12.82
C ARG YB 132 83.70 -11.02 12.24
N VAL YB 133 83.53 -10.73 10.96
CA VAL YB 133 84.14 -9.54 10.38
C VAL YB 133 83.45 -8.29 10.91
N LEU YB 134 82.15 -8.33 10.99
CA LEU YB 134 81.26 -7.30 11.51
C LEU YB 134 80.93 -7.59 12.97
N PRO YB 135 80.58 -6.54 13.74
CA PRO YB 135 80.14 -6.78 15.11
C PRO YB 135 78.87 -7.60 15.13
N PRO YB 136 78.66 -8.40 16.18
CA PRO YB 136 77.46 -9.25 16.23
C PRO YB 136 76.16 -8.47 16.28
N ASN YB 137 76.19 -7.22 16.70
CA ASN YB 137 75.00 -6.38 16.79
C ASN YB 137 74.87 -5.43 15.60
N TRP YB 138 75.68 -5.61 14.56
CA TRP YB 138 75.66 -4.71 13.41
C TRP YB 138 74.35 -4.86 12.64
N LYS YB 139 73.74 -3.73 12.32
CA LYS YB 139 72.49 -3.71 11.59
C LYS YB 139 72.52 -2.58 10.58
N TYR YB 140 72.00 -2.85 9.38
CA TYR YB 140 71.88 -1.84 8.34
C TYR YB 140 70.57 -1.09 8.54
N GLU YB 141 70.64 0.19 8.88
CA GLU YB 141 69.47 1.05 8.97
C GLU YB 141 69.44 1.97 7.77
N SER YB 142 68.30 2.00 7.10
CA SER YB 142 68.14 2.83 5.91
C SER YB 142 68.29 4.32 6.26
N SER YB 143 67.87 4.72 7.46
CA SER YB 143 67.93 6.12 7.82
C SER YB 143 69.36 6.58 8.07
N THR YB 144 70.14 5.78 8.80
CA THR YB 144 71.47 6.19 9.21
C THR YB 144 72.58 5.66 8.31
N ALA YB 145 72.24 4.92 7.26
CA ALA YB 145 73.28 4.40 6.38
C ALA YB 145 73.87 5.46 5.47
N SER YB 146 73.19 6.59 5.29
CA SER YB 146 73.65 7.60 4.35
C SER YB 146 74.94 8.26 4.80
N ALA YB 147 75.17 8.32 6.11
CA ALA YB 147 76.38 8.93 6.65
C ALA YB 147 77.58 8.02 6.62
N LEU YB 148 77.40 6.75 6.26
CA LEU YB 148 78.50 5.81 6.22
C LEU YB 148 79.23 5.78 4.89
N VAL YB 149 78.57 6.19 3.81
CA VAL YB 149 79.10 6.08 2.46
C VAL YB 149 79.10 7.46 1.82
N ALA YB 150 80.16 7.74 1.05
CA ALA YB 150 80.31 8.99 0.31
C ALA YB 150 80.13 10.24 1.17
N ILE ZB 4 32.63 37.47 -74.14
CA ILE ZB 4 32.57 37.49 -72.69
C ILE ZB 4 32.97 36.14 -72.09
N SER ZB 5 32.13 35.11 -72.23
CA SER ZB 5 32.39 33.74 -71.81
C SER ZB 5 32.63 33.58 -70.31
N LEU ZB 6 32.55 34.69 -69.55
CA LEU ZB 6 32.75 34.70 -68.10
C LEU ZB 6 34.11 34.13 -67.71
N GLY ZB 7 35.11 34.28 -68.57
CA GLY ZB 7 36.41 33.69 -68.33
C GLY ZB 7 37.54 34.69 -68.48
N PRO ZB 8 38.76 34.24 -68.26
CA PRO ZB 8 39.92 35.12 -68.37
C PRO ZB 8 40.34 35.31 -69.83
N GLN ZB 9 41.17 36.32 -70.04
CA GLN ZB 9 41.74 36.61 -71.35
C GLN ZB 9 43.01 35.78 -71.53
N VAL ZB 10 42.94 34.77 -72.38
CA VAL ZB 10 44.04 33.83 -72.56
C VAL ZB 10 44.36 33.70 -74.05
N ALA ZB 11 45.61 33.32 -74.32
CA ALA ZB 11 46.05 33.07 -75.68
C ALA ZB 11 45.67 31.65 -76.09
N GLU ZB 12 46.21 31.19 -77.21
CA GLU ZB 12 45.93 29.85 -77.72
C GLU ZB 12 46.98 28.83 -77.31
N GLY ZB 13 48.26 29.22 -77.31
CA GLY ZB 13 49.34 28.28 -77.06
C GLY ZB 13 49.47 27.81 -75.63
N GLU ZB 14 48.67 28.36 -74.72
CA GLU ZB 14 48.71 27.98 -73.31
C GLU ZB 14 47.30 27.73 -72.81
N ASN ZB 15 47.22 27.00 -71.70
CA ASN ZB 15 45.95 26.60 -71.11
C ASN ZB 15 45.86 27.12 -69.67
N VAL ZB 16 44.63 27.28 -69.21
CA VAL ZB 16 44.34 27.81 -67.88
C VAL ZB 16 43.99 26.63 -66.95
N PHE ZB 17 44.52 26.68 -65.73
CA PHE ZB 17 44.50 25.55 -64.82
C PHE ZB 17 43.53 25.77 -63.67
N GLY ZB 18 42.80 24.71 -63.31
CA GLY ZB 18 42.08 24.64 -62.06
C GLY ZB 18 42.54 23.43 -61.28
N VAL ZB 19 41.89 23.21 -60.13
CA VAL ZB 19 42.21 22.07 -59.28
C VAL ZB 19 40.92 21.30 -59.03
N CYS ZB 20 40.92 20.03 -59.37
CA CYS ZB 20 39.78 19.15 -59.13
C CYS ZB 20 40.06 18.28 -57.93
N HIS ZB 21 39.32 18.52 -56.85
CA HIS ZB 21 39.31 17.65 -55.69
C HIS ZB 21 38.27 16.56 -55.93
N ILE ZB 22 38.75 15.32 -56.08
CA ILE ZB 22 37.88 14.17 -56.27
C ILE ZB 22 37.86 13.42 -54.94
N PHE ZB 23 36.81 13.65 -54.15
CA PHE ZB 23 36.63 12.96 -52.88
C PHE ZB 23 35.76 11.74 -53.14
N ALA ZB 24 36.41 10.61 -53.40
CA ALA ZB 24 35.68 9.40 -53.75
C ALA ZB 24 35.64 8.50 -52.53
N SER ZB 25 34.64 8.70 -51.69
CA SER ZB 25 34.51 7.83 -50.54
C SER ZB 25 33.59 6.68 -50.92
N PHE ZB 26 33.26 5.83 -49.96
CA PHE ZB 26 32.08 5.03 -50.17
C PHE ZB 26 30.86 5.87 -49.83
N ASN ZB 27 29.71 5.48 -50.38
CA ASN ZB 27 28.43 6.16 -50.24
C ASN ZB 27 28.35 7.47 -51.01
N ASP ZB 28 29.46 7.97 -51.56
CA ASP ZB 28 29.42 9.18 -52.38
C ASP ZB 28 30.77 9.45 -53.03
N THR ZB 29 30.72 10.29 -54.07
CA THR ZB 29 31.89 10.83 -54.73
C THR ZB 29 31.65 12.31 -55.02
N PHE ZB 30 32.70 13.11 -54.83
CA PHE ZB 30 32.67 14.54 -55.05
C PHE ZB 30 33.66 14.88 -56.17
N VAL ZB 31 33.22 15.69 -57.12
CA VAL ZB 31 34.02 16.05 -58.28
C VAL ZB 31 34.27 17.55 -58.21
N HIS ZB 32 34.55 18.05 -57.00
CA HIS ZB 32 34.70 19.47 -56.77
C HIS ZB 32 35.81 20.06 -57.65
N VAL ZB 33 35.58 21.25 -58.19
CA VAL ZB 33 36.59 21.97 -58.94
C VAL ZB 33 36.68 23.40 -58.43
N THR ZB 34 37.88 23.81 -58.04
CA THR ZB 34 38.17 25.14 -57.54
C THR ZB 34 39.29 25.75 -58.37
N ASP ZB 35 39.67 26.98 -58.02
CA ASP ZB 35 40.75 27.66 -58.69
C ASP ZB 35 42.09 27.06 -58.24
N LEU ZB 36 43.19 27.70 -58.62
CA LEU ZB 36 44.50 27.15 -58.32
C LEU ZB 36 44.85 27.28 -56.84
N SER ZB 37 44.21 28.20 -56.11
CA SER ZB 37 44.43 28.33 -54.68
C SER ZB 37 43.49 27.47 -53.86
N GLY ZB 38 42.32 27.12 -54.40
CA GLY ZB 38 41.34 26.34 -53.69
C GLY ZB 38 40.31 27.16 -52.94
N LYS ZB 39 40.57 28.45 -52.72
CA LYS ZB 39 39.64 29.27 -51.95
C LYS ZB 39 38.38 29.58 -52.74
N GLU ZB 40 38.51 29.76 -54.05
CA GLU ZB 40 37.37 30.05 -54.93
C GLU ZB 40 37.03 28.80 -55.72
N THR ZB 41 35.80 28.34 -55.58
CA THR ZB 41 35.34 27.14 -56.26
C THR ZB 41 34.66 27.49 -57.57
N ILE ZB 42 34.65 26.51 -58.47
CA ILE ZB 42 34.11 26.66 -59.82
C ILE ZB 42 32.85 25.84 -60.00
N CYS ZB 43 32.95 24.53 -59.82
CA CYS ZB 43 31.81 23.64 -59.93
C CYS ZB 43 31.99 22.49 -58.96
N ARG ZB 44 30.89 22.04 -58.37
CA ARG ZB 44 30.91 20.90 -57.46
C ARG ZB 44 29.66 20.06 -57.73
N VAL ZB 45 29.84 18.90 -58.32
CA VAL ZB 45 28.75 17.97 -58.61
C VAL ZB 45 29.11 16.62 -57.99
N THR ZB 46 28.17 16.04 -57.27
CA THR ZB 46 28.33 14.74 -56.66
C THR ZB 46 27.47 13.70 -57.37
N GLY ZB 47 27.66 12.44 -57.00
CA GLY ZB 47 26.84 11.38 -57.54
C GLY ZB 47 25.43 11.35 -56.98
N GLY ZB 48 25.24 11.91 -55.78
CA GLY ZB 48 23.92 11.97 -55.18
C GLY ZB 48 22.99 12.93 -55.85
N MET ZB 49 23.53 13.92 -56.56
CA MET ZB 49 22.72 14.83 -57.36
C MET ZB 49 22.57 14.36 -58.80
N LYS ZB 50 23.16 13.22 -59.15
CA LYS ZB 50 22.97 12.58 -60.44
C LYS ZB 50 22.06 11.36 -60.38
N VAL ZB 51 22.08 10.62 -59.29
CA VAL ZB 51 21.19 9.48 -59.12
C VAL ZB 51 20.12 9.83 -58.10
N LYS ZB 52 19.02 9.09 -58.15
CA LYS ZB 52 17.93 9.24 -57.21
C LYS ZB 52 17.57 7.89 -56.60
N ALA ZB 53 18.57 7.05 -56.37
CA ALA ZB 53 18.37 5.71 -55.85
C ALA ZB 53 19.01 5.47 -54.50
N ASP ZB 54 19.96 6.30 -54.07
CA ASP ZB 54 20.58 6.26 -52.74
C ASP ZB 54 21.50 5.06 -52.59
N ARG ZB 55 21.47 4.14 -53.55
CA ARG ZB 55 22.40 3.03 -53.61
C ARG ZB 55 23.59 3.36 -54.48
N ASP ZB 56 23.39 4.20 -55.48
CA ASP ZB 56 24.34 4.45 -56.54
C ASP ZB 56 25.04 5.78 -56.40
N GLU ZB 57 24.96 6.42 -55.23
CA GLU ZB 57 25.63 7.70 -55.04
C GLU ZB 57 27.14 7.55 -55.17
N SER ZB 58 27.67 6.38 -54.83
CA SER ZB 58 29.08 6.10 -54.98
C SER ZB 58 29.38 5.25 -56.21
N SER ZB 59 28.42 5.11 -57.10
CA SER ZB 59 28.60 4.22 -58.24
C SER ZB 59 29.50 4.85 -59.30
N PRO ZB 60 30.21 4.02 -60.06
CA PRO ZB 60 31.02 4.56 -61.17
C PRO ZB 60 30.21 5.33 -62.20
N TYR ZB 61 28.97 4.91 -62.47
CA TYR ZB 61 28.15 5.64 -63.42
C TYR ZB 61 27.82 7.04 -62.92
N ALA ZB 62 27.46 7.15 -61.63
CA ALA ZB 62 27.18 8.46 -61.06
C ALA ZB 62 28.42 9.33 -61.06
N ALA ZB 63 29.58 8.75 -60.76
CA ALA ZB 63 30.82 9.50 -60.82
C ALA ZB 63 31.10 10.00 -62.23
N MET ZB 64 30.85 9.16 -63.23
CA MET ZB 64 31.05 9.57 -64.61
C MET ZB 64 30.14 10.73 -64.99
N LEU ZB 65 28.86 10.62 -64.63
CA LEU ZB 65 27.91 11.68 -64.96
C LEU ZB 65 28.29 12.99 -64.28
N ALA ZB 66 28.68 12.93 -63.00
CA ALA ZB 66 29.09 14.12 -62.29
C ALA ZB 66 30.32 14.74 -62.92
N ALA ZB 67 31.29 13.91 -63.31
CA ALA ZB 67 32.50 14.43 -63.93
C ALA ZB 67 32.20 15.09 -65.27
N GLN ZB 68 31.27 14.50 -66.04
CA GLN ZB 68 30.89 15.10 -67.32
C GLN ZB 68 30.26 16.47 -67.12
N ASP ZB 69 29.34 16.59 -66.14
CA ASP ZB 69 28.71 17.88 -65.88
C ASP ZB 69 29.72 18.90 -65.40
N VAL ZB 70 30.63 18.50 -64.51
CA VAL ZB 70 31.69 19.40 -64.06
C VAL ZB 70 32.56 19.84 -65.22
N ALA ZB 71 32.87 18.92 -66.13
CA ALA ZB 71 33.72 19.24 -67.27
C ALA ZB 71 33.05 20.26 -68.18
N GLN ZB 72 31.76 20.08 -68.48
CA GLN ZB 72 31.12 21.04 -69.37
C GLN ZB 72 30.95 22.40 -68.68
N ARG ZB 73 30.70 22.41 -67.37
CA ARG ZB 73 30.66 23.68 -66.65
C ARG ZB 73 32.01 24.38 -66.68
N CYS ZB 74 33.09 23.62 -66.49
CA CYS ZB 74 34.42 24.21 -66.53
C CYS ZB 74 34.74 24.76 -67.92
N LYS ZB 75 34.36 24.03 -68.97
CA LYS ZB 75 34.61 24.51 -70.32
C LYS ZB 75 33.82 25.77 -70.63
N GLU ZB 76 32.57 25.86 -70.17
CA GLU ZB 76 31.82 27.07 -70.46
C GLU ZB 76 32.26 28.24 -69.58
N LEU ZB 77 32.88 27.98 -68.44
CA LEU ZB 77 33.50 29.05 -67.67
C LEU ZB 77 34.96 29.29 -68.03
N GLY ZB 78 35.49 28.56 -69.01
CA GLY ZB 78 36.81 28.87 -69.53
C GLY ZB 78 37.95 28.34 -68.70
N ILE ZB 79 37.88 27.06 -68.32
CA ILE ZB 79 38.98 26.36 -67.68
C ILE ZB 79 39.29 25.13 -68.52
N THR ZB 80 40.57 24.94 -68.87
CA THR ZB 80 40.96 23.91 -69.80
C THR ZB 80 41.71 22.76 -69.18
N ALA ZB 81 42.59 23.00 -68.20
CA ALA ZB 81 43.38 21.95 -67.59
C ALA ZB 81 43.07 21.86 -66.10
N LEU ZB 82 43.30 20.68 -65.54
CA LEU ZB 82 42.99 20.44 -64.13
C LEU ZB 82 44.12 19.65 -63.49
N HIS ZB 83 44.60 20.12 -62.34
CA HIS ZB 83 45.31 19.26 -61.41
C HIS ZB 83 44.30 18.40 -60.68
N ILE ZB 84 44.76 17.26 -60.16
CA ILE ZB 84 43.86 16.28 -59.56
C ILE ZB 84 44.33 15.97 -58.15
N LYS ZB 85 43.41 16.06 -57.19
CA LYS ZB 85 43.66 15.70 -55.81
C LYS ZB 85 42.66 14.63 -55.41
N LEU ZB 86 43.10 13.37 -55.39
CA LEU ZB 86 42.23 12.27 -55.00
C LEU ZB 86 42.20 12.12 -53.49
N ARG ZB 87 41.00 11.94 -52.95
CA ARG ZB 87 40.80 11.87 -51.52
C ARG ZB 87 39.91 10.68 -51.19
N ALA ZB 88 40.30 9.94 -50.16
CA ALA ZB 88 39.46 8.91 -49.57
C ALA ZB 88 38.85 9.49 -48.29
N THR ZB 89 38.19 8.65 -47.51
CA THR ZB 89 37.61 9.12 -46.26
C THR ZB 89 38.69 9.60 -45.31
N GLY ZB 90 39.77 8.84 -45.18
CA GLY ZB 90 40.89 9.28 -44.38
C GLY ZB 90 40.60 9.23 -42.89
N GLY ZB 91 41.49 9.89 -42.15
CA GLY ZB 91 41.39 9.86 -40.70
C GLY ZB 91 41.62 8.46 -40.18
N ASN ZB 92 40.92 8.10 -39.12
CA ASN ZB 92 40.98 6.74 -38.61
C ASN ZB 92 40.20 5.75 -39.46
N ARG ZB 93 39.44 6.23 -40.44
CA ARG ZB 93 38.63 5.39 -41.30
C ARG ZB 93 39.44 4.98 -42.53
N THR ZB 94 38.75 4.46 -43.55
CA THR ZB 94 39.41 3.80 -44.67
C THR ZB 94 40.30 4.76 -45.46
N LYS ZB 95 41.32 4.20 -46.09
CA LYS ZB 95 42.27 4.95 -46.89
C LYS ZB 95 42.17 4.68 -48.38
N THR ZB 96 41.50 3.61 -48.76
CA THR ZB 96 41.33 3.27 -50.17
C THR ZB 96 40.25 4.16 -50.79
N PRO ZB 97 40.52 4.78 -51.93
CA PRO ZB 97 39.48 5.59 -52.59
C PRO ZB 97 38.32 4.71 -53.05
N GLY ZB 98 37.13 5.32 -53.09
CA GLY ZB 98 35.94 4.60 -53.44
C GLY ZB 98 35.91 4.23 -54.91
N PRO ZB 99 34.83 3.55 -55.32
CA PRO ZB 99 34.73 3.11 -56.71
C PRO ZB 99 34.63 4.24 -57.71
N GLY ZB 100 34.25 5.44 -57.28
CA GLY ZB 100 34.00 6.52 -58.22
C GLY ZB 100 35.22 7.29 -58.70
N ALA ZB 101 36.37 7.12 -58.06
CA ALA ZB 101 37.54 7.92 -58.42
C ALA ZB 101 37.99 7.64 -59.85
N GLN ZB 102 38.10 6.35 -60.20
CA GLN ZB 102 38.56 5.96 -61.52
C GLN ZB 102 37.63 6.48 -62.60
N SER ZB 103 36.33 6.29 -62.40
CA SER ZB 103 35.37 6.73 -63.41
C SER ZB 103 35.34 8.25 -63.52
N ALA ZB 104 35.42 8.96 -62.40
CA ALA ZB 104 35.41 10.42 -62.46
C ALA ZB 104 36.62 10.94 -63.21
N LEU ZB 105 37.81 10.41 -62.91
CA LEU ZB 105 39.01 10.89 -63.57
C LEU ZB 105 39.02 10.52 -65.05
N ARG ZB 106 38.57 9.31 -65.38
CA ARG ZB 106 38.51 8.90 -66.77
C ARG ZB 106 37.51 9.74 -67.55
N ALA ZB 107 36.38 10.08 -66.95
CA ALA ZB 107 35.40 10.92 -67.60
C ALA ZB 107 35.94 12.33 -67.81
N LEU ZB 108 36.66 12.86 -66.82
CA LEU ZB 108 37.28 14.17 -67.01
C LEU ZB 108 38.29 14.14 -68.15
N ALA ZB 109 39.08 13.07 -68.24
CA ALA ZB 109 40.04 12.97 -69.32
C ALA ZB 109 39.36 12.86 -70.69
N ARG ZB 110 38.30 12.04 -70.78
CA ARG ZB 110 37.64 11.82 -72.05
C ARG ZB 110 36.69 12.95 -72.45
N SER ZB 111 36.41 13.87 -71.54
CA SER ZB 111 35.58 15.01 -71.86
C SER ZB 111 36.34 16.14 -72.53
N GLY ZB 112 37.64 15.99 -72.75
CA GLY ZB 112 38.44 17.02 -73.38
C GLY ZB 112 39.24 17.86 -72.42
N MET ZB 113 38.97 17.77 -71.12
CA MET ZB 113 39.76 18.48 -70.13
C MET ZB 113 41.18 17.93 -70.09
N LYS ZB 114 42.16 18.81 -70.02
CA LYS ZB 114 43.54 18.40 -69.90
C LYS ZB 114 43.86 18.06 -68.46
N ILE ZB 115 44.81 17.15 -68.27
CA ILE ZB 115 45.18 16.67 -66.95
C ILE ZB 115 46.62 17.07 -66.66
N GLY ZB 116 46.85 17.58 -65.45
CA GLY ZB 116 48.19 17.94 -65.04
C GLY ZB 116 48.73 17.03 -63.95
N ARG ZB 117 49.11 17.61 -62.82
CA ARG ZB 117 49.60 16.82 -61.71
C ARG ZB 117 48.47 16.00 -61.10
N ILE ZB 118 48.82 14.84 -60.55
CA ILE ZB 118 47.88 13.99 -59.82
C ILE ZB 118 48.50 13.68 -58.48
N GLU ZB 119 47.72 13.82 -57.40
CA GLU ZB 119 48.26 13.58 -56.07
C GLU ZB 119 47.15 13.10 -55.15
N ASP ZB 120 47.51 12.21 -54.23
CA ASP ZB 120 46.60 11.76 -53.20
C ASP ZB 120 46.72 12.70 -52.01
N VAL ZB 121 45.58 13.13 -51.47
CA VAL ZB 121 45.54 14.04 -50.34
C VAL ZB 121 44.70 13.45 -49.23
N THR ZB 122 44.66 12.12 -49.17
CA THR ZB 122 43.89 11.44 -48.12
C THR ZB 122 44.44 11.83 -46.75
N PRO ZB 123 43.59 12.20 -45.80
CA PRO ZB 123 44.08 12.57 -44.47
C PRO ZB 123 44.68 11.38 -43.74
N ILE ZB 124 46.00 11.39 -43.57
CA ILE ZB 124 46.71 10.31 -42.88
C ILE ZB 124 47.07 10.82 -41.49
N PRO ZB 125 46.52 10.25 -40.43
CA PRO ZB 125 46.90 10.69 -39.08
C PRO ZB 125 48.29 10.20 -38.72
N SER ZB 126 49.09 11.10 -38.14
CA SER ZB 126 50.30 10.65 -37.46
C SER ZB 126 49.95 9.76 -36.29
N ASP ZB 127 48.80 10.01 -35.68
CA ASP ZB 127 47.91 9.06 -35.01
C ASP ZB 127 46.64 9.74 -34.56
N SER ZB 128 45.56 8.98 -34.57
CA SER ZB 128 44.22 9.52 -34.50
C SER ZB 128 43.55 9.09 -33.21
N THR ZB 129 42.33 9.58 -33.05
CA THR ZB 129 41.47 9.14 -31.97
C THR ZB 129 41.01 7.71 -32.23
N ARG ZB 130 40.28 7.16 -31.28
CA ARG ZB 130 39.85 5.78 -31.39
C ARG ZB 130 38.81 5.64 -32.50
N ARG ZB 131 39.01 4.65 -33.37
CA ARG ZB 131 38.07 4.39 -34.45
C ARG ZB 131 36.79 3.78 -33.90
N LYS ZB 132 35.66 4.12 -34.53
CA LYS ZB 132 34.39 3.61 -34.05
C LYS ZB 132 34.23 2.14 -34.41
N GLY ZB 133 33.37 1.46 -33.66
CA GLY ZB 133 33.07 0.06 -33.88
C GLY ZB 133 33.37 -0.85 -32.72
N GLY ZB 134 34.04 -0.38 -31.67
CA GLY ZB 134 34.39 -1.22 -30.55
C GLY ZB 134 35.59 -2.09 -30.85
N ARG ZB 135 36.04 -2.81 -29.83
CA ARG ZB 135 37.20 -3.67 -29.99
C ARG ZB 135 36.86 -4.99 -30.65
N ARG ZB 136 35.59 -5.36 -30.71
CA ARG ZB 136 35.17 -6.56 -31.41
C ARG ZB 136 34.78 -6.28 -32.86
N GLY ZB 137 34.85 -5.03 -33.28
CA GLY ZB 137 34.61 -4.71 -34.66
C GLY ZB 137 33.14 -4.61 -35.01
N ARG ZB 138 32.90 -4.55 -36.32
CA ARG ZB 138 31.55 -4.50 -36.88
C ARG ZB 138 31.13 -5.92 -37.20
N ARG ZB 139 30.34 -6.53 -36.30
CA ARG ZB 139 29.96 -7.92 -36.45
C ARG ZB 139 28.90 -8.05 -37.54
N LEU ZB 140 29.22 -8.82 -38.58
CA LEU ZB 140 28.30 -9.03 -39.69
C LEU ZB 140 28.25 -10.50 -40.08
N MET AC 1 75.37 -68.22 -20.28
CA MET AC 1 75.74 -69.59 -20.61
C MET AC 1 76.80 -70.11 -19.64
N GLN AC 2 77.34 -71.29 -19.94
CA GLN AC 2 78.47 -71.88 -19.24
C GLN AC 2 78.15 -72.08 -17.75
N ASN AC 3 77.22 -73.00 -17.52
CA ASN AC 3 76.83 -73.37 -16.16
C ASN AC 3 77.97 -74.01 -15.39
N ASP AC 4 77.72 -74.40 -14.14
CA ASP AC 4 78.80 -74.88 -13.26
C ASP AC 4 79.48 -76.11 -13.85
N ALA AC 5 78.72 -76.98 -14.51
CA ALA AC 5 79.30 -78.17 -15.11
C ALA AC 5 80.25 -77.84 -16.25
N GLY AC 6 80.09 -76.68 -16.89
CA GLY AC 6 81.05 -76.17 -17.85
C GLY AC 6 80.52 -76.00 -19.26
N GLU AC 7 79.52 -76.79 -19.66
CA GLU AC 7 79.07 -76.73 -21.04
C GLU AC 7 78.33 -75.42 -21.30
N PHE AC 8 78.38 -74.99 -22.57
CA PHE AC 8 77.78 -73.72 -22.98
C PHE AC 8 76.30 -73.94 -23.23
N VAL AC 9 75.46 -73.45 -22.32
CA VAL AC 9 74.01 -73.60 -22.44
C VAL AC 9 73.48 -72.34 -23.11
N ASP AC 10 73.57 -72.31 -24.43
CA ASP AC 10 73.10 -71.18 -25.22
C ASP AC 10 73.02 -71.59 -26.68
N LEU AC 11 71.86 -71.41 -27.30
CA LEU AC 11 71.67 -71.91 -28.65
C LEU AC 11 72.41 -71.09 -29.70
N TYR AC 12 72.67 -69.81 -29.45
CA TYR AC 12 73.57 -69.07 -30.33
C TYR AC 12 74.13 -67.87 -29.59
N VAL AC 13 75.28 -67.41 -30.07
CA VAL AC 13 75.99 -66.26 -29.51
C VAL AC 13 75.91 -65.13 -30.53
N PRO AC 14 75.19 -64.05 -30.24
CA PRO AC 14 75.04 -62.97 -31.22
C PRO AC 14 76.33 -62.20 -31.42
N ARG AC 15 76.43 -61.55 -32.57
CA ARG AC 15 77.59 -60.73 -32.87
C ARG AC 15 77.51 -59.39 -32.13
N LYS AC 16 78.66 -58.74 -32.02
CA LYS AC 16 78.76 -57.42 -31.43
C LYS AC 16 79.34 -56.46 -32.45
N CYS AC 17 78.72 -55.28 -32.55
CA CYS AC 17 79.18 -54.26 -33.48
C CYS AC 17 80.62 -53.90 -33.20
N SER AC 18 81.40 -53.81 -34.27
CA SER AC 18 82.83 -53.55 -34.13
C SER AC 18 83.13 -52.08 -33.88
N ALA AC 19 82.11 -51.25 -33.75
CA ALA AC 19 82.29 -49.83 -33.46
C ALA AC 19 81.77 -49.45 -32.08
N SER AC 20 80.51 -49.72 -31.78
CA SER AC 20 79.91 -49.36 -30.51
C SER AC 20 79.90 -50.50 -29.50
N ASN AC 21 80.35 -51.69 -29.90
CA ASN AC 21 80.36 -52.87 -29.04
C ASN AC 21 78.96 -53.18 -28.52
N ARG AC 22 77.96 -53.07 -29.39
CA ARG AC 22 76.57 -53.33 -29.05
C ARG AC 22 76.13 -54.65 -29.66
N ILE AC 23 75.30 -55.39 -28.93
CA ILE AC 23 74.81 -56.66 -29.44
C ILE AC 23 73.91 -56.42 -30.65
N ILE AC 24 74.21 -57.09 -31.75
CA ILE AC 24 73.39 -56.99 -32.96
C ILE AC 24 72.25 -58.00 -32.83
N GLY AC 25 71.03 -57.49 -32.73
CA GLY AC 25 69.89 -58.35 -32.50
C GLY AC 25 69.53 -59.19 -33.71
N ALA AC 26 68.69 -60.20 -33.45
CA ALA AC 26 68.28 -61.11 -34.52
C ALA AC 26 67.38 -60.42 -35.53
N LYS AC 27 66.54 -59.49 -35.08
CA LYS AC 27 65.62 -58.79 -35.98
C LYS AC 27 66.12 -57.40 -36.35
N ASP AC 28 67.37 -57.07 -36.06
CA ASP AC 28 67.94 -55.77 -36.43
C ASP AC 28 68.48 -55.92 -37.85
N HIS AC 29 67.61 -55.66 -38.83
CA HIS AC 29 67.96 -55.82 -40.23
C HIS AC 29 68.74 -54.64 -40.78
N ALA AC 30 68.88 -53.57 -40.02
CA ALA AC 30 69.69 -52.45 -40.47
C ALA AC 30 71.19 -52.73 -40.34
N SER AC 31 71.58 -53.72 -39.53
CA SER AC 31 72.98 -54.02 -39.32
C SER AC 31 73.60 -54.59 -40.58
N ILE AC 32 74.91 -54.42 -40.70
CA ILE AC 32 75.67 -54.91 -41.84
C ILE AC 32 76.90 -55.65 -41.34
N GLN AC 33 77.44 -56.50 -42.21
CA GLN AC 33 78.71 -57.18 -41.95
C GLN AC 33 79.43 -57.26 -43.30
N MET AC 34 80.33 -56.32 -43.55
CA MET AC 34 81.02 -56.28 -44.82
C MET AC 34 82.38 -56.94 -44.72
N ASN AC 35 82.93 -57.27 -45.88
CA ASN AC 35 84.27 -57.83 -46.00
C ASN AC 35 85.13 -56.85 -46.75
N VAL AC 36 86.31 -56.57 -46.22
CA VAL AC 36 87.31 -55.74 -46.89
C VAL AC 36 88.43 -56.68 -47.32
N ALA AC 37 88.72 -56.67 -48.61
CA ALA AC 37 89.66 -57.61 -49.22
C ALA AC 37 91.04 -56.95 -49.27
N GLU AC 38 91.96 -57.45 -48.46
CA GLU AC 38 93.32 -56.96 -48.51
C GLU AC 38 94.10 -57.67 -49.60
N VAL AC 39 95.10 -56.99 -50.14
CA VAL AC 39 95.84 -57.46 -51.29
C VAL AC 39 97.25 -57.84 -50.85
N ASP AC 40 98.00 -58.45 -51.77
CA ASP AC 40 99.36 -58.83 -51.45
C ASP AC 40 100.27 -57.59 -51.42
N LYS AC 41 101.48 -57.80 -50.90
CA LYS AC 41 102.38 -56.67 -50.66
C LYS AC 41 102.96 -56.13 -51.96
N VAL AC 42 103.29 -57.01 -52.90
CA VAL AC 42 104.13 -56.64 -54.04
C VAL AC 42 103.30 -56.25 -55.27
N THR AC 43 102.23 -56.98 -55.56
CA THR AC 43 101.48 -56.76 -56.80
C THR AC 43 100.12 -56.11 -56.60
N GLY AC 44 99.66 -55.97 -55.36
CA GLY AC 44 98.38 -55.33 -55.12
C GLY AC 44 97.19 -56.12 -55.63
N ARG AC 45 97.33 -57.43 -55.78
CA ARG AC 45 96.25 -58.28 -56.26
C ARG AC 45 95.58 -58.97 -55.08
N PHE AC 46 94.29 -59.24 -55.24
CA PHE AC 46 93.51 -59.90 -54.21
C PHE AC 46 94.04 -61.31 -53.97
N ASN AC 47 94.37 -61.61 -52.72
CA ASN AC 47 94.98 -62.88 -52.36
C ASN AC 47 93.98 -63.85 -51.74
N GLY AC 48 92.69 -63.57 -51.85
CA GLY AC 48 91.69 -64.48 -51.32
C GLY AC 48 91.25 -64.15 -49.91
N GLN AC 49 92.20 -64.10 -48.98
CA GLN AC 49 91.85 -63.86 -47.59
C GLN AC 49 91.59 -62.38 -47.35
N PHE AC 50 90.65 -62.11 -46.44
CA PHE AC 50 90.09 -60.77 -46.26
C PHE AC 50 89.88 -60.54 -44.77
N LYS AC 51 89.12 -59.51 -44.41
CA LYS AC 51 88.81 -59.25 -43.02
C LYS AC 51 87.46 -58.57 -42.91
N THR AC 52 86.72 -58.90 -41.85
CA THR AC 52 85.30 -58.60 -41.76
C THR AC 52 85.01 -57.55 -40.69
N TYR AC 53 84.11 -56.62 -40.99
CA TYR AC 53 83.68 -55.60 -40.05
C TYR AC 53 82.16 -55.62 -39.95
N ALA AC 54 81.64 -55.62 -38.73
CA ALA AC 54 80.20 -55.61 -38.48
C ALA AC 54 79.79 -54.30 -37.83
N ILE AC 55 78.73 -53.69 -38.34
CA ILE AC 55 78.22 -52.41 -37.86
C ILE AC 55 76.74 -52.57 -37.54
N CYS AC 56 76.33 -52.00 -36.41
CA CYS AC 56 74.94 -52.14 -35.98
C CYS AC 56 74.06 -51.04 -36.58
N GLY AC 57 72.76 -51.29 -36.53
CA GLY AC 57 71.81 -50.38 -37.13
C GLY AC 57 71.79 -49.01 -36.49
N ALA AC 58 71.99 -48.94 -35.18
CA ALA AC 58 71.99 -47.64 -34.51
C ALA AC 58 73.12 -46.76 -35.01
N ILE AC 59 74.32 -47.32 -35.12
CA ILE AC 59 75.46 -46.55 -35.62
C ILE AC 59 75.26 -46.18 -37.08
N ARG AC 60 74.91 -47.15 -37.91
CA ARG AC 60 74.77 -46.83 -39.32
C ARG AC 60 73.42 -46.24 -39.66
N ARG AC 61 72.67 -45.81 -38.65
CA ARG AC 61 71.52 -44.93 -38.81
C ARG AC 61 71.79 -43.53 -38.31
N MET AC 62 72.54 -43.39 -37.21
CA MET AC 62 72.97 -42.07 -36.79
C MET AC 62 74.06 -41.50 -37.68
N GLY AC 63 74.67 -42.34 -38.52
CA GLY AC 63 75.52 -41.85 -39.60
C GLY AC 63 77.00 -41.97 -39.36
N GLU AC 64 77.42 -42.57 -38.25
CA GLU AC 64 78.83 -42.70 -37.94
C GLU AC 64 79.44 -43.97 -38.53
N SER AC 65 78.74 -44.62 -39.46
CA SER AC 65 79.23 -45.86 -40.04
C SER AC 65 80.47 -45.63 -40.89
N ASP AC 66 80.49 -44.55 -41.68
CA ASP AC 66 81.65 -44.28 -42.52
C ASP AC 66 82.88 -44.02 -41.67
N ASP AC 67 82.74 -43.20 -40.64
CA ASP AC 67 83.86 -42.93 -39.74
C ASP AC 67 84.30 -44.20 -39.03
N SER AC 68 83.33 -45.03 -38.63
CA SER AC 68 83.66 -46.28 -37.95
C SER AC 68 84.48 -47.21 -38.84
N ILE AC 69 84.01 -47.43 -40.07
CA ILE AC 69 84.73 -48.29 -41.00
C ILE AC 69 86.11 -47.73 -41.29
N LEU AC 70 86.20 -46.41 -41.48
CA LEU AC 70 87.49 -45.80 -41.78
C LEU AC 70 88.46 -45.99 -40.62
N ARG AC 71 87.99 -45.81 -39.39
CA ARG AC 71 88.84 -46.01 -38.22
C ARG AC 71 89.29 -47.45 -38.10
N LEU AC 72 88.38 -48.40 -38.30
CA LEU AC 72 88.77 -49.81 -38.22
C LEU AC 72 89.78 -50.17 -39.29
N ALA AC 73 89.59 -49.68 -40.52
CA ALA AC 73 90.55 -49.95 -41.58
C ALA AC 73 91.90 -49.31 -41.28
N LYS AC 74 91.90 -48.10 -40.73
CA LYS AC 74 93.12 -47.45 -40.32
C LYS AC 74 93.84 -48.25 -39.24
N ALA AC 75 93.09 -48.73 -38.25
CA ALA AC 75 93.70 -49.47 -37.16
C ALA AC 75 94.25 -50.81 -37.63
N ASP AC 76 93.54 -51.48 -38.53
CA ASP AC 76 93.97 -52.79 -38.98
C ASP AC 76 95.04 -52.70 -40.05
N GLY AC 77 95.22 -51.54 -40.67
CA GLY AC 77 96.27 -51.35 -41.64
C GLY AC 77 95.81 -51.23 -43.07
N ILE AC 78 94.50 -51.25 -43.32
CA ILE AC 78 94.01 -51.10 -44.69
C ILE AC 78 94.27 -49.69 -45.20
N VAL AC 79 93.95 -48.69 -44.40
CA VAL AC 79 94.21 -47.30 -44.73
C VAL AC 79 95.58 -46.91 -44.20
N SER AC 80 96.34 -46.19 -45.02
CA SER AC 80 97.67 -45.77 -44.63
C SER AC 80 97.60 -44.75 -43.50
N LYS AC 81 98.68 -44.67 -42.72
CA LYS AC 81 98.71 -43.77 -41.57
C LYS AC 81 98.71 -42.31 -41.97
N ASN AC 82 99.25 -41.99 -43.14
CA ASN AC 82 99.31 -40.61 -43.62
C ASN AC 82 97.99 -40.15 -44.24
N PHE AC 83 96.90 -40.85 -43.98
CA PHE AC 83 95.56 -40.47 -44.43
C PHE AC 83 95.19 -39.08 -43.93
N VAL BC 1 72.19 -25.06 -8.22
CA VAL BC 1 73.62 -25.22 -8.33
C VAL BC 1 73.97 -26.70 -8.25
N ARG BC 2 75.20 -27.04 -8.63
CA ARG BC 2 75.62 -28.44 -8.59
C ARG BC 2 75.86 -28.86 -7.14
N MET BC 3 75.09 -29.84 -6.68
CA MET BC 3 75.19 -30.32 -5.32
C MET BC 3 75.68 -31.76 -5.21
N ASN BC 4 75.67 -32.52 -6.30
CA ASN BC 4 76.11 -33.91 -6.30
C ASN BC 4 77.06 -34.10 -7.48
N VAL BC 5 78.35 -33.93 -7.20
CA VAL BC 5 79.38 -34.03 -8.23
C VAL BC 5 79.42 -35.44 -8.80
N LEU BC 6 79.32 -36.45 -7.93
CA LEU BC 6 79.30 -37.83 -8.40
C LEU BC 6 78.09 -38.10 -9.28
N ALA BC 7 76.92 -37.57 -8.91
CA ALA BC 7 75.74 -37.76 -9.72
C ALA BC 7 75.91 -37.15 -11.10
N ASP BC 8 76.47 -35.94 -11.16
CA ASP BC 8 76.69 -35.30 -12.46
C ASP BC 8 77.65 -36.11 -13.30
N ALA BC 9 78.75 -36.61 -12.71
CA ALA BC 9 79.71 -37.39 -13.46
C ALA BC 9 79.10 -38.69 -13.96
N LEU BC 10 78.33 -39.37 -13.12
CA LEU BC 10 77.74 -40.64 -13.52
C LEU BC 10 76.70 -40.44 -14.62
N LYS BC 11 75.91 -39.39 -14.53
CA LYS BC 11 74.96 -39.10 -15.60
C LYS BC 11 75.68 -38.78 -16.91
N SER BC 12 76.79 -38.05 -16.83
CA SER BC 12 77.55 -37.75 -18.05
C SER BC 12 78.11 -39.03 -18.67
N ILE BC 13 78.65 -39.93 -17.86
CA ILE BC 13 79.17 -41.20 -18.36
C ILE BC 13 78.05 -42.00 -19.00
N ASN BC 14 76.89 -42.07 -18.35
CA ASN BC 14 75.78 -42.83 -18.88
C ASN BC 14 75.30 -42.27 -20.22
N ASN BC 15 75.21 -40.95 -20.33
CA ASN BC 15 74.75 -40.35 -21.58
C ASN BC 15 75.75 -40.57 -22.71
N ALA BC 16 77.06 -40.43 -22.42
CA ALA BC 16 78.06 -40.69 -23.44
C ALA BC 16 78.05 -42.14 -23.88
N GLU BC 17 77.86 -43.05 -22.91
CA GLU BC 17 77.78 -44.47 -23.25
C GLU BC 17 76.58 -44.76 -24.13
N LYS BC 18 75.43 -44.15 -23.82
CA LYS BC 18 74.24 -44.36 -24.64
C LYS BC 18 74.44 -43.80 -26.04
N ARG BC 19 75.08 -42.63 -26.15
CA ARG BC 19 75.33 -42.05 -27.47
C ARG BC 19 76.41 -42.80 -28.23
N GLY BC 20 77.22 -43.61 -27.56
CA GLY BC 20 78.21 -44.41 -28.23
C GLY BC 20 79.57 -43.76 -28.36
N LYS BC 21 79.85 -42.71 -27.61
CA LYS BC 21 81.14 -42.06 -27.67
C LYS BC 21 82.24 -42.98 -27.15
N ARG BC 22 83.46 -42.75 -27.64
CA ARG BC 22 84.61 -43.53 -27.19
C ARG BC 22 85.27 -42.95 -25.95
N GLN BC 23 85.17 -41.64 -25.75
CA GLN BC 23 85.72 -41.00 -24.57
C GLN BC 23 84.68 -40.05 -23.99
N VAL BC 24 84.71 -39.91 -22.66
CA VAL BC 24 83.83 -38.98 -21.97
C VAL BC 24 84.65 -38.10 -21.07
N LEU BC 25 84.29 -36.82 -21.00
CA LEU BC 25 84.95 -35.86 -20.13
C LEU BC 25 83.98 -35.46 -19.02
N ILE BC 26 84.38 -35.69 -17.78
CA ILE BC 26 83.62 -35.29 -16.62
C ILE BC 26 84.40 -34.19 -15.91
N ARG BC 27 83.76 -33.03 -15.76
CA ARG BC 27 84.46 -31.80 -15.40
C ARG BC 27 84.82 -31.69 -13.92
N PRO BC 28 83.89 -31.84 -12.96
CA PRO BC 28 84.32 -31.77 -11.57
C PRO BC 28 84.84 -33.11 -11.08
N CYS BC 29 86.13 -33.20 -10.77
CA CYS BC 29 86.70 -34.41 -10.25
C CYS BC 29 86.69 -34.41 -8.72
N SER BC 30 86.74 -35.60 -8.14
CA SER BC 30 86.82 -35.75 -6.71
C SER BC 30 87.37 -37.13 -6.40
N LYS BC 31 87.79 -37.30 -5.14
CA LYS BC 31 88.30 -38.60 -4.70
C LYS BC 31 87.22 -39.66 -4.80
N VAL BC 32 85.98 -39.31 -4.48
CA VAL BC 32 84.87 -40.26 -4.58
C VAL BC 32 84.69 -40.71 -6.01
N ILE BC 33 84.76 -39.77 -6.96
CA ILE BC 33 84.64 -40.11 -8.38
C ILE BC 33 85.78 -41.02 -8.81
N VAL BC 34 87.00 -40.70 -8.38
CA VAL BC 34 88.14 -41.52 -8.77
C VAL BC 34 88.01 -42.93 -8.22
N ARG BC 35 87.54 -43.08 -6.98
CA ARG BC 35 87.37 -44.40 -6.40
C ARG BC 35 86.26 -45.18 -7.08
N PHE BC 36 85.15 -44.51 -7.40
CA PHE BC 36 84.07 -45.16 -8.14
C PHE BC 36 84.54 -45.64 -9.51
N LEU BC 37 85.28 -44.79 -10.22
CA LEU BC 37 85.80 -45.17 -11.52
C LEU BC 37 86.84 -46.28 -11.40
N THR BC 38 87.61 -46.29 -10.32
CA THR BC 38 88.57 -47.37 -10.11
C THR BC 38 87.84 -48.69 -9.88
N VAL BC 39 86.74 -48.68 -9.13
CA VAL BC 39 85.96 -49.90 -8.94
C VAL BC 39 85.41 -50.38 -10.28
N MET BC 40 84.85 -49.46 -11.06
CA MET BC 40 84.30 -49.84 -12.36
C MET BC 40 85.38 -50.37 -13.29
N MET BC 41 86.57 -49.77 -13.25
CA MET BC 41 87.67 -50.18 -14.11
C MET BC 41 88.21 -51.54 -13.69
N LYS BC 42 88.31 -51.80 -12.38
CA LYS BC 42 88.74 -53.11 -11.92
C LYS BC 42 87.73 -54.19 -12.30
N HIS BC 43 86.45 -53.86 -12.31
CA HIS BC 43 85.47 -54.81 -12.79
C HIS BC 43 85.34 -54.83 -14.31
N GLY BC 44 86.05 -53.94 -15.00
CA GLY BC 44 86.16 -54.00 -16.44
C GLY BC 44 85.09 -53.29 -17.22
N TYR BC 45 84.20 -52.54 -16.57
CA TYR BC 45 83.13 -51.89 -17.29
C TYR BC 45 83.60 -50.65 -18.05
N ILE BC 46 84.73 -50.05 -17.65
CA ILE BC 46 85.30 -48.92 -18.36
C ILE BC 46 86.77 -49.21 -18.60
N GLY BC 47 87.36 -48.44 -19.51
CA GLY BC 47 88.77 -48.52 -19.80
C GLY BC 47 89.57 -47.64 -18.87
N GLU BC 48 90.76 -47.28 -19.32
CA GLU BC 48 91.59 -46.37 -18.56
C GLU BC 48 90.98 -44.97 -18.54
N PHE BC 49 91.18 -44.27 -17.43
CA PHE BC 49 90.78 -42.88 -17.32
C PHE BC 49 91.97 -42.07 -16.84
N GLU BC 50 92.09 -40.86 -17.39
CA GLU BC 50 93.22 -39.99 -17.12
C GLU BC 50 92.72 -38.68 -16.54
N ILE BC 51 93.42 -38.19 -15.51
CA ILE BC 51 93.00 -37.02 -14.76
C ILE BC 51 93.82 -35.84 -15.26
N ILE BC 52 93.13 -34.89 -15.89
CA ILE BC 52 93.74 -33.61 -16.25
C ILE BC 52 93.76 -32.75 -15.00
N ASP BC 53 94.95 -32.34 -14.60
CA ASP BC 53 95.16 -31.64 -13.33
C ASP BC 53 95.35 -30.15 -13.60
N ASP BC 54 94.32 -29.37 -13.33
CA ASP BC 54 94.47 -27.94 -13.17
C ASP BC 54 94.54 -27.62 -11.68
N HIS BC 55 94.91 -26.38 -11.38
CA HIS BC 55 95.00 -25.99 -9.97
C HIS BC 55 93.66 -25.95 -9.28
N ARG BC 56 92.57 -25.96 -10.03
CA ARG BC 56 91.23 -26.12 -9.50
C ARG BC 56 90.93 -27.61 -9.35
N ALA BC 57 89.65 -27.95 -9.15
CA ALA BC 57 89.24 -29.34 -9.24
C ALA BC 57 89.52 -29.85 -10.65
N GLY BC 58 90.18 -31.00 -10.73
CA GLY BC 58 90.63 -31.52 -12.00
C GLY BC 58 89.47 -32.01 -12.83
N LYS BC 59 89.79 -32.46 -14.05
CA LYS BC 59 88.84 -33.08 -14.94
C LYS BC 59 89.28 -34.51 -15.21
N ILE BC 60 88.36 -35.34 -15.67
CA ILE BC 60 88.68 -36.74 -15.95
C ILE BC 60 88.21 -37.08 -17.36
N VAL BC 61 89.06 -37.76 -18.12
CA VAL BC 61 88.69 -38.29 -19.43
C VAL BC 61 88.73 -39.81 -19.32
N VAL BC 62 87.59 -40.44 -19.55
CA VAL BC 62 87.42 -41.89 -19.39
C VAL BC 62 87.27 -42.50 -20.76
N ASN BC 63 87.98 -43.61 -20.99
CA ASN BC 63 87.82 -44.39 -22.21
C ASN BC 63 86.71 -45.40 -22.00
N LEU BC 64 85.64 -45.28 -22.77
CA LEU BC 64 84.49 -46.16 -22.64
C LEU BC 64 84.68 -47.39 -23.51
N THR BC 65 84.56 -48.56 -22.91
CA THR BC 65 84.73 -49.83 -23.62
C THR BC 65 83.45 -50.32 -24.28
N GLY BC 66 82.32 -49.65 -24.07
CA GLY BC 66 81.10 -50.03 -24.73
C GLY BC 66 80.33 -51.15 -24.07
N ARG BC 67 80.74 -51.61 -22.89
CA ARG BC 67 80.09 -52.71 -22.20
C ARG BC 67 79.39 -52.25 -20.94
N LEU BC 68 78.91 -51.02 -20.91
CA LEU BC 68 78.21 -50.46 -19.76
C LEU BC 68 76.76 -50.21 -20.14
N ASN BC 69 75.84 -50.61 -19.26
CA ASN BC 69 74.41 -50.40 -19.48
C ASN BC 69 73.87 -49.21 -18.71
N LYS BC 70 74.18 -49.13 -17.42
CA LYS BC 70 73.73 -48.03 -16.58
C LYS BC 70 74.73 -47.87 -15.46
N CYS BC 71 75.00 -46.62 -15.09
CA CYS BC 71 75.90 -46.29 -13.99
C CYS BC 71 75.29 -45.21 -13.11
N GLY BC 72 74.05 -45.44 -12.69
CA GLY BC 72 73.32 -44.45 -11.93
C GLY BC 72 73.85 -44.25 -10.53
N VAL BC 73 73.21 -43.33 -9.81
CA VAL BC 73 73.62 -42.93 -8.47
C VAL BC 73 72.41 -43.02 -7.56
N ILE BC 74 72.67 -43.21 -6.27
CA ILE BC 74 71.63 -43.13 -5.24
C ILE BC 74 71.95 -41.88 -4.43
N SER BC 75 71.27 -40.79 -4.75
CA SER BC 75 71.72 -39.48 -4.27
C SER BC 75 71.66 -39.32 -2.76
N PRO BC 76 70.55 -39.61 -2.06
CA PRO BC 76 70.64 -39.60 -0.60
C PRO BC 76 71.42 -40.81 -0.13
N ARG BC 77 72.62 -40.57 0.43
CA ARG BC 77 73.53 -41.65 0.79
C ARG BC 77 72.96 -42.37 2.02
N PHE BC 78 72.03 -43.27 1.75
CA PHE BC 78 71.39 -44.02 2.82
C PHE BC 78 72.39 -44.91 3.53
N ASP BC 79 72.21 -45.07 4.83
CA ASP BC 79 72.99 -46.02 5.60
C ASP BC 79 72.56 -47.43 5.23
N VAL BC 80 73.49 -48.26 4.78
CA VAL BC 80 73.19 -49.61 4.33
C VAL BC 80 73.82 -50.58 5.31
N GLN BC 81 72.98 -51.37 5.97
CA GLN BC 81 73.45 -52.44 6.83
C GLN BC 81 73.49 -53.75 6.05
N LEU BC 82 74.25 -54.71 6.57
CA LEU BC 82 74.36 -55.99 5.90
C LEU BC 82 73.04 -56.77 5.90
N LYS BC 83 72.13 -56.44 6.81
CA LYS BC 83 70.83 -57.09 6.84
C LYS BC 83 69.90 -56.62 5.73
N ASP BC 84 70.04 -55.38 5.26
CA ASP BC 84 69.23 -54.86 4.17
C ASP BC 84 70.01 -54.70 2.87
N LEU BC 85 71.27 -55.11 2.84
CA LEU BC 85 72.03 -55.06 1.61
C LEU BC 85 71.42 -55.97 0.55
N GLU BC 86 70.83 -57.10 0.95
CA GLU BC 86 70.17 -57.97 -0.01
C GLU BC 86 68.96 -57.30 -0.64
N LYS BC 87 68.17 -56.58 0.15
CA LYS BC 87 67.04 -55.86 -0.39
C LYS BC 87 67.48 -54.76 -1.35
N TRP BC 88 68.53 -54.03 -0.99
CA TRP BC 88 69.08 -53.06 -1.92
C TRP BC 88 69.57 -53.75 -3.19
N GLN BC 89 70.17 -54.93 -3.05
CA GLN BC 89 70.76 -55.62 -4.17
C GLN BC 89 69.70 -56.09 -5.16
N ASN BC 90 68.62 -56.69 -4.68
CA ASN BC 90 67.58 -57.12 -5.60
C ASN BC 90 66.59 -56.02 -5.94
N ASN BC 91 66.74 -54.82 -5.35
CA ASN BC 91 66.00 -53.68 -5.87
C ASN BC 91 66.74 -52.99 -7.00
N LEU BC 92 68.07 -52.92 -6.92
CA LEU BC 92 68.83 -52.15 -7.88
C LEU BC 92 69.50 -52.97 -8.98
N LEU BC 93 69.65 -54.28 -8.79
CA LEU BC 93 70.47 -54.94 -9.79
C LEU BC 93 69.60 -55.69 -10.78
N PRO BC 94 70.04 -55.77 -12.05
CA PRO BC 94 69.28 -56.52 -13.04
C PRO BC 94 69.14 -58.00 -12.75
N SER BC 95 70.15 -58.62 -12.14
CA SER BC 95 70.11 -60.04 -11.84
C SER BC 95 71.13 -60.33 -10.76
N ARG BC 96 71.17 -61.58 -10.32
CA ARG BC 96 72.14 -62.00 -9.32
C ARG BC 96 73.42 -62.55 -9.95
N GLN BC 97 73.50 -62.59 -11.28
CA GLN BC 97 74.68 -63.10 -11.95
C GLN BC 97 75.69 -62.01 -12.27
N PHE BC 98 75.26 -60.76 -12.36
CA PHE BC 98 76.16 -59.66 -12.65
C PHE BC 98 75.58 -58.38 -12.05
N GLY BC 99 76.28 -57.28 -12.27
CA GLY BC 99 75.87 -56.01 -11.70
C GLY BC 99 76.48 -55.80 -10.34
N PHE BC 100 76.89 -54.57 -10.04
CA PHE BC 100 77.55 -54.26 -8.80
C PHE BC 100 76.96 -53.01 -8.18
N ILE BC 101 77.01 -52.96 -6.85
CA ILE BC 101 76.59 -51.80 -6.08
C ILE BC 101 77.79 -51.27 -5.33
N VAL BC 102 78.15 -50.02 -5.60
CA VAL BC 102 79.26 -49.37 -4.94
C VAL BC 102 78.74 -48.63 -3.73
N LEU BC 103 79.29 -48.93 -2.56
CA LEU BC 103 78.92 -48.26 -1.33
C LEU BC 103 80.18 -47.89 -0.57
N THR BC 104 80.19 -46.68 -0.01
CA THR BC 104 81.34 -46.22 0.76
C THR BC 104 81.27 -46.81 2.17
N THR BC 105 82.31 -47.54 2.54
CA THR BC 105 82.40 -48.21 3.83
C THR BC 105 83.56 -47.64 4.61
N SER BC 106 83.66 -48.07 5.86
CA SER BC 106 84.78 -47.64 6.70
C SER BC 106 86.11 -48.16 6.16
N ALA BC 107 86.10 -49.31 5.48
CA ALA BC 107 87.31 -49.84 4.88
C ALA BC 107 87.63 -49.19 3.54
N GLY BC 108 86.71 -48.43 2.97
CA GLY BC 108 86.95 -47.76 1.71
C GLY BC 108 85.76 -47.84 0.77
N ILE BC 109 85.92 -47.32 -0.45
CA ILE BC 109 84.88 -47.38 -1.46
C ILE BC 109 85.08 -48.67 -2.26
N MET BC 110 84.03 -49.48 -2.32
CA MET BC 110 84.14 -50.81 -2.90
C MET BC 110 82.74 -51.35 -3.16
N ASP BC 111 82.68 -52.45 -3.90
CA ASP BC 111 81.41 -53.03 -4.31
C ASP BC 111 80.81 -53.88 -3.18
N HIS BC 112 79.54 -54.23 -3.36
CA HIS BC 112 78.80 -54.92 -2.31
C HIS BC 112 79.34 -56.33 -2.06
N GLU BC 113 79.89 -56.98 -3.08
CA GLU BC 113 80.46 -58.30 -2.86
C GLU BC 113 81.66 -58.25 -1.94
N GLU BC 114 82.56 -57.28 -2.15
CA GLU BC 114 83.68 -57.14 -1.23
C GLU BC 114 83.22 -56.66 0.13
N ALA BC 115 82.18 -55.82 0.18
CA ALA BC 115 81.65 -55.38 1.46
C ALA BC 115 81.15 -56.56 2.27
N ARG BC 116 80.43 -57.48 1.64
CA ARG BC 116 79.98 -58.67 2.34
C ARG BC 116 81.13 -59.62 2.64
N ARG BC 117 82.15 -59.64 1.77
CA ARG BC 117 83.29 -60.52 1.99
C ARG BC 117 84.05 -60.13 3.25
N LYS BC 118 84.27 -58.84 3.46
CA LYS BC 118 84.96 -58.38 4.66
C LYS BC 118 84.01 -57.88 5.73
N HIS BC 119 82.71 -58.15 5.59
CA HIS BC 119 81.73 -58.03 6.68
C HIS BC 119 81.65 -56.61 7.23
N THR BC 120 81.23 -55.70 6.37
CA THR BC 120 81.03 -54.32 6.79
C THR BC 120 79.91 -53.70 5.98
N GLY BC 121 79.18 -52.78 6.62
CA GLY BC 121 78.21 -51.95 5.95
C GLY BC 121 78.78 -50.58 5.65
N GLY BC 122 77.89 -49.69 5.23
CA GLY BC 122 78.32 -48.34 4.92
C GLY BC 122 77.21 -47.49 4.37
N LYS BC 123 77.59 -46.48 3.59
CA LYS BC 123 76.63 -45.59 2.96
C LYS BC 123 76.56 -45.89 1.47
N ILE BC 124 75.35 -45.92 0.93
CA ILE BC 124 75.17 -46.20 -0.49
C ILE BC 124 75.77 -45.08 -1.31
N LEU BC 125 76.43 -45.45 -2.42
CA LEU BC 125 76.95 -44.47 -3.35
C LEU BC 125 76.25 -44.54 -4.69
N GLY BC 126 76.26 -45.70 -5.33
CA GLY BC 126 75.62 -45.85 -6.61
C GLY BC 126 75.65 -47.30 -7.04
N PHE BC 127 75.44 -47.50 -8.34
CA PHE BC 127 75.40 -48.84 -8.88
C PHE BC 127 75.82 -48.78 -10.34
N PHE BC 128 76.23 -49.93 -10.87
CA PHE BC 128 76.54 -50.01 -12.28
C PHE BC 128 76.39 -51.46 -12.73
N PHE BC 129 75.90 -51.64 -13.95
CA PHE BC 129 75.76 -52.96 -14.53
C PHE BC 129 75.79 -52.88 -16.05
N GLY CC 1 59.75 -31.82 -8.80
CA GLY CC 1 60.01 -33.12 -8.22
C GLY CC 1 59.72 -33.17 -6.74
N LYS CC 2 60.05 -34.28 -6.10
CA LYS CC 2 59.86 -34.44 -4.67
C LYS CC 2 61.20 -34.33 -3.94
N CYS CC 3 61.13 -33.93 -2.67
CA CYS CC 3 62.34 -33.81 -1.87
C CYS CC 3 62.90 -35.18 -1.52
N ARG CC 4 64.22 -35.27 -1.46
CA ARG CC 4 64.91 -36.53 -1.24
C ARG CC 4 65.98 -36.46 -0.17
N GLY CC 5 65.99 -35.41 0.65
CA GLY CC 5 67.04 -35.27 1.64
C GLY CC 5 66.92 -36.31 2.74
N LEU CC 6 68.02 -36.49 3.47
CA LEU CC 6 68.04 -37.47 4.55
C LEU CC 6 67.15 -37.09 5.71
N ARG CC 7 66.88 -35.81 5.92
CA ARG CC 7 66.04 -35.39 7.02
C ARG CC 7 64.81 -34.64 6.53
N THR CC 8 64.19 -35.16 5.48
CA THR CC 8 62.93 -34.64 4.95
C THR CC 8 61.73 -35.49 5.34
N ALA CC 9 61.88 -36.37 6.33
CA ALA CC 9 60.80 -37.28 6.67
C ALA CC 9 59.60 -36.54 7.22
N ARG CC 10 59.82 -35.45 7.97
CA ARG CC 10 58.71 -34.67 8.48
C ARG CC 10 57.88 -34.10 7.34
N LYS CC 11 58.54 -33.49 6.35
CA LYS CC 11 57.81 -32.93 5.22
C LYS CC 11 57.12 -34.02 4.41
N LEU CC 12 57.80 -35.15 4.23
CA LEU CC 12 57.20 -36.24 3.46
C LEU CC 12 55.92 -36.74 4.12
N ARG CC 13 55.98 -37.01 5.43
CA ARG CC 13 54.80 -37.54 6.11
C ARG CC 13 53.70 -36.50 6.23
N SER CC 14 54.07 -35.22 6.43
CA SER CC 14 53.07 -34.17 6.50
C SER CC 14 52.35 -34.00 5.17
N HIS CC 15 53.10 -34.01 4.07
CA HIS CC 15 52.49 -33.92 2.76
C HIS CC 15 51.62 -35.13 2.48
N ARG CC 16 52.06 -36.31 2.90
CA ARG CC 16 51.27 -37.51 2.67
C ARG CC 16 49.94 -37.44 3.41
N ARG CC 17 49.96 -37.06 4.68
CA ARG CC 17 48.72 -37.02 5.43
C ARG CC 17 47.86 -35.83 5.06
N ASP CC 18 48.43 -34.79 4.45
CA ASP CC 18 47.59 -33.74 3.89
C ASP CC 18 46.91 -34.20 2.60
N GLN CC 19 47.64 -34.89 1.74
CA GLN CC 19 47.08 -35.33 0.46
C GLN CC 19 46.17 -36.53 0.60
N LYS CC 20 46.25 -37.26 1.72
CA LYS CC 20 45.38 -38.41 1.91
C LYS CC 20 43.92 -38.02 2.09
N TRP CC 21 43.61 -36.76 2.28
CA TRP CC 21 42.24 -36.32 2.43
C TRP CC 21 41.54 -36.08 1.10
N HIS CC 22 42.24 -36.23 -0.01
CA HIS CC 22 41.70 -35.87 -1.31
C HIS CC 22 41.10 -37.04 -2.08
N ASP CC 23 41.20 -38.26 -1.58
CA ASP CC 23 40.51 -39.39 -2.18
C ASP CC 23 39.26 -39.71 -1.38
N LYS CC 24 38.24 -40.22 -2.07
CA LYS CC 24 36.92 -40.34 -1.47
C LYS CC 24 36.87 -41.42 -0.40
N GLN CC 25 37.61 -42.52 -0.57
CA GLN CC 25 37.54 -43.60 0.41
C GLN CC 25 38.09 -43.15 1.77
N TYR CC 26 39.27 -42.54 1.78
CA TYR CC 26 39.86 -42.08 3.04
C TYR CC 26 38.99 -41.02 3.69
N LYS CC 27 38.50 -40.07 2.90
CA LYS CC 27 37.64 -39.01 3.43
C LYS CC 27 36.38 -39.60 4.06
N LYS CC 28 35.76 -40.55 3.38
CA LYS CC 28 34.54 -41.18 3.90
C LYS CC 28 34.83 -41.97 5.17
N ALA CC 29 35.94 -42.70 5.20
CA ALA CC 29 36.23 -43.57 6.34
C ALA CC 29 36.80 -42.82 7.54
N HIS CC 30 37.29 -41.60 7.37
CA HIS CC 30 37.93 -40.91 8.46
C HIS CC 30 37.33 -39.55 8.80
N LEU CC 31 36.33 -39.09 8.05
CA LEU CC 31 35.72 -37.80 8.39
C LEU CC 31 34.62 -37.96 9.43
N GLY CC 32 33.83 -39.02 9.35
CA GLY CC 32 32.78 -39.27 10.29
C GLY CC 32 31.42 -38.74 9.89
N THR CC 33 31.38 -37.76 8.99
CA THR CC 33 30.09 -37.26 8.53
C THR CC 33 29.34 -38.31 7.71
N ALA CC 34 30.08 -39.15 6.97
CA ALA CC 34 29.43 -40.26 6.28
C ALA CC 34 28.86 -41.26 7.28
N LEU CC 35 29.58 -41.50 8.39
CA LEU CC 35 29.07 -42.38 9.42
C LEU CC 35 27.81 -41.82 10.06
N LYS CC 36 27.78 -40.50 10.27
CA LYS CC 36 26.57 -39.89 10.83
C LYS CC 36 25.41 -39.94 9.84
N ALA CC 37 25.68 -39.75 8.56
CA ALA CC 37 24.63 -39.79 7.55
C ALA CC 37 24.16 -41.20 7.23
N ASN CC 38 24.95 -42.21 7.55
CA ASN CC 38 24.55 -43.59 7.31
C ASN CC 38 23.39 -43.97 8.21
N PRO CC 39 22.26 -44.41 7.66
CA PRO CC 39 21.13 -44.81 8.53
C PRO CC 39 21.45 -45.99 9.43
N PHE CC 40 22.30 -46.91 8.99
CA PHE CC 40 22.61 -48.08 9.80
C PHE CC 40 23.57 -47.77 10.93
N GLY CC 41 24.26 -46.63 10.87
CA GLY CC 41 25.25 -46.31 11.88
C GLY CC 41 26.44 -47.24 11.88
N GLY CC 42 26.94 -47.62 10.71
CA GLY CC 42 28.09 -48.50 10.66
C GLY CC 42 27.79 -49.93 11.02
N ALA CC 43 26.54 -50.37 10.88
CA ALA CC 43 26.15 -51.74 11.15
C ALA CC 43 25.86 -52.46 9.85
N SER CC 44 26.14 -53.76 9.83
CA SER CC 44 25.88 -54.55 8.64
C SER CC 44 24.39 -54.70 8.37
N HIS CC 45 23.60 -54.93 9.42
CA HIS CC 45 22.17 -55.13 9.30
C HIS CC 45 21.45 -54.21 10.27
N ALA CC 46 20.13 -54.12 10.12
CA ALA CC 46 19.31 -53.35 11.05
C ALA CC 46 17.91 -53.93 11.06
N LYS CC 47 17.15 -53.55 12.08
CA LYS CC 47 15.76 -53.96 12.21
C LYS CC 47 14.85 -52.73 12.10
N GLY CC 48 13.66 -52.95 11.57
CA GLY CC 48 12.73 -51.85 11.42
C GLY CC 48 11.30 -52.32 11.36
N ILE CC 49 10.40 -51.36 11.34
CA ILE CC 49 8.96 -51.61 11.23
C ILE CC 49 8.49 -51.11 9.88
N VAL CC 50 7.77 -51.94 9.16
CA VAL CC 50 7.31 -51.60 7.81
C VAL CC 50 6.27 -50.51 7.93
N LEU CC 51 6.64 -49.29 7.52
CA LEU CC 51 5.66 -48.20 7.52
C LEU CC 51 4.68 -48.34 6.36
N GLU CC 52 5.18 -48.73 5.19
CA GLU CC 52 4.31 -48.75 4.00
C GLU CC 52 4.91 -49.68 2.97
N LYS CC 53 4.11 -50.04 1.98
CA LYS CC 53 4.55 -50.77 0.80
C LYS CC 53 4.42 -49.85 -0.41
N VAL CC 54 5.53 -49.66 -1.13
CA VAL CC 54 5.57 -48.73 -2.25
C VAL CC 54 6.14 -49.42 -3.47
N GLY CC 55 5.86 -48.83 -4.62
CA GLY CC 55 6.46 -49.25 -5.87
C GLY CC 55 7.33 -48.14 -6.42
N VAL CC 56 8.50 -48.51 -6.91
CA VAL CC 56 9.48 -47.55 -7.43
C VAL CC 56 9.64 -47.82 -8.92
N GLU CC 57 9.51 -46.78 -9.73
CA GLU CC 57 9.74 -46.92 -11.15
C GLU CC 57 11.21 -47.22 -11.43
N ALA CC 58 11.46 -48.11 -12.39
CA ALA CC 58 12.84 -48.39 -12.78
C ALA CC 58 13.43 -47.21 -13.55
N LYS CC 59 14.69 -47.33 -13.92
CA LYS CC 59 15.41 -46.25 -14.58
C LYS CC 59 14.95 -46.12 -16.03
N GLN CC 60 15.60 -45.24 -16.78
CA GLN CC 60 15.14 -44.91 -18.13
C GLN CC 60 15.15 -46.08 -19.10
N PRO CC 61 16.24 -46.85 -19.26
CA PRO CC 61 16.19 -47.93 -20.25
C PRO CC 61 15.25 -49.07 -19.86
N ASN CC 62 15.10 -49.31 -18.57
CA ASN CC 62 14.20 -50.36 -18.10
C ASN CC 62 12.80 -49.81 -17.87
N SER CC 63 11.87 -50.72 -17.60
CA SER CC 63 10.49 -50.33 -17.29
C SER CC 63 9.91 -51.41 -16.38
N ALA CC 64 9.87 -51.11 -15.09
CA ALA CC 64 9.32 -52.06 -14.13
C ALA CC 64 8.95 -51.30 -12.87
N ILE CC 65 8.11 -51.94 -12.05
CA ILE CC 65 7.72 -51.44 -10.75
C ILE CC 65 8.44 -52.30 -9.71
N ARG CC 66 9.58 -51.82 -9.24
CA ARG CC 66 10.29 -52.52 -8.19
C ARG CC 66 9.52 -52.39 -6.88
N LYS CC 67 9.33 -53.52 -6.20
CA LYS CC 67 8.55 -53.54 -4.97
C LYS CC 67 9.45 -53.25 -3.79
N CYS CC 68 9.13 -52.18 -3.05
CA CYS CC 68 9.92 -51.77 -1.91
C CYS CC 68 8.99 -51.54 -0.73
N VAL CC 69 9.60 -51.46 0.45
CA VAL CC 69 8.88 -51.15 1.67
C VAL CC 69 9.53 -49.95 2.33
N ARG CC 70 8.71 -49.00 2.75
CA ARG CC 70 9.16 -47.88 3.57
C ARG CC 70 9.18 -48.35 5.02
N VAL CC 71 10.36 -48.29 5.64
CA VAL CC 71 10.64 -48.93 6.91
C VAL CC 71 11.25 -47.90 7.86
N GLN CC 72 10.73 -47.84 9.08
CA GLN CC 72 11.31 -47.01 10.14
C GLN CC 72 12.15 -47.90 11.05
N LEU CC 73 13.44 -47.60 11.14
CA LEU CC 73 14.35 -48.42 11.93
C LEU CC 73 14.06 -48.28 13.41
N ILE CC 74 14.23 -49.39 14.14
CA ILE CC 74 13.92 -49.40 15.57
C ILE CC 74 14.88 -48.48 16.31
N LYS CC 75 16.17 -48.61 16.06
CA LYS CC 75 17.14 -47.66 16.58
C LYS CC 75 17.11 -46.39 15.76
N ASN CC 76 17.24 -45.25 16.43
CA ASN CC 76 17.40 -43.91 15.86
C ASN CC 76 16.25 -43.47 14.95
N GLY CC 77 15.24 -44.33 14.77
CA GLY CC 77 14.00 -43.95 14.13
C GLY CC 77 14.10 -43.39 12.72
N LYS CC 78 15.15 -43.72 11.98
CA LYS CC 78 15.31 -43.19 10.63
C LYS CC 78 14.45 -43.98 9.65
N LYS CC 79 13.93 -43.28 8.64
CA LYS CC 79 13.03 -43.89 7.66
C LYS CC 79 13.81 -44.14 6.38
N ILE CC 80 13.79 -45.39 5.91
CA ILE CC 80 14.52 -45.82 4.73
C ILE CC 80 13.56 -46.57 3.81
N THR CC 81 14.04 -46.87 2.61
CA THR CC 81 13.31 -47.65 1.63
C THR CC 81 14.13 -48.90 1.28
N ALA CC 82 13.52 -50.06 1.42
CA ALA CC 82 14.21 -51.33 1.24
C ALA CC 82 13.53 -52.15 0.15
N PHE CC 83 14.33 -52.62 -0.81
CA PHE CC 83 13.82 -53.45 -1.88
C PHE CC 83 13.44 -54.83 -1.36
N VAL CC 84 12.43 -55.44 -1.98
CA VAL CC 84 12.04 -56.80 -1.62
C VAL CC 84 12.46 -57.72 -2.75
N PRO CC 85 13.54 -58.47 -2.60
CA PRO CC 85 14.25 -59.06 -3.74
C PRO CC 85 13.87 -60.48 -4.14
N ASN CC 86 12.65 -60.67 -4.65
CA ASN CC 86 12.24 -61.90 -5.33
C ASN CC 86 10.90 -61.66 -6.01
N ASP CC 87 10.33 -62.74 -6.57
CA ASP CC 87 9.19 -62.61 -7.46
C ASP CC 87 7.92 -62.24 -6.72
N GLY CC 88 7.64 -62.89 -5.60
CA GLY CC 88 6.40 -62.64 -4.91
C GLY CC 88 6.54 -62.46 -3.41
N CYS CC 89 7.70 -62.00 -2.97
CA CYS CC 89 7.95 -61.86 -1.55
C CYS CC 89 7.32 -60.60 -0.96
N LEU CC 90 6.75 -59.71 -1.78
CA LEU CC 90 5.98 -58.61 -1.21
C LEU CC 90 4.71 -59.10 -0.54
N ASN CC 91 4.15 -60.21 -1.03
CA ASN CC 91 2.94 -60.76 -0.42
C ASN CC 91 3.20 -61.28 0.98
N PHE CC 92 4.42 -61.72 1.27
CA PHE CC 92 4.79 -62.10 2.63
C PHE CC 92 5.02 -60.89 3.53
N ILE CC 93 5.03 -59.68 2.98
CA ILE CC 93 5.22 -58.47 3.75
C ILE CC 93 3.87 -57.82 3.98
N GLU CC 94 3.56 -57.51 5.24
CA GLU CC 94 2.38 -56.73 5.56
C GLU CC 94 2.77 -55.58 6.49
N GLU CC 95 1.79 -54.79 6.87
CA GLU CC 95 2.05 -53.60 7.67
C GLU CC 95 2.53 -53.98 9.07
N ASN CC 96 3.32 -53.10 9.67
CA ASN CC 96 3.79 -53.21 11.05
C ASN CC 96 4.63 -54.46 11.29
N ASP CC 97 5.21 -55.03 10.24
CA ASP CC 97 6.12 -56.16 10.41
C ASP CC 97 7.49 -55.67 10.88
N GLU CC 98 8.16 -56.52 11.66
CA GLU CC 98 9.54 -56.26 12.07
C GLU CC 98 10.46 -56.94 11.06
N VAL CC 99 11.01 -56.16 10.16
CA VAL CC 99 11.85 -56.68 9.08
C VAL CC 99 13.31 -56.43 9.43
N LEU CC 100 14.17 -57.32 8.94
CA LEU CC 100 15.61 -57.14 8.97
C LEU CC 100 16.05 -56.65 7.60
N VAL CC 101 16.85 -55.60 7.57
CA VAL CC 101 17.31 -55.00 6.33
C VAL CC 101 18.83 -54.99 6.31
N ALA CC 102 19.40 -55.33 5.17
CA ALA CC 102 20.83 -55.30 4.94
C ALA CC 102 21.14 -54.35 3.80
N GLY CC 103 22.43 -54.12 3.58
CA GLY CC 103 22.85 -53.35 2.44
C GLY CC 103 22.47 -54.02 1.13
N PHE CC 104 22.35 -53.21 0.08
CA PHE CC 104 21.87 -53.71 -1.18
C PHE CC 104 23.00 -53.93 -2.18
N GLY CC 105 24.25 -53.86 -1.72
CA GLY CC 105 25.33 -54.43 -2.48
C GLY CC 105 26.62 -53.64 -2.61
N ARG CC 106 26.55 -52.32 -2.67
CA ARG CC 106 27.74 -51.52 -2.99
C ARG CC 106 27.87 -50.34 -2.04
N LYS CC 107 27.72 -50.61 -0.74
CA LYS CC 107 28.18 -49.73 0.33
C LYS CC 107 27.51 -48.35 0.28
N GLY CC 108 26.19 -48.36 0.43
CA GLY CC 108 25.47 -47.10 0.47
C GLY CC 108 25.27 -46.43 -0.86
N HIS CC 109 25.42 -47.16 -1.95
CA HIS CC 109 25.17 -46.65 -3.29
C HIS CC 109 24.01 -47.42 -3.91
N ALA CC 110 23.21 -46.74 -4.71
CA ALA CC 110 22.09 -47.38 -5.38
C ALA CC 110 22.61 -48.42 -6.38
N VAL CC 111 21.84 -49.49 -6.54
CA VAL CC 111 22.23 -50.62 -7.37
C VAL CC 111 21.21 -50.79 -8.48
N GLY CC 112 21.70 -50.97 -9.71
CA GLY CC 112 20.83 -51.27 -10.82
C GLY CC 112 19.92 -50.12 -11.18
N ASP CC 113 18.73 -50.47 -11.66
CA ASP CC 113 17.77 -49.50 -12.15
C ASP CC 113 16.86 -48.96 -11.06
N ILE CC 114 17.13 -49.25 -9.79
CA ILE CC 114 16.29 -48.80 -8.69
C ILE CC 114 16.89 -47.50 -8.15
N PRO CC 115 16.22 -46.37 -8.33
CA PRO CC 115 16.82 -45.08 -7.92
C PRO CC 115 16.72 -44.85 -6.43
N GLY CC 116 17.85 -44.54 -5.81
CA GLY CC 116 17.88 -44.12 -4.42
C GLY CC 116 17.44 -45.18 -3.42
N VAL CC 117 17.76 -46.44 -3.68
CA VAL CC 117 17.46 -47.54 -2.78
C VAL CC 117 18.77 -48.26 -2.47
N ARG CC 118 19.12 -48.31 -1.19
CA ARG CC 118 20.42 -48.85 -0.77
C ARG CC 118 20.28 -50.01 0.20
N PHE CC 119 19.07 -50.52 0.42
CA PHE CC 119 18.85 -51.59 1.38
C PHE CC 119 17.90 -52.61 0.79
N LYS CC 120 17.97 -53.83 1.33
CA LYS CC 120 17.07 -54.90 0.93
C LYS CC 120 16.66 -55.72 2.15
N VAL CC 121 15.47 -56.28 2.09
CA VAL CC 121 14.92 -57.03 3.21
C VAL CC 121 15.46 -58.46 3.17
N VAL CC 122 15.99 -58.92 4.30
CA VAL CC 122 16.49 -60.27 4.45
C VAL CC 122 15.50 -61.17 5.18
N LYS CC 123 14.97 -60.70 6.30
CA LYS CC 123 14.02 -61.45 7.09
C LYS CC 123 12.82 -60.57 7.42
N VAL CC 124 11.66 -61.21 7.55
CA VAL CC 124 10.45 -60.56 8.01
C VAL CC 124 9.86 -61.40 9.13
N ALA CC 125 9.46 -60.74 10.23
CA ALA CC 125 8.84 -61.41 11.38
C ALA CC 125 9.69 -62.58 11.88
N ASN CC 126 11.01 -62.41 11.82
CA ASN CC 126 11.98 -63.43 12.24
C ASN CC 126 11.79 -64.74 11.47
N VAL CC 127 11.48 -64.63 10.18
CA VAL CC 127 11.58 -65.75 9.26
C VAL CC 127 12.18 -65.25 7.96
N SER CC 128 13.09 -66.03 7.40
CA SER CC 128 13.87 -65.60 6.24
C SER CC 128 13.00 -65.50 5.00
N LEU CC 129 13.22 -64.44 4.21
CA LEU CC 129 12.53 -64.31 2.94
C LEU CC 129 12.89 -65.42 1.99
N LEU CC 130 14.12 -65.91 2.04
CA LEU CC 130 14.50 -67.06 1.21
C LEU CC 130 13.70 -68.29 1.61
N ALA CC 131 13.53 -68.50 2.92
CA ALA CC 131 12.74 -69.63 3.39
C ALA CC 131 11.29 -69.51 2.95
N LEU CC 132 10.72 -68.31 3.04
CA LEU CC 132 9.34 -68.12 2.60
C LEU CC 132 9.21 -68.31 1.09
N TYR CC 133 10.19 -67.83 0.33
CA TYR CC 133 10.16 -67.97 -1.12
C TYR CC 133 10.25 -69.43 -1.54
N LYS CC 134 11.12 -70.20 -0.89
CA LYS CC 134 11.24 -71.62 -1.20
C LYS CC 134 10.18 -72.46 -0.52
N GLY CC 135 9.34 -71.88 0.33
CA GLY CC 135 8.30 -72.64 0.98
C GLY CC 135 8.79 -73.59 2.05
N LYS CC 136 10.01 -73.38 2.54
CA LYS CC 136 10.56 -74.28 3.55
C LYS CC 136 9.94 -74.08 4.92
N LYS CC 137 9.31 -72.94 5.16
CA LYS CC 137 8.57 -72.72 6.40
C LYS CC 137 7.56 -71.59 6.17
N GLU CC 138 6.58 -71.54 7.06
CA GLU CC 138 5.34 -70.81 6.84
C GLU CC 138 5.31 -69.54 7.70
N ARG CC 139 4.48 -68.59 7.28
CA ARG CC 139 4.26 -67.38 8.05
C ARG CC 139 3.70 -67.73 9.43
N PRO CC 140 4.13 -67.03 10.47
CA PRO CC 140 3.63 -67.30 11.84
C PRO CC 140 2.24 -66.76 12.10
N ARG CC 141 1.23 -67.53 11.70
CA ARG CC 141 -0.16 -67.15 11.91
C ARG CC 141 -0.54 -67.20 13.38
N ASN DC 1 42.28 -113.94 29.12
CA ASN DC 1 43.21 -114.36 30.16
C ASN DC 1 44.38 -115.13 29.55
N ASP DC 2 44.12 -115.77 28.41
CA ASP DC 2 45.15 -116.59 27.76
C ASP DC 2 46.31 -115.73 27.26
N THR DC 3 46.01 -114.53 26.73
CA THR DC 3 47.04 -113.64 26.20
C THR DC 3 46.84 -112.26 26.82
N VAL DC 4 47.39 -112.08 28.02
CA VAL DC 4 47.43 -110.79 28.70
C VAL DC 4 48.76 -110.70 29.42
N THR DC 5 49.54 -109.65 29.14
CA THR DC 5 50.86 -109.54 29.76
C THR DC 5 51.12 -108.12 30.22
N ILE DC 6 51.77 -108.01 31.39
CA ILE DC 6 52.20 -106.77 32.00
C ILE DC 6 53.66 -106.56 31.69
N ARG DC 7 54.03 -105.34 31.31
CA ARG DC 7 55.44 -104.97 31.16
C ARG DC 7 55.65 -103.64 31.85
N THR DC 8 56.68 -103.55 32.69
CA THR DC 8 56.95 -102.36 33.47
C THR DC 8 58.10 -101.57 32.85
N ARG DC 9 58.11 -100.27 33.11
CA ARG DC 9 59.18 -99.40 32.65
C ARG DC 9 59.15 -98.12 33.47
N LYS DC 10 60.22 -97.34 33.36
CA LYS DC 10 60.44 -96.14 34.17
C LYS DC 10 60.28 -96.45 35.65
N PHE DC 11 60.66 -97.66 36.04
CA PHE DC 11 60.56 -98.10 37.43
C PHE DC 11 61.53 -97.33 38.30
N MET DC 12 61.05 -96.90 39.46
CA MET DC 12 61.94 -96.31 40.44
C MET DC 12 61.33 -96.47 41.82
N THR DC 13 62.17 -96.35 42.83
CA THR DC 13 61.77 -96.47 44.22
C THR DC 13 62.10 -95.19 44.96
N ASN DC 14 61.23 -94.80 45.87
CA ASN DC 14 61.51 -93.68 46.74
C ASN DC 14 61.07 -93.99 48.17
N ARG DC 15 61.92 -93.63 49.12
CA ARG DC 15 61.57 -93.77 50.53
C ARG DC 15 60.88 -92.53 51.07
N LEU DC 16 60.78 -91.47 50.27
CA LEU DC 16 60.10 -90.26 50.72
C LEU DC 16 58.63 -90.53 50.99
N LEU DC 17 57.97 -91.24 50.08
CA LEU DC 17 56.60 -91.68 50.29
C LEU DC 17 56.53 -93.19 50.52
N GLN DC 18 57.67 -93.84 50.72
CA GLN DC 18 57.78 -95.27 51.00
C GLN DC 18 57.01 -96.10 49.98
N ARG DC 19 57.46 -95.99 48.73
CA ARG DC 19 56.78 -96.70 47.66
C ARG DC 19 57.73 -96.91 46.50
N LYS DC 20 57.30 -97.72 45.55
CA LYS DC 20 57.96 -97.89 44.26
C LYS DC 20 56.92 -97.58 43.19
N GLN DC 21 57.25 -96.66 42.30
CA GLN DC 21 56.33 -96.23 41.26
C GLN DC 21 56.93 -96.51 39.89
N MET DC 22 56.06 -96.82 38.94
CA MET DC 22 56.49 -97.17 37.61
C MET DC 22 55.35 -96.86 36.65
N VAL DC 23 55.65 -96.95 35.35
CA VAL DC 23 54.61 -96.88 34.33
C VAL DC 23 54.60 -98.22 33.59
N ILE DC 24 53.42 -98.80 33.48
CA ILE DC 24 53.29 -100.15 32.94
C ILE DC 24 52.38 -100.11 31.74
N ASP DC 25 52.55 -101.12 30.88
CA ASP DC 25 51.66 -101.33 29.75
C ASP DC 25 51.26 -102.79 29.70
N VAL DC 26 49.97 -103.03 29.45
CA VAL DC 26 49.42 -104.37 29.34
C VAL DC 26 48.96 -104.57 27.91
N LEU DC 27 49.22 -105.78 27.40
CA LEU DC 27 49.00 -106.12 26.00
C LEU DC 27 47.79 -107.05 25.90
N HIS DC 28 46.68 -106.52 25.40
CA HIS DC 28 45.52 -107.30 25.01
C HIS DC 28 45.40 -107.18 23.49
N PRO DC 29 45.84 -108.20 22.74
CA PRO DC 29 45.78 -108.11 21.28
C PRO DC 29 44.37 -108.03 20.72
N GLY DC 30 43.41 -108.70 21.34
CA GLY DC 30 42.07 -108.75 20.77
C GLY DC 30 40.96 -108.61 21.78
N LYS DC 31 41.30 -108.25 23.01
CA LYS DC 31 40.33 -108.08 24.08
C LYS DC 31 40.19 -106.61 24.43
N ALA DC 32 39.22 -106.33 25.29
CA ALA DC 32 38.97 -104.97 25.73
C ALA DC 32 40.09 -104.51 26.66
N THR DC 33 39.96 -103.29 27.18
CA THR DC 33 40.90 -102.81 28.17
C THR DC 33 40.87 -103.71 29.39
N VAL DC 34 42.05 -104.09 29.87
CA VAL DC 34 42.11 -105.05 30.98
C VAL DC 34 41.63 -104.38 32.26
N PRO DC 35 40.77 -105.02 33.04
CA PRO DC 35 40.25 -104.38 34.26
C PRO DC 35 41.35 -104.11 35.29
N LYS DC 36 41.24 -102.94 35.95
CA LYS DC 36 42.24 -102.50 36.90
C LYS DC 36 42.47 -103.52 38.01
N THR DC 37 41.43 -104.24 38.40
CA THR DC 37 41.62 -105.33 39.36
C THR DC 37 42.55 -106.39 38.79
N GLU DC 38 42.37 -106.74 37.52
CA GLU DC 38 43.23 -107.74 36.90
C GLU DC 38 44.68 -107.27 36.87
N ILE DC 39 44.91 -106.00 36.50
CA ILE DC 39 46.26 -105.46 36.61
C ILE DC 39 46.76 -105.55 38.05
N ARG DC 40 45.88 -105.29 39.02
CA ARG DC 40 46.28 -105.25 40.41
C ARG DC 40 46.81 -106.61 40.87
N GLU DC 41 46.03 -107.67 40.66
CA GLU DC 41 46.53 -108.98 41.11
C GLU DC 41 47.69 -109.48 40.24
N LYS DC 42 47.68 -109.20 38.93
CA LYS DC 42 48.79 -109.68 38.11
C LYS DC 42 50.10 -109.00 38.50
N LEU DC 43 50.05 -107.70 38.80
CA LEU DC 43 51.23 -106.99 39.25
C LEU DC 43 51.64 -107.42 40.66
N ALA DC 44 50.65 -107.79 41.49
CA ALA DC 44 50.98 -108.33 42.81
C ALA DC 44 51.74 -109.65 42.67
N LYS DC 45 51.32 -110.51 41.75
CA LYS DC 45 52.09 -111.72 41.48
C LYS DC 45 53.45 -111.39 40.90
N MET DC 46 53.52 -110.34 40.09
CA MET DC 46 54.78 -109.93 39.48
C MET DC 46 55.81 -109.51 40.53
N TYR DC 47 55.38 -108.74 41.53
CA TYR DC 47 56.30 -108.19 42.52
C TYR DC 47 56.14 -108.86 43.89
N LYS DC 48 55.53 -110.04 43.94
CA LYS DC 48 55.46 -110.87 45.15
C LYS DC 48 54.81 -110.11 46.32
N THR DC 49 53.73 -109.38 46.03
CA THR DC 49 52.98 -108.67 47.06
C THR DC 49 51.52 -109.12 46.99
N THR DC 50 50.68 -108.45 47.74
CA THR DC 50 49.26 -108.77 47.77
C THR DC 50 48.45 -107.74 47.01
N PRO DC 51 47.33 -108.14 46.40
CA PRO DC 51 46.54 -107.17 45.62
C PRO DC 51 45.64 -106.29 46.48
N ASP DC 52 46.17 -105.79 47.59
CA ASP DC 52 45.52 -104.78 48.39
C ASP DC 52 46.35 -103.52 48.54
N VAL DC 53 47.66 -103.62 48.33
CA VAL DC 53 48.56 -102.47 48.39
C VAL DC 53 48.84 -101.92 46.99
N ILE DC 54 48.50 -102.67 45.94
CA ILE DC 54 48.75 -102.23 44.57
C ILE DC 54 47.83 -101.07 44.23
N PHE DC 55 48.38 -100.05 43.57
CA PHE DC 55 47.60 -98.89 43.16
C PHE DC 55 47.91 -98.57 41.72
N VAL DC 56 46.89 -98.62 40.86
CA VAL DC 56 47.05 -98.34 39.43
C VAL DC 56 45.96 -97.37 39.00
N PHE DC 57 46.24 -96.60 37.96
CA PHE DC 57 45.31 -95.61 37.45
C PHE DC 57 45.84 -95.11 36.09
N GLY DC 58 45.05 -94.25 35.45
CA GLY DC 58 45.45 -93.58 34.23
C GLY DC 58 45.72 -94.50 33.06
N PHE DC 59 44.84 -95.47 32.83
CA PHE DC 59 45.02 -96.45 31.77
C PHE DC 59 44.38 -95.92 30.49
N ARG DC 60 45.23 -95.50 29.55
CA ARG DC 60 44.79 -95.05 28.23
C ARG DC 60 45.24 -96.07 27.20
N THR DC 61 44.34 -96.42 26.29
CA THR DC 61 44.59 -97.47 25.31
C THR DC 61 45.03 -96.85 24.00
N HIS DC 62 46.11 -97.38 23.41
CA HIS DC 62 46.55 -96.89 22.12
C HIS DC 62 45.52 -97.20 21.05
N PHE DC 63 45.53 -96.40 19.99
CA PHE DC 63 44.57 -96.55 18.91
C PHE DC 63 44.71 -97.92 18.25
N GLY DC 64 43.58 -98.59 18.05
CA GLY DC 64 43.59 -99.91 17.44
C GLY DC 64 43.79 -101.07 18.37
N GLY DC 65 43.54 -100.90 19.67
CA GLY DC 65 43.63 -102.01 20.59
C GLY DC 65 45.07 -102.42 20.86
N GLY DC 66 45.21 -103.55 21.56
CA GLY DC 66 46.53 -104.06 21.86
C GLY DC 66 47.11 -103.47 23.13
N LYS DC 67 47.96 -102.46 22.99
CA LYS DC 67 48.65 -101.88 24.13
C LYS DC 67 47.78 -100.86 24.84
N THR DC 68 47.76 -100.94 26.17
CA THR DC 68 47.26 -99.82 26.97
C THR DC 68 48.20 -99.56 28.13
N THR DC 69 48.40 -98.28 28.42
CA THR DC 69 49.43 -97.83 29.34
C THR DC 69 48.82 -97.09 30.51
N GLY DC 70 49.29 -97.40 31.72
CA GLY DC 70 48.87 -96.71 32.92
C GLY DC 70 50.03 -96.57 33.87
N PHE DC 71 49.77 -95.93 35.00
CA PHE DC 71 50.82 -95.67 35.98
C PHE DC 71 50.58 -96.51 37.22
N GLY DC 72 51.55 -97.35 37.56
CA GLY DC 72 51.44 -98.25 38.70
C GLY DC 72 52.19 -97.76 39.91
N MET DC 73 51.65 -98.10 41.08
CA MET DC 73 52.13 -97.61 42.37
C MET DC 73 52.05 -98.77 43.35
N ILE DC 74 53.16 -99.11 44.00
CA ILE DC 74 53.16 -100.16 45.01
C ILE DC 74 53.79 -99.60 46.28
N TYR DC 75 53.20 -99.93 47.42
CA TYR DC 75 53.71 -99.46 48.70
C TYR DC 75 54.27 -100.61 49.51
N ASP DC 76 55.09 -100.26 50.50
CA ASP DC 76 55.64 -101.27 51.40
C ASP DC 76 54.62 -101.78 52.39
N SER DC 77 53.68 -100.94 52.81
CA SER DC 77 52.69 -101.36 53.80
C SER DC 77 51.37 -100.65 53.56
N LEU DC 78 50.29 -101.32 53.96
CA LEU DC 78 48.95 -100.77 53.74
C LEU DC 78 48.71 -99.55 54.62
N ASP DC 79 49.33 -99.48 55.81
CA ASP DC 79 49.18 -98.29 56.63
C ASP DC 79 49.79 -97.07 55.93
N TYR DC 80 50.98 -97.23 55.33
CA TYR DC 80 51.56 -96.15 54.55
C TYR DC 80 50.70 -95.83 53.34
N ALA DC 81 50.12 -96.84 52.71
CA ALA DC 81 49.24 -96.60 51.57
C ALA DC 81 48.04 -95.76 51.99
N LYS DC 82 47.46 -96.06 53.14
CA LYS DC 82 46.39 -95.22 53.66
C LYS DC 82 46.89 -93.82 54.00
N LYS DC 83 48.13 -93.73 54.49
CA LYS DC 83 48.65 -92.45 54.96
C LYS DC 83 48.87 -91.47 53.81
N ASN DC 84 49.55 -91.90 52.75
CA ASN DC 84 49.88 -91.00 51.64
C ASN DC 84 49.46 -91.59 50.30
N GLU DC 85 48.21 -91.36 49.94
CA GLU DC 85 47.61 -91.76 48.67
C GLU DC 85 46.29 -91.03 48.54
N PRO DC 86 45.92 -90.57 47.35
CA PRO DC 86 44.70 -89.73 47.23
C PRO DC 86 43.43 -90.44 47.68
N LYS DC 87 42.56 -89.65 48.31
CA LYS DC 87 41.35 -90.18 48.91
C LYS DC 87 40.42 -90.79 47.87
N HIS DC 88 40.45 -90.30 46.63
CA HIS DC 88 39.57 -90.90 45.63
C HIS DC 88 40.04 -92.30 45.25
N ARG DC 89 41.36 -92.53 45.22
CA ARG DC 89 41.83 -93.89 44.98
C ARG DC 89 41.55 -94.79 46.18
N LEU DC 90 41.66 -94.24 47.39
CA LEU DC 90 41.26 -95.01 48.56
C LEU DC 90 39.78 -95.40 48.49
N ALA DC 91 38.94 -94.47 48.05
CA ALA DC 91 37.52 -94.77 47.89
C ALA DC 91 37.26 -95.75 46.76
N ARG DC 92 38.08 -95.69 45.71
CA ARG DC 92 37.99 -96.67 44.63
C ARG DC 92 38.25 -98.07 45.16
N HIS DC 93 39.24 -98.20 46.04
CA HIS DC 93 39.47 -99.49 46.68
C HIS DC 93 38.54 -99.75 47.86
N GLY DC 94 37.69 -98.79 48.20
CA GLY DC 94 36.72 -98.95 49.26
C GLY DC 94 37.23 -98.63 50.64
N LEU DC 95 38.46 -98.13 50.77
CA LEU DC 95 39.04 -97.83 52.07
C LEU DC 95 38.67 -96.45 52.58
N TYR DC 96 37.92 -95.67 51.81
CA TYR DC 96 37.55 -94.31 52.19
C TYR DC 96 36.12 -94.06 51.76
N GLU DC 97 35.36 -93.37 52.62
CA GLU DC 97 33.96 -93.07 52.35
C GLU DC 97 33.77 -91.58 52.17
N LYS DC 98 32.91 -91.21 51.23
CA LYS DC 98 32.61 -89.81 50.93
C LYS DC 98 31.14 -89.51 51.22
N LYS DC 99 30.58 -90.16 52.24
CA LYS DC 99 29.15 -89.99 52.55
C LYS DC 99 28.97 -88.62 53.21
N LYS DC 100 28.82 -87.61 52.35
CA LYS DC 100 28.66 -86.24 52.80
C LYS DC 100 27.64 -85.54 51.91
N THR DC 101 27.34 -84.30 52.25
CA THR DC 101 26.32 -83.52 51.56
C THR DC 101 26.90 -82.84 50.33
N SER DC 102 26.05 -82.16 49.59
CA SER DC 102 26.48 -81.45 48.40
C SER DC 102 27.24 -80.17 48.77
N ARG DC 103 28.09 -79.73 47.84
CA ARG DC 103 28.82 -78.49 48.05
C ARG DC 103 27.88 -77.30 48.17
N LYS DC 104 26.82 -77.30 47.36
CA LYS DC 104 25.83 -76.23 47.44
C LYS DC 104 25.18 -76.17 48.81
N GLN DC 105 24.72 -77.32 49.32
CA GLN DC 105 24.09 -77.35 50.63
C GLN DC 105 25.07 -76.98 51.73
N ARG DC 106 26.33 -77.40 51.59
CA ARG DC 106 27.34 -77.02 52.58
C ARG DC 106 27.54 -75.52 52.60
N LYS DC 107 27.58 -74.88 51.43
CA LYS DC 107 27.69 -73.43 51.38
C LYS DC 107 26.45 -72.76 51.95
N GLU DC 108 25.28 -73.33 51.71
CA GLU DC 108 24.05 -72.78 52.29
C GLU DC 108 24.12 -72.79 53.81
N ARG DC 109 24.55 -73.92 54.38
CA ARG DC 109 24.67 -74.01 55.84
C ARG DC 109 25.71 -73.03 56.37
N LYS DC 110 26.85 -72.91 55.66
CA LYS DC 110 27.90 -72.01 56.11
C LYS DC 110 27.41 -70.57 56.12
N ASN DC 111 26.63 -70.18 55.10
CA ASN DC 111 26.14 -68.81 55.06
C ASN DC 111 25.01 -68.58 56.05
N ARG DC 112 24.19 -69.60 56.31
CA ARG DC 112 23.12 -69.45 57.29
C ARG DC 112 23.66 -69.34 58.70
N MET DC 113 24.76 -70.04 59.00
CA MET DC 113 25.37 -69.94 60.32
C MET DC 113 25.96 -68.56 60.58
N LYS DC 114 26.27 -67.80 59.53
CA LYS DC 114 26.85 -66.48 59.73
C LYS DC 114 25.83 -65.47 60.26
N LYS DC 115 24.54 -65.71 60.03
CA LYS DC 115 23.53 -64.80 60.54
C LYS DC 115 23.36 -64.91 62.05
N VAL DC 116 23.77 -66.04 62.64
CA VAL DC 116 23.66 -66.27 64.08
C VAL DC 116 25.02 -66.07 64.70
N ARG DC 117 25.10 -65.20 65.70
CA ARG DC 117 26.36 -64.82 66.32
C ARG DC 117 26.49 -65.47 67.69
N GLY DC 118 27.63 -66.12 67.92
CA GLY DC 118 28.01 -66.54 69.24
C GLY DC 118 27.23 -67.72 69.81
N THR DC 119 25.91 -67.55 69.91
CA THR DC 119 25.05 -68.54 70.57
C THR DC 119 25.23 -69.92 69.96
N ALA DC 120 25.79 -70.84 70.75
CA ALA DC 120 26.14 -72.15 70.21
C ALA DC 120 24.89 -72.93 69.81
N LYS DC 121 23.83 -72.87 70.63
CA LYS DC 121 22.62 -73.62 70.31
C LYS DC 121 21.96 -73.11 69.04
N ALA DC 122 21.89 -71.79 68.86
CA ALA DC 122 21.31 -71.24 67.65
C ALA DC 122 22.26 -71.30 66.47
N ASN DC 123 23.55 -71.54 66.71
CA ASN DC 123 24.52 -71.72 65.64
C ASN DC 123 24.53 -73.15 65.13
N VAL DC 124 24.19 -74.12 65.99
CA VAL DC 124 24.06 -75.49 65.54
C VAL DC 124 22.64 -75.83 65.11
N GLY DC 125 21.64 -75.06 65.53
CA GLY DC 125 20.29 -75.24 65.04
C GLY DC 125 19.95 -74.41 63.83
N ALA DC 126 20.95 -73.76 63.22
CA ALA DC 126 20.68 -72.92 62.06
C ALA DC 126 20.20 -73.75 60.87
N GLY DC 127 20.84 -74.88 60.62
CA GLY DC 127 20.48 -75.72 59.50
C GLY DC 127 19.44 -76.78 59.80
N LYS DC 128 18.87 -76.79 61.01
CA LYS DC 128 17.91 -77.82 61.36
C LYS DC 128 16.56 -77.59 60.68
N LYS DC 129 16.10 -76.35 60.64
CA LYS DC 129 14.80 -76.04 60.07
C LYS DC 129 14.81 -76.04 58.53
N PRO DC 130 15.69 -75.26 57.86
CA PRO DC 130 15.59 -75.27 56.38
C PRO DC 130 16.35 -76.43 55.75
N LYS DC 131 15.72 -77.61 55.78
CA LYS DC 131 16.32 -78.81 55.23
C LYS DC 131 16.20 -78.84 53.70
N THR EC 1 43.66 -29.48 -29.02
CA THR EC 1 44.98 -29.66 -29.60
C THR EC 1 45.58 -28.32 -30.00
N LYS EC 2 46.88 -28.18 -29.85
CA LYS EC 2 47.58 -26.95 -30.24
C LYS EC 2 47.72 -26.95 -31.76
N LYS EC 3 47.02 -26.02 -32.42
CA LYS EC 3 46.99 -26.02 -33.88
C LYS EC 3 48.29 -25.50 -34.46
N ARG EC 4 48.88 -24.46 -33.88
CA ARG EC 4 50.07 -23.84 -34.41
C ARG EC 4 51.12 -23.70 -33.32
N ARG EC 5 52.38 -23.93 -33.68
CA ARG EC 5 53.46 -23.81 -32.71
C ARG EC 5 53.61 -22.37 -32.24
N ASN EC 6 53.47 -21.41 -33.14
CA ASN EC 6 53.60 -20.00 -32.80
C ASN EC 6 52.29 -19.38 -32.32
N ASN EC 7 51.25 -20.21 -32.12
CA ASN EC 7 49.94 -19.78 -31.64
C ASN EC 7 49.29 -18.77 -32.59
N GLY EC 8 49.63 -18.83 -33.87
CA GLY EC 8 49.03 -17.95 -34.84
C GLY EC 8 49.48 -16.51 -34.78
N ARG EC 9 50.66 -16.25 -34.22
CA ARG EC 9 51.15 -14.89 -34.09
C ARG EC 9 52.66 -14.93 -33.98
N ALA EC 10 53.28 -13.76 -34.12
CA ALA EC 10 54.73 -13.64 -34.14
C ALA EC 10 55.33 -13.26 -32.80
N LYS EC 11 54.52 -13.15 -31.75
CA LYS EC 11 55.02 -12.78 -30.43
C LYS EC 11 55.86 -13.92 -29.85
N LYS EC 12 57.17 -13.69 -29.72
CA LYS EC 12 58.06 -14.71 -29.19
C LYS EC 12 58.66 -14.31 -27.85
N GLY EC 13 59.34 -13.17 -27.78
CA GLY EC 13 59.95 -12.77 -26.53
C GLY EC 13 59.34 -11.51 -25.96
N ARG EC 14 58.02 -11.38 -26.06
CA ARG EC 14 57.33 -10.18 -25.64
C ARG EC 14 56.23 -10.57 -24.67
N GLY EC 15 55.81 -9.63 -23.85
CA GLY EC 15 54.66 -9.87 -23.01
C GLY EC 15 53.41 -9.34 -23.67
N HIS EC 16 53.49 -8.14 -24.22
CA HIS EC 16 52.33 -7.47 -24.78
C HIS EC 16 52.70 -6.79 -26.09
N VAL EC 17 51.80 -6.86 -27.06
CA VAL EC 17 51.95 -6.19 -28.35
C VAL EC 17 50.74 -5.27 -28.52
N GLN EC 18 50.99 -4.04 -28.95
CA GLN EC 18 49.93 -3.07 -29.05
C GLN EC 18 48.92 -3.48 -30.12
N PRO EC 19 47.64 -3.18 -29.92
CA PRO EC 19 46.63 -3.56 -30.91
C PRO EC 19 46.48 -2.52 -32.02
N ILE EC 20 45.91 -2.98 -33.12
CA ILE EC 20 45.57 -2.15 -34.27
C ILE EC 20 44.15 -2.49 -34.67
N ARG EC 21 43.54 -1.63 -35.47
CA ARG EC 21 42.16 -1.82 -35.91
C ARG EC 21 42.15 -2.40 -37.31
N CYS EC 22 41.34 -3.45 -37.50
CA CYS EC 22 41.18 -4.06 -38.81
C CYS EC 22 40.63 -3.04 -39.80
N THR EC 23 41.22 -3.01 -40.99
CA THR EC 23 40.80 -2.04 -41.99
C THR EC 23 39.39 -2.33 -42.51
N ASN EC 24 38.88 -3.52 -42.29
CA ASN EC 24 37.57 -3.90 -42.81
C ASN EC 24 36.46 -3.73 -41.79
N CYS EC 25 36.67 -4.17 -40.55
CA CYS EC 25 35.62 -4.14 -39.54
C CYS EC 25 36.01 -3.39 -38.28
N ALA EC 26 37.23 -2.85 -38.19
CA ALA EC 26 37.71 -2.11 -37.04
C ALA EC 26 37.73 -2.95 -35.77
N ARG EC 27 38.18 -4.20 -35.90
CA ARG EC 27 38.38 -5.08 -34.75
C ARG EC 27 39.77 -4.86 -34.19
N CYS EC 28 39.90 -4.91 -32.87
CA CYS EC 28 41.19 -4.79 -32.22
C CYS EC 28 41.95 -6.11 -32.35
N VAL EC 29 43.05 -6.08 -33.10
CA VAL EC 29 43.86 -7.26 -33.36
C VAL EC 29 45.27 -6.96 -32.86
N PRO EC 30 45.96 -7.90 -32.22
CA PRO EC 30 47.39 -7.69 -31.96
C PRO EC 30 48.13 -7.48 -33.26
N LYS EC 31 49.11 -6.56 -33.24
CA LYS EC 31 49.78 -6.18 -34.47
C LYS EC 31 50.53 -7.36 -35.09
N ASP EC 32 51.14 -8.19 -34.26
CA ASP EC 32 51.86 -9.36 -34.76
C ASP EC 32 50.92 -10.48 -35.22
N LYS EC 33 49.64 -10.41 -34.90
CA LYS EC 33 48.70 -11.44 -35.32
C LYS EC 33 47.99 -11.08 -36.61
N ALA EC 34 47.78 -9.80 -36.88
CA ALA EC 34 46.99 -9.37 -38.01
C ALA EC 34 47.68 -9.69 -39.33
N ILE EC 35 46.88 -9.95 -40.35
CA ILE EC 35 47.40 -10.17 -41.70
C ILE EC 35 47.64 -8.82 -42.35
N LYS EC 36 48.87 -8.58 -42.79
CA LYS EC 36 49.26 -7.31 -43.36
C LYS EC 36 49.47 -7.46 -44.86
N LYS EC 37 48.88 -6.56 -45.63
CA LYS EC 37 49.08 -6.51 -47.07
C LYS EC 37 49.51 -5.10 -47.45
N PHE EC 38 50.65 -4.97 -48.10
CA PHE EC 38 51.16 -3.67 -48.53
C PHE EC 38 50.87 -3.54 -50.02
N VAL EC 39 49.74 -2.92 -50.34
CA VAL EC 39 49.31 -2.78 -51.72
C VAL EC 39 49.92 -1.51 -52.32
N ILE EC 40 50.51 -1.66 -53.49
CA ILE EC 40 51.18 -0.58 -54.20
C ILE EC 40 50.52 -0.53 -55.58
N ARG EC 41 49.47 0.25 -55.71
CA ARG EC 41 48.64 0.20 -56.90
C ARG EC 41 48.79 1.48 -57.72
N ASN EC 42 48.69 1.34 -59.04
CA ASN EC 42 48.61 2.52 -59.88
C ASN EC 42 47.39 3.35 -59.49
N ILE EC 43 47.59 4.67 -59.39
CA ILE EC 43 46.52 5.54 -58.95
C ILE EC 43 45.41 5.62 -59.98
N VAL EC 44 45.67 5.18 -61.21
CA VAL EC 44 44.66 5.11 -62.26
C VAL EC 44 44.60 3.67 -62.77
N GLU EC 45 43.45 3.32 -63.33
CA GLU EC 45 43.25 1.97 -63.83
C GLU EC 45 44.09 1.73 -65.09
N ALA EC 46 44.48 0.47 -65.29
CA ALA EC 46 45.23 0.09 -66.47
C ALA EC 46 44.41 0.25 -67.75
N ALA EC 47 43.10 0.35 -67.65
CA ALA EC 47 42.29 0.70 -68.81
C ALA EC 47 42.34 2.19 -69.11
N ALA EC 48 42.46 3.02 -68.08
CA ALA EC 48 42.41 4.47 -68.24
C ALA EC 48 43.79 5.11 -68.33
N VAL EC 49 44.87 4.32 -68.25
CA VAL EC 49 46.21 4.90 -68.36
C VAL EC 49 46.38 5.60 -69.69
N ARG EC 50 45.84 5.02 -70.77
CA ARG EC 50 46.01 5.62 -72.09
C ARG EC 50 45.24 6.93 -72.20
N ASP EC 51 44.01 6.97 -71.67
CA ASP EC 51 43.23 8.20 -71.70
C ASP EC 51 43.90 9.31 -70.89
N ILE EC 52 44.43 8.96 -69.72
CA ILE EC 52 45.11 9.96 -68.90
C ILE EC 52 46.38 10.43 -69.59
N SER EC 53 47.10 9.52 -70.26
CA SER EC 53 48.30 9.90 -70.98
C SER EC 53 47.96 10.85 -72.13
N GLU EC 54 46.88 10.57 -72.86
CA GLU EC 54 46.47 11.46 -73.94
C GLU EC 54 46.04 12.82 -73.41
N ALA EC 55 45.32 12.85 -72.30
CA ALA EC 55 44.84 14.11 -71.75
C ALA EC 55 45.87 14.83 -70.89
N SER EC 56 47.05 14.24 -70.70
CA SER EC 56 48.07 14.91 -69.90
C SER EC 56 48.65 16.11 -70.64
N VAL EC 57 48.88 17.19 -69.89
CA VAL EC 57 49.57 18.35 -70.44
C VAL EC 57 51.06 18.12 -70.57
N PHE EC 58 51.57 17.03 -70.01
CA PHE EC 58 52.98 16.70 -70.09
C PHE EC 58 53.18 15.54 -71.06
N ASP EC 59 54.42 15.37 -71.50
CA ASP EC 59 54.75 14.25 -72.38
C ASP EC 59 55.23 13.04 -71.59
N ALA EC 60 56.31 13.20 -70.84
CA ALA EC 60 56.87 12.12 -70.04
C ALA EC 60 56.44 12.25 -68.58
N TYR EC 61 55.13 12.12 -68.34
CA TYR EC 61 54.57 12.21 -67.01
C TYR EC 61 54.41 10.81 -66.44
N VAL EC 62 55.08 10.54 -65.33
CA VAL EC 62 54.99 9.25 -64.67
C VAL EC 62 53.78 9.27 -63.73
N LEU EC 63 52.86 8.33 -63.94
CA LEU EC 63 51.65 8.30 -63.14
C LEU EC 63 51.97 7.94 -61.69
N PRO EC 64 51.39 8.64 -60.72
CA PRO EC 64 51.72 8.39 -59.32
C PRO EC 64 51.18 7.04 -58.86
N LYS EC 65 51.81 6.52 -57.80
CA LYS EC 65 51.38 5.28 -57.18
C LYS EC 65 50.57 5.58 -55.94
N LEU EC 66 49.98 4.52 -55.39
CA LEU EC 66 49.16 4.59 -54.19
C LEU EC 66 49.63 3.50 -53.25
N TYR EC 67 50.09 3.90 -52.07
CA TYR EC 67 50.76 3.02 -51.12
C TYR EC 67 49.87 2.88 -49.90
N VAL EC 68 49.29 1.70 -49.71
CA VAL EC 68 48.36 1.49 -48.60
C VAL EC 68 48.74 0.20 -47.88
N LYS EC 69 48.90 0.29 -46.57
CA LYS EC 69 49.12 -0.88 -45.72
C LYS EC 69 47.80 -1.26 -45.08
N LEU EC 70 47.34 -2.47 -45.35
CA LEU EC 70 46.06 -2.96 -44.86
C LEU EC 70 46.29 -4.02 -43.80
N HIS EC 71 45.56 -3.91 -42.69
CA HIS EC 71 45.59 -4.88 -41.61
C HIS EC 71 44.26 -5.57 -41.51
N TYR EC 72 44.29 -6.89 -41.38
CA TYR EC 72 43.08 -7.69 -41.33
C TYR EC 72 43.09 -8.59 -40.09
N CYS EC 73 41.95 -8.67 -39.42
CA CYS EC 73 41.72 -9.80 -38.54
C CYS EC 73 41.57 -11.05 -39.39
N VAL EC 74 41.76 -12.22 -38.78
CA VAL EC 74 41.76 -13.43 -39.60
C VAL EC 74 40.36 -13.69 -40.12
N SER EC 75 39.32 -13.22 -39.43
CA SER EC 75 37.96 -13.40 -39.90
C SER EC 75 37.75 -12.67 -41.22
N CYS EC 76 38.10 -11.39 -41.28
CA CYS EC 76 37.97 -10.64 -42.52
C CYS EC 76 38.94 -11.13 -43.58
N ALA EC 77 40.12 -11.58 -43.18
CA ALA EC 77 41.07 -12.11 -44.14
C ALA EC 77 40.52 -13.35 -44.83
N ILE EC 78 39.93 -14.27 -44.05
CA ILE EC 78 39.35 -15.47 -44.62
C ILE EC 78 38.12 -15.15 -45.45
N HIS EC 79 37.28 -14.22 -44.97
CA HIS EC 79 36.08 -13.88 -45.73
C HIS EC 79 36.42 -13.18 -47.05
N SER EC 80 37.49 -12.40 -47.07
CA SER EC 80 37.92 -11.70 -48.27
C SER EC 80 38.89 -12.54 -49.11
N LYS EC 81 39.23 -13.74 -48.65
CA LYS EC 81 40.00 -14.72 -49.41
C LYS EC 81 41.42 -14.27 -49.70
N VAL EC 82 41.95 -13.34 -48.92
CA VAL EC 82 43.38 -13.07 -49.02
C VAL EC 82 44.18 -14.24 -48.45
N VAL EC 83 43.68 -14.90 -47.41
CA VAL EC 83 44.26 -16.12 -46.90
C VAL EC 83 43.23 -17.23 -47.01
N ARG EC 84 43.73 -18.46 -47.08
CA ARG EC 84 42.88 -19.63 -47.24
C ARG EC 84 43.31 -20.69 -46.23
N ASN EC 85 42.37 -21.57 -45.88
CA ASN EC 85 42.73 -22.70 -45.05
C ASN EC 85 43.63 -23.66 -45.81
N ARG EC 86 44.53 -24.32 -45.08
CA ARG EC 86 45.51 -25.21 -45.68
C ARG EC 86 45.54 -26.53 -44.94
N SER EC 87 46.14 -27.53 -45.56
CA SER EC 87 46.26 -28.83 -44.93
C SER EC 87 47.22 -28.75 -43.74
N ARG EC 88 47.21 -29.82 -42.93
CA ARG EC 88 48.05 -29.85 -41.74
C ARG EC 88 49.53 -29.72 -42.09
N GLU EC 89 49.96 -30.36 -43.17
CA GLU EC 89 51.34 -30.22 -43.62
C GLU EC 89 51.59 -28.89 -44.32
N ALA EC 90 50.62 -28.39 -45.07
CA ALA EC 90 50.81 -27.17 -45.83
C ALA EC 90 50.75 -25.92 -44.97
N ARG EC 91 50.23 -26.02 -43.74
CA ARG EC 91 50.23 -24.85 -42.87
C ARG EC 91 51.63 -24.45 -42.44
N LYS EC 92 52.59 -25.37 -42.50
CA LYS EC 92 53.89 -25.15 -41.88
C LYS EC 92 54.80 -24.26 -42.71
N ASP EC 93 54.51 -24.02 -43.98
CA ASP EC 93 55.41 -23.19 -44.77
C ASP EC 93 55.04 -21.71 -44.65
N ARG EC 94 56.03 -20.86 -44.83
CA ARG EC 94 55.86 -19.42 -44.72
C ARG EC 94 56.22 -18.69 -45.99
N THR EC 95 56.53 -19.40 -47.07
CA THR EC 95 56.89 -18.75 -48.31
C THR EC 95 55.67 -18.06 -48.90
N PRO EC 96 55.76 -16.77 -49.22
CA PRO EC 96 54.62 -16.08 -49.81
C PRO EC 96 54.30 -16.61 -51.19
N PRO EC 97 53.06 -16.46 -51.66
CA PRO EC 97 52.72 -16.96 -52.98
C PRO EC 97 53.48 -16.21 -54.05
N PRO EC 98 53.78 -16.87 -55.17
CA PRO EC 98 54.58 -16.23 -56.22
C PRO EC 98 53.86 -15.04 -56.85
N ARG EC 99 54.66 -14.08 -57.32
CA ARG EC 99 54.11 -12.87 -57.93
C ARG EC 99 53.56 -13.12 -59.32
N PHE EC 100 53.92 -14.23 -59.96
CA PHE EC 100 53.52 -14.55 -61.33
C PHE EC 100 53.89 -13.43 -62.30
N ARG EC 101 55.19 -13.18 -62.40
CA ARG EC 101 55.69 -12.16 -63.31
C ARG EC 101 55.39 -12.43 -64.78
N PRO EC 102 55.50 -13.67 -65.32
CA PRO EC 102 55.27 -13.69 -66.78
C PRO EC 102 53.80 -13.67 -67.16
N PRO FC 1 81.08 -37.55 -34.76
CA PRO FC 1 82.36 -38.21 -34.48
C PRO FC 1 82.40 -38.84 -33.10
N LEU FC 2 82.26 -40.16 -33.04
CA LEU FC 2 82.22 -40.84 -31.75
C LEU FC 2 83.60 -41.00 -31.13
N ALA FC 3 84.67 -40.84 -31.90
CA ALA FC 3 86.01 -41.12 -31.42
C ALA FC 3 86.89 -39.89 -31.49
N LYS FC 4 86.36 -38.74 -31.09
CA LYS FC 4 87.18 -37.55 -30.93
C LYS FC 4 88.13 -37.74 -29.76
N ASP FC 5 89.39 -37.33 -29.94
CA ASP FC 5 90.41 -37.48 -28.91
C ASP FC 5 90.28 -36.26 -27.99
N LEU FC 6 89.62 -36.46 -26.86
CA LEU FC 6 89.46 -35.36 -25.91
C LEU FC 6 90.75 -35.08 -25.15
N LEU FC 7 91.62 -36.08 -25.00
CA LEU FC 7 92.84 -35.91 -24.23
C LEU FC 7 93.80 -34.96 -24.91
N HIS FC 8 93.91 -35.03 -26.23
CA HIS FC 8 94.92 -34.29 -26.98
C HIS FC 8 94.26 -33.50 -28.11
N PRO FC 9 93.65 -32.37 -27.78
CA PRO FC 9 93.13 -31.49 -28.83
C PRO FC 9 94.23 -30.66 -29.44
N SER FC 10 94.14 -30.44 -30.75
CA SER FC 10 95.15 -29.65 -31.43
C SER FC 10 95.00 -28.18 -31.06
N PRO FC 11 96.08 -27.40 -31.18
CA PRO FC 11 96.02 -25.99 -30.72
C PRO FC 11 95.00 -25.15 -31.44
N GLU FC 12 94.58 -25.52 -32.65
CA GLU FC 12 93.59 -24.72 -33.36
C GLU FC 12 92.26 -24.70 -32.62
N GLU FC 13 91.72 -25.86 -32.28
CA GLU FC 13 90.47 -25.87 -31.51
C GLU FC 13 90.73 -25.49 -30.06
N GLU FC 14 91.93 -25.79 -29.54
CA GLU FC 14 92.26 -25.36 -28.18
C GLU FC 14 92.21 -23.85 -28.06
N LYS FC 15 92.55 -23.13 -29.13
CA LYS FC 15 92.47 -21.67 -29.11
C LYS FC 15 91.07 -21.18 -29.45
N ARG FC 16 90.35 -21.86 -30.35
CA ARG FC 16 89.02 -21.36 -30.68
C ARG FC 16 88.06 -21.54 -29.53
N LYS FC 17 88.32 -22.51 -28.65
CA LYS FC 17 87.41 -22.74 -27.52
C LYS FC 17 87.48 -21.59 -26.52
N HIS FC 18 86.41 -21.45 -25.75
CA HIS FC 18 86.33 -20.44 -24.71
C HIS FC 18 87.40 -20.70 -23.65
N LYS FC 19 87.82 -19.63 -22.98
CA LYS FC 19 88.92 -19.72 -22.02
C LYS FC 19 88.60 -20.70 -20.90
N LYS FC 20 87.37 -20.67 -20.39
CA LYS FC 20 86.98 -21.58 -19.33
C LYS FC 20 86.73 -22.99 -19.83
N LYS FC 21 86.28 -23.14 -21.08
CA LYS FC 21 85.91 -24.43 -21.63
C LYS FC 21 87.09 -25.17 -22.25
N ARG FC 22 88.29 -24.63 -22.13
CA ARG FC 22 89.46 -25.37 -22.57
C ARG FC 22 89.72 -26.56 -21.65
N LEU FC 23 90.64 -27.43 -22.07
CA LEU FC 23 91.03 -28.55 -21.22
C LEU FC 23 91.63 -28.04 -19.92
N VAL FC 24 92.52 -27.06 -20.01
CA VAL FC 24 93.02 -26.32 -18.86
C VAL FC 24 92.82 -24.84 -19.16
N GLN FC 25 92.35 -24.09 -18.16
CA GLN FC 25 92.07 -22.68 -18.36
C GLN FC 25 93.32 -21.92 -18.75
N SER FC 26 93.18 -21.05 -19.76
CA SER FC 26 94.27 -20.23 -20.21
C SER FC 26 93.70 -18.85 -20.51
N PRO FC 27 94.24 -17.80 -19.91
CA PRO FC 27 93.76 -16.45 -20.23
C PRO FC 27 94.11 -16.08 -21.66
N ASN FC 28 93.23 -15.30 -22.27
CA ASN FC 28 93.46 -14.77 -23.60
C ASN FC 28 94.25 -13.48 -23.60
N SER FC 29 94.52 -12.91 -22.43
CA SER FC 29 95.24 -11.66 -22.31
C SER FC 29 96.72 -11.92 -22.10
N TYR FC 30 97.50 -10.84 -22.05
CA TYR FC 30 98.95 -10.95 -21.94
C TYR FC 30 99.49 -9.62 -21.45
N PHE FC 31 100.82 -9.55 -21.35
CA PHE FC 31 101.52 -8.34 -20.99
C PHE FC 31 102.45 -7.93 -22.12
N MET FC 32 102.57 -6.63 -22.33
CA MET FC 32 103.33 -6.10 -23.44
C MET FC 32 104.28 -5.01 -22.97
N ASP FC 33 105.48 -5.02 -23.56
CA ASP FC 33 106.36 -3.85 -23.50
C ASP FC 33 105.88 -2.79 -24.46
N VAL FC 34 105.74 -1.57 -23.96
CA VAL FC 34 105.29 -0.43 -24.74
C VAL FC 34 106.36 0.63 -24.72
N LYS FC 35 106.69 1.14 -25.90
CA LYS FC 35 107.64 2.22 -26.11
C LYS FC 35 106.86 3.44 -26.58
N CYS FC 36 106.99 4.53 -25.85
CA CYS FC 36 106.46 5.81 -26.28
C CYS FC 36 107.53 6.56 -27.06
N PRO FC 37 107.21 7.09 -28.23
CA PRO FC 37 108.21 7.86 -28.98
C PRO FC 37 108.64 9.10 -28.21
N GLY FC 38 109.92 9.42 -28.29
CA GLY FC 38 110.48 10.50 -27.50
C GLY FC 38 110.76 10.14 -26.05
N CYS FC 39 110.65 8.87 -25.70
CA CYS FC 39 110.97 8.42 -24.35
C CYS FC 39 111.81 7.16 -24.42
N TYR FC 40 112.60 6.93 -23.37
CA TYR FC 40 113.52 5.81 -23.32
C TYR FC 40 113.02 4.63 -22.51
N LYS FC 41 112.24 4.89 -21.46
CA LYS FC 41 111.82 3.81 -20.58
C LYS FC 41 110.75 2.95 -21.25
N ILE FC 42 110.59 1.74 -20.71
CA ILE FC 42 109.70 0.74 -21.28
C ILE FC 42 108.58 0.50 -20.27
N THR FC 43 107.34 0.51 -20.73
CA THR FC 43 106.20 0.35 -19.84
C THR FC 43 105.58 -1.02 -20.02
N THR FC 44 105.36 -1.74 -18.92
CA THR FC 44 104.69 -3.03 -18.96
C THR FC 44 103.19 -2.81 -18.81
N VAL FC 45 102.43 -3.17 -19.84
CA VAL FC 45 101.00 -2.85 -19.92
C VAL FC 45 100.22 -4.14 -20.13
N PHE FC 46 99.15 -4.30 -19.36
CA PHE FC 46 98.19 -5.37 -19.57
C PHE FC 46 97.44 -5.15 -20.89
N SER FC 47 97.24 -6.23 -21.64
CA SER FC 47 96.58 -6.10 -22.94
C SER FC 47 95.14 -5.64 -22.82
N HIS FC 48 94.46 -6.01 -21.74
CA HIS FC 48 93.07 -5.66 -21.51
C HIS FC 48 92.95 -4.63 -20.40
N ALA FC 49 93.87 -3.65 -20.39
CA ALA FC 49 93.93 -2.69 -19.31
C ALA FC 49 92.67 -1.85 -19.23
N GLN FC 50 92.16 -1.65 -18.01
CA GLN FC 50 90.96 -0.87 -17.79
C GLN FC 50 91.24 0.58 -17.43
N THR FC 51 92.51 0.95 -17.24
CA THR FC 51 92.87 2.30 -16.85
C THR FC 51 93.77 2.92 -17.89
N VAL FC 52 93.78 4.25 -17.94
CA VAL FC 52 94.66 4.98 -18.84
C VAL FC 52 96.07 4.90 -18.26
N VAL FC 53 96.95 4.16 -18.93
CA VAL FC 53 98.33 4.04 -18.47
C VAL FC 53 99.12 5.24 -18.95
N LEU FC 54 99.83 5.88 -18.02
CA LEU FC 54 100.57 7.10 -18.29
C LEU FC 54 102.05 6.87 -17.98
N CYS FC 55 102.91 7.56 -18.73
CA CYS FC 55 104.33 7.56 -18.43
C CYS FC 55 104.62 8.52 -17.28
N VAL FC 56 105.59 8.16 -16.44
CA VAL FC 56 105.97 9.03 -15.34
C VAL FC 56 106.97 10.09 -15.78
N GLY FC 57 107.67 9.89 -16.88
CA GLY FC 57 108.61 10.86 -17.41
C GLY FC 57 108.05 11.76 -18.48
N CYS FC 58 106.80 11.53 -18.90
CA CYS FC 58 106.17 12.36 -19.92
C CYS FC 58 104.68 12.36 -19.69
N SER FC 59 104.05 13.53 -19.88
CA SER FC 59 102.60 13.67 -19.72
C SER FC 59 101.90 13.21 -21.00
N THR FC 60 102.00 11.90 -21.25
CA THR FC 60 101.41 11.30 -22.43
C THR FC 60 100.68 10.03 -22.04
N VAL FC 61 99.58 9.76 -22.74
CA VAL FC 61 98.79 8.56 -22.52
C VAL FC 61 99.31 7.47 -23.43
N LEU FC 62 99.35 6.24 -22.90
CA LEU FC 62 99.82 5.10 -23.67
C LEU FC 62 98.70 4.25 -24.22
N CYS FC 63 97.66 4.02 -23.43
CA CYS FC 63 96.53 3.20 -23.86
C CYS FC 63 95.24 3.82 -23.39
N GLN FC 64 94.16 3.56 -24.13
CA GLN FC 64 92.83 3.97 -23.76
C GLN FC 64 91.97 2.73 -23.52
N PRO FC 65 91.27 2.64 -22.40
CA PRO FC 65 90.46 1.44 -22.15
C PRO FC 65 89.28 1.35 -23.10
N THR FC 66 89.05 0.15 -23.62
CA THR FC 66 87.92 -0.13 -24.48
C THR FC 66 87.13 -1.29 -23.91
N GLY FC 67 86.18 -1.82 -24.68
CA GLY FC 67 85.39 -2.94 -24.19
C GLY FC 67 86.24 -4.19 -23.91
N GLY FC 68 87.08 -4.56 -24.87
CA GLY FC 68 87.86 -5.77 -24.70
C GLY FC 68 89.35 -5.59 -24.48
N LYS FC 69 89.97 -4.71 -25.26
CA LYS FC 69 91.41 -4.54 -25.22
C LYS FC 69 91.76 -3.05 -25.19
N ALA FC 70 92.81 -2.73 -24.45
CA ALA FC 70 93.28 -1.35 -24.39
C ALA FC 70 93.83 -0.96 -25.75
N ARG FC 71 93.30 0.12 -26.31
CA ARG FC 71 93.77 0.61 -27.60
C ARG FC 71 95.00 1.48 -27.38
N LEU FC 72 96.14 1.05 -27.93
CA LEU FC 72 97.37 1.80 -27.77
C LEU FC 72 97.33 3.07 -28.61
N THR FC 73 97.90 4.14 -28.08
CA THR FC 73 97.99 5.39 -28.82
C THR FC 73 98.92 5.23 -30.02
N GLU FC 74 98.60 5.92 -31.10
CA GLU FC 74 99.39 5.81 -32.32
C GLU FC 74 100.78 6.38 -32.12
N GLY FC 75 101.76 5.74 -32.74
CA GLY FC 75 103.16 6.06 -32.54
C GLY FC 75 103.84 5.21 -31.50
N CYS FC 76 103.09 4.44 -30.72
CA CYS FC 76 103.67 3.61 -29.67
C CYS FC 76 103.99 2.22 -30.22
N SER FC 77 105.11 1.67 -29.78
CA SER FC 77 105.50 0.33 -30.16
C SER FC 77 105.23 -0.63 -29.01
N PHE FC 78 105.12 -1.92 -29.33
CA PHE FC 78 104.83 -2.92 -28.32
C PHE FC 78 105.34 -4.28 -28.75
N ARG FC 79 105.74 -5.07 -27.76
CA ARG FC 79 106.07 -6.47 -27.96
C ARG FC 79 105.47 -7.31 -26.85
N ARG FC 80 105.41 -8.62 -27.08
CA ARG FC 80 104.82 -9.57 -26.15
C ARG FC 80 105.76 -9.83 -24.98
N LYS FC 81 105.21 -10.43 -23.92
CA LYS FC 81 106.00 -11.04 -22.86
C LYS FC 81 105.93 -12.55 -22.98
N GLN FC 82 107.07 -13.18 -23.30
CA GLN FC 82 107.29 -14.62 -23.32
C GLN FC 82 106.14 -15.44 -23.90
N HIS FC 83 105.55 -14.96 -25.00
CA HIS FC 83 104.41 -15.60 -25.65
C HIS FC 83 103.23 -15.79 -24.71
N VAL GC 1 0.60 -43.82 -3.13
CA VAL GC 1 1.30 -44.63 -4.11
C VAL GC 1 0.49 -44.63 -5.41
N HIS GC 2 1.17 -44.78 -6.55
CA HIS GC 2 0.50 -44.80 -7.84
C HIS GC 2 -0.32 -46.06 -8.07
N GLY GC 3 -0.19 -47.08 -7.22
CA GLY GC 3 -1.04 -48.24 -7.29
C GLY GC 3 -0.65 -49.24 -8.36
N SER GC 4 0.55 -49.80 -8.26
CA SER GC 4 1.02 -50.81 -9.21
C SER GC 4 1.51 -52.06 -8.49
N LEU GC 5 1.17 -52.23 -7.22
CA LEU GC 5 1.62 -53.36 -6.43
C LEU GC 5 0.72 -54.57 -6.57
N ALA GC 6 -0.35 -54.47 -7.35
CA ALA GC 6 -1.32 -55.56 -7.49
C ALA GC 6 -0.82 -56.71 -8.34
N ARG GC 7 0.32 -56.55 -9.02
CA ARG GC 7 0.83 -57.57 -9.92
C ARG GC 7 1.98 -58.36 -9.32
N ALA GC 8 2.20 -58.27 -8.01
CA ALA GC 8 3.32 -58.95 -7.39
C ALA GC 8 3.16 -60.47 -7.49
N GLY GC 9 4.23 -61.15 -7.88
CA GLY GC 9 4.20 -62.59 -8.01
C GLY GC 9 3.40 -63.10 -9.18
N LYS GC 10 3.20 -62.27 -10.21
CA LYS GC 10 2.29 -62.64 -11.30
C LYS GC 10 2.79 -63.83 -12.07
N VAL GC 11 4.04 -63.79 -12.54
CA VAL GC 11 4.55 -64.86 -13.38
C VAL GC 11 4.76 -66.14 -12.57
N ARG GC 12 5.24 -66.01 -11.34
CA ARG GC 12 5.38 -67.19 -10.50
C ARG GC 12 4.03 -67.81 -10.17
N GLY GC 13 2.97 -67.00 -10.14
CA GLY GC 13 1.63 -67.56 -10.02
C GLY GC 13 1.19 -68.29 -11.27
N GLN GC 14 1.38 -67.67 -12.44
CA GLN GC 14 0.90 -68.29 -13.68
C GLN GC 14 1.76 -69.45 -14.15
N THR GC 15 2.95 -69.65 -13.59
CA THR GC 15 3.82 -70.71 -14.06
C THR GC 15 3.22 -72.07 -13.75
N PRO GC 16 3.02 -72.94 -14.74
CA PRO GC 16 2.49 -74.28 -14.45
C PRO GC 16 3.44 -75.06 -13.56
N LYS GC 17 2.87 -75.79 -12.61
CA LYS GC 17 3.65 -76.53 -11.62
C LYS GC 17 3.93 -77.92 -12.15
N VAL GC 18 5.16 -78.15 -12.57
CA VAL GC 18 5.64 -79.47 -12.98
C VAL GC 18 6.54 -80.01 -11.88
N ALA GC 19 6.35 -81.27 -11.52
CA ALA GC 19 7.11 -81.86 -10.42
C ALA GC 19 8.49 -82.30 -10.90
N LYS GC 20 9.43 -82.33 -9.96
CA LYS GC 20 10.75 -82.84 -10.27
C LYS GC 20 10.70 -84.34 -10.53
N GLN GC 21 11.37 -84.79 -11.57
CA GLN GC 21 11.44 -86.21 -11.86
C GLN GC 21 12.30 -86.91 -10.82
N GLU GC 22 11.79 -88.01 -10.27
CA GLU GC 22 12.55 -88.78 -9.30
C GLU GC 22 13.69 -89.49 -10.01
N LYS GC 23 14.89 -89.32 -9.51
CA LYS GC 23 16.10 -89.80 -10.17
C LYS GC 23 17.00 -90.51 -9.16
N LYS GC 24 17.93 -91.29 -9.69
CA LYS GC 24 18.89 -91.99 -8.86
C LYS GC 24 19.79 -90.98 -8.14
N LYS GC 25 20.21 -91.35 -6.93
CA LYS GC 25 21.08 -90.49 -6.15
C LYS GC 25 22.42 -90.31 -6.85
N LYS GC 26 23.05 -89.16 -6.62
CA LYS GC 26 24.34 -88.85 -7.19
C LYS GC 26 25.44 -89.18 -6.20
N LYS GC 27 26.53 -89.77 -6.69
CA LYS GC 27 27.68 -90.01 -5.84
C LYS GC 27 28.28 -88.70 -5.38
N THR GC 28 28.80 -88.70 -4.16
CA THR GC 28 29.35 -87.49 -3.55
C THR GC 28 30.76 -87.74 -3.06
N GLY GC 29 31.58 -86.71 -3.10
CA GLY GC 29 32.91 -86.77 -2.52
C GLY GC 29 33.91 -87.38 -3.47
N ARG GC 30 34.69 -88.33 -2.96
CA ARG GC 30 35.75 -88.93 -3.76
C ARG GC 30 35.19 -89.68 -4.95
N ALA GC 31 34.04 -90.33 -4.78
CA ALA GC 31 33.41 -91.01 -5.91
C ALA GC 31 32.98 -90.02 -6.98
N LYS GC 32 32.43 -88.87 -6.58
CA LYS GC 32 32.04 -87.85 -7.56
C LYS GC 32 33.25 -87.33 -8.31
N ARG GC 33 34.35 -87.08 -7.59
CA ARG GC 33 35.56 -86.62 -8.24
C ARG GC 33 36.10 -87.67 -9.20
N ARG GC 34 36.05 -88.94 -8.80
CA ARG GC 34 36.48 -90.02 -9.68
C ARG GC 34 35.64 -90.07 -10.94
N MET GC 35 34.31 -89.93 -10.79
CA MET GC 35 33.42 -90.01 -11.94
C MET GC 35 33.69 -88.86 -12.91
N GLN GC 36 33.79 -87.63 -12.39
CA GLN GC 36 33.97 -86.51 -13.30
C GLN GC 36 35.40 -86.41 -13.83
N TYR GC 37 36.36 -87.06 -13.18
CA TYR GC 37 37.68 -87.19 -13.77
C TYR GC 37 37.67 -88.21 -14.90
N ASN GC 38 36.96 -89.32 -14.70
CA ASN GC 38 36.88 -90.35 -15.73
C ASN GC 38 36.15 -89.83 -16.96
N ARG GC 39 35.11 -89.02 -16.77
CA ARG GC 39 34.33 -88.56 -17.92
C ARG GC 39 35.17 -87.69 -18.86
N ARG GC 40 36.02 -86.83 -18.31
CA ARG GC 40 36.68 -85.81 -19.13
C ARG GC 40 38.18 -85.98 -19.22
N PHE GC 41 38.75 -87.08 -18.70
CA PHE GC 41 40.18 -87.30 -18.87
C PHE GC 41 40.56 -88.64 -19.48
N VAL GC 42 39.73 -89.67 -19.37
CA VAL GC 42 40.01 -90.97 -19.97
C VAL GC 42 38.84 -91.33 -20.88
N ASN GC 43 38.95 -90.96 -22.15
CA ASN GC 43 37.97 -91.25 -23.19
C ASN GC 43 38.57 -90.84 -24.53
N VAL GC 44 38.19 -91.57 -25.57
CA VAL GC 44 38.60 -91.27 -26.94
C VAL GC 44 37.36 -91.29 -27.81
N VAL GC 45 37.06 -90.17 -28.45
CA VAL GC 45 35.88 -90.04 -29.32
C VAL GC 45 36.35 -89.91 -30.77
N PRO GC 46 35.81 -90.70 -31.69
CA PRO GC 46 36.16 -90.56 -33.11
C PRO GC 46 35.31 -89.56 -33.88
N THR GC 47 34.49 -88.77 -33.21
CA THR GC 47 33.53 -87.88 -33.86
C THR GC 47 34.05 -86.44 -33.82
N PHE GC 48 33.81 -85.71 -34.91
CA PHE GC 48 34.18 -84.32 -35.00
C PHE GC 48 33.27 -83.47 -34.10
N GLY GC 49 33.52 -82.16 -34.08
CA GLY GC 49 32.73 -81.26 -33.25
C GLY GC 49 33.54 -80.15 -32.63
N LYS GC 50 34.86 -80.16 -32.86
CA LYS GC 50 35.77 -79.11 -32.42
C LYS GC 50 35.73 -78.92 -30.90
N LYS GC 51 35.69 -80.04 -30.17
CA LYS GC 51 35.75 -80.07 -28.71
C LYS GC 51 34.59 -79.29 -28.10
N LYS GC 52 33.39 -79.80 -28.35
CA LYS GC 52 32.16 -79.19 -27.88
C LYS GC 52 32.05 -79.32 -26.37
N GLY GC 53 31.31 -78.39 -25.76
CA GLY GC 53 31.21 -78.28 -24.32
C GLY GC 53 30.48 -79.44 -23.66
N PRO GC 54 30.61 -79.54 -22.34
CA PRO GC 54 30.05 -80.71 -21.63
C PRO GC 54 28.53 -80.74 -21.60
N ASN GC 55 27.86 -79.62 -21.88
CA ASN GC 55 26.41 -79.56 -21.89
C ASN GC 55 25.88 -79.30 -23.30
N ALA GC 56 26.43 -80.03 -24.27
CA ALA GC 56 26.03 -79.85 -25.66
C ALA GC 56 24.55 -80.14 -25.85
N ASN GC 57 23.85 -79.22 -26.48
CA ASN GC 57 22.44 -79.40 -26.79
C ASN GC 57 22.29 -79.83 -28.26
N SER GC 58 22.80 -81.03 -28.52
CA SER GC 58 22.73 -81.61 -29.85
C SER GC 58 21.36 -82.21 -30.11
P A2M HC 27 29.09 -63.03 15.54
OP1 A2M HC 27 28.80 -63.57 16.90
O5' A2M HC 27 27.65 -62.56 14.56
C5' A2M HC 27 26.91 -61.55 15.05
C4' A2M HC 27 26.02 -60.99 13.96
O4' A2M HC 27 26.82 -60.45 12.94
C3' A2M HC 27 25.15 -62.05 13.33
O3' A2M HC 27 24.14 -62.34 14.22
C2' A2M HC 27 24.81 -61.40 12.00
O2' A2M HC 27 23.90 -60.34 12.14
C1' A2M HC 27 26.21 -60.82 11.73
CM' A2M HC 27 23.82 -59.61 10.97
N9 A2M HC 27 27.11 -61.67 10.99
C8 A2M HC 27 28.24 -62.39 11.35
N7 A2M HC 27 28.80 -63.06 10.33
C5 A2M HC 27 27.97 -62.71 9.26
C6 A2M HC 27 27.97 -63.04 7.92
N6 A2M HC 27 28.92 -63.86 7.36
N1 A2M HC 27 27.03 -62.57 7.07
C2 A2M HC 27 26.10 -61.76 7.60
N3 A2M HC 27 25.95 -61.34 8.86
C4 A2M HC 27 26.93 -61.86 9.65
OP2 A2M HC 27 29.58 -63.98 14.48
N1 PSU HC 93 42.20 -60.05 46.46
C2 PSU HC 93 41.44 -61.19 46.34
N3 PSU HC 93 42.04 -62.40 46.12
C4 PSU HC 93 43.40 -62.49 46.02
C5 PSU HC 93 44.18 -61.34 46.14
C6 PSU HC 93 43.55 -60.13 46.36
O2 PSU HC 93 40.22 -61.12 46.42
O4 PSU HC 93 43.92 -63.59 45.83
C1' PSU HC 93 45.68 -61.40 46.03
C2' PSU HC 93 46.03 -61.67 44.56
O2' PSU HC 93 47.26 -62.37 44.52
C3' PSU HC 93 46.20 -60.25 44.03
C4' PSU HC 93 46.87 -59.55 45.20
O3' PSU HC 93 46.95 -60.18 42.83
O4' PSU HC 93 46.24 -60.15 46.37
C5' PSU HC 93 46.69 -58.06 45.24
O5' PSU HC 93 45.32 -57.72 45.31
P PSU HC 93 44.87 -56.20 45.35
OP1 PSU HC 93 45.70 -55.49 44.36
OP2 PSU HC 93 43.41 -56.12 45.21
P A2M HC 99 35.39 -47.99 26.64
OP1 A2M HC 99 34.75 -48.77 25.54
O5' A2M HC 99 34.28 -47.50 27.97
C5' A2M HC 99 33.45 -46.47 27.72
C4' A2M HC 99 33.37 -45.58 28.95
O4' A2M HC 99 33.47 -46.37 30.10
C3' A2M HC 99 34.50 -44.57 28.99
O3' A2M HC 99 34.22 -43.59 28.08
C2' A2M HC 99 34.53 -44.25 30.47
O2' A2M HC 99 33.44 -43.47 30.90
C1' A2M HC 99 34.35 -45.69 30.97
CM' A2M HC 99 33.71 -42.94 32.17
N9 A2M HC 99 35.55 -46.45 31.11
C8 A2M HC 99 36.11 -47.49 30.36
N7 A2M HC 99 37.27 -47.91 30.87
C5 A2M HC 99 37.46 -47.11 31.97
C6 A2M HC 99 38.45 -47.02 32.93
N6 A2M HC 99 39.56 -47.85 32.91
N1 A2M HC 99 38.41 -46.12 33.94
C2 A2M HC 99 37.32 -45.32 33.95
N3 A2M HC 99 36.29 -45.26 33.11
C4 A2M HC 99 36.41 -46.19 32.14
OP2 A2M HC 99 35.84 -46.59 26.37
N1 PSU HC 105 51.41 -42.60 28.50
C2 PSU HC 105 51.44 -43.30 27.32
N3 PSU HC 105 50.68 -44.43 27.16
C4 PSU HC 105 49.88 -44.86 28.18
C5 PSU HC 105 49.85 -44.15 29.38
C6 PSU HC 105 50.62 -43.02 29.51
O2 PSU HC 105 52.16 -42.93 26.40
O4 PSU HC 105 49.20 -45.87 28.02
C1' PSU HC 105 48.97 -44.59 30.52
C2' PSU HC 105 49.47 -45.87 31.16
O2' PSU HC 105 48.35 -46.59 31.65
C3' PSU HC 105 50.30 -45.33 32.31
C4' PSU HC 105 49.50 -44.12 32.75
O3' PSU HC 105 50.51 -46.27 33.34
O4' PSU HC 105 48.96 -43.58 31.52
C5' PSU HC 105 50.28 -43.05 33.46
O5' PSU HC 105 51.39 -42.63 32.70
P PSU HC 105 52.22 -41.33 33.10
OP1 PSU HC 105 52.60 -41.46 34.51
OP2 PSU HC 105 53.26 -41.15 32.07
N1 PSU HC 109 63.49 -48.59 30.86
C2 PSU HC 109 63.10 -47.44 31.52
N3 PSU HC 109 63.90 -46.33 31.48
C4 PSU HC 109 65.09 -46.37 30.80
C5 PSU HC 109 65.47 -47.52 30.15
C6 PSU HC 109 64.65 -48.64 30.19
O2 PSU HC 109 62.04 -47.42 32.14
O4 PSU HC 109 65.81 -45.37 30.77
C1' PSU HC 109 66.77 -47.56 29.37
C2' PSU HC 109 67.98 -47.80 30.25
O2' PSU HC 109 69.08 -47.10 29.70
C3' PSU HC 109 68.17 -49.31 30.10
C4' PSU HC 109 67.77 -49.55 28.66
O3' PSU HC 109 69.49 -49.73 30.39
O4' PSU HC 109 66.70 -48.61 28.43
C5' PSU HC 109 67.29 -50.93 28.35
O5' PSU HC 109 66.22 -51.32 29.21
P PSU HC 109 65.55 -52.74 29.09
OP1 PSU HC 109 66.63 -53.73 28.96
OP2 PSU HC 109 64.55 -52.88 30.17
N1 OMU HC 116 60.01 -47.47 51.74
C2 OMU HC 116 59.69 -48.50 50.69
N3 OMU HC 116 60.77 -49.02 49.81
C4 OMU HC 116 62.13 -48.54 49.96
C5 OMU HC 116 62.44 -47.52 51.00
C6 OMU HC 116 61.36 -47.01 51.87
O2 OMU HC 116 58.54 -48.90 50.56
O4 OMU HC 116 62.96 -48.93 49.30
C1' OMU HC 116 58.96 -46.92 52.62
C2' OMU HC 116 58.61 -47.86 53.77
O2' OMU HC 116 57.23 -47.70 54.07
CM2 OMU HC 116 56.38 -48.21 53.10
C3' OMU HC 116 59.47 -47.30 54.90
C4' OMU HC 116 59.43 -45.80 54.61
O3' OMU HC 116 58.99 -47.62 56.19
O4' OMU HC 116 59.42 -45.71 53.17
C5' OMU HC 116 60.59 -45.00 55.16
O5' OMU HC 116 61.82 -45.45 54.61
P OMU HC 116 63.11 -44.51 54.59
OP1 OMU HC 116 63.25 -43.92 55.96
OP2 OMU HC 116 64.24 -45.28 53.97
N1 OMU HC 121 65.38 -64.79 55.85
C2 OMU HC 121 66.14 -63.49 55.87
N3 OMU HC 121 65.62 -62.32 56.63
C4 OMU HC 121 64.37 -62.45 57.37
C5 OMU HC 121 63.62 -63.73 57.35
C6 OMU HC 121 64.14 -64.88 56.59
O2 OMU HC 121 67.17 -63.39 55.25
O4 OMU HC 121 63.97 -61.56 57.96
C1' OMU HC 121 65.88 -65.94 55.08
C2' OMU HC 121 67.05 -66.63 55.80
O2' OMU HC 121 67.87 -67.23 54.81
CM2 OMU HC 121 68.99 -66.47 54.47
C3' OMU HC 121 66.31 -67.70 56.57
C4' OMU HC 121 65.24 -68.14 55.60
O3' OMU HC 121 67.14 -68.77 57.01
O4' OMU HC 121 64.85 -66.90 54.95
C5' OMU HC 121 64.03 -68.80 56.20
O5' OMU HC 121 63.54 -68.06 57.31
P OMU HC 121 62.09 -68.34 57.89
OP1 OMU HC 121 62.01 -69.78 58.28
OP2 OMU HC 121 61.80 -67.26 58.90
P A2M HC 159 10.19 -58.01 65.16
OP1 A2M HC 159 10.47 -59.48 65.14
O5' A2M HC 159 11.27 -57.70 63.71
C5' A2M HC 159 11.05 -58.45 62.62
C4' A2M HC 159 11.66 -57.76 61.40
O4' A2M HC 159 11.07 -56.48 61.25
C3' A2M HC 159 13.16 -57.58 61.54
O3' A2M HC 159 13.74 -58.79 61.19
C2' A2M HC 159 13.44 -56.33 60.72
O2' A2M HC 159 13.51 -56.56 59.33
C1' A2M HC 159 12.13 -55.57 61.04
CM' A2M HC 159 13.46 -55.35 58.63
N9 A2M HC 159 12.19 -54.66 62.16
C8 A2M HC 159 11.93 -54.80 63.52
N7 A2M HC 159 12.14 -53.68 64.21
C5 A2M HC 159 12.55 -52.77 63.25
C6 A2M HC 159 12.92 -51.45 63.28
N6 A2M HC 159 12.93 -50.71 64.45
N1 A2M HC 159 13.30 -50.76 62.16
C2 A2M HC 159 13.28 -51.47 61.01
N3 A2M HC 159 12.96 -52.75 60.80
C4 A2M HC 159 12.60 -53.35 61.96
OP2 A2M HC 159 10.49 -57.22 66.38
P A2M HC 166 24.95 -53.07 84.04
OP1 A2M HC 166 25.51 -52.27 85.17
O5' A2M HC 166 24.62 -54.51 85.10
C5' A2M HC 166 23.64 -54.37 85.99
C4' A2M HC 166 23.21 -55.73 86.51
O4' A2M HC 166 22.33 -56.32 85.58
C3' A2M HC 166 24.40 -56.64 86.67
O3' A2M HC 166 25.07 -56.22 87.80
C2' A2M HC 166 23.73 -58.01 86.63
O2' A2M HC 166 23.05 -58.32 87.82
C1' A2M HC 166 22.71 -57.68 85.52
CM' A2M HC 166 22.27 -59.48 87.65
N9 A2M HC 166 23.14 -57.98 84.19
C8 A2M HC 166 23.47 -57.18 83.09
N7 A2M HC 166 23.85 -57.90 82.02
C5 A2M HC 166 23.73 -59.22 82.45
C6 A2M HC 166 23.96 -60.44 81.87
N6 A2M HC 166 24.39 -60.55 80.56
N1 A2M HC 166 23.76 -61.61 82.53
C2 A2M HC 166 23.34 -61.50 83.81
N3 A2M HC 166 23.09 -60.41 84.53
C4 A2M HC 166 23.30 -59.29 83.80
OP2 A2M HC 166 25.80 -53.35 82.84
N1 OMU HC 172 51.63 -65.73 72.73
C2 OMU HC 172 51.29 -66.03 71.29
N3 OMU HC 172 51.70 -67.34 70.69
C4 OMU HC 172 52.43 -68.31 71.50
C5 OMU HC 172 52.74 -67.99 72.92
C6 OMU HC 172 52.34 -66.69 73.52
O2 OMU HC 172 50.69 -65.21 70.61
O4 OMU HC 172 52.75 -69.30 71.05
C1' OMU HC 172 51.22 -64.44 73.29
C2' OMU HC 172 49.78 -64.36 73.73
O2' OMU HC 172 48.90 -64.18 72.65
CM2 OMU HC 172 47.55 -64.12 73.04
C3' OMU HC 172 49.84 -63.17 74.69
C4' OMU HC 172 51.19 -63.39 75.38
O3' OMU HC 172 49.92 -61.98 73.92
O4' OMU HC 172 51.97 -64.20 74.46
C5' OMU HC 172 51.11 -64.07 76.72
O5' OMU HC 172 50.74 -65.43 76.62
P OMU HC 172 49.88 -66.13 77.75
OP1 OMU HC 172 49.81 -67.62 77.45
OP2 OMU HC 172 50.41 -65.67 79.07
N1 OMC HC 174 45.84 -55.98 78.03
C2 OMC HC 174 45.81 -56.21 79.42
N3 OMC HC 174 46.60 -57.19 79.91
C4 OMC HC 174 47.38 -57.91 79.14
C5 OMC HC 174 47.44 -57.70 77.73
C6 OMC HC 174 46.65 -56.73 77.24
O2 OMC HC 174 45.09 -55.54 80.12
N4 OMC HC 174 48.12 -58.85 79.70
C1' OMC HC 174 45.02 -54.93 77.39
C2' OMC HC 174 45.62 -53.54 77.53
O2' OMC HC 174 44.57 -52.62 77.76
CM2 OMC HC 174 44.43 -52.26 79.11
C3' OMC HC 174 46.25 -53.33 76.15
C4' OMC HC 174 45.30 -54.07 75.23
O4' OMC HC 174 44.91 -55.23 76.01
O3' OMC HC 174 46.39 -51.96 75.80
C5' OMC HC 174 45.89 -54.52 73.93
O5' OMC HC 174 47.06 -55.31 74.14
P OMC HC 174 47.76 -56.08 72.95
OP1 OMC HC 174 47.99 -55.09 71.81
OP2 OMC HC 174 48.94 -56.86 73.51
N1 OMU HC 293 62.74 -41.52 24.77
C2 OMU HC 293 61.88 -42.71 25.07
N3 OMU HC 293 61.00 -42.72 26.27
C4 OMU HC 293 60.98 -41.56 27.14
C5 OMU HC 293 61.83 -40.38 26.85
C6 OMU HC 293 62.71 -40.38 25.65
O2 OMU HC 293 61.91 -43.67 24.33
O4 OMU HC 293 60.31 -41.56 28.07
C1' OMU HC 293 63.59 -41.55 23.56
C2' OMU HC 293 62.80 -41.11 22.33
O2' OMU HC 293 63.37 -41.75 21.20
CM2 OMU HC 293 63.06 -43.11 21.11
C3' OMU HC 293 63.11 -39.63 22.30
C4' OMU HC 293 64.57 -39.61 22.69
O3' OMU HC 293 62.82 -39.01 21.06
O4' OMU HC 293 64.65 -40.62 23.73
C5' OMU HC 293 65.10 -38.30 23.21
O5' OMU HC 293 64.33 -37.81 24.29
P OMU HC 293 64.87 -36.66 25.22
OP1 OMU HC 293 65.42 -35.57 24.36
OP2 OMU HC 293 63.83 -36.37 26.26
N1 PSU HC 345 39.65 -37.77 21.70
C2 PSU HC 345 40.95 -38.14 22.01
N3 PSU HC 345 41.56 -39.14 21.29
C4 PSU HC 345 40.90 -39.75 20.27
C5 PSU HC 345 39.61 -39.38 19.97
C6 PSU HC 345 38.99 -38.38 20.71
O2 PSU HC 345 41.53 -37.58 22.91
O4 PSU HC 345 41.46 -40.64 19.63
C1' PSU HC 345 38.86 -40.06 18.85
C2' PSU HC 345 38.32 -41.41 19.30
O2' PSU HC 345 38.36 -42.29 18.19
C3' PSU HC 345 36.89 -41.06 19.66
C4' PSU HC 345 36.54 -40.04 18.61
O3' PSU HC 345 36.01 -42.17 19.65
O4' PSU HC 345 37.76 -39.28 18.44
C5' PSU HC 345 35.41 -39.10 18.95
O5' PSU HC 345 35.59 -38.51 20.23
P PSU HC 345 34.75 -37.23 20.64
OP1 PSU HC 345 33.32 -37.59 20.53
OP2 PSU HC 345 35.26 -36.68 21.91
N1 OMU HC 367 42.31 -65.18 27.50
C2 OMU HC 367 41.23 -66.22 27.52
N3 OMU HC 367 40.49 -66.55 26.27
C4 OMU HC 367 40.81 -65.85 25.04
C5 OMU HC 367 41.88 -64.81 25.03
C6 OMU HC 367 42.62 -64.49 26.27
O2 OMU HC 367 40.97 -66.80 28.55
O4 OMU HC 367 40.25 -66.09 24.08
C1' OMU HC 367 43.05 -64.86 28.73
C2' OMU HC 367 44.49 -64.42 28.48
O2' OMU HC 367 45.33 -65.52 28.27
CM2 OMU HC 367 46.63 -65.16 27.92
C3' OMU HC 367 44.78 -63.63 29.75
C4' OMU HC 367 43.43 -63.00 30.09
O3' OMU HC 367 45.13 -64.54 30.79
O4' OMU HC 367 42.43 -63.76 29.35
C5' OMU HC 367 43.29 -61.54 29.74
O5' OMU HC 367 44.08 -61.18 28.62
P OMU HC 367 43.63 -60.00 27.66
OP1 OMU HC 367 43.63 -58.73 28.45
OP2 OMU HC 367 44.43 -60.11 26.38
P OMG HC 375 29.29 -49.77 42.01
OP1 OMG HC 375 29.40 -48.65 43.05
OP2 OMG HC 375 28.89 -51.17 42.42
O5' OMG HC 375 28.26 -49.26 40.91
C5' OMG HC 375 28.68 -49.00 39.58
C4' OMG HC 375 27.86 -47.91 38.95
O4' OMG HC 375 26.54 -47.86 39.55
C3' OMG HC 375 28.38 -46.49 39.13
O3' OMG HC 375 29.45 -46.19 38.25
C2' OMG HC 375 27.14 -45.67 38.90
O2' OMG HC 375 26.82 -45.64 37.51
CM2 OMG HC 375 25.69 -44.86 37.19
C1' OMG HC 375 26.10 -46.53 39.61
N9 OMG HC 375 25.95 -46.14 41.02
C8 OMG HC 375 26.22 -46.94 42.11
N7 OMG HC 375 26.01 -46.32 43.24
C5 OMG HC 375 25.60 -45.07 42.88
C6 OMG HC 375 25.23 -43.96 43.69
O6 OMG HC 375 25.20 -43.88 44.90
N1 OMG HC 375 24.87 -42.87 42.90
C2 OMG HC 375 24.87 -42.83 41.54
N2 OMG HC 375 24.49 -41.69 40.96
N3 OMG HC 375 25.20 -43.85 40.80
C4 OMG HC 375 25.55 -44.93 41.51
N1 OMC HC 401 11.11 -52.20 53.13
C2 OMC HC 401 11.32 -51.23 54.13
N3 OMC HC 401 11.47 -49.95 53.75
C4 OMC HC 401 11.44 -49.60 52.48
C5 OMC HC 401 11.23 -50.54 51.45
C6 OMC HC 401 11.08 -51.82 51.83
O2 OMC HC 401 11.34 -51.57 55.30
N4 OMC HC 401 11.61 -48.32 52.18
C1' OMC HC 401 10.93 -53.64 53.43
C2' OMC HC 401 9.56 -53.96 54.03
O2' OMC HC 401 9.70 -55.03 54.94
CM2 OMC HC 401 10.44 -54.71 56.09
C3' OMC HC 401 8.79 -54.41 52.79
C4' OMC HC 401 9.87 -55.15 52.00
O4' OMC HC 401 11.06 -54.38 52.23
O3' OMC HC 401 7.68 -55.23 53.09
C5' OMC HC 401 9.62 -55.28 50.52
O5' OMC HC 401 9.35 -54.01 49.93
P OMC HC 401 9.31 -53.85 48.35
OP1 OMC HC 401 8.32 -54.86 47.79
OP2 OMC HC 401 9.14 -52.36 48.05
P A2M HC 407 17.35 -46.02 61.42
OP1 A2M HC 407 18.46 -46.44 62.33
O5' A2M HC 407 17.37 -47.60 60.52
C5' A2M HC 407 17.37 -48.71 61.28
C4' A2M HC 407 17.07 -49.91 60.40
O4' A2M HC 407 15.79 -49.76 59.85
C3' A2M HC 407 18.04 -50.04 59.25
O3' A2M HC 407 19.25 -50.51 59.77
C2' A2M HC 407 17.25 -50.89 58.29
O2' A2M HC 407 17.14 -52.23 58.70
C1' A2M HC 407 15.90 -50.18 58.50
CM' A2M HC 407 16.22 -52.92 57.90
N9 A2M HC 407 15.65 -49.07 57.65
C8 A2M HC 407 15.62 -47.70 57.85
N7 A2M HC 407 15.34 -47.00 56.74
C5 A2M HC 407 15.18 -47.99 55.78
C6 A2M HC 407 14.89 -47.99 54.43
N6 A2M HC 407 14.67 -46.81 53.75
N1 A2M HC 407 14.78 -49.13 53.70
C2 A2M HC 407 15.01 -50.28 54.37
N3 A2M HC 407 15.30 -50.47 55.66
C4 A2M HC 407 15.37 -49.29 56.31
OP2 A2M HC 407 17.51 -44.81 60.58
P A2M HC 423 19.91 -58.90 17.47
OP1 A2M HC 423 19.29 -60.20 17.84
O5' A2M HC 423 21.57 -59.46 17.92
C5' A2M HC 423 21.94 -60.66 17.47
C4' A2M HC 423 23.45 -60.81 17.58
O4' A2M HC 423 24.04 -59.78 16.83
C3' A2M HC 423 23.91 -60.72 19.02
O3' A2M HC 423 23.84 -62.01 19.54
C2' A2M HC 423 25.28 -60.03 18.90
O2' A2M HC 423 26.32 -60.93 18.68
C1' A2M HC 423 25.04 -59.20 17.63
CM' A2M HC 423 27.56 -60.27 18.74
N9 A2M HC 423 24.72 -57.80 17.83
C8 A2M HC 423 23.52 -57.11 17.99
N7 A2M HC 423 23.69 -55.79 18.15
C5 A2M HC 423 25.07 -55.63 18.10
C6 A2M HC 423 25.90 -54.55 18.20
N6 A2M HC 423 25.41 -53.27 18.40
N1 A2M HC 423 27.25 -54.66 18.12
C2 A2M HC 423 27.72 -55.90 17.92
N3 A2M HC 423 27.07 -57.06 17.80
C4 A2M HC 423 25.73 -56.87 17.90
OP2 A2M HC 423 19.44 -57.64 18.11
P OMG HC 448 39.23 -68.02 36.55
OP1 OMG HC 448 39.85 -67.23 35.43
OP2 OMG HC 448 37.71 -68.03 36.69
O5' OMG HC 448 39.72 -69.53 36.44
C5' OMG HC 448 41.09 -69.84 36.23
C4' OMG HC 448 41.46 -71.15 36.87
O4' OMG HC 448 41.00 -71.17 38.25
C3' OMG HC 448 40.82 -72.39 36.27
O3' OMG HC 448 41.49 -72.84 35.10
C2' OMG HC 448 40.88 -73.38 37.41
O2' OMG HC 448 42.21 -73.87 37.57
CM2 OMG HC 448 42.29 -74.90 38.51
C1' OMG HC 448 40.58 -72.47 38.60
N9 OMG HC 448 39.14 -72.44 38.92
C8 OMG HC 448 38.30 -71.36 38.78
N7 OMG HC 448 37.08 -71.64 39.15
C5 OMG HC 448 37.12 -72.95 39.54
C6 OMG HC 448 36.09 -73.80 40.02
O6 OMG HC 448 34.92 -73.54 40.21
N1 OMG HC 448 36.59 -75.07 40.29
C2 OMG HC 448 37.87 -75.48 40.11
N2 OMG HC 448 38.14 -76.75 40.43
N3 OMG HC 448 38.82 -74.70 39.67
C4 OMG HC 448 38.40 -73.46 39.40
N1 OMC HC 456 34.13 -68.99 16.73
C2 OMC HC 456 35.50 -68.94 17.04
N3 OMC HC 456 36.05 -69.98 17.70
C4 OMC HC 456 35.32 -71.01 18.06
C5 OMC HC 456 33.93 -71.10 17.76
C6 OMC HC 456 33.40 -70.06 17.10
O2 OMC HC 456 36.16 -67.97 16.70
N4 OMC HC 456 35.92 -72.00 18.72
C1' OMC HC 456 33.46 -67.89 16.00
C2' OMC HC 456 33.76 -67.90 14.50
O2' OMC HC 456 33.78 -66.56 14.04
CM2 OMC HC 456 35.08 -66.06 13.85
C3' OMC HC 456 32.56 -68.64 13.95
C4' OMC HC 456 31.43 -68.14 14.85
O4' OMC HC 456 32.06 -68.03 16.15
O3' OMC HC 456 32.32 -68.41 12.57
C5' OMC HC 456 30.22 -69.01 14.93
O5' OMC HC 456 30.50 -70.33 14.52
P OMC HC 456 29.72 -71.56 15.15
OP1 OMC HC 456 30.61 -72.21 16.20
OP2 OMC HC 456 28.33 -71.08 15.54
P A2M HC 515 32.24 -93.17 38.21
OP1 A2M HC 515 30.91 -93.65 37.72
O5' A2M HC 515 32.33 -91.85 36.95
C5' A2M HC 515 31.75 -92.12 35.76
C4' A2M HC 515 30.55 -91.21 35.56
O4' A2M HC 515 30.74 -90.03 36.32
C3' A2M HC 515 30.42 -90.82 34.11
O3' A2M HC 515 29.73 -91.86 33.49
C2' A2M HC 515 29.79 -89.43 34.20
O2' A2M HC 515 28.42 -89.41 34.48
C1' A2M HC 515 30.59 -88.95 35.43
CM' A2M HC 515 27.96 -88.10 34.57
N9 A2M HC 515 31.89 -88.43 35.14
C8 A2M HC 515 33.16 -88.82 35.54
N7 A2M HC 515 34.13 -88.05 35.01
C5 A2M HC 515 33.43 -87.14 34.23
C6 A2M HC 515 33.80 -86.08 33.43
N6 A2M HC 515 35.12 -85.73 33.26
N1 A2M HC 515 32.89 -85.33 32.76
C2 A2M HC 515 31.60 -85.67 32.93
N3 A2M HC 515 31.06 -86.66 33.66
C4 A2M HC 515 32.03 -87.36 34.30
OP2 A2M HC 515 33.41 -94.11 38.23
P OMG HC 540 28.98 -67.04 -20.79
OP1 OMG HC 540 29.92 -68.09 -21.35
OP2 OMG HC 540 28.39 -67.20 -19.39
O5' OMG HC 540 29.73 -65.64 -20.85
C5' OMG HC 540 30.39 -65.21 -22.03
C4' OMG HC 540 30.91 -63.82 -21.87
O4' OMG HC 540 29.82 -62.93 -21.55
C3' OMG HC 540 31.90 -63.62 -20.73
O3' OMG HC 540 33.21 -63.97 -21.09
C2' OMG HC 540 31.75 -62.15 -20.38
O2' OMG HC 540 32.54 -61.36 -21.24
CM2 OMG HC 540 32.32 -59.97 -21.15
C1' OMG HC 540 30.27 -61.89 -20.72
N9 OMG HC 540 29.38 -61.83 -19.54
C8 OMG HC 540 28.45 -62.77 -19.17
N7 OMG HC 540 27.80 -62.42 -18.11
C5 OMG HC 540 28.30 -61.19 -17.77
C6 OMG HC 540 27.96 -60.32 -16.70
O6 OMG HC 540 27.13 -60.46 -15.83
N1 OMG HC 540 28.73 -59.15 -16.74
C2 OMG HC 540 29.69 -58.87 -17.67
N2 OMG HC 540 30.33 -57.70 -17.53
N3 OMG HC 540 29.99 -59.68 -18.64
C4 OMG HC 540 29.29 -60.80 -18.65
N1 OMU HC 566 3.38 -62.43 -27.29
C2 OMU HC 566 2.42 -63.49 -26.81
N3 OMU HC 566 1.19 -63.10 -26.05
C4 OMU HC 566 0.95 -61.69 -25.77
C5 OMU HC 566 1.91 -60.65 -26.25
C6 OMU HC 566 3.12 -61.04 -27.00
O2 OMU HC 566 2.65 -64.67 -27.06
O4 OMU HC 566 0.02 -61.38 -25.19
C1' OMU HC 566 4.58 -62.80 -28.04
C2' OMU HC 566 4.83 -61.93 -29.26
O2' OMU HC 566 4.15 -62.42 -30.39
CM2 OMU HC 566 3.98 -61.45 -31.39
C3' OMU HC 566 6.35 -62.00 -29.37
C4' OMU HC 566 6.77 -61.96 -27.91
O3' OMU HC 566 6.72 -63.26 -29.92
O4' OMU HC 566 5.71 -62.61 -27.18
C5' OMU HC 566 6.97 -60.58 -27.34
O5' OMU HC 566 7.70 -59.73 -28.24
P OMU HC 566 7.17 -58.28 -28.57
OP1 OMU HC 566 8.34 -57.46 -29.08
OP2 OMU HC 566 5.94 -58.42 -29.41
P OMG HC 583 33.50 -78.30 6.60
OP1 OMG HC 583 34.65 -79.10 6.05
OP2 OMG HC 583 33.55 -77.82 8.05
O5' OMG HC 583 33.30 -77.00 5.70
C5' OMG HC 583 33.56 -77.04 4.30
C4' OMG HC 583 32.30 -76.99 3.48
O4' OMG HC 583 31.14 -77.25 4.31
C3' OMG HC 583 31.97 -75.66 2.83
O3' OMG HC 583 32.74 -75.42 1.68
C2' OMG HC 583 30.48 -75.80 2.55
O2' OMG HC 583 30.26 -76.55 1.37
CM2 OMG HC 583 28.90 -76.77 1.07
C1' OMG HC 583 30.01 -76.63 3.74
N9 OMG HC 583 29.34 -75.83 4.78
C8 OMG HC 583 29.86 -75.46 6.00
N7 OMG HC 583 29.01 -74.76 6.69
C5 OMG HC 583 27.90 -74.68 5.92
C6 OMG HC 583 26.65 -74.03 6.16
O6 OMG HC 583 26.30 -73.41 7.14
N1 OMG HC 583 25.79 -74.19 5.09
C2 OMG HC 583 26.06 -74.87 3.94
N2 OMG HC 583 25.09 -74.90 3.02
N3 OMG HC 583 27.21 -75.46 3.71
C4 OMG HC 583 28.08 -75.33 4.72
N1 PSU HC 588 30.28 -57.20 3.80
C2 PSU HC 588 31.14 -58.02 4.49
N3 PSU HC 588 31.38 -57.79 5.82
C4 PSU HC 588 30.75 -56.73 6.46
C5 PSU HC 588 29.89 -55.93 5.75
C6 PSU HC 588 29.66 -56.18 4.40
O2 PSU HC 588 31.69 -58.94 3.93
O4 PSU HC 588 30.96 -56.53 7.65
C1' PSU HC 588 29.21 -54.78 6.44
C2' PSU HC 588 30.16 -53.59 6.49
O2' PSU HC 588 29.88 -52.85 7.68
C3' PSU HC 588 29.72 -52.82 5.27
C4' PSU HC 588 28.22 -53.02 5.28
O3' PSU HC 588 30.10 -51.45 5.28
O4' PSU HC 588 28.06 -54.39 5.73
C5' PSU HC 588 27.52 -52.85 3.95
O5' PSU HC 588 28.04 -53.75 2.99
P PSU HC 588 27.28 -54.00 1.60
OP1 PSU HC 588 26.88 -52.69 1.05
OP2 PSU HC 588 28.10 -54.93 0.82
N1 PSU HC 590 36.64 -53.96 4.04
C2 PSU HC 590 36.82 -55.18 3.44
N3 PSU HC 590 37.81 -56.04 3.88
C4 PSU HC 590 38.63 -55.64 4.91
C5 PSU HC 590 38.44 -54.41 5.51
C6 PSU HC 590 37.44 -53.57 5.06
O2 PSU HC 590 36.09 -55.53 2.51
O4 PSU HC 590 39.51 -56.40 5.30
C1' PSU HC 590 39.33 -53.97 6.64
C2' PSU HC 590 40.68 -53.51 6.10
O2' PSU HC 590 41.68 -53.78 7.07
C3' PSU HC 590 40.44 -52.01 5.99
C4' PSU HC 590 39.60 -51.73 7.22
O3' PSU HC 590 41.64 -51.25 5.94
O4' PSU HC 590 38.75 -52.89 7.33
C5' PSU HC 590 38.75 -50.48 7.17
O5' PSU HC 590 37.86 -50.52 6.06
P PSU HC 590 36.59 -49.57 6.00
OP1 PSU HC 590 37.07 -48.19 6.24
OP2 PSU HC 590 35.81 -49.86 4.79
P A2M HC 607 42.60 -29.94 -21.03
OP1 A2M HC 607 41.48 -28.95 -20.90
O5' A2M HC 607 42.12 -31.65 -20.79
C5' A2M HC 607 43.09 -32.50 -20.46
C4' A2M HC 607 42.46 -33.83 -20.15
O4' A2M HC 607 43.34 -34.82 -20.51
C3' A2M HC 607 42.19 -33.96 -18.67
O3' A2M HC 607 41.00 -33.27 -18.45
C2' A2M HC 607 42.22 -35.47 -18.45
O2' A2M HC 607 40.95 -36.06 -18.55
C1' A2M HC 607 43.07 -35.90 -19.68
CM' A2M HC 607 40.95 -37.33 -17.97
N9 A2M HC 607 44.32 -36.57 -19.42
C8 A2M HC 607 45.33 -36.38 -18.49
N7 A2M HC 607 46.35 -37.25 -18.65
C5 A2M HC 607 45.95 -38.02 -19.72
C6 A2M HC 607 46.50 -39.08 -20.40
N6 A2M HC 607 47.72 -39.61 -20.05
N1 A2M HC 607 45.88 -39.66 -21.45
C2 A2M HC 607 44.70 -39.14 -21.80
N3 A2M HC 607 44.02 -38.12 -21.27
C4 A2M HC 607 44.70 -37.60 -20.22
OP2 A2M HC 607 43.64 -30.00 -19.97
N1 PSU HC 620 66.72 -25.74 4.72
C2 PSU HC 620 67.28 -25.10 3.65
N3 PSU HC 620 67.22 -25.65 2.40
C4 PSU HC 620 66.61 -26.87 2.21
C5 PSU HC 620 66.05 -27.52 3.29
C6 PSU HC 620 66.12 -26.93 4.55
O2 PSU HC 620 67.84 -24.01 3.80
O4 PSU HC 620 66.58 -27.35 1.09
C1' PSU HC 620 65.36 -28.84 3.13
C2' PSU HC 620 66.35 -29.97 2.85
O2' PSU HC 620 65.70 -30.92 2.02
C3' PSU HC 620 66.56 -30.53 4.23
C4' PSU HC 620 65.17 -30.43 4.82
O3' PSU HC 620 67.09 -31.83 4.25
O4' PSU HC 620 64.65 -29.19 4.30
C5' PSU HC 620 65.10 -30.43 6.33
O5' PSU HC 620 66.05 -29.53 6.88
P PSU HC 620 65.87 -28.98 8.36
OP1 PSU HC 620 66.02 -30.11 9.29
OP2 PSU HC 620 66.76 -27.81 8.48
P OMG HC 622 73.31 -32.58 1.01
OP1 OMG HC 622 73.59 -34.07 0.85
OP2 OMG HC 622 73.32 -31.94 2.40
O5' OMG HC 622 74.35 -31.79 0.11
C5' OMG HC 622 74.93 -30.58 0.58
C4' OMG HC 622 75.28 -29.65 -0.55
O4' OMG HC 622 74.30 -28.58 -0.60
C3' OMG HC 622 76.64 -28.97 -0.42
O3' OMG HC 622 77.66 -29.69 -1.06
C2' OMG HC 622 76.40 -27.59 -1.01
O2' OMG HC 622 76.44 -27.63 -2.43
CM2 OMG HC 622 76.61 -26.36 -3.01
C1' OMG HC 622 74.96 -27.34 -0.59
N9 OMG HC 622 74.87 -26.77 0.77
C8 OMG HC 622 74.34 -27.38 1.89
N7 OMG HC 622 74.41 -26.62 2.93
C5 OMG HC 622 75.00 -25.47 2.50
C6 OMG HC 622 75.34 -24.28 3.20
O6 OMG HC 622 75.16 -24.02 4.38
N1 OMG HC 622 75.93 -23.35 2.35
C2 OMG HC 622 76.18 -23.54 1.02
N2 OMG HC 622 76.76 -22.51 0.37
N3 OMG HC 622 75.86 -24.63 0.38
C4 OMG HC 622 75.30 -25.55 1.16
N1 PSU HC 625 87.56 -29.88 0.14
C2 PSU HC 625 87.69 -29.03 1.20
N3 PSU HC 625 88.90 -28.44 1.49
C4 PSU HC 625 89.99 -28.71 0.69
C5 PSU HC 625 89.86 -29.58 -0.38
C6 PSU HC 625 88.63 -30.15 -0.65
O2 PSU HC 625 86.72 -28.80 1.92
O4 PSU HC 625 91.06 -28.19 0.94
C1' PSU HC 625 91.03 -29.87 -1.27
C2' PSU HC 625 92.01 -30.86 -0.61
O2' PSU HC 625 93.32 -30.52 -1.01
C3' PSU HC 625 91.58 -32.17 -1.25
C4' PSU HC 625 91.21 -31.76 -2.65
O3' PSU HC 625 92.60 -33.16 -1.22
O4' PSU HC 625 90.58 -30.46 -2.48
C5' PSU HC 625 90.26 -32.69 -3.37
O5' PSU HC 625 89.07 -32.88 -2.63
P PSU HC 625 87.81 -33.60 -3.30
OP1 PSU HC 625 88.23 -34.92 -3.78
OP2 PSU HC 625 86.67 -33.46 -2.38
N1 OMU HC 670 87.90 -32.68 17.48
C2 OMU HC 670 86.63 -32.03 17.00
N3 OMU HC 670 86.20 -32.19 15.57
C4 OMU HC 670 87.02 -32.97 14.66
C5 OMU HC 670 88.28 -33.60 15.15
C6 OMU HC 670 88.70 -33.44 16.56
O2 OMU HC 670 85.94 -31.38 17.76
O4 OMU HC 670 86.70 -33.09 13.58
C1' OMU HC 670 88.36 -32.53 18.88
C2' OMU HC 670 87.44 -33.21 19.90
O2' OMU HC 670 87.39 -32.41 21.06
CM2 OMU HC 670 86.66 -31.23 20.91
C3' OMU HC 670 88.19 -34.51 20.16
C4' OMU HC 670 89.64 -34.10 20.03
O3' OMU HC 670 87.89 -35.07 21.43
O4' OMU HC 670 89.64 -33.10 18.99
C5' OMU HC 670 90.60 -35.21 19.66
O5' OMU HC 670 91.65 -34.73 18.84
P OMU HC 670 92.49 -35.73 17.93
OP1 OMU HC 670 92.80 -36.96 18.73
OP2 OMU HC 670 91.77 -35.86 16.60
N1 PSU HC 672 82.74 -37.96 15.36
C2 PSU HC 672 82.58 -38.00 14.00
N3 PSU HC 672 81.43 -37.52 13.41
C4 PSU HC 672 80.43 -37.01 14.21
C5 PSU HC 672 80.59 -36.98 15.59
C6 PSU HC 672 81.77 -37.46 16.14
O2 PSU HC 672 83.47 -38.45 13.29
O4 PSU HC 672 79.41 -36.59 13.66
C1' PSU HC 672 79.53 -36.43 16.49
C2' PSU HC 672 78.29 -37.32 16.48
O2' PSU HC 672 77.16 -36.53 16.83
C3' PSU HC 672 78.63 -38.29 17.60
C4' PSU HC 672 79.27 -37.37 18.62
O3' PSU HC 672 77.51 -38.98 18.12
O4' PSU HC 672 80.02 -36.42 17.81
C5' PSU HC 672 80.19 -38.03 19.62
O5' PSU HC 672 80.16 -37.37 20.86
P PSU HC 672 81.40 -37.44 21.86
OP1 PSU HC 672 80.90 -37.84 23.19
OP2 PSU HC 672 82.46 -38.22 21.19
N1 PSU HC 685 56.47 -66.36 21.03
C2 PSU HC 685 57.14 -65.29 20.47
N3 PSU HC 685 56.46 -64.39 19.69
C4 PSU HC 685 55.10 -64.55 19.49
C5 PSU HC 685 54.44 -65.62 20.06
C6 PSU HC 685 55.15 -66.51 20.84
O2 PSU HC 685 58.35 -65.15 20.64
O4 PSU HC 685 54.50 -63.73 18.80
C1' PSU HC 685 52.96 -65.81 19.86
C2' PSU HC 685 52.65 -66.26 18.43
O2' PSU HC 685 51.38 -65.74 18.08
C3' PSU HC 685 52.58 -67.76 18.60
C4' PSU HC 685 51.92 -67.91 19.96
O3' PSU HC 685 51.86 -68.41 17.58
O4' PSU HC 685 52.48 -66.80 20.73
C5' PSU HC 685 52.17 -69.21 20.68
O5' PSU HC 685 53.55 -69.41 20.94
P PSU HC 685 54.03 -70.54 21.94
OP1 PSU HC 685 53.37 -71.80 21.56
OP2 PSU HC 685 55.51 -70.48 22.02
N1 PSU HC 734 83.98 -40.61 6.23
C2 PSU HC 734 83.20 -40.65 7.36
N3 PSU HC 734 81.84 -40.71 7.25
C4 PSU HC 734 81.25 -40.75 6.01
C5 PSU HC 734 82.04 -40.72 4.87
C6 PSU HC 734 83.42 -40.65 5.01
O2 PSU HC 734 83.72 -40.61 8.47
O4 PSU HC 734 80.03 -40.81 5.91
C1' PSU HC 734 81.42 -40.77 3.51
C2' PSU HC 734 80.84 -39.41 3.10
O2' PSU HC 734 79.70 -39.65 2.28
C3' PSU HC 734 81.97 -38.83 2.29
C4' PSU HC 734 82.55 -40.05 1.60
O3' PSU HC 734 81.57 -37.81 1.39
O4' PSU HC 734 82.42 -41.11 2.57
C5' PSU HC 734 83.99 -39.93 1.17
O5' PSU HC 734 84.81 -39.52 2.27
P PSU HC 734 86.39 -39.47 2.15
OP1 PSU HC 734 86.70 -38.75 0.89
OP2 PSU HC 734 86.94 -39.02 3.44
N1 PSU HC 737 83.75 -31.06 10.27
C2 PSU HC 737 84.77 -31.81 10.79
N3 PSU HC 737 84.92 -31.94 12.16
C4 PSU HC 737 84.02 -31.30 12.99
C5 PSU HC 737 83.00 -30.54 12.44
C6 PSU HC 737 82.87 -30.43 11.07
O2 PSU HC 737 85.57 -32.39 10.05
O4 PSU HC 737 84.15 -31.41 14.21
C1' PSU HC 737 82.03 -29.84 13.34
C2' PSU HC 737 82.63 -28.57 13.94
O2' PSU HC 737 82.15 -28.43 15.27
C3' PSU HC 737 82.05 -27.49 13.04
C4' PSU HC 737 80.67 -28.04 12.72
O3' PSU HC 737 82.00 -26.22 13.66
O4' PSU HC 737 80.88 -29.46 12.62
C5' PSU HC 737 80.03 -27.52 11.45
O5' PSU HC 737 80.79 -27.87 10.30
P PSU HC 737 80.18 -27.72 8.85
OP1 PSU HC 737 79.60 -26.37 8.66
OP2 PSU HC 737 81.20 -28.20 7.89
P OMG HC 738 82.36 -24.90 12.83
OP1 OMG HC 738 81.20 -23.90 13.00
OP2 OMG HC 738 82.82 -25.32 11.45
O5' OMG HC 738 83.62 -24.30 13.60
C5' OMG HC 738 84.90 -24.90 13.45
C4' OMG HC 738 85.53 -25.19 14.78
O4' OMG HC 738 85.26 -26.57 15.14
C3' OMG HC 738 87.06 -25.04 14.82
O3' OMG HC 738 87.46 -23.76 15.31
C2' OMG HC 738 87.53 -26.19 15.70
O2' OMG HC 738 87.46 -25.85 17.08
CM2 OMG HC 738 87.75 -26.91 17.94
C1' OMG HC 738 86.47 -27.24 15.42
N9 OMG HC 738 86.77 -28.14 14.30
C8 OMG HC 738 86.09 -28.22 13.10
N7 OMG HC 738 86.57 -29.14 12.31
C5 OMG HC 738 87.59 -29.71 13.03
C6 OMG HC 738 88.47 -30.77 12.68
O6 OMG HC 738 88.50 -31.41 11.65
N1 OMG HC 738 89.36 -31.03 13.71
C2 OMG HC 738 89.42 -30.37 14.91
N2 OMG HC 738 90.36 -30.78 15.78
N3 OMG HC 738 88.60 -29.40 15.24
C4 OMG HC 738 87.72 -29.11 14.27
N1 PSU HC 837 17.79 11.64 -40.93
C2 PSU HC 837 18.56 11.95 -42.02
N3 PSU HC 837 19.79 12.53 -41.84
C4 PSU HC 837 20.26 12.79 -40.58
C5 PSU HC 837 19.47 12.49 -39.48
C6 PSU HC 837 18.22 11.90 -39.69
O2 PSU HC 837 18.16 11.70 -43.15
O4 PSU HC 837 21.36 13.31 -40.45
C1' PSU HC 837 19.92 12.75 -38.07
C2' PSU HC 837 20.06 14.24 -37.75
O2' PSU HC 837 21.17 14.41 -36.88
C3' PSU HC 837 18.76 14.53 -37.02
C4' PSU HC 837 18.49 13.23 -36.27
O3' PSU HC 837 18.84 15.64 -36.14
O4' PSU HC 837 18.98 12.20 -37.18
C5' PSU HC 837 17.06 12.96 -35.91
O5' PSU HC 837 16.24 12.84 -37.07
P PSU HC 837 14.68 12.58 -36.94
OP1 PSU HC 837 14.25 13.41 -35.80
OP2 PSU HC 837 14.05 12.78 -38.27
N1 PSU HC 875 63.80 13.41 -25.71
C2 PSU HC 875 63.16 13.72 -24.53
N3 PSU HC 875 63.36 14.94 -23.94
C4 PSU HC 875 64.20 15.86 -24.53
C5 PSU HC 875 64.84 15.55 -25.72
C6 PSU HC 875 64.62 14.30 -26.30
O2 PSU HC 875 62.41 12.90 -24.01
O4 PSU HC 875 64.38 16.95 -24.00
C1' PSU HC 875 65.76 16.54 -26.36
C2' PSU HC 875 67.12 16.51 -25.67
O2' PSU HC 875 67.67 17.81 -25.72
C3' PSU HC 875 67.90 15.57 -26.58
C4' PSU HC 875 67.36 15.93 -27.96
O3' PSU HC 875 69.30 15.71 -26.48
O4' PSU HC 875 65.96 16.21 -27.72
C5' PSU HC 875 67.49 14.87 -29.02
O5' PSU HC 875 66.91 13.64 -28.59
P PSU HC 875 66.58 12.49 -29.63
OP1 PSU HC 875 67.82 12.23 -30.39
OP2 PSU HC 875 65.91 11.39 -28.90
P A2M HC 902 53.80 -4.70 0.84
OP1 A2M HC 902 53.12 -3.46 1.33
O5' A2M HC 902 54.77 -4.52 -0.65
C5' A2M HC 902 55.69 -3.55 -0.64
C4' A2M HC 902 56.49 -3.59 -1.92
O4' A2M HC 902 57.13 -4.83 -1.99
C3' A2M HC 902 55.60 -3.49 -3.14
O3' A2M HC 902 55.21 -2.16 -3.26
C2' A2M HC 902 56.49 -4.11 -4.19
O2' A2M HC 902 57.60 -3.32 -4.54
C1' A2M HC 902 56.97 -5.26 -3.32
CM' A2M HC 902 58.25 -3.86 -5.64
N9 A2M HC 902 56.16 -6.46 -3.34
C8 A2M HC 902 55.32 -7.05 -2.40
N7 A2M HC 902 54.77 -8.18 -2.84
C5 A2M HC 902 55.28 -8.31 -4.12
C6 A2M HC 902 55.13 -9.25 -5.11
N6 A2M HC 902 54.31 -10.34 -4.96
N1 A2M HC 902 55.77 -9.16 -6.29
C2 A2M HC 902 56.57 -8.09 -6.45
N3 A2M HC 902 56.83 -7.09 -5.60
C4 A2M HC 902 56.16 -7.26 -4.44
OP2 A2M HC 902 52.96 -5.80 0.25
N1 PSU HC 916 38.38 14.10 -24.91
C2 PSU HC 916 39.09 12.94 -25.07
N3 PSU HC 916 39.63 12.62 -26.29
C4 PSU HC 916 39.45 13.48 -27.35
C5 PSU HC 916 38.73 14.64 -27.18
C6 PSU HC 916 38.19 14.94 -25.94
O2 PSU HC 916 39.25 12.18 -24.12
O4 PSU HC 916 39.93 13.19 -28.44
C1' PSU HC 916 38.53 15.58 -28.33
C2' PSU HC 916 37.51 15.04 -29.33
O2' PSU HC 916 37.91 15.43 -30.63
C3' PSU HC 916 36.25 15.77 -28.92
C4' PSU HC 916 36.79 17.13 -28.53
O3' PSU HC 916 35.27 15.81 -29.93
O4' PSU HC 916 38.04 16.83 -27.89
C5' PSU HC 916 35.92 17.96 -27.63
O5' PSU HC 916 35.11 17.16 -26.80
P PSU HC 916 34.82 17.58 -25.29
OP1 PSU HC 916 35.33 18.96 -25.11
OP2 PSU HC 916 33.42 17.25 -24.97
N1 PSU HC 917 35.96 11.94 -26.60
C2 PSU HC 917 36.36 10.96 -25.74
N3 PSU HC 917 37.06 9.87 -26.20
C4 PSU HC 917 37.38 9.79 -27.54
C5 PSU HC 917 36.97 10.79 -28.41
C6 PSU HC 917 36.26 11.87 -27.90
O2 PSU HC 917 36.07 11.04 -24.55
O4 PSU HC 917 38.01 8.83 -27.95
C1' PSU HC 917 37.32 10.73 -29.86
C2' PSU HC 917 36.48 9.73 -30.65
O2' PSU HC 917 37.28 9.15 -31.66
C3' PSU HC 917 35.42 10.61 -31.27
C4' PSU HC 917 36.17 11.92 -31.53
O3' PSU HC 917 34.86 10.08 -32.44
O4' PSU HC 917 37.12 12.00 -30.44
C5' PSU HC 917 35.33 13.16 -31.54
O5' PSU HC 917 34.72 13.38 -30.28
P PSU HC 917 34.05 14.78 -29.93
OP1 PSU HC 917 33.18 15.04 -31.10
OP2 PSU HC 917 33.48 14.71 -28.57
N1 PSU HC 927 13.65 -3.94 -37.03
C2 PSU HC 927 13.65 -4.61 -35.83
N3 PSU HC 927 14.37 -5.78 -35.70
C4 PSU HC 927 15.07 -6.26 -36.76
C5 PSU HC 927 15.04 -5.59 -37.97
C6 PSU HC 927 14.33 -4.41 -38.09
O2 PSU HC 927 13.03 -4.16 -34.87
O4 PSU HC 927 15.71 -7.30 -36.65
C1' PSU HC 927 15.82 -6.10 -39.15
C2' PSU HC 927 15.20 -7.33 -39.82
O2' PSU HC 927 16.25 -8.15 -40.28
C3' PSU HC 927 14.47 -6.69 -40.98
C4' PSU HC 927 15.38 -5.54 -41.38
O3' PSU HC 927 14.22 -7.59 -42.05
O4' PSU HC 927 15.92 -5.09 -40.11
C5' PSU HC 927 14.72 -4.40 -42.09
O5' PSU HC 927 13.51 -4.04 -41.43
P PSU HC 927 12.77 -2.70 -41.81
OP1 PSU HC 927 12.46 -2.75 -43.24
OP2 PSU HC 927 11.68 -2.44 -40.84
N1 PSU HC 952 45.22 -8.77 -10.32
C2 PSU HC 952 45.31 -8.15 -11.55
N3 PSU HC 952 44.28 -8.22 -12.45
C4 PSU HC 952 43.16 -8.94 -12.11
C5 PSU HC 952 43.06 -9.58 -10.89
C6 PSU HC 952 44.12 -9.46 -9.99
O2 PSU HC 952 46.32 -7.52 -11.84
O4 PSU HC 952 42.23 -9.00 -12.93
C1' PSU HC 952 41.84 -10.34 -10.48
C2' PSU HC 952 41.53 -11.58 -11.34
O2' PSU HC 952 40.17 -11.52 -11.74
C3' PSU HC 952 41.73 -12.72 -10.34
C4' PSU HC 952 41.39 -12.09 -9.01
O3' PSU HC 952 40.91 -13.86 -10.60
O4' PSU HC 952 41.88 -10.73 -9.14
C5' PSU HC 952 41.98 -12.75 -7.79
O5' PSU HC 952 43.39 -12.85 -7.88
P PSU HC 952 44.31 -12.21 -6.75
OP1 PSU HC 952 43.83 -12.69 -5.44
OP2 PSU HC 952 45.72 -12.41 -7.14
N1 PSU HC 1045 30.53 -20.39 3.77
C2 PSU HC 1045 31.86 -20.74 3.83
N3 PSU HC 1045 32.33 -21.47 4.89
C4 PSU HC 1045 31.46 -21.85 5.89
C5 PSU HC 1045 30.13 -21.50 5.82
C6 PSU HC 1045 29.68 -20.76 4.73
O2 PSU HC 1045 32.61 -20.38 2.94
O4 PSU HC 1045 31.88 -22.50 6.83
C1' PSU HC 1045 29.18 -21.92 6.90
C2' PSU HC 1045 29.28 -20.98 8.09
O2' PSU HC 1045 28.98 -21.72 9.27
C3' PSU HC 1045 28.17 -19.99 7.78
C4' PSU HC 1045 27.10 -20.88 7.19
O3' PSU HC 1045 27.72 -19.26 8.91
O4' PSU HC 1045 27.85 -21.86 6.42
C5' PSU HC 1045 26.11 -20.20 6.29
O5' PSU HC 1045 26.77 -19.43 5.31
P PSU HC 1045 26.00 -18.92 4.01
OP1 PSU HC 1045 24.82 -18.12 4.39
OP2 PSU HC 1045 27.01 -18.35 3.10
N1 PSU HC 1048 36.34 -12.73 7.32
C2 PSU HC 1048 36.13 -12.71 5.97
N3 PSU HC 1048 37.17 -12.73 5.09
C4 PSU HC 1048 38.46 -12.77 5.57
C5 PSU HC 1048 38.68 -12.79 6.93
C6 PSU HC 1048 37.60 -12.77 7.80
O2 PSU HC 1048 34.98 -12.67 5.53
O4 PSU HC 1048 39.40 -12.79 4.78
C1' PSU HC 1048 40.09 -12.83 7.46
C2' PSU HC 1048 40.69 -11.42 7.46
O2' PSU HC 1048 42.08 -11.55 7.23
C3' PSU HC 1048 40.43 -10.99 8.89
C4' PSU HC 1048 40.64 -12.27 9.66
O3' PSU HC 1048 41.25 -9.92 9.32
O4' PSU HC 1048 40.11 -13.30 8.80
C5' PSU HC 1048 39.97 -12.35 11.01
O5' PSU HC 1048 38.58 -12.08 10.91
P PSU HC 1048 37.58 -12.48 12.08
OP1 PSU HC 1048 38.06 -11.85 13.32
OP2 PSU HC 1048 36.20 -12.24 11.60
N1 PSU HC 1103 -12.03 -39.13 -61.55
C2 PSU HC 1103 -11.23 -38.23 -60.88
N3 PSU HC 1103 -9.87 -38.42 -60.84
C4 PSU HC 1103 -9.31 -39.50 -61.46
C5 PSU HC 1103 -10.12 -40.41 -62.12
C6 PSU HC 1103 -11.49 -40.21 -62.15
O2 PSU HC 1103 -11.73 -37.26 -60.32
O4 PSU HC 1103 -8.10 -39.67 -61.42
C1' PSU HC 1103 -9.52 -41.61 -62.80
C2' PSU HC 1103 -9.22 -42.70 -61.78
O2' PSU HC 1103 -8.09 -43.43 -62.23
C3' PSU HC 1103 -10.48 -43.56 -61.89
C4' PSU HC 1103 -10.78 -43.50 -63.36
O3' PSU HC 1103 -10.31 -44.88 -61.42
O4' PSU HC 1103 -10.42 -42.14 -63.75
C5' PSU HC 1103 -12.22 -43.77 -63.75
O5' PSU HC 1103 -13.10 -42.88 -63.09
P PSU HC 1103 -14.60 -42.72 -63.58
OP1 PSU HC 1103 -15.10 -44.09 -63.76
OP2 PSU HC 1103 -15.29 -41.75 -62.71
N1 PSU HC 1115 -8.91 -51.06 -50.47
C2 PSU HC 1115 -8.29 -50.92 -51.69
N3 PSU HC 1115 -7.21 -51.71 -52.00
C4 PSU HC 1115 -6.75 -52.64 -51.11
C5 PSU HC 1115 -7.37 -52.76 -49.87
C6 PSU HC 1115 -8.47 -51.96 -49.58
O2 PSU HC 1115 -8.70 -50.10 -52.50
O4 PSU HC 1115 -5.78 -53.34 -51.38
C1' PSU HC 1115 -6.89 -53.78 -48.87
C2' PSU HC 1115 -5.64 -53.26 -48.16
O2' PSU HC 1115 -4.82 -54.37 -47.85
C3' PSU HC 1115 -6.23 -52.66 -46.89
C4' PSU HC 1115 -7.36 -53.61 -46.58
O3' PSU HC 1115 -5.30 -52.54 -45.83
O4' PSU HC 1115 -7.87 -53.99 -47.89
C5' PSU HC 1115 -8.48 -53.06 -45.73
O5' PSU HC 1115 -9.21 -52.06 -46.44
P PSU HC 1115 -10.59 -51.51 -45.87
OP1 PSU HC 1115 -10.44 -51.27 -44.42
OP2 PSU HC 1115 -11.04 -50.43 -46.76
O5' B8N HC 1119 6.33 -38.59 -48.30
C5' B8N HC 1119 5.70 -38.58 -49.58
C4' B8N HC 1119 6.42 -37.65 -50.53
O4' B8N HC 1119 7.28 -36.78 -49.77
C3' B8N HC 1119 7.35 -38.33 -51.52
O3' B8N HC 1119 6.67 -38.77 -52.68
C2' B8N HC 1119 8.40 -37.27 -51.81
O2' B8N HC 1119 7.96 -36.40 -52.83
C1' B8N HC 1119 8.45 -36.48 -50.50
C5 B8N HC 1119 9.69 -36.77 -49.57
C6 B8N HC 1119 9.52 -37.70 -48.52
N1 B8N HC 1119 10.77 -37.89 -47.64
C2 B8N HC 1119 12.07 -37.07 -47.93
N3 B8N HC 1119 12.12 -36.16 -49.00
C4 B8N HC 1119 11.11 -36.00 -49.73
C34 B8N HC 1119 15.90 -34.94 -48.38
CN1 B8N HC 1119 10.75 -38.85 -46.51
N34 B8N HC 1119 15.21 -32.98 -47.12
O2 B8N HC 1119 13.03 -37.23 -47.25
O4 B8N HC 1119 11.24 -35.20 -50.61
OP1 B8N HC 1119 7.05 -40.97 -47.93
OP2 B8N HC 1119 6.47 -39.40 -45.94
P B8N HC 1119 6.21 -39.86 -47.35
C31 B8N HC 1119 13.36 -35.40 -49.27
C32 B8N HC 1119 13.51 -34.24 -48.31
C33 B8N HC 1119 14.96 -33.74 -48.33
O36 B8N HC 1119 16.05 -35.67 -47.36
O35 B8N HC 1119 16.53 -35.19 -49.44
N1 OMC HC 1143 -21.06 -77.79 -48.01
C2 OMC HC 1143 -19.79 -77.20 -47.92
N3 OMC HC 1143 -19.55 -76.34 -46.91
C4 OMC HC 1143 -20.48 -76.06 -46.02
C5 OMC HC 1143 -21.77 -76.63 -46.07
C6 OMC HC 1143 -22.00 -77.49 -47.09
O2 OMC HC 1143 -18.92 -77.46 -48.74
N4 OMC HC 1143 -20.17 -75.20 -45.06
C1' OMC HC 1143 -21.46 -78.75 -49.08
C2' OMC HC 1143 -20.67 -80.06 -49.00
O2' OMC HC 1143 -20.44 -80.52 -50.33
CM2 OMC HC 1143 -19.40 -79.83 -50.99
C3' OMC HC 1143 -21.66 -80.98 -48.29
C4' OMC HC 1143 -22.99 -80.50 -48.82
O4' OMC HC 1143 -22.82 -79.07 -48.90
O3' OMC HC 1143 -21.44 -82.36 -48.54
C5' OMC HC 1143 -24.19 -80.83 -47.96
O5' OMC HC 1143 -25.12 -79.76 -47.93
P OMC HC 1143 -25.69 -79.23 -46.55
OP1 OMC HC 1143 -26.67 -80.26 -46.02
OP2 OMC HC 1143 -24.52 -78.77 -45.68
N1 OMU HC 1159 -25.69 -95.49 -44.80
C2 OMU HC 1159 -26.21 -95.86 -46.17
N3 OMU HC 1159 -27.52 -96.54 -46.31
C4 OMU HC 1159 -28.31 -96.86 -45.13
C5 OMU HC 1159 -27.79 -96.50 -43.77
C6 OMU HC 1159 -26.48 -95.81 -43.63
O2 OMU HC 1159 -25.57 -95.60 -47.17
O4 OMU HC 1159 -29.31 -97.37 -45.23
C1' OMU HC 1159 -24.39 -94.82 -44.60
C2' OMU HC 1159 -24.35 -93.41 -45.21
O2' OMU HC 1159 -23.05 -93.19 -45.75
CM2 OMU HC 1159 -22.75 -93.99 -46.85
C3' OMU HC 1159 -24.57 -92.54 -43.98
C4' OMU HC 1159 -23.86 -93.32 -42.89
O3' OMU HC 1159 -24.08 -91.22 -44.13
O4' OMU HC 1159 -24.14 -94.70 -43.21
C5' OMU HC 1159 -24.29 -93.02 -41.48
O5' OMU HC 1159 -24.89 -94.15 -40.86
P OMU HC 1159 -24.58 -94.52 -39.34
OP1 OMU HC 1159 -24.15 -93.26 -38.64
OP2 OMU HC 1159 -25.75 -95.31 -38.81
N1 OMU HC 1197 -5.62 -62.90 -52.59
C2 OMU HC 1197 -5.95 -61.70 -53.45
N3 OMU HC 1197 -5.42 -61.62 -54.84
C4 OMU HC 1197 -4.58 -62.69 -55.35
C5 OMU HC 1197 -4.24 -63.86 -54.49
C6 OMU HC 1197 -4.78 -63.95 -53.10
O2 OMU HC 1197 -6.66 -60.82 -53.01
O4 OMU HC 1197 -4.16 -62.63 -56.41
C1' OMU HC 1197 -6.13 -62.98 -51.22
C2' OMU HC 1197 -7.14 -64.09 -50.99
O2' OMU HC 1197 -8.44 -63.70 -51.37
CM2 OMU HC 1197 -9.38 -64.71 -51.24
C3' OMU HC 1197 -6.97 -64.34 -49.49
C4' OMU HC 1197 -5.48 -64.12 -49.27
O3' OMU HC 1197 -7.70 -63.35 -48.77
O4' OMU HC 1197 -5.03 -63.28 -50.37
C5' OMU HC 1197 -4.63 -65.36 -49.22
O5' OMU HC 1197 -4.81 -66.18 -50.37
P OMU HC 1197 -4.95 -67.75 -50.23
OP1 OMU HC 1197 -5.55 -68.28 -51.51
OP2 OMU HC 1197 -3.63 -68.30 -49.76
P OMG HC 1199 -4.23 -60.41 -44.00
OP1 OMG HC 1199 -4.64 -58.97 -44.27
OP2 OMG HC 1199 -3.39 -61.17 -45.02
O5' OMG HC 1199 -3.47 -60.44 -42.61
C5' OMG HC 1199 -4.07 -59.91 -41.43
C4' OMG HC 1199 -3.16 -60.06 -40.24
O4' OMG HC 1199 -3.07 -61.45 -39.88
C3' OMG HC 1199 -1.72 -59.63 -40.46
O3' OMG HC 1199 -1.53 -58.23 -40.32
C2' OMG HC 1199 -0.96 -60.45 -39.42
O2' OMG HC 1199 -1.05 -59.83 -38.15
CM2 OMG HC 1199 -0.48 -60.57 -37.09
C1' OMG HC 1199 -1.78 -61.74 -39.39
N9 OMG HC 1199 -1.20 -62.81 -40.23
C8 OMG HC 1199 -1.63 -63.24 -41.46
N7 OMG HC 1199 -0.91 -64.22 -41.90
C5 OMG HC 1199 0.01 -64.47 -40.93
C6 OMG HC 1199 1.06 -65.42 -40.87
O6 OMG HC 1199 1.37 -66.27 -41.68
N1 OMG HC 1199 1.77 -65.30 -39.67
C2 OMG HC 1199 1.53 -64.40 -38.68
N2 OMG HC 1199 2.32 -64.45 -37.60
N3 OMG HC 1199 0.56 -63.52 -38.75
C4 OMG HC 1199 -0.15 -63.59 -39.88
P 4AC HC 1208 14.90 -57.90 -60.88
OP1 4AC HC 1208 15.09 -57.80 -62.37
OP2 4AC HC 1208 16.11 -58.04 -59.99
O5' 4AC HC 1208 14.10 -56.61 -60.39
C5' 4AC HC 1208 12.82 -56.29 -60.92
C4' 4AC HC 1208 12.10 -55.30 -60.04
O4' 4AC HC 1208 11.86 -55.90 -58.73
C3' 4AC HC 1208 12.87 -54.03 -59.73
O3' 4AC HC 1208 12.77 -53.06 -60.77
C2' 4AC HC 1208 12.26 -53.59 -58.42
O2' 4AC HC 1208 11.00 -52.97 -58.63
C1' 4AC HC 1208 12.03 -54.92 -57.72
N1 4AC HC 1208 13.18 -55.32 -56.88
C2 4AC HC 1208 13.27 -54.84 -55.58
O2 4AC HC 1208 12.38 -54.09 -55.15
N3 4AC HC 1208 14.33 -55.22 -54.81
C4 4AC HC 1208 15.26 -56.02 -55.30
N4 4AC HC 1208 16.35 -56.38 -54.49
C5 4AC HC 1208 15.20 -56.51 -56.62
C6 4AC HC 1208 14.14 -56.15 -57.37
C7 4AC HC 1208 16.65 -55.99 -53.23
O7 4AC HC 1208 15.98 -55.20 -52.59
CM7 4AC HC 1208 17.89 -56.61 -52.67
N1 PSU HC 1238 42.55 -33.20 -66.38
C2 PSU HC 1238 42.13 -34.37 -65.81
N3 PSU HC 1238 41.97 -35.51 -66.56
C4 PSU HC 1238 42.22 -35.47 -67.91
C5 PSU HC 1238 42.64 -34.28 -68.50
C6 PSU HC 1238 42.80 -33.16 -67.71
O2 PSU HC 1238 41.90 -34.41 -64.60
O4 PSU HC 1238 42.08 -36.48 -68.59
C1' PSU HC 1238 42.93 -34.21 -69.97
C2' PSU HC 1238 41.64 -34.16 -70.79
O2' PSU HC 1238 41.88 -34.80 -72.03
C3' PSU HC 1238 41.48 -32.66 -70.98
C4' PSU HC 1238 42.91 -32.19 -71.16
O3' PSU HC 1238 40.64 -32.31 -72.06
O4' PSU HC 1238 43.67 -33.05 -70.25
C5' PSU HC 1238 43.17 -30.75 -70.83
O5' PSU HC 1238 42.74 -30.42 -69.52
P PSU HC 1238 43.09 -29.01 -68.88
OP1 PSU HC 1238 42.72 -27.97 -69.85
OP2 PSU HC 1238 42.53 -28.95 -67.51
P A2M HC 1254 43.42 -57.73 -64.24
OP1 A2M HC 1254 43.33 -58.59 -65.45
O5' A2M HC 1254 42.00 -57.74 -63.14
C5' A2M HC 1254 41.81 -58.85 -62.43
C4' A2M HC 1254 40.64 -58.70 -61.46
O4' A2M HC 1254 41.10 -58.14 -60.24
C3' A2M HC 1254 39.58 -57.76 -62.00
O3' A2M HC 1254 38.93 -58.41 -63.04
C2' A2M HC 1254 38.85 -57.45 -60.71
O2' A2M HC 1254 38.18 -58.55 -60.17
C1' A2M HC 1254 40.13 -57.18 -59.90
CM' A2M HC 1254 37.87 -58.34 -58.82
N9 A2M HC 1254 40.70 -55.88 -60.06
C8 A2M HC 1254 41.82 -55.40 -60.73
N7 A2M HC 1254 41.97 -54.08 -60.60
C5 A2M HC 1254 40.89 -53.69 -59.82
C6 A2M HC 1254 40.45 -52.48 -59.33
N6 A2M HC 1254 41.13 -51.31 -59.58
N1 A2M HC 1254 39.33 -52.37 -58.57
C2 A2M HC 1254 38.68 -53.53 -58.33
N3 A2M HC 1254 38.95 -54.77 -58.72
C4 A2M HC 1254 40.08 -54.79 -59.47
OP2 A2M HC 1254 43.39 -56.24 -64.38
N1 OMC HC 1262 21.33 -53.74 -80.02
C2 OMC HC 1262 21.07 -52.42 -79.60
N3 OMC HC 1262 22.08 -51.54 -79.59
C4 OMC HC 1262 23.30 -51.89 -79.95
C5 OMC HC 1262 23.61 -53.21 -80.38
C6 OMC HC 1262 22.59 -54.08 -80.39
O2 OMC HC 1262 19.94 -52.11 -79.26
N4 OMC HC 1262 24.26 -50.97 -79.90
C1' OMC HC 1262 20.28 -54.78 -80.07
C2' OMC HC 1262 19.35 -54.61 -81.28
O2' OMC HC 1262 18.05 -55.04 -80.90
CM2 OMC HC 1262 17.26 -54.02 -80.34
C3' OMC HC 1262 19.96 -55.60 -82.26
C4' OMC HC 1262 20.40 -56.73 -81.36
O4' OMC HC 1262 20.88 -56.05 -80.18
O3' OMC HC 1262 19.06 -56.01 -83.28
C5' OMC HC 1262 21.46 -57.65 -81.90
O5' OMC HC 1262 22.65 -56.95 -82.21
P OMC HC 1262 24.03 -57.72 -82.33
OP1 OMC HC 1262 23.84 -58.88 -83.31
OP2 OMC HC 1262 25.13 -56.71 -82.57
N1 OMU HC 1313 16.33 -51.06 -108.87
C2 OMU HC 1313 14.92 -50.79 -109.30
N3 OMU HC 1313 14.13 -51.87 -109.97
C4 OMU HC 1313 14.75 -53.18 -110.21
C5 OMU HC 1313 16.14 -53.42 -109.77
C6 OMU HC 1313 16.92 -52.35 -109.11
O2 OMU HC 1313 14.41 -49.70 -109.11
O4 OMU HC 1313 14.15 -53.99 -110.72
C1' OMU HC 1313 17.13 -50.00 -108.21
C2' OMU HC 1313 16.76 -49.79 -106.74
O2' OMU HC 1313 16.90 -48.41 -106.44
CM2 OMU HC 1313 15.91 -47.62 -107.01
C3' OMU HC 1313 17.83 -50.61 -106.03
C4' OMU HC 1313 19.04 -50.47 -106.94
O3' OMU HC 1313 18.09 -50.17 -104.71
O4' OMU HC 1313 18.49 -50.37 -108.27
C5' OMU HC 1313 20.00 -51.62 -106.89
O5' OMU HC 1313 19.68 -52.51 -105.83
P OMU HC 1313 20.15 -54.04 -105.88
OP1 OMU HC 1313 21.47 -54.09 -106.58
OP2 OMU HC 1313 20.00 -54.59 -104.47
P OMG HC 1361 12.19 -51.41 -44.72
OP1 OMG HC 1361 10.87 -51.13 -44.03
OP2 OMG HC 1361 12.29 -52.49 -45.78
O5' OMG HC 1361 12.73 -50.05 -45.33
C5' OMG HC 1361 11.98 -48.84 -45.21
C4' OMG HC 1361 11.45 -48.41 -46.56
O4' OMG HC 1361 12.53 -48.39 -47.53
C3' OMG HC 1361 10.40 -49.32 -47.17
O3' OMG HC 1361 9.10 -49.01 -46.72
C2' OMG HC 1361 10.59 -49.09 -48.67
O2' OMG HC 1361 9.94 -47.89 -49.07
CM2 OMG HC 1361 9.83 -47.77 -50.47
C1' OMG HC 1361 12.09 -48.88 -48.77
N9 OMG HC 1361 12.81 -50.13 -49.04
C8 OMG HC 1361 13.68 -50.76 -48.18
N7 OMG HC 1361 14.17 -51.84 -48.68
C5 OMG HC 1361 13.60 -51.94 -49.91
C6 OMG HC 1361 13.78 -52.92 -50.91
O6 OMG HC 1361 14.47 -53.91 -50.85
N1 OMG HC 1361 13.00 -52.65 -52.04
C2 OMG HC 1361 12.18 -51.57 -52.18
N2 OMG HC 1361 11.53 -51.48 -53.34
N3 OMG HC 1361 12.03 -50.66 -51.26
C4 OMG HC 1361 12.75 -50.88 -50.16
P G7M HC 1510 -2.13 -17.14 -63.31
OP1 G7M HC 1510 -1.89 -16.05 -64.33
OP2 G7M HC 1510 -1.33 -18.40 -63.37
O5' G7M HC 1510 -1.87 -16.49 -61.88
C5' G7M HC 1510 -2.55 -15.30 -61.49
C4' G7M HC 1510 -2.50 -15.15 -59.99
O4' G7M HC 1510 -3.60 -15.86 -59.41
C3' G7M HC 1510 -1.29 -15.75 -59.31
O3' G7M HC 1510 -0.16 -14.89 -59.35
C2' G7M HC 1510 -1.77 -16.03 -57.90
O2' G7M HC 1510 -1.60 -14.90 -57.07
C1' G7M HC 1510 -3.27 -16.25 -58.09
N9 G7M HC 1510 -3.70 -17.64 -57.87
C8 G7M HC 1510 -3.82 -18.12 -59.11
N7 G7M HC 1510 -4.25 -19.40 -59.00
CN7 G7M HC 1510 -4.48 -20.22 -60.19
C5 G7M HC 1510 -4.38 -19.69 -57.72
C6 G7M HC 1510 -4.82 -20.96 -56.98
O6 G7M HC 1510 -5.12 -21.93 -57.59
N1 G7M HC 1510 -4.87 -20.98 -55.56
C2 G7M HC 1510 -4.51 -19.81 -54.81
N2 G7M HC 1510 -4.56 -19.80 -53.36
N3 G7M HC 1510 -4.09 -18.60 -55.52
C4 G7M HC 1510 -4.04 -18.58 -57.00
N1 OMC HC 1574 22.17 -31.69 -31.23
C2 OMC HC 1574 22.27 -30.30 -31.19
N3 OMC HC 1574 21.18 -29.56 -31.46
C4 OMC HC 1574 20.05 -30.12 -31.79
C5 OMC HC 1574 19.90 -31.53 -31.86
C6 OMC HC 1574 20.99 -32.26 -31.57
O2 OMC HC 1574 23.33 -29.79 -30.88
N4 OMC HC 1574 19.02 -29.34 -32.06
C1' OMC HC 1574 23.33 -32.56 -30.94
C2' OMC HC 1574 23.66 -32.60 -29.46
O2' OMC HC 1574 25.07 -32.76 -29.32
CM2 OMC HC 1574 25.76 -31.53 -29.31
C3' OMC HC 1574 22.94 -33.86 -29.01
C4' OMC HC 1574 23.11 -34.79 -30.21
O4' OMC HC 1574 23.01 -33.89 -31.35
O3' OMC HC 1574 23.47 -34.42 -27.82
C5' OMC HC 1574 22.09 -35.88 -30.35
O5' OMC HC 1574 20.86 -35.37 -30.84
P OMC HC 1574 19.80 -36.32 -31.54
OP1 OMC HC 1574 19.72 -37.61 -30.73
OP2 OMC HC 1574 18.55 -35.50 -31.81
C2 6MZ HC 1703 25.17 -27.45 -29.09
C4 6MZ HC 1703 25.34 -25.15 -28.88
C5 6MZ HC 1703 24.13 -25.00 -29.44
O1P 6MZ HC 1703 27.39 -19.37 -31.42
O2P 6MZ HC 1703 24.83 -19.72 -31.00
N9 6MZ HC 1703 25.80 -23.92 -28.61
N3 6MZ HC 1703 25.86 -26.36 -28.71
N1 6MZ HC 1703 23.95 -27.32 -29.65
C6 6MZ HC 1703 23.43 -26.13 -29.83
N6 6MZ HC 1703 22.08 -26.11 -30.45
C9 6MZ HC 1703 21.66 -25.08 -31.39
N7 6MZ HC 1703 23.86 -23.70 -29.48
C8 6MZ HC 1703 24.90 -23.03 -28.96
O5' 6MZ HC 1703 26.50 -20.10 -29.20
C5' 6MZ HC 1703 27.79 -20.12 -28.62
C4' 6MZ HC 1703 28.18 -21.53 -28.24
O4' 6MZ HC 1703 27.05 -22.20 -27.64
C1' 6MZ HC 1703 27.08 -23.57 -27.96
C2' 6MZ HC 1703 28.29 -23.82 -28.86
O2' 6MZ HC 1703 29.36 -24.25 -28.03
C3' 6MZ HC 1703 28.56 -22.42 -29.40
O3' 6MZ HC 1703 29.90 -22.23 -29.81
P 6MZ HC 1703 26.22 -19.24 -30.51
O3P 6MZ HC 1703 26.11 -17.77 -30.12
P 4AC HC 1713 34.30 -18.18 -20.47
OP1 4AC HC 1713 33.76 -18.96 -19.30
OP2 4AC HC 1713 33.47 -17.09 -21.09
O5' 4AC HC 1713 35.70 -17.54 -20.05
C5' 4AC HC 1713 36.72 -18.32 -19.45
C4' 4AC HC 1713 37.89 -17.46 -19.07
O4' 4AC HC 1713 38.45 -16.84 -20.25
C3' 4AC HC 1713 37.57 -16.29 -18.16
O3' 4AC HC 1713 37.49 -16.66 -16.80
C2' 4AC HC 1713 38.70 -15.32 -18.46
O2' 4AC HC 1713 39.88 -15.70 -17.79
C1' 4AC HC 1713 38.90 -15.53 -19.95
N1 4AC HC 1713 38.13 -14.58 -20.77
C2 4AC HC 1713 38.62 -13.29 -20.94
O2 4AC HC 1713 39.68 -12.97 -20.38
N3 4AC HC 1713 37.92 -12.41 -21.70
C4 4AC HC 1713 36.80 -12.78 -22.28
N4 4AC HC 1713 36.20 -11.75 -23.04
C5 4AC HC 1713 36.28 -14.09 -22.14
C6 4AC HC 1713 36.97 -14.96 -21.39
C7 4AC HC 1713 35.04 -11.76 -23.74
O7 4AC HC 1713 34.29 -12.72 -23.81
CM7 4AC HC 1713 34.73 -10.48 -24.44
C2 MA6 HC 1721 14.73 -17.31 -24.85
C4 MA6 HC 1721 15.10 -16.22 -22.82
C5 MA6 HC 1721 15.13 -15.04 -23.45
P MA6 HC 1721 16.27 -12.41 -18.17
OP1 MA6 HC 1721 17.01 -12.10 -16.88
OP2 MA6 HC 1721 16.55 -11.62 -19.43
O5' MA6 HC 1721 16.50 -13.94 -18.52
C5' MA6 HC 1721 16.20 -14.97 -17.59
C4' MA6 HC 1721 16.11 -16.30 -18.29
O4' MA6 HC 1721 15.00 -16.26 -19.22
C1' MA6 HC 1721 15.35 -16.94 -20.42
N9 MA6 HC 1721 15.31 -15.97 -21.53
N3 MA6 HC 1721 14.90 -17.36 -23.52
N1 MA6 HC 1721 14.75 -16.11 -25.50
C6 MA6 HC 1721 14.94 -14.99 -24.83
N6 MA6 HC 1721 14.89 -13.99 -25.86
C9 MA6 HC 1721 14.76 -14.36 -27.28
C10 MA6 HC 1721 14.93 -12.55 -25.49
N7 MA6 HC 1721 15.34 -14.07 -22.53
C8 MA6 HC 1721 15.45 -14.64 -21.33
C2' MA6 HC 1721 16.70 -17.57 -20.22
O2' MA6 HC 1721 16.51 -18.87 -19.70
C3' MA6 HC 1721 17.31 -16.66 -19.16
O3' MA6 HC 1721 18.35 -17.27 -18.42
C2 MA6 HC 1722 18.07 -18.28 -26.84
C4 MA6 HC 1722 18.71 -17.67 -24.69
C5 MA6 HC 1722 18.70 -16.38 -25.03
P MA6 HC 1722 19.77 -16.53 -18.25
OP1 MA6 HC 1722 19.99 -16.29 -16.77
OP2 MA6 HC 1722 19.80 -15.38 -19.22
O5' MA6 HC 1722 20.83 -17.63 -18.72
C5' MA6 HC 1722 21.35 -17.62 -20.03
C4' MA6 HC 1722 20.82 -18.76 -20.85
O4' MA6 HC 1722 19.45 -18.49 -21.24
C1' MA6 HC 1722 19.22 -18.92 -22.56
N9 MA6 HC 1722 19.05 -17.71 -23.40
N3 MA6 HC 1722 18.40 -18.63 -25.58
N1 MA6 HC 1722 18.06 -16.97 -27.20
C6 MA6 HC 1722 18.37 -16.02 -26.33
N6 MA6 HC 1722 18.25 -14.83 -27.13
C9 MA6 HC 1722 18.29 -13.52 -26.47
C10 MA6 HC 1722 18.10 -14.90 -28.62
N7 MA6 HC 1722 19.05 -15.64 -23.95
C8 MA6 HC 1722 19.27 -16.47 -22.93
C2' MA6 HC 1722 20.44 -19.71 -22.99
O2' MA6 HC 1722 20.26 -21.06 -22.56
C3' MA6 HC 1722 21.53 -19.03 -22.17
O3' MA6 HC 1722 22.71 -19.80 -22.02
MG MG IC . 1.03 27.43 10.51
MG MG JC . -39.49 51.39 29.41
MG MG KC . -13.98 19.43 34.27
MG MG LC . -43.22 36.03 3.70
MG MG MC . 32.83 92.69 12.28
MG MG NC . -17.50 48.05 1.84
MG MG OC . -22.17 17.25 37.07
MG MG PC . -36.22 26.79 15.68
MG MG QC . -62.90 49.58 17.95
MG MG RC . 11.09 107.92 -13.91
MG MG SC . -15.80 68.84 -6.50
MG MG TC . -35.32 79.85 -9.57
MG MG UC . -23.74 36.15 19.43
MG MG VC . -39.25 25.94 29.46
MG MG WC . -42.14 38.31 28.99
MG MG XC . -20.28 68.38 29.61
MG MG YC . -25.17 69.79 57.65
MG MG ZC . -3.48 20.01 15.06
MG MG AD . -25.03 58.32 16.75
MG MG BD . -22.60 27.39 32.13
MG MG CD . -24.70 22.58 33.96
MG MG DD . 8.98 81.84 10.44
MG MG ED . -1.08 93.44 -0.46
MG MG FD . -17.45 69.79 36.13
MG MG GD . 6.13 26.09 9.65
MG MG HD . -48.04 38.81 23.30
MG MG ID . -24.19 50.10 3.21
MG MG JD . -24.57 109.43 47.34
MG MG KD . -28.57 94.43 48.86
MG MG LD . -39.08 41.74 9.24
MG MG MD . -18.60 36.99 19.61
MG MG ND . -4.08 71.29 7.36
MG MG OD . -38.47 30.97 18.00
MG MG PD . -61.24 51.68 23.40
MG MG QD . -49.84 52.13 21.51
MG MG RD . -10.88 49.42 1.98
MG MG SD . -3.58 40.70 -3.56
MG MG TD . -12.16 57.14 -6.19
MG MG UD . -37.79 93.58 -13.11
MG MG VD . -17.45 77.60 -32.84
MG MG WD . -18.27 54.40 16.58
MG MG XD . -0.59 92.48 -6.27
MG MG YD . 4.78 50.99 36.73
MG MG ZD . -24.36 11.58 28.66
MG MG AE . -28.61 30.57 28.57
MG MG BE . -46.12 40.31 16.45
MG MG CE . -34.61 40.07 14.41
MG MG DE . -58.90 42.07 15.07
MG MG EE . -20.65 51.72 -0.64
MG MG FE . -29.56 99.45 46.55
MG MG GE . 22.90 24.10 60.47
MG MG HE . -30.19 38.15 22.36
MG MG IE . -59.43 -2.94 28.05
MG MG JE . -12.38 31.54 59.18
MG MG KE . 4.81 27.04 25.25
MG MG LE . 0.94 42.26 40.05
MG MG ME . -15.42 27.19 57.07
MG MG NE . -67.72 30.12 18.90
MG MG OE . 17.15 105.88 -18.80
MG MG PE . -59.89 21.24 -14.95
MG MG QE . 7.82 -3.45 62.82
MG MG RE . 38.57 52.08 33.44
MG MG SE . 4.95 17.09 25.63
MG MG TE . -63.10 26.47 -7.72
MG MG UE . 6.37 22.67 27.26
MG MG VE . -28.79 40.36 0.70
MG MG WE . 35.00 61.93 24.38
MG MG XE . -61.53 29.62 31.57
MG MG YE . -64.32 10.11 -10.18
MG MG ZE . 29.73 17.83 26.32
MG MG AF . -27.81 38.98 34.81
MG MG BF . -31.84 75.93 62.84
MG MG CF . -84.91 30.34 38.29
MG MG DF . 32.18 62.21 28.00
MG MG EF . 8.91 50.10 44.06
MG MG FF . 29.74 54.20 56.17
MG MG GF . 26.37 15.68 29.84
MG MG HF . -34.98 39.94 -12.51
MG MG IF . 22.81 23.65 66.14
MG MG JF . 17.55 15.05 16.80
MG MG KF . 19.03 25.07 5.45
MG MG LF . -5.18 15.80 37.46
MG MG MF . 1.22 17.98 -6.78
MG MG NF . -2.32 46.21 61.86
MG MG OF . 8.24 7.45 36.26
MG MG PF . -33.24 65.40 27.31
MG MG QF . 5.16 40.72 24.70
MG MG RF . -34.12 61.66 36.50
MG MG SF . -75.16 40.56 37.21
MG MG TF . 29.45 54.65 51.01
MG MG UF . 19.43 22.30 56.55
MG MG VF . 16.60 54.03 60.26
MG MG WF . 7.06 27.15 60.28
MG MG XF . -60.70 27.40 -11.92
MG MG YF . -58.72 18.02 30.41
MG MG ZF . 6.22 34.13 64.09
MG MG AG . 9.10 60.66 56.39
MG MG BG . 34.60 67.02 45.99
MG MG CG . -59.82 58.92 44.65
MG MG DG . -33.18 55.11 37.41
MG MG EG . 2.91 -5.44 50.03
MG MG FG . 23.77 11.65 2.22
MG MG GG . -84.76 62.58 42.88
MG MG HG . -44.87 63.10 1.25
MG MG IG . -1.35 20.69 36.58
MG MG JG . -43.53 -10.86 32.93
MG MG KG . -73.50 73.23 -16.31
MG MG LG . -66.85 20.70 38.19
MG MG MG . -72.36 22.38 47.44
MG MG NG . -130.10 44.01 10.98
MG MG OG . 18.99 45.76 24.94
MG MG PG . -0.06 -5.47 26.16
MG MG QG . -62.82 2.49 -22.75
MG MG RG . 4.08 35.53 -1.90
MG MG SG . -5.12 29.90 57.71
MG MG TG . -43.01 -0.14 59.77
MG MG UG . 1.67 -2.08 0.94
MG MG VG . -6.02 35.33 -16.20
MG MG WG . -64.37 29.04 -54.70
MG MG XG . 9.89 -11.63 -1.74
MG MG YG . -13.70 -10.03 57.91
MG MG ZG . -41.79 25.63 9.63
MG MG AH . -7.59 55.77 68.25
MG MG BH . -52.44 34.64 -37.03
MG MG CH . -28.39 -5.33 34.81
MG MG DH . -21.92 103.27 -3.66
MG MG EH . 15.19 11.34 -10.47
MG MG FH . -55.68 -21.00 52.44
MG MG GH . -19.62 110.40 35.38
MG MG HH . -46.70 -32.99 7.65
MG MG IH . -63.51 68.29 -25.01
MG MG JH . 25.62 39.61 50.10
MG MG KH . -55.25 48.80 -44.27
MG MG LH . -3.90 -5.01 31.78
MG MG MH . 9.88 41.12 -33.25
MG MG NH . 7.60 -2.16 -7.62
MG MG OH . 4.89 -6.01 9.81
MG MG PH . -33.76 -4.15 49.05
MG MG QH . -8.81 -4.08 33.11
MG MG RH . -41.19 18.78 39.57
MG MG SH . -40.80 -3.01 11.67
MG MG TH . -21.98 30.13 56.03
MG MG UH . -58.11 -21.15 41.84
MG MG VH . -110.66 23.24 32.25
MG MG WH . 8.34 40.01 53.86
MG MG XH . -36.15 -34.38 34.39
MG MG YH . 6.02 -8.94 50.24
MG MG ZH . 23.00 -1.90 25.87
MG MG AI . -59.16 25.95 -50.92
MG MG BI . -5.12 13.48 23.62
MG MG CI . -11.17 42.69 1.57
MG MG DI . 10.53 39.52 46.64
MG MG EI . -30.38 43.84 -10.73
MG MG FI . -61.05 36.24 23.06
MG MG GI . -0.08 1.74 10.71
MG MG HI . 58.54 45.82 58.87
MG MG II . -71.11 47.01 24.84
N1 SPM JI . -63.05 16.86 -25.55
C2 SPM JI . -63.26 17.16 -24.14
C3 SPM JI . -64.63 17.79 -23.97
C4 SPM JI . -64.87 18.09 -22.49
N5 SPM JI . -64.96 16.84 -21.75
C6 SPM JI . -64.13 16.96 -20.57
C7 SPM JI . -64.32 15.74 -19.67
C8 SPM JI . -63.22 15.76 -18.61
C9 SPM JI . -63.78 15.29 -17.28
N10 SPM JI . -62.73 15.30 -16.29
C11 SPM JI . -63.21 14.63 -15.09
C12 SPM JI . -62.08 14.50 -14.10
C13 SPM JI . -61.32 13.21 -14.33
N14 SPM JI . -60.03 13.32 -13.69
MG MG KI . -48.56 23.98 8.14
N1 SPD LI . -24.92 49.43 -7.69
C2 SPD LI . -24.66 49.40 -9.12
C3 SPD LI . -25.55 50.44 -9.79
C4 SPD LI . -25.20 50.57 -11.27
C5 SPD LI . -26.08 51.66 -11.86
N6 SPD LI . -25.77 51.87 -13.26
C7 SPD LI . -26.36 53.13 -13.67
C8 SPD LI . -26.18 53.33 -15.17
C9 SPD LI . -26.96 54.56 -15.59
N10 SPD LI . -26.97 54.65 -17.03
MG MG MI . 3.94 3.66 88.77
N1 SPM NI . -39.35 40.11 1.53
C2 SPM NI . -38.42 39.18 0.92
C3 SPM NI . -38.95 38.73 -0.43
C4 SPM NI . -37.91 37.87 -1.13
N5 SPM NI . -38.39 37.47 -2.43
C6 SPM NI . -38.97 36.14 -2.37
C7 SPM NI . -38.97 35.51 -3.76
C8 SPM NI . -39.60 34.13 -3.71
C9 SPM NI . -38.51 33.06 -3.62
N10 SPM NI . -39.12 31.75 -3.50
C11 SPM NI . -38.07 30.76 -3.31
C12 SPM NI . -38.71 29.39 -3.12
C13 SPM NI . -39.84 29.19 -4.13
N14 SPM NI . -39.29 29.06 -5.46
N1 SPM OI . -14.62 67.00 -17.95
C2 SPM OI . -14.10 65.66 -17.80
C3 SPM OI . -14.73 65.00 -16.59
C4 SPM OI . -13.95 65.41 -15.35
N5 SPM OI . -14.15 64.42 -14.31
C6 SPM OI . -13.40 64.82 -13.15
C7 SPM OI . -12.84 63.56 -12.48
C8 SPM OI . -12.67 63.82 -10.98
C9 SPM OI . -11.60 64.88 -10.75
N10 SPM OI . -11.73 65.40 -9.41
C11 SPM OI . -11.31 64.41 -8.45
C12 SPM OI . -10.92 65.11 -7.15
C13 SPM OI . -11.87 66.26 -6.87
N14 SPM OI . -11.43 66.95 -5.67
MG MG PI . 55.25 43.25 53.91
MG MG QI . 23.06 23.12 2.78
N1 SPM RI . 3.08 55.10 4.85
C2 SPM RI . 1.73 54.57 4.89
C3 SPM RI . 1.77 53.12 5.32
C4 SPM RI . 0.36 52.56 5.41
N5 SPM RI . 0.43 51.12 5.19
C6 SPM RI . -0.75 50.48 5.70
C7 SPM RI . -0.70 49.01 5.30
C8 SPM RI . -2.11 48.45 5.23
C9 SPM RI . -2.24 47.49 4.05
N10 SPM RI . -3.24 46.50 4.41
C11 SPM RI . -3.77 45.86 3.24
C12 SPM RI . -2.75 44.88 2.66
C13 SPM RI . -3.51 43.72 2.02
N14 SPM RI . -2.64 42.59 1.81
MG MG SI . 13.71 29.25 24.44
MG MG TI . 46.12 69.20 6.02
MG MG UI . 27.76 9.59 65.89
MG MG VI . 37.92 -6.52 58.52
MG MG WI . -34.92 40.59 23.27
MG MG XI . -72.23 -34.77 41.30
MG MG YI . -27.33 47.68 35.84
MG MG ZI . 17.06 14.70 -20.22
MG MG AJ . 30.29 8.60 74.59
MG MG BJ . -34.82 97.47 10.94
MG MG CJ . 75.79 25.34 28.26
MG MG DJ . 21.11 9.71 8.20
MG MG EJ . 53.75 49.08 72.32
MG MG FJ . -2.71 98.80 -18.90
N1 SPD GJ . 11.50 31.70 27.61
C2 SPD GJ . 11.57 31.63 29.06
C3 SPD GJ . 10.52 30.67 29.57
C4 SPD GJ . 10.83 30.24 31.00
C5 SPD GJ . 10.29 28.84 31.24
N6 SPD GJ . 10.10 28.62 32.67
C7 SPD GJ . 9.60 27.27 32.88
C8 SPD GJ . 9.76 26.89 34.35
C9 SPD GJ . 9.10 25.54 34.58
N10 SPD GJ . 9.56 25.00 35.86
N1 SPD HJ . 2.81 94.26 -18.68
C2 SPD HJ . 1.47 94.75 -18.44
C3 SPD HJ . 0.88 94.09 -17.19
C4 SPD HJ . 1.71 94.49 -15.98
C5 SPD HJ . 1.43 93.50 -14.85
N6 SPD HJ . 0.51 94.08 -13.90
C7 SPD HJ . 0.38 93.20 -12.75
C8 SPD HJ . 1.70 93.06 -12.01
C9 SPD HJ . 1.64 91.86 -11.07
N10 SPD HJ . 0.96 92.22 -9.85
N1 SPD IJ . 21.87 22.63 37.02
C2 SPD IJ . 21.74 21.21 37.32
C3 SPD IJ . 20.31 20.79 37.02
C4 SPD IJ . 20.13 19.32 37.39
C5 SPD IJ . 19.68 18.54 36.17
N6 SPD IJ . 20.52 17.37 35.99
C7 SPD IJ . 19.68 16.19 36.06
C8 SPD IJ . 20.52 14.97 36.43
C9 SPD IJ . 19.79 14.18 37.52
N10 SPD IJ . 20.31 12.83 37.58
N1 SPD JJ . -50.22 20.86 21.51
C2 SPD JJ . -50.74 19.53 21.80
C3 SPD JJ . -49.84 18.86 22.82
C4 SPD JJ . -50.56 17.69 23.48
C5 SPD JJ . -49.58 16.93 24.37
N6 SPD JJ . -48.88 17.86 25.24
C7 SPD JJ . -47.83 17.16 25.95
C8 SPD JJ . -46.99 18.14 26.75
C9 SPD JJ . -46.14 17.36 27.77
N10 SPD JJ . -45.26 18.27 28.47
N1 SPD KJ . -47.10 47.33 53.66
C2 SPD KJ . -48.27 47.09 52.84
C3 SPD KJ . -49.13 46.00 53.49
C4 SPD KJ . -48.30 44.74 53.67
C5 SPD KJ . -49.22 43.60 54.10
N6 SPD KJ . -48.52 42.34 54.00
C7 SPD KJ . -49.46 41.25 54.20
C8 SPD KJ . -49.37 40.76 55.65
C9 SPD KJ . -48.16 39.84 55.80
N10 SPD KJ . -48.05 39.39 57.18
N1 SPM LJ . -35.81 -2.10 49.45
C2 SPM LJ . -36.93 -2.95 49.79
C3 SPM LJ . -37.75 -2.31 50.92
C4 SPM LJ . -38.97 -1.61 50.33
N5 SPM LJ . -38.53 -0.77 49.24
C6 SPM LJ . -39.67 -0.40 48.41
C7 SPM LJ . -39.23 -0.38 46.95
C8 SPM LJ . -38.83 -1.80 46.55
C9 SPM LJ . -38.24 -1.79 45.14
N10 SPM LJ . -39.21 -1.22 44.23
C11 SPM LJ . -39.15 -1.94 42.97
C12 SPM LJ . -40.55 -2.43 42.60
C13 SPM LJ . -40.45 -3.43 41.46
N14 SPM LJ . -41.78 -3.80 40.99
N1 SPD MJ . -36.79 -15.49 51.53
C2 SPD MJ . -37.68 -14.86 52.47
C3 SPD MJ . -37.78 -13.37 52.17
C4 SPD MJ . -36.52 -12.65 52.65
C5 SPD MJ . -36.24 -11.46 51.74
N6 SPD MJ . -37.30 -10.48 51.88
C7 SPD MJ . -37.20 -9.52 50.80
C8 SPD MJ . -38.10 -8.33 51.11
C9 SPD MJ . -37.65 -7.12 50.27
N10 SPD MJ . -38.39 -5.95 50.68
N1 SPD NJ . -13.44 59.65 18.05
C2 SPD NJ . -12.05 59.94 18.34
C3 SPD NJ . -11.83 61.45 18.39
C4 SPD NJ . -12.14 61.94 19.80
C5 SPD NJ . -11.63 63.36 19.98
N6 SPD NJ . -12.02 64.17 18.86
C7 SPD NJ . -10.96 65.11 18.56
C8 SPD NJ . -11.39 66.52 18.93
C9 SPD NJ . -12.07 67.18 17.73
N10 SPD NJ . -13.39 66.61 17.55
N1 SPM OJ . 11.55 -3.21 9.86
C2 SPM OJ . 12.10 -3.99 8.76
C3 SPM OJ . 12.70 -3.03 7.73
C4 SPM OJ . 11.66 -1.99 7.31
N5 SPM OJ . 12.24 -1.08 6.34
C6 SPM OJ . 11.27 -0.08 5.96
C7 SPM OJ . 11.24 1.02 7.02
C8 SPM OJ . 12.35 2.04 6.74
C9 SPM OJ . 12.06 2.76 5.43
N10 SPM OJ . 11.83 4.17 5.69
C11 SPM OJ . 13.11 4.86 5.82
C12 SPM OJ . 12.88 6.36 5.91
C13 SPM OJ . 11.56 6.75 5.24
N14 SPM OJ . 11.58 8.15 4.89
N1 SPM PJ . -40.69 20.65 52.95
C2 SPM PJ . -40.84 22.06 52.66
C3 SPM PJ . -42.16 22.28 51.92
C4 SPM PJ . -42.42 23.78 51.77
N5 SPM PJ . -43.62 23.98 50.98
C6 SPM PJ . -44.76 23.40 51.66
C7 SPM PJ . -45.73 22.78 50.66
C8 SPM PJ . -46.54 23.86 49.96
C9 SPM PJ . -47.98 23.37 49.78
N10 SPM PJ . -48.77 24.39 49.11
C11 SPM PJ . -49.85 24.82 49.99
C12 SPM PJ . -50.60 25.98 49.34
C13 SPM PJ . -51.52 26.62 50.39
N14 SPM PJ . -52.56 27.35 49.70
MG MG QJ . -36.58 52.18 61.94
MG MG RJ . -51.04 12.48 -0.83
MG MG SJ . -69.55 25.54 16.30
MG MG TJ . -83.88 1.47 -33.84
MG MG UJ . -78.55 15.53 2.74
MG MG VJ . -25.92 69.92 44.58
N1 SPD WJ . 30.21 80.40 2.39
C2 SPD WJ . 31.56 80.60 2.89
C3 SPD WJ . 31.59 81.90 3.70
C4 SPD WJ . 32.87 81.94 4.53
C5 SPD WJ . 32.73 81.00 5.73
N6 SPD WJ . 32.69 81.79 6.95
C7 SPD WJ . 33.11 80.96 8.06
C8 SPD WJ . 33.74 81.85 9.13
C9 SPD WJ . 34.66 80.99 10.00
N10 SPD WJ . 35.37 81.85 10.94
MG MG XJ . -31.92 59.67 58.91
MG MG YJ . -37.06 76.66 41.69
MG MG ZJ . 47.33 86.75 -15.71
MG MG AK . 8.22 102.91 44.80
MG MG BK . 5.14 25.99 -0.74
MG MG CK . -3.12 -6.72 73.91
N1 SPD DK . 12.71 59.05 -12.23
C2 SPD DK . 12.15 60.22 -11.60
C3 SPD DK . 12.92 61.46 -12.04
C4 SPD DK . 12.34 62.70 -11.37
C5 SPD DK . 13.06 63.93 -11.91
N6 SPD DK . 12.52 65.13 -11.30
C7 SPD DK . 13.53 65.71 -10.44
C8 SPD DK . 13.21 67.18 -10.21
C9 SPD DK . 11.84 67.30 -9.56
N10 SPD DK . 11.88 66.73 -8.23
MG MG EK . -3.47 38.25 48.15
MG MG FK . -12.65 -3.36 37.22
MG MG GK . -42.69 51.68 45.12
ZN ZN HK . 67.24 41.16 16.66
MG MG IK . 18.53 51.37 23.76
ZN ZN JK . 12.58 68.46 24.45
ZN ZN KK . -56.15 -21.42 28.78
ZN ZN LK . -37.69 54.95 -54.14
ZN ZN MK . 64.17 27.56 9.84
MG MG NK . -23.20 -26.87 -85.17
MG MG OK . 50.11 -69.38 80.92
ZN ZN PK . 38.05 -7.47 -39.58
MG MG QK . 39.50 -26.66 -32.59
MG MG RK . 47.20 -41.68 -11.38
MG MG SK . 17.59 -71.71 -15.92
MG MG TK . 65.72 -19.79 4.16
MG MG UK . 81.70 -31.86 -0.09
MG MG VK . 64.89 -29.38 -6.77
MG MG WK . 37.16 -45.21 25.48
MG MG XK . 40.33 -48.70 42.88
MG MG YK . 49.89 -56.89 60.31
MG MG ZK . 20.12 11.18 -43.39
MG MG AL . 43.37 -29.41 -17.82
MG MG BL . 37.06 -35.08 -7.90
MG MG CL . 28.62 -50.62 -70.70
MG MG DL . 30.60 -13.49 -40.33
MG MG EL . 27.45 -17.03 -32.47
MG MG FL . 36.87 10.30 -10.89
MG MG GL . 28.11 -17.84 -32.50
MG MG HL . 44.57 -54.24 25.11
MG MG IL . 27.19 -16.05 -29.17
MG MG JL . 35.53 -46.12 46.92
MG MG KL . 29.19 8.10 -31.26
MG MG LL . 42.36 -53.57 -0.54
MG MG ML . 44.35 -0.66 -13.96
MG MG NL . 49.63 -11.19 -21.45
MG MG OL . 44.95 -57.00 32.97
MG MG PL . 23.80 -88.15 4.03
#